data_9SCW
#
_entry.id   9SCW
#
_cell.length_a   343.999
_cell.length_b   343.999
_cell.length_c   457.065
_cell.angle_alpha   90.000
_cell.angle_beta   90.000
_cell.angle_gamma   120.000
#
_symmetry.space_group_name_H-M   'P 3 1 2'
#
loop_
_entity.id
_entity.type
_entity.pdbx_description
1 polymer 'Capsid protein VP1'
2 polymer 'Capsid protein VP2'
3 polymer 'Capsid protein VP3'
4 polymer 'Capsid protein VP4'
5 non-polymer 'MYRISTIC ACID'
#
loop_
_entity_poly.entity_id
_entity_poly.type
_entity_poly.pdbx_seq_one_letter_code
_entity_poly.pdbx_strand_id
1 'polypeptide(L)'
;GPVEESVERAMVRVADTVSSRPTNSQVVPSDTMQTRHVKNYHSRSESSIENFLCRAACVYYATYTNNSEKGYAEWVINTR
QVAQLRRKLELFTYLRFDLELTFVITSAQQPSTATSVDAPVQTHQIMYVPPGGPVPTKVTDYAWQTSTNPSVFWTEGNAP
PRMSIPFISIGNAYSCFYDGWTQFSRNGVYGINTLNNMGTLYMRHVNEAGQGPIKSTVRIYFKPKHVKAWVPRPPRLCQY
EKQKNVNFTPTGVTTTRVGITTT
;
1,A,E,Y,g,I,M,Q,U,c,k,o,s,w,0,8,AC,AG,AK,AO
2 'polypeptide(L)'
;SPSAEECGFSDRVRSITLGNSTITTQECANVVVGYGVWPEYLKDNEATAEDQPTQPDVATCRFYTLESVQWMKNSAGWWW
KLPDALSQMGLFGQNMQYHYLGRTGYTIHVQCNASKFHQGCLLVVCVPEAEMGCSNLNNTPEFAELSGGDTARMFTDTQI
GETNSKKVQTAVWNAGMGVGVGNLTIYPHQWINLRTNNSATIVMPYINSVPMDNMFRHNNLTLMIIPFVPLNYSEGSSPY
VPITVTIAPMCAEYNGLRLASSQ
;
2,B,F,Z,h,J,N,R,V,d,l,p,t,x,5,9,AD,AH,AL,AP
3 'polypeptide(L)'
;GLPVMTTPGSTQFLTSDDFQSPSAMPQFDVTPEMQIPGRVNNLMEIAEVDSVVPVNNTEANVNSLKAYQIPVQSNSDNGK
QVFGFPLQPGANGVLNRTLLGEILNYYTHWSGSIKLTFMFCGSAMATGKFLLAYSPPGAGVPKNRKDAMLGTHVIWDVGL
QSSCVLCVPWISQTHYRYVVEDEYTAAGYITCWYQTNIVVPADVQSSCDILCFVSACNDFSVRMLKDTPFIRQDTFYQ
;
3,C,G,a,i,K,O,S,W,e,m,q,u,y,6,AA,AE,AI,AM,AQ
4 'polypeptide(L)' MGAQVSTQKTGAHETGLNASGNSIIHYTNINYYKDAASNSANRQDFTQDPGKFTEPVKDIMIKSMPALN 4,D,H,b,j,L,P,T,X,f
#
loop_
_chem_comp.id
_chem_comp.type
_chem_comp.name
_chem_comp.formula
MYR non-polymer 'MYRISTIC ACID' 'C14 H28 O2'
#
# COMPACT_ATOMS: atom_id res chain seq x y z
N TYR A 41 21.64 -59.09 54.59
CA TYR A 41 22.48 -60.07 53.92
C TYR A 41 22.48 -61.40 54.68
N HIS A 42 23.29 -62.34 54.21
CA HIS A 42 23.50 -63.60 54.91
C HIS A 42 24.72 -63.47 55.83
N SER A 43 25.21 -64.61 56.33
CA SER A 43 26.38 -64.63 57.19
C SER A 43 27.49 -65.42 56.54
N ARG A 44 28.72 -64.91 56.64
CA ARG A 44 29.89 -65.58 56.10
C ARG A 44 30.58 -66.48 57.11
N SER A 45 29.83 -67.07 58.04
CA SER A 45 30.45 -67.83 59.12
C SER A 45 31.25 -69.01 58.59
N GLU A 46 30.66 -69.80 57.69
CA GLU A 46 31.31 -71.02 57.22
C GLU A 46 32.50 -70.75 56.32
N SER A 47 32.76 -69.50 55.95
CA SER A 47 33.91 -69.15 55.12
C SER A 47 35.08 -68.61 55.94
N SER A 48 34.99 -68.66 57.27
CA SER A 48 36.12 -68.33 58.12
C SER A 48 37.20 -69.39 57.97
N ILE A 49 38.45 -68.99 58.22
CA ILE A 49 39.55 -69.94 58.10
C ILE A 49 39.39 -71.07 59.09
N GLU A 50 38.84 -70.79 60.27
CA GLU A 50 38.65 -71.84 61.25
C GLU A 50 37.78 -72.96 60.69
N ASN A 51 36.59 -72.62 60.17
CA ASN A 51 35.75 -73.64 59.58
C ASN A 51 36.38 -74.23 58.32
N PHE A 52 37.13 -73.41 57.58
CA PHE A 52 37.72 -73.87 56.32
C PHE A 52 38.70 -75.00 56.56
N LEU A 53 39.57 -74.85 57.56
CA LEU A 53 40.63 -75.81 57.79
C LEU A 53 40.31 -76.83 58.89
N CYS A 54 39.37 -76.53 59.78
CA CYS A 54 39.10 -77.36 60.96
C CYS A 54 38.16 -78.50 60.59
N ARG A 55 38.66 -79.37 59.71
CA ARG A 55 37.99 -80.60 59.34
C ARG A 55 39.05 -81.68 59.16
N ALA A 56 38.84 -82.83 59.79
CA ALA A 56 39.85 -83.89 59.76
C ALA A 56 40.15 -84.31 58.33
N ALA A 57 41.43 -84.59 58.08
CA ALA A 57 41.90 -84.90 56.73
C ALA A 57 43.00 -85.95 56.81
N CYS A 58 42.89 -86.99 56.00
CA CYS A 58 43.90 -88.05 55.95
C CYS A 58 45.18 -87.50 55.33
N VAL A 59 46.23 -87.37 56.13
CA VAL A 59 47.48 -86.82 55.63
C VAL A 59 48.44 -87.91 55.15
N TYR A 60 48.31 -89.12 55.66
CA TYR A 60 49.19 -90.21 55.27
C TYR A 60 48.70 -91.49 55.92
N TYR A 61 48.97 -92.62 55.29
CA TYR A 61 48.64 -93.91 55.88
C TYR A 61 49.64 -94.94 55.39
N ALA A 62 50.11 -95.78 56.31
CA ALA A 62 51.08 -96.82 56.01
C ALA A 62 50.66 -98.11 56.70
N THR A 63 51.31 -99.21 56.31
CA THR A 63 50.95 -100.54 56.76
C THR A 63 52.14 -101.21 57.43
N TYR A 64 51.85 -102.15 58.33
CA TYR A 64 52.87 -102.96 58.96
C TYR A 64 52.29 -104.34 59.24
N THR A 65 53.18 -105.32 59.38
CA THR A 65 52.82 -106.71 59.57
C THR A 65 53.30 -107.18 60.94
N ASN A 66 52.64 -108.23 61.46
CA ASN A 66 53.05 -108.78 62.74
C ASN A 66 54.32 -109.62 62.61
N ASN A 67 54.51 -110.31 61.49
CA ASN A 67 55.67 -111.15 61.31
C ASN A 67 56.88 -110.30 60.92
N SER A 68 58.04 -110.95 60.90
CA SER A 68 59.32 -110.28 60.66
C SER A 68 59.68 -109.38 61.82
N GLU A 69 60.92 -108.89 61.85
CA GLU A 69 61.34 -107.93 62.86
C GLU A 69 61.28 -106.49 62.36
N LYS A 70 61.18 -106.30 61.05
CA LYS A 70 60.89 -104.99 60.47
C LYS A 70 59.40 -104.72 60.38
N GLY A 71 58.59 -105.39 61.21
CA GLY A 71 57.15 -105.27 61.16
C GLY A 71 56.62 -104.01 61.81
N TYR A 72 57.47 -102.99 61.89
CA TYR A 72 57.09 -101.66 62.34
C TYR A 72 57.02 -100.71 61.15
N ALA A 73 56.19 -99.69 61.26
CA ALA A 73 56.05 -98.67 60.23
C ALA A 73 56.63 -97.35 60.73
N GLU A 74 57.02 -96.49 59.79
CA GLU A 74 57.60 -95.20 60.12
C GLU A 74 57.16 -94.18 59.08
N TRP A 75 57.06 -92.93 59.50
CA TRP A 75 56.69 -91.83 58.60
C TRP A 75 57.27 -90.53 59.11
N VAL A 76 58.09 -89.88 58.27
CA VAL A 76 58.52 -88.53 58.58
C VAL A 76 57.35 -87.58 58.35
N ILE A 77 57.06 -86.75 59.35
CA ILE A 77 55.84 -85.96 59.35
C ILE A 77 56.00 -84.79 58.39
N ASN A 78 55.27 -84.84 57.27
CA ASN A 78 55.11 -83.68 56.39
C ASN A 78 53.65 -83.58 55.98
N THR A 79 53.26 -82.37 55.57
CA THR A 79 51.90 -82.07 55.17
C THR A 79 51.74 -81.98 53.66
N ARG A 80 52.74 -82.44 52.90
CA ARG A 80 52.80 -82.24 51.47
C ARG A 80 52.67 -83.54 50.69
N GLN A 81 52.50 -84.68 51.37
CA GLN A 81 52.28 -85.93 50.66
C GLN A 81 50.86 -86.03 50.11
N VAL A 82 49.89 -85.39 50.77
CA VAL A 82 48.49 -85.41 50.33
C VAL A 82 48.17 -84.09 49.65
N ALA A 83 47.28 -84.16 48.65
CA ALA A 83 47.03 -83.01 47.79
C ALA A 83 46.00 -82.06 48.40
N GLN A 84 44.88 -82.59 48.90
CA GLN A 84 43.78 -81.74 49.32
C GLN A 84 44.20 -80.80 50.44
N LEU A 85 44.67 -81.38 51.55
CA LEU A 85 45.10 -80.56 52.68
C LEU A 85 46.25 -79.65 52.30
N ARG A 86 47.16 -80.14 51.46
CA ARG A 86 48.28 -79.32 51.04
C ARG A 86 47.79 -78.07 50.32
N ARG A 87 46.84 -78.23 49.41
CA ARG A 87 46.31 -77.06 48.70
C ARG A 87 45.62 -76.11 49.68
N LYS A 88 44.77 -76.65 50.56
CA LYS A 88 44.06 -75.80 51.50
C LYS A 88 45.04 -74.96 52.32
N LEU A 89 46.09 -75.59 52.83
CA LEU A 89 47.06 -74.86 53.62
C LEU A 89 47.88 -73.90 52.76
N GLU A 90 48.21 -74.32 51.54
CA GLU A 90 49.02 -73.50 50.63
C GLU A 90 48.29 -72.30 50.10
N LEU A 91 46.97 -72.22 50.30
CA LEU A 91 46.27 -70.96 50.03
C LEU A 91 46.79 -69.81 50.88
N PHE A 92 47.67 -70.09 51.85
CA PHE A 92 48.29 -69.07 52.68
C PHE A 92 49.79 -69.32 52.75
N THR A 93 50.55 -68.26 52.98
CA THR A 93 52.00 -68.39 53.04
C THR A 93 52.49 -68.78 54.44
N TYR A 94 51.88 -68.23 55.50
CA TYR A 94 52.27 -68.52 56.87
C TYR A 94 51.03 -68.91 57.67
N LEU A 95 51.16 -69.98 58.45
CA LEU A 95 50.06 -70.48 59.27
C LEU A 95 50.52 -70.70 60.69
N ARG A 96 49.55 -70.82 61.59
CA ARG A 96 49.80 -71.00 63.02
C ARG A 96 48.56 -71.61 63.64
N PHE A 97 48.70 -72.76 64.30
CA PHE A 97 47.52 -73.49 64.78
C PHE A 97 47.97 -74.64 65.67
N ASP A 98 47.01 -75.14 66.46
CA ASP A 98 47.13 -76.42 67.14
C ASP A 98 46.59 -77.51 66.24
N LEU A 99 46.82 -78.76 66.61
CA LEU A 99 46.42 -79.89 65.77
C LEU A 99 45.58 -80.89 66.54
N GLU A 100 44.59 -81.47 65.86
CA GLU A 100 43.86 -82.63 66.34
C GLU A 100 44.26 -83.82 65.46
N LEU A 101 44.89 -84.81 66.07
CA LEU A 101 45.36 -86.01 65.41
C LEU A 101 44.37 -87.13 65.71
N THR A 102 43.83 -87.74 64.67
CA THR A 102 42.96 -88.91 64.84
C THR A 102 43.54 -90.05 64.02
N PHE A 103 43.60 -91.24 64.60
CA PHE A 103 44.17 -92.39 63.92
C PHE A 103 43.08 -93.40 63.60
N VAL A 104 42.99 -93.79 62.33
CA VAL A 104 42.07 -94.84 61.89
C VAL A 104 42.92 -96.06 61.57
N ILE A 105 42.87 -97.06 62.45
CA ILE A 105 43.73 -98.23 62.34
C ILE A 105 42.85 -99.44 62.06
N THR A 106 43.11 -100.12 60.94
CA THR A 106 42.33 -101.29 60.54
C THR A 106 43.27 -102.43 60.21
N SER A 107 42.97 -103.62 60.72
CA SER A 107 43.79 -104.80 60.49
C SER A 107 43.03 -105.81 59.64
N ALA A 108 43.78 -106.74 59.07
CA ALA A 108 43.21 -107.72 58.16
C ALA A 108 44.03 -109.00 58.21
N GLN A 109 43.31 -110.13 58.12
CA GLN A 109 43.96 -111.43 58.10
C GLN A 109 44.67 -111.64 56.78
N GLN A 110 45.92 -112.00 56.85
CA GLN A 110 46.71 -112.34 55.67
C GLN A 110 46.71 -113.85 55.48
N PRO A 111 47.09 -114.33 54.30
CA PRO A 111 47.00 -115.77 54.03
C PRO A 111 47.76 -116.59 55.06
N SER A 112 47.23 -117.78 55.35
CA SER A 112 47.84 -118.69 56.31
C SER A 112 47.49 -120.11 55.93
N THR A 113 48.35 -121.04 56.38
CA THR A 113 48.16 -122.46 56.11
C THR A 113 47.85 -123.26 57.37
N ALA A 114 47.68 -122.61 58.51
CA ALA A 114 47.36 -123.31 59.73
C ALA A 114 45.93 -123.87 59.65
N THR A 115 45.64 -124.84 60.51
CA THR A 115 44.34 -125.49 60.47
C THR A 115 43.26 -124.71 61.21
N SER A 116 43.64 -123.72 62.03
CA SER A 116 42.64 -122.96 62.77
C SER A 116 43.30 -121.70 63.31
N VAL A 117 42.89 -120.54 62.80
CA VAL A 117 43.37 -119.24 63.26
C VAL A 117 42.27 -118.60 64.09
N ASP A 118 42.61 -118.26 65.35
CA ASP A 118 41.70 -117.55 66.24
C ASP A 118 42.48 -116.42 66.93
N ALA A 119 43.07 -115.57 66.11
CA ALA A 119 43.91 -114.49 66.64
C ALA A 119 43.13 -113.70 67.70
N PRO A 120 43.71 -113.45 68.86
CA PRO A 120 43.04 -112.62 69.86
C PRO A 120 43.09 -111.16 69.47
N VAL A 121 42.44 -110.32 70.28
CA VAL A 121 42.36 -108.90 69.99
C VAL A 121 43.77 -108.34 69.81
N GLN A 122 43.90 -107.39 68.90
CA GLN A 122 45.19 -106.80 68.58
C GLN A 122 45.28 -105.41 69.20
N THR A 123 46.43 -105.12 69.82
CA THR A 123 46.73 -103.80 70.35
C THR A 123 47.89 -103.20 69.56
N HIS A 124 47.85 -101.88 69.40
CA HIS A 124 48.82 -101.15 68.61
C HIS A 124 49.44 -100.03 69.45
N GLN A 125 50.71 -99.74 69.14
CA GLN A 125 51.46 -98.66 69.76
C GLN A 125 51.92 -97.69 68.70
N ILE A 126 51.65 -96.41 68.91
CA ILE A 126 52.08 -95.33 68.04
C ILE A 126 53.01 -94.43 68.85
N MET A 127 54.26 -94.35 68.43
CA MET A 127 55.29 -93.58 69.12
C MET A 127 55.72 -92.39 68.26
N TYR A 128 55.92 -91.24 68.90
CA TYR A 128 56.43 -90.06 68.23
C TYR A 128 57.88 -89.84 68.64
N VAL A 129 58.78 -89.78 67.66
CA VAL A 129 60.20 -89.56 67.92
C VAL A 129 60.56 -88.15 67.48
N PRO A 130 60.71 -87.20 68.40
CA PRO A 130 61.17 -85.87 68.02
C PRO A 130 62.55 -85.94 67.38
N PRO A 131 62.89 -84.96 66.54
CA PRO A 131 64.21 -85.00 65.87
C PRO A 131 65.35 -85.09 66.87
N GLY A 132 66.17 -86.12 66.71
CA GLY A 132 67.33 -86.36 67.55
C GLY A 132 67.18 -87.50 68.54
N GLY A 133 65.95 -87.95 68.78
CA GLY A 133 65.71 -89.01 69.74
C GLY A 133 66.09 -90.36 69.18
N PRO A 134 66.10 -91.36 70.06
CA PRO A 134 66.33 -92.73 69.60
C PRO A 134 65.19 -93.23 68.73
N VAL A 135 65.54 -94.09 67.77
CA VAL A 135 64.64 -94.51 66.72
C VAL A 135 64.53 -96.03 66.77
N PRO A 136 63.33 -96.61 66.88
CA PRO A 136 63.20 -98.06 66.83
C PRO A 136 63.80 -98.63 65.55
N THR A 137 64.73 -99.57 65.72
CA THR A 137 65.32 -100.31 64.61
C THR A 137 64.66 -101.66 64.39
N LYS A 138 63.79 -102.09 65.30
CA LYS A 138 63.14 -103.39 65.25
C LYS A 138 61.83 -103.27 66.01
N VAL A 139 60.95 -104.26 65.80
CA VAL A 139 59.70 -104.25 66.54
C VAL A 139 59.94 -104.33 68.04
N THR A 140 61.09 -104.88 68.46
CA THR A 140 61.37 -105.10 69.87
C THR A 140 62.56 -104.29 70.36
N ASP A 141 62.61 -103.01 70.00
CA ASP A 141 63.69 -102.13 70.43
C ASP A 141 63.38 -101.56 71.80
N TYR A 142 64.43 -101.05 72.47
CA TYR A 142 64.24 -100.41 73.76
C TYR A 142 63.51 -99.07 73.61
N ALA A 143 63.63 -98.43 72.45
CA ALA A 143 62.96 -97.16 72.24
C ALA A 143 61.47 -97.25 72.55
N TRP A 144 60.87 -98.41 72.25
CA TRP A 144 59.44 -98.58 72.46
C TRP A 144 59.04 -98.43 73.93
N GLN A 145 59.99 -98.31 74.85
CA GLN A 145 59.63 -98.03 76.24
C GLN A 145 58.94 -96.69 76.37
N THR A 146 59.23 -95.75 75.47
CA THR A 146 58.67 -94.40 75.51
C THR A 146 58.69 -93.83 76.92
N SER A 147 59.87 -93.84 77.53
CA SER A 147 60.01 -93.22 78.84
C SER A 147 59.67 -91.75 78.78
N THR A 148 60.11 -91.08 77.72
CA THR A 148 59.87 -89.67 77.49
C THR A 148 59.06 -89.39 76.24
N ASN A 149 59.32 -90.13 75.16
CA ASN A 149 58.60 -89.96 73.92
C ASN A 149 57.12 -90.27 74.13
N PRO A 150 56.21 -89.32 73.91
CA PRO A 150 54.79 -89.64 74.05
C PRO A 150 54.38 -90.70 73.05
N SER A 151 53.42 -91.53 73.45
CA SER A 151 52.96 -92.59 72.57
C SER A 151 51.57 -93.02 73.03
N VAL A 152 50.84 -93.61 72.09
CA VAL A 152 49.46 -94.05 72.30
C VAL A 152 49.42 -95.57 72.22
N PHE A 153 48.68 -96.17 73.15
CA PHE A 153 48.38 -97.59 73.14
C PHE A 153 46.88 -97.74 72.93
N TRP A 154 46.49 -98.43 71.87
CA TRP A 154 45.08 -98.52 71.51
C TRP A 154 44.75 -99.95 71.11
N THR A 155 43.66 -100.48 71.66
CA THR A 155 43.21 -101.83 71.34
C THR A 155 42.10 -101.77 70.29
N GLU A 156 42.13 -102.70 69.34
CA GLU A 156 41.16 -102.67 68.25
C GLU A 156 39.74 -102.85 68.76
N GLY A 157 38.79 -102.29 68.01
CA GLY A 157 37.39 -102.36 68.35
C GLY A 157 36.87 -101.22 69.19
N ASN A 158 37.70 -100.22 69.47
CA ASN A 158 37.33 -99.07 70.28
C ASN A 158 37.28 -97.81 69.41
N ALA A 159 36.91 -96.70 70.02
CA ALA A 159 36.89 -95.44 69.30
C ALA A 159 38.30 -95.11 68.81
N PRO A 160 38.43 -94.55 67.60
CA PRO A 160 39.77 -94.18 67.11
C PRO A 160 40.48 -93.28 68.09
N PRO A 161 41.78 -93.47 68.29
CA PRO A 161 42.50 -92.63 69.25
C PRO A 161 42.70 -91.22 68.71
N ARG A 162 42.67 -90.26 69.63
CA ARG A 162 42.75 -88.84 69.32
C ARG A 162 43.73 -88.16 70.26
N MET A 163 44.42 -87.15 69.73
CA MET A 163 45.50 -86.48 70.43
C MET A 163 45.59 -85.04 69.94
N SER A 164 45.56 -84.07 70.84
CA SER A 164 45.79 -82.69 70.45
C SER A 164 47.26 -82.33 70.71
N ILE A 165 47.79 -81.46 69.87
CA ILE A 165 49.18 -81.01 70.04
C ILE A 165 49.27 -79.50 69.84
N PRO A 166 50.05 -78.79 70.66
CA PRO A 166 50.16 -77.34 70.50
C PRO A 166 50.97 -76.91 69.30
N PHE A 167 51.22 -75.61 69.19
CA PHE A 167 52.02 -75.03 68.12
C PHE A 167 53.50 -75.32 68.38
N ILE A 168 54.06 -76.24 67.60
CA ILE A 168 55.37 -76.83 67.86
C ILE A 168 56.42 -76.19 66.95
N SER A 169 56.22 -74.95 66.55
CA SER A 169 57.14 -74.35 65.62
C SER A 169 58.24 -73.58 66.35
N ILE A 170 59.37 -73.42 65.67
CA ILE A 170 60.46 -72.60 66.19
C ILE A 170 60.19 -71.13 65.91
N GLY A 171 59.65 -70.84 64.73
CA GLY A 171 59.30 -69.49 64.37
C GLY A 171 57.96 -69.08 64.92
N ASN A 172 57.61 -67.82 64.72
CA ASN A 172 56.36 -67.28 65.22
C ASN A 172 55.17 -67.67 64.34
N ALA A 173 55.36 -68.56 63.38
CA ALA A 173 54.29 -69.07 62.55
C ALA A 173 54.85 -70.16 61.65
N TYR A 174 54.01 -71.15 61.35
CA TYR A 174 54.41 -72.18 60.38
C TYR A 174 54.68 -71.53 59.03
N SER A 175 55.63 -72.09 58.30
CA SER A 175 55.97 -71.63 56.96
C SER A 175 55.46 -72.65 55.96
N CYS A 176 54.61 -72.20 55.04
CA CYS A 176 54.11 -73.04 53.95
C CYS A 176 55.03 -73.03 52.74
N PHE A 177 55.78 -71.96 52.55
CA PHE A 177 56.70 -71.84 51.43
C PHE A 177 57.99 -71.20 51.93
N TYR A 178 59.09 -71.49 51.23
CA TYR A 178 60.40 -71.00 51.63
C TYR A 178 61.21 -70.72 50.39
N ASP A 179 61.39 -69.43 50.06
CA ASP A 179 62.19 -69.02 48.91
C ASP A 179 63.65 -68.84 49.32
N GLY A 180 64.24 -69.95 49.73
CA GLY A 180 65.63 -69.92 50.18
C GLY A 180 66.20 -71.32 50.23
N TRP A 181 67.44 -71.39 50.73
CA TRP A 181 68.19 -72.63 50.81
C TRP A 181 68.42 -73.00 52.28
N THR A 182 69.04 -74.17 52.48
CA THR A 182 69.40 -74.61 53.81
C THR A 182 70.79 -74.14 54.21
N GLN A 183 71.71 -74.04 53.25
CA GLN A 183 73.09 -73.65 53.52
C GLN A 183 73.28 -72.17 53.21
N PHE A 184 74.08 -71.49 54.02
CA PHE A 184 74.36 -70.08 53.80
C PHE A 184 75.15 -69.83 52.53
N SER A 185 75.69 -70.87 51.90
CA SER A 185 76.39 -70.75 50.63
C SER A 185 75.45 -70.73 49.44
N ARG A 186 74.16 -70.48 49.68
CA ARG A 186 73.15 -70.52 48.62
C ARG A 186 73.18 -71.86 47.88
N ASN A 187 73.41 -72.93 48.63
CA ASN A 187 73.55 -74.25 48.05
C ASN A 187 72.96 -75.28 48.99
N GLY A 188 73.04 -76.54 48.58
CA GLY A 188 72.49 -77.65 49.37
C GLY A 188 71.02 -77.93 48.96
N VAL A 189 70.11 -77.51 49.82
CA VAL A 189 68.69 -77.79 49.64
C VAL A 189 68.00 -76.47 49.35
N TYR A 190 66.99 -76.52 48.47
CA TYR A 190 66.15 -75.36 48.17
C TYR A 190 64.71 -75.76 48.42
N GLY A 191 64.07 -75.14 49.41
CA GLY A 191 62.64 -75.25 49.55
C GLY A 191 62.23 -75.42 51.00
N ILE A 192 61.03 -75.99 51.17
CA ILE A 192 60.41 -76.15 52.48
C ILE A 192 60.99 -77.29 53.30
N ASN A 193 61.82 -78.13 52.70
CA ASN A 193 62.42 -79.25 53.41
C ASN A 193 63.71 -78.85 54.14
N THR A 194 64.07 -77.58 54.14
CA THR A 194 65.07 -77.05 55.06
C THR A 194 64.44 -76.65 56.39
N LEU A 195 63.11 -76.52 56.40
CA LEU A 195 62.34 -76.17 57.59
C LEU A 195 61.66 -77.38 58.20
N ASN A 196 60.98 -78.19 57.38
CA ASN A 196 60.30 -79.36 57.93
C ASN A 196 61.26 -80.23 58.72
N ASN A 197 61.20 -80.16 60.05
CA ASN A 197 61.99 -81.01 60.94
C ASN A 197 61.15 -81.34 62.17
N MET A 198 59.97 -81.93 61.93
CA MET A 198 58.99 -82.16 62.99
C MET A 198 59.07 -83.57 63.57
N GLY A 199 60.06 -84.36 63.20
CA GLY A 199 60.23 -85.68 63.78
C GLY A 199 59.48 -86.75 63.03
N THR A 200 59.65 -87.98 63.50
CA THR A 200 59.11 -89.16 62.86
C THR A 200 58.02 -89.80 63.72
N LEU A 201 57.23 -90.67 63.09
CA LEU A 201 56.10 -91.34 63.74
C LEU A 201 56.17 -92.83 63.42
N TYR A 202 56.28 -93.65 64.47
CA TYR A 202 56.46 -95.09 64.34
C TYR A 202 55.23 -95.84 64.85
N MET A 203 55.01 -97.02 64.28
CA MET A 203 53.81 -97.82 64.51
C MET A 203 54.21 -99.27 64.69
N ARG A 204 53.56 -99.97 65.63
CA ARG A 204 53.85 -101.38 65.78
C ARG A 204 52.68 -102.12 66.42
N HIS A 205 52.65 -103.43 66.21
CA HIS A 205 51.81 -104.32 66.99
C HIS A 205 52.43 -104.53 68.36
N VAL A 206 51.63 -104.39 69.42
CA VAL A 206 52.09 -104.79 70.74
C VAL A 206 51.93 -106.30 70.91
N ASN A 207 50.96 -106.87 70.22
CA ASN A 207 50.68 -108.30 70.33
C ASN A 207 51.78 -109.12 69.67
N GLU A 208 52.00 -110.32 70.21
CA GLU A 208 52.95 -111.27 69.66
C GLU A 208 52.24 -112.35 68.84
N ALA A 209 51.37 -111.94 67.93
CA ALA A 209 50.60 -112.88 67.11
C ALA A 209 51.52 -113.94 66.51
N GLY A 210 51.09 -115.20 66.60
CA GLY A 210 51.90 -116.30 66.11
C GLY A 210 51.29 -117.07 64.96
N GLN A 211 50.07 -117.59 65.15
CA GLN A 211 49.48 -118.49 64.16
C GLN A 211 49.22 -117.80 62.83
N GLY A 212 48.25 -116.89 62.80
CA GLY A 212 47.87 -116.23 61.58
C GLY A 212 48.56 -114.90 61.41
N PRO A 213 49.09 -114.65 60.20
CA PRO A 213 49.70 -113.34 59.95
C PRO A 213 48.63 -112.27 59.85
N ILE A 214 48.99 -111.05 60.23
CA ILE A 214 48.04 -109.96 60.32
C ILE A 214 48.71 -108.70 59.79
N LYS A 215 48.09 -108.04 58.81
CA LYS A 215 48.60 -106.79 58.28
C LYS A 215 47.66 -105.67 58.71
N SER A 216 48.23 -104.57 59.18
CA SER A 216 47.46 -103.45 59.68
C SER A 216 47.78 -102.20 58.86
N THR A 217 46.82 -101.27 58.84
CA THR A 217 46.89 -100.04 58.08
C THR A 217 46.47 -98.92 59.00
N VAL A 218 47.40 -98.01 59.30
CA VAL A 218 47.13 -96.84 60.13
C VAL A 218 46.99 -95.63 59.23
N ARG A 219 45.95 -94.84 59.44
CA ARG A 219 45.67 -93.64 58.65
C ARG A 219 45.68 -92.44 59.60
N ILE A 220 46.58 -91.50 59.34
CA ILE A 220 46.76 -90.31 60.16
C ILE A 220 45.82 -89.22 59.67
N TYR A 221 45.17 -88.51 60.60
CA TYR A 221 44.22 -87.47 60.26
C TYR A 221 44.54 -86.20 61.01
N PHE A 222 44.76 -85.12 60.27
CA PHE A 222 45.05 -83.80 60.81
C PHE A 222 43.79 -82.93 60.78
N LYS A 223 43.58 -82.16 61.84
CA LYS A 223 42.52 -81.15 61.88
C LYS A 223 43.06 -79.93 62.61
N PRO A 224 43.53 -78.92 61.89
CA PRO A 224 44.03 -77.71 62.56
C PRO A 224 42.94 -76.99 63.33
N LYS A 225 43.21 -76.73 64.62
CA LYS A 225 42.36 -75.95 65.49
C LYS A 225 43.06 -74.63 65.80
N HIS A 226 42.26 -73.65 66.20
CA HIS A 226 42.76 -72.34 66.62
C HIS A 226 43.78 -71.80 65.61
N VAL A 227 43.27 -71.53 64.41
CA VAL A 227 44.13 -71.26 63.25
C VAL A 227 44.35 -69.77 63.12
N LYS A 228 45.54 -69.42 62.64
CA LYS A 228 45.87 -68.04 62.26
C LYS A 228 46.67 -68.10 60.96
N ALA A 229 46.19 -67.38 59.94
CA ALA A 229 46.79 -67.39 58.63
C ALA A 229 47.18 -65.98 58.20
N TRP A 230 48.22 -65.89 57.37
CA TRP A 230 48.72 -64.61 56.88
C TRP A 230 49.08 -64.72 55.40
N VAL A 231 49.05 -63.58 54.73
CA VAL A 231 49.57 -63.45 53.37
C VAL A 231 48.94 -64.51 52.47
N PRO A 232 47.73 -64.29 51.98
CA PRO A 232 47.13 -65.26 51.06
C PRO A 232 47.83 -65.23 49.71
N ARG A 233 47.77 -66.36 49.01
CA ARG A 233 48.48 -66.55 47.76
C ARG A 233 47.59 -67.32 46.81
N PRO A 234 47.93 -67.33 45.52
CA PRO A 234 47.06 -67.96 44.53
C PRO A 234 46.84 -69.43 44.84
N PRO A 235 45.62 -69.93 44.64
CA PRO A 235 45.41 -71.37 44.78
C PRO A 235 46.27 -72.13 43.79
N ARG A 236 46.64 -73.37 44.17
CA ARG A 236 47.43 -74.21 43.31
C ARG A 236 46.68 -74.51 42.02
N LEU A 237 47.37 -74.35 40.89
CA LEU A 237 46.79 -74.60 39.57
C LEU A 237 47.27 -75.91 38.97
N CYS A 238 48.59 -76.07 38.84
CA CYS A 238 49.15 -77.29 38.30
C CYS A 238 49.16 -78.40 39.35
N GLN A 239 48.91 -79.63 38.91
CA GLN A 239 48.87 -80.76 39.84
C GLN A 239 50.20 -80.89 40.57
N TYR A 240 50.12 -81.35 41.82
CA TYR A 240 51.32 -81.54 42.64
C TYR A 240 52.18 -82.66 42.08
N GLU A 241 53.50 -82.47 42.15
CA GLU A 241 54.46 -83.42 41.60
C GLU A 241 55.36 -84.04 42.66
N LYS A 242 55.81 -83.25 43.64
CA LYS A 242 56.72 -83.73 44.67
C LYS A 242 56.27 -83.19 46.02
N GLN A 243 56.54 -83.98 47.06
CA GLN A 243 56.17 -83.57 48.42
C GLN A 243 57.15 -82.56 49.01
N LYS A 244 58.36 -82.45 48.46
CA LYS A 244 59.41 -81.65 49.07
C LYS A 244 59.70 -80.35 48.33
N ASN A 245 58.94 -80.03 47.29
CA ASN A 245 59.22 -78.82 46.52
C ASN A 245 58.01 -78.45 45.67
N VAL A 246 58.07 -77.22 45.14
CA VAL A 246 56.98 -76.67 44.33
C VAL A 246 56.95 -77.23 42.92
N ASN A 247 57.96 -78.01 42.52
CA ASN A 247 58.10 -78.45 41.14
C ASN A 247 56.76 -78.84 40.54
N PHE A 248 56.47 -78.26 39.37
CA PHE A 248 55.19 -78.44 38.70
C PHE A 248 55.44 -78.65 37.22
N THR A 249 54.47 -79.29 36.57
CA THR A 249 54.47 -79.40 35.12
C THR A 249 53.46 -78.42 34.56
N PRO A 250 53.86 -77.46 33.73
CA PRO A 250 52.93 -76.39 33.34
C PRO A 250 51.65 -76.94 32.74
N THR A 251 50.54 -76.33 33.13
CA THR A 251 49.24 -76.60 32.54
C THR A 251 48.59 -75.28 32.16
N GLY A 252 47.53 -75.35 31.35
CA GLY A 252 46.87 -74.15 30.90
C GLY A 252 46.17 -73.42 32.04
N VAL A 253 45.90 -72.13 31.80
CA VAL A 253 45.31 -71.30 32.84
C VAL A 253 43.91 -71.78 33.18
N THR A 254 43.12 -72.17 32.18
CA THR A 254 41.75 -72.58 32.42
C THR A 254 41.29 -73.59 31.38
N THR A 255 40.10 -74.12 31.61
CA THR A 255 39.43 -74.93 30.62
C THR A 255 39.00 -74.06 29.43
N THR A 256 38.81 -74.70 28.29
CA THR A 256 38.67 -73.99 27.02
C THR A 256 37.24 -74.07 26.50
N ARG A 257 36.85 -73.00 25.80
CA ARG A 257 35.70 -72.96 24.92
C ARG A 257 36.20 -72.55 23.53
N VAL A 258 35.27 -72.42 22.58
CA VAL A 258 35.65 -72.15 21.19
C VAL A 258 35.90 -70.66 20.97
N GLY A 259 34.86 -69.85 21.12
CA GLY A 259 34.96 -68.42 20.84
C GLY A 259 34.52 -67.58 22.02
N ILE A 260 34.89 -66.29 21.94
CA ILE A 260 34.60 -65.37 23.03
C ILE A 260 33.10 -65.19 23.23
N THR A 261 32.31 -65.46 22.21
CA THR A 261 30.86 -65.41 22.31
C THR A 261 30.25 -66.77 22.66
N THR A 262 31.08 -67.81 22.81
CA THR A 262 30.55 -69.14 23.07
C THR A 262 29.80 -69.18 24.39
N THR A 263 28.69 -69.91 24.41
CA THR A 263 27.78 -69.91 25.54
C THR A 263 26.89 -71.15 25.55
N ARG B 14 54.34 -36.07 44.30
CA ARG B 14 55.21 -35.71 45.40
C ARG B 14 56.69 -35.93 45.07
N SER B 15 57.53 -35.81 46.10
CA SER B 15 58.97 -36.08 46.01
C SER B 15 59.31 -36.97 47.20
N ILE B 16 59.19 -38.28 47.05
CA ILE B 16 59.44 -39.17 48.17
C ILE B 16 60.95 -39.32 48.33
N THR B 17 61.56 -38.36 49.01
CA THR B 17 63.01 -38.29 49.15
C THR B 17 63.41 -39.02 50.43
N LEU B 18 64.03 -40.19 50.30
CA LEU B 18 64.42 -40.97 51.47
C LEU B 18 65.71 -40.45 52.09
N GLY B 19 66.84 -40.73 51.45
CA GLY B 19 68.12 -40.23 51.94
C GLY B 19 68.69 -39.21 50.99
N ASN B 20 69.82 -39.54 50.37
CA ASN B 20 70.38 -38.72 49.29
C ASN B 20 69.71 -39.13 47.99
N SER B 21 68.38 -39.10 47.97
CA SER B 21 67.62 -39.68 46.87
C SER B 21 66.23 -39.08 46.85
N THR B 22 65.77 -38.71 45.66
CA THR B 22 64.42 -38.20 45.48
C THR B 22 63.87 -38.75 44.18
N ILE B 23 62.69 -39.36 44.24
CA ILE B 23 61.97 -39.78 43.03
C ILE B 23 60.88 -38.77 42.78
N THR B 24 60.63 -38.48 41.50
CA THR B 24 59.61 -37.52 41.12
C THR B 24 58.43 -38.25 40.50
N THR B 25 57.79 -39.16 41.24
CA THR B 25 56.54 -39.69 40.74
C THR B 25 55.62 -38.55 40.36
N GLN B 26 55.44 -37.61 41.31
CA GLN B 26 54.60 -36.43 41.13
C GLN B 26 53.42 -36.70 40.22
N GLU B 27 52.93 -37.94 40.19
CA GLU B 27 51.66 -38.25 39.57
C GLU B 27 50.53 -37.62 40.35
N CYS B 28 50.81 -37.18 41.57
CA CYS B 28 49.80 -36.81 42.56
C CYS B 28 48.84 -37.96 42.80
N ALA B 29 49.26 -39.18 42.44
CA ALA B 29 48.43 -40.37 42.52
C ALA B 29 49.12 -41.43 43.37
N ASN B 30 48.27 -42.35 43.86
CA ASN B 30 48.54 -43.34 44.89
C ASN B 30 49.88 -44.06 44.96
N VAL B 31 50.17 -44.61 46.14
CA VAL B 31 51.22 -45.59 46.39
C VAL B 31 50.57 -46.79 47.05
N VAL B 32 50.91 -48.00 46.61
CA VAL B 32 50.34 -49.21 47.17
C VAL B 32 51.18 -49.61 48.38
N VAL B 33 50.62 -49.53 49.58
CA VAL B 33 51.35 -49.77 50.82
C VAL B 33 51.10 -51.22 51.23
N GLY B 34 51.92 -52.13 50.68
CA GLY B 34 51.94 -53.52 51.06
C GLY B 34 50.62 -54.13 51.47
N TYR B 35 50.60 -54.76 52.63
CA TYR B 35 49.38 -55.33 53.21
C TYR B 35 48.75 -54.36 54.20
N GLY B 36 48.77 -53.07 53.87
CA GLY B 36 48.29 -52.06 54.77
C GLY B 36 49.23 -51.73 55.91
N VAL B 37 50.47 -52.19 55.84
CA VAL B 37 51.45 -51.98 56.90
C VAL B 37 52.61 -51.16 56.35
N TRP B 38 52.95 -50.09 57.06
CA TRP B 38 54.12 -49.29 56.73
C TRP B 38 55.34 -49.89 57.40
N PRO B 39 56.47 -50.04 56.71
CA PRO B 39 57.64 -50.66 57.34
C PRO B 39 58.03 -49.91 58.61
N GLU B 40 58.32 -50.69 59.65
CA GLU B 40 58.72 -50.15 60.95
C GLU B 40 59.83 -51.02 61.51
N TYR B 41 60.52 -50.50 62.51
CA TYR B 41 61.61 -51.24 63.13
C TYR B 41 61.07 -52.34 64.03
N LEU B 42 61.96 -53.26 64.41
CA LEU B 42 61.58 -54.37 65.27
C LEU B 42 61.40 -53.88 66.70
N LYS B 43 60.27 -54.24 67.31
CA LYS B 43 60.01 -53.87 68.70
C LYS B 43 60.78 -54.79 69.64
N ASP B 44 61.04 -54.28 70.85
CA ASP B 44 61.64 -55.12 71.88
C ASP B 44 60.72 -56.25 72.31
N ASN B 45 59.42 -56.17 71.98
CA ASN B 45 58.48 -57.21 72.35
C ASN B 45 58.46 -58.38 71.37
N GLU B 46 58.91 -58.17 70.12
CA GLU B 46 58.90 -59.20 69.11
C GLU B 46 60.30 -59.65 68.70
N ALA B 47 61.32 -59.26 69.47
CA ALA B 47 62.71 -59.53 69.11
C ALA B 47 63.27 -60.71 69.90
N THR B 48 64.20 -61.43 69.27
CA THR B 48 64.94 -62.51 69.90
C THR B 48 66.42 -62.18 70.06
N ALA B 49 67.08 -61.77 68.98
CA ALA B 49 68.50 -61.44 69.03
C ALA B 49 68.77 -60.43 70.15
N GLU B 50 69.74 -60.75 70.99
CA GLU B 50 70.01 -59.94 72.18
C GLU B 50 71.00 -58.83 71.93
N ASP B 51 71.93 -59.02 71.00
CA ASP B 51 72.94 -57.98 70.73
C ASP B 51 72.28 -56.77 70.08
N GLN B 52 72.90 -55.61 70.28
CA GLN B 52 72.31 -54.35 69.83
C GLN B 52 72.46 -54.21 68.32
N PRO B 53 71.38 -53.93 67.58
CA PRO B 53 71.47 -53.91 66.12
C PRO B 53 72.09 -52.62 65.58
N THR B 54 72.47 -52.69 64.30
CA THR B 54 72.94 -51.54 63.55
C THR B 54 71.81 -51.07 62.63
N GLN B 55 71.60 -49.76 62.60
CA GLN B 55 70.54 -49.14 61.81
C GLN B 55 71.17 -48.01 61.00
N PRO B 56 71.79 -48.33 59.86
CA PRO B 56 72.55 -47.31 59.12
C PRO B 56 71.72 -46.11 58.70
N ASP B 57 70.42 -46.31 58.44
CA ASP B 57 69.50 -45.20 58.18
C ASP B 57 69.77 -44.54 56.82
N VAL B 58 70.34 -43.33 56.84
CA VAL B 58 70.52 -42.59 55.59
C VAL B 58 71.41 -43.38 54.63
N ALA B 59 72.43 -44.05 55.16
CA ALA B 59 73.37 -44.75 54.30
C ALA B 59 72.74 -45.95 53.62
N THR B 60 71.80 -46.62 54.29
CA THR B 60 71.17 -47.82 53.76
C THR B 60 69.79 -47.55 53.17
N CYS B 61 68.95 -46.79 53.86
CA CYS B 61 67.58 -46.52 53.42
C CYS B 61 67.60 -45.41 52.38
N ARG B 62 67.92 -45.79 51.14
CA ARG B 62 67.99 -44.85 50.03
C ARG B 62 67.76 -45.62 48.73
N PHE B 63 67.55 -44.88 47.65
CA PHE B 63 67.08 -45.46 46.39
C PHE B 63 68.26 -45.95 45.56
N TYR B 64 68.44 -47.27 45.54
CA TYR B 64 69.34 -47.94 44.61
C TYR B 64 68.54 -48.33 43.37
N THR B 65 68.99 -47.87 42.21
CA THR B 65 68.33 -48.17 40.93
C THR B 65 69.07 -49.29 40.23
N LEU B 66 68.37 -50.40 40.02
CA LEU B 66 68.96 -51.55 39.36
C LEU B 66 69.21 -51.25 37.88
N GLU B 67 69.70 -52.25 37.16
CA GLU B 67 69.87 -52.13 35.72
C GLU B 67 68.51 -52.07 35.03
N SER B 68 68.43 -51.28 33.97
CA SER B 68 67.21 -51.18 33.19
C SER B 68 67.12 -52.30 32.16
N VAL B 69 65.89 -52.65 31.78
CA VAL B 69 65.65 -53.68 30.77
C VAL B 69 64.78 -53.06 29.68
N GLN B 70 64.76 -53.71 28.52
CA GLN B 70 63.97 -53.24 27.38
C GLN B 70 62.65 -54.01 27.31
N TRP B 71 61.55 -53.29 27.17
CA TRP B 71 60.24 -53.87 26.93
C TRP B 71 60.09 -54.08 25.43
N MET B 72 59.94 -55.33 25.02
CA MET B 72 59.82 -55.70 23.62
C MET B 72 58.40 -56.19 23.34
N LYS B 73 58.05 -56.22 22.05
CA LYS B 73 56.73 -56.68 21.67
C LYS B 73 56.49 -58.14 22.02
N ASN B 74 57.56 -58.89 22.30
CA ASN B 74 57.47 -60.30 22.65
C ASN B 74 57.82 -60.60 24.09
N SER B 75 58.33 -59.63 24.84
CA SER B 75 58.81 -59.88 26.19
C SER B 75 57.73 -60.54 27.03
N ALA B 76 58.13 -61.59 27.75
CA ALA B 76 57.20 -62.33 28.60
C ALA B 76 57.12 -61.74 30.00
N GLY B 77 58.22 -61.21 30.49
CA GLY B 77 58.24 -60.61 31.82
C GLY B 77 59.62 -60.74 32.43
N TRP B 78 59.76 -60.11 33.60
CA TRP B 78 61.02 -60.08 34.33
C TRP B 78 60.75 -60.28 35.82
N TRP B 79 61.78 -60.72 36.54
CA TRP B 79 61.68 -60.87 37.97
C TRP B 79 63.05 -60.63 38.60
N TRP B 80 63.01 -60.16 39.85
CA TRP B 80 64.18 -59.95 40.69
C TRP B 80 63.92 -60.58 42.06
N LYS B 81 64.93 -61.27 42.60
CA LYS B 81 64.96 -61.57 44.02
C LYS B 81 65.54 -60.35 44.73
N LEU B 82 64.87 -59.88 45.80
CA LEU B 82 65.12 -58.53 46.28
C LEU B 82 66.36 -58.37 47.15
N PRO B 83 66.50 -59.16 48.23
CA PRO B 83 67.76 -59.10 48.98
C PRO B 83 68.95 -59.30 48.06
N ASP B 84 68.85 -60.27 47.15
CA ASP B 84 69.88 -60.55 46.16
C ASP B 84 69.77 -59.64 44.94
N ALA B 85 69.00 -58.56 45.02
CA ALA B 85 69.02 -57.50 44.02
C ALA B 85 69.78 -56.29 44.51
N LEU B 86 69.63 -55.97 45.79
CA LEU B 86 70.46 -54.95 46.41
C LEU B 86 71.68 -55.53 47.11
N SER B 87 71.95 -56.83 46.94
CA SER B 87 73.06 -57.47 47.65
C SER B 87 74.40 -56.82 47.34
N GLN B 88 74.59 -56.31 46.12
CA GLN B 88 75.86 -55.73 45.71
C GLN B 88 75.81 -54.21 45.62
N MET B 89 74.75 -53.58 46.13
CA MET B 89 74.56 -52.14 45.99
C MET B 89 74.91 -51.46 47.30
N GLY B 90 76.13 -50.91 47.37
CA GLY B 90 76.51 -49.99 48.42
C GLY B 90 76.53 -50.56 49.83
N LEU B 91 76.32 -49.66 50.80
CA LEU B 91 76.44 -50.03 52.20
C LEU B 91 75.32 -50.96 52.64
N PHE B 92 74.16 -50.95 51.98
CA PHE B 92 73.19 -52.00 52.22
C PHE B 92 73.82 -53.37 51.99
N GLY B 93 74.49 -53.54 50.86
CA GLY B 93 75.17 -54.79 50.59
C GLY B 93 76.29 -55.08 51.57
N GLN B 94 77.03 -54.05 51.97
CA GLN B 94 78.14 -54.26 52.91
C GLN B 94 77.62 -54.74 54.27
N ASN B 95 76.65 -54.04 54.84
CA ASN B 95 76.02 -54.51 56.07
C ASN B 95 75.46 -55.92 55.89
N MET B 96 74.85 -56.17 54.73
CA MET B 96 74.32 -57.49 54.45
C MET B 96 75.41 -58.56 54.54
N GLN B 97 76.60 -58.25 54.02
CA GLN B 97 77.69 -59.23 54.10
C GLN B 97 78.18 -59.39 55.53
N TYR B 98 78.30 -58.29 56.28
CA TYR B 98 78.96 -58.34 57.57
C TYR B 98 78.06 -58.82 58.70
N HIS B 99 76.74 -58.91 58.51
CA HIS B 99 75.85 -59.29 59.60
C HIS B 99 75.15 -60.61 59.32
N TYR B 100 74.93 -61.37 60.40
CA TYR B 100 74.23 -62.65 60.32
C TYR B 100 72.73 -62.48 60.15
N LEU B 101 72.16 -61.42 60.72
CA LEU B 101 70.71 -61.21 60.67
C LEU B 101 70.41 -59.82 60.14
N GLY B 102 69.34 -59.71 59.36
CA GLY B 102 68.93 -58.43 58.82
C GLY B 102 67.41 -58.37 58.69
N ARG B 103 66.91 -57.15 58.58
CA ARG B 103 65.46 -56.94 58.49
C ARG B 103 65.20 -55.60 57.82
N THR B 104 64.46 -55.61 56.71
CA THR B 104 64.18 -54.39 55.97
C THR B 104 62.81 -54.49 55.31
N GLY B 105 62.17 -53.33 55.16
CA GLY B 105 61.13 -53.14 54.17
C GLY B 105 61.73 -52.50 52.93
N TYR B 106 60.86 -52.25 51.95
CA TYR B 106 61.33 -51.65 50.70
C TYR B 106 60.32 -50.63 50.20
N THR B 107 60.82 -49.69 49.40
CA THR B 107 60.01 -48.83 48.54
C THR B 107 60.46 -49.12 47.11
N ILE B 108 59.58 -49.75 46.33
CA ILE B 108 59.88 -50.21 44.98
C ILE B 108 59.17 -49.29 44.00
N HIS B 109 59.93 -48.74 43.07
CA HIS B 109 59.41 -47.79 42.09
C HIS B 109 59.80 -48.28 40.70
N VAL B 110 58.82 -48.75 39.95
CA VAL B 110 59.01 -49.20 38.58
C VAL B 110 58.66 -48.03 37.66
N GLN B 111 59.62 -47.57 36.88
CA GLN B 111 59.46 -46.41 36.01
C GLN B 111 59.50 -46.87 34.57
N CYS B 112 58.42 -46.61 33.84
CA CYS B 112 58.39 -46.82 32.39
C CYS B 112 57.55 -45.70 31.79
N ASN B 113 58.08 -45.06 30.75
CA ASN B 113 57.36 -43.96 30.11
C ASN B 113 57.37 -44.18 28.61
N ALA B 114 56.19 -44.10 28.02
CA ALA B 114 56.02 -44.19 26.57
C ALA B 114 55.23 -42.95 26.16
N SER B 115 54.69 -42.95 24.94
CA SER B 115 53.94 -41.80 24.43
C SER B 115 52.45 -42.15 24.30
N LYS B 116 51.66 -41.13 23.98
CA LYS B 116 50.23 -41.34 23.79
C LYS B 116 49.95 -42.34 22.67
N PHE B 117 50.86 -42.44 21.70
CA PHE B 117 50.70 -43.29 20.54
C PHE B 117 51.23 -44.71 20.78
N HIS B 118 51.73 -45.00 21.97
CA HIS B 118 52.09 -46.35 22.39
C HIS B 118 50.97 -46.96 23.23
N GLN B 119 51.02 -48.27 23.37
CA GLN B 119 50.03 -48.98 24.17
C GLN B 119 50.66 -50.22 24.79
N GLY B 120 50.11 -50.65 25.91
CA GLY B 120 50.63 -51.77 26.65
C GLY B 120 50.25 -51.66 28.11
N CYS B 121 50.46 -52.76 28.83
CA CYS B 121 50.08 -52.79 30.24
C CYS B 121 50.90 -53.84 30.98
N LEU B 122 51.52 -53.40 32.06
CA LEU B 122 52.36 -54.24 32.91
C LEU B 122 51.66 -54.48 34.26
N LEU B 123 51.80 -55.70 34.77
CA LEU B 123 51.49 -56.03 36.15
C LEU B 123 52.79 -55.98 36.94
N VAL B 124 52.82 -55.18 38.01
CA VAL B 124 53.97 -55.06 38.89
C VAL B 124 53.53 -55.61 40.24
N VAL B 125 54.06 -56.78 40.63
CA VAL B 125 53.67 -57.45 41.87
C VAL B 125 54.89 -57.66 42.74
N CYS B 126 54.66 -57.74 44.05
CA CYS B 126 55.67 -58.08 45.05
C CYS B 126 55.22 -59.35 45.75
N VAL B 127 55.80 -60.50 45.39
CA VAL B 127 55.39 -61.79 45.91
C VAL B 127 56.27 -62.13 47.11
N PRO B 128 55.74 -62.15 48.33
CA PRO B 128 56.52 -62.70 49.45
C PRO B 128 56.60 -64.21 49.33
N GLU B 129 57.82 -64.74 49.50
CA GLU B 129 58.07 -66.18 49.46
C GLU B 129 57.69 -66.76 48.10
N ALA B 130 58.34 -66.24 47.06
CA ALA B 130 58.10 -66.70 45.69
C ALA B 130 58.98 -67.93 45.41
N GLU B 131 58.62 -69.03 46.08
CA GLU B 131 59.31 -70.30 45.86
C GLU B 131 58.96 -70.82 44.47
N MET B 132 59.98 -71.00 43.63
CA MET B 132 59.78 -71.29 42.22
C MET B 132 60.07 -72.76 41.93
N GLY B 133 59.43 -73.27 40.88
CA GLY B 133 59.59 -74.66 40.50
C GLY B 133 60.67 -74.86 39.45
N CYS B 134 61.00 -76.13 39.22
CA CYS B 134 62.05 -76.53 38.30
C CYS B 134 61.45 -77.10 37.02
N SER B 135 62.27 -77.16 35.98
CA SER B 135 61.88 -77.86 34.76
C SER B 135 62.03 -79.36 34.92
N ASN B 136 63.14 -79.80 35.51
CA ASN B 136 63.33 -81.21 35.86
C ASN B 136 62.73 -81.44 37.24
N LEU B 137 61.68 -82.27 37.31
CA LEU B 137 60.90 -82.40 38.53
C LEU B 137 61.70 -83.02 39.67
N ASN B 138 62.83 -83.67 39.39
CA ASN B 138 63.61 -84.33 40.42
C ASN B 138 64.73 -83.47 40.98
N ASN B 139 64.72 -82.17 40.70
CA ASN B 139 65.78 -81.30 41.16
C ASN B 139 65.20 -79.93 41.51
N THR B 140 65.92 -79.19 42.33
CA THR B 140 65.55 -77.82 42.62
C THR B 140 66.43 -76.87 41.82
N PRO B 141 65.89 -75.74 41.37
CA PRO B 141 66.66 -74.85 40.50
C PRO B 141 67.95 -74.37 41.15
N GLU B 142 68.88 -73.93 40.31
CA GLU B 142 70.18 -73.48 40.77
C GLU B 142 70.11 -72.04 41.26
N PHE B 143 71.06 -71.70 42.15
CA PHE B 143 71.12 -70.34 42.68
C PHE B 143 71.20 -69.34 41.54
N ALA B 144 72.04 -69.60 40.54
CA ALA B 144 72.18 -68.65 39.43
C ALA B 144 70.87 -68.50 38.66
N GLU B 145 70.09 -69.58 38.56
CA GLU B 145 68.83 -69.51 37.82
C GLU B 145 67.78 -68.72 38.58
N LEU B 146 67.71 -68.89 39.90
CA LEU B 146 66.71 -68.17 40.68
C LEU B 146 67.09 -66.71 40.92
N SER B 147 68.38 -66.41 41.00
CA SER B 147 68.89 -65.12 41.41
C SER B 147 69.59 -64.45 40.23
N GLY B 148 69.53 -63.12 40.20
CA GLY B 148 70.18 -62.39 39.14
C GLY B 148 70.83 -61.07 39.52
N GLY B 149 71.04 -60.84 40.81
CA GLY B 149 71.63 -59.59 41.24
C GLY B 149 70.90 -58.40 40.64
N ASP B 150 71.63 -57.57 39.90
CA ASP B 150 71.03 -56.50 39.11
C ASP B 150 70.73 -56.95 37.68
N THR B 151 70.90 -58.23 37.38
CA THR B 151 70.63 -58.80 36.06
C THR B 151 69.29 -59.53 36.15
N ALA B 152 68.21 -58.78 35.93
CA ALA B 152 66.87 -59.33 36.05
C ALA B 152 66.77 -60.66 35.32
N ARG B 153 66.20 -61.66 36.00
CA ARG B 153 65.94 -62.92 35.32
C ARG B 153 64.62 -62.79 34.56
N MET B 154 64.51 -63.49 33.45
CA MET B 154 63.40 -63.30 32.53
C MET B 154 62.44 -64.47 32.57
N PHE B 155 61.15 -64.17 32.48
CA PHE B 155 60.15 -65.19 32.19
C PHE B 155 60.20 -65.52 30.70
N THR B 156 59.59 -66.65 30.34
CA THR B 156 59.70 -67.16 28.99
C THR B 156 58.35 -67.23 28.32
N ASP B 157 58.39 -67.25 26.98
CA ASP B 157 57.20 -67.43 26.17
C ASP B 157 56.81 -68.90 26.01
N THR B 158 57.73 -69.83 26.30
CA THR B 158 57.50 -71.24 26.03
C THR B 158 58.01 -72.09 27.19
N GLN B 159 57.40 -73.27 27.36
CA GLN B 159 57.78 -74.16 28.45
C GLN B 159 59.26 -74.51 28.37
N ILE B 160 59.94 -74.45 29.52
CA ILE B 160 61.33 -74.87 29.60
C ILE B 160 61.40 -76.40 29.53
N GLY B 161 62.47 -76.90 28.94
CA GLY B 161 62.61 -78.33 28.72
C GLY B 161 62.98 -79.05 30.01
N GLU B 162 62.39 -80.24 30.19
CA GLU B 162 62.68 -81.02 31.39
C GLU B 162 64.15 -81.45 31.42
N THR B 163 64.70 -81.83 30.27
CA THR B 163 66.09 -82.26 30.22
C THR B 163 67.03 -81.21 30.77
N ASN B 164 66.64 -79.93 30.68
CA ASN B 164 67.48 -78.84 31.18
C ASN B 164 67.55 -78.90 32.70
N SER B 165 68.33 -79.84 33.22
CA SER B 165 68.40 -80.08 34.66
C SER B 165 68.71 -78.80 35.43
N LYS B 166 67.93 -78.58 36.50
CA LYS B 166 68.14 -77.44 37.40
C LYS B 166 67.98 -76.10 36.69
N LYS B 167 66.84 -75.92 36.03
CA LYS B 167 66.44 -74.62 35.49
C LYS B 167 65.00 -74.33 35.90
N VAL B 168 64.66 -73.05 35.88
CA VAL B 168 63.37 -72.59 36.39
C VAL B 168 62.32 -72.72 35.31
N GLN B 169 61.18 -73.31 35.64
CA GLN B 169 60.06 -73.41 34.70
C GLN B 169 59.45 -72.03 34.54
N THR B 170 60.00 -71.24 33.63
CA THR B 170 59.69 -69.81 33.53
C THR B 170 58.47 -69.53 32.67
N ALA B 171 57.68 -70.53 32.31
CA ALA B 171 56.46 -70.30 31.54
C ALA B 171 55.57 -69.32 32.27
N VAL B 172 55.33 -68.15 31.66
CA VAL B 172 54.74 -67.04 32.39
C VAL B 172 53.32 -67.34 32.83
N TRP B 173 52.56 -68.11 32.05
CA TRP B 173 51.17 -68.33 32.41
C TRP B 173 51.01 -69.15 33.69
N ASN B 174 52.11 -69.68 34.24
CA ASN B 174 52.09 -70.30 35.56
C ASN B 174 52.96 -69.54 36.57
N ALA B 175 53.65 -68.48 36.16
CA ALA B 175 54.44 -67.63 37.05
C ALA B 175 55.59 -68.39 37.71
N GLY B 176 55.94 -69.55 37.18
CA GLY B 176 57.02 -70.32 37.78
C GLY B 176 56.72 -70.81 39.18
N MET B 177 55.45 -70.80 39.58
CA MET B 177 55.05 -71.26 40.91
C MET B 177 53.90 -72.26 40.84
N GLY B 178 53.48 -72.68 39.65
CA GLY B 178 52.41 -73.66 39.54
C GLY B 178 51.02 -73.12 39.80
N VAL B 179 50.83 -71.81 39.71
CA VAL B 179 49.52 -71.20 39.92
C VAL B 179 49.09 -70.48 38.65
N GLY B 180 47.91 -69.87 38.67
CA GLY B 180 47.44 -69.08 37.56
C GLY B 180 47.95 -67.66 37.58
N VAL B 181 48.72 -67.28 36.56
CA VAL B 181 49.37 -65.97 36.57
C VAL B 181 48.33 -64.86 36.72
N GLY B 182 47.10 -65.10 36.28
CA GLY B 182 46.05 -64.13 36.43
C GLY B 182 45.54 -63.94 37.85
N ASN B 183 46.07 -64.69 38.81
CA ASN B 183 45.67 -64.57 40.20
C ASN B 183 46.75 -63.97 41.09
N LEU B 184 47.84 -63.48 40.50
CA LEU B 184 48.89 -62.83 41.28
C LEU B 184 48.42 -61.58 42.01
N THR B 185 47.22 -61.10 41.72
CA THR B 185 46.76 -59.82 42.26
C THR B 185 46.57 -59.86 43.78
N ILE B 186 46.55 -61.04 44.40
CA ILE B 186 46.44 -61.09 45.84
C ILE B 186 47.67 -60.45 46.48
N TYR B 187 48.83 -60.62 45.87
CA TYR B 187 50.03 -59.94 46.34
C TYR B 187 49.94 -58.44 46.02
N PRO B 188 50.49 -57.59 46.89
CA PRO B 188 50.47 -56.15 46.60
C PRO B 188 51.09 -55.83 45.25
N HIS B 189 50.38 -55.00 44.49
CA HIS B 189 50.70 -54.80 43.09
C HIS B 189 50.09 -53.50 42.59
N GLN B 190 50.59 -53.05 41.45
CA GLN B 190 49.94 -52.02 40.65
C GLN B 190 50.04 -52.40 39.18
N TRP B 191 49.36 -51.63 38.34
CA TRP B 191 49.43 -51.78 36.90
C TRP B 191 50.03 -50.52 36.29
N ILE B 192 50.95 -50.71 35.35
CA ILE B 192 51.45 -49.62 34.52
C ILE B 192 50.76 -49.79 33.17
N ASN B 193 49.64 -49.12 32.99
CA ASN B 193 48.95 -49.05 31.71
C ASN B 193 49.45 -47.80 30.99
N LEU B 194 50.27 -47.99 29.95
CA LEU B 194 50.90 -46.84 29.30
C LEU B 194 49.88 -45.75 28.98
N ARG B 195 48.62 -46.13 28.77
CA ARG B 195 47.58 -45.15 28.48
C ARG B 195 47.47 -44.12 29.60
N THR B 196 47.52 -44.56 30.86
CA THR B 196 47.26 -43.68 31.99
C THR B 196 48.30 -43.77 33.09
N ASN B 197 49.40 -44.50 32.90
CA ASN B 197 50.38 -44.70 33.96
C ASN B 197 51.79 -44.62 33.38
N ASN B 198 52.72 -44.10 34.19
CA ASN B 198 54.13 -44.05 33.85
C ASN B 198 55.02 -44.70 34.91
N SER B 199 54.47 -45.03 36.07
CA SER B 199 55.27 -45.62 37.13
C SER B 199 54.34 -46.32 38.11
N ALA B 200 54.96 -47.15 38.95
CA ALA B 200 54.26 -47.87 40.00
C ALA B 200 55.11 -47.81 41.27
N THR B 201 54.48 -47.51 42.40
CA THR B 201 55.18 -47.39 43.67
C THR B 201 54.52 -48.28 44.69
N ILE B 202 55.30 -49.21 45.26
CA ILE B 202 54.81 -50.16 46.25
C ILE B 202 55.74 -50.11 47.45
N VAL B 203 55.16 -49.84 48.62
CA VAL B 203 55.90 -49.77 49.88
C VAL B 203 55.63 -51.09 50.60
N MET B 204 56.60 -52.00 50.56
CA MET B 204 56.43 -53.32 51.15
C MET B 204 57.01 -53.36 52.55
N PRO B 205 56.29 -53.91 53.52
CA PRO B 205 56.86 -54.13 54.85
C PRO B 205 57.57 -55.48 54.94
N TYR B 206 58.28 -55.67 56.04
CA TYR B 206 58.95 -56.94 56.30
C TYR B 206 57.90 -58.03 56.49
N ILE B 207 57.90 -59.00 55.57
CA ILE B 207 56.95 -60.12 55.62
C ILE B 207 57.77 -61.39 55.85
N ASN B 208 57.63 -61.99 57.03
CA ASN B 208 58.35 -63.21 57.35
C ASN B 208 57.76 -63.81 58.62
N SER B 209 58.02 -65.11 58.80
CA SER B 209 57.54 -65.83 59.97
C SER B 209 58.42 -65.64 61.20
N VAL B 210 59.65 -65.14 61.00
CA VAL B 210 60.57 -64.91 62.11
C VAL B 210 60.85 -63.41 62.19
N PRO B 211 61.22 -62.88 63.36
CA PRO B 211 61.51 -61.44 63.44
C PRO B 211 62.67 -61.00 62.57
N MET B 212 63.66 -61.87 62.38
CA MET B 212 64.80 -61.57 61.52
C MET B 212 65.22 -62.86 60.84
N ASP B 213 65.91 -62.71 59.71
CA ASP B 213 66.42 -63.85 58.97
C ASP B 213 67.68 -63.41 58.25
N ASN B 214 68.41 -64.40 57.72
CA ASN B 214 69.61 -64.11 56.95
C ASN B 214 69.24 -63.62 55.56
N MET B 215 69.98 -62.64 55.06
CA MET B 215 69.63 -61.96 53.83
C MET B 215 70.21 -62.62 52.59
N PHE B 216 71.13 -63.56 52.74
CA PHE B 216 71.68 -64.30 51.62
C PHE B 216 70.98 -65.64 51.39
N ARG B 217 70.56 -66.30 52.48
CA ARG B 217 69.95 -67.62 52.36
C ARG B 217 68.48 -67.55 52.01
N HIS B 218 67.83 -66.41 52.22
CA HIS B 218 66.37 -66.31 52.14
C HIS B 218 66.00 -65.02 51.42
N ASN B 219 65.34 -65.16 50.27
CA ASN B 219 64.81 -64.03 49.51
C ASN B 219 63.35 -63.88 49.91
N ASN B 220 63.11 -63.06 50.94
CA ASN B 220 61.77 -62.95 51.51
C ASN B 220 60.76 -62.39 50.52
N LEU B 221 61.21 -61.69 49.47
CA LEU B 221 60.31 -61.12 48.48
C LEU B 221 60.88 -61.32 47.08
N THR B 222 59.98 -61.22 46.10
CA THR B 222 60.36 -61.35 44.69
C THR B 222 59.51 -60.39 43.88
N LEU B 223 60.17 -59.45 43.21
CA LEU B 223 59.51 -58.50 42.34
C LEU B 223 59.26 -59.13 40.99
N MET B 224 58.06 -58.96 40.46
CA MET B 224 57.71 -59.49 39.14
C MET B 224 57.03 -58.41 38.31
N ILE B 225 57.53 -58.22 37.10
CA ILE B 225 56.96 -57.29 36.13
C ILE B 225 56.58 -58.11 34.90
N ILE B 226 55.28 -58.32 34.70
CA ILE B 226 54.80 -59.18 33.63
C ILE B 226 53.86 -58.37 32.74
N PRO B 227 54.17 -58.21 31.46
CA PRO B 227 53.24 -57.50 30.56
C PRO B 227 52.03 -58.37 30.25
N PHE B 228 50.85 -57.91 30.68
CA PHE B 228 49.62 -58.64 30.38
C PHE B 228 49.04 -58.24 29.04
N VAL B 229 49.16 -56.97 28.67
CA VAL B 229 48.80 -56.48 27.35
C VAL B 229 50.07 -55.95 26.69
N PRO B 230 50.50 -56.52 25.57
CA PRO B 230 51.86 -56.25 25.08
C PRO B 230 52.03 -54.85 24.53
N LEU B 231 53.30 -54.43 24.46
CA LEU B 231 53.65 -53.16 23.85
C LEU B 231 53.33 -53.18 22.36
N ASN B 232 52.82 -52.06 21.86
CA ASN B 232 52.59 -51.91 20.43
C ASN B 232 52.67 -50.43 20.08
N TYR B 233 52.89 -50.16 18.79
CA TYR B 233 53.04 -48.80 18.31
C TYR B 233 53.05 -48.82 16.78
N SER B 234 52.64 -47.71 16.19
CA SER B 234 52.67 -47.60 14.73
C SER B 234 54.08 -47.22 14.26
N GLU B 235 54.33 -47.47 12.97
CA GLU B 235 55.62 -47.16 12.38
C GLU B 235 55.96 -45.70 12.61
N GLY B 236 57.16 -45.44 13.15
CA GLY B 236 57.60 -44.09 13.39
C GLY B 236 57.71 -43.77 14.87
N SER B 237 56.73 -44.23 15.65
CA SER B 237 56.78 -44.06 17.08
C SER B 237 58.02 -44.73 17.66
N SER B 238 58.57 -44.12 18.71
CA SER B 238 59.85 -44.58 19.24
C SER B 238 59.78 -46.07 19.58
N PRO B 239 60.75 -46.87 19.15
CA PRO B 239 60.65 -48.33 19.34
C PRO B 239 61.39 -48.91 20.55
N TYR B 240 62.12 -48.12 21.32
CA TYR B 240 62.89 -48.62 22.46
C TYR B 240 62.28 -48.08 23.75
N VAL B 241 61.53 -48.93 24.44
CA VAL B 241 60.86 -48.56 25.68
C VAL B 241 61.54 -49.25 26.86
N PRO B 242 62.35 -48.56 27.65
CA PRO B 242 62.99 -49.21 28.79
C PRO B 242 62.18 -49.10 30.07
N ILE B 243 62.38 -50.10 30.93
CA ILE B 243 61.82 -50.18 32.27
C ILE B 243 62.98 -50.10 33.26
N THR B 244 62.87 -49.19 34.22
CA THR B 244 63.91 -48.98 35.23
C THR B 244 63.30 -49.21 36.61
N VAL B 245 63.93 -50.09 37.39
CA VAL B 245 63.47 -50.42 38.74
C VAL B 245 64.36 -49.69 39.73
N THR B 246 63.73 -49.07 40.74
CA THR B 246 64.45 -48.34 41.78
C THR B 246 63.89 -48.75 43.13
N ILE B 247 64.70 -49.43 43.94
CA ILE B 247 64.27 -49.96 45.22
C ILE B 247 65.07 -49.30 46.32
N ALA B 248 64.41 -49.00 47.43
CA ALA B 248 65.08 -48.37 48.58
C ALA B 248 64.77 -49.15 49.83
N PRO B 249 65.79 -49.66 50.55
CA PRO B 249 65.52 -50.26 51.86
C PRO B 249 64.87 -49.24 52.80
N MET B 250 64.11 -49.75 53.75
CA MET B 250 63.41 -48.91 54.71
C MET B 250 63.44 -49.58 56.07
N CYS B 251 63.84 -48.82 57.09
CA CYS B 251 63.93 -49.33 58.44
C CYS B 251 64.81 -50.59 58.48
N ALA B 252 66.02 -50.46 57.95
CA ALA B 252 66.94 -51.57 57.88
C ALA B 252 67.64 -51.77 59.23
N GLU B 253 67.68 -53.02 59.68
CA GLU B 253 68.35 -53.40 60.92
C GLU B 253 69.26 -54.58 60.64
N TYR B 254 70.35 -54.66 61.41
CA TYR B 254 71.33 -55.73 61.27
C TYR B 254 71.81 -56.15 62.66
N ASN B 255 71.82 -57.46 62.91
CA ASN B 255 72.26 -58.01 64.18
C ASN B 255 73.28 -59.11 63.95
N GLY B 256 74.19 -59.26 64.92
CA GLY B 256 75.17 -60.32 64.90
C GLY B 256 76.38 -60.03 64.03
N LEU B 257 77.16 -59.02 64.40
CA LEU B 257 78.32 -58.63 63.60
C LEU B 257 79.41 -59.70 63.66
N ARG B 258 80.11 -59.86 62.55
CA ARG B 258 81.15 -60.87 62.39
C ARG B 258 81.98 -60.52 61.18
N LEU B 259 82.79 -61.47 60.72
CA LEU B 259 83.48 -61.31 59.45
C LEU B 259 82.46 -61.34 58.31
N ALA B 260 82.93 -61.05 57.11
CA ALA B 260 82.07 -60.88 55.96
C ALA B 260 81.87 -62.18 55.19
N SER B 261 80.75 -62.26 54.48
CA SER B 261 80.40 -63.42 53.67
C SER B 261 80.90 -63.22 52.23
N SER B 262 80.41 -64.05 51.32
CA SER B 262 80.78 -63.96 49.91
C SER B 262 79.54 -63.89 49.03
N GLY C 1 30.31 -94.85 91.09
CA GLY C 1 29.70 -95.39 89.84
C GLY C 1 28.46 -94.63 89.41
N LEU C 2 28.67 -93.52 88.71
CA LEU C 2 27.56 -92.70 88.23
C LEU C 2 26.78 -93.46 87.16
N PRO C 3 25.45 -93.56 87.29
CA PRO C 3 24.66 -94.20 86.22
C PRO C 3 24.68 -93.37 84.94
N VAL C 4 24.83 -94.07 83.81
CA VAL C 4 25.00 -93.43 82.51
C VAL C 4 24.42 -94.35 81.45
N MET C 5 24.02 -93.75 80.33
CA MET C 5 23.55 -94.52 79.17
C MET C 5 24.17 -93.92 77.93
N THR C 6 25.01 -94.68 77.23
CA THR C 6 25.61 -94.20 76.00
C THR C 6 24.58 -94.21 74.89
N THR C 7 24.51 -93.11 74.14
CA THR C 7 23.57 -92.92 73.05
C THR C 7 24.21 -93.24 71.71
N PRO C 8 23.39 -93.50 70.68
CA PRO C 8 23.96 -93.75 69.35
C PRO C 8 24.86 -92.60 68.91
N GLY C 9 25.91 -92.95 68.17
CA GLY C 9 26.96 -92.02 67.81
C GLY C 9 28.22 -92.18 68.63
N SER C 10 28.20 -93.02 69.65
CA SER C 10 29.40 -93.29 70.43
C SER C 10 30.44 -94.02 69.58
N THR C 11 31.70 -93.88 69.98
CA THR C 11 32.82 -94.53 69.28
C THR C 11 32.83 -94.18 67.80
N GLN C 12 32.50 -92.92 67.50
CA GLN C 12 32.29 -92.43 66.15
C GLN C 12 33.28 -91.32 65.84
N PHE C 13 33.90 -91.39 64.67
CA PHE C 13 34.87 -90.39 64.22
C PHE C 13 34.23 -89.60 63.09
N LEU C 14 33.54 -88.52 63.45
CA LEU C 14 32.95 -87.61 62.47
C LEU C 14 33.99 -86.55 62.09
N THR C 15 34.38 -86.54 60.82
CA THR C 15 35.40 -85.62 60.36
C THR C 15 35.19 -84.21 60.89
N SER C 16 33.96 -83.70 60.78
CA SER C 16 33.62 -82.35 61.19
C SER C 16 33.00 -82.31 62.57
N ASP C 17 33.63 -82.96 63.56
CA ASP C 17 33.24 -82.83 64.95
C ASP C 17 34.22 -81.90 65.67
N ASP C 18 33.80 -81.43 66.84
CA ASP C 18 34.53 -80.37 67.54
C ASP C 18 34.70 -80.72 69.01
N PHE C 19 35.11 -81.96 69.28
CA PHE C 19 35.33 -82.38 70.65
C PHE C 19 36.71 -81.97 71.13
N GLN C 20 36.88 -81.96 72.45
CA GLN C 20 38.16 -81.71 73.09
C GLN C 20 38.95 -83.01 73.22
N SER C 21 40.28 -82.88 73.14
CA SER C 21 41.16 -84.03 73.22
C SER C 21 42.31 -83.76 74.18
N PRO C 22 42.80 -84.80 74.85
CA PRO C 22 43.92 -84.59 75.79
C PRO C 22 45.21 -84.29 75.04
N SER C 23 45.96 -83.31 75.54
CA SER C 23 47.17 -82.86 74.88
C SER C 23 48.30 -83.88 75.03
N ALA C 24 49.05 -84.07 73.95
CA ALA C 24 50.24 -84.91 73.97
C ALA C 24 51.48 -84.16 74.41
N MET C 25 51.45 -82.83 74.44
CA MET C 25 52.58 -82.00 74.87
C MET C 25 52.13 -81.09 75.99
N PRO C 26 51.93 -81.63 77.19
CA PRO C 26 51.48 -80.77 78.30
C PRO C 26 52.51 -79.72 78.68
N GLN C 27 52.03 -78.55 79.06
CA GLN C 27 52.87 -77.46 79.56
C GLN C 27 53.92 -77.03 78.54
N PHE C 28 53.63 -77.21 77.26
CA PHE C 28 54.53 -76.79 76.18
C PHE C 28 54.43 -75.28 76.01
N ASP C 29 55.53 -74.58 76.29
CA ASP C 29 55.58 -73.13 76.15
C ASP C 29 55.70 -72.78 74.68
N VAL C 30 54.58 -72.39 74.07
CA VAL C 30 54.58 -72.04 72.66
C VAL C 30 55.47 -70.83 72.43
N THR C 31 56.15 -70.79 71.28
CA THR C 31 56.90 -69.61 70.91
C THR C 31 55.95 -68.43 70.79
N PRO C 32 56.33 -67.24 71.29
CA PRO C 32 55.37 -66.13 71.32
C PRO C 32 54.86 -65.78 69.94
N GLU C 33 53.89 -64.87 69.92
CA GLU C 33 53.24 -64.45 68.68
C GLU C 33 53.94 -63.23 68.09
N MET C 34 53.76 -63.05 66.79
CA MET C 34 54.35 -61.94 66.06
C MET C 34 53.29 -61.28 65.19
N GLN C 35 53.46 -59.98 64.97
CA GLN C 35 52.58 -59.20 64.10
C GLN C 35 53.05 -59.41 62.67
N ILE C 36 52.56 -60.47 62.03
CA ILE C 36 52.88 -60.74 60.63
C ILE C 36 51.88 -60.00 59.75
N PRO C 37 52.31 -59.33 58.68
CA PRO C 37 51.36 -58.64 57.82
C PRO C 37 50.40 -59.59 57.12
N GLY C 38 49.26 -59.04 56.72
CA GLY C 38 48.32 -59.78 55.90
C GLY C 38 47.58 -60.89 56.59
N ARG C 39 47.10 -60.66 57.80
CA ARG C 39 46.29 -61.65 58.50
C ARG C 39 44.96 -61.83 57.78
N VAL C 40 44.62 -63.07 57.45
CA VAL C 40 43.34 -63.41 56.85
C VAL C 40 42.44 -63.96 57.95
N ASN C 41 41.19 -63.49 57.98
CA ASN C 41 40.19 -63.98 58.92
C ASN C 41 39.05 -64.73 58.24
N ASN C 42 38.77 -64.43 56.98
CA ASN C 42 37.73 -65.11 56.23
C ASN C 42 38.19 -65.27 54.79
N LEU C 43 37.65 -66.29 54.13
CA LEU C 43 37.98 -66.52 52.73
C LEU C 43 37.33 -65.50 51.80
N MET C 44 36.25 -64.85 52.23
CA MET C 44 35.68 -63.77 51.43
C MET C 44 36.66 -62.62 51.32
N GLU C 45 37.55 -62.46 52.29
CA GLU C 45 38.58 -61.43 52.18
C GLU C 45 39.46 -61.65 50.95
N ILE C 46 39.69 -62.91 50.58
CA ILE C 46 40.41 -63.21 49.36
C ILE C 46 39.48 -63.10 48.16
N ALA C 47 38.25 -63.61 48.29
CA ALA C 47 37.31 -63.57 47.18
C ALA C 47 36.98 -62.15 46.74
N GLU C 48 37.17 -61.17 47.61
CA GLU C 48 36.90 -59.77 47.27
C GLU C 48 38.02 -59.11 46.48
N VAL C 49 39.08 -59.84 46.16
CA VAL C 49 40.24 -59.27 45.48
C VAL C 49 40.09 -59.46 43.98
N ASP C 50 40.25 -58.37 43.22
CA ASP C 50 40.19 -58.44 41.77
C ASP C 50 41.32 -59.32 41.24
N SER C 51 40.98 -60.22 40.33
CA SER C 51 41.95 -61.08 39.67
C SER C 51 41.61 -61.15 38.19
N VAL C 52 42.63 -61.20 37.34
CA VAL C 52 42.41 -61.12 35.90
C VAL C 52 41.59 -62.32 35.43
N VAL C 53 40.64 -62.06 34.56
CA VAL C 53 39.70 -63.09 34.07
C VAL C 53 40.17 -63.55 32.70
N PRO C 54 40.30 -64.85 32.47
CA PRO C 54 40.67 -65.33 31.12
C PRO C 54 39.44 -65.43 30.21
N VAL C 55 38.97 -64.27 29.75
CA VAL C 55 37.79 -64.25 28.89
C VAL C 55 38.06 -64.97 27.58
N ASN C 56 39.31 -64.93 27.11
CA ASN C 56 39.70 -65.58 25.86
C ASN C 56 40.08 -67.04 26.14
N ASN C 57 39.06 -67.82 26.52
CA ASN C 57 39.23 -69.24 26.75
C ASN C 57 39.44 -69.98 25.46
N THR C 58 40.44 -69.55 24.68
CA THR C 58 40.69 -70.09 23.35
C THR C 58 41.77 -71.15 23.44
N GLU C 59 41.48 -72.32 22.87
CA GLU C 59 42.41 -73.44 22.79
C GLU C 59 43.86 -72.95 22.74
N ALA C 60 44.14 -72.00 21.83
CA ALA C 60 45.50 -71.54 21.64
C ALA C 60 45.92 -70.53 22.71
N ASN C 61 44.98 -69.80 23.30
CA ASN C 61 45.35 -68.72 24.21
C ASN C 61 45.50 -69.16 25.66
N VAL C 62 44.77 -70.20 26.09
CA VAL C 62 44.76 -70.53 27.52
C VAL C 62 46.16 -70.85 28.01
N ASN C 63 47.01 -71.41 27.16
CA ASN C 63 48.39 -71.71 27.52
C ASN C 63 49.33 -70.53 27.26
N SER C 64 48.82 -69.31 27.40
CA SER C 64 49.60 -68.10 27.16
C SER C 64 48.89 -66.96 27.86
N LEU C 65 49.56 -65.80 27.89
CA LEU C 65 48.93 -64.61 28.44
C LEU C 65 47.74 -64.14 27.59
N LYS C 66 47.59 -64.69 26.38
CA LYS C 66 46.52 -64.24 25.48
C LYS C 66 45.13 -64.48 26.05
N ALA C 67 44.98 -65.41 26.99
CA ALA C 67 43.66 -65.72 27.52
C ALA C 67 43.03 -64.50 28.18
N TYR C 68 43.84 -63.69 28.85
CA TYR C 68 43.32 -62.54 29.58
C TYR C 68 43.04 -61.33 28.71
N GLN C 69 43.40 -61.36 27.43
CA GLN C 69 43.28 -60.22 26.54
C GLN C 69 41.97 -60.33 25.77
N ILE C 70 41.12 -59.32 25.92
CA ILE C 70 39.86 -59.22 25.17
C ILE C 70 40.13 -58.32 23.97
N PRO C 71 40.11 -58.82 22.74
CA PRO C 71 40.44 -57.98 21.59
C PRO C 71 39.32 -57.03 21.23
N VAL C 72 39.69 -55.79 20.97
CA VAL C 72 38.78 -54.80 20.41
C VAL C 72 39.50 -54.10 19.27
N GLN C 73 38.74 -53.67 18.27
CA GLN C 73 39.34 -53.06 17.09
C GLN C 73 38.37 -52.04 16.52
N SER C 74 38.90 -51.11 15.75
CA SER C 74 38.09 -50.16 15.00
C SER C 74 37.42 -50.90 13.85
N ASN C 75 36.10 -51.02 13.90
CA ASN C 75 35.33 -51.72 12.88
C ASN C 75 34.44 -50.74 12.13
N SER C 76 34.11 -51.11 10.89
CA SER C 76 33.19 -50.33 10.08
C SER C 76 31.73 -50.54 10.45
N ASP C 77 31.42 -51.57 11.24
CA ASP C 77 30.07 -51.87 11.64
C ASP C 77 29.71 -51.04 12.88
N ASN C 78 28.54 -51.31 13.46
CA ASN C 78 28.12 -50.65 14.69
C ASN C 78 27.18 -51.59 15.42
N GLY C 79 27.56 -51.99 16.63
CA GLY C 79 26.77 -52.92 17.41
C GLY C 79 27.26 -54.34 17.28
N LYS C 80 28.56 -54.54 17.40
CA LYS C 80 29.19 -55.85 17.26
C LYS C 80 29.58 -56.35 18.65
N GLN C 81 29.09 -57.53 19.01
CA GLN C 81 29.43 -58.14 20.29
C GLN C 81 30.94 -58.22 20.47
N VAL C 82 31.41 -57.81 21.64
CA VAL C 82 32.83 -57.95 21.98
C VAL C 82 33.09 -59.27 22.68
N PHE C 83 32.21 -59.68 23.60
CA PHE C 83 32.34 -60.96 24.27
C PHE C 83 31.00 -61.31 24.91
N GLY C 84 30.89 -62.57 25.31
CA GLY C 84 29.74 -63.02 26.07
C GLY C 84 29.99 -64.33 26.79
N PHE C 85 29.84 -64.34 28.11
CA PHE C 85 29.92 -65.57 28.88
C PHE C 85 28.77 -65.65 29.87
N PRO C 86 28.30 -66.86 30.20
CA PRO C 86 27.23 -66.97 31.19
C PRO C 86 27.73 -66.62 32.59
N LEU C 87 26.78 -66.37 33.48
CA LEU C 87 27.08 -65.96 34.85
C LEU C 87 27.29 -67.15 35.77
N GLN C 88 28.20 -68.04 35.38
CA GLN C 88 28.52 -69.21 36.22
C GLN C 88 29.86 -68.98 36.91
N PRO C 89 29.87 -68.32 38.08
CA PRO C 89 31.16 -68.02 38.72
C PRO C 89 31.96 -69.26 39.08
N GLY C 90 31.30 -70.38 39.37
CA GLY C 90 31.99 -71.56 39.84
C GLY C 90 32.07 -72.69 38.84
N ALA C 91 31.31 -72.60 37.76
CA ALA C 91 31.22 -73.68 36.78
C ALA C 91 31.89 -73.37 35.45
N ASN C 92 31.56 -72.24 34.83
CA ASN C 92 32.14 -71.93 33.53
C ASN C 92 33.63 -71.65 33.65
N GLY C 93 34.40 -72.09 32.65
CA GLY C 93 35.84 -71.98 32.70
C GLY C 93 36.35 -70.56 32.80
N VAL C 94 35.53 -69.58 32.39
CA VAL C 94 35.99 -68.19 32.43
C VAL C 94 36.27 -67.78 33.88
N LEU C 95 35.43 -68.23 34.81
CA LEU C 95 35.51 -67.78 36.19
C LEU C 95 35.88 -68.87 37.19
N ASN C 96 35.72 -70.15 36.83
CA ASN C 96 35.94 -71.20 37.82
C ASN C 96 37.36 -71.19 38.37
N ARG C 97 38.32 -70.67 37.60
CA ARG C 97 39.72 -70.63 38.03
C ARG C 97 40.18 -69.25 38.49
N THR C 98 39.32 -68.24 38.44
CA THR C 98 39.61 -66.99 39.11
C THR C 98 39.81 -67.26 40.60
N LEU C 99 40.30 -66.26 41.33
CA LEU C 99 40.35 -66.39 42.78
C LEU C 99 38.95 -66.67 43.33
N LEU C 100 37.97 -65.88 42.85
CA LEU C 100 36.59 -66.10 43.26
C LEU C 100 36.13 -67.51 42.96
N GLY C 101 36.40 -67.99 41.74
CA GLY C 101 35.94 -69.32 41.37
C GLY C 101 36.63 -70.42 42.15
N GLU C 102 37.93 -70.25 42.41
CA GLU C 102 38.66 -71.24 43.19
C GLU C 102 38.08 -71.37 44.59
N ILE C 103 37.74 -70.24 45.22
CA ILE C 103 37.11 -70.33 46.54
C ILE C 103 35.71 -70.93 46.41
N LEU C 104 34.96 -70.55 45.37
CA LEU C 104 33.62 -71.09 45.21
C LEU C 104 33.64 -72.61 45.04
N ASN C 105 34.68 -73.15 44.41
CA ASN C 105 34.72 -74.59 44.17
C ASN C 105 35.00 -75.40 45.42
N TYR C 106 35.31 -74.76 46.54
CA TYR C 106 35.39 -75.44 47.83
C TYR C 106 34.06 -75.43 48.59
N TYR C 107 33.01 -74.84 48.01
CA TYR C 107 31.70 -74.76 48.63
C TYR C 107 30.65 -75.22 47.64
N THR C 108 29.43 -75.46 48.14
CA THR C 108 28.33 -75.91 47.30
C THR C 108 27.36 -74.80 46.92
N HIS C 109 27.14 -73.82 47.78
CA HIS C 109 26.20 -72.74 47.52
C HIS C 109 26.92 -71.40 47.48
N TRP C 110 26.38 -70.47 46.68
CA TRP C 110 26.90 -69.12 46.60
C TRP C 110 25.74 -68.14 46.40
N SER C 111 25.95 -66.91 46.84
CA SER C 111 24.93 -65.86 46.75
C SER C 111 25.61 -64.51 46.84
N GLY C 112 25.19 -63.58 45.99
CA GLY C 112 25.67 -62.21 46.06
C GLY C 112 25.87 -61.54 44.73
N SER C 113 26.34 -60.30 44.77
CA SER C 113 26.66 -59.52 43.59
C SER C 113 28.12 -59.71 43.21
N ILE C 114 28.46 -59.34 41.97
CA ILE C 114 29.78 -59.59 41.42
C ILE C 114 30.30 -58.33 40.74
N LYS C 115 31.54 -57.95 41.04
CA LYS C 115 32.17 -56.80 40.41
C LYS C 115 33.04 -57.26 39.25
N LEU C 116 32.71 -56.79 38.04
CA LEU C 116 33.50 -57.02 36.84
C LEU C 116 34.15 -55.68 36.49
N THR C 117 35.45 -55.58 36.74
CA THR C 117 36.19 -54.37 36.39
C THR C 117 36.85 -54.55 35.03
N PHE C 118 36.64 -53.59 34.13
CA PHE C 118 37.17 -53.65 32.77
C PHE C 118 38.15 -52.51 32.57
N MET C 119 39.38 -52.85 32.18
CA MET C 119 40.43 -51.87 31.96
C MET C 119 40.81 -51.85 30.49
N PHE C 120 40.80 -50.66 29.88
CA PHE C 120 41.16 -50.51 28.48
C PHE C 120 42.66 -50.25 28.38
N CYS C 121 43.39 -51.14 27.70
CA CYS C 121 44.84 -51.04 27.59
C CYS C 121 45.28 -50.60 26.19
N GLY C 122 44.48 -49.74 25.55
CA GLY C 122 44.82 -49.21 24.25
C GLY C 122 45.65 -47.94 24.35
N SER C 123 45.81 -47.29 23.20
CA SER C 123 46.61 -46.07 23.15
C SER C 123 45.89 -44.94 23.88
N ALA C 124 46.68 -43.97 24.34
CA ALA C 124 46.12 -42.83 25.03
C ALA C 124 45.27 -41.97 24.10
N MET C 125 45.46 -42.09 22.79
CA MET C 125 44.73 -41.27 21.83
C MET C 125 43.42 -41.90 21.38
N ALA C 126 43.19 -43.17 21.68
CA ALA C 126 41.98 -43.84 21.26
C ALA C 126 40.80 -43.45 22.15
N THR C 127 39.61 -43.44 21.56
CA THR C 127 38.37 -43.21 22.29
C THR C 127 37.32 -44.20 21.80
N GLY C 128 36.22 -44.28 22.55
CA GLY C 128 35.15 -45.19 22.19
C GLY C 128 34.21 -45.37 23.36
N LYS C 129 33.14 -46.12 23.09
CA LYS C 129 32.12 -46.41 24.08
C LYS C 129 31.61 -47.82 23.88
N PHE C 130 31.43 -48.53 24.99
CA PHE C 130 30.97 -49.91 24.99
C PHE C 130 29.72 -50.06 25.85
N LEU C 131 28.94 -51.08 25.54
CA LEU C 131 27.74 -51.43 26.31
C LEU C 131 28.03 -52.74 27.04
N LEU C 132 28.14 -52.67 28.37
CA LEU C 132 28.34 -53.83 29.22
C LEU C 132 26.99 -54.19 29.82
N ALA C 133 26.44 -55.36 29.48
CA ALA C 133 25.09 -55.72 29.86
C ALA C 133 25.03 -57.09 30.51
N TYR C 134 24.29 -57.17 31.61
CA TYR C 134 23.96 -58.44 32.25
C TYR C 134 22.49 -58.72 32.00
N SER C 135 22.22 -59.79 31.24
CA SER C 135 20.86 -60.19 30.90
C SER C 135 20.47 -61.39 31.74
N PRO C 136 19.53 -61.27 32.67
CA PRO C 136 19.08 -62.44 33.44
C PRO C 136 18.57 -63.54 32.53
N PRO C 137 18.45 -64.75 33.04
CA PRO C 137 18.02 -65.88 32.21
C PRO C 137 16.52 -65.82 31.92
N GLY C 138 16.04 -66.86 31.25
CA GLY C 138 14.65 -66.96 30.85
C GLY C 138 14.50 -66.79 29.35
N ALA C 139 15.13 -65.75 28.83
CA ALA C 139 15.30 -65.58 27.40
C ALA C 139 16.73 -65.92 27.02
N GLY C 140 16.93 -66.36 25.79
CA GLY C 140 18.24 -66.75 25.33
C GLY C 140 19.29 -65.67 25.53
N VAL C 141 20.54 -65.99 25.23
CA VAL C 141 21.60 -64.97 25.31
C VAL C 141 21.28 -63.85 24.35
N PRO C 142 21.43 -62.58 24.74
CA PRO C 142 21.17 -61.49 23.79
C PRO C 142 22.03 -61.63 22.54
N LYS C 143 21.37 -61.62 21.38
CA LYS C 143 22.08 -61.79 20.11
C LYS C 143 22.51 -60.47 19.49
N ASN C 144 21.80 -59.38 19.78
CA ASN C 144 22.14 -58.06 19.25
C ASN C 144 22.08 -57.03 20.37
N ARG C 145 22.74 -55.90 20.13
CA ARG C 145 22.78 -54.84 21.12
C ARG C 145 21.38 -54.40 21.53
N LYS C 146 20.42 -54.46 20.59
CA LYS C 146 19.05 -54.12 20.94
C LYS C 146 18.51 -55.04 22.01
N ASP C 147 18.74 -56.35 21.86
CA ASP C 147 18.29 -57.31 22.86
C ASP C 147 19.00 -57.07 24.19
N ALA C 148 20.31 -56.80 24.14
CA ALA C 148 21.04 -56.58 25.39
C ALA C 148 20.59 -55.29 26.08
N MET C 149 20.08 -54.33 25.32
CA MET C 149 19.70 -53.04 25.89
C MET C 149 18.58 -53.14 26.91
N LEU C 150 17.72 -54.15 26.79
CA LEU C 150 16.55 -54.23 27.66
C LEU C 150 16.88 -54.75 29.06
N GLY C 151 18.09 -55.24 29.27
CA GLY C 151 18.51 -55.71 30.57
C GLY C 151 19.46 -54.73 31.26
N THR C 152 19.88 -55.11 32.46
CA THR C 152 20.86 -54.33 33.20
C THR C 152 22.11 -54.09 32.38
N HIS C 153 22.40 -52.82 32.08
CA HIS C 153 23.54 -52.50 31.25
C HIS C 153 24.08 -51.11 31.62
N VAL C 154 25.29 -50.84 31.13
CA VAL C 154 25.99 -49.58 31.39
C VAL C 154 26.80 -49.21 30.16
N ILE C 155 26.81 -47.92 29.84
CA ILE C 155 27.59 -47.38 28.74
C ILE C 155 28.91 -46.88 29.30
N TRP C 156 30.02 -47.44 28.83
CA TRP C 156 31.37 -47.17 29.33
C TRP C 156 32.15 -46.42 28.26
N ASP C 157 32.49 -45.17 28.53
CA ASP C 157 33.34 -44.38 27.64
C ASP C 157 34.79 -44.54 28.06
N VAL C 158 35.65 -44.92 27.11
CA VAL C 158 37.06 -45.06 27.41
C VAL C 158 37.70 -43.72 27.72
N GLY C 159 37.08 -42.61 27.32
CA GLY C 159 37.67 -41.30 27.51
C GLY C 159 38.24 -41.05 28.90
N LEU C 160 37.40 -40.65 29.85
CA LEU C 160 37.87 -40.47 31.22
C LEU C 160 38.02 -41.81 31.94
N GLN C 161 37.11 -42.75 31.69
CA GLN C 161 37.12 -44.04 32.39
C GLN C 161 38.12 -44.96 31.72
N SER C 162 39.38 -44.91 32.18
CA SER C 162 40.33 -45.94 31.81
C SER C 162 39.81 -47.31 32.24
N SER C 163 39.20 -47.37 33.42
CA SER C 163 38.57 -48.57 33.95
C SER C 163 37.11 -48.28 34.26
N CYS C 164 36.28 -49.31 34.16
CA CYS C 164 34.86 -49.20 34.47
C CYS C 164 34.39 -50.47 35.17
N VAL C 165 33.62 -50.30 36.24
CA VAL C 165 33.15 -51.41 37.05
C VAL C 165 31.68 -51.65 36.77
N LEU C 166 31.34 -52.85 36.32
CA LEU C 166 29.96 -53.30 36.22
C LEU C 166 29.66 -54.18 37.42
N CYS C 167 28.67 -53.77 38.22
CA CYS C 167 28.33 -54.45 39.46
C CYS C 167 27.06 -55.27 39.24
N VAL C 168 27.23 -56.55 38.88
CA VAL C 168 26.11 -57.42 38.60
C VAL C 168 25.34 -57.67 39.90
N PRO C 169 24.05 -57.36 39.95
CA PRO C 169 23.28 -57.55 41.18
C PRO C 169 22.84 -58.99 41.33
N TRP C 170 22.35 -59.30 42.53
CA TRP C 170 21.85 -60.63 42.84
C TRP C 170 20.36 -60.66 42.49
N ILE C 171 20.04 -61.22 41.34
CA ILE C 171 18.67 -61.39 40.89
C ILE C 171 18.43 -62.89 40.76
N SER C 172 17.85 -63.49 41.79
CA SER C 172 17.63 -64.93 41.81
C SER C 172 16.29 -65.22 42.48
N GLN C 173 15.68 -66.34 42.09
CA GLN C 173 14.46 -66.77 42.75
C GLN C 173 14.74 -67.23 44.18
N THR C 174 15.91 -67.81 44.41
CA THR C 174 16.30 -68.34 45.70
C THR C 174 17.35 -67.45 46.34
N HIS C 175 17.60 -67.68 47.63
CA HIS C 175 18.61 -66.90 48.32
C HIS C 175 20.02 -67.23 47.84
N TYR C 176 20.23 -68.45 47.36
CA TYR C 176 21.55 -68.91 46.93
C TYR C 176 21.44 -69.59 45.58
N ARG C 177 22.60 -69.89 45.00
CA ARG C 177 22.69 -70.65 43.75
C ARG C 177 23.77 -71.71 43.89
N TYR C 178 23.60 -72.81 43.16
CA TYR C 178 24.59 -73.87 43.17
C TYR C 178 25.87 -73.40 42.47
N VAL C 179 27.01 -73.70 43.09
CA VAL C 179 28.28 -73.49 42.40
C VAL C 179 28.35 -74.42 41.19
N VAL C 180 27.74 -75.60 41.28
CA VAL C 180 27.68 -76.52 40.15
C VAL C 180 26.50 -76.14 39.26
N GLU C 181 26.59 -76.54 37.99
CA GLU C 181 25.58 -76.15 37.02
C GLU C 181 24.24 -76.80 37.34
N ASP C 182 23.18 -75.98 37.30
CA ASP C 182 21.81 -76.47 37.41
C ASP C 182 20.91 -75.39 36.82
N GLU C 183 20.08 -75.78 35.84
CA GLU C 183 19.24 -74.79 35.17
C GLU C 183 18.22 -74.17 36.13
N TYR C 184 17.94 -74.83 37.25
CA TYR C 184 17.02 -74.23 38.22
C TYR C 184 17.66 -73.07 38.95
N THR C 185 18.98 -73.10 39.12
CA THR C 185 19.73 -72.00 39.71
C THR C 185 20.41 -71.14 38.64
N ALA C 186 19.82 -71.09 37.45
CA ALA C 186 20.34 -70.26 36.36
C ALA C 186 20.71 -68.88 36.86
N ALA C 187 21.67 -68.25 36.21
CA ALA C 187 22.20 -66.98 36.69
C ALA C 187 22.09 -65.85 35.68
N GLY C 188 22.31 -66.13 34.39
CA GLY C 188 22.20 -65.10 33.38
C GLY C 188 23.37 -65.15 32.43
N TYR C 189 23.47 -64.12 31.60
CA TYR C 189 24.53 -63.98 30.60
C TYR C 189 25.11 -62.59 30.71
N ILE C 190 26.43 -62.46 30.53
CA ILE C 190 27.11 -61.18 30.54
C ILE C 190 27.71 -60.95 29.16
N THR C 191 27.29 -59.86 28.52
CA THR C 191 27.66 -59.55 27.14
C THR C 191 28.24 -58.15 27.07
N CYS C 192 29.05 -57.92 26.05
CA CYS C 192 29.59 -56.60 25.75
C CYS C 192 29.45 -56.31 24.27
N TRP C 193 29.10 -55.06 23.94
CA TRP C 193 28.85 -54.66 22.57
C TRP C 193 29.51 -53.31 22.32
N TYR C 194 29.70 -52.99 21.04
CA TYR C 194 30.20 -51.68 20.66
C TYR C 194 29.04 -50.68 20.70
N GLN C 195 29.14 -49.70 21.60
CA GLN C 195 28.19 -48.60 21.63
C GLN C 195 28.55 -47.54 20.60
N THR C 196 29.84 -47.30 20.42
CA THR C 196 30.36 -46.46 19.36
C THR C 196 31.44 -47.31 18.69
N ASN C 197 32.42 -46.71 18.06
CA ASN C 197 33.51 -47.45 17.44
C ASN C 197 34.83 -46.88 17.92
N ILE C 198 35.79 -47.76 18.20
CA ILE C 198 37.12 -47.33 18.61
C ILE C 198 37.67 -46.40 17.54
N VAL C 199 37.66 -45.10 17.81
CA VAL C 199 38.22 -44.12 16.89
C VAL C 199 39.67 -43.87 17.28
N VAL C 200 40.56 -43.98 16.30
CA VAL C 200 41.99 -43.85 16.54
C VAL C 200 42.55 -42.84 15.53
N PRO C 201 43.55 -42.04 15.92
CA PRO C 201 44.18 -41.16 14.94
C PRO C 201 45.16 -41.88 14.04
N ALA C 202 45.85 -41.13 13.21
CA ALA C 202 46.86 -41.68 12.33
C ALA C 202 48.12 -42.00 13.11
N ASP C 203 48.81 -43.06 12.69
CA ASP C 203 50.09 -43.46 13.26
C ASP C 203 49.96 -43.88 14.72
N VAL C 204 48.83 -44.49 15.08
CA VAL C 204 48.70 -45.20 16.34
C VAL C 204 47.80 -46.40 16.11
N GLN C 205 48.05 -47.47 16.84
CA GLN C 205 47.43 -48.75 16.53
C GLN C 205 45.92 -48.70 16.76
N SER C 206 45.19 -49.26 15.82
CA SER C 206 43.73 -49.25 15.85
C SER C 206 43.13 -50.42 16.60
N SER C 207 43.92 -51.46 16.87
CA SER C 207 43.46 -52.63 17.60
C SER C 207 44.04 -52.60 19.00
N CYS C 208 43.18 -52.70 20.01
CA CYS C 208 43.58 -52.64 21.40
C CYS C 208 43.04 -53.85 22.14
N ASP C 209 43.37 -53.93 23.43
CA ASP C 209 42.95 -55.03 24.29
C ASP C 209 42.32 -54.48 25.55
N ILE C 210 41.51 -55.33 26.17
CA ILE C 210 40.87 -55.03 27.45
C ILE C 210 41.17 -56.17 28.41
N LEU C 211 41.34 -55.80 29.68
CA LEU C 211 41.52 -56.77 30.76
C LEU C 211 40.29 -56.76 31.65
N CYS C 212 39.87 -57.96 32.07
CA CYS C 212 38.70 -58.12 32.92
C CYS C 212 39.12 -58.70 34.27
N PHE C 213 38.53 -58.17 35.34
CA PHE C 213 38.80 -58.58 36.71
C PHE C 213 37.48 -58.93 37.39
N VAL C 214 37.50 -59.97 38.22
CA VAL C 214 36.32 -60.41 38.95
C VAL C 214 36.61 -60.30 40.45
N SER C 215 35.65 -59.76 41.19
CA SER C 215 35.69 -59.80 42.64
C SER C 215 34.27 -59.91 43.16
N ALA C 216 34.14 -60.12 44.46
CA ALA C 216 32.84 -60.18 45.09
C ALA C 216 32.53 -58.84 45.75
N CYS C 217 31.24 -58.58 45.93
CA CYS C 217 30.77 -57.39 46.60
C CYS C 217 30.67 -57.65 48.11
N ASN C 218 30.24 -56.63 48.85
CA ASN C 218 30.09 -56.77 50.30
C ASN C 218 28.98 -57.72 50.70
N ASP C 219 28.12 -58.13 49.75
CA ASP C 219 26.96 -58.95 50.06
C ASP C 219 27.11 -60.34 49.46
N PHE C 220 28.24 -60.99 49.70
CA PHE C 220 28.55 -62.28 49.10
C PHE C 220 28.93 -63.27 50.19
N SER C 221 28.37 -64.47 50.12
CA SER C 221 28.62 -65.49 51.12
C SER C 221 28.53 -66.86 50.46
N VAL C 222 29.25 -67.82 51.02
CA VAL C 222 29.31 -69.18 50.48
C VAL C 222 28.95 -70.16 51.59
N ARG C 223 28.63 -71.39 51.18
CA ARG C 223 27.99 -72.31 52.11
C ARG C 223 28.27 -73.77 51.73
N MET C 224 28.04 -74.65 52.72
CA MET C 224 28.19 -76.09 52.58
C MET C 224 29.57 -76.46 52.07
N LEU C 225 30.55 -76.42 52.98
CA LEU C 225 31.92 -76.74 52.66
C LEU C 225 32.03 -78.08 51.94
N LYS C 226 32.93 -78.14 50.96
CA LYS C 226 33.20 -79.38 50.22
C LYS C 226 34.62 -79.31 49.66
N ASP C 227 35.06 -80.43 49.09
CA ASP C 227 36.39 -80.52 48.51
C ASP C 227 36.37 -80.01 47.07
N THR C 228 37.48 -79.43 46.64
CA THR C 228 37.54 -78.90 45.29
C THR C 228 37.78 -80.04 44.29
N PRO C 229 37.21 -79.96 43.09
CA PRO C 229 37.50 -80.97 42.06
C PRO C 229 38.76 -80.70 41.27
N PHE C 230 39.39 -79.53 41.46
CA PHE C 230 40.54 -79.17 40.65
C PHE C 230 41.79 -79.96 41.04
N ILE C 231 41.89 -80.36 42.31
CA ILE C 231 43.07 -81.04 42.82
C ILE C 231 42.85 -82.54 42.78
N ARG C 232 43.81 -83.27 42.21
CA ARG C 232 43.71 -84.70 42.04
C ARG C 232 45.01 -85.36 42.47
N GLN C 233 44.89 -86.60 42.94
CA GLN C 233 46.04 -87.37 43.39
C GLN C 233 45.88 -88.82 42.96
N ASP C 234 47.00 -89.44 42.58
CA ASP C 234 47.05 -90.86 42.26
C ASP C 234 47.93 -91.66 43.20
N THR C 235 49.01 -91.07 43.72
CA THR C 235 49.92 -91.74 44.63
C THR C 235 50.34 -90.75 45.70
N PHE C 236 50.79 -91.28 46.84
CA PHE C 236 51.36 -90.43 47.87
C PHE C 236 52.60 -89.74 47.33
N TYR C 237 52.56 -88.41 47.26
CA TYR C 237 53.66 -87.65 46.70
C TYR C 237 54.88 -87.73 47.59
N GLN C 238 56.05 -87.83 46.96
CA GLN C 238 57.30 -88.00 47.69
C GLN C 238 58.37 -87.02 47.20
N THR D 28 26.81 -74.00 76.47
CA THR D 28 27.25 -74.24 77.85
C THR D 28 28.39 -75.25 77.85
N ASN D 29 29.58 -74.81 77.48
CA ASN D 29 30.72 -75.69 77.26
C ASN D 29 31.91 -75.23 78.08
N ILE D 30 32.48 -76.14 78.86
CA ILE D 30 33.65 -75.86 79.68
C ILE D 30 34.83 -76.68 79.14
N ASN D 31 36.03 -76.30 79.56
CA ASN D 31 37.25 -76.99 79.15
C ASN D 31 37.71 -77.90 80.27
N TYR D 32 37.99 -79.16 79.93
CA TYR D 32 38.39 -80.16 80.92
C TYR D 32 39.90 -80.35 81.03
N TYR D 33 40.67 -79.84 80.08
CA TYR D 33 42.09 -80.14 79.98
C TYR D 33 42.92 -78.91 80.31
N LYS D 34 44.11 -79.15 80.88
CA LYS D 34 44.96 -78.09 81.40
C LYS D 34 45.70 -77.30 80.32
N ASP D 35 45.69 -77.78 79.08
CA ASP D 35 46.42 -77.14 78.00
C ASP D 35 45.45 -76.58 76.97
N ALA D 36 45.73 -75.36 76.51
CA ALA D 36 44.81 -74.68 75.60
C ALA D 36 44.66 -75.44 74.29
N ALA D 37 45.70 -76.16 73.86
CA ALA D 37 45.61 -76.92 72.62
C ALA D 37 44.51 -77.98 72.67
N SER D 38 44.08 -78.37 73.86
CA SER D 38 43.02 -79.36 74.00
C SER D 38 41.63 -78.80 73.75
N ASN D 39 41.49 -77.48 73.62
CA ASN D 39 40.18 -76.87 73.54
C ASN D 39 39.56 -77.08 72.17
N SER D 40 38.25 -76.84 72.10
CA SER D 40 37.53 -76.94 70.85
C SER D 40 37.96 -75.84 69.88
N ALA D 41 37.47 -75.93 68.66
CA ALA D 41 37.81 -74.94 67.64
C ALA D 41 37.19 -73.59 67.98
N ASN D 42 37.76 -72.53 67.40
CA ASN D 42 37.25 -71.18 67.58
C ASN D 42 36.08 -70.95 66.62
N ARG D 43 34.95 -71.57 66.95
CA ARG D 43 33.74 -71.47 66.15
C ARG D 43 32.76 -70.44 66.67
N GLN D 44 32.93 -69.98 67.90
CA GLN D 44 32.05 -68.95 68.45
C GLN D 44 32.86 -67.93 69.25
N ARG E 36 70.88 -54.75 73.35
CA ARG E 36 69.54 -54.21 73.15
C ARG E 36 68.56 -54.85 74.13
N HIS E 37 67.42 -54.18 74.33
CA HIS E 37 66.40 -54.67 75.25
C HIS E 37 65.50 -55.68 74.55
N VAL E 38 65.25 -56.81 75.22
CA VAL E 38 64.44 -57.88 74.69
C VAL E 38 63.51 -58.39 75.80
N LYS E 39 62.28 -58.74 75.42
CA LYS E 39 61.24 -59.14 76.36
C LYS E 39 60.60 -60.45 75.92
N ASN E 40 61.44 -61.43 75.59
CA ASN E 40 60.97 -62.78 75.25
C ASN E 40 61.04 -63.63 76.52
N TYR E 41 59.89 -63.83 77.16
CA TYR E 41 59.82 -64.56 78.42
C TYR E 41 59.44 -66.01 78.15
N HIS E 42 60.40 -66.76 77.61
CA HIS E 42 60.21 -68.18 77.34
C HIS E 42 60.06 -68.92 78.66
N SER E 43 58.86 -69.45 78.92
CA SER E 43 58.59 -70.15 80.16
C SER E 43 59.37 -71.46 80.21
N ARG E 44 60.00 -71.73 81.35
CA ARG E 44 60.71 -72.98 81.58
C ARG E 44 59.79 -74.08 82.11
N SER E 45 58.49 -74.01 81.79
CA SER E 45 57.52 -74.90 82.42
C SER E 45 57.84 -76.37 82.16
N GLU E 46 58.17 -76.71 80.91
CA GLU E 46 58.33 -78.12 80.54
C GLU E 46 59.60 -78.73 81.12
N SER E 47 60.50 -77.93 81.69
CA SER E 47 61.72 -78.45 82.32
C SER E 47 61.56 -78.63 83.82
N SER E 48 60.37 -78.42 84.37
CA SER E 48 60.12 -78.75 85.76
C SER E 48 60.24 -80.26 85.97
N ILE E 49 60.56 -80.65 87.19
CA ILE E 49 60.72 -82.07 87.49
C ILE E 49 59.41 -82.81 87.27
N GLU E 50 58.29 -82.18 87.62
CA GLU E 50 57.00 -82.82 87.45
C GLU E 50 56.79 -83.23 86.00
N ASN E 51 57.02 -82.30 85.07
CA ASN E 51 56.86 -82.65 83.66
C ASN E 51 57.95 -83.63 83.20
N PHE E 52 59.17 -83.48 83.73
CA PHE E 52 60.26 -84.34 83.28
C PHE E 52 59.96 -85.81 83.59
N LEU E 53 59.43 -86.09 84.77
CA LEU E 53 59.21 -87.47 85.20
C LEU E 53 57.78 -87.95 84.98
N CYS E 54 56.82 -87.05 84.80
CA CYS E 54 55.41 -87.45 84.77
C CYS E 54 55.02 -87.88 83.36
N ARG E 55 55.61 -89.01 82.94
CA ARG E 55 55.27 -89.64 81.68
C ARG E 55 55.42 -91.15 81.82
N ALA E 56 54.42 -91.89 81.37
CA ALA E 56 54.42 -93.34 81.52
C ALA E 56 55.63 -93.94 80.84
N ALA E 57 56.21 -94.96 81.46
CA ALA E 57 57.41 -95.61 80.97
C ALA E 57 57.35 -97.10 81.26
N CYS E 58 57.68 -97.92 80.26
CA CYS E 58 57.68 -99.36 80.42
C CYS E 58 58.86 -99.76 81.30
N VAL E 59 58.57 -100.27 82.49
CA VAL E 59 59.64 -100.68 83.40
C VAL E 59 59.97 -102.17 83.26
N TYR E 60 59.01 -103.00 82.87
CA TYR E 60 59.23 -104.44 82.76
C TYR E 60 58.00 -105.08 82.14
N TYR E 61 58.22 -106.19 81.45
CA TYR E 61 57.12 -106.98 80.89
C TYR E 61 57.50 -108.45 80.94
N ALA E 62 56.53 -109.29 81.31
CA ALA E 62 56.74 -110.73 81.44
C ALA E 62 55.60 -111.47 80.76
N THR E 63 55.77 -112.79 80.65
CA THR E 63 54.88 -113.64 79.87
C THR E 63 54.26 -114.73 80.73
N TYR E 64 53.07 -115.17 80.34
CA TYR E 64 52.44 -116.34 80.94
C TYR E 64 51.51 -116.98 79.91
N THR E 65 51.36 -118.30 80.01
CA THR E 65 50.63 -119.06 79.01
C THR E 65 49.55 -119.91 79.66
N ASN E 66 48.55 -120.26 78.86
CA ASN E 66 47.41 -121.08 79.26
C ASN E 66 47.73 -122.58 79.26
N ASN E 67 49.00 -122.98 79.22
CA ASN E 67 49.35 -124.38 79.02
C ASN E 67 49.60 -125.13 80.33
N SER E 68 50.43 -124.59 81.21
CA SER E 68 50.84 -125.31 82.41
C SER E 68 49.92 -124.97 83.58
N GLU E 69 50.25 -125.56 84.73
CA GLU E 69 49.61 -125.21 85.99
C GLU E 69 50.45 -124.22 86.80
N LYS E 70 51.71 -124.01 86.42
CA LYS E 70 52.57 -123.00 87.01
C LYS E 70 52.87 -121.89 85.99
N GLY E 71 51.96 -121.68 85.04
CA GLY E 71 52.17 -120.70 83.99
C GLY E 71 52.05 -119.26 84.42
N TYR E 72 51.56 -119.02 85.64
CA TYR E 72 51.51 -117.65 86.16
C TYR E 72 52.87 -116.98 86.03
N ALA E 73 52.86 -115.66 85.94
CA ALA E 73 54.07 -114.87 85.85
C ALA E 73 54.28 -114.08 87.12
N GLU E 74 55.52 -113.66 87.35
CA GLU E 74 55.84 -112.91 88.56
C GLU E 74 56.96 -111.93 88.26
N TRP E 75 56.96 -110.81 88.99
CA TRP E 75 57.97 -109.79 88.83
C TRP E 75 58.20 -109.09 90.16
N VAL E 76 59.47 -109.03 90.58
CA VAL E 76 59.84 -108.22 91.73
C VAL E 76 59.94 -106.77 91.29
N ILE E 77 59.28 -105.88 92.02
CA ILE E 77 59.12 -104.49 91.60
C ILE E 77 60.43 -103.75 91.84
N ASN E 78 61.11 -103.39 90.75
CA ASN E 78 62.25 -102.48 90.80
C ASN E 78 62.17 -101.53 89.62
N THR E 79 62.91 -100.42 89.71
CA THR E 79 62.95 -99.41 88.66
C THR E 79 64.28 -99.39 87.93
N ARG E 80 65.10 -100.44 88.09
CA ARG E 80 66.45 -100.45 87.54
C ARG E 80 66.64 -101.48 86.42
N GLN E 81 65.59 -102.24 86.09
CA GLN E 81 65.68 -103.15 84.94
C GLN E 81 65.54 -102.41 83.62
N VAL E 82 64.84 -101.28 83.62
CA VAL E 82 64.63 -100.46 82.43
C VAL E 82 65.70 -99.38 82.41
N ALA E 83 66.14 -99.02 81.20
CA ALA E 83 67.27 -98.09 81.06
C ALA E 83 66.83 -96.64 81.13
N GLN E 84 65.86 -96.25 80.30
CA GLN E 84 65.52 -94.84 80.16
C GLN E 84 64.96 -94.27 81.46
N LEU E 85 63.91 -94.90 82.00
CA LEU E 85 63.31 -94.42 83.24
C LEU E 85 64.34 -94.36 84.34
N ARG E 86 65.14 -95.42 84.46
CA ARG E 86 66.17 -95.45 85.49
C ARG E 86 67.10 -94.25 85.36
N ARG E 87 67.58 -93.96 84.14
CA ARG E 87 68.50 -92.85 83.96
C ARG E 87 67.85 -91.54 84.40
N LYS E 88 66.61 -91.32 83.96
CA LYS E 88 65.89 -90.12 84.34
C LYS E 88 65.83 -89.97 85.85
N LEU E 89 65.56 -91.08 86.56
CA LEU E 89 65.47 -91.03 88.01
C LEU E 89 66.85 -90.85 88.64
N GLU E 90 67.87 -91.51 88.08
CA GLU E 90 69.22 -91.49 88.62
C GLU E 90 69.85 -90.12 88.49
N LEU E 91 69.27 -89.25 87.67
CA LEU E 91 69.72 -87.85 87.70
C LEU E 91 69.57 -87.21 89.08
N PHE E 92 68.91 -87.88 90.04
CA PHE E 92 68.76 -87.37 91.40
C PHE E 92 69.12 -88.45 92.40
N THR E 93 69.57 -88.03 93.58
CA THR E 93 69.94 -88.99 94.61
C THR E 93 68.75 -89.44 95.46
N TYR E 94 67.84 -88.53 95.78
CA TYR E 94 66.65 -88.83 96.57
C TYR E 94 65.42 -88.34 95.84
N LEU E 95 64.39 -89.18 95.77
CA LEU E 95 63.13 -88.84 95.13
C LEU E 95 61.97 -89.17 96.04
N ARG E 96 60.82 -88.58 95.72
CA ARG E 96 59.59 -88.80 96.49
C ARG E 96 58.42 -88.48 95.58
N PHE E 97 57.49 -89.43 95.45
CA PHE E 97 56.44 -89.29 94.47
C PHE E 97 55.40 -90.40 94.62
N ASP E 98 54.18 -90.11 94.17
CA ASP E 98 53.16 -91.12 93.98
C ASP E 98 53.36 -91.77 92.60
N LEU E 99 52.61 -92.83 92.32
CA LEU E 99 52.81 -93.57 91.09
C LEU E 99 51.48 -93.87 90.42
N GLU E 100 51.44 -93.73 89.10
CA GLU E 100 50.31 -94.15 88.28
C GLU E 100 50.74 -95.39 87.51
N LEU E 101 50.07 -96.51 87.78
CA LEU E 101 50.36 -97.79 87.14
C LEU E 101 49.34 -98.03 86.04
N THR E 102 49.81 -98.19 84.81
CA THR E 102 48.98 -98.58 83.68
C THR E 102 49.52 -99.91 83.15
N PHE E 103 48.62 -100.86 82.91
CA PHE E 103 49.00 -102.18 82.44
C PHE E 103 48.49 -102.41 81.02
N VAL E 104 49.40 -102.79 80.13
CA VAL E 104 49.07 -103.13 78.74
C VAL E 104 49.26 -104.63 78.59
N ILE E 105 48.16 -105.38 78.58
CA ILE E 105 48.20 -106.84 78.56
C ILE E 105 47.82 -107.30 77.15
N THR E 106 48.75 -108.01 76.50
CA THR E 106 48.58 -108.44 75.12
C THR E 106 48.70 -109.96 75.02
N SER E 107 47.77 -110.58 74.32
CA SER E 107 47.71 -112.02 74.16
C SER E 107 47.93 -112.40 72.70
N ALA E 108 48.27 -113.66 72.48
CA ALA E 108 48.54 -114.16 71.14
C ALA E 108 48.19 -115.64 71.09
N GLN E 109 47.55 -116.07 70.02
CA GLN E 109 47.28 -117.48 69.85
C GLN E 109 48.59 -118.21 69.59
N GLN E 110 48.85 -119.23 70.37
CA GLN E 110 50.04 -120.06 70.20
C GLN E 110 49.71 -121.29 69.38
N PRO E 111 50.71 -121.88 68.73
CA PRO E 111 50.44 -123.02 67.84
C PRO E 111 49.73 -124.15 68.59
N SER E 112 48.87 -124.84 67.87
CA SER E 112 48.06 -125.89 68.48
C SER E 112 47.82 -126.99 67.45
N THR E 113 47.40 -128.14 67.94
CA THR E 113 47.28 -129.35 67.15
C THR E 113 45.85 -129.74 66.81
N ALA E 114 44.90 -129.42 67.67
CA ALA E 114 43.51 -129.78 67.44
C ALA E 114 42.89 -128.80 66.44
N THR E 115 41.60 -128.97 66.18
CA THR E 115 40.90 -128.19 65.17
C THR E 115 39.90 -127.24 65.80
N SER E 116 39.71 -126.08 65.15
CA SER E 116 38.69 -125.11 65.51
C SER E 116 38.92 -124.56 66.92
N VAL E 117 39.97 -123.74 67.03
CA VAL E 117 40.25 -122.99 68.26
C VAL E 117 39.26 -121.83 68.32
N ASP E 118 38.14 -122.02 69.02
CA ASP E 118 37.16 -120.94 69.20
C ASP E 118 37.33 -120.36 70.60
N ALA E 119 38.29 -119.44 70.72
CA ALA E 119 38.69 -118.95 72.04
C ALA E 119 37.70 -117.89 72.53
N PRO E 120 37.15 -118.04 73.73
CA PRO E 120 36.30 -116.98 74.30
C PRO E 120 37.15 -115.84 74.85
N VAL E 121 36.47 -114.80 75.30
CA VAL E 121 37.14 -113.62 75.83
C VAL E 121 38.06 -114.06 76.97
N GLN E 122 39.22 -113.45 77.05
CA GLN E 122 40.22 -113.79 78.06
C GLN E 122 40.25 -112.72 79.14
N THR E 123 40.18 -113.16 80.40
CA THR E 123 40.30 -112.28 81.55
C THR E 123 41.59 -112.59 82.28
N HIS E 124 42.17 -111.56 82.91
CA HIS E 124 43.45 -111.68 83.57
C HIS E 124 43.37 -111.05 84.96
N GLN E 125 44.22 -111.57 85.86
CA GLN E 125 44.33 -111.04 87.22
C GLN E 125 45.77 -110.62 87.48
N ILE E 126 45.92 -109.43 88.05
CA ILE E 126 47.21 -108.88 88.49
C ILE E 126 47.13 -108.73 89.99
N MET E 127 47.93 -109.51 90.72
CA MET E 127 47.93 -109.51 92.18
C MET E 127 49.22 -108.89 92.69
N TYR E 128 49.12 -108.09 93.75
CA TYR E 128 50.28 -107.55 94.42
C TYR E 128 50.48 -108.30 95.73
N VAL E 129 51.63 -108.93 95.90
CA VAL E 129 51.98 -109.61 97.14
C VAL E 129 53.00 -108.76 97.86
N PRO E 130 52.60 -107.98 98.86
CA PRO E 130 53.57 -107.18 99.62
C PRO E 130 54.61 -108.08 100.27
N PRO E 131 55.80 -107.56 100.56
CA PRO E 131 56.82 -108.40 101.20
C PRO E 131 56.32 -109.07 102.46
N GLY E 132 56.32 -110.39 102.47
CA GLY E 132 55.91 -111.18 103.61
C GLY E 132 54.59 -111.91 103.44
N GLY E 133 53.80 -111.55 102.43
CA GLY E 133 52.55 -112.20 102.21
C GLY E 133 52.71 -113.54 101.52
N PRO E 134 51.66 -114.35 101.57
CA PRO E 134 51.70 -115.63 100.86
C PRO E 134 51.91 -115.41 99.36
N VAL E 135 52.56 -116.38 98.73
CA VAL E 135 53.02 -116.26 97.36
C VAL E 135 52.37 -117.36 96.54
N PRO E 136 51.75 -117.06 95.40
CA PRO E 136 51.20 -118.13 94.56
C PRO E 136 52.29 -119.10 94.12
N THR E 137 52.05 -120.38 94.37
CA THR E 137 52.91 -121.45 93.89
C THR E 137 52.33 -122.14 92.66
N LYS E 138 51.07 -121.87 92.32
CA LYS E 138 50.40 -122.49 91.18
C LYS E 138 49.33 -121.53 90.69
N VAL E 139 48.86 -121.77 89.46
CA VAL E 139 47.84 -120.91 88.88
C VAL E 139 46.57 -120.90 89.73
N THR E 140 46.32 -121.99 90.46
CA THR E 140 45.10 -122.12 91.24
C THR E 140 45.39 -122.16 92.74
N ASP E 141 46.21 -121.23 93.22
CA ASP E 141 46.56 -121.18 94.63
C ASP E 141 45.50 -120.39 95.40
N TYR E 142 45.48 -120.60 96.72
CA TYR E 142 44.56 -119.85 97.57
C TYR E 142 44.92 -118.38 97.62
N ALA E 143 46.18 -118.04 97.38
CA ALA E 143 46.61 -116.65 97.43
C ALA E 143 45.81 -115.78 96.47
N TRP E 144 45.41 -116.34 95.32
CA TRP E 144 44.65 -115.56 94.34
C TRP E 144 43.31 -115.06 94.88
N GLN E 145 42.86 -115.54 96.05
CA GLN E 145 41.65 -114.98 96.64
C GLN E 145 41.83 -113.50 96.95
N THR E 146 43.06 -113.08 97.23
CA THR E 146 43.39 -111.70 97.56
C THR E 146 42.37 -111.10 98.51
N SER E 147 42.13 -111.78 99.62
CA SER E 147 41.24 -111.22 100.63
C SER E 147 41.73 -109.84 101.06
N THR E 148 43.03 -109.70 101.22
CA THR E 148 43.66 -108.44 101.60
C THR E 148 44.54 -107.85 100.49
N ASN E 149 45.30 -108.69 99.81
CA ASN E 149 46.26 -108.21 98.82
C ASN E 149 45.53 -107.51 97.68
N PRO E 150 45.90 -106.28 97.35
CA PRO E 150 45.25 -105.62 96.21
C PRO E 150 45.51 -106.38 94.91
N SER E 151 44.51 -106.36 94.04
CA SER E 151 44.63 -107.02 92.74
C SER E 151 43.56 -106.48 91.81
N VAL E 152 43.85 -106.51 90.53
CA VAL E 152 42.96 -106.03 89.47
C VAL E 152 42.51 -107.22 88.63
N PHE E 153 41.23 -107.23 88.28
CA PHE E 153 40.67 -108.18 87.33
C PHE E 153 40.28 -107.39 86.08
N TRP E 154 40.87 -107.75 84.94
CA TRP E 154 40.67 -106.99 83.71
C TRP E 154 40.40 -107.93 82.55
N THR E 155 39.39 -107.61 81.75
CA THR E 155 39.01 -108.42 80.60
C THR E 155 39.64 -107.82 79.33
N GLU E 156 40.07 -108.69 78.43
CA GLU E 156 40.73 -108.22 77.22
C GLU E 156 39.77 -107.43 76.34
N GLY E 157 40.34 -106.47 75.60
CA GLY E 157 39.57 -105.69 74.67
C GLY E 157 39.02 -104.39 75.22
N ASN E 158 39.37 -104.02 76.45
CA ASN E 158 38.89 -102.79 77.06
C ASN E 158 40.08 -101.87 77.33
N ALA E 159 39.77 -100.70 77.89
CA ALA E 159 40.81 -99.73 78.19
C ALA E 159 41.82 -100.35 79.15
N PRO E 160 43.12 -100.14 78.93
CA PRO E 160 44.12 -100.70 79.84
C PRO E 160 43.82 -100.33 81.28
N PRO E 161 43.97 -101.27 82.22
CA PRO E 161 43.69 -100.95 83.62
C PRO E 161 44.75 -100.03 84.22
N ARG E 162 44.29 -99.16 85.12
CA ARG E 162 45.13 -98.13 85.71
C ARG E 162 44.77 -97.96 87.18
N MET E 163 45.79 -97.64 87.97
CA MET E 163 45.63 -97.52 89.41
C MET E 163 46.79 -96.70 89.96
N SER E 164 46.48 -95.73 90.82
CA SER E 164 47.51 -94.94 91.47
C SER E 164 47.82 -95.50 92.85
N ILE E 165 49.04 -95.24 93.32
CA ILE E 165 49.52 -95.77 94.59
C ILE E 165 50.40 -94.73 95.27
N PRO E 166 50.21 -94.48 96.58
CA PRO E 166 50.94 -93.40 97.24
C PRO E 166 52.44 -93.62 97.37
N PHE E 167 53.09 -92.73 98.09
CA PHE E 167 54.51 -92.85 98.45
C PHE E 167 54.64 -93.89 99.57
N ILE E 168 55.12 -95.09 99.21
CA ILE E 168 55.01 -96.23 100.11
C ILE E 168 56.37 -96.61 100.69
N SER E 169 57.24 -95.63 100.87
CA SER E 169 58.57 -95.92 101.39
C SER E 169 58.57 -95.80 102.91
N ILE E 170 59.58 -96.43 103.52
CA ILE E 170 59.76 -96.35 104.96
C ILE E 170 60.51 -95.08 105.33
N GLY E 171 61.43 -94.64 104.48
CA GLY E 171 62.14 -93.39 104.71
C GLY E 171 61.35 -92.20 104.23
N ASN E 172 61.89 -91.01 104.51
CA ASN E 172 61.25 -89.77 104.11
C ASN E 172 61.45 -89.45 102.63
N ALA E 173 61.98 -90.39 101.86
CA ALA E 173 62.19 -90.22 100.43
C ALA E 173 62.67 -91.56 99.88
N TYR E 174 62.28 -91.86 98.64
CA TYR E 174 62.88 -92.98 97.94
C TYR E 174 64.37 -92.73 97.79
N SER E 175 65.15 -93.80 97.87
CA SER E 175 66.61 -93.72 97.75
C SER E 175 67.01 -94.31 96.40
N CYS E 176 67.71 -93.51 95.60
CA CYS E 176 68.22 -93.96 94.30
C CYS E 176 69.61 -94.57 94.40
N PHE E 177 70.40 -94.16 95.40
CA PHE E 177 71.75 -94.65 95.58
C PHE E 177 71.99 -94.89 97.07
N TYR E 178 72.89 -95.82 97.37
CA TYR E 178 73.15 -96.20 98.77
C TYR E 178 74.61 -96.61 98.88
N ASP E 179 75.43 -95.75 99.47
CA ASP E 179 76.85 -96.04 99.70
C ASP E 179 77.03 -96.78 101.03
N GLY E 180 76.41 -97.96 101.09
CA GLY E 180 76.44 -98.73 102.32
C GLY E 180 76.05 -100.17 102.06
N TRP E 181 75.98 -100.92 103.14
CA TRP E 181 75.71 -102.36 103.11
C TRP E 181 74.40 -102.65 103.82
N THR E 182 73.98 -103.91 103.73
CA THR E 182 72.79 -104.35 104.45
C THR E 182 73.11 -104.87 105.84
N GLN E 183 74.31 -105.40 106.05
CA GLN E 183 74.73 -105.92 107.35
C GLN E 183 75.68 -104.94 108.03
N PHE E 184 75.52 -104.80 109.35
CA PHE E 184 76.36 -103.88 110.10
C PHE E 184 77.83 -104.29 110.11
N SER E 185 78.12 -105.53 109.73
CA SER E 185 79.49 -106.04 109.71
C SER E 185 80.27 -105.59 108.48
N ARG E 186 79.76 -104.58 107.74
CA ARG E 186 80.39 -104.15 106.49
C ARG E 186 80.60 -105.34 105.56
N ASN E 187 79.62 -106.24 105.54
CA ASN E 187 79.70 -107.47 104.77
C ASN E 187 78.32 -107.79 104.24
N GLY E 188 78.21 -108.84 103.44
CA GLY E 188 76.93 -109.23 102.88
C GLY E 188 76.64 -108.54 101.56
N VAL E 189 75.75 -107.55 101.58
CA VAL E 189 75.26 -106.89 100.39
C VAL E 189 75.71 -105.44 100.42
N TYR E 190 76.05 -104.91 99.23
CA TYR E 190 76.43 -103.51 99.07
C TYR E 190 75.63 -102.91 97.92
N GLY E 191 74.72 -101.98 98.24
CA GLY E 191 74.13 -101.15 97.21
C GLY E 191 72.68 -100.87 97.47
N ILE E 192 71.99 -100.43 96.42
CA ILE E 192 70.59 -100.05 96.50
C ILE E 192 69.67 -101.25 96.72
N ASN E 193 70.19 -102.46 96.55
CA ASN E 193 69.40 -103.66 96.76
C ASN E 193 69.28 -104.01 98.23
N THR E 194 69.85 -103.21 99.13
CA THR E 194 69.59 -103.33 100.56
C THR E 194 68.39 -102.50 100.98
N LEU E 195 67.96 -101.58 100.11
CA LEU E 195 66.79 -100.73 100.34
C LEU E 195 65.59 -101.20 99.54
N ASN E 196 65.80 -101.68 98.32
CA ASN E 196 64.67 -102.08 97.49
C ASN E 196 63.97 -103.30 98.12
N ASN E 197 62.81 -103.08 98.72
CA ASN E 197 61.88 -104.16 99.08
C ASN E 197 60.48 -103.62 98.81
N MET E 198 59.97 -103.85 97.60
CA MET E 198 58.70 -103.30 97.17
C MET E 198 57.64 -104.37 96.93
N GLY E 199 57.94 -105.63 97.21
CA GLY E 199 56.97 -106.69 97.00
C GLY E 199 57.00 -107.26 95.61
N THR E 200 56.20 -108.30 95.42
CA THR E 200 56.13 -109.02 94.16
C THR E 200 54.79 -108.76 93.48
N LEU E 201 54.76 -109.04 92.17
CA LEU E 201 53.59 -108.80 91.35
C LEU E 201 53.35 -110.04 90.51
N TYR E 202 52.22 -110.70 90.72
CA TYR E 202 51.89 -111.94 90.05
C TYR E 202 50.79 -111.71 89.03
N MET E 203 50.80 -112.52 87.98
CA MET E 203 49.92 -112.36 86.83
C MET E 203 49.39 -113.73 86.45
N ARG E 204 48.09 -113.80 86.13
CA ARG E 204 47.54 -115.09 85.72
C ARG E 204 46.34 -114.89 84.81
N HIS E 205 46.07 -115.93 84.01
CA HIS E 205 44.80 -116.03 83.29
C HIS E 205 43.72 -116.47 84.25
N VAL E 206 42.68 -115.65 84.41
CA VAL E 206 41.54 -116.06 85.22
C VAL E 206 40.70 -117.07 84.44
N ASN E 207 40.75 -116.99 83.12
CA ASN E 207 40.00 -117.88 82.26
C ASN E 207 40.54 -119.31 82.41
N GLU E 208 39.70 -120.27 82.05
CA GLU E 208 40.05 -121.68 82.19
C GLU E 208 40.69 -122.20 80.91
N ALA E 209 41.51 -123.24 81.07
CA ALA E 209 42.15 -123.89 79.93
C ALA E 209 41.13 -124.19 78.84
N GLY E 210 41.49 -123.82 77.60
CA GLY E 210 40.65 -124.06 76.45
C GLY E 210 41.32 -125.01 75.47
N GLN E 211 40.56 -125.39 74.44
CA GLN E 211 41.07 -126.32 73.44
C GLN E 211 42.29 -125.79 72.70
N GLY E 212 42.69 -124.54 72.92
CA GLY E 212 43.86 -123.98 72.28
C GLY E 212 44.70 -123.21 73.27
N PRO E 213 46.02 -123.23 73.06
CA PRO E 213 46.92 -122.52 73.97
C PRO E 213 46.92 -121.01 73.69
N ILE E 214 47.22 -120.25 74.74
CA ILE E 214 47.20 -118.79 74.66
C ILE E 214 48.34 -118.24 75.50
N LYS E 215 49.22 -117.45 74.88
CA LYS E 215 50.33 -116.80 75.56
C LYS E 215 50.04 -115.30 75.64
N SER E 216 50.27 -114.72 76.82
CA SER E 216 50.00 -113.31 77.05
C SER E 216 51.25 -112.60 77.56
N THR E 217 51.31 -111.30 77.32
CA THR E 217 52.45 -110.47 77.71
C THR E 217 51.92 -109.22 78.41
N VAL E 218 52.25 -109.09 79.69
CA VAL E 218 51.86 -107.92 80.47
C VAL E 218 53.01 -106.93 80.48
N ARG E 219 52.71 -105.65 80.25
CA ARG E 219 53.70 -104.59 80.20
C ARG E 219 53.38 -103.58 81.30
N ILE E 220 54.31 -103.43 82.25
CA ILE E 220 54.11 -102.55 83.39
C ILE E 220 54.62 -101.15 83.02
N TYR E 221 53.82 -100.14 83.32
CA TYR E 221 54.15 -98.76 83.02
C TYR E 221 54.08 -97.93 84.30
N PHE E 222 55.17 -97.23 84.59
CA PHE E 222 55.28 -96.36 85.75
C PHE E 222 55.16 -94.91 85.32
N LYS E 223 54.42 -94.12 86.09
CA LYS E 223 54.27 -92.69 85.83
C LYS E 223 54.31 -91.96 87.17
N PRO E 224 55.45 -91.36 87.53
CA PRO E 224 55.54 -90.59 88.77
C PRO E 224 54.63 -89.37 88.77
N LYS E 225 53.75 -89.29 89.77
CA LYS E 225 52.90 -88.13 90.00
C LYS E 225 53.39 -87.40 91.24
N HIS E 226 53.10 -86.10 91.29
CA HIS E 226 53.41 -85.27 92.46
C HIS E 226 54.84 -85.53 92.94
N VAL E 227 55.78 -85.15 92.10
CA VAL E 227 57.16 -85.56 92.28
C VAL E 227 57.95 -84.51 93.04
N LYS E 228 58.89 -84.99 93.86
CA LYS E 228 59.85 -84.15 94.57
C LYS E 228 61.23 -84.79 94.43
N ALA E 229 62.22 -83.99 94.04
CA ALA E 229 63.57 -84.50 93.84
C ALA E 229 64.57 -83.68 94.65
N TRP E 230 65.66 -84.34 95.07
CA TRP E 230 66.71 -83.72 95.85
C TRP E 230 68.08 -84.17 95.35
N VAL E 231 69.07 -83.30 95.54
CA VAL E 231 70.48 -83.64 95.33
C VAL E 231 70.68 -84.18 93.91
N PRO E 232 70.82 -83.32 92.92
CA PRO E 232 71.07 -83.82 91.56
C PRO E 232 72.49 -84.32 91.43
N ARG E 233 72.69 -85.23 90.50
CA ARG E 233 73.97 -85.89 90.29
C ARG E 233 74.20 -86.08 88.80
N PRO E 234 75.44 -86.30 88.40
CA PRO E 234 75.76 -86.38 86.96
C PRO E 234 74.97 -87.48 86.29
N PRO E 235 74.54 -87.29 85.05
CA PRO E 235 73.83 -88.35 84.33
C PRO E 235 74.73 -89.54 84.04
N ARG E 236 74.10 -90.70 83.90
CA ARG E 236 74.83 -91.90 83.54
C ARG E 236 75.51 -91.72 82.20
N LEU E 237 76.81 -92.01 82.14
CA LEU E 237 77.57 -91.99 80.91
C LEU E 237 77.82 -93.40 80.37
N CYS E 238 78.36 -94.29 81.21
CA CYS E 238 78.59 -95.67 80.81
C CYS E 238 77.29 -96.47 80.84
N GLN E 239 77.17 -97.39 79.89
CA GLN E 239 75.95 -98.20 79.80
C GLN E 239 75.74 -99.02 81.06
N TYR E 240 74.47 -99.22 81.40
CA TYR E 240 74.12 -100.01 82.57
C TYR E 240 74.48 -101.48 82.36
N GLU E 241 74.89 -102.13 83.44
CA GLU E 241 75.33 -103.52 83.41
C GLU E 241 74.49 -104.45 84.27
N LYS E 242 74.11 -104.02 85.47
CA LYS E 242 73.33 -104.86 86.38
C LYS E 242 72.24 -104.03 87.03
N GLN E 243 71.12 -104.70 87.33
CA GLN E 243 69.97 -104.02 87.93
C GLN E 243 70.17 -103.70 89.40
N LYS E 244 71.08 -104.38 90.09
CA LYS E 244 71.19 -104.28 91.54
C LYS E 244 72.39 -103.47 91.99
N ASN E 245 73.12 -102.84 91.07
CA ASN E 245 74.36 -102.16 91.46
C ASN E 245 74.77 -101.19 90.36
N VAL E 246 75.73 -100.33 90.73
CA VAL E 246 76.27 -99.33 89.81
C VAL E 246 77.23 -99.91 88.79
N ASN E 247 77.57 -101.19 88.89
CA ASN E 247 78.63 -101.78 88.08
C ASN E 247 78.56 -101.29 86.65
N PHE E 248 79.69 -100.78 86.16
CA PHE E 248 79.81 -100.23 84.82
C PHE E 248 81.11 -100.70 84.21
N THR E 249 81.16 -100.69 82.88
CA THR E 249 82.40 -100.87 82.16
C THR E 249 82.85 -99.51 81.65
N PRO E 250 84.04 -99.03 81.99
CA PRO E 250 84.39 -97.64 81.67
C PRO E 250 84.24 -97.33 80.20
N THR E 251 83.65 -96.17 79.91
CA THR E 251 83.44 -95.65 78.56
C THR E 251 84.12 -94.30 78.44
N GLY E 252 84.33 -93.87 77.21
CA GLY E 252 84.96 -92.58 76.98
C GLY E 252 84.13 -91.43 77.53
N VAL E 253 84.80 -90.31 77.77
CA VAL E 253 84.13 -89.15 78.33
C VAL E 253 83.08 -88.61 77.35
N THR E 254 83.44 -88.52 76.08
CA THR E 254 82.54 -87.97 75.05
C THR E 254 82.96 -88.53 73.70
N THR E 255 82.16 -88.21 72.68
CA THR E 255 82.55 -88.51 71.31
C THR E 255 83.79 -87.70 70.95
N THR E 256 84.54 -88.19 69.96
CA THR E 256 85.84 -87.65 69.61
C THR E 256 85.80 -86.90 68.28
N ARG E 257 86.68 -85.91 68.16
CA ARG E 257 86.94 -85.21 66.91
C ARG E 257 88.43 -85.26 66.61
N VAL E 258 88.83 -84.69 65.47
CA VAL E 258 90.19 -84.84 64.99
C VAL E 258 91.15 -83.79 65.56
N GLY E 259 90.65 -82.76 66.20
CA GLY E 259 91.53 -81.72 66.73
C GLY E 259 90.71 -80.69 67.48
N ILE E 260 91.43 -79.85 68.23
CA ILE E 260 90.76 -78.83 69.02
C ILE E 260 90.16 -77.75 68.12
N THR E 261 90.71 -77.57 66.92
CA THR E 261 90.16 -76.61 65.97
C THR E 261 89.16 -77.25 65.01
N THR E 262 89.18 -78.57 64.87
CA THR E 262 88.28 -79.25 63.95
C THR E 262 86.85 -78.78 64.13
N THR E 263 86.27 -78.23 63.06
CA THR E 263 84.94 -77.64 63.10
C THR E 263 84.13 -78.06 61.89
N VAL F 13 93.40 -61.96 107.59
CA VAL F 13 93.19 -63.40 107.73
C VAL F 13 92.03 -63.66 108.68
N ARG F 14 91.45 -64.85 108.60
CA ARG F 14 90.28 -65.22 109.39
C ARG F 14 90.54 -66.51 110.15
N SER F 15 89.70 -66.76 111.16
CA SER F 15 89.91 -67.87 112.09
C SER F 15 88.62 -68.69 112.21
N ILE F 16 88.65 -69.91 111.69
CA ILE F 16 87.55 -70.86 111.84
C ILE F 16 87.88 -71.71 113.07
N THR F 17 87.10 -71.54 114.14
CA THR F 17 87.38 -72.18 115.42
C THR F 17 86.28 -73.18 115.74
N LEU F 18 86.66 -74.45 115.90
CA LEU F 18 85.74 -75.50 116.33
C LEU F 18 86.37 -76.23 117.51
N GLY F 19 85.90 -75.91 118.71
CA GLY F 19 86.43 -76.57 119.90
C GLY F 19 87.87 -76.19 120.14
N ASN F 20 88.71 -77.22 120.30
CA ASN F 20 90.14 -77.02 120.57
C ASN F 20 90.92 -76.56 119.36
N SER F 21 90.29 -76.39 118.20
CA SER F 21 91.01 -76.22 116.95
C SER F 21 90.65 -74.90 116.30
N THR F 22 91.53 -74.47 115.39
CA THR F 22 91.40 -73.17 114.73
C THR F 22 92.18 -73.21 113.43
N ILE F 23 91.49 -72.97 112.30
CA ILE F 23 92.10 -72.99 110.98
C ILE F 23 92.33 -71.56 110.51
N THR F 24 93.38 -71.38 109.70
CA THR F 24 93.69 -70.12 109.05
C THR F 24 93.44 -70.30 107.56
N THR F 25 92.38 -69.69 107.05
CA THR F 25 91.95 -69.92 105.67
C THR F 25 91.92 -68.57 104.93
N GLN F 26 93.08 -68.12 104.49
CA GLN F 26 93.16 -66.91 103.65
C GLN F 26 92.33 -65.82 104.34
N GLU F 27 91.67 -64.96 103.56
CA GLU F 27 90.71 -64.00 104.12
C GLU F 27 89.53 -63.88 103.17
N CYS F 28 89.83 -63.89 101.87
CA CYS F 28 88.81 -63.83 100.83
C CYS F 28 88.33 -65.20 100.40
N ALA F 29 88.99 -66.27 100.86
CA ALA F 29 88.63 -67.62 100.44
C ALA F 29 87.15 -67.88 100.67
N ASN F 30 86.50 -68.42 99.64
CA ASN F 30 85.08 -68.72 99.69
C ASN F 30 84.84 -70.05 100.40
N VAL F 31 84.01 -70.03 101.44
CA VAL F 31 83.54 -71.26 102.07
C VAL F 31 82.28 -71.70 101.35
N VAL F 32 82.32 -72.90 100.76
CA VAL F 32 81.19 -73.42 100.00
C VAL F 32 80.24 -74.12 100.98
N VAL F 33 79.08 -73.55 101.21
CA VAL F 33 78.13 -74.09 102.21
C VAL F 33 77.21 -75.05 101.47
N GLY F 34 77.71 -76.27 101.25
CA GLY F 34 76.94 -77.37 100.72
C GLY F 34 75.85 -77.00 99.74
N TYR F 35 74.65 -77.54 99.96
CA TYR F 35 73.49 -77.18 99.15
C TYR F 35 72.76 -76.00 99.76
N GLY F 36 73.52 -74.96 100.09
CA GLY F 36 72.96 -73.77 100.71
C GLY F 36 72.49 -73.97 102.12
N VAL F 37 72.78 -75.11 102.74
CA VAL F 37 72.28 -75.46 104.05
C VAL F 37 73.44 -75.52 105.03
N TRP F 38 73.30 -74.80 106.14
CA TRP F 38 74.27 -74.89 107.23
C TRP F 38 73.86 -76.04 108.15
N PRO F 39 74.78 -76.92 108.55
CA PRO F 39 74.38 -78.04 109.41
C PRO F 39 73.70 -77.57 110.69
N GLU F 40 72.63 -78.26 111.05
CA GLU F 40 71.85 -77.93 112.24
C GLU F 40 71.43 -79.23 112.91
N TYR F 41 70.99 -79.11 114.17
CA TYR F 41 70.54 -80.27 114.92
C TYR F 41 69.15 -80.70 114.46
N LEU F 42 68.84 -81.97 114.70
CA LEU F 42 67.56 -82.52 114.29
C LEU F 42 66.42 -81.81 115.02
N LYS F 43 65.30 -81.65 114.32
CA LYS F 43 64.11 -81.05 114.89
C LYS F 43 63.18 -82.13 115.42
N ASP F 44 62.46 -81.80 116.50
CA ASP F 44 61.50 -82.74 117.06
C ASP F 44 60.42 -83.10 116.05
N ASN F 45 60.21 -82.27 115.02
CA ASN F 45 59.18 -82.55 114.03
C ASN F 45 59.56 -83.73 113.15
N GLU F 46 60.82 -83.82 112.74
CA GLU F 46 61.27 -84.79 111.75
C GLU F 46 61.89 -86.03 112.37
N ALA F 47 61.86 -86.16 113.69
CA ALA F 47 62.51 -87.26 114.40
C ALA F 47 61.52 -88.37 114.72
N THR F 48 62.07 -89.56 114.98
CA THR F 48 61.27 -90.69 115.44
C THR F 48 61.96 -91.41 116.60
N ALA F 49 63.28 -91.37 116.65
CA ALA F 49 64.01 -92.03 117.72
C ALA F 49 63.64 -91.41 119.07
N GLU F 50 63.06 -92.23 119.95
CA GLU F 50 62.47 -91.71 121.19
C GLU F 50 63.48 -91.49 122.30
N ASP F 51 64.68 -92.04 122.18
CA ASP F 51 65.68 -91.88 123.24
C ASP F 51 66.43 -90.57 123.07
N GLN F 52 66.72 -89.91 124.18
CA GLN F 52 67.35 -88.59 124.14
C GLN F 52 68.75 -88.70 123.56
N PRO F 53 69.11 -87.91 122.56
CA PRO F 53 70.43 -88.06 121.93
C PRO F 53 71.54 -87.55 122.83
N THR F 54 72.77 -87.90 122.43
CA THR F 54 73.98 -87.38 123.04
C THR F 54 74.61 -86.39 122.07
N GLN F 55 74.83 -85.15 122.53
CA GLN F 55 75.45 -84.10 121.73
C GLN F 55 76.81 -83.77 122.33
N PRO F 56 77.88 -84.43 121.88
CA PRO F 56 79.19 -84.21 122.52
C PRO F 56 79.69 -82.77 122.42
N ASP F 57 79.31 -82.07 121.35
CA ASP F 57 79.68 -80.66 121.19
C ASP F 57 81.19 -80.51 121.00
N VAL F 58 81.89 -79.99 122.00
CA VAL F 58 83.29 -79.60 121.81
C VAL F 58 84.16 -80.82 121.55
N ALA F 59 83.84 -81.95 122.18
CA ALA F 59 84.70 -83.13 122.04
C ALA F 59 84.59 -83.74 120.66
N THR F 60 83.42 -83.64 120.02
CA THR F 60 83.19 -84.24 118.72
C THR F 60 83.31 -83.25 117.57
N CYS F 61 82.72 -82.06 117.70
CA CYS F 61 82.73 -81.07 116.63
C CYS F 61 84.05 -80.31 116.68
N ARG F 62 85.07 -80.92 116.08
CA ARG F 62 86.42 -80.35 116.09
C ARG F 62 87.20 -80.87 114.88
N PHE F 63 88.31 -80.20 114.60
CA PHE F 63 89.07 -80.42 113.37
C PHE F 63 90.04 -81.58 113.53
N TYR F 64 89.68 -82.76 113.01
CA TYR F 64 90.57 -83.90 112.91
C TYR F 64 91.32 -83.84 111.58
N THR F 65 92.64 -83.85 111.64
CA THR F 65 93.48 -83.80 110.44
C THR F 65 93.87 -85.22 110.05
N LEU F 66 93.33 -85.69 108.93
CA LEU F 66 93.62 -87.03 108.44
C LEU F 66 95.04 -87.10 107.88
N GLU F 67 95.37 -88.28 107.34
CA GLU F 67 96.68 -88.47 106.73
C GLU F 67 96.83 -87.57 105.51
N SER F 68 98.02 -87.03 105.32
CA SER F 68 98.34 -86.30 104.10
C SER F 68 98.78 -87.28 103.02
N VAL F 69 98.59 -86.87 101.76
CA VAL F 69 99.01 -87.69 100.63
C VAL F 69 99.87 -86.82 99.71
N GLN F 70 100.72 -87.48 98.92
CA GLN F 70 101.64 -86.77 98.05
C GLN F 70 101.04 -86.59 96.67
N TRP F 71 101.04 -85.35 96.18
CA TRP F 71 100.66 -85.02 94.82
C TRP F 71 101.90 -85.09 93.95
N MET F 72 101.95 -86.06 93.06
CA MET F 72 103.05 -86.20 92.12
C MET F 72 102.53 -86.00 90.70
N LYS F 73 103.45 -85.85 89.75
CA LYS F 73 103.10 -85.40 88.42
C LYS F 73 102.09 -86.31 87.72
N ASN F 74 101.93 -87.55 88.19
CA ASN F 74 101.02 -88.49 87.56
C ASN F 74 99.79 -88.82 88.40
N SER F 75 99.68 -88.28 89.61
CA SER F 75 98.60 -88.64 90.51
C SER F 75 97.24 -88.48 89.83
N ALA F 76 96.40 -89.50 89.97
CA ALA F 76 95.07 -89.50 89.37
C ALA F 76 94.00 -88.95 90.30
N GLY F 77 94.12 -89.19 91.59
CA GLY F 77 93.17 -88.65 92.55
C GLY F 77 93.08 -89.53 93.78
N TRP F 78 92.36 -89.01 94.78
CA TRP F 78 92.17 -89.68 96.05
C TRP F 78 90.73 -89.53 96.49
N TRP F 79 90.29 -90.43 97.38
CA TRP F 79 88.95 -90.32 97.93
C TRP F 79 88.91 -90.95 99.32
N TRP F 80 88.00 -90.41 100.13
CA TRP F 80 87.72 -90.87 101.48
C TRP F 80 86.21 -91.02 101.63
N LYS F 81 85.77 -92.09 102.29
CA LYS F 81 84.40 -92.18 102.81
C LYS F 81 84.40 -91.56 104.20
N LEU F 82 83.41 -90.71 104.50
CA LEU F 82 83.54 -89.81 105.65
C LEU F 82 83.22 -90.45 107.00
N PRO F 83 82.03 -91.05 107.16
CA PRO F 83 81.76 -91.76 108.41
C PRO F 83 82.84 -92.78 108.73
N ASP F 84 83.37 -93.46 107.71
CA ASP F 84 84.44 -94.42 107.86
C ASP F 84 85.83 -93.80 107.72
N ALA F 85 85.92 -92.47 107.70
CA ALA F 85 87.20 -91.78 107.77
C ALA F 85 87.49 -91.27 109.17
N LEU F 86 86.47 -90.74 109.85
CA LEU F 86 86.64 -90.33 111.24
C LEU F 86 86.29 -91.45 112.22
N SER F 87 86.20 -92.70 111.75
CA SER F 87 85.81 -93.80 112.62
C SER F 87 86.84 -94.05 113.72
N GLN F 88 88.11 -93.79 113.45
CA GLN F 88 89.18 -94.04 114.41
C GLN F 88 89.70 -92.75 115.04
N MET F 89 88.99 -91.63 114.86
CA MET F 89 89.46 -90.33 115.31
C MET F 89 88.69 -89.92 116.57
N GLY F 90 89.28 -90.20 117.73
CA GLY F 90 88.86 -89.62 118.99
C GLY F 90 87.46 -89.99 119.42
N LEU F 91 86.88 -89.07 120.20
CA LEU F 91 85.57 -89.33 120.79
C LEU F 91 84.46 -89.38 119.75
N PHE F 92 84.64 -88.72 118.60
CA PHE F 92 83.71 -88.93 117.50
C PHE F 92 83.61 -90.41 117.17
N GLY F 93 84.75 -91.06 116.96
CA GLY F 93 84.75 -92.49 116.70
C GLY F 93 84.21 -93.30 117.86
N GLN F 94 84.52 -92.89 119.09
CA GLN F 94 84.02 -93.63 120.24
C GLN F 94 82.49 -93.62 120.28
N ASN F 95 81.89 -92.44 120.24
CA ASN F 95 80.43 -92.35 120.18
C ASN F 95 79.88 -93.11 118.98
N MET F 96 80.61 -93.05 117.86
CA MET F 96 80.21 -93.79 116.67
C MET F 96 80.08 -95.27 116.95
N GLN F 97 81.04 -95.82 117.68
CA GLN F 97 80.98 -97.25 118.01
C GLN F 97 79.86 -97.54 118.98
N TYR F 98 79.67 -96.67 119.98
CA TYR F 98 78.76 -97.00 121.07
C TYR F 98 77.29 -96.72 120.76
N HIS F 99 76.98 -96.00 119.68
CA HIS F 99 75.60 -95.65 119.37
C HIS F 99 75.13 -96.33 118.08
N TYR F 100 73.84 -96.69 118.06
CA TYR F 100 73.25 -97.37 116.91
C TYR F 100 72.95 -96.39 115.76
N LEU F 101 72.59 -95.15 116.08
CA LEU F 101 72.21 -94.17 115.08
C LEU F 101 73.03 -92.90 115.23
N GLY F 102 73.37 -92.28 114.11
CA GLY F 102 74.17 -91.07 114.12
C GLY F 102 73.73 -90.11 113.02
N ARG F 103 74.12 -88.86 113.21
CA ARG F 103 73.76 -87.80 112.27
C ARG F 103 74.78 -86.68 112.41
N THR F 104 75.38 -86.27 111.29
CA THR F 104 76.49 -85.33 111.35
C THR F 104 76.59 -84.51 110.08
N GLY F 105 76.99 -83.24 110.24
CA GLY F 105 77.50 -82.44 109.16
C GLY F 105 79.03 -82.34 109.26
N TYR F 106 79.63 -81.70 108.28
CA TYR F 106 81.09 -81.62 108.25
C TYR F 106 81.56 -80.24 107.83
N THR F 107 82.76 -79.91 108.26
CA THR F 107 83.54 -78.79 107.73
C THR F 107 84.84 -79.38 107.22
N ILE F 108 85.01 -79.40 105.90
CA ILE F 108 86.13 -80.05 105.25
C ILE F 108 87.07 -78.98 104.75
N HIS F 109 88.34 -79.08 105.12
CA HIS F 109 89.36 -78.10 104.75
C HIS F 109 90.51 -78.90 104.14
N VAL F 110 90.62 -78.82 102.81
CA VAL F 110 91.71 -79.47 102.08
C VAL F 110 92.77 -78.42 101.83
N GLN F 111 93.97 -78.64 102.35
CA GLN F 111 95.05 -77.67 102.27
C GLN F 111 96.13 -78.20 101.34
N CYS F 112 96.52 -77.37 100.37
CA CYS F 112 97.70 -77.63 99.56
C CYS F 112 98.32 -76.29 99.22
N ASN F 113 99.63 -76.18 99.44
CA ASN F 113 100.33 -74.94 99.13
C ASN F 113 101.60 -75.28 98.38
N ALA F 114 101.80 -74.59 97.27
CA ALA F 114 103.01 -74.71 96.47
C ALA F 114 103.63 -73.32 96.37
N SER F 115 104.51 -73.10 95.41
CA SER F 115 105.13 -71.80 95.22
C SER F 115 104.64 -71.18 93.91
N LYS F 116 105.04 -69.93 93.69
CA LYS F 116 104.65 -69.26 92.45
C LYS F 116 105.12 -70.03 91.23
N PHE F 117 106.23 -70.76 91.36
CA PHE F 117 106.83 -71.48 90.25
C PHE F 117 106.22 -72.86 90.04
N HIS F 118 105.21 -73.22 90.81
CA HIS F 118 104.46 -74.45 90.63
C HIS F 118 103.14 -74.16 89.91
N GLN F 119 102.50 -75.23 89.43
CA GLN F 119 101.22 -75.12 88.75
C GLN F 119 100.46 -76.42 88.92
N GLY F 120 99.14 -76.33 88.87
CA GLY F 120 98.28 -77.48 89.04
C GLY F 120 96.92 -77.05 89.53
N CYS F 121 95.97 -77.99 89.45
CA CYS F 121 94.61 -77.71 89.84
C CYS F 121 93.90 -78.97 90.30
N LEU F 122 93.35 -78.93 91.51
CA LEU F 122 92.59 -80.03 92.08
C LEU F 122 91.12 -79.67 92.16
N LEU F 123 90.25 -80.65 91.88
CA LEU F 123 88.82 -80.55 92.14
C LEU F 123 88.55 -81.24 93.47
N VAL F 124 88.01 -80.49 94.43
CA VAL F 124 87.66 -80.99 95.75
C VAL F 124 86.14 -81.04 95.84
N VAL F 125 85.58 -82.25 95.84
CA VAL F 125 84.12 -82.41 95.74
C VAL F 125 83.62 -83.32 96.85
N CYS F 126 82.36 -83.13 97.22
CA CYS F 126 81.69 -83.93 98.26
C CYS F 126 80.50 -84.65 97.63
N VAL F 127 80.66 -85.94 97.35
CA VAL F 127 79.65 -86.74 96.67
C VAL F 127 78.79 -87.41 97.73
N PRO F 128 77.54 -87.00 97.93
CA PRO F 128 76.65 -87.78 98.79
C PRO F 128 76.20 -89.07 98.12
N GLU F 129 76.23 -90.16 98.89
CA GLU F 129 75.79 -91.47 98.41
C GLU F 129 76.62 -91.92 97.19
N ALA F 130 77.94 -91.97 97.38
CA ALA F 130 78.87 -92.30 96.30
C ALA F 130 78.98 -93.82 96.15
N GLU F 131 77.89 -94.42 95.69
CA GLU F 131 77.88 -95.86 95.42
C GLU F 131 78.77 -96.15 94.22
N MET F 132 79.81 -96.96 94.42
CA MET F 132 80.83 -97.20 93.42
C MET F 132 80.69 -98.58 92.81
N GLY F 133 81.17 -98.72 91.57
CA GLY F 133 81.05 -99.95 90.83
C GLY F 133 82.29 -100.81 90.93
N CYS F 134 82.15 -102.05 90.49
CA CYS F 134 83.18 -103.06 90.62
C CYS F 134 83.89 -103.30 89.28
N SER F 135 85.03 -103.99 89.36
CA SER F 135 85.75 -104.39 88.15
C SER F 135 85.07 -105.60 87.52
N ASN F 136 84.75 -106.62 88.33
CA ASN F 136 83.95 -107.74 87.86
C ASN F 136 82.48 -107.34 87.99
N LEU F 137 81.81 -107.20 86.84
CA LEU F 137 80.43 -106.72 86.83
C LEU F 137 79.48 -107.64 87.59
N ASN F 138 79.91 -108.84 87.95
CA ASN F 138 79.08 -109.79 88.68
C ASN F 138 79.31 -109.75 90.18
N ASN F 139 80.05 -108.76 90.69
CA ASN F 139 80.34 -108.68 92.11
C ASN F 139 80.36 -107.22 92.54
N THR F 140 80.21 -107.00 93.84
CA THR F 140 80.34 -105.69 94.43
C THR F 140 81.68 -105.57 95.15
N PRO F 141 82.29 -104.39 95.15
CA PRO F 141 83.63 -104.26 95.77
C PRO F 141 83.61 -104.63 97.24
N GLU F 142 84.80 -104.89 97.77
CA GLU F 142 84.92 -105.32 99.15
C GLU F 142 85.06 -104.10 100.08
N PHE F 143 84.73 -104.34 101.36
CA PHE F 143 84.72 -103.28 102.34
C PHE F 143 86.06 -102.55 102.40
N ALA F 144 87.16 -103.29 102.38
CA ALA F 144 88.47 -102.65 102.44
C ALA F 144 88.76 -101.85 101.18
N GLU F 145 88.24 -102.31 100.03
CA GLU F 145 88.50 -101.60 98.78
C GLU F 145 87.77 -100.27 98.75
N LEU F 146 86.52 -100.25 99.23
CA LEU F 146 85.78 -98.99 99.28
C LEU F 146 86.26 -98.07 100.39
N SER F 147 86.71 -98.65 101.51
CA SER F 147 86.98 -97.91 102.73
C SER F 147 88.47 -97.86 103.03
N GLY F 148 88.93 -96.69 103.46
CA GLY F 148 90.26 -96.55 104.02
C GLY F 148 90.24 -95.57 105.17
N GLY F 149 90.32 -96.09 106.39
CA GLY F 149 90.28 -95.24 107.56
C GLY F 149 91.43 -94.26 107.58
N ASP F 150 91.15 -92.97 107.40
CA ASP F 150 92.16 -91.92 107.31
C ASP F 150 93.29 -92.29 106.34
N THR F 151 93.06 -93.29 105.49
CA THR F 151 94.05 -93.79 104.54
C THR F 151 93.41 -93.68 103.16
N ALA F 152 93.57 -92.51 102.55
CA ALA F 152 92.94 -92.22 101.26
C ALA F 152 93.11 -93.37 100.30
N ARG F 153 92.00 -93.85 99.72
CA ARG F 153 92.11 -94.81 98.64
C ARG F 153 92.20 -94.03 97.33
N MET F 154 92.98 -94.56 96.39
CA MET F 154 93.41 -93.79 95.24
C MET F 154 92.62 -94.15 93.98
N PHE F 155 92.35 -93.14 93.16
CA PHE F 155 91.88 -93.36 91.80
C PHE F 155 93.04 -93.81 90.93
N THR F 156 92.71 -94.41 89.79
CA THR F 156 93.70 -94.90 88.85
C THR F 156 93.57 -94.20 87.51
N ASP F 157 94.69 -94.10 86.80
CA ASP F 157 94.70 -93.56 85.46
C ASP F 157 94.31 -94.59 84.40
N THR F 158 94.09 -95.84 84.80
CA THR F 158 93.82 -96.91 83.86
C THR F 158 92.67 -97.76 84.35
N GLN F 159 92.07 -98.51 83.43
CA GLN F 159 91.05 -99.48 83.77
C GLN F 159 91.69 -100.65 84.50
N ILE F 160 91.06 -101.07 85.59
CA ILE F 160 91.42 -102.33 86.23
C ILE F 160 90.62 -103.43 85.57
N GLY F 161 91.23 -104.60 85.40
CA GLY F 161 90.63 -105.63 84.58
C GLY F 161 89.50 -106.39 85.26
N GLU F 162 88.86 -107.26 84.48
CA GLU F 162 87.82 -108.12 85.04
C GLU F 162 88.40 -108.99 86.15
N THR F 163 89.62 -109.50 85.95
CA THR F 163 90.36 -110.17 87.01
C THR F 163 90.32 -109.28 88.25
N ASN F 164 90.61 -109.83 89.42
CA ASN F 164 90.47 -109.09 90.66
C ASN F 164 88.98 -108.92 90.97
N SER F 165 88.34 -110.04 91.37
CA SER F 165 86.88 -110.12 91.53
C SER F 165 86.28 -108.97 92.34
N LYS F 166 86.97 -108.50 93.39
CA LYS F 166 86.33 -107.58 94.32
C LYS F 166 87.07 -106.25 94.48
N LYS F 167 87.29 -105.53 93.39
CA LYS F 167 87.94 -104.22 93.42
C LYS F 167 87.05 -103.16 92.81
N VAL F 168 87.40 -101.90 93.07
CA VAL F 168 86.63 -100.75 92.60
C VAL F 168 87.19 -100.31 91.25
N GLN F 169 86.31 -100.14 90.26
CA GLN F 169 86.74 -99.70 88.93
C GLN F 169 87.16 -98.24 89.01
N THR F 170 88.44 -98.01 89.31
CA THR F 170 88.94 -96.72 89.76
C THR F 170 89.39 -95.82 88.61
N ALA F 171 88.96 -96.10 87.38
CA ALA F 171 89.28 -95.22 86.25
C ALA F 171 88.76 -93.82 86.52
N VAL F 172 89.67 -92.84 86.57
CA VAL F 172 89.32 -91.51 87.06
C VAL F 172 88.25 -90.86 86.19
N TRP F 173 88.37 -91.01 84.86
CA TRP F 173 87.45 -90.32 83.96
C TRP F 173 86.01 -90.80 84.09
N ASN F 174 85.76 -91.86 84.87
CA ASN F 174 84.40 -92.25 85.23
C ASN F 174 84.12 -92.09 86.72
N ALA F 175 85.11 -91.66 87.50
CA ALA F 175 84.95 -91.39 88.93
C ALA F 175 84.48 -92.62 89.70
N GLY F 176 84.62 -93.80 89.12
CA GLY F 176 84.14 -95.00 89.77
C GLY F 176 82.65 -95.03 90.00
N MET F 177 81.91 -94.15 89.34
CA MET F 177 80.45 -94.08 89.47
C MET F 177 79.74 -94.16 88.13
N GLY F 178 80.47 -94.40 87.04
CA GLY F 178 79.85 -94.53 85.74
C GLY F 178 79.39 -93.24 85.12
N VAL F 179 79.91 -92.10 85.59
CA VAL F 179 79.51 -90.80 85.08
C VAL F 179 80.70 -90.13 84.40
N GLY F 180 80.48 -88.96 83.83
CA GLY F 180 81.58 -88.16 83.33
C GLY F 180 82.26 -87.42 84.46
N VAL F 181 83.56 -87.66 84.66
CA VAL F 181 84.26 -87.02 85.76
C VAL F 181 84.12 -85.50 85.69
N GLY F 182 83.97 -84.95 84.47
CA GLY F 182 83.81 -83.53 84.29
C GLY F 182 82.47 -82.98 84.73
N ASN F 183 81.57 -83.82 85.23
CA ASN F 183 80.26 -83.38 85.69
C ASN F 183 80.11 -83.47 87.20
N LEU F 184 81.17 -83.83 87.93
CA LEU F 184 81.10 -83.89 89.38
C LEU F 184 80.84 -82.53 90.01
N THR F 185 80.89 -81.44 89.23
CA THR F 185 80.70 -80.11 89.79
C THR F 185 79.28 -79.89 90.31
N ILE F 186 78.33 -80.76 89.97
CA ILE F 186 76.98 -80.59 90.51
C ILE F 186 77.01 -80.77 92.03
N TYR F 187 77.84 -81.70 92.51
CA TYR F 187 78.05 -81.86 93.92
C TYR F 187 78.85 -80.68 94.48
N PRO F 188 78.59 -80.26 95.71
CA PRO F 188 79.34 -79.12 96.27
C PRO F 188 80.85 -79.34 96.18
N HIS F 189 81.55 -78.32 95.70
CA HIS F 189 82.95 -78.49 95.34
C HIS F 189 83.66 -77.14 95.34
N GLN F 190 84.98 -77.20 95.33
CA GLN F 190 85.84 -76.07 95.03
C GLN F 190 87.02 -76.54 94.18
N TRP F 191 87.81 -75.59 93.71
CA TRP F 191 89.01 -75.87 92.96
C TRP F 191 90.20 -75.28 93.70
N ILE F 192 91.26 -76.06 93.84
CA ILE F 192 92.53 -75.58 94.37
C ILE F 192 93.44 -75.43 93.16
N ASN F 193 93.50 -74.21 92.62
CA ASN F 193 94.42 -73.86 91.55
C ASN F 193 95.67 -73.27 92.19
N LEU F 194 96.78 -74.00 92.14
CA LEU F 194 98.00 -73.56 92.82
C LEU F 194 98.38 -72.14 92.41
N ARG F 195 97.98 -71.72 91.21
CA ARG F 195 98.22 -70.35 90.78
C ARG F 195 97.64 -69.35 91.77
N THR F 196 96.39 -69.58 92.21
CA THR F 196 95.66 -68.60 93.00
C THR F 196 95.05 -69.16 94.27
N ASN F 197 95.36 -70.41 94.64
CA ASN F 197 94.66 -71.04 95.75
C ASN F 197 95.62 -71.75 96.69
N ASN F 198 95.22 -71.84 97.94
CA ASN F 198 95.96 -72.47 99.02
C ASN F 198 95.17 -73.56 99.72
N SER F 199 93.84 -73.46 99.72
CA SER F 199 93.00 -74.40 100.44
C SER F 199 91.60 -74.33 99.88
N ALA F 200 90.77 -75.27 100.30
CA ALA F 200 89.36 -75.33 99.94
C ALA F 200 88.56 -75.70 101.18
N THR F 201 87.46 -75.00 101.41
CA THR F 201 86.63 -75.20 102.60
C THR F 201 85.19 -75.44 102.17
N ILE F 202 84.65 -76.58 102.57
CA ILE F 202 83.29 -76.99 102.22
C ILE F 202 82.57 -77.35 103.51
N VAL F 203 81.43 -76.72 103.76
CA VAL F 203 80.61 -77.01 104.91
C VAL F 203 79.42 -77.83 104.42
N MET F 204 79.44 -79.13 104.68
CA MET F 204 78.40 -80.02 104.20
C MET F 204 77.35 -80.23 105.27
N PRO F 205 76.07 -80.18 104.90
CA PRO F 205 75.01 -80.51 105.86
C PRO F 205 74.70 -81.99 105.86
N TYR F 206 73.81 -82.40 106.76
CA TYR F 206 73.37 -83.78 106.80
C TYR F 206 72.51 -84.07 105.57
N ILE F 207 73.00 -84.96 104.72
CA ILE F 207 72.34 -85.31 103.46
C ILE F 207 71.96 -86.77 103.53
N ASN F 208 70.67 -87.05 103.68
CA ASN F 208 70.19 -88.43 103.71
C ASN F 208 68.67 -88.42 103.64
N SER F 209 68.12 -89.55 103.19
CA SER F 209 66.69 -89.72 103.07
C SER F 209 66.01 -89.97 104.41
N VAL F 210 66.77 -90.34 105.44
CA VAL F 210 66.22 -90.65 106.75
C VAL F 210 66.82 -89.71 107.79
N PRO F 211 66.10 -89.42 108.88
CA PRO F 211 66.61 -88.42 109.85
C PRO F 211 67.92 -88.83 110.50
N MET F 212 68.12 -90.12 110.75
CA MET F 212 69.36 -90.63 111.32
C MET F 212 69.67 -92.00 110.72
N ASP F 213 70.96 -92.31 110.63
CA ASP F 213 71.39 -93.57 110.03
C ASP F 213 72.60 -94.09 110.80
N ASN F 214 72.87 -95.38 110.62
CA ASN F 214 74.03 -95.99 111.26
C ASN F 214 75.31 -95.53 110.56
N MET F 215 76.36 -95.29 111.36
CA MET F 215 77.57 -94.65 110.86
C MET F 215 78.62 -95.64 110.36
N PHE F 216 78.43 -96.92 110.59
CA PHE F 216 79.33 -97.93 110.03
C PHE F 216 78.80 -98.55 108.76
N ARG F 217 77.49 -98.78 108.68
CA ARG F 217 76.91 -99.47 107.54
C ARG F 217 76.70 -98.58 106.34
N HIS F 218 76.72 -97.26 106.51
CA HIS F 218 76.34 -96.33 105.45
C HIS F 218 77.26 -95.11 105.50
N ASN F 219 78.02 -94.91 104.42
CA ASN F 219 78.88 -93.73 104.28
C ASN F 219 78.07 -92.67 103.53
N ASN F 220 77.47 -91.75 104.29
CA ASN F 220 76.55 -90.79 103.69
C ASN F 220 77.23 -89.87 102.67
N LEU F 221 78.54 -89.66 102.80
CA LEU F 221 79.27 -88.75 101.93
C LEU F 221 80.59 -89.38 101.51
N THR F 222 81.21 -88.80 100.49
CA THR F 222 82.48 -89.28 99.98
C THR F 222 83.26 -88.08 99.44
N LEU F 223 84.37 -87.74 100.08
CA LEU F 223 85.22 -86.68 99.58
C LEU F 223 86.12 -87.20 98.48
N MET F 224 86.25 -86.42 97.41
CA MET F 224 87.11 -86.76 96.28
C MET F 224 87.99 -85.56 95.96
N ILE F 225 89.28 -85.81 95.81
CA ILE F 225 90.23 -84.80 95.36
C ILE F 225 90.87 -85.33 94.09
N ILE F 226 90.57 -84.72 92.95
CA ILE F 226 91.02 -85.21 91.66
C ILE F 226 91.79 -84.10 90.96
N PRO F 227 93.08 -84.27 90.67
CA PRO F 227 93.80 -83.25 89.89
C PRO F 227 93.37 -83.27 88.44
N PHE F 228 92.76 -82.17 87.98
CA PHE F 228 92.34 -82.05 86.60
C PHE F 228 93.45 -81.52 85.70
N VAL F 229 94.29 -80.65 86.21
CA VAL F 229 95.49 -80.18 85.53
C VAL F 229 96.69 -80.66 86.36
N PRO F 230 97.58 -81.49 85.81
CA PRO F 230 98.59 -82.13 86.64
C PRO F 230 99.63 -81.15 87.16
N LEU F 231 100.26 -81.55 88.26
CA LEU F 231 101.34 -80.77 88.83
C LEU F 231 102.50 -80.70 87.86
N ASN F 232 103.17 -79.55 87.82
CA ASN F 232 104.43 -79.44 87.11
C ASN F 232 105.20 -78.27 87.70
N TYR F 233 106.51 -78.29 87.47
CA TYR F 233 107.41 -77.31 88.07
C TYR F 233 108.79 -77.48 87.44
N SER F 234 109.54 -76.39 87.38
CA SER F 234 110.87 -76.43 86.81
C SER F 234 111.86 -77.08 87.77
N GLU F 235 112.98 -77.52 87.23
CA GLU F 235 114.04 -78.10 88.06
C GLU F 235 114.48 -77.11 89.12
N GLY F 236 114.54 -77.57 90.37
CA GLY F 236 114.93 -76.71 91.47
C GLY F 236 113.77 -76.44 92.42
N SER F 237 112.58 -76.25 91.85
CA SER F 237 111.39 -76.09 92.66
C SER F 237 111.13 -77.34 93.48
N SER F 238 110.63 -77.15 94.70
CA SER F 238 110.44 -78.28 95.61
C SER F 238 109.53 -79.32 94.97
N PRO F 239 109.96 -80.58 94.90
CA PRO F 239 109.16 -81.60 94.20
C PRO F 239 108.14 -82.36 95.04
N TYR F 240 108.05 -82.10 96.34
CA TYR F 240 107.16 -82.85 97.22
C TYR F 240 106.04 -81.92 97.67
N VAL F 241 104.88 -82.02 97.02
CA VAL F 241 103.72 -81.20 97.36
C VAL F 241 102.69 -82.10 98.04
N PRO F 242 102.55 -82.02 99.36
CA PRO F 242 101.51 -82.82 100.04
C PRO F 242 100.19 -82.07 100.14
N ILE F 243 99.12 -82.87 100.16
CA ILE F 243 97.76 -82.39 100.36
C ILE F 243 97.26 -82.98 101.67
N THR F 244 96.79 -82.11 102.56
CA THR F 244 96.34 -82.51 103.89
C THR F 244 94.86 -82.21 104.03
N VAL F 245 94.09 -83.22 104.42
CA VAL F 245 92.65 -83.10 104.60
C VAL F 245 92.37 -82.95 106.09
N THR F 246 91.51 -82.01 106.45
CA THR F 246 91.13 -81.78 107.85
C THR F 246 89.61 -81.64 107.90
N ILE F 247 88.94 -82.59 108.54
CA ILE F 247 87.48 -82.62 108.57
C ILE F 247 87.04 -82.43 110.01
N ALA F 248 85.92 -81.73 110.18
CA ALA F 248 85.38 -81.46 111.52
C ALA F 248 83.90 -81.81 111.55
N PRO F 249 83.47 -82.77 112.38
CA PRO F 249 82.03 -82.98 112.55
C PRO F 249 81.36 -81.70 113.04
N MET F 250 80.09 -81.55 112.70
CA MET F 250 79.32 -80.37 113.04
C MET F 250 77.90 -80.78 113.37
N CYS F 251 77.43 -80.35 114.53
CA CYS F 251 76.10 -80.68 115.03
C CYS F 251 75.86 -82.19 114.99
N ALA F 252 76.77 -82.91 115.65
CA ALA F 252 76.71 -84.36 115.69
C ALA F 252 75.72 -84.83 116.74
N GLU F 253 74.88 -85.78 116.38
CA GLU F 253 73.91 -86.38 117.28
C GLU F 253 74.00 -87.89 117.17
N TYR F 254 73.75 -88.55 118.30
CA TYR F 254 73.79 -90.00 118.40
C TYR F 254 72.62 -90.48 119.22
N ASN F 255 71.99 -91.57 118.77
CA ASN F 255 70.85 -92.16 119.45
C ASN F 255 71.01 -93.67 119.51
N GLY F 256 70.34 -94.27 120.49
CA GLY F 256 70.40 -95.70 120.67
C GLY F 256 71.70 -96.17 121.31
N LEU F 257 71.91 -95.83 122.58
CA LEU F 257 73.11 -96.25 123.27
C LEU F 257 73.08 -97.75 123.56
N ARG F 258 74.25 -98.37 123.52
CA ARG F 258 74.35 -99.83 123.63
C ARG F 258 75.82 -100.20 123.83
N LEU F 259 76.10 -101.50 123.75
CA LEU F 259 77.46 -102.01 123.65
C LEU F 259 78.20 -101.37 122.48
N ALA F 260 79.52 -101.33 122.53
CA ALA F 260 80.29 -100.87 121.38
C ALA F 260 80.20 -101.92 120.27
N SER F 261 80.93 -101.68 119.19
CA SER F 261 80.94 -102.57 118.03
C SER F 261 82.36 -102.97 117.70
N SER F 262 82.52 -104.21 117.25
CA SER F 262 83.84 -104.70 116.82
C SER F 262 84.25 -104.14 115.47
N GLN F 263 83.34 -103.45 114.77
CA GLN F 263 83.65 -102.87 113.46
C GLN F 263 84.83 -101.91 113.59
N GLY G 1 19.44 -93.05 84.15
CA GLY G 1 20.22 -93.32 82.92
C GLY G 1 20.56 -92.06 82.15
N LEU G 2 21.62 -91.38 82.58
CA LEU G 2 22.04 -90.14 81.93
C LEU G 2 22.48 -90.41 80.49
N PRO G 3 21.91 -89.72 79.50
CA PRO G 3 22.38 -89.90 78.12
C PRO G 3 23.80 -89.37 77.94
N VAL G 4 24.63 -90.17 77.26
CA VAL G 4 26.03 -89.89 77.07
C VAL G 4 26.43 -90.36 75.68
N MET G 5 27.46 -89.72 75.11
CA MET G 5 27.98 -90.10 73.80
C MET G 5 29.49 -90.16 73.88
N THR G 6 30.05 -91.34 73.64
CA THR G 6 31.49 -91.52 73.70
C THR G 6 32.16 -90.86 72.49
N THR G 7 33.17 -90.04 72.76
CA THR G 7 33.89 -89.32 71.72
C THR G 7 35.14 -90.10 71.31
N PRO G 8 35.69 -89.79 70.14
CA PRO G 8 36.95 -90.45 69.74
C PRO G 8 38.05 -90.22 70.77
N GLY G 9 38.86 -91.24 70.98
CA GLY G 9 39.92 -91.23 71.95
C GLY G 9 39.65 -92.02 73.21
N SER G 10 38.45 -92.57 73.37
CA SER G 10 38.11 -93.34 74.54
C SER G 10 38.87 -94.67 74.56
N THR G 11 39.04 -95.22 75.77
CA THR G 11 39.79 -96.46 75.98
C THR G 11 41.18 -96.36 75.39
N GLN G 12 41.80 -95.19 75.54
CA GLN G 12 43.07 -94.87 74.94
C GLN G 12 44.09 -94.59 76.04
N PHE G 13 45.28 -95.15 75.90
CA PHE G 13 46.36 -94.97 76.87
C PHE G 13 47.40 -94.09 76.20
N LEU G 14 47.32 -92.79 76.46
CA LEU G 14 48.32 -91.84 76.02
C LEU G 14 49.39 -91.74 77.09
N THR G 15 50.62 -92.08 76.74
CA THR G 15 51.73 -92.00 77.68
C THR G 15 51.70 -90.71 78.48
N SER G 16 51.51 -89.58 77.81
CA SER G 16 51.53 -88.27 78.46
C SER G 16 50.13 -87.75 78.74
N ASP G 17 49.28 -88.56 79.37
CA ASP G 17 47.97 -88.10 79.84
C ASP G 17 48.03 -87.85 81.33
N ASP G 18 47.05 -87.11 81.84
CA ASP G 18 47.11 -86.58 83.20
C ASP G 18 45.78 -86.74 83.91
N PHE G 19 45.20 -87.94 83.82
CA PHE G 19 43.91 -88.19 84.45
C PHE G 19 44.08 -88.69 85.88
N GLN G 20 42.99 -88.59 86.64
CA GLN G 20 42.94 -89.16 87.98
C GLN G 20 42.59 -90.65 87.92
N SER G 21 43.16 -91.41 88.85
CA SER G 21 43.01 -92.85 88.89
C SER G 21 42.67 -93.31 90.30
N PRO G 22 41.92 -94.40 90.45
CA PRO G 22 41.55 -94.86 91.78
C PRO G 22 42.74 -95.47 92.50
N SER G 23 42.90 -95.11 93.78
CA SER G 23 44.04 -95.58 94.55
C SER G 23 43.86 -97.04 94.91
N ALA G 24 44.96 -97.79 94.84
CA ALA G 24 44.95 -99.21 95.21
C ALA G 24 45.18 -99.43 96.69
N MET G 25 45.68 -98.43 97.41
CA MET G 25 46.00 -98.54 98.83
C MET G 25 45.28 -97.39 99.53
N PRO G 26 43.99 -97.54 99.77
CA PRO G 26 43.23 -96.45 100.39
C PRO G 26 43.68 -96.19 101.82
N GLN G 27 43.65 -94.91 102.20
CA GLN G 27 43.92 -94.48 103.57
C GLN G 27 45.35 -94.77 104.00
N PHE G 28 46.27 -94.90 103.04
CA PHE G 28 47.66 -95.22 103.36
C PHE G 28 48.34 -94.03 104.01
N ASP G 29 48.80 -94.20 105.24
CA ASP G 29 49.46 -93.13 105.99
C ASP G 29 50.91 -93.01 105.53
N VAL G 30 51.16 -92.08 104.61
CA VAL G 30 52.52 -91.89 104.10
C VAL G 30 53.45 -91.43 105.24
N THR G 31 54.71 -91.83 105.15
CA THR G 31 55.70 -91.32 106.09
C THR G 31 55.79 -89.81 105.92
N PRO G 32 55.90 -89.04 107.00
CA PRO G 32 55.97 -87.58 106.86
C PRO G 32 57.18 -87.15 106.05
N GLU G 33 57.20 -85.88 105.69
CA GLU G 33 58.26 -85.33 104.85
C GLU G 33 59.42 -84.84 105.69
N MET G 34 60.60 -84.80 105.05
CA MET G 34 61.82 -84.33 105.69
C MET G 34 62.47 -83.31 104.79
N GLN G 35 63.06 -82.28 105.41
CA GLN G 35 63.70 -81.22 104.65
C GLN G 35 65.11 -81.67 104.26
N ILE G 36 65.18 -82.39 103.16
CA ILE G 36 66.46 -82.87 102.63
C ILE G 36 67.11 -81.73 101.84
N PRO G 37 68.40 -81.45 102.06
CA PRO G 37 69.03 -80.33 101.33
C PRO G 37 69.08 -80.59 99.83
N GLY G 38 69.22 -79.49 99.09
CA GLY G 38 69.41 -79.55 97.66
C GLY G 38 68.22 -80.02 96.88
N ARG G 39 67.02 -79.53 97.20
CA ARG G 39 65.84 -79.87 96.41
C ARG G 39 65.94 -79.25 95.03
N VAL G 40 65.70 -80.05 94.01
CA VAL G 40 65.64 -79.57 92.63
C VAL G 40 64.17 -79.39 92.27
N ASN G 41 63.86 -78.29 91.59
CA ASN G 41 62.51 -78.04 91.10
C ASN G 41 62.44 -78.00 89.58
N ASN G 42 63.54 -77.67 88.90
CA ASN G 42 63.58 -77.61 87.44
C ASN G 42 64.93 -78.10 86.97
N LEU G 43 64.95 -78.77 85.82
CA LEU G 43 66.22 -79.27 85.29
C LEU G 43 67.13 -78.14 84.83
N MET G 44 66.59 -76.94 84.64
CA MET G 44 67.45 -75.78 84.37
C MET G 44 68.30 -75.46 85.59
N GLU G 45 67.82 -75.76 86.80
CA GLU G 45 68.67 -75.59 87.97
C GLU G 45 69.94 -76.40 87.82
N ILE G 46 69.87 -77.55 87.15
CA ILE G 46 71.05 -78.35 86.89
C ILE G 46 71.85 -77.77 85.72
N ALA G 47 71.15 -77.42 84.64
CA ALA G 47 71.83 -76.91 83.46
C ALA G 47 72.58 -75.61 83.72
N GLU G 48 72.19 -74.86 84.75
CA GLU G 48 72.85 -73.59 85.05
C GLU G 48 74.16 -73.75 85.81
N VAL G 49 74.56 -74.99 86.14
CA VAL G 49 75.74 -75.24 86.94
C VAL G 49 76.93 -75.48 86.02
N ASP G 50 78.03 -74.78 86.28
CA ASP G 50 79.22 -74.95 85.47
C ASP G 50 79.73 -76.39 85.56
N SER G 51 80.11 -76.94 84.41
CA SER G 51 80.69 -78.28 84.34
C SER G 51 81.83 -78.26 83.33
N VAL G 52 82.89 -79.03 83.61
CA VAL G 52 84.08 -78.95 82.79
C VAL G 52 83.76 -79.44 81.38
N VAL G 53 84.34 -78.77 80.39
CA VAL G 53 84.07 -79.05 78.98
C VAL G 53 85.24 -79.83 78.40
N PRO G 54 84.99 -80.97 77.74
CA PRO G 54 86.10 -81.71 77.12
C PRO G 54 86.50 -81.12 75.77
N VAL G 55 87.18 -79.98 75.81
CA VAL G 55 87.54 -79.30 74.56
C VAL G 55 88.55 -80.13 73.77
N ASN G 56 89.41 -80.89 74.46
CA ASN G 56 90.44 -81.68 73.79
C ASN G 56 89.92 -83.11 73.59
N ASN G 57 88.94 -83.24 72.71
CA ASN G 57 88.28 -84.52 72.47
C ASN G 57 89.17 -85.53 71.75
N THR G 58 90.41 -85.19 71.45
CA THR G 58 91.32 -86.08 70.74
C THR G 58 91.16 -87.51 71.20
N GLU G 59 90.99 -88.42 70.24
CA GLU G 59 90.84 -89.85 70.48
C GLU G 59 91.61 -90.34 71.69
N ALA G 60 92.88 -89.95 71.80
CA ALA G 60 93.72 -90.46 72.88
C ALA G 60 93.42 -89.77 74.20
N ASN G 61 93.01 -88.51 74.18
CA ASN G 61 92.74 -87.77 75.41
C ASN G 61 91.35 -88.00 75.96
N VAL G 62 90.42 -88.50 75.14
CA VAL G 62 89.02 -88.61 75.57
C VAL G 62 88.87 -89.57 76.75
N ASN G 63 89.71 -90.62 76.80
CA ASN G 63 89.65 -91.60 77.90
C ASN G 63 90.59 -91.24 79.04
N SER G 64 90.77 -89.96 79.30
CA SER G 64 91.68 -89.46 80.33
C SER G 64 91.23 -88.06 80.70
N LEU G 65 91.76 -87.57 81.81
CA LEU G 65 91.52 -86.17 82.16
C LEU G 65 92.20 -85.21 81.19
N LYS G 66 93.05 -85.71 80.29
CA LYS G 66 93.62 -84.87 79.26
C LYS G 66 92.57 -84.32 78.32
N ALA G 67 91.38 -84.92 78.30
CA ALA G 67 90.30 -84.39 77.47
C ALA G 67 89.94 -82.98 77.88
N TYR G 68 89.94 -82.70 79.18
CA TYR G 68 89.51 -81.41 79.71
C TYR G 68 90.60 -80.35 79.70
N GLN G 69 91.80 -80.68 79.25
CA GLN G 69 92.94 -79.76 79.32
C GLN G 69 93.11 -79.07 77.97
N ILE G 70 93.07 -77.74 77.98
CA ILE G 70 93.32 -76.92 76.79
C ILE G 70 94.78 -76.48 76.85
N PRO G 71 95.65 -76.98 75.98
CA PRO G 71 97.07 -76.62 76.07
C PRO G 71 97.31 -75.20 75.57
N VAL G 72 98.09 -74.44 76.33
CA VAL G 72 98.61 -73.15 75.87
C VAL G 72 100.09 -73.10 76.20
N GLN G 73 100.86 -72.40 75.38
CA GLN G 73 102.30 -72.38 75.53
C GLN G 73 102.84 -71.03 75.11
N SER G 74 104.02 -70.71 75.61
CA SER G 74 104.73 -69.52 75.15
C SER G 74 105.27 -69.79 73.75
N ASN G 75 104.80 -69.03 72.76
CA ASN G 75 105.14 -69.25 71.37
C ASN G 75 105.92 -68.07 70.81
N SER G 76 106.63 -68.34 69.71
CA SER G 76 107.26 -67.30 68.91
C SER G 76 106.31 -66.68 67.89
N ASP G 77 105.15 -67.26 67.68
CA ASP G 77 104.18 -66.75 66.72
C ASP G 77 103.53 -65.49 67.28
N ASN G 78 102.45 -65.06 66.64
CA ASN G 78 101.77 -63.82 67.00
C ASN G 78 100.30 -64.03 67.33
N GLY G 79 99.55 -64.75 66.51
CA GLY G 79 98.14 -64.93 66.74
C GLY G 79 97.65 -66.35 66.51
N LYS G 80 98.35 -67.33 67.05
CA LYS G 80 97.98 -68.72 66.83
C LYS G 80 96.66 -69.04 67.53
N GLN G 81 95.75 -69.68 66.80
CA GLN G 81 94.51 -70.17 67.39
C GLN G 81 94.81 -71.13 68.53
N VAL G 82 94.06 -71.00 69.63
CA VAL G 82 94.19 -71.92 70.75
C VAL G 82 93.21 -73.08 70.61
N PHE G 83 91.96 -72.79 70.27
CA PHE G 83 90.96 -73.83 70.04
C PHE G 83 89.81 -73.22 69.24
N GLY G 84 88.97 -74.10 68.71
CA GLY G 84 87.77 -73.66 68.04
C GLY G 84 86.74 -74.77 67.92
N PHE G 85 85.57 -74.56 68.51
CA PHE G 85 84.49 -75.53 68.35
C PHE G 85 83.19 -74.82 67.97
N PRO G 86 82.30 -75.52 67.28
CA PRO G 86 80.99 -74.93 66.97
C PRO G 86 80.12 -74.86 68.20
N LEU G 87 79.12 -73.97 68.14
CA LEU G 87 78.21 -73.74 69.25
C LEU G 87 77.00 -74.67 69.18
N GLN G 88 77.26 -75.97 69.08
CA GLN G 88 76.19 -76.97 69.13
C GLN G 88 76.13 -77.58 70.52
N PRO G 89 75.47 -76.93 71.48
CA PRO G 89 75.49 -77.46 72.85
C PRO G 89 74.96 -78.86 72.98
N GLY G 90 74.03 -79.27 72.12
CA GLY G 90 73.38 -80.56 72.27
C GLY G 90 73.82 -81.61 71.27
N ALA G 91 74.55 -81.21 70.23
CA ALA G 91 74.92 -82.12 69.15
C ALA G 91 76.41 -82.40 69.10
N ASN G 92 77.25 -81.37 69.03
CA ASN G 92 78.67 -81.59 68.85
C ASN G 92 79.29 -82.22 70.09
N GLY G 93 80.35 -83.01 69.86
CA GLY G 93 80.95 -83.76 70.95
C GLY G 93 81.56 -82.88 72.03
N VAL G 94 81.96 -81.66 71.69
CA VAL G 94 82.64 -80.82 72.68
C VAL G 94 81.71 -80.53 73.84
N LEU G 95 80.41 -80.35 73.57
CA LEU G 95 79.46 -79.95 74.61
C LEU G 95 78.30 -80.91 74.79
N ASN G 96 78.08 -81.86 73.88
CA ASN G 96 76.87 -82.68 73.95
C ASN G 96 76.79 -83.47 75.25
N ARG G 97 77.93 -83.78 75.87
CA ARG G 97 77.97 -84.58 77.08
C ARG G 97 78.24 -83.77 78.35
N THR G 98 78.37 -82.45 78.23
CA THR G 98 78.40 -81.59 79.40
C THR G 98 77.12 -81.78 80.21
N LEU G 99 77.08 -81.19 81.40
CA LEU G 99 75.81 -81.15 82.14
C LEU G 99 74.72 -80.54 81.27
N LEU G 100 75.02 -79.36 80.71
CA LEU G 100 74.06 -78.66 79.85
C LEU G 100 73.65 -79.54 78.68
N GLY G 101 74.61 -80.16 78.01
CA GLY G 101 74.28 -80.97 76.85
C GLY G 101 73.49 -82.22 77.20
N GLU G 102 73.81 -82.83 78.34
CA GLU G 102 73.07 -84.00 78.79
C GLU G 102 71.62 -83.65 79.05
N ILE G 103 71.36 -82.49 79.67
CA ILE G 103 69.98 -82.06 79.84
C ILE G 103 69.35 -81.73 78.50
N LEU G 104 70.10 -81.08 77.60
CA LEU G 104 69.57 -80.71 76.31
C LEU G 104 69.13 -81.92 75.49
N ASN G 105 69.84 -83.04 75.63
CA ASN G 105 69.53 -84.22 74.84
C ASN G 105 68.24 -84.91 75.26
N TYR G 106 67.61 -84.46 76.36
CA TYR G 106 66.28 -84.92 76.71
C TYR G 106 65.18 -84.04 76.13
N TYR G 107 65.54 -82.92 75.49
CA TYR G 107 64.59 -82.00 74.89
C TYR G 107 65.01 -81.77 73.44
N THR G 108 64.04 -81.33 72.62
CA THR G 108 64.30 -81.18 71.18
C THR G 108 64.72 -79.76 70.81
N HIS G 109 64.13 -78.76 71.44
CA HIS G 109 64.41 -77.36 71.14
C HIS G 109 65.09 -76.69 72.32
N TRP G 110 65.95 -75.72 72.02
CA TRP G 110 66.66 -74.98 73.05
C TRP G 110 66.87 -73.54 72.62
N SER G 111 67.01 -72.66 73.60
CA SER G 111 67.16 -71.23 73.36
C SER G 111 67.78 -70.59 74.59
N GLY G 112 68.73 -69.70 74.38
CA GLY G 112 69.28 -68.91 75.46
C GLY G 112 70.74 -68.63 75.26
N SER G 113 71.30 -67.88 76.21
CA SER G 113 72.71 -67.53 76.23
C SER G 113 73.50 -68.58 77.00
N ILE G 114 74.82 -68.55 76.83
CA ILE G 114 75.67 -69.60 77.38
C ILE G 114 76.91 -68.98 78.01
N LYS G 115 77.25 -69.40 79.22
CA LYS G 115 78.47 -68.97 79.89
C LYS G 115 79.57 -69.96 79.59
N LEU G 116 80.67 -69.46 79.01
CA LEU G 116 81.91 -70.20 78.83
C LEU G 116 82.94 -69.60 79.79
N THR G 117 83.19 -70.28 80.90
CA THR G 117 84.18 -69.84 81.87
C THR G 117 85.51 -70.50 81.57
N PHE G 118 86.57 -69.70 81.48
CA PHE G 118 87.90 -70.18 81.18
C PHE G 118 88.81 -69.90 82.37
N MET G 119 89.42 -70.95 82.91
CA MET G 119 90.29 -70.85 84.08
C MET G 119 91.70 -71.27 83.71
N PHE G 120 92.66 -70.40 83.97
CA PHE G 120 94.06 -70.63 83.65
C PHE G 120 94.75 -71.31 84.83
N CYS G 121 95.25 -72.53 84.61
CA CYS G 121 95.87 -73.32 85.68
C CYS G 121 97.37 -73.39 85.52
N GLY G 122 98.00 -72.31 85.04
CA GLY G 122 99.43 -72.24 84.90
C GLY G 122 100.09 -71.77 86.18
N SER G 123 101.38 -71.45 86.06
CA SER G 123 102.13 -70.96 87.21
C SER G 123 101.67 -69.57 87.60
N ALA G 124 101.83 -69.23 88.87
CA ALA G 124 101.49 -67.90 89.33
C ALA G 124 102.35 -66.82 88.68
N MET G 125 103.50 -67.21 88.11
CA MET G 125 104.41 -66.25 87.50
C MET G 125 104.15 -66.04 86.02
N ALA G 126 103.31 -66.86 85.41
CA ALA G 126 103.01 -66.74 83.98
C ALA G 126 101.95 -65.66 83.75
N THR G 127 102.08 -64.98 82.62
CA THR G 127 101.11 -64.00 82.17
C THR G 127 100.83 -64.23 80.69
N GLY G 128 99.86 -63.47 80.18
CA GLY G 128 99.50 -63.55 78.78
C GLY G 128 98.17 -62.87 78.55
N LYS G 129 97.76 -62.86 77.28
CA LYS G 129 96.46 -62.30 76.93
C LYS G 129 95.88 -63.11 75.78
N PHE G 130 94.58 -63.37 75.86
CA PHE G 130 93.89 -64.19 74.88
C PHE G 130 92.68 -63.45 74.33
N LEU G 131 92.27 -63.85 73.12
CA LEU G 131 91.08 -63.32 72.46
C LEU G 131 90.07 -64.46 72.36
N LEU G 132 89.00 -64.37 73.15
CA LEU G 132 87.91 -65.33 73.14
C LEU G 132 86.79 -64.74 72.30
N ALA G 133 86.50 -65.36 71.16
CA ALA G 133 85.56 -64.77 70.21
C ALA G 133 84.46 -65.75 69.84
N TYR G 134 83.23 -65.23 69.79
CA TYR G 134 82.07 -65.93 69.25
C TYR G 134 81.69 -65.27 67.94
N SER G 135 81.86 -66.00 66.84
CA SER G 135 81.51 -65.50 65.52
C SER G 135 80.18 -66.13 65.10
N PRO G 136 79.11 -65.35 64.94
CA PRO G 136 77.83 -65.91 64.50
C PRO G 136 77.96 -66.61 63.15
N PRO G 137 77.01 -67.46 62.80
CA PRO G 137 77.11 -68.23 61.56
C PRO G 137 76.98 -67.38 60.31
N GLY G 138 77.04 -68.00 59.15
CA GLY G 138 76.90 -67.30 57.89
C GLY G 138 78.24 -67.18 57.20
N ALA G 139 79.26 -66.78 57.95
CA ALA G 139 80.62 -66.82 57.47
C ALA G 139 81.24 -68.15 57.87
N GLY G 140 82.52 -68.31 57.54
CA GLY G 140 83.25 -69.48 57.97
C GLY G 140 83.81 -69.33 59.37
N VAL G 141 84.39 -70.41 59.86
CA VAL G 141 85.11 -70.30 61.14
C VAL G 141 86.24 -69.29 60.95
N PRO G 142 86.37 -68.28 61.83
CA PRO G 142 87.47 -67.32 61.65
C PRO G 142 88.81 -68.03 61.53
N LYS G 143 89.53 -67.76 60.44
CA LYS G 143 90.82 -68.39 60.20
C LYS G 143 91.96 -67.62 60.84
N ASN G 144 91.80 -66.32 61.06
CA ASN G 144 92.81 -65.51 61.73
C ASN G 144 92.16 -64.73 62.86
N ARG G 145 93.02 -64.32 63.81
CA ARG G 145 92.56 -63.44 64.86
C ARG G 145 91.91 -62.18 64.28
N LYS G 146 92.40 -61.71 63.13
CA LYS G 146 91.76 -60.57 62.48
C LYS G 146 90.34 -60.90 62.08
N ASP G 147 90.11 -62.09 61.51
CA ASP G 147 88.75 -62.48 61.15
C ASP G 147 87.87 -62.60 62.39
N ALA G 148 88.39 -63.19 63.47
CA ALA G 148 87.62 -63.30 64.71
C ALA G 148 87.37 -61.93 65.34
N MET G 149 88.22 -60.96 65.05
CA MET G 149 88.13 -59.63 65.66
C MET G 149 86.80 -58.93 65.38
N LEU G 150 86.11 -59.30 64.30
CA LEU G 150 84.93 -58.58 63.87
C LEU G 150 83.65 -59.05 64.56
N GLY G 151 83.71 -60.15 65.31
CA GLY G 151 82.56 -60.65 66.02
C GLY G 151 82.68 -60.44 67.52
N THR G 152 81.60 -60.76 68.22
CA THR G 152 81.57 -60.65 69.67
C THR G 152 82.79 -61.36 70.27
N HIS G 153 83.64 -60.60 70.94
CA HIS G 153 84.88 -61.15 71.46
C HIS G 153 85.29 -60.43 72.74
N VAL G 154 86.27 -61.04 73.43
CA VAL G 154 86.74 -60.60 74.74
C VAL G 154 88.25 -60.74 74.77
N ILE G 155 88.92 -59.72 75.30
CA ILE G 155 90.35 -59.79 75.59
C ILE G 155 90.51 -60.17 77.05
N TRP G 156 91.11 -61.32 77.29
CA TRP G 156 91.27 -61.91 78.63
C TRP G 156 92.74 -61.83 79.01
N ASP G 157 93.04 -61.01 80.01
CA ASP G 157 94.40 -60.91 80.55
C ASP G 157 94.56 -61.96 81.64
N VAL G 158 95.55 -62.83 81.48
CA VAL G 158 95.78 -63.89 82.45
C VAL G 158 96.34 -63.30 83.74
N GLY G 159 97.17 -62.27 83.63
CA GLY G 159 97.88 -61.75 84.80
C GLY G 159 96.93 -61.28 85.89
N LEU G 160 95.93 -60.49 85.52
CA LEU G 160 95.06 -59.90 86.54
C LEU G 160 94.10 -60.93 87.11
N GLN G 161 93.43 -61.68 86.25
CA GLN G 161 92.44 -62.66 86.70
C GLN G 161 92.74 -64.02 86.07
N SER G 162 92.50 -65.08 86.85
CA SER G 162 92.68 -66.44 86.41
C SER G 162 91.44 -67.00 85.72
N SER G 163 90.25 -66.54 86.11
CA SER G 163 88.99 -66.94 85.50
C SER G 163 88.44 -65.80 84.67
N CYS G 164 87.87 -66.14 83.51
CA CYS G 164 87.28 -65.16 82.60
C CYS G 164 86.05 -65.77 81.95
N VAL G 165 84.93 -65.05 81.98
CA VAL G 165 83.66 -65.56 81.46
C VAL G 165 83.36 -64.88 80.13
N LEU G 166 83.24 -65.67 79.07
CA LEU G 166 82.69 -65.22 77.80
C LEU G 166 81.22 -65.62 77.78
N CYS G 167 80.35 -64.63 77.73
CA CYS G 167 78.90 -64.87 77.77
C CYS G 167 78.37 -64.78 76.35
N VAL G 168 78.20 -65.95 75.72
CA VAL G 168 77.71 -66.04 74.35
C VAL G 168 76.24 -65.65 74.30
N PRO G 169 75.87 -64.61 73.55
CA PRO G 169 74.46 -64.20 73.48
C PRO G 169 73.67 -65.05 72.51
N TRP G 170 72.35 -64.94 72.64
CA TRP G 170 71.41 -65.64 71.76
C TRP G 170 71.15 -64.75 70.56
N ILE G 171 71.88 -64.98 69.48
CA ILE G 171 71.72 -64.24 68.23
C ILE G 171 71.25 -65.25 67.20
N SER G 172 69.94 -65.34 67.01
CA SER G 172 69.34 -66.34 66.13
C SER G 172 68.17 -65.74 65.37
N GLN G 173 67.94 -66.27 64.17
CA GLN G 173 66.77 -65.84 63.42
C GLN G 173 65.49 -66.27 64.13
N THR G 174 65.50 -67.43 64.77
CA THR G 174 64.31 -67.99 65.40
C THR G 174 64.35 -67.79 66.91
N HIS G 175 63.19 -68.05 67.53
CA HIS G 175 63.13 -67.99 68.99
C HIS G 175 63.83 -69.18 69.63
N TYR G 176 63.91 -70.30 68.92
CA TYR G 176 64.59 -71.49 69.40
C TYR G 176 65.48 -72.06 68.30
N ARG G 177 66.30 -73.03 68.68
CA ARG G 177 67.14 -73.76 67.75
C ARG G 177 67.01 -75.25 68.06
N TYR G 178 67.25 -76.07 67.05
CA TYR G 178 67.16 -77.52 67.23
C TYR G 178 68.35 -78.01 68.04
N VAL G 179 68.07 -78.85 69.05
CA VAL G 179 69.14 -79.50 69.79
C VAL G 179 69.96 -80.36 68.85
N VAL G 180 69.30 -81.00 67.88
CA VAL G 180 69.99 -81.81 66.89
C VAL G 180 70.55 -80.89 65.80
N GLU G 181 71.60 -81.36 65.13
CA GLU G 181 72.31 -80.53 64.16
C GLU G 181 71.41 -80.25 62.96
N ASP G 182 71.11 -78.97 62.73
CA ASP G 182 70.41 -78.53 61.53
C ASP G 182 71.01 -77.20 61.10
N GLU G 183 71.42 -77.10 59.83
CA GLU G 183 72.08 -75.87 59.39
C GLU G 183 71.17 -74.67 59.58
N TYR G 184 69.88 -74.83 59.30
CA TYR G 184 68.92 -73.74 59.50
C TYR G 184 69.12 -73.11 60.87
N THR G 185 69.09 -73.93 61.93
CA THR G 185 69.36 -73.49 63.29
C THR G 185 70.86 -73.42 63.60
N ALA G 186 71.66 -72.95 62.65
CA ALA G 186 73.09 -72.76 62.86
C ALA G 186 73.33 -71.99 64.14
N ALA G 187 74.54 -72.08 64.69
CA ALA G 187 74.82 -71.45 65.96
C ALA G 187 76.03 -70.53 65.93
N GLY G 188 77.06 -70.88 65.16
CA GLY G 188 78.25 -70.06 65.07
C GLY G 188 79.49 -70.88 65.35
N TYR G 189 80.59 -70.17 65.61
CA TYR G 189 81.86 -70.80 65.94
C TYR G 189 82.52 -70.03 67.07
N ILE G 190 83.05 -70.75 68.05
CA ILE G 190 83.70 -70.16 69.21
C ILE G 190 85.18 -70.51 69.13
N THR G 191 86.02 -69.47 69.04
CA THR G 191 87.45 -69.62 68.83
C THR G 191 88.21 -68.87 69.91
N CYS G 192 89.46 -69.27 70.11
CA CYS G 192 90.38 -68.60 71.02
C CYS G 192 91.71 -68.37 70.31
N TRP G 193 92.32 -67.22 70.56
CA TRP G 193 93.53 -66.81 69.85
C TRP G 193 94.49 -66.17 70.83
N TYR G 194 95.78 -66.20 70.49
CA TYR G 194 96.78 -65.53 71.31
C TYR G 194 96.75 -64.04 71.02
N GLN G 195 96.39 -63.25 72.02
CA GLN G 195 96.42 -61.79 71.94
C GLN G 195 97.80 -61.25 72.31
N THR G 196 98.42 -61.84 73.33
CA THR G 196 99.81 -61.54 73.68
C THR G 196 100.41 -62.81 74.27
N ASN G 197 101.53 -63.23 73.67
CA ASN G 197 102.18 -64.50 74.00
C ASN G 197 102.41 -64.66 75.50
N ILE G 198 102.18 -65.89 75.98
CA ILE G 198 102.42 -66.23 77.38
C ILE G 198 103.88 -65.99 77.74
N VAL G 199 104.13 -64.96 78.54
CA VAL G 199 105.48 -64.65 79.01
C VAL G 199 105.66 -65.27 80.38
N VAL G 200 106.74 -66.02 80.56
CA VAL G 200 107.04 -66.71 81.81
C VAL G 200 108.47 -66.36 82.21
N PRO G 201 108.81 -66.31 83.51
CA PRO G 201 110.21 -66.05 83.88
C PRO G 201 111.08 -67.28 83.73
N ALA G 202 112.34 -67.18 84.16
CA ALA G 202 113.22 -68.33 84.18
C ALA G 202 112.79 -69.30 85.27
N ASP G 203 113.08 -70.59 85.04
CA ASP G 203 112.82 -71.63 86.04
C ASP G 203 111.33 -71.76 86.34
N VAL G 204 110.48 -71.45 85.36
CA VAL G 204 109.05 -71.64 85.46
C VAL G 204 108.59 -72.33 84.19
N GLN G 205 107.57 -73.18 84.31
CA GLN G 205 107.11 -73.96 83.17
C GLN G 205 106.45 -73.05 82.14
N SER G 206 106.84 -73.21 80.88
CA SER G 206 106.36 -72.36 79.82
C SER G 206 105.07 -72.86 79.18
N SER G 207 104.73 -74.13 79.38
CA SER G 207 103.51 -74.72 78.83
C SER G 207 102.53 -74.96 79.98
N CYS G 208 101.33 -74.41 79.85
CA CYS G 208 100.31 -74.48 80.89
C CYS G 208 99.01 -75.00 80.28
N ASP G 209 98.01 -75.17 81.14
CA ASP G 209 96.72 -75.70 80.72
C ASP G 209 95.61 -74.76 81.14
N ILE G 210 94.49 -74.87 80.44
CA ILE G 210 93.28 -74.10 80.71
C ILE G 210 92.10 -75.06 80.80
N LEU G 211 91.16 -74.74 81.68
CA LEU G 211 89.93 -75.52 81.83
C LEU G 211 88.75 -74.67 81.37
N CYS G 212 87.83 -75.29 80.65
CA CYS G 212 86.62 -74.63 80.18
C CYS G 212 85.40 -75.23 80.86
N PHE G 213 84.49 -74.36 81.27
CA PHE G 213 83.24 -74.74 81.92
C PHE G 213 82.07 -74.12 81.17
N VAL G 214 81.00 -74.88 81.01
CA VAL G 214 79.81 -74.43 80.30
C VAL G 214 78.64 -74.41 81.26
N SER G 215 77.85 -73.34 81.21
CA SER G 215 76.58 -73.32 81.90
C SER G 215 75.60 -72.47 81.11
N ALA G 216 74.34 -72.52 81.51
CA ALA G 216 73.29 -71.71 80.91
C ALA G 216 73.06 -70.47 81.75
N CYS G 217 72.67 -69.38 81.08
CA CYS G 217 72.38 -68.12 81.73
C CYS G 217 70.94 -68.10 82.23
N ASN G 218 70.54 -66.98 82.82
CA ASN G 218 69.18 -66.84 83.34
C ASN G 218 68.12 -66.87 82.24
N ASP G 219 68.51 -66.78 80.98
CA ASP G 219 67.55 -66.70 79.88
C ASP G 219 67.68 -67.92 78.98
N PHE G 220 67.56 -69.12 79.56
CA PHE G 220 67.74 -70.37 78.84
C PHE G 220 66.58 -71.31 79.18
N SER G 221 66.03 -71.95 78.16
CA SER G 221 64.85 -72.80 78.34
C SER G 221 64.87 -73.89 77.28
N VAL G 222 64.16 -74.99 77.57
CA VAL G 222 64.12 -76.15 76.69
C VAL G 222 62.67 -76.55 76.45
N ARG G 223 62.47 -77.37 75.42
CA ARG G 223 61.14 -77.66 74.92
C ARG G 223 61.11 -79.01 74.21
N MET G 224 59.90 -79.54 74.05
CA MET G 224 59.64 -80.76 73.28
C MET G 224 60.44 -81.94 73.85
N LEU G 225 60.02 -82.34 75.05
CA LEU G 225 60.67 -83.41 75.79
C LEU G 225 60.79 -84.67 74.94
N LYS G 226 61.93 -85.35 75.07
CA LYS G 226 62.19 -86.58 74.33
C LYS G 226 63.16 -87.45 75.13
N ASP G 227 63.42 -88.65 74.61
CA ASP G 227 64.35 -89.59 75.22
C ASP G 227 65.77 -89.31 74.72
N THR G 228 66.74 -89.54 75.60
CA THR G 228 68.12 -89.31 75.22
C THR G 228 68.62 -90.46 74.33
N PRO G 229 69.43 -90.17 73.32
CA PRO G 229 70.03 -91.25 72.52
C PRO G 229 71.24 -91.89 73.18
N PHE G 230 71.69 -91.38 74.32
CA PHE G 230 72.92 -91.85 74.96
C PHE G 230 72.75 -93.19 75.64
N ILE G 231 71.54 -93.51 76.11
CA ILE G 231 71.26 -94.73 76.86
C ILE G 231 70.75 -95.79 75.88
N ARG G 232 71.28 -97.01 75.99
CA ARG G 232 70.93 -98.10 75.10
C ARG G 232 70.68 -99.37 75.91
N GLN G 233 69.77 -100.20 75.42
CA GLN G 233 69.42 -101.46 76.06
C GLN G 233 69.11 -102.52 75.01
N ASP G 234 69.64 -103.73 75.21
CA ASP G 234 69.28 -104.89 74.40
C ASP G 234 68.32 -105.81 75.12
N THR G 235 68.55 -106.06 76.41
CA THR G 235 67.71 -106.94 77.22
C THR G 235 67.59 -106.33 78.61
N PHE G 236 66.57 -106.79 79.34
CA PHE G 236 66.37 -106.29 80.70
C PHE G 236 67.57 -106.64 81.57
N TYR G 237 68.26 -105.61 82.05
CA TYR G 237 69.38 -105.82 82.96
C TYR G 237 68.90 -106.49 84.25
N GLN G 238 69.70 -107.42 84.74
CA GLN G 238 69.31 -108.22 85.91
C GLN G 238 70.47 -108.36 86.88
N ASN H 29 39.90 -76.97 91.10
CA ASN H 29 39.75 -78.26 90.44
C ASN H 29 38.88 -79.20 91.29
N ILE H 30 38.31 -80.21 90.63
CA ILE H 30 37.42 -81.18 91.27
C ILE H 30 38.11 -82.54 91.28
N ASN H 31 38.20 -83.13 92.47
CA ASN H 31 38.80 -84.44 92.66
C ASN H 31 37.72 -85.45 92.98
N TYR H 32 37.75 -86.60 92.28
CA TYR H 32 36.72 -87.61 92.45
C TYR H 32 37.07 -88.66 93.48
N TYR H 33 38.33 -88.76 93.90
CA TYR H 33 38.80 -89.86 94.74
C TYR H 33 39.23 -89.34 96.11
N LYS H 34 39.05 -90.21 97.11
CA LYS H 34 39.24 -89.83 98.50
C LYS H 34 40.71 -89.74 98.91
N ASP H 35 41.62 -90.29 98.11
CA ASP H 35 43.04 -90.33 98.44
C ASP H 35 43.82 -89.38 97.55
N ALA H 36 44.69 -88.59 98.16
CA ALA H 36 45.41 -87.56 97.41
C ALA H 36 46.28 -88.14 96.31
N ALA H 37 46.77 -89.37 96.49
CA ALA H 37 47.59 -89.99 95.46
C ALA H 37 46.83 -90.14 94.15
N SER H 38 45.50 -90.14 94.19
CA SER H 38 44.68 -90.30 93.00
C SER H 38 44.60 -89.04 92.16
N ASN H 39 45.08 -87.91 92.67
CA ASN H 39 44.92 -86.65 91.96
C ASN H 39 45.92 -86.53 90.82
N SER H 40 45.62 -85.62 89.89
CA SER H 40 46.48 -85.38 88.75
C SER H 40 47.77 -84.69 89.19
N ALA H 41 48.71 -84.56 88.25
CA ALA H 41 50.01 -84.00 88.56
C ALA H 41 49.90 -82.52 88.92
N ASN H 42 50.88 -82.04 89.67
CA ASN H 42 50.93 -80.64 90.10
C ASN H 42 51.71 -79.83 89.07
N ARG H 43 51.05 -79.55 87.95
CA ARG H 43 51.64 -78.75 86.88
C ARG H 43 51.19 -77.30 86.91
N GLN H 44 50.34 -76.91 87.86
CA GLN H 44 49.88 -75.54 87.98
C GLN H 44 49.62 -75.18 89.44
N HIS I 42 52.11 -91.89 111.99
CA HIS I 42 51.35 -91.38 113.12
C HIS I 42 49.94 -91.98 113.16
N SER I 43 49.17 -91.74 112.10
CA SER I 43 47.78 -92.13 112.09
C SER I 43 47.64 -93.65 111.99
N ARG I 44 46.65 -94.18 112.70
CA ARG I 44 46.27 -95.58 112.61
C ARG I 44 45.18 -95.82 111.59
N SER I 45 45.12 -94.98 110.56
CA SER I 45 43.96 -94.97 109.68
C SER I 45 43.75 -96.31 108.99
N GLU I 46 44.80 -96.84 108.37
CA GLU I 46 44.64 -98.06 107.58
C GLU I 46 44.31 -99.27 108.44
N SER I 47 44.40 -99.16 109.77
CA SER I 47 44.10 -100.27 110.66
C SER I 47 42.67 -100.22 111.20
N SER I 48 41.84 -99.31 110.69
CA SER I 48 40.42 -99.33 111.03
C SER I 48 39.77 -100.59 110.48
N ILE I 49 38.67 -100.98 111.11
CA ILE I 49 37.97 -102.19 110.67
C ILE I 49 37.50 -102.04 109.23
N GLU I 50 37.06 -100.84 108.87
CA GLU I 50 36.58 -100.61 107.51
C GLU I 50 37.68 -100.89 106.50
N ASN I 51 38.88 -100.35 106.71
CA ASN I 51 39.97 -100.63 105.80
C ASN I 51 40.38 -102.10 105.86
N PHE I 52 40.34 -102.69 107.06
CA PHE I 52 40.80 -104.07 107.20
C PHE I 52 39.94 -105.03 106.39
N LEU I 53 38.61 -104.90 106.48
CA LEU I 53 37.72 -105.85 105.86
C LEU I 53 37.22 -105.41 104.47
N CYS I 54 37.28 -104.13 104.15
CA CYS I 54 36.68 -103.61 102.92
C CYS I 54 37.67 -103.76 101.77
N ARG I 55 37.92 -105.02 101.41
CA ARG I 55 38.69 -105.37 100.22
C ARG I 55 38.09 -106.64 99.66
N ALA I 56 37.87 -106.66 98.34
CA ALA I 56 37.18 -107.79 97.72
C ALA I 56 37.96 -109.08 97.96
N ALA I 57 37.20 -110.18 98.11
CA ALA I 57 37.78 -111.48 98.41
C ALA I 57 36.93 -112.57 97.77
N CYS I 58 37.58 -113.51 97.11
CA CYS I 58 36.86 -114.61 96.48
C CYS I 58 36.35 -115.56 97.56
N VAL I 59 35.03 -115.65 97.73
CA VAL I 59 34.46 -116.54 98.73
C VAL I 59 34.14 -117.92 98.18
N TYR I 60 33.98 -118.06 96.86
CA TYR I 60 33.67 -119.35 96.25
C TYR I 60 33.69 -119.18 94.73
N TYR I 61 33.91 -120.29 94.02
CA TYR I 61 33.76 -120.24 92.56
C TYR I 61 33.36 -121.61 92.05
N ALA I 62 32.44 -121.63 91.09
CA ALA I 62 31.88 -122.87 90.57
C ALA I 62 31.81 -122.82 89.05
N THR I 63 31.47 -123.96 88.47
CA THR I 63 31.52 -124.15 87.02
C THR I 63 30.20 -124.68 86.49
N TYR I 64 29.89 -124.33 85.24
CA TYR I 64 28.77 -124.92 84.53
C TYR I 64 29.11 -125.02 83.04
N THR I 65 28.29 -125.78 82.30
CA THR I 65 28.56 -126.17 80.92
C THR I 65 27.48 -125.64 80.00
N ASN I 66 27.81 -125.53 78.71
CA ASN I 66 26.89 -124.95 77.72
C ASN I 66 25.56 -125.66 77.62
N ASN I 67 25.42 -126.60 76.69
CA ASN I 67 24.15 -127.31 76.59
C ASN I 67 24.03 -128.33 77.71
N SER I 68 25.06 -129.16 77.88
CA SER I 68 25.03 -130.15 78.95
C SER I 68 23.70 -130.90 78.92
N GLU I 69 23.13 -131.13 80.09
CA GLU I 69 21.70 -131.46 80.14
C GLU I 69 21.07 -130.59 81.23
N LYS I 70 21.54 -130.77 82.46
CA LYS I 70 21.19 -129.91 83.58
C LYS I 70 22.43 -129.09 83.95
N GLY I 71 22.84 -128.21 83.04
CA GLY I 71 24.09 -127.50 83.16
C GLY I 71 24.05 -126.23 83.98
N TYR I 72 23.23 -126.21 85.03
CA TYR I 72 23.14 -125.05 85.91
C TYR I 72 23.94 -125.31 87.18
N ALA I 73 24.43 -124.22 87.78
CA ALA I 73 25.21 -124.28 89.01
C ALA I 73 24.41 -123.69 90.17
N GLU I 74 24.77 -124.10 91.39
CA GLU I 74 24.08 -123.65 92.58
C GLU I 74 25.08 -123.56 93.73
N TRP I 75 24.82 -122.64 94.67
CA TRP I 75 25.70 -122.45 95.82
C TRP I 75 24.91 -121.93 97.01
N VAL I 76 24.91 -122.68 98.11
CA VAL I 76 24.36 -122.18 99.37
C VAL I 76 25.37 -121.21 99.96
N ILE I 77 24.90 -120.00 100.26
CA ILE I 77 25.80 -118.88 100.54
C ILE I 77 26.29 -119.00 101.99
N ASN I 78 27.59 -119.27 102.14
CA ASN I 78 28.27 -119.16 103.43
C ASN I 78 29.60 -118.45 103.20
N THR I 79 30.19 -117.99 104.30
CA THR I 79 31.45 -117.24 104.25
C THR I 79 32.62 -118.05 104.82
N ARG I 80 32.45 -119.36 105.01
CA ARG I 80 33.44 -120.17 105.71
C ARG I 80 34.16 -121.15 104.81
N GLN I 81 33.89 -121.14 103.50
CA GLN I 81 34.57 -122.07 102.61
C GLN I 81 35.98 -121.62 102.28
N VAL I 82 36.25 -120.33 102.33
CA VAL I 82 37.58 -119.80 102.04
C VAL I 82 38.26 -119.45 103.35
N ALA I 83 39.59 -119.54 103.34
CA ALA I 83 40.36 -119.38 104.56
C ALA I 83 40.61 -117.91 104.88
N GLN I 84 41.02 -117.14 103.87
CA GLN I 84 41.47 -115.77 104.12
C GLN I 84 40.33 -114.91 104.69
N LEU I 85 39.23 -114.80 103.94
CA LEU I 85 38.11 -114.01 104.40
C LEU I 85 37.57 -114.53 105.72
N ARG I 86 37.52 -115.86 105.88
CA ARG I 86 36.99 -116.42 107.10
C ARG I 86 37.81 -115.98 108.31
N ARG I 87 39.13 -116.01 108.19
CA ARG I 87 39.94 -115.60 109.34
C ARG I 87 39.73 -114.11 109.64
N LYS I 88 39.74 -113.27 108.60
CA LYS I 88 39.53 -111.85 108.84
C LYS I 88 38.20 -111.59 109.54
N LEU I 89 37.14 -112.25 109.12
CA LEU I 89 35.85 -112.07 109.77
C LEU I 89 35.86 -112.65 111.17
N GLU I 90 36.53 -113.79 111.37
CA GLU I 90 36.54 -114.51 112.63
C GLU I 90 37.39 -113.85 113.70
N LEU I 91 38.20 -112.84 113.34
CA LEU I 91 38.83 -112.05 114.38
C LEU I 91 37.81 -111.35 115.29
N PHE I 92 36.52 -111.43 114.97
CA PHE I 92 35.47 -110.81 115.76
C PHE I 92 34.33 -111.81 115.93
N THR I 93 33.56 -111.64 117.01
CA THR I 93 32.46 -112.55 117.33
C THR I 93 31.15 -112.14 116.68
N TYR I 94 30.88 -110.83 116.64
CA TYR I 94 29.65 -110.31 116.04
C TYR I 94 30.00 -109.21 115.05
N LEU I 95 29.39 -109.28 113.86
CA LEU I 95 29.65 -108.30 112.82
C LEU I 95 28.33 -107.79 112.26
N ARG I 96 28.42 -106.66 111.57
CA ARG I 96 27.26 -106.01 110.96
C ARG I 96 27.77 -105.14 109.83
N PHE I 97 27.25 -105.34 108.62
CA PHE I 97 27.78 -104.64 107.46
C PHE I 97 26.91 -104.90 106.24
N ASP I 98 27.02 -104.00 105.27
CA ASP I 98 26.50 -104.22 103.92
C ASP I 98 27.56 -104.94 103.10
N LEU I 99 27.17 -105.41 101.91
CA LEU I 99 28.08 -106.20 101.08
C LEU I 99 28.17 -105.64 99.68
N GLU I 100 29.37 -105.69 99.10
CA GLU I 100 29.61 -105.45 97.69
C GLU I 100 29.94 -106.79 97.05
N LEU I 101 29.08 -107.24 96.14
CA LEU I 101 29.21 -108.49 95.43
C LEU I 101 29.79 -108.21 94.06
N THR I 102 30.93 -108.81 93.75
CA THR I 102 31.52 -108.71 92.43
C THR I 102 31.61 -110.11 91.83
N PHE I 103 31.12 -110.29 90.61
CA PHE I 103 31.18 -111.59 89.96
C PHE I 103 32.18 -111.53 88.81
N VAL I 104 33.13 -112.44 88.83
CA VAL I 104 34.10 -112.58 87.74
C VAL I 104 33.79 -113.91 87.04
N ILE I 105 33.20 -113.83 85.85
CA ILE I 105 32.73 -115.00 85.12
C ILE I 105 33.57 -115.13 83.85
N THR I 106 34.27 -116.26 83.73
CA THR I 106 35.15 -116.51 82.60
C THR I 106 34.84 -117.87 81.99
N SER I 107 34.81 -117.93 80.66
CA SER I 107 34.48 -119.16 79.96
C SER I 107 35.65 -119.61 79.12
N ALA I 108 35.59 -120.86 78.69
CA ALA I 108 36.66 -121.49 77.94
C ALA I 108 36.06 -122.53 77.00
N GLN I 109 36.64 -122.64 75.81
CA GLN I 109 36.17 -123.62 74.84
C GLN I 109 36.58 -125.02 75.26
N GLN I 110 35.65 -125.94 75.24
CA GLN I 110 35.95 -127.33 75.49
C GLN I 110 36.04 -128.07 74.16
N PRO I 111 36.72 -129.22 74.12
CA PRO I 111 36.96 -129.89 72.83
C PRO I 111 35.66 -130.27 72.14
N SER I 112 35.72 -130.29 70.81
CA SER I 112 34.57 -130.60 69.97
C SER I 112 35.03 -131.22 68.67
N THR I 113 34.07 -131.79 67.95
CA THR I 113 34.35 -132.53 66.72
C THR I 113 33.95 -131.78 65.45
N ALA I 114 33.37 -130.59 65.56
CA ALA I 114 32.88 -129.87 64.40
C ALA I 114 34.00 -129.05 63.76
N THR I 115 33.77 -128.64 62.53
CA THR I 115 34.72 -127.85 61.77
C THR I 115 34.47 -126.37 62.05
N SER I 116 35.51 -125.68 62.53
CA SER I 116 35.46 -124.25 62.83
C SER I 116 34.17 -123.84 63.54
N VAL I 117 34.12 -124.05 64.85
CA VAL I 117 32.99 -123.62 65.67
C VAL I 117 33.13 -122.11 65.92
N ASP I 118 32.07 -121.36 65.63
CA ASP I 118 32.04 -119.91 65.83
C ASP I 118 31.31 -119.60 67.12
N ALA I 119 32.00 -118.93 68.04
CA ALA I 119 31.41 -118.58 69.33
C ALA I 119 30.65 -117.26 69.19
N PRO I 120 29.33 -117.25 69.31
CA PRO I 120 28.63 -115.97 69.51
C PRO I 120 28.85 -115.52 70.94
N VAL I 121 28.62 -114.22 71.17
CA VAL I 121 28.82 -113.68 72.51
C VAL I 121 27.93 -114.41 73.50
N GLN I 122 28.47 -114.70 74.68
CA GLN I 122 27.78 -115.50 75.69
C GLN I 122 27.24 -114.61 76.80
N THR I 123 25.97 -114.79 77.12
CA THR I 123 25.33 -114.09 78.23
C THR I 123 25.04 -115.09 79.35
N HIS I 124 25.12 -114.61 80.58
CA HIS I 124 24.90 -115.43 81.76
C HIS I 124 23.82 -114.81 82.62
N GLN I 125 23.13 -115.66 83.38
CA GLN I 125 22.17 -115.24 84.39
C GLN I 125 22.57 -115.80 85.74
N ILE I 126 22.63 -114.92 86.75
CA ILE I 126 22.86 -115.29 88.13
C ILE I 126 21.59 -114.95 88.90
N MET I 127 20.91 -115.96 89.42
CA MET I 127 19.65 -115.79 90.14
C MET I 127 19.87 -116.03 91.62
N TYR I 128 19.23 -115.23 92.47
CA TYR I 128 19.28 -115.43 93.92
C TYR I 128 17.93 -115.99 94.37
N VAL I 129 17.95 -117.15 95.00
CA VAL I 129 16.74 -117.75 95.56
C VAL I 129 16.80 -117.59 97.07
N PRO I 130 16.13 -116.60 97.66
CA PRO I 130 16.09 -116.50 99.11
C PRO I 130 15.52 -117.76 99.73
N PRO I 131 15.86 -118.05 100.99
CA PRO I 131 15.38 -119.29 101.61
C PRO I 131 13.87 -119.44 101.55
N GLY I 132 13.41 -120.50 100.90
CA GLY I 132 11.99 -120.78 100.76
C GLY I 132 11.46 -120.63 99.35
N GLY I 133 12.20 -120.01 98.45
CA GLY I 133 11.74 -119.78 97.10
C GLY I 133 11.86 -121.02 96.25
N PRO I 134 11.21 -120.99 95.09
CA PRO I 134 11.37 -122.08 94.13
C PRO I 134 12.79 -122.16 93.61
N VAL I 135 13.20 -123.36 93.24
CA VAL I 135 14.59 -123.69 92.93
C VAL I 135 14.66 -124.23 91.51
N PRO I 136 15.58 -123.74 90.68
CA PRO I 136 15.72 -124.33 89.33
C PRO I 136 16.13 -125.79 89.40
N THR I 137 15.38 -126.63 88.69
CA THR I 137 15.73 -128.04 88.54
C THR I 137 16.39 -128.34 87.20
N LYS I 138 16.41 -127.37 86.29
CA LYS I 138 16.93 -127.58 84.95
C LYS I 138 17.31 -126.22 84.37
N VAL I 139 18.04 -126.25 83.24
CA VAL I 139 18.46 -125.01 82.60
C VAL I 139 17.25 -124.23 82.08
N THR I 140 16.14 -124.92 81.79
CA THR I 140 14.97 -124.27 81.23
C THR I 140 13.79 -124.29 82.20
N ASP I 141 14.04 -123.96 83.46
CA ASP I 141 13.00 -123.99 84.48
C ASP I 141 12.23 -122.68 84.51
N TYR I 142 11.03 -122.73 85.10
CA TYR I 142 10.22 -121.52 85.25
C TYR I 142 10.82 -120.59 86.30
N ALA I 143 11.55 -121.14 87.27
CA ALA I 143 12.13 -120.31 88.32
C ALA I 143 12.99 -119.20 87.74
N TRP I 144 13.64 -119.45 86.60
CA TRP I 144 14.52 -118.46 85.98
C TRP I 144 13.79 -117.18 85.58
N GLN I 145 12.45 -117.17 85.63
CA GLN I 145 11.71 -115.97 85.26
C GLN I 145 11.96 -114.80 86.23
N THR I 146 12.40 -115.09 87.44
CA THR I 146 12.80 -114.09 88.43
C THR I 146 11.83 -112.92 88.48
N SER I 147 10.53 -113.22 88.50
CA SER I 147 9.56 -112.15 88.66
C SER I 147 9.86 -111.34 89.92
N THR I 148 10.18 -112.03 91.00
CA THR I 148 10.49 -111.41 92.29
C THR I 148 11.94 -111.60 92.70
N ASN I 149 12.49 -112.78 92.48
CA ASN I 149 13.86 -113.08 92.89
C ASN I 149 14.84 -112.25 92.10
N PRO I 150 15.69 -111.45 92.74
CA PRO I 150 16.66 -110.65 91.98
C PRO I 150 17.63 -111.55 91.23
N SER I 151 18.06 -111.06 90.07
CA SER I 151 19.02 -111.78 89.25
C SER I 151 19.69 -110.79 88.32
N VAL I 152 20.89 -111.15 87.90
CA VAL I 152 21.70 -110.33 87.00
C VAL I 152 21.84 -111.05 85.67
N PHE I 153 21.77 -110.29 84.59
CA PHE I 153 22.06 -110.77 83.24
C PHE I 153 23.29 -110.00 82.75
N TRP I 154 24.36 -110.73 82.44
CA TRP I 154 25.63 -110.11 82.10
C TRP I 154 26.24 -110.79 80.89
N THR I 155 26.69 -109.99 79.92
CA THR I 155 27.29 -110.49 78.70
C THR I 155 28.81 -110.45 78.79
N GLU I 156 29.46 -111.49 78.30
CA GLU I 156 30.91 -111.60 78.43
C GLU I 156 31.61 -110.47 77.67
N GLY I 157 32.77 -110.08 78.18
CA GLY I 157 33.56 -109.02 77.58
C GLY I 157 33.35 -107.65 78.16
N ASN I 158 32.51 -107.52 79.18
CA ASN I 158 32.19 -106.23 79.78
C ASN I 158 32.74 -106.16 81.20
N ALA I 159 32.53 -105.01 81.85
CA ALA I 159 32.95 -104.84 83.23
C ALA I 159 32.26 -105.89 84.10
N PRO I 160 32.97 -106.47 85.07
CA PRO I 160 32.35 -107.47 85.94
C PRO I 160 31.13 -106.91 86.63
N PRO I 161 30.04 -107.67 86.70
CA PRO I 161 28.83 -107.16 87.38
C PRO I 161 29.05 -107.05 88.88
N ARG I 162 28.40 -106.05 89.46
CA ARG I 162 28.55 -105.72 90.87
C ARG I 162 27.19 -105.33 91.45
N MET I 163 26.99 -105.68 92.71
CA MET I 163 25.73 -105.42 93.40
C MET I 163 25.98 -105.19 94.88
N SER I 164 25.41 -104.15 95.45
CA SER I 164 25.45 -104.00 96.89
C SER I 164 24.18 -104.58 97.51
N ILE I 165 24.31 -105.12 98.71
CA ILE I 165 23.18 -105.71 99.42
C ILE I 165 23.19 -105.31 100.89
N PRO I 166 22.01 -105.06 101.49
CA PRO I 166 21.99 -104.55 102.87
C PRO I 166 22.35 -105.59 103.94
N PHE I 167 22.12 -105.22 105.19
CA PHE I 167 22.28 -106.10 106.34
C PHE I 167 21.06 -107.03 106.41
N ILE I 168 21.26 -108.28 106.03
CA ILE I 168 20.17 -109.20 105.75
C ILE I 168 19.88 -110.11 106.96
N SER I 169 20.32 -109.73 108.13
CA SER I 169 20.21 -110.65 109.26
C SER I 169 18.87 -110.49 109.97
N ILE I 170 18.49 -111.54 110.68
CA ILE I 170 17.30 -111.48 111.52
C ILE I 170 17.63 -110.82 112.84
N GLY I 171 18.83 -111.07 113.35
CA GLY I 171 19.28 -110.47 114.59
C GLY I 171 19.92 -109.11 114.35
N ASN I 172 20.32 -108.50 115.44
CA ASN I 172 20.93 -107.17 115.40
C ASN I 172 22.40 -107.21 115.02
N ALA I 173 22.91 -108.36 114.58
CA ALA I 173 24.28 -108.48 114.11
C ALA I 173 24.48 -109.88 113.53
N TYR I 174 25.35 -109.97 112.52
CA TYR I 174 25.80 -111.27 112.06
C TYR I 174 26.58 -111.96 113.17
N SER I 175 26.44 -113.28 113.25
CA SER I 175 27.10 -114.08 114.27
C SER I 175 28.21 -114.89 113.62
N CYS I 176 29.44 -114.72 114.09
CA CYS I 176 30.56 -115.47 113.56
C CYS I 176 30.68 -116.85 114.21
N PHE I 177 30.26 -116.97 115.47
CA PHE I 177 30.29 -118.23 116.22
C PHE I 177 29.00 -118.38 116.99
N TYR I 178 28.62 -119.63 117.24
CA TYR I 178 27.38 -119.93 117.94
C TYR I 178 27.61 -121.14 118.82
N ASP I 179 27.70 -120.91 120.14
CA ASP I 179 27.91 -121.98 121.12
C ASP I 179 26.54 -122.52 121.57
N GLY I 180 25.86 -123.15 120.62
CA GLY I 180 24.56 -123.69 120.89
C GLY I 180 24.14 -124.68 119.82
N TRP I 181 22.90 -125.15 119.94
CA TRP I 181 22.35 -126.14 119.04
C TRP I 181 21.14 -125.56 118.31
N THR I 182 20.62 -126.34 117.37
CA THR I 182 19.46 -125.92 116.59
C THR I 182 18.16 -126.34 117.26
N GLN I 183 18.15 -127.47 117.97
CA GLN I 183 16.95 -127.95 118.64
C GLN I 183 17.03 -127.63 120.12
N PHE I 184 15.87 -127.32 120.70
CA PHE I 184 15.80 -126.99 122.12
C PHE I 184 16.07 -128.18 123.02
N SER I 185 16.07 -129.39 122.47
CA SER I 185 16.48 -130.57 123.20
C SER I 185 18.00 -130.70 123.28
N ARG I 186 18.73 -129.63 123.00
CA ARG I 186 20.19 -129.65 123.01
C ARG I 186 20.72 -130.77 122.12
N ASN I 187 20.08 -130.96 120.98
CA ASN I 187 20.43 -132.03 120.05
C ASN I 187 20.32 -131.50 118.63
N GLY I 188 20.54 -132.39 117.68
CA GLY I 188 20.50 -132.00 116.25
C GLY I 188 21.88 -131.51 115.77
N VAL I 189 22.00 -130.21 115.60
CA VAL I 189 23.21 -129.60 115.06
C VAL I 189 23.86 -128.76 116.14
N TYR I 190 25.18 -128.70 116.11
CA TYR I 190 25.96 -127.86 117.01
C TYR I 190 26.84 -126.94 116.17
N GLY I 191 26.54 -125.65 116.17
CA GLY I 191 27.45 -124.68 115.63
C GLY I 191 26.73 -123.60 114.85
N ILE I 192 27.52 -122.91 114.02
CA ILE I 192 27.06 -121.74 113.27
C ILE I 192 26.19 -122.11 112.09
N ASN I 193 26.12 -123.39 111.73
CA ASN I 193 25.26 -123.82 110.63
C ASN I 193 23.81 -124.03 111.06
N THR I 194 23.49 -123.75 112.33
CA THR I 194 22.10 -123.62 112.77
C THR I 194 21.58 -122.22 112.55
N LEU I 195 22.48 -121.26 112.35
CA LEU I 195 22.15 -119.87 112.05
C LEU I 195 22.21 -119.60 110.55
N ASN I 196 23.29 -120.03 109.90
CA ASN I 196 23.44 -119.76 108.47
C ASN I 196 22.20 -120.21 107.69
N ASN I 197 21.41 -119.23 107.22
CA ASN I 197 20.32 -119.49 106.27
C ASN I 197 20.22 -118.24 105.39
N MET I 198 21.00 -118.23 104.31
CA MET I 198 21.11 -117.05 103.46
C MET I 198 20.59 -117.29 102.04
N GLY I 199 20.01 -118.45 101.77
CA GLY I 199 19.49 -118.73 100.44
C GLY I 199 20.56 -119.23 99.50
N THR I 200 20.13 -119.58 98.30
CA THR I 200 20.99 -120.18 97.30
C THR I 200 21.21 -119.24 96.13
N LEU I 201 22.26 -119.53 95.37
CA LEU I 201 22.71 -118.68 94.27
C LEU I 201 22.95 -119.57 93.05
N TYR I 202 22.17 -119.36 91.99
CA TYR I 202 22.19 -120.21 90.81
C TYR I 202 22.79 -119.48 89.63
N MET I 203 23.44 -120.25 88.76
CA MET I 203 24.20 -119.73 87.64
C MET I 203 23.85 -120.51 86.39
N ARG I 204 23.64 -119.81 85.27
CA ARG I 204 23.40 -120.51 84.02
C ARG I 204 23.80 -119.65 82.83
N HIS I 205 24.02 -120.32 81.70
CA HIS I 205 24.14 -119.65 80.42
C HIS I 205 22.75 -119.29 79.92
N VAL I 206 22.55 -118.02 79.56
CA VAL I 206 21.33 -117.64 78.86
C VAL I 206 21.46 -118.02 77.39
N ASN I 207 22.65 -117.82 76.81
CA ASN I 207 22.98 -118.36 75.51
C ASN I 207 23.08 -119.88 75.60
N GLU I 208 22.90 -120.56 74.47
CA GLU I 208 22.89 -122.02 74.51
C GLU I 208 22.89 -122.59 73.10
N ALA I 209 23.07 -123.92 73.03
CA ALA I 209 22.96 -124.72 71.81
C ALA I 209 24.14 -124.54 70.87
N GLY I 210 25.18 -123.82 71.28
CA GLY I 210 26.33 -123.62 70.42
C GLY I 210 26.85 -124.91 69.85
N GLN I 211 27.26 -124.90 68.58
CA GLN I 211 27.77 -126.11 67.94
C GLN I 211 29.01 -126.66 68.63
N GLY I 212 29.63 -125.91 69.54
CA GLY I 212 30.76 -126.38 70.30
C GLY I 212 30.61 -126.01 71.76
N PRO I 213 31.04 -126.90 72.65
CA PRO I 213 30.79 -126.69 74.08
C PRO I 213 31.72 -125.66 74.70
N ILE I 214 31.17 -124.96 75.70
CA ILE I 214 31.87 -123.91 76.41
C ILE I 214 31.60 -124.10 77.89
N LYS I 215 32.65 -124.11 78.70
CA LYS I 215 32.54 -124.28 80.14
C LYS I 215 32.88 -122.95 80.80
N SER I 216 32.06 -122.53 81.76
CA SER I 216 32.21 -121.24 82.40
C SER I 216 32.43 -121.41 83.90
N THR I 217 33.14 -120.45 84.47
CA THR I 217 33.56 -120.44 85.87
C THR I 217 33.16 -119.09 86.45
N VAL I 218 32.22 -119.09 87.39
CA VAL I 218 31.79 -117.90 88.10
C VAL I 218 32.54 -117.84 89.43
N ARG I 219 33.10 -116.68 89.74
CA ARG I 219 33.84 -116.44 90.97
C ARG I 219 33.15 -115.31 91.74
N ILE I 220 32.64 -115.63 92.92
CA ILE I 220 31.91 -114.68 93.76
C ILE I 220 32.91 -113.95 94.66
N TYR I 221 32.72 -112.64 94.81
CA TYR I 221 33.62 -111.82 95.61
C TYR I 221 32.81 -110.97 96.58
N PHE I 222 33.15 -111.06 97.86
CA PHE I 222 32.50 -110.28 98.91
C PHE I 222 33.42 -109.15 99.36
N LYS I 223 32.83 -107.98 99.61
CA LYS I 223 33.55 -106.84 100.15
C LYS I 223 32.66 -106.14 101.18
N PRO I 224 32.92 -106.32 102.47
CA PRO I 224 32.10 -105.66 103.50
C PRO I 224 32.22 -104.15 103.45
N LYS I 225 31.08 -103.47 103.36
CA LYS I 225 30.99 -102.03 103.45
C LYS I 225 30.29 -101.65 104.76
N HIS I 226 30.61 -100.47 105.27
CA HIS I 226 29.96 -99.90 106.45
C HIS I 226 29.92 -100.91 107.59
N VAL I 227 31.11 -101.27 108.06
CA VAL I 227 31.27 -102.43 108.93
C VAL I 227 31.19 -102.03 110.40
N LYS I 228 30.64 -102.93 111.20
CA LYS I 228 30.58 -102.77 112.66
C LYS I 228 30.90 -104.11 113.30
N ALA I 229 31.92 -104.14 114.17
CA ALA I 229 32.38 -105.38 114.78
C ALA I 229 32.36 -105.26 116.29
N TRP I 230 32.19 -106.41 116.94
CA TRP I 230 32.12 -106.47 118.40
C TRP I 230 32.90 -107.69 118.89
N VAL I 231 33.34 -107.62 120.14
CA VAL I 231 33.92 -108.76 120.86
C VAL I 231 35.02 -109.40 120.03
N PRO I 232 36.22 -108.83 120.00
CA PRO I 232 37.31 -109.48 119.27
C PRO I 232 37.71 -110.78 119.96
N ARG I 233 38.24 -111.69 119.17
CA ARG I 233 38.62 -113.01 119.67
C ARG I 233 39.92 -113.43 119.03
N PRO I 234 40.62 -114.39 119.62
CA PRO I 234 41.96 -114.75 119.13
C PRO I 234 41.94 -115.13 117.67
N PRO I 235 42.97 -114.78 116.92
CA PRO I 235 43.05 -115.22 115.52
C PRO I 235 43.06 -116.73 115.44
N ARG I 236 42.56 -117.26 114.33
CA ARG I 236 42.60 -118.70 114.10
C ARG I 236 44.06 -119.16 114.03
N LEU I 237 44.37 -120.23 114.77
CA LEU I 237 45.71 -120.80 114.81
C LEU I 237 45.80 -122.06 113.96
N CYS I 238 44.96 -123.05 114.24
CA CYS I 238 44.94 -124.29 113.49
C CYS I 238 44.23 -124.11 112.16
N GLN I 239 44.73 -124.80 111.14
CA GLN I 239 44.13 -124.71 109.81
C GLN I 239 42.66 -125.10 109.87
N TYR I 240 41.85 -124.44 109.07
CA TYR I 240 40.44 -124.78 108.99
C TYR I 240 40.28 -126.18 108.41
N GLU I 241 39.26 -126.89 108.89
CA GLU I 241 39.00 -128.26 108.47
C GLU I 241 37.64 -128.42 107.81
N LYS I 242 36.59 -127.82 108.36
CA LYS I 242 35.24 -127.92 107.81
C LYS I 242 34.57 -126.56 107.88
N GLN I 243 33.68 -126.30 106.91
CA GLN I 243 33.00 -125.02 106.84
C GLN I 243 31.85 -124.90 107.84
N LYS I 244 31.35 -126.02 108.36
CA LYS I 244 30.13 -126.03 109.15
C LYS I 244 30.39 -126.15 110.65
N ASN I 245 31.64 -126.09 111.08
CA ASN I 245 31.98 -126.26 112.49
C ASN I 245 33.40 -125.76 112.71
N VAL I 246 33.74 -125.57 113.99
CA VAL I 246 35.08 -125.11 114.35
C VAL I 246 36.11 -126.23 114.35
N ASN I 247 35.68 -127.48 114.17
CA ASN I 247 36.55 -128.63 114.33
C ASN I 247 37.94 -128.38 113.76
N PHE I 248 38.96 -128.69 114.56
CA PHE I 248 40.35 -128.42 114.24
C PHE I 248 41.20 -129.59 114.69
N THR I 249 42.38 -129.70 114.08
CA THR I 249 43.38 -130.64 114.54
C THR I 249 44.45 -129.88 115.30
N PRO I 250 44.69 -130.18 116.58
CA PRO I 250 45.55 -129.31 117.38
C PRO I 250 46.95 -129.17 116.79
N THR I 251 47.45 -127.95 116.82
CA THR I 251 48.79 -127.63 116.36
C THR I 251 49.50 -126.82 117.43
N GLY I 252 50.81 -126.70 117.28
CA GLY I 252 51.61 -126.00 118.27
C GLY I 252 51.31 -124.52 118.33
N VAL I 253 51.74 -123.91 119.43
CA VAL I 253 51.46 -122.49 119.66
C VAL I 253 52.18 -121.63 118.64
N THR I 254 53.44 -121.93 118.36
CA THR I 254 54.22 -121.09 117.46
C THR I 254 55.32 -121.92 116.83
N THR I 255 56.13 -121.26 115.99
CA THR I 255 57.33 -121.87 115.46
C THR I 255 58.35 -122.05 116.58
N THR I 256 59.31 -122.93 116.35
CA THR I 256 60.25 -123.36 117.39
C THR I 256 61.64 -122.79 117.14
N ARG I 257 62.35 -122.53 118.23
CA ARG I 257 63.77 -122.24 118.20
C ARG I 257 64.51 -123.20 119.11
N VAL I 258 65.83 -123.09 119.12
CA VAL I 258 66.68 -124.04 119.84
C VAL I 258 66.66 -123.70 121.33
N GLY I 259 67.22 -122.56 121.70
CA GLY I 259 67.32 -122.19 123.10
C GLY I 259 66.68 -120.86 123.42
N ILE I 260 66.40 -120.60 124.70
CA ILE I 260 65.73 -119.38 125.07
C ILE I 260 66.59 -118.15 124.75
N THR I 261 67.91 -118.33 124.69
CA THR I 261 68.80 -117.23 124.34
C THR I 261 69.12 -117.19 122.85
N THR I 262 68.64 -118.15 122.07
CA THR I 262 68.91 -118.17 120.64
C THR I 262 68.42 -116.90 119.96
N THR I 263 69.18 -116.44 118.97
CA THR I 263 68.84 -115.22 118.23
C THR I 263 68.91 -115.46 116.73
N ARG J 14 36.66 -105.19 152.39
CA ARG J 14 35.32 -104.83 151.93
C ARG J 14 34.57 -106.07 151.44
N SER J 15 33.40 -105.85 150.86
CA SER J 15 32.49 -106.95 150.52
C SER J 15 31.72 -106.61 149.26
N ILE J 16 31.11 -107.64 148.67
CA ILE J 16 30.22 -107.49 147.53
C ILE J 16 28.95 -108.27 147.87
N THR J 17 27.90 -107.56 148.25
CA THR J 17 26.68 -108.15 148.79
C THR J 17 25.60 -108.10 147.71
N LEU J 18 25.05 -109.27 147.37
CA LEU J 18 23.98 -109.35 146.40
C LEU J 18 23.00 -110.45 146.78
N GLY J 19 21.73 -110.10 146.89
CA GLY J 19 20.65 -111.07 147.07
C GLY J 19 20.88 -112.15 148.09
N ASN J 20 20.95 -111.76 149.37
CA ASN J 20 21.07 -112.70 150.48
C ASN J 20 22.46 -113.33 150.57
N SER J 21 23.33 -113.06 149.61
CA SER J 21 24.66 -113.64 149.54
C SER J 21 25.68 -112.51 149.50
N THR J 22 26.71 -112.62 150.34
CA THR J 22 27.58 -111.48 150.61
C THR J 22 29.05 -111.90 150.70
N ILE J 23 29.57 -112.49 149.63
CA ILE J 23 31.00 -112.80 149.60
C ILE J 23 31.81 -111.58 149.99
N THR J 24 32.86 -111.80 150.79
CA THR J 24 33.67 -110.73 151.34
C THR J 24 35.05 -110.65 150.73
N THR J 25 35.47 -111.65 149.96
CA THR J 25 36.82 -111.66 149.40
C THR J 25 37.13 -110.32 148.76
N GLN J 26 37.97 -109.53 149.43
CA GLN J 26 38.23 -108.16 149.06
C GLN J 26 39.53 -107.70 149.70
N GLU J 27 40.36 -107.02 148.92
CA GLU J 27 41.57 -106.40 149.45
C GLU J 27 42.01 -105.33 148.48
N CYS J 28 41.37 -104.16 148.54
CA CYS J 28 41.56 -103.18 147.48
C CYS J 28 41.33 -103.92 146.17
N ALA J 29 42.40 -104.29 145.46
CA ALA J 29 42.28 -105.15 144.29
C ALA J 29 41.43 -104.50 143.22
N ASN J 30 40.84 -105.29 142.32
CA ASN J 30 40.09 -104.69 141.23
C ASN J 30 39.22 -105.71 140.49
N VAL J 31 37.94 -105.39 140.35
CA VAL J 31 37.00 -106.23 139.62
C VAL J 31 37.09 -105.89 138.14
N VAL J 32 37.25 -106.91 137.30
CA VAL J 32 37.31 -106.69 135.86
C VAL J 32 35.87 -106.65 135.34
N VAL J 33 35.44 -105.49 134.87
CA VAL J 33 34.06 -105.30 134.43
C VAL J 33 34.03 -105.55 132.93
N GLY J 34 33.88 -106.82 132.56
CA GLY J 34 33.67 -107.25 131.19
C GLY J 34 34.33 -106.40 130.13
N TYR J 35 33.53 -105.95 129.16
CA TYR J 35 33.98 -105.04 128.10
C TYR J 35 33.68 -103.59 128.46
N GLY J 36 33.85 -103.22 129.72
CA GLY J 36 33.52 -101.89 130.17
C GLY J 36 32.05 -101.63 130.39
N VAL J 37 31.21 -102.65 130.31
CA VAL J 37 29.76 -102.50 130.40
C VAL J 37 29.27 -103.18 131.67
N TRP J 38 28.51 -102.44 132.48
CA TRP J 38 27.89 -103.02 133.66
C TRP J 38 26.55 -103.62 133.28
N PRO J 39 26.22 -104.85 133.70
CA PRO J 39 24.96 -105.46 133.29
C PRO J 39 23.76 -104.59 133.66
N GLU J 40 22.82 -104.48 132.73
CA GLU J 40 21.60 -103.73 132.92
C GLU J 40 20.45 -104.49 132.28
N TYR J 41 19.23 -104.11 132.66
CA TYR J 41 18.05 -104.73 132.09
C TYR J 41 17.84 -104.26 130.65
N LEU J 42 17.09 -105.07 129.89
CA LEU J 42 16.85 -104.75 128.49
C LEU J 42 16.04 -103.48 128.37
N LYS J 43 16.51 -102.56 127.53
CA LYS J 43 15.78 -101.32 127.30
C LYS J 43 14.59 -101.57 126.37
N ASP J 44 13.52 -100.80 126.59
CA ASP J 44 12.37 -100.88 125.69
C ASP J 44 12.74 -100.52 124.26
N ASN J 45 13.87 -99.82 124.07
CA ASN J 45 14.29 -99.46 122.72
C ASN J 45 14.85 -100.66 121.96
N GLU J 46 15.44 -101.63 122.67
CA GLU J 46 16.14 -102.73 122.03
C GLU J 46 15.33 -104.04 122.03
N ALA J 47 14.17 -104.06 122.66
CA ALA J 47 13.41 -105.29 122.86
C ALA J 47 12.47 -105.56 121.69
N THR J 48 12.08 -106.84 121.55
CA THR J 48 11.06 -107.26 120.61
C THR J 48 9.98 -108.11 121.25
N ALA J 49 10.33 -108.97 122.21
CA ALA J 49 9.34 -109.78 122.91
C ALA J 49 8.32 -108.87 123.59
N GLU J 50 7.08 -108.92 123.13
CA GLU J 50 6.06 -107.97 123.56
C GLU J 50 5.45 -108.30 124.91
N ASP J 51 5.64 -109.51 125.42
CA ASP J 51 5.10 -109.87 126.72
C ASP J 51 6.00 -109.32 127.83
N GLN J 52 5.38 -109.03 128.97
CA GLN J 52 6.12 -108.40 130.07
C GLN J 52 7.04 -109.42 130.72
N PRO J 53 8.31 -109.09 130.95
CA PRO J 53 9.23 -110.08 131.52
C PRO J 53 8.99 -110.31 133.00
N THR J 54 9.57 -111.40 133.49
CA THR J 54 9.63 -111.70 134.92
C THR J 54 11.05 -111.41 135.40
N GLN J 55 11.17 -110.60 136.45
CA GLN J 55 12.45 -110.18 137.02
C GLN J 55 12.52 -110.66 138.46
N PRO J 56 12.94 -111.91 138.69
CA PRO J 56 12.94 -112.42 140.08
C PRO J 56 13.84 -111.63 141.03
N ASP J 57 14.88 -110.98 140.50
CA ASP J 57 15.71 -110.08 141.29
C ASP J 57 16.44 -110.83 142.40
N VAL J 58 16.04 -110.63 143.66
CA VAL J 58 16.77 -111.22 144.77
C VAL J 58 16.79 -112.74 144.63
N ALA J 59 15.64 -113.34 144.35
CA ALA J 59 15.55 -114.80 144.31
C ALA J 59 16.50 -115.40 143.29
N THR J 60 16.75 -114.70 142.18
CA THR J 60 17.61 -115.21 141.12
C THR J 60 18.99 -114.55 141.13
N CYS J 61 19.05 -113.24 141.26
CA CYS J 61 20.32 -112.50 141.21
C CYS J 61 20.99 -112.65 142.58
N ARG J 62 21.68 -113.78 142.75
CA ARG J 62 22.36 -114.10 144.00
C ARG J 62 23.50 -115.07 143.69
N PHE J 63 24.41 -115.20 144.66
CA PHE J 63 25.64 -115.95 144.49
C PHE J 63 25.38 -117.44 144.65
N TYR J 64 25.30 -118.16 143.53
CA TYR J 64 25.29 -119.61 143.52
C TYR J 64 26.73 -120.11 143.44
N THR J 65 27.16 -120.90 144.43
CA THR J 65 28.51 -121.45 144.46
C THR J 65 28.48 -122.87 143.92
N LEU J 66 29.11 -123.07 142.75
CA LEU J 66 29.12 -124.38 142.11
C LEU J 66 30.04 -125.33 142.87
N GLU J 67 30.14 -126.56 142.35
CA GLU J 67 31.04 -127.54 142.94
C GLU J 67 32.49 -127.07 142.82
N SER J 68 33.28 -127.40 143.84
CA SER J 68 34.70 -127.07 143.82
C SER J 68 35.47 -128.13 143.03
N VAL J 69 36.64 -127.74 142.52
CA VAL J 69 37.53 -128.65 141.83
C VAL J 69 38.89 -128.57 142.52
N GLN J 70 39.72 -129.57 142.28
CA GLN J 70 41.04 -129.63 142.88
C GLN J 70 42.10 -129.21 141.87
N TRP J 71 42.93 -128.23 142.24
CA TRP J 71 44.08 -127.85 141.43
C TRP J 71 45.23 -128.78 141.78
N MET J 72 45.67 -129.57 140.80
CA MET J 72 46.74 -130.53 140.98
C MET J 72 47.97 -130.08 140.21
N LYS J 73 49.12 -130.67 140.56
CA LYS J 73 50.36 -130.33 139.88
C LYS J 73 50.31 -130.70 138.40
N ASN J 74 49.34 -131.52 137.99
CA ASN J 74 49.19 -131.93 136.60
C ASN J 74 47.99 -131.30 135.91
N SER J 75 47.09 -130.66 136.67
CA SER J 75 45.85 -130.14 136.10
C SER J 75 46.13 -129.27 134.89
N ALA J 76 45.37 -129.50 133.82
CA ALA J 76 45.49 -128.71 132.60
C ALA J 76 44.54 -127.52 132.59
N GLY J 77 43.35 -127.67 133.13
CA GLY J 77 42.39 -126.57 133.18
C GLY J 77 40.97 -127.10 133.21
N TRP J 78 40.05 -126.16 133.45
CA TRP J 78 38.63 -126.48 133.58
C TRP J 78 37.81 -125.44 132.82
N TRP J 79 36.59 -125.83 132.46
CA TRP J 79 35.64 -124.90 131.87
C TRP J 79 34.23 -125.25 132.31
N TRP J 80 33.38 -124.22 132.28
CA TRP J 80 31.96 -124.29 132.55
C TRP J 80 31.21 -123.51 131.47
N LYS J 81 30.11 -124.08 130.95
CA LYS J 81 29.16 -123.32 130.15
C LYS J 81 28.18 -122.65 131.11
N LEU J 82 27.89 -121.36 130.89
CA LEU J 82 27.31 -120.56 131.96
C LEU J 82 25.82 -120.85 132.22
N PRO J 83 24.94 -120.67 131.22
CA PRO J 83 23.52 -121.03 131.47
C PRO J 83 23.37 -122.45 132.00
N ASP J 84 24.10 -123.41 131.43
CA ASP J 84 24.02 -124.80 131.86
C ASP J 84 24.95 -125.11 133.02
N ALA J 85 25.51 -124.09 133.68
CA ALA J 85 26.15 -124.28 134.97
C ALA J 85 25.20 -123.94 136.10
N LEU J 86 24.44 -122.86 135.93
CA LEU J 86 23.39 -122.55 136.91
C LEU J 86 22.04 -123.12 136.52
N SER J 87 21.99 -123.95 135.47
CA SER J 87 20.71 -124.48 135.00
C SER J 87 19.95 -125.22 136.09
N GLN J 88 20.66 -125.88 137.01
CA GLN J 88 20.01 -126.70 138.02
C GLN J 88 20.04 -126.05 139.40
N MET J 89 20.48 -124.80 139.50
CA MET J 89 20.70 -124.15 140.79
C MET J 89 19.55 -123.21 141.10
N GLY J 90 18.58 -123.67 141.88
CA GLY J 90 17.60 -122.80 142.49
C GLY J 90 16.61 -122.18 141.54
N LEU J 91 16.07 -121.03 141.96
CA LEU J 91 15.01 -120.38 141.20
C LEU J 91 15.51 -119.83 139.87
N PHE J 92 16.79 -119.50 139.75
CA PHE J 92 17.34 -119.19 138.43
C PHE J 92 17.05 -120.34 137.49
N GLY J 93 17.38 -121.55 137.90
CA GLY J 93 17.09 -122.72 137.07
C GLY J 93 15.61 -122.92 136.85
N GLN J 94 14.79 -122.65 137.87
CA GLN J 94 13.35 -122.85 137.70
C GLN J 94 12.77 -121.90 136.65
N ASN J 95 13.04 -120.59 136.79
CA ASN J 95 12.62 -119.65 135.76
C ASN J 95 13.19 -120.05 134.40
N MET J 96 14.44 -120.51 134.38
CA MET J 96 15.06 -120.93 133.13
C MET J 96 14.27 -122.06 132.48
N GLN J 97 13.77 -122.99 133.29
CA GLN J 97 13.00 -124.11 132.74
C GLN J 97 11.63 -123.64 132.27
N TYR J 98 11.04 -122.67 132.96
CA TYR J 98 9.66 -122.27 132.65
C TYR J 98 9.54 -121.21 131.55
N HIS J 99 10.63 -120.56 131.15
CA HIS J 99 10.55 -119.48 130.18
C HIS J 99 11.30 -119.82 128.89
N TYR J 100 10.75 -119.32 127.77
CA TYR J 100 11.35 -119.55 126.45
C TYR J 100 12.57 -118.67 126.23
N LEU J 101 12.56 -117.44 126.74
CA LEU J 101 13.63 -116.49 126.51
C LEU J 101 14.19 -116.00 127.83
N GLY J 102 15.50 -115.73 127.84
CA GLY J 102 16.14 -115.22 129.04
C GLY J 102 17.31 -114.34 128.70
N ARG J 103 17.67 -113.49 129.67
CA ARG J 103 18.76 -112.53 129.50
C ARG J 103 19.35 -112.25 130.87
N THR J 104 20.65 -112.45 131.01
CA THR J 104 21.31 -112.23 132.29
C THR J 104 22.74 -111.75 132.07
N GLY J 105 23.21 -110.94 133.01
CA GLY J 105 24.63 -110.74 133.22
C GLY J 105 25.09 -111.62 134.39
N TYR J 106 26.39 -111.58 134.66
CA TYR J 106 26.92 -112.39 135.74
C TYR J 106 27.98 -111.61 136.51
N THR J 107 28.17 -112.03 137.75
CA THR J 107 29.35 -111.69 138.54
C THR J 107 30.00 -113.01 138.91
N ILE J 108 31.19 -113.27 138.37
CA ILE J 108 31.89 -114.54 138.54
C ILE J 108 33.04 -114.31 139.50
N HIS J 109 33.15 -115.17 140.50
CA HIS J 109 34.15 -115.06 141.56
C HIS J 109 34.83 -116.41 141.69
N VAL J 110 36.06 -116.50 141.21
CA VAL J 110 36.86 -117.71 141.32
C VAL J 110 37.79 -117.54 142.52
N GLN J 111 37.67 -118.42 143.51
CA GLN J 111 38.36 -118.31 144.79
C GLN J 111 39.38 -119.44 144.89
N CYS J 112 40.64 -119.09 145.09
CA CYS J 112 41.70 -120.06 145.32
C CYS J 112 42.67 -119.46 146.32
N ASN J 113 43.00 -120.21 147.36
CA ASN J 113 43.95 -119.75 148.36
C ASN J 113 44.99 -120.82 148.64
N ALA J 114 46.25 -120.42 148.64
CA ALA J 114 47.36 -121.28 149.02
C ALA J 114 48.11 -120.51 150.11
N SER J 115 49.35 -120.89 150.35
CA SER J 115 50.17 -120.24 151.36
C SER J 115 51.37 -119.57 150.70
N LYS J 116 52.12 -118.83 151.51
CA LYS J 116 53.30 -118.15 151.00
C LYS J 116 54.30 -119.14 150.42
N PHE J 117 54.32 -120.37 150.93
CA PHE J 117 55.25 -121.40 150.47
C PHE J 117 54.72 -122.15 149.25
N HIS J 118 53.56 -121.77 148.72
CA HIS J 118 53.05 -122.31 147.48
C HIS J 118 53.37 -121.37 146.33
N GLN J 119 53.25 -121.89 145.11
CA GLN J 119 53.45 -121.10 143.92
C GLN J 119 52.62 -121.68 142.78
N GLY J 120 52.25 -120.81 141.86
CA GLY J 120 51.38 -121.17 140.75
C GLY J 120 50.61 -119.96 140.27
N CYS J 121 49.98 -120.12 139.12
CA CYS J 121 49.21 -119.01 138.56
C CYS J 121 48.14 -119.52 137.61
N LEU J 122 46.91 -119.07 137.82
CA LEU J 122 45.77 -119.43 137.00
C LEU J 122 45.35 -118.26 136.13
N LEU J 123 44.95 -118.56 134.90
CA LEU J 123 44.24 -117.62 134.04
C LEU J 123 42.75 -117.88 134.21
N VAL J 124 42.00 -116.86 134.62
CA VAL J 124 40.55 -116.96 134.74
C VAL J 124 39.96 -116.05 133.68
N VAL J 125 39.40 -116.64 132.62
CA VAL J 125 38.88 -115.89 131.49
C VAL J 125 37.43 -116.28 131.28
N CYS J 126 36.68 -115.37 130.66
CA CYS J 126 35.27 -115.62 130.33
C CYS J 126 35.11 -115.42 128.83
N VAL J 127 34.99 -116.52 128.09
CA VAL J 127 34.94 -116.51 126.64
C VAL J 127 33.47 -116.40 126.21
N PRO J 128 33.06 -115.29 125.61
CA PRO J 128 31.73 -115.27 124.97
C PRO J 128 31.76 -116.06 123.67
N GLU J 129 30.74 -116.90 123.47
CA GLU J 129 30.60 -117.69 122.25
C GLU J 129 31.80 -118.63 122.05
N ALA J 130 31.99 -119.51 123.03
CA ALA J 130 33.09 -120.48 122.98
C ALA J 130 32.63 -121.75 122.27
N GLU J 131 32.50 -121.62 120.95
CA GLU J 131 32.19 -122.79 120.12
C GLU J 131 33.43 -123.67 120.03
N MET J 132 33.29 -124.94 120.41
CA MET J 132 34.43 -125.84 120.55
C MET J 132 34.39 -126.93 119.48
N GLY J 133 35.59 -127.39 119.11
CA GLY J 133 35.73 -128.35 118.04
C GLY J 133 35.78 -129.78 118.53
N CYS J 134 35.79 -130.70 117.57
CA CYS J 134 35.78 -132.13 117.83
C CYS J 134 37.11 -132.75 117.47
N SER J 135 37.35 -133.96 118.00
CA SER J 135 38.53 -134.72 117.64
C SER J 135 38.36 -135.41 116.29
N ASN J 136 37.22 -136.04 116.09
CA ASN J 136 36.82 -136.53 114.77
C ASN J 136 36.25 -135.35 114.01
N LEU J 137 37.00 -134.85 113.03
CA LEU J 137 36.66 -133.59 112.40
C LEU J 137 35.35 -133.62 111.63
N ASN J 138 34.77 -134.79 111.39
CA ASN J 138 33.56 -134.92 110.58
C ASN J 138 32.31 -135.03 111.42
N ASN J 139 32.31 -134.50 112.64
CA ASN J 139 31.11 -134.44 113.46
C ASN J 139 31.33 -133.41 114.55
N THR J 140 30.24 -133.02 115.21
CA THR J 140 30.31 -132.07 116.30
C THR J 140 30.29 -132.77 117.65
N PRO J 141 30.93 -132.21 118.66
CA PRO J 141 30.97 -132.87 119.97
C PRO J 141 29.57 -133.08 120.53
N GLU J 142 29.49 -133.97 121.52
CA GLU J 142 28.23 -134.29 122.15
C GLU J 142 27.85 -133.23 123.19
N PHE J 143 26.55 -133.12 123.45
CA PHE J 143 26.08 -132.15 124.43
C PHE J 143 26.77 -132.36 125.77
N ALA J 144 26.77 -133.61 126.25
CA ALA J 144 27.39 -133.89 127.54
C ALA J 144 28.89 -133.63 127.51
N GLU J 145 29.51 -133.82 126.35
CA GLU J 145 30.95 -133.53 126.23
C GLU J 145 31.22 -132.05 126.41
N LEU J 146 30.37 -131.19 125.82
CA LEU J 146 30.56 -129.75 125.98
C LEU J 146 30.12 -129.25 127.34
N SER J 147 29.12 -129.89 127.94
CA SER J 147 28.41 -129.37 129.10
C SER J 147 28.66 -130.23 130.34
N GLY J 148 28.74 -129.57 131.48
CA GLY J 148 28.76 -130.26 132.75
C GLY J 148 27.95 -129.51 133.78
N GLY J 149 26.75 -130.00 134.08
CA GLY J 149 25.92 -129.37 135.09
C GLY J 149 26.58 -129.41 136.45
N ASP J 150 26.85 -128.23 137.03
CA ASP J 150 27.54 -128.10 138.31
C ASP J 150 28.78 -129.00 138.39
N THR J 151 29.35 -129.37 137.25
CA THR J 151 30.48 -130.32 137.18
C THR J 151 31.43 -129.81 136.10
N ALA J 152 32.44 -129.07 136.52
CA ALA J 152 33.43 -128.52 135.60
C ALA J 152 33.95 -129.61 134.67
N ARG J 153 33.93 -129.33 133.37
CA ARG J 153 34.58 -130.25 132.44
C ARG J 153 36.04 -129.84 132.32
N MET J 154 36.90 -130.82 132.03
CA MET J 154 38.34 -130.64 132.16
C MET J 154 39.01 -130.63 130.79
N PHE J 155 40.06 -129.82 130.67
CA PHE J 155 40.96 -129.88 129.54
C PHE J 155 41.95 -131.02 129.73
N THR J 156 42.63 -131.38 128.65
CA THR J 156 43.56 -132.50 128.65
C THR J 156 44.98 -132.01 128.40
N ASP J 157 45.93 -132.80 128.92
CA ASP J 157 47.35 -132.51 128.76
C ASP J 157 47.88 -132.87 127.38
N THR J 158 47.12 -133.67 126.61
CA THR J 158 47.54 -134.12 125.30
C THR J 158 46.37 -134.06 124.33
N GLN J 159 46.68 -134.16 123.05
CA GLN J 159 45.65 -134.25 122.02
C GLN J 159 44.83 -135.51 122.22
N ILE J 160 43.50 -135.37 122.17
CA ILE J 160 42.63 -136.53 122.30
C ILE J 160 42.56 -137.26 120.97
N GLY J 161 42.05 -138.49 121.02
CA GLY J 161 42.13 -139.37 119.86
C GLY J 161 41.08 -139.06 118.81
N GLU J 162 41.46 -139.32 117.56
CA GLU J 162 40.54 -139.13 116.44
C GLU J 162 39.39 -140.12 116.51
N THR J 163 39.70 -141.38 116.83
CA THR J 163 38.69 -142.44 116.83
C THR J 163 37.46 -142.04 117.64
N ASN J 164 37.65 -141.32 118.74
CA ASN J 164 36.53 -140.90 119.57
C ASN J 164 35.47 -140.20 118.73
N SER J 165 34.28 -140.78 118.70
CA SER J 165 33.26 -140.32 117.76
C SER J 165 32.84 -138.89 118.05
N LYS J 166 32.48 -138.58 119.30
CA LYS J 166 31.86 -137.30 119.64
C LYS J 166 32.51 -136.72 120.90
N LYS J 167 33.82 -136.50 120.85
CA LYS J 167 34.54 -135.90 121.96
C LYS J 167 35.10 -134.53 121.57
N VAL J 168 35.37 -133.72 122.58
CA VAL J 168 35.83 -132.35 122.39
C VAL J 168 37.35 -132.33 122.41
N GLN J 169 37.95 -131.69 121.41
CA GLN J 169 39.39 -131.59 121.31
C GLN J 169 39.93 -130.72 122.44
N THR J 170 40.25 -131.33 123.58
CA THR J 170 40.50 -130.61 124.82
C THR J 170 41.98 -130.30 125.06
N ALA J 171 42.83 -130.42 124.04
CA ALA J 171 44.23 -130.02 124.20
C ALA J 171 44.29 -128.55 124.59
N VAL J 172 44.83 -128.27 125.78
CA VAL J 172 44.68 -126.95 126.37
C VAL J 172 45.33 -125.87 125.53
N TRP J 173 46.50 -126.17 124.94
CA TRP J 173 47.24 -125.12 124.24
C TRP J 173 46.50 -124.57 123.03
N ASN J 174 45.38 -125.17 122.65
CA ASN J 174 44.49 -124.61 121.64
C ASN J 174 43.12 -124.24 122.20
N ALA J 175 42.90 -124.44 123.50
CA ALA J 175 41.69 -124.01 124.20
C ALA J 175 40.42 -124.65 123.63
N GLY J 176 40.56 -125.72 122.85
CA GLY J 176 39.40 -126.34 122.24
C GLY J 176 38.71 -125.50 121.18
N MET J 177 39.36 -124.42 120.74
CA MET J 177 38.78 -123.51 119.74
C MET J 177 39.74 -123.27 118.58
N GLY J 178 40.84 -124.02 118.49
CA GLY J 178 41.76 -123.86 117.40
C GLY J 178 42.56 -122.57 117.44
N VAL J 179 42.67 -121.94 118.61
CA VAL J 179 43.35 -120.65 118.74
C VAL J 179 44.59 -120.80 119.60
N GLY J 180 45.31 -119.70 119.79
CA GLY J 180 46.43 -119.70 120.71
C GLY J 180 45.99 -119.44 122.12
N VAL J 181 46.20 -120.40 123.02
CA VAL J 181 45.78 -120.24 124.41
C VAL J 181 46.42 -119.01 125.02
N GLY J 182 47.65 -118.68 124.61
CA GLY J 182 48.31 -117.49 125.08
C GLY J 182 47.72 -116.18 124.60
N ASN J 183 46.68 -116.25 123.76
CA ASN J 183 45.98 -115.07 123.28
C ASN J 183 44.55 -114.99 123.82
N LEU J 184 44.18 -115.86 124.76
CA LEU J 184 42.85 -115.80 125.35
C LEU J 184 42.63 -114.53 126.17
N THR J 185 43.67 -113.72 126.38
CA THR J 185 43.54 -112.52 127.18
C THR J 185 42.62 -111.47 126.56
N ILE J 186 42.29 -111.60 125.28
CA ILE J 186 41.38 -110.63 124.66
C ILE J 186 40.01 -110.68 125.33
N TYR J 187 39.55 -111.87 125.68
CA TYR J 187 38.33 -112.01 126.45
C TYR J 187 38.56 -111.48 127.87
N PRO J 188 37.52 -110.97 128.52
CA PRO J 188 37.68 -110.46 129.89
C PRO J 188 38.25 -111.53 130.82
N HIS J 189 39.29 -111.15 131.57
CA HIS J 189 40.07 -112.13 132.31
C HIS J 189 40.81 -111.45 133.46
N GLN J 190 41.25 -112.30 134.40
CA GLN J 190 42.19 -111.93 135.44
C GLN J 190 43.18 -113.07 135.62
N TRP J 191 44.23 -112.80 136.41
CA TRP J 191 45.19 -113.81 136.82
C TRP J 191 45.08 -114.02 138.32
N ILE J 192 45.04 -115.27 138.75
CA ILE J 192 45.17 -115.63 140.15
C ILE J 192 46.61 -116.11 140.30
N ASN J 193 47.50 -115.18 140.65
CA ASN J 193 48.88 -115.51 140.99
C ASN J 193 48.94 -115.72 142.50
N LEU J 194 49.09 -116.98 142.93
CA LEU J 194 49.04 -117.31 144.35
C LEU J 194 50.05 -116.50 145.14
N ARG J 195 51.13 -116.06 144.49
CA ARG J 195 52.09 -115.17 145.13
C ARG J 195 51.43 -113.90 145.64
N THR J 196 50.53 -113.31 144.84
CA THR J 196 49.93 -112.02 145.17
C THR J 196 48.41 -112.02 145.10
N ASN J 197 47.77 -113.17 144.88
CA ASN J 197 46.35 -113.19 144.58
C ASN J 197 45.64 -114.30 145.36
N ASN J 198 44.36 -114.05 145.60
CA ASN J 198 43.49 -114.96 146.33
C ASN J 198 42.22 -115.31 145.58
N SER J 199 41.79 -114.48 144.64
CA SER J 199 40.55 -114.70 143.90
C SER J 199 40.59 -113.83 142.65
N ALA J 200 39.58 -114.01 141.81
CA ALA J 200 39.39 -113.21 140.61
C ALA J 200 37.90 -112.93 140.47
N THR J 201 37.56 -111.68 140.14
CA THR J 201 36.16 -111.28 140.02
C THR J 201 35.95 -110.59 138.69
N ILE J 202 35.02 -111.12 137.89
CA ILE J 202 34.71 -110.61 136.56
C ILE J 202 33.20 -110.36 136.51
N VAL J 203 32.82 -109.13 136.20
CA VAL J 203 31.42 -108.75 136.06
C VAL J 203 31.13 -108.70 134.57
N MET J 204 30.42 -109.70 134.06
CA MET J 204 30.16 -109.84 132.64
C MET J 204 28.77 -109.32 132.29
N PRO J 205 28.65 -108.50 131.23
CA PRO J 205 27.32 -108.10 130.77
C PRO J 205 26.73 -109.11 129.80
N TYR J 206 25.49 -108.88 129.37
CA TYR J 206 24.86 -109.76 128.40
C TYR J 206 25.55 -109.61 127.04
N ILE J 207 26.14 -110.70 126.56
CA ILE J 207 26.84 -110.72 125.29
C ILE J 207 26.06 -111.62 124.34
N ASN J 208 25.45 -111.03 123.32
CA ASN J 208 24.72 -111.80 122.32
C ASN J 208 24.37 -110.87 121.17
N SER J 209 24.11 -111.47 120.00
CA SER J 209 23.69 -110.70 118.83
C SER J 209 22.23 -110.31 118.89
N VAL J 210 21.43 -110.99 119.71
CA VAL J 210 20.00 -110.73 119.80
C VAL J 210 19.71 -110.24 121.22
N PRO J 211 18.63 -109.49 121.41
CA PRO J 211 18.36 -108.95 122.76
C PRO J 211 18.11 -110.03 123.80
N MET J 212 17.49 -111.15 123.41
CA MET J 212 17.21 -112.26 124.31
C MET J 212 17.35 -113.56 123.53
N ASP J 213 17.68 -114.63 124.25
CA ASP J 213 17.84 -115.94 123.62
C ASP J 213 17.42 -117.01 124.60
N ASN J 214 17.22 -118.21 124.08
CA ASN J 214 16.87 -119.36 124.90
C ASN J 214 18.10 -119.86 125.66
N MET J 215 17.90 -120.21 126.92
CA MET J 215 19.01 -120.46 127.85
C MET J 215 19.47 -121.91 127.88
N PHE J 216 18.69 -122.84 127.30
CA PHE J 216 19.15 -124.21 127.16
C PHE J 216 19.86 -124.44 125.84
N ARG J 217 19.40 -123.78 124.77
CA ARG J 217 19.93 -123.99 123.44
C ARG J 217 21.23 -123.25 123.20
N HIS J 218 21.52 -122.20 123.97
CA HIS J 218 22.63 -121.31 123.68
C HIS J 218 23.34 -120.94 124.97
N ASN J 219 24.60 -121.36 125.10
CA ASN J 219 25.43 -121.01 126.25
C ASN J 219 26.25 -119.78 125.85
N ASN J 220 25.72 -118.61 126.19
CA ASN J 220 26.28 -117.36 125.71
C ASN J 220 27.73 -117.16 126.14
N LEU J 221 28.14 -117.78 127.26
CA LEU J 221 29.46 -117.57 127.82
C LEU J 221 30.03 -118.90 128.29
N THR J 222 31.35 -118.93 128.43
CA THR J 222 32.05 -120.12 128.90
C THR J 222 33.22 -119.66 129.76
N LEU J 223 33.17 -119.98 131.05
CA LEU J 223 34.26 -119.67 131.95
C LEU J 223 35.36 -120.71 131.79
N MET J 224 36.61 -120.24 131.73
CA MET J 224 37.77 -121.10 131.59
C MET J 224 38.80 -120.72 132.65
N ILE J 225 39.26 -121.71 133.41
CA ILE J 225 40.32 -121.55 134.39
C ILE J 225 41.46 -122.46 133.96
N ILE J 226 42.56 -121.87 133.50
CA ILE J 226 43.66 -122.62 132.93
C ILE J 226 44.94 -122.27 133.67
N PRO J 227 45.57 -123.19 134.40
CA PRO J 227 46.84 -122.87 135.10
C PRO J 227 47.98 -122.69 134.11
N PHE J 228 48.51 -121.47 134.05
CA PHE J 228 49.63 -121.20 133.15
C PHE J 228 50.97 -121.53 133.80
N VAL J 229 51.10 -121.29 135.10
CA VAL J 229 52.26 -121.71 135.88
C VAL J 229 51.79 -122.75 136.89
N PRO J 230 52.27 -123.98 136.83
CA PRO J 230 51.64 -125.05 137.60
C PRO J 230 51.84 -124.89 139.10
N LEU J 231 50.93 -125.49 139.85
CA LEU J 231 51.04 -125.49 141.31
C LEU J 231 52.28 -126.28 141.73
N ASN J 232 52.99 -125.74 142.72
CA ASN J 232 54.13 -126.44 143.30
C ASN J 232 54.30 -125.99 144.73
N TYR J 233 54.98 -126.83 145.51
CA TYR J 233 55.20 -126.59 146.92
C TYR J 233 56.17 -127.62 147.44
N SER J 234 56.94 -127.23 148.45
CA SER J 234 57.88 -128.16 149.06
C SER J 234 57.13 -129.16 149.92
N GLU J 235 57.80 -130.28 150.21
CA GLU J 235 57.20 -131.32 151.03
C GLU J 235 56.84 -130.76 152.41
N GLY J 236 55.59 -130.97 152.82
CA GLY J 236 55.10 -130.47 154.08
C GLY J 236 53.95 -129.49 153.96
N SER J 237 54.05 -128.57 152.99
CA SER J 237 52.96 -127.64 152.72
C SER J 237 51.73 -128.40 152.24
N SER J 238 50.56 -127.98 152.70
CA SER J 238 49.35 -128.76 152.47
C SER J 238 49.20 -129.04 150.98
N PRO J 239 48.90 -130.28 150.58
CA PRO J 239 48.91 -130.65 149.16
C PRO J 239 47.58 -130.55 148.43
N TYR J 240 46.49 -130.21 149.12
CA TYR J 240 45.17 -130.17 148.50
C TYR J 240 44.73 -128.71 148.39
N VAL J 241 44.88 -128.15 147.19
CA VAL J 241 44.51 -126.77 146.91
C VAL J 241 43.25 -126.75 146.05
N PRO J 242 42.08 -126.45 146.62
CA PRO J 242 40.87 -126.39 145.81
C PRO J 242 40.59 -125.02 145.24
N ILE J 243 39.86 -125.03 144.11
CA ILE J 243 39.36 -123.84 143.44
C ILE J 243 37.84 -123.89 143.50
N THR J 244 37.22 -122.81 143.99
CA THR J 244 35.77 -122.75 144.13
C THR J 244 35.22 -121.62 143.27
N VAL J 245 34.23 -121.93 142.43
CA VAL J 245 33.61 -120.97 141.54
C VAL J 245 32.27 -120.55 142.12
N THR J 246 32.02 -119.25 142.18
CA THR J 246 30.76 -118.69 142.68
C THR J 246 30.27 -117.65 141.69
N ILE J 247 29.14 -117.93 141.04
CA ILE J 247 28.61 -117.09 139.98
C ILE J 247 27.24 -116.57 140.42
N ALA J 248 26.97 -115.31 140.12
CA ALA J 248 25.71 -114.68 140.51
C ALA J 248 25.06 -114.06 139.28
N PRO J 249 23.86 -114.51 138.89
CA PRO J 249 23.14 -113.79 137.84
C PRO J 249 22.88 -112.36 138.28
N MET J 250 22.77 -111.48 137.29
CA MET J 250 22.59 -110.05 137.54
C MET J 250 21.65 -109.51 136.49
N CYS J 251 20.61 -108.81 136.94
CA CYS J 251 19.61 -108.22 136.04
C CYS J 251 19.03 -109.31 135.14
N ALA J 252 18.50 -110.35 135.78
CA ALA J 252 17.92 -111.47 135.04
C ALA J 252 16.51 -111.13 134.57
N GLU J 253 16.23 -111.48 133.32
CA GLU J 253 14.92 -111.27 132.71
C GLU J 253 14.50 -112.54 132.01
N TYR J 254 13.20 -112.84 132.09
CA TYR J 254 12.63 -114.03 131.47
C TYR J 254 11.36 -113.64 130.73
N ASN J 255 11.22 -114.14 129.51
CA ASN J 255 10.08 -113.84 128.66
C ASN J 255 9.51 -115.11 128.07
N GLY J 256 8.21 -115.08 127.79
CA GLY J 256 7.55 -116.21 127.18
C GLY J 256 7.31 -117.35 128.15
N LEU J 257 6.39 -117.16 129.09
CA LEU J 257 6.06 -118.19 130.06
C LEU J 257 5.22 -119.29 129.42
N ARG J 258 5.42 -120.51 129.89
CA ARG J 258 4.80 -121.68 129.29
C ARG J 258 5.07 -122.89 130.18
N LEU J 259 4.78 -124.07 129.66
CA LEU J 259 5.29 -125.31 130.22
C LEU J 259 6.81 -125.25 130.31
N ALA J 260 7.39 -126.19 131.04
CA ALA J 260 8.84 -126.26 131.22
C ALA J 260 9.34 -127.64 130.82
N SER J 261 10.61 -127.69 130.44
CA SER J 261 11.26 -128.97 130.14
C SER J 261 12.75 -128.75 129.99
N SER J 262 13.54 -129.74 130.45
CA SER J 262 14.99 -129.68 130.34
C SER J 262 15.44 -130.01 128.91
N GLY K 1 22.86 -86.75 74.23
CA GLY K 1 24.19 -87.41 74.08
C GLY K 1 25.34 -86.55 74.54
N LEU K 2 25.58 -86.55 75.85
CA LEU K 2 26.67 -85.77 76.41
C LEU K 2 28.02 -86.32 75.95
N PRO K 3 28.90 -85.52 75.35
CA PRO K 3 30.20 -86.04 74.94
C PRO K 3 31.01 -86.52 76.13
N VAL K 4 31.66 -87.68 75.96
CA VAL K 4 32.40 -88.33 77.03
C VAL K 4 33.58 -89.09 76.42
N MET K 5 34.65 -89.22 77.21
CA MET K 5 35.83 -89.99 76.82
C MET K 5 36.25 -90.87 77.98
N THR K 6 36.18 -92.19 77.80
CA THR K 6 36.59 -93.11 78.85
C THR K 6 38.10 -93.18 78.93
N THR K 7 38.64 -93.07 80.15
CA THR K 7 40.06 -93.10 80.42
C THR K 7 40.50 -94.52 80.76
N PRO K 8 41.80 -94.81 80.65
CA PRO K 8 42.29 -96.13 81.09
C PRO K 8 41.82 -96.43 82.50
N GLY K 9 41.48 -97.70 82.74
CA GLY K 9 40.86 -98.11 83.97
C GLY K 9 39.37 -98.37 83.86
N SER K 10 38.77 -98.10 82.71
CA SER K 10 37.38 -98.47 82.49
C SER K 10 37.24 -100.00 82.48
N THR K 11 36.06 -100.47 82.86
CA THR K 11 35.77 -101.91 82.89
C THR K 11 36.81 -102.66 83.72
N GLN K 12 37.23 -102.04 84.81
CA GLN K 12 38.33 -102.53 85.65
C GLN K 12 37.78 -102.90 87.02
N PHE K 13 38.15 -104.07 87.49
CA PHE K 13 37.76 -104.55 88.82
C PHE K 13 39.03 -104.57 89.68
N LEU K 14 39.30 -103.45 90.33
CA LEU K 14 40.37 -103.36 91.32
C LEU K 14 39.81 -103.80 92.67
N THR K 15 40.38 -104.85 93.24
CA THR K 15 39.94 -105.36 94.53
C THR K 15 39.67 -104.24 95.53
N SER K 16 40.60 -103.29 95.62
CA SER K 16 40.49 -102.19 96.58
C SER K 16 39.94 -100.93 95.94
N ASP K 17 38.79 -101.04 95.27
CA ASP K 17 38.07 -99.86 94.78
C ASP K 17 36.87 -99.59 95.67
N ASP K 18 36.35 -98.37 95.57
CA ASP K 18 35.34 -97.89 96.51
C ASP K 18 34.22 -97.16 95.78
N PHE K 19 33.75 -97.74 94.68
CA PHE K 19 32.67 -97.13 93.91
C PHE K 19 31.31 -97.55 94.47
N GLN K 20 30.29 -96.79 94.10
CA GLN K 20 28.92 -97.09 94.50
C GLN K 20 28.32 -98.12 93.55
N SER K 21 27.46 -98.97 94.10
CA SER K 21 26.87 -100.06 93.34
C SER K 21 25.36 -100.12 93.59
N PRO K 22 24.59 -100.54 92.59
CA PRO K 22 23.13 -100.60 92.77
C PRO K 22 22.73 -101.72 93.73
N SER K 23 21.75 -101.41 94.58
CA SER K 23 21.26 -102.37 95.55
C SER K 23 20.38 -103.42 94.88
N ALA K 24 20.53 -104.66 95.32
CA ALA K 24 19.68 -105.76 94.85
C ALA K 24 18.42 -105.92 95.68
N MET K 25 18.36 -105.31 96.86
CA MET K 25 17.20 -105.38 97.76
C MET K 25 16.76 -103.95 98.07
N PRO K 26 16.11 -103.28 97.11
CA PRO K 26 15.71 -101.89 97.35
C PRO K 26 14.70 -101.79 98.48
N GLN K 27 14.88 -100.77 99.32
CA GLN K 27 13.91 -100.44 100.36
C GLN K 27 13.83 -101.50 101.45
N PHE K 28 14.92 -102.24 101.65
CA PHE K 28 14.98 -103.23 102.71
C PHE K 28 15.09 -102.55 104.07
N ASP K 29 14.13 -102.82 104.94
CA ASP K 29 14.15 -102.27 106.29
C ASP K 29 15.14 -103.09 107.12
N VAL K 30 16.35 -102.55 107.30
CA VAL K 30 17.35 -103.25 108.09
C VAL K 30 16.82 -103.50 109.49
N THR K 31 17.15 -104.65 110.04
CA THR K 31 16.89 -104.89 111.46
C THR K 31 17.62 -103.85 112.28
N PRO K 32 16.96 -103.21 113.25
CA PRO K 32 17.58 -102.08 113.96
C PRO K 32 18.89 -102.49 114.59
N GLU K 33 19.59 -101.48 115.12
CA GLU K 33 20.87 -101.71 115.76
C GLU K 33 20.68 -101.98 117.25
N MET K 34 21.64 -102.68 117.83
CA MET K 34 21.68 -102.96 119.26
C MET K 34 23.04 -102.55 119.81
N GLN K 35 23.03 -102.08 121.06
CA GLN K 35 24.27 -101.71 121.74
C GLN K 35 24.89 -102.98 122.30
N ILE K 36 25.62 -103.68 121.44
CA ILE K 36 26.33 -104.90 121.86
C ILE K 36 27.65 -104.48 122.51
N PRO K 37 28.02 -105.07 123.65
CA PRO K 37 29.27 -104.66 124.30
C PRO K 37 30.50 -105.00 123.46
N GLY K 38 31.58 -104.30 123.76
CA GLY K 38 32.87 -104.57 123.15
C GLY K 38 33.01 -104.09 121.71
N ARG K 39 32.60 -102.86 121.44
CA ARG K 39 32.78 -102.30 120.10
C ARG K 39 34.26 -102.18 119.77
N VAL K 40 34.65 -102.71 118.60
CA VAL K 40 35.98 -102.53 118.06
C VAL K 40 35.90 -101.46 116.97
N ASN K 41 36.82 -100.49 117.00
CA ASN K 41 36.92 -99.47 115.97
C ASN K 41 38.22 -99.55 115.19
N ASN K 42 39.28 -100.08 115.79
CA ASN K 42 40.57 -100.20 115.12
C ASN K 42 41.22 -101.50 115.56
N LEU K 43 42.04 -102.08 114.67
CA LEU K 43 42.76 -103.30 115.02
C LEU K 43 43.89 -103.01 116.01
N MET K 44 44.34 -101.76 116.10
CA MET K 44 45.29 -101.43 117.16
C MET K 44 44.66 -101.54 118.54
N GLU K 45 43.33 -101.41 118.63
CA GLU K 45 42.67 -101.68 119.91
C GLU K 45 42.96 -103.11 120.37
N ILE K 46 43.09 -104.04 119.43
CA ILE K 46 43.47 -105.41 119.79
C ILE K 46 44.96 -105.51 120.00
N ALA K 47 45.75 -104.91 119.11
CA ALA K 47 47.21 -104.98 119.25
C ALA K 47 47.69 -104.38 120.56
N GLU K 48 46.89 -103.52 121.19
CA GLU K 48 47.23 -102.94 122.48
C GLU K 48 46.92 -103.86 123.65
N VAL K 49 46.39 -105.05 123.40
CA VAL K 49 45.95 -105.95 124.46
C VAL K 49 47.07 -106.93 124.77
N ASP K 50 47.42 -107.04 126.06
CA ASP K 50 48.46 -107.96 126.49
C ASP K 50 48.06 -109.41 126.19
N SER K 51 49.01 -110.17 125.64
CA SER K 51 48.82 -111.59 125.39
C SER K 51 50.10 -112.32 125.75
N VAL K 52 49.95 -113.54 126.28
CA VAL K 52 51.10 -114.27 126.81
C VAL K 52 52.06 -114.61 125.67
N VAL K 53 53.35 -114.46 125.94
CA VAL K 53 54.40 -114.64 124.95
C VAL K 53 54.97 -116.05 125.09
N PRO K 54 55.06 -116.83 124.02
CA PRO K 54 55.73 -118.16 124.12
C PRO K 54 57.24 -118.02 123.99
N VAL K 55 57.87 -117.50 125.04
CA VAL K 55 59.32 -117.26 124.99
C VAL K 55 60.08 -118.57 124.90
N ASN K 56 59.56 -119.64 125.52
CA ASN K 56 60.22 -120.95 125.50
C ASN K 56 59.65 -121.76 124.34
N ASN K 57 60.08 -121.39 123.14
CA ASN K 57 59.60 -122.02 121.91
C ASN K 57 60.11 -123.43 121.70
N THR K 58 60.92 -123.96 122.60
CA THR K 58 61.53 -125.27 122.45
C THR K 58 60.55 -126.29 121.88
N GLU K 59 61.02 -127.02 120.87
CA GLU K 59 60.28 -128.07 120.20
C GLU K 59 59.34 -128.83 121.14
N ALA K 60 59.84 -129.24 122.30
CA ALA K 60 59.03 -130.05 123.19
C ALA K 60 58.00 -129.22 123.95
N ASN K 61 58.31 -127.96 124.25
CA ASN K 61 57.38 -127.14 125.02
C ASN K 61 56.30 -126.50 124.15
N VAL K 62 56.55 -126.31 122.86
CA VAL K 62 55.65 -125.50 122.04
C VAL K 62 54.25 -126.08 121.99
N ASN K 63 54.12 -127.41 122.12
CA ASN K 63 52.81 -128.05 122.13
C ASN K 63 52.23 -128.21 123.53
N SER K 64 52.52 -127.24 124.41
CA SER K 64 52.04 -127.28 125.77
C SER K 64 52.14 -125.87 126.35
N LEU K 65 51.50 -125.67 127.50
CA LEU K 65 51.61 -124.38 128.18
C LEU K 65 53.04 -124.08 128.66
N LYS K 66 53.92 -125.09 128.66
CA LYS K 66 55.29 -124.88 129.10
C LYS K 66 56.03 -123.87 128.23
N ALA K 67 55.53 -123.61 127.02
CA ALA K 67 56.18 -122.64 126.14
C ALA K 67 56.10 -121.24 126.75
N TYR K 68 54.99 -120.92 127.40
CA TYR K 68 54.81 -119.59 127.98
C TYR K 68 55.56 -119.41 129.28
N GLN K 69 56.12 -120.49 129.84
CA GLN K 69 56.78 -120.43 131.14
C GLN K 69 58.27 -120.16 130.93
N ILE K 70 58.75 -119.06 131.52
CA ILE K 70 60.17 -118.72 131.52
C ILE K 70 60.77 -119.29 132.80
N PRO K 71 61.63 -120.31 132.73
CA PRO K 71 62.17 -120.89 133.96
C PRO K 71 63.17 -119.95 134.63
N VAL K 72 63.04 -119.80 135.93
CA VAL K 72 64.00 -119.06 136.75
C VAL K 72 64.28 -119.90 137.98
N GLN K 73 65.51 -119.83 138.48
CA GLN K 73 65.91 -120.71 139.58
C GLN K 73 66.94 -120.01 140.45
N SER K 74 67.05 -120.49 141.69
CA SER K 74 68.09 -120.02 142.60
C SER K 74 69.44 -120.52 142.11
N ASN K 75 70.45 -119.66 142.17
CA ASN K 75 71.69 -119.93 141.47
C ASN K 75 72.90 -119.61 142.32
N SER K 76 74.00 -120.24 141.94
CA SER K 76 75.32 -119.96 142.47
C SER K 76 76.04 -118.84 141.74
N ASP K 77 75.49 -118.36 140.62
CA ASP K 77 76.16 -117.39 139.78
C ASP K 77 75.35 -116.08 139.71
N ASN K 78 75.81 -115.17 138.87
CA ASN K 78 75.15 -113.91 138.58
C ASN K 78 75.15 -113.75 137.06
N GLY K 79 74.87 -112.54 136.57
CA GLY K 79 74.70 -112.36 135.14
C GLY K 79 73.68 -113.35 134.63
N LYS K 80 74.14 -114.46 134.06
CA LYS K 80 73.31 -115.62 133.76
C LYS K 80 72.01 -115.20 133.08
N GLN K 81 72.14 -114.83 131.81
CA GLN K 81 70.98 -114.45 131.01
C GLN K 81 69.87 -115.47 131.18
N VAL K 82 68.65 -114.99 131.42
CA VAL K 82 67.49 -115.86 131.55
C VAL K 82 66.84 -116.12 130.20
N PHE K 83 66.76 -115.10 129.35
CA PHE K 83 66.19 -115.28 128.03
C PHE K 83 66.71 -114.18 127.12
N GLY K 84 66.58 -114.41 125.82
CA GLY K 84 66.91 -113.42 124.83
C GLY K 84 66.25 -113.70 123.49
N PHE K 85 65.45 -112.76 123.00
CA PHE K 85 64.90 -112.89 121.67
C PHE K 85 65.13 -111.60 120.89
N PRO K 86 65.23 -111.69 119.57
CA PRO K 86 65.31 -110.46 118.77
C PRO K 86 63.98 -109.74 118.76
N LEU K 87 64.05 -108.44 118.49
CA LEU K 87 62.87 -107.57 118.53
C LEU K 87 62.14 -107.57 117.20
N GLN K 88 61.78 -108.77 116.73
CA GLN K 88 61.02 -108.92 115.50
C GLN K 88 59.56 -109.27 115.82
N PRO K 89 58.72 -108.28 116.12
CA PRO K 89 57.35 -108.62 116.56
C PRO K 89 56.56 -109.41 115.54
N GLY K 90 56.87 -109.28 114.25
CA GLY K 90 56.08 -109.92 113.24
C GLY K 90 56.74 -111.10 112.57
N ALA K 91 58.03 -111.30 112.82
CA ALA K 91 58.79 -112.34 112.13
C ALA K 91 59.17 -113.50 113.04
N ASN K 92 59.88 -113.23 114.14
CA ASN K 92 60.37 -114.30 114.99
C ASN K 92 59.22 -115.06 115.63
N GLY K 93 59.45 -116.36 115.88
CA GLY K 93 58.42 -117.21 116.45
C GLY K 93 58.01 -116.83 117.86
N VAL K 94 58.87 -116.09 118.57
CA VAL K 94 58.53 -115.68 119.93
C VAL K 94 57.30 -114.78 119.92
N LEU K 95 57.19 -113.93 118.90
CA LEU K 95 56.21 -112.85 118.89
C LEU K 95 55.21 -112.91 117.74
N ASN K 96 55.55 -113.54 116.62
CA ASN K 96 54.71 -113.41 115.43
C ASN K 96 53.31 -114.00 115.65
N ARG K 97 53.17 -114.96 116.57
CA ARG K 97 51.87 -115.55 116.85
C ARG K 97 51.17 -114.92 118.05
N THR K 98 51.82 -113.98 118.73
CA THR K 98 51.14 -113.19 119.75
C THR K 98 49.94 -112.49 119.10
N LEU K 99 49.10 -111.88 119.96
CA LEU K 99 48.06 -111.00 119.45
C LEU K 99 48.66 -109.92 118.54
N LEU K 100 49.66 -109.21 119.07
CA LEU K 100 50.33 -108.14 118.32
C LEU K 100 50.93 -108.67 117.02
N GLY K 101 51.62 -109.81 117.09
CA GLY K 101 52.24 -110.34 115.89
C GLY K 101 51.23 -110.78 114.86
N GLU K 102 50.13 -111.38 115.31
CA GLU K 102 49.07 -111.76 114.39
C GLU K 102 48.55 -110.55 113.63
N ILE K 103 48.31 -109.45 114.35
CA ILE K 103 47.83 -108.25 113.67
C ILE K 103 48.90 -107.71 112.72
N LEU K 104 50.16 -107.70 113.16
CA LEU K 104 51.23 -107.18 112.31
C LEU K 104 51.39 -108.00 111.04
N ASN K 105 51.04 -109.29 111.07
CA ASN K 105 51.22 -110.13 109.89
C ASN K 105 50.21 -109.85 108.79
N TYR K 106 49.20 -109.02 109.04
CA TYR K 106 48.29 -108.56 108.00
C TYR K 106 48.72 -107.22 107.40
N TYR K 107 49.85 -106.66 107.84
CA TYR K 107 50.37 -105.39 107.35
C TYR K 107 51.83 -105.58 106.97
N THR K 108 52.38 -104.62 106.23
CA THR K 108 53.77 -104.70 105.79
C THR K 108 54.72 -103.87 106.63
N HIS K 109 54.30 -102.69 107.08
CA HIS K 109 55.14 -101.81 107.87
C HIS K 109 54.57 -101.67 109.28
N TRP K 110 55.46 -101.43 110.24
CA TRP K 110 55.06 -101.19 111.61
C TRP K 110 56.00 -100.17 112.24
N SER K 111 55.50 -99.46 113.25
CA SER K 111 56.30 -98.48 113.96
C SER K 111 55.65 -98.21 115.31
N GLY K 112 56.49 -98.13 116.35
CA GLY K 112 56.03 -97.78 117.68
C GLY K 112 56.76 -98.52 118.78
N SER K 113 56.43 -98.22 120.02
CA SER K 113 57.02 -98.86 121.19
C SER K 113 56.20 -100.08 121.58
N ILE K 114 56.82 -100.94 122.38
CA ILE K 114 56.20 -102.22 122.74
C ILE K 114 56.24 -102.42 124.25
N LYS K 115 55.11 -102.85 124.81
CA LYS K 115 55.02 -103.17 126.23
C LYS K 115 55.35 -104.63 126.43
N LEU K 116 56.43 -104.90 127.18
CA LEU K 116 56.80 -106.23 127.63
C LEU K 116 56.52 -106.26 129.13
N THR K 117 55.44 -106.91 129.51
CA THR K 117 55.09 -107.06 130.91
C THR K 117 55.57 -108.42 131.41
N PHE K 118 56.32 -108.43 132.50
CA PHE K 118 56.85 -109.66 133.08
C PHE K 118 56.22 -109.86 134.44
N MET K 119 55.59 -111.02 134.65
CA MET K 119 54.93 -111.36 135.91
C MET K 119 55.63 -112.56 136.53
N PHE K 120 56.01 -112.44 137.80
CA PHE K 120 56.68 -113.50 138.52
C PHE K 120 55.65 -114.38 139.23
N CYS K 121 55.58 -115.67 138.87
CA CYS K 121 54.59 -116.57 139.44
C CYS K 121 55.20 -117.54 140.44
N GLY K 122 56.26 -117.11 141.12
CA GLY K 122 56.89 -117.95 142.11
C GLY K 122 56.18 -117.89 143.44
N SER K 123 56.83 -118.41 144.47
CA SER K 123 56.29 -118.39 145.81
C SER K 123 56.30 -116.98 146.38
N ALA K 124 55.34 -116.70 147.27
CA ALA K 124 55.30 -115.40 147.90
C ALA K 124 56.55 -115.09 148.70
N MET K 125 57.33 -116.12 149.07
CA MET K 125 58.53 -115.94 149.88
C MET K 125 59.77 -115.70 149.05
N ALA K 126 59.72 -115.95 147.75
CA ALA K 126 60.90 -115.76 146.90
C ALA K 126 61.13 -114.27 146.66
N THR K 127 62.41 -113.91 146.56
CA THR K 127 62.80 -112.55 146.23
C THR K 127 63.93 -112.61 145.21
N GLY K 128 64.19 -111.47 144.57
CA GLY K 128 65.33 -111.41 143.68
C GLY K 128 65.35 -110.13 142.89
N LYS K 129 66.31 -110.03 141.98
CA LYS K 129 66.40 -108.86 141.10
C LYS K 129 66.89 -109.26 139.73
N PHE K 130 66.27 -108.68 138.70
CA PHE K 130 66.59 -108.99 137.32
C PHE K 130 66.89 -107.71 136.54
N LEU K 131 67.65 -107.87 135.46
CA LEU K 131 67.99 -106.79 134.53
C LEU K 131 67.30 -107.09 133.21
N LEU K 132 66.26 -106.31 132.90
CA LEU K 132 65.56 -106.39 131.62
C LEU K 132 66.18 -105.35 130.70
N ALA K 133 66.83 -105.78 129.62
CA ALA K 133 67.58 -104.88 128.76
C ALA K 133 67.13 -105.02 127.32
N TYR K 134 66.96 -103.87 126.66
CA TYR K 134 66.77 -103.79 125.22
C TYR K 134 68.04 -103.18 124.64
N SER K 135 68.78 -103.97 123.87
CA SER K 135 69.99 -103.51 123.23
C SER K 135 69.71 -103.25 121.75
N PRO K 136 69.72 -102.01 121.28
CA PRO K 136 69.51 -101.76 119.86
C PRO K 136 70.50 -102.52 119.01
N PRO K 137 70.20 -102.70 117.73
CA PRO K 137 71.11 -103.45 116.86
C PRO K 137 72.42 -102.72 116.62
N GLY K 138 73.30 -103.30 115.81
CA GLY K 138 74.59 -102.71 115.53
C GLY K 138 75.70 -103.50 116.19
N ALA K 139 75.44 -103.94 117.42
CA ALA K 139 76.30 -104.86 118.14
C ALA K 139 75.56 -106.17 118.32
N GLY K 140 76.31 -107.28 118.29
CA GLY K 140 75.71 -108.58 118.45
C GLY K 140 74.86 -108.67 119.70
N VAL K 141 74.15 -109.78 119.87
CA VAL K 141 73.35 -109.93 121.09
C VAL K 141 74.25 -109.76 122.31
N PRO K 142 73.85 -108.99 123.32
CA PRO K 142 74.72 -108.84 124.50
C PRO K 142 75.09 -110.20 125.07
N LYS K 143 76.39 -110.41 125.26
CA LYS K 143 76.90 -111.69 125.71
C LYS K 143 76.94 -111.82 127.22
N ASN K 144 77.17 -110.73 127.94
CA ASN K 144 77.17 -110.73 129.39
C ASN K 144 76.36 -109.54 129.90
N ARG K 145 75.98 -109.62 131.18
CA ARG K 145 75.22 -108.53 131.77
C ARG K 145 75.95 -107.21 131.64
N LYS K 146 77.28 -107.21 131.65
CA LYS K 146 78.02 -105.97 131.45
C LYS K 146 77.67 -105.34 130.10
N ASP K 147 77.67 -106.15 129.04
CA ASP K 147 77.32 -105.64 127.72
C ASP K 147 75.86 -105.23 127.64
N ALA K 148 74.96 -106.04 128.20
CA ALA K 148 73.53 -105.69 128.13
C ALA K 148 73.22 -104.44 128.94
N MET K 149 74.03 -104.15 129.96
CA MET K 149 73.76 -103.04 130.86
C MET K 149 73.95 -101.67 130.22
N LEU K 150 74.68 -101.59 129.11
CA LEU K 150 74.90 -100.29 128.48
C LEU K 150 73.63 -99.81 127.79
N GLY K 151 72.97 -100.68 127.03
CA GLY K 151 71.73 -100.32 126.39
C GLY K 151 70.63 -100.08 127.40
N THR K 152 69.46 -99.71 126.88
CA THR K 152 68.29 -99.49 127.73
C THR K 152 68.07 -100.70 128.61
N HIS K 153 68.07 -100.47 129.93
CA HIS K 153 67.90 -101.56 130.89
C HIS K 153 67.09 -101.10 132.09
N VAL K 154 66.55 -102.07 132.81
CA VAL K 154 65.66 -101.83 133.95
C VAL K 154 65.97 -102.86 135.02
N ILE K 155 66.07 -102.40 136.27
CA ILE K 155 66.29 -103.27 137.41
C ILE K 155 64.92 -103.56 138.03
N TRP K 156 64.49 -104.82 137.95
CA TRP K 156 63.19 -105.26 138.43
C TRP K 156 63.41 -106.07 139.70
N ASP K 157 62.98 -105.55 140.84
CA ASP K 157 63.08 -106.27 142.11
C ASP K 157 61.80 -107.09 142.31
N VAL K 158 61.94 -108.41 142.20
CA VAL K 158 60.84 -109.31 142.51
C VAL K 158 60.66 -109.34 144.02
N GLY K 159 59.50 -108.87 144.49
CA GLY K 159 59.20 -108.80 145.90
C GLY K 159 58.33 -107.61 146.18
N LEU K 160 58.77 -106.42 145.74
CA LEU K 160 57.89 -105.26 145.79
C LEU K 160 57.00 -105.20 144.56
N GLN K 161 57.53 -105.61 143.41
CA GLN K 161 56.82 -105.57 142.14
C GLN K 161 56.71 -107.00 141.62
N SER K 162 55.57 -107.65 141.86
CA SER K 162 55.32 -108.95 141.25
C SER K 162 55.34 -108.84 139.72
N SER K 163 54.89 -107.71 139.18
CA SER K 163 54.88 -107.44 137.76
C SER K 163 55.69 -106.20 137.45
N CYS K 164 56.33 -106.21 136.28
CA CYS K 164 57.12 -105.07 135.82
C CYS K 164 56.94 -104.90 134.32
N VAL K 165 56.66 -103.66 133.90
CA VAL K 165 56.39 -103.34 132.51
C VAL K 165 57.57 -102.58 131.93
N LEU K 166 58.15 -103.12 130.87
CA LEU K 166 59.24 -102.49 130.12
C LEU K 166 58.68 -101.97 128.81
N CYS K 167 58.77 -100.67 128.59
CA CYS K 167 58.29 -100.05 127.34
C CYS K 167 59.49 -99.89 126.41
N VAL K 168 59.68 -100.87 125.52
CA VAL K 168 60.78 -100.83 124.57
C VAL K 168 60.52 -99.63 123.66
N PRO K 169 61.45 -98.68 123.58
CA PRO K 169 61.22 -97.48 122.78
C PRO K 169 61.48 -97.72 121.30
N TRP K 170 60.99 -96.78 120.49
CA TRP K 170 61.16 -96.83 119.05
C TRP K 170 62.45 -96.09 118.70
N ILE K 171 63.54 -96.84 118.56
CA ILE K 171 64.84 -96.30 118.17
C ILE K 171 65.19 -96.94 116.84
N SER K 172 64.90 -96.23 115.75
CA SER K 172 65.09 -96.76 114.41
C SER K 172 65.59 -95.64 113.49
N GLN K 173 66.35 -96.03 112.47
CA GLN K 173 66.79 -95.04 111.50
C GLN K 173 65.61 -94.49 110.70
N THR K 174 64.62 -95.34 110.42
CA THR K 174 63.48 -94.96 109.60
C THR K 174 62.25 -94.71 110.47
N HIS K 175 61.23 -94.11 109.85
CA HIS K 175 59.97 -93.89 110.55
C HIS K 175 59.25 -95.21 110.80
N TYR K 176 59.45 -96.21 109.94
CA TYR K 176 58.78 -97.50 110.06
C TYR K 176 59.81 -98.61 109.90
N ARG K 177 59.38 -99.83 110.17
CA ARG K 177 60.18 -101.04 109.98
C ARG K 177 59.35 -102.09 109.27
N TYR K 178 60.04 -102.99 108.56
CA TYR K 178 59.36 -104.08 107.89
C TYR K 178 58.90 -105.11 108.92
N VAL K 179 57.65 -105.57 108.78
CA VAL K 179 57.17 -106.68 109.60
C VAL K 179 57.98 -107.94 109.30
N VAL K 180 58.41 -108.11 108.05
CA VAL K 180 59.24 -109.25 107.68
C VAL K 180 60.70 -108.93 107.96
N GLU K 181 61.51 -109.97 108.08
CA GLU K 181 62.91 -109.80 108.45
C GLU K 181 63.67 -109.08 107.35
N ASP K 182 64.36 -108.00 107.72
CA ASP K 182 65.29 -107.32 106.83
C ASP K 182 66.40 -106.72 107.66
N GLU K 183 67.65 -107.02 107.31
CA GLU K 183 68.79 -106.52 108.07
C GLU K 183 68.90 -105.00 108.00
N TYR K 184 68.21 -104.37 107.05
CA TYR K 184 68.17 -102.91 107.05
C TYR K 184 67.35 -102.41 108.23
N THR K 185 66.05 -102.73 108.23
CA THR K 185 65.16 -102.44 109.36
C THR K 185 65.41 -103.48 110.45
N ALA K 186 66.49 -103.27 111.18
CA ALA K 186 66.80 -104.09 112.34
C ALA K 186 66.22 -103.44 113.58
N ALA K 187 65.83 -104.28 114.54
CA ALA K 187 65.12 -103.82 115.72
C ALA K 187 65.91 -103.94 117.01
N GLY K 188 66.85 -104.88 117.10
CA GLY K 188 67.65 -105.04 118.31
C GLY K 188 67.42 -106.40 118.94
N TYR K 189 67.88 -106.52 120.19
CA TYR K 189 67.77 -107.77 120.95
C TYR K 189 67.27 -107.46 122.35
N ILE K 190 66.35 -108.27 122.86
CA ILE K 190 65.82 -108.11 124.20
C ILE K 190 66.34 -109.27 125.04
N THR K 191 67.06 -108.94 126.10
CA THR K 191 67.70 -109.93 126.96
C THR K 191 67.30 -109.67 128.40
N CYS K 192 67.42 -110.71 129.22
CA CYS K 192 67.22 -110.59 130.66
C CYS K 192 68.34 -111.32 131.40
N TRP K 193 68.77 -110.73 132.51
CA TRP K 193 69.90 -111.26 133.26
C TRP K 193 69.57 -111.25 134.75
N TYR K 194 70.30 -112.06 135.52
CA TYR K 194 70.17 -112.02 136.98
C TYR K 194 70.92 -110.82 137.51
N GLN K 195 70.21 -109.92 138.18
CA GLN K 195 70.83 -108.81 138.89
C GLN K 195 71.24 -109.21 140.30
N THR K 196 70.38 -109.95 140.99
CA THR K 196 70.70 -110.56 142.27
C THR K 196 69.94 -111.88 142.37
N ASN K 197 70.70 -112.96 142.58
CA ASN K 197 70.17 -114.32 142.60
C ASN K 197 68.88 -114.44 143.38
N ILE K 198 68.00 -115.32 142.90
CA ILE K 198 66.76 -115.67 143.57
C ILE K 198 67.06 -116.30 144.92
N VAL K 199 66.74 -115.59 146.00
CA VAL K 199 66.90 -116.10 147.36
C VAL K 199 65.55 -116.64 147.83
N VAL K 200 65.57 -117.86 148.35
CA VAL K 200 64.34 -118.54 148.80
C VAL K 200 64.57 -119.07 150.22
N PRO K 201 63.53 -119.14 151.05
CA PRO K 201 63.70 -119.75 152.37
C PRO K 201 63.68 -121.26 152.31
N ALA K 202 63.71 -121.89 153.48
CA ALA K 202 63.62 -123.34 153.57
C ALA K 202 62.20 -123.81 153.30
N ASP K 203 62.09 -125.02 152.77
CA ASP K 203 60.81 -125.71 152.59
C ASP K 203 59.86 -124.92 151.68
N VAL K 204 60.41 -124.23 150.70
CA VAL K 204 59.63 -123.69 149.59
C VAL K 204 60.48 -123.80 148.33
N GLN K 205 59.83 -123.97 147.20
CA GLN K 205 60.53 -124.33 145.97
C GLN K 205 61.47 -123.21 145.53
N SER K 206 62.65 -123.60 145.08
CA SER K 206 63.67 -122.65 144.65
C SER K 206 63.58 -122.31 143.17
N SER K 207 62.86 -123.10 142.39
CA SER K 207 62.69 -122.86 140.97
C SER K 207 61.26 -122.38 140.72
N CYS K 208 61.15 -121.23 140.07
CA CYS K 208 59.88 -120.59 139.79
C CYS K 208 59.77 -120.31 138.30
N ASP K 209 58.65 -119.72 137.90
CA ASP K 209 58.38 -119.39 136.50
C ASP K 209 57.98 -117.93 136.38
N ILE K 210 58.19 -117.40 135.18
CA ILE K 210 57.79 -116.05 134.84
C ILE K 210 56.95 -116.12 133.57
N LEU K 211 55.96 -115.24 133.47
CA LEU K 211 55.13 -115.11 132.28
C LEU K 211 55.42 -113.78 131.62
N CYS K 212 55.47 -113.79 130.28
CA CYS K 212 55.73 -112.60 129.49
C CYS K 212 54.51 -112.22 128.66
N PHE K 213 54.20 -110.93 128.63
CA PHE K 213 53.06 -110.38 127.92
C PHE K 213 53.54 -109.30 126.96
N VAL K 214 52.95 -109.27 125.77
CA VAL K 214 53.30 -108.30 124.73
C VAL K 214 52.07 -107.48 124.39
N SER K 215 52.25 -106.16 124.34
CA SER K 215 51.21 -105.27 123.86
C SER K 215 51.86 -104.12 123.12
N ALA K 216 51.04 -103.29 122.50
CA ALA K 216 51.51 -102.08 121.82
C ALA K 216 51.30 -100.87 122.72
N CYS K 217 52.18 -99.88 122.56
CA CYS K 217 52.08 -98.64 123.31
C CYS K 217 51.14 -97.67 122.58
N ASN K 218 50.98 -96.47 123.14
CA ASN K 218 50.05 -95.49 122.57
C ASN K 218 50.51 -94.95 121.22
N ASP K 219 51.76 -95.17 120.83
CA ASP K 219 52.29 -94.62 119.59
C ASP K 219 52.69 -95.73 118.63
N PHE K 220 51.75 -96.61 118.31
CA PHE K 220 52.02 -97.79 117.48
C PHE K 220 51.03 -97.83 116.34
N SER K 221 51.53 -98.05 115.13
CA SER K 221 50.70 -98.03 113.93
C SER K 221 51.25 -99.01 112.91
N VAL K 222 50.36 -99.47 112.03
CA VAL K 222 50.70 -100.43 110.97
C VAL K 222 50.23 -99.88 109.64
N ARG K 223 50.73 -100.47 108.57
CA ARG K 223 50.57 -99.88 107.24
C ARG K 223 50.68 -100.93 106.15
N MET K 224 50.14 -100.59 104.98
CA MET K 224 50.19 -101.43 103.80
C MET K 224 49.56 -102.80 104.05
N LEU K 225 48.23 -102.82 104.09
CA LEU K 225 47.48 -104.05 104.29
C LEU K 225 47.96 -105.15 103.35
N LYS K 226 47.99 -106.38 103.86
CA LYS K 226 48.41 -107.53 103.06
C LYS K 226 47.78 -108.79 103.66
N ASP K 227 47.96 -109.91 102.96
CA ASP K 227 47.47 -111.19 103.43
C ASP K 227 48.47 -111.83 104.38
N THR K 228 47.95 -112.56 105.37
CA THR K 228 48.80 -113.24 106.33
C THR K 228 49.37 -114.52 105.73
N PRO K 229 50.62 -114.87 106.06
CA PRO K 229 51.17 -116.15 105.61
C PRO K 229 50.73 -117.33 106.45
N PHE K 230 49.97 -117.11 107.52
CA PHE K 230 49.69 -118.17 108.48
C PHE K 230 48.59 -119.11 107.99
N ILE K 231 47.61 -118.61 107.26
CA ILE K 231 46.48 -119.41 106.82
C ILE K 231 46.74 -119.88 105.39
N ARG K 232 46.50 -121.16 105.12
CA ARG K 232 46.74 -121.75 103.81
C ARG K 232 45.59 -122.69 103.47
N GLN K 233 45.29 -122.78 102.19
CA GLN K 233 44.19 -123.58 101.69
C GLN K 233 44.60 -124.27 100.39
N ASP K 234 44.05 -125.46 100.17
CA ASP K 234 44.22 -126.16 98.89
C ASP K 234 42.90 -126.61 98.28
N THR K 235 41.78 -126.49 99.00
CA THR K 235 40.46 -126.84 98.48
C THR K 235 39.42 -126.10 99.30
N PHE K 236 38.22 -125.97 98.74
CA PHE K 236 37.13 -125.30 99.43
C PHE K 236 36.69 -126.14 100.63
N TYR K 237 36.83 -125.57 101.83
CA TYR K 237 36.40 -126.25 103.03
C TYR K 237 34.89 -126.51 102.97
N GLN K 238 34.47 -127.66 103.49
CA GLN K 238 33.06 -128.03 103.47
C GLN K 238 32.65 -128.80 104.74
N THR L 28 34.70 -84.25 96.24
CA THR L 28 33.25 -84.09 96.13
C THR L 28 32.59 -85.45 95.97
N ASN L 29 31.63 -85.75 96.86
CA ASN L 29 31.00 -87.08 96.92
C ASN L 29 29.49 -86.91 96.97
N ILE L 30 28.82 -87.28 95.88
CA ILE L 30 27.36 -87.28 95.80
C ILE L 30 26.91 -88.72 95.64
N ASN L 31 25.86 -89.10 96.37
CA ASN L 31 25.33 -90.45 96.31
C ASN L 31 24.21 -90.52 95.30
N TYR L 32 24.31 -91.47 94.37
CA TYR L 32 23.37 -91.54 93.25
C TYR L 32 22.19 -92.46 93.51
N TYR L 33 22.24 -93.32 94.52
CA TYR L 33 21.25 -94.37 94.69
C TYR L 33 20.36 -94.09 95.89
N LYS L 34 19.11 -94.56 95.80
CA LYS L 34 18.11 -94.30 96.83
C LYS L 34 18.33 -95.12 98.09
N ASP L 35 19.17 -96.15 98.02
CA ASP L 35 19.41 -97.06 99.14
C ASP L 35 20.79 -96.82 99.73
N ALA L 36 20.85 -96.77 101.05
CA ALA L 36 22.11 -96.46 101.73
C ALA L 36 23.16 -97.54 101.49
N ALA L 37 22.73 -98.79 101.32
CA ALA L 37 23.68 -99.87 101.08
C ALA L 37 24.49 -99.66 99.80
N SER L 38 23.97 -98.85 98.87
CA SER L 38 24.66 -98.62 97.61
C SER L 38 25.83 -97.66 97.72
N ASN L 39 26.03 -97.05 98.88
CA ASN L 39 27.05 -96.02 99.03
C ASN L 39 28.44 -96.64 99.18
N SER L 40 29.45 -95.81 98.97
CA SER L 40 30.83 -96.23 99.14
C SER L 40 31.15 -96.42 100.62
N ALA L 41 32.36 -96.90 100.89
CA ALA L 41 32.75 -97.24 102.25
C ALA L 41 32.92 -95.98 103.09
N ASN L 42 32.81 -96.16 104.40
CA ASN L 42 33.03 -95.07 105.36
C ASN L 42 34.52 -95.00 105.68
N ARG L 43 35.28 -94.53 104.69
CA ARG L 43 36.73 -94.53 104.80
C ARG L 43 37.24 -93.40 105.69
N GLN L 44 36.44 -92.38 105.96
CA GLN L 44 36.89 -91.23 106.73
C GLN L 44 36.12 -91.08 108.03
N SER M 43 9.88 -101.36 109.51
CA SER M 43 8.91 -100.77 108.59
C SER M 43 8.45 -101.78 107.54
N ARG M 44 7.32 -101.47 106.90
CA ARG M 44 6.75 -102.29 105.84
C ARG M 44 7.18 -101.82 104.46
N SER M 45 8.37 -101.21 104.37
CA SER M 45 8.78 -100.55 103.13
C SER M 45 8.74 -101.51 101.95
N GLU M 46 9.37 -102.67 102.07
CA GLU M 46 9.47 -103.59 100.95
C GLU M 46 8.16 -104.30 100.63
N SER M 47 7.12 -104.09 101.42
CA SER M 47 5.82 -104.68 101.16
C SER M 47 4.85 -103.71 100.49
N SER M 48 5.33 -102.53 100.09
CA SER M 48 4.54 -101.63 99.27
C SER M 48 4.30 -102.26 97.90
N ILE M 49 3.23 -101.81 97.23
CA ILE M 49 2.89 -102.36 95.92
C ILE M 49 3.96 -102.00 94.90
N GLU M 50 4.52 -100.80 95.00
CA GLU M 50 5.59 -100.41 94.09
C GLU M 50 6.75 -101.40 94.16
N ASN M 51 7.23 -101.69 95.37
CA ASN M 51 8.35 -102.63 95.51
C ASN M 51 7.92 -104.05 95.16
N PHE M 52 6.67 -104.41 95.48
CA PHE M 52 6.19 -105.77 95.21
C PHE M 52 6.21 -106.07 93.72
N LEU M 53 5.77 -105.12 92.89
CA LEU M 53 5.64 -105.36 91.46
C LEU M 53 6.82 -104.85 90.65
N CYS M 54 7.61 -103.91 91.19
CA CYS M 54 8.66 -103.24 90.42
C CYS M 54 9.93 -104.08 90.41
N ARG M 55 9.84 -105.22 89.74
CA ARG M 55 11.00 -106.08 89.52
C ARG M 55 10.85 -106.74 88.16
N ALA M 56 11.91 -106.71 87.37
CA ALA M 56 11.85 -107.24 86.01
C ALA M 56 11.42 -108.71 86.04
N ALA M 57 10.63 -109.09 85.05
CA ALA M 57 10.09 -110.44 84.98
C ALA M 57 10.00 -110.85 83.52
N CYS M 58 10.49 -112.06 83.20
CA CYS M 58 10.43 -112.56 81.84
C CYS M 58 8.99 -112.91 81.49
N VAL M 59 8.41 -112.20 80.53
CA VAL M 59 7.02 -112.42 80.15
C VAL M 59 6.88 -113.35 78.96
N TYR M 60 7.90 -113.45 78.12
CA TYR M 60 7.84 -114.32 76.95
C TYR M 60 9.17 -114.33 76.21
N TYR M 61 9.48 -115.41 75.53
CA TYR M 61 10.67 -115.47 74.68
C TYR M 61 10.39 -116.38 73.50
N ALA M 62 10.85 -115.96 72.33
CA ALA M 62 10.67 -116.72 71.10
C ALA M 62 11.99 -116.73 70.32
N THR M 63 12.02 -117.52 69.25
CA THR M 63 13.24 -117.77 68.50
C THR M 63 13.07 -117.35 67.05
N TYR M 64 14.19 -116.97 66.44
CA TYR M 64 14.26 -116.71 65.01
C TYR M 64 15.66 -117.06 64.51
N THR M 65 15.75 -117.41 63.23
CA THR M 65 16.96 -117.96 62.65
C THR M 65 17.46 -117.11 61.49
N ASN M 66 18.75 -117.27 61.17
CA ASN M 66 19.33 -116.60 60.02
C ASN M 66 18.93 -117.24 58.70
N ASN M 67 18.36 -118.44 58.72
CA ASN M 67 18.02 -119.15 57.50
C ASN M 67 16.59 -118.83 57.07
N SER M 68 16.28 -119.21 55.82
CA SER M 68 14.96 -118.97 55.25
C SER M 68 14.67 -117.48 55.14
N GLU M 69 13.48 -117.14 54.65
CA GLU M 69 13.01 -115.76 54.62
C GLU M 69 11.91 -115.52 55.66
N LYS M 70 11.37 -116.57 56.25
CA LYS M 70 10.46 -116.48 57.39
C LYS M 70 11.21 -116.43 58.72
N GLY M 71 12.46 -115.98 58.71
CA GLY M 71 13.30 -115.98 59.89
C GLY M 71 13.06 -114.82 60.84
N TYR M 72 11.82 -114.35 60.92
CA TYR M 72 11.42 -113.34 61.89
C TYR M 72 10.48 -113.96 62.91
N ALA M 73 10.50 -113.40 64.11
CA ALA M 73 9.66 -113.86 65.21
C ALA M 73 8.60 -112.80 65.53
N GLU M 74 7.52 -113.24 66.16
CA GLU M 74 6.41 -112.35 66.48
C GLU M 74 5.74 -112.82 67.76
N TRP M 75 5.19 -111.86 68.50
CA TRP M 75 4.49 -112.17 69.75
C TRP M 75 3.39 -111.14 69.99
N VAL M 76 2.16 -111.64 70.18
CA VAL M 76 1.07 -110.79 70.64
C VAL M 76 1.28 -110.50 72.12
N ILE M 77 1.23 -109.22 72.48
CA ILE M 77 1.62 -108.78 73.81
C ILE M 77 0.49 -109.06 74.79
N ASN M 78 0.69 -110.06 75.65
CA ASN M 78 -0.15 -110.30 76.82
C ASN M 78 0.76 -110.57 78.01
N THR M 79 0.19 -110.49 79.21
CA THR M 79 0.92 -110.74 80.43
C THR M 79 0.53 -112.06 81.09
N ARG M 80 -0.13 -112.95 80.34
CA ARG M 80 -0.72 -114.15 80.92
C ARG M 80 -0.07 -115.44 80.43
N GLN M 81 0.99 -115.34 79.61
CA GLN M 81 1.70 -116.54 79.20
C GLN M 81 2.59 -117.07 80.31
N VAL M 82 3.10 -116.19 81.18
CA VAL M 82 4.00 -116.56 82.27
C VAL M 82 3.20 -116.60 83.57
N ALA M 83 3.64 -117.48 84.48
CA ALA M 83 2.88 -117.75 85.69
C ALA M 83 3.17 -116.75 86.80
N GLN M 84 4.46 -116.48 87.06
CA GLN M 84 4.84 -115.69 88.22
C GLN M 84 4.23 -114.29 88.18
N LEU M 85 4.60 -113.52 87.15
CA LEU M 85 4.11 -112.14 87.06
C LEU M 85 2.60 -112.11 86.95
N ARG M 86 2.01 -113.07 86.22
CA ARG M 86 0.57 -113.10 86.11
C ARG M 86 -0.08 -113.20 87.48
N ARG M 87 0.41 -114.12 88.32
CA ARG M 87 -0.18 -114.27 89.66
C ARG M 87 0.01 -113.00 90.48
N LYS M 88 1.23 -112.43 90.44
CA LYS M 88 1.47 -111.21 91.19
C LYS M 88 0.45 -110.13 90.80
N LEU M 89 0.20 -109.97 89.51
CA LEU M 89 -0.74 -108.96 89.05
C LEU M 89 -2.17 -109.34 89.39
N GLU M 90 -2.51 -110.63 89.32
CA GLU M 90 -3.87 -111.09 89.60
C GLU M 90 -4.22 -110.99 91.08
N LEU M 91 -3.24 -110.72 91.96
CA LEU M 91 -3.61 -110.37 93.32
C LEU M 91 -4.55 -109.16 93.40
N PHE M 92 -4.71 -108.42 92.30
CA PHE M 92 -5.57 -107.24 92.25
C PHE M 92 -6.43 -107.31 91.00
N THR M 93 -7.58 -106.62 91.05
CA THR M 93 -8.52 -106.63 89.93
C THR M 93 -8.21 -105.55 88.90
N TYR M 94 -7.83 -104.36 89.35
CA TYR M 94 -7.54 -103.23 88.45
C TYR M 94 -6.19 -102.65 88.80
N LEU M 95 -5.35 -102.44 87.79
CA LEU M 95 -4.03 -101.87 87.98
C LEU M 95 -3.82 -100.72 87.00
N ARG M 96 -2.77 -99.95 87.25
CA ARG M 96 -2.41 -98.81 86.43
C ARG M 96 -0.93 -98.51 86.67
N PHE M 97 -0.15 -98.44 85.60
CA PHE M 97 1.29 -98.30 85.78
C PHE M 97 1.97 -98.07 84.45
N ASP M 98 3.20 -97.54 84.54
CA ASP M 98 4.13 -97.48 83.42
C ASP M 98 4.95 -98.77 83.37
N LEU M 99 5.72 -98.93 82.29
CA LEU M 99 6.50 -100.15 82.10
C LEU M 99 7.94 -99.83 81.73
N GLU M 100 8.87 -100.63 82.26
CA GLU M 100 10.26 -100.64 81.83
C GLU M 100 10.49 -101.97 81.12
N LEU M 101 10.72 -101.92 79.81
CA LEU M 101 10.95 -103.10 79.00
C LEU M 101 12.45 -103.30 78.81
N THR M 102 12.96 -104.46 79.19
CA THR M 102 14.34 -104.81 78.94
C THR M 102 14.39 -106.10 78.14
N PHE M 103 15.18 -106.11 77.08
CA PHE M 103 15.27 -107.26 76.19
C PHE M 103 16.62 -107.95 76.38
N VAL M 104 16.58 -109.26 76.60
CA VAL M 104 17.78 -110.08 76.69
C VAL M 104 17.82 -110.95 75.44
N ILE M 105 18.73 -110.62 74.53
CA ILE M 105 18.82 -111.28 73.23
C ILE M 105 20.12 -112.08 73.19
N THR M 106 20.00 -113.40 73.01
CA THR M 106 21.14 -114.29 72.96
C THR M 106 21.08 -115.11 71.68
N SER M 107 22.21 -115.25 71.01
CA SER M 107 22.30 -115.97 69.75
C SER M 107 23.20 -117.19 69.90
N ALA M 108 23.06 -118.12 68.96
CA ALA M 108 23.76 -119.39 69.04
C ALA M 108 24.04 -119.92 67.65
N GLN M 109 25.22 -120.50 67.48
CA GLN M 109 25.59 -121.10 66.21
C GLN M 109 24.79 -122.37 65.98
N GLN M 110 24.17 -122.47 64.82
CA GLN M 110 23.42 -123.67 64.45
C GLN M 110 24.25 -124.50 63.48
N PRO M 111 23.94 -125.79 63.34
CA PRO M 111 24.83 -126.67 62.57
C PRO M 111 24.98 -126.22 61.13
N SER M 112 26.15 -126.49 60.57
CA SER M 112 26.45 -126.17 59.19
C SER M 112 27.51 -127.14 58.69
N THR M 113 27.59 -127.28 57.36
CA THR M 113 28.51 -128.21 56.73
C THR M 113 29.66 -127.52 56.03
N ALA M 114 29.72 -126.19 56.09
CA ALA M 114 30.77 -125.46 55.40
C ALA M 114 32.02 -125.38 56.27
N THR M 115 33.15 -125.12 55.62
CA THR M 115 34.43 -124.98 56.29
C THR M 115 34.63 -123.53 56.72
N SER M 116 35.02 -123.33 57.98
CA SER M 116 35.41 -122.01 58.46
C SER M 116 34.24 -121.03 58.50
N VAL M 117 33.50 -121.03 59.60
CA VAL M 117 32.37 -120.12 59.80
C VAL M 117 32.84 -119.00 60.72
N ASP M 118 33.21 -117.86 60.13
CA ASP M 118 33.61 -116.67 60.87
C ASP M 118 32.50 -115.62 60.71
N ALA M 119 31.55 -115.65 61.64
CA ALA M 119 30.41 -114.74 61.57
C ALA M 119 30.73 -113.40 62.24
N PRO M 120 30.35 -112.27 61.64
CA PRO M 120 30.56 -110.98 62.30
C PRO M 120 29.48 -110.74 63.34
N VAL M 121 29.63 -109.63 64.08
CA VAL M 121 28.68 -109.30 65.13
C VAL M 121 27.28 -109.25 64.53
N GLN M 122 26.30 -109.66 65.33
CA GLN M 122 24.91 -109.73 64.90
C GLN M 122 24.13 -108.55 65.45
N THR M 123 23.40 -107.87 64.59
CA THR M 123 22.52 -106.79 64.99
C THR M 123 21.06 -107.22 64.79
N HIS M 124 20.19 -106.72 65.66
CA HIS M 124 18.80 -107.13 65.67
C HIS M 124 17.90 -105.91 65.66
N GLN M 125 16.69 -106.09 65.14
CA GLN M 125 15.64 -105.09 65.18
C GLN M 125 14.42 -105.66 65.89
N ILE M 126 13.88 -104.88 66.82
CA ILE M 126 12.64 -105.17 67.54
C ILE M 126 11.66 -104.08 67.16
N MET M 127 10.60 -104.45 66.44
CA MET M 127 9.59 -103.50 65.98
C MET M 127 8.29 -103.71 66.74
N TYR M 128 7.61 -102.63 67.10
CA TYR M 128 6.29 -102.72 67.73
C TYR M 128 5.23 -102.29 66.73
N VAL M 129 4.28 -103.17 66.46
CA VAL M 129 3.17 -102.87 65.56
C VAL M 129 1.90 -102.67 66.39
N PRO M 130 1.48 -101.44 66.65
CA PRO M 130 0.22 -101.22 67.36
C PRO M 130 -0.93 -101.84 66.59
N PRO M 131 -2.05 -102.13 67.26
CA PRO M 131 -3.19 -102.74 66.54
C PRO M 131 -3.63 -101.90 65.35
N GLY M 132 -3.62 -102.51 64.16
CA GLY M 132 -4.04 -101.85 62.94
C GLY M 132 -2.91 -101.52 62.00
N GLY M 133 -1.66 -101.58 62.44
CA GLY M 133 -0.54 -101.26 61.59
C GLY M 133 -0.22 -102.38 60.62
N PRO M 134 0.66 -102.08 59.67
CA PRO M 134 1.15 -103.12 58.76
C PRO M 134 2.00 -104.13 59.52
N VAL M 135 2.00 -105.36 59.01
CA VAL M 135 2.62 -106.50 59.67
C VAL M 135 3.70 -107.08 58.76
N PRO M 136 4.94 -107.20 59.22
CA PRO M 136 5.95 -107.89 58.39
C PRO M 136 5.52 -109.31 58.07
N THR M 137 5.50 -109.64 56.79
CA THR M 137 5.21 -110.98 56.32
C THR M 137 6.46 -111.77 55.96
N LYS M 138 7.61 -111.11 55.90
CA LYS M 138 8.87 -111.75 55.52
C LYS M 138 10.00 -110.98 56.17
N VAL M 139 11.19 -111.58 56.12
CA VAL M 139 12.37 -110.92 56.68
C VAL M 139 12.67 -109.61 55.95
N THR M 140 12.23 -109.48 54.70
CA THR M 140 12.53 -108.31 53.90
C THR M 140 11.27 -107.53 53.50
N ASP M 141 10.40 -107.26 54.46
CA ASP M 141 9.19 -106.50 54.18
C ASP M 141 9.45 -105.00 54.33
N TYR M 142 8.57 -104.20 53.74
CA TYR M 142 8.69 -102.76 53.86
C TYR M 142 8.40 -102.30 55.28
N ALA M 143 7.54 -103.03 56.00
CA ALA M 143 7.12 -102.60 57.33
C ALA M 143 8.32 -102.29 58.23
N TRP M 144 9.41 -103.03 58.04
CA TRP M 144 10.60 -102.85 58.86
C TRP M 144 11.22 -101.46 58.72
N GLN M 145 10.72 -100.62 57.82
CA GLN M 145 11.20 -99.25 57.74
C GLN M 145 10.87 -98.45 59.00
N THR M 146 9.85 -98.88 59.74
CA THR M 146 9.42 -98.22 60.98
C THR M 146 9.42 -96.70 60.84
N SER M 147 8.80 -96.23 59.76
CA SER M 147 8.63 -94.79 59.59
C SER M 147 7.94 -94.18 60.81
N THR M 148 7.03 -94.93 61.41
CA THR M 148 6.26 -94.51 62.56
C THR M 148 6.33 -95.51 63.71
N ASN M 149 6.24 -96.80 63.42
CA ASN M 149 6.27 -97.82 64.45
C ASN M 149 7.59 -97.74 65.20
N PRO M 150 7.59 -97.54 66.52
CA PRO M 150 8.86 -97.54 67.25
C PRO M 150 9.54 -98.89 67.14
N SER M 151 10.87 -98.84 67.12
CA SER M 151 11.66 -100.06 67.05
C SER M 151 13.06 -99.77 67.57
N VAL M 152 13.69 -100.83 68.09
CA VAL M 152 15.02 -100.78 68.68
C VAL M 152 15.97 -101.52 67.75
N PHE M 153 17.12 -100.91 67.46
CA PHE M 153 18.20 -101.56 66.73
C PHE M 153 19.36 -101.75 67.70
N TRP M 154 19.72 -102.99 67.98
CA TRP M 154 20.70 -103.31 69.02
C TRP M 154 21.70 -104.32 68.50
N THR M 155 22.98 -104.05 68.74
CA THR M 155 24.07 -104.93 68.33
C THR M 155 24.51 -105.80 69.50
N GLU M 156 24.80 -107.07 69.23
CA GLU M 156 25.13 -108.01 70.29
C GLU M 156 26.42 -107.61 70.98
N GLY M 157 26.54 -108.02 72.25
CA GLY M 157 27.73 -107.78 73.03
C GLY M 157 27.72 -106.53 73.87
N ASN M 158 26.62 -105.77 73.87
CA ASN M 158 26.49 -104.55 74.65
C ASN M 158 25.36 -104.72 75.67
N ALA M 159 25.15 -103.67 76.46
CA ALA M 159 24.13 -103.71 77.49
C ALA M 159 22.78 -104.06 76.86
N PRO M 160 21.98 -104.91 77.49
CA PRO M 160 20.65 -105.22 76.95
C PRO M 160 19.86 -103.95 76.70
N PRO M 161 19.14 -103.86 75.59
CA PRO M 161 18.36 -102.64 75.33
C PRO M 161 17.20 -102.51 76.30
N ARG M 162 16.92 -101.26 76.67
CA ARG M 162 15.87 -100.93 77.61
C ARG M 162 15.06 -99.76 77.07
N MET M 163 13.78 -99.74 77.40
CA MET M 163 12.81 -98.86 76.74
C MET M 163 11.58 -98.75 77.63
N SER M 164 11.23 -97.54 78.04
CA SER M 164 10.07 -97.35 78.90
C SER M 164 8.85 -96.96 78.08
N ILE M 165 7.67 -97.30 78.61
CA ILE M 165 6.40 -97.01 77.92
C ILE M 165 5.33 -96.60 78.92
N PRO M 166 4.56 -95.54 78.65
CA PRO M 166 3.55 -95.10 79.62
C PRO M 166 2.34 -96.02 79.75
N PHE M 167 1.35 -95.57 80.51
CA PHE M 167 0.06 -96.26 80.67
C PHE M 167 -0.75 -96.09 79.40
N ILE M 168 -0.80 -97.13 78.57
CA ILE M 168 -1.34 -97.00 77.22
C ILE M 168 -2.72 -97.63 77.10
N SER M 169 -3.50 -97.58 78.17
CA SER M 169 -4.81 -98.19 78.14
C SER M 169 -5.87 -97.18 77.72
N ILE M 170 -6.99 -97.71 77.24
CA ILE M 170 -8.12 -96.86 76.85
C ILE M 170 -8.93 -96.47 78.08
N GLY M 171 -9.06 -97.38 79.04
CA GLY M 171 -9.78 -97.08 80.26
C GLY M 171 -8.89 -96.38 81.27
N ASN M 172 -9.50 -95.98 82.38
CA ASN M 172 -8.79 -95.29 83.44
C ASN M 172 -7.94 -96.24 84.28
N ALA M 173 -7.82 -97.50 83.87
CA ALA M 173 -7.01 -98.47 84.58
C ALA M 173 -6.97 -99.76 83.77
N TYR M 174 -5.86 -100.49 83.89
CA TYR M 174 -5.79 -101.82 83.33
C TYR M 174 -6.78 -102.73 84.05
N SER M 175 -7.36 -103.67 83.31
CA SER M 175 -8.30 -104.64 83.85
C SER M 175 -7.63 -106.00 83.88
N CYS M 176 -7.57 -106.61 85.07
CA CYS M 176 -7.01 -107.94 85.22
C CYS M 176 -8.05 -109.04 85.02
N PHE M 177 -9.32 -108.72 85.24
CA PHE M 177 -10.40 -109.68 85.05
C PHE M 177 -11.55 -108.97 84.34
N TYR M 178 -12.37 -109.76 83.64
CA TYR M 178 -13.50 -109.21 82.91
C TYR M 178 -14.61 -110.26 82.91
N ASP M 179 -15.63 -110.05 83.75
CA ASP M 179 -16.77 -110.95 83.84
C ASP M 179 -17.85 -110.51 82.84
N GLY M 180 -17.48 -110.60 81.57
CA GLY M 180 -18.37 -110.21 80.50
C GLY M 180 -17.93 -110.82 79.19
N TRP M 181 -18.59 -110.39 78.12
CA TRP M 181 -18.34 -110.92 76.79
C TRP M 181 -17.82 -109.80 75.88
N THR M 182 -17.43 -110.19 74.67
CA THR M 182 -17.01 -109.24 73.66
C THR M 182 -18.17 -108.75 72.81
N GLN M 183 -19.20 -109.57 72.63
CA GLN M 183 -20.38 -109.21 71.84
C GLN M 183 -21.54 -108.86 72.75
N PHE M 184 -22.34 -107.87 72.33
CA PHE M 184 -23.51 -107.47 73.09
C PHE M 184 -24.57 -108.56 73.16
N SER M 185 -24.44 -109.60 72.34
CA SER M 185 -25.37 -110.73 72.34
C SER M 185 -25.03 -111.74 73.43
N ARG M 186 -24.21 -111.37 74.39
CA ARG M 186 -23.75 -112.30 75.43
C ARG M 186 -23.18 -113.56 74.80
N ASN M 187 -22.42 -113.38 73.72
CA ASN M 187 -21.85 -114.51 72.99
C ASN M 187 -20.49 -114.12 72.45
N GLY M 188 -19.89 -115.02 71.69
CA GLY M 188 -18.57 -114.78 71.11
C GLY M 188 -17.44 -115.21 72.05
N VAL M 189 -16.77 -114.22 72.64
CA VAL M 189 -15.61 -114.45 73.50
C VAL M 189 -15.99 -114.07 74.92
N TYR M 190 -15.49 -114.83 75.89
CA TYR M 190 -15.71 -114.58 77.30
C TYR M 190 -14.36 -114.48 78.01
N GLY M 191 -14.02 -113.30 78.50
CA GLY M 191 -12.93 -113.17 79.42
C GLY M 191 -12.11 -111.94 79.13
N ILE M 192 -10.91 -111.93 79.73
CA ILE M 192 -9.99 -110.80 79.60
C ILE M 192 -9.39 -110.69 78.20
N ASN M 193 -9.59 -111.70 77.37
CA ASN M 193 -9.12 -111.66 75.99
C ASN M 193 -10.06 -110.87 75.08
N THR M 194 -11.11 -110.27 75.63
CA THR M 194 -11.88 -109.27 74.93
C THR M 194 -11.34 -107.87 75.16
N LEU M 195 -10.61 -107.66 76.25
CA LEU M 195 -9.98 -106.39 76.56
C LEU M 195 -8.56 -106.32 76.02
N ASN M 196 -7.78 -107.39 76.19
CA ASN M 196 -6.41 -107.35 75.73
C ASN M 196 -6.34 -106.99 74.24
N ASN M 197 -5.86 -105.78 73.93
CA ASN M 197 -5.57 -105.37 72.55
C ASN M 197 -4.40 -104.39 72.64
N MET M 198 -3.19 -104.94 72.73
CA MET M 198 -1.99 -104.14 72.97
C MET M 198 -0.99 -104.21 71.83
N GLY M 199 -1.32 -104.86 70.73
CA GLY M 199 -0.44 -104.88 69.58
C GLY M 199 0.55 -106.02 69.61
N THR M 200 1.31 -106.11 68.52
CA THR M 200 2.25 -107.21 68.32
C THR M 200 3.68 -106.69 68.33
N LEU M 201 4.62 -107.62 68.54
CA LEU M 201 6.04 -107.30 68.62
C LEU M 201 6.81 -108.25 67.71
N TYR M 202 7.54 -107.71 66.74
CA TYR M 202 8.27 -108.48 65.75
C TYR M 202 9.77 -108.32 65.95
N MET M 203 10.51 -109.36 65.57
CA MET M 203 11.94 -109.48 65.84
C MET M 203 12.65 -110.03 64.63
N ARG M 204 13.79 -109.45 64.29
CA ARG M 204 14.53 -109.95 63.13
C ARG M 204 16.03 -109.63 63.24
N HIS M 205 16.81 -110.39 62.46
CA HIS M 205 18.22 -110.07 62.25
C HIS M 205 18.36 -108.98 61.20
N VAL M 206 19.17 -107.97 61.48
CA VAL M 206 19.43 -106.92 60.50
C VAL M 206 20.53 -107.34 59.54
N ASN M 207 21.54 -108.05 60.04
CA ASN M 207 22.61 -108.51 59.17
C ASN M 207 22.09 -109.64 58.29
N GLU M 208 22.84 -109.90 57.21
CA GLU M 208 22.47 -110.92 56.24
C GLU M 208 23.22 -112.21 56.55
N ALA M 209 22.52 -113.34 56.40
CA ALA M 209 23.12 -114.65 56.65
C ALA M 209 24.38 -114.83 55.79
N GLY M 210 25.24 -115.76 56.23
CA GLY M 210 26.42 -116.13 55.46
C GLY M 210 26.40 -117.59 55.07
N GLN M 211 27.45 -118.33 55.43
CA GLN M 211 27.52 -119.76 55.17
C GLN M 211 27.04 -120.61 56.34
N GLY M 212 26.75 -120.02 57.50
CA GLY M 212 26.33 -120.77 58.65
C GLY M 212 25.11 -120.17 59.32
N PRO M 213 24.10 -120.98 59.62
CA PRO M 213 22.89 -120.45 60.24
C PRO M 213 23.13 -120.02 61.68
N ILE M 214 22.27 -119.12 62.16
CA ILE M 214 22.35 -118.53 63.48
C ILE M 214 20.94 -118.44 64.05
N LYS M 215 20.71 -119.08 65.20
CA LYS M 215 19.42 -119.03 65.88
C LYS M 215 19.54 -118.12 67.09
N SER M 216 18.56 -117.24 67.27
CA SER M 216 18.58 -116.28 68.37
C SER M 216 17.29 -116.37 69.16
N THR M 217 17.40 -116.02 70.45
CA THR M 217 16.30 -116.13 71.41
C THR M 217 16.20 -114.79 72.13
N VAL M 218 15.06 -114.11 71.96
CA VAL M 218 14.80 -112.85 72.63
C VAL M 218 13.92 -113.11 73.84
N ARG M 219 14.29 -112.55 74.99
CA ARG M 219 13.53 -112.68 76.23
C ARG M 219 13.06 -111.29 76.62
N ILE M 220 11.75 -111.09 76.63
CA ILE M 220 11.14 -109.81 76.96
C ILE M 220 10.91 -109.76 78.47
N TYR M 221 11.27 -108.63 79.08
CA TYR M 221 11.16 -108.45 80.52
C TYR M 221 10.32 -107.21 80.82
N PHE M 222 9.25 -107.40 81.59
CA PHE M 222 8.39 -106.33 82.04
C PHE M 222 8.78 -105.90 83.45
N LYS M 223 8.74 -104.59 83.71
CA LYS M 223 8.98 -104.06 85.06
C LYS M 223 8.02 -102.92 85.31
N PRO M 224 6.88 -103.20 85.95
CA PRO M 224 5.92 -102.13 86.25
C PRO M 224 6.51 -101.05 87.15
N LYS M 225 6.49 -99.82 86.65
CA LYS M 225 6.89 -98.64 87.41
C LYS M 225 5.66 -97.81 87.74
N HIS M 226 5.76 -97.05 88.84
CA HIS M 226 4.73 -96.09 89.22
C HIS M 226 3.34 -96.74 89.22
N VAL M 227 3.16 -97.67 90.15
CA VAL M 227 2.01 -98.57 90.12
C VAL M 227 0.91 -98.07 91.05
N LYS M 228 -0.33 -98.31 90.62
CA LYS M 228 -1.52 -98.08 91.42
C LYS M 228 -2.45 -99.27 91.23
N ALA M 229 -2.90 -99.88 92.33
CA ALA M 229 -3.72 -101.07 92.29
C ALA M 229 -5.03 -100.85 93.04
N TRP M 230 -6.07 -101.58 92.63
CA TRP M 230 -7.39 -101.48 93.23
C TRP M 230 -8.01 -102.87 93.37
N VAL M 231 -8.90 -102.99 94.34
CA VAL M 231 -9.73 -104.19 94.51
C VAL M 231 -8.87 -105.44 94.58
N PRO M 232 -8.28 -105.75 95.73
CA PRO M 232 -7.52 -106.99 95.86
C PRO M 232 -8.44 -108.20 95.90
N ARG M 233 -7.92 -109.33 95.47
CA ARG M 233 -8.68 -110.56 95.34
C ARG M 233 -7.81 -111.73 95.76
N PRO M 234 -8.42 -112.87 96.06
CA PRO M 234 -7.65 -114.00 96.59
C PRO M 234 -6.56 -114.39 95.61
N PRO M 235 -5.42 -114.85 96.12
CA PRO M 235 -4.35 -115.30 95.21
C PRO M 235 -4.75 -116.54 94.44
N ARG M 236 -4.14 -116.69 93.27
CA ARG M 236 -4.37 -117.87 92.45
C ARG M 236 -3.99 -119.13 93.23
N LEU M 237 -4.91 -120.07 93.30
CA LEU M 237 -4.68 -121.34 93.98
C LEU M 237 -4.37 -122.46 92.99
N CYS M 238 -5.27 -122.71 92.05
CA CYS M 238 -5.05 -123.74 91.05
C CYS M 238 -4.06 -123.25 90.00
N GLN M 239 -3.24 -124.16 89.50
CA GLN M 239 -2.24 -123.79 88.50
C GLN M 239 -2.92 -123.33 87.21
N TYR M 240 -2.30 -122.37 86.54
CA TYR M 240 -2.87 -121.81 85.33
C TYR M 240 -2.94 -122.86 84.23
N GLU M 241 -3.98 -122.76 83.40
CA GLU M 241 -4.20 -123.68 82.29
C GLU M 241 -4.19 -123.01 80.94
N LYS M 242 -4.71 -121.78 80.84
CA LYS M 242 -4.80 -121.07 79.57
C LYS M 242 -4.41 -119.61 79.78
N GLN M 243 -3.86 -119.01 78.72
CA GLN M 243 -3.42 -117.61 78.77
C GLN M 243 -4.57 -116.63 78.57
N LYS M 244 -5.70 -117.08 78.03
CA LYS M 244 -6.77 -116.19 77.63
C LYS M 244 -8.01 -116.29 78.51
N ASN M 245 -7.95 -117.04 79.62
CA ASN M 245 -9.12 -117.20 80.47
C ASN M 245 -8.72 -117.79 81.80
N VAL M 246 -9.67 -117.78 82.73
CA VAL M 246 -9.44 -118.23 84.10
C VAL M 246 -9.44 -119.74 84.24
N ASN M 247 -9.76 -120.48 83.17
CA ASN M 247 -9.98 -121.92 83.24
C ASN M 247 -8.96 -122.59 84.15
N PHE M 248 -9.47 -123.37 85.10
CA PHE M 248 -8.67 -124.07 86.09
C PHE M 248 -9.18 -125.48 86.24
N THR M 249 -8.33 -126.35 86.75
CA THR M 249 -8.75 -127.68 87.16
C THR M 249 -8.72 -127.72 88.69
N PRO M 250 -9.82 -128.06 89.36
CA PRO M 250 -9.91 -127.83 90.81
C PRO M 250 -8.80 -128.54 91.58
N THR M 251 -8.31 -127.86 92.60
CA THR M 251 -7.28 -128.37 93.51
C THR M 251 -7.75 -128.19 94.94
N GLY M 252 -7.08 -128.87 95.87
CA GLY M 252 -7.43 -128.77 97.26
C GLY M 252 -7.07 -127.42 97.86
N VAL M 253 -7.68 -127.15 99.01
CA VAL M 253 -7.49 -125.85 99.66
C VAL M 253 -6.06 -125.70 100.16
N THR M 254 -5.53 -126.74 100.81
CA THR M 254 -4.20 -126.68 101.42
C THR M 254 -3.52 -128.03 101.36
N THR M 255 -2.25 -128.04 101.78
CA THR M 255 -1.58 -129.29 102.05
C THR M 255 -2.20 -129.94 103.29
N THR M 256 -2.00 -131.26 103.41
CA THR M 256 -2.72 -132.04 104.40
C THR M 256 -1.81 -132.49 105.54
N ARG M 257 -2.40 -132.64 106.71
CA ARG M 257 -1.84 -133.35 107.86
C ARG M 257 -2.84 -134.42 108.28
N VAL M 258 -2.50 -135.17 109.33
CA VAL M 258 -3.33 -136.32 109.71
C VAL M 258 -4.53 -135.86 110.52
N GLY M 259 -4.30 -135.35 111.73
CA GLY M 259 -5.37 -134.92 112.61
C GLY M 259 -5.23 -133.45 112.98
N ILE M 260 -6.31 -132.91 113.56
CA ILE M 260 -6.30 -131.51 113.95
C ILE M 260 -5.26 -131.22 115.02
N THR M 261 -4.83 -132.24 115.75
CA THR M 261 -3.78 -132.09 116.77
C THR M 261 -2.39 -132.37 116.22
N THR M 262 -2.26 -132.73 114.95
CA THR M 262 -0.96 -133.08 114.39
C THR M 262 0.00 -131.89 114.43
N THR M 263 0.99 -131.95 115.31
CA THR M 263 1.97 -130.87 115.44
C THR M 263 3.37 -131.38 115.07
N ARG N 14 -34.06 -100.30 113.54
CA ARG N 14 -33.67 -99.52 112.37
C ARG N 14 -34.52 -99.92 111.18
N SER N 15 -34.70 -98.99 110.24
CA SER N 15 -35.55 -99.23 109.07
C SER N 15 -34.99 -98.47 107.88
N ILE N 16 -34.68 -99.19 106.82
CA ILE N 16 -34.19 -98.61 105.58
C ILE N 16 -35.39 -98.27 104.71
N THR N 17 -35.23 -97.28 103.83
CA THR N 17 -36.34 -96.83 102.98
C THR N 17 -35.74 -96.32 101.67
N LEU N 18 -35.86 -97.11 100.62
CA LEU N 18 -35.43 -96.71 99.27
C LEU N 18 -36.65 -96.74 98.35
N GLY N 19 -37.05 -95.57 97.85
CA GLY N 19 -38.19 -95.53 96.94
C GLY N 19 -39.47 -95.96 97.60
N ASN N 20 -40.25 -96.77 96.88
CA ASN N 20 -41.51 -97.30 97.37
C ASN N 20 -41.33 -98.40 98.39
N SER N 21 -40.13 -98.70 98.88
CA SER N 21 -39.89 -99.87 99.70
C SER N 21 -39.25 -99.46 101.02
N THR N 22 -39.23 -100.41 101.96
CA THR N 22 -38.73 -100.15 103.30
C THR N 22 -38.37 -101.49 103.94
N ILE N 23 -37.08 -101.68 104.21
CA ILE N 23 -36.57 -102.90 104.85
C ILE N 23 -36.39 -102.63 106.33
N THR N 24 -36.54 -103.68 107.13
CA THR N 24 -36.47 -103.60 108.58
C THR N 24 -35.25 -104.39 109.06
N THR N 25 -34.34 -103.71 109.75
CA THR N 25 -33.18 -104.34 110.33
C THR N 25 -33.05 -103.94 111.79
N GLN N 26 -32.22 -104.69 112.52
CA GLN N 26 -31.95 -104.41 113.91
C GLN N 26 -30.90 -103.31 114.05
N GLU N 27 -30.90 -102.65 115.21
CA GLU N 27 -29.90 -101.62 115.46
C GLU N 27 -28.50 -102.21 115.57
N CYS N 28 -28.39 -103.45 116.06
CA CYS N 28 -27.08 -104.08 116.17
C CYS N 28 -26.46 -104.31 114.80
N ALA N 29 -27.26 -104.66 113.80
CA ALA N 29 -26.74 -104.99 112.49
C ALA N 29 -26.05 -103.78 111.87
N ASN N 30 -24.77 -103.94 111.52
CA ASN N 30 -24.00 -102.92 110.85
C ASN N 30 -23.87 -103.27 109.38
N VAL N 31 -23.99 -102.25 108.53
CA VAL N 31 -23.96 -102.43 107.08
C VAL N 31 -22.53 -102.29 106.60
N VAL N 32 -22.11 -103.21 105.74
CA VAL N 32 -20.75 -103.17 105.18
C VAL N 32 -20.78 -102.24 103.97
N VAL N 33 -20.10 -101.10 104.08
CA VAL N 33 -20.13 -100.09 103.01
C VAL N 33 -18.97 -100.42 102.07
N GLY N 34 -19.20 -101.39 101.20
CA GLY N 34 -18.28 -101.75 100.14
C GLY N 34 -16.82 -101.59 100.50
N TYR N 35 -16.08 -100.88 99.65
CA TYR N 35 -14.69 -100.54 99.96
C TYR N 35 -14.61 -99.17 100.63
N GLY N 36 -15.48 -98.96 101.62
CA GLY N 36 -15.54 -97.71 102.33
C GLY N 36 -16.14 -96.57 101.55
N VAL N 37 -16.73 -96.85 100.39
CA VAL N 37 -17.26 -95.82 99.49
C VAL N 37 -18.77 -95.99 99.39
N TRP N 38 -19.49 -94.91 99.62
CA TRP N 38 -20.94 -94.90 99.44
C TRP N 38 -21.27 -94.57 97.98
N PRO N 39 -22.19 -95.30 97.34
CA PRO N 39 -22.48 -95.01 95.92
C PRO N 39 -22.85 -93.55 95.71
N GLU N 40 -22.31 -92.97 94.65
CA GLU N 40 -22.58 -91.58 94.27
C GLU N 40 -22.71 -91.51 92.76
N TYR N 41 -23.25 -90.40 92.27
CA TYR N 41 -23.38 -90.22 90.83
C TYR N 41 -22.02 -89.88 90.21
N LEU N 42 -21.95 -90.03 88.89
CA LEU N 42 -20.70 -89.78 88.19
C LEU N 42 -20.38 -88.29 88.19
N LYS N 43 -19.08 -87.98 88.25
CA LYS N 43 -18.61 -86.61 88.29
C LYS N 43 -18.27 -86.14 86.89
N ASP N 44 -18.54 -84.85 86.63
CA ASP N 44 -18.18 -84.27 85.33
C ASP N 44 -16.69 -84.39 85.06
N ASN N 45 -15.87 -84.49 86.11
CA ASN N 45 -14.43 -84.68 85.90
C ASN N 45 -14.10 -86.07 85.38
N GLU N 46 -14.86 -87.08 85.78
CA GLU N 46 -14.56 -88.46 85.49
C GLU N 46 -15.37 -89.04 84.33
N ALA N 47 -16.14 -88.21 83.64
CA ALA N 47 -17.04 -88.67 82.60
C ALA N 47 -16.47 -88.44 81.21
N THR N 48 -17.02 -89.17 80.24
CA THR N 48 -16.68 -88.95 78.84
C THR N 48 -17.95 -88.89 77.97
N ALA N 49 -18.98 -89.64 78.36
CA ALA N 49 -20.23 -89.63 77.60
C ALA N 49 -20.82 -88.23 77.59
N GLU N 50 -21.12 -87.73 76.39
CA GLU N 50 -21.52 -86.33 76.25
C GLU N 50 -23.01 -86.14 76.51
N ASP N 51 -23.85 -87.06 76.05
CA ASP N 51 -25.29 -86.87 76.17
C ASP N 51 -25.72 -86.91 77.63
N GLN N 52 -26.80 -86.21 77.94
CA GLN N 52 -27.24 -86.08 79.32
C GLN N 52 -27.85 -87.39 79.81
N PRO N 53 -27.48 -87.85 81.01
CA PRO N 53 -27.95 -89.17 81.46
C PRO N 53 -29.39 -89.15 81.97
N THR N 54 -29.94 -90.36 82.11
CA THR N 54 -31.24 -90.58 82.74
C THR N 54 -31.02 -91.05 84.17
N GLN N 55 -31.68 -90.40 85.12
CA GLN N 55 -31.56 -90.73 86.54
C GLN N 55 -32.96 -91.00 87.06
N PRO N 56 -33.50 -92.19 86.80
CA PRO N 56 -34.93 -92.42 87.09
C PRO N 56 -35.30 -92.24 88.55
N ASP N 57 -34.36 -92.45 89.47
CA ASP N 57 -34.60 -92.13 90.88
C ASP N 57 -35.57 -93.15 91.50
N VAL N 58 -36.71 -92.69 92.01
CA VAL N 58 -37.59 -93.55 92.80
C VAL N 58 -38.01 -94.78 92.01
N ALA N 59 -38.05 -94.68 90.68
CA ALA N 59 -38.51 -95.81 89.87
C ALA N 59 -37.45 -96.90 89.76
N THR N 60 -36.17 -96.53 89.82
CA THR N 60 -35.08 -97.49 89.69
C THR N 60 -34.42 -97.84 91.02
N CYS N 61 -34.16 -96.84 91.87
CA CYS N 61 -33.47 -97.08 93.14
C CYS N 61 -34.49 -97.53 94.19
N ARG N 62 -34.77 -98.84 94.17
CA ARG N 62 -35.75 -99.43 95.07
C ARG N 62 -35.42 -100.91 95.28
N PHE N 63 -36.02 -101.48 96.33
CA PHE N 63 -35.69 -102.83 96.79
C PHE N 63 -36.45 -103.88 96.00
N TYR N 64 -35.78 -104.49 95.02
CA TYR N 64 -36.32 -105.62 94.27
C TYR N 64 -35.95 -106.92 94.97
N THR N 65 -36.94 -107.73 95.29
CA THR N 65 -36.74 -109.01 95.96
C THR N 65 -36.70 -110.13 94.93
N LEU N 66 -35.54 -110.75 94.76
CA LEU N 66 -35.44 -111.87 93.84
C LEU N 66 -36.16 -113.09 94.43
N GLU N 67 -36.18 -114.17 93.67
CA GLU N 67 -36.76 -115.42 94.15
C GLU N 67 -35.94 -115.98 95.31
N SER N 68 -36.64 -116.56 96.29
CA SER N 68 -35.97 -117.18 97.41
C SER N 68 -35.51 -118.59 97.04
N VAL N 69 -34.49 -119.06 97.75
CA VAL N 69 -33.97 -120.41 97.57
C VAL N 69 -34.04 -121.11 98.92
N GLN N 70 -34.01 -122.44 98.89
CA GLN N 70 -34.06 -123.23 100.11
C GLN N 70 -32.64 -123.58 100.55
N TRP N 71 -32.35 -123.34 101.82
CA TRP N 71 -31.10 -123.78 102.43
C TRP N 71 -31.29 -125.22 102.89
N MET N 72 -30.57 -126.14 102.25
CA MET N 72 -30.66 -127.55 102.58
C MET N 72 -29.39 -127.98 103.31
N LYS N 73 -29.50 -129.10 104.03
CA LYS N 73 -28.35 -129.60 104.78
C LYS N 73 -27.19 -129.97 103.87
N ASN N 74 -27.41 -130.10 102.56
CA ASN N 74 -26.37 -130.42 101.60
C ASN N 74 -25.99 -129.25 100.71
N SER N 75 -26.76 -128.15 100.72
CA SER N 75 -26.53 -127.06 99.79
C SER N 75 -25.10 -126.55 99.85
N ALA N 76 -24.49 -126.39 98.67
CA ALA N 76 -23.11 -125.92 98.59
C ALA N 76 -23.00 -124.41 98.50
N GLY N 77 -23.97 -123.75 97.86
CA GLY N 77 -23.96 -122.30 97.74
C GLY N 77 -24.68 -121.86 96.48
N TRP N 78 -24.86 -120.54 96.39
CA TRP N 78 -25.58 -119.92 95.29
C TRP N 78 -24.82 -118.68 94.84
N TRP N 79 -25.09 -118.27 93.59
CA TRP N 79 -24.51 -117.04 93.08
C TRP N 79 -25.45 -116.43 92.04
N TRP N 80 -25.36 -115.10 91.97
CA TRP N 80 -26.10 -114.28 91.01
C TRP N 80 -25.14 -113.32 90.33
N LYS N 81 -25.31 -113.10 89.04
CA LYS N 81 -24.68 -111.98 88.35
C LYS N 81 -25.54 -110.74 88.54
N LEU N 82 -24.93 -109.64 88.93
CA LEU N 82 -25.73 -108.53 89.45
C LEU N 82 -26.44 -107.74 88.37
N PRO N 83 -25.74 -107.09 87.43
CA PRO N 83 -26.49 -106.39 86.36
C PRO N 83 -27.52 -107.27 85.69
N ASP N 84 -27.21 -108.56 85.52
CA ASP N 84 -28.12 -109.50 84.87
C ASP N 84 -29.05 -110.20 85.85
N ALA N 85 -29.18 -109.70 87.08
CA ALA N 85 -30.18 -110.19 88.01
C ALA N 85 -31.44 -109.34 88.02
N LEU N 86 -31.28 -108.02 88.04
CA LEU N 86 -32.40 -107.10 87.93
C LEU N 86 -32.70 -106.72 86.49
N SER N 87 -32.10 -107.43 85.53
CA SER N 87 -32.27 -107.09 84.12
C SER N 87 -33.73 -107.19 83.70
N GLN N 88 -34.49 -108.12 84.27
CA GLN N 88 -35.89 -108.29 83.94
C GLN N 88 -36.80 -107.83 85.07
N MET N 89 -36.27 -107.12 86.06
CA MET N 89 -37.04 -106.65 87.21
C MET N 89 -37.34 -105.17 87.01
N GLY N 90 -38.53 -104.86 86.51
CA GLY N 90 -39.05 -103.51 86.54
C GLY N 90 -38.33 -102.49 85.67
N LEU N 91 -38.52 -101.23 86.07
CA LEU N 91 -38.06 -100.11 85.25
C LEU N 91 -36.54 -100.04 85.21
N PHE N 92 -35.86 -100.57 86.23
CA PHE N 92 -34.41 -100.73 86.12
C PHE N 92 -34.07 -101.54 84.87
N GLY N 93 -34.74 -102.68 84.70
CA GLY N 93 -34.51 -103.49 83.51
C GLY N 93 -34.91 -102.78 82.23
N GLN N 94 -36.00 -102.01 82.27
CA GLN N 94 -36.42 -101.29 81.08
C GLN N 94 -35.36 -100.29 80.64
N ASN N 95 -34.93 -99.42 81.55
CA ASN N 95 -33.87 -98.48 81.23
C ASN N 95 -32.61 -99.21 80.77
N MET N 96 -32.29 -100.33 81.42
CA MET N 96 -31.14 -101.11 81.03
C MET N 96 -31.23 -101.54 79.57
N GLN N 97 -32.42 -101.96 79.14
CA GLN N 97 -32.58 -102.36 77.75
C GLN N 97 -32.50 -101.17 76.80
N TYR N 98 -33.02 -100.02 77.22
CA TYR N 98 -33.09 -98.88 76.31
C TYR N 98 -31.80 -98.06 76.22
N HIS N 99 -30.83 -98.29 77.10
CA HIS N 99 -29.62 -97.47 77.10
C HIS N 99 -28.38 -98.30 76.78
N TYR N 100 -27.42 -97.64 76.10
CA TYR N 100 -26.17 -98.28 75.73
C TYR N 100 -25.18 -98.33 76.90
N LEU N 101 -25.22 -97.35 77.80
CA LEU N 101 -24.30 -97.32 78.94
C LEU N 101 -25.07 -97.19 80.24
N GLY N 102 -24.53 -97.81 81.29
CA GLY N 102 -25.16 -97.76 82.60
C GLY N 102 -24.14 -97.78 83.72
N ARG N 103 -24.57 -97.31 84.89
CA ARG N 103 -23.70 -97.20 86.04
C ARG N 103 -24.55 -97.20 87.30
N THR N 104 -24.25 -98.11 88.23
CA THR N 104 -25.05 -98.24 89.44
C THR N 104 -24.21 -98.78 90.59
N GLY N 105 -24.59 -98.36 91.80
CA GLY N 105 -24.26 -99.10 93.00
C GLY N 105 -25.45 -99.93 93.44
N TYR N 106 -25.26 -100.67 94.52
CA TYR N 106 -26.33 -101.53 95.02
C TYR N 106 -26.38 -101.49 96.55
N THR N 107 -27.56 -101.82 97.08
CA THR N 107 -27.75 -102.14 98.49
C THR N 107 -28.35 -103.55 98.53
N ILE N 108 -27.58 -104.51 99.04
CA ILE N 108 -27.93 -105.92 99.00
C ILE N 108 -28.29 -106.37 100.41
N HIS N 109 -29.45 -107.01 100.55
CA HIS N 109 -29.98 -107.44 101.83
C HIS N 109 -30.32 -108.92 101.71
N VAL N 110 -29.50 -109.76 102.32
CA VAL N 110 -29.70 -111.21 102.34
C VAL N 110 -30.37 -111.55 103.66
N GLN N 111 -31.57 -112.10 103.59
CA GLN N 111 -32.41 -112.33 104.75
C GLN N 111 -32.56 -113.84 104.94
N CYS N 112 -32.21 -114.32 106.14
CA CYS N 112 -32.47 -115.70 106.52
C CYS N 112 -32.79 -115.71 108.01
N ASN N 113 -33.89 -116.35 108.39
CA ASN N 113 -34.29 -116.42 109.78
C ASN N 113 -34.58 -117.87 110.14
N ALA N 114 -33.99 -118.31 111.24
CA ALA N 114 -34.24 -119.63 111.80
C ALA N 114 -34.57 -119.45 113.27
N SER N 115 -34.56 -120.53 114.04
CA SER N 115 -34.88 -120.46 115.46
C SER N 115 -33.64 -120.75 116.29
N LYS N 116 -33.79 -120.59 117.60
CA LYS N 116 -32.67 -120.83 118.51
C LYS N 116 -32.18 -122.27 118.42
N PHE N 117 -33.06 -123.21 118.05
CA PHE N 117 -32.72 -124.62 117.95
C PHE N 117 -32.12 -124.99 116.61
N HIS N 118 -31.92 -124.03 115.72
CA HIS N 118 -31.23 -124.22 114.45
C HIS N 118 -29.80 -123.73 114.56
N GLN N 119 -28.97 -124.14 113.59
CA GLN N 119 -27.60 -123.68 113.53
C GLN N 119 -27.13 -123.69 112.08
N GLY N 120 -26.11 -122.88 111.82
CA GLY N 120 -25.56 -122.75 110.48
C GLY N 120 -24.87 -121.41 110.33
N CYS N 121 -24.16 -121.28 109.21
CA CYS N 121 -23.42 -120.03 108.97
C CYS N 121 -23.20 -119.87 107.47
N LEU N 122 -23.65 -118.73 106.94
CA LEU N 122 -23.51 -118.37 105.53
C LEU N 122 -22.51 -117.24 105.37
N LEU N 123 -21.69 -117.31 104.33
CA LEU N 123 -20.86 -116.20 103.87
C LEU N 123 -21.58 -115.51 102.74
N VAL N 124 -21.86 -114.22 102.90
CA VAL N 124 -22.50 -113.39 101.89
C VAL N 124 -21.44 -112.42 101.38
N VAL N 125 -20.98 -112.60 100.15
CA VAL N 125 -19.89 -111.81 99.61
C VAL N 125 -20.28 -111.22 98.26
N CYS N 126 -19.67 -110.08 97.92
CA CYS N 126 -19.88 -109.41 96.65
C CYS N 126 -18.55 -109.37 95.91
N VAL N 127 -18.40 -110.24 94.92
CA VAL N 127 -17.14 -110.39 94.19
C VAL N 127 -17.19 -109.48 92.96
N PRO N 128 -16.41 -108.40 92.93
CA PRO N 128 -16.30 -107.63 91.68
C PRO N 128 -15.46 -108.37 90.65
N GLU N 129 -15.96 -108.42 89.42
CA GLU N 129 -15.27 -109.06 88.30
C GLU N 129 -15.02 -110.53 88.60
N ALA N 130 -16.12 -111.26 88.84
CA ALA N 130 -16.05 -112.68 89.16
C ALA N 130 -15.97 -113.50 87.88
N GLU N 131 -14.85 -113.37 87.19
CA GLU N 131 -14.60 -114.16 85.98
C GLU N 131 -14.41 -115.63 86.37
N MET N 132 -15.31 -116.48 85.90
CA MET N 132 -15.37 -117.87 86.33
C MET N 132 -14.79 -118.78 85.25
N GLY N 133 -14.28 -119.94 85.70
CA GLY N 133 -13.67 -120.89 84.80
C GLY N 133 -14.66 -121.93 84.30
N CYS N 134 -14.21 -122.69 83.30
CA CYS N 134 -15.02 -123.70 82.64
C CYS N 134 -14.62 -125.09 83.09
N SER N 135 -15.52 -126.05 82.85
CA SER N 135 -15.19 -127.45 83.11
C SER N 135 -14.31 -128.01 82.00
N ASN N 136 -14.63 -127.71 80.74
CA ASN N 136 -13.74 -128.04 79.64
C ASN N 136 -12.71 -126.93 79.50
N LEU N 137 -11.44 -127.26 79.73
CA LEU N 137 -10.39 -126.25 79.79
C LEU N 137 -10.19 -125.54 78.46
N ASN N 138 -10.75 -126.05 77.36
CA ASN N 138 -10.57 -125.45 76.04
C ASN N 138 -11.73 -124.56 75.63
N ASN N 139 -12.64 -124.25 76.55
CA ASN N 139 -13.83 -123.46 76.21
C ASN N 139 -14.16 -122.53 77.37
N THR N 140 -14.90 -121.50 77.05
CA THR N 140 -15.39 -120.60 78.07
C THR N 140 -16.84 -120.93 78.40
N PRO N 141 -17.28 -120.68 79.63
CA PRO N 141 -18.64 -121.09 80.02
C PRO N 141 -19.69 -120.44 79.15
N GLU N 142 -20.88 -121.02 79.19
CA GLU N 142 -22.00 -120.57 78.38
C GLU N 142 -22.75 -119.43 79.06
N PHE N 143 -23.36 -118.58 78.24
CA PHE N 143 -24.20 -117.50 78.75
C PHE N 143 -25.17 -118.01 79.82
N ALA N 144 -25.92 -119.07 79.50
CA ALA N 144 -26.90 -119.58 80.44
C ALA N 144 -26.24 -120.18 81.67
N GLU N 145 -25.05 -120.76 81.51
CA GLU N 145 -24.36 -121.36 82.64
C GLU N 145 -23.90 -120.30 83.64
N LEU N 146 -23.40 -119.17 83.14
CA LEU N 146 -22.94 -118.12 84.05
C LEU N 146 -24.10 -117.28 84.59
N SER N 147 -25.15 -117.10 83.82
CA SER N 147 -26.21 -116.15 84.15
C SER N 147 -27.48 -116.87 84.55
N GLY N 148 -28.15 -116.33 85.56
CA GLY N 148 -29.50 -116.74 85.88
C GLY N 148 -30.33 -115.55 86.28
N GLY N 149 -31.13 -115.02 85.37
CA GLY N 149 -32.02 -113.93 85.70
C GLY N 149 -33.07 -114.39 86.68
N ASP N 150 -33.19 -113.73 87.83
CA ASP N 150 -34.12 -114.08 88.90
C ASP N 150 -34.10 -115.57 89.23
N THR N 151 -33.02 -116.28 88.87
CA THR N 151 -32.89 -117.72 89.14
C THR N 151 -31.42 -117.98 89.48
N ALA N 152 -31.12 -117.98 90.78
CA ALA N 152 -29.76 -118.20 91.26
C ALA N 152 -29.15 -119.46 90.66
N ARG N 153 -27.90 -119.35 90.21
CA ARG N 153 -27.17 -120.55 89.81
C ARG N 153 -26.45 -121.11 91.02
N MET N 154 -26.29 -122.43 91.05
CA MET N 154 -25.86 -123.13 92.25
C MET N 154 -24.42 -123.62 92.13
N PHE N 155 -23.70 -123.57 93.25
CA PHE N 155 -22.41 -124.23 93.38
C PHE N 155 -22.61 -125.73 93.61
N THR N 156 -21.54 -126.49 93.41
CA THR N 156 -21.60 -127.94 93.47
C THR N 156 -20.70 -128.46 94.58
N ASP N 157 -21.04 -129.66 95.07
CA ASP N 157 -20.24 -130.34 96.08
C ASP N 157 -19.04 -131.05 95.48
N THR N 158 -19.02 -131.27 94.17
CA THR N 158 -17.98 -132.06 93.53
C THR N 158 -17.52 -131.39 92.26
N GLN N 159 -16.38 -131.85 91.75
CA GLN N 159 -15.85 -131.37 90.49
C GLN N 159 -16.80 -131.74 89.35
N ILE N 160 -17.04 -130.79 88.46
CA ILE N 160 -17.87 -131.04 87.29
C ILE N 160 -17.05 -131.81 86.25
N GLY N 161 -17.77 -132.52 85.37
CA GLY N 161 -17.10 -133.36 84.39
C GLY N 161 -16.44 -132.54 83.30
N GLU N 162 -15.25 -133.01 82.88
CA GLU N 162 -14.52 -132.32 81.83
C GLU N 162 -15.29 -132.34 80.51
N THR N 163 -15.94 -133.46 80.19
CA THR N 163 -16.60 -133.60 78.90
C THR N 163 -17.56 -132.45 78.62
N ASN N 164 -18.28 -131.97 79.64
CA ASN N 164 -19.22 -130.89 79.44
C ASN N 164 -18.56 -129.74 78.68
N SER N 165 -19.13 -129.40 77.53
CA SER N 165 -18.47 -128.43 76.65
C SER N 165 -18.50 -127.02 77.23
N LYS N 166 -19.63 -126.59 77.79
CA LYS N 166 -19.80 -125.21 78.24
C LYS N 166 -20.45 -125.18 79.63
N LYS N 167 -19.80 -125.82 80.60
CA LYS N 167 -20.26 -125.81 81.98
C LYS N 167 -19.23 -125.11 82.86
N VAL N 168 -19.70 -124.62 84.00
CA VAL N 168 -18.84 -123.90 84.94
C VAL N 168 -18.32 -124.88 85.98
N GLN N 169 -17.03 -124.79 86.28
CA GLN N 169 -16.44 -125.62 87.33
C GLN N 169 -16.90 -125.13 88.70
N THR N 170 -18.07 -125.59 89.15
CA THR N 170 -18.76 -125.02 90.28
C THR N 170 -18.32 -125.61 91.62
N ALA N 171 -17.16 -126.27 91.67
CA ALA N 171 -16.65 -126.83 92.92
C ALA N 171 -16.45 -125.72 93.95
N VAL N 172 -17.21 -125.79 95.04
CA VAL N 172 -17.31 -124.65 95.95
C VAL N 172 -15.95 -124.31 96.55
N TRP N 173 -15.14 -125.31 96.86
CA TRP N 173 -13.87 -125.03 97.52
C TRP N 173 -12.91 -124.25 96.64
N ASN N 174 -13.25 -124.03 95.37
CA ASN N 174 -12.50 -123.12 94.51
C ASN N 174 -13.33 -121.93 94.06
N ALA N 175 -14.62 -121.86 94.41
CA ALA N 175 -15.50 -120.73 94.11
C ALA N 175 -15.64 -120.49 92.61
N GLY N 176 -15.27 -121.46 91.79
CA GLY N 176 -15.33 -121.26 90.35
C GLY N 176 -14.38 -120.20 89.83
N MET N 177 -13.38 -119.80 90.62
CA MET N 177 -12.41 -118.80 90.20
C MET N 177 -10.98 -119.26 90.40
N GLY N 178 -10.76 -120.51 90.80
CA GLY N 178 -9.42 -121.02 90.98
C GLY N 178 -8.70 -120.54 92.22
N VAL N 179 -9.45 -120.06 93.23
CA VAL N 179 -8.83 -119.54 94.44
C VAL N 179 -9.25 -120.39 95.63
N GLY N 180 -8.78 -120.04 96.82
CA GLY N 180 -9.24 -120.68 98.04
C GLY N 180 -10.51 -120.03 98.55
N VAL N 181 -11.59 -120.81 98.63
CA VAL N 181 -12.88 -120.25 99.03
C VAL N 181 -12.75 -119.55 100.39
N GLY N 182 -11.85 -120.01 101.25
CA GLY N 182 -11.63 -119.38 102.54
C GLY N 182 -10.95 -118.03 102.49
N ASN N 183 -10.60 -117.54 101.29
CA ASN N 183 -9.96 -116.25 101.12
C ASN N 183 -10.86 -115.25 100.41
N LEU N 184 -12.13 -115.60 100.18
CA LEU N 184 -13.07 -114.66 99.57
C LEU N 184 -13.34 -113.45 100.44
N THR N 185 -12.92 -113.47 101.72
CA THR N 185 -13.25 -112.40 102.65
C THR N 185 -12.62 -111.07 102.27
N ILE N 186 -11.67 -111.06 101.32
CA ILE N 186 -11.09 -109.80 100.87
C ILE N 186 -12.16 -108.95 100.18
N TYR N 187 -13.07 -109.60 99.47
CA TYR N 187 -14.22 -108.91 98.90
C TYR N 187 -15.20 -108.51 100.02
N PRO N 188 -15.91 -107.39 99.85
CA PRO N 188 -16.89 -106.99 100.87
C PRO N 188 -17.89 -108.09 101.16
N HIS N 189 -18.11 -108.34 102.44
CA HIS N 189 -18.89 -109.51 102.84
C HIS N 189 -19.41 -109.35 104.26
N GLN N 190 -20.41 -110.16 104.59
CA GLN N 190 -20.86 -110.37 105.95
C GLN N 190 -21.09 -111.85 106.16
N TRP N 191 -21.38 -112.22 107.40
CA TRP N 191 -21.74 -113.59 107.76
C TRP N 191 -23.13 -113.58 108.38
N ILE N 192 -23.96 -114.53 107.95
CA ILE N 192 -25.23 -114.81 108.61
C ILE N 192 -24.98 -116.08 109.43
N ASN N 193 -24.59 -115.90 110.68
CA ASN N 193 -24.45 -117.01 111.62
C ASN N 193 -25.79 -117.12 112.35
N LEU N 194 -26.59 -118.13 111.96
CA LEU N 194 -27.95 -118.22 112.48
C LEU N 194 -27.99 -118.08 114.00
N ARG N 195 -26.90 -118.42 114.67
CA ARG N 195 -26.82 -118.22 116.11
C ARG N 195 -27.03 -116.76 116.49
N THR N 196 -26.44 -115.84 115.73
CA THR N 196 -26.44 -114.43 116.10
C THR N 196 -26.88 -113.49 115.00
N ASN N 197 -27.37 -114.00 113.87
CA ASN N 197 -27.70 -113.12 112.76
C ASN N 197 -29.00 -113.54 112.09
N ASN N 198 -29.66 -112.53 111.51
CA ASN N 198 -30.91 -112.68 110.81
C ASN N 198 -30.84 -112.17 109.38
N SER N 199 -29.92 -111.25 109.09
CA SER N 199 -29.80 -110.64 107.77
C SER N 199 -28.39 -110.09 107.62
N ALA N 200 -28.04 -109.76 106.39
CA ALA N 200 -26.75 -109.16 106.06
C ALA N 200 -26.97 -108.06 105.04
N THR N 201 -26.34 -106.91 105.25
CA THR N 201 -26.54 -105.75 104.37
C THR N 201 -25.19 -105.23 103.88
N ILE N 202 -25.05 -105.15 102.56
CA ILE N 202 -23.82 -104.71 101.92
C ILE N 202 -24.17 -103.60 100.92
N VAL N 203 -23.54 -102.44 101.08
CA VAL N 203 -23.76 -101.30 100.20
C VAL N 203 -22.56 -101.23 99.26
N MET N 204 -22.72 -101.71 98.04
CA MET N 204 -21.63 -101.78 97.08
C MET N 204 -21.62 -100.53 96.19
N PRO N 205 -20.47 -99.89 96.00
CA PRO N 205 -20.38 -98.81 95.02
C PRO N 205 -20.05 -99.33 93.62
N TYR N 206 -20.10 -98.43 92.65
CA TYR N 206 -19.77 -98.78 91.28
C TYR N 206 -18.27 -99.08 91.19
N ILE N 207 -17.93 -100.32 90.87
CA ILE N 207 -16.54 -100.77 90.77
C ILE N 207 -16.30 -101.22 89.34
N ASN N 208 -15.47 -100.47 88.62
CA ASN N 208 -15.09 -100.82 87.27
C ASN N 208 -13.93 -99.92 86.86
N SER N 209 -13.21 -100.34 85.81
CA SER N 209 -12.09 -99.56 85.29
C SER N 209 -12.55 -98.39 84.44
N VAL N 210 -13.80 -98.37 84.02
CA VAL N 210 -14.34 -97.30 83.18
C VAL N 210 -15.46 -96.61 83.94
N PRO N 211 -15.75 -95.34 83.66
CA PRO N 211 -16.82 -94.65 84.40
C PRO N 211 -18.20 -95.24 84.17
N MET N 212 -18.47 -95.74 82.97
CA MET N 212 -19.74 -96.37 82.63
C MET N 212 -19.46 -97.55 81.71
N ASP N 213 -20.36 -98.52 81.71
CA ASP N 213 -20.21 -99.68 80.83
C ASP N 213 -21.59 -100.22 80.51
N ASN N 214 -21.65 -101.03 79.45
CA ASN N 214 -22.91 -101.65 79.06
C ASN N 214 -23.31 -102.70 80.08
N MET N 215 -24.60 -102.74 80.40
CA MET N 215 -25.09 -103.54 81.51
C MET N 215 -25.45 -104.97 81.13
N PHE N 216 -25.55 -105.27 79.83
CA PHE N 216 -25.78 -106.65 79.41
C PHE N 216 -24.48 -107.39 79.15
N ARG N 217 -23.49 -106.72 78.59
CA ARG N 217 -22.24 -107.37 78.19
C ARG N 217 -21.30 -107.60 79.36
N HIS N 218 -21.48 -106.89 80.47
CA HIS N 218 -20.51 -106.91 81.57
C HIS N 218 -21.26 -106.93 82.89
N ASN N 219 -21.11 -108.02 83.63
CA ASN N 219 -21.66 -108.14 84.98
C ASN N 219 -20.55 -107.71 85.94
N ASN N 220 -20.54 -106.42 86.25
CA ASN N 220 -19.44 -105.84 87.03
C ASN N 220 -19.34 -106.42 88.44
N LEU N 221 -20.39 -107.07 88.94
CA LEU N 221 -20.39 -107.61 90.29
C LEU N 221 -21.09 -108.97 90.29
N THR N 222 -20.79 -109.79 91.31
CA THR N 222 -21.37 -111.12 91.43
C THR N 222 -21.60 -111.43 92.90
N LEU N 223 -22.86 -111.66 93.28
CA LEU N 223 -23.19 -112.03 94.64
C LEU N 223 -23.01 -113.53 94.85
N MET N 224 -22.39 -113.90 95.97
CA MET N 224 -22.16 -115.29 96.34
C MET N 224 -22.61 -115.53 97.77
N ILE N 225 -23.42 -116.57 97.97
CA ILE N 225 -23.83 -117.02 99.30
C ILE N 225 -23.36 -118.45 99.45
N ILE N 226 -22.38 -118.67 100.31
CA ILE N 226 -21.78 -119.99 100.49
C ILE N 226 -21.94 -120.40 101.95
N PRO N 227 -22.69 -121.47 102.25
CA PRO N 227 -22.72 -121.96 103.64
C PRO N 227 -21.41 -122.61 104.05
N PHE N 228 -20.70 -122.00 105.00
CA PHE N 228 -19.44 -122.57 105.46
C PHE N 228 -19.64 -123.60 106.56
N VAL N 229 -20.61 -123.37 107.44
CA VAL N 229 -21.02 -124.33 108.46
C VAL N 229 -22.45 -124.75 108.15
N PRO N 230 -22.71 -126.02 107.88
CA PRO N 230 -24.01 -126.39 107.30
C PRO N 230 -25.15 -126.24 108.28
N LEU N 231 -26.35 -126.15 107.70
CA LEU N 231 -27.58 -126.11 108.47
C LEU N 231 -27.78 -127.42 109.22
N ASN N 232 -28.29 -127.32 110.44
CA ASN N 232 -28.61 -128.50 111.22
C ASN N 232 -29.73 -128.15 112.20
N TYR N 233 -30.44 -129.18 112.66
CA TYR N 233 -31.57 -129.01 113.57
C TYR N 233 -32.06 -130.39 114.00
N SER N 234 -32.60 -130.45 115.21
CA SER N 234 -33.17 -131.69 115.71
C SER N 234 -34.58 -131.88 115.15
N GLU N 235 -35.02 -133.14 115.11
CA GLU N 235 -36.34 -133.45 114.59
C GLU N 235 -37.40 -132.68 115.37
N GLY N 236 -38.34 -132.10 114.64
CA GLY N 236 -39.38 -131.28 115.26
C GLY N 236 -39.24 -129.83 114.84
N SER N 237 -38.00 -129.35 114.82
CA SER N 237 -37.72 -128.02 114.30
C SER N 237 -38.04 -127.97 112.82
N SER N 238 -38.59 -126.84 112.37
CA SER N 238 -39.08 -126.73 111.00
C SER N 238 -37.95 -127.01 110.01
N PRO N 239 -38.17 -127.83 108.99
CA PRO N 239 -37.07 -128.27 108.13
C PRO N 239 -36.83 -127.42 106.89
N TYR N 240 -37.64 -126.40 106.63
CA TYR N 240 -37.54 -125.59 105.42
C TYR N 240 -37.08 -124.20 105.81
N VAL N 241 -35.79 -123.93 105.61
CA VAL N 241 -35.20 -122.63 105.93
C VAL N 241 -34.92 -121.89 104.62
N PRO N 242 -35.72 -120.89 104.25
CA PRO N 242 -35.45 -120.15 103.02
C PRO N 242 -34.53 -118.96 103.21
N ILE N 243 -33.81 -118.65 102.14
CA ILE N 243 -32.94 -117.49 102.05
C ILE N 243 -33.48 -116.60 100.94
N THR N 244 -33.71 -115.32 101.26
CA THR N 244 -34.29 -114.37 100.32
C THR N 244 -33.34 -113.20 100.11
N VAL N 245 -33.03 -112.91 98.85
CA VAL N 245 -32.12 -111.84 98.49
C VAL N 245 -32.93 -110.67 97.95
N THR N 246 -32.59 -109.46 98.42
CA THR N 246 -33.26 -108.23 97.99
C THR N 246 -32.20 -107.19 97.64
N ILE N 247 -32.15 -106.78 96.38
CA ILE N 247 -31.15 -105.85 95.89
C ILE N 247 -31.83 -104.55 95.48
N ALA N 248 -31.16 -103.43 95.74
CA ALA N 248 -31.71 -102.12 95.40
C ALA N 248 -30.66 -101.32 94.65
N PRO N 249 -30.91 -100.91 93.39
CA PRO N 249 -29.97 -100.01 92.72
C PRO N 249 -29.83 -98.71 93.50
N MET N 250 -28.67 -98.08 93.35
CA MET N 250 -28.37 -96.83 94.05
C MET N 250 -27.59 -95.92 93.12
N CYS N 251 -28.08 -94.69 92.96
CA CYS N 251 -27.45 -93.70 92.10
C CYS N 251 -27.27 -94.26 90.69
N ALA N 252 -28.40 -94.68 90.11
CA ALA N 252 -28.39 -95.27 88.78
C ALA N 252 -28.32 -94.20 87.70
N GLU N 253 -27.45 -94.42 86.71
CA GLU N 253 -27.30 -93.53 85.56
C GLU N 253 -27.29 -94.35 84.28
N TYR N 254 -27.80 -93.75 83.21
CA TYR N 254 -27.84 -94.38 81.91
C TYR N 254 -27.53 -93.33 80.84
N ASN N 255 -26.79 -93.76 79.81
CA ASN N 255 -26.42 -92.88 78.71
C ASN N 255 -26.61 -93.59 77.39
N GLY N 256 -26.80 -92.79 76.34
CA GLY N 256 -26.91 -93.29 74.99
C GLY N 256 -28.25 -93.96 74.71
N LEU N 257 -29.34 -93.19 74.78
CA LEU N 257 -30.65 -93.76 74.52
C LEU N 257 -30.74 -94.21 73.07
N ARG N 258 -31.45 -95.31 72.85
CA ARG N 258 -31.55 -95.91 71.52
C ARG N 258 -32.68 -96.93 71.53
N LEU N 259 -32.80 -97.66 70.42
CA LEU N 259 -33.66 -98.84 70.39
C LEU N 259 -33.20 -99.85 71.43
N ALA N 260 -34.17 -100.46 72.11
CA ALA N 260 -33.86 -101.50 73.09
C ALA N 260 -33.71 -102.84 72.40
N SER N 261 -33.07 -103.79 73.10
CA SER N 261 -32.84 -105.11 72.55
C SER N 261 -32.47 -106.06 73.70
N SER N 262 -31.94 -107.23 73.35
CA SER N 262 -31.47 -108.22 74.32
C SER N 262 -32.65 -108.88 75.04
N GLY O 1 34.79 -83.97 75.00
CA GLY O 1 35.21 -85.31 75.51
C GLY O 1 35.54 -85.30 76.99
N LEU O 2 34.50 -85.35 77.82
CA LEU O 2 34.70 -85.36 79.26
C LEU O 2 35.43 -86.63 79.68
N PRO O 3 36.54 -86.53 80.42
CA PRO O 3 37.19 -87.76 80.91
C PRO O 3 36.26 -88.54 81.84
N VAL O 4 36.23 -89.86 81.64
CA VAL O 4 35.34 -90.74 82.36
C VAL O 4 36.04 -92.07 82.58
N MET O 5 35.65 -92.77 83.65
CA MET O 5 36.17 -94.10 83.95
C MET O 5 35.01 -94.99 84.32
N THR O 6 34.81 -96.06 83.54
CA THR O 6 33.71 -96.99 83.80
C THR O 6 34.04 -97.91 84.97
N THR O 7 33.08 -98.06 85.89
CA THR O 7 33.22 -98.90 87.07
C THR O 7 32.55 -100.25 86.85
N PRO O 8 32.91 -101.26 87.64
CA PRO O 8 32.20 -102.54 87.56
C PRO O 8 30.71 -102.36 87.78
N GLY O 9 29.92 -103.25 87.17
CA GLY O 9 28.49 -103.15 87.15
C GLY O 9 27.92 -102.56 85.88
N SER O 10 28.78 -102.05 85.01
CA SER O 10 28.35 -101.57 83.71
C SER O 10 27.90 -102.74 82.85
N THR O 11 27.05 -102.44 81.86
CA THR O 11 26.54 -103.44 80.94
C THR O 11 25.75 -104.51 81.67
N GLN O 12 25.08 -104.12 82.75
CA GLN O 12 24.49 -105.05 83.69
C GLN O 12 22.98 -104.83 83.76
N PHE O 13 22.22 -105.91 83.64
CA PHE O 13 20.77 -105.87 83.75
C PHE O 13 20.40 -106.57 85.05
N LEU O 14 20.33 -105.78 86.13
CA LEU O 14 19.89 -106.26 87.43
C LEU O 14 18.37 -106.16 87.49
N THR O 15 17.71 -107.30 87.61
CA THR O 15 16.24 -107.33 87.69
C THR O 15 15.71 -106.25 88.62
N SER O 16 16.33 -106.08 89.77
CA SER O 16 15.89 -105.11 90.77
C SER O 16 16.71 -103.83 90.71
N ASP O 17 16.85 -103.25 89.51
CA ASP O 17 17.47 -101.94 89.37
C ASP O 17 16.39 -100.87 89.21
N ASP O 18 16.81 -99.61 89.33
CA ASP O 18 15.86 -98.51 89.42
C ASP O 18 16.31 -97.33 88.57
N PHE O 19 16.76 -97.60 87.35
CA PHE O 19 17.27 -96.54 86.49
C PHE O 19 16.17 -95.96 85.60
N GLN O 20 16.43 -94.76 85.09
CA GLN O 20 15.54 -94.13 84.12
C GLN O 20 15.87 -94.65 82.72
N SER O 21 14.83 -94.72 81.88
CA SER O 21 14.96 -95.20 80.52
C SER O 21 14.22 -94.25 79.57
N PRO O 22 14.72 -94.09 78.34
CA PRO O 22 14.03 -93.21 77.39
C PRO O 22 12.71 -93.81 76.94
N SER O 23 11.68 -92.96 76.87
CA SER O 23 10.34 -93.40 76.56
C SER O 23 10.18 -93.70 75.07
N ALA O 24 9.37 -94.72 74.78
CA ALA O 24 9.11 -95.11 73.39
C ALA O 24 7.90 -94.41 72.78
N MET O 25 7.00 -93.85 73.62
CA MET O 25 5.83 -93.11 73.17
C MET O 25 5.89 -91.71 73.76
N PRO O 26 6.77 -90.86 73.25
CA PRO O 26 6.88 -89.50 73.83
C PRO O 26 5.58 -88.74 73.70
N GLN O 27 5.27 -87.94 74.71
CA GLN O 27 4.11 -87.06 74.70
C GLN O 27 2.79 -87.82 74.62
N PHE O 28 2.80 -89.10 75.00
CA PHE O 28 1.58 -89.89 74.97
C PHE O 28 0.62 -89.39 76.04
N ASP O 29 -0.53 -88.88 75.61
CA ASP O 29 -1.54 -88.37 76.53
C ASP O 29 -2.24 -89.55 77.21
N VAL O 30 -1.84 -89.85 78.44
CA VAL O 30 -2.46 -90.93 79.19
C VAL O 30 -3.91 -90.58 79.45
N THR O 31 -4.78 -91.59 79.38
CA THR O 31 -6.18 -91.35 79.73
C THR O 31 -6.24 -90.88 81.17
N PRO O 32 -7.05 -89.87 81.49
CA PRO O 32 -7.05 -89.32 82.84
C PRO O 32 -7.37 -90.38 83.87
N GLU O 33 -7.21 -90.00 85.13
CA GLU O 33 -7.39 -90.94 86.23
C GLU O 33 -8.83 -90.89 86.74
N MET O 34 -9.23 -92.00 87.36
CA MET O 34 -10.54 -92.13 87.99
C MET O 34 -10.32 -92.67 89.40
N GLN O 35 -11.11 -92.18 90.35
CA GLN O 35 -11.00 -92.65 91.72
C GLN O 35 -11.78 -93.95 91.84
N ILE O 36 -11.11 -95.06 91.56
CA ILE O 36 -11.71 -96.39 91.66
C ILE O 36 -11.68 -96.81 93.12
N PRO O 37 -12.75 -97.40 93.65
CA PRO O 37 -12.75 -97.80 95.06
C PRO O 37 -11.70 -98.87 95.33
N GLY O 38 -11.36 -99.00 96.61
CA GLY O 38 -10.50 -100.09 97.06
C GLY O 38 -9.06 -100.02 96.57
N ARG O 39 -8.47 -98.83 96.54
CA ARG O 39 -7.07 -98.71 96.17
C ARG O 39 -6.19 -99.35 97.24
N VAL O 40 -5.33 -100.26 96.84
CA VAL O 40 -4.37 -100.91 97.72
C VAL O 40 -3.05 -100.15 97.62
N ASN O 41 -2.44 -99.89 98.77
CA ASN O 41 -1.14 -99.23 98.82
C ASN O 41 -0.04 -100.11 99.39
N ASN O 42 -0.38 -101.07 100.23
CA ASN O 42 0.59 -101.98 100.83
C ASN O 42 -0.02 -103.37 100.94
N LEU O 43 0.83 -104.39 100.80
CA LEU O 43 0.35 -105.76 100.91
C LEU O 43 -0.06 -106.09 102.34
N MET O 44 0.44 -105.35 103.33
CA MET O 44 -0.02 -105.56 104.69
C MET O 44 -1.47 -105.14 104.86
N GLU O 45 -1.94 -104.20 104.03
CA GLU O 45 -3.36 -103.90 104.02
C GLU O 45 -4.18 -105.15 103.71
N ILE O 46 -3.64 -106.03 102.87
CA ILE O 46 -4.30 -107.30 102.60
C ILE O 46 -4.08 -108.27 103.74
N ALA O 47 -2.83 -108.34 104.24
CA ALA O 47 -2.51 -109.28 105.30
C ALA O 47 -3.31 -109.03 106.57
N GLU O 48 -3.83 -107.81 106.76
CA GLU O 48 -4.60 -107.51 107.95
C GLU O 48 -6.07 -107.93 107.84
N VAL O 49 -6.45 -108.61 106.77
CA VAL O 49 -7.84 -108.99 106.52
C VAL O 49 -8.05 -110.41 107.00
N ASP O 50 -9.12 -110.63 107.77
CA ASP O 50 -9.45 -111.97 108.23
C ASP O 50 -9.74 -112.89 107.05
N SER O 51 -9.20 -114.10 107.11
CA SER O 51 -9.47 -115.14 106.12
C SER O 51 -9.62 -116.47 106.84
N VAL O 52 -10.49 -117.33 106.31
CA VAL O 52 -10.84 -118.56 107.02
C VAL O 52 -9.64 -119.51 107.00
N VAL O 53 -9.43 -120.20 108.11
CA VAL O 53 -8.28 -121.08 108.30
C VAL O 53 -8.74 -122.52 108.19
N PRO O 54 -8.10 -123.35 107.37
CA PRO O 54 -8.44 -124.79 107.31
C PRO O 54 -7.72 -125.58 108.39
N VAL O 55 -8.22 -125.46 109.63
CA VAL O 55 -7.60 -126.17 110.75
C VAL O 55 -7.72 -127.68 110.57
N ASN O 56 -8.83 -128.13 109.98
CA ASN O 56 -9.05 -129.56 109.74
C ASN O 56 -8.52 -129.94 108.36
N ASN O 57 -7.19 -130.00 108.27
CA ASN O 57 -6.52 -130.27 107.00
C ASN O 57 -6.68 -131.69 106.50
N THR O 58 -7.45 -132.52 107.20
CA THR O 58 -7.65 -133.91 106.81
C THR O 58 -7.88 -134.05 105.31
N GLU O 59 -7.10 -134.94 104.69
CA GLU O 59 -7.19 -135.21 103.26
C GLU O 59 -8.62 -135.23 102.73
N ALA O 60 -9.55 -135.76 103.52
CA ALA O 60 -10.94 -135.82 103.05
C ALA O 60 -11.61 -134.46 103.10
N ASN O 61 -11.21 -133.60 104.04
CA ASN O 61 -11.84 -132.29 104.16
C ASN O 61 -11.17 -131.22 103.31
N VAL O 62 -9.92 -131.43 102.92
CA VAL O 62 -9.17 -130.40 102.20
C VAL O 62 -9.85 -130.04 100.89
N ASN O 63 -10.46 -131.03 100.23
CA ASN O 63 -11.18 -130.79 98.98
C ASN O 63 -12.64 -130.48 99.22
N SER O 64 -12.95 -129.80 100.32
CA SER O 64 -14.32 -129.46 100.66
C SER O 64 -14.27 -128.35 101.71
N LEU O 65 -15.42 -127.73 101.95
CA LEU O 65 -15.52 -126.70 102.99
C LEU O 65 -15.31 -127.28 104.38
N LYS O 66 -15.32 -128.60 104.52
CA LYS O 66 -15.12 -129.22 105.83
C LYS O 66 -13.75 -128.86 106.41
N ALA O 67 -12.78 -128.50 105.57
CA ALA O 67 -11.47 -128.14 106.08
C ALA O 67 -11.53 -126.95 107.02
N TYR O 68 -12.47 -126.05 106.81
CA TYR O 68 -12.58 -124.85 107.62
C TYR O 68 -13.39 -125.06 108.89
N GLN O 69 -13.98 -126.22 109.07
CA GLN O 69 -14.86 -126.50 110.20
C GLN O 69 -14.09 -127.23 111.30
N ILE O 70 -14.08 -126.66 112.50
CA ILE O 70 -13.50 -127.30 113.67
C ILE O 70 -14.63 -127.95 114.45
N PRO O 71 -14.71 -129.28 114.51
CA PRO O 71 -15.86 -129.90 115.18
C PRO O 71 -15.80 -129.75 116.69
N VAL O 72 -16.96 -129.49 117.28
CA VAL O 72 -17.10 -129.44 118.73
C VAL O 72 -18.35 -130.21 119.10
N GLN O 73 -18.34 -130.81 120.30
CA GLN O 73 -19.43 -131.66 120.72
C GLN O 73 -19.55 -131.62 122.24
N SER O 74 -20.73 -132.01 122.72
CA SER O 74 -20.94 -132.23 124.15
C SER O 74 -20.36 -133.59 124.53
N ASN O 75 -19.32 -133.59 125.35
CA ASN O 75 -18.61 -134.81 125.70
C ASN O 75 -18.69 -135.07 127.20
N SER O 76 -18.42 -136.33 127.57
CA SER O 76 -18.48 -136.78 128.96
C SER O 76 -17.20 -136.51 129.74
N ASP O 77 -16.11 -136.14 129.08
CA ASP O 77 -14.83 -135.95 129.74
C ASP O 77 -14.56 -134.46 129.95
N ASN O 78 -13.34 -134.13 130.35
CA ASN O 78 -12.99 -132.75 130.67
C ASN O 78 -11.54 -132.49 130.29
N GLY O 79 -11.32 -131.45 129.49
CA GLY O 79 -9.97 -131.07 129.11
C GLY O 79 -9.50 -131.84 127.89
N LYS O 80 -10.33 -131.87 126.85
CA LYS O 80 -10.01 -132.56 125.61
C LYS O 80 -9.58 -131.54 124.57
N GLN O 81 -8.39 -131.70 124.03
CA GLN O 81 -7.90 -130.79 123.00
C GLN O 81 -8.92 -130.66 121.88
N VAL O 82 -9.21 -129.42 121.49
CA VAL O 82 -10.10 -129.16 120.36
C VAL O 82 -9.31 -129.10 119.05
N PHE O 83 -8.13 -128.49 119.08
CA PHE O 83 -7.24 -128.47 117.93
C PHE O 83 -5.89 -127.95 118.38
N GLY O 84 -4.89 -128.18 117.54
CA GLY O 84 -3.55 -127.67 117.80
C GLY O 84 -2.70 -127.62 116.54
N PHE O 85 -2.17 -126.44 116.23
CA PHE O 85 -1.25 -126.31 115.12
C PHE O 85 -0.04 -125.49 115.55
N PRO O 86 1.10 -125.69 114.91
CA PRO O 86 2.26 -124.84 115.19
C PRO O 86 2.06 -123.43 114.64
N LEU O 87 2.85 -122.50 115.16
CA LEU O 87 2.78 -121.10 114.76
C LEU O 87 3.69 -120.84 113.55
N GLN O 88 3.47 -121.61 112.49
CA GLN O 88 4.18 -121.38 111.24
C GLN O 88 3.25 -120.72 110.23
N PRO O 89 3.12 -119.39 110.25
CA PRO O 89 2.17 -118.75 109.32
C PRO O 89 2.51 -118.99 107.86
N GLY O 90 3.78 -119.19 107.53
CA GLY O 90 4.19 -119.31 106.14
C GLY O 90 4.56 -120.71 105.70
N ALA O 91 4.70 -121.64 106.65
CA ALA O 91 5.16 -123.00 106.36
C ALA O 91 4.08 -124.05 106.56
N ASN O 92 3.39 -124.04 107.70
CA ASN O 92 2.40 -125.07 107.97
C ASN O 92 1.19 -124.93 107.06
N GLY O 93 0.62 -126.07 106.67
CA GLY O 93 -0.52 -126.07 105.77
C GLY O 93 -1.75 -125.40 106.33
N VAL O 94 -1.88 -125.33 107.65
CA VAL O 94 -3.05 -124.70 108.25
C VAL O 94 -3.10 -123.24 107.89
N LEU O 95 -1.94 -122.59 107.78
CA LEU O 95 -1.85 -121.15 107.58
C LEU O 95 -1.17 -120.75 106.28
N ASN O 96 -0.39 -121.64 105.65
CA ASN O 96 0.42 -121.22 104.51
C ASN O 96 -0.43 -120.73 103.34
N ARG O 97 -1.66 -121.23 103.20
CA ARG O 97 -2.54 -120.84 102.10
C ARG O 97 -3.63 -119.86 102.52
N THR O 98 -3.65 -119.46 103.79
CA THR O 98 -4.47 -118.33 104.19
C THR O 98 -4.04 -117.10 103.39
N LEU O 99 -4.82 -116.03 103.49
CA LEU O 99 -4.39 -114.76 102.91
C LEU O 99 -3.02 -114.36 103.46
N LEU O 100 -2.89 -114.39 104.78
CA LEU O 100 -1.63 -114.02 105.42
C LEU O 100 -0.49 -114.91 104.94
N GLY O 101 -0.71 -116.22 104.89
CA GLY O 101 0.35 -117.11 104.43
C GLY O 101 0.71 -116.90 102.99
N GLU O 102 -0.29 -116.65 102.13
CA GLU O 102 -0.03 -116.39 100.72
C GLU O 102 0.86 -115.17 100.56
N ILE O 103 0.58 -114.11 101.32
CA ILE O 103 1.45 -112.92 101.23
C ILE O 103 2.82 -113.23 101.79
N LEU O 104 2.89 -113.95 102.91
CA LEU O 104 4.17 -114.26 103.53
C LEU O 104 5.06 -115.05 102.60
N ASN O 105 4.48 -115.90 101.75
CA ASN O 105 5.30 -116.73 100.87
C ASN O 105 5.98 -115.94 99.76
N TYR O 106 5.68 -114.66 99.59
CA TYR O 106 6.42 -113.80 98.68
C TYR O 106 7.61 -113.12 99.36
N TYR O 107 7.82 -113.36 100.65
CA TYR O 107 8.89 -112.74 101.42
C TYR O 107 9.60 -113.82 102.22
N THR O 108 10.80 -113.48 102.72
CA THR O 108 11.64 -114.42 103.43
C THR O 108 11.54 -114.31 104.95
N HIS O 109 11.48 -113.09 105.49
CA HIS O 109 11.40 -112.86 106.91
C HIS O 109 10.04 -112.29 107.27
N TRP O 110 9.61 -112.53 108.51
CA TRP O 110 8.35 -111.96 108.99
C TRP O 110 8.47 -111.68 110.47
N SER O 111 7.66 -110.72 110.94
CA SER O 111 7.69 -110.29 112.33
C SER O 111 6.35 -109.67 112.67
N GLY O 112 5.79 -110.03 113.82
CA GLY O 112 4.57 -109.39 114.28
C GLY O 112 3.59 -110.32 114.96
N SER O 113 2.51 -109.75 115.49
CA SER O 113 1.49 -110.49 116.19
C SER O 113 0.43 -110.99 115.21
N ILE O 114 -0.42 -111.90 115.68
CA ILE O 114 -1.41 -112.54 114.81
C ILE O 114 -2.75 -112.61 115.54
N LYS O 115 -3.82 -112.20 114.86
CA LYS O 115 -5.17 -112.30 115.39
C LYS O 115 -5.80 -113.59 114.88
N LEU O 116 -6.18 -114.46 115.82
CA LEU O 116 -6.92 -115.69 115.54
C LEU O 116 -8.34 -115.47 116.09
N THR O 117 -9.28 -115.22 115.21
CA THR O 117 -10.66 -115.03 115.60
C THR O 117 -11.42 -116.34 115.44
N PHE O 118 -12.13 -116.74 116.50
CA PHE O 118 -12.88 -117.99 116.52
C PHE O 118 -14.36 -117.67 116.68
N MET O 119 -15.17 -118.19 115.77
CA MET O 119 -16.60 -117.95 115.76
C MET O 119 -17.34 -119.26 115.95
N PHE O 120 -18.25 -119.29 116.94
CA PHE O 120 -19.03 -120.47 117.27
C PHE O 120 -20.28 -120.48 116.41
N CYS O 121 -20.37 -121.43 115.48
CA CYS O 121 -21.49 -121.51 114.55
C CYS O 121 -22.50 -122.57 114.96
N GLY O 122 -22.66 -122.78 116.26
CA GLY O 122 -23.62 -123.73 116.77
C GLY O 122 -24.99 -123.11 116.99
N SER O 123 -25.86 -123.86 117.64
CA SER O 123 -27.20 -123.37 117.93
C SER O 123 -27.14 -122.22 118.92
N ALA O 124 -28.19 -121.39 118.88
CA ALA O 124 -28.27 -120.28 119.82
C ALA O 124 -28.46 -120.77 121.25
N MET O 125 -28.88 -122.02 121.44
CA MET O 125 -29.14 -122.55 122.78
C MET O 125 -27.90 -123.18 123.42
N ALA O 126 -26.85 -123.42 122.65
CA ALA O 126 -25.66 -124.09 123.18
C ALA O 126 -24.84 -123.14 124.02
N THR O 127 -24.15 -123.71 125.01
CA THR O 127 -23.23 -122.97 125.87
C THR O 127 -21.94 -123.78 126.02
N GLY O 128 -20.91 -123.12 126.51
CA GLY O 128 -19.65 -123.81 126.77
C GLY O 128 -18.52 -122.81 126.89
N LYS O 129 -17.38 -123.32 127.36
CA LYS O 129 -16.22 -122.48 127.56
C LYS O 129 -14.98 -123.19 127.06
N PHE O 130 -14.06 -122.43 126.47
CA PHE O 130 -12.87 -122.99 125.86
C PHE O 130 -11.63 -122.23 126.31
N LEU O 131 -10.51 -122.92 126.24
CA LEU O 131 -9.19 -122.38 126.58
C LEU O 131 -8.39 -122.27 125.29
N LEU O 132 -8.14 -121.04 124.86
CA LEU O 132 -7.34 -120.77 123.67
C LEU O 132 -5.96 -120.36 124.15
N ALA O 133 -4.94 -121.17 123.88
CA ALA O 133 -3.62 -120.98 124.46
C ALA O 133 -2.54 -120.93 123.39
N TYR O 134 -1.60 -120.01 123.58
CA TYR O 134 -0.39 -119.91 122.77
C TYR O 134 0.79 -120.26 123.66
N SER O 135 1.47 -121.36 123.32
CA SER O 135 2.62 -121.84 124.07
C SER O 135 3.89 -121.55 123.29
N PRO O 136 4.74 -120.63 123.75
CA PRO O 136 6.00 -120.38 123.04
C PRO O 136 6.81 -121.65 122.86
N PRO O 137 7.86 -121.61 122.05
CA PRO O 137 8.64 -122.82 121.78
C PRO O 137 9.55 -123.19 122.95
N GLY O 138 10.12 -124.39 122.85
CA GLY O 138 11.03 -124.88 123.86
C GLY O 138 10.43 -126.03 124.66
N ALA O 139 9.19 -125.86 125.10
CA ALA O 139 8.40 -126.96 125.62
C ALA O 139 7.53 -127.48 124.49
N GLY O 140 7.41 -128.80 124.41
CA GLY O 140 6.62 -129.41 123.35
C GLY O 140 5.19 -128.89 123.31
N VAL O 141 4.42 -129.31 122.31
CA VAL O 141 3.01 -128.89 122.27
C VAL O 141 2.33 -129.29 123.57
N PRO O 142 1.56 -128.42 124.21
CA PRO O 142 0.87 -128.83 125.44
C PRO O 142 0.03 -130.07 125.22
N LYS O 143 0.25 -131.08 126.06
CA LYS O 143 -0.46 -132.34 125.93
C LYS O 143 -1.79 -132.34 126.68
N ASN O 144 -1.90 -131.56 127.75
CA ASN O 144 -3.16 -131.45 128.47
C ASN O 144 -3.42 -129.98 128.82
N ARG O 145 -4.68 -129.73 129.18
CA ARG O 145 -5.08 -128.38 129.52
C ARG O 145 -4.23 -127.79 130.63
N LYS O 146 -3.80 -128.62 131.58
CA LYS O 146 -2.90 -128.15 132.64
C LYS O 146 -1.64 -127.54 132.04
N ASP O 147 -1.02 -128.25 131.10
CA ASP O 147 0.18 -127.73 130.45
C ASP O 147 -0.12 -126.47 129.67
N ALA O 148 -1.24 -126.45 128.95
CA ALA O 148 -1.57 -125.26 128.15
C ALA O 148 -1.85 -124.05 129.03
N MET O 149 -2.34 -124.28 130.25
CA MET O 149 -2.72 -123.20 131.14
C MET O 149 -1.54 -122.39 131.63
N LEU O 150 -0.33 -122.95 131.61
CA LEU O 150 0.83 -122.25 132.12
C LEU O 150 1.35 -121.21 131.14
N GLY O 151 0.84 -121.19 129.91
CA GLY O 151 1.22 -120.21 128.91
C GLY O 151 0.11 -119.21 128.62
N THR O 152 0.42 -118.32 127.69
CA THR O 152 -0.53 -117.31 127.24
C THR O 152 -1.83 -117.95 126.78
N HIS O 153 -2.93 -117.62 127.44
CA HIS O 153 -4.21 -118.25 127.14
C HIS O 153 -5.36 -117.31 127.43
N VAL O 154 -6.55 -117.71 126.97
CA VAL O 154 -7.77 -116.93 127.05
C VAL O 154 -8.93 -117.87 127.34
N ILE O 155 -9.82 -117.47 128.25
CA ILE O 155 -11.05 -118.20 128.52
C ILE O 155 -12.14 -117.58 127.66
N TRP O 156 -12.70 -118.38 126.76
CA TRP O 156 -13.72 -117.92 125.81
C TRP O 156 -15.04 -118.60 126.13
N ASP O 157 -16.02 -117.81 126.58
CA ASP O 157 -17.38 -118.29 126.76
C ASP O 157 -18.12 -118.09 125.44
N VAL O 158 -18.57 -119.19 124.82
CA VAL O 158 -19.27 -119.06 123.55
C VAL O 158 -20.65 -118.46 123.76
N GLY O 159 -21.29 -118.76 124.89
CA GLY O 159 -22.60 -118.21 125.15
C GLY O 159 -22.58 -116.69 125.27
N LEU O 160 -21.58 -116.17 125.96
CA LEU O 160 -21.50 -114.72 126.15
C LEU O 160 -21.18 -114.01 124.85
N GLN O 161 -20.09 -114.40 124.20
CA GLN O 161 -19.64 -113.75 122.96
C GLN O 161 -19.40 -114.83 121.92
N SER O 162 -20.31 -114.92 120.94
CA SER O 162 -20.23 -115.94 119.90
C SER O 162 -18.89 -115.90 119.16
N SER O 163 -18.24 -114.75 119.13
CA SER O 163 -16.93 -114.60 118.52
C SER O 163 -15.91 -114.19 119.58
N CYS O 164 -14.69 -114.66 119.42
CA CYS O 164 -13.63 -114.38 120.38
C CYS O 164 -12.31 -114.25 119.65
N VAL O 165 -11.52 -113.23 120.00
CA VAL O 165 -10.25 -112.95 119.35
C VAL O 165 -9.11 -113.31 120.31
N LEU O 166 -8.24 -114.21 119.85
CA LEU O 166 -6.98 -114.52 120.54
C LEU O 166 -5.86 -113.81 119.80
N CYS O 167 -5.15 -112.92 120.50
CA CYS O 167 -4.10 -112.12 119.88
C CYS O 167 -2.75 -112.69 120.31
N VAL O 168 -2.13 -113.46 119.42
CA VAL O 168 -0.83 -114.07 119.65
C VAL O 168 0.24 -112.98 119.56
N PRO O 169 0.99 -112.71 120.63
CA PRO O 169 2.03 -111.69 120.57
C PRO O 169 3.31 -112.20 119.92
N TRP O 170 4.20 -111.26 119.65
CA TRP O 170 5.52 -111.58 119.08
C TRP O 170 6.48 -111.81 120.22
N ILE O 171 6.74 -113.08 120.51
CA ILE O 171 7.70 -113.49 121.53
C ILE O 171 8.76 -114.29 120.79
N SER O 172 9.89 -113.65 120.47
CA SER O 172 10.94 -114.28 119.70
C SER O 172 12.30 -113.78 120.18
N GLN O 173 13.32 -114.63 119.99
CA GLN O 173 14.67 -114.21 120.33
C GLN O 173 15.15 -113.12 119.39
N THR O 174 14.76 -113.20 118.12
CA THR O 174 15.21 -112.30 117.08
C THR O 174 14.09 -111.32 116.71
N HIS O 175 14.47 -110.29 115.96
CA HIS O 175 13.49 -109.29 115.54
C HIS O 175 12.54 -109.84 114.49
N TYR O 176 12.98 -110.81 113.70
CA TYR O 176 12.14 -111.42 112.67
C TYR O 176 12.23 -112.94 112.80
N ARG O 177 11.41 -113.63 112.02
CA ARG O 177 11.43 -115.08 111.93
C ARG O 177 11.38 -115.49 110.46
N TYR O 178 11.97 -116.64 110.15
CA TYR O 178 11.92 -117.15 108.79
C TYR O 178 10.50 -117.57 108.46
N VAL O 179 10.02 -117.16 107.29
CA VAL O 179 8.73 -117.65 106.79
C VAL O 179 8.78 -119.17 106.65
N VAL O 180 9.92 -119.68 106.19
CA VAL O 180 10.13 -121.12 106.09
C VAL O 180 10.53 -121.67 107.46
N GLU O 181 10.27 -122.95 107.67
CA GLU O 181 10.53 -123.56 108.97
C GLU O 181 12.03 -123.59 109.25
N ASP O 182 12.41 -123.06 110.41
CA ASP O 182 13.76 -123.21 110.94
C ASP O 182 13.63 -123.36 112.44
N GLU O 183 14.19 -124.45 112.99
CA GLU O 183 14.09 -124.62 114.44
C GLU O 183 14.75 -123.48 115.18
N TYR O 184 15.56 -122.65 114.50
CA TYR O 184 16.10 -121.46 115.15
C TYR O 184 15.01 -120.41 115.35
N THR O 185 14.35 -120.02 114.26
CA THR O 185 13.22 -119.10 114.32
C THR O 185 11.94 -119.82 114.75
N ALA O 186 12.04 -120.71 115.74
CA ALA O 186 10.87 -121.38 116.31
C ALA O 186 9.79 -120.36 116.64
N ALA O 187 8.54 -120.78 116.68
CA ALA O 187 7.45 -119.82 116.83
C ALA O 187 6.47 -120.17 117.95
N GLY O 188 6.17 -121.44 118.14
CA GLY O 188 5.28 -121.84 119.21
C GLY O 188 4.23 -122.81 118.74
N TYR O 189 3.25 -123.05 119.62
CA TYR O 189 2.13 -123.95 119.34
C TYR O 189 0.85 -123.26 119.79
N ILE O 190 -0.22 -123.43 119.03
CA ILE O 190 -1.51 -122.85 119.33
C ILE O 190 -2.47 -124.01 119.56
N THR O 191 -3.09 -124.03 120.75
CA THR O 191 -3.98 -125.12 121.14
C THR O 191 -5.29 -124.56 121.64
N CYS O 192 -6.33 -125.40 121.55
CA CYS O 192 -7.65 -125.09 122.11
C CYS O 192 -8.14 -126.29 122.90
N TRP O 193 -8.75 -126.03 124.06
CA TRP O 193 -9.16 -127.09 124.98
C TRP O 193 -10.55 -126.78 125.53
N TYR O 194 -11.24 -127.83 125.98
CA TYR O 194 -12.53 -127.64 126.63
C TYR O 194 -12.30 -127.12 128.04
N GLN O 195 -12.79 -125.92 128.31
CA GLN O 195 -12.78 -125.36 129.66
C GLN O 195 -14.01 -125.80 130.45
N THR O 196 -15.16 -125.82 129.79
CA THR O 196 -16.39 -126.34 130.37
C THR O 196 -17.22 -126.91 129.24
N ASN O 197 -17.56 -128.20 129.36
CA ASN O 197 -18.23 -128.97 128.32
C ASN O 197 -19.42 -128.23 127.73
N ILE O 198 -19.61 -128.41 126.42
CA ILE O 198 -20.74 -127.87 125.69
C ILE O 198 -22.04 -128.43 126.26
N VAL O 199 -22.81 -127.57 126.94
CA VAL O 199 -24.12 -127.95 127.47
C VAL O 199 -25.20 -127.47 126.51
N VAL O 200 -26.09 -128.38 126.13
CA VAL O 200 -27.14 -128.10 125.15
C VAL O 200 -28.47 -128.54 125.75
N PRO O 201 -29.60 -127.94 125.36
CA PRO O 201 -30.89 -128.40 125.86
C PRO O 201 -31.40 -129.60 125.06
N ALA O 202 -32.62 -130.02 125.40
CA ALA O 202 -33.30 -131.06 124.64
C ALA O 202 -33.73 -130.55 123.28
N ASP O 203 -33.79 -131.46 122.32
CA ASP O 203 -34.23 -131.14 120.96
C ASP O 203 -33.30 -130.13 120.29
N VAL O 204 -32.02 -130.16 120.65
CA VAL O 204 -30.99 -129.37 120.00
C VAL O 204 -29.81 -130.30 119.72
N GLN O 205 -29.19 -130.13 118.55
CA GLN O 205 -28.05 -130.96 118.20
C GLN O 205 -26.84 -130.57 119.04
N SER O 206 -26.17 -131.58 119.60
CA SER O 206 -25.05 -131.36 120.50
C SER O 206 -23.73 -131.14 119.76
N SER O 207 -23.69 -131.40 118.46
CA SER O 207 -22.48 -131.25 117.66
C SER O 207 -22.57 -129.96 116.85
N CYS O 208 -21.59 -129.08 117.03
CA CYS O 208 -21.54 -127.80 116.36
C CYS O 208 -20.17 -127.63 115.71
N ASP O 209 -19.97 -126.50 115.05
CA ASP O 209 -18.71 -126.20 114.39
C ASP O 209 -18.20 -124.84 114.85
N ILE O 210 -16.89 -124.66 114.71
CA ILE O 210 -16.23 -123.38 114.99
C ILE O 210 -15.38 -123.03 113.78
N LEU O 211 -15.32 -121.73 113.47
CA LEU O 211 -14.54 -121.24 112.35
C LEU O 211 -13.38 -120.41 112.87
N CYS O 212 -12.22 -120.57 112.23
CA CYS O 212 -10.99 -119.88 112.60
C CYS O 212 -10.60 -118.91 111.50
N PHE O 213 -10.21 -117.69 111.91
CA PHE O 213 -9.81 -116.62 111.00
C PHE O 213 -8.45 -116.10 111.42
N VAL O 214 -7.60 -115.81 110.44
CA VAL O 214 -6.25 -115.31 110.70
C VAL O 214 -6.10 -113.93 110.09
N SER O 215 -5.50 -113.01 110.84
CA SER O 215 -5.08 -111.73 110.30
C SER O 215 -3.81 -111.29 111.01
N ALA O 216 -3.16 -110.27 110.45
CA ALA O 216 -1.98 -109.69 111.06
C ALA O 216 -2.37 -108.47 111.88
N CYS O 217 -1.56 -108.17 112.90
CA CYS O 217 -1.79 -107.02 113.74
C CYS O 217 -1.07 -105.79 113.19
N ASN O 218 -1.21 -104.68 113.90
CA ASN O 218 -0.59 -103.42 113.48
C ASN O 218 0.93 -103.47 113.50
N ASP O 219 1.52 -104.49 114.11
CA ASP O 219 2.97 -104.55 114.26
C ASP O 219 3.54 -105.69 113.41
N PHE O 220 3.11 -105.78 112.16
CA PHE O 220 3.46 -106.91 111.30
C PHE O 220 4.12 -106.38 110.03
N SER O 221 5.24 -107.00 109.65
CA SER O 221 5.99 -106.59 108.47
C SER O 221 6.68 -107.79 107.87
N VAL O 222 6.95 -107.72 106.57
CA VAL O 222 7.67 -108.78 105.87
C VAL O 222 8.83 -108.16 105.11
N ARG O 223 9.81 -109.01 104.78
CA ARG O 223 11.09 -108.53 104.28
C ARG O 223 11.66 -109.50 103.27
N MET O 224 12.68 -109.04 102.55
CA MET O 224 13.40 -109.87 101.59
C MET O 224 12.43 -110.49 100.59
N LEU O 225 11.98 -109.67 99.64
CA LEU O 225 11.10 -110.12 98.57
C LEU O 225 11.66 -111.36 97.90
N LYS O 226 10.77 -112.30 97.57
CA LYS O 226 11.16 -113.53 96.89
C LYS O 226 9.94 -114.08 96.15
N ASP O 227 10.17 -115.13 95.37
CA ASP O 227 9.11 -115.78 94.61
C ASP O 227 8.37 -116.81 95.45
N THR O 228 7.08 -116.97 95.18
CA THR O 228 6.28 -117.95 95.89
C THR O 228 6.55 -119.36 95.34
N PRO O 229 6.51 -120.37 96.20
CA PRO O 229 6.59 -121.76 95.71
C PRO O 229 5.28 -122.27 95.15
N PHE O 230 4.19 -121.52 95.30
CA PHE O 230 2.86 -122.07 94.99
C PHE O 230 2.59 -122.14 93.50
N ILE O 231 3.13 -121.23 92.70
CA ILE O 231 2.88 -121.18 91.26
C ILE O 231 4.05 -121.84 90.53
N ARG O 232 3.73 -122.75 89.62
CA ARG O 232 4.74 -123.46 88.85
C ARG O 232 4.28 -123.58 87.41
N GLN O 233 5.25 -123.63 86.49
CA GLN O 233 4.97 -123.66 85.07
C GLN O 233 5.89 -124.65 84.38
N ASP O 234 5.34 -125.37 83.39
CA ASP O 234 6.11 -126.30 82.56
C ASP O 234 6.30 -125.79 81.14
N THR O 235 5.27 -125.18 80.56
CA THR O 235 5.35 -124.60 79.22
C THR O 235 4.44 -123.38 79.17
N PHE O 236 4.84 -122.40 78.37
CA PHE O 236 4.04 -121.19 78.17
C PHE O 236 2.57 -121.54 77.96
N TYR O 237 1.70 -121.02 78.82
CA TYR O 237 0.27 -121.23 78.65
C TYR O 237 -0.22 -120.47 77.42
N GLN O 238 -1.19 -121.06 76.73
CA GLN O 238 -1.70 -120.47 75.50
C GLN O 238 -3.22 -120.62 75.37
N ASN P 29 17.17 -85.35 93.37
CA ASN P 29 16.76 -86.19 92.25
C ASN P 29 16.26 -85.36 91.07
N ILE P 30 17.02 -85.37 89.97
CA ILE P 30 16.66 -84.64 88.76
C ILE P 30 16.38 -85.65 87.66
N ASN P 31 15.27 -85.43 86.94
CA ASN P 31 14.86 -86.29 85.85
C ASN P 31 15.29 -85.67 84.53
N TYR P 32 15.82 -86.52 83.64
CA TYR P 32 16.41 -86.05 82.40
C TYR P 32 15.47 -86.13 81.20
N TYR P 33 14.35 -86.82 81.32
CA TYR P 33 13.48 -87.09 80.19
C TYR P 33 12.15 -86.35 80.33
N LYS P 34 11.58 -85.98 79.17
CA LYS P 34 10.37 -85.17 79.15
C LYS P 34 9.12 -85.94 79.53
N ASP P 35 9.18 -87.26 79.57
CA ASP P 35 8.00 -88.11 79.79
C ASP P 35 8.07 -88.76 81.16
N ALA P 36 6.93 -88.78 81.86
CA ALA P 36 6.90 -89.33 83.21
C ALA P 36 7.21 -90.82 83.22
N ALA P 37 6.89 -91.53 82.14
CA ALA P 37 7.18 -92.96 82.09
C ALA P 37 8.67 -93.26 82.18
N SER P 38 9.52 -92.28 81.86
CA SER P 38 10.96 -92.48 81.90
C SER P 38 11.53 -92.43 83.31
N ASN P 39 10.75 -92.03 84.30
CA ASN P 39 11.26 -91.83 85.64
C ASN P 39 11.49 -93.18 86.33
N SER P 40 12.34 -93.15 87.35
CA SER P 40 12.58 -94.31 88.21
C SER P 40 11.35 -94.59 89.07
N ALA P 41 11.41 -95.68 89.82
CA ALA P 41 10.27 -96.06 90.64
C ALA P 41 9.98 -94.99 91.69
N ASN P 42 8.75 -95.01 92.20
CA ASN P 42 8.30 -94.02 93.18
C ASN P 42 8.67 -94.50 94.58
N ARG P 43 9.96 -94.41 94.87
CA ARG P 43 10.50 -94.84 96.16
C ARG P 43 11.05 -93.64 96.95
N HIS Q 42 -8.05 -84.66 77.82
CA HIS Q 42 -7.61 -85.18 76.54
C HIS Q 42 -6.86 -84.14 75.72
N SER Q 43 -5.57 -84.37 75.53
CA SER Q 43 -4.70 -83.44 74.83
C SER Q 43 -4.32 -84.01 73.46
N ARG Q 44 -4.08 -83.09 72.52
CA ARG Q 44 -3.64 -83.44 71.18
C ARG Q 44 -2.12 -83.40 71.04
N SER Q 45 -1.40 -83.67 72.14
CA SER Q 45 0.05 -83.52 72.13
C SER Q 45 0.71 -84.43 71.09
N GLU Q 46 0.25 -85.66 70.98
CA GLU Q 46 0.90 -86.62 70.09
C GLU Q 46 0.62 -86.36 68.62
N SER Q 47 -0.30 -85.45 68.29
CA SER Q 47 -0.67 -85.19 66.90
C SER Q 47 0.06 -84.00 66.30
N SER Q 48 0.98 -83.38 67.04
CA SER Q 48 1.76 -82.30 66.47
C SER Q 48 2.64 -82.83 65.33
N ILE Q 49 3.02 -81.92 64.44
CA ILE Q 49 3.86 -82.31 63.31
C ILE Q 49 5.21 -82.82 63.80
N GLU Q 50 5.73 -82.23 64.88
CA GLU Q 50 7.00 -82.68 65.43
C GLU Q 50 6.90 -84.15 65.85
N ASN Q 51 5.85 -84.52 66.56
CA ASN Q 51 5.68 -85.91 66.96
C ASN Q 51 5.42 -86.80 65.74
N PHE Q 52 4.67 -86.30 64.77
CA PHE Q 52 4.31 -87.12 63.61
C PHE Q 52 5.53 -87.50 62.79
N LEU Q 53 6.43 -86.54 62.55
CA LEU Q 53 7.57 -86.77 61.68
C LEU Q 53 8.84 -87.15 62.43
N CYS Q 54 8.96 -86.81 63.70
CA CYS Q 54 10.21 -87.00 64.45
C CYS Q 54 10.26 -88.43 65.01
N ARG Q 55 10.34 -89.38 64.10
CA ARG Q 55 10.59 -90.78 64.41
C ARG Q 55 11.43 -91.33 63.28
N ALA Q 56 12.54 -91.97 63.62
CA ALA Q 56 13.49 -92.39 62.59
C ALA Q 56 12.82 -93.30 61.57
N ALA Q 57 13.27 -93.18 60.33
CA ALA Q 57 12.69 -93.93 59.22
C ALA Q 57 13.78 -94.26 58.22
N CYS Q 58 13.79 -95.52 57.75
CA CYS Q 58 14.77 -95.95 56.77
C CYS Q 58 14.39 -95.40 55.40
N VAL Q 59 15.23 -94.52 54.85
CA VAL Q 59 14.98 -93.99 53.52
C VAL Q 59 15.61 -94.86 52.44
N TYR Q 60 16.68 -95.57 52.75
CA TYR Q 60 17.39 -96.35 51.74
C TYR Q 60 18.48 -97.16 52.40
N TYR Q 61 18.81 -98.30 51.81
CA TYR Q 61 19.93 -99.11 52.28
C TYR Q 61 20.58 -99.80 51.09
N ALA Q 62 21.91 -99.81 51.10
CA ALA Q 62 22.67 -100.39 49.99
C ALA Q 62 23.81 -101.23 50.53
N THR Q 63 24.42 -102.01 49.63
CA THR Q 63 25.41 -103.00 49.99
C THR Q 63 26.74 -102.72 49.30
N TYR Q 64 27.82 -103.12 49.95
CA TYR Q 64 29.16 -103.08 49.36
C TYR Q 64 29.95 -104.26 49.92
N THR Q 65 30.85 -104.79 49.10
CA THR Q 65 31.60 -105.99 49.46
C THR Q 65 33.07 -105.65 49.72
N ASN Q 66 33.81 -106.65 50.19
CA ASN Q 66 35.24 -106.51 50.40
C ASN Q 66 35.87 -106.30 49.02
N ASN Q 67 37.20 -106.39 48.94
CA ASN Q 67 37.90 -106.04 47.70
C ASN Q 67 37.54 -106.97 46.54
N SER Q 68 36.58 -107.86 46.73
CA SER Q 68 36.11 -108.74 45.65
C SER Q 68 36.11 -108.03 44.29
N GLU Q 69 35.41 -106.89 44.20
CA GLU Q 69 35.33 -106.13 42.97
C GLU Q 69 36.05 -104.79 43.02
N LYS Q 70 36.69 -104.45 44.15
CA LYS Q 70 37.19 -103.10 44.37
C LYS Q 70 36.03 -102.11 44.38
N GLY Q 71 34.86 -102.57 44.82
CA GLY Q 71 33.63 -101.83 44.68
C GLY Q 71 33.18 -101.15 45.96
N TYR Q 72 32.89 -99.87 45.84
CA TYR Q 72 32.30 -99.05 46.89
C TYR Q 72 30.82 -98.83 46.56
N ALA Q 73 30.06 -98.34 47.55
CA ALA Q 73 28.64 -98.08 47.33
C ALA Q 73 28.39 -96.58 47.24
N GLU Q 74 27.29 -96.20 46.58
CA GLU Q 74 26.95 -94.80 46.39
C GLU Q 74 25.44 -94.64 46.34
N TRP Q 75 24.97 -93.48 46.80
CA TRP Q 75 23.53 -93.19 46.83
C TRP Q 75 23.31 -91.69 46.66
N VAL Q 76 22.54 -91.32 45.64
CA VAL Q 76 22.06 -89.95 45.50
C VAL Q 76 20.92 -89.73 46.48
N ILE Q 77 21.04 -88.69 47.29
CA ILE Q 77 20.16 -88.50 48.44
C ILE Q 77 18.80 -88.03 47.97
N ASN Q 78 17.79 -88.89 48.08
CA ASN Q 78 16.40 -88.49 47.91
C ASN Q 78 15.57 -89.10 49.02
N THR Q 79 14.37 -88.57 49.20
CA THR Q 79 13.45 -89.03 50.22
C THR Q 79 12.26 -89.79 49.62
N ARG Q 80 12.33 -90.13 48.33
CA ARG Q 80 11.17 -90.67 47.62
C ARG Q 80 11.33 -92.14 47.25
N GLN Q 81 12.46 -92.77 47.57
CA GLN Q 81 12.61 -94.20 47.33
C GLN Q 81 11.85 -95.03 48.35
N VAL Q 82 11.61 -94.48 49.53
CA VAL Q 82 10.88 -95.17 50.58
C VAL Q 82 9.43 -94.71 50.54
N ALA Q 83 8.51 -95.62 50.86
CA ALA Q 83 7.09 -95.32 50.73
C ALA Q 83 6.53 -94.61 51.96
N GLN Q 84 6.79 -95.15 53.15
CA GLN Q 84 6.13 -94.67 54.36
C GLN Q 84 6.52 -93.23 54.66
N LEU Q 85 7.81 -92.97 54.83
CA LEU Q 85 8.27 -91.62 55.14
C LEU Q 85 7.92 -90.65 54.02
N ARG Q 86 8.02 -91.09 52.78
CA ARG Q 86 7.65 -90.22 51.66
C ARG Q 86 6.21 -89.77 51.81
N ARG Q 87 5.29 -90.70 52.05
CA ARG Q 87 3.88 -90.34 52.20
C ARG Q 87 3.70 -89.38 53.37
N LYS Q 88 4.33 -89.68 54.51
CA LYS Q 88 4.22 -88.78 55.66
C LYS Q 88 4.62 -87.35 55.28
N LEU Q 89 5.75 -87.21 54.59
CA LEU Q 89 6.20 -85.87 54.21
C LEU Q 89 5.27 -85.24 53.19
N GLU Q 90 4.81 -86.02 52.20
CA GLU Q 90 3.96 -85.52 51.14
C GLU Q 90 2.56 -85.18 51.62
N LEU Q 91 2.24 -85.47 52.88
CA LEU Q 91 1.07 -84.85 53.49
C LEU Q 91 1.15 -83.33 53.51
N PHE Q 92 2.30 -82.76 53.18
CA PHE Q 92 2.49 -81.31 53.15
C PHE Q 92 3.21 -80.91 51.86
N THR Q 93 2.94 -79.70 51.39
CA THR Q 93 3.55 -79.21 50.17
C THR Q 93 4.94 -78.64 50.41
N TYR Q 94 5.12 -77.90 51.50
CA TYR Q 94 6.38 -77.27 51.85
C TYR Q 94 6.77 -77.66 53.27
N LEU Q 95 8.02 -78.07 53.44
CA LEU Q 95 8.53 -78.50 54.75
C LEU Q 95 9.83 -77.77 55.04
N ARG Q 96 10.22 -77.82 56.31
CA ARG Q 96 11.47 -77.19 56.75
C ARG Q 96 11.88 -77.85 58.06
N PHE Q 97 13.09 -78.37 58.12
CA PHE Q 97 13.51 -79.10 59.31
C PHE Q 97 15.00 -79.41 59.24
N ASP Q 98 15.55 -79.71 60.41
CA ASP Q 98 16.84 -80.36 60.55
C ASP Q 98 16.67 -81.87 60.45
N LEU Q 99 17.78 -82.59 60.34
CA LEU Q 99 17.74 -84.03 60.18
C LEU Q 99 18.65 -84.70 61.20
N GLU Q 100 18.20 -85.83 61.73
CA GLU Q 100 19.05 -86.75 62.49
C GLU Q 100 19.30 -87.96 61.62
N LEU Q 101 20.56 -88.18 61.26
CA LEU Q 101 20.99 -89.28 60.40
C LEU Q 101 21.55 -90.38 61.27
N THR Q 102 20.93 -91.56 61.22
CA THR Q 102 21.41 -92.73 61.94
C THR Q 102 21.74 -93.83 60.93
N PHE Q 103 22.92 -94.42 61.05
CA PHE Q 103 23.33 -95.47 60.13
C PHE Q 103 23.41 -96.80 60.86
N VAL Q 104 22.73 -97.81 60.32
CA VAL Q 104 22.77 -99.17 60.82
C VAL Q 104 23.53 -100.00 59.81
N ILE Q 105 24.77 -100.35 60.13
CA ILE Q 105 25.68 -101.04 59.21
C ILE Q 105 25.86 -102.46 59.72
N THR Q 106 25.49 -103.44 58.90
CA THR Q 106 25.60 -104.85 59.28
C THR Q 106 26.31 -105.63 58.20
N SER Q 107 27.28 -106.46 58.60
CA SER Q 107 28.10 -107.21 57.65
C SER Q 107 27.83 -108.71 57.81
N ALA Q 108 28.35 -109.46 56.84
CA ALA Q 108 28.09 -110.89 56.76
C ALA Q 108 29.26 -111.56 56.03
N GLN Q 109 29.67 -112.70 56.57
CA GLN Q 109 30.69 -113.50 55.92
C GLN Q 109 30.10 -114.16 54.67
N GLN Q 110 30.78 -114.02 53.55
CA GLN Q 110 30.33 -114.62 52.32
C GLN Q 110 31.03 -115.94 52.09
N PRO Q 111 30.42 -116.85 51.33
CA PRO Q 111 31.05 -118.16 51.12
C PRO Q 111 32.44 -118.00 50.52
N SER Q 112 33.33 -118.90 50.91
CA SER Q 112 34.71 -118.84 50.46
C SER Q 112 35.29 -120.25 50.42
N THR Q 113 36.41 -120.38 49.72
CA THR Q 113 37.07 -121.66 49.49
C THR Q 113 38.37 -121.78 50.27
N ALA Q 114 38.69 -120.81 51.12
CA ALA Q 114 39.92 -120.81 51.89
C ALA Q 114 39.71 -121.56 53.21
N THR Q 115 40.82 -121.84 53.89
CA THR Q 115 40.82 -122.53 55.16
C THR Q 115 41.08 -121.54 56.30
N SER Q 116 40.24 -121.60 57.33
CA SER Q 116 40.41 -120.76 58.52
C SER Q 116 40.39 -119.29 58.17
N VAL Q 117 39.20 -118.69 58.23
CA VAL Q 117 39.00 -117.27 57.93
C VAL Q 117 38.77 -116.50 59.22
N ASP Q 118 39.84 -115.97 59.82
CA ASP Q 118 39.73 -115.20 61.05
C ASP Q 118 39.72 -113.72 60.68
N ALA Q 119 38.53 -113.18 60.51
CA ALA Q 119 38.39 -111.78 60.10
C ALA Q 119 38.46 -110.86 61.32
N PRO Q 120 39.33 -109.85 61.31
CA PRO Q 120 39.35 -108.89 62.41
C PRO Q 120 38.16 -107.94 62.33
N VAL Q 121 38.04 -107.10 63.36
CA VAL Q 121 36.95 -106.13 63.40
C VAL Q 121 37.02 -105.26 62.16
N GLN Q 122 35.86 -104.95 61.59
CA GLN Q 122 35.76 -104.19 60.35
C GLN Q 122 35.31 -102.77 60.63
N THR Q 123 35.99 -101.81 59.99
CA THR Q 123 35.65 -100.40 60.09
C THR Q 123 35.13 -99.90 58.74
N HIS Q 124 34.20 -98.95 58.78
CA HIS Q 124 33.59 -98.42 57.58
C HIS Q 124 33.75 -96.91 57.53
N GLN Q 125 33.74 -96.38 56.31
CA GLN Q 125 33.77 -94.96 56.05
C GLN Q 125 32.55 -94.57 55.23
N ILE Q 126 31.82 -93.56 55.70
CA ILE Q 126 30.69 -92.97 55.01
C ILE Q 126 31.09 -91.54 54.65
N MET Q 127 31.20 -91.26 53.36
CA MET Q 127 31.61 -89.95 52.87
C MET Q 127 30.42 -89.25 52.23
N TYR Q 128 30.24 -87.97 52.53
CA TYR Q 128 29.22 -87.16 51.87
C TYR Q 128 29.91 -86.26 50.85
N VAL Q 129 29.53 -86.41 49.58
CA VAL Q 129 30.06 -85.57 48.51
C VAL Q 129 28.97 -84.58 48.14
N PRO Q 130 29.04 -83.33 48.57
CA PRO Q 130 28.06 -82.34 48.13
C PRO Q 130 28.09 -82.20 46.62
N PRO Q 131 26.99 -81.76 46.02
CA PRO Q 131 26.95 -81.66 44.54
C PRO Q 131 28.09 -80.79 44.01
N GLY Q 132 28.89 -81.38 43.13
CA GLY Q 132 30.01 -80.69 42.52
C GLY Q 132 31.37 -81.12 42.99
N GLY Q 133 31.47 -81.86 44.10
CA GLY Q 133 32.75 -82.28 44.62
C GLY Q 133 33.33 -83.44 43.85
N PRO Q 134 34.58 -83.76 44.14
CA PRO Q 134 35.19 -84.95 43.52
C PRO Q 134 34.48 -86.22 43.96
N VAL Q 135 34.55 -87.23 43.10
CA VAL Q 135 33.78 -88.46 43.24
C VAL Q 135 34.75 -89.62 43.37
N PRO Q 136 34.64 -90.46 44.39
CA PRO Q 136 35.48 -91.67 44.45
C PRO Q 136 35.21 -92.57 43.26
N THR Q 137 36.28 -92.94 42.55
CA THR Q 137 36.19 -93.86 41.43
C THR Q 137 36.60 -95.28 41.77
N LYS Q 138 37.19 -95.48 42.95
CA LYS Q 138 37.65 -96.80 43.38
C LYS Q 138 37.65 -96.85 44.89
N VAL Q 139 37.77 -98.06 45.43
CA VAL Q 139 37.82 -98.22 46.88
C VAL Q 139 38.99 -97.44 47.47
N THR Q 140 40.02 -97.19 46.68
CA THR Q 140 41.21 -96.49 47.16
C THR Q 140 41.48 -95.19 46.40
N ASP Q 141 40.46 -94.37 46.22
CA ASP Q 141 40.62 -93.11 45.53
C ASP Q 141 41.05 -92.02 46.49
N TYR Q 142 41.63 -90.95 45.94
CA TYR Q 142 42.08 -89.83 46.76
C TYR Q 142 40.92 -89.11 47.43
N ALA Q 143 39.75 -89.12 46.78
CA ALA Q 143 38.59 -88.41 47.33
C ALA Q 143 38.30 -88.84 48.76
N TRP Q 144 38.62 -90.09 49.10
CA TRP Q 144 38.33 -90.60 50.43
C TRP Q 144 39.07 -89.84 51.53
N GLN Q 145 40.02 -88.96 51.21
CA GLN Q 145 40.71 -88.21 52.25
C GLN Q 145 39.76 -87.30 53.02
N THR Q 146 38.67 -86.87 52.40
CA THR Q 146 37.68 -85.99 53.01
C THR Q 146 38.34 -84.86 53.79
N SER Q 147 39.30 -84.19 53.16
CA SER Q 147 39.90 -83.02 53.80
C SER Q 147 38.82 -82.00 54.14
N THR Q 148 37.83 -81.86 53.26
CA THR Q 148 36.72 -80.94 53.45
C THR Q 148 35.37 -81.63 53.50
N ASN Q 149 35.15 -82.62 52.65
CA ASN Q 149 33.88 -83.33 52.63
C ASN Q 149 33.67 -84.05 53.96
N PRO Q 150 32.55 -83.83 54.63
CA PRO Q 150 32.32 -84.53 55.90
C PRO Q 150 32.20 -86.04 55.67
N SER Q 151 32.69 -86.79 56.64
CA SER Q 151 32.63 -88.24 56.57
C SER Q 151 32.75 -88.81 57.97
N VAL Q 152 32.21 -90.02 58.14
CA VAL Q 152 32.19 -90.73 59.40
C VAL Q 152 33.02 -92.00 59.27
N PHE Q 153 33.83 -92.26 60.29
CA PHE Q 153 34.55 -93.52 60.43
C PHE Q 153 33.96 -94.25 61.64
N TRP Q 154 33.43 -95.45 61.41
CA TRP Q 154 32.72 -96.18 62.46
C TRP Q 154 33.15 -97.64 62.44
N THR Q 155 33.49 -98.16 63.62
CA THR Q 155 33.95 -99.53 63.77
C THR Q 155 32.79 -100.43 64.21
N GLU Q 156 32.73 -101.62 63.63
CA GLU Q 156 31.59 -102.49 63.88
C GLU Q 156 31.47 -102.85 65.36
N GLY Q 157 30.22 -103.10 65.78
CA GLY Q 157 29.95 -103.57 67.12
C GLY Q 157 29.63 -102.51 68.13
N ASN Q 158 29.58 -101.25 67.75
CA ASN Q 158 29.30 -100.16 68.67
C ASN Q 158 27.95 -99.53 68.34
N ALA Q 159 27.60 -98.50 69.09
CA ALA Q 159 26.35 -97.81 68.85
C ALA Q 159 26.32 -97.28 67.42
N PRO Q 160 25.19 -97.37 66.72
CA PRO Q 160 25.13 -96.84 65.35
C PRO Q 160 25.58 -95.41 65.29
N PRO Q 161 26.34 -95.01 64.27
CA PRO Q 161 26.75 -93.61 64.17
C PRO Q 161 25.56 -92.72 63.85
N ARG Q 162 25.59 -91.51 64.42
CA ARG Q 162 24.50 -90.57 64.29
C ARG Q 162 25.06 -89.16 64.18
N MET Q 163 24.39 -88.34 63.37
CA MET Q 163 24.82 -86.96 63.16
C MET Q 163 23.63 -86.17 62.65
N SER Q 164 23.48 -84.95 63.15
CA SER Q 164 22.43 -84.07 62.67
C SER Q 164 22.97 -83.13 61.60
N ILE Q 165 22.07 -82.71 60.72
CA ILE Q 165 22.40 -81.78 59.64
C ILE Q 165 21.34 -80.68 59.58
N PRO Q 166 21.72 -79.43 59.37
CA PRO Q 166 20.72 -78.34 59.39
C PRO Q 166 19.81 -78.34 58.18
N PHE Q 167 19.00 -77.29 58.06
CA PHE Q 167 18.17 -77.03 56.89
C PHE Q 167 19.08 -76.55 55.76
N ILE Q 168 19.39 -77.45 54.81
CA ILE Q 168 20.43 -77.19 53.83
C ILE Q 168 19.84 -76.90 52.46
N SER Q 169 18.65 -76.30 52.43
CA SER Q 169 18.04 -75.98 51.15
C SER Q 169 18.44 -74.58 50.72
N ILE Q 170 18.31 -74.32 49.43
CA ILE Q 170 18.56 -72.98 48.91
C ILE Q 170 17.35 -72.09 49.13
N GLY Q 171 16.14 -72.65 49.03
CA GLY Q 171 14.94 -71.86 49.23
C GLY Q 171 14.58 -71.72 50.70
N ASN Q 172 13.57 -70.91 50.95
CA ASN Q 172 13.10 -70.67 52.31
C ASN Q 172 12.26 -71.81 52.86
N ALA Q 173 12.22 -72.94 52.16
CA ALA Q 173 11.53 -74.13 52.64
C ALA Q 173 11.79 -75.27 51.67
N TYR Q 174 11.87 -76.48 52.21
CA TYR Q 174 11.93 -77.66 51.36
C TYR Q 174 10.65 -77.75 50.54
N SER Q 175 10.78 -78.24 49.32
CA SER Q 175 9.65 -78.40 48.41
C SER Q 175 9.35 -79.89 48.27
N CYS Q 176 8.13 -80.28 48.58
CA CYS Q 176 7.69 -81.66 48.40
C CYS Q 176 7.16 -81.92 47.00
N PHE Q 177 6.63 -80.90 46.33
CA PHE Q 177 6.11 -81.03 44.97
C PHE Q 177 6.54 -79.81 44.17
N TYR Q 178 6.62 -79.99 42.85
CA TYR Q 178 7.03 -78.91 41.97
C TYR Q 178 6.25 -79.03 40.68
N ASP Q 179 5.29 -78.14 40.49
CA ASP Q 179 4.47 -78.10 39.27
C ASP Q 179 5.14 -77.23 38.21
N GLY Q 180 6.32 -77.67 37.78
CA GLY Q 180 7.09 -76.91 36.83
C GLY Q 180 8.14 -77.76 36.16
N TRP Q 181 8.98 -77.10 35.38
CA TRP Q 181 10.04 -77.72 34.59
C TRP Q 181 11.40 -77.21 35.08
N THR Q 182 12.45 -77.83 34.55
CA THR Q 182 13.81 -77.39 34.83
C THR Q 182 14.31 -76.38 33.83
N GLN Q 183 13.80 -76.44 32.59
CA GLN Q 183 14.19 -75.53 31.54
C GLN Q 183 13.16 -74.42 31.39
N PHE Q 184 13.63 -73.22 31.06
CA PHE Q 184 12.71 -72.14 30.76
C PHE Q 184 11.88 -72.42 29.51
N SER Q 185 12.30 -73.38 28.69
CA SER Q 185 11.56 -73.78 27.50
C SER Q 185 10.40 -74.72 27.81
N ARG Q 186 9.97 -74.80 29.06
CA ARG Q 186 8.92 -75.73 29.48
C ARG Q 186 9.22 -77.15 28.98
N ASN Q 187 10.49 -77.52 29.05
CA ASN Q 187 10.92 -78.84 28.60
C ASN Q 187 12.05 -79.32 29.50
N GLY Q 188 12.68 -80.42 29.11
CA GLY Q 188 13.71 -81.03 29.93
C GLY Q 188 13.15 -82.02 30.93
N VAL Q 189 13.06 -81.60 32.19
CA VAL Q 189 12.53 -82.43 33.26
C VAL Q 189 11.27 -81.77 33.79
N TYR Q 190 10.27 -82.59 34.11
CA TYR Q 190 9.05 -82.11 34.74
C TYR Q 190 8.85 -82.83 36.07
N GLY Q 191 8.95 -82.09 37.17
CA GLY Q 191 8.54 -82.61 38.44
C GLY Q 191 9.48 -82.17 39.53
N ILE Q 192 9.46 -82.94 40.62
CA ILE Q 192 10.25 -82.64 41.81
C ILE Q 192 11.73 -82.90 41.61
N ASN Q 193 12.11 -83.60 40.54
CA ASN Q 193 13.51 -83.96 40.33
C ASN Q 193 14.32 -82.83 39.70
N THR Q 194 13.75 -81.64 39.55
CA THR Q 194 14.51 -80.47 39.14
C THR Q 194 15.07 -79.70 40.33
N LEU Q 195 14.55 -79.96 41.52
CA LEU Q 195 14.96 -79.25 42.72
C LEU Q 195 15.95 -80.05 43.56
N ASN Q 196 16.02 -81.36 43.37
CA ASN Q 196 16.83 -82.21 44.23
C ASN Q 196 18.26 -82.24 43.71
N ASN Q 197 19.12 -81.41 44.30
CA ASN Q 197 20.56 -81.47 44.09
C ASN Q 197 21.16 -81.45 45.49
N MET Q 198 21.12 -82.61 46.16
CA MET Q 198 21.53 -82.72 47.55
C MET Q 198 22.81 -83.55 47.71
N GLY Q 199 23.45 -83.91 46.60
CA GLY Q 199 24.73 -84.58 46.66
C GLY Q 199 24.60 -86.07 46.80
N THR Q 200 25.75 -86.74 46.75
CA THR Q 200 25.84 -88.19 46.81
C THR Q 200 26.50 -88.62 48.12
N LEU Q 201 26.34 -89.90 48.44
CA LEU Q 201 26.80 -90.46 49.69
C LEU Q 201 27.47 -91.79 49.39
N TYR Q 202 28.76 -91.90 49.70
CA TYR Q 202 29.56 -93.06 49.35
C TYR Q 202 29.95 -93.85 50.59
N MET Q 203 30.14 -95.16 50.40
CA MET Q 203 30.35 -96.10 51.49
C MET Q 203 31.46 -97.05 51.12
N ARG Q 204 32.34 -97.33 52.08
CA ARG Q 204 33.40 -98.30 51.84
C ARG Q 204 33.85 -98.96 53.13
N HIS Q 205 34.51 -100.11 52.98
CA HIS Q 205 35.28 -100.71 54.07
C HIS Q 205 36.65 -100.04 54.13
N VAL Q 206 37.07 -99.64 55.32
CA VAL Q 206 38.40 -99.05 55.47
C VAL Q 206 39.47 -100.14 55.53
N ASN Q 207 39.09 -101.34 55.97
CA ASN Q 207 40.05 -102.41 56.19
C ASN Q 207 40.57 -102.96 54.86
N GLU Q 208 41.66 -103.71 54.95
CA GLU Q 208 42.26 -104.37 53.81
C GLU Q 208 41.62 -105.75 53.65
N ALA Q 209 41.39 -106.15 52.40
CA ALA Q 209 40.76 -107.43 52.10
C ALA Q 209 41.36 -108.55 52.92
N GLY Q 210 40.49 -109.36 53.54
CA GLY Q 210 40.90 -110.53 54.27
C GLY Q 210 40.81 -111.77 53.40
N GLN Q 211 41.38 -112.87 53.90
CA GLN Q 211 41.40 -114.11 53.12
C GLN Q 211 40.00 -114.64 52.82
N GLY Q 212 38.95 -114.05 53.40
CA GLY Q 212 37.60 -114.43 53.11
C GLY Q 212 36.72 -113.21 52.86
N PRO Q 213 35.78 -113.31 51.92
CA PRO Q 213 35.00 -112.14 51.53
C PRO Q 213 33.92 -111.79 52.54
N ILE Q 214 33.61 -110.49 52.59
CA ILE Q 214 32.65 -109.95 53.54
C ILE Q 214 31.77 -108.94 52.84
N LYS Q 215 30.45 -109.12 52.92
CA LYS Q 215 29.49 -108.22 52.31
C LYS Q 215 28.76 -107.45 53.41
N SER Q 216 28.66 -106.13 53.24
CA SER Q 216 28.09 -105.26 54.25
C SER Q 216 26.92 -104.48 53.66
N THR Q 217 25.99 -104.11 54.55
CA THR Q 217 24.75 -103.44 54.21
C THR Q 217 24.60 -102.24 55.12
N VAL Q 218 24.62 -101.04 54.55
CA VAL Q 218 24.42 -99.81 55.29
C VAL Q 218 22.97 -99.38 55.09
N ARG Q 219 22.30 -99.06 56.20
CA ARG Q 219 20.91 -98.62 56.19
C ARG Q 219 20.86 -97.20 56.76
N ILE Q 220 20.38 -96.25 55.94
CA ILE Q 220 20.29 -94.85 56.32
C ILE Q 220 18.92 -94.59 56.92
N TYR Q 221 18.90 -93.81 58.01
CA TYR Q 221 17.66 -93.48 58.72
C TYR Q 221 17.60 -91.98 58.92
N PHE Q 222 16.50 -91.38 58.48
CA PHE Q 222 16.24 -89.96 58.62
C PHE Q 222 15.26 -89.73 59.77
N LYS Q 223 15.51 -88.70 60.56
CA LYS Q 223 14.55 -88.24 61.57
C LYS Q 223 14.39 -86.73 61.43
N PRO Q 224 13.27 -86.25 60.93
CA PRO Q 224 13.03 -84.79 60.88
C PRO Q 224 12.93 -84.21 62.29
N LYS Q 225 13.81 -83.24 62.57
CA LYS Q 225 13.81 -82.49 63.83
C LYS Q 225 13.46 -81.04 63.56
N HIS Q 226 12.87 -80.39 64.56
CA HIS Q 226 12.52 -78.97 64.49
C HIS Q 226 11.80 -78.66 63.17
N VAL Q 227 10.62 -79.23 63.05
CA VAL Q 227 9.91 -79.28 61.77
C VAL Q 227 8.96 -78.10 61.66
N LYS Q 228 8.83 -77.58 60.44
CA LYS Q 228 7.84 -76.57 60.10
C LYS Q 228 7.22 -76.97 58.76
N ALA Q 229 5.91 -77.14 58.74
CA ALA Q 229 5.20 -77.57 57.55
C ALA Q 229 4.15 -76.54 57.14
N TRP Q 230 3.86 -76.48 55.84
CA TRP Q 230 2.90 -75.55 55.29
C TRP Q 230 2.07 -76.23 54.21
N VAL Q 231 0.86 -75.72 54.00
CA VAL Q 231 0.03 -76.09 52.87
C VAL Q 231 -0.20 -77.59 52.86
N PRO Q 232 -1.16 -78.09 53.66
CA PRO Q 232 -1.47 -79.52 53.62
C PRO Q 232 -2.20 -79.90 52.35
N ARG Q 233 -2.09 -81.18 52.00
CA ARG Q 233 -2.65 -81.71 50.77
C ARG Q 233 -3.18 -83.11 51.03
N PRO Q 234 -4.05 -83.61 50.15
CA PRO Q 234 -4.64 -84.92 50.38
C PRO Q 234 -3.56 -85.99 50.48
N PRO Q 235 -3.77 -87.01 51.31
CA PRO Q 235 -2.78 -88.09 51.39
C PRO Q 235 -2.71 -88.89 50.10
N ARG Q 236 -1.53 -89.47 49.85
CA ARG Q 236 -1.37 -90.33 48.68
C ARG Q 236 -2.34 -91.51 48.77
N LEU Q 237 -3.07 -91.75 47.69
CA LEU Q 237 -4.00 -92.87 47.62
C LEU Q 237 -3.44 -94.01 46.78
N CYS Q 238 -3.08 -93.72 45.53
CA CYS Q 238 -2.51 -94.73 44.65
C CYS Q 238 -1.08 -95.02 45.06
N GLN Q 239 -0.67 -96.28 44.91
CA GLN Q 239 0.68 -96.66 45.28
C GLN Q 239 1.70 -95.93 44.42
N TYR Q 240 2.83 -95.61 45.02
CA TYR Q 240 3.89 -94.91 44.30
C TYR Q 240 4.47 -95.79 43.20
N GLU Q 241 4.92 -95.15 42.12
CA GLU Q 241 5.47 -95.86 40.97
C GLU Q 241 6.90 -95.48 40.65
N LYS Q 242 7.28 -94.22 40.85
CA LYS Q 242 8.63 -93.77 40.56
C LYS Q 242 9.08 -92.80 41.65
N GLN Q 243 10.39 -92.73 41.85
CA GLN Q 243 10.94 -91.85 42.85
C GLN Q 243 11.01 -90.39 42.40
N LYS Q 244 10.98 -90.15 41.09
CA LYS Q 244 11.24 -88.82 40.54
C LYS Q 244 9.99 -88.11 40.05
N ASN Q 245 8.81 -88.66 40.30
CA ASN Q 245 7.60 -88.06 39.76
C ASN Q 245 6.38 -88.62 40.47
N VAL Q 246 5.24 -87.96 40.26
CA VAL Q 246 3.98 -88.37 40.87
C VAL Q 246 3.31 -89.51 40.13
N ASN Q 247 3.87 -89.95 39.01
CA ASN Q 247 3.20 -90.92 38.14
C ASN Q 247 2.52 -92.01 38.95
N PHE Q 248 1.24 -92.23 38.65
CA PHE Q 248 0.43 -93.20 39.38
C PHE Q 248 -0.43 -93.97 38.39
N THR Q 249 -0.85 -95.15 38.82
CA THR Q 249 -1.86 -95.92 38.11
C THR Q 249 -3.19 -95.76 38.84
N PRO Q 250 -4.23 -95.23 38.21
CA PRO Q 250 -5.44 -94.88 38.97
C PRO Q 250 -6.01 -96.07 39.73
N THR Q 251 -6.46 -95.80 40.94
CA THR Q 251 -7.11 -96.78 41.80
C THR Q 251 -8.40 -96.18 42.34
N GLY Q 252 -9.23 -97.03 42.92
CA GLY Q 252 -10.52 -96.60 43.41
C GLY Q 252 -10.40 -95.67 44.61
N VAL Q 253 -11.52 -95.00 44.91
CA VAL Q 253 -11.55 -94.05 46.01
C VAL Q 253 -11.40 -94.77 47.35
N THR Q 254 -12.13 -95.86 47.56
CA THR Q 254 -12.13 -96.56 48.83
C THR Q 254 -12.39 -98.05 48.63
N THR Q 255 -12.41 -98.76 49.75
CA THR Q 255 -12.86 -100.15 49.76
C THR Q 255 -14.37 -100.20 49.47
N THR Q 256 -14.83 -101.37 49.05
CA THR Q 256 -16.18 -101.54 48.54
C THR Q 256 -17.05 -102.29 49.55
N ARG Q 257 -18.33 -101.95 49.55
CA ARG Q 257 -19.35 -102.74 50.25
C ARG Q 257 -20.50 -103.02 49.29
N VAL Q 258 -21.53 -103.69 49.79
CA VAL Q 258 -22.63 -104.16 48.95
C VAL Q 258 -23.59 -103.02 48.65
N GLY Q 259 -24.30 -102.56 49.68
CA GLY Q 259 -25.28 -101.50 49.53
C GLY Q 259 -25.05 -100.37 50.51
N ILE Q 260 -25.70 -99.23 50.25
CA ILE Q 260 -25.54 -98.09 51.15
C ILE Q 260 -26.11 -98.39 52.52
N THR Q 261 -27.00 -99.37 52.63
CA THR Q 261 -27.54 -99.81 53.91
C THR Q 261 -26.73 -100.95 54.52
N THR Q 262 -25.70 -101.43 53.84
CA THR Q 262 -24.92 -102.58 54.29
C THR Q 262 -24.09 -102.19 55.51
N THR Q 263 -24.55 -102.58 56.69
CA THR Q 263 -23.81 -102.31 57.92
C THR Q 263 -22.71 -103.34 58.12
N VAL R 13 -25.73 -54.50 46.50
CA VAL R 13 -25.16 -55.82 46.22
C VAL R 13 -23.64 -55.69 46.10
N ARG R 14 -22.94 -56.81 46.30
CA ARG R 14 -21.48 -56.77 46.41
C ARG R 14 -20.82 -56.47 45.06
N SER R 15 -19.84 -55.57 45.10
CA SER R 15 -19.18 -55.06 43.90
C SER R 15 -17.68 -55.01 44.17
N ILE R 16 -16.93 -55.91 43.54
CA ILE R 16 -15.48 -55.97 43.68
C ILE R 16 -14.86 -55.26 42.49
N THR R 17 -14.14 -54.17 42.75
CA THR R 17 -13.66 -53.27 41.70
C THR R 17 -12.13 -53.27 41.70
N LEU R 18 -11.53 -54.05 40.80
CA LEU R 18 -10.09 -54.04 40.59
C LEU R 18 -9.81 -53.33 39.26
N GLY R 19 -9.26 -52.12 39.34
CA GLY R 19 -8.87 -51.41 38.14
C GLY R 19 -10.05 -51.13 37.24
N ASN R 20 -9.85 -51.37 35.93
CA ASN R 20 -10.88 -51.09 34.94
C ASN R 20 -12.12 -51.93 35.16
N SER R 21 -11.97 -53.11 35.77
CA SER R 21 -13.04 -54.10 35.84
C SER R 21 -13.76 -54.05 37.18
N THR R 22 -14.92 -54.70 37.20
CA THR R 22 -15.75 -54.73 38.41
C THR R 22 -16.71 -55.89 38.29
N ILE R 23 -16.65 -56.82 39.24
CA ILE R 23 -17.53 -57.98 39.27
C ILE R 23 -18.62 -57.73 40.31
N THR R 24 -19.87 -57.93 39.90
CA THR R 24 -21.04 -57.73 40.75
C THR R 24 -21.55 -59.11 41.12
N THR R 25 -21.35 -59.50 42.37
CA THR R 25 -21.69 -60.86 42.79
C THR R 25 -22.07 -60.85 44.25
N GLN R 26 -22.79 -61.91 44.64
CA GLN R 26 -23.08 -62.17 46.04
C GLN R 26 -24.31 -61.42 46.49
N GLU R 27 -25.07 -62.01 47.41
CA GLU R 27 -26.12 -61.32 48.15
C GLU R 27 -25.75 -61.54 49.62
N CYS R 28 -24.81 -60.74 50.10
CA CYS R 28 -24.18 -61.00 51.40
C CYS R 28 -23.50 -62.36 51.40
N ALA R 29 -22.83 -62.68 50.29
CA ALA R 29 -22.20 -63.99 50.14
C ALA R 29 -20.87 -64.03 50.89
N ASN R 30 -20.03 -65.02 50.60
CA ASN R 30 -18.81 -65.25 51.35
C ASN R 30 -17.66 -65.51 50.40
N VAL R 31 -16.60 -64.71 50.51
CA VAL R 31 -15.39 -64.88 49.72
C VAL R 31 -14.41 -65.72 50.54
N VAL R 32 -13.85 -66.75 49.93
CA VAL R 32 -12.92 -67.64 50.62
C VAL R 32 -11.52 -67.06 50.50
N VAL R 33 -10.94 -66.63 51.62
CA VAL R 33 -9.63 -65.94 51.61
C VAL R 33 -8.57 -67.02 51.81
N GLY R 34 -8.20 -67.67 50.71
CA GLY R 34 -7.08 -68.58 50.67
C GLY R 34 -6.77 -69.29 51.96
N TYR R 35 -5.51 -69.26 52.38
CA TYR R 35 -5.09 -69.82 53.65
C TYR R 35 -5.09 -68.74 54.74
N GLY R 36 -6.19 -67.99 54.79
CA GLY R 36 -6.32 -66.93 55.76
C GLY R 36 -5.42 -65.74 55.52
N VAL R 37 -4.75 -65.68 54.38
CA VAL R 37 -3.80 -64.61 54.07
C VAL R 37 -4.33 -63.80 52.90
N TRP R 38 -4.38 -62.49 53.08
CA TRP R 38 -4.71 -61.59 51.97
C TRP R 38 -3.44 -61.24 51.20
N PRO R 39 -3.47 -61.26 49.86
CA PRO R 39 -2.24 -60.99 49.11
C PRO R 39 -1.64 -59.65 49.49
N GLU R 40 -0.31 -59.63 49.61
CA GLU R 40 0.43 -58.41 49.92
C GLU R 40 1.71 -58.40 49.09
N TYR R 41 2.33 -57.22 49.00
CA TYR R 41 3.56 -57.07 48.25
C TYR R 41 4.74 -57.63 49.04
N LEU R 42 5.79 -58.00 48.30
CA LEU R 42 6.97 -58.58 48.93
C LEU R 42 7.68 -57.55 49.80
N LYS R 43 7.98 -57.94 51.03
CA LYS R 43 8.70 -57.07 51.94
C LYS R 43 10.19 -57.05 51.58
N ASP R 44 10.90 -56.06 52.11
CA ASP R 44 12.33 -55.95 51.88
C ASP R 44 13.14 -56.93 52.74
N ASN R 45 12.51 -57.60 53.71
CA ASN R 45 13.20 -58.58 54.52
C ASN R 45 13.17 -59.97 53.93
N GLU R 46 12.04 -60.38 53.34
CA GLU R 46 11.92 -61.70 52.73
C GLU R 46 12.46 -61.76 51.31
N ALA R 47 13.10 -60.70 50.83
CA ALA R 47 13.47 -60.58 49.43
C ALA R 47 14.95 -60.86 49.21
N THR R 48 15.25 -61.41 48.03
CA THR R 48 16.62 -61.62 47.57
C THR R 48 16.96 -60.79 46.36
N ALA R 49 16.04 -60.67 45.40
CA ALA R 49 16.29 -59.90 44.18
C ALA R 49 16.63 -58.46 44.53
N GLU R 50 17.82 -58.02 44.12
CA GLU R 50 18.32 -56.71 44.51
C GLU R 50 17.84 -55.58 43.59
N ASP R 51 17.35 -55.91 42.40
CA ASP R 51 16.86 -54.88 41.49
C ASP R 51 15.43 -54.48 41.86
N GLN R 52 15.13 -53.19 41.70
CA GLN R 52 13.84 -52.67 42.14
C GLN R 52 12.73 -53.24 41.28
N PRO R 53 11.65 -53.77 41.87
CA PRO R 53 10.60 -54.41 41.07
C PRO R 53 9.69 -53.41 40.38
N THR R 54 8.96 -53.93 39.39
CA THR R 54 7.93 -53.18 38.69
C THR R 54 6.56 -53.59 39.24
N GLN R 55 5.73 -52.60 39.54
CA GLN R 55 4.39 -52.83 40.10
C GLN R 55 3.39 -52.09 39.23
N PRO R 56 2.97 -52.71 38.12
CA PRO R 56 2.06 -52.01 37.20
C PRO R 56 0.75 -51.59 37.84
N ASP R 57 0.27 -52.35 38.83
CA ASP R 57 -0.92 -51.99 39.60
C ASP R 57 -2.18 -52.11 38.75
N VAL R 58 -2.77 -50.97 38.36
CA VAL R 58 -4.07 -51.00 37.68
C VAL R 58 -3.98 -51.75 36.36
N ALA R 59 -2.87 -51.58 35.63
CA ALA R 59 -2.74 -52.21 34.32
C ALA R 59 -2.73 -53.73 34.43
N THR R 60 -2.18 -54.27 35.51
CA THR R 60 -2.07 -55.71 35.69
C THR R 60 -3.13 -56.27 36.62
N CYS R 61 -3.35 -55.64 37.77
CA CYS R 61 -4.28 -56.15 38.79
C CYS R 61 -5.71 -55.85 38.37
N ARG R 62 -6.24 -56.70 37.49
CA ARG R 62 -7.58 -56.51 36.95
C ARG R 62 -8.16 -57.85 36.51
N PHE R 63 -9.48 -57.88 36.34
CA PHE R 63 -10.22 -59.11 36.07
C PHE R 63 -10.09 -59.48 34.60
N TYR R 64 -9.23 -60.46 34.29
CA TYR R 64 -9.20 -61.07 32.98
C TYR R 64 -10.13 -62.27 32.96
N THR R 65 -11.08 -62.29 32.03
CA THR R 65 -12.06 -63.36 31.91
C THR R 65 -11.58 -64.36 30.86
N LEU R 66 -11.30 -65.59 31.28
CA LEU R 66 -10.83 -66.62 30.37
C LEU R 66 -11.98 -67.13 29.51
N GLU R 67 -11.69 -68.16 28.72
CA GLU R 67 -12.71 -68.77 27.87
C GLU R 67 -13.81 -69.40 28.72
N SER R 68 -15.03 -69.34 28.20
CA SER R 68 -16.14 -70.06 28.81
C SER R 68 -16.11 -71.52 28.36
N VAL R 69 -16.63 -72.40 29.21
CA VAL R 69 -16.76 -73.81 28.85
C VAL R 69 -18.20 -74.24 29.13
N GLN R 70 -18.63 -75.32 28.48
CA GLN R 70 -19.99 -75.79 28.64
C GLN R 70 -20.03 -76.92 29.66
N TRP R 71 -20.91 -76.80 30.63
CA TRP R 71 -21.20 -77.87 31.59
C TRP R 71 -22.32 -78.73 31.01
N MET R 72 -21.99 -79.95 30.62
CA MET R 72 -22.97 -80.90 30.12
C MET R 72 -23.10 -82.04 31.12
N LYS R 73 -24.15 -82.85 30.92
CA LYS R 73 -24.55 -83.82 31.94
C LYS R 73 -23.44 -84.82 32.29
N ASN R 74 -22.45 -85.00 31.42
CA ASN R 74 -21.39 -85.97 31.67
C ASN R 74 -20.04 -85.33 31.96
N SER R 75 -19.93 -84.00 31.90
CA SER R 75 -18.64 -83.35 32.07
C SER R 75 -17.93 -83.85 33.33
N ALA R 76 -16.65 -84.19 33.19
CA ALA R 76 -15.87 -84.71 34.29
C ALA R 76 -15.17 -83.62 35.09
N GLY R 77 -14.75 -82.55 34.44
CA GLY R 77 -14.10 -81.45 35.13
C GLY R 77 -13.09 -80.77 34.24
N TRP R 78 -12.60 -79.63 34.72
CA TRP R 78 -11.68 -78.79 33.98
C TRP R 78 -10.60 -78.27 34.92
N TRP R 79 -9.47 -77.88 34.33
CA TRP R 79 -8.41 -77.27 35.10
C TRP R 79 -7.63 -76.29 34.23
N TRP R 80 -7.05 -75.29 34.91
CA TRP R 80 -6.17 -74.29 34.31
C TRP R 80 -4.97 -74.10 35.21
N LYS R 81 -3.77 -74.07 34.64
CA LYS R 81 -2.58 -73.65 35.38
C LYS R 81 -2.55 -72.13 35.43
N LEU R 82 -2.30 -71.56 36.62
CA LEU R 82 -2.57 -70.13 36.79
C LEU R 82 -1.57 -69.25 36.07
N PRO R 83 -0.27 -69.32 36.33
CA PRO R 83 0.67 -68.49 35.56
C PRO R 83 0.52 -68.65 34.05
N ASP R 84 0.21 -69.86 33.58
CA ASP R 84 0.05 -70.13 32.16
C ASP R 84 -1.41 -70.02 31.68
N ALA R 85 -2.29 -69.41 32.48
CA ALA R 85 -3.65 -69.13 32.03
C ALA R 85 -3.83 -67.68 31.62
N LEU R 86 -3.31 -66.76 32.42
CA LEU R 86 -3.28 -65.34 32.08
C LEU R 86 -2.01 -64.97 31.32
N SER R 87 -1.26 -65.97 30.85
CA SER R 87 0.01 -65.69 30.18
C SER R 87 -0.18 -64.87 28.91
N GLN R 88 -1.34 -65.01 28.26
CA GLN R 88 -1.59 -64.33 26.99
C GLN R 88 -2.54 -63.15 27.12
N MET R 89 -2.98 -62.82 28.33
CA MET R 89 -4.00 -61.79 28.53
C MET R 89 -3.33 -60.51 29.02
N GLY R 90 -3.03 -59.62 28.07
CA GLY R 90 -2.71 -58.23 28.36
C GLY R 90 -1.33 -57.95 28.93
N LEU R 91 -1.25 -56.84 29.66
CA LEU R 91 0.00 -56.38 30.21
C LEU R 91 0.52 -57.30 31.30
N PHE R 92 -0.35 -58.06 31.97
CA PHE R 92 0.15 -59.12 32.83
C PHE R 92 1.09 -60.02 32.06
N GLY R 93 0.63 -60.53 30.91
CA GLY R 93 1.47 -61.39 30.09
C GLY R 93 2.70 -60.66 29.57
N GLN R 94 2.55 -59.38 29.23
CA GLN R 94 3.71 -58.65 28.70
C GLN R 94 4.80 -58.51 29.75
N ASN R 95 4.45 -58.06 30.97
CA ASN R 95 5.43 -58.00 32.05
C ASN R 95 6.00 -59.39 32.32
N MET R 96 5.14 -60.41 32.30
CA MET R 96 5.57 -61.78 32.49
C MET R 96 6.68 -62.16 31.51
N GLN R 97 6.53 -61.75 30.25
CA GLN R 97 7.52 -62.11 29.25
C GLN R 97 8.79 -61.27 29.37
N TYR R 98 8.65 -60.00 29.72
CA TYR R 98 9.82 -59.12 29.77
C TYR R 98 10.61 -59.22 31.07
N HIS R 99 10.11 -59.91 32.09
CA HIS R 99 10.82 -60.02 33.35
C HIS R 99 11.16 -61.47 33.69
N TYR R 100 12.30 -61.64 34.37
CA TYR R 100 12.79 -62.96 34.74
C TYR R 100 12.10 -63.51 36.00
N LEU R 101 11.69 -62.64 36.91
CA LEU R 101 11.05 -63.07 38.16
C LEU R 101 9.69 -62.40 38.30
N GLY R 102 8.73 -63.13 38.84
CA GLY R 102 7.40 -62.60 39.06
C GLY R 102 6.77 -63.19 40.30
N ARG R 103 5.81 -62.45 40.85
CA ARG R 103 5.13 -62.87 42.07
C ARG R 103 3.77 -62.19 42.12
N THR R 104 2.71 -62.98 42.24
CA THR R 104 1.37 -62.41 42.28
C THR R 104 0.42 -63.33 43.03
N GLY R 105 -0.59 -62.71 43.65
CA GLY R 105 -1.76 -63.43 44.10
C GLY R 105 -2.88 -63.30 43.07
N TYR R 106 -4.01 -63.92 43.38
CA TYR R 106 -5.13 -63.89 42.45
C TYR R 106 -6.44 -63.71 43.21
N THR R 107 -7.43 -63.17 42.50
CA THR R 107 -8.84 -63.24 42.89
C THR R 107 -9.55 -63.99 41.78
N ILE R 108 -10.03 -65.20 42.08
CA ILE R 108 -10.62 -66.09 41.10
C ILE R 108 -12.11 -66.13 41.33
N HIS R 109 -12.87 -65.93 40.25
CA HIS R 109 -14.33 -65.88 40.29
C HIS R 109 -14.86 -66.83 39.24
N VAL R 110 -15.43 -67.95 39.67
CA VAL R 110 -16.04 -68.92 38.79
C VAL R 110 -17.54 -68.64 38.78
N GLN R 111 -18.08 -68.32 37.61
CA GLN R 111 -19.46 -67.88 37.46
C GLN R 111 -20.24 -68.97 36.73
N CYS R 112 -21.32 -69.45 37.34
CA CYS R 112 -22.21 -70.39 36.67
C CYS R 112 -23.60 -70.12 37.18
N ASN R 113 -24.56 -69.95 36.27
CA ASN R 113 -25.92 -69.64 36.65
C ASN R 113 -26.88 -70.52 35.87
N ALA R 114 -27.82 -71.13 36.59
CA ALA R 114 -28.89 -71.91 35.98
C ALA R 114 -30.17 -71.40 36.65
N SER R 115 -31.25 -72.17 36.53
CA SER R 115 -32.53 -71.78 37.05
C SER R 115 -32.92 -72.66 38.23
N LYS R 116 -34.05 -72.31 38.86
CA LYS R 116 -34.59 -73.14 39.93
C LYS R 116 -34.89 -74.55 39.43
N PHE R 117 -35.16 -74.69 38.14
CA PHE R 117 -35.49 -75.99 37.55
C PHE R 117 -34.26 -76.74 37.08
N HIS R 118 -33.07 -76.22 37.34
CA HIS R 118 -31.82 -76.93 37.12
C HIS R 118 -31.28 -77.45 38.45
N GLN R 119 -30.33 -78.38 38.36
CA GLN R 119 -29.67 -78.90 39.55
C GLN R 119 -28.27 -79.37 39.18
N GLY R 120 -27.40 -79.38 40.18
CA GLY R 120 -26.01 -79.76 39.99
C GLY R 120 -25.13 -79.10 41.05
N CYS R 121 -23.88 -79.55 41.09
CA CYS R 121 -22.94 -79.00 42.05
C CYS R 121 -21.51 -79.16 41.56
N LEU R 122 -20.79 -78.05 41.52
CA LEU R 122 -19.39 -78.00 41.14
C LEU R 122 -18.52 -77.76 42.37
N LEU R 123 -17.33 -78.36 42.37
CA LEU R 123 -16.28 -78.06 43.33
C LEU R 123 -15.27 -77.17 42.64
N VAL R 124 -15.02 -75.98 43.20
CA VAL R 124 -14.06 -75.03 42.67
C VAL R 124 -12.90 -74.98 43.66
N VAL R 125 -11.74 -75.48 43.25
CA VAL R 125 -10.59 -75.65 44.13
C VAL R 125 -9.37 -74.97 43.52
N CYS R 126 -8.46 -74.52 44.39
CA CYS R 126 -7.18 -73.96 43.97
C CYS R 126 -6.07 -74.79 44.59
N VAL R 127 -5.40 -75.59 43.77
CA VAL R 127 -4.35 -76.50 44.24
C VAL R 127 -3.00 -75.81 44.06
N PRO R 128 -2.33 -75.41 45.14
CA PRO R 128 -0.95 -74.94 44.99
C PRO R 128 -0.01 -76.11 44.72
N GLU R 129 0.89 -75.92 43.75
CA GLU R 129 1.88 -76.94 43.37
C GLU R 129 1.18 -78.22 42.93
N ALA R 130 0.34 -78.09 41.91
CA ALA R 130 -0.44 -79.22 41.41
C ALA R 130 0.38 -79.99 40.38
N GLU R 131 1.38 -80.71 40.88
CA GLU R 131 2.16 -81.61 40.04
C GLU R 131 1.29 -82.80 39.66
N MET R 132 1.15 -83.04 38.37
CA MET R 132 0.23 -84.06 37.86
C MET R 132 1.00 -85.23 37.28
N GLY R 133 0.39 -86.41 37.31
CA GLY R 133 1.04 -87.61 36.88
C GLY R 133 0.75 -87.96 35.43
N CYS R 134 1.50 -88.96 34.94
CA CYS R 134 1.44 -89.38 33.55
C CYS R 134 0.68 -90.71 33.42
N SER R 135 0.26 -91.00 32.19
CA SER R 135 -0.33 -92.31 31.90
C SER R 135 0.76 -93.36 31.73
N ASN R 136 1.80 -93.05 30.96
CA ASN R 136 2.97 -93.91 30.85
C ASN R 136 3.88 -93.64 32.04
N LEU R 137 4.02 -94.63 32.92
CA LEU R 137 4.69 -94.45 34.20
C LEU R 137 6.18 -94.15 34.06
N ASN R 138 6.77 -94.35 32.88
CA ASN R 138 8.19 -94.07 32.67
C ASN R 138 8.41 -92.71 32.01
N ASN R 139 7.39 -91.86 31.94
CA ASN R 139 7.50 -90.58 31.26
C ASN R 139 6.68 -89.53 31.98
N THR R 140 7.05 -88.28 31.79
CA THR R 140 6.33 -87.14 32.34
C THR R 140 5.52 -86.45 31.24
N PRO R 141 4.33 -85.94 31.54
CA PRO R 141 3.50 -85.35 30.49
C PRO R 141 4.19 -84.19 29.80
N GLU R 142 3.66 -83.85 28.62
CA GLU R 142 4.26 -82.79 27.81
C GLU R 142 3.67 -81.43 28.16
N PHE R 143 4.45 -80.40 27.84
CA PHE R 143 4.04 -79.02 28.11
C PHE R 143 2.63 -78.76 27.62
N ALA R 144 2.33 -79.20 26.40
CA ALA R 144 1.00 -78.94 25.83
C ALA R 144 -0.09 -79.66 26.62
N GLU R 145 0.21 -80.85 27.13
CA GLU R 145 -0.82 -81.61 27.84
C GLU R 145 -1.10 -81.00 29.20
N LEU R 146 -0.07 -80.50 29.89
CA LEU R 146 -0.31 -79.89 31.19
C LEU R 146 -0.87 -78.47 31.07
N SER R 147 -0.51 -77.74 30.02
CA SER R 147 -0.83 -76.33 29.89
C SER R 147 -1.86 -76.11 28.81
N GLY R 148 -2.80 -75.21 29.07
CA GLY R 148 -3.79 -74.83 28.09
C GLY R 148 -4.31 -73.42 28.30
N GLY R 149 -3.42 -72.43 28.34
CA GLY R 149 -3.84 -71.07 28.55
C GLY R 149 -4.98 -70.68 27.62
N ASP R 150 -5.94 -69.89 28.13
CA ASP R 150 -7.18 -69.58 27.42
C ASP R 150 -7.73 -70.83 26.74
N THR R 151 -7.51 -72.01 27.32
CA THR R 151 -8.02 -73.25 26.77
C THR R 151 -8.07 -74.29 27.87
N ALA R 152 -9.15 -74.29 28.64
CA ALA R 152 -9.29 -75.19 29.78
C ALA R 152 -8.97 -76.61 29.37
N ARG R 153 -8.04 -77.25 30.09
CA ARG R 153 -7.78 -78.66 29.83
C ARG R 153 -8.72 -79.49 30.69
N MET R 154 -9.13 -80.64 30.18
CA MET R 154 -10.25 -81.38 30.73
C MET R 154 -9.78 -82.61 31.50
N PHE R 155 -10.47 -82.90 32.61
CA PHE R 155 -10.41 -84.22 33.20
C PHE R 155 -11.23 -85.18 32.36
N THR R 156 -10.99 -86.47 32.55
CA THR R 156 -11.65 -87.51 31.77
C THR R 156 -12.55 -88.34 32.66
N ASP R 157 -13.56 -88.94 32.05
CA ASP R 157 -14.51 -89.79 32.75
C ASP R 157 -13.94 -91.17 33.03
N THR R 158 -12.83 -91.54 32.38
CA THR R 158 -12.24 -92.87 32.53
C THR R 158 -10.73 -92.75 32.55
N GLN R 159 -10.08 -93.82 33.00
CA GLN R 159 -8.62 -93.89 32.99
C GLN R 159 -8.10 -93.89 31.56
N ILE R 160 -7.06 -93.10 31.33
CA ILE R 160 -6.40 -93.07 30.03
C ILE R 160 -5.41 -94.22 29.96
N GLY R 161 -5.30 -94.81 28.77
CA GLY R 161 -4.47 -95.99 28.61
C GLY R 161 -3.00 -95.67 28.42
N GLU R 162 -2.18 -96.70 28.65
CA GLU R 162 -0.75 -96.62 28.38
C GLU R 162 -0.53 -96.33 26.90
N THR R 163 0.72 -96.14 26.49
CA THR R 163 1.11 -96.01 25.10
C THR R 163 1.02 -94.57 24.61
N ASN R 164 0.23 -93.74 25.30
CA ASN R 164 0.18 -92.33 24.93
C ASN R 164 1.52 -91.65 25.23
N SER R 165 2.22 -92.11 26.26
CA SER R 165 3.61 -91.78 26.52
C SER R 165 3.83 -90.39 27.11
N LYS R 166 2.97 -89.43 26.79
CA LYS R 166 3.09 -88.10 27.37
C LYS R 166 1.72 -87.45 27.51
N LYS R 167 0.76 -88.20 28.07
CA LYS R 167 -0.55 -87.69 28.39
C LYS R 167 -0.72 -87.65 29.90
N VAL R 168 -1.65 -86.80 30.36
CA VAL R 168 -1.90 -86.63 31.78
C VAL R 168 -2.99 -87.60 32.21
N GLN R 169 -2.72 -88.35 33.28
CA GLN R 169 -3.68 -89.34 33.79
C GLN R 169 -4.87 -88.63 34.42
N THR R 170 -5.86 -88.29 33.58
CA THR R 170 -6.92 -87.36 33.94
C THR R 170 -8.12 -88.03 34.62
N ALA R 171 -7.95 -89.24 35.15
CA ALA R 171 -9.05 -89.88 35.88
C ALA R 171 -9.47 -88.98 37.03
N VAL R 172 -10.70 -88.47 36.97
CA VAL R 172 -11.10 -87.38 37.87
C VAL R 172 -11.07 -87.84 39.33
N TRP R 173 -11.52 -89.07 39.59
CA TRP R 173 -11.59 -89.55 40.97
C TRP R 173 -10.22 -89.66 41.60
N ASN R 174 -9.16 -89.42 40.83
CA ASN R 174 -7.82 -89.27 41.38
C ASN R 174 -7.27 -87.85 41.19
N ALA R 175 -8.03 -86.96 40.55
CA ALA R 175 -7.65 -85.56 40.38
C ALA R 175 -6.34 -85.39 39.61
N GLY R 176 -5.91 -86.42 38.89
CA GLY R 176 -4.65 -86.34 38.18
C GLY R 176 -3.45 -86.15 39.09
N MET R 177 -3.61 -86.42 40.39
CA MET R 177 -2.53 -86.30 41.35
C MET R 177 -2.42 -87.54 42.24
N GLY R 178 -3.14 -88.60 41.93
CA GLY R 178 -3.02 -89.83 42.68
C GLY R 178 -3.62 -89.80 44.06
N VAL R 179 -4.56 -88.89 44.32
CA VAL R 179 -5.17 -88.78 45.63
C VAL R 179 -6.66 -89.12 45.52
N GLY R 180 -7.36 -89.07 46.64
CA GLY R 180 -8.81 -89.16 46.61
C GLY R 180 -9.41 -87.81 46.31
N VAL R 181 -10.10 -87.69 45.17
CA VAL R 181 -10.62 -86.39 44.75
C VAL R 181 -11.52 -85.79 45.83
N GLY R 182 -12.14 -86.63 46.65
CA GLY R 182 -12.98 -86.17 47.74
C GLY R 182 -12.24 -85.56 48.90
N ASN R 183 -10.91 -85.51 48.85
CA ASN R 183 -10.11 -84.90 49.89
C ASN R 183 -9.46 -83.59 49.43
N LEU R 184 -9.82 -83.10 48.24
CA LEU R 184 -9.30 -81.84 47.74
C LEU R 184 -9.75 -80.65 48.58
N THR R 185 -10.71 -80.84 49.48
CA THR R 185 -11.24 -79.73 50.28
C THR R 185 -10.20 -79.10 51.18
N ILE R 186 -9.05 -79.75 51.39
CA ILE R 186 -8.00 -79.14 52.20
C ILE R 186 -7.46 -77.90 51.52
N TYR R 187 -7.39 -77.92 50.19
CA TYR R 187 -7.05 -76.74 49.44
C TYR R 187 -8.20 -75.74 49.49
N PRO R 188 -7.91 -74.44 49.39
CA PRO R 188 -9.00 -73.46 49.35
C PRO R 188 -9.99 -73.76 48.23
N HIS R 189 -11.28 -73.67 48.56
CA HIS R 189 -12.31 -74.15 47.65
C HIS R 189 -13.66 -73.54 48.04
N GLN R 190 -14.58 -73.60 47.08
CA GLN R 190 -16.00 -73.38 47.34
C GLN R 190 -16.81 -74.36 46.50
N TRP R 191 -18.11 -74.43 46.79
CA TRP R 191 -19.04 -75.25 46.04
C TRP R 191 -20.04 -74.34 45.34
N ILE R 192 -20.26 -74.60 44.06
CA ILE R 192 -21.32 -73.93 43.30
C ILE R 192 -22.45 -74.96 43.24
N ASN R 193 -23.39 -74.86 44.18
CA ASN R 193 -24.58 -75.69 44.20
C ASN R 193 -25.69 -74.93 43.49
N LEU R 194 -26.03 -75.37 42.26
CA LEU R 194 -27.01 -74.64 41.47
C LEU R 194 -28.32 -74.45 42.22
N ARG R 195 -28.61 -75.31 43.19
CA ARG R 195 -29.78 -75.11 44.04
C ARG R 195 -29.75 -73.75 44.70
N THR R 196 -28.60 -73.37 45.27
CA THR R 196 -28.50 -72.17 46.09
C THR R 196 -27.32 -71.29 45.73
N ASN R 197 -26.66 -71.52 44.60
CA ASN R 197 -25.41 -70.83 44.32
C ASN R 197 -25.35 -70.36 42.87
N ASN R 198 -24.59 -69.28 42.67
CA ASN R 198 -24.42 -68.63 41.38
C ASN R 198 -22.96 -68.47 40.99
N SER R 199 -22.05 -68.42 41.95
CA SER R 199 -20.64 -68.17 41.66
C SER R 199 -19.81 -68.56 42.88
N ALA R 200 -18.49 -68.53 42.69
CA ALA R 200 -17.54 -68.83 43.74
C ALA R 200 -16.39 -67.85 43.62
N THR R 201 -15.95 -67.31 44.77
CA THR R 201 -14.88 -66.32 44.81
C THR R 201 -13.81 -66.76 45.81
N ILE R 202 -12.59 -66.92 45.32
CA ILE R 202 -11.45 -67.35 46.12
C ILE R 202 -10.33 -66.33 45.96
N VAL R 203 -9.84 -65.80 47.06
CA VAL R 203 -8.73 -64.84 47.07
C VAL R 203 -7.49 -65.61 47.48
N MET R 204 -6.63 -65.94 46.51
CA MET R 204 -5.45 -66.75 46.76
C MET R 204 -4.23 -65.86 46.94
N PRO R 205 -3.42 -66.08 47.98
CA PRO R 205 -2.14 -65.36 48.08
C PRO R 205 -1.03 -66.08 47.32
N TYR R 206 0.16 -65.48 47.30
CA TYR R 206 1.32 -66.13 46.71
C TYR R 206 1.70 -67.35 47.54
N ILE R 207 1.61 -68.54 46.94
CA ILE R 207 1.92 -69.79 47.61
C ILE R 207 3.19 -70.34 46.98
N ASN R 208 4.31 -70.24 47.70
CA ASN R 208 5.57 -70.78 47.19
C ASN R 208 6.62 -70.76 48.29
N SER R 209 7.63 -71.60 48.10
CA SER R 209 8.72 -71.70 49.08
C SER R 209 9.76 -70.61 48.91
N VAL R 210 9.79 -69.94 47.76
CA VAL R 210 10.77 -68.88 47.52
C VAL R 210 10.02 -67.56 47.37
N PRO R 211 10.68 -66.42 47.64
CA PRO R 211 9.96 -65.13 47.57
C PRO R 211 9.47 -64.77 46.17
N MET R 212 10.20 -65.15 45.13
CA MET R 212 9.79 -64.91 43.75
C MET R 212 10.23 -66.08 42.90
N ASP R 213 9.50 -66.31 41.81
CA ASP R 213 9.83 -67.41 40.91
C ASP R 213 9.47 -67.00 39.49
N ASN R 214 10.04 -67.72 38.53
CA ASN R 214 9.73 -67.50 37.13
C ASN R 214 8.34 -68.03 36.80
N MET R 215 7.59 -67.27 36.01
CA MET R 215 6.16 -67.54 35.84
C MET R 215 5.85 -68.42 34.65
N PHE R 216 6.83 -68.69 33.78
CA PHE R 216 6.64 -69.65 32.69
C PHE R 216 7.04 -71.06 33.12
N ARG R 217 8.14 -71.19 33.84
CA ARG R 217 8.67 -72.50 34.20
C ARG R 217 7.90 -73.16 35.33
N HIS R 218 7.18 -72.39 36.15
CA HIS R 218 6.58 -72.90 37.37
C HIS R 218 5.18 -72.34 37.52
N ASN R 219 4.18 -73.22 37.45
CA ASN R 219 2.78 -72.83 37.63
C ASN R 219 2.44 -73.01 39.12
N ASN R 220 2.53 -71.92 39.87
CA ASN R 220 2.39 -72.00 41.33
C ASN R 220 1.04 -72.53 41.75
N LEU R 221 0.01 -72.42 40.91
CA LEU R 221 -1.33 -72.84 41.29
C LEU R 221 -1.98 -73.57 40.12
N THR R 222 -3.09 -74.25 40.43
CA THR R 222 -3.90 -74.90 39.41
C THR R 222 -5.34 -74.86 39.85
N LEU R 223 -6.18 -74.14 39.10
CA LEU R 223 -7.60 -74.10 39.37
C LEU R 223 -8.27 -75.32 38.79
N MET R 224 -9.17 -75.92 39.58
CA MET R 224 -9.89 -77.13 39.20
C MET R 224 -11.37 -76.95 39.47
N ILE R 225 -12.19 -77.25 38.47
CA ILE R 225 -13.65 -77.24 38.60
C ILE R 225 -14.12 -78.63 38.27
N ILE R 226 -14.60 -79.36 39.27
CA ILE R 226 -15.00 -80.75 39.11
C ILE R 226 -16.46 -80.90 39.52
N PRO R 227 -17.36 -81.30 38.62
CA PRO R 227 -18.75 -81.52 39.02
C PRO R 227 -18.90 -82.80 39.84
N PHE R 228 -19.32 -82.63 41.10
CA PHE R 228 -19.54 -83.80 41.95
C PHE R 228 -20.96 -84.35 41.84
N VAL R 229 -21.94 -83.48 41.65
CA VAL R 229 -23.32 -83.88 41.37
C VAL R 229 -23.65 -83.33 39.98
N PRO R 230 -23.98 -84.18 39.01
CA PRO R 230 -24.02 -83.72 37.62
C PRO R 230 -25.21 -82.81 37.35
N LEU R 231 -25.06 -82.01 36.29
CA LEU R 231 -26.14 -81.16 35.81
C LEU R 231 -27.32 -82.01 35.34
N ASN R 232 -28.52 -81.59 35.70
CA ASN R 232 -29.73 -82.25 35.25
C ASN R 232 -30.86 -81.23 35.19
N TYR R 233 -31.88 -81.57 34.40
CA TYR R 233 -32.99 -80.66 34.16
C TYR R 233 -34.06 -81.38 33.36
N SER R 234 -35.30 -80.96 33.55
CA SER R 234 -36.40 -81.53 32.78
C SER R 234 -36.43 -80.91 31.39
N GLU R 235 -37.07 -81.63 30.46
CA GLU R 235 -37.16 -81.14 29.09
C GLU R 235 -37.83 -79.78 29.06
N GLY R 236 -37.21 -78.85 28.33
CA GLY R 236 -37.72 -77.49 28.26
C GLY R 236 -36.76 -76.50 28.89
N SER R 237 -36.19 -76.87 30.02
CA SER R 237 -35.17 -76.04 30.65
C SER R 237 -33.97 -75.90 29.72
N SER R 238 -33.35 -74.73 29.74
CA SER R 238 -32.27 -74.44 28.82
C SER R 238 -31.16 -75.49 28.95
N PRO R 239 -30.71 -76.09 27.86
CA PRO R 239 -29.74 -77.20 27.95
C PRO R 239 -28.28 -76.80 27.90
N TYR R 240 -27.96 -75.53 27.70
CA TYR R 240 -26.58 -75.07 27.59
C TYR R 240 -26.28 -74.19 28.80
N VAL R 241 -25.61 -74.76 29.80
CA VAL R 241 -25.23 -74.05 31.01
C VAL R 241 -23.72 -73.82 30.95
N PRO R 242 -23.26 -72.60 30.69
CA PRO R 242 -21.82 -72.35 30.65
C PRO R 242 -21.24 -71.94 32.00
N ILE R 243 -19.96 -72.22 32.14
CA ILE R 243 -19.16 -71.82 33.29
C ILE R 243 -18.07 -70.88 32.77
N THR R 244 -17.97 -69.70 33.39
CA THR R 244 -17.00 -68.69 32.98
C THR R 244 -16.06 -68.39 34.14
N VAL R 245 -14.77 -68.50 33.88
CA VAL R 245 -13.74 -68.26 34.89
C VAL R 245 -13.16 -66.87 34.66
N THR R 246 -13.01 -66.10 35.73
CA THR R 246 -12.43 -64.77 35.66
C THR R 246 -11.41 -64.61 36.78
N ILE R 247 -10.15 -64.44 36.41
CA ILE R 247 -9.04 -64.39 37.35
C ILE R 247 -8.43 -62.99 37.30
N ALA R 248 -8.04 -62.47 38.46
CA ALA R 248 -7.45 -61.13 38.53
C ALA R 248 -6.14 -61.18 39.31
N PRO R 249 -5.01 -60.86 38.68
CA PRO R 249 -3.77 -60.71 39.46
C PRO R 249 -3.92 -59.65 40.54
N MET R 250 -3.21 -59.86 41.65
CA MET R 250 -3.27 -58.96 42.79
C MET R 250 -1.89 -58.84 43.40
N CYS R 251 -1.44 -57.60 43.60
CA CYS R 251 -0.13 -57.31 44.15
C CYS R 251 0.96 -58.00 43.33
N ALA R 252 0.94 -57.74 42.03
CA ALA R 252 1.91 -58.33 41.11
C ALA R 252 3.22 -57.56 41.16
N GLU R 253 4.32 -58.30 41.21
CA GLU R 253 5.65 -57.74 41.21
C GLU R 253 6.50 -58.48 40.20
N TYR R 254 7.45 -57.77 39.59
CA TYR R 254 8.33 -58.32 38.58
C TYR R 254 9.74 -57.80 38.82
N ASN R 255 10.72 -58.68 38.66
CA ASN R 255 12.13 -58.34 38.84
C ASN R 255 12.96 -58.89 37.70
N GLY R 256 14.08 -58.23 37.44
CA GLY R 256 15.01 -58.67 36.42
C GLY R 256 14.53 -58.42 35.00
N LEU R 257 14.47 -57.15 34.60
CA LEU R 257 14.04 -56.82 33.25
C LEU R 257 15.11 -57.17 32.23
N ARG R 258 14.67 -57.59 31.05
CA ARG R 258 15.57 -58.13 30.04
C ARG R 258 14.80 -58.29 28.73
N LEU R 259 15.45 -58.93 27.75
CA LEU R 259 14.81 -59.33 26.52
C LEU R 259 13.70 -60.35 26.79
N ALA R 260 12.47 -59.99 26.47
CA ALA R 260 11.38 -60.95 26.60
C ALA R 260 11.57 -62.11 25.63
N SER R 261 10.79 -63.17 25.82
CA SER R 261 10.76 -64.28 24.88
C SER R 261 9.75 -65.31 25.33
N SER R 262 9.37 -66.18 24.39
CA SER R 262 8.52 -67.33 24.68
C SER R 262 8.72 -68.40 23.62
N GLY S 1 39.40 -88.78 85.37
CA GLY S 1 38.59 -90.01 85.18
C GLY S 1 37.42 -90.13 86.13
N LEU S 2 36.32 -89.46 85.79
CA LEU S 2 35.12 -89.50 86.62
C LEU S 2 34.53 -90.91 86.62
N PRO S 3 34.27 -91.51 87.78
CA PRO S 3 33.63 -92.83 87.78
C PRO S 3 32.25 -92.79 87.16
N VAL S 4 31.95 -93.79 86.34
CA VAL S 4 30.70 -93.86 85.59
C VAL S 4 30.31 -95.32 85.39
N MET S 5 29.00 -95.57 85.33
CA MET S 5 28.49 -96.93 85.17
C MET S 5 27.40 -96.92 84.11
N THR S 6 27.63 -97.58 82.98
CA THR S 6 26.62 -97.62 81.92
C THR S 6 25.46 -98.51 82.32
N THR S 7 24.24 -98.02 82.12
CA THR S 7 23.01 -98.72 82.43
C THR S 7 22.47 -99.42 81.19
N PRO S 8 21.56 -100.37 81.36
CA PRO S 8 20.93 -100.99 80.18
C PRO S 8 20.34 -99.93 79.26
N GLY S 9 20.42 -100.20 77.96
CA GLY S 9 20.04 -99.24 76.95
C GLY S 9 21.20 -98.53 76.31
N SER S 10 22.42 -98.77 76.78
CA SER S 10 23.61 -98.20 76.13
C SER S 10 23.75 -98.78 74.73
N THR S 11 24.38 -97.99 73.85
CA THR S 11 24.65 -98.41 72.46
C THR S 11 23.38 -98.88 71.77
N GLN S 12 22.28 -98.19 72.03
CA GLN S 12 20.95 -98.59 71.62
C GLN S 12 20.37 -97.55 70.68
N PHE S 13 19.79 -98.00 69.58
CA PHE S 13 19.15 -97.13 68.60
C PHE S 13 17.64 -97.35 68.73
N LEU S 14 17.01 -96.53 69.56
CA LEU S 14 15.55 -96.50 69.65
C LEU S 14 15.03 -95.53 68.61
N THR S 15 14.24 -96.04 67.67
CA THR S 15 13.69 -95.19 66.61
C THR S 15 13.13 -93.89 67.17
N SER S 16 12.39 -93.97 68.26
CA SER S 16 11.73 -92.81 68.86
C SER S 16 12.53 -92.23 70.03
N ASP S 17 13.81 -91.92 69.80
CA ASP S 17 14.64 -91.27 70.80
C ASP S 17 14.85 -89.80 70.43
N ASP S 18 15.29 -89.01 71.40
CA ASP S 18 15.40 -87.57 71.24
C ASP S 18 16.69 -87.05 71.87
N PHE S 19 17.80 -87.71 71.57
CA PHE S 19 19.09 -87.26 72.09
C PHE S 19 19.74 -86.26 71.14
N GLN S 20 20.69 -85.51 71.68
CA GLN S 20 21.46 -84.55 70.89
C GLN S 20 22.55 -85.27 70.11
N SER S 21 22.84 -84.76 68.91
CA SER S 21 23.84 -85.32 68.03
C SER S 21 24.73 -84.21 67.48
N PRO S 22 26.02 -84.48 67.27
CA PRO S 22 26.90 -83.44 66.74
C PRO S 22 26.57 -83.13 65.28
N SER S 23 26.54 -81.84 64.96
CA SER S 23 26.20 -81.43 63.60
C SER S 23 27.36 -81.72 62.66
N ALA S 24 27.02 -82.17 61.45
CA ALA S 24 28.00 -82.40 60.40
C ALA S 24 28.33 -81.14 59.60
N MET S 25 27.51 -80.09 59.74
CA MET S 25 27.69 -78.83 59.03
C MET S 25 27.82 -77.73 60.08
N PRO S 26 28.99 -77.60 60.70
CA PRO S 26 29.16 -76.55 61.72
C PRO S 26 29.09 -75.17 61.11
N GLN S 27 28.42 -74.26 61.81
CA GLN S 27 28.37 -72.84 61.43
C GLN S 27 27.69 -72.64 60.08
N PHE S 28 26.83 -73.57 59.68
CA PHE S 28 26.12 -73.49 58.41
C PHE S 28 25.04 -72.42 58.49
N ASP S 29 25.16 -71.39 57.65
CA ASP S 29 24.22 -70.27 57.65
C ASP S 29 22.94 -70.70 56.96
N VAL S 30 21.92 -71.07 57.74
CA VAL S 30 20.65 -71.48 57.17
C VAL S 30 20.00 -70.33 56.43
N THR S 31 19.32 -70.64 55.33
CA THR S 31 18.56 -69.60 54.64
C THR S 31 17.52 -69.02 55.59
N PRO S 32 17.31 -67.71 55.60
CA PRO S 32 16.31 -67.13 56.51
C PRO S 32 14.92 -67.64 56.18
N GLU S 33 13.99 -67.33 57.05
CA GLU S 33 12.64 -67.85 56.93
C GLU S 33 11.75 -66.94 56.10
N MET S 34 10.69 -67.52 55.56
CA MET S 34 9.65 -66.80 54.85
C MET S 34 8.30 -67.21 55.42
N GLN S 35 7.37 -66.27 55.49
CA GLN S 35 6.05 -66.57 56.04
C GLN S 35 5.19 -67.17 54.94
N ILE S 36 5.27 -68.49 54.79
CA ILE S 36 4.46 -69.19 53.79
C ILE S 36 3.06 -69.38 54.36
N PRO S 37 2.01 -69.11 53.58
CA PRO S 37 0.65 -69.23 54.12
C PRO S 37 0.31 -70.67 54.46
N GLY S 38 -0.70 -70.81 55.33
CA GLY S 38 -1.22 -72.11 55.68
C GLY S 38 -0.28 -73.00 56.46
N ARG S 39 0.42 -72.44 57.45
CA ARG S 39 1.30 -73.26 58.27
C ARG S 39 0.48 -74.25 59.08
N VAL S 40 0.91 -75.49 59.09
CA VAL S 40 0.28 -76.55 59.88
C VAL S 40 1.09 -76.71 61.16
N ASN S 41 0.39 -76.80 62.29
CA ASN S 41 1.01 -77.08 63.58
C ASN S 41 0.57 -78.39 64.19
N ASN S 42 -0.61 -78.89 63.82
CA ASN S 42 -1.16 -80.12 64.36
C ASN S 42 -1.92 -80.84 63.25
N LEU S 43 -1.91 -82.17 63.31
CA LEU S 43 -2.66 -82.94 62.32
C LEU S 43 -4.16 -82.94 62.59
N MET S 44 -4.58 -82.54 63.79
CA MET S 44 -6.01 -82.33 64.01
C MET S 44 -6.51 -81.11 63.23
N GLU S 45 -5.64 -80.15 62.91
CA GLU S 45 -6.04 -79.07 62.03
C GLU S 45 -6.51 -79.60 60.69
N ILE S 46 -5.92 -80.71 60.22
CA ILE S 46 -6.38 -81.36 59.01
C ILE S 46 -7.61 -82.21 59.28
N ALA S 47 -7.60 -82.95 60.39
CA ALA S 47 -8.74 -83.81 60.70
C ALA S 47 -10.03 -83.02 60.87
N GLU S 48 -9.94 -81.73 61.19
CA GLU S 48 -11.12 -80.89 61.37
C GLU S 48 -11.66 -80.34 60.06
N VAL S 49 -11.05 -80.66 58.93
CA VAL S 49 -11.43 -80.10 57.64
C VAL S 49 -12.45 -81.03 56.97
N ASP S 50 -13.58 -80.45 56.57
CA ASP S 50 -14.60 -81.25 55.90
C ASP S 50 -14.04 -81.88 54.63
N SER S 51 -14.33 -83.16 54.44
CA SER S 51 -13.92 -83.89 53.25
C SER S 51 -15.07 -84.79 52.82
N VAL S 52 -15.24 -84.95 51.51
CA VAL S 52 -16.40 -85.66 51.00
C VAL S 52 -16.31 -87.13 51.38
N VAL S 53 -17.46 -87.70 51.74
CA VAL S 53 -17.55 -89.07 52.21
C VAL S 53 -18.07 -89.94 51.08
N PRO S 54 -17.37 -90.98 50.67
CA PRO S 54 -17.94 -91.90 49.66
C PRO S 54 -18.92 -92.88 50.29
N VAL S 55 -20.07 -92.37 50.72
CA VAL S 55 -21.08 -93.20 51.36
C VAL S 55 -21.55 -94.29 50.41
N ASN S 56 -21.52 -94.04 49.10
CA ASN S 56 -21.94 -95.01 48.11
C ASN S 56 -20.72 -95.78 47.60
N ASN S 57 -20.19 -96.64 48.48
CA ASN S 57 -18.98 -97.41 48.18
C ASN S 57 -19.21 -98.48 47.11
N THR S 58 -20.43 -98.63 46.62
CA THR S 58 -20.77 -99.68 45.65
C THR S 58 -19.64 -99.92 44.66
N GLU S 59 -19.34 -101.21 44.46
CA GLU S 59 -18.28 -101.65 43.56
C GLU S 59 -18.20 -100.85 42.27
N ALA S 60 -19.34 -100.55 41.66
CA ALA S 60 -19.33 -99.86 40.38
C ALA S 60 -19.03 -98.38 40.53
N ASN S 61 -19.40 -97.78 41.66
CA ASN S 61 -19.18 -96.35 41.86
C ASN S 61 -17.81 -96.03 42.45
N VAL S 62 -17.15 -97.01 43.06
CA VAL S 62 -15.91 -96.73 43.79
C VAL S 62 -14.89 -96.02 42.90
N ASN S 63 -14.84 -96.37 41.61
CA ASN S 63 -13.90 -95.77 40.67
C ASN S 63 -14.51 -94.61 39.91
N SER S 64 -15.36 -93.82 40.56
CA SER S 64 -16.04 -92.73 39.89
C SER S 64 -16.52 -91.73 40.95
N LEU S 65 -16.89 -90.54 40.49
CA LEU S 65 -17.48 -89.54 41.37
C LEU S 65 -18.83 -89.97 41.90
N LYS S 66 -19.43 -91.03 41.33
CA LYS S 66 -20.71 -91.53 41.82
C LYS S 66 -20.61 -92.06 43.24
N ALA S 67 -19.40 -92.40 43.69
CA ALA S 67 -19.24 -92.92 45.05
C ALA S 67 -19.67 -91.90 46.10
N TYR S 68 -19.40 -90.62 45.86
CA TYR S 68 -19.72 -89.58 46.81
C TYR S 68 -21.18 -89.15 46.75
N GLN S 69 -21.96 -89.67 45.81
CA GLN S 69 -23.33 -89.23 45.61
C GLN S 69 -24.29 -90.14 46.35
N ILE S 70 -25.09 -89.58 47.24
CA ILE S 70 -26.13 -90.30 47.96
C ILE S 70 -27.45 -90.08 47.21
N PRO S 71 -27.97 -91.09 46.51
CA PRO S 71 -29.20 -90.88 45.73
C PRO S 71 -30.43 -90.80 46.61
N VAL S 72 -31.28 -89.82 46.34
CA VAL S 72 -32.61 -89.74 46.94
C VAL S 72 -33.60 -89.46 45.83
N GLN S 73 -34.84 -89.88 46.04
CA GLN S 73 -35.87 -89.75 45.02
C GLN S 73 -37.20 -89.49 45.71
N SER S 74 -38.17 -89.02 44.93
CA SER S 74 -39.53 -88.88 45.44
C SER S 74 -40.15 -90.26 45.64
N ASN S 75 -40.49 -90.57 46.89
CA ASN S 75 -40.99 -91.90 47.24
C ASN S 75 -42.51 -91.96 47.14
N SER S 76 -43.01 -93.16 46.84
CA SER S 76 -44.43 -93.44 46.91
C SER S 76 -44.89 -93.84 48.29
N ASP S 77 -43.97 -94.14 49.20
CA ASP S 77 -44.28 -94.63 50.54
C ASP S 77 -43.64 -93.71 51.58
N ASN S 78 -43.61 -94.18 52.83
CA ASN S 78 -43.24 -93.37 53.98
C ASN S 78 -42.16 -94.08 54.78
N GLY S 79 -41.04 -93.40 55.01
CA GLY S 79 -40.03 -93.87 55.94
C GLY S 79 -39.14 -94.96 55.41
N LYS S 80 -38.47 -94.72 54.28
CA LYS S 80 -37.54 -95.68 53.71
C LYS S 80 -36.12 -95.19 53.91
N GLN S 81 -35.29 -96.04 54.51
CA GLN S 81 -33.91 -95.68 54.77
C GLN S 81 -33.24 -95.10 53.53
N VAL S 82 -32.50 -94.02 53.73
CA VAL S 82 -31.72 -93.42 52.65
C VAL S 82 -30.31 -94.02 52.60
N PHE S 83 -29.69 -94.19 53.76
CA PHE S 83 -28.38 -94.83 53.83
C PHE S 83 -28.14 -95.28 55.27
N GLY S 84 -27.15 -96.14 55.44
CA GLY S 84 -26.74 -96.55 56.76
C GLY S 84 -25.33 -97.10 56.81
N PHE S 85 -24.47 -96.47 57.60
CA PHE S 85 -23.11 -96.98 57.80
C PHE S 85 -22.77 -96.96 59.28
N PRO S 86 -21.90 -97.88 59.72
CA PRO S 86 -21.44 -97.84 61.11
C PRO S 86 -20.45 -96.70 61.34
N LEU S 87 -20.30 -96.33 62.59
CA LEU S 87 -19.43 -95.22 62.96
C LEU S 87 -17.99 -95.68 63.17
N GLN S 88 -17.43 -96.34 62.16
CA GLN S 88 -16.03 -96.77 62.20
C GLN S 88 -15.16 -95.80 61.41
N PRO S 89 -14.73 -94.69 62.00
CA PRO S 89 -13.97 -93.71 61.22
C PRO S 89 -12.69 -94.25 60.62
N GLY S 90 -12.10 -95.28 61.23
CA GLY S 90 -10.83 -95.77 60.75
C GLY S 90 -10.88 -97.11 60.04
N ALA S 91 -12.04 -97.78 60.10
CA ALA S 91 -12.16 -99.13 59.56
C ALA S 91 -13.05 -99.18 58.32
N ASN S 92 -14.28 -98.70 58.40
CA ASN S 92 -15.21 -98.86 57.29
C ASN S 92 -14.81 -98.01 56.10
N GLY S 93 -15.04 -98.55 54.90
CA GLY S 93 -14.67 -97.85 53.68
C GLY S 93 -15.34 -96.51 53.52
N VAL S 94 -16.48 -96.31 54.18
CA VAL S 94 -17.17 -95.02 54.08
C VAL S 94 -16.28 -93.90 54.60
N LEU S 95 -15.58 -94.14 55.70
CA LEU S 95 -14.82 -93.10 56.37
C LEU S 95 -13.32 -93.38 56.47
N ASN S 96 -12.89 -94.62 56.23
CA ASN S 96 -11.49 -94.97 56.48
C ASN S 96 -10.53 -94.14 55.63
N ARG S 97 -10.94 -93.76 54.42
CA ARG S 97 -10.09 -93.02 53.49
C ARG S 97 -10.44 -91.54 53.40
N THR S 98 -11.44 -91.09 54.16
CA THR S 98 -11.65 -89.66 54.32
C THR S 98 -10.37 -89.00 54.81
N LEU S 99 -10.34 -87.68 54.82
CA LEU S 99 -9.25 -86.96 55.47
C LEU S 99 -9.12 -87.42 56.93
N LEU S 100 -10.23 -87.39 57.66
CA LEU S 100 -10.27 -87.86 59.04
C LEU S 100 -9.76 -89.30 59.14
N GLY S 101 -10.27 -90.18 58.27
CA GLY S 101 -9.88 -91.57 58.36
C GLY S 101 -8.42 -91.80 58.05
N GLU S 102 -7.86 -91.03 57.13
CA GLU S 102 -6.44 -91.15 56.81
C GLU S 102 -5.58 -90.81 58.04
N ILE S 103 -5.89 -89.69 58.70
CA ILE S 103 -5.14 -89.34 59.91
C ILE S 103 -5.36 -90.40 61.00
N LEU S 104 -6.61 -90.84 61.17
CA LEU S 104 -6.88 -91.88 62.15
C LEU S 104 -6.09 -93.14 61.86
N ASN S 105 -5.86 -93.45 60.58
CA ASN S 105 -5.09 -94.64 60.25
C ASN S 105 -3.60 -94.44 60.45
N TYR S 106 -3.14 -93.20 60.57
CA TYR S 106 -1.78 -93.00 61.08
C TYR S 106 -1.69 -93.08 62.60
N TYR S 107 -2.81 -92.97 63.31
CA TYR S 107 -2.79 -93.16 64.77
C TYR S 107 -3.64 -94.38 65.17
N THR S 108 -3.45 -94.89 66.39
CA THR S 108 -4.12 -96.12 66.79
C THR S 108 -5.40 -95.91 67.61
N HIS S 109 -5.42 -94.92 68.50
CA HIS S 109 -6.59 -94.66 69.33
C HIS S 109 -7.21 -93.31 68.96
N TRP S 110 -8.53 -93.20 69.10
CA TRP S 110 -9.24 -91.98 68.76
C TRP S 110 -10.39 -91.73 69.72
N SER S 111 -10.77 -90.47 69.87
CA SER S 111 -11.87 -90.08 70.73
C SER S 111 -12.35 -88.70 70.32
N GLY S 112 -13.67 -88.52 70.26
CA GLY S 112 -14.24 -87.22 70.00
C GLY S 112 -15.51 -87.32 69.19
N SER S 113 -16.16 -86.16 69.03
CA SER S 113 -17.39 -86.04 68.26
C SER S 113 -17.06 -85.78 66.80
N ILE S 114 -18.06 -85.99 65.94
CA ILE S 114 -17.83 -85.92 64.50
C ILE S 114 -18.94 -85.14 63.83
N LYS S 115 -18.58 -84.21 62.95
CA LYS S 115 -19.56 -83.48 62.14
C LYS S 115 -19.78 -84.21 60.83
N LEU S 116 -21.03 -84.60 60.59
CA LEU S 116 -21.49 -85.13 59.31
C LEU S 116 -22.36 -84.03 58.69
N THR S 117 -21.83 -83.32 57.73
CA THR S 117 -22.56 -82.27 57.04
C THR S 117 -23.17 -82.83 55.77
N PHE S 118 -24.48 -82.64 55.60
CA PHE S 118 -25.20 -83.13 54.45
C PHE S 118 -25.72 -81.97 53.62
N MET S 119 -25.36 -81.97 52.33
CA MET S 119 -25.71 -80.90 51.40
C MET S 119 -26.58 -81.47 50.28
N PHE S 120 -27.76 -80.88 50.09
CA PHE S 120 -28.71 -81.33 49.09
C PHE S 120 -28.43 -80.64 47.77
N CYS S 121 -28.06 -81.42 46.75
CA CYS S 121 -27.70 -80.86 45.44
C CYS S 121 -28.78 -81.08 44.40
N GLY S 122 -30.04 -81.07 44.82
CA GLY S 122 -31.15 -81.15 43.90
C GLY S 122 -31.50 -79.80 43.33
N SER S 123 -32.66 -79.74 42.69
CA SER S 123 -33.17 -78.48 42.15
C SER S 123 -33.63 -77.57 43.28
N ALA S 124 -33.56 -76.26 43.02
CA ALA S 124 -34.01 -75.30 44.03
C ALA S 124 -35.49 -75.43 44.32
N MET S 125 -36.24 -76.11 43.46
CA MET S 125 -37.69 -76.25 43.62
C MET S 125 -38.08 -77.48 44.44
N ALA S 126 -37.14 -78.38 44.69
CA ALA S 126 -37.44 -79.59 45.46
C ALA S 126 -37.48 -79.27 46.95
N THR S 127 -38.36 -79.97 47.67
CA THR S 127 -38.46 -79.87 49.11
C THR S 127 -38.55 -81.27 49.70
N GLY S 128 -38.45 -81.35 51.01
CA GLY S 128 -38.55 -82.62 51.70
C GLY S 128 -37.94 -82.55 53.07
N LYS S 129 -38.10 -83.64 53.82
CA LYS S 129 -37.57 -83.72 55.17
C LYS S 129 -36.98 -85.09 55.40
N PHE S 130 -35.84 -85.12 56.10
CA PHE S 130 -35.11 -86.35 56.37
C PHE S 130 -34.87 -86.48 57.86
N LEU S 131 -34.68 -87.72 58.29
CA LEU S 131 -34.32 -88.06 59.66
C LEU S 131 -32.89 -88.58 59.64
N LEU S 132 -31.96 -87.78 60.16
CA LEU S 132 -30.56 -88.17 60.29
C LEU S 132 -30.36 -88.65 61.72
N ALA S 133 -30.06 -89.94 61.90
CA ALA S 133 -30.03 -90.53 63.23
C ALA S 133 -28.69 -91.21 63.47
N TYR S 134 -28.12 -90.95 64.64
CA TYR S 134 -27.00 -91.72 65.18
C TYR S 134 -27.55 -92.56 66.32
N SER S 135 -27.60 -93.88 66.11
CA SER S 135 -28.09 -94.80 67.11
C SER S 135 -26.90 -95.45 67.82
N PRO S 136 -26.74 -95.24 69.12
CA PRO S 136 -25.62 -95.85 69.85
C PRO S 136 -25.62 -97.36 69.70
N PRO S 137 -24.47 -97.99 69.91
CA PRO S 137 -24.36 -99.44 69.71
C PRO S 137 -25.04 -100.23 70.80
N GLY S 138 -25.11 -101.54 70.57
CA GLY S 138 -25.71 -102.47 71.51
C GLY S 138 -26.97 -103.10 70.96
N ALA S 139 -27.88 -102.25 70.48
CA ALA S 139 -28.99 -102.72 69.68
C ALA S 139 -28.55 -102.66 68.22
N GLY S 140 -28.94 -103.67 67.44
CA GLY S 140 -28.56 -103.72 66.05
C GLY S 140 -28.87 -102.44 65.31
N VAL S 141 -28.37 -102.32 64.08
CA VAL S 141 -28.64 -101.10 63.31
C VAL S 141 -30.15 -100.90 63.19
N PRO S 142 -30.68 -99.70 63.41
CA PRO S 142 -32.14 -99.52 63.34
C PRO S 142 -32.70 -100.01 62.01
N LYS S 143 -33.74 -100.84 62.10
CA LYS S 143 -34.35 -101.41 60.91
C LYS S 143 -35.48 -100.56 60.36
N ASN S 144 -36.14 -99.77 61.21
CA ASN S 144 -37.23 -98.90 60.80
C ASN S 144 -36.96 -97.47 61.27
N ARG S 145 -37.61 -96.52 60.60
CA ARG S 145 -37.53 -95.14 61.06
C ARG S 145 -38.00 -95.03 62.51
N LYS S 146 -38.97 -95.83 62.91
CA LYS S 146 -39.40 -95.83 64.30
C LYS S 146 -38.25 -96.19 65.22
N ASP S 147 -37.50 -97.24 64.87
CA ASP S 147 -36.36 -97.65 65.69
C ASP S 147 -35.29 -96.56 65.72
N ALA S 148 -34.97 -95.97 64.57
CA ALA S 148 -33.94 -94.93 64.55
C ALA S 148 -34.40 -93.69 65.30
N MET S 149 -35.71 -93.45 65.37
CA MET S 149 -36.25 -92.28 66.04
C MET S 149 -35.98 -92.28 67.54
N LEU S 150 -35.69 -93.45 68.12
CA LEU S 150 -35.44 -93.53 69.55
C LEU S 150 -34.03 -93.08 69.94
N GLY S 151 -33.12 -92.96 68.97
CA GLY S 151 -31.77 -92.53 69.24
C GLY S 151 -31.54 -91.07 68.89
N THR S 152 -30.31 -90.63 69.11
CA THR S 152 -29.89 -89.29 68.72
C THR S 152 -30.21 -89.06 67.25
N HIS S 153 -31.10 -88.09 66.98
CA HIS S 153 -31.51 -87.84 65.61
C HIS S 153 -31.86 -86.36 65.42
N VAL S 154 -31.97 -85.97 64.16
CA VAL S 154 -32.22 -84.60 63.74
C VAL S 154 -33.14 -84.61 62.53
N ILE S 155 -34.09 -83.68 62.51
CA ILE S 155 -34.99 -83.52 61.37
C ILE S 155 -34.41 -82.44 60.47
N TRP S 156 -34.14 -82.81 59.22
CA TRP S 156 -33.49 -81.94 58.25
C TRP S 156 -34.51 -81.57 57.18
N ASP S 157 -34.94 -80.31 57.18
CA ASP S 157 -35.81 -79.78 56.14
C ASP S 157 -34.94 -79.19 55.04
N VAL S 158 -35.06 -79.75 53.83
CA VAL S 158 -34.23 -79.27 52.72
C VAL S 158 -34.58 -77.83 52.36
N GLY S 159 -35.85 -77.45 52.51
CA GLY S 159 -36.29 -76.15 52.04
C GLY S 159 -35.56 -74.99 52.68
N LEU S 160 -35.33 -75.06 54.00
CA LEU S 160 -34.78 -73.91 54.71
C LEU S 160 -33.35 -73.63 54.26
N GLN S 161 -32.49 -74.63 54.28
CA GLN S 161 -31.12 -74.44 53.79
C GLN S 161 -30.60 -75.76 53.22
N SER S 162 -29.81 -75.63 52.14
CA SER S 162 -29.29 -76.79 51.45
C SER S 162 -28.48 -77.71 52.37
N SER S 163 -27.85 -77.16 53.40
CA SER S 163 -26.94 -77.92 54.24
C SER S 163 -27.48 -78.07 55.66
N CYS S 164 -27.18 -79.22 56.26
CA CYS S 164 -27.53 -79.50 57.65
C CYS S 164 -26.41 -80.32 58.28
N VAL S 165 -26.05 -79.95 59.51
CA VAL S 165 -24.95 -80.57 60.23
C VAL S 165 -25.52 -81.48 61.31
N LEU S 166 -25.18 -82.77 61.25
CA LEU S 166 -25.46 -83.72 62.32
C LEU S 166 -24.17 -83.93 63.08
N CYS S 167 -24.18 -83.60 64.37
CA CYS S 167 -22.99 -83.70 65.20
C CYS S 167 -23.09 -84.95 66.08
N VAL S 168 -22.43 -86.02 65.65
CA VAL S 168 -22.43 -87.28 66.38
C VAL S 168 -21.63 -87.08 67.67
N PRO S 169 -22.25 -87.29 68.83
CA PRO S 169 -21.53 -87.10 70.10
C PRO S 169 -20.67 -88.31 70.44
N TRP S 170 -19.82 -88.11 71.43
CA TRP S 170 -18.94 -89.16 71.95
C TRP S 170 -19.67 -89.83 73.10
N ILE S 171 -20.32 -90.96 72.81
CA ILE S 171 -21.00 -91.76 73.81
C ILE S 171 -20.30 -93.12 73.82
N SER S 172 -19.36 -93.29 74.74
CA SER S 172 -18.55 -94.50 74.80
C SER S 172 -18.30 -94.86 76.26
N GLN S 173 -18.13 -96.17 76.50
CA GLN S 173 -17.79 -96.62 77.84
C GLN S 173 -16.38 -96.18 78.22
N THR S 174 -15.48 -96.11 77.25
CA THR S 174 -14.09 -95.80 77.50
C THR S 174 -13.79 -94.35 77.13
N HIS S 175 -12.63 -93.88 77.57
CA HIS S 175 -12.19 -92.54 77.19
C HIS S 175 -11.76 -92.49 75.73
N TYR S 176 -11.32 -93.62 75.18
CA TYR S 176 -10.92 -93.70 73.77
C TYR S 176 -11.54 -94.94 73.15
N ARG S 177 -11.37 -95.04 71.83
CA ARG S 177 -11.81 -96.20 71.06
C ARG S 177 -10.71 -96.62 70.11
N TYR S 178 -10.70 -97.90 69.75
CA TYR S 178 -9.71 -98.41 68.82
C TYR S 178 -10.06 -97.97 67.39
N VAL S 179 -9.04 -97.50 66.67
CA VAL S 179 -9.24 -97.15 65.26
C VAL S 179 -9.65 -98.38 64.47
N VAL S 180 -9.07 -99.53 64.82
CA VAL S 180 -9.40 -100.78 64.14
C VAL S 180 -10.64 -101.39 64.79
N GLU S 181 -11.25 -102.35 64.09
CA GLU S 181 -12.49 -102.95 64.55
C GLU S 181 -12.27 -103.73 65.84
N ASP S 182 -12.96 -103.34 66.91
CA ASP S 182 -13.02 -104.12 68.15
C ASP S 182 -14.45 -104.05 68.67
N GLU S 183 -15.10 -105.21 68.79
CA GLU S 183 -16.48 -105.22 69.26
C GLU S 183 -16.62 -104.63 70.65
N TYR S 184 -15.52 -104.51 71.39
CA TYR S 184 -15.56 -103.85 72.70
C TYR S 184 -15.75 -102.35 72.52
N THR S 185 -14.89 -101.72 71.73
CA THR S 185 -14.98 -100.29 71.43
C THR S 185 -16.05 -100.04 70.38
N ALA S 186 -17.25 -100.57 70.60
CA ALA S 186 -18.35 -100.33 69.69
C ALA S 186 -18.50 -98.84 69.43
N ALA S 187 -19.09 -98.50 68.28
CA ALA S 187 -19.22 -97.12 67.87
C ALA S 187 -20.66 -96.67 67.70
N GLY S 188 -21.47 -97.42 66.95
CA GLY S 188 -22.86 -97.07 66.70
C GLY S 188 -23.18 -97.20 65.23
N TYR S 189 -24.37 -96.75 64.86
CA TYR S 189 -24.80 -96.80 63.47
C TYR S 189 -25.46 -95.49 63.08
N ILE S 190 -25.10 -94.95 61.93
CA ILE S 190 -25.67 -93.71 61.42
C ILE S 190 -26.56 -94.06 60.24
N THR S 191 -27.83 -93.72 60.35
CA THR S 191 -28.83 -94.01 59.34
C THR S 191 -29.55 -92.73 58.94
N CYS S 192 -30.14 -92.78 57.75
CA CYS S 192 -30.96 -91.67 57.26
C CYS S 192 -32.27 -92.22 56.70
N TRP S 193 -33.36 -91.51 56.95
CA TRP S 193 -34.70 -91.97 56.59
C TRP S 193 -35.48 -90.81 56.00
N TYR S 194 -36.52 -91.14 55.24
CA TYR S 194 -37.41 -90.10 54.72
C TYR S 194 -38.41 -89.71 55.80
N GLN S 195 -38.32 -88.45 56.23
CA GLN S 195 -39.29 -87.90 57.19
C GLN S 195 -40.53 -87.39 56.47
N THR S 196 -40.34 -86.74 55.32
CA THR S 196 -41.44 -86.32 54.46
C THR S 196 -40.92 -86.39 53.03
N ASN S 197 -41.56 -87.24 52.22
CA ASN S 197 -41.16 -87.52 50.85
C ASN S 197 -40.76 -86.25 50.10
N ILE S 198 -39.74 -86.41 49.24
CA ILE S 198 -39.31 -85.35 48.34
C ILE S 198 -40.46 -84.95 47.42
N VAL S 199 -40.97 -83.72 47.59
CA VAL S 199 -42.00 -83.18 46.71
C VAL S 199 -41.34 -82.27 45.69
N VAL S 200 -41.66 -82.49 44.42
CA VAL S 200 -41.08 -81.72 43.32
C VAL S 200 -42.22 -81.23 42.44
N PRO S 201 -42.09 -80.10 41.76
CA PRO S 201 -43.13 -79.66 40.82
C PRO S 201 -42.99 -80.36 39.48
N ALA S 202 -43.84 -79.95 38.54
CA ALA S 202 -43.72 -80.44 37.17
C ALA S 202 -42.49 -79.84 36.50
N ASP S 203 -41.93 -80.60 35.56
CA ASP S 203 -40.77 -80.16 34.79
C ASP S 203 -39.56 -79.89 35.68
N VAL S 204 -39.46 -80.63 36.78
CA VAL S 204 -38.29 -80.60 37.65
C VAL S 204 -37.91 -82.04 37.99
N GLN S 205 -36.61 -82.28 38.11
CA GLN S 205 -36.12 -83.63 38.32
C GLN S 205 -36.54 -84.15 39.69
N SER S 206 -37.09 -85.37 39.72
CA SER S 206 -37.56 -85.97 40.96
C SER S 206 -36.49 -86.78 41.68
N SER S 207 -35.40 -87.12 41.00
CA SER S 207 -34.28 -87.83 41.59
C SER S 207 -33.12 -86.86 41.76
N CYS S 208 -32.62 -86.74 42.98
CA CYS S 208 -31.56 -85.80 43.31
C CYS S 208 -30.46 -86.53 44.08
N ASP S 209 -29.40 -85.79 44.39
CA ASP S 209 -28.25 -86.33 45.08
C ASP S 209 -27.95 -85.50 46.32
N ILE S 210 -27.28 -86.15 47.27
CA ILE S 210 -26.82 -85.51 48.49
C ILE S 210 -25.34 -85.81 48.65
N LEU S 211 -24.60 -84.83 49.17
CA LEU S 211 -23.19 -85.00 49.45
C LEU S 211 -22.96 -84.97 50.95
N CYS S 212 -22.09 -85.85 51.42
CA CYS S 212 -21.76 -85.97 52.84
C CYS S 212 -20.32 -85.55 53.07
N PHE S 213 -20.10 -84.79 54.15
CA PHE S 213 -18.78 -84.32 54.55
C PHE S 213 -18.53 -84.73 55.98
N VAL S 214 -17.29 -85.15 56.27
CA VAL S 214 -16.89 -85.58 57.60
C VAL S 214 -15.79 -84.65 58.11
N SER S 215 -15.95 -84.20 59.34
CA SER S 215 -14.86 -83.48 60.01
C SER S 215 -14.92 -83.78 61.49
N ALA S 216 -13.86 -83.39 62.20
CA ALA S 216 -13.79 -83.54 63.64
C ALA S 216 -14.16 -82.24 64.33
N CYS S 217 -14.75 -82.35 65.52
CA CYS S 217 -15.11 -81.19 66.30
C CYS S 217 -13.92 -80.73 67.15
N ASN S 218 -14.15 -79.74 68.00
CA ASN S 218 -13.11 -79.24 68.90
C ASN S 218 -12.67 -80.25 69.93
N ASP S 219 -13.42 -81.34 70.11
CA ASP S 219 -13.12 -82.31 71.16
C ASP S 219 -12.71 -83.65 70.55
N PHE S 220 -11.73 -83.64 69.67
CA PHE S 220 -11.29 -84.86 68.99
C PHE S 220 -9.77 -84.96 69.10
N SER S 221 -9.29 -86.15 69.44
CA SER S 221 -7.87 -86.37 69.67
C SER S 221 -7.51 -87.80 69.26
N VAL S 222 -6.25 -87.98 68.89
CA VAL S 222 -5.72 -89.28 68.48
C VAL S 222 -4.53 -89.62 69.36
N ARG S 223 -4.15 -90.90 69.34
CA ARG S 223 -3.13 -91.40 70.25
C ARG S 223 -2.47 -92.63 69.64
N MET S 224 -1.31 -92.97 70.18
CA MET S 224 -0.59 -94.19 69.81
C MET S 224 -0.22 -94.18 68.33
N LEU S 225 0.73 -93.30 68.02
CA LEU S 225 1.21 -93.17 66.66
C LEU S 225 1.66 -94.51 66.11
N LYS S 226 1.32 -94.78 64.85
CA LYS S 226 1.67 -96.03 64.19
C LYS S 226 1.84 -95.78 62.69
N ASP S 227 2.25 -96.82 61.98
CA ASP S 227 2.32 -96.78 60.53
C ASP S 227 0.98 -97.14 59.94
N THR S 228 0.62 -96.48 58.82
CA THR S 228 -0.67 -96.68 58.17
C THR S 228 -0.64 -97.95 57.30
N PRO S 229 -1.74 -98.68 57.23
CA PRO S 229 -1.78 -99.88 56.38
C PRO S 229 -1.99 -99.59 54.91
N PHE S 230 -2.16 -98.33 54.53
CA PHE S 230 -2.64 -97.98 53.20
C PHE S 230 -1.52 -97.98 52.16
N ILE S 231 -0.28 -97.71 52.55
CA ILE S 231 0.84 -97.68 51.62
C ILE S 231 1.60 -98.99 51.71
N ARG S 232 2.00 -99.52 50.55
CA ARG S 232 2.76 -100.76 50.47
C ARG S 232 3.90 -100.58 49.48
N GLN S 233 4.98 -101.31 49.72
CA GLN S 233 6.15 -101.27 48.85
C GLN S 233 6.70 -102.68 48.69
N ASP S 234 7.36 -102.93 47.57
CA ASP S 234 8.06 -104.18 47.33
C ASP S 234 9.53 -103.99 46.99
N THR S 235 9.89 -102.87 46.39
CA THR S 235 11.29 -102.58 46.06
C THR S 235 11.48 -101.07 46.10
N PHE S 236 12.74 -100.66 46.20
CA PHE S 236 13.05 -99.24 46.24
C PHE S 236 12.64 -98.58 44.94
N TYR S 237 11.75 -97.59 45.03
CA TYR S 237 11.30 -96.86 43.86
C TYR S 237 12.48 -96.19 43.17
N GLN S 238 12.39 -96.08 41.85
CA GLN S 238 13.47 -95.47 41.06
C GLN S 238 12.91 -94.67 39.88
N THR T 28 15.77 -81.56 81.14
CA THR T 28 16.97 -80.81 81.50
C THR T 28 17.19 -79.64 80.54
N ASN T 29 17.76 -78.56 81.06
CA ASN T 29 17.91 -77.30 80.32
C ASN T 29 19.37 -77.13 79.88
N ILE T 30 19.76 -77.85 78.84
CA ILE T 30 21.14 -77.80 78.35
C ILE T 30 21.20 -78.16 76.87
N ASN T 31 22.36 -77.87 76.27
CA ASN T 31 22.67 -78.19 74.89
C ASN T 31 24.19 -78.26 74.78
N TYR T 32 24.71 -79.36 74.25
CA TYR T 32 26.15 -79.55 74.25
C TYR T 32 26.83 -79.08 72.97
N TYR T 33 26.08 -78.82 71.91
CA TYR T 33 26.66 -78.58 70.59
C TYR T 33 26.43 -77.13 70.16
N LYS T 34 27.40 -76.61 69.41
CA LYS T 34 27.41 -75.20 69.03
C LYS T 34 26.40 -74.85 67.94
N ASP T 35 25.82 -75.85 67.27
CA ASP T 35 24.86 -75.63 66.20
C ASP T 35 23.47 -76.03 66.68
N ALA T 36 22.47 -75.22 66.34
CA ALA T 36 21.12 -75.45 66.84
C ALA T 36 20.50 -76.71 66.27
N ALA T 37 20.93 -77.14 65.08
CA ALA T 37 20.38 -78.36 64.51
C ALA T 37 20.71 -79.59 65.34
N SER T 38 21.74 -79.50 66.19
CA SER T 38 22.13 -80.62 67.04
C SER T 38 21.18 -80.85 68.20
N ASN T 39 20.27 -79.93 68.48
CA ASN T 39 19.47 -80.00 69.69
C ASN T 39 18.33 -80.99 69.52
N SER T 40 17.72 -81.33 70.65
CA SER T 40 16.62 -82.29 70.68
C SER T 40 15.36 -81.70 70.04
N ALA T 41 14.35 -82.54 69.90
CA ALA T 41 13.11 -82.13 69.27
C ALA T 41 12.32 -81.18 70.17
N ASN T 42 11.46 -80.38 69.54
CA ASN T 42 10.58 -79.46 70.25
C ASN T 42 9.29 -80.19 70.63
N ARG T 43 9.39 -81.01 71.68
CA ARG T 43 8.28 -81.85 72.08
C ARG T 43 7.46 -81.27 73.23
N GLN T 44 7.94 -80.24 73.91
CA GLN T 44 7.15 -79.58 74.94
C GLN T 44 6.01 -78.80 74.30
N TYR U 41 -14.16 -28.73 39.30
CA TYR U 41 -13.88 -28.93 37.88
C TYR U 41 -14.46 -27.76 37.07
N HIS U 42 -14.92 -28.05 35.85
CA HIS U 42 -15.50 -27.01 35.00
C HIS U 42 -16.85 -26.57 35.57
N SER U 43 -17.51 -25.66 34.86
CA SER U 43 -18.75 -25.05 35.31
C SER U 43 -19.85 -25.24 34.27
N ARG U 44 -21.09 -25.18 34.75
CA ARG U 44 -22.28 -25.33 33.91
C ARG U 44 -22.98 -23.99 33.68
N SER U 45 -22.20 -22.91 33.61
CA SER U 45 -22.79 -21.57 33.54
C SER U 45 -23.57 -21.36 32.24
N GLU U 46 -22.98 -21.76 31.11
CA GLU U 46 -23.61 -21.49 29.82
C GLU U 46 -24.85 -22.34 29.58
N SER U 47 -25.16 -23.29 30.46
CA SER U 47 -26.33 -24.13 30.32
C SER U 47 -27.50 -23.68 31.20
N SER U 48 -27.37 -22.53 31.86
CA SER U 48 -28.50 -21.99 32.60
C SER U 48 -29.62 -21.62 31.65
N ILE U 49 -30.85 -21.60 32.15
CA ILE U 49 -31.99 -21.24 31.30
C ILE U 49 -31.84 -19.81 30.81
N GLU U 50 -31.32 -18.93 31.66
CA GLU U 50 -31.14 -17.54 31.26
C GLU U 50 -30.25 -17.44 30.02
N ASN U 51 -29.10 -18.12 30.03
CA ASN U 51 -28.25 -18.08 28.85
C ASN U 51 -28.86 -18.85 27.69
N PHE U 52 -29.62 -19.91 27.97
CA PHE U 52 -30.20 -20.70 26.90
C PHE U 52 -31.21 -19.89 26.09
N LEU U 53 -32.09 -19.15 26.76
CA LEU U 53 -33.13 -18.41 26.07
C LEU U 53 -32.75 -16.97 25.77
N CYS U 54 -31.82 -16.38 26.54
CA CYS U 54 -31.51 -14.96 26.42
C CYS U 54 -30.55 -14.74 25.24
N ARG U 55 -31.09 -15.00 24.05
CA ARG U 55 -30.41 -14.70 22.80
C ARG U 55 -31.48 -14.27 21.81
N ALA U 56 -31.27 -13.12 21.16
CA ALA U 56 -32.28 -12.57 20.27
C ALA U 56 -32.62 -13.57 19.16
N ALA U 57 -33.91 -13.62 18.83
CA ALA U 57 -34.42 -14.59 17.87
C ALA U 57 -35.52 -13.95 17.04
N CYS U 58 -35.45 -14.11 15.73
CA CYS U 58 -36.49 -13.59 14.85
C CYS U 58 -37.75 -14.41 15.02
N VAL U 59 -38.83 -13.78 15.47
CA VAL U 59 -40.08 -14.52 15.66
C VAL U 59 -40.99 -14.39 14.43
N TYR U 60 -40.85 -13.31 13.67
CA TYR U 60 -41.72 -13.03 12.53
C TYR U 60 -41.21 -11.78 11.80
N TYR U 61 -41.44 -11.73 10.49
CA TYR U 61 -41.10 -10.53 9.73
C TYR U 61 -42.10 -10.39 8.60
N ALA U 62 -42.58 -9.18 8.37
CA ALA U 62 -43.58 -8.89 7.36
C ALA U 62 -43.16 -7.69 6.54
N THR U 63 -43.90 -7.46 5.46
CA THR U 63 -43.58 -6.44 4.48
C THR U 63 -44.72 -5.44 4.37
N TYR U 64 -44.37 -4.20 4.05
CA TYR U 64 -45.35 -3.18 3.72
C TYR U 64 -44.71 -2.20 2.76
N THR U 65 -45.53 -1.61 1.89
CA THR U 65 -45.08 -0.74 0.82
C THR U 65 -45.69 0.64 0.99
N ASN U 66 -45.05 1.65 0.38
CA ASN U 66 -45.55 3.01 0.54
C ASN U 66 -46.80 3.27 -0.30
N ASN U 67 -46.88 2.67 -1.49
CA ASN U 67 -48.05 2.89 -2.34
C ASN U 67 -49.29 2.29 -1.68
N SER U 68 -50.45 2.75 -2.15
CA SER U 68 -51.74 2.24 -1.71
C SER U 68 -52.12 2.78 -0.33
N GLU U 69 -53.29 2.38 0.16
CA GLU U 69 -53.70 2.67 1.53
C GLU U 69 -53.59 1.44 2.42
N LYS U 70 -53.54 0.24 1.83
CA LYS U 70 -53.21 -0.98 2.56
C LYS U 70 -51.71 -1.15 2.74
N GLY U 71 -50.95 -0.07 2.66
CA GLY U 71 -49.50 -0.14 2.77
C GLY U 71 -49.02 -0.22 4.20
N TYR U 72 -49.89 -0.67 5.10
CA TYR U 72 -49.52 -0.96 6.47
C TYR U 72 -49.55 -2.48 6.68
N ALA U 73 -48.73 -2.95 7.60
CA ALA U 73 -48.65 -4.36 7.95
C ALA U 73 -49.18 -4.60 9.35
N GLU U 74 -49.62 -5.83 9.61
CA GLU U 74 -50.17 -6.19 10.91
C GLU U 74 -49.76 -7.62 11.23
N TRP U 75 -49.62 -7.90 12.52
CA TRP U 75 -49.23 -9.23 13.00
C TRP U 75 -49.81 -9.46 14.38
N VAL U 76 -50.62 -10.50 14.50
CA VAL U 76 -51.03 -10.98 15.82
C VAL U 76 -49.84 -11.68 16.47
N ILE U 77 -49.52 -11.29 17.70
CA ILE U 77 -48.29 -11.71 18.35
C ILE U 77 -48.46 -13.15 18.84
N ASN U 78 -47.76 -14.08 18.20
CA ASN U 78 -47.62 -15.44 18.69
C ASN U 78 -46.16 -15.85 18.55
N THR U 79 -45.79 -16.88 19.31
CA THR U 79 -44.43 -17.38 19.36
C THR U 79 -44.28 -18.75 18.71
N ARG U 80 -45.27 -19.18 17.92
CA ARG U 80 -45.30 -20.52 17.35
C ARG U 80 -45.12 -20.52 15.85
N GLN U 81 -44.92 -19.37 15.22
CA GLN U 81 -44.67 -19.36 13.79
C GLN U 81 -43.26 -19.82 13.45
N VAL U 82 -42.27 -19.55 14.32
CA VAL U 82 -40.87 -19.84 14.04
C VAL U 82 -40.45 -21.07 14.82
N ALA U 83 -39.76 -21.98 14.13
CA ALA U 83 -39.46 -23.30 14.67
C ALA U 83 -38.41 -23.22 15.79
N GLN U 84 -37.31 -22.51 15.55
CA GLN U 84 -36.20 -22.53 16.50
C GLN U 84 -36.64 -22.04 17.88
N LEU U 85 -37.06 -20.78 17.96
CA LEU U 85 -37.46 -20.23 19.25
C LEU U 85 -38.65 -20.99 19.82
N ARG U 86 -39.59 -21.41 18.95
CA ARG U 86 -40.72 -22.17 19.46
C ARG U 86 -40.26 -23.42 20.21
N ARG U 87 -39.32 -24.16 19.62
CA ARG U 87 -38.82 -25.38 20.25
C ARG U 87 -38.09 -25.07 21.54
N LYS U 88 -37.21 -24.06 21.52
CA LYS U 88 -36.52 -23.66 22.75
C LYS U 88 -37.53 -23.42 23.87
N LEU U 89 -38.61 -22.71 23.58
CA LEU U 89 -39.61 -22.44 24.60
C LEU U 89 -40.39 -23.69 24.97
N GLU U 90 -40.70 -24.54 23.99
CA GLU U 90 -41.52 -25.71 24.21
C GLU U 90 -40.77 -26.84 24.91
N LEU U 91 -39.47 -26.66 25.17
CA LEU U 91 -38.79 -27.56 26.10
C LEU U 91 -39.38 -27.53 27.50
N PHE U 92 -40.25 -26.57 27.81
CA PHE U 92 -40.86 -26.42 29.13
C PHE U 92 -42.36 -26.23 28.98
N THR U 93 -43.11 -26.62 30.01
CA THR U 93 -44.55 -26.44 29.96
C THR U 93 -44.96 -25.04 30.37
N TYR U 94 -44.26 -24.45 31.34
CA TYR U 94 -44.59 -23.12 31.84
C TYR U 94 -43.34 -22.26 31.88
N LEU U 95 -43.46 -21.01 31.41
CA LEU U 95 -42.36 -20.06 31.42
C LEU U 95 -42.84 -18.74 32.01
N ARG U 96 -41.87 -17.90 32.35
CA ARG U 96 -42.16 -16.57 32.91
C ARG U 96 -40.92 -15.72 32.71
N PHE U 97 -41.07 -14.57 32.05
CA PHE U 97 -39.91 -13.76 31.71
C PHE U 97 -40.37 -12.40 31.17
N ASP U 98 -39.44 -11.44 31.21
CA ASP U 98 -39.55 -10.19 30.49
C ASP U 98 -38.99 -10.37 29.08
N LEU U 99 -39.21 -9.37 28.23
CA LEU U 99 -38.80 -9.47 26.83
C LEU U 99 -38.02 -8.25 26.40
N GLU U 100 -36.99 -8.49 25.57
CA GLU U 100 -36.29 -7.44 24.84
C GLU U 100 -36.67 -7.57 23.38
N LEU U 101 -37.34 -6.55 22.84
CA LEU U 101 -37.79 -6.50 21.46
C LEU U 101 -36.80 -5.69 20.66
N THR U 102 -36.25 -6.28 19.60
CA THR U 102 -35.39 -5.56 18.68
C THR U 102 -35.99 -5.66 17.29
N PHE U 103 -36.10 -4.51 16.60
CA PHE U 103 -36.72 -4.47 15.28
C PHE U 103 -35.66 -4.18 14.23
N VAL U 104 -35.61 -5.01 13.19
CA VAL U 104 -34.71 -4.80 12.06
C VAL U 104 -35.56 -4.50 10.84
N ILE U 105 -35.60 -3.23 10.43
CA ILE U 105 -36.41 -2.78 9.31
C ILE U 105 -35.47 -2.41 8.17
N THR U 106 -35.63 -3.09 7.04
CA THR U 106 -34.81 -2.86 5.85
C THR U 106 -35.71 -2.61 4.65
N SER U 107 -35.41 -1.55 3.91
CA SER U 107 -36.21 -1.17 2.75
C SER U 107 -35.38 -1.33 1.48
N ALA U 108 -36.10 -1.36 0.36
CA ALA U 108 -35.48 -1.58 -0.93
C ALA U 108 -36.29 -0.83 -1.98
N GLN U 109 -35.55 -0.28 -2.95
CA GLN U 109 -36.16 0.43 -4.07
C GLN U 109 -36.94 -0.53 -4.93
N GLN U 110 -38.18 -0.19 -5.20
CA GLN U 110 -39.04 -0.99 -6.06
C GLN U 110 -39.16 -0.34 -7.43
N PRO U 111 -39.53 -1.12 -8.45
CA PRO U 111 -39.56 -0.57 -9.81
C PRO U 111 -40.42 0.67 -9.90
N SER U 112 -40.01 1.60 -10.75
CA SER U 112 -40.76 2.83 -10.99
C SER U 112 -40.57 3.26 -12.43
N THR U 113 -41.53 4.01 -12.93
CA THR U 113 -41.55 4.49 -14.31
C THR U 113 -41.36 6.00 -14.35
N ALA U 114 -40.52 6.51 -13.45
CA ALA U 114 -40.24 7.93 -13.35
C ALA U 114 -38.90 8.26 -14.01
N THR U 115 -38.63 9.56 -14.14
CA THR U 115 -37.40 9.99 -14.80
C THR U 115 -36.21 9.87 -13.85
N SER U 116 -36.35 10.34 -12.61
CA SER U 116 -35.27 10.21 -11.64
C SER U 116 -35.85 10.32 -10.23
N VAL U 117 -35.78 9.22 -9.48
CA VAL U 117 -36.32 9.15 -8.13
C VAL U 117 -35.20 9.42 -7.14
N ASP U 118 -35.46 10.26 -6.16
CA ASP U 118 -34.50 10.60 -5.11
C ASP U 118 -35.28 10.66 -3.80
N ALA U 119 -35.39 9.52 -3.15
CA ALA U 119 -36.22 9.41 -1.95
C ALA U 119 -35.47 9.97 -0.76
N PRO U 120 -36.11 10.79 0.08
CA PRO U 120 -35.46 11.25 1.30
C PRO U 120 -35.44 10.15 2.35
N VAL U 121 -34.74 10.42 3.46
CA VAL U 121 -34.65 9.44 4.52
C VAL U 121 -36.06 9.04 4.95
N GLN U 122 -36.23 7.76 5.25
CA GLN U 122 -37.53 7.17 5.53
C GLN U 122 -37.67 6.90 7.02
N THR U 123 -38.78 7.32 7.59
CA THR U 123 -39.14 7.05 8.97
C THR U 123 -40.29 6.05 9.01
N HIS U 124 -40.30 5.22 10.06
CA HIS U 124 -41.31 4.20 10.22
C HIS U 124 -41.95 4.32 11.60
N GLN U 125 -43.21 3.88 11.69
CA GLN U 125 -43.93 3.82 12.96
C GLN U 125 -44.40 2.39 13.20
N ILE U 126 -44.16 1.91 14.42
CA ILE U 126 -44.58 0.60 14.90
C ILE U 126 -45.54 0.84 16.05
N MET U 127 -46.79 0.42 15.89
CA MET U 127 -47.82 0.60 16.91
C MET U 127 -48.21 -0.75 17.48
N TYR U 128 -48.40 -0.80 18.80
CA TYR U 128 -48.92 -1.98 19.48
C TYR U 128 -50.36 -1.71 19.90
N VAL U 129 -51.28 -2.53 19.42
CA VAL U 129 -52.69 -2.43 19.79
C VAL U 129 -53.00 -3.59 20.74
N PRO U 130 -53.14 -3.31 22.04
CA PRO U 130 -53.56 -4.37 22.96
C PRO U 130 -54.94 -4.87 22.59
N PRO U 131 -55.27 -6.12 22.95
CA PRO U 131 -56.60 -6.65 22.59
C PRO U 131 -57.74 -5.74 23.02
N GLY U 132 -58.56 -5.33 22.05
CA GLY U 132 -59.71 -4.50 22.30
C GLY U 132 -59.55 -3.05 21.88
N GLY U 133 -58.33 -2.60 21.61
CA GLY U 133 -58.09 -1.22 21.24
C GLY U 133 -58.52 -0.95 19.82
N PRO U 134 -58.53 0.34 19.44
CA PRO U 134 -58.81 0.68 18.04
C PRO U 134 -57.73 0.10 17.13
N VAL U 135 -58.13 -0.24 15.91
CA VAL U 135 -57.29 -0.96 14.97
C VAL U 135 -57.14 -0.10 13.71
N PRO U 136 -55.92 0.21 13.28
CA PRO U 136 -55.76 0.95 12.02
C PRO U 136 -56.45 0.24 10.86
N THR U 137 -57.29 0.99 10.15
CA THR U 137 -57.98 0.48 8.97
C THR U 137 -57.33 0.94 7.68
N LYS U 138 -56.46 1.95 7.73
CA LYS U 138 -55.79 2.47 6.55
C LYS U 138 -54.48 3.11 6.99
N VAL U 139 -53.61 3.36 6.02
CA VAL U 139 -52.30 3.91 6.32
C VAL U 139 -52.40 5.24 7.07
N THR U 140 -53.53 5.95 6.96
CA THR U 140 -53.68 7.24 7.60
C THR U 140 -54.88 7.27 8.54
N ASP U 141 -55.02 6.24 9.38
CA ASP U 141 -56.16 6.20 10.29
C ASP U 141 -55.87 7.03 11.53
N TYR U 142 -56.93 7.32 12.30
CA TYR U 142 -56.76 8.07 13.54
C TYR U 142 -56.05 7.26 14.60
N ALA U 143 -56.10 5.92 14.52
CA ALA U 143 -55.44 5.10 15.52
C ALA U 143 -53.96 5.44 15.63
N TRP U 144 -53.33 5.82 14.51
CA TRP U 144 -51.89 6.07 14.51
C TRP U 144 -51.48 7.25 15.38
N GLN U 145 -52.41 7.97 15.98
CA GLN U 145 -52.01 9.00 16.93
C GLN U 145 -51.36 8.39 18.17
N THR U 146 -51.72 7.14 18.49
CA THR U 146 -51.20 6.43 19.65
C THR U 146 -51.14 7.34 20.87
N SER U 147 -52.28 7.95 21.18
CA SER U 147 -52.37 8.77 22.38
C SER U 147 -52.03 7.94 23.61
N THR U 148 -52.57 6.73 23.68
CA THR U 148 -52.35 5.80 24.78
C THR U 148 -51.51 4.61 24.37
N ASN U 149 -51.76 4.04 23.20
CA ASN U 149 -51.02 2.87 22.76
C ASN U 149 -49.53 3.20 22.65
N PRO U 150 -48.64 2.38 23.20
CA PRO U 150 -47.22 2.63 23.00
C PRO U 150 -46.85 2.39 21.54
N SER U 151 -45.89 3.15 21.06
CA SER U 151 -45.42 2.97 19.68
C SER U 151 -44.03 3.56 19.55
N VAL U 152 -43.31 3.06 18.56
CA VAL U 152 -41.94 3.45 18.30
C VAL U 152 -41.88 4.16 16.95
N PHE U 153 -41.13 5.26 16.90
CA PHE U 153 -40.84 5.96 15.66
C PHE U 153 -39.34 5.87 15.42
N TRP U 154 -38.95 5.27 14.30
CA TRP U 154 -37.53 5.03 14.02
C TRP U 154 -37.20 5.44 12.59
N THR U 155 -36.11 6.17 12.43
CA THR U 155 -35.64 6.61 11.12
C THR U 155 -34.54 5.67 10.62
N GLU U 156 -34.57 5.37 9.33
CA GLU U 156 -33.60 4.44 8.77
C GLU U 156 -32.19 4.99 8.90
N GLY U 157 -31.23 4.06 9.04
CA GLY U 157 -29.82 4.41 9.13
C GLY U 157 -29.26 4.50 10.53
N ASN U 158 -30.06 4.24 11.55
CA ASN U 158 -29.65 4.32 12.95
C ASN U 158 -29.70 2.93 13.57
N ALA U 159 -29.31 2.86 14.83
CA ALA U 159 -29.33 1.58 15.53
C ALA U 159 -30.75 1.03 15.55
N PRO U 160 -30.94 -0.26 15.30
CA PRO U 160 -32.28 -0.83 15.33
C PRO U 160 -32.99 -0.46 16.61
N PRO U 161 -34.27 -0.10 16.55
CA PRO U 161 -34.99 0.25 17.77
C PRO U 161 -35.16 -0.97 18.68
N ARG U 162 -35.11 -0.69 19.98
CA ARG U 162 -35.17 -1.71 21.00
C ARG U 162 -36.10 -1.25 22.12
N MET U 163 -36.81 -2.22 22.70
CA MET U 163 -37.94 -1.91 23.58
C MET U 163 -38.17 -3.09 24.52
N SER U 164 -38.11 -2.85 25.83
CA SER U 164 -38.34 -3.92 26.80
C SER U 164 -39.80 -3.94 27.23
N ILE U 165 -40.28 -5.12 27.56
CA ILE U 165 -41.68 -5.31 27.94
C ILE U 165 -41.78 -6.29 29.11
N PRO U 166 -42.60 -5.98 30.14
CA PRO U 166 -42.70 -6.88 31.29
C PRO U 166 -43.43 -8.18 31.03
N PHE U 167 -43.69 -8.91 32.11
CA PHE U 167 -44.48 -10.14 32.08
C PHE U 167 -45.95 -9.80 31.91
N ILE U 168 -46.48 -10.04 30.72
CA ILE U 168 -47.76 -9.49 30.29
C ILE U 168 -48.89 -10.50 30.42
N SER U 169 -48.72 -11.52 31.25
CA SER U 169 -49.72 -12.58 31.30
C SER U 169 -50.76 -12.33 32.38
N ILE U 170 -51.91 -12.97 32.21
CA ILE U 170 -52.95 -12.92 33.23
C ILE U 170 -52.68 -13.94 34.32
N GLY U 171 -52.14 -15.10 33.93
CA GLY U 171 -51.78 -16.12 34.90
C GLY U 171 -50.44 -15.83 35.54
N ASN U 172 -50.07 -16.69 36.47
CA ASN U 172 -48.80 -16.55 37.18
C ASN U 172 -47.62 -17.05 36.37
N ALA U 173 -47.84 -17.44 35.12
CA ALA U 173 -46.76 -17.87 34.24
C ALA U 173 -47.33 -18.05 32.84
N TYR U 174 -46.49 -17.81 31.84
CA TYR U 174 -46.87 -18.11 30.47
C TYR U 174 -47.08 -19.62 30.32
N SER U 175 -48.08 -19.99 29.52
CA SER U 175 -48.40 -21.38 29.26
C SER U 175 -47.90 -21.75 27.87
N CYS U 176 -47.04 -22.76 27.78
CA CYS U 176 -46.57 -23.22 26.48
C CYS U 176 -47.50 -24.22 25.85
N PHE U 177 -48.29 -24.93 26.66
CA PHE U 177 -49.22 -25.93 26.15
C PHE U 177 -50.50 -25.84 26.96
N TYR U 178 -51.57 -26.39 26.39
CA TYR U 178 -52.89 -26.32 27.04
C TYR U 178 -53.71 -27.52 26.58
N ASP U 179 -53.85 -28.51 27.46
CA ASP U 179 -54.66 -29.69 27.18
C ASP U 179 -56.11 -29.43 27.59
N GLY U 180 -56.72 -28.47 26.88
CA GLY U 180 -58.08 -28.08 27.14
C GLY U 180 -58.67 -27.31 25.98
N TRP U 181 -59.85 -26.75 26.23
CA TRP U 181 -60.60 -26.02 25.21
C TRP U 181 -60.85 -24.59 25.68
N THR U 182 -61.37 -23.77 24.77
CA THR U 182 -61.70 -22.40 25.08
C THR U 182 -63.11 -22.26 25.65
N GLN U 183 -64.02 -23.15 25.28
CA GLN U 183 -65.40 -23.12 25.75
C GLN U 183 -65.59 -24.09 26.90
N PHE U 184 -66.40 -23.68 27.88
CA PHE U 184 -66.74 -24.56 28.99
C PHE U 184 -67.58 -25.74 28.55
N SER U 185 -68.11 -25.72 27.31
CA SER U 185 -68.87 -26.85 26.78
C SER U 185 -67.97 -27.94 26.20
N ARG U 186 -66.68 -27.90 26.47
CA ARG U 186 -65.74 -28.88 25.91
C ARG U 186 -65.86 -28.97 24.40
N ASN U 187 -66.02 -27.81 23.76
CA ASN U 187 -66.17 -27.75 22.31
C ASN U 187 -65.53 -26.47 21.81
N GLY U 188 -65.55 -26.30 20.51
CA GLY U 188 -64.98 -25.11 19.88
C GLY U 188 -63.49 -25.28 19.61
N VAL U 189 -62.67 -24.51 20.31
CA VAL U 189 -61.24 -24.43 20.04
C VAL U 189 -60.51 -25.35 21.02
N TYR U 190 -59.46 -26.00 20.53
CA TYR U 190 -58.61 -26.85 21.35
C TYR U 190 -57.16 -26.41 21.16
N GLY U 191 -56.54 -25.91 22.23
CA GLY U 191 -55.10 -25.76 22.24
C GLY U 191 -54.67 -24.44 22.85
N ILE U 192 -53.41 -24.10 22.58
CA ILE U 192 -52.81 -22.89 23.13
C ILE U 192 -53.38 -21.62 22.51
N ASN U 193 -54.14 -21.75 21.44
CA ASN U 193 -54.80 -20.62 20.82
C ASN U 193 -56.10 -20.24 21.52
N THR U 194 -56.41 -20.90 22.64
CA THR U 194 -57.45 -20.44 23.55
C THR U 194 -56.89 -19.52 24.61
N LEU U 195 -55.57 -19.47 24.74
CA LEU U 195 -54.87 -18.62 25.69
C LEU U 195 -54.20 -17.44 25.03
N ASN U 196 -53.55 -17.65 23.87
CA ASN U 196 -52.90 -16.56 23.17
C ASN U 196 -53.86 -15.40 22.90
N ASN U 197 -53.68 -14.29 23.60
CA ASN U 197 -54.47 -13.08 23.36
C ASN U 197 -53.60 -11.85 23.64
N MET U 198 -52.44 -11.79 23.00
CA MET U 198 -51.44 -10.77 23.32
C MET U 198 -51.57 -9.50 22.48
N GLY U 199 -52.60 -9.37 21.66
CA GLY U 199 -52.79 -8.17 20.87
C GLY U 199 -52.03 -8.19 19.57
N THR U 200 -52.19 -7.10 18.81
CA THR U 200 -51.65 -7.00 17.47
C THR U 200 -50.58 -5.92 17.39
N LEU U 201 -49.78 -5.99 16.33
CA LEU U 201 -48.66 -5.09 16.09
C LEU U 201 -48.70 -4.62 14.64
N TYR U 202 -48.84 -3.30 14.44
CA TYR U 202 -49.00 -2.70 13.12
C TYR U 202 -47.78 -1.86 12.76
N MET U 203 -47.56 -1.69 11.45
CA MET U 203 -46.37 -1.08 10.90
C MET U 203 -46.72 -0.19 9.72
N ARG U 204 -46.09 0.99 9.65
CA ARG U 204 -46.31 1.87 8.50
C ARG U 204 -45.10 2.75 8.27
N HIS U 205 -45.01 3.30 7.05
CA HIS U 205 -44.08 4.39 6.76
C HIS U 205 -44.73 5.70 7.19
N VAL U 206 -43.93 6.61 7.72
CA VAL U 206 -44.48 7.91 8.12
C VAL U 206 -44.45 8.89 6.97
N ASN U 207 -43.36 8.98 6.21
CA ASN U 207 -43.38 9.87 5.05
C ASN U 207 -44.11 9.22 3.88
N GLU U 208 -44.71 10.06 3.05
CA GLU U 208 -45.51 9.60 1.91
C GLU U 208 -44.74 9.77 0.60
N ALA U 209 -43.63 9.06 0.49
CA ALA U 209 -42.86 9.05 -0.75
C ALA U 209 -43.78 8.78 -1.93
N GLY U 210 -43.69 9.64 -2.94
CA GLY U 210 -44.56 9.51 -4.10
C GLY U 210 -43.81 9.30 -5.40
N GLN U 211 -42.63 9.91 -5.53
CA GLN U 211 -41.89 9.84 -6.78
C GLN U 211 -41.47 8.41 -7.12
N GLY U 212 -41.51 7.49 -6.16
CA GLY U 212 -41.09 6.13 -6.41
C GLY U 212 -41.54 5.18 -5.32
N PRO U 213 -41.93 3.97 -5.70
CA PRO U 213 -42.37 2.99 -4.70
C PRO U 213 -41.18 2.43 -3.95
N ILE U 214 -41.43 2.06 -2.70
CA ILE U 214 -40.40 1.58 -1.79
C ILE U 214 -41.02 0.48 -0.94
N LYS U 215 -40.38 -0.69 -0.88
CA LYS U 215 -40.91 -1.77 -0.07
C LYS U 215 -40.01 -1.99 1.14
N SER U 216 -40.61 -2.08 2.32
CA SER U 216 -39.87 -2.25 3.55
C SER U 216 -40.27 -3.55 4.22
N THR U 217 -39.33 -4.11 4.99
CA THR U 217 -39.49 -5.40 5.63
C THR U 217 -39.04 -5.25 7.08
N VAL U 218 -39.97 -5.43 8.00
CA VAL U 218 -39.69 -5.32 9.43
C VAL U 218 -39.57 -6.72 10.02
N ARG U 219 -38.52 -6.94 10.81
CA ARG U 219 -38.23 -8.22 11.43
C ARG U 219 -38.29 -8.05 12.94
N ILE U 220 -39.14 -8.85 13.59
CA ILE U 220 -39.33 -8.81 15.03
C ILE U 220 -38.35 -9.77 15.69
N TYR U 221 -37.69 -9.33 16.77
CA TYR U 221 -36.73 -10.16 17.48
C TYR U 221 -37.07 -10.16 18.97
N PHE U 222 -37.26 -11.36 19.51
CA PHE U 222 -37.52 -11.60 20.92
C PHE U 222 -36.24 -12.02 21.63
N LYS U 223 -36.04 -11.51 22.84
CA LYS U 223 -34.95 -11.95 23.70
C LYS U 223 -35.50 -12.06 25.12
N PRO U 224 -35.82 -13.27 25.58
CA PRO U 224 -36.33 -13.44 26.96
C PRO U 224 -35.27 -13.08 27.99
N LYS U 225 -35.60 -12.12 28.85
CA LYS U 225 -34.78 -11.71 29.97
C LYS U 225 -35.45 -12.17 31.27
N HIS U 226 -34.62 -12.43 32.29
CA HIS U 226 -35.09 -12.78 33.63
C HIS U 226 -36.08 -13.95 33.57
N VAL U 227 -35.56 -15.11 33.19
CA VAL U 227 -36.38 -16.26 32.84
C VAL U 227 -36.60 -17.15 34.05
N LYS U 228 -37.80 -17.74 34.12
CA LYS U 228 -38.16 -18.77 35.09
C LYS U 228 -38.93 -19.85 34.34
N ALA U 229 -38.49 -21.10 34.45
CA ALA U 229 -39.10 -22.19 33.71
C ALA U 229 -39.58 -23.29 34.66
N TRP U 230 -40.59 -24.04 34.22
CA TRP U 230 -41.16 -25.11 35.01
C TRP U 230 -41.49 -26.30 34.12
N VAL U 231 -41.50 -27.48 34.74
CA VAL U 231 -42.02 -28.70 34.14
C VAL U 231 -41.41 -28.92 32.76
N PRO U 232 -40.17 -29.39 32.67
CA PRO U 232 -39.59 -29.67 31.35
C PRO U 232 -40.29 -30.87 30.70
N ARG U 233 -40.28 -30.88 29.38
CA ARG U 233 -40.97 -31.88 28.59
C ARG U 233 -40.11 -32.27 27.41
N PRO U 234 -40.41 -33.40 26.77
CA PRO U 234 -39.51 -33.92 25.73
C PRO U 234 -39.33 -32.91 24.61
N PRO U 235 -38.13 -32.82 24.03
CA PRO U 235 -37.93 -31.91 22.90
C PRO U 235 -38.80 -32.31 21.72
N ARG U 236 -39.12 -31.32 20.88
CA ARG U 236 -39.89 -31.57 19.68
C ARG U 236 -39.16 -32.54 18.76
N LEU U 237 -39.84 -33.60 18.35
CA LEU U 237 -39.28 -34.60 17.45
C LEU U 237 -39.80 -34.42 16.03
N CYS U 238 -41.12 -34.47 15.85
CA CYS U 238 -41.70 -34.29 14.54
C CYS U 238 -41.75 -32.80 14.20
N GLN U 239 -41.55 -32.49 12.92
CA GLN U 239 -41.54 -31.11 12.48
C GLN U 239 -42.90 -30.45 12.73
N TYR U 240 -42.86 -29.15 12.99
CA TYR U 240 -44.07 -28.39 13.23
C TYR U 240 -44.92 -28.29 11.96
N GLU U 241 -46.23 -28.25 12.16
CA GLU U 241 -47.18 -28.17 11.05
C GLU U 241 -48.01 -26.90 11.05
N LYS U 242 -48.49 -26.46 12.21
CA LYS U 242 -49.34 -25.29 12.32
C LYS U 242 -48.94 -24.48 13.54
N GLN U 243 -49.16 -23.17 13.47
CA GLN U 243 -48.76 -22.28 14.55
C GLN U 243 -49.71 -22.32 15.74
N LYS U 244 -50.94 -22.79 15.56
CA LYS U 244 -51.96 -22.69 16.60
C LYS U 244 -52.26 -24.02 17.28
N ASN U 245 -51.48 -25.06 17.01
CA ASN U 245 -51.77 -26.36 17.59
C ASN U 245 -50.54 -27.26 17.48
N VAL U 246 -50.60 -28.37 18.22
CA VAL U 246 -49.50 -29.33 18.26
C VAL U 246 -49.47 -30.28 17.08
N ASN U 247 -50.48 -30.21 16.20
CA ASN U 247 -50.64 -31.18 15.13
C ASN U 247 -49.30 -31.51 14.49
N PHE U 248 -49.04 -32.80 14.35
CA PHE U 248 -47.80 -33.31 13.82
C PHE U 248 -48.09 -34.47 12.88
N THR U 249 -47.15 -34.75 11.99
CA THR U 249 -47.20 -35.97 11.19
C THR U 249 -46.15 -36.93 11.73
N PRO U 250 -46.51 -38.16 12.08
CA PRO U 250 -45.57 -39.03 12.79
C PRO U 250 -44.25 -39.20 12.03
N THR U 251 -43.15 -39.16 12.80
CA THR U 251 -41.81 -39.35 12.29
C THR U 251 -41.13 -40.43 13.12
N GLY U 252 -40.03 -40.97 12.58
CA GLY U 252 -39.31 -42.00 13.29
C GLY U 252 -38.66 -41.49 14.57
N VAL U 253 -38.27 -42.44 15.42
CA VAL U 253 -37.70 -42.09 16.72
C VAL U 253 -36.30 -41.50 16.56
N THR U 254 -35.50 -42.05 15.65
CA THR U 254 -34.15 -41.54 15.46
C THR U 254 -33.63 -41.98 14.10
N THR U 255 -32.47 -41.43 13.73
CA THR U 255 -31.80 -41.87 12.51
C THR U 255 -31.45 -43.36 12.65
N THR U 256 -31.31 -44.03 11.51
CA THR U 256 -31.15 -45.48 11.49
C THR U 256 -29.73 -45.87 11.12
N ARG U 257 -29.32 -47.02 11.63
CA ARG U 257 -28.08 -47.70 11.23
C ARG U 257 -28.44 -49.11 10.79
N VAL U 258 -27.42 -49.86 10.40
CA VAL U 258 -27.63 -51.18 9.82
C VAL U 258 -28.02 -52.17 10.91
N GLY U 259 -27.11 -52.46 11.84
CA GLY U 259 -27.35 -53.42 12.89
C GLY U 259 -27.03 -52.85 14.26
N ILE U 260 -27.46 -53.58 15.29
CA ILE U 260 -27.18 -53.18 16.67
C ILE U 260 -25.69 -53.23 16.95
N THR U 261 -24.93 -54.02 16.20
CA THR U 261 -23.49 -54.12 16.35
C THR U 261 -22.73 -53.21 15.39
N THR U 262 -23.44 -52.40 14.61
CA THR U 262 -22.83 -51.63 13.52
C THR U 262 -22.30 -50.32 14.08
N THR U 263 -20.98 -50.15 14.05
CA THR U 263 -20.34 -48.95 14.54
C THR U 263 -19.91 -48.06 13.38
N ARG V 14 -47.54 -49.45 54.34
CA ARG V 14 -47.91 -50.22 53.16
C ARG V 14 -49.39 -50.07 52.84
N SER V 15 -50.16 -49.59 53.82
CA SER V 15 -51.61 -49.52 53.69
C SER V 15 -52.10 -48.22 53.05
N ILE V 16 -51.41 -47.10 53.28
CA ILE V 16 -51.73 -45.84 52.61
C ILE V 16 -53.02 -45.26 53.18
N THR V 17 -54.15 -45.91 52.91
CA THR V 17 -55.40 -45.65 53.60
C THR V 17 -55.83 -44.20 53.51
N LEU V 18 -56.35 -43.81 52.35
CA LEU V 18 -56.98 -42.50 52.16
C LEU V 18 -58.49 -42.64 52.28
N GLY V 19 -59.10 -41.73 53.04
CA GLY V 19 -60.53 -41.78 53.24
C GLY V 19 -60.96 -43.13 53.75
N ASN V 20 -62.10 -43.61 53.25
CA ASN V 20 -62.60 -44.94 53.56
C ASN V 20 -61.99 -46.01 52.67
N SER V 21 -60.84 -45.74 52.06
CA SER V 21 -60.22 -46.66 51.11
C SER V 21 -58.78 -46.93 51.53
N THR V 22 -58.28 -48.11 51.16
CA THR V 22 -56.98 -48.57 51.60
C THR V 22 -56.41 -49.50 50.54
N ILE V 23 -55.33 -49.08 49.88
CA ILE V 23 -54.65 -49.89 48.87
C ILE V 23 -53.33 -50.38 49.44
N THR V 24 -52.84 -51.51 48.92
CA THR V 24 -51.63 -52.16 49.42
C THR V 24 -50.51 -52.13 48.40
N THR V 25 -49.28 -51.98 48.90
CA THR V 25 -48.09 -51.99 48.06
C THR V 25 -47.06 -52.89 48.76
N GLN V 26 -45.78 -52.65 48.49
CA GLN V 26 -44.68 -53.33 49.17
C GLN V 26 -43.73 -52.28 49.72
N GLU V 27 -42.98 -52.64 50.77
CA GLU V 27 -42.05 -51.70 51.38
C GLU V 27 -40.97 -51.28 50.39
N CYS V 28 -40.40 -52.24 49.67
CA CYS V 28 -39.33 -51.91 48.73
C CYS V 28 -39.84 -51.01 47.62
N ALA V 29 -41.10 -51.17 47.20
CA ALA V 29 -41.67 -50.36 46.13
C ALA V 29 -41.76 -48.90 46.59
N ASN V 30 -40.98 -48.03 45.95
CA ASN V 30 -40.92 -46.63 46.32
C ASN V 30 -42.01 -45.84 45.61
N VAL V 31 -42.57 -44.87 46.32
CA VAL V 31 -43.59 -43.99 45.78
C VAL V 31 -42.89 -42.78 45.18
N VAL V 32 -43.24 -42.45 43.93
CA VAL V 32 -42.64 -41.30 43.26
C VAL V 32 -43.51 -40.09 43.52
N VAL V 33 -42.97 -39.10 44.21
CA VAL V 33 -43.73 -37.90 44.60
C VAL V 33 -43.45 -36.83 43.55
N GLY V 34 -44.25 -36.86 42.48
CA GLY V 34 -44.27 -35.83 41.46
C GLY V 34 -42.97 -35.10 41.21
N TYR V 35 -43.04 -33.79 41.22
CA TYR V 35 -41.87 -32.94 41.03
C TYR V 35 -41.25 -32.57 42.36
N GLY V 36 -41.07 -33.57 43.22
CA GLY V 36 -40.57 -33.31 44.55
C GLY V 36 -41.53 -32.57 45.44
N VAL V 37 -42.79 -32.44 45.04
CA VAL V 37 -43.78 -31.68 45.79
C VAL V 37 -44.91 -32.62 46.20
N TRP V 38 -45.26 -32.59 47.48
CA TRP V 38 -46.41 -33.33 47.99
C TRP V 38 -47.66 -32.44 47.90
N PRO V 39 -48.80 -32.98 47.48
CA PRO V 39 -50.00 -32.13 47.33
C PRO V 39 -50.34 -31.40 48.63
N GLU V 40 -50.71 -30.13 48.48
CA GLU V 40 -51.09 -29.30 49.61
C GLU V 40 -52.23 -28.39 49.17
N TYR V 41 -52.91 -27.81 50.15
CA TYR V 41 -54.00 -26.89 49.86
C TYR V 41 -53.46 -25.54 49.39
N LEU V 42 -54.35 -24.70 48.89
CA LEU V 42 -53.95 -23.41 48.36
C LEU V 42 -53.77 -22.41 49.50
N LYS V 43 -52.63 -21.71 49.49
CA LYS V 43 -52.36 -20.70 50.49
C LYS V 43 -53.14 -19.43 50.20
N ASP V 44 -53.34 -18.62 51.25
CA ASP V 44 -54.04 -17.36 51.07
C ASP V 44 -53.23 -16.35 50.27
N ASN V 45 -51.91 -16.55 50.15
CA ASN V 45 -51.07 -15.63 49.41
C ASN V 45 -51.00 -15.95 47.91
N GLU V 46 -51.19 -17.21 47.52
CA GLU V 46 -51.22 -17.60 46.13
C GLU V 46 -52.63 -17.61 45.54
N ALA V 47 -53.65 -17.31 46.33
CA ALA V 47 -55.03 -17.45 45.91
C ALA V 47 -55.55 -16.16 45.27
N THR V 48 -56.55 -16.32 44.41
CA THR V 48 -57.28 -15.20 43.80
C THR V 48 -58.78 -15.31 44.01
N ALA V 49 -59.34 -16.50 43.90
CA ALA V 49 -60.77 -16.70 44.15
C ALA V 49 -61.10 -16.27 45.57
N GLU V 50 -62.01 -15.30 45.71
CA GLU V 50 -62.27 -14.68 46.99
C GLU V 50 -63.40 -15.33 47.78
N ASP V 51 -64.12 -16.28 47.20
CA ASP V 51 -65.14 -16.99 47.94
C ASP V 51 -64.51 -18.15 48.71
N GLN V 52 -65.08 -18.43 49.88
CA GLN V 52 -64.51 -19.45 50.77
C GLN V 52 -64.65 -20.83 50.14
N PRO V 53 -63.57 -21.58 49.94
CA PRO V 53 -63.67 -22.85 49.22
C PRO V 53 -64.34 -23.94 50.04
N THR V 54 -64.84 -24.95 49.34
CA THR V 54 -65.37 -26.17 49.95
C THR V 54 -64.33 -27.27 49.85
N GLN V 55 -64.11 -27.97 50.96
CA GLN V 55 -63.10 -29.03 51.05
C GLN V 55 -63.81 -30.29 51.55
N PRO V 56 -64.25 -31.15 50.63
CA PRO V 56 -65.05 -32.32 51.05
C PRO V 56 -64.27 -33.31 51.89
N ASP V 57 -62.94 -33.25 51.90
CA ASP V 57 -62.15 -34.15 52.73
C ASP V 57 -62.32 -35.59 52.24
N VAL V 58 -62.92 -36.47 53.06
CA VAL V 58 -62.95 -37.89 52.71
C VAL V 58 -63.82 -38.12 51.47
N ALA V 59 -65.01 -37.51 51.44
CA ALA V 59 -65.96 -37.77 50.36
C ALA V 59 -65.33 -37.60 48.99
N THR V 60 -64.35 -36.70 48.87
CA THR V 60 -63.68 -36.45 47.61
C THR V 60 -62.29 -37.08 47.56
N CYS V 61 -61.50 -36.93 48.62
CA CYS V 61 -60.14 -37.44 48.66
C CYS V 61 -60.18 -38.91 49.07
N ARG V 62 -60.38 -39.80 48.09
CA ARG V 62 -60.48 -41.23 48.33
C ARG V 62 -60.10 -41.96 47.04
N PHE V 63 -59.89 -43.27 47.16
CA PHE V 63 -59.36 -44.09 46.07
C PHE V 63 -60.49 -44.55 45.14
N TYR V 64 -60.62 -43.90 43.99
CA TYR V 64 -61.53 -44.34 42.93
C TYR V 64 -60.76 -45.23 41.95
N THR V 65 -61.21 -46.47 41.80
CA THR V 65 -60.61 -47.43 40.87
C THR V 65 -61.41 -47.45 39.57
N LEU V 66 -60.75 -47.07 38.47
CA LEU V 66 -61.39 -46.97 37.16
C LEU V 66 -61.59 -48.35 36.55
N GLU V 67 -62.12 -48.37 35.32
CA GLU V 67 -62.32 -49.62 34.62
C GLU V 67 -60.98 -50.31 34.38
N SER V 68 -61.00 -51.64 34.41
CA SER V 68 -59.82 -52.42 34.12
C SER V 68 -59.66 -52.58 32.61
N VAL V 69 -58.40 -52.73 32.17
CA VAL V 69 -58.11 -52.99 30.77
C VAL V 69 -57.25 -54.25 30.71
N GLN V 70 -57.19 -54.86 29.52
CA GLN V 70 -56.40 -56.07 29.33
C GLN V 70 -55.09 -55.72 28.63
N TRP V 71 -53.99 -56.21 29.17
CA TRP V 71 -52.67 -56.11 28.53
C TRP V 71 -52.54 -57.30 27.59
N MET V 72 -52.49 -57.02 26.29
CA MET V 72 -52.37 -58.05 25.27
C MET V 72 -50.97 -58.05 24.69
N LYS V 73 -50.65 -59.12 23.97
CA LYS V 73 -49.35 -59.20 23.31
C LYS V 73 -49.18 -58.14 22.24
N ASN V 74 -50.29 -57.54 21.79
CA ASN V 74 -50.25 -56.51 20.77
C ASN V 74 -50.55 -55.12 21.32
N SER V 75 -51.06 -55.01 22.54
CA SER V 75 -51.48 -53.72 23.06
C SER V 75 -50.36 -52.69 22.97
N ALA V 76 -50.71 -51.49 22.48
CA ALA V 76 -49.75 -50.42 22.31
C ALA V 76 -49.68 -49.49 23.51
N GLY V 77 -50.79 -49.27 24.20
CA GLY V 77 -50.80 -48.43 25.38
C GLY V 77 -52.16 -47.80 25.58
N TRP V 78 -52.30 -47.15 26.74
CA TRP V 78 -53.56 -46.54 27.15
C TRP V 78 -53.30 -45.17 27.75
N TRP V 79 -54.33 -44.34 27.75
CA TRP V 79 -54.23 -43.04 28.40
C TRP V 79 -55.58 -42.62 28.95
N TRP V 80 -55.53 -41.83 30.02
CA TRP V 80 -56.67 -41.21 30.67
C TRP V 80 -56.40 -39.73 30.85
N LYS V 81 -57.40 -38.90 30.56
CA LYS V 81 -57.36 -37.50 30.99
C LYS V 81 -57.82 -37.44 32.43
N LEU V 82 -57.06 -36.74 33.29
CA LEU V 82 -57.21 -36.97 34.73
C LEU V 82 -58.52 -36.40 35.27
N PRO V 83 -58.76 -35.09 35.23
CA PRO V 83 -60.06 -34.60 35.74
C PRO V 83 -61.24 -35.32 35.11
N ASP V 84 -61.16 -35.60 33.80
CA ASP V 84 -62.24 -36.25 33.08
C ASP V 84 -62.18 -37.77 33.18
N ALA V 85 -61.38 -38.32 34.09
CA ALA V 85 -61.46 -39.74 34.44
C ALA V 85 -62.30 -39.97 35.68
N LEU V 86 -62.15 -39.10 36.67
CA LEU V 86 -62.97 -39.10 37.87
C LEU V 86 -64.13 -38.12 37.77
N SER V 87 -64.34 -37.52 36.60
CA SER V 87 -65.46 -36.60 36.42
C SER V 87 -66.80 -37.23 36.78
N GLN V 88 -66.94 -38.54 36.59
CA GLN V 88 -68.19 -39.23 36.85
C GLN V 88 -68.13 -40.09 38.11
N MET V 89 -67.10 -39.94 38.93
CA MET V 89 -66.89 -40.78 40.11
C MET V 89 -67.35 -40.03 41.35
N GLY V 90 -68.58 -40.33 41.80
CA GLY V 90 -69.02 -39.93 43.12
C GLY V 90 -69.02 -38.44 43.37
N LEU V 91 -68.83 -38.09 44.64
CA LEU V 91 -68.94 -36.70 45.06
C LEU V 91 -67.80 -35.86 44.53
N PHE V 92 -66.66 -36.46 44.17
CA PHE V 92 -65.67 -35.72 43.40
C PHE V 92 -66.32 -35.14 42.16
N GLY V 93 -67.01 -36.00 41.40
CA GLY V 93 -67.69 -35.53 40.20
C GLY V 93 -68.79 -34.54 40.50
N GLN V 94 -69.53 -34.76 41.59
CA GLN V 94 -70.61 -33.83 41.91
C GLN V 94 -70.07 -32.43 42.23
N ASN V 95 -69.06 -32.35 43.10
CA ASN V 95 -68.42 -31.05 43.35
C ASN V 95 -67.89 -30.46 42.05
N MET V 96 -67.30 -31.30 41.20
CA MET V 96 -66.79 -30.84 39.91
C MET V 96 -67.89 -30.20 39.08
N GLN V 97 -69.09 -30.78 39.11
CA GLN V 97 -70.19 -30.23 38.33
C GLN V 97 -70.70 -28.93 38.94
N TYR V 98 -70.77 -28.86 40.28
CA TYR V 98 -71.41 -27.72 40.92
C TYR V 98 -70.50 -26.52 41.12
N HIS V 99 -69.20 -26.64 40.89
CA HIS V 99 -68.29 -25.52 41.12
C HIS V 99 -67.62 -25.07 39.84
N TYR V 100 -67.37 -23.76 39.74
CA TYR V 100 -66.70 -23.19 38.58
C TYR V 100 -65.19 -23.43 38.62
N LEU V 101 -64.58 -23.41 39.80
CA LEU V 101 -63.13 -23.55 39.93
C LEU V 101 -62.79 -24.73 40.84
N GLY V 102 -61.71 -25.43 40.50
CA GLY V 102 -61.27 -26.58 41.26
C GLY V 102 -59.77 -26.72 41.25
N ARG V 103 -59.25 -27.41 42.26
CA ARG V 103 -57.82 -27.60 42.41
C ARG V 103 -57.58 -28.91 43.14
N THR V 104 -56.75 -29.79 42.55
CA THR V 104 -56.59 -31.13 43.08
C THR V 104 -55.22 -31.68 42.75
N GLY V 105 -54.66 -32.45 43.70
CA GLY V 105 -53.57 -33.36 43.41
C GLY V 105 -54.10 -34.79 43.33
N TYR V 106 -53.23 -35.71 42.97
CA TYR V 106 -53.66 -37.10 42.83
C TYR V 106 -52.65 -38.05 43.43
N THR V 107 -53.14 -39.24 43.80
CA THR V 107 -52.32 -40.40 44.08
C THR V 107 -52.77 -41.48 43.10
N ILE V 108 -51.90 -41.84 42.16
CA ILE V 108 -52.23 -42.77 41.09
C ILE V 108 -51.52 -44.08 41.36
N HIS V 109 -52.28 -45.18 41.31
CA HIS V 109 -51.82 -46.52 41.68
C HIS V 109 -52.20 -47.44 40.52
N VAL V 110 -51.23 -47.77 39.69
CA VAL V 110 -51.45 -48.68 38.56
C VAL V 110 -51.06 -50.09 39.02
N GLN V 111 -52.03 -51.01 39.01
CA GLN V 111 -51.85 -52.35 39.56
C GLN V 111 -51.92 -53.35 38.42
N CYS V 112 -50.85 -54.14 38.26
CA CYS V 112 -50.83 -55.25 37.32
C CYS V 112 -50.03 -56.37 37.95
N ASN V 113 -50.58 -57.58 37.97
CA ASN V 113 -49.90 -58.69 38.61
C ASN V 113 -49.91 -59.92 37.72
N ALA V 114 -48.73 -60.50 37.53
CA ALA V 114 -48.58 -61.74 36.78
C ALA V 114 -47.79 -62.70 37.67
N SER V 115 -47.24 -63.75 37.07
CA SER V 115 -46.44 -64.73 37.77
C SER V 115 -44.99 -64.66 37.28
N LYS V 116 -44.13 -65.47 37.88
CA LYS V 116 -42.73 -65.49 37.48
C LYS V 116 -42.56 -65.95 36.03
N PHE V 117 -43.53 -66.68 35.49
CA PHE V 117 -43.43 -67.23 34.14
C PHE V 117 -43.92 -66.26 33.07
N HIS V 118 -44.37 -65.06 33.45
CA HIS V 118 -44.72 -64.00 32.52
C HIS V 118 -43.59 -62.98 32.47
N GLN V 119 -43.62 -62.13 31.44
CA GLN V 119 -42.61 -61.08 31.30
C GLN V 119 -43.22 -59.92 30.54
N GLY V 120 -42.66 -58.74 30.76
CA GLY V 120 -43.14 -57.53 30.16
C GLY V 120 -42.77 -56.32 31.00
N CYS V 121 -42.94 -55.14 30.41
CA CYS V 121 -42.60 -53.91 31.11
C CYS V 121 -43.45 -52.76 30.60
N LEU V 122 -44.10 -52.07 31.54
CA LEU V 122 -44.94 -50.91 31.28
C LEU V 122 -44.24 -49.66 31.79
N LEU V 123 -44.39 -48.55 31.07
CA LEU V 123 -44.05 -47.23 31.55
C LEU V 123 -45.34 -46.57 32.02
N VAL V 124 -45.39 -46.16 33.28
CA VAL V 124 -46.53 -45.47 33.85
C VAL V 124 -46.09 -44.04 34.11
N VAL V 125 -46.59 -43.10 33.32
CA VAL V 125 -46.14 -41.71 33.39
C VAL V 125 -47.35 -40.81 33.58
N CYS V 126 -47.10 -39.65 34.21
CA CYS V 126 -48.12 -38.63 34.41
C CYS V 126 -47.67 -37.37 33.69
N VAL V 127 -48.28 -37.10 32.54
CA VAL V 127 -47.90 -35.97 31.69
C VAL V 127 -48.77 -34.78 32.07
N PRO V 128 -48.22 -33.71 32.65
CA PRO V 128 -48.99 -32.48 32.81
C PRO V 128 -49.09 -31.75 31.47
N GLU V 129 -50.30 -31.32 31.12
CA GLU V 129 -50.56 -30.61 29.87
C GLU V 129 -50.18 -31.49 28.68
N ALA V 130 -50.85 -32.63 28.58
CA ALA V 130 -50.63 -33.55 27.45
C ALA V 130 -51.50 -33.12 26.27
N GLU V 131 -51.12 -31.98 25.69
CA GLU V 131 -51.80 -31.48 24.50
C GLU V 131 -51.44 -32.37 23.32
N MET V 132 -52.45 -32.95 22.69
CA MET V 132 -52.26 -33.99 21.69
C MET V 132 -52.60 -33.46 20.30
N GLY V 133 -51.94 -34.01 19.29
CA GLY V 133 -52.10 -33.57 17.92
C GLY V 133 -53.12 -34.40 17.15
N CYS V 134 -53.46 -33.90 15.98
CA CYS V 134 -54.46 -34.49 15.11
C CYS V 134 -53.80 -35.20 13.94
N SER V 135 -54.59 -36.03 13.25
CA SER V 135 -54.12 -36.65 12.01
C SER V 135 -54.33 -35.73 10.82
N ASN V 136 -55.51 -35.12 10.73
CA ASN V 136 -55.75 -34.08 9.74
C ASN V 136 -55.20 -32.77 10.28
N LEU V 137 -54.11 -32.28 9.69
CA LEU V 137 -53.36 -31.19 10.27
C LEU V 137 -54.13 -29.88 10.31
N ASN V 138 -55.27 -29.79 9.64
CA ASN V 138 -56.08 -28.58 9.64
C ASN V 138 -57.19 -28.62 10.68
N ASN V 139 -57.15 -29.57 11.61
CA ASN V 139 -58.20 -29.71 12.61
C ASN V 139 -57.58 -30.13 13.94
N THR V 140 -58.29 -29.81 15.02
CA THR V 140 -57.90 -30.30 16.34
C THR V 140 -58.76 -31.49 16.71
N PRO V 141 -58.21 -32.48 17.40
CA PRO V 141 -58.99 -33.68 17.71
C PRO V 141 -60.25 -33.33 18.50
N GLU V 142 -61.20 -34.25 18.50
CA GLU V 142 -62.48 -34.01 19.15
C GLU V 142 -62.44 -34.46 20.61
N PHE V 143 -63.28 -33.83 21.42
CA PHE V 143 -63.25 -34.07 22.86
C PHE V 143 -63.43 -35.55 23.18
N ALA V 144 -64.36 -36.23 22.50
CA ALA V 144 -64.58 -37.64 22.77
C ALA V 144 -63.36 -38.47 22.39
N GLU V 145 -62.61 -38.04 21.36
CA GLU V 145 -61.41 -38.77 20.97
C GLU V 145 -60.30 -38.60 21.98
N LEU V 146 -60.15 -37.40 22.55
CA LEU V 146 -59.11 -37.19 23.55
C LEU V 146 -59.47 -37.81 24.89
N SER V 147 -60.75 -37.80 25.25
CA SER V 147 -61.19 -38.11 26.60
C SER V 147 -62.03 -39.38 26.64
N GLY V 148 -61.75 -40.22 27.63
CA GLY V 148 -62.64 -41.30 27.98
C GLY V 148 -62.60 -41.52 29.48
N GLY V 149 -63.59 -40.99 30.18
CA GLY V 149 -63.56 -41.04 31.63
C GLY V 149 -63.64 -42.44 32.17
N ASP V 150 -64.80 -43.07 31.98
CA ASP V 150 -64.98 -44.45 32.42
C ASP V 150 -64.06 -45.40 31.65
N THR V 151 -63.76 -45.10 30.39
CA THR V 151 -63.06 -46.03 29.51
C THR V 151 -61.82 -45.36 28.91
N ALA V 152 -60.65 -45.87 29.29
CA ALA V 152 -59.38 -45.36 28.79
C ALA V 152 -59.36 -45.35 27.27
N ARG V 153 -58.72 -44.34 26.69
CA ARG V 153 -58.49 -44.33 25.26
C ARG V 153 -57.16 -45.02 24.96
N MET V 154 -57.04 -45.56 23.75
CA MET V 154 -55.93 -46.42 23.40
C MET V 154 -55.00 -45.76 22.41
N PHE V 155 -53.71 -46.06 22.53
CA PHE V 155 -52.74 -45.75 21.49
C PHE V 155 -52.77 -46.84 20.42
N THR V 156 -52.12 -46.56 19.29
CA THR V 156 -52.13 -47.49 18.17
C THR V 156 -50.71 -47.92 17.79
N ASP V 157 -50.65 -49.04 17.10
CA ASP V 157 -49.39 -49.59 16.61
C ASP V 157 -48.91 -48.93 15.33
N THR V 158 -49.76 -48.19 14.63
CA THR V 158 -49.42 -47.62 13.34
C THR V 158 -49.93 -46.18 13.25
N GLN V 159 -49.47 -45.48 12.22
CA GLN V 159 -49.99 -44.13 11.95
C GLN V 159 -51.47 -44.21 11.66
N ILE V 160 -52.25 -43.34 12.31
CA ILE V 160 -53.68 -43.32 12.02
C ILE V 160 -53.89 -42.66 10.65
N GLY V 161 -55.07 -42.88 10.09
CA GLY V 161 -55.33 -42.45 8.73
C GLY V 161 -55.00 -40.99 8.51
N GLU V 162 -54.46 -40.67 7.33
CA GLU V 162 -54.03 -39.31 7.04
C GLU V 162 -55.19 -38.33 7.13
N THR V 163 -56.32 -38.67 6.50
CA THR V 163 -57.51 -37.84 6.51
C THR V 163 -58.62 -38.62 7.19
N ASN V 164 -58.65 -38.55 8.53
CA ASN V 164 -59.71 -39.13 9.33
C ASN V 164 -60.54 -38.05 10.03
N SER V 165 -60.52 -36.83 9.51
CA SER V 165 -61.29 -35.74 10.11
C SER V 165 -60.74 -35.42 11.50
N LYS V 166 -61.56 -35.44 12.53
CA LYS V 166 -61.12 -35.06 13.88
C LYS V 166 -60.76 -36.31 14.67
N LYS V 167 -59.47 -36.65 14.68
CA LYS V 167 -58.98 -37.82 15.40
C LYS V 167 -57.59 -37.52 15.96
N VAL V 168 -57.20 -38.29 16.98
CA VAL V 168 -55.93 -38.08 17.66
C VAL V 168 -54.87 -38.95 17.01
N GLN V 169 -53.71 -38.36 16.69
CA GLN V 169 -52.61 -39.10 16.11
C GLN V 169 -52.03 -40.02 17.16
N THR V 170 -52.60 -41.21 17.29
CA THR V 170 -52.33 -42.10 18.41
C THR V 170 -51.11 -43.00 18.20
N ALA V 171 -50.26 -42.69 17.20
CA ALA V 171 -49.06 -43.48 16.99
C ALA V 171 -48.19 -43.46 18.25
N VAL V 172 -47.97 -44.64 18.83
CA VAL V 172 -47.41 -44.71 20.17
C VAL V 172 -46.00 -44.10 20.21
N TRP V 173 -45.17 -44.38 19.21
CA TRP V 173 -43.78 -43.95 19.29
C TRP V 173 -43.62 -42.43 19.26
N ASN V 174 -44.71 -41.68 19.11
CA ASN V 174 -44.68 -40.23 19.26
C ASN V 174 -45.58 -39.74 20.39
N ALA V 175 -46.28 -40.64 21.08
CA ALA V 175 -47.10 -40.31 22.24
C ALA V 175 -48.21 -39.32 21.91
N GLY V 176 -48.52 -39.14 20.63
CA GLY V 176 -49.55 -38.20 20.23
C GLY V 176 -49.24 -36.75 20.53
N MET V 177 -47.98 -36.44 20.84
CA MET V 177 -47.56 -35.07 21.14
C MET V 177 -46.39 -34.63 20.27
N GLY V 178 -46.00 -35.43 19.27
CA GLY V 178 -44.92 -35.06 18.40
C GLY V 178 -43.54 -35.15 19.02
N VAL V 179 -43.37 -35.98 20.05
CA VAL V 179 -42.09 -36.13 20.73
C VAL V 179 -41.60 -37.56 20.57
N GLY V 180 -40.41 -37.84 21.10
CA GLY V 180 -39.93 -39.21 21.18
C GLY V 180 -40.40 -39.89 22.44
N VAL V 181 -41.18 -40.98 22.30
CA VAL V 181 -41.73 -41.63 23.48
C VAL V 181 -40.63 -42.04 24.44
N GLY V 182 -39.44 -42.32 23.92
CA GLY V 182 -38.32 -42.68 24.76
C GLY V 182 -37.81 -41.57 25.65
N ASN V 183 -38.37 -40.36 25.54
CA ASN V 183 -38.00 -39.25 26.40
C ASN V 183 -39.15 -38.81 27.30
N LEU V 184 -40.25 -39.56 27.33
CA LEU V 184 -41.34 -39.25 28.25
C LEU V 184 -40.91 -39.31 29.70
N THR V 185 -39.74 -39.87 29.98
CA THR V 185 -39.27 -40.06 31.34
C THR V 185 -39.06 -38.74 32.08
N ILE V 186 -39.03 -37.61 31.38
CA ILE V 186 -38.89 -36.32 32.07
C ILE V 186 -40.08 -36.08 32.98
N TYR V 187 -41.26 -36.52 32.56
CA TYR V 187 -42.43 -36.43 33.42
C TYR V 187 -42.33 -37.48 34.52
N PRO V 188 -42.91 -37.21 35.70
CA PRO V 188 -42.91 -38.21 36.77
C PRO V 188 -43.46 -39.55 36.29
N HIS V 189 -42.78 -40.63 36.68
CA HIS V 189 -43.05 -41.93 36.09
C HIS V 189 -42.51 -43.03 36.98
N GLN V 190 -43.00 -44.24 36.72
CA GLN V 190 -42.41 -45.48 37.23
C GLN V 190 -42.47 -46.53 36.13
N TRP V 191 -41.82 -47.65 36.38
CA TRP V 191 -41.87 -48.79 35.48
C TRP V 191 -42.49 -49.98 36.22
N ILE V 192 -43.40 -50.66 35.54
CA ILE V 192 -43.92 -51.94 36.03
C ILE V 192 -43.24 -53.00 35.17
N ASN V 193 -42.09 -53.50 35.64
CA ASN V 193 -41.42 -54.63 35.03
C ASN V 193 -41.92 -55.89 35.72
N LEU V 194 -42.72 -56.68 35.01
CA LEU V 194 -43.34 -57.86 35.63
C LEU V 194 -42.29 -58.73 36.31
N ARG V 195 -41.05 -58.70 35.82
CA ARG V 195 -39.99 -59.45 36.49
C ARG V 195 -39.86 -59.05 37.95
N THR V 196 -39.91 -57.74 38.23
CA THR V 196 -39.61 -57.24 39.56
C THR V 196 -40.65 -56.28 40.10
N ASN V 197 -41.80 -56.12 39.45
CA ASN V 197 -42.75 -55.10 39.84
C ASN V 197 -44.17 -55.61 39.71
N ASN V 198 -45.05 -55.08 40.57
CA ASN V 198 -46.45 -55.45 40.61
C ASN V 198 -47.40 -54.26 40.54
N SER V 199 -46.94 -53.07 40.90
CA SER V 199 -47.76 -51.87 40.85
C SER V 199 -46.84 -50.67 40.87
N ALA V 200 -47.43 -49.50 40.62
CA ALA V 200 -46.69 -48.25 40.61
C ALA V 200 -47.54 -47.17 41.27
N THR V 201 -46.90 -46.37 42.12
CA THR V 201 -47.58 -45.31 42.87
C THR V 201 -46.87 -43.98 42.62
N ILE V 202 -47.62 -43.03 42.08
CA ILE V 202 -47.12 -41.69 41.80
C ILE V 202 -48.07 -40.69 42.42
N VAL V 203 -47.56 -39.83 43.28
CA VAL V 203 -48.34 -38.79 43.93
C VAL V 203 -48.03 -37.48 43.21
N MET V 204 -48.99 -37.00 42.41
CA MET V 204 -48.82 -35.79 41.61
C MET V 204 -49.40 -34.59 42.33
N PRO V 205 -48.66 -33.48 42.41
CA PRO V 205 -49.23 -32.25 42.95
C PRO V 205 -49.98 -31.49 41.86
N TYR V 206 -50.63 -30.41 42.29
CA TYR V 206 -51.35 -29.55 41.34
C TYR V 206 -50.34 -28.89 40.40
N ILE V 207 -50.47 -29.19 39.12
CA ILE V 207 -49.58 -28.65 38.08
C ILE V 207 -50.39 -27.70 37.23
N ASN V 208 -50.12 -26.40 37.35
CA ASN V 208 -50.81 -25.43 36.49
C ASN V 208 -50.16 -24.06 36.64
N SER V 209 -50.45 -23.18 35.66
CA SER V 209 -49.99 -21.80 35.67
C SER V 209 -50.88 -20.89 36.49
N VAL V 210 -52.07 -21.34 36.87
CA VAL V 210 -53.01 -20.54 37.65
C VAL V 210 -53.28 -21.26 38.97
N PRO V 211 -53.63 -20.53 40.04
CA PRO V 211 -53.92 -21.21 41.32
C PRO V 211 -55.09 -22.17 41.23
N MET V 212 -56.09 -21.86 40.41
CA MET V 212 -57.24 -22.72 40.21
C MET V 212 -57.68 -22.65 38.76
N ASP V 213 -58.34 -23.71 38.30
CA ASP V 213 -58.84 -23.77 36.94
C ASP V 213 -60.15 -24.55 36.95
N ASN V 214 -60.93 -24.40 35.88
CA ASN V 214 -62.15 -25.18 35.73
C ASN V 214 -61.79 -26.61 35.33
N MET V 215 -62.53 -27.58 35.87
CA MET V 215 -62.15 -28.98 35.75
C MET V 215 -62.75 -29.68 34.55
N PHE V 216 -63.73 -29.07 33.88
CA PHE V 216 -64.25 -29.63 32.64
C PHE V 216 -63.51 -29.10 31.42
N ARG V 217 -63.11 -27.83 31.45
CA ARG V 217 -62.47 -27.21 30.30
C ARG V 217 -61.00 -27.55 30.19
N HIS V 218 -60.36 -27.99 31.27
CA HIS V 218 -58.91 -28.17 31.31
C HIS V 218 -58.58 -29.45 32.04
N ASN V 219 -57.90 -30.37 31.35
CA ASN V 219 -57.41 -31.61 31.94
C ASN V 219 -55.93 -31.38 32.28
N ASN V 220 -55.68 -30.99 33.55
CA ASN V 220 -54.34 -30.54 33.93
C ASN V 220 -53.30 -31.64 33.75
N LEU V 221 -53.72 -32.91 33.84
CA LEU V 221 -52.78 -34.02 33.77
C LEU V 221 -53.39 -35.15 32.95
N THR V 222 -52.51 -36.04 32.48
CA THR V 222 -52.89 -37.16 31.63
C THR V 222 -52.03 -38.36 31.98
N LEU V 223 -52.66 -39.43 32.47
CA LEU V 223 -51.96 -40.65 32.79
C LEU V 223 -51.77 -41.48 31.52
N MET V 224 -50.55 -42.00 31.33
CA MET V 224 -50.23 -42.83 30.17
C MET V 224 -49.57 -44.11 30.65
N ILE V 225 -50.04 -45.24 30.14
CA ILE V 225 -49.46 -46.55 30.39
C ILE V 225 -49.03 -47.10 29.03
N ILE V 226 -47.72 -47.16 28.81
CA ILE V 226 -47.19 -47.58 27.51
C ILE V 226 -46.31 -48.81 27.69
N PRO V 227 -46.71 -49.97 27.19
CA PRO V 227 -45.81 -51.13 27.26
C PRO V 227 -44.61 -51.00 26.34
N PHE V 228 -43.42 -50.91 26.92
CA PHE V 228 -42.19 -50.83 26.12
C PHE V 228 -41.66 -52.21 25.76
N VAL V 229 -41.78 -53.18 26.67
CA VAL V 229 -41.39 -54.55 26.43
C VAL V 229 -42.67 -55.39 26.51
N PRO V 230 -43.04 -56.13 25.46
CA PRO V 230 -44.40 -56.68 25.39
C PRO V 230 -44.60 -57.83 26.37
N LEU V 231 -45.87 -58.07 26.66
CA LEU V 231 -46.24 -59.26 27.43
C LEU V 231 -45.90 -60.52 26.63
N ASN V 232 -45.40 -61.54 27.33
CA ASN V 232 -45.07 -62.81 26.70
C ASN V 232 -45.15 -63.92 27.74
N TYR V 233 -45.42 -65.13 27.28
CA TYR V 233 -45.56 -66.26 28.18
C TYR V 233 -45.66 -67.54 27.36
N SER V 234 -45.22 -68.65 27.96
CA SER V 234 -45.29 -69.94 27.29
C SER V 234 -46.67 -70.57 27.45
N GLU V 235 -46.94 -71.56 26.62
CA GLU V 235 -48.23 -72.24 26.62
C GLU V 235 -48.53 -72.79 28.01
N GLY V 236 -49.74 -72.51 28.50
CA GLY V 236 -50.16 -72.99 29.80
C GLY V 236 -50.33 -71.86 30.80
N SER V 237 -49.39 -70.90 30.77
CA SER V 237 -49.47 -69.77 31.67
C SER V 237 -50.75 -68.97 31.42
N SER V 238 -51.32 -68.46 32.50
CA SER V 238 -52.60 -67.77 32.39
C SER V 238 -52.48 -66.65 31.37
N PRO V 239 -53.42 -66.51 30.42
CA PRO V 239 -53.22 -65.56 29.32
C PRO V 239 -53.78 -64.18 29.59
N TYR V 240 -54.76 -64.07 30.49
CA TYR V 240 -55.49 -62.82 30.69
C TYR V 240 -54.79 -62.01 31.78
N VAL V 241 -54.03 -61.00 31.36
CA VAL V 241 -53.27 -60.14 32.26
C VAL V 241 -53.92 -58.77 32.34
N PRO V 242 -54.72 -58.47 33.35
CA PRO V 242 -55.34 -57.15 33.43
C PRO V 242 -54.55 -56.11 34.21
N ILE V 243 -54.77 -54.87 33.82
CA ILE V 243 -54.22 -53.68 34.47
C ILE V 243 -55.39 -52.86 35.00
N THR V 244 -55.35 -52.54 36.29
CA THR V 244 -56.39 -51.74 36.93
C THR V 244 -55.76 -50.49 37.53
N VAL V 245 -56.30 -49.33 37.20
CA VAL V 245 -55.79 -48.04 37.68
C VAL V 245 -56.70 -47.54 38.80
N THR V 246 -56.09 -47.03 39.87
CA THR V 246 -56.80 -46.52 41.03
C THR V 246 -56.22 -45.14 41.36
N ILE V 247 -57.01 -44.09 41.16
CA ILE V 247 -56.58 -42.72 41.38
C ILE V 247 -57.36 -42.17 42.56
N ALA V 248 -56.70 -41.36 43.39
CA ALA V 248 -57.34 -40.78 44.56
C ALA V 248 -57.08 -39.28 44.57
N PRO V 249 -58.12 -38.44 44.53
CA PRO V 249 -57.92 -37.01 44.69
C PRO V 249 -57.32 -36.69 46.05
N MET V 250 -56.54 -35.62 46.09
CA MET V 250 -55.84 -35.21 47.30
C MET V 250 -55.87 -33.70 47.42
N CYS V 251 -56.32 -33.21 48.58
CA CYS V 251 -56.40 -31.79 48.84
C CYS V 251 -57.19 -31.08 47.75
N ALA V 252 -58.41 -31.59 47.52
CA ALA V 252 -59.29 -31.00 46.53
C ALA V 252 -60.00 -29.78 47.10
N GLU V 253 -60.02 -28.70 46.34
CA GLU V 253 -60.73 -27.48 46.72
C GLU V 253 -61.62 -27.06 45.56
N TYR V 254 -62.75 -26.43 45.91
CA TYR V 254 -63.72 -25.98 44.94
C TYR V 254 -64.19 -24.58 45.30
N ASN V 255 -64.18 -23.69 44.31
CA ASN V 255 -64.63 -22.31 44.46
C ASN V 255 -65.71 -22.00 43.44
N GLY V 256 -66.56 -21.04 43.78
CA GLY V 256 -67.61 -20.60 42.87
C GLY V 256 -68.72 -21.61 42.71
N LEU V 257 -69.50 -21.80 43.78
CA LEU V 257 -70.63 -22.71 43.72
C LEU V 257 -71.78 -22.06 42.97
N ARG V 258 -72.50 -22.87 42.19
CA ARG V 258 -73.58 -22.39 41.35
C ARG V 258 -74.29 -23.54 40.66
N LEU V 259 -75.25 -23.21 39.79
CA LEU V 259 -75.89 -24.20 38.94
C LEU V 259 -74.88 -25.21 38.41
N ALA V 260 -75.24 -26.49 38.50
CA ALA V 260 -74.36 -27.56 38.03
C ALA V 260 -74.66 -27.91 36.59
N SER V 261 -73.62 -28.31 35.86
CA SER V 261 -73.78 -28.78 34.49
C SER V 261 -72.47 -29.35 34.01
N SER V 262 -72.56 -30.25 33.03
CA SER V 262 -71.38 -30.89 32.45
C SER V 262 -70.41 -29.87 31.88
N GLY W 1 -22.85 19.46 27.66
CA GLY W 1 -22.28 18.63 26.55
C GLY W 1 -20.96 17.97 26.92
N LEU W 2 -21.04 16.86 27.63
CA LEU W 2 -19.86 16.11 28.04
C LEU W 2 -19.12 15.57 26.82
N PRO W 3 -17.86 15.92 26.60
CA PRO W 3 -17.14 15.37 25.44
C PRO W 3 -17.06 13.85 25.48
N VAL W 4 -17.26 13.23 24.32
CA VAL W 4 -17.35 11.78 24.20
C VAL W 4 -16.81 11.38 22.84
N MET W 5 -16.24 10.17 22.78
CA MET W 5 -15.73 9.61 21.53
C MET W 5 -16.33 8.23 21.32
N THR W 6 -17.06 8.07 20.23
CA THR W 6 -17.68 6.78 19.94
C THR W 6 -16.63 5.77 19.50
N THR W 7 -16.73 4.54 20.03
CA THR W 7 -15.85 3.46 19.64
C THR W 7 -16.57 2.55 18.64
N PRO W 8 -15.82 1.83 17.81
CA PRO W 8 -16.45 0.85 16.92
C PRO W 8 -17.35 -0.11 17.69
N GLY W 9 -18.39 -0.58 17.01
CA GLY W 9 -19.41 -1.41 17.62
C GLY W 9 -20.67 -0.67 17.99
N SER W 10 -20.68 0.65 17.88
CA SER W 10 -21.89 1.42 18.10
C SER W 10 -22.90 1.15 16.99
N THR W 11 -24.17 1.43 17.30
CA THR W 11 -25.28 1.21 16.35
C THR W 11 -25.27 -0.22 15.83
N GLN W 12 -24.92 -1.15 16.72
CA GLN W 12 -24.72 -2.56 16.39
C GLN W 12 -25.76 -3.37 17.15
N PHE W 13 -26.32 -4.37 16.47
CA PHE W 13 -27.30 -5.27 17.06
C PHE W 13 -26.68 -6.67 17.13
N LEU W 14 -26.07 -6.97 18.28
CA LEU W 14 -25.51 -8.28 18.55
C LEU W 14 -26.58 -9.15 19.21
N THR W 15 -26.93 -10.27 18.57
CA THR W 15 -27.94 -11.18 19.09
C THR W 15 -27.77 -11.40 20.59
N SER W 16 -26.58 -11.76 21.02
CA SER W 16 -26.29 -12.11 22.42
C SER W 16 -25.68 -10.95 23.18
N ASP W 17 -26.32 -9.78 23.13
CA ASP W 17 -25.91 -8.65 23.95
C ASP W 17 -26.80 -8.56 25.18
N ASP W 18 -26.35 -7.81 26.17
CA ASP W 18 -26.98 -7.79 27.48
C ASP W 18 -27.14 -6.38 27.99
N PHE W 19 -27.58 -5.48 27.12
CA PHE W 19 -27.75 -4.07 27.50
C PHE W 19 -29.15 -3.83 28.07
N GLN W 20 -29.27 -2.70 28.77
CA GLN W 20 -30.56 -2.26 29.27
C GLN W 20 -31.36 -1.57 28.16
N SER W 21 -32.67 -1.71 28.22
CA SER W 21 -33.57 -1.11 27.25
C SER W 21 -34.73 -0.44 27.97
N PRO W 22 -35.25 0.67 27.43
CA PRO W 22 -36.37 1.34 28.09
C PRO W 22 -37.67 0.56 27.90
N SER W 23 -38.42 0.42 28.99
CA SER W 23 -39.65 -0.36 28.95
C SER W 23 -40.77 0.43 28.29
N ALA W 24 -41.56 -0.27 27.49
CA ALA W 24 -42.73 0.30 26.84
C ALA W 24 -43.97 0.30 27.70
N MET W 25 -43.94 -0.41 28.83
CA MET W 25 -45.07 -0.52 29.75
C MET W 25 -44.62 -0.07 31.12
N PRO W 26 -44.39 1.22 31.32
CA PRO W 26 -43.91 1.69 32.63
C PRO W 26 -44.93 1.43 33.72
N GLN W 27 -44.43 1.07 34.90
CA GLN W 27 -45.26 0.89 36.09
C GLN W 27 -46.29 -0.22 35.91
N PHE W 28 -46.01 -1.18 35.04
CA PHE W 28 -46.92 -2.30 34.83
C PHE W 28 -46.89 -3.23 36.03
N ASP W 29 -48.03 -3.38 36.69
CA ASP W 29 -48.15 -4.21 37.90
C ASP W 29 -48.21 -5.67 37.48
N VAL W 30 -47.06 -6.36 37.53
CA VAL W 30 -47.03 -7.76 37.15
C VAL W 30 -47.88 -8.58 38.11
N THR W 31 -48.55 -9.60 37.59
CA THR W 31 -49.28 -10.52 38.45
C THR W 31 -48.28 -11.20 39.40
N PRO W 32 -48.63 -11.35 40.68
CA PRO W 32 -47.65 -11.92 41.63
C PRO W 32 -47.21 -13.30 41.19
N GLU W 33 -46.20 -13.81 41.89
CA GLU W 33 -45.61 -15.10 41.55
C GLU W 33 -46.33 -16.23 42.25
N MET W 34 -46.21 -17.43 41.68
CA MET W 34 -46.81 -18.64 42.22
C MET W 34 -45.76 -19.73 42.29
N GLN W 35 -45.82 -20.53 43.36
CA GLN W 35 -44.87 -21.62 43.55
C GLN W 35 -45.33 -22.79 42.68
N ILE W 36 -44.87 -22.80 41.44
CA ILE W 36 -45.20 -23.87 40.50
C ILE W 36 -44.22 -25.01 40.71
N PRO W 37 -44.68 -26.26 40.72
CA PRO W 37 -43.74 -27.38 40.88
C PRO W 37 -42.82 -27.52 39.67
N GLY W 38 -41.71 -28.21 39.89
CA GLY W 38 -40.82 -28.56 38.80
C GLY W 38 -39.97 -27.43 38.25
N ARG W 39 -39.46 -26.56 39.11
CA ARG W 39 -38.56 -25.50 38.66
C ARG W 39 -37.32 -26.09 38.01
N VAL W 40 -37.02 -25.66 36.79
CA VAL W 40 -35.74 -25.95 36.16
C VAL W 40 -34.88 -24.70 36.21
N ASN W 41 -33.63 -24.86 36.61
CA ASN W 41 -32.67 -23.76 36.65
C ASN W 41 -31.53 -23.96 35.68
N ASN W 42 -31.23 -25.19 35.27
CA ASN W 42 -30.18 -25.45 34.33
C ASN W 42 -30.61 -26.59 33.43
N LEU W 43 -30.09 -26.58 32.19
CA LEU W 43 -30.44 -27.63 31.24
C LEU W 43 -29.80 -28.96 31.60
N MET W 44 -28.71 -28.94 32.36
CA MET W 44 -28.15 -30.21 32.81
C MET W 44 -29.11 -30.92 33.75
N GLU W 45 -29.99 -30.20 34.44
CA GLU W 45 -31.00 -30.87 35.25
C GLU W 45 -31.87 -31.77 34.39
N ILE W 46 -32.04 -31.42 33.11
CA ILE W 46 -32.76 -32.30 32.19
C ILE W 46 -31.81 -33.34 31.63
N ALA W 47 -30.58 -32.94 31.30
CA ALA W 47 -29.63 -33.88 30.72
C ALA W 47 -29.30 -35.03 31.68
N GLU W 48 -29.48 -34.83 32.98
CA GLU W 48 -29.19 -35.85 33.98
C GLU W 48 -30.30 -36.87 34.12
N VAL W 49 -31.38 -36.76 33.36
CA VAL W 49 -32.56 -37.61 33.52
C VAL W 49 -32.43 -38.80 32.59
N ASP W 50 -32.64 -40.00 33.14
CA ASP W 50 -32.66 -41.20 32.33
C ASP W 50 -33.78 -41.15 31.30
N SER W 51 -33.45 -41.49 30.06
CA SER W 51 -34.43 -41.60 28.98
C SER W 51 -34.08 -42.82 28.15
N VAL W 52 -35.11 -43.55 27.72
CA VAL W 52 -34.87 -44.84 27.07
C VAL W 52 -34.05 -44.63 25.80
N VAL W 53 -33.12 -45.53 25.55
CA VAL W 53 -32.20 -45.43 24.42
C VAL W 53 -32.68 -46.37 23.32
N PRO W 54 -32.90 -45.88 22.10
CA PRO W 54 -33.25 -46.79 20.98
C PRO W 54 -31.99 -47.47 20.43
N VAL W 55 -31.53 -48.50 21.12
CA VAL W 55 -30.32 -49.18 20.67
C VAL W 55 -30.56 -49.90 19.36
N ASN W 56 -31.77 -50.41 19.14
CA ASN W 56 -32.09 -51.18 17.94
C ASN W 56 -32.64 -50.22 16.87
N ASN W 57 -31.73 -49.44 16.29
CA ASN W 57 -32.08 -48.45 15.26
C ASN W 57 -32.59 -49.06 13.97
N THR W 58 -32.63 -50.38 13.87
CA THR W 58 -33.07 -51.05 12.65
C THR W 58 -34.28 -50.34 12.04
N GLU W 59 -34.16 -50.03 10.74
CA GLU W 59 -35.22 -49.40 9.97
C GLU W 59 -36.60 -49.92 10.37
N ALA W 60 -36.73 -51.24 10.55
CA ALA W 60 -38.04 -51.81 10.83
C ALA W 60 -38.54 -51.46 12.22
N ASN W 61 -37.63 -51.26 13.17
CA ASN W 61 -38.03 -50.97 14.55
C ASN W 61 -38.17 -49.47 14.81
N VAL W 62 -37.48 -48.62 14.04
CA VAL W 62 -37.40 -47.21 14.39
C VAL W 62 -38.79 -46.58 14.51
N ASN W 63 -39.75 -47.02 13.70
CA ASN W 63 -41.12 -46.51 13.77
C ASN W 63 -41.98 -47.36 14.70
N SER W 64 -41.39 -47.90 15.77
CA SER W 64 -42.09 -48.75 16.71
C SER W 64 -41.32 -48.75 18.02
N LEU W 65 -41.95 -49.28 19.06
CA LEU W 65 -41.26 -49.44 20.33
C LEU W 65 -40.12 -50.45 20.26
N LYS W 66 -40.05 -51.24 19.18
CA LYS W 66 -38.98 -52.23 19.06
C LYS W 66 -37.59 -51.61 19.06
N ALA W 67 -37.49 -50.31 18.77
CA ALA W 67 -36.18 -49.67 18.75
C ALA W 67 -35.54 -49.69 20.14
N TYR W 68 -36.35 -49.51 21.17
CA TYR W 68 -35.84 -49.49 22.54
C TYR W 68 -35.60 -50.88 23.12
N GLN W 69 -35.99 -51.92 22.41
CA GLN W 69 -35.86 -53.29 22.90
C GLN W 69 -34.55 -53.88 22.39
N ILE W 70 -33.68 -54.27 23.32
CA ILE W 70 -32.42 -54.94 23.00
C ILE W 70 -32.67 -56.43 23.12
N PRO W 71 -32.61 -57.21 22.03
CA PRO W 71 -32.95 -58.63 22.11
C PRO W 71 -31.82 -59.43 22.76
N VAL W 72 -32.17 -60.32 23.69
CA VAL W 72 -31.26 -61.31 24.21
C VAL W 72 -32.00 -62.64 24.24
N GLN W 73 -31.26 -63.73 24.08
CA GLN W 73 -31.89 -65.04 23.98
C GLN W 73 -30.95 -66.09 24.52
N SER W 74 -31.52 -67.23 24.90
CA SER W 74 -30.71 -68.39 25.30
C SER W 74 -30.05 -68.97 24.06
N ASN W 75 -28.73 -68.86 23.98
CA ASN W 75 -27.97 -69.33 22.84
C ASN W 75 -27.03 -70.45 23.26
N SER W 76 -26.68 -71.30 22.30
CA SER W 76 -25.75 -72.39 22.50
C SER W 76 -24.29 -71.97 22.29
N ASP W 77 -23.99 -70.68 22.35
CA ASP W 77 -22.66 -70.17 22.11
C ASP W 77 -22.13 -69.51 23.38
N ASN W 78 -20.96 -68.87 23.26
CA ASN W 78 -20.31 -68.19 24.38
C ASN W 78 -19.56 -66.98 23.84
N GLY W 79 -19.76 -65.83 24.47
CA GLY W 79 -19.10 -64.62 24.05
C GLY W 79 -19.65 -64.07 22.76
N LYS W 80 -20.98 -63.94 22.70
CA LYS W 80 -21.67 -63.42 21.52
C LYS W 80 -22.09 -61.97 21.82
N GLN W 81 -21.59 -61.04 21.00
CA GLN W 81 -21.92 -59.63 21.18
C GLN W 81 -23.43 -59.43 21.18
N VAL W 82 -23.92 -58.67 22.16
CA VAL W 82 -25.32 -58.31 22.21
C VAL W 82 -25.59 -57.01 21.47
N PHE W 83 -24.71 -56.02 21.64
CA PHE W 83 -24.82 -54.78 20.90
C PHE W 83 -23.50 -54.04 20.98
N GLY W 84 -23.34 -53.06 20.09
CA GLY W 84 -22.19 -52.18 20.13
C GLY W 84 -22.42 -50.87 19.39
N PHE W 85 -22.28 -49.75 20.09
CA PHE W 85 -22.35 -48.45 19.43
C PHE W 85 -21.24 -47.54 19.92
N PRO W 86 -20.78 -46.62 19.09
CA PRO W 86 -19.73 -45.69 19.53
C PRO W 86 -20.26 -44.69 20.55
N LEU W 87 -19.32 -44.00 21.18
CA LEU W 87 -19.64 -43.05 22.25
C LEU W 87 -19.82 -41.64 21.68
N GLN W 88 -20.74 -41.53 20.72
CA GLN W 88 -21.10 -40.23 20.17
C GLN W 88 -22.43 -39.78 20.75
N PRO W 89 -22.43 -39.15 21.94
CA PRO W 89 -23.72 -38.79 22.56
C PRO W 89 -24.56 -37.83 21.73
N GLY W 90 -23.93 -36.99 20.92
CA GLY W 90 -24.66 -35.98 20.19
C GLY W 90 -24.72 -36.21 18.69
N ALA W 91 -23.93 -37.16 18.19
CA ALA W 91 -23.83 -37.39 16.76
C ALA W 91 -24.49 -38.69 16.32
N ASN W 92 -24.07 -39.83 16.87
CA ASN W 92 -24.62 -41.10 16.43
C ASN W 92 -26.09 -41.20 16.78
N GLY W 93 -26.84 -41.91 15.93
CA GLY W 93 -28.28 -42.00 16.08
C GLY W 93 -28.73 -42.72 17.32
N VAL W 94 -27.90 -43.60 17.88
CA VAL W 94 -28.35 -44.37 19.03
C VAL W 94 -28.69 -43.46 20.20
N LEU W 95 -27.97 -42.34 20.33
CA LEU W 95 -28.13 -41.45 21.47
C LEU W 95 -28.45 -40.00 21.12
N ASN W 96 -28.31 -39.59 19.86
CA ASN W 96 -28.43 -38.17 19.52
C ASN W 96 -29.82 -37.62 19.84
N ARG W 97 -30.85 -38.47 19.83
CA ARG W 97 -32.22 -38.03 20.10
C ARG W 97 -32.69 -38.38 21.51
N THR W 98 -31.84 -39.00 22.32
CA THR W 98 -32.12 -39.12 23.73
C THR W 98 -32.30 -37.72 24.34
N LEU W 99 -32.76 -37.67 25.58
CA LEU W 99 -32.81 -36.40 26.30
C LEU W 99 -31.43 -35.74 26.30
N LEU W 100 -30.40 -36.50 26.68
CA LEU W 100 -29.05 -35.98 26.72
C LEU W 100 -28.59 -35.50 25.36
N GLY W 101 -28.81 -36.32 24.32
CA GLY W 101 -28.37 -35.94 22.99
C GLY W 101 -29.09 -34.71 22.47
N GLU W 102 -30.39 -34.62 22.75
CA GLU W 102 -31.16 -33.45 22.35
C GLU W 102 -30.57 -32.19 22.96
N ILE W 103 -30.25 -32.22 24.25
CA ILE W 103 -29.67 -31.04 24.86
C ILE W 103 -28.27 -30.78 24.31
N LEU W 104 -27.50 -31.85 24.06
CA LEU W 104 -26.16 -31.67 23.51
C LEU W 104 -26.20 -30.98 22.15
N ASN W 105 -27.24 -31.24 21.36
CA ASN W 105 -27.30 -30.68 20.02
C ASN W 105 -27.55 -29.17 20.01
N TYR W 106 -27.86 -28.57 21.16
CA TYR W 106 -27.93 -27.11 21.27
C TYR W 106 -26.61 -26.49 21.68
N TYR W 107 -25.56 -27.29 21.89
CA TYR W 107 -24.24 -26.81 22.26
C TYR W 107 -23.20 -27.45 21.36
N THR W 108 -22.00 -26.88 21.36
CA THR W 108 -20.91 -27.36 20.51
C THR W 108 -19.93 -28.27 21.23
N HIS W 109 -19.63 -27.99 22.50
CA HIS W 109 -18.69 -28.78 23.27
C HIS W 109 -19.39 -29.47 24.44
N TRP W 110 -18.85 -30.63 24.81
CA TRP W 110 -19.37 -31.37 25.95
C TRP W 110 -18.21 -32.09 26.63
N SER W 111 -18.41 -32.40 27.91
CA SER W 111 -17.42 -33.13 28.68
C SER W 111 -18.12 -33.76 29.88
N GLY W 112 -17.73 -35.00 30.20
CA GLY W 112 -18.23 -35.66 31.39
C GLY W 112 -18.46 -37.14 31.23
N SER W 113 -18.93 -37.77 32.29
CA SER W 113 -19.21 -39.19 32.29
C SER W 113 -20.69 -39.43 31.96
N ILE W 114 -21.00 -40.68 31.60
CA ILE W 114 -22.35 -41.02 31.15
C ILE W 114 -22.82 -42.29 31.84
N LYS W 115 -24.02 -42.24 32.42
CA LYS W 115 -24.62 -43.40 33.06
C LYS W 115 -25.48 -44.14 32.04
N LEU W 116 -25.12 -45.41 31.78
CA LEU W 116 -25.92 -46.31 30.94
C LEU W 116 -26.56 -47.31 31.90
N THR W 117 -27.85 -47.13 32.14
CA THR W 117 -28.63 -48.02 32.99
C THR W 117 -29.28 -49.09 32.11
N PHE W 118 -29.06 -50.35 32.44
CA PHE W 118 -29.61 -51.45 31.67
C PHE W 118 -30.58 -52.23 32.54
N MET W 119 -31.82 -52.39 32.07
CA MET W 119 -32.86 -53.08 32.81
C MET W 119 -33.31 -54.30 32.03
N PHE W 120 -33.29 -55.46 32.69
CA PHE W 120 -33.67 -56.72 32.08
C PHE W 120 -35.16 -56.96 32.27
N CYS W 121 -35.91 -57.03 31.17
CA CYS W 121 -37.36 -57.17 31.22
C CYS W 121 -37.80 -58.57 30.83
N GLY W 122 -37.01 -59.59 31.17
CA GLY W 122 -37.36 -60.97 30.92
C GLY W 122 -38.19 -61.54 32.05
N SER W 123 -38.34 -62.85 32.02
CA SER W 123 -39.10 -63.54 33.05
C SER W 123 -38.33 -63.53 34.38
N ALA W 124 -39.09 -63.62 35.47
CA ALA W 124 -38.46 -63.68 36.79
C ALA W 124 -37.63 -64.94 36.97
N MET W 125 -37.86 -65.96 36.14
CA MET W 125 -37.16 -67.23 36.28
C MET W 125 -35.86 -67.28 35.49
N ALA W 126 -35.59 -66.29 34.66
CA ALA W 126 -34.38 -66.30 33.85
C ALA W 126 -33.18 -65.85 34.67
N THR W 127 -32.02 -66.39 34.33
CA THR W 127 -30.75 -65.97 34.91
C THR W 127 -29.73 -65.85 33.79
N GLY W 128 -28.62 -65.19 34.10
CA GLY W 128 -27.57 -65.00 33.12
C GLY W 128 -26.64 -63.89 33.53
N LYS W 129 -25.56 -63.74 32.77
CA LYS W 129 -24.57 -62.73 33.08
C LYS W 129 -24.06 -62.09 31.79
N PHE W 130 -23.86 -60.78 31.83
CA PHE W 130 -23.42 -60.02 30.67
C PHE W 130 -22.19 -59.19 30.99
N LEU W 131 -21.40 -58.90 29.97
CA LEU W 131 -20.20 -58.08 30.07
C LEU W 131 -20.47 -56.76 29.34
N LEU W 132 -20.60 -55.68 30.10
CA LEU W 132 -20.81 -54.34 29.57
C LEU W 132 -19.46 -53.63 29.59
N ALA W 133 -18.93 -53.32 28.41
CA ALA W 133 -17.55 -52.82 28.30
C ALA W 133 -17.51 -51.53 27.50
N TYR W 134 -16.77 -50.56 28.04
CA TYR W 134 -16.47 -49.31 27.33
C TYR W 134 -15.00 -49.34 26.94
N SER W 135 -14.73 -49.41 25.64
CA SER W 135 -13.38 -49.46 25.13
C SER W 135 -13.00 -48.09 24.57
N PRO W 136 -12.08 -47.36 25.17
CA PRO W 136 -11.65 -46.07 24.59
C PRO W 136 -11.11 -46.25 23.18
N PRO W 137 -10.95 -45.15 22.44
CA PRO W 137 -10.50 -45.26 21.04
C PRO W 137 -9.02 -45.63 20.92
N GLY W 138 -8.53 -45.68 19.68
CA GLY W 138 -7.15 -46.02 19.43
C GLY W 138 -7.01 -47.39 18.77
N ALA W 139 -7.73 -48.36 19.30
CA ALA W 139 -7.87 -49.68 18.67
C ALA W 139 -9.32 -49.85 18.23
N GLY W 140 -9.51 -50.65 17.20
CA GLY W 140 -10.84 -50.85 16.66
C GLY W 140 -11.85 -51.28 17.70
N VAL W 141 -13.12 -51.34 17.31
CA VAL W 141 -14.15 -51.81 18.25
C VAL W 141 -13.86 -53.26 18.61
N PRO W 142 -14.00 -53.66 19.87
CA PRO W 142 -13.68 -55.05 20.24
C PRO W 142 -14.45 -56.07 19.40
N LYS W 143 -13.72 -57.02 18.84
CA LYS W 143 -14.33 -58.07 18.03
C LYS W 143 -14.72 -59.29 18.84
N ASN W 144 -14.02 -59.55 19.95
CA ASN W 144 -14.30 -60.69 20.82
C ASN W 144 -14.47 -60.21 22.24
N ARG W 145 -15.15 -61.04 23.05
CA ARG W 145 -15.27 -60.76 24.46
C ARG W 145 -13.89 -60.60 25.10
N LYS W 146 -12.91 -61.37 24.63
CA LYS W 146 -11.55 -61.22 25.14
C LYS W 146 -11.01 -59.81 24.87
N ASP W 147 -11.25 -59.30 23.66
CA ASP W 147 -10.80 -57.95 23.32
C ASP W 147 -11.53 -56.91 24.15
N ALA W 148 -12.84 -57.11 24.39
CA ALA W 148 -13.59 -56.17 25.21
C ALA W 148 -13.14 -56.21 26.67
N MET W 149 -12.61 -57.35 27.12
CA MET W 149 -12.26 -57.53 28.51
C MET W 149 -11.14 -56.60 28.97
N LEU W 150 -10.30 -56.13 28.07
CA LEU W 150 -9.13 -55.37 28.47
C LEU W 150 -9.44 -53.92 28.81
N GLY W 151 -10.65 -53.44 28.51
CA GLY W 151 -11.06 -52.09 28.82
C GLY W 151 -12.02 -52.05 29.99
N THR W 152 -12.36 -50.83 30.38
CA THR W 152 -13.33 -50.62 31.46
C THR W 152 -14.60 -51.42 31.19
N HIS W 153 -14.91 -52.35 32.09
CA HIS W 153 -16.08 -53.20 31.89
C HIS W 153 -16.66 -53.60 33.24
N VAL W 154 -17.87 -54.15 33.18
CA VAL W 154 -18.62 -54.56 34.36
C VAL W 154 -19.39 -55.81 34.01
N ILE W 155 -19.37 -56.80 34.89
CA ILE W 155 -20.14 -58.02 34.71
C ILE W 155 -21.44 -57.86 35.49
N TRP W 156 -22.55 -57.99 34.80
CA TRP W 156 -23.88 -57.77 35.34
C TRP W 156 -24.58 -59.11 35.44
N ASP W 157 -24.86 -59.53 36.66
CA ASP W 157 -25.63 -60.75 36.89
C ASP W 157 -27.10 -60.39 36.98
N VAL W 158 -27.90 -60.91 36.03
CA VAL W 158 -29.35 -60.71 36.03
C VAL W 158 -30.01 -61.61 37.04
N GLY W 159 -29.22 -62.34 37.82
CA GLY W 159 -29.78 -63.26 38.78
C GLY W 159 -30.49 -62.57 39.92
N LEU W 160 -29.91 -61.49 40.46
CA LEU W 160 -30.48 -60.76 41.57
C LEU W 160 -30.95 -59.36 41.18
N GLN W 161 -30.07 -58.56 40.57
CA GLN W 161 -30.42 -57.19 40.19
C GLN W 161 -31.05 -57.20 38.81
N SER W 162 -32.18 -56.50 38.66
CA SER W 162 -32.78 -56.34 37.35
C SER W 162 -32.13 -55.20 36.57
N SER W 163 -31.66 -54.18 37.28
CA SER W 163 -31.01 -53.03 36.67
C SER W 163 -29.54 -52.99 37.06
N CYS W 164 -28.70 -52.58 36.12
CA CYS W 164 -27.27 -52.41 36.37
C CYS W 164 -26.79 -51.16 35.66
N VAL W 165 -26.00 -50.35 36.36
CA VAL W 165 -25.52 -49.08 35.85
C VAL W 165 -24.05 -49.22 35.49
N LEU W 166 -23.74 -49.04 34.20
CA LEU W 166 -22.36 -48.91 33.75
C LEU W 166 -22.09 -47.42 33.56
N CYS W 167 -21.15 -46.88 34.32
CA CYS W 167 -20.87 -45.46 34.31
C CYS W 167 -19.59 -45.22 33.51
N VAL W 168 -19.75 -44.83 32.25
CA VAL W 168 -18.62 -44.61 31.35
C VAL W 168 -17.87 -43.37 31.81
N PRO W 169 -16.57 -43.49 32.07
CA PRO W 169 -15.81 -42.34 32.58
C PRO W 169 -15.35 -41.42 31.46
N TRP W 170 -14.86 -40.26 31.87
CA TRP W 170 -14.35 -39.25 30.95
C TRP W 170 -12.86 -39.49 30.72
N ILE W 171 -12.54 -40.21 29.66
CA ILE W 171 -11.15 -40.48 29.28
C ILE W 171 -10.94 -39.81 27.92
N SER W 172 -10.36 -38.63 27.93
CA SER W 172 -10.17 -37.84 26.71
C SER W 172 -8.83 -37.11 26.80
N GLN W 173 -8.22 -36.91 25.64
CA GLN W 173 -6.98 -36.13 25.61
C GLN W 173 -7.25 -34.67 25.97
N THR W 174 -8.42 -34.16 25.62
CA THR W 174 -8.80 -32.78 25.87
C THR W 174 -9.84 -32.71 26.97
N HIS W 175 -10.07 -31.50 27.47
CA HIS W 175 -11.05 -31.31 28.52
C HIS W 175 -12.47 -31.49 28.01
N TYR W 176 -12.72 -31.19 26.74
CA TYR W 176 -14.05 -31.31 26.14
C TYR W 176 -13.96 -32.10 24.85
N ARG W 177 -15.13 -32.43 24.30
CA ARG W 177 -15.23 -33.11 23.01
C ARG W 177 -16.26 -32.38 22.15
N TYR W 178 -16.06 -32.46 20.84
CA TYR W 178 -17.03 -31.89 19.91
C TYR W 178 -18.30 -32.74 19.92
N VAL W 179 -19.45 -32.09 20.05
CA VAL W 179 -20.72 -32.79 19.92
C VAL W 179 -20.85 -33.38 18.53
N VAL W 180 -20.27 -32.71 17.53
CA VAL W 180 -20.24 -33.25 16.18
C VAL W 180 -19.07 -34.21 16.03
N GLU W 181 -19.20 -35.13 15.09
CA GLU W 181 -18.21 -36.20 14.93
C GLU W 181 -16.86 -35.62 14.48
N ASP W 182 -15.83 -35.84 15.29
CA ASP W 182 -14.45 -35.50 14.93
C ASP W 182 -13.55 -36.62 15.42
N GLU W 183 -12.66 -37.10 14.54
CA GLU W 183 -11.77 -38.20 14.91
C GLU W 183 -10.72 -37.76 15.93
N TYR W 184 -10.38 -36.47 15.98
CA TYR W 184 -9.44 -36.02 16.99
C TYR W 184 -10.06 -36.05 18.38
N THR W 185 -11.38 -35.90 18.45
CA THR W 185 -12.12 -36.01 19.71
C THR W 185 -12.88 -37.33 19.80
N ALA W 186 -12.42 -38.35 19.08
CA ALA W 186 -12.99 -39.69 19.23
C ALA W 186 -13.10 -40.04 20.70
N ALA W 187 -14.08 -40.89 21.02
CA ALA W 187 -14.42 -41.15 22.42
C ALA W 187 -14.50 -42.62 22.81
N GLY W 188 -14.71 -43.54 21.88
CA GLY W 188 -14.69 -44.96 22.22
C GLY W 188 -15.86 -45.71 21.66
N TYR W 189 -15.99 -46.96 22.10
CA TYR W 189 -17.05 -47.86 21.68
C TYR W 189 -17.60 -48.58 22.91
N ILE W 190 -18.93 -48.71 22.98
CA ILE W 190 -19.59 -49.40 24.08
C ILE W 190 -20.20 -50.68 23.54
N THR W 191 -19.77 -51.81 24.09
CA THR W 191 -20.17 -53.13 23.63
C THR W 191 -20.74 -53.94 24.79
N CYS W 192 -21.55 -54.94 24.44
CA CYS W 192 -22.12 -55.86 25.42
C CYS W 192 -21.94 -57.28 24.91
N TRP W 193 -21.64 -58.20 25.82
CA TRP W 193 -21.35 -59.58 25.46
C TRP W 193 -22.03 -60.52 26.46
N TYR W 194 -22.21 -61.77 26.03
CA TYR W 194 -22.73 -62.80 26.92
C TYR W 194 -21.58 -63.31 27.81
N GLN W 195 -21.72 -63.15 29.12
CA GLN W 195 -20.79 -63.75 30.07
C GLN W 195 -21.22 -65.16 30.44
N THR W 196 -22.51 -65.36 30.69
CA THR W 196 -23.09 -66.67 30.93
C THR W 196 -24.48 -66.69 30.29
N ASN W 197 -24.66 -67.66 29.38
CA ASN W 197 -25.87 -67.78 28.58
C ASN W 197 -27.13 -67.72 29.43
N ILE W 198 -28.16 -67.07 28.88
CA ILE W 198 -29.47 -67.00 29.50
C ILE W 198 -29.99 -68.41 29.75
N VAL W 199 -30.04 -68.82 31.01
CA VAL W 199 -30.61 -70.10 31.40
C VAL W 199 -32.06 -69.87 31.83
N VAL W 200 -32.96 -70.68 31.28
CA VAL W 200 -34.39 -70.51 31.52
C VAL W 200 -34.97 -71.86 31.94
N PRO W 201 -36.03 -71.90 32.74
CA PRO W 201 -36.67 -73.17 33.07
C PRO W 201 -37.58 -73.64 31.92
N ALA W 202 -38.28 -74.75 32.19
CA ALA W 202 -39.28 -75.23 31.25
C ALA W 202 -40.52 -74.34 31.30
N ASP W 203 -41.18 -74.20 30.15
CA ASP W 203 -42.40 -73.43 30.02
C ASP W 203 -42.18 -71.96 30.37
N VAL W 204 -40.99 -71.44 30.07
CA VAL W 204 -40.67 -70.03 30.21
C VAL W 204 -39.97 -69.59 28.94
N GLN W 205 -40.20 -68.33 28.54
CA GLN W 205 -39.68 -67.84 27.28
C GLN W 205 -38.17 -67.64 27.36
N SER W 206 -37.47 -68.13 26.33
CA SER W 206 -36.01 -68.05 26.29
C SER W 206 -35.50 -66.75 25.67
N SER W 207 -36.35 -66.02 24.97
CA SER W 207 -35.99 -64.75 24.35
C SER W 207 -36.63 -63.62 25.15
N CYS W 208 -35.80 -62.71 25.63
CA CYS W 208 -36.23 -61.59 26.44
C CYS W 208 -35.64 -60.31 25.88
N ASP W 209 -36.01 -59.18 26.48
CA ASP W 209 -35.57 -57.88 26.03
C ASP W 209 -34.92 -57.12 27.18
N ILE W 210 -34.11 -56.14 26.79
CA ILE W 210 -33.44 -55.26 27.74
C ILE W 210 -33.69 -53.82 27.29
N LEU W 211 -33.81 -52.92 28.26
CA LEU W 211 -33.98 -51.50 28.00
C LEU W 211 -32.74 -50.76 28.47
N CYS W 212 -32.29 -49.81 27.66
CA CYS W 212 -31.12 -49.01 27.99
C CYS W 212 -31.55 -47.55 28.21
N PHE W 213 -30.96 -46.92 29.21
CA PHE W 213 -31.25 -45.55 29.59
C PHE W 213 -29.93 -44.80 29.62
N VAL W 214 -29.95 -43.55 29.18
CA VAL W 214 -28.77 -42.70 29.18
C VAL W 214 -29.03 -41.50 30.08
N SER W 215 -28.04 -41.15 30.88
CA SER W 215 -28.09 -39.90 31.63
C SER W 215 -26.67 -39.37 31.77
N ALA W 216 -26.57 -38.13 32.22
CA ALA W 216 -25.28 -37.50 32.50
C ALA W 216 -24.97 -37.59 33.99
N CYS W 217 -23.69 -37.58 34.30
CA CYS W 217 -23.22 -37.61 35.68
C CYS W 217 -23.10 -36.20 36.25
N ASN W 218 -22.67 -36.12 37.51
CA ASN W 218 -22.47 -34.83 38.16
C ASN W 218 -21.37 -34.01 37.51
N ASP W 219 -20.53 -34.63 36.69
CA ASP W 219 -19.38 -33.95 36.09
C ASP W 219 -19.58 -33.77 34.61
N PHE W 220 -20.73 -33.25 34.20
CA PHE W 220 -21.08 -33.11 32.79
C PHE W 220 -21.46 -31.67 32.52
N SER W 221 -20.87 -31.09 31.47
CA SER W 221 -21.12 -29.70 31.13
C SER W 221 -21.01 -29.55 29.62
N VAL W 222 -21.74 -28.56 29.09
CA VAL W 222 -21.76 -28.26 27.67
C VAL W 222 -21.41 -26.80 27.47
N ARG W 223 -21.03 -26.46 26.25
CA ARG W 223 -20.33 -25.21 25.99
C ARG W 223 -20.61 -24.74 24.57
N MET W 224 -20.42 -23.43 24.34
CA MET W 224 -20.60 -22.81 23.04
C MET W 224 -22.00 -23.10 22.48
N LEU W 225 -22.97 -22.35 22.99
CA LEU W 225 -24.37 -22.50 22.58
C LEU W 225 -24.54 -22.30 21.08
N LYS W 226 -25.42 -23.11 20.49
CA LYS W 226 -25.71 -23.04 19.05
C LYS W 226 -27.12 -23.57 18.81
N ASP W 227 -27.56 -23.52 17.56
CA ASP W 227 -28.88 -23.99 17.16
C ASP W 227 -28.84 -25.47 16.81
N THR W 228 -29.97 -26.15 17.05
CA THR W 228 -30.04 -27.57 16.76
C THR W 228 -30.22 -27.80 15.26
N PRO W 229 -29.66 -28.90 14.73
CA PRO W 229 -29.94 -29.26 13.34
C PRO W 229 -31.25 -30.01 13.19
N PHE W 230 -31.92 -30.34 14.30
CA PHE W 230 -33.06 -31.22 14.25
C PHE W 230 -34.32 -30.52 13.74
N ILE W 231 -34.49 -29.23 14.00
CA ILE W 231 -35.67 -28.49 13.58
C ILE W 231 -35.37 -27.73 12.30
N ARG W 232 -36.31 -27.79 11.35
CA ARG W 232 -36.15 -27.12 10.06
C ARG W 232 -37.46 -26.45 9.68
N GLN W 233 -37.34 -25.32 8.98
CA GLN W 233 -38.49 -24.53 8.56
C GLN W 233 -38.24 -24.00 7.16
N ASP W 234 -39.31 -23.84 6.41
CA ASP W 234 -39.26 -23.19 5.10
C ASP W 234 -40.26 -22.06 4.96
N THR W 235 -41.45 -22.20 5.56
CA THR W 235 -42.48 -21.18 5.51
C THR W 235 -42.96 -20.91 6.93
N PHE W 236 -43.35 -19.66 7.18
CA PHE W 236 -43.98 -19.33 8.45
C PHE W 236 -45.21 -20.22 8.66
N TYR W 237 -45.17 -21.05 9.70
CA TYR W 237 -46.29 -21.94 10.00
C TYR W 237 -47.53 -21.12 10.33
N GLN W 238 -48.68 -21.58 9.87
CA GLN W 238 -49.93 -20.87 10.08
C GLN W 238 -51.07 -21.83 10.41
N THR X 28 -18.90 -3.64 38.19
CA THR X 28 -19.75 -2.47 38.43
C THR X 28 -20.93 -2.47 37.46
N ASN X 29 -22.14 -2.30 38.00
CA ASN X 29 -23.34 -2.32 37.16
C ASN X 29 -24.50 -1.72 37.95
N ILE X 30 -24.98 -0.55 37.52
CA ILE X 30 -26.12 0.12 38.11
C ILE X 30 -27.19 0.30 37.05
N ASN X 31 -28.45 0.26 37.47
CA ASN X 31 -29.59 0.31 36.58
C ASN X 31 -30.13 1.73 36.46
N TYR X 32 -30.47 2.13 35.23
CA TYR X 32 -30.90 3.50 34.98
C TYR X 32 -32.41 3.68 34.93
N TYR X 33 -33.19 2.62 34.74
CA TYR X 33 -34.62 2.73 34.45
C TYR X 33 -35.46 2.35 35.67
N LYS X 34 -36.65 2.96 35.76
CA LYS X 34 -37.52 2.76 36.91
C LYS X 34 -38.21 1.41 36.93
N ASP X 35 -38.22 0.69 35.80
CA ASP X 35 -38.92 -0.59 35.70
C ASP X 35 -37.91 -1.72 35.63
N ALA X 36 -38.16 -2.78 36.42
CA ALA X 36 -37.23 -3.90 36.46
C ALA X 36 -37.11 -4.59 35.10
N ALA X 37 -38.18 -4.56 34.31
CA ALA X 37 -38.13 -5.21 33.01
C ALA X 37 -37.05 -4.61 32.11
N SER X 38 -36.63 -3.37 32.40
CA SER X 38 -35.59 -2.72 31.62
C SER X 38 -34.19 -3.24 31.92
N ASN X 39 -34.05 -4.09 32.93
CA ASN X 39 -32.73 -4.50 33.40
C ASN X 39 -32.11 -5.55 32.48
N SER X 40 -30.80 -5.71 32.62
CA SER X 40 -30.06 -6.69 31.83
C SER X 40 -30.48 -8.10 32.23
N ALA X 41 -29.92 -9.09 31.55
CA ALA X 41 -30.24 -10.48 31.85
C ALA X 41 -29.70 -10.85 33.23
N ASN X 42 -30.33 -11.84 33.85
CA ASN X 42 -29.90 -12.33 35.16
C ASN X 42 -28.75 -13.31 34.97
N ARG X 43 -27.61 -12.77 34.55
CA ARG X 43 -26.40 -13.54 34.35
C ARG X 43 -25.40 -13.36 35.48
N GLN X 44 -25.26 -12.15 36.00
CA GLN X 44 -24.39 -11.88 37.13
C GLN X 44 -25.03 -10.87 38.08
N HIS Y 42 -52.87 -6.37 44.53
CA HIS Y 42 -52.76 -5.78 43.18
C HIS Y 42 -52.55 -4.27 43.26
N SER Y 43 -51.48 -3.80 42.62
CA SER Y 43 -51.17 -2.38 42.61
C SER Y 43 -51.98 -1.65 41.54
N ARG Y 44 -52.39 -0.43 41.86
CA ARG Y 44 -53.08 0.44 40.92
C ARG Y 44 -52.11 1.41 40.24
N SER Y 45 -50.87 0.98 40.00
CA SER Y 45 -49.82 1.90 39.57
C SER Y 45 -50.13 2.50 38.21
N GLU Y 46 -50.49 1.65 37.24
CA GLU Y 46 -50.65 2.13 35.86
C GLU Y 46 -51.90 2.99 35.67
N SER Y 47 -52.79 3.06 36.64
CA SER Y 47 -53.99 3.88 36.55
C SER Y 47 -53.84 5.23 37.23
N SER Y 48 -52.63 5.57 37.67
CA SER Y 48 -52.39 6.93 38.16
C SER Y 48 -52.52 7.92 37.01
N ILE Y 49 -52.81 9.17 37.37
CA ILE Y 49 -52.99 10.20 36.36
C ILE Y 49 -51.71 10.35 35.53
N GLU Y 50 -50.56 10.27 36.18
CA GLU Y 50 -49.31 10.44 35.46
C GLU Y 50 -49.15 9.37 34.39
N ASN Y 51 -49.42 8.11 34.72
CA ASN Y 51 -49.29 7.05 33.72
C ASN Y 51 -50.38 7.16 32.66
N PHE Y 52 -51.58 7.59 33.05
CA PHE Y 52 -52.67 7.69 32.08
C PHE Y 52 -52.37 8.75 31.01
N LEU Y 53 -51.85 9.90 31.41
CA LEU Y 53 -51.66 10.99 30.48
C LEU Y 53 -50.24 11.09 29.93
N CYS Y 54 -49.26 10.46 30.56
CA CYS Y 54 -47.86 10.64 30.19
C CYS Y 54 -47.45 9.60 29.16
N ARG Y 55 -48.03 9.76 27.98
CA ARG Y 55 -47.65 8.97 26.81
C ARG Y 55 -47.83 9.85 25.59
N ALA Y 56 -46.84 9.85 24.70
CA ALA Y 56 -46.85 10.76 23.57
C ALA Y 56 -48.12 10.58 22.74
N ALA Y 57 -48.62 11.70 22.20
CA ALA Y 57 -49.86 11.71 21.44
C ALA Y 57 -49.72 12.73 20.33
N CYS Y 58 -50.11 12.37 19.11
CA CYS Y 58 -50.08 13.28 17.98
C CYS Y 58 -51.22 14.28 18.11
N VAL Y 59 -50.88 15.56 18.30
CA VAL Y 59 -51.91 16.57 18.48
C VAL Y 59 -52.28 17.24 17.15
N TYR Y 60 -51.35 17.28 16.20
CA TYR Y 60 -51.57 17.94 14.91
C TYR Y 60 -50.37 17.64 14.03
N TYR Y 61 -50.59 17.72 12.72
CA TYR Y 61 -49.49 17.60 11.77
C TYR Y 61 -49.80 18.41 10.54
N ALA Y 62 -48.78 19.10 10.02
CA ALA Y 62 -48.96 20.02 8.91
C ALA Y 62 -47.85 19.83 7.88
N THR Y 63 -48.05 20.43 6.70
CA THR Y 63 -47.20 20.20 5.55
C THR Y 63 -46.61 21.51 5.04
N TYR Y 64 -45.42 21.42 4.43
CA TYR Y 64 -44.83 22.57 3.75
C TYR Y 64 -43.91 22.06 2.63
N THR Y 65 -43.75 22.87 1.60
CA THR Y 65 -43.06 22.46 0.38
C THR Y 65 -41.85 23.35 0.09
N ASN Y 66 -40.91 22.76 -0.66
CA ASN Y 66 -39.62 23.39 -0.96
C ASN Y 66 -39.75 24.57 -1.90
N ASN Y 67 -40.12 24.31 -3.17
CA ASN Y 67 -40.20 25.37 -4.18
C ASN Y 67 -41.64 25.88 -4.24
N SER Y 68 -41.97 26.69 -3.24
CA SER Y 68 -43.20 27.49 -3.27
C SER Y 68 -42.98 28.57 -2.20
N GLU Y 69 -42.34 29.67 -2.58
CA GLU Y 69 -42.08 30.71 -1.59
C GLU Y 69 -43.40 31.08 -0.94
N LYS Y 70 -43.34 31.38 0.35
CA LYS Y 70 -44.54 31.46 1.18
C LYS Y 70 -45.15 30.09 1.39
N GLY Y 71 -44.34 29.05 1.16
CA GLY Y 71 -44.73 27.67 1.37
C GLY Y 71 -44.37 27.17 2.76
N TYR Y 72 -44.43 28.09 3.73
CA TYR Y 72 -44.23 27.76 5.13
C TYR Y 72 -45.55 27.39 5.77
N ALA Y 73 -45.50 26.61 6.83
CA ALA Y 73 -46.70 26.15 7.51
C ALA Y 73 -46.83 26.84 8.87
N GLU Y 74 -48.06 26.89 9.38
CA GLU Y 74 -48.33 27.55 10.65
C GLU Y 74 -49.47 26.81 11.35
N TRP Y 75 -49.42 26.80 12.69
CA TRP Y 75 -50.44 26.14 13.48
C TRP Y 75 -50.63 26.89 14.79
N VAL Y 76 -51.86 27.30 15.07
CA VAL Y 76 -52.21 27.78 16.41
C VAL Y 76 -52.32 26.59 17.34
N ILE Y 77 -51.62 26.65 18.47
CA ILE Y 77 -51.49 25.49 19.35
C ILE Y 77 -52.80 25.31 20.12
N ASN Y 78 -53.51 24.22 19.83
CA ASN Y 78 -54.65 23.80 20.62
C ASN Y 78 -54.58 22.28 20.78
N THR Y 79 -55.36 21.78 21.75
CA THR Y 79 -55.40 20.36 22.06
C THR Y 79 -56.73 19.71 21.69
N ARG Y 80 -57.58 20.40 20.93
CA ARG Y 80 -58.92 19.92 20.66
C ARG Y 80 -59.12 19.47 19.21
N GLN Y 81 -58.10 19.60 18.37
CA GLN Y 81 -58.22 19.10 17.00
C GLN Y 81 -58.14 17.58 16.95
N VAL Y 82 -57.39 16.99 17.86
CA VAL Y 82 -57.21 15.53 17.91
C VAL Y 82 -58.21 14.96 18.89
N ALA Y 83 -58.72 13.77 18.59
CA ALA Y 83 -59.81 13.18 19.35
C ALA Y 83 -59.33 12.43 20.59
N GLN Y 84 -58.33 11.57 20.43
CA GLN Y 84 -57.90 10.69 21.51
C GLN Y 84 -57.41 11.50 22.71
N LEU Y 85 -56.35 12.27 22.49
CA LEU Y 85 -55.78 13.07 23.58
C LEU Y 85 -56.82 14.02 24.15
N ARG Y 86 -57.66 14.57 23.28
CA ARG Y 86 -58.67 15.50 23.77
C ARG Y 86 -59.59 14.82 24.76
N ARG Y 87 -60.08 13.62 24.44
CA ARG Y 87 -60.96 12.94 25.36
C ARG Y 87 -60.24 12.61 26.66
N LYS Y 88 -59.00 12.11 26.56
CA LYS Y 88 -58.23 11.81 27.77
C LYS Y 88 -58.15 13.03 28.68
N LEU Y 89 -57.92 14.21 28.09
CA LEU Y 89 -57.83 15.43 28.90
C LEU Y 89 -59.19 15.86 29.40
N GLU Y 90 -60.23 15.72 28.58
CA GLU Y 90 -61.58 16.16 28.94
C GLU Y 90 -62.23 15.24 29.96
N LEU Y 91 -61.56 14.15 30.36
CA LEU Y 91 -61.96 13.45 31.56
C LEU Y 91 -61.90 14.33 32.80
N PHE Y 92 -61.30 15.52 32.71
CA PHE Y 92 -61.16 16.43 33.85
C PHE Y 92 -61.55 17.84 33.44
N THR Y 93 -61.97 18.62 34.44
CA THR Y 93 -62.37 20.01 34.23
C THR Y 93 -61.18 20.96 34.27
N TYR Y 94 -60.22 20.72 35.17
CA TYR Y 94 -59.03 21.55 35.30
C TYR Y 94 -57.80 20.66 35.35
N LEU Y 95 -56.76 21.07 34.63
CA LEU Y 95 -55.50 20.34 34.61
C LEU Y 95 -54.35 21.30 34.80
N ARG Y 96 -53.18 20.74 35.10
CA ARG Y 96 -51.97 21.53 35.30
C ARG Y 96 -50.78 20.60 35.12
N PHE Y 97 -49.88 20.95 34.20
CA PHE Y 97 -48.79 20.05 33.88
C PHE Y 97 -47.77 20.75 32.99
N ASP Y 98 -46.58 20.16 32.94
CA ASP Y 98 -45.56 20.50 31.96
C ASP Y 98 -45.74 19.64 30.72
N LEU Y 99 -44.98 19.96 29.67
CA LEU Y 99 -45.13 19.27 28.40
C LEU Y 99 -43.79 18.78 27.86
N GLU Y 100 -43.82 17.61 27.24
CA GLU Y 100 -42.72 17.10 26.43
C GLU Y 100 -43.20 17.12 24.99
N LEU Y 101 -42.56 17.94 24.16
CA LEU Y 101 -42.88 18.09 22.75
C LEU Y 101 -41.91 17.25 21.95
N THR Y 102 -42.43 16.36 21.12
CA THR Y 102 -41.60 15.61 20.19
C THR Y 102 -42.11 15.86 18.77
N PHE Y 103 -41.20 16.18 17.86
CA PHE Y 103 -41.56 16.43 16.47
C PHE Y 103 -41.09 15.28 15.59
N VAL Y 104 -42.00 14.71 14.82
CA VAL Y 104 -41.67 13.70 13.81
C VAL Y 104 -41.83 14.38 12.45
N ILE Y 105 -40.69 14.75 11.85
CA ILE Y 105 -40.65 15.50 10.61
C ILE Y 105 -40.20 14.56 9.51
N THR Y 106 -41.05 14.35 8.50
CA THR Y 106 -40.82 13.36 7.47
C THR Y 106 -41.06 13.97 6.09
N SER Y 107 -40.11 13.77 5.19
CA SER Y 107 -40.15 14.40 3.87
C SER Y 107 -40.33 13.37 2.77
N ALA Y 108 -40.65 13.88 1.59
CA ALA Y 108 -40.88 13.04 0.42
C ALA Y 108 -40.63 13.86 -0.84
N GLN Y 109 -40.00 13.23 -1.82
CA GLN Y 109 -39.74 13.88 -3.10
C GLN Y 109 -41.05 14.01 -3.87
N GLN Y 110 -41.35 15.23 -4.34
CA GLN Y 110 -42.54 15.52 -5.12
C GLN Y 110 -42.21 15.50 -6.60
N PRO Y 111 -43.22 15.41 -7.47
CA PRO Y 111 -42.94 15.23 -8.90
C PRO Y 111 -42.05 16.33 -9.46
N SER Y 112 -41.14 15.94 -10.35
CA SER Y 112 -40.19 16.86 -10.94
C SER Y 112 -39.87 16.41 -12.35
N THR Y 113 -39.46 17.38 -13.17
CA THR Y 113 -39.21 17.14 -14.58
C THR Y 113 -37.75 17.32 -14.98
N ALA Y 114 -36.88 17.70 -14.05
CA ALA Y 114 -35.49 17.91 -14.35
C ALA Y 114 -34.73 16.58 -14.32
N THR Y 115 -33.46 16.64 -14.73
CA THR Y 115 -32.61 15.47 -14.64
C THR Y 115 -32.41 15.08 -13.18
N SER Y 116 -31.54 14.11 -12.92
CA SER Y 116 -31.33 13.56 -11.57
C SER Y 116 -31.40 14.63 -10.49
N VAL Y 117 -32.30 14.43 -9.52
CA VAL Y 117 -32.45 15.35 -8.40
C VAL Y 117 -31.71 14.74 -7.22
N ASP Y 118 -30.42 15.08 -7.09
CA ASP Y 118 -29.61 14.59 -5.98
C ASP Y 118 -29.69 15.62 -4.85
N ALA Y 119 -30.72 15.47 -4.02
CA ALA Y 119 -31.01 16.48 -3.01
C ALA Y 119 -30.09 16.28 -1.80
N PRO Y 120 -29.44 17.35 -1.33
CA PRO Y 120 -28.65 17.23 -0.09
C PRO Y 120 -29.55 17.12 1.12
N VAL Y 121 -28.92 16.85 2.27
CA VAL Y 121 -29.68 16.68 3.50
C VAL Y 121 -30.48 17.94 3.78
N GLN Y 122 -31.70 17.76 4.29
CA GLN Y 122 -32.62 18.86 4.51
C GLN Y 122 -32.69 19.23 5.98
N THR Y 123 -32.56 20.51 6.27
CA THR Y 123 -32.71 21.06 7.61
C THR Y 123 -34.03 21.81 7.70
N HIS Y 124 -34.63 21.79 8.89
CA HIS Y 124 -35.92 22.42 9.12
C HIS Y 124 -35.82 23.32 10.33
N GLN Y 125 -36.65 24.36 10.35
CA GLN Y 125 -36.78 25.22 11.51
C GLN Y 125 -38.24 25.27 11.96
N ILE Y 126 -38.44 25.13 13.27
CA ILE Y 126 -39.74 25.29 13.90
C ILE Y 126 -39.62 26.45 14.87
N MET Y 127 -40.36 27.52 14.61
CA MET Y 127 -40.33 28.72 15.43
C MET Y 127 -41.62 28.85 16.21
N TYR Y 128 -41.52 29.26 17.48
CA TYR Y 128 -42.69 29.50 18.32
C TYR Y 128 -42.89 31.00 18.46
N VAL Y 129 -44.04 31.50 18.00
CA VAL Y 129 -44.39 32.91 18.13
C VAL Y 129 -45.43 33.02 19.23
N PRO Y 130 -45.04 33.48 20.43
CA PRO Y 130 -46.04 33.71 21.47
C PRO Y 130 -47.01 34.78 21.06
N PRO Y 131 -48.24 34.78 21.60
CA PRO Y 131 -49.22 35.79 21.20
C PRO Y 131 -48.69 37.21 21.33
N GLY Y 132 -48.72 37.95 20.22
CA GLY Y 132 -48.29 39.33 20.17
C GLY Y 132 -47.00 39.56 19.44
N GLY Y 133 -46.22 38.53 19.18
CA GLY Y 133 -44.97 38.68 18.48
C GLY Y 133 -45.16 38.81 16.98
N PRO Y 134 -44.08 39.23 16.31
CA PRO Y 134 -44.13 39.25 14.83
C PRO Y 134 -44.31 37.85 14.28
N VAL Y 135 -44.93 37.78 13.10
CA VAL Y 135 -45.35 36.53 12.50
C VAL Y 135 -44.69 36.41 11.13
N PRO Y 136 -44.02 35.30 10.82
CA PRO Y 136 -43.46 35.14 9.47
C PRO Y 136 -44.54 35.24 8.41
N THR Y 137 -44.28 36.09 7.40
CA THR Y 137 -45.18 36.24 6.27
C THR Y 137 -44.70 35.50 5.03
N LYS Y 138 -43.47 35.00 5.04
CA LYS Y 138 -42.89 34.28 3.92
C LYS Y 138 -41.80 33.37 4.46
N VAL Y 139 -41.40 32.39 3.64
CA VAL Y 139 -40.31 31.50 4.05
C VAL Y 139 -39.04 32.29 4.30
N THR Y 140 -38.92 33.50 3.77
CA THR Y 140 -37.72 34.31 3.93
C THR Y 140 -38.00 35.58 4.72
N ASP Y 141 -38.78 35.47 5.79
CA ASP Y 141 -39.10 36.64 6.62
C ASP Y 141 -37.99 36.88 7.64
N TYR Y 142 -37.95 38.10 8.18
CA TYR Y 142 -36.98 38.39 9.22
C TYR Y 142 -37.35 37.73 10.55
N ALA Y 143 -38.63 37.44 10.76
CA ALA Y 143 -39.06 36.81 12.01
C ALA Y 143 -38.26 35.55 12.30
N TRP Y 144 -37.87 34.82 11.25
CA TRP Y 144 -37.10 33.60 11.42
C TRP Y 144 -35.76 33.84 12.10
N GLN Y 145 -35.38 35.09 12.35
CA GLN Y 145 -34.16 35.37 13.10
C GLN Y 145 -34.22 34.79 14.52
N THR Y 146 -35.42 34.65 15.08
CA THR Y 146 -35.65 34.10 16.40
C THR Y 146 -34.64 34.64 17.42
N SER Y 147 -34.45 35.96 17.42
CA SER Y 147 -33.58 36.55 18.43
C SER Y 147 -34.10 36.27 19.83
N THR Y 148 -35.42 36.37 20.02
CA THR Y 148 -36.07 36.08 21.28
C THR Y 148 -37.02 34.91 21.20
N ASN Y 149 -37.71 34.74 20.09
CA ASN Y 149 -38.65 33.63 19.94
C ASN Y 149 -37.88 32.32 19.97
N PRO Y 150 -38.27 31.37 20.83
CA PRO Y 150 -37.60 30.06 20.82
C PRO Y 150 -37.89 29.31 19.53
N SER Y 151 -36.90 28.53 19.10
CA SER Y 151 -37.07 27.76 17.88
C SER Y 151 -36.04 26.64 17.85
N VAL Y 152 -36.39 25.59 17.11
CA VAL Y 152 -35.55 24.41 16.95
C VAL Y 152 -35.07 24.35 15.51
N PHE Y 153 -33.79 24.02 15.34
CA PHE Y 153 -33.18 23.72 14.05
C PHE Y 153 -32.79 22.25 14.06
N TRP Y 154 -33.36 21.48 13.12
CA TRP Y 154 -33.20 20.03 13.13
C TRP Y 154 -32.90 19.53 11.72
N THR Y 155 -31.91 18.65 11.60
CA THR Y 155 -31.53 18.08 10.31
C THR Y 155 -32.15 16.70 10.16
N GLU Y 156 -32.58 16.37 8.94
CA GLU Y 156 -33.20 15.08 8.69
C GLU Y 156 -32.21 13.95 8.93
N GLY Y 157 -32.74 12.81 9.35
CA GLY Y 157 -31.93 11.62 9.57
C GLY Y 157 -31.38 11.46 10.97
N ASN Y 158 -31.75 12.33 11.90
CA ASN Y 158 -31.29 12.28 13.28
C ASN Y 158 -32.47 12.00 14.20
N ALA Y 159 -32.19 11.92 15.49
CA ALA Y 159 -33.25 11.65 16.44
C ALA Y 159 -34.29 12.76 16.40
N PRO Y 160 -35.58 12.43 16.48
CA PRO Y 160 -36.62 13.47 16.46
C PRO Y 160 -36.31 14.55 17.48
N PRO Y 161 -36.50 15.83 17.13
CA PRO Y 161 -36.25 16.87 18.12
C PRO Y 161 -37.28 16.82 19.23
N ARG Y 162 -36.81 17.12 20.44
CA ARG Y 162 -37.62 17.05 21.64
C ARG Y 162 -37.33 18.27 22.51
N MET Y 163 -38.35 18.70 23.24
CA MET Y 163 -38.28 19.98 23.94
C MET Y 163 -39.35 20.00 25.01
N SER Y 164 -38.98 20.21 26.26
CA SER Y 164 -39.97 20.31 27.32
C SER Y 164 -40.27 21.77 27.64
N ILE Y 165 -41.50 22.03 28.08
CA ILE Y 165 -41.95 23.39 28.34
C ILE Y 165 -42.77 23.44 29.61
N PRO Y 166 -42.67 24.52 30.38
CA PRO Y 166 -43.36 24.59 31.68
C PRO Y 166 -44.87 24.69 31.60
N PHE Y 167 -45.48 24.89 32.77
CA PHE Y 167 -46.89 25.25 32.89
C PHE Y 167 -47.03 26.72 32.58
N ILE Y 168 -47.44 27.03 31.35
CA ILE Y 168 -47.32 28.39 30.83
C ILE Y 168 -48.65 29.13 30.90
N SER Y 169 -49.50 28.75 31.83
CA SER Y 169 -50.83 29.36 31.89
C SER Y 169 -50.80 30.60 32.78
N ILE Y 170 -51.80 31.46 32.56
CA ILE Y 170 -51.95 32.66 33.36
C ILE Y 170 -52.70 32.35 34.65
N GLY Y 171 -53.66 31.43 34.59
CA GLY Y 171 -54.40 31.04 35.77
C GLY Y 171 -53.67 29.99 36.58
N ASN Y 172 -54.30 29.61 37.70
CA ASN Y 172 -53.74 28.61 38.58
C ASN Y 172 -53.94 27.19 38.06
N ALA Y 173 -54.44 27.05 36.84
CA ALA Y 173 -54.60 25.74 36.21
C ALA Y 173 -55.08 25.92 34.77
N TYR Y 174 -54.68 25.00 33.89
CA TYR Y 174 -55.29 24.98 32.56
C TYR Y 174 -56.78 24.71 32.69
N SER Y 175 -57.57 25.38 31.86
CA SER Y 175 -59.02 25.20 31.84
C SER Y 175 -59.37 24.33 30.64
N CYS Y 176 -60.03 23.19 30.90
CA CYS Y 176 -60.50 22.31 29.84
C CYS Y 176 -61.93 22.64 29.40
N PHE Y 177 -62.72 23.27 30.27
CA PHE Y 177 -64.07 23.71 29.93
C PHE Y 177 -64.32 25.08 30.54
N TYR Y 178 -65.18 25.85 29.88
CA TYR Y 178 -65.47 27.22 30.30
C TYR Y 178 -66.92 27.52 29.97
N ASP Y 179 -67.78 27.56 30.99
CA ASP Y 179 -69.20 27.89 30.82
C ASP Y 179 -69.36 29.40 30.95
N GLY Y 180 -68.78 30.11 29.99
CA GLY Y 180 -68.83 31.54 29.98
C GLY Y 180 -68.47 32.10 28.62
N TRP Y 181 -68.37 33.43 28.57
CA TRP Y 181 -68.12 34.16 27.33
C TRP Y 181 -66.80 34.92 27.43
N THR Y 182 -66.43 35.53 26.31
CA THR Y 182 -65.23 36.35 26.26
C THR Y 182 -65.50 37.83 26.56
N GLN Y 183 -66.71 38.30 26.25
CA GLN Y 183 -67.10 39.67 26.53
C GLN Y 183 -68.02 39.71 27.76
N PHE Y 184 -67.86 40.75 28.58
CA PHE Y 184 -68.72 40.90 29.73
C PHE Y 184 -70.17 41.14 29.35
N SER Y 185 -70.43 41.52 28.09
CA SER Y 185 -71.77 41.79 27.61
C SER Y 185 -72.55 40.52 27.29
N ARG Y 186 -72.07 39.36 27.75
CA ARG Y 186 -72.70 38.09 27.44
C ARG Y 186 -72.91 37.93 25.93
N ASN Y 187 -71.90 38.36 25.17
CA ASN Y 187 -71.93 38.28 23.71
C ASN Y 187 -70.52 37.95 23.23
N GLY Y 188 -70.36 37.89 21.91
CA GLY Y 188 -69.07 37.58 21.31
C GLY Y 188 -68.87 36.07 21.14
N VAL Y 189 -67.98 35.51 21.94
CA VAL Y 189 -67.59 34.11 21.83
C VAL Y 189 -68.02 33.39 23.11
N TYR Y 190 -68.42 32.13 22.97
CA TYR Y 190 -68.82 31.29 24.08
C TYR Y 190 -68.02 29.99 24.05
N GLY Y 191 -67.12 29.82 25.01
CA GLY Y 191 -66.52 28.52 25.21
C GLY Y 191 -65.05 28.61 25.55
N ILE Y 192 -64.39 27.47 25.41
CA ILE Y 192 -62.99 27.31 25.81
C ILE Y 192 -62.03 28.05 24.90
N ASN Y 193 -62.49 28.49 23.74
CA ASN Y 193 -61.65 29.27 22.87
C ASN Y 193 -61.51 30.71 23.33
N THR Y 194 -62.32 31.14 24.29
CA THR Y 194 -62.12 32.44 24.91
C THR Y 194 -60.89 32.42 25.81
N LEU Y 195 -60.42 31.23 26.17
CA LEU Y 195 -59.27 31.05 27.04
C LEU Y 195 -58.03 30.59 26.28
N ASN Y 196 -58.19 29.67 25.34
CA ASN Y 196 -57.02 29.23 24.57
C ASN Y 196 -56.31 30.42 23.93
N ASN Y 197 -55.12 30.79 24.47
CA ASN Y 197 -54.23 31.74 23.82
C ASN Y 197 -52.80 31.26 24.10
N MET Y 198 -52.34 30.31 23.30
CA MET Y 198 -51.07 29.64 23.53
C MET Y 198 -50.03 29.96 22.45
N GLY Y 199 -50.33 30.87 21.53
CA GLY Y 199 -49.40 31.25 20.50
C GLY Y 199 -49.46 30.38 19.26
N THR Y 200 -48.65 30.75 18.27
CA THR Y 200 -48.59 30.05 17.00
C THR Y 200 -47.23 29.38 16.83
N LEU Y 201 -47.17 28.43 15.91
CA LEU Y 201 -45.99 27.60 15.69
C LEU Y 201 -45.79 27.47 14.19
N TYR Y 202 -44.67 27.99 13.69
CA TYR Y 202 -44.38 28.06 12.27
C TYR Y 202 -43.28 27.09 11.89
N MET Y 203 -43.36 26.61 10.64
CA MET Y 203 -42.51 25.54 10.15
C MET Y 203 -41.98 25.93 8.78
N ARG Y 204 -40.69 25.72 8.55
CA ARG Y 204 -40.13 25.98 7.24
C ARG Y 204 -38.93 25.07 6.99
N HIS Y 205 -38.61 24.90 5.70
CA HIS Y 205 -37.33 24.33 5.32
C HIS Y 205 -36.26 25.42 5.39
N VAL Y 206 -35.19 25.15 6.13
CA VAL Y 206 -34.04 26.06 6.12
C VAL Y 206 -33.25 25.85 4.84
N ASN Y 207 -33.19 24.60 4.36
CA ASN Y 207 -32.45 24.25 3.14
C ASN Y 207 -33.24 24.74 1.93
N GLU Y 208 -33.12 26.03 1.66
CA GLU Y 208 -33.67 26.59 0.43
C GLU Y 208 -32.98 25.93 -0.75
N ALA Y 209 -33.75 25.27 -1.61
CA ALA Y 209 -33.17 24.49 -2.68
C ALA Y 209 -34.12 24.45 -3.86
N GLY Y 210 -33.60 23.95 -4.98
CA GLY Y 210 -34.37 23.81 -6.18
C GLY Y 210 -34.03 22.56 -6.96
N GLN Y 211 -34.39 22.55 -8.24
CA GLN Y 211 -34.15 21.43 -9.13
C GLN Y 211 -35.06 20.25 -8.83
N GLY Y 212 -35.82 20.33 -7.74
CA GLY Y 212 -36.76 19.30 -7.39
C GLY Y 212 -37.58 19.69 -6.17
N PRO Y 213 -38.89 19.46 -6.23
CA PRO Y 213 -39.74 19.82 -5.10
C PRO Y 213 -39.69 18.77 -4.00
N ILE Y 214 -39.79 19.24 -2.77
CA ILE Y 214 -39.68 18.38 -1.60
C ILE Y 214 -40.77 18.79 -0.62
N LYS Y 215 -41.67 17.87 -0.28
CA LYS Y 215 -42.75 18.16 0.64
C LYS Y 215 -42.51 17.45 1.96
N SER Y 216 -42.65 18.19 3.06
CA SER Y 216 -42.40 17.65 4.39
C SER Y 216 -43.63 17.80 5.26
N THR Y 217 -43.77 16.86 6.18
CA THR Y 217 -44.89 16.78 7.11
C THR Y 217 -44.33 16.72 8.51
N VAL Y 218 -44.63 17.73 9.31
CA VAL Y 218 -44.23 17.77 10.71
C VAL Y 218 -45.40 17.31 11.56
N ARG Y 219 -45.12 16.39 12.49
CA ARG Y 219 -46.11 15.84 13.40
C ARG Y 219 -45.73 16.25 14.81
N ILE Y 220 -46.59 17.05 15.44
CA ILE Y 220 -46.39 17.55 16.80
C ILE Y 220 -46.95 16.53 17.76
N TYR Y 221 -46.17 16.21 18.82
CA TYR Y 221 -46.56 15.23 19.82
C TYR Y 221 -46.46 15.87 21.19
N PHE Y 222 -47.57 15.81 21.92
CA PHE Y 222 -47.67 16.30 23.30
C PHE Y 222 -47.52 15.13 24.27
N LYS Y 223 -46.78 15.35 25.36
CA LYS Y 223 -46.70 14.38 26.44
C LYS Y 223 -46.74 15.15 27.77
N PRO Y 224 -47.88 15.18 28.45
CA PRO Y 224 -47.94 15.87 29.75
C PRO Y 224 -47.10 15.18 30.81
N LYS Y 225 -46.20 15.95 31.43
CA LYS Y 225 -45.38 15.50 32.55
C LYS Y 225 -45.76 16.27 33.81
N HIS Y 226 -45.54 15.65 34.96
CA HIS Y 226 -45.79 16.26 36.27
C HIS Y 226 -47.22 16.80 36.35
N VAL Y 227 -48.18 15.91 36.23
CA VAL Y 227 -49.56 16.29 36.02
C VAL Y 227 -50.30 16.39 37.35
N LYS Y 228 -51.26 17.32 37.39
CA LYS Y 228 -52.21 17.45 38.49
C LYS Y 228 -53.58 17.75 37.88
N ALA Y 229 -54.58 16.93 38.20
CA ALA Y 229 -55.90 17.04 37.63
C ALA Y 229 -56.94 17.28 38.72
N TRP Y 230 -58.05 17.91 38.34
CA TRP Y 230 -59.11 18.22 39.29
C TRP Y 230 -60.47 17.98 38.64
N VAL Y 231 -61.46 17.73 39.50
CA VAL Y 231 -62.86 17.74 39.11
C VAL Y 231 -63.07 16.85 37.88
N PRO Y 232 -63.15 15.54 38.06
CA PRO Y 232 -63.41 14.66 36.91
C PRO Y 232 -64.84 14.81 36.43
N ARG Y 233 -65.04 14.54 35.15
CA ARG Y 233 -66.33 14.69 34.51
C ARG Y 233 -66.57 13.52 33.57
N PRO Y 234 -67.83 13.26 33.22
CA PRO Y 234 -68.13 12.05 32.46
C PRO Y 234 -67.32 12.00 31.19
N PRO Y 235 -66.96 10.82 30.71
CA PRO Y 235 -66.19 10.71 29.47
C PRO Y 235 -67.04 11.18 28.29
N ARG Y 236 -66.35 11.62 27.25
CA ARG Y 236 -67.03 12.02 26.03
C ARG Y 236 -67.82 10.84 25.48
N LEU Y 237 -69.11 11.06 25.24
CA LEU Y 237 -69.98 10.03 24.68
C LEU Y 237 -70.23 10.26 23.20
N CYS Y 238 -70.77 11.42 22.84
CA CYS Y 238 -71.01 11.76 21.45
C CYS Y 238 -69.72 12.20 20.78
N GLN Y 239 -69.57 11.82 19.50
CA GLN Y 239 -68.35 12.13 18.77
C GLN Y 239 -68.09 13.63 18.76
N TYR Y 240 -66.81 13.99 18.76
CA TYR Y 240 -66.43 15.39 18.65
C TYR Y 240 -66.80 15.94 17.27
N GLU Y 241 -67.20 17.21 17.24
CA GLU Y 241 -67.61 17.86 16.00
C GLU Y 241 -66.78 19.10 15.67
N LYS Y 242 -66.42 19.91 16.65
CA LYS Y 242 -65.68 21.13 16.39
C LYS Y 242 -64.58 21.31 17.42
N GLN Y 243 -63.47 21.91 16.96
CA GLN Y 243 -62.29 22.12 17.79
C GLN Y 243 -62.50 23.20 18.85
N LYS Y 244 -63.40 24.15 18.61
CA LYS Y 244 -63.48 25.33 19.45
C LYS Y 244 -64.71 25.34 20.36
N ASN Y 245 -65.44 24.24 20.43
CA ASN Y 245 -66.65 24.23 21.24
C ASN Y 245 -67.09 22.79 21.51
N VAL Y 246 -68.07 22.67 22.41
CA VAL Y 246 -68.60 21.37 22.82
C VAL Y 246 -69.52 20.73 21.80
N ASN Y 247 -69.92 21.48 20.78
CA ASN Y 247 -70.99 21.08 19.89
C ASN Y 247 -70.92 19.59 19.53
N PHE Y 248 -72.05 18.92 19.69
CA PHE Y 248 -72.15 17.48 19.50
C PHE Y 248 -73.43 17.16 18.76
N THR Y 249 -73.44 15.99 18.15
CA THR Y 249 -74.66 15.44 17.57
C THR Y 249 -75.20 14.38 18.51
N PRO Y 250 -76.40 14.52 19.06
CA PRO Y 250 -76.86 13.58 20.09
C PRO Y 250 -76.68 12.12 19.68
N THR Y 251 -76.18 11.33 20.62
CA THR Y 251 -75.96 9.89 20.44
C THR Y 251 -76.66 9.15 21.57
N GLY Y 252 -76.86 7.85 21.36
CA GLY Y 252 -77.47 7.02 22.37
C GLY Y 252 -76.56 6.78 23.56
N VAL Y 253 -77.18 6.37 24.67
CA VAL Y 253 -76.43 6.16 25.91
C VAL Y 253 -75.42 5.03 25.72
N THR Y 254 -75.82 3.93 25.11
CA THR Y 254 -74.95 2.77 24.96
C THR Y 254 -75.42 1.92 23.79
N THR Y 255 -74.63 0.89 23.48
CA THR Y 255 -75.06 -0.09 22.50
C THR Y 255 -76.26 -0.87 23.01
N THR Y 256 -77.00 -1.48 22.08
CA THR Y 256 -78.28 -2.09 22.37
C THR Y 256 -78.20 -3.61 22.29
N ARG Y 257 -79.04 -4.25 23.09
CA ARG Y 257 -79.30 -5.68 23.01
C ARG Y 257 -80.81 -5.89 22.83
N VAL Y 258 -81.22 -7.15 22.75
CA VAL Y 258 -82.61 -7.47 22.47
C VAL Y 258 -83.47 -7.17 23.69
N GLY Y 259 -83.30 -7.95 24.75
CA GLY Y 259 -84.07 -7.77 25.96
C GLY Y 259 -83.16 -7.71 27.17
N ILE Y 260 -83.71 -7.20 28.27
CA ILE Y 260 -82.93 -7.11 29.51
C ILE Y 260 -82.52 -8.50 29.97
N THR Y 261 -83.21 -9.54 29.51
CA THR Y 261 -82.91 -10.92 29.85
C THR Y 261 -81.97 -11.57 28.85
N THR Y 262 -81.73 -10.96 27.69
CA THR Y 262 -80.90 -11.60 26.67
C THR Y 262 -79.51 -11.89 27.23
N THR Y 263 -79.05 -13.13 26.99
CA THR Y 263 -77.81 -13.67 27.54
C THR Y 263 -76.83 -12.63 28.08
N VAL Z 13 -85.08 17.48 63.98
CA VAL Z 13 -85.57 18.43 63.01
C VAL Z 13 -84.44 18.85 62.07
N ARG Z 14 -83.26 19.10 62.63
CA ARG Z 14 -82.09 19.43 61.82
C ARG Z 14 -82.30 20.70 61.01
N SER Z 15 -82.19 21.86 61.65
CA SER Z 15 -82.39 23.15 61.01
C SER Z 15 -81.06 23.83 60.71
N ILE Z 16 -80.95 24.42 59.52
CA ILE Z 16 -79.85 25.31 59.17
C ILE Z 16 -80.34 26.74 59.32
N THR Z 17 -79.41 27.69 59.47
CA THR Z 17 -79.78 29.10 59.55
C THR Z 17 -78.65 29.94 58.95
N LEU Z 18 -78.75 30.22 57.65
CA LEU Z 18 -77.87 31.17 56.99
C LEU Z 18 -78.53 32.54 56.98
N GLY Z 19 -77.78 33.56 57.36
CA GLY Z 19 -78.34 34.90 57.38
C GLY Z 19 -79.62 34.95 58.19
N ASN Z 20 -80.62 35.65 57.67
CA ASN Z 20 -81.92 35.78 58.31
C ASN Z 20 -82.86 34.64 57.94
N SER Z 21 -82.32 33.52 57.44
CA SER Z 21 -83.12 32.46 56.88
C SER Z 21 -82.88 31.16 57.64
N THR Z 22 -83.78 30.21 57.45
CA THR Z 22 -83.73 28.96 58.21
C THR Z 22 -84.49 27.89 57.43
N ILE Z 23 -83.81 26.82 57.08
CA ILE Z 23 -84.40 25.66 56.43
C ILE Z 23 -84.60 24.57 57.46
N THR Z 24 -85.62 23.74 57.24
CA THR Z 24 -85.93 22.61 58.12
C THR Z 24 -85.65 21.33 57.34
N THR Z 25 -84.46 20.77 57.52
CA THR Z 25 -84.10 19.53 56.87
C THR Z 25 -84.61 18.37 57.74
N GLN Z 26 -83.99 17.19 57.62
CA GLN Z 26 -84.34 16.03 58.39
C GLN Z 26 -83.21 15.67 59.34
N GLU Z 27 -83.56 15.07 60.48
CA GLU Z 27 -82.54 14.54 61.36
C GLU Z 27 -81.69 13.55 60.60
N CYS Z 28 -80.40 13.51 60.94
CA CYS Z 28 -79.42 12.76 60.14
C CYS Z 28 -79.44 13.29 58.70
N ALA Z 29 -80.09 12.57 57.79
CA ALA Z 29 -80.10 12.96 56.38
C ALA Z 29 -78.68 12.89 55.84
N ASN Z 30 -78.48 13.40 54.61
CA ASN Z 30 -77.15 13.38 53.98
C ASN Z 30 -76.93 14.73 53.28
N VAL Z 31 -76.18 15.61 53.93
CA VAL Z 31 -75.75 16.86 53.32
C VAL Z 31 -74.46 16.59 52.57
N VAL Z 32 -74.47 16.75 51.25
CA VAL Z 32 -73.31 16.42 50.43
C VAL Z 32 -72.44 17.67 50.33
N VAL Z 33 -71.25 17.63 50.93
CA VAL Z 33 -70.35 18.79 50.93
C VAL Z 33 -69.42 18.64 49.72
N GLY Z 34 -69.90 19.10 48.58
CA GLY Z 34 -69.13 19.22 47.36
C GLY Z 34 -68.06 18.18 47.13
N TYR Z 35 -66.86 18.64 46.81
CA TYR Z 35 -65.71 17.76 46.63
C TYR Z 35 -64.92 17.61 47.93
N GLY Z 36 -65.66 17.39 49.02
CA GLY Z 36 -65.06 17.26 50.33
C GLY Z 36 -64.53 18.55 50.92
N VAL Z 37 -64.81 19.68 50.29
CA VAL Z 37 -64.31 20.97 50.75
C VAL Z 37 -65.49 21.86 51.10
N TRP Z 38 -65.44 22.48 52.27
CA TRP Z 38 -66.44 23.44 52.72
C TRP Z 38 -66.07 24.83 52.20
N PRO Z 39 -67.03 25.60 51.68
CA PRO Z 39 -66.68 26.93 51.16
C PRO Z 39 -65.99 27.79 52.22
N GLU Z 40 -64.92 28.45 51.81
CA GLU Z 40 -64.13 29.30 52.69
C GLU Z 40 -63.74 30.55 51.94
N TYR Z 41 -63.30 31.56 52.69
CA TYR Z 41 -62.86 32.80 52.08
C TYR Z 41 -61.50 32.61 51.41
N LEU Z 42 -61.11 33.60 50.62
CA LEU Z 42 -59.87 33.53 49.87
C LEU Z 42 -58.68 33.84 50.78
N LYS Z 43 -57.66 33.01 50.72
CA LYS Z 43 -56.44 33.23 51.48
C LYS Z 43 -55.59 34.28 50.80
N ASP Z 44 -54.84 35.04 51.62
CA ASP Z 44 -53.83 35.94 51.07
C ASP Z 44 -52.77 35.18 50.29
N ASN Z 45 -52.63 33.87 50.54
CA ASN Z 45 -51.65 33.06 49.82
C ASN Z 45 -52.03 32.90 48.36
N GLU Z 46 -53.32 32.74 48.07
CA GLU Z 46 -53.79 32.45 46.72
C GLU Z 46 -54.38 33.66 46.01
N ALA Z 47 -54.26 34.85 46.60
CA ALA Z 47 -54.90 36.05 46.07
C ALA Z 47 -53.94 36.84 45.20
N THR Z 48 -54.50 37.56 44.24
CA THR Z 48 -53.77 38.52 43.41
C THR Z 48 -54.43 39.90 43.41
N ALA Z 49 -55.75 39.96 43.43
CA ALA Z 49 -56.46 41.23 43.51
C ALA Z 49 -55.99 41.99 44.76
N GLU Z 50 -55.33 43.12 44.55
CA GLU Z 50 -54.67 43.84 45.63
C GLU Z 50 -55.59 44.77 46.39
N ASP Z 51 -56.80 45.02 45.90
CA ASP Z 51 -57.76 45.86 46.62
C ASP Z 51 -58.55 45.03 47.61
N GLN Z 52 -58.96 45.67 48.69
CA GLN Z 52 -59.63 44.96 49.77
C GLN Z 52 -61.03 44.55 49.35
N PRO Z 53 -61.43 43.29 49.56
CA PRO Z 53 -62.76 42.85 49.13
C PRO Z 53 -63.85 43.31 50.08
N THR Z 54 -65.09 43.16 49.61
CA THR Z 54 -66.28 43.36 50.43
C THR Z 54 -66.91 42.00 50.70
N GLN Z 55 -67.28 41.77 51.96
CA GLN Z 55 -67.86 40.50 52.40
C GLN Z 55 -69.19 40.82 53.10
N PRO Z 56 -70.27 41.01 52.32
CA PRO Z 56 -71.53 41.47 52.90
C PRO Z 56 -72.03 40.69 54.10
N ASP Z 57 -71.51 39.49 54.32
CA ASP Z 57 -71.89 38.67 55.46
C ASP Z 57 -73.37 38.32 55.38
N VAL Z 58 -74.20 38.75 56.32
CA VAL Z 58 -75.59 38.33 56.36
C VAL Z 58 -76.30 38.73 55.09
N ALA Z 59 -76.08 39.96 54.63
CA ALA Z 59 -76.88 40.50 53.53
C ALA Z 59 -76.79 39.65 52.28
N THR Z 60 -75.64 39.04 52.03
CA THR Z 60 -75.45 38.21 50.84
C THR Z 60 -75.58 36.72 51.12
N CYS Z 61 -74.97 36.23 52.20
CA CYS Z 61 -74.95 34.80 52.49
C CYS Z 61 -76.24 34.42 53.21
N ARG Z 62 -77.28 34.18 52.41
CA ARG Z 62 -78.60 33.83 52.94
C ARG Z 62 -79.35 33.05 51.87
N PHE Z 63 -80.46 32.43 52.29
CA PHE Z 63 -81.21 31.49 51.46
C PHE Z 63 -82.17 32.25 50.54
N TYR Z 64 -81.78 32.41 49.27
CA TYR Z 64 -82.67 32.91 48.24
C TYR Z 64 -83.35 31.73 47.55
N THR Z 65 -84.68 31.67 47.64
CA THR Z 65 -85.47 30.64 46.97
C THR Z 65 -85.93 31.15 45.61
N LEU Z 66 -85.53 30.45 44.55
CA LEU Z 66 -85.88 30.80 43.20
C LEU Z 66 -87.32 30.41 42.89
N GLU Z 67 -87.74 30.65 41.65
CA GLU Z 67 -89.09 30.31 41.22
C GLU Z 67 -89.29 28.79 41.24
N SER Z 68 -90.48 28.37 41.65
CA SER Z 68 -90.82 26.96 41.66
C SER Z 68 -91.21 26.49 40.27
N VAL Z 69 -91.01 25.20 40.01
CA VAL Z 69 -91.42 24.61 38.74
C VAL Z 69 -92.25 23.36 39.04
N GLN Z 70 -93.00 22.91 38.04
CA GLN Z 70 -93.90 21.77 38.20
C GLN Z 70 -93.26 20.52 37.63
N TRP Z 71 -93.25 19.45 38.42
CA TRP Z 71 -92.81 18.13 37.98
C TRP Z 71 -94.05 17.42 37.46
N MET Z 72 -94.08 17.15 36.16
CA MET Z 72 -95.19 16.44 35.54
C MET Z 72 -94.71 15.13 34.95
N LYS Z 73 -95.66 14.25 34.63
CA LYS Z 73 -95.32 12.90 34.21
C LYS Z 73 -94.43 12.89 32.97
N ASN Z 74 -94.34 14.00 32.25
CA ASN Z 74 -93.53 14.10 31.05
C ASN Z 74 -92.24 14.89 31.26
N SER Z 75 -92.05 15.46 32.45
CA SER Z 75 -90.92 16.36 32.69
C SER Z 75 -89.61 15.69 32.29
N ALA Z 76 -88.78 16.44 31.56
CA ALA Z 76 -87.48 15.97 31.11
C ALA Z 76 -86.34 16.40 32.02
N GLY Z 77 -86.46 17.56 32.63
CA GLY Z 77 -85.44 18.05 33.54
C GLY Z 77 -85.33 19.56 33.48
N TRP Z 78 -84.55 20.10 34.40
CA TRP Z 78 -84.35 21.54 34.50
C TRP Z 78 -82.89 21.83 34.82
N TRP Z 79 -82.47 23.05 34.53
CA TRP Z 79 -81.15 23.50 34.94
C TRP Z 79 -81.16 25.01 35.14
N TRP Z 80 -80.21 25.43 35.97
CA TRP Z 80 -79.95 26.83 36.28
C TRP Z 80 -78.44 27.06 36.21
N LYS Z 81 -78.04 28.19 35.64
CA LYS Z 81 -76.66 28.66 35.81
C LYS Z 81 -76.61 29.44 37.12
N LEU Z 82 -75.55 29.20 37.92
CA LEU Z 82 -75.63 29.58 39.33
C LEU Z 82 -75.45 31.08 39.57
N PRO Z 83 -74.33 31.69 39.19
CA PRO Z 83 -74.24 33.15 39.32
C PRO Z 83 -75.41 33.86 38.65
N ASP Z 84 -75.80 33.41 37.46
CA ASP Z 84 -76.92 33.99 36.74
C ASP Z 84 -78.26 33.43 37.20
N ALA Z 85 -78.31 32.74 38.32
CA ALA Z 85 -79.57 32.43 38.99
C ALA Z 85 -79.83 33.37 40.14
N LEU Z 86 -78.79 33.73 40.88
CA LEU Z 86 -78.92 34.73 41.93
C LEU Z 86 -78.53 36.13 41.44
N SER Z 87 -78.30 36.31 40.14
CA SER Z 87 -77.93 37.62 39.61
C SER Z 87 -78.98 38.70 39.91
N GLN Z 88 -80.25 38.31 39.98
CA GLN Z 88 -81.32 39.27 40.24
C GLN Z 88 -81.83 39.21 41.67
N MET Z 89 -81.14 38.49 42.55
CA MET Z 89 -81.62 38.22 43.91
C MET Z 89 -80.87 39.10 44.89
N GLY Z 90 -81.48 40.21 45.27
CA GLY Z 90 -81.06 40.99 46.42
C GLY Z 90 -79.66 41.57 46.32
N LEU Z 91 -79.07 41.79 47.49
CA LEU Z 91 -77.78 42.45 47.56
C LEU Z 91 -76.66 41.57 46.99
N PHE Z 92 -76.84 40.25 46.96
CA PHE Z 92 -75.90 39.43 46.21
C PHE Z 92 -75.81 39.93 44.77
N GLY Z 93 -76.97 40.08 44.12
CA GLY Z 93 -76.98 40.59 42.77
C GLY Z 93 -76.45 42.01 42.67
N GLN Z 94 -76.78 42.86 43.65
CA GLN Z 94 -76.32 44.23 43.59
C GLN Z 94 -74.80 44.31 43.65
N ASN Z 95 -74.18 43.64 44.63
CA ASN Z 95 -72.72 43.58 44.70
C ASN Z 95 -72.14 42.95 43.44
N MET Z 96 -72.82 41.93 42.91
CA MET Z 96 -72.38 41.31 41.66
C MET Z 96 -72.30 42.34 40.54
N GLN Z 97 -73.28 43.24 40.47
CA GLN Z 97 -73.27 44.26 39.43
C GLN Z 97 -72.18 45.29 39.69
N TYR Z 98 -71.98 45.67 40.96
CA TYR Z 98 -71.06 46.75 41.27
C TYR Z 98 -69.60 46.33 41.28
N HIS Z 99 -69.29 45.04 41.24
CA HIS Z 99 -67.91 44.58 41.33
C HIS Z 99 -67.48 43.81 40.09
N TYR Z 100 -66.22 44.02 39.70
CA TYR Z 100 -65.66 43.34 38.54
C TYR Z 100 -65.35 41.88 38.84
N LEU Z 101 -64.98 41.56 40.08
CA LEU Z 101 -64.56 40.23 40.47
C LEU Z 101 -65.40 39.74 41.63
N GLY Z 102 -65.77 38.47 41.60
CA GLY Z 102 -66.56 37.87 42.67
C GLY Z 102 -66.19 36.43 42.88
N ARG Z 103 -66.48 35.93 44.08
CA ARG Z 103 -66.13 34.57 44.45
C ARG Z 103 -67.08 34.12 45.56
N THR Z 104 -67.76 33.00 45.35
CA THR Z 104 -68.71 32.51 46.35
C THR Z 104 -68.88 31.00 46.22
N GLY Z 105 -69.18 30.36 47.35
CA GLY Z 105 -69.74 29.03 47.35
C GLY Z 105 -71.25 29.10 47.51
N TYR Z 106 -71.89 27.93 47.51
CA TYR Z 106 -73.34 27.89 47.62
C TYR Z 106 -73.77 26.75 48.53
N THR Z 107 -74.96 26.92 49.10
CA THR Z 107 -75.72 25.86 49.76
C THR Z 107 -77.03 25.73 49.00
N ILE Z 108 -77.21 24.61 48.30
CA ILE Z 108 -78.32 24.40 47.40
C ILE Z 108 -79.28 23.40 48.05
N HIS Z 109 -80.55 23.77 48.12
CA HIS Z 109 -81.58 22.99 48.82
C HIS Z 109 -82.73 22.79 47.84
N VAL Z 110 -82.82 21.58 47.29
CA VAL Z 110 -83.89 21.22 46.37
C VAL Z 110 -84.98 20.55 47.17
N GLN Z 111 -86.16 21.15 47.19
CA GLN Z 111 -87.28 20.72 48.01
C GLN Z 111 -88.36 20.17 47.10
N CYS Z 112 -88.74 18.92 47.31
CA CYS Z 112 -89.83 18.32 46.55
C CYS Z 112 -90.55 17.35 47.48
N ASN Z 113 -91.87 17.48 47.59
CA ASN Z 113 -92.59 16.59 48.48
C ASN Z 113 -93.86 16.10 47.82
N ALA Z 114 -94.08 14.79 47.92
CA ALA Z 114 -95.29 14.15 47.42
C ALA Z 114 -95.85 13.33 48.58
N SER Z 115 -96.69 12.36 48.27
CA SER Z 115 -97.29 11.51 49.29
C SER Z 115 -96.80 10.07 49.13
N LYS Z 116 -97.16 9.23 50.11
CA LYS Z 116 -96.78 7.83 50.06
C LYS Z 116 -97.28 7.16 48.78
N PHE Z 117 -98.40 7.63 48.23
CA PHE Z 117 -99.01 7.05 47.04
C PHE Z 117 -98.42 7.62 45.75
N HIS Z 118 -97.46 8.52 45.85
CA HIS Z 118 -96.72 9.02 44.70
C HIS Z 118 -95.41 8.25 44.55
N GLN Z 119 -94.78 8.39 43.39
CA GLN Z 119 -93.51 7.73 43.12
C GLN Z 119 -92.74 8.51 42.07
N GLY Z 120 -91.43 8.41 42.15
CA GLY Z 120 -90.55 9.13 41.25
C GLY Z 120 -89.20 9.36 41.88
N CYS Z 121 -88.24 9.76 41.05
CA CYS Z 121 -86.88 9.96 41.52
C CYS Z 121 -86.15 10.99 40.67
N LEU Z 122 -85.61 12.00 41.34
CA LEU Z 122 -84.84 13.08 40.71
C LEU Z 122 -83.36 12.90 41.01
N LEU Z 123 -82.52 13.21 40.03
CA LEU Z 123 -81.09 13.40 40.23
C LEU Z 123 -80.84 14.89 40.36
N VAL Z 124 -80.28 15.32 41.48
CA VAL Z 124 -79.95 16.72 41.70
C VAL Z 124 -78.43 16.82 41.70
N VAL Z 125 -77.86 17.44 40.67
CA VAL Z 125 -76.42 17.48 40.51
C VAL Z 125 -75.97 18.92 40.34
N CYS Z 126 -74.71 19.18 40.70
CA CYS Z 126 -74.10 20.50 40.54
C CYS Z 126 -72.84 20.36 39.69
N VAL Z 127 -72.93 20.74 38.42
CA VAL Z 127 -71.86 20.55 37.46
C VAL Z 127 -71.03 21.83 37.40
N PRO Z 128 -69.79 21.83 37.86
CA PRO Z 128 -68.92 22.98 37.60
C PRO Z 128 -68.51 23.03 36.12
N GLU Z 129 -68.55 24.23 35.56
CA GLU Z 129 -68.14 24.47 34.16
C GLU Z 129 -68.99 23.62 33.21
N ALA Z 130 -70.31 23.84 33.28
CA ALA Z 130 -71.25 23.10 32.43
C ALA Z 130 -71.37 23.81 31.08
N GLU Z 131 -70.29 23.72 30.31
CA GLU Z 131 -70.29 24.25 28.95
C GLU Z 131 -71.18 23.38 28.08
N MET Z 132 -72.22 23.98 27.49
CA MET Z 132 -73.25 23.24 26.77
C MET Z 132 -73.10 23.45 25.27
N GLY Z 133 -73.53 22.43 24.51
CA GLY Z 133 -73.39 22.47 23.07
C GLY Z 133 -74.61 23.04 22.35
N CYS Z 134 -74.45 23.23 21.05
CA CYS Z 134 -75.48 23.82 20.21
C CYS Z 134 -76.18 22.74 19.40
N SER Z 135 -77.33 23.12 18.82
CA SER Z 135 -77.99 22.25 17.86
C SER Z 135 -77.36 22.39 16.48
N ASN Z 136 -77.03 23.62 16.08
CA ASN Z 136 -76.26 23.87 14.86
C ASN Z 136 -74.78 23.75 15.22
N LEU Z 137 -74.11 22.75 14.66
CA LEU Z 137 -72.72 22.49 15.03
C LEU Z 137 -71.78 23.63 14.68
N ASN Z 138 -72.21 24.57 13.85
CA ASN Z 138 -71.37 25.70 13.47
C ASN Z 138 -71.66 26.96 14.28
N ASN Z 139 -72.39 26.83 15.39
CA ASN Z 139 -72.77 27.98 16.19
C ASN Z 139 -72.74 27.61 17.66
N THR Z 140 -72.62 28.63 18.50
CA THR Z 140 -72.71 28.49 19.95
C THR Z 140 -74.03 29.06 20.43
N PRO Z 141 -74.69 28.42 21.40
CA PRO Z 141 -76.00 28.89 21.84
C PRO Z 141 -75.94 30.31 22.39
N GLU Z 142 -77.10 30.94 22.47
CA GLU Z 142 -77.21 32.32 22.90
C GLU Z 142 -77.46 32.42 24.41
N PHE Z 143 -77.16 33.60 24.95
CA PHE Z 143 -77.26 33.82 26.39
C PHE Z 143 -78.65 33.45 26.90
N ALA Z 144 -79.69 33.88 26.20
CA ALA Z 144 -81.04 33.59 26.69
C ALA Z 144 -81.33 32.09 26.67
N GLU Z 145 -80.76 31.36 25.71
CA GLU Z 145 -81.03 29.93 25.62
C GLU Z 145 -80.29 29.17 26.74
N LEU Z 146 -79.05 29.57 27.03
CA LEU Z 146 -78.27 28.86 28.05
C LEU Z 146 -78.70 29.24 29.46
N SER Z 147 -79.05 30.50 29.68
CA SER Z 147 -79.25 31.04 31.01
C SER Z 147 -80.72 31.34 31.24
N GLY Z 148 -81.19 31.09 32.47
CA GLY Z 148 -82.56 31.38 32.82
C GLY Z 148 -82.70 31.83 34.26
N GLY Z 149 -82.05 32.91 34.63
CA GLY Z 149 -82.18 33.42 35.98
C GLY Z 149 -83.63 33.64 36.34
N ASP Z 150 -84.00 33.27 37.57
CA ASP Z 150 -85.40 33.28 38.02
C ASP Z 150 -86.34 32.68 36.97
N THR Z 151 -85.82 31.79 36.13
CA THR Z 151 -86.61 31.17 35.07
C THR Z 151 -85.88 29.91 34.62
N ALA Z 152 -86.16 28.81 35.31
CA ALA Z 152 -85.48 27.54 35.05
C ALA Z 152 -85.50 27.20 33.56
N ARG Z 153 -84.33 26.92 32.99
CA ARG Z 153 -84.30 26.44 31.62
C ARG Z 153 -84.52 24.93 31.64
N MET Z 154 -85.17 24.41 30.60
CA MET Z 154 -85.67 23.04 30.62
C MET Z 154 -84.90 22.14 29.67
N PHE Z 155 -84.73 20.89 30.07
CA PHE Z 155 -84.28 19.83 29.18
C PHE Z 155 -85.45 19.36 28.32
N THR Z 156 -85.14 18.67 27.24
CA THR Z 156 -86.13 18.26 26.27
C THR Z 156 -86.20 16.74 26.17
N ASP Z 157 -87.38 16.26 25.77
CA ASP Z 157 -87.61 14.84 25.59
C ASP Z 157 -86.98 14.30 24.31
N THR Z 158 -86.66 15.17 23.35
CA THR Z 158 -86.13 14.74 22.07
C THR Z 158 -85.05 15.72 21.62
N GLN Z 159 -84.35 15.34 20.55
CA GLN Z 159 -83.32 16.21 19.99
C GLN Z 159 -83.94 17.52 19.51
N ILE Z 160 -83.20 18.61 19.69
CA ILE Z 160 -83.61 19.90 19.13
C ILE Z 160 -83.31 19.92 17.63
N GLY Z 161 -84.02 20.79 16.91
CA GLY Z 161 -83.91 20.81 15.47
C GLY Z 161 -82.54 21.24 15.01
N GLU Z 162 -82.05 20.59 13.95
CA GLU Z 162 -80.73 20.92 13.42
C GLU Z 162 -80.68 22.37 12.94
N THR Z 163 -81.73 22.81 12.25
CA THR Z 163 -81.81 24.15 11.69
C THR Z 163 -82.26 25.19 12.70
N ASN Z 164 -82.20 24.93 14.00
CA ASN Z 164 -82.65 25.91 14.99
C ASN Z 164 -81.60 26.97 15.31
N SER Z 165 -80.62 27.15 14.42
CA SER Z 165 -79.61 28.20 14.56
C SER Z 165 -78.90 28.12 15.91
N LYS Z 166 -79.01 29.18 16.72
CA LYS Z 166 -78.25 29.28 17.97
C LYS Z 166 -79.11 28.82 19.15
N LYS Z 167 -79.39 27.52 19.17
CA LYS Z 167 -80.15 26.89 20.24
C LYS Z 167 -79.29 25.84 20.94
N VAL Z 168 -79.73 25.46 22.14
CA VAL Z 168 -79.00 24.51 22.98
C VAL Z 168 -79.54 23.11 22.71
N GLN Z 169 -78.64 22.16 22.52
CA GLN Z 169 -79.01 20.76 22.26
C GLN Z 169 -79.44 20.14 23.58
N THR Z 170 -80.74 20.20 23.87
CA THR Z 170 -81.25 19.88 25.20
C THR Z 170 -81.76 18.45 25.33
N ALA Z 171 -81.36 17.54 24.45
CA ALA Z 171 -81.72 16.14 24.62
C ALA Z 171 -81.15 15.63 25.95
N VAL Z 172 -82.03 15.21 26.85
CA VAL Z 172 -81.62 14.99 28.24
C VAL Z 172 -80.55 13.92 28.34
N TRP Z 173 -80.68 12.84 27.57
CA TRP Z 173 -79.75 11.72 27.74
C TRP Z 173 -78.32 12.10 27.38
N ASN Z 174 -78.08 13.30 26.87
CA ASN Z 174 -76.73 13.79 26.66
C ASN Z 174 -76.40 15.01 27.52
N ALA Z 175 -77.33 15.47 28.34
CA ALA Z 175 -77.13 16.56 29.30
C ALA Z 175 -76.65 17.84 28.63
N GLY Z 176 -76.79 17.95 27.32
CA GLY Z 176 -76.34 19.12 26.61
C GLY Z 176 -74.84 19.31 26.67
N MET Z 177 -74.11 18.27 27.11
CA MET Z 177 -72.66 18.33 27.22
C MET Z 177 -71.98 17.17 26.50
N GLY Z 178 -72.73 16.35 25.76
CA GLY Z 178 -72.14 15.29 24.98
C GLY Z 178 -71.70 14.09 25.78
N VAL Z 179 -72.26 13.89 26.97
CA VAL Z 179 -71.89 12.79 27.84
C VAL Z 179 -73.09 11.87 28.03
N GLY Z 180 -72.90 10.79 28.78
CA GLY Z 180 -74.02 9.95 29.17
C GLY Z 180 -74.66 10.51 30.42
N VAL Z 181 -75.96 10.82 30.37
CA VAL Z 181 -76.62 11.41 31.52
C VAL Z 181 -76.48 10.50 32.74
N GLY Z 182 -76.34 9.19 32.53
CA GLY Z 182 -76.16 8.25 33.61
C GLY Z 182 -74.80 8.28 34.27
N ASN Z 183 -73.87 9.09 33.78
CA ASN Z 183 -72.55 9.24 34.38
C ASN Z 183 -72.36 10.60 35.03
N LEU Z 184 -73.43 11.40 35.14
CA LEU Z 184 -73.33 12.69 35.81
C LEU Z 184 -73.02 12.55 37.30
N THR Z 185 -73.08 11.32 37.84
CA THR Z 185 -72.87 11.12 39.27
C THR Z 185 -71.49 11.51 39.73
N ILE Z 186 -70.52 11.67 38.82
CA ILE Z 186 -69.19 12.11 39.23
C ILE Z 186 -69.24 13.49 39.84
N TYR Z 187 -70.14 14.33 39.35
CA TYR Z 187 -70.34 15.63 39.96
C TYR Z 187 -71.08 15.46 41.29
N PRO Z 188 -70.86 16.36 42.25
CA PRO Z 188 -71.61 16.28 43.51
C PRO Z 188 -73.11 16.27 43.27
N HIS Z 189 -73.80 15.36 43.96
CA HIS Z 189 -75.20 15.11 43.64
C HIS Z 189 -75.89 14.40 44.79
N GLN Z 190 -77.22 14.43 44.72
CA GLN Z 190 -78.08 13.60 45.55
C GLN Z 190 -79.22 13.06 44.70
N TRP Z 191 -80.01 12.15 45.29
CA TRP Z 191 -81.22 11.64 44.67
C TRP Z 191 -82.41 11.99 45.56
N ILE Z 192 -83.47 12.51 44.95
CA ILE Z 192 -84.73 12.70 45.64
C ILE Z 192 -85.67 11.60 45.15
N ASN Z 193 -85.70 10.50 45.85
CA ASN Z 193 -86.64 9.42 45.59
C ASN Z 193 -87.85 9.66 46.49
N LEU Z 194 -88.98 10.03 45.87
CA LEU Z 194 -90.17 10.36 46.65
C LEU Z 194 -90.49 9.27 47.66
N ARG Z 195 -90.17 8.03 47.34
CA ARG Z 195 -90.42 6.92 48.26
C ARG Z 195 -89.80 7.20 49.62
N THR Z 196 -88.57 7.71 49.64
CA THR Z 196 -87.81 7.83 50.89
C THR Z 196 -87.22 9.22 51.12
N ASN Z 197 -87.53 10.21 50.29
CA ASN Z 197 -86.86 11.49 50.40
C ASN Z 197 -87.82 12.64 50.15
N ASN Z 198 -87.47 13.80 50.72
CA ASN Z 198 -88.25 15.02 50.65
C ASN Z 198 -87.45 16.21 50.14
N SER Z 199 -86.12 16.20 50.30
CA SER Z 199 -85.28 17.30 49.86
C SER Z 199 -83.85 16.81 49.75
N ALA Z 200 -83.01 17.62 49.14
CA ALA Z 200 -81.59 17.33 49.00
C ALA Z 200 -80.79 18.60 49.21
N THR Z 201 -79.67 18.49 49.94
CA THR Z 201 -78.85 19.65 50.26
C THR Z 201 -77.40 19.38 49.86
N ILE Z 202 -76.86 20.25 49.02
CA ILE Z 202 -75.50 20.12 48.52
C ILE Z 202 -74.79 21.45 48.77
N VAL Z 203 -73.66 21.39 49.46
CA VAL Z 203 -72.86 22.57 49.75
C VAL Z 203 -71.66 22.57 48.82
N MET Z 204 -71.69 23.43 47.82
CA MET Z 204 -70.63 23.46 46.80
C MET Z 204 -69.63 24.55 47.12
N PRO Z 205 -68.34 24.27 47.04
CA PRO Z 205 -67.32 25.31 47.18
C PRO Z 205 -67.02 25.96 45.84
N TYR Z 206 -66.24 27.03 45.90
CA TYR Z 206 -65.80 27.72 44.69
C TYR Z 206 -64.86 26.80 43.91
N ILE Z 207 -65.32 26.35 42.74
CA ILE Z 207 -64.53 25.49 41.86
C ILE Z 207 -64.22 26.29 40.61
N ASN Z 208 -62.95 26.64 40.44
CA ASN Z 208 -62.53 27.45 39.30
C ASN Z 208 -61.01 27.39 39.20
N SER Z 209 -60.49 27.71 38.01
CA SER Z 209 -59.05 27.69 37.79
C SER Z 209 -58.36 28.97 38.27
N VAL Z 210 -59.10 30.01 38.57
CA VAL Z 210 -58.52 31.27 39.03
C VAL Z 210 -59.11 31.59 40.40
N PRO Z 211 -58.40 32.37 41.22
CA PRO Z 211 -58.92 32.68 42.55
C PRO Z 211 -60.23 33.44 42.53
N MET Z 212 -60.42 34.32 41.54
CA MET Z 212 -61.64 35.09 41.39
C MET Z 212 -61.94 35.24 39.90
N ASP Z 213 -63.21 35.39 39.57
CA ASP Z 213 -63.63 35.59 38.20
C ASP Z 213 -64.84 36.51 38.18
N ASN Z 214 -65.12 37.07 37.01
CA ASN Z 214 -66.30 37.90 36.85
C ASN Z 214 -67.55 37.03 36.87
N MET Z 215 -68.59 37.51 37.53
CA MET Z 215 -69.76 36.69 37.82
C MET Z 215 -70.84 36.75 36.74
N PHE Z 216 -70.75 37.70 35.81
CA PHE Z 216 -71.68 37.73 34.69
C PHE Z 216 -71.14 36.98 33.48
N ARG Z 217 -69.85 37.13 33.20
CA ARG Z 217 -69.24 36.52 32.03
C ARG Z 217 -69.01 35.03 32.18
N HIS Z 218 -69.03 34.51 33.40
CA HIS Z 218 -68.64 33.13 33.68
C HIS Z 218 -69.57 32.54 34.73
N ASN Z 219 -70.34 31.52 34.35
CA ASN Z 219 -71.22 30.81 35.28
C ASN Z 219 -70.46 29.58 35.78
N ASN Z 220 -69.82 29.72 36.93
CA ASN Z 220 -68.89 28.70 37.40
C ASN Z 220 -69.59 27.36 37.62
N LEU Z 221 -70.89 27.36 37.92
CA LEU Z 221 -71.59 26.13 38.23
C LEU Z 221 -72.94 26.10 37.53
N THR Z 222 -73.53 24.90 37.50
CA THR Z 222 -74.82 24.68 36.84
C THR Z 222 -75.58 23.62 37.63
N LEU Z 223 -76.69 24.00 38.22
CA LEU Z 223 -77.58 23.04 38.87
C LEU Z 223 -78.42 22.33 37.82
N MET Z 224 -78.56 21.01 37.96
CA MET Z 224 -79.39 20.20 37.08
C MET Z 224 -80.27 19.29 37.92
N ILE Z 225 -81.57 19.31 37.64
CA ILE Z 225 -82.54 18.42 38.28
C ILE Z 225 -83.15 17.58 37.18
N ILE Z 226 -82.81 16.31 37.13
CA ILE Z 226 -83.20 15.43 36.03
C ILE Z 226 -83.98 14.25 36.58
N PRO Z 227 -85.29 14.13 36.31
CA PRO Z 227 -86.01 12.94 36.77
C PRO Z 227 -85.57 11.70 36.01
N PHE Z 228 -84.99 10.73 36.73
CA PHE Z 228 -84.60 9.47 36.12
C PHE Z 228 -85.74 8.47 36.11
N VAL Z 229 -86.56 8.47 37.16
CA VAL Z 229 -87.78 7.68 37.23
C VAL Z 229 -88.96 8.65 37.26
N PRO Z 230 -89.88 8.60 36.28
CA PRO Z 230 -90.87 9.67 36.15
C PRO Z 230 -91.90 9.66 37.27
N LEU Z 231 -92.49 10.82 37.48
CA LEU Z 231 -93.58 10.94 38.45
C LEU Z 231 -94.75 10.08 38.00
N ASN Z 232 -95.41 9.45 38.96
CA ASN Z 232 -96.61 8.67 38.69
C ASN Z 232 -97.45 8.62 39.96
N TYR Z 233 -98.73 8.34 39.77
CA TYR Z 233 -99.68 8.30 40.89
C TYR Z 233 -101.02 7.83 40.35
N SER Z 234 -101.79 7.19 41.22
CA SER Z 234 -103.12 6.76 40.81
C SER Z 234 -104.10 7.92 40.89
N GLU Z 235 -105.22 7.77 40.17
CA GLU Z 235 -106.25 8.79 40.18
C GLU Z 235 -106.73 9.06 41.60
N GLY Z 236 -106.80 10.34 41.95
CA GLY Z 236 -107.19 10.75 43.29
C GLY Z 236 -106.05 11.43 44.01
N SER Z 237 -104.84 10.91 43.82
CA SER Z 237 -103.66 11.55 44.41
C SER Z 237 -103.44 12.91 43.76
N SER Z 238 -103.03 13.88 44.58
CA SER Z 238 -102.95 15.25 44.11
C SER Z 238 -102.02 15.34 42.89
N PRO Z 239 -102.36 16.14 41.89
CA PRO Z 239 -101.64 16.08 40.62
C PRO Z 239 -100.51 17.08 40.46
N TYR Z 240 -100.36 18.06 41.36
CA TYR Z 240 -99.40 19.13 41.20
C TYR Z 240 -98.25 18.94 42.18
N VAL Z 241 -97.14 18.42 41.69
CA VAL Z 241 -95.94 18.18 42.49
C VAL Z 241 -94.90 19.24 42.15
N PRO Z 242 -94.77 20.30 42.94
CA PRO Z 242 -93.76 21.32 42.65
C PRO Z 242 -92.38 20.98 43.19
N ILE Z 243 -91.38 21.55 42.52
CA ILE Z 243 -89.99 21.50 42.92
C ILE Z 243 -89.54 22.94 43.17
N THR Z 244 -88.99 23.19 44.36
CA THR Z 244 -88.56 24.52 44.77
C THR Z 244 -87.07 24.46 45.08
N VAL Z 245 -86.28 25.30 44.41
CA VAL Z 245 -84.84 25.35 44.65
C VAL Z 245 -84.53 26.58 45.47
N THR Z 246 -83.69 26.41 46.51
CA THR Z 246 -83.29 27.50 47.39
C THR Z 246 -81.78 27.48 47.52
N ILE Z 247 -81.10 28.50 47.03
CA ILE Z 247 -79.64 28.55 47.02
C ILE Z 247 -79.21 29.71 47.92
N ALA Z 248 -78.11 29.51 48.64
CA ALA Z 248 -77.58 30.53 49.54
C ALA Z 248 -76.10 30.74 49.26
N PRO Z 249 -75.67 31.93 48.85
CA PRO Z 249 -74.24 32.19 48.74
C PRO Z 249 -73.56 32.01 50.09
N MET Z 250 -72.29 31.62 50.04
CA MET Z 250 -71.52 31.34 51.25
C MET Z 250 -70.10 31.84 51.03
N CYS Z 251 -69.63 32.66 51.98
CA CYS Z 251 -68.29 33.23 51.93
C CYS Z 251 -68.09 34.02 50.64
N ALA Z 252 -69.00 34.96 50.38
CA ALA Z 252 -68.96 35.76 49.17
C ALA Z 252 -67.99 36.92 49.31
N GLU Z 253 -67.11 37.07 48.32
CA GLU Z 253 -66.14 38.14 48.27
C GLU Z 253 -66.27 38.86 46.94
N TYR Z 254 -66.05 40.16 46.97
CA TYR Z 254 -66.14 40.98 45.77
C TYR Z 254 -64.99 41.96 45.74
N ASN Z 255 -64.29 42.01 44.61
CA ASN Z 255 -63.20 42.94 44.38
C ASN Z 255 -63.47 43.73 43.11
N GLY Z 256 -62.79 44.86 42.98
CA GLY Z 256 -62.94 45.71 41.81
C GLY Z 256 -64.23 46.49 41.84
N LEU Z 257 -64.35 47.44 42.77
CA LEU Z 257 -65.52 48.30 42.83
C LEU Z 257 -65.46 49.33 41.72
N ARG Z 258 -66.60 49.59 41.10
CA ARG Z 258 -66.66 50.42 39.89
C ARG Z 258 -68.11 50.76 39.59
N LEU Z 259 -68.34 51.36 38.43
CA LEU Z 259 -69.67 51.67 37.95
C LEU Z 259 -70.49 50.40 37.78
N ALA Z 260 -71.61 50.31 38.48
CA ALA Z 260 -72.50 49.17 38.31
C ALA Z 260 -73.06 49.14 36.89
N SER Z 261 -73.11 47.95 36.30
CA SER Z 261 -73.66 47.80 34.96
C SER Z 261 -73.83 46.34 34.58
N SER Z 262 -73.90 46.08 33.27
CA SER Z 262 -74.01 44.75 32.70
C SER Z 262 -75.48 44.32 32.55
N GLN Z 263 -76.39 45.26 32.77
CA GLN Z 263 -77.80 45.06 32.42
C GLN Z 263 -78.35 43.71 32.90
N GLY AA 1 -12.40 13.43 25.48
CA GLY AA 1 -13.13 12.46 24.61
C GLY AA 1 -13.31 11.10 25.26
N LEU AA 2 -14.35 11.00 26.09
CA LEU AA 2 -14.67 9.74 26.78
C LEU AA 2 -15.10 8.67 25.78
N PRO AA 3 -14.44 7.51 25.73
CA PRO AA 3 -14.91 6.46 24.82
C PRO AA 3 -16.30 5.95 25.21
N VAL AA 4 -17.14 5.77 24.17
CA VAL AA 4 -18.53 5.37 24.35
C VAL AA 4 -18.93 4.48 23.17
N MET AA 5 -19.92 3.63 23.40
CA MET AA 5 -20.46 2.76 22.36
C MET AA 5 -21.98 2.81 22.43
N THR AA 6 -22.62 3.26 21.36
CA THR AA 6 -24.07 3.36 21.34
C THR AA 6 -24.69 1.99 21.15
N THR AA 7 -25.72 1.70 21.95
CA THR AA 7 -26.42 0.42 21.89
C THR AA 7 -27.70 0.54 21.09
N PRO AA 8 -28.26 -0.58 20.65
CA PRO AA 8 -29.56 -0.53 19.96
C PRO AA 8 -30.60 0.24 20.74
N GLY AA 9 -31.47 0.94 20.02
CA GLY AA 9 -32.45 1.83 20.59
C GLY AA 9 -32.11 3.29 20.45
N SER AA 10 -30.89 3.61 20.03
CA SER AA 10 -30.51 5.00 19.81
C SER AA 10 -31.37 5.61 18.70
N THR AA 11 -31.57 6.93 18.79
CA THR AA 11 -32.34 7.66 17.78
C THR AA 11 -33.75 7.10 17.66
N GLN AA 12 -34.33 6.75 18.80
CA GLN AA 12 -35.60 6.05 18.86
C GLN AA 12 -36.59 6.89 19.64
N PHE AA 13 -37.81 6.98 19.12
CA PHE AA 13 -38.88 7.76 19.74
C PHE AA 13 -39.95 6.77 20.19
N LEU AA 14 -39.86 6.37 21.45
CA LEU AA 14 -40.86 5.51 22.09
C LEU AA 14 -41.94 6.39 22.70
N THR AA 15 -43.18 6.19 22.29
CA THR AA 15 -44.30 6.95 22.84
C THR AA 15 -44.22 7.02 24.36
N SER AA 16 -43.96 5.89 25.00
CA SER AA 16 -43.96 5.78 26.47
C SER AA 16 -42.56 5.77 27.04
N ASP AA 17 -41.73 6.74 26.69
CA ASP AA 17 -40.42 6.89 27.29
C ASP AA 17 -40.47 7.99 28.36
N ASP AA 18 -39.45 8.04 29.20
CA ASP AA 18 -39.48 8.88 30.39
C ASP AA 18 -38.14 9.57 30.63
N PHE AA 19 -37.56 10.12 29.57
CA PHE AA 19 -36.28 10.80 29.70
C PHE AA 19 -36.47 12.28 30.03
N GLN AA 20 -35.38 12.91 30.48
CA GLN AA 20 -35.36 14.34 30.71
C GLN AA 20 -35.05 15.08 29.42
N SER AA 21 -35.64 16.27 29.27
CA SER AA 21 -35.52 17.06 28.06
C SER AA 21 -35.24 18.52 28.40
N PRO AA 22 -34.48 19.22 27.57
CA PRO AA 22 -34.16 20.63 27.87
C PRO AA 22 -35.36 21.54 27.67
N SER AA 23 -35.50 22.50 28.58
CA SER AA 23 -36.63 23.42 28.54
C SER AA 23 -36.40 24.52 27.50
N ALA AA 24 -37.48 24.91 26.82
CA ALA AA 24 -37.44 25.98 25.83
C ALA AA 24 -37.62 27.35 26.43
N MET AA 25 -38.14 27.43 27.65
CA MET AA 25 -38.42 28.69 28.35
C MET AA 25 -37.67 28.66 29.68
N PRO AA 26 -36.35 28.85 29.66
CA PRO AA 26 -35.59 28.79 30.90
C PRO AA 26 -36.04 29.88 31.87
N GLN AA 27 -36.01 29.55 33.16
CA GLN AA 27 -36.28 30.50 34.23
C GLN AA 27 -37.71 31.03 34.19
N PHE AA 28 -38.62 30.27 33.58
CA PHE AA 28 -40.02 30.70 33.49
C PHE AA 28 -40.69 30.62 34.86
N ASP AA 29 -41.11 31.76 35.38
CA ASP AA 29 -41.73 31.86 36.70
C ASP AA 29 -43.19 31.41 36.60
N VAL AA 30 -43.44 30.13 36.90
CA VAL AA 30 -44.80 29.62 36.80
C VAL AA 30 -45.73 30.34 37.78
N THR AA 31 -46.98 30.49 37.38
CA THR AA 31 -47.99 31.05 38.28
C THR AA 31 -48.12 30.12 39.50
N PRO AA 32 -48.25 30.68 40.71
CA PRO AA 32 -48.30 29.82 41.89
C PRO AA 32 -49.47 28.84 41.82
N GLU AA 33 -49.48 27.91 42.77
CA GLU AA 33 -50.49 26.87 42.82
C GLU AA 33 -51.68 27.34 43.64
N MET AA 34 -52.84 26.73 43.35
CA MET AA 34 -54.05 26.98 44.10
C MET AA 34 -54.70 25.65 44.46
N GLN AA 35 -55.24 25.56 45.68
CA GLN AA 35 -55.87 24.34 46.14
C GLN AA 35 -57.29 24.31 45.56
N ILE AA 36 -57.40 23.72 44.38
CA ILE AA 36 -58.68 23.59 43.70
C ILE AA 36 -59.40 22.36 44.25
N PRO AA 37 -60.69 22.44 44.59
CA PRO AA 37 -61.38 21.27 45.09
C PRO AA 37 -61.39 20.14 44.05
N GLY AA 38 -61.60 18.93 44.55
CA GLY AA 38 -61.74 17.77 43.69
C GLY AA 38 -60.46 17.28 43.05
N ARG AA 39 -59.37 17.24 43.81
CA ARG AA 39 -58.14 16.67 43.29
C ARG AA 39 -58.32 15.19 43.03
N VAL AA 40 -58.03 14.75 41.81
CA VAL AA 40 -57.98 13.34 41.46
C VAL AA 40 -56.54 12.91 41.39
N ASN AA 41 -56.25 11.72 41.91
CA ASN AA 41 -54.91 11.15 41.85
C ASN AA 41 -54.85 9.85 41.06
N ASN AA 42 -55.95 9.11 40.94
CA ASN AA 42 -55.97 7.89 40.16
C ASN AA 42 -57.33 7.72 39.50
N LEU AA 43 -57.32 7.06 38.33
CA LEU AA 43 -58.57 6.83 37.60
C LEU AA 43 -59.50 5.87 38.33
N MET AA 44 -58.96 5.05 39.24
CA MET AA 44 -59.84 4.23 40.06
C MET AA 44 -60.68 5.09 41.01
N GLU AA 45 -60.21 6.30 41.36
CA GLU AA 45 -61.07 7.19 42.13
C GLU AA 45 -62.38 7.44 41.40
N ILE AA 46 -62.33 7.53 40.07
CA ILE AA 46 -63.53 7.69 39.27
C ILE AA 46 -64.26 6.35 39.13
N ALA AA 47 -63.50 5.29 38.88
CA ALA AA 47 -64.10 3.97 38.69
C ALA AA 47 -64.84 3.49 39.94
N GLU AA 48 -64.53 4.04 41.10
CA GLU AA 48 -65.21 3.69 42.33
C GLU AA 48 -66.51 4.46 42.55
N VAL AA 49 -66.85 5.38 41.65
CA VAL AA 49 -68.01 6.25 41.82
C VAL AA 49 -69.22 5.62 41.15
N ASP AA 50 -70.31 5.50 41.90
CA ASP AA 50 -71.52 4.92 41.35
C ASP AA 50 -72.00 5.74 40.16
N SER AA 51 -72.37 5.05 39.09
CA SER AA 51 -72.99 5.68 37.93
C SER AA 51 -74.10 4.77 37.44
N VAL AA 52 -75.21 5.36 37.00
CA VAL AA 52 -76.39 4.56 36.71
C VAL AA 52 -76.12 3.65 35.52
N VAL AA 53 -76.66 2.44 35.58
CA VAL AA 53 -76.41 1.41 34.58
C VAL AA 53 -77.61 1.35 33.64
N PRO AA 54 -77.40 1.42 32.33
CA PRO AA 54 -78.53 1.27 31.39
C PRO AA 54 -78.91 -0.18 31.15
N VAL AA 55 -79.62 -0.76 32.12
CA VAL AA 55 -79.99 -2.16 31.99
C VAL AA 55 -80.98 -2.36 30.85
N ASN AA 56 -81.84 -1.38 30.60
CA ASN AA 56 -82.89 -1.51 29.58
C ASN AA 56 -82.39 -0.93 28.26
N ASN AA 57 -81.43 -1.64 27.65
CA ASN AA 57 -80.81 -1.20 26.41
C ASN AA 57 -81.68 -1.41 25.18
N THR AA 58 -82.93 -1.81 25.34
CA THR AA 58 -83.81 -2.07 24.20
C THR AA 58 -83.81 -0.93 23.20
N GLU AA 59 -84.19 -1.26 21.95
CA GLU AA 59 -84.04 -0.40 20.79
C GLU AA 59 -84.44 1.06 21.04
N ALA AA 60 -85.67 1.29 21.48
CA ALA AA 60 -86.13 2.66 21.66
C ALA AA 60 -85.71 3.26 22.99
N ASN AA 61 -85.44 2.43 23.99
CA ASN AA 61 -85.07 2.96 25.30
C ASN AA 61 -83.64 3.50 25.31
N VAL AA 62 -82.77 2.99 24.44
CA VAL AA 62 -81.37 3.40 24.48
C VAL AA 62 -81.23 4.91 24.38
N ASN AA 63 -82.07 5.57 23.58
CA ASN AA 63 -81.99 7.02 23.39
C ASN AA 63 -82.89 7.78 24.37
N SER AA 64 -83.03 7.27 25.59
CA SER AA 64 -83.90 7.89 26.59
C SER AA 64 -83.44 7.43 27.96
N LEU AA 65 -83.96 8.09 28.99
CA LEU AA 65 -83.71 7.65 30.35
C LEU AA 65 -84.40 6.33 30.67
N LYS AA 66 -85.27 5.83 29.79
CA LYS AA 66 -85.88 4.53 29.99
C LYS AA 66 -84.84 3.42 30.08
N ALA AA 67 -83.66 3.62 29.50
CA ALA AA 67 -82.61 2.60 29.57
C ALA AA 67 -82.21 2.34 31.02
N TYR AA 68 -82.17 3.40 31.83
CA TYR AA 68 -81.78 3.28 33.22
C TYR AA 68 -82.91 2.77 34.11
N GLN AA 69 -84.11 2.59 33.58
CA GLN AA 69 -85.26 2.15 34.36
C GLN AA 69 -85.43 0.65 34.20
N ILE AA 70 -85.40 -0.07 35.31
CA ILE AA 70 -85.63 -1.52 35.33
C ILE AA 70 -87.09 -1.74 35.71
N PRO AA 71 -87.96 -2.18 34.81
CA PRO AA 71 -89.39 -2.29 35.14
C PRO AA 71 -89.66 -3.50 36.02
N VAL AA 72 -90.45 -3.29 37.08
CA VAL AA 72 -91.00 -4.39 37.86
C VAL AA 72 -92.47 -4.06 38.11
N GLN AA 73 -93.27 -5.11 38.28
CA GLN AA 73 -94.70 -4.95 38.39
C GLN AA 73 -95.27 -6.05 39.27
N SER AA 74 -96.46 -5.80 39.81
CA SER AA 74 -97.17 -6.82 40.56
C SER AA 74 -97.69 -7.87 39.59
N ASN AA 75 -97.17 -9.09 39.69
CA ASN AA 75 -97.56 -10.17 38.79
C ASN AA 75 -98.30 -11.26 39.56
N SER AA 76 -99.00 -12.11 38.81
CA SER AA 76 -99.76 -13.20 39.40
C SER AA 76 -98.93 -14.44 39.66
N ASP AA 77 -97.67 -14.48 39.23
CA ASP AA 77 -96.85 -15.66 39.35
C ASP AA 77 -95.71 -15.41 40.35
N ASN AA 78 -94.79 -16.37 40.41
CA ASN AA 78 -93.66 -16.33 41.35
C ASN AA 78 -92.42 -16.79 40.63
N GLY AA 79 -91.37 -15.98 40.69
CA GLY AA 79 -90.07 -16.36 40.18
C GLY AA 79 -89.88 -16.00 38.73
N LYS AA 80 -90.21 -14.77 38.36
CA LYS AA 80 -90.02 -14.29 37.01
C LYS AA 80 -88.77 -13.40 36.98
N GLN AA 81 -87.82 -13.74 36.12
CA GLN AA 81 -86.61 -12.95 35.97
C GLN AA 81 -86.94 -11.48 35.72
N VAL AA 82 -86.30 -10.60 36.50
CA VAL AA 82 -86.45 -9.17 36.27
C VAL AA 82 -85.42 -8.68 35.26
N PHE AA 83 -84.19 -9.18 35.33
CA PHE AA 83 -83.17 -8.83 34.37
C PHE AA 83 -82.05 -9.85 34.47
N GLY AA 84 -81.22 -9.89 33.43
CA GLY AA 84 -80.03 -10.71 33.44
C GLY AA 84 -79.00 -10.28 32.41
N PHE AA 85 -77.82 -9.90 32.87
CA PHE AA 85 -76.75 -9.53 31.95
C PHE AA 85 -75.45 -10.23 32.31
N PRO AA 86 -74.58 -10.46 31.33
CA PRO AA 86 -73.28 -11.04 31.64
C PRO AA 86 -72.38 -10.04 32.34
N LEU AA 87 -71.38 -10.57 33.05
CA LEU AA 87 -70.46 -9.76 33.82
C LEU AA 87 -69.29 -9.29 32.96
N GLN AA 88 -69.60 -8.64 31.84
CA GLN AA 88 -68.58 -8.07 30.98
C GLN AA 88 -68.57 -6.57 31.19
N PRO AA 89 -67.84 -6.07 32.20
CA PRO AA 89 -67.90 -4.63 32.50
C PRO AA 89 -67.41 -3.76 31.35
N GLY AA 90 -66.48 -4.25 30.52
CA GLY AA 90 -65.90 -3.43 29.49
C GLY AA 90 -66.36 -3.74 28.08
N ALA AA 91 -67.05 -4.87 27.91
CA ALA AA 91 -67.47 -5.33 26.59
C ALA AA 91 -68.98 -5.24 26.39
N ASN AA 92 -69.77 -5.81 27.28
CA ASN AA 92 -71.21 -5.83 27.10
C ASN AA 92 -71.80 -4.43 27.23
N GLY AA 93 -72.85 -4.18 26.44
CA GLY AA 93 -73.42 -2.85 26.39
C GLY AA 93 -74.00 -2.38 27.71
N VAL AA 94 -74.46 -3.30 28.55
CA VAL AA 94 -75.12 -2.86 29.77
C VAL AA 94 -74.17 -2.05 30.63
N LEU AA 95 -72.88 -2.37 30.60
CA LEU AA 95 -71.91 -1.77 31.51
C LEU AA 95 -70.73 -1.08 30.82
N ASN AA 96 -70.51 -1.32 29.52
CA ASN AA 96 -69.28 -0.85 28.89
C ASN AA 96 -69.15 0.67 28.95
N ARG AA 97 -70.27 1.41 28.94
CA ARG AA 97 -70.24 2.86 28.91
C ARG AA 97 -70.50 3.50 30.28
N THR AA 98 -70.61 2.69 31.33
CA THR AA 98 -70.59 3.22 32.69
C THR AA 98 -69.27 3.97 32.91
N LEU AA 99 -69.19 4.72 34.00
CA LEU AA 99 -67.90 5.31 34.38
C LEU AA 99 -66.84 4.21 34.47
N LEU AA 100 -67.18 3.12 35.18
CA LEU AA 100 -66.27 2.00 35.30
C LEU AA 100 -65.89 1.45 33.93
N GLY AA 101 -66.87 1.23 33.06
CA GLY AA 101 -66.59 0.62 31.77
C GLY AA 101 -65.76 1.52 30.87
N GLU AA 102 -66.07 2.82 30.87
CA GLU AA 102 -65.29 3.77 30.10
C GLU AA 102 -63.84 3.77 30.55
N ILE AA 103 -63.62 3.77 31.86
CA ILE AA 103 -62.24 3.74 32.35
C ILE AA 103 -61.57 2.40 32.01
N LEU AA 104 -62.33 1.31 32.09
CA LEU AA 104 -61.79 0.00 31.74
C LEU AA 104 -61.34 -0.05 30.29
N ASN AA 105 -62.07 0.65 29.40
CA ASN AA 105 -61.76 0.57 27.98
C ASN AA 105 -60.48 1.30 27.60
N TYR AA 106 -59.88 2.05 28.52
CA TYR AA 106 -58.54 2.58 28.32
C TYR AA 106 -57.46 1.60 28.77
N TYR AA 107 -57.84 0.43 29.27
CA TYR AA 107 -56.91 -0.60 29.73
C TYR AA 107 -57.34 -1.94 29.15
N THR AA 108 -56.43 -2.91 29.16
CA THR AA 108 -56.68 -4.21 28.59
C THR AA 108 -57.11 -5.26 29.61
N HIS AA 109 -56.49 -5.27 30.79
CA HIS AA 109 -56.75 -6.25 31.84
C HIS AA 109 -57.41 -5.60 33.04
N TRP AA 110 -58.31 -6.33 33.68
CA TRP AA 110 -59.02 -5.84 34.85
C TRP AA 110 -59.20 -6.95 35.86
N SER AA 111 -59.34 -6.55 37.13
CA SER AA 111 -59.50 -7.49 38.23
C SER AA 111 -60.12 -6.77 39.41
N GLY AA 112 -61.09 -7.40 40.05
CA GLY AA 112 -61.64 -6.86 41.28
C GLY AA 112 -63.12 -7.19 41.41
N SER AA 113 -63.67 -6.76 42.55
CA SER AA 113 -65.08 -6.92 42.85
C SER AA 113 -65.85 -5.68 42.42
N ILE AA 114 -67.17 -5.84 42.31
CA ILE AA 114 -68.00 -4.79 41.74
C ILE AA 114 -69.25 -4.57 42.59
N LYS AA 115 -69.54 -3.32 42.91
CA LYS AA 115 -70.74 -2.95 43.65
C LYS AA 115 -71.87 -2.67 42.66
N LEU AA 116 -72.96 -3.44 42.78
CA LEU AA 116 -74.21 -3.21 42.07
C LEU AA 116 -75.22 -2.72 43.10
N THR AA 117 -75.44 -1.41 43.12
CA THR AA 117 -76.43 -0.83 44.00
C THR AA 117 -77.76 -0.75 43.29
N PHE AA 118 -78.82 -1.25 43.92
CA PHE AA 118 -80.15 -1.29 43.35
C PHE AA 118 -81.09 -0.45 44.22
N MET AA 119 -81.72 0.55 43.62
CA MET AA 119 -82.59 1.47 44.32
C MET AA 119 -84.02 1.31 43.82
N PHE AA 120 -84.95 1.12 44.74
CA PHE AA 120 -86.36 0.93 44.40
C PHE AA 120 -87.03 2.30 44.35
N CYS AA 121 -87.49 2.70 43.16
CA CYS AA 121 -88.13 4.01 42.97
C CYS AA 121 -89.64 3.91 42.84
N GLY AA 122 -90.25 2.95 43.53
CA GLY AA 122 -91.68 2.79 43.52
C GLY AA 122 -92.34 3.63 44.59
N SER AA 123 -93.64 3.38 44.78
CA SER AA 123 -94.38 4.12 45.79
C SER AA 123 -93.91 3.76 47.18
N ALA AA 124 -94.08 4.69 48.11
CA ALA AA 124 -93.70 4.41 49.50
C ALA AA 124 -94.53 3.29 50.09
N MET AA 125 -95.66 2.95 49.48
CA MET AA 125 -96.55 1.91 50.01
C MET AA 125 -96.29 0.54 49.40
N ALA AA 126 -95.42 0.44 48.40
CA ALA AA 126 -95.15 -0.85 47.77
C ALA AA 126 -94.20 -1.67 48.63
N THR AA 127 -94.39 -2.98 48.60
CA THR AA 127 -93.50 -3.93 49.27
C THR AA 127 -93.20 -5.07 48.31
N GLY AA 128 -92.18 -5.85 48.66
CA GLY AA 128 -91.80 -6.99 47.83
C GLY AA 128 -90.37 -7.38 48.10
N LYS AA 129 -90.01 -8.54 47.54
CA LYS AA 129 -88.68 -9.09 47.76
C LYS AA 129 -88.12 -9.64 46.45
N PHE AA 130 -86.83 -9.40 46.23
CA PHE AA 130 -86.17 -9.83 45.00
C PHE AA 130 -84.93 -10.65 45.34
N LEU AA 131 -84.57 -11.55 44.42
CA LEU AA 131 -83.37 -12.36 44.54
C LEU AA 131 -82.34 -11.84 43.54
N LEU AA 132 -81.28 -11.23 44.06
CA LEU AA 132 -80.16 -10.73 43.27
C LEU AA 132 -79.08 -11.78 43.30
N ALA AA 133 -78.79 -12.40 42.15
CA ALA AA 133 -77.90 -13.55 42.11
C ALA AA 133 -76.78 -13.34 41.10
N TYR AA 134 -75.56 -13.70 41.50
CA TYR AA 134 -74.40 -13.76 40.61
C TYR AA 134 -74.01 -15.22 40.45
N SER AA 135 -74.15 -15.74 39.23
CA SER AA 135 -73.79 -17.12 38.94
C SER AA 135 -72.49 -17.15 38.16
N PRO AA 136 -71.41 -17.68 38.71
CA PRO AA 136 -70.15 -17.78 37.96
C PRO AA 136 -70.32 -18.62 36.70
N PRO AA 137 -69.33 -18.57 35.82
CA PRO AA 137 -69.45 -19.27 34.53
C PRO AA 137 -69.32 -20.77 34.63
N GLY AA 138 -69.44 -21.44 33.49
CA GLY AA 138 -69.31 -22.89 33.41
C GLY AA 138 -70.65 -23.54 33.11
N ALA AA 139 -71.66 -23.17 33.89
CA ALA AA 139 -73.03 -23.54 33.60
C ALA AA 139 -73.72 -22.39 32.88
N GLY AA 140 -74.79 -22.72 32.18
CA GLY AA 140 -75.57 -21.69 31.51
C GLY AA 140 -76.05 -20.64 32.50
N VAL AA 141 -76.57 -19.56 31.94
CA VAL AA 141 -77.13 -18.53 32.82
C VAL AA 141 -78.31 -19.13 33.57
N PRO AA 142 -78.53 -18.80 34.84
CA PRO AA 142 -79.65 -19.41 35.57
C PRO AA 142 -80.96 -19.19 34.83
N LYS AA 143 -81.63 -20.31 34.49
CA LYS AA 143 -82.90 -20.22 33.78
C LYS AA 143 -84.08 -20.07 34.72
N ASN AA 144 -83.97 -20.58 35.94
CA ASN AA 144 -85.02 -20.47 36.94
C ASN AA 144 -84.41 -19.94 38.23
N ARG AA 145 -85.28 -19.40 39.09
CA ARG AA 145 -84.82 -18.93 40.39
C ARG AA 145 -84.16 -20.06 41.18
N LYS AA 146 -84.61 -21.30 41.00
CA LYS AA 146 -83.95 -22.41 41.68
C LYS AA 146 -82.50 -22.53 41.24
N ASP AA 147 -82.25 -22.40 39.94
CA ASP AA 147 -80.88 -22.45 39.44
C ASP AA 147 -80.07 -21.25 39.92
N ALA AA 148 -80.70 -20.08 39.98
CA ALA AA 148 -79.98 -18.89 40.46
C ALA AA 148 -79.66 -18.99 41.95
N MET AA 149 -80.49 -19.72 42.70
CA MET AA 149 -80.30 -19.86 44.14
C MET AA 149 -79.03 -20.62 44.50
N LEU AA 150 -78.53 -21.46 43.59
CA LEU AA 150 -77.34 -22.25 43.88
C LEU AA 150 -76.06 -21.43 43.83
N GLY AA 151 -76.13 -20.19 43.36
CA GLY AA 151 -74.99 -19.31 43.32
C GLY AA 151 -75.11 -18.16 44.31
N THR AA 152 -74.06 -17.34 44.33
CA THR AA 152 -74.02 -16.16 45.17
C THR AA 152 -75.29 -15.34 44.97
N HIS AA 153 -76.08 -15.19 46.04
CA HIS AA 153 -77.30 -14.42 45.91
C HIS AA 153 -77.65 -13.73 47.22
N VAL AA 154 -78.52 -12.73 47.09
CA VAL AA 154 -79.00 -11.89 48.19
C VAL AA 154 -80.49 -11.71 48.00
N ILE AA 155 -81.25 -11.81 49.07
CA ILE AA 155 -82.67 -11.53 49.04
C ILE AA 155 -82.86 -10.11 49.59
N TRP AA 156 -83.39 -9.22 48.75
CA TRP AA 156 -83.54 -7.81 49.02
C TRP AA 156 -85.02 -7.50 49.19
N ASP AA 157 -85.42 -7.16 50.42
CA ASP AA 157 -86.77 -6.71 50.69
C ASP AA 157 -86.80 -5.19 50.56
N VAL AA 158 -87.63 -4.68 49.65
CA VAL AA 158 -87.65 -3.24 49.42
C VAL AA 158 -88.29 -2.52 50.60
N GLY AA 159 -89.22 -3.16 51.31
CA GLY AA 159 -89.84 -2.53 52.45
C GLY AA 159 -88.82 -2.07 53.48
N LEU AA 160 -87.74 -2.83 53.65
CA LEU AA 160 -86.75 -2.49 54.67
C LEU AA 160 -85.91 -1.29 54.25
N GLN AA 161 -85.32 -1.34 53.06
CA GLN AA 161 -84.38 -0.30 52.67
C GLN AA 161 -84.58 0.10 51.22
N SER AA 162 -84.46 1.41 50.96
CA SER AA 162 -84.58 1.95 49.61
C SER AA 162 -83.54 1.33 48.66
N SER AA 163 -82.31 1.21 49.12
CA SER AA 163 -81.19 0.72 48.32
C SER AA 163 -80.67 -0.59 48.90
N CYS AA 164 -80.11 -1.41 48.02
CA CYS AA 164 -79.51 -2.68 48.39
C CYS AA 164 -78.27 -2.91 47.53
N VAL AA 165 -77.17 -3.32 48.15
CA VAL AA 165 -75.90 -3.50 47.45
C VAL AA 165 -75.61 -4.98 47.30
N LEU AA 166 -75.51 -5.45 46.06
CA LEU AA 166 -74.98 -6.76 45.75
C LEU AA 166 -73.53 -6.57 45.32
N CYS AA 167 -72.60 -7.12 46.08
CA CYS AA 167 -71.19 -6.92 45.84
C CYS AA 167 -70.62 -8.20 45.22
N VAL AA 168 -70.44 -8.18 43.90
CA VAL AA 168 -69.97 -9.33 43.16
C VAL AA 168 -68.50 -9.56 43.47
N PRO AA 169 -68.12 -10.75 43.94
CA PRO AA 169 -66.72 -11.02 44.27
C PRO AA 169 -65.92 -11.40 43.03
N TRP AA 170 -64.60 -11.46 43.23
CA TRP AA 170 -63.67 -11.86 42.17
C TRP AA 170 -63.49 -13.36 42.25
N ILE AA 171 -64.21 -14.08 41.39
CA ILE AA 171 -64.10 -15.54 41.29
C ILE AA 171 -63.59 -15.82 39.88
N SER AA 172 -62.27 -15.95 39.73
CA SER AA 172 -61.65 -16.13 38.43
C SER AA 172 -60.50 -17.13 38.55
N GLN AA 173 -60.27 -17.86 37.46
CA GLN AA 173 -59.13 -18.77 37.46
C GLN AA 173 -57.81 -18.00 37.48
N THR AA 174 -57.79 -16.82 36.86
CA THR AA 174 -56.59 -16.01 36.73
C THR AA 174 -56.69 -14.79 37.63
N HIS AA 175 -55.55 -14.10 37.76
CA HIS AA 175 -55.51 -12.89 38.57
C HIS AA 175 -56.26 -11.75 37.91
N TYR AA 176 -56.33 -11.73 36.58
CA TYR AA 176 -56.99 -10.66 35.84
C TYR AA 176 -57.92 -11.24 34.80
N ARG AA 177 -58.71 -10.36 34.20
CA ARG AA 177 -59.59 -10.71 33.09
C ARG AA 177 -59.42 -9.69 31.98
N TYR AA 178 -59.63 -10.14 30.75
CA TYR AA 178 -59.59 -9.23 29.62
C TYR AA 178 -60.81 -8.32 29.63
N VAL AA 179 -60.58 -7.03 29.40
CA VAL AA 179 -61.69 -6.09 29.25
C VAL AA 179 -62.50 -6.45 28.01
N VAL AA 180 -61.83 -6.91 26.96
CA VAL AA 180 -62.52 -7.36 25.75
C VAL AA 180 -63.02 -8.78 25.93
N GLU AA 181 -64.06 -9.13 25.19
CA GLU AA 181 -64.71 -10.43 25.39
C GLU AA 181 -63.77 -11.57 25.05
N ASP AA 182 -63.56 -12.46 26.02
CA ASP AA 182 -62.85 -13.71 25.82
C ASP AA 182 -63.55 -14.77 26.65
N GLU AA 183 -63.92 -15.89 26.04
CA GLU AA 183 -64.58 -16.95 26.79
C GLU AA 183 -63.63 -17.62 27.78
N TYR AA 184 -62.32 -17.54 27.56
CA TYR AA 184 -61.40 -18.10 28.54
C TYR AA 184 -61.34 -17.26 29.80
N THR AA 185 -61.66 -15.97 29.71
CA THR AA 185 -61.71 -15.10 30.88
C THR AA 185 -63.14 -14.78 31.28
N ALA AA 186 -64.09 -15.65 30.91
CA ALA AA 186 -65.46 -15.49 31.33
C ALA AA 186 -65.54 -15.17 32.81
N ALA AA 187 -66.63 -14.52 33.22
CA ALA AA 187 -66.76 -14.06 34.59
C ALA AA 187 -68.11 -14.36 35.25
N GLY AA 188 -69.17 -14.61 34.49
CA GLY AA 188 -70.42 -15.02 35.09
C GLY AA 188 -71.61 -14.26 34.53
N TYR AA 189 -72.76 -14.42 35.18
CA TYR AA 189 -74.00 -13.80 34.78
C TYR AA 189 -74.74 -13.30 36.01
N ILE AA 190 -75.27 -12.08 35.93
CA ILE AA 190 -75.97 -11.45 37.04
C ILE AA 190 -77.45 -11.41 36.70
N THR AA 191 -78.28 -12.01 37.55
CA THR AA 191 -79.71 -12.13 37.32
C THR AA 191 -80.46 -11.60 38.53
N CYS AA 192 -81.73 -11.24 38.30
CA CYS AA 192 -82.63 -10.85 39.38
C CYS AA 192 -83.98 -11.53 39.16
N TRP AA 193 -84.61 -11.93 40.27
CA TRP AA 193 -85.82 -12.72 40.22
C TRP AA 193 -86.79 -12.23 41.27
N TYR AA 194 -88.08 -12.55 41.10
CA TYR AA 194 -89.09 -12.20 42.09
C TYR AA 194 -89.04 -13.22 43.23
N GLN AA 195 -88.69 -12.74 44.43
CA GLN AA 195 -88.74 -13.56 45.64
C GLN AA 195 -90.13 -13.53 46.26
N THR AA 196 -90.73 -12.35 46.31
CA THR AA 196 -92.12 -12.18 46.74
C THR AA 196 -92.72 -11.05 45.93
N ASN AA 197 -93.78 -11.37 45.19
CA ASN AA 197 -94.41 -10.45 44.25
C ASN AA 197 -94.63 -9.08 44.87
N ILE AA 198 -94.45 -8.04 44.05
CA ILE AA 198 -94.72 -6.67 44.45
C ILE AA 198 -96.17 -6.57 44.92
N VAL AA 199 -96.37 -6.37 46.21
CA VAL AA 199 -97.69 -6.14 46.78
C VAL AA 199 -97.89 -4.65 46.99
N VAL AA 200 -99.01 -4.12 46.50
CA VAL AA 200 -99.29 -2.69 46.58
C VAL AA 200 -100.71 -2.50 47.08
N PRO AA 201 -101.03 -1.41 47.78
CA PRO AA 201 -102.41 -1.17 48.21
C PRO AA 201 -103.25 -0.58 47.08
N ALA AA 202 -104.49 -0.24 47.43
CA ALA AA 202 -105.41 0.36 46.48
C ALA AA 202 -105.00 1.81 46.18
N ASP AA 203 -105.31 2.25 44.97
CA ASP AA 203 -105.12 3.64 44.56
C ASP AA 203 -103.66 4.07 44.59
N VAL AA 204 -102.75 3.14 44.32
CA VAL AA 204 -101.36 3.49 44.07
C VAL AA 204 -100.80 2.50 43.06
N GLN AA 205 -99.84 2.96 42.27
CA GLN AA 205 -99.40 2.22 41.10
C GLN AA 205 -98.71 0.91 41.48
N SER AA 206 -99.05 -0.15 40.76
CA SER AA 206 -98.46 -1.46 40.98
C SER AA 206 -97.21 -1.70 40.14
N SER AA 207 -96.95 -0.86 39.15
CA SER AA 207 -95.76 -0.98 38.30
C SER AA 207 -94.79 0.14 38.67
N CYS AA 208 -93.58 -0.25 39.05
CA CYS AA 208 -92.55 0.67 39.50
C CYS AA 208 -91.25 0.36 38.76
N ASP AA 209 -90.23 1.15 39.07
CA ASP AA 209 -88.92 1.04 38.45
C ASP AA 209 -87.85 0.87 39.50
N ILE AA 210 -86.73 0.30 39.08
CA ILE AA 210 -85.54 0.18 39.91
C ILE AA 210 -84.37 0.72 39.10
N LEU AA 211 -83.46 1.40 39.79
CA LEU AA 211 -82.26 1.93 39.15
C LEU AA 211 -81.04 1.16 39.64
N CYS AA 212 -80.13 0.87 38.72
CA CYS AA 212 -78.90 0.16 39.02
C CYS AA 212 -77.70 1.10 38.87
N PHE AA 213 -76.76 0.98 39.81
CA PHE AA 213 -75.55 1.76 39.82
C PHE AA 213 -74.37 0.80 39.92
N VAL AA 214 -73.30 1.10 39.20
CA VAL AA 214 -72.11 0.26 39.17
C VAL AA 214 -70.94 1.06 39.70
N SER AA 215 -70.16 0.46 40.59
CA SER AA 215 -68.88 1.03 41.00
C SER AA 215 -67.91 -0.11 41.28
N ALA AA 216 -66.65 0.25 41.47
CA ALA AA 216 -65.60 -0.70 41.81
C ALA AA 216 -65.34 -0.68 43.31
N CYS AA 217 -64.90 -1.82 43.84
CA CYS AA 217 -64.59 -1.95 45.25
C CYS AA 217 -63.14 -1.55 45.53
N ASN AA 218 -62.74 -1.68 46.80
CA ASN AA 218 -61.37 -1.36 47.20
C ASN AA 218 -60.34 -2.29 46.57
N ASP AA 219 -60.77 -3.41 46.00
CA ASP AA 219 -59.85 -4.41 45.48
C ASP AA 219 -59.95 -4.51 43.97
N PHE AA 220 -59.93 -3.37 43.28
CA PHE AA 220 -60.12 -3.31 41.84
C PHE AA 220 -58.94 -2.60 41.21
N SER AA 221 -58.39 -3.19 40.15
CA SER AA 221 -57.24 -2.64 39.47
C SER AA 221 -57.34 -2.95 37.98
N VAL AA 222 -56.71 -2.10 37.17
CA VAL AA 222 -56.69 -2.27 35.73
C VAL AA 222 -55.25 -2.16 35.25
N ARG AA 223 -55.00 -2.71 34.06
CA ARG AA 223 -53.65 -3.01 33.61
C ARG AA 223 -53.58 -2.88 32.10
N MET AA 224 -52.37 -2.65 31.60
CA MET AA 224 -52.13 -2.63 30.16
C MET AA 224 -52.87 -1.47 29.51
N LEU AA 225 -52.33 -0.28 29.70
CA LEU AA 225 -52.88 0.94 29.13
C LEU AA 225 -53.08 0.81 27.63
N LYS AA 226 -54.19 1.36 27.13
CA LYS AA 226 -54.49 1.32 25.69
C LYS AA 226 -55.47 2.44 25.34
N ASP AA 227 -55.68 2.62 24.04
CA ASP AA 227 -56.60 3.61 23.51
C ASP AA 227 -58.03 3.07 23.50
N THR AA 228 -58.99 3.96 23.72
CA THR AA 228 -60.38 3.51 23.74
C THR AA 228 -60.89 3.34 22.31
N PRO AA 229 -61.73 2.32 22.06
CA PRO AA 229 -62.36 2.20 20.75
C PRO AA 229 -63.55 3.12 20.56
N PHE AA 230 -63.99 3.80 21.63
CA PHE AA 230 -65.22 4.57 21.59
C PHE AA 230 -65.08 5.88 20.84
N ILE AA 231 -63.89 6.46 20.79
CA ILE AA 231 -63.65 7.74 20.14
C ILE AA 231 -63.14 7.47 18.72
N ARG AA 232 -63.68 8.22 17.76
CA ARG AA 232 -63.32 8.08 16.36
C ARG AA 232 -63.11 9.46 15.74
N GLN AA 233 -62.19 9.53 14.78
CA GLN AA 233 -61.88 10.77 14.08
C GLN AA 233 -61.58 10.44 12.63
N ASP AA 234 -62.14 11.26 11.71
CA ASP AA 234 -61.89 11.14 10.29
C ASP AA 234 -61.01 12.26 9.74
N THR AA 235 -61.16 13.48 10.25
CA THR AA 235 -60.31 14.59 9.87
C THR AA 235 -60.19 15.55 11.05
N PHE AA 236 -59.08 16.29 11.06
CA PHE AA 236 -58.83 17.23 12.14
C PHE AA 236 -60.01 18.16 12.36
N TYR AA 237 -60.55 18.13 13.58
CA TYR AA 237 -61.67 19.00 13.93
C TYR AA 237 -61.24 20.46 13.94
N GLN AA 238 -62.14 21.34 13.55
CA GLN AA 238 -61.84 22.78 13.46
C GLN AA 238 -63.00 23.64 13.93
N ASN BA 29 -32.77 10.75 41.81
CA ASN BA 29 -32.13 10.76 40.49
C ASN BA 29 -31.28 12.03 40.34
N ILE BA 30 -30.47 12.07 39.29
CA ILE BA 30 -29.59 13.21 39.01
C ILE BA 30 -30.20 14.00 37.85
N ASN BA 31 -30.98 15.03 38.18
CA ASN BA 31 -31.58 15.88 37.16
C ASN BA 31 -30.51 16.73 36.48
N TYR BA 32 -30.51 16.72 35.13
CA TYR BA 32 -29.46 17.38 34.39
C TYR BA 32 -29.74 18.85 34.09
N TYR BA 33 -31.00 19.27 34.19
CA TYR BA 33 -31.41 20.61 33.76
C TYR BA 33 -31.89 21.43 34.94
N LYS BA 34 -31.66 22.75 34.87
CA LYS BA 34 -31.97 23.62 35.99
C LYS BA 34 -33.47 23.88 36.14
N ASP BA 35 -34.28 23.52 35.15
CA ASP BA 35 -35.71 23.83 35.16
C ASP BA 35 -36.52 22.57 35.41
N ALA BA 36 -37.48 22.66 36.32
CA ALA BA 36 -38.21 21.47 36.77
C ALA BA 36 -38.97 20.81 35.63
N ALA BA 37 -39.45 21.59 34.67
CA ALA BA 37 -40.17 21.01 33.55
C ALA BA 37 -39.31 20.03 32.77
N SER BA 38 -37.99 20.14 32.89
CA SER BA 38 -37.07 19.29 32.17
C SER BA 38 -36.97 17.88 32.75
N ASN BA 39 -37.56 17.65 33.92
CA ASN BA 39 -37.38 16.38 34.62
C ASN BA 39 -38.28 15.30 34.04
N SER BA 40 -37.92 14.05 34.33
CA SER BA 40 -38.71 12.92 33.90
C SER BA 40 -40.04 12.91 34.64
N ALA BA 41 -40.89 11.93 34.30
CA ALA BA 41 -42.21 11.86 34.88
C ALA BA 41 -42.12 11.57 36.38
N ASN BA 42 -43.15 11.98 37.11
CA ASN BA 42 -43.23 11.74 38.55
C ASN BA 42 -43.83 10.35 38.80
N ARG BA 43 -43.04 9.35 38.45
CA ARG BA 43 -43.35 7.95 38.73
C ARG BA 43 -42.49 7.49 39.90
N GLN BA 44 -42.66 6.23 40.29
CA GLN BA 44 -41.92 5.68 41.43
C GLN BA 44 -42.20 6.47 42.70
N HIS CA 42 -44.60 35.84 40.77
CA HIS CA 42 -43.97 36.65 41.81
C HIS CA 42 -42.56 37.07 41.41
N SER CA 43 -41.75 36.10 40.96
CA SER CA 43 -40.36 36.37 40.64
C SER CA 43 -40.23 37.00 39.26
N ARG CA 44 -39.23 37.88 39.13
CA ARG CA 44 -38.89 38.53 37.88
C ARG CA 44 -37.82 37.78 37.11
N SER CA 45 -37.81 36.44 37.20
CA SER CA 45 -36.66 35.68 36.73
C SER CA 45 -36.45 35.83 35.23
N GLU CA 46 -37.51 35.68 34.44
CA GLU CA 46 -37.33 35.63 32.99
C GLU CA 46 -36.94 36.97 32.39
N SER CA 47 -36.98 38.06 33.15
CA SER CA 47 -36.61 39.37 32.65
C SER CA 47 -35.19 39.77 33.03
N SER CA 48 -34.41 38.85 33.60
CA SER CA 48 -33.01 39.12 33.84
C SER CA 48 -32.31 39.39 32.51
N ILE CA 49 -31.19 40.11 32.57
CA ILE CA 49 -30.45 40.41 31.36
C ILE CA 49 -29.91 39.12 30.74
N GLU CA 50 -29.50 38.17 31.58
CA GLU CA 50 -28.97 36.92 31.05
C GLU CA 50 -30.03 36.17 30.25
N ASN CA 51 -31.25 36.06 30.79
CA ASN CA 51 -32.31 35.41 30.03
C ASN CA 51 -32.69 36.24 28.81
N PHE CA 52 -32.69 37.57 28.95
CA PHE CA 52 -33.14 38.44 27.88
C PHE CA 52 -32.26 38.29 26.64
N LEU CA 53 -30.93 38.30 26.84
CA LEU CA 53 -30.02 38.25 25.70
C LEU CA 53 -29.53 36.84 25.37
N CYS CA 54 -29.56 35.92 26.32
CA CYS CA 54 -28.99 34.57 26.15
C CYS CA 54 -29.98 33.65 25.43
N ARG CA 55 -30.34 34.05 24.22
CA ARG CA 55 -31.15 33.24 23.32
C ARG CA 55 -30.61 33.45 21.92
N ALA CA 56 -30.31 32.35 21.24
CA ALA CA 56 -29.61 32.44 19.96
C ALA CA 56 -30.37 33.34 18.99
N ALA CA 57 -29.60 34.04 18.15
CA ALA CA 57 -30.18 35.01 17.22
C ALA CA 57 -29.38 34.99 15.92
N CYS CA 58 -30.10 34.93 14.80
CA CYS CA 58 -29.45 34.93 13.49
C CYS CA 58 -28.95 36.34 13.19
N VAL CA 59 -27.63 36.52 13.17
CA VAL CA 59 -27.05 37.84 12.92
C VAL CA 59 -26.69 38.07 11.46
N TYR CA 60 -26.53 37.01 10.66
CA TYR CA 60 -26.14 37.13 9.26
C TYR CA 60 -26.13 35.73 8.65
N TYR CA 61 -26.30 35.67 7.33
CA TYR CA 61 -26.16 34.39 6.63
C TYR CA 61 -25.74 34.68 5.20
N ALA CA 62 -24.81 33.88 4.69
CA ALA CA 62 -24.28 34.11 3.35
C ALA CA 62 -24.15 32.78 2.62
N THR CA 63 -23.92 32.89 1.31
CA THR CA 63 -23.95 31.73 0.43
C THR CA 63 -22.65 31.62 -0.36
N TYR CA 64 -22.33 30.39 -0.77
CA TYR CA 64 -21.20 30.14 -1.65
C TYR CA 64 -21.49 28.90 -2.50
N THR CA 65 -20.81 28.82 -3.64
CA THR CA 65 -21.04 27.77 -4.63
C THR CA 65 -19.78 26.97 -4.87
N ASN CA 66 -19.95 25.68 -5.20
CA ASN CA 66 -18.77 24.84 -5.39
C ASN CA 66 -18.14 25.00 -6.78
N ASN CA 67 -18.97 25.00 -7.82
CA ASN CA 67 -18.43 24.91 -9.18
C ASN CA 67 -17.77 26.20 -9.63
N SER CA 68 -18.30 27.36 -9.19
CA SER CA 68 -17.81 28.64 -9.67
C SER CA 68 -16.30 28.68 -9.81
N GLU CA 69 -15.58 28.44 -8.72
CA GLU CA 69 -14.11 28.44 -8.64
C GLU CA 69 -13.68 29.26 -7.43
N LYS CA 70 -13.81 30.59 -7.52
CA LYS CA 70 -13.62 31.44 -6.36
C LYS CA 70 -14.89 31.41 -5.51
N GLY CA 71 -15.35 30.20 -5.18
CA GLY CA 71 -16.62 30.02 -4.50
C GLY CA 71 -16.55 30.05 -2.99
N TYR CA 72 -15.73 30.96 -2.46
CA TYR CA 72 -15.64 31.16 -1.02
C TYR CA 72 -16.42 32.41 -0.63
N ALA CA 73 -16.97 32.40 0.58
CA ALA CA 73 -17.73 33.53 1.10
C ALA CA 73 -16.98 34.18 2.25
N GLU CA 74 -17.34 35.44 2.55
CA GLU CA 74 -16.68 36.17 3.61
C GLU CA 74 -17.66 37.11 4.30
N TRP CA 75 -17.43 37.37 5.58
CA TRP CA 75 -18.27 38.27 6.35
C TRP CA 75 -17.42 38.96 7.42
N VAL CA 76 -17.46 40.29 7.44
CA VAL CA 76 -16.87 41.05 8.52
C VAL CA 76 -17.82 41.00 9.71
N ILE CA 77 -17.27 40.65 10.88
CA ILE CA 77 -18.10 40.34 12.05
C ILE CA 77 -18.65 41.64 12.61
N ASN CA 78 -19.97 41.81 12.51
CA ASN CA 78 -20.70 42.90 13.14
C ASN CA 78 -21.98 42.35 13.74
N THR CA 79 -22.61 43.15 14.60
CA THR CA 79 -23.88 42.79 15.23
C THR CA 79 -25.03 43.67 14.79
N ARG CA 80 -24.84 44.52 13.77
CA ARG CA 80 -25.81 45.55 13.45
C ARG CA 80 -26.49 45.38 12.10
N GLN CA 81 -26.19 44.33 11.35
CA GLN CA 81 -26.89 44.11 10.09
C GLN CA 81 -28.30 43.57 10.30
N VAL CA 82 -28.55 42.91 11.43
CA VAL CA 82 -29.87 42.38 11.73
C VAL CA 82 -30.57 43.34 12.70
N ALA CA 83 -31.90 43.33 12.66
CA ALA CA 83 -32.68 44.30 13.42
C ALA CA 83 -32.95 43.84 14.84
N GLN CA 84 -33.42 42.60 15.01
CA GLN CA 84 -33.90 42.15 16.32
C GLN CA 84 -32.79 42.18 17.36
N LEU CA 85 -31.73 41.40 17.14
CA LEU CA 85 -30.66 41.33 18.11
C LEU CA 85 -30.01 42.69 18.30
N ARG CA 86 -29.86 43.46 17.21
CA ARG CA 86 -29.27 44.78 17.35
C ARG CA 86 -30.08 45.64 18.30
N ARG CA 87 -31.40 45.64 18.16
CA ARG CA 87 -32.22 46.45 19.07
C ARG CA 87 -32.08 45.96 20.50
N LYS CA 88 -32.15 44.64 20.70
CA LYS CA 88 -31.96 44.09 22.05
C LYS CA 88 -30.68 44.62 22.67
N LEU CA 89 -29.58 44.57 21.92
CA LEU CA 89 -28.30 45.04 22.43
C LEU CA 89 -28.29 46.56 22.63
N GLU CA 90 -28.96 47.29 21.73
CA GLU CA 90 -28.97 48.75 21.79
C GLU CA 90 -29.85 49.28 22.92
N LEU CA 91 -30.59 48.41 23.61
CA LEU CA 91 -31.19 48.83 24.87
C LEU CA 91 -30.15 49.33 25.88
N PHE CA 92 -28.86 49.03 25.65
CA PHE CA 92 -27.79 49.40 26.57
C PHE CA 92 -26.63 50.02 25.82
N THR CA 93 -25.93 50.93 26.48
CA THR CA 93 -24.81 51.63 25.86
C THR CA 93 -23.54 50.80 25.89
N TYR CA 94 -23.29 50.10 27.00
CA TYR CA 94 -22.10 49.29 27.17
C TYR CA 94 -22.50 47.87 27.56
N LEU CA 95 -21.91 46.88 26.91
CA LEU CA 95 -22.16 45.48 27.21
C LEU CA 95 -20.84 44.74 27.37
N ARG CA 96 -20.92 43.58 28.02
CA ARG CA 96 -19.75 42.74 28.28
C ARG CA 96 -20.25 41.32 28.44
N PHE CA 97 -19.72 40.39 27.65
CA PHE CA 97 -20.25 39.04 27.65
C PHE CA 97 -19.34 38.12 26.83
N ASP CA 98 -19.47 36.82 27.09
CA ASP CA 98 -18.97 35.77 26.22
C ASP CA 98 -20.02 35.46 25.17
N LEU CA 99 -19.65 34.65 24.18
CA LEU CA 99 -20.56 34.37 23.08
C LEU CA 99 -20.60 32.89 22.77
N GLU CA 100 -21.78 32.39 22.43
CA GLU CA 100 -21.95 31.06 21.84
C GLU CA 100 -22.31 31.24 20.37
N LEU CA 101 -21.46 30.72 19.49
CA LEU CA 101 -21.62 30.79 18.05
C LEU CA 101 -22.16 29.46 17.56
N THR CA 102 -23.32 29.49 16.91
CA THR CA 102 -23.89 28.29 16.30
C THR CA 102 -24.02 28.52 14.80
N PHE CA 103 -23.56 27.56 14.00
CA PHE CA 103 -23.62 27.67 12.55
C PHE CA 103 -24.63 26.67 12.00
N VAL CA 104 -25.59 27.16 11.21
CA VAL CA 104 -26.55 26.30 10.51
C VAL CA 104 -26.19 26.34 9.04
N ILE CA 105 -25.60 25.26 8.54
CA ILE CA 105 -25.08 25.19 7.18
C ILE CA 105 -26.00 24.26 6.39
N THR CA 106 -26.67 24.81 5.37
CA THR CA 106 -27.62 24.05 4.55
C THR CA 106 -27.24 24.19 3.09
N SER CA 107 -27.19 23.07 2.37
CA SER CA 107 -26.80 23.06 0.96
C SER CA 107 -27.99 22.70 0.10
N ALA CA 108 -27.86 23.01 -1.19
CA ALA CA 108 -28.93 22.84 -2.16
C ALA CA 108 -28.34 22.51 -3.51
N GLN CA 109 -28.98 21.54 -4.18
CA GLN CA 109 -28.59 21.16 -5.53
C GLN CA 109 -28.86 22.30 -6.49
N GLN CA 110 -27.83 22.74 -7.23
CA GLN CA 110 -28.08 23.80 -8.18
C GLN CA 110 -28.32 23.23 -9.56
N PRO CA 111 -29.15 23.89 -10.37
CA PRO CA 111 -29.48 23.33 -11.68
C PRO CA 111 -28.24 23.12 -12.53
N SER CA 112 -28.24 22.04 -13.29
CA SER CA 112 -27.13 21.73 -14.18
C SER CA 112 -27.51 20.51 -15.01
N THR CA 113 -26.78 20.32 -16.11
CA THR CA 113 -27.05 19.25 -17.06
C THR CA 113 -25.94 18.21 -16.98
N ALA CA 114 -26.32 16.98 -16.68
CA ALA CA 114 -25.44 15.82 -16.60
C ALA CA 114 -26.32 14.63 -16.25
N THR CA 115 -25.84 13.45 -16.57
CA THR CA 115 -26.61 12.23 -16.35
C THR CA 115 -26.34 11.73 -14.93
N SER CA 116 -27.37 11.76 -14.08
CA SER CA 116 -27.26 11.21 -12.74
C SER CA 116 -26.12 11.86 -11.98
N VAL CA 117 -26.45 12.90 -11.21
CA VAL CA 117 -25.50 13.54 -10.31
C VAL CA 117 -25.59 12.84 -8.96
N ASP CA 118 -24.47 12.29 -8.50
CA ASP CA 118 -24.39 11.61 -7.20
C ASP CA 118 -23.39 12.37 -6.32
N ALA CA 119 -23.88 13.34 -5.58
CA ALA CA 119 -22.99 14.14 -4.75
C ALA CA 119 -22.62 13.38 -3.49
N PRO CA 120 -21.34 13.21 -3.18
CA PRO CA 120 -20.96 12.62 -1.88
C PRO CA 120 -21.17 13.62 -0.76
N VAL CA 121 -21.06 13.13 0.47
CA VAL CA 121 -21.26 14.00 1.62
C VAL CA 121 -20.30 15.19 1.52
N GLN CA 122 -20.78 16.36 1.88
CA GLN CA 122 -20.05 17.61 1.71
C GLN CA 122 -19.60 18.14 3.07
N THR CA 123 -18.33 18.52 3.15
CA THR CA 123 -17.76 19.12 4.34
C THR CA 123 -17.49 20.60 4.08
N HIS CA 124 -17.61 21.41 5.13
CA HIS CA 124 -17.40 22.85 5.06
C HIS CA 124 -16.34 23.27 6.05
N GLN CA 125 -15.63 24.33 5.71
CA GLN CA 125 -14.66 24.96 6.61
C GLN CA 125 -15.07 26.40 6.85
N ILE CA 126 -15.07 26.78 8.13
CA ILE CA 126 -15.28 28.16 8.55
C ILE CA 126 -14.00 28.61 9.23
N MET CA 127 -13.32 29.59 8.64
CA MET CA 127 -12.05 30.09 9.17
C MET CA 127 -12.26 31.49 9.72
N TYR CA 128 -11.61 31.80 10.84
CA TYR CA 128 -11.64 33.16 11.39
C TYR CA 128 -10.28 33.81 11.19
N VAL CA 129 -10.26 34.93 10.47
CA VAL CA 129 -9.03 35.69 10.29
C VAL CA 129 -9.13 36.95 11.15
N PRO CA 130 -8.45 37.00 12.29
CA PRO CA 130 -8.44 38.22 13.09
C PRO CA 130 -7.88 39.40 12.31
N PRO CA 131 -8.18 40.63 12.73
CA PRO CA 131 -7.66 41.81 11.99
C PRO CA 131 -6.15 41.79 11.87
N GLY CA 132 -5.67 41.80 10.62
CA GLY CA 132 -4.26 41.81 10.31
C GLY CA 132 -3.75 40.52 9.73
N GLY CA 133 -4.52 39.44 9.80
CA GLY CA 133 -4.06 38.16 9.33
C GLY CA 133 -4.21 38.04 7.83
N PRO CA 134 -3.58 36.99 7.28
CA PRO CA 134 -3.75 36.71 5.85
C PRO CA 134 -5.20 36.36 5.54
N VAL CA 135 -5.61 36.70 4.32
CA VAL CA 135 -7.00 36.61 3.90
C VAL CA 135 -7.08 35.66 2.71
N PRO CA 136 -8.01 34.70 2.70
CA PRO CA 136 -8.15 33.84 1.53
C PRO CA 136 -8.54 34.64 0.30
N THR CA 137 -7.84 34.41 -0.81
CA THR CA 137 -8.19 35.00 -2.09
C THR CA 137 -8.91 34.04 -3.01
N LYS CA 138 -8.95 32.76 -2.68
CA LYS CA 138 -9.56 31.73 -3.50
C LYS CA 138 -9.89 30.54 -2.62
N VAL CA 139 -10.76 29.65 -3.12
CA VAL CA 139 -11.12 28.46 -2.35
C VAL CA 139 -9.90 27.60 -2.06
N THR CA 140 -8.86 27.69 -2.88
CA THR CA 140 -7.66 26.89 -2.72
C THR CA 140 -6.47 27.77 -2.30
N ASP CA 141 -6.71 28.69 -1.37
CA ASP CA 141 -5.66 29.56 -0.87
C ASP CA 141 -4.85 28.87 0.22
N TYR CA 142 -3.63 29.35 0.45
CA TYR CA 142 -2.81 28.79 1.50
C TYR CA 142 -3.35 29.14 2.88
N ALA CA 143 -4.02 30.29 3.02
CA ALA CA 143 -4.52 30.71 4.33
C ALA CA 143 -5.43 29.66 4.95
N TRP CA 144 -6.07 28.83 4.13
CA TRP CA 144 -7.00 27.82 4.62
C TRP CA 144 -6.30 26.75 5.45
N GLN CA 145 -4.98 26.80 5.58
CA GLN CA 145 -4.29 25.85 6.46
C GLN CA 145 -4.66 26.07 7.92
N THR CA 146 -5.00 27.31 8.29
CA THR CA 146 -5.40 27.65 9.65
C THR CA 146 -4.43 27.08 10.69
N SER CA 147 -3.14 27.24 10.43
CA SER CA 147 -2.15 26.76 11.38
C SER CA 147 -2.36 27.40 12.74
N THR CA 148 -2.62 28.72 12.76
CA THR CA 148 -2.87 29.47 13.97
C THR CA 148 -4.30 29.96 14.08
N ASN CA 149 -4.87 30.40 12.97
CA ASN CA 149 -6.21 30.96 12.98
C ASN CA 149 -7.24 29.87 13.29
N PRO CA 150 -8.12 30.08 14.26
CA PRO CA 150 -9.12 29.04 14.56
C PRO CA 150 -10.07 28.83 13.40
N SER CA 151 -10.53 27.59 13.27
CA SER CA 151 -11.45 27.25 12.19
C SER CA 151 -12.16 25.95 12.55
N VAL CA 152 -13.36 25.80 12.00
CA VAL CA 152 -14.20 24.63 12.21
C VAL CA 152 -14.28 23.87 10.90
N PHE CA 153 -14.22 22.54 10.98
CA PHE CA 153 -14.50 21.66 9.86
C PHE CA 153 -15.72 20.83 10.23
N TRP CA 154 -16.79 20.94 9.45
CA TRP CA 154 -18.05 20.30 9.79
C TRP CA 154 -18.66 19.65 8.56
N THR CA 155 -19.05 18.39 8.69
CA THR CA 155 -19.64 17.64 7.57
C THR CA 155 -21.16 17.68 7.68
N GLU CA 156 -21.82 17.79 6.52
CA GLU CA 156 -23.27 17.92 6.52
C GLU CA 156 -23.94 16.65 7.05
N GLY CA 157 -25.10 16.85 7.67
CA GLY CA 157 -25.89 15.75 8.20
C GLY CA 157 -25.71 15.47 9.67
N ASN CA 158 -24.89 16.26 10.37
CA ASN CA 158 -24.64 16.11 11.79
C ASN CA 158 -25.17 17.33 12.54
N ALA CA 159 -25.01 17.31 13.86
CA ALA CA 159 -25.47 18.43 14.67
C ALA CA 159 -24.79 19.72 14.20
N PRO CA 160 -25.47 20.85 14.28
CA PRO CA 160 -24.85 22.12 13.88
C PRO CA 160 -23.60 22.37 14.68
N PRO CA 161 -22.52 22.86 14.06
CA PRO CA 161 -21.32 23.15 14.83
C PRO CA 161 -21.53 24.35 15.75
N ARG CA 162 -20.91 24.27 16.94
CA ARG CA 162 -21.05 25.27 17.98
C ARG CA 162 -19.69 25.54 18.60
N MET CA 163 -19.51 26.78 19.06
CA MET CA 163 -18.18 27.27 19.41
C MET CA 163 -18.32 28.47 20.33
N SER CA 164 -17.75 28.41 21.52
CA SER CA 164 -17.82 29.53 22.45
C SER CA 164 -16.58 30.41 22.33
N ILE CA 165 -16.74 31.68 22.67
CA ILE CA 165 -15.64 32.64 22.55
C ILE CA 165 -15.72 33.65 23.68
N PRO CA 166 -14.57 34.17 24.10
CA PRO CA 166 -14.53 35.02 25.30
C PRO CA 166 -14.89 36.47 25.04
N PHE CA 167 -14.69 37.30 26.07
CA PHE CA 167 -14.82 38.75 25.96
C PHE CA 167 -13.55 39.33 25.33
N ILE CA 168 -13.64 39.72 24.06
CA ILE CA 168 -12.47 40.05 23.27
C ILE CA 168 -12.20 41.56 23.19
N SER CA 169 -13.13 42.39 23.65
CA SER CA 169 -12.96 43.83 23.56
C SER CA 169 -11.58 44.25 24.05
N ILE CA 170 -11.08 45.36 23.51
CA ILE CA 170 -9.85 45.94 24.01
C ILE CA 170 -10.14 46.80 25.23
N GLY CA 171 -11.31 47.43 25.28
CA GLY CA 171 -11.72 48.18 26.45
C GLY CA 171 -12.36 47.29 27.49
N ASN CA 172 -12.73 47.91 28.60
CA ASN CA 172 -13.33 47.21 29.73
C ASN CA 172 -14.79 46.84 29.49
N ALA CA 173 -15.32 47.07 28.30
CA ALA CA 173 -16.68 46.73 27.96
C ALA CA 173 -16.91 47.00 26.49
N TYR CA 174 -17.77 46.22 25.85
CA TYR CA 174 -18.19 46.54 24.49
C TYR CA 174 -18.93 47.87 24.51
N SER CA 175 -18.74 48.65 23.45
CA SER CA 175 -19.42 49.93 23.29
C SER CA 175 -20.46 49.76 22.19
N CYS CA 176 -21.73 49.97 22.55
CA CYS CA 176 -22.81 49.87 21.57
C CYS CA 176 -23.03 51.17 20.79
N PHE CA 177 -22.65 52.31 21.36
CA PHE CA 177 -22.75 53.60 20.69
C PHE CA 177 -21.46 54.37 20.96
N TYR CA 178 -21.13 55.27 20.03
CA TYR CA 178 -19.89 56.04 20.15
C TYR CA 178 -20.11 57.43 19.59
N ASP CA 179 -20.20 58.42 20.47
CA ASP CA 179 -20.36 59.82 20.08
C ASP CA 179 -18.97 60.45 19.93
N GLY CA 180 -18.25 59.95 18.91
CA GLY CA 180 -16.92 60.43 18.63
C GLY CA 180 -16.50 59.97 17.25
N TRP CA 181 -15.27 60.32 16.89
CA TRP CA 181 -14.74 60.08 15.55
C TRP CA 181 -13.57 59.11 15.61
N THR CA 182 -13.13 58.69 14.42
CA THR CA 182 -11.98 57.79 14.31
C THR CA 182 -10.67 58.57 14.20
N GLN CA 183 -10.70 59.79 13.67
CA GLN CA 183 -9.52 60.62 13.59
C GLN CA 183 -9.54 61.67 14.69
N PHE CA 184 -8.36 61.96 15.24
CA PHE CA 184 -8.25 62.96 16.29
C PHE CA 184 -8.57 64.36 15.78
N SER CA 185 -8.63 64.55 14.46
CA SER CA 185 -9.01 65.82 13.85
C SER CA 185 -10.52 66.01 13.80
N ARG CA 186 -11.28 65.24 14.57
CA ARG CA 186 -12.74 65.28 14.50
C ARG CA 186 -13.22 65.08 13.05
N ASN CA 187 -12.57 64.16 12.35
CA ASN CA 187 -12.79 63.94 10.93
C ASN CA 187 -12.71 62.44 10.65
N GLY CA 188 -12.83 62.08 9.37
CA GLY CA 188 -12.78 60.68 8.97
C GLY CA 188 -14.15 60.01 9.04
N VAL CA 189 -14.36 59.18 10.06
CA VAL CA 189 -15.60 58.45 10.25
C VAL CA 189 -16.22 58.88 11.56
N TYR CA 190 -17.54 58.86 11.62
CA TYR CA 190 -18.29 59.20 12.83
C TYR CA 190 -19.22 58.04 13.18
N GLY CA 191 -18.93 57.34 14.27
CA GLY CA 191 -19.87 56.41 14.82
C GLY CA 191 -19.19 55.18 15.38
N ILE CA 192 -19.99 54.13 15.55
CA ILE CA 192 -19.54 52.89 16.17
C ILE CA 192 -18.67 52.04 15.28
N ASN CA 193 -18.62 52.35 13.99
CA ASN CA 193 -17.74 51.62 13.10
C ASN CA 193 -16.31 52.14 13.13
N THR CA 194 -16.02 53.08 14.03
CA THR CA 194 -14.64 53.41 14.36
C THR CA 194 -14.11 52.50 15.47
N LEU CA 195 -15.02 51.80 16.16
CA LEU CA 195 -14.69 50.86 17.22
C LEU CA 195 -14.74 49.42 16.72
N ASN CA 196 -15.81 49.06 16.00
CA ASN CA 196 -15.90 47.69 15.50
C ASN CA 196 -14.67 47.32 14.68
N ASN CA 197 -13.79 46.49 15.24
CA ASN CA 197 -12.63 45.94 14.53
C ASN CA 197 -12.44 44.52 15.05
N MET CA 198 -13.16 43.57 14.43
CA MET CA 198 -13.26 42.22 14.96
C MET CA 198 -12.87 41.14 13.96
N GLY CA 199 -12.29 41.52 12.83
CA GLY CA 199 -11.79 40.55 11.88
C GLY CA 199 -12.86 40.03 10.94
N THR CA 200 -12.44 39.09 10.10
CA THR CA 200 -13.28 38.53 9.05
C THR CA 200 -13.50 37.04 9.29
N LEU CA 201 -14.55 36.52 8.66
CA LEU CA 201 -14.95 35.12 8.82
C LEU CA 201 -15.27 34.55 7.44
N TYR CA 202 -14.51 33.54 7.03
CA TYR CA 202 -14.59 32.99 5.68
C TYR CA 202 -15.18 31.60 5.67
N MET CA 203 -15.82 31.27 4.55
CA MET CA 203 -16.55 30.03 4.37
C MET CA 203 -16.10 29.37 3.08
N ARG CA 204 -15.91 28.05 3.11
CA ARG CA 204 -15.62 27.34 1.86
C ARG CA 204 -16.09 25.90 1.94
N HIS CA 205 -16.25 25.30 0.77
CA HIS CA 205 -16.43 23.85 0.66
C HIS CA 205 -15.07 23.16 0.72
N VAL CA 206 -14.92 22.21 1.65
CA VAL CA 206 -13.69 21.42 1.67
C VAL CA 206 -13.76 20.32 0.62
N ASN CA 207 -14.94 19.76 0.39
CA ASN CA 207 -15.07 18.75 -0.65
C ASN CA 207 -14.79 19.37 -2.01
N GLU CA 208 -14.42 18.50 -2.95
CA GLU CA 208 -14.00 18.93 -4.27
C GLU CA 208 -15.20 19.12 -5.17
N ALA CA 209 -15.15 20.19 -5.98
CA ALA CA 209 -16.19 20.42 -6.97
C ALA CA 209 -16.52 19.14 -7.71
N GLY CA 210 -17.81 18.81 -7.75
CA GLY CA 210 -18.28 17.58 -8.36
C GLY CA 210 -18.96 17.82 -9.71
N GLN CA 211 -19.36 16.71 -10.32
CA GLN CA 211 -20.00 16.77 -11.63
C GLN CA 211 -21.27 17.62 -11.64
N GLY CA 212 -21.79 18.01 -10.47
CA GLY CA 212 -22.97 18.85 -10.39
C GLY CA 212 -22.79 19.94 -9.36
N PRO CA 213 -23.34 21.12 -9.62
CA PRO CA 213 -23.11 22.26 -8.74
C PRO CA 213 -23.96 22.21 -7.48
N ILE CA 214 -23.41 22.80 -6.42
CA ILE CA 214 -24.03 22.83 -5.10
C ILE CA 214 -23.83 24.22 -4.51
N LYS CA 215 -24.92 24.83 -4.06
CA LYS CA 215 -24.92 26.14 -3.43
C LYS CA 215 -25.29 25.98 -1.96
N SER CA 216 -24.49 26.55 -1.08
CA SER CA 216 -24.68 26.38 0.35
C SER CA 216 -24.88 27.73 1.02
N THR CA 217 -25.58 27.69 2.16
CA THR CA 217 -25.96 28.86 2.92
C THR CA 217 -25.59 28.61 4.38
N VAL CA 218 -24.68 29.42 4.90
CA VAL CA 218 -24.29 29.36 6.30
C VAL CA 218 -25.02 30.46 7.05
N ARG CA 219 -25.65 30.11 8.17
CA ARG CA 219 -26.37 31.04 9.02
C ARG CA 219 -25.66 31.12 10.36
N ILE CA 220 -25.20 32.31 10.70
CA ILE CA 220 -24.49 32.58 11.94
C ILE CA 220 -25.50 32.90 13.04
N TYR CA 221 -25.27 32.36 14.23
CA TYR CA 221 -26.13 32.63 15.38
C TYR CA 221 -25.26 33.03 16.56
N PHE CA 222 -25.54 34.20 17.13
CA PHE CA 222 -24.88 34.71 18.31
C PHE CA 222 -25.78 34.52 19.52
N LYS CA 223 -25.21 34.04 20.62
CA LYS CA 223 -25.91 34.00 21.91
C LYS CA 223 -25.03 34.62 22.99
N PRO CA 224 -25.37 35.81 23.49
CA PRO CA 224 -24.64 36.38 24.63
C PRO CA 224 -24.79 35.52 25.87
N LYS CA 225 -23.65 35.13 26.44
CA LYS CA 225 -23.57 34.39 27.70
C LYS CA 225 -22.83 35.22 28.72
N HIS CA 226 -23.16 35.03 30.00
CA HIS CA 226 -22.50 35.69 31.11
C HIS CA 226 -22.40 37.20 30.88
N VAL CA 227 -23.58 37.83 30.86
CA VAL CA 227 -23.70 39.20 30.36
C VAL CA 227 -23.66 40.20 31.50
N LYS CA 228 -23.07 41.37 31.22
CA LYS CA 228 -23.08 42.53 32.10
C LYS CA 228 -23.39 43.76 31.26
N ALA CA 229 -24.38 44.53 31.68
CA ALA CA 229 -24.86 45.68 30.92
C ALA CA 229 -24.78 46.96 31.74
N TRP CA 230 -24.62 48.08 31.05
CA TRP CA 230 -24.55 49.39 31.69
C TRP CA 230 -25.28 50.43 30.84
N VAL CA 231 -25.71 51.50 31.52
CA VAL CA 231 -26.27 52.69 30.90
C VAL CA 231 -27.39 52.32 29.95
N PRO CA 232 -28.59 52.03 30.44
CA PRO CA 232 -29.71 51.77 29.54
C PRO CA 232 -30.15 53.06 28.88
N ARG CA 233 -30.72 52.91 27.69
CA ARG CA 233 -31.12 54.03 26.84
C ARG CA 233 -32.44 53.69 26.19
N PRO CA 234 -33.15 54.69 25.68
CA PRO CA 234 -34.49 54.44 25.12
C PRO CA 234 -34.42 53.40 24.01
N PRO CA 235 -35.44 52.55 23.89
CA PRO CA 235 -35.44 51.56 22.81
C PRO CA 235 -35.49 52.21 21.45
N ARG CA 236 -34.95 51.49 20.46
CA ARG CA 236 -34.98 51.98 19.08
C ARG CA 236 -36.42 52.22 18.64
N LEU CA 237 -36.68 53.41 18.09
CA LEU CA 237 -38.02 53.78 17.65
C LEU CA 237 -38.13 53.80 16.12
N CYS CA 238 -37.28 54.56 15.44
CA CYS CA 238 -37.28 54.59 13.99
C CYS CA 238 -36.51 53.40 13.44
N GLN CA 239 -36.98 52.85 12.32
CA GLN CA 239 -36.36 51.66 11.75
C GLN CA 239 -34.89 51.92 11.43
N TYR CA 240 -34.09 50.88 11.58
CA TYR CA 240 -32.67 50.97 11.22
C TYR CA 240 -32.53 51.15 9.72
N GLU CA 241 -31.53 51.92 9.31
CA GLU CA 241 -31.31 52.22 7.90
C GLU CA 241 -29.97 51.72 7.38
N LYS CA 242 -28.90 51.86 8.16
CA LYS CA 242 -27.58 51.39 7.76
C LYS CA 242 -26.89 50.78 8.97
N GLN CA 243 -26.01 49.81 8.72
CA GLN CA 243 -25.44 49.05 9.83
C GLN CA 243 -24.34 49.79 10.57
N LYS CA 244 -23.75 50.83 9.98
CA LYS CA 244 -22.56 51.45 10.54
C LYS CA 244 -22.85 52.80 11.20
N ASN CA 245 -24.13 53.13 11.42
CA ASN CA 245 -24.48 54.40 12.02
C ASN CA 245 -25.93 54.32 12.47
N VAL CA 246 -26.30 55.28 13.34
CA VAL CA 246 -27.67 55.33 13.85
C VAL CA 246 -28.64 56.00 12.88
N ASN CA 247 -28.18 56.48 11.73
CA ASN CA 247 -28.99 57.26 10.80
C ASN CA 247 -30.41 56.70 10.70
N PHE CA 248 -31.38 57.58 10.88
CA PHE CA 248 -32.79 57.18 10.92
C PHE CA 248 -33.63 58.14 10.09
N THR CA 249 -34.81 57.66 9.71
CA THR CA 249 -35.81 58.49 9.07
C THR CA 249 -36.91 58.81 10.07
N PRO CA 250 -37.12 60.07 10.44
CA PRO CA 250 -38.03 60.36 11.56
C PRO CA 250 -39.37 59.63 11.43
N THR CA 251 -39.84 59.11 12.56
CA THR CA 251 -41.11 58.41 12.66
C THR CA 251 -41.87 58.96 13.85
N GLY CA 252 -43.18 58.68 13.88
CA GLY CA 252 -44.01 59.20 14.94
C GLY CA 252 -43.71 58.56 16.28
N VAL CA 253 -44.18 59.24 17.33
CA VAL CA 253 -43.96 58.77 18.69
C VAL CA 253 -44.70 57.46 18.93
N THR CA 254 -45.97 57.39 18.52
CA THR CA 254 -46.79 56.22 18.77
C THR CA 254 -47.81 56.05 17.65
N THR CA 255 -48.56 54.96 17.73
CA THR CA 255 -49.74 54.81 16.89
C THR CA 255 -50.83 55.76 17.38
N THR CA 256 -51.75 56.08 16.48
CA THR CA 256 -52.70 57.16 16.68
C THR CA 256 -54.11 56.63 16.93
N ARG CA 257 -54.87 57.40 17.71
CA ARG CA 257 -56.29 57.18 17.93
C ARG CA 257 -57.04 58.46 17.59
N VAL CA 258 -58.36 58.46 17.82
CA VAL CA 258 -59.20 59.58 17.42
C VAL CA 258 -59.03 60.74 18.39
N GLY CA 259 -59.51 60.57 19.63
CA GLY CA 259 -59.47 61.62 20.62
C GLY CA 259 -58.84 61.14 21.91
N ILE CA 260 -58.50 62.11 22.77
CA ILE CA 260 -57.88 61.77 24.05
C ILE CA 260 -58.84 60.95 24.91
N THR CA 261 -60.14 61.06 24.67
CA THR CA 261 -61.15 60.33 25.44
C THR CA 261 -61.53 59.01 24.80
N THR CA 262 -61.06 58.71 23.60
CA THR CA 262 -61.52 57.53 22.88
C THR CA 262 -60.97 56.27 23.51
N THR CA 263 -61.83 55.26 23.61
CA THR CA 263 -61.46 53.97 24.20
C THR CA 263 -61.61 52.84 23.18
N ARG DA 14 -29.85 80.11 51.61
CA ARG DA 14 -30.46 78.80 51.45
C ARG DA 14 -29.74 77.97 50.40
N SER DA 15 -28.76 77.18 50.84
CA SER DA 15 -28.04 76.23 50.00
C SER DA 15 -26.96 76.91 49.16
N ILE DA 16 -25.76 76.32 49.12
CA ILE DA 16 -24.62 76.85 48.38
C ILE DA 16 -23.78 75.67 47.91
N THR DA 17 -23.26 75.76 46.70
CA THR DA 17 -22.33 74.77 46.17
C THR DA 17 -21.09 75.53 45.72
N LEU DA 18 -20.10 75.64 46.62
CA LEU DA 18 -18.85 76.33 46.32
C LEU DA 18 -17.87 75.31 45.77
N GLY DA 19 -17.82 75.20 44.44
CA GLY DA 19 -16.77 74.45 43.80
C GLY DA 19 -15.68 75.38 43.34
N ASN DA 20 -14.65 75.58 44.17
CA ASN DA 20 -13.47 76.33 43.75
C ASN DA 20 -13.81 77.82 43.67
N SER DA 21 -13.07 78.61 42.88
CA SER DA 21 -13.28 80.06 42.87
C SER DA 21 -14.76 80.42 42.66
N THR DA 22 -15.55 79.49 42.15
CA THR DA 22 -16.94 79.73 41.81
C THR DA 22 -17.86 79.24 42.91
N ILE DA 23 -19.08 79.79 42.90
CA ILE DA 23 -20.14 79.36 43.81
C ILE DA 23 -21.47 79.59 43.11
N THR DA 24 -22.38 78.64 43.26
CA THR DA 24 -23.76 78.76 42.80
C THR DA 24 -24.66 78.82 44.03
N THR DA 25 -25.97 79.02 43.81
CA THR DA 25 -26.90 79.23 44.91
C THR DA 25 -27.88 78.08 45.05
N GLN DA 26 -28.81 77.90 44.12
CA GLN DA 26 -29.79 76.82 44.22
C GLN DA 26 -30.68 77.00 45.44
N GLU DA 27 -31.85 76.39 45.45
CA GLU DA 27 -32.68 76.33 46.63
C GLU DA 27 -32.26 75.10 47.44
N CYS DA 28 -33.03 74.78 48.48
CA CYS DA 28 -32.77 73.57 49.27
C CYS DA 28 -33.51 72.38 48.63
N ALA DA 29 -33.18 72.14 47.37
CA ALA DA 29 -33.88 71.18 46.52
C ALA DA 29 -32.95 70.04 46.14
N ASN DA 30 -33.52 69.08 45.40
CA ASN DA 30 -32.85 67.82 45.11
C ASN DA 30 -31.89 67.97 43.93
N VAL DA 31 -30.64 67.56 44.13
CA VAL DA 31 -29.65 67.45 43.07
C VAL DA 31 -29.60 65.99 42.62
N VAL DA 32 -29.67 65.78 41.32
CA VAL DA 32 -29.67 64.41 40.78
C VAL DA 32 -28.22 63.98 40.57
N VAL DA 33 -27.80 62.94 41.28
CA VAL DA 33 -26.43 62.46 41.20
C VAL DA 33 -26.42 61.32 40.18
N GLY DA 34 -26.24 61.69 38.91
CA GLY DA 34 -26.03 60.74 37.84
C GLY DA 34 -26.66 59.38 38.03
N TYR DA 35 -25.88 58.35 37.76
CA TYR DA 35 -26.32 56.97 37.95
C TYR DA 35 -26.02 56.49 39.37
N GLY DA 36 -26.34 57.33 40.35
CA GLY DA 36 -26.02 57.01 41.73
C GLY DA 36 -24.56 57.08 42.08
N VAL DA 37 -23.72 57.64 41.20
CA VAL DA 37 -22.28 57.66 41.39
C VAL DA 37 -21.82 59.10 41.53
N TRP DA 38 -21.07 59.38 42.59
CA TRP DA 38 -20.43 60.68 42.71
C TRP DA 38 -19.09 60.65 41.99
N PRO DA 39 -18.74 61.69 41.22
CA PRO DA 39 -17.48 61.65 40.48
C PRO DA 39 -16.29 61.42 41.39
N GLU DA 40 -15.40 60.53 40.96
CA GLU DA 40 -14.18 60.22 41.69
C GLU DA 40 -13.06 60.07 40.67
N TYR DA 41 -11.83 60.09 41.17
CA TYR DA 41 -10.69 59.92 40.28
C TYR DA 41 -10.57 58.47 39.84
N LEU DA 42 -9.63 58.21 38.94
CA LEU DA 42 -9.42 56.88 38.42
C LEU DA 42 -8.69 56.03 39.44
N LYS DA 43 -9.21 54.84 39.70
CA LYS DA 43 -8.56 53.92 40.63
C LYS DA 43 -7.19 53.52 40.08
N ASP DA 44 -6.23 53.33 40.99
CA ASP DA 44 -4.92 52.82 40.58
C ASP DA 44 -4.98 51.37 40.11
N ASN DA 45 -6.10 50.69 40.32
CA ASN DA 45 -6.28 49.32 39.86
C ASN DA 45 -7.27 49.23 38.69
N GLU DA 46 -7.66 50.37 38.11
CA GLU DA 46 -8.54 50.38 36.94
C GLU DA 46 -7.95 51.17 35.78
N ALA DA 47 -6.72 51.65 35.89
CA ALA DA 47 -6.10 52.49 34.87
C ALA DA 47 -5.14 51.68 34.01
N THR DA 48 -4.76 52.27 32.88
CA THR DA 48 -3.75 51.70 31.99
C THR DA 48 -2.60 52.67 31.71
N ALA DA 49 -2.88 53.97 31.65
CA ALA DA 49 -1.83 54.94 31.40
C ALA DA 49 -0.79 54.89 32.51
N GLU DA 50 0.48 54.84 32.12
CA GLU DA 50 1.58 54.66 33.07
C GLU DA 50 2.21 55.97 33.53
N ASP DA 51 2.10 57.04 32.74
CA ASP DA 51 2.65 58.32 33.15
C ASP DA 51 1.75 58.97 34.19
N GLN DA 52 2.35 59.79 35.04
CA GLN DA 52 1.62 60.35 36.18
C GLN DA 52 0.63 61.40 35.69
N PRO DA 53 -0.63 61.35 36.12
CA PRO DA 53 -1.61 62.31 35.62
C PRO DA 53 -1.47 63.68 36.25
N THR DA 54 -2.00 64.68 35.53
CA THR DA 54 -2.09 66.04 36.03
C THR DA 54 -3.51 66.29 36.54
N GLN DA 55 -3.61 66.87 37.74
CA GLN DA 55 -4.89 67.14 38.40
C GLN DA 55 -4.91 68.60 38.80
N PRO DA 56 -5.27 69.50 37.88
CA PRO DA 56 -5.22 70.94 38.20
C PRO DA 56 -6.14 71.34 39.34
N ASP DA 57 -7.15 70.52 39.66
CA ASP DA 57 -7.97 70.73 40.84
C ASP DA 57 -8.71 72.06 40.77
N VAL DA 58 -8.23 73.08 41.51
CA VAL DA 58 -8.97 74.34 41.60
C VAL DA 58 -9.00 75.04 40.24
N ALA DA 59 -7.90 74.97 39.50
CA ALA DA 59 -7.85 75.66 38.22
C ALA DA 59 -8.80 75.03 37.21
N THR DA 60 -8.97 73.71 37.24
CA THR DA 60 -9.78 73.01 36.26
C THR DA 60 -11.18 72.68 36.76
N CYS DA 61 -11.29 72.08 37.94
CA CYS DA 61 -12.59 71.73 38.49
C CYS DA 61 -13.29 73.01 38.92
N ARG DA 62 -14.05 73.63 38.02
CA ARG DA 62 -14.57 74.95 38.30
C ARG DA 62 -15.76 75.26 37.39
N PHE DA 63 -16.66 76.13 37.89
CA PHE DA 63 -17.92 76.43 37.22
C PHE DA 63 -17.69 77.37 36.04
N TYR DA 64 -17.67 76.81 34.83
CA TYR DA 64 -17.67 77.56 33.59
C TYR DA 64 -19.11 77.73 33.11
N THR DA 65 -19.55 78.97 32.94
CA THR DA 65 -20.89 79.27 32.44
C THR DA 65 -20.81 79.53 30.95
N LEU DA 66 -21.48 78.69 30.16
CA LEU DA 66 -21.47 78.84 28.72
C LEU DA 66 -22.32 80.05 28.31
N GLU DA 67 -22.42 80.26 27.00
CA GLU DA 67 -23.29 81.30 26.48
C GLU DA 67 -24.75 80.99 26.78
N SER DA 68 -25.50 82.02 27.17
CA SER DA 68 -26.91 81.86 27.47
C SER DA 68 -27.73 81.85 26.18
N VAL DA 69 -28.88 81.18 26.21
CA VAL DA 69 -29.76 81.14 25.06
C VAL DA 69 -31.15 81.57 25.50
N GLN DA 70 -32.00 81.90 24.52
CA GLN DA 70 -33.35 82.39 24.79
C GLN DA 70 -34.37 81.28 24.59
N TRP DA 71 -35.27 81.13 25.57
CA TRP DA 71 -36.40 80.22 25.47
C TRP DA 71 -37.56 80.98 24.83
N MET DA 72 -38.00 80.54 23.66
CA MET DA 72 -39.05 81.18 22.92
C MET DA 72 -40.30 80.30 22.92
N LYS DA 73 -41.43 80.90 22.54
CA LYS DA 73 -42.69 80.15 22.53
C LYS DA 73 -42.65 79.00 21.54
N ASN DA 74 -41.76 79.04 20.55
CA ASN DA 74 -41.62 77.98 19.57
C ASN DA 74 -40.35 77.15 19.72
N SER DA 75 -39.46 77.52 20.64
CA SER DA 75 -38.17 76.84 20.76
C SER DA 75 -38.38 75.33 20.84
N ALA DA 76 -37.60 74.59 20.07
CA ALA DA 76 -37.69 73.14 20.04
C ALA DA 76 -36.76 72.48 21.05
N GLY DA 77 -35.60 73.05 21.26
CA GLY DA 77 -34.65 72.51 22.22
C GLY DA 77 -33.22 72.80 21.83
N TRP DA 78 -32.32 72.51 22.76
CA TRP DA 78 -30.90 72.78 22.60
C TRP DA 78 -30.11 71.56 23.05
N TRP DA 79 -28.88 71.48 22.55
CA TRP DA 79 -27.94 70.45 22.98
C TRP DA 79 -26.52 71.00 22.87
N TRP DA 80 -25.68 70.51 23.79
CA TRP DA 80 -24.25 70.78 23.84
C TRP DA 80 -23.50 69.46 24.03
N LYS DA 81 -22.39 69.30 23.32
CA LYS DA 81 -21.46 68.22 23.60
C LYS DA 81 -20.56 68.62 24.76
N LEU DA 82 -20.41 67.74 25.75
CA LEU DA 82 -19.84 68.18 27.02
C LEU DA 82 -18.34 68.38 26.95
N PRO DA 83 -17.53 67.42 26.50
CA PRO DA 83 -16.09 67.70 26.36
C PRO DA 83 -15.81 68.87 25.43
N ASP DA 84 -16.60 69.05 24.36
CA ASP DA 84 -16.39 70.11 23.39
C ASP DA 84 -17.23 71.36 23.71
N ALA DA 85 -17.73 71.48 24.93
CA ALA DA 85 -18.38 72.72 25.36
C ALA DA 85 -17.45 73.62 26.13
N LEU DA 86 -16.65 73.04 27.03
CA LEU DA 86 -15.61 73.76 27.74
C LEU DA 86 -14.29 73.72 26.99
N SER DA 87 -14.29 73.27 25.73
CA SER DA 87 -13.05 73.13 24.98
C SER DA 87 -12.26 74.43 24.92
N GLN DA 88 -12.95 75.57 25.01
CA GLN DA 88 -12.31 76.87 24.98
C GLN DA 88 -12.39 77.58 26.33
N MET DA 89 -12.86 76.90 27.38
CA MET DA 89 -13.08 77.54 28.67
C MET DA 89 -11.85 77.30 29.55
N GLY DA 90 -10.94 78.26 29.54
CA GLY DA 90 -9.89 78.32 30.55
C GLY DA 90 -8.94 77.14 30.56
N LEU DA 91 -8.44 76.87 31.76
CA LEU DA 91 -7.40 75.86 31.93
C LEU DA 91 -7.91 74.45 31.69
N PHE DA 92 -9.22 74.22 31.89
CA PHE DA 92 -9.79 72.95 31.44
C PHE DA 92 -9.48 72.73 29.96
N GLY DA 93 -9.81 73.71 29.13
CA GLY DA 93 -9.52 73.60 27.71
C GLY DA 93 -8.04 73.50 27.42
N GLN DA 94 -7.22 74.26 28.15
CA GLN DA 94 -5.78 74.22 27.89
C GLN DA 94 -5.20 72.82 28.15
N ASN DA 95 -5.48 72.27 29.34
CA ASN DA 95 -5.04 70.90 29.62
C ASN DA 95 -5.63 69.92 28.61
N MET DA 96 -6.89 70.14 28.21
CA MET DA 96 -7.51 69.30 27.20
C MET DA 96 -6.70 69.31 25.91
N GLN DA 97 -6.17 70.48 25.54
CA GLN DA 97 -5.40 70.58 24.30
C GLN DA 97 -4.03 69.93 24.45
N TYR DA 98 -3.42 70.05 25.64
CA TYR DA 98 -2.06 69.59 25.81
C TYR DA 98 -1.92 68.10 26.14
N HIS DA 99 -3.00 67.42 26.53
CA HIS DA 99 -2.90 66.02 26.95
C HIS DA 99 -3.66 65.09 26.01
N TYR DA 100 -3.11 63.89 25.81
CA TYR DA 100 -3.72 62.90 24.93
C TYR DA 100 -4.94 62.25 25.56
N LEU DA 101 -4.95 62.06 26.88
CA LEU DA 101 -6.05 61.39 27.55
C LEU DA 101 -6.60 62.28 28.66
N GLY DA 102 -7.91 62.20 28.85
CA GLY DA 102 -8.57 62.95 29.90
C GLY DA 102 -9.74 62.18 30.46
N ARG DA 103 -10.11 62.53 31.69
CA ARG DA 103 -11.20 61.86 32.39
C ARG DA 103 -11.81 62.84 33.37
N THR DA 104 -13.13 63.02 33.30
CA THR DA 104 -13.78 64.01 34.16
C THR DA 104 -15.25 63.67 34.34
N GLY DA 105 -15.77 64.02 35.51
CA GLY DA 105 -17.19 64.16 35.72
C GLY DA 105 -17.57 65.63 35.65
N TYR DA 106 -18.87 65.89 35.78
CA TYR DA 106 -19.35 67.27 35.70
C TYR DA 106 -20.42 67.52 36.73
N THR DA 107 -20.58 68.79 37.09
CA THR DA 107 -21.73 69.29 37.83
C THR DA 107 -22.40 70.34 36.95
N ILE DA 108 -23.57 70.01 36.43
CA ILE DA 108 -24.27 70.84 35.45
C ILE DA 108 -25.43 71.51 36.15
N HIS DA 109 -25.51 72.83 36.03
CA HIS DA 109 -26.55 73.65 36.64
C HIS DA 109 -27.19 74.44 35.50
N VAL DA 110 -28.40 74.04 35.12
CA VAL DA 110 -29.18 74.74 34.11
C VAL DA 110 -30.14 75.63 34.85
N GLN DA 111 -29.97 76.95 34.72
CA GLN DA 111 -30.76 77.92 35.45
C GLN DA 111 -31.69 78.66 34.49
N CYS DA 112 -32.98 78.66 34.82
CA CYS DA 112 -33.97 79.43 34.08
C CYS DA 112 -34.99 79.96 35.07
N ASN DA 113 -35.26 81.26 35.06
CA ASN DA 113 -36.17 81.83 36.03
C ASN DA 113 -37.20 82.71 35.34
N ALA DA 114 -38.46 82.52 35.71
CA ALA DA 114 -39.57 83.29 35.19
C ALA DA 114 -40.31 83.85 36.40
N SER DA 115 -41.57 84.24 36.20
CA SER DA 115 -42.39 84.77 37.28
C SER DA 115 -43.59 83.85 37.50
N LYS DA 116 -44.39 84.19 38.52
CA LYS DA 116 -45.58 83.40 38.83
C LYS DA 116 -46.56 83.40 37.67
N PHE DA 117 -46.57 84.47 36.86
CA PHE DA 117 -47.50 84.63 35.75
C PHE DA 117 -47.01 83.95 34.47
N HIS DA 118 -45.86 83.30 34.50
CA HIS DA 118 -45.35 82.52 33.38
C HIS DA 118 -45.67 81.05 33.58
N GLN DA 119 -45.51 80.27 32.51
CA GLN DA 119 -45.70 78.84 32.59
C GLN DA 119 -44.88 78.17 31.49
N GLY DA 120 -44.48 76.93 31.76
CA GLY DA 120 -43.64 76.17 30.86
C GLY DA 120 -42.85 75.15 31.63
N CYS DA 121 -42.23 74.23 30.89
CA CYS DA 121 -41.47 73.16 31.53
C CYS DA 121 -40.41 72.63 30.57
N LEU DA 122 -39.17 72.56 31.08
CA LEU DA 122 -38.03 72.05 30.34
C LEU DA 122 -37.60 70.70 30.90
N LEU DA 123 -37.20 69.80 30.01
CA LEU DA 123 -36.49 68.59 30.37
C LEU DA 123 -35.00 68.87 30.21
N VAL DA 124 -34.24 68.71 31.28
CA VAL DA 124 -32.79 68.86 31.27
C VAL DA 124 -32.21 67.47 31.47
N VAL DA 125 -31.60 66.91 30.43
CA VAL DA 125 -31.11 65.55 30.46
C VAL DA 125 -29.65 65.50 30.06
N CYS DA 126 -28.92 64.53 30.60
CA CYS DA 126 -27.52 64.29 30.26
C CYS DA 126 -27.42 62.91 29.62
N VAL DA 127 -27.20 62.88 28.31
CA VAL DA 127 -27.19 61.64 27.54
C VAL DA 127 -25.74 61.19 27.40
N PRO DA 128 -25.34 60.07 28.01
CA PRO DA 128 -24.02 59.51 27.70
C PRO DA 128 -24.02 58.83 26.33
N GLU DA 129 -22.98 59.11 25.54
CA GLU DA 129 -22.84 58.53 24.21
C GLU DA 129 -24.05 58.86 23.33
N ALA DA 130 -24.23 60.16 23.09
CA ALA DA 130 -25.35 60.65 22.28
C ALA DA 130 -24.94 60.64 20.80
N GLU DA 131 -24.79 59.43 20.27
CA GLU DA 131 -24.51 59.26 18.85
C GLU DA 131 -25.74 59.65 18.05
N MET DA 132 -25.59 60.65 17.18
CA MET DA 132 -26.70 61.25 16.47
C MET DA 132 -26.67 60.86 15.00
N GLY DA 133 -27.86 60.76 14.40
CA GLY DA 133 -27.98 60.39 13.01
C GLY DA 133 -27.95 61.59 12.09
N CYS DA 134 -27.91 61.30 10.79
CA CYS DA 134 -27.82 62.31 9.76
C CYS DA 134 -29.17 62.52 9.08
N SER DA 135 -29.29 63.65 8.39
CA SER DA 135 -30.45 63.87 7.52
C SER DA 135 -30.32 63.07 6.23
N ASN DA 136 -29.13 63.03 5.66
CA ASN DA 136 -28.82 62.12 4.56
C ASN DA 136 -28.42 60.77 5.15
N LEU DA 137 -29.25 59.75 4.93
CA LEU DA 137 -29.04 58.45 5.55
C LEU DA 137 -27.76 57.76 5.07
N ASN DA 138 -27.15 58.23 3.98
CA ASN DA 138 -25.94 57.62 3.46
C ASN DA 138 -24.68 58.34 3.91
N ASN DA 139 -24.79 59.27 4.86
CA ASN DA 139 -23.65 60.05 5.32
C ASN DA 139 -23.79 60.30 6.82
N THR DA 140 -22.66 60.62 7.45
CA THR DA 140 -22.68 60.97 8.87
C THR DA 140 -22.51 62.47 9.04
N PRO DA 141 -23.19 63.06 10.02
CA PRO DA 141 -23.18 64.52 10.15
C PRO DA 141 -21.77 65.08 10.30
N GLU DA 142 -21.66 66.38 10.08
CA GLU DA 142 -20.38 67.07 10.13
C GLU DA 142 -20.10 67.59 11.55
N PHE DA 143 -18.81 67.77 11.82
CA PHE DA 143 -18.37 68.16 13.15
C PHE DA 143 -19.04 69.44 13.61
N ALA DA 144 -19.10 70.45 12.73
CA ALA DA 144 -19.70 71.72 13.13
C ALA DA 144 -21.19 71.59 13.39
N GLU DA 145 -21.86 70.65 12.70
CA GLU DA 145 -23.28 70.44 12.93
C GLU DA 145 -23.52 69.76 14.28
N LEU DA 146 -22.65 68.82 14.65
CA LEU DA 146 -22.83 68.11 15.92
C LEU DA 146 -22.38 68.94 17.11
N SER DA 147 -21.33 69.74 16.95
CA SER DA 147 -20.66 70.42 18.05
C SER DA 147 -20.77 71.92 17.91
N GLY DA 148 -21.10 72.59 19.00
CA GLY DA 148 -20.95 74.03 19.10
C GLY DA 148 -20.55 74.43 20.50
N GLY DA 149 -19.25 74.58 20.75
CA GLY DA 149 -18.83 75.05 22.05
C GLY DA 149 -19.33 76.46 22.29
N ASP DA 150 -19.71 76.74 23.54
CA ASP DA 150 -20.28 78.03 23.93
C ASP DA 150 -21.32 78.53 22.91
N THR DA 151 -21.90 77.62 22.13
CA THR DA 151 -22.92 77.98 21.14
C THR DA 151 -23.84 76.76 21.02
N ALA DA 152 -24.92 76.77 21.78
CA ALA DA 152 -25.86 75.65 21.79
C ALA DA 152 -26.36 75.35 20.38
N ARG DA 153 -26.31 74.07 19.99
CA ARG DA 153 -26.96 73.68 18.73
C ARG DA 153 -28.41 73.34 19.02
N MET DA 154 -29.28 73.55 18.04
CA MET DA 154 -30.72 73.54 18.27
C MET DA 154 -31.42 72.40 17.56
N PHE DA 155 -32.43 71.85 18.23
CA PHE DA 155 -33.37 70.94 17.61
C PHE DA 155 -34.37 71.72 16.77
N THR DA 156 -35.09 71.02 15.89
CA THR DA 156 -35.99 71.64 14.93
C THR DA 156 -37.43 71.16 15.13
N ASP DA 157 -38.36 71.95 14.61
CA ASP DA 157 -39.78 71.62 14.68
C ASP DA 157 -40.18 70.54 13.70
N THR DA 158 -39.40 70.31 12.64
CA THR DA 158 -39.81 69.40 11.57
C THR DA 158 -38.60 68.64 11.05
N GLN DA 159 -38.87 67.66 10.18
CA GLN DA 159 -37.80 66.89 9.56
C GLN DA 159 -36.82 67.79 8.83
N ILE DA 160 -35.54 67.45 8.90
CA ILE DA 160 -34.54 68.12 8.06
C ILE DA 160 -34.55 67.50 6.67
N GLY DA 161 -34.01 68.24 5.71
CA GLY DA 161 -34.11 67.84 4.31
C GLY DA 161 -33.10 66.76 3.93
N GLU DA 162 -33.54 65.85 3.07
CA GLU DA 162 -32.67 64.79 2.60
C GLU DA 162 -31.48 65.37 1.83
N THR DA 163 -31.74 66.32 0.93
CA THR DA 163 -30.67 66.88 0.13
C THR DA 163 -29.51 67.38 0.98
N ASN DA 164 -29.81 67.91 2.17
CA ASN DA 164 -28.75 68.35 3.07
C ASN DA 164 -27.80 67.19 3.32
N SER DA 165 -26.59 67.28 2.75
CA SER DA 165 -25.70 66.13 2.72
C SER DA 165 -25.20 65.75 4.12
N LYS DA 166 -24.74 66.75 4.89
CA LYS DA 166 -24.09 66.50 6.17
C LYS DA 166 -24.74 67.33 7.27
N LYS DA 167 -26.05 67.13 7.44
CA LYS DA 167 -26.82 67.81 8.48
C LYS DA 167 -27.30 66.81 9.52
N VAL DA 168 -27.65 67.34 10.69
CA VAL DA 168 -28.12 66.50 11.80
C VAL DA 168 -29.63 66.42 11.75
N GLN DA 169 -30.17 65.21 11.87
CA GLN DA 169 -31.61 65.01 11.86
C GLN DA 169 -32.21 65.53 13.17
N THR DA 170 -32.52 66.81 13.22
CA THR DA 170 -32.82 67.49 14.48
C THR DA 170 -34.30 67.47 14.85
N ALA DA 171 -35.10 66.63 14.22
CA ALA DA 171 -36.51 66.51 14.61
C ALA DA 171 -36.61 66.13 16.08
N VAL DA 172 -37.20 67.01 16.88
CA VAL DA 172 -37.07 66.90 18.34
C VAL DA 172 -37.72 65.61 18.85
N TRP DA 173 -38.87 65.23 18.28
CA TRP DA 173 -39.58 64.08 18.83
C TRP DA 173 -38.81 62.77 18.64
N ASN DA 174 -37.66 62.79 17.95
CA ASN DA 174 -36.76 61.66 17.91
C ASN DA 174 -35.42 61.95 18.56
N ALA DA 175 -35.20 63.17 19.05
CA ALA DA 175 -33.99 63.56 19.78
C ALA DA 175 -32.73 63.37 18.94
N GLY DA 176 -32.86 63.22 17.63
CA GLY DA 176 -31.71 63.00 16.80
C GLY DA 176 -31.00 61.69 17.05
N MET DA 177 -31.68 60.72 17.68
CA MET DA 177 -31.10 59.42 17.96
C MET DA 177 -32.03 58.28 17.57
N GLY DA 178 -33.11 58.55 16.84
CA GLY DA 178 -34.00 57.49 16.42
C GLY DA 178 -34.83 56.89 17.53
N VAL DA 179 -35.02 57.63 18.63
CA VAL DA 179 -35.76 57.12 19.78
C VAL DA 179 -37.02 57.95 19.97
N GLY DA 180 -37.81 57.60 20.98
CA GLY DA 180 -38.91 58.45 21.39
C GLY DA 180 -38.45 59.46 22.41
N VAL DA 181 -38.60 60.75 22.11
CA VAL DA 181 -38.10 61.79 23.01
C VAL DA 181 -38.74 61.63 24.39
N GLY DA 182 -39.96 61.11 24.44
CA GLY DA 182 -40.64 60.90 25.71
C GLY DA 182 -40.03 59.82 26.59
N ASN DA 183 -39.02 59.11 26.10
CA ASN DA 183 -38.34 58.07 26.87
C ASN DA 183 -36.91 58.46 27.22
N LEU DA 184 -36.50 59.70 26.94
CA LEU DA 184 -35.17 60.14 27.35
C LEU DA 184 -35.00 60.14 28.87
N THR DA 185 -36.08 59.93 29.63
CA THR DA 185 -36.00 60.01 31.08
C THR DA 185 -35.13 58.92 31.69
N ILE DA 186 -34.74 57.90 30.93
CA ILE DA 186 -33.84 56.88 31.47
C ILE DA 186 -32.48 57.49 31.78
N TYR DA 187 -32.04 58.45 30.97
CA TYR DA 187 -30.80 59.16 31.27
C TYR DA 187 -31.01 60.09 32.45
N PRO DA 188 -29.96 60.33 33.25
CA PRO DA 188 -30.09 61.27 34.37
C PRO DA 188 -30.65 62.60 33.89
N HIS DA 189 -31.59 63.15 34.65
CA HIS DA 189 -32.36 64.29 34.20
C HIS DA 189 -33.05 64.97 35.36
N GLN DA 190 -33.48 66.21 35.11
CA GLN DA 190 -34.42 66.92 35.95
C GLN DA 190 -35.42 67.65 35.06
N TRP DA 191 -36.48 68.14 35.70
CA TRP DA 191 -37.45 69.01 35.03
C TRP DA 191 -37.35 70.39 35.67
N ILE DA 192 -37.32 71.42 34.84
CA ILE DA 192 -37.47 72.79 35.31
C ILE DA 192 -38.88 73.19 34.91
N ASN DA 193 -39.83 72.98 35.81
CA ASN DA 193 -41.20 73.43 35.63
C ASN DA 193 -41.32 74.81 36.25
N LEU DA 194 -41.46 75.84 35.40
CA LEU DA 194 -41.46 77.21 35.89
C LEU DA 194 -42.45 77.41 37.02
N ARG DA 195 -43.53 76.61 37.04
CA ARG DA 195 -44.50 76.71 38.13
C ARG DA 195 -43.81 76.56 39.49
N THR DA 196 -42.96 75.54 39.63
CA THR DA 196 -42.35 75.21 40.90
C THR DA 196 -40.85 74.94 40.76
N ASN DA 197 -40.17 75.63 39.83
CA ASN DA 197 -38.77 75.33 39.59
C ASN DA 197 -38.03 76.54 39.05
N ASN DA 198 -36.75 76.62 39.38
CA ASN DA 198 -35.91 77.76 39.01
C ASN DA 198 -34.62 77.28 38.35
N SER DA 199 -34.18 76.08 38.69
CA SER DA 199 -32.93 75.55 38.16
C SER DA 199 -32.95 74.04 38.27
N ALA DA 200 -31.94 73.41 37.66
CA ALA DA 200 -31.77 71.96 37.72
C ALA DA 200 -30.29 71.66 37.85
N THR DA 201 -29.96 70.74 38.76
CA THR DA 201 -28.58 70.39 39.03
C THR DA 201 -28.39 68.89 38.90
N ILE DA 202 -27.44 68.49 38.05
CA ILE DA 202 -27.11 67.10 37.81
C ILE DA 202 -25.60 66.91 37.99
N VAL DA 203 -25.21 65.99 38.85
CA VAL DA 203 -23.81 65.66 39.08
C VAL DA 203 -23.55 64.36 38.33
N MET DA 204 -22.91 64.46 37.17
CA MET DA 204 -22.66 63.32 36.31
C MET DA 204 -21.25 62.76 36.54
N PRO DA 205 -21.10 61.45 36.62
CA PRO DA 205 -19.77 60.84 36.68
C PRO DA 205 -19.23 60.55 35.28
N TYR DA 206 -17.94 60.25 35.24
CA TYR DA 206 -17.31 59.85 33.98
C TYR DA 206 -17.87 58.49 33.57
N ILE DA 207 -18.59 58.44 32.46
CA ILE DA 207 -19.23 57.23 31.97
C ILE DA 207 -18.60 56.90 30.63
N ASN DA 208 -17.87 55.78 30.59
CA ASN DA 208 -17.18 55.36 29.37
C ASN DA 208 -16.77 53.90 29.51
N SER DA 209 -16.54 53.26 28.36
CA SER DA 209 -16.12 51.86 28.35
C SER DA 209 -14.64 51.70 28.64
N VAL DA 210 -13.86 52.77 28.57
CA VAL DA 210 -12.41 52.72 28.85
C VAL DA 210 -12.12 53.64 30.01
N PRO DA 211 -11.03 53.40 30.75
CA PRO DA 211 -10.74 54.27 31.91
C PRO DA 211 -10.47 55.71 31.54
N MET DA 212 -9.89 55.95 30.37
CA MET DA 212 -9.63 57.29 29.88
C MET DA 212 -9.81 57.30 28.37
N ASP DA 213 -10.13 58.48 27.83
CA ASP DA 213 -10.31 58.65 26.40
C ASP DA 213 -9.86 60.05 26.02
N ASN DA 214 -9.63 60.24 24.72
CA ASN DA 214 -9.26 61.57 24.21
C ASN DA 214 -10.48 62.49 24.23
N MET DA 215 -10.26 63.74 24.62
CA MET DA 215 -11.37 64.65 24.90
C MET DA 215 -11.85 65.43 23.69
N PHE DA 216 -11.07 65.48 22.61
CA PHE DA 216 -11.52 66.10 21.37
C PHE DA 216 -12.23 65.10 20.47
N ARG DA 217 -11.73 63.88 20.41
CA ARG DA 217 -12.25 62.87 19.50
C ARG DA 217 -13.54 62.23 20.00
N HIS DA 218 -13.84 62.37 21.29
CA HIS DA 218 -14.96 61.65 21.90
C HIS DA 218 -15.68 62.59 22.85
N ASN DA 219 -16.95 62.86 22.55
CA ASN DA 219 -17.81 63.67 23.42
C ASN DA 219 -18.64 62.68 24.24
N ASN DA 220 -18.14 62.37 25.43
CA ASN DA 220 -18.73 61.29 26.22
C ASN DA 220 -20.17 61.57 26.62
N LEU DA 221 -20.56 62.85 26.70
CA LEU DA 221 -21.90 63.21 27.12
C LEU DA 221 -22.46 64.31 26.23
N THR DA 222 -23.77 64.49 26.32
CA THR DA 222 -24.48 65.53 25.59
C THR DA 222 -25.62 66.05 26.46
N LEU DA 223 -25.54 67.31 26.83
CA LEU DA 223 -26.62 67.95 27.58
C LEU DA 223 -27.71 68.36 26.61
N MET DA 224 -28.96 68.08 26.98
CA MET DA 224 -30.12 68.41 26.17
C MET DA 224 -31.14 69.15 27.03
N ILE DA 225 -31.61 70.28 26.53
CA ILE DA 225 -32.69 71.04 27.16
C ILE DA 225 -33.83 71.08 26.15
N ILE DA 226 -34.91 70.38 26.43
CA ILE DA 226 -36.03 70.26 25.49
C ILE DA 226 -37.30 70.74 26.19
N PRO DA 227 -37.94 71.82 25.72
CA PRO DA 227 -39.21 72.23 26.34
C PRO DA 227 -40.34 71.26 26.02
N PHE DA 228 -40.83 70.56 27.03
CA PHE DA 228 -41.94 69.63 26.82
C PHE DA 228 -43.29 70.33 26.90
N VAL DA 229 -43.41 71.34 27.74
CA VAL DA 229 -44.58 72.22 27.77
C VAL DA 229 -44.08 73.62 27.42
N PRO DA 230 -44.57 74.22 26.33
CA PRO DA 230 -43.92 75.43 25.82
C PRO DA 230 -44.17 76.66 26.67
N LEU DA 231 -43.23 77.60 26.58
CA LEU DA 231 -43.34 78.84 27.35
C LEU DA 231 -44.59 79.60 26.94
N ASN DA 232 -45.24 80.21 27.92
CA ASN DA 232 -46.39 81.06 27.64
C ASN DA 232 -46.50 82.12 28.72
N TYR DA 233 -47.15 83.22 28.37
CA TYR DA 233 -47.29 84.35 29.28
C TYR DA 233 -48.28 85.33 28.69
N SER DA 234 -49.01 86.01 29.57
CA SER DA 234 -49.98 87.00 29.16
C SER DA 234 -49.30 88.29 28.72
N GLU DA 235 -50.03 89.10 27.97
CA GLU DA 235 -49.50 90.39 27.54
C GLU DA 235 -49.12 91.22 28.76
N GLY DA 236 -47.88 91.71 28.77
CA GLY DA 236 -47.38 92.48 29.90
C GLY DA 236 -46.27 91.79 30.65
N SER DA 237 -46.41 90.47 30.82
CA SER DA 237 -45.35 89.68 31.44
C SER DA 237 -44.10 89.72 30.57
N SER DA 238 -42.94 89.79 31.22
CA SER DA 238 -41.70 89.98 30.49
C SER DA 238 -41.55 88.92 29.41
N PRO DA 239 -41.17 89.28 28.18
CA PRO DA 239 -41.16 88.30 27.09
C PRO DA 239 -39.83 87.60 26.85
N TYR DA 240 -38.76 87.97 27.55
CA TYR DA 240 -37.43 87.42 27.29
C TYR DA 240 -37.03 86.52 28.47
N VAL DA 241 -37.21 85.22 28.28
CA VAL DA 241 -36.87 84.22 29.29
C VAL DA 241 -35.58 83.53 28.87
N PRO DA 242 -34.42 83.88 29.44
CA PRO DA 242 -33.19 83.19 29.08
C PRO DA 242 -32.88 81.99 29.96
N ILE DA 243 -32.18 81.03 29.35
CA ILE DA 243 -31.67 79.83 30.01
C ILE DA 243 -30.16 79.90 29.97
N THR DA 244 -29.54 79.73 31.14
CA THR DA 244 -28.08 79.79 31.27
C THR DA 244 -27.56 78.45 31.76
N VAL DA 245 -26.57 77.91 31.07
CA VAL DA 245 -25.96 76.62 31.42
C VAL DA 245 -24.62 76.91 32.08
N THR DA 246 -24.38 76.27 33.23
CA THR DA 246 -23.12 76.42 33.96
C THR DA 246 -22.63 75.03 34.37
N ILE DA 247 -21.50 74.61 33.81
CA ILE DA 247 -20.96 73.27 34.03
C ILE DA 247 -19.62 73.39 34.73
N ALA DA 248 -19.37 72.50 35.70
CA ALA DA 248 -18.11 72.49 36.44
C ALA DA 248 -17.47 71.12 36.33
N PRO DA 249 -16.25 71.02 35.78
CA PRO DA 249 -15.55 69.73 35.81
C PRO DA 249 -15.29 69.28 37.24
N MET DA 250 -15.24 67.96 37.42
CA MET DA 250 -15.05 67.36 38.73
C MET DA 250 -14.10 66.18 38.61
N CYS DA 251 -13.07 66.16 39.45
CA CYS DA 251 -12.09 65.08 39.48
C CYS DA 251 -11.48 64.89 38.10
N ALA DA 252 -10.96 65.98 37.54
CA ALA DA 252 -10.36 65.94 36.21
C ALA DA 252 -8.96 65.36 36.27
N GLU DA 253 -8.65 64.47 35.32
CA GLU DA 253 -7.33 63.86 35.22
C GLU DA 253 -6.88 63.90 33.77
N TYR DA 254 -5.58 64.09 33.57
CA TYR DA 254 -4.99 64.19 32.23
C TYR DA 254 -3.72 63.35 32.18
N ASN DA 255 -3.54 62.65 31.06
CA ASN DA 255 -2.36 61.81 30.86
C ASN DA 255 -1.82 62.01 29.45
N GLY DA 256 -0.50 61.79 29.31
CA GLY DA 256 0.15 61.89 28.02
C GLY DA 256 0.42 63.32 27.58
N LEU DA 257 1.30 64.01 28.28
CA LEU DA 257 1.63 65.39 27.94
C LEU DA 257 2.41 65.45 26.64
N ARG DA 258 2.21 66.53 25.89
CA ARG DA 258 2.80 66.69 24.57
C ARG DA 258 2.46 68.05 23.96
N LEU DA 259 2.83 68.25 22.70
CA LEU DA 259 2.34 69.38 21.93
C LEU DA 259 0.82 69.30 21.80
N ALA DA 260 0.21 70.43 21.41
CA ALA DA 260 -1.24 70.53 21.34
C ALA DA 260 -1.66 70.99 19.96
N SER DA 261 -2.94 70.79 19.64
CA SER DA 261 -3.51 71.27 18.39
C SER DA 261 -4.99 71.56 18.60
N SER DA 262 -5.55 72.30 17.64
CA SER DA 262 -6.98 72.63 17.66
C SER DA 262 -7.83 71.49 17.10
N GLY EA 1 -15.39 1.06 25.75
CA GLY EA 1 -16.69 1.33 25.05
C GLY EA 1 -17.89 1.33 25.99
N LEU EA 2 -18.07 2.45 26.68
CA LEU EA 2 -19.19 2.58 27.61
C LEU EA 2 -20.51 2.46 26.86
N PRO EA 3 -21.40 1.54 27.24
CA PRO EA 3 -22.71 1.46 26.57
C PRO EA 3 -23.55 2.72 26.81
N VAL EA 4 -24.16 3.21 25.73
CA VAL EA 4 -24.94 4.44 25.75
C VAL EA 4 -26.07 4.31 24.74
N MET EA 5 -27.16 5.05 24.98
CA MET EA 5 -28.32 5.06 24.10
C MET EA 5 -28.74 6.52 23.91
N THR EA 6 -28.66 7.01 22.68
CA THR EA 6 -29.03 8.38 22.38
C THR EA 6 -30.55 8.51 22.40
N THR EA 7 -31.03 9.55 23.08
CA THR EA 7 -32.45 9.81 23.22
C THR EA 7 -32.92 10.87 22.22
N PRO EA 8 -34.22 10.97 21.98
CA PRO EA 8 -34.72 12.07 21.15
C PRO EA 8 -34.21 13.42 21.65
N GLY EA 9 -33.95 14.31 20.70
CA GLY EA 9 -33.33 15.60 20.98
C GLY EA 9 -31.89 15.69 20.56
N SER EA 10 -31.28 14.58 20.15
CA SER EA 10 -29.91 14.61 19.66
C SER EA 10 -29.83 15.39 18.36
N THR EA 11 -28.67 16.00 18.12
CA THR EA 11 -28.42 16.81 16.93
C THR EA 11 -29.44 17.93 16.78
N GLN EA 12 -29.91 18.47 17.89
CA GLN EA 12 -30.96 19.46 17.91
C GLN EA 12 -30.38 20.79 18.38
N PHE EA 13 -30.66 21.85 17.62
CA PHE EA 13 -30.21 23.20 17.97
C PHE EA 13 -31.44 23.97 18.43
N LEU EA 14 -31.67 23.95 19.73
CA LEU EA 14 -32.73 24.76 20.35
C LEU EA 14 -32.18 26.13 20.67
N THR EA 15 -32.77 27.16 20.05
CA THR EA 15 -32.36 28.54 20.29
C THR EA 15 -32.09 28.78 21.77
N SER EA 16 -32.99 28.33 22.63
CA SER EA 16 -32.92 28.56 24.07
C SER EA 16 -32.30 27.39 24.81
N ASP EA 17 -31.15 26.90 24.35
CA ASP EA 17 -30.42 25.86 25.06
C ASP EA 17 -29.23 26.47 25.78
N ASP EA 18 -28.74 25.73 26.79
CA ASP EA 18 -27.75 26.28 27.71
C ASP EA 18 -26.65 25.25 28.00
N PHE EA 19 -26.18 24.57 26.98
CA PHE EA 19 -25.12 23.58 27.16
C PHE EA 19 -23.75 24.25 27.11
N GLN EA 20 -22.76 23.52 27.61
CA GLN EA 20 -21.37 23.97 27.51
C GLN EA 20 -20.83 23.69 26.11
N SER EA 21 -19.94 24.57 25.67
CA SER EA 21 -19.35 24.47 24.35
C SER EA 21 -17.85 24.69 24.43
N PRO EA 22 -17.07 23.99 23.60
CA PRO EA 22 -15.63 24.20 23.62
C PRO EA 22 -15.24 25.58 23.12
N SER EA 23 -14.34 26.23 23.84
CA SER EA 23 -13.91 27.59 23.50
C SER EA 23 -12.97 27.59 22.31
N ALA EA 24 -13.13 28.60 21.46
CA ALA EA 24 -12.26 28.78 20.30
C ALA EA 24 -11.01 29.59 20.62
N MET EA 25 -10.99 30.31 21.73
CA MET EA 25 -9.84 31.11 22.16
C MET EA 25 -9.39 30.62 23.53
N PRO EA 26 -8.75 29.46 23.59
CA PRO EA 26 -8.30 28.95 24.90
C PRO EA 26 -7.24 29.85 25.52
N GLN EA 27 -7.33 30.03 26.83
CA GLN EA 27 -6.33 30.78 27.59
C GLN EA 27 -6.28 32.25 27.17
N PHE EA 28 -7.38 32.76 26.63
CA PHE EA 28 -7.45 34.18 26.24
C PHE EA 28 -7.56 35.05 27.49
N ASP EA 29 -6.58 35.92 27.68
CA ASP EA 29 -6.51 36.77 28.87
C ASP EA 29 -7.53 37.90 28.74
N VAL EA 30 -8.70 37.74 29.36
CA VAL EA 30 -9.72 38.78 29.28
C VAL EA 30 -9.18 40.10 29.82
N THR EA 31 -9.55 41.19 29.15
CA THR EA 31 -9.22 42.49 29.68
C THR EA 31 -9.93 42.67 31.03
N PRO EA 32 -9.27 43.26 32.02
CA PRO EA 32 -9.90 43.36 33.34
C PRO EA 32 -11.19 44.16 33.29
N GLU EA 33 -11.91 44.11 34.40
CA GLU EA 33 -13.21 44.76 34.50
C GLU EA 33 -13.07 46.18 35.04
N MET EA 34 -14.10 46.98 34.80
CA MET EA 34 -14.22 48.32 35.35
C MET EA 34 -15.62 48.46 35.93
N GLN EA 35 -15.72 49.17 37.06
CA GLN EA 35 -17.02 49.44 37.66
C GLN EA 35 -17.61 50.65 36.93
N ILE EA 36 -18.25 50.37 35.80
CA ILE EA 36 -18.85 51.39 34.95
C ILE EA 36 -20.19 51.80 35.56
N PRO EA 37 -20.51 53.08 35.65
CA PRO EA 37 -21.76 53.48 36.30
C PRO EA 37 -22.97 52.91 35.57
N GLY EA 38 -24.09 52.89 36.28
CA GLY EA 38 -25.36 52.50 35.69
C GLY EA 38 -25.47 51.05 35.25
N ARG EA 39 -24.96 50.12 36.05
CA ARG EA 39 -25.12 48.71 35.73
C ARG EA 39 -26.59 48.33 35.80
N VAL EA 40 -27.10 47.71 34.74
CA VAL EA 40 -28.44 47.14 34.74
C VAL EA 40 -28.33 45.65 34.99
N ASN EA 41 -29.20 45.13 35.85
CA ASN EA 41 -29.27 43.70 36.09
C ASN EA 41 -30.60 43.08 35.66
N ASN EA 42 -31.68 43.86 35.61
CA ASN EA 42 -32.96 43.36 35.16
C ASN EA 42 -33.66 44.44 34.34
N LEU EA 43 -34.52 44.00 33.41
CA LEU EA 43 -35.25 44.94 32.57
C LEU EA 43 -36.37 45.63 33.34
N MET EA 44 -36.86 45.03 34.44
CA MET EA 44 -37.82 45.74 35.27
C MET EA 44 -37.19 46.96 35.93
N GLU EA 45 -35.86 46.98 36.10
CA GLU EA 45 -35.21 48.18 36.57
C GLU EA 45 -35.49 49.36 35.63
N ILE EA 46 -35.62 49.08 34.34
CA ILE EA 46 -35.98 50.11 33.38
C ILE EA 46 -37.49 50.34 33.40
N ALA EA 47 -38.27 49.28 33.44
CA ALA EA 47 -39.73 49.43 33.44
C ALA EA 47 -40.23 50.21 34.65
N GLU EA 48 -39.46 50.27 35.74
CA GLU EA 48 -39.86 51.03 36.91
C GLU EA 48 -39.60 52.52 36.78
N VAL EA 49 -39.08 52.98 35.64
CA VAL EA 49 -38.64 54.35 35.48
C VAL EA 49 -39.76 55.18 34.87
N ASP EA 50 -40.05 56.32 35.48
CA ASP EA 50 -41.02 57.24 34.90
C ASP EA 50 -40.56 57.65 33.51
N SER EA 51 -41.49 57.60 32.56
CA SER EA 51 -41.23 58.01 31.19
C SER EA 51 -42.49 58.70 30.68
N VAL EA 52 -42.30 59.72 29.83
CA VAL EA 52 -43.42 60.56 29.42
C VAL EA 52 -44.39 59.77 28.56
N VAL EA 53 -45.68 59.97 28.80
CA VAL EA 53 -46.74 59.22 28.13
C VAL EA 53 -47.33 60.09 27.03
N PRO EA 54 -47.43 59.59 25.79
CA PRO EA 54 -48.08 60.36 24.72
C PRO EA 54 -49.60 60.23 24.78
N VAL EA 55 -50.22 60.92 25.73
CA VAL EA 55 -51.66 60.80 25.90
C VAL EA 55 -52.40 61.36 24.68
N ASN EA 56 -51.85 62.38 24.04
CA ASN EA 56 -52.48 63.05 22.91
C ASN EA 56 -51.94 62.48 21.60
N ASN EA 57 -52.36 61.25 21.30
CA ASN EA 57 -51.84 60.55 20.13
C ASN EA 57 -52.39 61.11 18.82
N THR EA 58 -53.54 61.75 18.87
CA THR EA 58 -54.28 62.16 17.68
C THR EA 58 -53.42 62.91 16.65
N GLU EA 59 -53.47 62.41 15.41
CA GLU EA 59 -53.28 63.21 14.19
C GLU EA 59 -51.89 63.82 14.16
N ALA EA 60 -51.72 65.15 14.15
CA ALA EA 60 -50.41 65.76 14.00
C ALA EA 60 -49.58 65.77 15.28
N ASN EA 61 -50.24 65.68 16.44
CA ASN EA 61 -49.51 65.70 17.70
C ASN EA 61 -48.48 64.57 17.76
N VAL EA 62 -48.76 63.45 17.11
CA VAL EA 62 -47.90 62.27 17.21
C VAL EA 62 -46.49 62.60 16.72
N ASN EA 63 -46.37 63.44 15.70
CA ASN EA 63 -45.06 63.84 15.19
C ASN EA 63 -44.55 65.12 15.82
N SER EA 64 -44.90 65.35 17.09
CA SER EA 64 -44.48 66.55 17.80
C SER EA 64 -44.59 66.30 19.29
N LEU EA 65 -43.99 67.20 20.08
CA LEU EA 65 -44.14 67.11 21.52
C LEU EA 65 -45.56 67.41 21.97
N LYS EA 66 -46.43 67.90 21.08
CA LYS EA 66 -47.82 68.10 21.44
C LYS EA 66 -48.50 66.82 21.88
N ALA EA 67 -47.94 65.66 21.51
CA ALA EA 67 -48.55 64.39 21.90
C ALA EA 67 -48.52 64.19 23.41
N TYR EA 68 -47.44 64.63 24.06
CA TYR EA 68 -47.27 64.42 25.49
C TYR EA 68 -48.04 65.43 26.34
N GLN EA 69 -48.64 66.45 25.72
CA GLN EA 69 -49.27 67.54 26.44
C GLN EA 69 -50.76 67.26 26.59
N ILE EA 70 -51.25 67.25 27.82
CA ILE EA 70 -52.68 67.08 28.11
C ILE EA 70 -53.26 68.48 28.33
N PRO EA 71 -54.15 68.96 27.46
CA PRO EA 71 -54.68 70.31 27.61
C PRO EA 71 -55.73 70.41 28.70
N VAL EA 72 -55.63 71.47 29.50
CA VAL EA 72 -56.67 71.82 30.47
C VAL EA 72 -56.91 73.31 30.38
N GLN EA 73 -58.12 73.74 30.74
CA GLN EA 73 -58.51 75.13 30.58
C GLN EA 73 -59.57 75.48 31.62
N SER EA 74 -59.69 76.78 31.89
CA SER EA 74 -60.74 77.27 32.77
C SER EA 74 -62.08 77.13 32.08
N ASN EA 75 -63.00 76.39 32.69
CA ASN EA 75 -64.27 76.06 32.07
C ASN EA 75 -65.43 76.75 32.78
N SER EA 76 -66.52 76.91 32.03
CA SER EA 76 -67.79 77.40 32.57
C SER EA 76 -68.66 76.28 33.12
N ASP EA 77 -68.31 75.03 32.87
CA ASP EA 77 -69.05 73.87 33.35
C ASP EA 77 -68.18 73.06 34.30
N ASN EA 78 -68.64 71.86 34.64
CA ASN EA 78 -67.94 70.99 35.58
C ASN EA 78 -68.02 69.55 35.13
N GLY EA 79 -67.25 68.70 35.80
CA GLY EA 79 -67.24 67.28 35.54
C GLY EA 79 -66.95 66.93 34.10
N LYS EA 80 -65.91 67.56 33.54
CA LYS EA 80 -65.55 67.40 32.14
C LYS EA 80 -64.32 66.51 32.04
N GLN EA 81 -64.46 65.37 31.36
CA GLN EA 81 -63.34 64.47 31.15
C GLN EA 81 -62.17 65.21 30.51
N VAL EA 82 -60.99 65.08 31.10
CA VAL EA 82 -59.78 65.65 30.53
C VAL EA 82 -59.10 64.67 29.59
N PHE EA 83 -59.12 63.38 29.94
CA PHE EA 83 -58.58 62.35 29.07
C PHE EA 83 -59.15 61.01 29.52
N GLY EA 84 -59.02 60.03 28.65
CA GLY EA 84 -59.39 58.67 28.99
C GLY EA 84 -58.76 57.66 28.06
N PHE EA 85 -57.96 56.74 28.61
CA PHE EA 85 -57.41 55.65 27.82
C PHE EA 85 -57.61 54.33 28.53
N PRO EA 86 -57.68 53.23 27.79
CA PRO EA 86 -57.77 51.92 28.42
C PRO EA 86 -56.44 51.51 29.06
N LEU EA 87 -56.52 50.53 29.96
CA LEU EA 87 -55.35 50.09 30.71
C LEU EA 87 -54.61 48.97 29.99
N GLN EA 88 -54.26 49.21 28.72
CA GLN EA 88 -53.50 48.23 27.95
C GLN EA 88 -52.05 48.69 27.85
N PRO EA 89 -51.20 48.36 28.82
CA PRO EA 89 -49.82 48.83 28.77
C PRO EA 89 -49.04 48.33 27.56
N GLY EA 90 -49.44 47.20 26.98
CA GLY EA 90 -48.66 46.62 25.91
C GLY EA 90 -49.28 46.73 24.53
N ALA EA 91 -50.56 47.12 24.47
CA ALA EA 91 -51.30 47.16 23.21
C ALA EA 91 -51.69 48.56 22.79
N ASN EA 92 -52.32 49.32 23.68
CA ASN EA 92 -52.83 50.64 23.34
C ASN EA 92 -51.69 51.60 23.02
N GLY EA 93 -51.93 52.48 22.05
CA GLY EA 93 -50.89 53.41 21.62
C GLY EA 93 -50.46 54.38 22.70
N VAL EA 94 -51.32 54.64 23.68
CA VAL EA 94 -50.94 55.59 24.73
C VAL EA 94 -49.70 55.11 25.45
N LEU EA 95 -49.60 53.80 25.66
CA LEU EA 95 -48.58 53.22 26.54
C LEU EA 95 -47.65 52.23 25.84
N ASN EA 96 -47.99 51.72 24.65
CA ASN EA 96 -47.23 50.63 24.06
C ASN EA 96 -45.79 51.01 23.75
N ARG EA 97 -45.50 52.29 23.56
CA ARG EA 97 -44.14 52.73 23.25
C ARG EA 97 -43.45 53.43 24.40
N THR EA 98 -44.13 53.59 25.54
CA THR EA 98 -43.44 54.02 26.75
C THR EA 98 -42.30 53.06 27.04
N LEU EA 99 -41.43 53.39 28.00
CA LEU EA 99 -40.43 52.43 28.43
C LEU EA 99 -41.10 51.14 28.88
N LEU EA 100 -42.14 51.27 29.72
CA LEU EA 100 -42.89 50.11 30.19
C LEU EA 100 -43.44 49.30 29.02
N GLY EA 101 -44.08 49.96 28.06
CA GLY EA 101 -44.68 49.25 26.95
C GLY EA 101 -43.65 48.60 26.04
N GLU EA 102 -42.53 49.30 25.82
CA GLU EA 102 -41.45 48.72 25.02
C GLU EA 102 -40.96 47.43 25.63
N ILE EA 103 -40.78 47.41 26.95
CA ILE EA 103 -40.31 46.19 27.59
C ILE EA 103 -41.41 45.12 27.56
N LEU EA 104 -42.66 45.51 27.82
CA LEU EA 104 -43.75 44.54 27.80
C LEU EA 104 -43.84 43.85 26.45
N ASN EA 105 -43.58 44.57 25.36
CA ASN EA 105 -43.72 44.00 24.03
C ASN EA 105 -42.68 42.94 23.71
N TYR EA 106 -41.69 42.74 24.59
CA TYR EA 106 -40.76 41.63 24.48
C TYR EA 106 -41.23 40.40 25.23
N TYR EA 107 -42.37 40.47 25.92
CA TYR EA 107 -42.91 39.37 26.70
C TYR EA 107 -44.36 39.14 26.33
N THR EA 108 -44.89 38.00 26.74
CA THR EA 108 -46.27 37.63 26.46
C THR EA 108 -47.22 37.91 27.61
N HIS EA 109 -46.77 37.73 28.85
CA HIS EA 109 -47.60 37.97 30.02
C HIS EA 109 -47.04 39.14 30.82
N TRP EA 110 -47.93 39.84 31.52
CA TRP EA 110 -47.55 40.95 32.38
C TRP EA 110 -48.45 40.93 33.61
N SER EA 111 -47.94 41.49 34.70
CA SER EA 111 -48.70 41.54 35.95
C SER EA 111 -48.08 42.58 36.85
N GLY EA 112 -48.92 43.38 37.49
CA GLY EA 112 -48.44 44.31 38.51
C GLY EA 112 -49.27 45.58 38.53
N SER EA 113 -48.86 46.47 39.42
CA SER EA 113 -49.45 47.80 39.57
C SER EA 113 -48.64 48.80 38.75
N ILE EA 114 -49.27 49.96 38.49
CA ILE EA 114 -48.70 50.96 37.58
C ILE EA 114 -48.78 52.34 38.20
N LYS EA 115 -47.66 53.06 38.20
CA LYS EA 115 -47.61 54.43 38.70
C LYS EA 115 -47.83 55.40 37.55
N LEU EA 116 -48.91 56.20 37.65
CA LEU EA 116 -49.20 57.28 36.72
C LEU EA 116 -48.94 58.58 37.47
N THR EA 117 -47.85 59.24 37.16
CA THR EA 117 -47.52 60.53 37.75
C THR EA 117 -48.01 61.64 36.83
N PHE EA 118 -48.76 62.59 37.38
CA PHE EA 118 -49.30 63.71 36.62
C PHE EA 118 -48.69 64.99 37.16
N MET EA 119 -48.04 65.76 36.29
CA MET EA 119 -47.36 66.99 36.65
C MET EA 119 -48.05 68.17 35.97
N PHE EA 120 -48.44 69.17 36.76
CA PHE EA 120 -49.12 70.34 36.21
C PHE EA 120 -48.10 71.40 35.82
N CYS EA 121 -47.98 71.67 34.51
CA CYS EA 121 -47.00 72.62 34.00
C CYS EA 121 -47.63 73.95 33.61
N GLY EA 122 -48.66 74.38 34.33
CA GLY EA 122 -49.28 75.66 34.14
C GLY EA 122 -48.57 76.76 34.90
N SER EA 123 -49.24 77.90 35.02
CA SER EA 123 -48.69 79.02 35.75
C SER EA 123 -48.68 78.74 37.24
N ALA EA 124 -47.73 79.36 37.94
CA ALA EA 124 -47.67 79.23 39.39
C ALA EA 124 -48.91 79.80 40.05
N MET EA 125 -49.67 80.65 39.34
CA MET EA 125 -50.88 81.25 39.88
C MET EA 125 -52.12 80.40 39.63
N ALA EA 126 -52.01 79.36 38.82
CA ALA EA 126 -53.17 78.55 38.46
C ALA EA 126 -53.61 77.69 39.63
N THR EA 127 -54.90 77.40 39.67
CA THR EA 127 -55.51 76.59 40.71
C THR EA 127 -56.42 75.56 40.04
N GLY EA 128 -56.85 74.56 40.79
CA GLY EA 128 -57.81 73.61 40.28
C GLY EA 128 -57.69 72.26 40.95
N LYS EA 129 -58.70 71.43 40.71
CA LYS EA 129 -58.75 70.08 41.28
C LYS EA 129 -59.26 69.11 40.23
N PHE EA 130 -58.70 67.91 40.21
CA PHE EA 130 -59.04 66.90 39.23
C PHE EA 130 -59.29 65.56 39.91
N LEU EA 131 -60.14 64.74 39.27
CA LEU EA 131 -60.48 63.40 39.72
C LEU EA 131 -59.85 62.40 38.76
N LEU EA 132 -58.79 61.74 39.21
CA LEU EA 132 -58.09 60.71 38.44
C LEU EA 132 -58.65 59.37 38.87
N ALA EA 133 -59.35 58.68 37.97
CA ALA EA 133 -60.07 57.47 38.32
C ALA EA 133 -59.62 56.29 37.46
N TYR EA 134 -59.37 55.17 38.11
CA TYR EA 134 -59.15 53.88 37.44
C TYR EA 134 -60.38 53.03 37.71
N SER EA 135 -61.16 52.78 36.65
CA SER EA 135 -62.36 51.96 36.76
C SER EA 135 -62.07 50.58 36.19
N PRO EA 136 -62.08 49.53 37.01
CA PRO EA 136 -61.84 48.18 36.48
C PRO EA 136 -62.89 47.79 35.45
N PRO EA 137 -62.67 46.71 34.71
CA PRO EA 137 -63.61 46.34 33.65
C PRO EA 137 -64.92 45.76 34.16
N GLY EA 138 -65.74 45.26 33.23
CA GLY EA 138 -67.04 44.71 33.56
C GLY EA 138 -68.16 45.64 33.15
N ALA EA 139 -68.01 46.91 33.49
CA ALA EA 139 -68.89 47.96 32.98
C ALA EA 139 -68.20 48.62 31.80
N GLY EA 140 -68.73 49.77 31.37
CA GLY EA 140 -68.10 50.54 30.32
C GLY EA 140 -67.19 51.60 30.88
N VAL EA 141 -66.52 52.31 29.97
CA VAL EA 141 -65.72 53.46 30.40
C VAL EA 141 -66.63 54.44 31.11
N PRO EA 142 -66.24 55.01 32.25
CA PRO EA 142 -67.11 56.00 32.90
C PRO EA 142 -67.41 57.16 31.97
N LYS EA 143 -68.70 57.41 31.75
CA LYS EA 143 -69.14 58.46 30.85
C LYS EA 143 -69.19 59.81 31.53
N ASN EA 144 -69.45 59.85 32.83
CA ASN EA 144 -69.46 61.10 33.59
C ASN EA 144 -68.64 60.92 34.87
N ARG EA 145 -68.27 62.04 35.46
CA ARG EA 145 -67.52 62.01 36.70
C ARG EA 145 -68.27 61.24 37.78
N LYS EA 146 -69.60 61.28 37.78
CA LYS EA 146 -70.35 60.51 38.76
C LYS EA 146 -70.09 59.02 38.60
N ASP EA 147 -70.08 58.52 37.36
CA ASP EA 147 -69.76 57.11 37.16
C ASP EA 147 -68.32 56.81 37.53
N ALA EA 148 -67.39 57.71 37.21
CA ALA EA 148 -66.00 57.50 37.60
C ALA EA 148 -65.86 57.50 39.13
N MET EA 149 -66.77 58.18 39.82
CA MET EA 149 -66.73 58.30 41.27
C MET EA 149 -66.88 56.95 41.97
N LEU EA 150 -67.48 55.96 41.32
CA LEU EA 150 -67.73 54.68 41.97
C LEU EA 150 -66.53 53.74 41.94
N GLY EA 151 -65.47 54.10 41.22
CA GLY EA 151 -64.26 53.32 41.17
C GLY EA 151 -63.09 54.01 41.86
N THR EA 152 -61.99 53.28 41.94
CA THR EA 152 -60.76 53.81 42.52
C THR EA 152 -60.42 55.16 41.90
N HIS EA 153 -60.34 56.20 42.75
CA HIS EA 153 -60.11 57.54 42.23
C HIS EA 153 -59.31 58.38 43.22
N VAL EA 154 -58.89 59.54 42.75
CA VAL EA 154 -57.97 60.43 43.45
C VAL EA 154 -58.39 61.87 43.19
N ILE EA 155 -58.46 62.68 44.24
CA ILE EA 155 -58.71 64.11 44.10
C ILE EA 155 -57.36 64.81 44.22
N TRP EA 156 -56.92 65.42 43.13
CA TRP EA 156 -55.61 66.05 43.01
C TRP EA 156 -55.81 67.55 42.95
N ASP EA 157 -55.34 68.25 43.98
CA ASP EA 157 -55.33 69.71 43.98
C ASP EA 157 -53.99 70.17 43.40
N VAL EA 158 -54.04 70.87 42.27
CA VAL EA 158 -52.80 71.33 41.65
C VAL EA 158 -52.16 72.45 42.46
N GLY EA 159 -52.97 73.21 43.19
CA GLY EA 159 -52.42 74.31 43.97
C GLY EA 159 -51.40 73.84 44.98
N LEU EA 160 -51.72 72.78 45.72
CA LEU EA 160 -50.78 72.25 46.70
C LEU EA 160 -49.71 71.38 46.04
N GLN EA 161 -50.13 70.32 45.37
CA GLN EA 161 -49.21 69.31 44.83
C GLN EA 161 -48.97 69.60 43.35
N SER EA 162 -47.74 70.05 43.03
CA SER EA 162 -47.35 70.21 41.64
C SER EA 162 -47.49 68.88 40.87
N SER EA 163 -47.11 67.77 41.50
CA SER EA 163 -47.20 66.44 40.94
C SER EA 163 -48.08 65.58 41.83
N CYS EA 164 -48.74 64.60 41.22
CA CYS EA 164 -49.58 63.66 41.96
C CYS EA 164 -49.47 62.27 41.36
N VAL EA 165 -49.37 61.26 42.20
CA VAL EA 165 -49.18 59.88 41.77
C VAL EA 165 -50.46 59.08 42.00
N LEU EA 166 -51.00 58.53 40.93
CA LEU EA 166 -52.08 57.55 41.00
C LEU EA 166 -51.46 56.17 40.83
N CYS EA 167 -51.59 55.32 41.84
CA CYS EA 167 -51.00 54.00 41.84
C CYS EA 167 -52.10 53.00 41.50
N VAL EA 168 -52.16 52.62 40.23
CA VAL EA 168 -53.16 51.69 39.71
C VAL EA 168 -52.90 50.30 40.27
N PRO EA 169 -53.85 49.72 41.00
CA PRO EA 169 -53.62 48.39 41.58
C PRO EA 169 -53.83 47.28 40.55
N TRP EA 170 -53.36 46.09 40.92
CA TRP EA 170 -53.55 44.89 40.10
C TRP EA 170 -54.83 44.22 40.57
N ILE EA 171 -55.94 44.50 39.87
CA ILE EA 171 -57.23 43.90 40.16
C ILE EA 171 -57.57 43.05 38.93
N SER EA 172 -57.28 41.75 39.01
CA SER EA 172 -57.41 40.87 37.86
C SER EA 172 -57.96 39.52 38.30
N GLN EA 173 -58.73 38.89 37.40
CA GLN EA 173 -59.19 37.53 37.66
C GLN EA 173 -58.02 36.57 37.68
N THR EA 174 -57.02 36.80 36.83
CA THR EA 174 -55.88 35.92 36.68
C THR EA 174 -54.65 36.53 37.33
N HIS EA 175 -53.61 35.70 37.48
CA HIS EA 175 -52.35 36.18 38.02
C HIS EA 175 -51.64 37.11 37.06
N TYR EA 176 -51.81 36.91 35.76
CA TYR EA 176 -51.17 37.72 34.73
C TYR EA 176 -52.20 38.15 33.71
N ARG EA 177 -51.78 39.04 32.81
CA ARG EA 177 -52.58 39.48 31.69
C ARG EA 177 -51.73 39.41 30.42
N TYR EA 178 -52.39 39.18 29.29
CA TYR EA 178 -51.66 39.14 28.04
C TYR EA 178 -51.22 40.55 27.65
N VAL EA 179 -49.97 40.67 27.23
CA VAL EA 179 -49.46 41.98 26.79
C VAL EA 179 -50.28 42.49 25.61
N VAL EA 180 -50.71 41.58 24.73
CA VAL EA 180 -51.51 41.95 23.57
C VAL EA 180 -52.98 41.96 23.96
N GLU EA 181 -53.80 42.59 23.13
CA GLU EA 181 -55.20 42.76 23.46
C GLU EA 181 -55.91 41.42 23.57
N ASP EA 182 -56.70 41.26 24.64
CA ASP EA 182 -57.56 40.11 24.82
C ASP EA 182 -58.67 40.50 25.78
N GLU EA 183 -59.93 40.34 25.37
CA GLU EA 183 -61.04 40.73 26.22
C GLU EA 183 -61.13 39.89 27.48
N TYR EA 184 -60.51 38.71 27.51
CA TYR EA 184 -60.48 37.93 28.75
C TYR EA 184 -59.59 38.61 29.77
N THR EA 185 -58.35 38.89 29.40
CA THR EA 185 -57.43 39.68 30.22
C THR EA 185 -57.76 41.17 30.19
N ALA EA 186 -59.05 41.50 30.33
CA ALA EA 186 -59.49 42.88 30.46
C ALA EA 186 -58.70 43.56 31.57
N ALA EA 187 -58.59 44.89 31.48
CA ALA EA 187 -57.76 45.64 32.42
C ALA EA 187 -58.47 46.80 33.09
N GLY EA 188 -59.24 47.58 32.35
CA GLY EA 188 -59.97 48.70 32.90
C GLY EA 188 -59.79 49.94 32.05
N TYR EA 189 -60.25 51.07 32.58
CA TYR EA 189 -60.14 52.35 31.89
C TYR EA 189 -59.69 53.41 32.89
N ILE EA 190 -58.78 54.28 32.44
CA ILE EA 190 -58.25 55.37 33.26
C ILE EA 190 -58.76 56.68 32.69
N THR EA 191 -59.46 57.46 33.51
CA THR EA 191 -60.06 58.72 33.12
C THR EA 191 -59.62 59.82 34.06
N CYS EA 192 -59.72 61.06 33.58
CA CYS EA 192 -59.48 62.23 34.42
C CYS EA 192 -60.61 63.23 34.22
N TRP EA 193 -61.02 63.87 35.31
CA TRP EA 193 -62.17 64.76 35.29
C TRP EA 193 -61.85 66.02 36.07
N TYR EA 194 -62.66 67.06 35.86
CA TYR EA 194 -62.53 68.29 36.64
C TYR EA 194 -63.27 68.12 37.96
N GLN EA 195 -62.53 68.19 39.06
CA GLN EA 195 -63.13 68.21 40.39
C GLN EA 195 -63.52 69.62 40.79
N THR EA 196 -62.65 70.59 40.49
CA THR EA 196 -62.96 72.01 40.62
C THR EA 196 -62.26 72.73 39.49
N ASN EA 197 -63.04 73.49 38.71
CA ASN EA 197 -62.55 74.17 37.52
C ASN EA 197 -61.27 74.95 37.78
N ILE EA 198 -60.35 74.90 36.83
CA ILE EA 198 -59.10 75.65 36.91
C ILE EA 198 -59.43 77.13 37.03
N VAL EA 199 -59.19 77.72 38.20
CA VAL EA 199 -59.36 79.14 38.41
C VAL EA 199 -58.00 79.82 38.33
N VAL EA 200 -57.92 80.88 37.53
CA VAL EA 200 -56.67 81.59 37.29
C VAL EA 200 -56.94 83.08 37.48
N PRO EA 201 -55.95 83.90 37.84
CA PRO EA 201 -56.21 85.34 37.98
C PRO EA 201 -56.17 86.08 36.65
N ALA EA 202 -56.27 87.41 36.73
CA ALA EA 202 -56.13 88.24 35.55
C ALA EA 202 -54.67 88.26 35.10
N ASP EA 203 -54.48 88.39 33.78
CA ASP EA 203 -53.15 88.49 33.18
C ASP EA 203 -52.32 87.23 33.39
N VAL EA 204 -53.00 86.09 33.50
CA VAL EA 204 -52.36 84.78 33.57
C VAL EA 204 -53.08 83.85 32.60
N GLN EA 205 -52.33 82.96 31.96
CA GLN EA 205 -52.92 82.10 30.95
C GLN EA 205 -53.86 81.09 31.60
N SER EA 206 -55.07 80.98 31.05
CA SER EA 206 -56.09 80.07 31.57
C SER EA 206 -56.02 78.68 30.96
N SER EA 207 -55.26 78.50 29.88
CA SER EA 207 -55.06 77.20 29.26
C SER EA 207 -53.66 76.72 29.58
N CYS EA 208 -53.57 75.57 30.24
CA CYS EA 208 -52.33 75.01 30.71
C CYS EA 208 -52.21 73.56 30.25
N ASP EA 209 -51.07 72.95 30.57
CA ASP EA 209 -50.78 71.59 30.17
C ASP EA 209 -50.46 70.72 31.39
N ILE EA 210 -50.71 69.43 31.23
CA ILE EA 210 -50.36 68.42 32.22
C ILE EA 210 -49.59 67.32 31.52
N LEU EA 211 -48.58 66.80 32.19
CA LEU EA 211 -47.75 65.73 31.64
C LEU EA 211 -47.96 64.45 32.43
N CYS EA 212 -48.05 63.34 31.71
CA CYS EA 212 -48.31 62.02 32.27
C CYS EA 212 -47.06 61.16 32.13
N PHE EA 213 -46.70 60.48 33.22
CA PHE EA 213 -45.55 59.59 33.28
C PHE EA 213 -46.00 58.23 33.76
N VAL EA 214 -45.46 57.18 33.14
CA VAL EA 214 -45.80 55.81 33.48
C VAL EA 214 -44.56 55.12 34.02
N SER EA 215 -44.74 54.38 35.11
CA SER EA 215 -43.69 53.51 35.64
C SER EA 215 -44.35 52.27 36.23
N ALA EA 216 -43.53 51.27 36.51
CA ALA EA 216 -43.97 50.06 37.17
C ALA EA 216 -43.74 50.17 38.67
N CYS EA 217 -44.59 49.50 39.44
CA CYS EA 217 -44.47 49.48 40.89
C CYS EA 217 -43.51 48.37 41.33
N ASN EA 218 -43.33 48.25 42.64
CA ASN EA 218 -42.45 47.20 43.17
C ASN EA 218 -42.98 45.81 42.87
N ASP EA 219 -44.22 45.68 42.42
CA ASP EA 219 -44.85 44.38 42.24
C ASP EA 219 -45.20 44.13 40.78
N PHE EA 220 -44.22 44.26 39.89
CA PHE EA 220 -44.47 44.17 38.45
C PHE EA 220 -43.48 43.18 37.83
N SER EA 221 -44.00 42.28 37.00
CA SER EA 221 -43.19 41.25 36.39
C SER EA 221 -43.78 40.88 35.04
N VAL EA 222 -42.90 40.39 34.15
CA VAL EA 222 -43.28 39.97 32.80
C VAL EA 222 -42.79 38.55 32.60
N ARG EA 223 -43.34 37.88 31.58
CA ARG EA 223 -43.19 36.45 31.46
C ARG EA 223 -43.27 36.02 30.01
N MET EA 224 -42.69 34.84 29.72
CA MET EA 224 -42.73 34.24 28.40
C MET EA 224 -42.09 35.15 27.37
N LEU EA 225 -40.76 35.16 27.35
CA LEU EA 225 -39.98 35.99 26.43
C LEU EA 225 -40.42 35.77 24.99
N LYS EA 226 -40.46 36.87 24.22
CA LYS EA 226 -40.82 36.82 22.81
C LYS EA 226 -40.19 38.01 22.11
N ASP EA 227 -40.32 38.03 20.78
CA ASP EA 227 -39.81 39.13 19.98
C ASP EA 227 -40.79 40.29 19.96
N THR EA 228 -40.25 41.50 19.89
CA THR EA 228 -41.13 42.66 19.82
C THR EA 228 -41.65 42.83 18.39
N PRO EA 229 -42.92 43.20 18.22
CA PRO EA 229 -43.45 43.44 16.87
C PRO EA 229 -43.06 44.78 16.28
N PHE EA 230 -42.36 45.63 17.05
CA PHE EA 230 -42.15 47.01 16.63
C PHE EA 230 -40.99 47.16 15.63
N ILE EA 231 -40.01 46.25 15.64
CA ILE EA 231 -38.87 46.32 14.73
C ILE EA 231 -39.11 45.38 13.56
N ARG EA 232 -38.80 45.85 12.35
CA ARG EA 232 -38.98 45.06 11.14
C ARG EA 232 -37.80 45.31 10.19
N GLN EA 233 -37.49 44.28 9.41
CA GLN EA 233 -36.40 44.37 8.43
C GLN EA 233 -36.82 43.68 7.15
N ASP EA 234 -36.27 44.15 6.02
CA ASP EA 234 -36.52 43.57 4.71
C ASP EA 234 -35.26 43.05 4.03
N THR EA 235 -34.10 43.61 4.32
CA THR EA 235 -32.82 43.07 3.88
C THR EA 235 -31.74 43.55 4.84
N PHE EA 236 -30.61 42.85 4.82
CA PHE EA 236 -29.54 43.15 5.77
C PHE EA 236 -29.03 44.58 5.57
N TYR EA 237 -29.18 45.41 6.60
CA TYR EA 237 -28.66 46.77 6.56
C TYR EA 237 -27.16 46.74 6.30
N GLN EA 238 -26.67 47.74 5.57
CA GLN EA 238 -25.25 47.80 5.22
C GLN EA 238 -24.73 49.23 5.17
N THR FA 28 -27.24 19.52 39.17
CA THR FA 28 -25.92 18.97 38.92
C THR FA 28 -25.27 19.66 37.72
N ASN FA 29 -24.07 20.18 37.90
CA ASN FA 29 -23.38 20.90 36.83
C ASN FA 29 -21.88 20.85 37.09
N ILE FA 30 -21.17 20.10 36.25
CA ILE FA 30 -19.71 20.02 36.28
C ILE FA 30 -19.18 20.59 34.98
N ASN FA 31 -18.14 21.42 35.07
CA ASN FA 31 -17.58 22.08 33.90
C ASN FA 31 -16.49 21.21 33.28
N TYR FA 32 -16.63 20.93 31.98
CA TYR FA 32 -15.70 20.05 31.29
C TYR FA 32 -14.56 20.79 30.59
N TYR FA 33 -14.64 22.11 30.47
CA TYR FA 33 -13.69 22.87 29.68
C TYR FA 33 -12.85 23.79 30.55
N LYS FA 34 -11.59 23.94 30.17
CA LYS FA 34 -10.63 24.68 30.97
C LYS FA 34 -10.86 26.19 30.94
N ASP FA 35 -11.67 26.68 30.01
CA ASP FA 35 -11.92 28.11 29.82
C ASP FA 35 -13.31 28.47 30.30
N ALA FA 36 -13.41 29.54 31.07
CA ALA FA 36 -14.69 29.89 31.69
C ALA FA 36 -15.75 30.25 30.66
N ALA FA 37 -15.34 30.83 29.52
CA ALA FA 37 -16.30 31.20 28.50
C ALA FA 37 -17.09 30.01 27.99
N SER FA 38 -16.56 28.79 28.16
CA SER FA 38 -17.23 27.60 27.71
C SER FA 38 -18.43 27.21 28.56
N ASN FA 39 -18.58 27.81 29.74
CA ASN FA 39 -19.59 27.36 30.69
C ASN FA 39 -20.98 27.83 30.26
N SER FA 40 -21.99 27.18 30.83
CA SER FA 40 -23.37 27.57 30.56
C SER FA 40 -23.67 28.91 31.21
N ALA FA 41 -24.85 29.44 30.90
CA ALA FA 41 -25.23 30.78 31.32
C ALA FA 41 -25.43 30.86 32.83
N ASN FA 42 -25.27 32.07 33.36
CA ASN FA 42 -25.51 32.36 34.77
C ASN FA 42 -26.98 32.73 34.94
N ARG FA 43 -27.83 31.73 34.93
CA ARG FA 43 -29.28 31.97 34.95
C ARG FA 43 -29.87 31.99 36.36
N GLN FA 44 -29.08 31.67 37.38
CA GLN FA 44 -29.56 31.67 38.76
C GLN FA 44 -28.92 32.81 39.54
N HIS GA 42 -2.70 41.99 33.68
CA HIS GA 42 -2.42 41.52 32.32
C HIS GA 42 -1.59 40.25 32.34
N SER GA 43 -2.09 39.21 31.68
CA SER GA 43 -1.48 37.89 31.68
C SER GA 43 -0.86 37.60 30.32
N ARG GA 44 0.27 36.89 30.35
CA ARG GA 44 0.96 36.44 29.14
C ARG GA 44 0.52 35.03 28.73
N SER GA 45 -0.69 34.62 29.10
CA SER GA 45 -1.07 33.22 29.01
C SER GA 45 -1.04 32.72 27.57
N GLU GA 46 -1.67 33.46 26.65
CA GLU GA 46 -1.79 32.97 25.29
C GLU GA 46 -0.46 32.98 24.53
N SER GA 47 0.59 33.57 25.11
CA SER GA 47 1.90 33.59 24.48
C SER GA 47 2.79 32.44 24.93
N SER GA 48 2.25 31.49 25.69
CA SER GA 48 2.99 30.28 26.00
C SER GA 48 3.22 29.46 24.74
N ILE GA 49 4.31 28.69 24.73
CA ILE GA 49 4.61 27.89 23.56
C ILE GA 49 3.52 26.84 23.34
N GLU GA 50 2.93 26.34 24.41
CA GLU GA 50 1.87 25.35 24.27
C GLU GA 50 0.70 25.89 23.48
N ASN GA 51 0.21 27.09 23.83
CA ASN GA 51 -0.88 27.68 23.07
C ASN GA 51 -0.43 28.13 21.69
N PHE GA 52 0.81 28.61 21.56
CA PHE GA 52 1.30 29.08 20.28
C PHE GA 52 1.30 27.95 19.24
N LEU GA 53 1.72 26.75 19.64
CA LEU GA 53 1.82 25.64 18.68
C LEU GA 53 0.63 24.70 18.71
N CYS GA 54 -0.17 24.70 19.76
CA CYS GA 54 -1.25 23.72 19.91
C CYS GA 54 -2.51 24.21 19.19
N ARG GA 55 -2.39 24.29 17.87
CA ARG GA 55 -3.54 24.57 17.02
C ARG GA 55 -3.37 23.80 15.72
N ALA GA 56 -4.42 23.08 15.33
CA ALA GA 56 -4.32 22.19 14.18
C ALA GA 56 -3.86 22.95 12.94
N ALA GA 57 -3.05 22.28 12.13
CA ALA GA 57 -2.49 22.90 10.93
C ALA GA 57 -2.40 21.87 9.84
N CYS GA 58 -2.90 22.21 8.64
CA CYS GA 58 -2.84 21.28 7.52
C CYS GA 58 -1.41 21.24 7.00
N VAL GA 59 -0.76 20.10 7.17
CA VAL GA 59 0.62 19.97 6.72
C VAL GA 59 0.70 19.53 5.26
N TYR GA 60 -0.32 18.80 4.79
CA TYR GA 60 -0.28 18.23 3.45
C TYR GA 60 -1.62 17.55 3.17
N TYR GA 61 -2.00 17.54 1.89
CA TYR GA 61 -3.21 16.84 1.48
C TYR GA 61 -2.99 16.22 0.11
N ALA GA 62 -3.48 15.01 -0.06
CA ALA GA 62 -3.28 14.27 -1.30
C ALA GA 62 -4.59 13.67 -1.78
N THR GA 63 -4.57 13.18 -3.01
CA THR GA 63 -5.76 12.70 -3.68
C THR GA 63 -5.60 11.26 -4.13
N TYR GA 64 -6.72 10.54 -4.15
CA TYR GA 64 -6.75 9.19 -4.69
C TYR GA 64 -8.12 8.97 -5.32
N THR GA 65 -8.15 8.11 -6.33
CA THR GA 65 -9.34 7.91 -7.16
C THR GA 65 -9.85 6.48 -7.04
N ASN GA 66 -11.13 6.31 -7.36
CA ASN GA 66 -11.78 5.01 -7.31
C ASN GA 66 -11.36 4.09 -8.44
N ASN GA 67 -10.67 4.60 -9.45
CA ASN GA 67 -10.35 3.83 -10.64
C ASN GA 67 -8.91 3.31 -10.60
N SER GA 68 -8.69 2.20 -11.31
CA SER GA 68 -7.36 1.65 -11.52
C SER GA 68 -6.84 0.92 -10.28
N GLU GA 69 -5.59 0.49 -10.34
CA GLU GA 69 -4.90 -0.07 -9.19
C GLU GA 69 -3.98 0.92 -8.52
N LYS GA 70 -3.62 2.02 -9.20
CA LYS GA 70 -2.87 3.11 -8.58
C LYS GA 70 -3.77 4.07 -7.82
N GLY GA 71 -4.95 3.63 -7.42
CA GLY GA 71 -5.91 4.48 -6.74
C GLY GA 71 -5.64 4.65 -5.26
N TYR GA 72 -4.38 4.46 -4.86
CA TYR GA 72 -3.94 4.77 -3.51
C TYR GA 72 -3.02 5.99 -3.54
N ALA GA 73 -3.00 6.70 -2.42
CA ALA GA 73 -2.14 7.86 -2.24
C ALA GA 73 -1.04 7.55 -1.25
N GLU GA 74 0.04 8.32 -1.31
CA GLU GA 74 1.19 8.10 -0.44
C GLU GA 74 1.84 9.43 -0.13
N TRP GA 75 2.39 9.54 1.08
CA TRP GA 75 3.08 10.75 1.49
C TRP GA 75 4.16 10.41 2.51
N VAL GA 76 5.41 10.78 2.20
CA VAL GA 76 6.46 10.74 3.21
C VAL GA 76 6.26 11.89 4.18
N ILE GA 77 6.25 11.58 5.47
CA ILE GA 77 5.84 12.55 6.48
C ILE GA 77 6.94 13.58 6.65
N ASN GA 78 6.66 14.82 6.25
CA ASN GA 78 7.51 15.97 6.51
C ASN GA 78 6.70 17.07 7.17
N THR GA 79 7.41 17.96 7.85
CA THR GA 79 6.82 19.13 8.47
C THR GA 79 7.21 20.41 7.73
N ARG GA 80 7.84 20.29 6.57
CA ARG GA 80 8.40 21.44 5.86
C ARG GA 80 7.75 21.72 4.51
N GLN GA 81 6.73 20.94 4.13
CA GLN GA 81 6.02 21.22 2.88
C GLN GA 81 5.09 22.42 3.02
N VAL GA 82 4.55 22.65 4.21
CA VAL GA 82 3.62 23.75 4.46
C VAL GA 82 4.40 24.90 5.05
N ALA GA 83 3.97 26.13 4.73
CA ALA GA 83 4.76 27.31 5.08
C ALA GA 83 4.46 27.79 6.50
N GLN GA 84 3.17 27.92 6.84
CA GLN GA 84 2.80 28.53 8.12
C GLN GA 84 3.36 27.74 9.29
N LEU GA 85 2.98 26.47 9.39
CA LEU GA 85 3.44 25.64 10.51
C LEU GA 85 4.96 25.52 10.51
N ARG GA 86 5.56 25.36 9.32
CA ARG GA 86 7.02 25.26 9.27
C ARG GA 86 7.66 26.48 9.91
N ARG GA 87 7.18 27.67 9.57
CA ARG GA 87 7.73 28.88 10.17
C ARG GA 87 7.53 28.87 11.69
N LYS GA 88 6.31 28.54 12.13
CA LYS GA 88 6.02 28.49 13.57
C LYS GA 88 7.02 27.62 14.30
N LEU GA 89 7.27 26.42 13.78
CA LEU GA 89 8.21 25.50 14.42
C LEU GA 89 9.64 25.98 14.28
N GLU GA 90 9.99 26.57 13.14
CA GLU GA 90 11.34 27.02 12.88
C GLU GA 90 11.71 28.25 13.68
N LEU GA 91 10.77 28.83 14.44
CA LEU GA 91 11.20 29.78 15.47
C LEU GA 91 12.16 29.17 16.49
N PHE GA 92 12.35 27.84 16.49
CA PHE GA 92 13.19 27.16 17.45
C PHE GA 92 14.08 26.14 16.76
N THR GA 93 15.25 25.88 17.36
CA THR GA 93 16.21 24.95 16.77
C THR GA 93 15.89 23.50 17.15
N TYR GA 94 15.47 23.26 18.39
CA TYR GA 94 15.14 21.91 18.85
C TYR GA 94 13.76 21.94 19.50
N LEU GA 95 12.91 20.98 19.10
CA LEU GA 95 11.55 20.91 19.58
C LEU GA 95 11.27 19.50 20.10
N ARG GA 96 10.24 19.39 20.92
CA ARG GA 96 9.85 18.13 21.53
C ARG GA 96 8.38 18.21 21.89
N PHE GA 97 7.59 17.23 21.43
CA PHE GA 97 6.15 17.30 21.64
C PHE GA 97 5.51 15.99 21.18
N ASP GA 98 4.34 15.71 21.73
CA ASP GA 98 3.43 14.72 21.19
C ASP GA 98 2.60 15.37 20.08
N LEU GA 99 1.90 14.55 19.30
CA LEU GA 99 1.17 15.07 18.15
C LEU GA 99 -0.26 14.58 18.16
N GLU GA 100 -1.18 15.47 17.78
CA GLU GA 100 -2.57 15.12 17.51
C GLU GA 100 -2.78 15.18 16.01
N LEU GA 101 -3.13 14.03 15.42
CA LEU GA 101 -3.36 13.90 14.00
C LEU GA 101 -4.87 13.90 13.75
N THR GA 102 -5.34 14.89 13.00
CA THR GA 102 -6.75 14.95 12.60
C THR GA 102 -6.81 14.87 11.08
N PHE GA 103 -7.68 14.01 10.57
CA PHE GA 103 -7.79 13.79 9.13
C PHE GA 103 -9.13 14.31 8.62
N VAL GA 104 -9.09 15.17 7.61
CA VAL GA 104 -10.28 15.68 6.95
C VAL GA 104 -10.31 15.04 5.57
N ILE GA 105 -11.17 14.04 5.38
CA ILE GA 105 -11.25 13.27 4.15
C ILE GA 105 -12.55 13.66 3.46
N THR GA 106 -12.44 14.25 2.27
CA THR GA 106 -13.59 14.72 1.51
C THR GA 106 -13.55 14.14 0.12
N SER GA 107 -14.68 13.65 -0.35
CA SER GA 107 -14.78 13.03 -1.67
C SER GA 107 -15.66 13.87 -2.60
N ALA GA 108 -15.55 13.57 -3.89
CA ALA GA 108 -16.28 14.29 -4.92
C ALA GA 108 -16.53 13.35 -6.09
N GLN GA 109 -17.73 13.45 -6.65
CA GLN GA 109 -18.08 12.63 -7.80
C GLN GA 109 -17.29 13.07 -9.02
N GLN GA 110 -16.65 12.12 -9.68
CA GLN GA 110 -15.97 12.42 -10.93
C GLN GA 110 -16.87 12.10 -12.10
N PRO GA 111 -16.60 12.66 -13.27
CA PRO GA 111 -17.47 12.42 -14.42
C PRO GA 111 -17.54 10.93 -14.76
N SER GA 112 -18.72 10.51 -15.20
CA SER GA 112 -18.97 9.12 -15.52
C SER GA 112 -19.97 9.07 -16.67
N THR GA 113 -20.11 7.88 -17.25
CA THR GA 113 -20.89 7.72 -18.47
C THR GA 113 -22.26 7.11 -18.22
N ALA GA 114 -22.32 5.91 -17.66
CA ALA GA 114 -23.59 5.24 -17.51
C ALA GA 114 -24.57 6.09 -16.69
N THR GA 115 -25.84 5.74 -16.79
CA THR GA 115 -26.89 6.40 -16.05
C THR GA 115 -27.05 5.76 -14.68
N SER GA 116 -27.82 6.41 -13.80
CA SER GA 116 -28.16 5.87 -12.49
C SER GA 116 -26.90 5.54 -11.71
N VAL GA 117 -26.24 6.57 -11.20
CA VAL GA 117 -25.07 6.39 -10.37
C VAL GA 117 -25.42 6.68 -8.91
N ASP GA 118 -25.86 5.64 -8.20
CA ASP GA 118 -26.17 5.76 -6.77
C ASP GA 118 -25.03 5.08 -6.02
N ALA GA 119 -24.06 5.87 -5.63
CA ALA GA 119 -22.89 5.33 -4.94
C ALA GA 119 -23.21 5.08 -3.47
N PRO GA 120 -22.91 3.90 -2.95
CA PRO GA 120 -23.06 3.69 -1.50
C PRO GA 120 -21.95 4.38 -0.74
N VAL GA 121 -22.11 4.43 0.59
CA VAL GA 121 -21.15 5.14 1.42
C VAL GA 121 -19.76 4.57 1.17
N GLN GA 122 -18.76 5.46 1.18
CA GLN GA 122 -17.38 5.08 0.90
C GLN GA 122 -16.57 5.11 2.20
N THR GA 123 -15.80 4.06 2.42
CA THR GA 123 -14.90 3.96 3.56
C THR GA 123 -13.46 4.08 3.07
N HIS GA 124 -12.59 4.59 3.94
CA HIS GA 124 -11.20 4.82 3.59
C HIS GA 124 -10.31 4.20 4.66
N GLN GA 125 -9.12 3.78 4.22
CA GLN GA 125 -8.09 3.27 5.10
C GLN GA 125 -6.83 4.13 4.98
N ILE GA 126 -6.31 4.55 6.13
CA ILE GA 126 -5.06 5.29 6.24
C ILE GA 126 -4.09 4.39 6.99
N MET GA 127 -3.04 3.93 6.30
CA MET GA 127 -2.07 3.01 6.85
C MET GA 127 -0.75 3.73 7.07
N TYR GA 128 -0.08 3.42 8.18
CA TYR GA 128 1.23 4.00 8.48
C TYR GA 128 2.28 2.92 8.28
N VAL GA 129 3.23 3.17 7.39
CA VAL GA 129 4.36 2.27 7.20
C VAL GA 129 5.60 2.94 7.78
N PRO GA 130 6.06 2.50 8.96
CA PRO GA 130 7.32 3.03 9.50
C PRO GA 130 8.48 2.66 8.60
N PRO GA 131 9.57 3.44 8.65
CA PRO GA 131 10.69 3.20 7.72
C PRO GA 131 11.19 1.76 7.75
N GLY GA 132 11.17 1.12 6.58
CA GLY GA 132 11.63 -0.25 6.42
C GLY GA 132 10.52 -1.27 6.21
N GLY GA 133 9.27 -0.91 6.51
CA GLY GA 133 8.18 -1.84 6.36
C GLY GA 133 7.76 -2.01 4.92
N PRO GA 134 6.94 -3.04 4.68
CA PRO GA 134 6.43 -3.25 3.32
C PRO GA 134 5.60 -2.06 2.87
N VAL GA 135 5.60 -1.82 1.56
CA VAL GA 135 4.98 -0.66 0.96
C VAL GA 135 3.90 -1.15 0.01
N PRO GA 136 2.65 -0.69 0.15
CA PRO GA 136 1.63 -1.05 -0.83
C PRO GA 136 2.04 -0.65 -2.24
N THR GA 137 2.04 -1.63 -3.14
CA THR GA 137 2.33 -1.39 -4.56
C THR GA 137 1.08 -1.30 -5.40
N LYS GA 138 -0.08 -1.61 -4.84
CA LYS GA 138 -1.35 -1.57 -5.55
C LYS GA 138 -2.44 -1.38 -4.50
N VAL GA 139 -3.61 -0.94 -4.96
CA VAL GA 139 -4.74 -0.77 -4.04
C VAL GA 139 -5.13 -2.11 -3.41
N THR GA 140 -4.79 -3.23 -4.06
CA THR GA 140 -5.17 -4.56 -3.61
C THR GA 140 -3.96 -5.35 -3.11
N ASP GA 141 -3.07 -4.69 -2.38
CA ASP GA 141 -1.85 -5.33 -1.90
C ASP GA 141 -2.10 -6.01 -0.57
N TYR GA 142 -1.18 -6.91 -0.20
CA TYR GA 142 -1.28 -7.59 1.08
C TYR GA 142 -0.95 -6.64 2.23
N ALA GA 143 -0.09 -5.65 1.99
CA ALA GA 143 0.31 -4.74 3.06
C ALA GA 143 -0.89 -4.12 3.76
N TRP GA 144 -2.01 -3.99 3.05
CA TRP GA 144 -3.21 -3.37 3.60
C TRP GA 144 -3.84 -4.20 4.72
N GLN GA 145 -3.30 -5.38 5.00
CA GLN GA 145 -3.77 -6.14 6.16
C GLN GA 145 -3.46 -5.43 7.47
N THR GA 146 -2.34 -4.69 7.51
CA THR GA 146 -1.88 -3.97 8.69
C THR GA 146 -1.94 -4.84 9.94
N SER GA 147 -1.43 -6.07 9.81
CA SER GA 147 -1.38 -6.97 10.97
C SER GA 147 -0.64 -6.31 12.12
N THR GA 148 0.48 -5.64 11.81
CA THR GA 148 1.28 -4.92 12.78
C THR GA 148 1.22 -3.41 12.59
N ASN GA 149 1.22 -2.94 11.35
CA ASN GA 149 1.21 -1.51 11.10
C ASN GA 149 -0.08 -0.90 11.66
N PRO GA 150 -0.01 0.28 12.26
CA PRO GA 150 -1.25 0.97 12.64
C PRO GA 150 -1.94 1.56 11.42
N SER GA 151 -3.26 1.54 11.46
CA SER GA 151 -4.05 2.09 10.36
C SER GA 151 -5.46 2.38 10.87
N VAL GA 152 -6.10 3.37 10.26
CA VAL GA 152 -7.42 3.82 10.63
C VAL GA 152 -8.38 3.50 9.49
N PHE GA 153 -9.57 3.02 9.85
CA PHE GA 153 -10.67 2.80 8.91
C PHE GA 153 -11.79 3.77 9.28
N TRP GA 154 -12.16 4.65 8.34
CA TRP GA 154 -13.15 5.69 8.60
C TRP GA 154 -14.15 5.73 7.45
N THR GA 155 -15.43 5.73 7.79
CA THR GA 155 -16.52 5.78 6.81
C THR GA 155 -16.98 7.22 6.66
N GLU GA 156 -17.27 7.62 5.42
CA GLU GA 156 -17.63 9.01 5.14
C GLU GA 156 -18.91 9.41 5.88
N GLY GA 157 -18.98 10.69 6.26
CA GLY GA 157 -20.16 11.26 6.85
C GLY GA 157 -20.17 11.34 8.37
N ASN GA 158 -19.09 10.92 9.03
CA ASN GA 158 -18.97 10.94 10.48
C ASN GA 158 -17.91 11.96 10.89
N ALA GA 159 -17.73 12.12 12.20
CA ALA GA 159 -16.75 13.06 12.69
C ALA GA 159 -15.38 12.74 12.09
N PRO GA 160 -14.56 13.75 11.83
CA PRO GA 160 -13.22 13.47 11.26
C PRO GA 160 -12.44 12.55 12.18
N PRO GA 161 -11.71 11.57 11.62
CA PRO GA 161 -10.92 10.69 12.49
C PRO GA 161 -9.73 11.42 13.10
N ARG GA 162 -9.41 11.02 14.33
CA ARG GA 162 -8.34 11.65 15.10
C ARG GA 162 -7.58 10.60 15.87
N MET GA 163 -6.27 10.82 16.01
CA MET GA 163 -5.37 9.87 16.65
C MET GA 163 -4.14 10.62 17.14
N SER GA 164 -3.74 10.36 18.38
CA SER GA 164 -2.54 10.99 18.94
C SER GA 164 -1.35 10.03 18.85
N ILE GA 165 -0.16 10.62 18.79
CA ILE GA 165 1.07 9.85 18.62
C ILE GA 165 2.14 10.40 19.56
N PRO GA 166 2.90 9.53 20.27
CA PRO GA 166 3.90 10.01 21.23
C PRO GA 166 5.13 10.65 20.59
N PHE GA 167 6.11 10.98 21.43
CA PHE GA 167 7.38 11.53 20.98
C PHE GA 167 8.23 10.40 20.40
N ILE GA 168 8.27 10.30 19.07
CA ILE GA 168 8.82 9.13 18.42
C ILE GA 168 10.22 9.38 17.87
N SER GA 169 10.96 10.29 18.48
CA SER GA 169 12.27 10.63 17.96
C SER GA 169 13.33 9.72 18.55
N ILE GA 170 14.44 9.60 17.82
CA ILE GA 170 15.56 8.81 18.31
C ILE GA 170 16.44 9.64 19.22
N GLY GA 171 16.61 10.92 18.91
CA GLY GA 171 17.33 11.81 19.79
C GLY GA 171 16.46 12.28 20.94
N ASN GA 172 17.08 13.03 21.85
CA ASN GA 172 16.38 13.56 23.00
C ASN GA 172 15.55 14.80 22.67
N ALA GA 173 15.41 15.13 21.40
CA ALA GA 173 14.57 16.23 20.94
C ALA GA 173 14.54 16.23 19.42
N TYR GA 174 13.40 16.66 18.87
CA TYR GA 174 13.31 16.88 17.43
C TYR GA 174 14.26 17.98 17.01
N SER GA 175 14.93 17.79 15.89
CA SER GA 175 15.85 18.77 15.33
C SER GA 175 15.15 19.48 14.17
N CYS GA 176 15.05 20.80 14.28
CA CYS GA 176 14.46 21.61 13.21
C CYS GA 176 15.49 22.07 12.19
N PHE GA 177 16.77 22.12 12.56
CA PHE GA 177 17.84 22.48 11.66
C PHE GA 177 19.03 21.57 11.93
N TYR GA 178 19.86 21.37 10.91
CA TYR GA 178 20.99 20.45 11.02
C TYR GA 178 22.12 20.99 10.14
N ASP GA 179 23.13 21.59 10.78
CA ASP GA 179 24.27 22.14 10.06
C ASP GA 179 25.33 21.05 9.81
N GLY GA 180 24.92 20.04 9.06
CA GLY GA 180 25.80 18.91 8.79
C GLY GA 180 25.32 18.11 7.60
N TRP GA 181 26.02 17.01 7.35
CA TRP GA 181 25.78 16.16 6.20
C TRP GA 181 25.26 14.80 6.67
N THR GA 182 24.87 13.98 5.70
CA THR GA 182 24.42 12.62 5.98
C THR GA 182 25.57 11.62 5.96
N GLN GA 183 26.62 11.89 5.20
CA GLN GA 183 27.78 11.02 5.13
C GLN GA 183 28.92 11.59 5.97
N PHE GA 184 29.67 10.71 6.63
CA PHE GA 184 30.80 11.14 7.43
C PHE GA 184 31.91 11.78 6.59
N SER GA 185 31.87 11.61 5.27
CA SER GA 185 32.86 12.19 4.37
C SER GA 185 32.56 13.65 4.04
N ARG GA 186 31.68 14.29 4.79
CA ARG GA 186 31.25 15.66 4.51
C ARG GA 186 30.67 15.78 3.10
N ASN GA 187 29.94 14.74 2.68
CA ASN GA 187 29.41 14.66 1.33
C ASN GA 187 28.03 14.02 1.36
N GLY GA 188 27.46 13.82 0.19
CA GLY GA 188 26.12 13.24 0.07
C GLY GA 188 25.04 14.32 0.14
N VAL GA 189 24.32 14.35 1.25
CA VAL GA 189 23.21 15.27 1.46
C VAL GA 189 23.60 16.25 2.56
N TYR GA 190 23.16 17.49 2.42
CA TYR GA 190 23.35 18.51 3.44
C TYR GA 190 21.99 19.06 3.84
N GLY GA 191 21.61 18.85 5.08
CA GLY GA 191 20.46 19.55 5.62
C GLY GA 191 19.64 18.67 6.53
N ILE GA 192 18.39 19.08 6.73
CA ILE GA 192 17.48 18.40 7.66
C ILE GA 192 16.94 17.09 7.12
N ASN GA 193 17.17 16.80 5.84
CA ASN GA 193 16.72 15.54 5.27
C ASN GA 193 17.70 14.40 5.51
N THR GA 194 18.76 14.64 6.28
CA THR GA 194 19.57 13.55 6.80
C THR GA 194 18.99 13.03 8.11
N LEU GA 195 18.11 13.81 8.74
CA LEU GA 195 17.44 13.45 9.97
C LEU GA 195 16.02 12.96 9.73
N ASN GA 196 15.23 13.71 8.96
CA ASN GA 196 13.85 13.31 8.73
C ASN GA 196 13.75 11.88 8.19
N ASN GA 197 13.29 10.95 9.03
CA ASN GA 197 13.04 9.56 8.61
C ASN GA 197 11.82 9.02 9.36
N MET GA 198 10.69 9.72 9.24
CA MET GA 198 9.52 9.40 10.04
C MET GA 198 8.56 8.42 9.35
N GLY GA 199 8.93 7.86 8.20
CA GLY GA 199 8.10 6.87 7.54
C GLY GA 199 7.10 7.47 6.57
N THR GA 200 6.30 6.58 5.96
CA THR GA 200 5.35 6.97 4.93
C THR GA 200 3.91 6.66 5.39
N LEU GA 201 2.96 7.31 4.75
CA LEU GA 201 1.55 7.18 5.07
C LEU GA 201 0.78 6.95 3.78
N TYR GA 202 0.01 5.87 3.72
CA TYR GA 202 -0.72 5.46 2.53
C TYR GA 202 -2.22 5.54 2.74
N MET GA 203 -2.96 5.79 1.66
CA MET GA 203 -4.39 6.06 1.69
C MET GA 203 -5.08 5.25 0.61
N ARG GA 204 -6.25 4.69 0.92
CA ARG GA 204 -7.00 3.99 -0.13
C ARG GA 204 -8.49 3.96 0.16
N HIS GA 205 -9.26 3.76 -0.90
CA HIS GA 205 -10.68 3.44 -0.79
C HIS GA 205 -10.84 1.97 -0.42
N VAL GA 206 -11.67 1.70 0.58
CA VAL GA 206 -11.98 0.31 0.94
C VAL GA 206 -13.12 -0.22 0.09
N ASN GA 207 -14.12 0.60 -0.19
CA ASN GA 207 -15.23 0.16 -1.03
C ASN GA 207 -14.73 0.01 -2.47
N GLU GA 208 -15.45 -0.79 -3.25
CA GLU GA 208 -15.05 -1.19 -4.58
C GLU GA 208 -15.79 -0.34 -5.62
N ALA GA 209 -15.06 0.16 -6.61
CA ALA GA 209 -15.68 0.88 -7.71
C ALA GA 209 -16.78 0.01 -8.32
N GLY GA 210 -17.96 0.59 -8.50
CA GLY GA 210 -19.08 -0.15 -9.05
C GLY GA 210 -19.68 0.43 -10.31
N GLN GA 211 -19.91 1.74 -10.33
CA GLN GA 211 -20.52 2.37 -11.50
C GLN GA 211 -19.98 3.75 -11.85
N GLY GA 212 -19.41 4.51 -10.90
CA GLY GA 212 -18.95 5.85 -11.18
C GLY GA 212 -17.69 6.19 -10.43
N PRO GA 213 -16.76 6.90 -11.07
CA PRO GA 213 -15.51 7.23 -10.38
C PRO GA 213 -15.72 8.29 -9.30
N ILE GA 214 -14.92 8.17 -8.24
CA ILE GA 214 -14.98 9.05 -7.09
C ILE GA 214 -13.55 9.46 -6.76
N LYS GA 215 -13.28 10.76 -6.72
CA LYS GA 215 -11.97 11.26 -6.37
C LYS GA 215 -12.05 11.85 -4.97
N SER GA 216 -11.13 11.46 -4.10
CA SER GA 216 -11.14 11.89 -2.72
C SER GA 216 -9.82 12.59 -2.40
N THR GA 217 -9.92 13.51 -1.45
CA THR GA 217 -8.82 14.37 -1.02
C THR GA 217 -8.75 14.25 0.49
N VAL GA 218 -7.64 13.73 0.99
CA VAL GA 218 -7.39 13.61 2.42
C VAL GA 218 -6.44 14.72 2.83
N ARG GA 219 -6.77 15.41 3.92
CA ARG GA 219 -5.99 16.51 4.46
C ARG GA 219 -5.52 16.11 5.85
N ILE GA 220 -4.20 16.05 6.05
CA ILE GA 220 -3.60 15.71 7.34
C ILE GA 220 -3.43 16.99 8.14
N TYR GA 221 -3.72 16.92 9.44
CA TYR GA 221 -3.61 18.07 10.32
C TYR GA 221 -2.79 17.68 11.55
N PHE GA 222 -1.72 18.43 11.78
CA PHE GA 222 -0.84 18.24 12.93
C PHE GA 222 -1.20 19.25 14.01
N LYS GA 223 -1.18 18.79 15.26
CA LYS GA 223 -1.40 19.67 16.42
C LYS GA 223 -0.41 19.28 17.51
N PRO GA 224 0.67 20.05 17.68
CA PRO GA 224 1.62 19.74 18.76
C PRO GA 224 1.00 19.89 20.13
N LYS GA 225 1.06 18.81 20.91
CA LYS GA 225 0.66 18.78 22.31
C LYS GA 225 1.92 18.60 23.17
N HIS GA 226 1.82 19.04 24.42
CA HIS GA 226 2.87 18.84 25.41
C HIS GA 226 4.24 19.19 24.83
N VAL GA 227 4.42 20.47 24.57
CA VAL GA 227 5.55 20.95 23.77
C VAL GA 227 6.68 21.40 24.68
N LYS GA 228 7.91 21.15 24.23
CA LYS GA 228 9.11 21.68 24.85
C LYS GA 228 10.02 22.18 23.73
N ALA GA 229 10.44 23.44 23.81
CA ALA GA 229 11.25 24.05 22.77
C ALA GA 229 12.54 24.60 23.35
N TRP GA 230 13.58 24.62 22.52
CA TRP GA 230 14.89 25.11 22.93
C TRP GA 230 15.50 25.95 21.82
N VAL GA 231 16.37 26.87 22.22
CA VAL GA 231 17.23 27.63 21.30
C VAL GA 231 16.38 28.38 20.28
N PRO GA 232 15.83 29.54 20.62
CA PRO GA 232 15.10 30.32 19.61
C PRO GA 232 16.05 30.93 18.61
N ARG GA 233 15.53 31.17 17.42
CA ARG GA 233 16.30 31.68 16.29
C ARG GA 233 15.43 32.66 15.52
N PRO GA 234 16.04 33.51 14.70
CA PRO GA 234 15.26 34.55 14.00
C PRO GA 234 14.17 33.93 13.16
N PRO GA 235 12.99 34.56 13.11
CA PRO GA 235 11.91 33.99 12.30
C PRO GA 235 12.27 33.97 10.82
N ARG GA 236 11.66 33.05 10.10
CA ARG GA 236 11.86 32.99 8.66
C ARG GA 236 11.44 34.33 8.04
N LEU GA 237 12.35 34.89 7.23
CA LEU GA 237 12.08 36.15 6.54
C LEU GA 237 11.77 35.93 5.06
N CYS GA 238 12.69 35.31 4.33
CA CYS GA 238 12.49 35.04 2.91
C CYS GA 238 11.57 33.84 2.73
N GLN GA 239 10.75 33.88 1.69
CA GLN GA 239 9.79 32.82 1.46
C GLN GA 239 10.50 31.49 1.26
N TYR GA 240 9.84 30.43 1.68
CA TYR GA 240 10.40 29.09 1.55
C TYR GA 240 10.51 28.71 0.08
N GLU GA 241 11.47 27.83 -0.23
CA GLU GA 241 11.72 27.40 -1.59
C GLU GA 241 11.58 25.90 -1.77
N LYS GA 242 12.16 25.11 -0.86
CA LYS GA 242 12.08 23.66 -0.94
C LYS GA 242 11.90 23.09 0.47
N GLN GA 243 11.18 21.97 0.56
CA GLN GA 243 10.91 21.39 1.88
C GLN GA 243 12.15 20.76 2.49
N LYS GA 244 13.13 20.38 1.68
CA LYS GA 244 14.25 19.57 2.14
C LYS GA 244 15.52 20.39 2.34
N ASN GA 245 15.42 21.72 2.38
CA ASN GA 245 16.60 22.55 2.55
C ASN GA 245 16.18 23.95 2.94
N VAL GA 246 17.17 24.72 3.40
CA VAL GA 246 16.93 26.10 3.82
C VAL GA 246 16.94 27.08 2.66
N ASN GA 247 17.29 26.64 1.46
CA ASN GA 247 17.54 27.52 0.33
C ASN GA 247 16.54 28.66 0.28
N PHE GA 248 17.05 29.88 0.11
CA PHE GA 248 16.24 31.08 0.05
C PHE GA 248 16.71 31.95 -1.10
N THR GA 249 15.82 32.85 -1.53
CA THR GA 249 16.18 33.90 -2.48
C THR GA 249 16.30 35.21 -1.72
N PRO GA 250 17.44 35.90 -1.77
CA PRO GA 250 17.63 37.07 -0.90
C PRO GA 250 16.45 38.02 -0.96
N THR GA 251 16.07 38.53 0.22
CA THR GA 251 14.95 39.44 0.37
C THR GA 251 15.41 40.64 1.21
N GLY GA 252 14.64 41.72 1.12
CA GLY GA 252 14.95 42.89 1.91
C GLY GA 252 14.62 42.71 3.37
N VAL GA 253 15.18 43.61 4.18
CA VAL GA 253 15.01 43.52 5.63
C VAL GA 253 13.57 43.80 6.01
N THR GA 254 12.98 44.86 5.46
CA THR GA 254 11.63 45.26 5.82
C THR GA 254 10.96 45.97 4.65
N THR GA 255 9.71 46.35 4.86
CA THR GA 255 9.04 47.24 3.94
C THR GA 255 9.69 48.62 3.99
N THR GA 256 9.48 49.41 2.94
CA THR GA 256 10.24 50.64 2.75
C THR GA 256 9.38 51.85 3.04
N ARG GA 257 10.04 52.92 3.46
CA ARG GA 257 9.46 54.27 3.53
C ARG GA 257 10.43 55.22 2.84
N VAL GA 258 10.05 56.50 2.79
CA VAL GA 258 10.80 57.47 2.00
C VAL GA 258 12.04 57.94 2.75
N GLY GA 259 11.85 58.68 3.83
CA GLY GA 259 12.94 59.23 4.61
C GLY GA 259 12.88 58.75 6.05
N ILE GA 260 13.98 58.99 6.77
CA ILE GA 260 14.07 58.49 8.14
C ILE GA 260 13.03 59.16 9.03
N THR GA 261 12.49 60.31 8.61
CA THR GA 261 11.42 60.97 9.35
C THR GA 261 10.03 60.62 8.81
N THR GA 262 9.96 59.88 7.70
CA THR GA 262 8.68 59.59 7.07
C THR GA 262 7.75 58.82 8.00
N THR GA 263 6.73 59.49 8.51
CA THR GA 263 5.75 58.86 9.39
C THR GA 263 4.63 58.24 8.58
N VAL HA 13 41.73 44.39 34.02
CA VAL HA 13 42.88 43.84 34.72
C VAL HA 13 42.55 42.42 35.15
N ARG HA 14 42.07 41.62 34.20
CA ARG HA 14 41.62 40.25 34.46
C ARG HA 14 42.31 39.30 33.50
N SER HA 15 42.47 38.05 33.93
CA SER HA 15 43.12 37.01 33.15
C SER HA 15 42.26 35.75 33.15
N ILE HA 16 42.12 35.15 31.97
CA ILE HA 16 41.43 33.87 31.83
C ILE HA 16 42.44 32.84 31.36
N THR HA 17 42.64 31.80 32.16
CA THR HA 17 43.68 30.80 31.92
C THR HA 17 43.04 29.46 31.60
N LEU HA 18 43.54 28.81 30.55
CA LEU HA 18 43.10 27.46 30.19
C LEU HA 18 44.30 26.73 29.59
N GLY HA 19 44.77 25.69 30.27
CA GLY HA 19 45.92 24.95 29.77
C GLY HA 19 47.16 25.83 29.74
N ASN HA 20 47.98 25.64 28.71
CA ASN HA 20 49.22 26.40 28.57
C ASN HA 20 48.98 27.87 28.25
N SER HA 21 47.75 28.40 28.23
CA SER HA 21 47.48 29.71 27.67
C SER HA 21 46.80 30.62 28.70
N THR HA 22 46.82 31.92 28.40
CA THR HA 22 46.28 32.93 29.31
C THR HA 22 45.94 34.17 28.52
N ILE HA 23 44.67 34.58 28.57
CA ILE HA 23 44.16 35.73 27.86
C ILE HA 23 43.98 36.89 28.83
N THR HA 24 44.15 38.11 28.32
CA THR HA 24 44.05 39.35 29.09
C THR HA 24 42.78 40.08 28.69
N THR HA 25 41.92 40.36 29.67
CA THR HA 25 40.66 41.05 29.45
C THR HA 25 40.50 42.17 30.46
N GLN HA 26 39.79 43.23 30.06
CA GLN HA 26 39.45 44.30 30.99
C GLN HA 26 38.42 43.80 31.99
N GLU HA 27 38.54 44.26 33.24
CA GLU HA 27 37.60 43.89 34.29
C GLU HA 27 36.29 44.67 34.21
N CYS HA 28 35.74 44.82 32.99
CA CYS HA 28 34.48 45.53 32.81
C CYS HA 28 33.49 44.68 32.02
N ALA HA 29 33.78 44.46 30.74
CA ALA HA 29 32.89 43.70 29.86
C ALA HA 29 32.98 42.24 30.24
N ASN HA 30 31.91 41.70 30.83
CA ASN HA 30 31.93 40.34 31.32
C ASN HA 30 31.77 39.36 30.16
N VAL HA 31 31.79 38.07 30.51
CA VAL HA 31 31.67 36.99 29.53
C VAL HA 31 30.21 36.66 29.34
N VAL HA 32 29.80 36.54 28.08
CA VAL HA 32 28.43 36.14 27.78
C VAL HA 32 28.37 34.62 27.90
N VAL HA 33 27.72 34.11 28.94
CA VAL HA 33 27.71 32.67 29.22
C VAL HA 33 26.50 32.10 28.48
N GLY HA 34 26.72 31.76 27.21
CA GLY HA 34 25.76 31.03 26.41
C GLY HA 34 24.32 31.28 26.78
N TYR HA 35 23.57 30.19 26.95
CA TYR HA 35 22.17 30.29 27.33
C TYR HA 35 22.01 30.20 28.84
N GLY HA 36 22.82 31.00 29.55
CA GLY HA 36 22.85 30.93 30.99
C GLY HA 36 23.46 29.66 31.55
N VAL HA 37 24.11 28.86 30.71
CA VAL HA 37 24.64 27.56 31.10
C VAL HA 37 26.15 27.60 30.98
N TRP HA 38 26.85 27.20 32.04
CA TRP HA 38 28.29 27.05 31.91
C TRP HA 38 28.62 25.65 31.40
N PRO HA 39 29.59 25.51 30.50
CA PRO HA 39 29.88 24.17 29.95
C PRO HA 39 30.26 23.18 31.04
N GLU HA 40 29.72 21.98 30.92
CA GLU HA 40 30.02 20.89 31.85
C GLU HA 40 30.13 19.59 31.06
N TYR HA 41 30.64 18.56 31.73
CA TYR HA 41 30.75 17.25 31.11
C TYR HA 41 29.39 16.54 31.11
N LEU HA 42 29.27 15.54 30.24
CA LEU HA 42 28.10 14.70 30.22
C LEU HA 42 28.06 13.83 31.48
N LYS HA 43 26.87 13.62 32.02
CA LYS HA 43 26.69 12.76 33.18
C LYS HA 43 26.02 11.45 32.75
N ASP HA 44 26.23 10.42 33.58
CA ASP HA 44 25.75 9.08 33.27
C ASP HA 44 24.23 9.00 33.12
N ASN HA 45 23.50 10.09 33.40
CA ASN HA 45 22.05 10.09 33.29
C ASN HA 45 21.55 10.55 31.93
N GLU HA 46 22.40 11.20 31.13
CA GLU HA 46 22.01 11.69 29.82
C GLU HA 46 22.76 11.02 28.68
N ALA HA 47 23.65 10.08 28.98
CA ALA HA 47 24.53 9.48 27.98
C ALA HA 47 23.93 8.21 27.41
N THR HA 48 24.47 7.79 26.27
CA THR HA 48 24.12 6.53 25.61
C THR HA 48 25.34 5.69 25.31
N ALA HA 49 26.44 6.31 24.88
CA ALA HA 49 27.67 5.56 24.63
C ALA HA 49 28.19 4.96 25.93
N GLU HA 50 28.62 3.70 25.85
CA GLU HA 50 29.06 2.97 27.04
C GLU HA 50 30.56 3.09 27.28
N ASP HA 51 31.36 3.28 26.24
CA ASP HA 51 32.81 3.31 26.40
C ASP HA 51 33.23 4.51 27.25
N GLN HA 52 34.27 4.31 28.05
CA GLN HA 52 34.79 5.38 28.89
C GLN HA 52 35.33 6.50 28.01
N PRO HA 53 35.04 7.77 28.33
CA PRO HA 53 35.45 8.86 27.43
C PRO HA 53 36.83 9.42 27.69
N THR HA 54 37.62 9.61 26.63
CA THR HA 54 38.88 10.33 26.76
C THR HA 54 38.61 11.80 27.02
N GLN HA 55 39.28 12.37 28.02
CA GLN HA 55 39.10 13.76 28.42
C GLN HA 55 40.48 14.39 28.50
N PRO HA 56 41.09 14.76 27.38
CA PRO HA 56 42.51 15.14 27.38
C PRO HA 56 42.82 16.36 28.24
N ASP HA 57 41.82 17.16 28.62
CA ASP HA 57 42.03 18.22 29.61
C ASP HA 57 43.00 19.29 29.10
N VAL HA 58 44.20 19.35 29.68
CA VAL HA 58 45.11 20.46 29.39
C VAL HA 58 45.54 20.45 27.93
N ALA HA 59 45.71 19.26 27.35
CA ALA HA 59 46.14 19.17 25.97
C ALA HA 59 45.05 19.61 25.00
N THR HA 60 43.79 19.44 25.37
CA THR HA 60 42.67 19.79 24.52
C THR HA 60 42.04 21.13 24.89
N CYS HA 61 41.74 21.34 26.17
CA CYS HA 61 41.06 22.57 26.60
C CYS HA 61 42.09 23.68 26.75
N ARG HA 62 42.36 24.38 25.65
CA ARG HA 62 43.33 25.46 25.62
C ARG HA 62 42.96 26.44 24.52
N PHE HA 63 43.58 27.64 24.58
CA PHE HA 63 43.23 28.76 23.70
C PHE HA 63 43.96 28.62 22.36
N TYR HA 64 43.24 28.09 21.37
CA TYR HA 64 43.71 28.01 19.99
C TYR HA 64 43.33 29.29 19.25
N THR HA 65 44.33 30.02 18.75
CA THR HA 65 44.10 31.27 18.02
C THR HA 65 44.05 30.97 16.53
N LEU HA 66 42.88 31.18 15.93
CA LEU HA 66 42.71 30.99 14.49
C LEU HA 66 43.44 32.09 13.72
N GLU HA 67 43.38 32.01 12.40
CA GLU HA 67 44.03 33.00 11.56
C GLU HA 67 43.31 34.34 11.65
N SER HA 68 44.09 35.41 11.60
CA SER HA 68 43.52 36.76 11.68
C SER HA 68 43.07 37.23 10.31
N VAL HA 69 42.08 38.13 10.31
CA VAL HA 69 41.57 38.72 9.08
C VAL HA 69 41.64 40.23 9.22
N GLN HA 70 41.54 40.93 8.08
CA GLN HA 70 41.60 42.38 8.06
C GLN HA 70 40.18 42.93 7.96
N TRP HA 71 39.84 43.87 8.85
CA TRP HA 71 38.59 44.60 8.81
C TRP HA 71 38.81 45.85 7.97
N MET HA 72 38.04 45.97 6.89
CA MET HA 72 38.14 47.11 5.99
C MET HA 72 36.82 47.86 5.96
N LYS HA 73 36.87 49.06 5.36
CA LYS HA 73 35.70 49.92 5.32
C LYS HA 73 34.54 49.31 4.54
N ASN HA 74 34.82 48.31 3.70
CA ASN HA 74 33.79 47.67 2.88
C ASN HA 74 33.43 46.26 3.35
N SER HA 75 34.16 45.70 4.31
CA SER HA 75 33.97 44.32 4.70
C SER HA 75 32.54 44.05 5.13
N ALA HA 76 31.98 42.94 4.64
CA ALA HA 76 30.59 42.57 4.93
C ALA HA 76 30.45 41.68 6.15
N GLY HA 77 31.40 40.79 6.38
CA GLY HA 77 31.37 39.93 7.55
C GLY HA 77 32.07 38.62 7.31
N TRP HA 78 32.27 37.88 8.40
CA TRP HA 78 32.99 36.61 8.39
C TRP HA 78 32.24 35.58 9.21
N TRP HA 79 32.54 34.30 8.96
CA TRP HA 79 32.00 33.21 9.75
C TRP HA 79 32.98 32.04 9.75
N TRP HA 80 32.87 31.24 10.82
CA TRP HA 80 33.65 30.02 11.04
C TRP HA 80 32.72 28.90 11.50
N LYS HA 81 32.91 27.71 10.95
CA LYS HA 81 32.27 26.50 11.47
C LYS HA 81 33.13 25.93 12.59
N LEU HA 82 32.52 25.65 13.75
CA LEU HA 82 33.32 25.48 14.97
C LEU HA 82 34.04 24.14 15.03
N PRO HA 83 33.34 23.00 15.09
CA PRO HA 83 34.07 21.72 15.09
C PRO HA 83 35.09 21.62 13.97
N ASP HA 84 34.79 22.20 12.81
CA ASP HA 84 35.70 22.17 11.67
C ASP HA 84 36.57 23.43 11.60
N ALA HA 85 36.78 24.13 12.71
CA ALA HA 85 37.72 25.23 12.78
C ALA HA 85 39.03 24.81 13.44
N LEU HA 86 38.93 24.11 14.57
CA LEU HA 86 40.09 23.56 15.26
C LEU HA 86 40.37 22.13 14.85
N SER HA 87 39.74 21.65 13.76
CA SER HA 87 39.82 20.25 13.38
C SER HA 87 41.25 19.81 13.09
N GLN HA 88 42.07 20.72 12.56
CA GLN HA 88 43.46 20.41 12.28
C GLN HA 88 44.42 21.15 13.22
N MET HA 89 43.89 21.74 14.27
CA MET HA 89 44.67 22.54 15.21
C MET HA 89 44.87 21.74 16.49
N GLY HA 90 46.02 21.07 16.58
CA GLY HA 90 46.44 20.43 17.82
C GLY HA 90 45.73 19.13 18.19
N LEU HA 91 45.86 18.80 19.48
CA LEU HA 91 45.34 17.52 19.95
C LEU HA 91 43.83 17.48 19.95
N PHE HA 92 43.16 18.62 20.05
CA PHE HA 92 41.72 18.62 19.83
C PHE HA 92 41.43 17.99 18.48
N GLY HA 93 42.14 18.44 17.45
CA GLY HA 93 41.95 17.87 16.13
C GLY HA 93 42.35 16.41 16.06
N GLN HA 94 43.43 16.04 16.74
CA GLN HA 94 43.86 14.64 16.69
C GLN HA 94 42.82 13.72 17.30
N ASN HA 95 42.34 14.04 18.51
CA ASN HA 95 41.27 13.27 19.12
C ASN HA 95 40.02 13.28 18.24
N MET HA 96 39.73 14.42 17.62
CA MET HA 96 38.59 14.51 16.71
C MET HA 96 38.72 13.53 15.57
N GLN HA 97 39.93 13.34 15.06
CA GLN HA 97 40.13 12.40 13.96
C GLN HA 97 40.02 10.96 14.45
N TYR HA 98 40.52 10.67 15.65
CA TYR HA 98 40.59 9.29 16.12
C TYR HA 98 39.32 8.80 16.80
N HIS HA 99 38.35 9.67 17.10
CA HIS HA 99 37.15 9.24 17.80
C HIS HA 99 35.90 9.46 16.95
N TYR HA 100 34.94 8.54 17.10
CA TYR HA 100 33.69 8.60 16.36
C TYR HA 100 32.73 9.62 16.95
N LEU HA 101 32.77 9.86 18.26
CA LEU HA 101 31.86 10.80 18.90
C LEU HA 101 32.65 11.81 19.72
N GLY HA 102 32.11 13.02 19.79
CA GLY HA 102 32.75 14.09 20.54
C GLY HA 102 31.73 15.03 21.14
N ARG HA 103 32.18 15.78 22.14
CA ARG HA 103 31.31 16.72 22.84
C ARG HA 103 32.16 17.83 23.44
N THR HA 104 31.79 19.08 23.16
CA THR HA 104 32.60 20.22 23.58
C THR HA 104 31.72 21.43 23.87
N GLY HA 105 32.17 22.24 24.81
CA GLY HA 105 31.80 23.64 24.88
C GLY HA 105 32.98 24.48 24.41
N TYR HA 106 32.78 25.79 24.36
CA TYR HA 106 33.83 26.68 23.88
C TYR HA 106 33.89 27.95 24.71
N THR HA 107 35.06 28.56 24.72
CA THR HA 107 35.26 29.95 25.15
C THR HA 107 35.84 30.69 23.95
N ILE HA 108 35.05 31.58 23.36
CA ILE HA 108 35.41 32.28 22.13
C ILE HA 108 35.76 33.71 22.49
N HIS HA 109 36.93 34.17 22.05
CA HIS HA 109 37.49 35.46 22.40
C HIS HA 109 37.85 36.15 21.08
N VAL HA 110 37.02 37.10 20.67
CA VAL HA 110 37.27 37.89 19.46
C VAL HA 110 37.98 39.17 19.90
N GLN HA 111 39.18 39.38 19.39
CA GLN HA 111 40.04 40.49 19.78
C GLN HA 111 40.19 41.42 18.57
N CYS HA 112 39.81 42.69 18.75
CA CYS HA 112 40.05 43.72 17.75
C CYS HA 112 40.31 45.02 18.48
N ASN HA 113 41.40 45.69 18.13
CA ASN HA 113 41.75 46.95 18.79
C ASN HA 113 42.05 48.01 17.74
N ALA HA 114 41.45 49.17 17.92
CA ALA HA 114 41.71 50.36 17.12
C ALA HA 114 42.05 51.49 18.08
N SER HA 115 42.07 52.72 17.61
CA SER HA 115 42.42 53.85 18.46
C SER HA 115 41.18 54.71 18.73
N LYS HA 116 41.38 55.75 19.54
CA LYS HA 116 40.28 56.68 19.81
C LYS HA 116 39.81 57.37 18.53
N PHE HA 117 40.69 57.51 17.55
CA PHE HA 117 40.39 58.19 16.30
C PHE HA 117 39.74 57.27 15.27
N HIS HA 118 39.52 56.00 15.61
CA HIS HA 118 38.78 55.08 14.77
C HIS HA 118 37.35 54.93 15.27
N GLN HA 119 36.52 54.29 14.45
CA GLN HA 119 35.13 54.05 14.80
C GLN HA 119 34.65 52.80 14.07
N GLY HA 120 33.67 52.14 14.66
CA GLY HA 120 33.13 50.92 14.07
C GLY HA 120 32.49 50.06 15.13
N CYS HA 121 31.73 49.06 14.65
CA CYS HA 121 31.02 48.18 15.57
C CYS HA 121 30.75 46.83 14.91
N LEU HA 122 31.18 45.77 15.56
CA LEU HA 122 30.97 44.40 15.11
C LEU HA 122 29.94 43.71 15.99
N LEU HA 123 29.14 42.84 15.37
CA LEU HA 123 28.33 41.86 16.08
C LEU HA 123 29.07 40.53 16.07
N VAL HA 124 29.37 40.01 17.26
CA VAL HA 124 30.02 38.70 17.42
C VAL HA 124 28.97 37.76 17.99
N VAL HA 125 28.53 36.80 17.18
CA VAL HA 125 27.42 35.93 17.56
C VAL HA 125 27.81 34.47 17.38
N CYS HA 126 27.18 33.61 18.16
CA CYS HA 126 27.38 32.16 18.08
C CYS HA 126 26.05 31.50 17.74
N VAL HA 127 25.92 31.03 16.51
CA VAL HA 127 24.68 30.46 16.00
C VAL HA 127 24.74 28.94 16.17
N PRO HA 128 23.91 28.35 17.03
CA PRO HA 128 23.81 26.88 17.05
C PRO HA 128 23.00 26.37 15.87
N GLU HA 129 23.54 25.37 15.18
CA GLU HA 129 22.87 24.76 14.03
C GLU HA 129 22.65 25.80 12.92
N ALA HA 130 23.76 26.40 12.48
CA ALA HA 130 23.71 27.45 11.45
C ALA HA 130 23.62 26.80 10.07
N GLU HA 131 22.46 26.20 9.81
CA GLU HA 131 22.18 25.63 8.50
C GLU HA 131 22.03 26.77 7.51
N MET HA 132 22.87 26.78 6.47
CA MET HA 132 22.93 27.88 5.52
C MET HA 132 22.37 27.45 4.17
N GLY HA 133 21.82 28.43 3.44
CA GLY HA 133 21.18 28.15 2.18
C GLY HA 133 22.14 28.26 0.99
N CYS HA 134 21.63 27.84 -0.17
CA CYS HA 134 22.40 27.82 -1.40
C CYS HA 134 22.03 28.99 -2.30
N SER HA 135 22.90 29.27 -3.27
CA SER HA 135 22.57 30.24 -4.30
C SER HA 135 21.67 29.63 -5.36
N ASN HA 136 22.01 28.44 -5.83
CA ASN HA 136 21.13 27.67 -6.72
C ASN HA 136 20.12 26.92 -5.87
N LEU HA 137 18.85 27.28 -5.98
CA LEU HA 137 17.83 26.70 -5.11
C LEU HA 137 17.62 25.22 -5.33
N ASN HA 138 18.21 24.63 -6.37
CA ASN HA 138 18.06 23.21 -6.66
C ASN HA 138 19.22 22.37 -6.13
N ASN HA 139 20.10 22.95 -5.32
CA ASN HA 139 21.26 22.23 -4.80
C ASN HA 139 21.49 22.61 -3.36
N THR HA 140 22.23 21.76 -2.64
CA THR HA 140 22.69 22.10 -1.31
C THR HA 140 24.13 22.60 -1.37
N PRO HA 141 24.49 23.61 -0.59
CA PRO HA 141 25.83 24.20 -0.72
C PRO HA 141 26.92 23.16 -0.55
N GLU HA 142 28.10 23.49 -1.04
CA GLU HA 142 29.22 22.57 -0.98
C GLU HA 142 29.95 22.71 0.35
N PHE HA 143 30.52 21.59 0.81
CA PHE HA 143 31.20 21.60 2.10
C PHE HA 143 32.33 22.62 2.13
N ALA HA 144 33.08 22.73 1.03
CA ALA HA 144 34.16 23.70 1.00
C ALA HA 144 33.64 25.13 1.07
N GLU HA 145 32.46 25.37 0.50
CA GLU HA 145 31.87 26.70 0.56
C GLU HA 145 31.40 27.02 1.97
N LEU HA 146 30.80 26.03 2.66
CA LEU HA 146 30.29 26.28 4.00
C LEU HA 146 31.40 26.32 5.05
N SER HA 147 32.47 25.55 4.84
CA SER HA 147 33.45 25.27 5.87
C SER HA 147 34.78 25.90 5.54
N GLY HA 148 35.42 26.46 6.57
CA GLY HA 148 36.80 26.89 6.47
C GLY HA 148 37.48 26.72 7.81
N GLY HA 149 38.47 25.84 7.86
CA GLY HA 149 39.29 25.67 9.05
C GLY HA 149 40.56 26.47 8.88
N ASP HA 150 40.86 27.29 9.90
CA ASP HA 150 41.94 28.28 9.84
C ASP HA 150 41.84 29.16 8.58
N THR HA 151 40.64 29.23 7.98
CA THR HA 151 40.39 30.09 6.82
C THR HA 151 38.94 30.56 6.93
N ALA HA 152 38.75 31.71 7.58
CA ALA HA 152 37.42 32.26 7.76
C ALA HA 152 36.71 32.42 6.42
N ARG HA 153 35.48 31.91 6.33
CA ARG HA 153 34.71 32.13 5.11
C ARG HA 153 33.92 33.43 5.30
N MET HA 154 33.62 34.09 4.18
CA MET HA 154 33.17 35.48 4.21
C MET HA 154 31.74 35.62 3.71
N PHE HA 155 31.00 36.52 4.36
CA PHE HA 155 29.72 36.99 3.83
C PHE HA 155 29.98 37.89 2.63
N THR HA 156 28.91 38.15 1.87
CA THR HA 156 29.02 38.94 0.65
C THR HA 156 28.29 40.27 0.79
N ASP HA 157 28.79 41.26 0.06
CA ASP HA 157 28.18 42.57 0.00
C ASP HA 157 26.96 42.59 -0.91
N THR HA 158 26.80 41.58 -1.76
CA THR HA 158 25.74 41.52 -2.74
C THR HA 158 25.19 40.10 -2.80
N GLN HA 159 23.99 39.96 -3.37
CA GLN HA 159 23.47 38.63 -3.65
C GLN HA 159 24.41 37.92 -4.61
N ILE HA 160 24.74 36.68 -4.30
CA ILE HA 160 25.49 35.87 -5.26
C ILE HA 160 24.51 35.34 -6.30
N GLY HA 161 25.04 35.00 -7.47
CA GLY HA 161 24.19 34.64 -8.60
C GLY HA 161 23.62 33.24 -8.47
N GLU HA 162 22.38 33.08 -8.92
CA GLU HA 162 21.77 31.75 -8.96
C GLU HA 162 22.57 30.82 -9.86
N THR HA 163 23.22 31.36 -10.89
CA THR HA 163 23.98 30.54 -11.82
C THR HA 163 24.97 29.65 -11.09
N ASN HA 164 25.63 30.17 -10.06
CA ASN HA 164 26.63 29.41 -9.33
C ASN HA 164 26.04 28.08 -8.85
N SER HA 165 26.71 26.99 -9.20
CA SER HA 165 26.13 25.65 -8.99
C SER HA 165 25.98 25.34 -7.51
N LYS HA 166 27.10 25.28 -6.78
CA LYS HA 166 27.11 24.90 -5.36
C LYS HA 166 27.82 25.99 -4.55
N LYS HA 167 27.14 27.11 -4.36
CA LYS HA 167 27.66 28.22 -3.57
C LYS HA 167 26.66 28.55 -2.46
N VAL HA 168 27.15 29.29 -1.46
CA VAL HA 168 26.34 29.67 -0.31
C VAL HA 168 25.78 31.07 -0.57
N GLN HA 169 24.49 31.25 -0.32
CA GLN HA 169 23.83 32.54 -0.50
C GLN HA 169 24.26 33.48 0.62
N THR HA 170 25.44 34.08 0.44
CA THR HA 170 26.14 34.77 1.51
C THR HA 170 25.70 36.22 1.68
N ALA HA 171 24.53 36.59 1.17
CA ALA HA 171 24.06 37.96 1.34
C ALA HA 171 23.93 38.31 2.81
N VAL HA 172 24.69 39.32 3.25
CA VAL HA 172 24.84 39.56 4.68
C VAL HA 172 23.51 39.91 5.32
N TRP HA 173 22.66 40.67 4.62
CA TRP HA 173 21.41 41.09 5.22
C TRP HA 173 20.47 39.92 5.49
N ASN HA 174 20.82 38.70 5.07
CA ASN HA 174 20.07 37.51 5.45
C ASN HA 174 20.90 36.51 6.27
N ALA HA 175 22.16 36.81 6.56
CA ALA HA 175 23.02 35.94 7.35
C ALA HA 175 23.21 34.57 6.71
N GLY HA 176 22.92 34.45 5.42
CA GLY HA 176 23.04 33.17 4.75
C GLY HA 176 22.07 32.12 5.26
N MET HA 177 21.06 32.55 6.03
CA MET HA 177 20.09 31.62 6.60
C MET HA 177 18.66 32.02 6.27
N GLY HA 178 18.46 33.01 5.40
CA GLY HA 178 17.11 33.41 5.03
C GLY HA 178 16.35 34.13 6.12
N VAL HA 179 17.06 34.78 7.04
CA VAL HA 179 16.43 35.46 8.17
C VAL HA 179 16.79 36.93 8.13
N GLY HA 180 16.29 37.70 9.09
CA GLY HA 180 16.69 39.08 9.22
C GLY HA 180 17.96 39.21 10.03
N VAL HA 181 19.02 39.73 9.41
CA VAL HA 181 20.31 39.81 10.09
C VAL HA 181 20.20 40.62 11.38
N GLY HA 182 19.31 41.61 11.42
CA GLY HA 182 19.12 42.39 12.63
C GLY HA 182 18.47 41.65 13.77
N ASN HA 183 18.10 40.38 13.56
CA ASN HA 183 17.51 39.55 14.60
C ASN HA 183 18.41 38.41 15.03
N LEU HA 184 19.66 38.38 14.56
CA LEU HA 184 20.62 37.40 15.04
C LEU HA 184 20.89 37.55 16.53
N THR HA 185 20.45 38.65 17.15
CA THR HA 185 20.69 38.88 18.57
C THR HA 185 20.02 37.86 19.47
N ILE HA 186 19.12 37.03 18.93
CA ILE HA 186 18.52 35.98 19.74
C ILE HA 186 19.59 34.95 20.13
N TYR HA 187 20.54 34.70 19.24
CA TYR HA 187 21.67 33.85 19.58
C TYR HA 187 22.61 34.61 20.53
N PRO HA 188 23.35 33.90 21.38
CA PRO HA 188 24.31 34.57 22.25
C PRO HA 188 25.30 35.41 21.45
N HIS HA 189 25.56 36.61 21.95
CA HIS HA 189 26.30 37.58 21.16
C HIS HA 189 26.88 38.67 22.06
N GLN HA 190 27.84 39.39 21.49
CA GLN HA 190 28.36 40.63 22.05
C GLN HA 190 28.58 41.63 20.93
N TRP HA 191 28.81 42.89 21.30
CA TRP HA 191 29.15 43.93 20.36
C TRP HA 191 30.55 44.44 20.66
N ILE HA 192 31.37 44.56 19.62
CA ILE HA 192 32.68 45.19 19.73
C ILE HA 192 32.55 46.57 19.08
N ASN HA 193 32.26 47.58 19.90
CA ASN HA 193 32.23 48.98 19.45
C ASN HA 193 33.60 49.59 19.75
N LEU HA 194 34.35 49.92 18.70
CA LEU HA 194 35.73 50.36 18.88
C LEU HA 194 35.82 51.56 19.81
N ARG HA 195 34.74 52.35 19.91
CA ARG HA 195 34.75 53.48 20.83
C ARG HA 195 34.88 53.03 22.28
N THR HA 196 34.22 51.92 22.65
CA THR HA 196 34.17 51.49 24.04
C THR HA 196 34.69 50.08 24.29
N ASN HA 197 35.13 49.35 23.26
CA ASN HA 197 35.45 47.93 23.42
C ASN HA 197 36.69 47.55 22.61
N ASN HA 198 37.36 46.50 23.08
CA ASN HA 198 38.52 45.92 22.41
C ASN HA 198 38.38 44.43 22.14
N SER HA 199 37.44 43.75 22.78
CA SER HA 199 37.27 42.32 22.58
C SER HA 199 35.92 41.90 23.13
N ALA HA 200 35.53 40.68 22.77
CA ALA HA 200 34.27 40.09 23.23
C ALA HA 200 34.51 38.62 23.53
N THR HA 201 33.97 38.14 24.66
CA THR HA 201 34.19 36.77 25.09
C THR HA 201 32.85 36.10 25.38
N ILE HA 202 32.60 34.98 24.70
CA ILE HA 202 31.35 34.23 24.82
C ILE HA 202 31.69 32.79 25.16
N VAL HA 203 31.13 32.29 26.26
CA VAL HA 203 31.36 30.93 26.73
C VAL HA 203 30.11 30.13 26.37
N MET HA 204 30.22 29.31 25.32
CA MET HA 204 29.09 28.55 24.78
C MET HA 204 29.08 27.13 25.33
N PRO HA 205 27.93 26.63 25.78
CA PRO HA 205 27.83 25.23 26.17
C PRO HA 205 27.50 24.34 24.98
N TYR HA 206 27.59 23.02 25.22
CA TYR HA 206 27.24 22.05 24.20
C TYR HA 206 25.74 22.12 23.91
N ILE HA 207 25.39 22.46 22.66
CA ILE HA 207 24.02 22.61 22.23
C ILE HA 207 23.76 21.60 21.12
N ASN HA 208 22.92 20.62 21.40
CA ASN HA 208 22.53 19.65 20.38
C ASN HA 208 21.37 18.82 20.93
N SER HA 209 20.69 18.11 20.03
CA SER HA 209 19.56 17.28 20.41
C SER HA 209 19.98 15.92 20.95
N VAL HA 210 21.24 15.53 20.75
CA VAL HA 210 21.74 14.25 21.24
C VAL HA 210 22.87 14.55 22.22
N PRO HA 211 23.15 13.61 23.14
CA PRO HA 211 24.22 13.86 24.12
C PRO HA 211 25.61 14.00 23.49
N MET HA 212 25.87 13.29 22.39
CA MET HA 212 27.13 13.39 21.68
C MET HA 212 26.86 13.27 20.19
N ASP HA 213 27.79 13.80 19.39
CA ASP HA 213 27.67 13.73 17.94
C ASP HA 213 29.06 13.66 17.34
N ASN HA 214 29.12 13.23 16.09
CA ASN HA 214 30.38 13.18 15.36
C ASN HA 214 30.82 14.60 15.03
N MET HA 215 32.12 14.85 15.15
CA MET HA 215 32.64 16.22 15.07
C MET HA 215 33.03 16.64 13.65
N PHE HA 216 33.14 15.70 12.71
CA PHE HA 216 33.40 16.06 11.32
C PHE HA 216 32.10 16.27 10.54
N ARG HA 217 31.10 15.43 10.79
CA ARG HA 217 29.87 15.45 10.01
C ARG HA 217 28.91 16.56 10.42
N HIS HA 218 29.05 17.12 11.62
CA HIS HA 218 28.06 18.04 12.16
C HIS HA 218 28.77 19.17 12.87
N ASN HA 219 28.66 20.37 12.33
CA ASN HA 219 29.19 21.57 12.99
C ASN HA 219 28.05 22.19 13.78
N ASN HA 220 27.93 21.76 15.04
CA ASN HA 220 26.80 22.15 15.87
C ASN HA 220 26.80 23.64 16.23
N LEU HA 221 27.89 24.37 15.97
CA LEU HA 221 27.93 25.80 16.26
C LEU HA 221 28.65 26.51 15.13
N THR HA 222 28.36 27.82 15.00
CA THR HA 222 28.92 28.63 13.92
C THR HA 222 29.12 30.05 14.40
N LEU HA 223 30.36 30.52 14.42
CA LEU HA 223 30.65 31.88 14.83
C LEU HA 223 30.48 32.83 13.65
N MET HA 224 29.89 33.98 13.91
CA MET HA 224 29.67 35.01 12.89
C MET HA 224 30.11 36.36 13.44
N ILE HA 225 30.91 37.09 12.66
CA ILE HA 225 31.32 38.46 13.00
C ILE HA 225 30.87 39.35 11.85
N ILE HA 226 29.87 40.19 12.11
CA ILE HA 226 29.25 41.01 11.08
C ILE HA 226 29.33 42.47 11.49
N PRO HA 227 30.06 43.33 10.76
CA PRO HA 227 30.10 44.76 11.12
C PRO HA 227 28.79 45.44 10.81
N PHE HA 228 28.12 45.94 11.84
CA PHE HA 228 26.87 46.67 11.63
C PHE HA 228 27.11 48.14 11.35
N VAL HA 229 28.12 48.73 11.97
CA VAL HA 229 28.57 50.08 11.66
C VAL HA 229 30.00 49.95 11.13
N PRO HA 230 30.28 50.36 9.90
CA PRO HA 230 31.56 50.01 9.29
C PRO HA 230 32.71 50.81 9.86
N LEU HA 231 33.91 50.29 9.64
CA LEU HA 231 35.14 50.97 10.03
C LEU HA 231 35.28 52.29 9.30
N ASN HA 232 35.75 53.31 10.02
CA ASN HA 232 36.04 54.59 9.39
C ASN HA 232 37.10 55.32 10.21
N TYR HA 233 37.83 56.21 9.53
CA TYR HA 233 38.97 56.89 10.13
C TYR HA 233 39.48 57.95 9.18
N SER HA 234 40.05 59.01 9.75
CA SER HA 234 40.60 60.09 8.96
C SER HA 234 41.97 59.71 8.38
N GLU HA 235 42.38 60.44 7.35
CA GLU HA 235 43.69 60.21 6.75
C GLU HA 235 44.78 60.42 7.80
N GLY HA 236 45.67 59.44 7.90
CA GLY HA 236 46.73 59.46 8.90
C GLY HA 236 46.57 58.38 9.95
N SER HA 237 45.32 58.16 10.36
CA SER HA 237 45.02 57.07 11.27
C SER HA 237 45.33 55.74 10.60
N SER HA 238 45.81 54.78 11.38
CA SER HA 238 46.28 53.53 10.82
C SER HA 238 45.19 52.86 9.99
N PRO HA 239 45.48 52.42 8.76
CA PRO HA 239 44.43 51.87 7.90
C PRO HA 239 44.23 50.37 7.98
N TYR HA 240 45.07 49.64 8.71
CA TYR HA 240 44.98 48.18 8.79
C TYR HA 240 44.56 47.81 10.20
N VAL HA 241 43.30 47.47 10.38
CA VAL HA 241 42.74 47.05 11.65
C VAL HA 241 42.39 45.56 11.53
N PRO HA 242 43.16 44.65 12.13
CA PRO HA 242 42.82 43.24 12.03
C PRO HA 242 41.94 42.77 13.19
N ILE HA 243 41.20 41.70 12.90
CA ILE HA 243 40.38 40.99 13.87
C ILE HA 243 40.93 39.58 14.01
N THR HA 244 41.20 39.17 15.25
CA THR HA 244 41.75 37.85 15.55
C THR HA 244 40.77 37.09 16.44
N VAL HA 245 40.45 35.86 16.04
CA VAL HA 245 39.54 35.01 16.80
C VAL HA 245 40.36 33.95 17.52
N THR HA 246 40.06 33.72 18.81
CA THR HA 246 40.76 32.73 19.61
C THR HA 246 39.73 31.92 20.38
N ILE HA 247 39.63 30.64 20.06
CA ILE HA 247 38.63 29.75 20.66
C ILE HA 247 39.33 28.71 21.51
N ALA HA 248 38.72 28.35 22.64
CA ALA HA 248 39.28 27.33 23.52
C ALA HA 248 38.21 26.28 23.81
N PRO HA 249 38.39 25.03 23.40
CA PRO HA 249 37.45 23.98 23.82
C PRO HA 249 37.39 23.91 25.34
N MET HA 250 36.25 23.46 25.84
CA MET HA 250 36.03 23.34 27.29
C MET HA 250 35.21 22.10 27.57
N CYS HA 251 35.69 21.29 28.52
CA CYS HA 251 35.03 20.04 28.89
C CYS HA 251 34.86 19.12 27.68
N ALA HA 252 36.00 18.86 27.03
CA ALA HA 252 35.99 18.02 25.83
C ALA HA 252 35.90 16.55 26.21
N GLU HA 253 35.04 15.82 25.50
CA GLU HA 253 34.88 14.38 25.68
C GLU HA 253 34.90 13.71 24.31
N TYR HA 254 35.50 12.53 24.25
CA TYR HA 254 35.59 11.75 23.02
C TYR HA 254 35.24 10.31 23.31
N ASN HA 255 34.43 9.71 22.44
CA ASN HA 255 34.00 8.33 22.58
C ASN HA 255 34.21 7.59 21.27
N GLY HA 256 34.34 6.27 21.38
CA GLY HA 256 34.48 5.41 20.21
C GLY HA 256 35.83 5.53 19.55
N LEU HA 257 36.88 5.06 20.21
CA LEU HA 257 38.21 5.06 19.61
C LEU HA 257 38.21 4.16 18.38
N ARG HA 258 38.91 4.59 17.34
CA ARG HA 258 38.92 3.86 16.08
C ARG HA 258 40.10 4.33 15.24
N LEU HA 259 40.21 3.76 14.04
CA LEU HA 259 41.12 4.27 13.03
C LEU HA 259 40.80 5.73 12.73
N ALA HA 260 41.82 6.49 12.35
CA ALA HA 260 41.65 7.92 12.11
C ALA HA 260 40.88 8.17 10.82
N SER HA 261 40.39 9.40 10.68
CA SER HA 261 39.60 9.81 9.52
C SER HA 261 40.29 10.97 8.82
N SER HA 262 40.21 10.97 7.49
CA SER HA 262 40.77 12.07 6.70
C SER HA 262 40.13 13.40 7.05
N GLY IA 1 -27.08 0.57 28.38
CA GLY IA 1 -27.53 1.69 27.50
C GLY IA 1 -27.88 2.94 28.29
N LEU IA 2 -26.85 3.69 28.66
CA LEU IA 2 -27.03 4.94 29.38
C LEU IA 2 -27.74 5.96 28.49
N PRO IA 3 -28.87 6.52 28.90
CA PRO IA 3 -29.52 7.55 28.07
C PRO IA 3 -28.63 8.77 27.91
N VAL IA 4 -28.57 9.27 26.67
CA VAL IA 4 -27.71 10.40 26.31
C VAL IA 4 -28.37 11.18 25.18
N MET IA 5 -28.01 12.47 25.09
CA MET IA 5 -28.53 13.34 24.04
C MET IA 5 -27.38 14.20 23.52
N THR IA 6 -27.02 14.03 22.24
CA THR IA 6 -25.90 14.79 21.68
C THR IA 6 -26.29 16.25 21.49
N THR IA 7 -25.41 17.16 21.92
CA THR IA 7 -25.64 18.59 21.86
C THR IA 7 -24.97 19.18 20.63
N PRO IA 8 -25.38 20.38 20.21
CA PRO IA 8 -24.70 21.05 19.09
C PRO IA 8 -23.19 21.09 19.31
N GLY IA 9 -22.45 20.97 18.21
CA GLY IA 9 -21.02 20.83 18.25
C GLY IA 9 -20.53 19.42 18.06
N SER IA 10 -21.42 18.43 18.06
CA SER IA 10 -21.01 17.06 17.85
C SER IA 10 -20.35 16.90 16.49
N THR IA 11 -19.49 15.89 16.37
CA THR IA 11 -18.77 15.55 15.15
C THR IA 11 -17.89 16.69 14.65
N GLN IA 12 -17.77 17.75 15.43
CA GLN IA 12 -17.12 18.98 15.01
C GLN IA 12 -15.61 18.89 15.21
N PHE IA 13 -14.86 19.31 14.20
CA PHE IA 13 -13.40 19.38 14.28
C PHE IA 13 -13.03 20.86 14.39
N LEU IA 14 -12.85 21.32 15.61
CA LEU IA 14 -12.37 22.68 15.86
C LEU IA 14 -10.85 22.66 15.88
N THR IA 15 -10.24 23.46 15.00
CA THR IA 15 -8.79 23.57 14.96
C THR IA 15 -8.20 23.69 16.36
N SER IA 16 -8.76 24.58 17.17
CA SER IA 16 -8.24 24.87 18.51
C SER IA 16 -9.03 24.16 19.60
N ASP IA 17 -9.25 22.86 19.47
CA ASP IA 17 -9.87 22.06 20.51
C ASP IA 17 -8.79 21.33 21.30
N ASP IA 18 -9.19 20.79 22.46
CA ASP IA 18 -8.23 20.26 23.42
C ASP IA 18 -8.72 18.94 23.98
N PHE IA 19 -9.24 18.06 23.13
CA PHE IA 19 -9.79 16.80 23.59
C PHE IA 19 -8.72 15.71 23.62
N GLN IA 20 -9.02 14.64 24.36
CA GLN IA 20 -8.16 13.47 24.40
C GLN IA 20 -8.45 12.54 23.23
N SER IA 21 -7.40 11.91 22.72
CA SER IA 21 -7.49 11.02 21.58
C SER IA 21 -6.76 9.72 21.87
N PRO IA 22 -7.24 8.60 21.34
CA PRO IA 22 -6.55 7.33 21.58
C PRO IA 22 -5.21 7.27 20.86
N SER IA 23 -4.19 6.80 21.58
CA SER IA 23 -2.85 6.75 21.01
C SER IA 23 -2.76 5.64 19.96
N ALA IA 24 -2.03 5.91 18.90
CA ALA IA 24 -1.82 4.93 17.84
C ALA IA 24 -0.65 4.01 18.12
N MET IA 25 0.22 4.37 19.06
CA MET IA 25 1.42 3.60 19.38
C MET IA 25 1.44 3.37 20.89
N PRO IA 26 0.68 2.40 21.37
CA PRO IA 26 0.64 2.16 22.82
C PRO IA 26 1.99 1.70 23.34
N GLN IA 27 2.29 2.13 24.57
CA GLN IA 27 3.46 1.66 25.30
C GLN IA 27 4.78 2.03 24.62
N PHE IA 28 4.79 3.08 23.82
CA PHE IA 28 6.01 3.51 23.15
C PHE IA 28 7.00 4.06 24.17
N ASP IA 29 8.17 3.45 24.23
CA ASP IA 29 9.22 3.84 25.17
C ASP IA 29 9.86 5.14 24.70
N VAL IA 30 9.42 6.27 25.25
CA VAL IA 30 9.99 7.55 24.86
C VAL IA 30 11.48 7.57 25.17
N THR IA 31 12.26 8.17 24.27
CA THR IA 31 13.66 8.39 24.59
C THR IA 31 13.75 9.38 25.75
N PRO IA 32 14.61 9.14 26.73
CA PRO IA 32 14.62 10.01 27.93
C PRO IA 32 14.90 11.45 27.55
N GLU IA 33 14.77 12.32 28.53
CA GLU IA 33 14.95 13.74 28.33
C GLU IA 33 16.41 14.13 28.52
N MET IA 34 16.77 15.28 27.94
CA MET IA 34 18.11 15.84 28.08
C MET IA 34 17.97 17.30 28.48
N GLN IA 35 18.88 17.77 29.32
CA GLN IA 35 18.91 19.17 29.73
C GLN IA 35 19.62 19.96 28.65
N ILE IA 36 18.88 20.32 27.61
CA ILE IA 36 19.40 21.12 26.50
C ILE IA 36 19.36 22.59 26.93
N PRO IA 37 20.39 23.38 26.65
CA PRO IA 37 20.37 24.77 27.09
C PRO IA 37 19.32 25.59 26.36
N GLY IA 38 18.94 26.70 26.99
CA GLY IA 38 18.09 27.69 26.35
C GLY IA 38 16.65 27.28 26.09
N ARG IA 39 16.02 26.64 27.06
CA ARG IA 39 14.60 26.29 26.90
C ARG IA 39 13.77 27.56 26.85
N VAL IA 40 12.89 27.64 25.86
CA VAL IA 40 11.94 28.75 25.75
C VAL IA 40 10.63 28.29 26.35
N ASN IA 41 10.01 29.16 27.15
CA ASN IA 41 8.72 28.88 27.76
C ASN IA 41 7.61 29.82 27.30
N ASN IA 42 7.95 31.02 26.83
CA ASN IA 42 6.96 31.96 26.35
C ASN IA 42 7.55 32.75 25.19
N LEU IA 43 6.68 33.18 24.28
CA LEU IA 43 7.14 34.02 23.18
C LEU IA 43 7.54 35.40 23.65
N MET IA 44 7.02 35.86 24.79
CA MET IA 44 7.48 37.12 25.34
C MET IA 44 8.95 37.05 25.73
N GLU IA 45 9.45 35.84 26.07
CA GLU IA 45 10.88 35.71 26.33
C GLU IA 45 11.69 36.09 25.10
N ILE IA 46 11.15 35.87 23.90
CA ILE IA 46 11.81 36.32 22.68
C ILE IA 46 11.54 37.79 22.44
N ALA IA 47 10.31 38.23 22.70
CA ALA IA 47 9.95 39.64 22.48
C ALA IA 47 10.75 40.58 23.37
N GLU IA 48 11.26 40.09 24.50
CA GLU IA 48 12.05 40.91 25.41
C GLU IA 48 13.51 41.04 24.97
N VAL IA 49 13.88 40.43 23.85
CA VAL IA 49 15.27 40.41 23.40
C VAL IA 49 15.52 41.62 22.52
N ASP IA 50 16.59 42.35 22.81
CA ASP IA 50 16.98 43.46 21.95
C ASP IA 50 17.34 42.94 20.56
N SER IA 51 16.78 43.60 19.54
CA SER IA 51 17.04 43.26 18.15
C SER IA 51 17.23 44.56 17.38
N VAL IA 52 18.12 44.54 16.40
CA VAL IA 52 18.46 45.78 15.68
C VAL IA 52 17.25 46.26 14.88
N VAL IA 53 17.03 47.57 14.89
CA VAL IA 53 15.88 48.18 14.25
C VAL IA 53 16.32 48.79 12.92
N PRO IA 54 15.67 48.45 11.80
CA PRO IA 54 15.99 49.11 10.52
C PRO IA 54 15.29 50.46 10.41
N VAL IA 55 15.85 51.46 11.10
CA VAL IA 55 15.25 52.79 11.08
C VAL IA 55 15.37 53.42 9.70
N ASN IA 56 16.42 53.10 8.96
CA ASN IA 56 16.67 53.69 7.65
C ASN IA 56 16.13 52.78 6.55
N ASN IA 57 14.80 52.72 6.49
CA ASN IA 57 14.12 51.81 5.57
C ASN IA 57 14.26 52.19 4.09
N THR IA 58 14.95 53.28 3.77
CA THR IA 58 15.10 53.74 2.40
C THR IA 58 15.32 52.57 1.45
N GLU IA 59 14.49 52.52 0.39
CA GLU IA 59 14.58 51.51 -0.65
C GLU IA 59 16.01 51.17 -1.03
N ALA IA 60 16.90 52.16 -1.06
CA ALA IA 60 18.28 51.91 -1.45
C ALA IA 60 19.07 51.18 -0.36
N ASN IA 61 18.70 51.37 0.90
CA ASN IA 61 19.43 50.77 2.01
C ASN IA 61 18.83 49.45 2.50
N VAL IA 62 17.55 49.19 2.24
CA VAL IA 62 16.87 48.08 2.90
C VAL IA 62 17.54 46.74 2.60
N ASN IA 63 18.17 46.59 1.44
CA ASN IA 63 18.84 45.34 1.10
C ASN IA 63 20.31 45.34 1.53
N SER IA 64 20.62 46.04 2.61
CA SER IA 64 21.99 46.12 3.11
C SER IA 64 21.92 46.49 4.58
N LEU IA 65 23.05 46.31 5.27
CA LEU IA 65 23.13 46.71 6.67
C LEU IA 65 23.03 48.21 6.84
N LYS IA 66 23.05 48.99 5.76
CA LYS IA 66 22.80 50.42 5.85
C LYS IA 66 21.42 50.72 6.41
N ALA IA 67 20.50 49.75 6.34
CA ALA IA 67 19.15 49.97 6.86
C ALA IA 67 19.17 50.22 8.36
N TYR IA 68 20.05 49.53 9.08
CA TYR IA 68 20.10 49.63 10.52
C TYR IA 68 20.89 50.82 11.03
N GLN IA 69 21.58 51.54 10.14
CA GLN IA 69 22.45 52.64 10.55
C GLN IA 69 21.66 53.95 10.49
N ILE IA 70 21.60 54.65 11.61
CA ILE IA 70 21.02 55.99 11.67
C ILE IA 70 22.17 56.98 11.55
N PRO IA 71 22.28 57.73 10.45
CA PRO IA 71 23.42 58.64 10.30
C PRO IA 71 23.26 59.89 11.14
N VAL IA 72 24.37 60.30 11.76
CA VAL IA 72 24.45 61.57 12.48
C VAL IA 72 25.75 62.24 12.06
N GLN IA 73 25.76 63.57 12.10
CA GLN IA 73 26.90 64.31 11.62
C GLN IA 73 27.00 65.64 12.36
N SER IA 74 28.19 66.20 12.36
CA SER IA 74 28.40 67.53 12.93
C SER IA 74 27.79 68.58 11.99
N ASN IA 75 26.78 69.31 12.48
CA ASN IA 75 26.06 70.27 11.66
C ASN IA 75 26.26 71.69 12.17
N SER IA 76 26.01 72.64 11.28
CA SER IA 76 26.12 74.06 11.57
C SER IA 76 24.84 74.65 12.17
N ASP IA 77 23.77 73.87 12.28
CA ASP IA 77 22.50 74.34 12.79
C ASP IA 77 22.18 73.61 14.10
N ASN IA 78 20.95 73.77 14.57
CA ASN IA 78 20.51 73.20 15.83
C ASN IA 78 19.09 72.67 15.69
N GLY IA 79 18.75 71.75 16.58
CA GLY IA 79 17.40 71.19 16.62
C GLY IA 79 17.01 70.49 15.34
N LYS IA 80 17.92 69.73 14.76
CA LYS IA 80 17.70 69.05 13.50
C LYS IA 80 17.30 67.60 13.77
N GLN IA 81 16.09 67.23 13.36
CA GLN IA 81 15.60 65.87 13.55
C GLN IA 81 16.59 64.85 13.01
N VAL IA 82 16.86 63.82 13.81
CA VAL IA 82 17.73 62.72 13.41
C VAL IA 82 16.94 61.60 12.74
N PHE IA 83 15.80 61.26 13.34
CA PHE IA 83 14.92 60.23 12.80
C PHE IA 83 13.56 60.40 13.45
N GLY IA 84 12.56 59.75 12.84
CA GLY IA 84 11.24 59.71 13.42
C GLY IA 84 10.43 58.55 12.87
N PHE IA 85 9.92 57.69 13.75
CA PHE IA 85 9.02 56.64 13.32
C PHE IA 85 7.76 56.64 14.17
N PRO IA 86 6.64 56.18 13.63
CA PRO IA 86 5.44 56.04 14.45
C PRO IA 86 5.55 54.86 15.40
N LEU IA 87 4.71 54.87 16.42
CA LEU IA 87 4.76 53.85 17.47
C LEU IA 87 3.86 52.66 17.11
N GLN IA 88 4.02 52.15 15.90
CA GLN IA 88 3.29 50.96 15.46
C GLN IA 88 4.25 49.78 15.42
N PRO IA 89 4.47 49.08 16.54
CA PRO IA 89 5.45 48.00 16.52
C PRO IA 89 5.12 46.91 15.52
N GLY IA 90 3.85 46.66 15.23
CA GLY IA 90 3.47 45.52 14.42
C GLY IA 90 3.10 45.84 12.99
N ALA IA 91 2.94 47.13 12.68
CA ALA IA 91 2.52 47.58 11.36
C ALA IA 91 3.62 48.31 10.60
N ASN IA 92 4.21 49.33 11.21
CA ASN IA 92 5.23 50.12 10.52
C ASN IA 92 6.44 49.26 10.20
N GLY IA 93 7.09 49.57 9.07
CA GLY IA 93 8.20 48.77 8.59
C GLY IA 93 9.43 48.83 9.46
N VAL IA 94 9.60 49.89 10.25
CA VAL IA 94 10.76 49.99 11.13
C VAL IA 94 10.71 48.90 12.19
N LEU IA 95 9.52 48.57 12.66
CA LEU IA 95 9.34 47.66 13.78
C LEU IA 95 8.61 46.37 13.42
N ASN IA 96 7.81 46.35 12.35
CA ASN IA 96 6.95 45.19 12.11
C ASN IA 96 7.75 43.90 11.95
N ARG IA 97 9.01 43.99 11.56
CA ARG IA 97 9.84 42.82 11.32
C ARG IA 97 10.97 42.66 12.32
N THR IA 98 11.09 43.55 13.30
CA THR IA 98 11.97 43.31 14.44
C THR IA 98 11.59 41.97 15.08
N LEU IA 99 12.35 41.53 16.06
CA LEU IA 99 11.94 40.36 16.84
C LEU IA 99 10.59 40.61 17.50
N LEU IA 100 10.47 41.75 18.18
CA LEU IA 100 9.21 42.14 18.80
C LEU IA 100 8.08 42.17 17.78
N GLY IA 101 8.31 42.80 16.63
CA GLY IA 101 7.26 42.91 15.64
C GLY IA 101 6.90 41.56 15.04
N GLU IA 102 7.90 40.72 14.79
CA GLU IA 102 7.64 39.39 14.25
C GLU IA 102 6.72 38.61 15.16
N ILE IA 103 6.97 38.68 16.48
CA ILE IA 103 6.08 37.99 17.41
C ILE IA 103 4.72 38.67 17.45
N LEU IA 104 4.71 40.01 17.39
CA LEU IA 104 3.44 40.73 17.45
C LEU IA 104 2.53 40.36 16.29
N ASN IA 105 3.11 40.09 15.12
CA ASN IA 105 2.33 39.80 13.94
C ASN IA 105 1.66 38.43 13.98
N TYR IA 106 1.96 37.62 14.99
CA TYR IA 106 1.22 36.40 15.26
C TYR IA 106 0.06 36.61 16.22
N TYR IA 107 -0.14 37.83 16.71
CA TYR IA 107 -1.21 38.15 17.64
C TYR IA 107 -1.95 39.39 17.16
N THR IA 108 -3.17 39.57 17.68
CA THR IA 108 -4.03 40.67 17.28
C THR IA 108 -3.97 41.87 18.20
N HIS IA 109 -3.87 41.66 19.51
CA HIS IA 109 -3.79 42.74 20.47
C HIS IA 109 -2.42 42.78 21.12
N TRP IA 110 -1.98 43.97 21.52
CA TRP IA 110 -0.71 44.12 22.21
C TRP IA 110 -0.83 45.26 23.21
N SER IA 111 -0.04 45.17 24.26
CA SER IA 111 -0.04 46.17 25.32
C SER IA 111 1.29 46.10 26.05
N GLY IA 112 1.83 47.27 26.42
CA GLY IA 112 3.02 47.31 27.22
C GLY IA 112 3.98 48.43 26.84
N SER IA 113 5.08 48.53 27.57
CA SER IA 113 6.10 49.51 27.30
C SER IA 113 7.12 48.93 26.33
N ILE IA 114 7.97 49.81 25.79
CA ILE IA 114 8.95 49.37 24.79
C ILE IA 114 10.30 50.01 25.11
N LYS IA 115 11.36 49.19 25.08
CA LYS IA 115 12.71 49.67 25.30
C LYS IA 115 13.36 49.94 23.93
N LEU IA 116 13.76 51.20 23.72
CA LEU IA 116 14.49 51.64 22.54
C LEU IA 116 15.90 51.97 23.01
N THR IA 117 16.84 51.08 22.75
CA THR IA 117 18.23 51.32 23.10
C THR IA 117 18.97 51.88 21.90
N PHE IA 118 19.65 53.01 22.09
CA PHE IA 118 20.41 53.68 21.04
C PHE IA 118 21.89 53.62 21.39
N MET IA 119 22.69 53.05 20.50
CA MET IA 119 24.12 52.86 20.72
C MET IA 119 24.90 53.67 19.70
N PHE IA 120 25.76 54.55 20.19
CA PHE IA 120 26.57 55.45 19.36
C PHE IA 120 27.83 54.71 18.94
N CYS IA 121 27.97 54.46 17.64
CA CYS IA 121 29.12 53.74 17.11
C CYS IA 121 30.13 54.66 16.45
N GLY IA 122 30.22 55.89 16.92
CA GLY IA 122 31.16 56.85 16.37
C GLY IA 122 32.53 56.71 16.97
N SER IA 123 33.36 57.72 16.71
CA SER IA 123 34.71 57.75 17.24
C SER IA 123 34.68 57.91 18.76
N ALA IA 124 35.73 57.40 19.41
CA ALA IA 124 35.86 57.61 20.84
C ALA IA 124 36.08 59.08 21.17
N MET IA 125 36.48 59.88 20.19
CA MET IA 125 36.72 61.30 20.38
C MET IA 125 35.47 62.16 20.18
N ALA IA 126 34.41 61.58 19.60
CA ALA IA 126 33.20 62.34 19.31
C ALA IA 126 32.39 62.56 20.58
N THR IA 127 31.72 63.70 20.64
CA THR IA 127 30.82 64.04 21.73
C THR IA 127 29.51 64.57 21.14
N GLY IA 128 28.51 64.69 22.00
CA GLY IA 128 27.25 65.24 21.57
C GLY IA 128 26.14 64.92 22.56
N LYS IA 129 24.96 65.43 22.24
CA LYS IA 129 23.79 65.25 23.09
C LYS IA 129 22.57 65.26 22.18
N PHE IA 130 21.69 64.30 22.38
CA PHE IA 130 20.49 64.14 21.58
C PHE IA 130 19.27 64.15 22.49
N LEU IA 131 18.15 64.54 21.92
CA LEU IA 131 16.87 64.52 22.60
C LEU IA 131 16.08 63.37 22.00
N LEU IA 132 15.88 62.31 22.78
CA LEU IA 132 15.05 61.17 22.39
C LEU IA 132 13.68 61.41 22.98
N ALA IA 133 12.67 61.61 22.12
CA ALA IA 133 11.35 62.01 22.58
C ALA IA 133 10.29 61.04 22.10
N TYR IA 134 9.37 60.70 22.99
CA TYR IA 134 8.15 59.98 22.66
C TYR IA 134 6.99 60.95 22.83
N SER IA 135 6.35 61.31 21.72
CA SER IA 135 5.23 62.23 21.73
C SER IA 135 3.95 61.43 21.63
N PRO IA 136 3.10 61.43 22.66
CA PRO IA 136 1.83 60.70 22.59
C PRO IA 136 0.99 61.14 21.40
N PRO IA 137 -0.02 60.34 21.05
CA PRO IA 137 -0.83 60.66 19.87
C PRO IA 137 -1.76 61.84 20.11
N GLY IA 138 -2.39 62.28 19.02
CA GLY IA 138 -3.34 63.37 19.05
C GLY IA 138 -2.81 64.61 18.35
N ALA IA 139 -1.61 65.03 18.71
CA ALA IA 139 -0.87 66.05 17.97
C ALA IA 139 0.08 65.35 17.01
N GLY IA 140 0.15 65.84 15.78
CA GLY IA 140 0.99 65.22 14.78
C GLY IA 140 2.42 65.06 15.25
N VAL IA 141 3.25 64.42 14.43
CA VAL IA 141 4.67 64.26 14.73
C VAL IA 141 5.26 65.63 15.04
N PRO IA 142 6.02 65.80 16.11
CA PRO IA 142 6.65 67.10 16.35
C PRO IA 142 7.50 67.52 15.17
N LYS IA 143 7.25 68.72 14.68
CA LYS IA 143 8.04 69.27 13.58
C LYS IA 143 9.29 69.99 14.08
N ASN IA 144 9.31 70.40 15.34
CA ASN IA 144 10.41 71.14 15.94
C ASN IA 144 10.86 70.45 17.21
N ARG IA 145 12.12 70.65 17.58
CA ARG IA 145 12.62 70.11 18.83
C ARG IA 145 11.82 70.64 20.01
N LYS IA 146 11.42 71.91 19.96
CA LYS IA 146 10.57 72.46 21.01
C LYS IA 146 9.27 71.68 21.11
N ASP IA 147 8.68 71.33 19.96
CA ASP IA 147 7.46 70.53 19.99
C ASP IA 147 7.71 69.15 20.59
N ALA IA 148 8.82 68.52 20.21
CA ALA IA 148 9.11 67.18 20.74
C ALA IA 148 9.35 67.21 22.24
N MET IA 149 9.88 68.32 22.75
CA MET IA 149 10.23 68.44 24.15
C MET IA 149 9.02 68.43 25.06
N LEU IA 150 7.85 68.80 24.56
CA LEU IA 150 6.66 68.88 25.39
C LEU IA 150 6.10 67.51 25.73
N GLY IA 151 6.66 66.44 25.15
CA GLY IA 151 6.32 65.10 25.51
C GLY IA 151 7.42 64.41 26.30
N THR IA 152 7.13 63.17 26.69
CA THR IA 152 8.11 62.33 27.37
C THR IA 152 9.41 62.27 26.56
N HIS IA 153 10.50 62.75 27.15
CA HIS IA 153 11.77 62.81 26.44
C HIS IA 153 12.93 62.57 27.40
N VAL IA 154 14.11 62.35 26.82
CA VAL IA 154 15.33 62.04 27.56
C VAL IA 154 16.51 62.68 26.83
N ILE IA 155 17.40 63.31 27.60
CA ILE IA 155 18.62 63.88 27.05
C ILE IA 155 19.73 62.85 27.16
N TRP IA 156 20.29 62.46 26.02
CA TRP IA 156 21.33 61.43 25.95
C TRP IA 156 22.64 62.10 25.58
N ASP IA 157 23.56 62.17 26.53
CA ASP IA 157 24.91 62.67 26.27
C ASP IA 157 25.76 61.50 25.81
N VAL IA 158 26.17 61.53 24.54
CA VAL IA 158 27.03 60.49 23.98
C VAL IA 158 28.44 60.53 24.53
N GLY IA 159 28.78 61.58 25.28
CA GLY IA 159 30.12 61.67 25.84
C GLY IA 159 30.42 60.61 26.89
N LEU IA 160 29.40 60.19 27.63
CA LEU IA 160 29.55 59.20 28.68
C LEU IA 160 28.74 57.93 28.41
N GLN IA 161 27.46 58.05 28.10
CA GLN IA 161 26.62 56.90 27.80
C GLN IA 161 26.81 56.56 26.32
N SER IA 162 27.74 55.65 26.03
CA SER IA 162 27.84 55.13 24.67
C SER IA 162 26.49 54.55 24.22
N SER IA 163 25.78 53.91 25.14
CA SER IA 163 24.43 53.41 24.88
C SER IA 163 23.47 54.08 25.85
N CYS IA 164 22.25 54.33 25.37
CA CYS IA 164 21.22 54.98 26.18
C CYS IA 164 19.87 54.36 25.90
N VAL IA 165 19.12 54.09 26.96
CA VAL IA 165 17.83 53.42 26.85
C VAL IA 165 16.71 54.43 27.03
N LEU IA 166 15.85 54.54 26.04
CA LEU IA 166 14.59 55.29 26.12
C LEU IA 166 13.47 54.28 26.35
N CYS IA 167 12.78 54.40 27.48
CA CYS IA 167 11.74 53.45 27.84
C CYS IA 167 10.38 54.10 27.58
N VAL IA 168 9.78 53.75 26.44
CA VAL IA 168 8.49 54.30 26.02
C VAL IA 168 7.39 53.71 26.90
N PRO IA 169 6.64 54.53 27.63
CA PRO IA 169 5.59 54.01 28.52
C PRO IA 169 4.33 53.68 27.74
N TRP IA 170 3.44 52.97 28.42
CA TRP IA 170 2.12 52.63 27.88
C TRP IA 170 1.15 53.73 28.29
N ILE IA 171 0.93 54.68 27.41
CA ILE IA 171 -0.04 55.76 27.60
C ILE IA 171 -1.12 55.53 26.55
N SER IA 172 -2.20 54.87 26.94
CA SER IA 172 -3.24 54.47 26.01
C SER IA 172 -4.61 54.63 26.65
N GLN IA 173 -5.61 54.87 25.81
CA GLN IA 173 -6.98 54.93 26.29
C GLN IA 173 -7.48 53.54 26.70
N THR IA 174 -7.05 52.52 25.97
CA THR IA 174 -7.51 51.15 26.15
C THR IA 174 -6.41 50.30 26.77
N HIS IA 175 -6.80 49.12 27.25
CA HIS IA 175 -5.83 48.22 27.86
C HIS IA 175 -4.89 47.62 26.81
N TYR IA 176 -5.36 47.48 25.57
CA TYR IA 176 -4.56 46.91 24.48
C TYR IA 176 -4.65 47.80 23.26
N ARG IA 177 -3.80 47.49 22.28
CA ARG IA 177 -3.82 48.16 20.98
C ARG IA 177 -3.75 47.10 19.89
N TYR IA 178 -4.30 47.44 18.72
CA TYR IA 178 -4.23 46.52 17.59
C TYR IA 178 -2.82 46.48 17.03
N VAL IA 179 -2.31 45.27 16.80
CA VAL IA 179 -1.02 45.13 16.12
C VAL IA 179 -1.08 45.79 14.76
N VAL IA 180 -2.22 45.67 14.08
CA VAL IA 180 -2.42 46.30 12.79
C VAL IA 180 -2.88 47.75 12.98
N GLU IA 181 -2.66 48.57 11.97
CA GLU IA 181 -2.97 49.99 12.07
C GLU IA 181 -4.46 50.22 12.25
N ASP IA 182 -4.79 51.11 13.18
CA ASP IA 182 -6.16 51.56 13.43
C ASP IA 182 -6.06 52.82 14.29
N GLU IA 183 -6.63 53.93 13.82
CA GLU IA 183 -6.47 55.19 14.55
C GLU IA 183 -7.18 55.19 15.89
N TYR IA 184 -8.07 54.22 16.17
CA TYR IA 184 -8.63 54.13 17.51
C TYR IA 184 -7.62 53.59 18.51
N THR IA 185 -6.61 52.87 18.04
CA THR IA 185 -5.51 52.41 18.87
C THR IA 185 -4.22 53.15 18.53
N ALA IA 186 -4.34 54.38 18.03
CA ALA IA 186 -3.19 55.24 17.80
C ALA IA 186 -2.30 55.25 19.03
N ALA IA 187 -0.99 55.43 18.81
CA ALA IA 187 -0.03 55.24 19.88
C ALA IA 187 1.02 56.33 20.04
N GLY IA 188 1.36 57.10 18.99
CA GLY IA 188 2.30 58.18 19.18
C GLY IA 188 3.40 58.16 18.15
N TYR IA 189 4.35 59.06 18.32
CA TYR IA 189 5.48 59.22 17.41
C TYR IA 189 6.76 59.31 18.20
N ILE IA 190 7.81 58.64 17.74
CA ILE IA 190 9.11 58.67 18.39
C ILE IA 190 10.06 59.44 17.50
N THR IA 191 10.63 60.51 18.04
CA THR IA 191 11.51 61.40 17.30
C THR IA 191 12.85 61.52 18.03
N CYS IA 192 13.87 61.89 17.28
CA CYS IA 192 15.18 62.18 17.85
C CYS IA 192 15.71 63.48 17.25
N TRP IA 193 16.33 64.29 18.10
CA TRP IA 193 16.77 65.62 17.71
C TRP IA 193 18.17 65.88 18.24
N TYR IA 194 18.85 66.85 17.64
CA TYR IA 194 20.13 67.31 18.15
C TYR IA 194 19.89 68.23 19.34
N GLN IA 195 20.32 67.81 20.52
CA GLN IA 195 20.29 68.65 21.71
C GLN IA 195 21.50 69.54 21.79
N THR IA 196 22.61 69.10 21.20
CA THR IA 196 23.79 69.93 20.99
C THR IA 196 24.28 69.59 19.57
N ASN IA 197 25.58 69.75 19.31
CA ASN IA 197 26.16 69.38 18.03
C ASN IA 197 27.27 68.37 18.24
N ILE IA 198 27.31 67.35 17.39
CA ILE IA 198 28.40 66.39 17.42
C ILE IA 198 29.71 67.12 17.14
N VAL IA 199 30.50 67.36 18.17
CA VAL IA 199 31.79 68.02 18.03
C VAL IA 199 32.87 66.95 17.98
N VAL IA 200 33.77 67.05 17.00
CA VAL IA 200 34.82 66.07 16.79
C VAL IA 200 36.15 66.82 16.73
N PRO IA 201 37.28 66.20 17.10
CA PRO IA 201 38.56 66.90 16.97
C PRO IA 201 39.12 66.83 15.56
N ALA IA 202 40.34 67.31 15.40
CA ALA IA 202 41.02 67.23 14.11
C ALA IA 202 41.36 65.77 13.79
N ASP IA 203 41.34 65.46 12.50
CA ASP IA 203 41.75 64.15 12.00
C ASP IA 203 40.85 63.03 12.54
N VAL IA 204 39.57 63.33 12.75
CA VAL IA 204 38.59 62.33 13.13
C VAL IA 204 37.32 62.57 12.32
N GLN IA 205 36.65 61.49 11.93
CA GLN IA 205 35.48 61.61 11.06
C GLN IA 205 34.32 62.22 11.83
N SER IA 206 33.65 63.19 11.19
CA SER IA 206 32.55 63.94 11.79
C SER IA 206 31.19 63.29 11.55
N SER IA 207 31.10 62.31 10.65
CA SER IA 207 29.87 61.58 10.38
C SER IA 207 29.97 60.21 11.01
N CYS IA 208 29.02 59.89 11.89
CA CYS IA 208 29.00 58.66 12.66
C CYS IA 208 27.63 58.01 12.52
N ASP IA 209 27.49 56.83 13.12
CA ASP IA 209 26.27 56.05 13.01
C ASP IA 209 25.76 55.70 14.41
N ILE IA 210 24.45 55.46 14.48
CA ILE IA 210 23.79 55.02 15.69
C ILE IA 210 22.94 53.81 15.36
N LEU IA 211 22.89 52.85 16.28
CA LEU IA 211 22.08 51.65 16.11
C LEU IA 211 20.95 51.65 17.12
N CYS IA 212 19.76 51.25 16.67
CA CYS IA 212 18.57 51.22 17.49
C CYS IA 212 18.15 49.77 17.73
N PHE IA 213 17.79 49.46 18.97
CA PHE IA 213 17.34 48.15 19.40
C PHE IA 213 15.97 48.27 20.05
N VAL IA 214 15.07 47.33 19.76
CA VAL IA 214 13.73 47.32 20.30
C VAL IA 214 13.54 46.05 21.13
N SER IA 215 12.98 46.21 22.32
CA SER IA 215 12.54 45.05 23.09
C SER IA 215 11.31 45.44 23.88
N ALA IA 216 10.67 44.44 24.48
CA ALA IA 216 9.50 44.65 25.32
C ALA IA 216 9.91 44.67 26.78
N CYS IA 217 9.12 45.39 27.60
CA CYS IA 217 9.36 45.48 29.03
C CYS IA 217 8.60 44.37 29.77
N ASN IA 218 8.75 44.37 31.09
CA ASN IA 218 8.12 43.36 31.93
C ASN IA 218 6.60 43.41 31.87
N ASP IA 219 6.03 44.51 31.39
CA ASP IA 219 4.58 44.69 31.40
C ASP IA 219 4.04 44.65 29.98
N PHE IA 220 4.44 43.65 29.21
CA PHE IA 220 4.07 43.54 27.81
C PHE IA 220 3.42 42.18 27.57
N SER IA 221 2.29 42.18 26.88
CA SER IA 221 1.54 40.96 26.63
C SER IA 221 0.87 41.04 25.28
N VAL IA 222 0.65 39.87 24.68
CA VAL IA 222 -0.02 39.76 23.40
C VAL IA 222 -1.20 38.81 23.56
N ARG IA 223 -2.13 38.90 22.61
CA ARG IA 223 -3.45 38.31 22.79
C ARG IA 223 -4.04 37.95 21.43
N MET IA 224 -5.03 37.05 21.45
CA MET IA 224 -5.80 36.72 20.25
C MET IA 224 -4.88 36.16 19.17
N LEU IA 225 -4.47 34.92 19.35
CA LEU IA 225 -3.59 34.24 18.43
C LEU IA 225 -4.12 34.30 17.01
N LYS IA 226 -3.22 34.47 16.05
CA LYS IA 226 -3.59 34.52 14.64
C LYS IA 226 -2.37 34.10 13.79
N ASP IA 227 -2.57 34.01 12.48
CA ASP IA 227 -1.50 33.73 11.55
C ASP IA 227 -0.81 35.02 11.15
N THR IA 228 0.48 34.93 10.89
CA THR IA 228 1.21 36.11 10.45
C THR IA 228 1.04 36.29 8.94
N PRO IA 229 0.91 37.53 8.47
CA PRO IA 229 0.81 37.76 7.02
C PRO IA 229 2.13 37.63 6.30
N PHE IA 230 3.24 37.47 7.03
CA PHE IA 230 4.56 37.52 6.43
C PHE IA 230 4.93 36.23 5.69
N ILE IA 231 4.26 35.13 5.98
CA ILE IA 231 4.49 33.87 5.28
C ILE IA 231 3.34 33.63 4.32
N ARG IA 232 3.66 33.27 3.09
CA ARG IA 232 2.68 32.97 2.06
C ARG IA 232 3.12 31.73 1.30
N GLN IA 233 2.16 30.99 0.77
CA GLN IA 233 2.47 29.80 -0.01
C GLN IA 233 1.59 29.72 -1.25
N ASP IA 234 2.16 29.21 -2.33
CA ASP IA 234 1.45 29.02 -3.59
C ASP IA 234 1.21 27.55 -3.89
N THR IA 235 2.22 26.71 -3.76
CA THR IA 235 2.08 25.27 -3.93
C THR IA 235 2.86 24.56 -2.82
N PHE IA 236 2.66 23.25 -2.71
CA PHE IA 236 3.37 22.47 -1.70
C PHE IA 236 4.86 22.42 -2.04
N TYR IA 237 5.68 22.93 -1.13
CA TYR IA 237 7.12 22.94 -1.34
C TYR IA 237 7.66 21.51 -1.47
N GLN IA 238 8.63 21.33 -2.35
CA GLN IA 238 9.24 20.01 -2.57
C GLN IA 238 10.75 20.13 -2.78
N THR JA 28 -11.77 17.54 36.78
CA THR JA 28 -12.30 17.19 35.47
C THR JA 28 -11.23 16.56 34.58
N ASN JA 29 -10.03 16.36 35.14
CA ASN JA 29 -8.91 15.76 34.44
C ASN JA 29 -8.74 14.34 34.95
N ILE JA 30 -9.52 13.42 34.41
CA ILE JA 30 -9.35 11.99 34.67
C ILE JA 30 -9.07 11.36 33.31
N ASN JA 31 -7.78 11.31 32.95
CA ASN JA 31 -7.39 10.80 31.65
C ASN JA 31 -7.89 9.37 31.46
N TYR JA 32 -8.52 9.12 30.31
CA TYR JA 32 -9.12 7.82 30.04
C TYR JA 32 -8.20 6.88 29.26
N TYR JA 33 -7.04 7.36 28.82
CA TYR JA 33 -6.15 6.58 27.97
C TYR JA 33 -4.86 6.23 28.70
N LYS JA 34 -4.31 5.07 28.36
CA LYS JA 34 -3.17 4.52 29.09
C LYS JA 34 -1.85 5.19 28.75
N ASP JA 35 -1.80 6.00 27.70
CA ASP JA 35 -0.57 6.62 27.24
C ASP JA 35 -0.63 8.12 27.50
N ALA JA 36 0.49 8.69 27.93
CA ALA JA 36 0.52 10.11 28.25
C ALA JA 36 0.29 10.98 27.02
N ALA JA 37 0.68 10.50 25.84
CA ALA JA 37 0.50 11.29 24.63
C ALA JA 37 -0.97 11.60 24.37
N SER JA 38 -1.88 10.78 24.88
CA SER JA 38 -3.30 10.97 24.65
C SER JA 38 -3.90 12.11 25.46
N ASN JA 39 -3.12 12.76 26.32
CA ASN JA 39 -3.66 13.75 27.22
C ASN JA 39 -3.89 15.08 26.50
N SER JA 40 -4.70 15.93 27.11
CA SER JA 40 -4.95 17.27 26.60
C SER JA 40 -3.71 18.15 26.81
N ALA JA 41 -3.82 19.41 26.40
CA ALA JA 41 -2.68 20.32 26.42
C ALA JA 41 -2.30 20.69 27.85
N ASN JA 42 -1.07 21.20 27.99
CA ASN JA 42 -0.54 21.60 29.28
C ASN JA 42 -0.99 23.02 29.59
N ARG JA 43 -2.22 23.13 30.09
CA ARG JA 43 -2.77 24.42 30.47
C ARG JA 43 -3.77 24.27 31.60
N HIS KA 42 16.18 2.63 29.36
CA HIS KA 42 15.50 2.04 28.22
C HIS KA 42 14.60 0.87 28.65
N SER KA 43 13.36 0.89 28.17
CA SER KA 43 12.36 -0.11 28.52
C SER KA 43 12.02 -0.95 27.31
N ARG KA 44 11.75 -2.24 27.55
CA ARG KA 44 11.32 -3.18 26.52
C ARG KA 44 9.82 -3.28 26.39
N SER KA 45 9.10 -2.22 26.76
CA SER KA 45 7.65 -2.32 26.92
C SER KA 45 6.98 -2.77 25.63
N GLU KA 46 7.32 -2.12 24.51
CA GLU KA 46 6.60 -2.36 23.27
C GLU KA 46 6.87 -3.75 22.68
N SER KA 47 7.84 -4.49 23.23
CA SER KA 47 8.17 -5.82 22.73
C SER KA 47 7.47 -6.94 23.49
N SER KA 48 6.56 -6.61 24.40
CA SER KA 48 5.76 -7.63 25.06
C SER KA 48 4.88 -8.33 24.04
N ILE KA 49 4.53 -9.59 24.34
CA ILE KA 49 3.68 -10.35 23.42
C ILE KA 49 2.32 -9.69 23.29
N GLU KA 50 1.81 -9.11 24.39
CA GLU KA 50 0.51 -8.43 24.33
C GLU KA 50 0.53 -7.32 23.29
N ASN KA 51 1.55 -6.46 23.33
CA ASN KA 51 1.62 -5.39 22.34
C ASN KA 51 1.94 -5.93 20.95
N PHE KA 52 2.75 -6.98 20.86
CA PHE KA 52 3.13 -7.51 19.56
C PHE KA 52 1.91 -8.02 18.81
N LEU KA 53 1.03 -8.76 19.49
CA LEU KA 53 -0.08 -9.40 18.82
C LEU KA 53 -1.40 -8.62 18.93
N CYS KA 54 -1.52 -7.70 19.90
CA CYS KA 54 -2.78 -7.00 20.14
C CYS KA 54 -2.92 -5.80 19.20
N ARG KA 55 -2.96 -6.11 17.90
CA ARG KA 55 -3.19 -5.12 16.85
C ARG KA 55 -4.05 -5.79 15.80
N ALA KA 56 -5.11 -5.09 15.38
CA ALA KA 56 -6.05 -5.69 14.44
C ALA KA 56 -5.34 -6.14 13.18
N ALA KA 57 -5.82 -7.24 12.61
CA ALA KA 57 -5.20 -7.83 11.43
C ALA KA 57 -6.29 -8.45 10.56
N CYS KA 58 -6.22 -8.20 9.26
CA CYS KA 58 -7.18 -8.77 8.32
C CYS KA 58 -6.87 -10.24 8.10
N VAL KA 59 -7.75 -11.12 8.60
CA VAL KA 59 -7.54 -12.55 8.41
C VAL KA 59 -8.15 -13.05 7.10
N TYR KA 60 -9.19 -12.38 6.61
CA TYR KA 60 -9.91 -12.82 5.42
C TYR KA 60 -10.93 -11.74 5.07
N TYR KA 61 -11.31 -11.71 3.79
CA TYR KA 61 -12.40 -10.84 3.36
C TYR KA 61 -13.10 -11.50 2.17
N ALA KA 62 -14.43 -11.47 2.19
CA ALA KA 62 -15.24 -12.14 1.19
C ALA KA 62 -16.33 -11.21 0.68
N THR KA 63 -16.97 -11.62 -0.41
CA THR KA 63 -17.93 -10.79 -1.11
C THR KA 63 -19.26 -11.52 -1.25
N TYR KA 64 -20.34 -10.73 -1.34
CA TYR KA 64 -21.67 -11.26 -1.61
C TYR KA 64 -22.49 -10.18 -2.29
N THR KA 65 -23.42 -10.61 -3.14
CA THR KA 65 -24.17 -9.70 -4.00
C THR KA 65 -25.66 -9.70 -3.63
N ASN KA 66 -26.32 -8.64 -4.07
CA ASN KA 66 -27.75 -8.42 -3.83
C ASN KA 66 -28.62 -9.27 -4.73
N ASN KA 67 -28.05 -9.91 -5.75
CA ASN KA 67 -28.82 -10.66 -6.72
C ASN KA 67 -28.93 -12.13 -6.33
N SER KA 68 -29.78 -12.85 -7.05
CA SER KA 68 -29.96 -14.27 -6.84
C SER KA 68 -30.40 -14.57 -5.41
N GLU KA 69 -30.57 -15.86 -5.10
CA GLU KA 69 -30.81 -16.30 -3.73
C GLU KA 69 -29.55 -16.87 -3.09
N LYS KA 70 -28.54 -17.19 -3.90
CA LYS KA 70 -27.24 -17.60 -3.39
C LYS KA 70 -26.34 -16.42 -3.07
N GLY KA 71 -26.94 -15.27 -2.73
CA GLY KA 71 -26.17 -14.07 -2.47
C GLY KA 71 -25.61 -13.98 -1.06
N TYR KA 72 -25.39 -15.13 -0.43
CA TYR KA 72 -24.77 -15.21 0.89
C TYR KA 72 -23.35 -15.73 0.77
N ALA KA 73 -22.51 -15.34 1.70
CA ALA KA 73 -21.12 -15.76 1.76
C ALA KA 73 -20.88 -16.62 3.00
N GLU KA 74 -19.82 -17.42 2.95
CA GLU KA 74 -19.47 -18.29 4.07
C GLU KA 74 -17.96 -18.44 4.14
N TRP KA 75 -17.46 -18.68 5.35
CA TRP KA 75 -16.02 -18.83 5.58
C TRP KA 75 -15.78 -19.73 6.77
N VAL KA 76 -15.05 -20.83 6.57
CA VAL KA 76 -14.56 -21.63 7.68
C VAL KA 76 -13.40 -20.90 8.33
N ILE KA 77 -13.49 -20.71 9.65
CA ILE KA 77 -12.59 -19.80 10.35
C ILE KA 77 -11.24 -20.48 10.52
N ASN KA 78 -10.22 -19.95 9.83
CA ASN KA 78 -8.84 -20.29 10.11
C ASN KA 78 -8.00 -19.03 10.11
N THR KA 79 -6.82 -19.12 10.71
CA THR KA 79 -5.88 -18.01 10.79
C THR KA 79 -4.66 -18.22 9.91
N ARG KA 80 -4.74 -19.15 8.96
CA ARG KA 80 -3.60 -19.51 8.11
C ARG KA 80 -3.79 -19.09 6.67
N GLN KA 81 -4.92 -18.48 6.32
CA GLN KA 81 -5.11 -17.95 4.97
C GLN KA 81 -4.32 -16.66 4.75
N VAL KA 82 -4.11 -15.90 5.82
CA VAL KA 82 -3.41 -14.62 5.75
C VAL KA 82 -1.97 -14.85 6.17
N ALA KA 83 -1.05 -14.11 5.54
CA ALA KA 83 0.37 -14.37 5.74
C ALA KA 83 0.91 -13.65 6.98
N GLN KA 84 0.62 -12.35 7.12
CA GLN KA 84 1.24 -11.57 8.18
C GLN KA 84 0.89 -12.11 9.57
N LEU KA 85 -0.40 -12.15 9.89
CA LEU KA 85 -0.83 -12.63 11.20
C LEU KA 85 -0.41 -14.07 11.41
N ARG KA 86 -0.52 -14.90 10.37
CA ARG KA 86 -0.10 -16.29 10.50
C ARG KA 86 1.35 -16.38 10.97
N ARG KA 87 2.25 -15.63 10.31
CA ARG KA 87 3.64 -15.69 10.72
C ARG KA 87 3.81 -15.17 12.15
N LYS KA 88 3.18 -14.04 12.47
CA LYS KA 88 3.31 -13.49 13.81
C LYS KA 88 2.95 -14.53 14.87
N LEU KA 89 1.81 -15.21 14.67
CA LEU KA 89 1.37 -16.19 15.67
C LEU KA 89 2.22 -17.45 15.62
N GLU KA 90 2.65 -17.87 14.43
CA GLU KA 90 3.47 -19.06 14.27
C GLU KA 90 4.88 -18.87 14.77
N LEU KA 91 5.26 -17.66 15.19
CA LEU KA 91 6.47 -17.50 15.98
C LEU KA 91 6.45 -18.34 17.26
N PHE KA 92 5.29 -18.86 17.65
CA PHE KA 92 5.13 -19.66 18.86
C PHE KA 92 4.39 -20.95 18.52
N THR KA 93 4.61 -21.98 19.33
CA THR KA 93 3.96 -23.26 19.10
C THR KA 93 2.58 -23.34 19.73
N TYR KA 94 2.39 -22.69 20.88
CA TYR KA 94 1.11 -22.71 21.59
C TYR KA 94 0.77 -21.30 22.04
N LEU KA 95 -0.48 -20.91 21.84
CA LEU KA 95 -0.98 -19.62 22.29
C LEU KA 95 -2.31 -19.80 23.02
N ARG KA 96 -2.69 -18.76 23.75
CA ARG KA 96 -3.94 -18.76 24.50
C ARG KA 96 -4.36 -17.32 24.72
N PHE KA 97 -5.54 -16.95 24.24
CA PHE KA 97 -5.94 -15.54 24.23
C PHE KA 97 -7.41 -15.42 23.86
N ASP KA 98 -7.98 -14.27 24.21
CA ASP KA 98 -9.29 -13.86 23.73
C ASP KA 98 -9.14 -13.13 22.40
N LEU KA 99 -10.27 -12.87 21.74
CA LEU KA 99 -10.25 -12.24 20.43
C LEU KA 99 -11.17 -11.03 20.40
N GLU KA 100 -10.74 -9.99 19.70
CA GLU KA 100 -11.56 -8.85 19.33
C GLU KA 100 -11.82 -8.94 17.83
N LEU KA 101 -13.09 -9.09 17.45
CA LEU KA 101 -13.51 -9.20 16.07
C LEU KA 101 -14.04 -7.86 15.62
N THR KA 102 -13.42 -7.28 14.59
CA THR KA 102 -13.91 -6.05 13.99
C THR KA 102 -14.20 -6.31 12.53
N PHE KA 103 -15.37 -5.88 12.06
CA PHE KA 103 -15.78 -6.12 10.69
C PHE KA 103 -15.83 -4.81 9.92
N VAL KA 104 -15.20 -4.78 8.75
CA VAL KA 104 -15.24 -3.62 7.85
C VAL KA 104 -16.01 -4.04 6.61
N ILE KA 105 -17.25 -3.59 6.48
CA ILE KA 105 -18.14 -3.97 5.39
C ILE KA 105 -18.30 -2.76 4.48
N THR KA 106 -17.89 -2.91 3.22
CA THR KA 106 -17.98 -1.83 2.24
C THR KA 106 -18.68 -2.34 1.00
N SER KA 107 -19.66 -1.57 0.51
CA SER KA 107 -20.49 -2.00 -0.59
C SER KA 107 -20.26 -1.11 -1.81
N ALA KA 108 -20.79 -1.57 -2.93
CA ALA KA 108 -20.58 -0.91 -4.22
C ALA KA 108 -21.79 -1.16 -5.10
N GLN KA 109 -22.25 -0.10 -5.76
CA GLN KA 109 -23.35 -0.21 -6.71
C GLN KA 109 -22.84 -0.87 -7.99
N GLN KA 110 -23.27 -2.09 -8.26
CA GLN KA 110 -22.82 -2.80 -9.45
C GLN KA 110 -23.69 -2.39 -10.64
N PRO KA 111 -23.19 -2.62 -11.86
CA PRO KA 111 -23.89 -2.06 -13.02
C PRO KA 111 -25.30 -2.62 -13.18
N SER KA 112 -26.19 -1.76 -13.67
CA SER KA 112 -27.58 -2.09 -13.91
C SER KA 112 -28.05 -1.33 -15.14
N THR KA 113 -29.16 -1.79 -15.71
CA THR KA 113 -29.70 -1.20 -16.94
C THR KA 113 -30.98 -0.43 -16.71
N ALA KA 114 -31.42 -0.29 -15.46
CA ALA KA 114 -32.65 0.43 -15.15
C ALA KA 114 -32.36 1.93 -14.98
N THR KA 115 -33.44 2.71 -14.96
CA THR KA 115 -33.34 4.16 -14.83
C THR KA 115 -33.47 4.56 -13.36
N SER KA 116 -32.56 5.44 -12.91
CA SER KA 116 -32.56 5.97 -11.56
C SER KA 116 -32.62 4.88 -10.49
N VAL KA 117 -31.45 4.45 -10.02
CA VAL KA 117 -31.33 3.40 -9.02
C VAL KA 117 -31.11 4.10 -7.68
N ASP KA 118 -32.19 4.45 -7.00
CA ASP KA 118 -32.10 5.12 -5.70
C ASP KA 118 -32.11 4.05 -4.62
N ALA KA 119 -30.91 3.56 -4.27
CA ALA KA 119 -30.79 2.47 -3.31
C ALA KA 119 -30.88 3.02 -1.88
N PRO KA 120 -31.75 2.48 -1.03
CA PRO KA 120 -31.76 2.89 0.38
C PRO KA 120 -30.59 2.29 1.13
N VAL KA 121 -30.42 2.73 2.38
CA VAL KA 121 -29.33 2.23 3.21
C VAL KA 121 -29.44 0.73 3.33
N GLN KA 122 -28.31 0.04 3.26
CA GLN KA 122 -28.27 -1.42 3.28
C GLN KA 122 -27.77 -1.92 4.62
N THR KA 123 -28.46 -2.92 5.16
CA THR KA 123 -28.11 -3.58 6.40
C THR KA 123 -27.63 -5.00 6.11
N HIS KA 124 -26.70 -5.48 6.93
CA HIS KA 124 -26.11 -6.80 6.76
C HIS KA 124 -26.25 -7.61 8.03
N GLN KA 125 -26.27 -8.93 7.86
CA GLN KA 125 -26.30 -9.89 8.96
C GLN KA 125 -25.09 -10.81 8.85
N ILE KA 126 -24.37 -10.94 9.96
CA ILE KA 126 -23.24 -11.85 10.10
C ILE KA 126 -23.65 -12.91 11.11
N MET KA 127 -23.76 -14.16 10.66
CA MET KA 127 -24.16 -15.27 11.52
C MET KA 127 -22.96 -16.16 11.78
N TYR KA 128 -22.84 -16.66 13.02
CA TYR KA 128 -21.81 -17.63 13.36
C TYR KA 128 -22.47 -18.98 13.59
N VAL KA 129 -22.12 -19.97 12.78
CA VAL KA 129 -22.62 -21.33 12.97
C VAL KA 129 -21.48 -22.17 13.55
N PRO KA 130 -21.49 -22.43 14.86
CA PRO KA 130 -20.49 -23.32 15.44
C PRO KA 130 -20.56 -24.69 14.81
N PRO KA 131 -19.48 -25.47 14.87
CA PRO KA 131 -19.49 -26.78 14.22
C PRO KA 131 -20.66 -27.65 14.66
N GLY KA 132 -21.45 -28.10 13.69
CA GLY KA 132 -22.60 -28.94 13.94
C GLY KA 132 -23.94 -28.24 13.76
N GLY KA 133 -23.96 -26.91 13.74
CA GLY KA 133 -25.21 -26.19 13.64
C GLY KA 133 -25.77 -26.24 12.23
N PRO KA 134 -27.02 -25.79 12.09
CA PRO KA 134 -27.61 -25.69 10.76
C PRO KA 134 -26.82 -24.75 9.89
N VAL KA 135 -26.86 -25.00 8.58
CA VAL KA 135 -26.05 -24.28 7.61
C VAL KA 135 -26.99 -23.52 6.68
N PRO KA 136 -26.86 -22.20 6.55
CA PRO KA 136 -27.66 -21.49 5.54
C PRO KA 136 -27.41 -22.06 4.15
N THR KA 137 -28.49 -22.45 3.48
CA THR KA 137 -28.42 -22.93 2.10
C THR KA 137 -28.92 -21.89 1.10
N LYS KA 138 -29.48 -20.78 1.57
CA LYS KA 138 -29.98 -19.72 0.71
C LYS KA 138 -30.01 -18.43 1.52
N VAL KA 139 -30.16 -17.31 0.82
CA VAL KA 139 -30.23 -16.03 1.52
C VAL KA 139 -31.51 -15.92 2.34
N THR KA 140 -32.53 -16.74 2.04
CA THR KA 140 -33.78 -16.71 2.80
C THR KA 140 -34.01 -18.02 3.53
N ASP KA 141 -32.98 -18.53 4.21
CA ASP KA 141 -33.08 -19.77 4.96
C ASP KA 141 -33.61 -19.51 6.36
N TYR KA 142 -34.17 -20.56 6.97
CA TYR KA 142 -34.61 -20.44 8.36
C TYR KA 142 -33.42 -20.31 9.32
N ALA KA 143 -32.25 -20.83 8.92
CA ALA KA 143 -31.07 -20.71 9.76
C ALA KA 143 -30.79 -19.27 10.15
N TRP KA 144 -31.15 -18.32 9.28
CA TRP KA 144 -30.95 -16.91 9.54
C TRP KA 144 -31.82 -16.40 10.69
N GLN KA 145 -32.69 -17.24 11.24
CA GLN KA 145 -33.43 -16.86 12.42
C GLN KA 145 -32.50 -16.68 13.63
N THR KA 146 -31.37 -17.38 13.64
CA THR KA 146 -30.38 -17.32 14.71
C THR KA 146 -31.02 -17.19 16.09
N SER KA 147 -31.91 -18.13 16.40
CA SER KA 147 -32.46 -18.16 17.76
C SER KA 147 -31.34 -18.33 18.78
N THR KA 148 -30.37 -19.17 18.48
CA THR KA 148 -29.24 -19.45 19.36
C THR KA 148 -27.91 -19.00 18.78
N ASN KA 149 -27.68 -19.22 17.49
CA ASN KA 149 -26.41 -18.83 16.89
C ASN KA 149 -26.22 -17.32 17.05
N PRO KA 150 -25.09 -16.87 17.59
CA PRO KA 150 -24.87 -15.41 17.67
C PRO KA 150 -24.70 -14.80 16.30
N SER KA 151 -25.22 -13.59 16.14
CA SER KA 151 -25.13 -12.90 14.86
C SER KA 151 -25.27 -11.40 15.11
N VAL KA 152 -24.67 -10.62 14.21
CA VAL KA 152 -24.66 -9.17 14.27
C VAL KA 152 -25.49 -8.62 13.13
N PHE KA 153 -26.30 -7.61 13.42
CA PHE KA 153 -27.03 -6.86 12.42
C PHE KA 153 -26.47 -5.45 12.40
N TRP KA 154 -25.93 -5.02 11.25
CA TRP KA 154 -25.26 -3.73 11.17
C TRP KA 154 -25.65 -3.01 9.89
N THR KA 155 -26.02 -1.73 10.01
CA THR KA 155 -26.44 -0.91 8.89
C THR KA 155 -25.26 -0.08 8.40
N GLU KA 156 -25.16 0.09 7.08
CA GLU KA 156 -24.00 0.78 6.52
C GLU KA 156 -23.95 2.23 6.99
N GLY KA 157 -22.73 2.76 7.08
CA GLY KA 157 -22.51 4.15 7.40
C GLY KA 157 -22.22 4.43 8.86
N ASN KA 158 -22.15 3.42 9.71
CA ASN KA 158 -21.88 3.59 11.14
C ASN KA 158 -20.51 2.99 11.47
N ALA KA 159 -20.15 3.09 12.75
CA ALA KA 159 -18.86 2.58 13.18
C ALA KA 159 -18.80 1.07 12.95
N PRO KA 160 -17.66 0.54 12.49
CA PRO KA 160 -17.58 -0.89 12.21
C PRO KA 160 -18.01 -1.72 13.40
N PRO KA 161 -18.80 -2.77 13.19
CA PRO KA 161 -19.23 -3.59 14.32
C PRO KA 161 -18.06 -4.36 14.91
N ARG KA 162 -18.11 -4.51 16.22
CA ARG KA 162 -17.04 -5.15 16.99
C ARG KA 162 -17.66 -6.03 18.06
N MET KA 163 -17.03 -7.18 18.28
CA MET KA 163 -17.51 -8.16 19.25
C MET KA 163 -16.31 -8.97 19.74
N SER KA 164 -16.22 -9.18 21.05
CA SER KA 164 -15.15 -10.00 21.60
C SER KA 164 -15.63 -11.43 21.84
N ILE KA 165 -14.68 -12.35 21.79
CA ILE KA 165 -14.98 -13.77 22.01
C ILE KA 165 -13.94 -14.39 22.93
N PRO KA 166 -14.35 -15.21 23.91
CA PRO KA 166 -13.37 -15.78 24.85
C PRO KA 166 -12.43 -16.80 24.23
N PHE KA 167 -11.67 -17.48 25.08
CA PHE KA 167 -10.81 -18.60 24.67
C PHE KA 167 -11.70 -19.82 24.44
N ILE KA 168 -12.00 -20.10 23.17
CA ILE KA 168 -13.03 -21.10 22.86
C ILE KA 168 -12.42 -22.42 22.43
N SER KA 169 -11.25 -22.75 22.97
CA SER KA 169 -10.60 -23.99 22.59
C SER KA 169 -11.01 -25.12 23.52
N ILE KA 170 -10.87 -26.34 23.03
CA ILE KA 170 -11.12 -27.51 23.85
C ILE KA 170 -9.88 -27.87 24.67
N GLY KA 171 -8.70 -27.65 24.13
CA GLY KA 171 -7.48 -27.88 24.87
C GLY KA 171 -7.15 -26.72 25.78
N ASN KA 172 -6.08 -26.89 26.54
CA ASN KA 172 -5.64 -25.84 27.46
C ASN KA 172 -4.83 -24.75 26.75
N ALA KA 173 -4.77 -24.78 25.43
CA ALA KA 173 -4.11 -23.72 24.67
C ALA KA 173 -4.36 -23.95 23.19
N TYR KA 174 -4.47 -22.85 22.44
CA TYR KA 174 -4.50 -22.94 20.99
C TYR KA 174 -3.20 -23.55 20.50
N SER KA 175 -3.28 -24.37 19.46
CA SER KA 175 -2.13 -25.04 18.88
C SER KA 175 -1.83 -24.46 17.51
N CYS KA 176 -0.58 -24.03 17.30
CA CYS KA 176 -0.14 -23.51 16.02
C CYS KA 176 0.37 -24.59 15.09
N PHE KA 177 0.90 -25.69 15.64
CA PHE KA 177 1.46 -26.76 14.85
C PHE KA 177 1.01 -28.09 15.42
N TYR KA 178 1.04 -29.12 14.57
CA TYR KA 178 0.58 -30.45 14.97
C TYR KA 178 1.37 -31.48 14.17
N ASP KA 179 2.32 -32.14 14.82
CA ASP KA 179 3.11 -33.20 14.19
C ASP KA 179 2.42 -34.55 14.40
N GLY KA 180 1.23 -34.66 13.83
CA GLY KA 180 0.44 -35.87 13.97
C GLY KA 180 -0.63 -35.96 12.93
N TRP KA 181 -1.49 -36.97 13.09
CA TRP KA 181 -2.57 -37.26 12.15
C TRP KA 181 -3.90 -37.18 12.86
N THR KA 182 -4.97 -37.21 12.06
CA THR KA 182 -6.33 -37.17 12.60
C THR KA 182 -6.88 -38.55 12.89
N GLN KA 183 -6.44 -39.55 12.14
CA GLN KA 183 -6.88 -40.93 12.35
C GLN KA 183 -5.85 -41.67 13.18
N PHE KA 184 -6.33 -42.55 14.05
CA PHE KA 184 -5.43 -43.34 14.88
C PHE KA 184 -4.62 -44.35 14.09
N SER KA 185 -4.96 -44.55 12.81
CA SER KA 185 -4.17 -45.39 11.92
C SER KA 185 -2.98 -44.67 11.31
N ARG KA 186 -2.60 -43.52 11.84
CA ARG KA 186 -1.52 -42.71 11.28
C ARG KA 186 -1.78 -42.38 9.81
N ASN KA 187 -3.04 -42.14 9.47
CA ASN KA 187 -3.44 -41.86 8.10
C ASN KA 187 -4.55 -40.83 8.11
N GLY KA 188 -5.10 -40.55 6.93
CA GLY KA 188 -6.12 -39.54 6.79
C GLY KA 188 -5.53 -38.16 6.55
N VAL KA 189 -5.53 -37.34 7.58
CA VAL KA 189 -5.06 -35.96 7.49
C VAL KA 189 -3.82 -35.81 8.35
N TYR KA 190 -2.85 -35.03 7.86
CA TYR KA 190 -1.62 -34.74 8.60
C TYR KA 190 -1.44 -33.24 8.72
N GLY KA 191 -1.63 -32.71 9.92
CA GLY KA 191 -1.23 -31.34 10.18
C GLY KA 191 -2.25 -30.63 11.05
N ILE KA 192 -2.17 -29.29 11.02
CA ILE KA 192 -3.00 -28.44 11.88
C ILE KA 192 -4.46 -28.45 11.47
N ASN KA 193 -4.77 -28.91 10.26
CA ASN KA 193 -6.15 -28.99 9.79
C ASN KA 193 -6.88 -30.19 10.36
N THR KA 194 -6.24 -30.96 11.25
CA THR KA 194 -6.91 -31.97 12.05
C THR KA 194 -7.44 -31.40 13.35
N LEU KA 195 -6.91 -30.25 13.76
CA LEU KA 195 -7.35 -29.53 14.95
C LEU KA 195 -8.29 -28.41 14.62
N ASN KA 196 -7.96 -27.60 13.60
CA ASN KA 196 -8.81 -26.46 13.26
C ASN KA 196 -10.25 -26.88 13.08
N ASN KA 197 -11.10 -26.57 14.06
CA ASN KA 197 -12.54 -26.83 13.98
C ASN KA 197 -13.21 -25.76 14.83
N MET KA 198 -13.41 -24.58 14.23
CA MET KA 198 -13.92 -23.42 14.93
C MET KA 198 -15.23 -22.92 14.36
N GLY KA 199 -15.84 -23.67 13.44
CA GLY KA 199 -17.14 -23.32 12.90
C GLY KA 199 -17.05 -22.39 11.70
N THR KA 200 -18.23 -22.14 11.13
CA THR KA 200 -18.32 -21.33 9.92
C THR KA 200 -18.99 -19.99 10.21
N LEU KA 201 -18.76 -19.04 9.30
CA LEU KA 201 -19.22 -17.67 9.45
C LEU KA 201 -19.90 -17.26 8.15
N TYR KA 202 -21.19 -16.92 8.23
CA TYR KA 202 -22.00 -16.60 7.07
C TYR KA 202 -22.38 -15.13 7.07
N MET KA 203 -22.63 -14.61 5.85
CA MET KA 203 -22.86 -13.20 5.63
C MET KA 203 -24.00 -13.02 4.62
N ARG KA 204 -24.88 -12.06 4.88
CA ARG KA 204 -25.96 -11.79 3.93
C ARG KA 204 -26.42 -10.34 4.02
N HIS KA 205 -27.09 -9.90 2.94
CA HIS KA 205 -27.82 -8.64 2.93
C HIS KA 205 -29.21 -8.85 3.52
N VAL KA 206 -29.62 -7.97 4.43
CA VAL KA 206 -30.95 -8.08 5.02
C VAL KA 206 -32.00 -7.43 4.11
N ASN KA 207 -31.61 -6.43 3.32
CA ASN KA 207 -32.57 -5.71 2.50
C ASN KA 207 -33.16 -6.63 1.44
N GLU KA 208 -34.34 -6.25 0.94
CA GLU KA 208 -35.07 -7.10 0.01
C GLU KA 208 -34.41 -7.16 -1.37
N ALA KA 209 -33.50 -6.23 -1.68
CA ALA KA 209 -32.91 -6.10 -3.00
C ALA KA 209 -33.74 -5.13 -3.83
N GLY KA 210 -33.11 -4.43 -4.77
CA GLY KA 210 -33.82 -3.44 -5.56
C GLY KA 210 -33.55 -3.52 -7.05
N GLN KA 211 -33.79 -2.40 -7.75
CA GLN KA 211 -33.64 -2.36 -9.19
C GLN KA 211 -32.19 -2.44 -9.63
N GLY KA 212 -31.24 -2.15 -8.73
CA GLY KA 212 -29.85 -2.15 -9.08
C GLY KA 212 -29.05 -3.08 -8.19
N PRO KA 213 -28.12 -3.83 -8.78
CA PRO KA 213 -27.37 -4.80 -8.00
C PRO KA 213 -26.36 -4.10 -7.11
N ILE KA 214 -26.03 -4.75 -6.00
CA ILE KA 214 -25.11 -4.19 -5.01
C ILE KA 214 -24.19 -5.31 -4.54
N LYS KA 215 -22.89 -5.13 -4.72
CA LYS KA 215 -21.90 -6.11 -4.28
C LYS KA 215 -21.18 -5.55 -3.06
N SER KA 216 -21.10 -6.34 -2.00
CA SER KA 216 -20.49 -5.91 -0.75
C SER KA 216 -19.35 -6.84 -0.37
N THR KA 217 -18.38 -6.27 0.35
CA THR KA 217 -17.15 -6.93 0.73
C THR KA 217 -16.98 -6.76 2.24
N VAL KA 218 -17.00 -7.86 2.96
CA VAL KA 218 -16.77 -7.87 4.40
C VAL KA 218 -15.34 -8.29 4.67
N ARG KA 219 -14.65 -7.54 5.53
CA ARG KA 219 -13.29 -7.81 5.94
C ARG KA 219 -13.28 -8.11 7.43
N ILE KA 220 -12.85 -9.33 7.80
CA ILE KA 220 -12.76 -9.77 9.19
C ILE KA 220 -11.41 -9.35 9.75
N TYR KA 221 -11.41 -8.85 10.98
CA TYR KA 221 -10.19 -8.40 11.63
C TYR KA 221 -10.10 -9.01 13.02
N PHE KA 222 -9.00 -9.74 13.26
CA PHE KA 222 -8.71 -10.39 14.53
C PHE KA 222 -7.74 -9.54 15.33
N LYS KA 223 -8.01 -9.41 16.63
CA LYS KA 223 -7.09 -8.72 17.55
C LYS KA 223 -6.96 -9.57 18.81
N PRO KA 224 -5.87 -10.32 18.96
CA PRO KA 224 -5.68 -11.11 20.19
C PRO KA 224 -5.54 -10.21 21.41
N LYS KA 225 -6.40 -10.46 22.40
CA LYS KA 225 -6.34 -9.81 23.69
C LYS KA 225 -5.94 -10.82 24.77
N HIS KA 226 -5.31 -10.32 25.83
CA HIS KA 226 -4.94 -11.14 26.99
C HIS KA 226 -4.15 -12.38 26.55
N VAL KA 227 -2.98 -12.13 26.02
CA VAL KA 227 -2.23 -13.14 25.29
C VAL KA 227 -1.32 -13.92 26.23
N LYS KA 228 -1.22 -15.22 25.96
CA LYS KA 228 -0.22 -16.09 26.60
C LYS KA 228 0.33 -17.01 25.51
N ALA KA 229 1.65 -17.02 25.34
CA ALA KA 229 2.30 -17.81 24.31
C ALA KA 229 3.38 -18.68 24.94
N TRP KA 230 3.63 -19.83 24.31
CA TRP KA 230 4.58 -20.81 24.80
C TRP KA 230 5.44 -21.34 23.65
N VAL KA 231 6.62 -21.83 24.00
CA VAL KA 231 7.49 -22.56 23.09
C VAL KA 231 7.72 -21.75 21.82
N PRO KA 232 8.64 -20.79 21.84
CA PRO KA 232 8.95 -20.05 20.61
C PRO KA 232 9.70 -20.93 19.63
N ARG KA 233 9.55 -20.59 18.35
CA ARG KA 233 10.12 -21.36 17.26
C ARG KA 233 10.63 -20.41 16.20
N PRO KA 234 11.48 -20.90 15.29
CA PRO KA 234 12.09 -20.01 14.29
C PRO KA 234 11.03 -19.35 13.43
N PRO KA 235 11.23 -18.09 13.06
CA PRO KA 235 10.26 -17.43 12.20
C PRO KA 235 10.14 -18.14 10.86
N ARG KA 236 9.00 -17.95 10.21
CA ARG KA 236 8.79 -18.47 8.86
C ARG KA 236 9.76 -17.82 7.89
N LEU KA 237 10.48 -18.65 7.13
CA LEU KA 237 11.42 -18.18 6.13
C LEU KA 237 10.86 -18.30 4.72
N CYS KA 238 10.50 -19.52 4.31
CA CYS KA 238 9.94 -19.73 3.00
C CYS KA 238 8.47 -19.33 2.97
N GLN KA 239 8.05 -18.75 1.86
CA GLN KA 239 6.71 -18.19 1.77
C GLN KA 239 5.65 -19.29 1.89
N TYR KA 240 4.53 -18.94 2.50
CA TYR KA 240 3.45 -19.88 2.70
C TYR KA 240 2.89 -20.35 1.37
N GLU KA 241 2.42 -21.59 1.35
CA GLU KA 241 1.84 -22.18 0.15
C GLU KA 241 0.40 -22.64 0.33
N LYS KA 242 0.06 -23.23 1.47
CA LYS KA 242 -1.28 -23.73 1.71
C LYS KA 242 -1.71 -23.37 3.13
N GLN KA 243 -3.03 -23.23 3.32
CA GLN KA 243 -3.59 -22.88 4.61
C GLN KA 243 -3.63 -24.05 5.57
N LYS KA 244 -3.64 -25.28 5.06
CA LYS KA 244 -3.90 -26.46 5.87
C LYS KA 244 -2.66 -27.28 6.17
N ASN KA 245 -1.47 -26.77 5.84
CA ASN KA 245 -0.25 -27.51 6.11
C ASN KA 245 0.96 -26.58 5.99
N VAL KA 246 2.10 -27.08 6.47
CA VAL KA 246 3.34 -26.32 6.49
C VAL KA 246 4.04 -26.27 5.14
N ASN KA 247 3.58 -27.07 4.18
CA ASN KA 247 4.31 -27.27 2.93
C ASN KA 247 4.96 -25.98 2.45
N PHE KA 248 6.23 -26.10 2.06
CA PHE KA 248 7.03 -24.96 1.65
C PHE KA 248 7.86 -25.34 0.44
N THR KA 249 8.31 -24.32 -0.28
CA THR KA 249 9.25 -24.48 -1.38
C THR KA 249 10.61 -24.00 -0.93
N PRO KA 250 11.65 -24.83 -0.97
CA PRO KA 250 12.92 -24.45 -0.33
C PRO KA 250 13.45 -23.11 -0.79
N THR KA 251 13.99 -22.35 0.17
CA THR KA 251 14.59 -21.05 -0.08
C THR KA 251 15.94 -20.99 0.62
N GLY KA 252 16.76 -20.03 0.21
CA GLY KA 252 18.06 -19.83 0.82
C GLY KA 252 17.94 -19.23 2.21
N VAL KA 253 19.07 -19.27 2.93
CA VAL KA 253 19.07 -18.83 4.33
C VAL KA 253 18.92 -17.31 4.41
N THR KA 254 19.66 -16.57 3.59
CA THR KA 254 19.66 -15.12 3.67
C THR KA 254 19.88 -14.50 2.30
N THR KA 255 19.86 -13.17 2.26
CA THR KA 255 20.34 -12.43 1.11
C THR KA 255 21.85 -12.59 1.00
N THR KA 256 22.37 -12.39 -0.21
CA THR KA 256 23.75 -12.73 -0.51
C THR KA 256 24.59 -11.47 -0.70
N ARG KA 257 25.88 -11.60 -0.41
CA ARG KA 257 26.91 -10.65 -0.79
C ARG KA 257 27.99 -11.42 -1.56
N VAL KA 258 29.03 -10.71 -1.98
CA VAL KA 258 30.06 -11.31 -2.82
C VAL KA 258 30.96 -12.20 -1.99
N GLY KA 259 31.75 -11.58 -1.11
CA GLY KA 259 32.70 -12.30 -0.28
C GLY KA 259 32.43 -12.06 1.20
N ILE KA 260 33.07 -12.89 2.03
CA ILE KA 260 32.87 -12.79 3.47
C ILE KA 260 33.33 -11.43 4.00
N THR KA 261 34.18 -10.72 3.25
CA THR KA 261 34.65 -9.40 3.65
C THR KA 261 33.80 -8.27 3.10
N THR KA 262 32.87 -8.54 2.18
CA THR KA 262 32.17 -7.47 1.47
C THR KA 262 31.38 -6.58 2.42
N THR KA 263 31.71 -5.30 2.43
CA THR KA 263 30.99 -4.31 3.23
C THR KA 263 30.30 -3.28 2.35
N ARG LA 14 29.67 -38.54 37.74
CA ARG LA 14 29.67 -38.45 36.28
C ARG LA 14 28.92 -39.63 35.66
N SER LA 15 27.79 -39.98 36.27
CA SER LA 15 26.94 -41.05 35.75
C SER LA 15 25.54 -40.83 36.27
N ILE LA 16 24.55 -40.96 35.38
CA ILE LA 16 23.14 -40.82 35.72
C ILE LA 16 22.44 -42.11 35.35
N THR LA 17 21.51 -42.55 36.19
CA THR LA 17 21.09 -43.96 36.21
C THR LA 17 19.59 -44.07 36.32
N LEU LA 18 18.94 -44.44 35.21
CA LEU LA 18 17.52 -44.76 35.21
C LEU LA 18 17.33 -46.28 35.15
N GLY LA 19 16.60 -46.82 36.11
CA GLY LA 19 16.26 -48.23 36.09
C GLY LA 19 17.49 -49.11 36.02
N ASN LA 20 17.49 -50.02 35.06
CA ASN LA 20 18.58 -50.97 34.87
C ASN LA 20 19.71 -50.40 34.02
N SER LA 21 19.76 -49.08 33.84
CA SER LA 21 20.67 -48.46 32.89
C SER LA 21 21.45 -47.33 33.54
N THR LA 22 22.67 -47.13 33.06
CA THR LA 22 23.59 -46.15 33.63
C THR LA 22 24.46 -45.60 32.52
N ILE LA 23 24.32 -44.30 32.25
CA ILE LA 23 25.09 -43.63 31.21
C ILE LA 23 26.20 -42.83 31.87
N THR LA 24 27.45 -43.15 31.53
CA THR LA 24 28.58 -42.34 31.96
C THR LA 24 28.71 -41.14 31.03
N THR LA 25 28.99 -39.97 31.60
CA THR LA 25 29.04 -38.76 30.79
C THR LA 25 29.85 -37.67 31.46
N GLN LA 26 31.01 -37.38 30.89
CA GLN LA 26 31.74 -36.14 31.14
C GLN LA 26 32.14 -35.95 32.60
N GLU LA 27 32.70 -34.77 32.89
CA GLU LA 27 33.13 -34.39 34.23
C GLU LA 27 32.47 -33.05 34.54
N CYS LA 28 31.35 -33.10 35.26
CA CYS LA 28 30.59 -31.90 35.60
C CYS LA 28 30.09 -31.17 34.35
N ALA LA 29 29.93 -31.90 33.24
CA ALA LA 29 29.46 -31.27 32.02
C ALA LA 29 28.01 -30.84 32.18
N ASN LA 30 27.57 -30.01 31.23
CA ASN LA 30 26.26 -29.37 31.30
C ASN LA 30 25.21 -30.26 30.64
N VAL LA 31 24.17 -30.61 31.39
CA VAL LA 31 22.96 -31.22 30.85
C VAL LA 31 21.94 -30.11 30.64
N VAL LA 32 21.36 -30.06 29.45
CA VAL LA 32 20.41 -29.01 29.11
C VAL LA 32 19.03 -29.47 29.54
N VAL LA 33 18.44 -28.78 30.52
CA VAL LA 33 17.15 -29.18 31.08
C VAL LA 33 16.07 -28.38 30.36
N GLY LA 34 15.65 -28.90 29.21
CA GLY LA 34 14.53 -28.37 28.46
C GLY LA 34 14.33 -26.87 28.53
N TYR LA 35 13.11 -26.45 28.82
CA TYR LA 35 12.77 -25.03 29.00
C TYR LA 35 12.86 -24.63 30.46
N GLY LA 36 13.87 -25.13 31.16
CA GLY LA 36 13.99 -24.93 32.58
C GLY LA 36 13.06 -25.77 33.41
N VAL LA 37 12.39 -26.76 32.81
CA VAL LA 37 11.41 -27.58 33.49
C VAL LA 37 11.92 -29.01 33.52
N TRP LA 38 11.91 -29.61 34.71
CA TRP LA 38 12.22 -31.03 34.85
C TRP LA 38 10.94 -31.85 34.72
N PRO LA 39 10.95 -32.94 33.96
CA PRO LA 39 9.72 -33.72 33.78
C PRO LA 39 9.13 -34.15 35.11
N GLU LA 40 7.81 -34.02 35.22
CA GLU LA 40 7.09 -34.38 36.44
C GLU LA 40 5.79 -35.08 36.06
N TYR LA 41 5.20 -35.75 37.05
CA TYR LA 41 3.94 -36.44 36.83
C TYR LA 41 2.78 -35.46 36.80
N LEU LA 42 1.68 -35.87 36.19
CA LEU LA 42 0.53 -35.01 36.04
C LEU LA 42 -0.14 -34.79 37.40
N LYS LA 43 -0.46 -33.54 37.70
CA LYS LA 43 -1.11 -33.21 38.95
C LYS LA 43 -2.62 -33.40 38.83
N ASP LA 44 -3.27 -33.56 39.99
CA ASP LA 44 -4.71 -33.81 40.02
C ASP LA 44 -5.52 -32.63 39.51
N ASN LA 45 -4.94 -31.43 39.47
CA ASN LA 45 -5.69 -30.23 39.07
C ASN LA 45 -5.64 -29.96 37.57
N GLU LA 46 -4.55 -30.36 36.90
CA GLU LA 46 -4.45 -30.19 35.45
C GLU LA 46 -5.02 -31.37 34.67
N ALA LA 47 -5.44 -32.44 35.35
CA ALA LA 47 -5.89 -33.65 34.69
C ALA LA 47 -7.40 -33.63 34.48
N THR LA 48 -7.83 -34.25 33.38
CA THR LA 48 -9.24 -34.48 33.12
C THR LA 48 -9.60 -35.96 32.99
N ALA LA 49 -8.63 -36.82 32.68
CA ALA LA 49 -8.88 -38.24 32.64
C ALA LA 49 -9.24 -38.78 34.02
N GLU LA 50 -10.31 -39.57 34.10
CA GLU LA 50 -10.80 -40.07 35.37
C GLU LA 50 -10.14 -41.38 35.78
N ASP LA 51 -9.80 -42.24 34.81
CA ASP LA 51 -9.23 -43.54 35.13
C ASP LA 51 -7.88 -43.37 35.82
N GLN LA 52 -7.59 -44.30 36.74
CA GLN LA 52 -6.33 -44.25 37.48
C GLN LA 52 -5.19 -44.65 36.57
N PRO LA 53 -4.11 -43.88 36.48
CA PRO LA 53 -3.07 -44.15 35.47
C PRO LA 53 -2.15 -45.30 35.89
N THR LA 54 -1.41 -45.79 34.90
CA THR LA 54 -0.36 -46.77 35.11
C THR LA 54 0.99 -46.07 35.03
N GLN LA 55 1.88 -46.37 35.99
CA GLN LA 55 3.20 -45.76 36.07
C GLN LA 55 4.21 -46.89 36.19
N PRO LA 56 4.65 -47.46 35.07
CA PRO LA 56 5.57 -48.61 35.14
C PRO LA 56 6.87 -48.32 35.88
N ASP LA 57 7.35 -47.08 35.82
CA ASP LA 57 8.54 -46.66 36.57
C ASP LA 57 9.79 -47.32 36.02
N VAL LA 58 10.41 -48.21 36.78
CA VAL LA 58 11.71 -48.77 36.37
C VAL LA 58 11.57 -49.50 35.03
N ALA LA 59 10.46 -50.19 34.82
CA ALA LA 59 10.29 -50.98 33.61
C ALA LA 59 10.24 -50.11 32.36
N THR LA 60 9.68 -48.91 32.47
CA THR LA 60 9.53 -48.02 31.34
C THR LA 60 10.58 -46.93 31.30
N CYS LA 61 10.81 -46.25 32.43
CA CYS LA 61 11.73 -45.12 32.48
C CYS LA 61 13.16 -45.65 32.54
N ARG LA 62 13.72 -45.95 31.36
CA ARG LA 62 15.06 -46.51 31.27
C ARG LA 62 15.68 -46.13 29.92
N PHE LA 63 17.01 -46.26 29.84
CA PHE LA 63 17.79 -45.82 28.68
C PHE LA 63 17.70 -46.87 27.57
N TYR LA 64 16.81 -46.63 26.60
CA TYR LA 64 16.77 -47.42 25.38
C TYR LA 64 17.73 -46.82 24.36
N THR LA 65 18.68 -47.63 23.88
CA THR LA 65 19.67 -47.18 22.90
C THR LA 65 19.20 -47.59 21.51
N LEU LA 66 18.86 -46.60 20.69
CA LEU LA 66 18.37 -46.84 19.34
C LEU LA 66 19.52 -47.26 18.43
N GLU LA 67 19.19 -47.48 17.16
CA GLU LA 67 20.20 -47.88 16.20
C GLU LA 67 21.28 -46.80 16.09
N SER LA 68 22.50 -47.23 15.83
CA SER LA 68 23.58 -46.30 15.54
C SER LA 68 23.55 -45.92 14.07
N VAL LA 69 24.04 -44.72 13.77
CA VAL LA 69 24.15 -44.24 12.40
C VAL LA 69 25.60 -43.80 12.18
N GLN LA 70 25.99 -43.67 10.92
CA GLN LA 70 27.34 -43.26 10.57
C GLN LA 70 27.35 -41.78 10.21
N TRP LA 71 28.28 -41.02 10.79
CA TRP LA 71 28.54 -39.65 10.38
C TRP LA 71 29.57 -39.72 9.25
N MET LA 72 29.18 -39.28 8.07
CA MET LA 72 30.03 -39.29 6.89
C MET LA 72 30.41 -37.86 6.54
N LYS LA 73 31.45 -37.73 5.70
CA LYS LA 73 31.86 -36.40 5.26
C LYS LA 73 30.75 -35.71 4.47
N ASN LA 74 29.75 -36.45 4.01
CA ASN LA 74 28.66 -35.90 3.22
C ASN LA 74 27.33 -35.87 3.97
N SER LA 75 27.23 -36.53 5.12
CA SER LA 75 25.95 -36.66 5.80
C SER LA 75 25.29 -35.30 6.00
N ALA LA 76 24.00 -35.24 5.69
CA ALA LA 76 23.25 -33.99 5.81
C ALA LA 76 22.61 -33.83 7.18
N GLY LA 77 22.19 -34.93 7.80
CA GLY LA 77 21.57 -34.88 9.10
C GLY LA 77 20.57 -36.01 9.27
N TRP LA 78 20.11 -36.17 10.51
CA TRP LA 78 19.18 -37.23 10.88
C TRP LA 78 18.10 -36.68 11.79
N TRP LA 79 16.96 -37.39 11.81
CA TRP LA 79 15.89 -37.05 12.73
C TRP LA 79 15.12 -38.30 13.11
N TRP LA 80 14.56 -38.25 14.32
CA TRP LA 80 13.72 -39.29 14.88
C TRP LA 80 12.48 -38.66 15.49
N LYS LA 81 11.31 -39.23 15.22
CA LYS LA 81 10.10 -38.88 15.95
C LYS LA 81 10.08 -39.71 17.23
N LEU LA 82 9.79 -39.09 18.36
CA LEU LA 82 10.15 -39.70 19.64
C LEU LA 82 9.20 -40.79 20.12
N PRO LA 83 7.92 -40.50 20.29
CA PRO LA 83 6.98 -41.60 20.59
C PRO LA 83 7.13 -42.75 19.61
N ASP LA 84 7.21 -42.42 18.33
CA ASP LA 84 7.37 -43.41 17.27
C ASP LA 84 8.83 -43.86 17.11
N ALA LA 85 9.71 -43.51 18.05
CA ALA LA 85 11.06 -44.05 18.10
C ALA LA 85 11.20 -45.13 19.15
N LEU LA 86 10.59 -44.89 20.31
CA LEU LA 86 10.55 -45.91 21.36
C LEU LA 86 9.29 -46.77 21.28
N SER LA 87 8.53 -46.66 20.18
CA SER LA 87 7.33 -47.48 20.03
C SER LA 87 7.61 -48.98 20.10
N GLN LA 88 8.76 -49.42 19.57
CA GLN LA 88 9.04 -50.84 19.47
C GLN LA 88 10.03 -51.35 20.53
N MET LA 89 10.41 -50.52 21.49
CA MET LA 89 11.45 -50.85 22.46
C MET LA 89 10.79 -51.17 23.80
N GLY LA 90 10.55 -52.45 24.05
CA GLY LA 90 10.22 -52.94 25.37
C GLY LA 90 8.84 -52.53 25.90
N LEU LA 91 8.77 -52.47 27.23
CA LEU LA 91 7.50 -52.25 27.90
C LEU LA 91 6.98 -50.83 27.70
N PHE LA 92 7.85 -49.87 27.41
CA PHE LA 92 7.37 -48.56 26.97
C PHE LA 92 6.45 -48.71 25.77
N GLY LA 93 6.92 -49.42 24.74
CA GLY LA 93 6.09 -49.68 23.58
C GLY LA 93 4.86 -50.49 23.91
N GLN LA 94 4.98 -51.48 24.79
CA GLN LA 94 3.83 -52.30 25.13
C GLN LA 94 2.71 -51.46 25.77
N ASN LA 95 3.05 -50.68 26.80
CA ASN LA 95 2.06 -49.78 27.40
C ASN LA 95 1.54 -48.79 26.37
N MET LA 96 2.42 -48.30 25.49
CA MET LA 96 2.00 -47.38 24.44
C MET LA 96 0.91 -48.00 23.57
N GLN LA 97 1.04 -49.28 23.27
CA GLN LA 97 0.05 -49.94 22.43
C GLN LA 97 -1.23 -50.20 23.21
N TYR LA 98 -1.13 -50.56 24.48
CA TYR LA 98 -2.31 -50.97 25.23
C TYR LA 98 -3.11 -49.81 25.84
N HIS LA 99 -2.58 -48.58 25.83
CA HIS LA 99 -3.28 -47.46 26.44
C HIS LA 99 -3.66 -46.41 25.39
N TYR LA 100 -4.82 -45.78 25.60
CA TYR LA 100 -5.31 -44.73 24.70
C TYR LA 100 -4.58 -43.41 24.90
N LEU LA 101 -4.17 -43.10 26.13
CA LEU LA 101 -3.50 -41.84 26.42
C LEU LA 101 -2.17 -42.09 27.10
N GLY LA 102 -1.18 -41.25 26.78
CA GLY LA 102 0.13 -41.37 27.37
C GLY LA 102 0.77 -40.02 27.57
N ARG LA 103 1.73 -39.97 28.48
CA ARG LA 103 2.42 -38.73 28.82
C ARG LA 103 3.83 -39.06 29.28
N THR LA 104 4.83 -38.41 28.67
CA THR LA 104 6.21 -38.73 28.99
C THR LA 104 7.11 -37.53 28.77
N GLY LA 105 8.14 -37.42 29.61
CA GLY LA 105 9.32 -36.66 29.31
C GLY LA 105 10.42 -37.59 28.81
N TYR LA 106 11.56 -37.00 28.47
CA TYR LA 106 12.67 -37.80 27.97
C TYR LA 106 14.00 -37.29 28.48
N THR LA 107 14.96 -38.20 28.55
CA THR LA 107 16.37 -37.88 28.69
C THR LA 107 17.07 -38.43 27.45
N ILE LA 108 17.55 -37.53 26.59
CA ILE LA 108 18.11 -37.89 25.30
C ILE LA 108 19.62 -37.68 25.38
N HIS LA 109 20.38 -38.72 25.02
CA HIS LA 109 21.83 -38.75 25.13
C HIS LA 109 22.38 -39.11 23.76
N VAL LA 110 22.96 -38.13 23.08
CA VAL LA 110 23.59 -38.34 21.78
C VAL LA 110 25.07 -38.56 22.03
N GLN LA 111 25.58 -39.73 21.65
CA GLN LA 111 26.95 -40.14 21.91
C GLN LA 111 27.70 -40.19 20.59
N CYS LA 112 28.78 -39.42 20.49
CA CYS LA 112 29.67 -39.46 19.34
C CYS LA 112 31.08 -39.21 19.85
N ASN LA 113 32.01 -40.08 19.50
CA ASN LA 113 33.38 -39.95 19.97
C ASN LA 113 34.34 -40.06 18.79
N ALA LA 114 35.26 -39.11 18.70
CA ALA LA 114 36.34 -39.14 17.72
C ALA LA 114 37.63 -38.86 18.48
N SER LA 115 38.71 -38.56 17.78
CA SER LA 115 40.00 -38.34 18.41
C SER LA 115 40.40 -36.87 18.31
N LYS LA 116 41.55 -36.55 18.88
CA LYS LA 116 42.09 -35.20 18.76
C LYS LA 116 42.35 -34.84 17.31
N PHE LA 117 42.60 -35.85 16.47
CA PHE LA 117 42.93 -35.64 15.07
C PHE LA 117 41.70 -35.60 14.17
N HIS LA 118 40.50 -35.72 14.73
CA HIS LA 118 39.26 -35.50 14.01
C HIS LA 118 38.72 -34.11 14.28
N GLN LA 119 37.76 -33.69 13.46
CA GLN LA 119 37.08 -32.42 13.66
C GLN LA 119 35.68 -32.52 13.10
N GLY LA 120 34.80 -31.68 13.63
CA GLY LA 120 33.40 -31.69 13.23
C GLY LA 120 32.55 -31.10 14.33
N CYS LA 121 31.30 -30.83 13.98
CA CYS LA 121 30.38 -30.25 14.94
C CYS LA 121 28.94 -30.56 14.56
N LEU LA 122 28.21 -31.16 15.49
CA LEU LA 122 26.80 -31.47 15.32
C LEU LA 122 25.95 -30.54 16.16
N LEU LA 123 24.79 -30.15 15.64
CA LEU LA 123 23.73 -29.54 16.43
C LEU LA 123 22.74 -30.65 16.79
N VAL LA 124 22.52 -30.84 18.09
CA VAL LA 124 21.58 -31.82 18.61
C VAL LA 124 20.43 -31.04 19.24
N VAL LA 125 19.27 -31.05 18.59
CA VAL LA 125 18.15 -30.21 18.99
C VAL LA 125 16.90 -31.07 19.16
N CYS LA 126 16.00 -30.60 20.03
CA CYS LA 126 14.72 -31.26 20.27
C CYS LA 126 13.60 -30.30 19.89
N VAL LA 127 12.95 -30.56 18.75
CA VAL LA 127 11.92 -29.68 18.22
C VAL LA 127 10.57 -30.19 18.71
N PRO LA 128 9.87 -29.46 19.57
CA PRO LA 128 8.48 -29.83 19.88
C PRO LA 128 7.55 -29.44 18.74
N GLU LA 129 6.66 -30.37 18.38
CA GLU LA 129 5.69 -30.14 17.30
C GLU LA 129 6.42 -29.83 15.99
N ALA LA 130 7.26 -30.77 15.57
CA ALA LA 130 8.05 -30.62 14.35
C ALA LA 130 7.21 -31.08 13.16
N GLU LA 131 6.19 -30.27 12.85
CA GLU LA 131 5.36 -30.50 11.67
C GLU LA 131 6.17 -30.21 10.42
N MET LA 132 6.34 -31.22 9.56
CA MET LA 132 7.24 -31.14 8.42
C MET LA 132 6.44 -31.03 7.12
N GLY LA 133 7.06 -30.40 6.12
CA GLY LA 133 6.39 -30.14 4.86
C GLY LA 133 6.64 -31.22 3.82
N CYS LA 134 5.90 -31.12 2.72
CA CYS LA 134 5.93 -32.10 1.65
C CYS LA 134 6.70 -31.57 0.46
N SER LA 135 7.06 -32.49 -0.44
CA SER LA 135 7.66 -32.10 -1.71
C SER LA 135 6.60 -31.58 -2.68
N ASN LA 136 5.50 -32.30 -2.80
CA ASN LA 136 4.33 -31.87 -3.56
C ASN LA 136 3.48 -30.97 -2.68
N LEU LA 137 3.42 -29.68 -3.01
CA LEU LA 137 2.75 -28.72 -2.15
C LEU LA 137 1.26 -29.00 -2.00
N ASN LA 138 0.69 -29.90 -2.80
CA ASN LA 138 -0.71 -30.27 -2.69
C ASN LA 138 -0.91 -31.56 -1.91
N ASN LA 139 0.11 -32.04 -1.21
CA ASN LA 139 0.03 -33.31 -0.49
C ASN LA 139 0.76 -33.19 0.83
N THR LA 140 0.39 -34.07 1.76
CA THR LA 140 1.13 -34.19 3.02
C THR LA 140 2.00 -35.44 2.99
N PRO LA 141 3.20 -35.40 3.56
CA PRO LA 141 4.07 -36.58 3.51
C PRO LA 141 3.38 -37.79 4.11
N GLU LA 142 3.92 -38.96 3.80
CA GLU LA 142 3.33 -40.21 4.27
C GLU LA 142 3.92 -40.63 5.61
N PHE LA 143 3.20 -41.53 6.28
CA PHE LA 143 3.61 -42.01 7.60
C PHE LA 143 5.05 -42.50 7.60
N ALA LA 144 5.40 -43.36 6.64
CA ALA LA 144 6.74 -43.89 6.60
C ALA LA 144 7.78 -42.81 6.35
N GLU LA 145 7.43 -41.80 5.55
CA GLU LA 145 8.41 -40.76 5.25
C GLU LA 145 8.69 -39.90 6.47
N LEU LA 146 7.65 -39.60 7.26
CA LEU LA 146 7.88 -38.79 8.47
C LEU LA 146 8.47 -39.61 9.61
N SER LA 147 8.17 -40.89 9.69
CA SER LA 147 8.49 -41.72 10.85
C SER LA 147 9.59 -42.71 10.50
N GLY LA 148 10.49 -42.92 11.46
CA GLY LA 148 11.55 -43.90 11.31
C GLY LA 148 11.98 -44.50 12.64
N GLY LA 149 11.04 -44.99 13.42
CA GLY LA 149 11.37 -45.54 14.72
C GLY LA 149 12.49 -46.56 14.66
N ASP LA 150 13.44 -46.47 15.60
CA ASP LA 150 14.67 -47.25 15.59
C ASP LA 150 15.26 -47.31 14.18
N THR LA 151 14.99 -46.29 13.35
CA THR LA 151 15.51 -46.20 11.98
C THR LA 151 15.57 -44.71 11.62
N ALA LA 152 16.66 -44.06 12.03
CA ALA LA 152 16.83 -42.64 11.81
C ALA LA 152 16.52 -42.27 10.37
N ARG LA 153 15.58 -41.33 10.17
CA ARG LA 153 15.35 -40.84 8.82
C ARG LA 153 16.32 -39.70 8.55
N MET LA 154 16.73 -39.55 7.29
CA MET LA 154 17.83 -38.66 6.93
C MET LA 154 17.31 -37.40 6.26
N PHE LA 155 17.98 -36.28 6.56
CA PHE LA 155 17.85 -35.08 5.76
C PHE LA 155 18.65 -35.25 4.47
N THR LA 156 18.37 -34.38 3.51
CA THR LA 156 19.00 -34.47 2.20
C THR LA 156 19.92 -33.28 1.96
N ASP LA 157 20.95 -33.52 1.14
CA ASP LA 157 21.90 -32.50 0.76
C ASP LA 157 21.31 -31.51 -0.25
N THR LA 158 20.18 -31.84 -0.86
CA THR LA 158 19.62 -31.06 -1.95
C THR LA 158 18.11 -31.03 -1.84
N GLN LA 159 17.49 -30.18 -2.67
CA GLN LA 159 16.04 -30.12 -2.73
C GLN LA 159 15.46 -31.45 -3.23
N ILE LA 160 14.38 -31.88 -2.59
CA ILE LA 160 13.66 -33.05 -3.06
C ILE LA 160 12.80 -32.67 -4.26
N GLY LA 161 12.40 -33.69 -5.03
CA GLY LA 161 11.74 -33.42 -6.29
C GLY LA 161 10.24 -33.17 -6.15
N GLU LA 162 9.71 -32.30 -7.02
CA GLU LA 162 8.29 -32.03 -7.04
C GLU LA 162 7.51 -33.29 -7.39
N THR LA 163 7.90 -33.96 -8.47
CA THR LA 163 7.22 -35.17 -8.93
C THR LA 163 7.08 -36.21 -7.83
N ASN LA 164 7.95 -36.16 -6.82
CA ASN LA 164 8.02 -37.22 -5.83
C ASN LA 164 6.68 -37.54 -5.17
N SER LA 165 5.70 -36.65 -5.25
CA SER LA 165 4.38 -36.88 -4.61
C SER LA 165 4.58 -36.91 -3.10
N LYS LA 166 4.13 -37.95 -2.41
CA LYS LA 166 4.26 -38.02 -0.96
C LYS LA 166 5.73 -38.21 -0.57
N LYS LA 167 6.26 -37.22 0.14
CA LYS LA 167 7.65 -37.24 0.61
C LYS LA 167 7.89 -35.96 1.39
N VAL LA 168 8.94 -35.96 2.21
CA VAL LA 168 9.26 -34.84 3.08
C VAL LA 168 10.33 -33.98 2.42
N GLN LA 169 10.14 -32.67 2.46
CA GLN LA 169 11.13 -31.74 1.93
C GLN LA 169 12.34 -31.71 2.85
N THR LA 170 13.31 -32.59 2.57
CA THR LA 170 14.42 -32.85 3.47
C THR LA 170 15.59 -31.88 3.29
N ALA LA 171 15.36 -30.75 2.63
CA ALA LA 171 16.42 -29.75 2.48
C ALA LA 171 16.89 -29.27 3.84
N VAL LA 172 18.14 -29.58 4.18
CA VAL LA 172 18.63 -29.37 5.54
C VAL LA 172 18.57 -27.88 5.89
N TRP LA 173 18.94 -27.01 4.96
CA TRP LA 173 18.99 -25.58 5.27
C TRP LA 173 17.60 -25.02 5.57
N ASN LA 174 16.55 -25.82 5.44
CA ASN LA 174 15.22 -25.44 5.89
C ASN LA 174 14.68 -26.35 6.99
N ALA LA 175 15.42 -27.37 7.39
CA ALA LA 175 15.03 -28.27 8.47
C ALA LA 175 13.70 -28.97 8.20
N GLY LA 176 13.24 -28.93 6.95
CA GLY LA 176 11.95 -29.51 6.60
C GLY LA 176 10.77 -28.81 7.21
N MET LA 177 10.95 -27.59 7.73
CA MET LA 177 9.88 -26.81 8.33
C MET LA 177 9.79 -25.41 7.76
N GLY LA 178 10.54 -25.11 6.70
CA GLY LA 178 10.46 -23.81 6.06
C GLY LA 178 11.08 -22.68 6.83
N VAL LA 179 12.01 -22.98 7.74
CA VAL LA 179 12.65 -21.95 8.55
C VAL LA 179 14.15 -21.95 8.22
N GLY LA 180 14.89 -21.05 8.87
CA GLY LA 180 16.34 -21.08 8.76
C GLY LA 180 16.95 -22.06 9.74
N VAL LA 181 17.64 -23.08 9.23
CA VAL LA 181 18.20 -24.11 10.12
C VAL LA 181 19.12 -23.49 11.16
N GLY LA 182 19.77 -22.38 10.81
CA GLY LA 182 20.65 -21.69 11.76
C GLY LA 182 19.93 -21.01 12.90
N ASN LA 183 18.60 -21.07 12.92
CA ASN LA 183 17.80 -20.52 14.01
C ASN LA 183 17.06 -21.62 14.79
N LEU LA 184 17.39 -22.89 14.55
CA LEU LA 184 16.83 -23.97 15.36
C LEU LA 184 17.24 -23.87 16.83
N THR LA 185 18.19 -23.00 17.15
CA THR LA 185 18.69 -22.91 18.52
C THR LA 185 17.65 -22.45 19.52
N ILE LA 186 16.49 -21.97 19.07
CA ILE LA 186 15.45 -21.59 20.03
C ILE LA 186 14.95 -22.82 20.76
N TYR LA 187 14.92 -23.97 20.09
CA TYR LA 187 14.57 -25.21 20.74
C TYR LA 187 15.73 -25.69 21.62
N PRO LA 188 15.43 -26.39 22.72
CA PRO LA 188 16.52 -26.92 23.56
C PRO LA 188 17.48 -27.78 22.76
N HIS LA 189 18.77 -27.47 22.92
CA HIS LA 189 19.78 -28.04 22.04
C HIS LA 189 21.14 -28.02 22.74
N GLN LA 190 22.05 -28.83 22.20
CA GLN LA 190 23.46 -28.75 22.55
C GLN LA 190 24.29 -28.90 21.27
N TRP LA 191 25.59 -28.64 21.41
CA TRP LA 191 26.53 -28.81 20.31
C TRP LA 191 27.52 -29.91 20.67
N ILE LA 192 27.75 -30.83 19.75
CA ILE LA 192 28.79 -31.84 19.88
C ILE LA 192 29.92 -31.36 18.98
N ASN LA 193 30.85 -30.60 19.56
CA ASN LA 193 32.06 -30.17 18.88
C ASN LA 193 33.15 -31.19 19.20
N LEU LA 194 33.49 -32.04 18.22
CA LEU LA 194 34.45 -33.10 18.47
C LEU LA 194 35.75 -32.57 19.05
N ARG LA 195 36.07 -31.30 18.80
CA ARG LA 195 37.26 -30.70 19.40
C ARG LA 195 37.22 -30.80 20.92
N THR LA 196 36.05 -30.53 21.54
CA THR LA 196 35.95 -30.48 22.99
C THR LA 196 34.77 -31.25 23.55
N ASN LA 197 34.08 -32.08 22.76
CA ASN LA 197 32.86 -32.71 23.23
C ASN LA 197 32.76 -34.15 22.77
N ASN LA 198 32.01 -34.95 23.52
CA ASN LA 198 31.87 -36.38 23.29
C ASN LA 198 30.39 -36.77 23.21
N SER LA 199 29.52 -36.01 23.86
CA SER LA 199 28.12 -36.35 23.89
C SER LA 199 27.29 -35.13 24.27
N ALA LA 200 25.98 -35.28 24.16
CA ALA LA 200 25.03 -34.24 24.50
C ALA LA 200 23.88 -34.85 25.27
N THR LA 201 23.48 -34.21 26.36
CA THR LA 201 22.41 -34.70 27.23
C THR LA 201 21.34 -33.62 27.37
N ILE LA 202 20.12 -33.93 26.95
CA ILE LA 202 19.01 -33.00 27.00
C ILE LA 202 17.84 -33.68 27.70
N VAL LA 203 17.34 -33.03 28.75
CA VAL LA 203 16.20 -33.53 29.51
C VAL LA 203 14.98 -32.73 29.08
N MET LA 204 14.15 -33.33 28.26
CA MET LA 204 12.97 -32.65 27.72
C MET LA 204 11.74 -32.98 28.58
N PRO LA 205 10.98 -31.97 28.99
CA PRO LA 205 9.71 -32.24 29.67
C PRO LA 205 8.58 -32.48 28.67
N TYR LA 206 7.43 -32.85 29.21
CA TYR LA 206 6.24 -33.05 28.38
C TYR LA 206 5.79 -31.72 27.78
N ILE LA 207 5.85 -31.63 26.45
CA ILE LA 207 5.50 -30.42 25.72
C ILE LA 207 4.23 -30.70 24.93
N ASN LA 208 3.11 -30.11 25.36
CA ASN LA 208 1.87 -30.26 24.62
C ASN LA 208 0.84 -29.28 25.18
N SER LA 209 -0.19 -29.01 24.36
CA SER LA 209 -1.28 -28.12 24.75
C SER LA 209 -2.36 -28.82 25.56
N VAL LA 210 -2.34 -30.14 25.63
CA VAL LA 210 -3.28 -30.91 26.43
C VAL LA 210 -2.51 -31.73 27.46
N PRO LA 211 -3.13 -32.09 28.59
CA PRO LA 211 -2.37 -32.83 29.62
C PRO LA 211 -1.87 -34.18 29.16
N MET LA 212 -2.64 -34.90 28.33
CA MET LA 212 -2.24 -36.20 27.82
C MET LA 212 -2.72 -36.32 26.37
N ASP LA 213 -2.00 -37.12 25.59
CA ASP LA 213 -2.34 -37.31 24.19
C ASP LA 213 -2.01 -38.74 23.79
N ASN LA 214 -2.60 -39.16 22.67
CA ASN LA 214 -2.31 -40.49 22.13
C ASN LA 214 -0.93 -40.51 21.51
N MET LA 215 -0.21 -41.61 21.73
CA MET LA 215 1.20 -41.68 21.37
C MET LA 215 1.45 -42.21 19.97
N PHE LA 216 0.43 -42.72 19.29
CA PHE LA 216 0.58 -43.12 17.89
C PHE LA 216 0.25 -41.98 16.95
N ARG LA 217 -0.79 -41.19 17.26
CA ARG LA 217 -1.25 -40.14 16.36
C ARG LA 217 -0.37 -38.90 16.41
N HIS LA 218 0.33 -38.65 17.52
CA HIS LA 218 0.95 -37.35 17.76
C HIS LA 218 2.34 -37.56 18.33
N ASN LA 219 3.35 -37.13 17.58
CA ASN LA 219 4.75 -37.19 18.03
C ASN LA 219 5.10 -35.82 18.59
N ASN LA 220 4.97 -35.69 19.92
CA ASN LA 220 5.11 -34.38 20.55
C ASN LA 220 6.50 -33.79 20.39
N LEU LA 221 7.50 -34.60 20.07
CA LEU LA 221 8.88 -34.14 20.00
C LEU LA 221 9.60 -34.83 18.86
N THR LA 222 10.63 -34.17 18.35
CA THR LA 222 11.42 -34.70 17.24
C THR LA 222 12.88 -34.36 17.48
N LEU LA 223 13.73 -35.37 17.60
CA LEU LA 223 15.16 -35.16 17.74
C LEU LA 223 15.76 -34.94 16.36
N MET LA 224 16.62 -33.92 16.23
CA MET LA 224 17.29 -33.62 14.99
C MET LA 224 18.77 -33.42 15.27
N ILE LA 225 19.61 -34.12 14.50
CA ILE LA 225 21.07 -33.98 14.59
C ILE LA 225 21.53 -33.52 13.21
N ILE LA 226 22.00 -32.29 13.11
CA ILE LA 226 22.40 -31.70 11.85
C ILE LA 226 23.86 -31.28 11.96
N PRO LA 227 24.77 -31.82 11.14
CA PRO LA 227 26.17 -31.38 11.20
C PRO LA 227 26.34 -29.99 10.59
N PHE LA 228 26.77 -29.04 11.41
CA PHE LA 228 26.99 -27.68 10.92
C PHE LA 228 28.37 -27.51 10.32
N VAL LA 229 29.38 -28.14 10.90
CA VAL LA 229 30.72 -28.18 10.34
C VAL LA 229 31.05 -29.63 10.05
N PRO LA 230 31.32 -30.01 8.81
CA PRO LA 230 31.38 -31.44 8.47
C PRO LA 230 32.57 -32.13 9.12
N LEU LA 231 32.44 -33.45 9.25
CA LEU LA 231 33.53 -34.26 9.76
C LEU LA 231 34.72 -34.19 8.81
N ASN LA 232 35.92 -34.17 9.39
CA ASN LA 232 37.14 -34.23 8.61
C ASN LA 232 38.22 -34.94 9.42
N TYR LA 233 39.22 -35.46 8.70
CA TYR LA 233 40.31 -36.20 9.32
C TYR LA 233 41.35 -36.51 8.26
N SER LA 234 42.61 -36.40 8.62
CA SER LA 234 43.68 -36.69 7.68
C SER LA 234 43.81 -38.20 7.49
N GLU LA 235 44.52 -38.59 6.44
CA GLU LA 235 44.70 -40.00 6.13
C GLU LA 235 45.34 -40.71 7.31
N GLY LA 236 44.76 -41.86 7.69
CA GLY LA 236 45.26 -42.63 8.80
C GLY LA 236 44.28 -42.65 9.96
N SER LA 237 43.67 -41.50 10.24
CA SER LA 237 42.67 -41.43 11.29
C SER LA 237 41.48 -42.30 10.93
N SER LA 238 40.88 -42.92 11.95
CA SER LA 238 39.83 -43.90 11.72
C SER LA 238 38.71 -43.25 10.93
N PRO LA 239 38.19 -43.91 9.88
CA PRO LA 239 37.22 -43.27 8.99
C PRO LA 239 35.75 -43.48 9.35
N TYR LA 240 35.44 -44.31 10.34
CA TYR LA 240 34.06 -44.64 10.66
C TYR LA 240 33.70 -44.04 12.01
N VAL LA 241 33.01 -42.91 11.98
CA VAL LA 241 32.59 -42.22 13.20
C VAL LA 241 31.10 -42.42 13.40
N PRO LA 242 30.68 -43.34 14.26
CA PRO LA 242 29.25 -43.53 14.49
C PRO LA 242 28.68 -42.64 15.59
N ILE LA 243 27.39 -42.35 15.43
CA ILE LA 243 26.59 -41.60 16.39
C ILE LA 243 25.52 -42.53 16.91
N THR LA 244 25.42 -42.63 18.24
CA THR LA 244 24.43 -43.49 18.88
C THR LA 244 23.52 -42.65 19.76
N VAL LA 245 22.21 -42.81 19.56
CA VAL LA 245 21.21 -42.07 20.33
C VAL LA 245 20.64 -42.99 21.39
N THR LA 246 20.54 -42.49 22.62
CA THR LA 246 20.00 -43.24 23.76
C THR LA 246 18.95 -42.36 24.44
N ILE LA 247 17.69 -42.79 24.40
CA ILE LA 247 16.59 -41.99 24.94
C ILE LA 247 15.96 -42.78 26.09
N ALA LA 248 15.58 -42.06 27.14
CA ALA LA 248 15.00 -42.67 28.33
C ALA LA 248 13.70 -41.98 28.70
N PRO LA 249 12.56 -42.68 28.66
CA PRO LA 249 11.32 -42.07 29.17
C PRO LA 249 11.48 -41.64 30.62
N MET LA 250 10.75 -40.60 31.00
CA MET LA 250 10.81 -40.08 32.35
C MET LA 250 9.43 -39.66 32.80
N CYS LA 251 9.00 -40.18 33.95
CA CYS LA 251 7.68 -39.90 34.51
C CYS LA 251 6.58 -40.25 33.51
N ALA LA 252 6.64 -41.47 32.99
CA ALA LA 252 5.67 -41.92 31.99
C ALA LA 252 4.37 -42.35 32.67
N GLU LA 253 3.26 -41.91 32.09
CA GLU LA 253 1.93 -42.27 32.56
C GLU LA 253 1.10 -42.73 31.38
N TYR LA 254 0.12 -43.58 31.67
CA TYR LA 254 -0.76 -44.13 30.64
C TYR LA 254 -2.17 -44.28 31.20
N ASN LA 255 -3.15 -43.78 30.45
CA ASN LA 255 -4.55 -43.84 30.82
C ASN LA 255 -5.36 -44.51 29.71
N GLY LA 256 -6.53 -45.02 30.08
CA GLY LA 256 -7.44 -45.61 29.13
C GLY LA 256 -7.00 -46.98 28.64
N LEU LA 257 -7.13 -47.99 29.48
CA LEU LA 257 -6.70 -49.33 29.11
C LEU LA 257 -7.66 -49.94 28.10
N ARG LA 258 -7.11 -50.72 27.16
CA ARG LA 258 -7.88 -51.30 26.07
C ARG LA 258 -7.02 -52.34 25.38
N LEU LA 259 -7.64 -53.04 24.42
CA LEU LA 259 -6.86 -53.82 23.47
C LEU LA 259 -6.00 -52.89 22.64
N ALA LA 260 -4.88 -53.42 22.13
CA ALA LA 260 -3.84 -52.61 21.52
C ALA LA 260 -3.79 -52.79 20.02
N SER LA 261 -3.21 -51.80 19.35
CA SER LA 261 -2.96 -51.87 17.91
C SER LA 261 -1.83 -50.89 17.58
N SER LA 262 -1.43 -50.88 16.32
CA SER LA 262 -0.40 -49.95 15.84
C SER LA 262 -1.03 -48.67 15.29
N GLY MA 1 -31.88 12.12 29.31
CA GLY MA 1 -31.00 12.62 28.20
C GLY MA 1 -29.78 13.36 28.69
N LEU MA 2 -28.75 12.63 29.08
CA LEU MA 2 -27.51 13.24 29.55
C LEU MA 2 -26.85 14.01 28.41
N PRO MA 3 -26.59 15.31 28.57
CA PRO MA 3 -25.93 16.07 27.49
C PRO MA 3 -24.54 15.54 27.19
N VAL MA 4 -24.25 15.42 25.90
CA VAL MA 4 -22.97 14.88 25.42
C VAL MA 4 -22.63 15.55 24.10
N MET MA 5 -21.33 15.62 23.80
CA MET MA 5 -20.84 16.23 22.57
C MET MA 5 -19.80 15.33 21.93
N THR MA 6 -20.10 14.82 20.75
CA THR MA 6 -19.20 13.90 20.07
C THR MA 6 -17.93 14.63 19.64
N THR MA 7 -16.78 14.02 19.91
CA THR MA 7 -15.50 14.62 19.59
C THR MA 7 -14.93 14.01 18.31
N PRO MA 8 -13.96 14.70 17.69
CA PRO MA 8 -13.29 14.10 16.53
C PRO MA 8 -12.68 12.74 16.88
N GLY MA 9 -12.72 11.83 15.91
CA GLY MA 9 -12.27 10.48 16.11
C GLY MA 9 -13.38 9.50 16.36
N SER MA 10 -14.62 9.97 16.52
CA SER MA 10 -15.73 9.06 16.71
C SER MA 10 -15.91 8.19 15.49
N THR MA 11 -16.49 7.00 15.70
CA THR MA 11 -16.73 6.04 14.62
C THR MA 11 -15.43 5.50 14.04
N GLN MA 12 -14.29 5.98 14.53
CA GLN MA 12 -12.98 5.64 13.97
C GLN MA 12 -12.55 4.26 14.45
N PHE MA 13 -12.08 3.44 13.51
CA PHE MA 13 -11.57 2.10 13.81
C PHE MA 13 -10.05 2.16 13.67
N LEU MA 14 -9.37 2.41 14.78
CA LEU MA 14 -7.91 2.45 14.81
C LEU MA 14 -7.40 1.06 15.14
N THR MA 15 -6.60 0.49 14.24
CA THR MA 15 -6.02 -0.84 14.45
C THR MA 15 -5.52 -1.03 15.88
N SER MA 16 -4.75 -0.07 16.37
CA SER MA 16 -4.11 -0.17 17.68
C SER MA 16 -4.92 0.55 18.75
N ASP MA 17 -6.20 0.24 18.85
CA ASP MA 17 -7.06 0.75 19.90
C ASP MA 17 -7.23 -0.31 20.98
N ASP MA 18 -7.69 0.13 22.15
CA ASP MA 18 -7.75 -0.74 23.32
C ASP MA 18 -9.05 -0.54 24.09
N PHE MA 19 -10.16 -0.49 23.37
CA PHE MA 19 -11.45 -0.29 24.00
C PHE MA 19 -12.09 -1.63 24.36
N GLN MA 20 -13.04 -1.57 25.29
CA GLN MA 20 -13.80 -2.75 25.69
C GLN MA 20 -14.88 -3.05 24.66
N SER MA 21 -15.15 -4.34 24.48
CA SER MA 21 -16.14 -4.79 23.53
C SER MA 21 -17.05 -5.83 24.16
N PRO MA 22 -18.33 -5.85 23.79
CA PRO MA 22 -19.24 -6.84 24.39
C PRO MA 22 -18.97 -8.24 23.84
N SER MA 23 -19.04 -9.22 24.76
CA SER MA 23 -18.75 -10.60 24.41
C SER MA 23 -19.92 -11.22 23.65
N ALA MA 24 -19.58 -12.10 22.70
CA ALA MA 24 -20.59 -12.78 21.91
C ALA MA 24 -21.09 -14.06 22.55
N MET MA 25 -20.32 -14.62 23.49
CA MET MA 25 -20.67 -15.87 24.17
C MET MA 25 -20.65 -15.58 25.67
N PRO MA 26 -21.75 -15.11 26.23
CA PRO MA 26 -21.77 -14.79 27.66
C PRO MA 26 -21.63 -16.05 28.50
N GLN MA 27 -20.86 -15.94 29.60
CA GLN MA 27 -20.74 -17.00 30.57
C GLN MA 27 -20.07 -18.25 30.01
N PHE MA 28 -19.23 -18.07 29.00
CA PHE MA 28 -18.52 -19.18 28.39
C PHE MA 28 -17.44 -19.69 29.35
N ASP MA 29 -17.59 -20.93 29.81
CA ASP MA 29 -16.68 -21.52 30.79
C ASP MA 29 -15.39 -21.92 30.09
N VAL MA 30 -14.36 -21.09 30.22
CA VAL MA 30 -13.07 -21.38 29.59
C VAL MA 30 -12.52 -22.69 30.15
N THR MA 31 -11.87 -23.48 29.29
CA THR MA 31 -11.16 -24.65 29.77
C THR MA 31 -10.05 -24.20 30.72
N PRO MA 32 -9.86 -24.87 31.86
CA PRO MA 32 -8.85 -24.39 32.82
C PRO MA 32 -7.48 -24.31 32.20
N GLU MA 33 -6.56 -23.68 32.93
CA GLU MA 33 -5.23 -23.43 32.43
C GLU MA 33 -4.32 -24.62 32.72
N MET MA 34 -3.24 -24.71 31.93
CA MET MA 34 -2.20 -25.71 32.15
C MET MA 34 -0.84 -25.02 32.12
N GLN MA 35 0.08 -25.54 32.93
CA GLN MA 35 1.43 -24.98 32.99
C GLN MA 35 2.24 -25.59 31.85
N ILE MA 36 2.14 -24.97 30.68
CA ILE MA 36 2.88 -25.45 29.51
C ILE MA 36 4.29 -24.88 29.61
N PRO MA 37 5.33 -25.67 29.33
CA PRO MA 37 6.69 -25.14 29.47
C PRO MA 37 7.01 -24.08 28.42
N GLY MA 38 8.04 -23.31 28.72
CA GLY MA 38 8.54 -22.33 27.77
C GLY MA 38 7.60 -21.16 27.49
N ARG MA 39 6.97 -20.62 28.52
CA ARG MA 39 6.11 -19.45 28.34
C ARG MA 39 6.97 -18.26 27.94
N VAL MA 40 6.58 -17.60 26.86
CA VAL MA 40 7.22 -16.37 26.42
C VAL MA 40 6.35 -15.20 26.83
N ASN MA 41 6.96 -14.17 27.41
CA ASN MA 41 6.29 -12.95 27.80
C ASN MA 41 6.80 -11.71 27.06
N ASN MA 42 8.00 -11.77 26.49
CA ASN MA 42 8.56 -10.66 25.75
C ASN MA 42 9.38 -11.22 24.59
N LEU MA 43 9.41 -10.48 23.49
CA LEU MA 43 10.17 -10.91 22.32
C LEU MA 43 11.67 -10.76 22.52
N MET MA 44 12.11 -9.88 23.42
CA MET MA 44 13.53 -9.81 23.73
C MET MA 44 14.02 -11.11 24.34
N GLU MA 45 13.12 -11.86 24.99
CA GLU MA 45 13.48 -13.19 25.46
C GLU MA 45 13.95 -14.07 24.31
N ILE MA 46 13.39 -13.86 23.11
CA ILE MA 46 13.84 -14.59 21.94
C ILE MA 46 15.09 -13.93 21.36
N ALA MA 47 15.11 -12.60 21.34
CA ALA MA 47 16.25 -11.88 20.77
C ALA MA 47 17.53 -12.15 21.54
N GLU MA 48 17.44 -12.56 22.80
CA GLU MA 48 18.62 -12.86 23.61
C GLU MA 48 19.18 -14.24 23.35
N VAL MA 49 18.60 -15.00 22.43
CA VAL MA 49 18.98 -16.39 22.18
C VAL MA 49 20.04 -16.42 21.10
N ASP MA 50 21.12 -17.14 21.36
CA ASP MA 50 22.14 -17.35 20.33
C ASP MA 50 21.54 -18.10 19.16
N SER MA 51 21.80 -17.60 17.95
CA SER MA 51 21.38 -18.25 16.72
C SER MA 51 22.51 -18.12 15.71
N VAL MA 52 22.71 -19.16 14.89
CA VAL MA 52 23.88 -19.22 14.04
C VAL MA 52 23.77 -18.15 12.95
N VAL MA 53 24.90 -17.53 12.65
CA VAL MA 53 24.97 -16.41 11.70
C VAL MA 53 25.52 -16.94 10.39
N PRO MA 54 24.86 -16.70 9.26
CA PRO MA 54 25.44 -17.10 7.95
C PRO MA 54 26.41 -16.04 7.42
N VAL MA 55 27.61 -16.03 8.01
CA VAL MA 55 28.60 -15.04 7.62
C VAL MA 55 29.09 -15.29 6.20
N ASN MA 56 29.01 -16.54 5.73
CA ASN MA 56 29.45 -16.88 4.37
C ASN MA 56 28.24 -16.85 3.43
N ASN MA 57 27.75 -15.63 3.18
CA ASN MA 57 26.55 -15.41 2.39
C ASN MA 57 26.73 -15.69 0.91
N THR MA 58 27.94 -16.01 0.45
CA THR MA 58 28.20 -16.27 -0.96
C THR MA 58 27.06 -17.04 -1.61
N GLU MA 59 26.59 -16.53 -2.75
CA GLU MA 59 25.53 -17.16 -3.52
C GLU MA 59 25.60 -18.69 -3.48
N ALA MA 60 26.79 -19.25 -3.67
CA ALA MA 60 26.90 -20.71 -3.74
C ALA MA 60 26.70 -21.36 -2.37
N ASN MA 61 27.03 -20.65 -1.30
CA ASN MA 61 26.92 -21.21 0.04
C ASN MA 61 25.56 -20.96 0.68
N VAL MA 62 24.85 -19.90 0.27
CA VAL MA 62 23.66 -19.48 1.01
C VAL MA 62 22.59 -20.57 1.00
N ASN MA 63 22.52 -21.39 -0.05
CA ASN MA 63 21.55 -22.46 -0.12
C ASN MA 63 22.07 -23.77 0.47
N SER MA 64 22.94 -23.66 1.47
CA SER MA 64 23.54 -24.82 2.12
C SER MA 64 24.09 -24.37 3.47
N LEU MA 65 24.47 -25.35 4.29
CA LEU MA 65 25.09 -25.04 5.58
C LEU MA 65 26.46 -24.39 5.42
N LYS MA 66 27.01 -24.33 4.21
CA LYS MA 66 28.26 -23.63 3.99
C LYS MA 66 28.17 -22.16 4.37
N ALA MA 67 26.96 -21.61 4.42
CA ALA MA 67 26.81 -20.20 4.76
C ALA MA 67 27.27 -19.91 6.17
N TYR MA 68 26.98 -20.82 7.10
CA TYR MA 68 27.31 -20.62 8.51
C TYR MA 68 28.77 -20.91 8.82
N GLN MA 69 29.52 -21.50 7.89
CA GLN MA 69 30.91 -21.89 8.14
C GLN MA 69 31.84 -20.75 7.74
N ILE MA 70 32.61 -20.25 8.69
CA ILE MA 70 33.66 -19.27 8.42
C ILE MA 70 34.96 -20.04 8.21
N PRO MA 71 35.50 -20.10 7.00
CA PRO MA 71 36.72 -20.90 6.78
C PRO MA 71 37.95 -20.23 7.36
N VAL MA 72 38.81 -21.03 7.98
CA VAL MA 72 40.13 -20.59 8.44
C VAL MA 72 41.14 -21.66 8.08
N GLN MA 73 42.38 -21.24 7.83
CA GLN MA 73 43.39 -22.16 7.35
C GLN MA 73 44.76 -21.72 7.83
N SER MA 74 45.70 -22.66 7.80
CA SER MA 74 47.10 -22.37 8.10
C SER MA 74 47.71 -21.57 6.95
N ASN MA 75 48.24 -20.39 7.26
CA ASN MA 75 48.68 -19.44 6.26
C ASN MA 75 50.20 -19.33 6.21
N SER MA 76 50.71 -18.95 5.04
CA SER MA 76 52.12 -18.60 4.89
C SER MA 76 52.41 -17.17 5.32
N ASP MA 77 51.39 -16.34 5.45
CA ASP MA 77 51.51 -14.97 5.93
C ASP MA 77 50.69 -14.82 7.21
N ASN MA 78 50.56 -13.58 7.67
CA ASN MA 78 49.77 -13.28 8.85
C ASN MA 78 49.18 -11.88 8.68
N GLY MA 79 48.12 -11.62 9.45
CA GLY MA 79 47.40 -10.37 9.34
C GLY MA 79 46.34 -10.37 8.29
N LYS MA 80 45.83 -11.54 7.91
CA LYS MA 80 44.88 -11.68 6.82
C LYS MA 80 43.46 -11.74 7.40
N GLN MA 81 42.60 -10.83 6.94
CA GLN MA 81 41.22 -10.77 7.42
C GLN MA 81 40.54 -12.13 7.27
N VAL MA 82 39.82 -12.53 8.30
CA VAL MA 82 39.01 -13.75 8.25
C VAL MA 82 37.61 -13.44 7.75
N PHE MA 83 37.01 -12.35 8.24
CA PHE MA 83 35.69 -11.95 7.80
C PHE MA 83 35.49 -10.48 8.16
N GLY MA 84 34.49 -9.88 7.51
CA GLY MA 84 34.09 -8.53 7.83
C GLY MA 84 32.68 -8.22 7.40
N PHE MA 85 31.83 -7.84 8.36
CA PHE MA 85 30.47 -7.41 8.04
C PHE MA 85 30.14 -6.14 8.81
N PRO MA 86 29.24 -5.31 8.28
CA PRO MA 86 28.82 -4.13 9.04
C PRO MA 86 27.87 -4.52 10.17
N LEU MA 87 27.74 -3.62 11.14
CA LEU MA 87 26.90 -3.86 12.32
C LEU MA 87 25.46 -3.47 12.05
N GLN MA 88 24.89 -3.99 10.96
CA GLN MA 88 23.49 -3.74 10.65
C GLN MA 88 22.66 -4.96 11.05
N PRO MA 89 22.19 -5.03 12.29
CA PRO MA 89 21.45 -6.24 12.71
C PRO MA 89 20.18 -6.49 11.93
N GLY MA 90 19.56 -5.44 11.37
CA GLY MA 90 18.28 -5.59 10.71
C GLY MA 90 18.33 -5.46 9.21
N ALA MA 91 19.46 -5.01 8.66
CA ALA MA 91 19.59 -4.75 7.24
C ALA MA 91 20.50 -5.75 6.55
N ASN MA 92 21.74 -5.89 6.99
CA ASN MA 92 22.69 -6.72 6.26
C ASN MA 92 22.28 -8.18 6.28
N GLY MA 93 22.61 -8.89 5.20
CA GLY MA 93 22.23 -10.28 5.07
C GLY MA 93 22.85 -11.19 6.08
N VAL MA 94 23.99 -10.79 6.67
CA VAL MA 94 24.63 -11.64 7.66
C VAL MA 94 23.74 -11.81 8.89
N LEU MA 95 23.02 -10.74 9.28
CA LEU MA 95 22.27 -10.74 10.51
C LEU MA 95 20.76 -10.56 10.33
N ASN MA 96 20.29 -10.07 9.18
CA ASN MA 96 18.89 -9.66 9.08
C ASN MA 96 17.94 -10.82 9.33
N ARG MA 97 18.34 -12.06 9.01
CA ARG MA 97 17.48 -13.22 9.17
C ARG MA 97 17.85 -14.09 10.35
N THR MA 98 18.85 -13.70 11.13
CA THR MA 98 19.07 -14.31 12.43
C THR MA 98 17.78 -14.21 13.24
N LEU MA 99 17.76 -14.89 14.39
CA LEU MA 99 16.64 -14.71 15.31
C LEU MA 99 16.51 -13.25 15.71
N LEU MA 100 17.64 -12.63 16.09
CA LEU MA 100 17.66 -11.22 16.45
C LEU MA 100 17.19 -10.35 15.29
N GLY MA 101 17.70 -10.62 14.09
CA GLY MA 101 17.32 -9.80 12.95
C GLY MA 101 15.86 -9.92 12.60
N GLU MA 102 15.33 -11.15 12.66
CA GLU MA 102 13.92 -11.36 12.40
C GLU MA 102 13.06 -10.57 13.38
N ILE MA 103 13.43 -10.58 14.66
CA ILE MA 103 12.66 -9.80 15.63
C ILE MA 103 12.82 -8.30 15.37
N LEU MA 104 14.04 -7.87 15.03
CA LEU MA 104 14.25 -6.46 14.74
C LEU MA 104 13.42 -6.00 13.55
N ASN MA 105 13.19 -6.88 12.58
CA ASN MA 105 12.44 -6.49 11.38
C ASN MA 105 10.96 -6.28 11.66
N TYR MA 106 10.48 -6.60 12.87
CA TYR MA 106 9.15 -6.23 13.29
C TYR MA 106 9.11 -4.89 14.01
N TYR MA 107 10.26 -4.24 14.18
CA TYR MA 107 10.36 -2.95 14.85
C TYR MA 107 11.23 -2.03 14.02
N THR MA 108 11.13 -0.72 14.29
CA THR MA 108 11.87 0.28 13.53
C THR MA 108 13.13 0.75 14.23
N HIS MA 109 13.10 0.90 15.55
CA HIS MA 109 14.26 1.37 16.30
C HIS MA 109 14.81 0.24 17.18
N TRP MA 110 16.13 0.28 17.40
CA TRP MA 110 16.78 -0.69 18.27
C TRP MA 110 17.93 0.00 18.98
N SER MA 111 18.30 -0.54 20.14
CA SER MA 111 19.41 -0.01 20.91
C SER MA 111 19.90 -1.09 21.86
N GLY MA 112 21.22 -1.22 21.95
CA GLY MA 112 21.81 -2.16 22.90
C GLY MA 112 23.07 -2.77 22.33
N SER MA 113 23.72 -3.56 23.16
CA SER MA 113 24.94 -4.27 22.80
C SER MA 113 24.60 -5.66 22.28
N ILE MA 114 25.56 -6.26 21.57
CA ILE MA 114 25.31 -7.52 20.86
C ILE MA 114 26.45 -8.48 21.14
N LYS MA 115 26.11 -9.71 21.51
CA LYS MA 115 27.10 -10.76 21.72
C LYS MA 115 27.30 -11.53 20.42
N LEU MA 116 28.55 -11.55 19.95
CA LEU MA 116 29.00 -12.37 18.83
C LEU MA 116 29.85 -13.49 19.44
N THR MA 117 29.29 -14.68 19.51
CA THR MA 117 30.01 -15.83 20.04
C THR MA 117 30.61 -16.62 18.88
N PHE MA 118 31.91 -16.92 18.95
CA PHE MA 118 32.62 -17.63 17.90
C PHE MA 118 33.12 -18.96 18.44
N MET MA 119 32.74 -20.04 17.77
CA MET MA 119 33.06 -21.40 18.18
C MET MA 119 33.95 -22.04 17.14
N PHE MA 120 35.13 -22.48 17.55
CA PHE MA 120 36.11 -23.10 16.66
C PHE MA 120 35.83 -24.59 16.60
N CYS MA 121 35.45 -25.10 15.43
CA CYS MA 121 35.10 -26.50 15.29
C CYS MA 121 36.17 -27.28 14.53
N GLY MA 122 37.42 -26.88 14.67
CA GLY MA 122 38.53 -27.58 14.07
C GLY MA 122 38.96 -28.77 14.90
N SER MA 123 40.13 -29.30 14.57
CA SER MA 123 40.67 -30.44 15.30
C SER MA 123 41.09 -30.00 16.70
N ALA MA 124 41.06 -30.96 17.63
CA ALA MA 124 41.47 -30.68 19.00
C ALA MA 124 42.95 -30.30 19.09
N MET MA 125 43.74 -30.64 18.08
CA MET MA 125 45.17 -30.39 18.09
C MET MA 125 45.55 -29.02 17.58
N ALA MA 126 44.63 -28.29 16.94
CA ALA MA 126 44.95 -27.03 16.33
C ALA MA 126 45.05 -25.91 17.37
N THR MA 127 45.92 -24.95 17.10
CA THR MA 127 46.06 -23.74 17.90
C THR MA 127 46.13 -22.54 16.96
N GLY MA 128 46.01 -21.36 17.55
CA GLY MA 128 46.07 -20.13 16.78
C GLY MA 128 45.44 -18.99 17.54
N LYS MA 129 45.57 -17.80 16.98
CA LYS MA 129 45.03 -16.61 17.63
C LYS MA 129 44.43 -15.68 16.61
N PHE MA 130 43.28 -15.10 16.96
CA PHE MA 130 42.56 -14.18 16.09
C PHE MA 130 42.32 -12.87 16.82
N LEU MA 131 42.17 -11.81 16.04
CA LEU MA 131 41.78 -10.50 16.55
C LEU MA 131 40.37 -10.21 16.06
N LEU MA 132 39.42 -10.21 16.98
CA LEU MA 132 38.03 -9.87 16.70
C LEU MA 132 37.83 -8.41 17.10
N ALA MA 133 37.52 -7.55 16.13
CA ALA MA 133 37.47 -6.12 16.36
C ALA MA 133 36.16 -5.53 15.89
N TYR MA 134 35.61 -4.64 16.71
CA TYR MA 134 34.47 -3.81 16.34
C TYR MA 134 34.99 -2.38 16.19
N SER MA 135 34.96 -1.86 14.97
CA SER MA 135 35.43 -0.51 14.69
C SER MA 135 34.22 0.40 14.53
N PRO MA 136 34.02 1.37 15.42
CA PRO MA 136 32.88 2.29 15.27
C PRO MA 136 32.93 3.04 13.95
N PRO MA 137 31.81 3.60 13.52
CA PRO MA 137 31.78 4.30 12.22
C PRO MA 137 32.56 5.60 12.25
N GLY MA 138 32.75 6.16 11.05
CA GLY MA 138 33.46 7.41 10.88
C GLY MA 138 34.71 7.26 10.06
N ALA MA 139 35.49 6.21 10.34
CA ALA MA 139 36.57 5.78 9.48
C ALA MA 139 36.12 4.56 8.70
N GLY MA 140 36.70 4.39 7.52
CA GLY MA 140 36.33 3.25 6.67
C GLY MA 140 36.54 1.94 7.40
N VAL MA 141 36.13 0.85 6.76
CA VAL MA 141 36.38 -0.47 7.36
C VAL MA 141 37.88 -0.66 7.50
N PRO MA 142 38.39 -1.17 8.63
CA PRO MA 142 39.84 -1.34 8.76
C PRO MA 142 40.39 -2.19 7.61
N LYS MA 143 41.41 -1.65 6.95
CA LYS MA 143 42.05 -2.34 5.85
C LYS MA 143 43.14 -3.30 6.31
N ASN MA 144 43.75 -3.03 7.46
CA ASN MA 144 44.80 -3.86 8.01
C ASN MA 144 44.48 -4.21 9.45
N ARG MA 145 45.08 -5.30 9.93
CA ARG MA 145 44.98 -5.64 11.34
C ARG MA 145 45.42 -4.47 12.21
N LYS MA 146 46.43 -3.73 11.76
CA LYS MA 146 46.84 -2.52 12.47
C LYS MA 146 45.69 -1.53 12.56
N ASP MA 147 44.97 -1.33 11.47
CA ASP MA 147 43.82 -0.43 11.51
C ASP MA 147 42.76 -0.94 12.48
N ALA MA 148 42.56 -2.25 12.53
CA ALA MA 148 41.54 -2.79 13.43
C ALA MA 148 41.95 -2.66 14.90
N MET MA 149 43.26 -2.70 15.18
CA MET MA 149 43.71 -2.72 16.57
C MET MA 149 43.34 -1.45 17.34
N LEU MA 150 43.06 -0.34 16.65
CA LEU MA 150 42.81 0.92 17.34
C LEU MA 150 41.40 1.00 17.93
N GLY MA 151 40.51 0.08 17.57
CA GLY MA 151 39.17 0.05 18.09
C GLY MA 151 38.96 -1.06 19.10
N THR MA 152 37.76 -1.10 19.65
CA THR MA 152 37.38 -2.17 20.56
C THR MA 152 37.66 -3.53 19.91
N HIS MA 153 38.57 -4.29 20.51
CA HIS MA 153 38.98 -5.57 19.95
C HIS MA 153 39.35 -6.54 21.06
N VAL MA 154 39.46 -7.81 20.68
CA VAL MA 154 39.73 -8.91 21.60
C VAL MA 154 40.58 -9.93 20.88
N ILE MA 155 41.59 -10.47 21.58
CA ILE MA 155 42.42 -11.54 21.06
C ILE MA 155 41.86 -12.86 21.56
N TRP MA 156 41.51 -13.74 20.62
CA TRP MA 156 40.91 -15.03 20.89
C TRP MA 156 41.95 -16.11 20.61
N ASP MA 157 42.41 -16.78 21.68
CA ASP MA 157 43.29 -17.92 21.53
C ASP MA 157 42.43 -19.17 21.41
N VAL MA 158 42.59 -19.91 20.31
CA VAL MA 158 41.75 -21.06 20.04
C VAL MA 158 42.05 -22.19 21.02
N GLY MA 159 43.34 -22.41 21.32
CA GLY MA 159 43.70 -23.50 22.20
C GLY MA 159 43.07 -23.39 23.58
N LEU MA 160 43.07 -22.19 24.15
CA LEU MA 160 42.62 -22.02 25.53
C LEU MA 160 41.11 -22.16 25.66
N GLN MA 161 40.36 -21.88 24.60
CA GLN MA 161 38.90 -21.83 24.71
C GLN MA 161 38.30 -22.05 23.33
N SER MA 162 37.58 -23.16 23.17
CA SER MA 162 36.89 -23.44 21.91
C SER MA 162 35.95 -22.30 21.53
N SER MA 163 35.33 -21.66 22.52
CA SER MA 163 34.38 -20.58 22.28
C SER MA 163 34.92 -19.27 22.85
N CYS MA 164 34.60 -18.17 22.16
CA CYS MA 164 35.00 -16.84 22.61
C CYS MA 164 33.90 -15.84 22.29
N VAL MA 165 33.58 -14.99 23.27
CA VAL MA 165 32.49 -14.03 23.15
C VAL MA 165 33.07 -12.64 22.95
N LEU MA 166 32.71 -12.00 21.83
CA LEU MA 166 33.00 -10.59 21.59
C LEU MA 166 31.70 -9.82 21.81
N CYS MA 167 31.70 -8.95 22.81
CA CYS MA 167 30.49 -8.21 23.19
C CYS MA 167 30.59 -6.79 22.64
N VAL MA 168 29.92 -6.56 21.51
CA VAL MA 168 29.92 -5.26 20.83
C VAL MA 168 29.11 -4.26 21.65
N PRO MA 169 29.73 -3.17 22.10
CA PRO MA 169 29.01 -2.20 22.94
C PRO MA 169 28.12 -1.28 22.11
N TRP MA 170 27.27 -0.54 22.82
CA TRP MA 170 26.40 0.45 22.21
C TRP MA 170 27.13 1.79 22.21
N ILE MA 171 27.75 2.12 21.08
CA ILE MA 171 28.46 3.38 20.90
C ILE MA 171 27.73 4.10 19.77
N SER MA 172 26.79 4.98 20.13
CA SER MA 172 25.95 5.67 19.17
C SER MA 172 25.71 7.09 19.64
N GLN MA 173 25.55 8.00 18.68
CA GLN MA 173 25.23 9.39 19.02
C GLN MA 173 23.82 9.50 19.60
N THR MA 174 22.90 8.67 19.11
CA THR MA 174 21.50 8.73 19.50
C THR MA 174 21.18 7.59 20.47
N HIS MA 175 20.00 7.70 21.09
CA HIS MA 175 19.58 6.66 22.00
C HIS MA 175 19.19 5.38 21.27
N TYR MA 176 18.75 5.48 20.03
CA TYR MA 176 18.39 4.33 19.22
C TYR MA 176 19.01 4.46 17.84
N ARG MA 177 18.88 3.40 17.06
CA ARG MA 177 19.30 3.38 15.67
C ARG MA 177 18.18 2.79 14.82
N TYR MA 178 18.13 3.19 13.55
CA TYR MA 178 17.12 2.66 12.65
C TYR MA 178 17.46 1.23 12.27
N VAL MA 179 16.45 0.36 12.31
CA VAL MA 179 16.62 -1.01 11.83
C VAL MA 179 17.04 -1.01 10.37
N VAL MA 180 16.47 -0.11 9.57
CA VAL MA 180 16.80 -0.02 8.16
C VAL MA 180 18.05 0.85 7.99
N GLU MA 181 18.70 0.69 6.83
CA GLU MA 181 19.96 1.38 6.58
C GLU MA 181 19.77 2.90 6.60
N ASP MA 182 20.70 3.58 7.26
CA ASP MA 182 20.72 5.04 7.32
C ASP MA 182 22.09 5.46 7.83
N GLU MA 183 22.84 6.21 7.03
CA GLU MA 183 24.18 6.63 7.43
C GLU MA 183 24.16 7.55 8.64
N TYR MA 184 23.01 8.15 8.96
CA TYR MA 184 22.92 8.93 10.19
C TYR MA 184 22.86 8.06 11.42
N THR MA 185 22.52 6.78 11.26
CA THR MA 185 22.52 5.79 12.34
C THR MA 185 23.53 4.69 12.07
N ALA MA 186 24.57 5.01 11.28
CA ALA MA 186 25.67 4.07 11.08
C ALA MA 186 26.12 3.49 12.41
N ALA MA 187 26.67 2.29 12.36
CA ALA MA 187 26.99 1.56 13.58
C ALA MA 187 28.39 0.96 13.63
N GLY MA 188 29.06 0.76 12.51
CA GLY MA 188 30.44 0.30 12.55
C GLY MA 188 30.66 -0.92 11.68
N TYR MA 189 31.87 -1.48 11.80
CA TYR MA 189 32.27 -2.66 11.05
C TYR MA 189 32.90 -3.67 11.99
N ILE MA 190 32.54 -4.94 11.83
CA ILE MA 190 33.06 -6.03 12.64
C ILE MA 190 33.98 -6.86 11.76
N THR MA 191 35.25 -6.92 12.14
CA THR MA 191 36.29 -7.56 11.36
C THR MA 191 37.01 -8.60 12.21
N CYS MA 192 37.61 -9.58 11.52
CA CYS MA 192 38.44 -10.57 12.19
C CYS MA 192 39.73 -10.75 11.40
N TRP MA 193 40.83 -10.93 12.14
CA TRP MA 193 42.15 -11.02 11.54
C TRP MA 193 42.94 -12.13 12.21
N TYR MA 194 43.96 -12.62 11.51
CA TYR MA 194 44.86 -13.61 12.10
C TYR MA 194 45.84 -12.89 13.02
N GLN MA 195 45.79 -13.22 14.31
CA GLN MA 195 46.76 -12.74 15.29
C GLN MA 195 47.99 -13.63 15.31
N THR MA 196 47.78 -14.93 15.21
CA THR MA 196 48.86 -15.91 15.11
C THR MA 196 48.35 -17.05 14.22
N ASN MA 197 49.07 -17.31 13.14
CA ASN MA 197 48.68 -18.32 12.16
C ASN MA 197 48.30 -19.64 12.81
N ILE MA 198 47.25 -20.25 12.30
CA ILE MA 198 46.80 -21.56 12.77
C ILE MA 198 47.93 -22.57 12.57
N VAL MA 199 48.52 -23.02 13.68
CA VAL MA 199 49.55 -24.05 13.67
C VAL MA 199 48.89 -25.39 13.97
N VAL MA 200 49.18 -26.39 13.15
CA VAL MA 200 48.60 -27.72 13.28
C VAL MA 200 49.72 -28.74 13.18
N PRO MA 201 49.60 -29.93 13.79
CA PRO MA 201 50.65 -30.94 13.66
C PRO MA 201 50.52 -31.71 12.35
N ALA MA 202 51.38 -32.71 12.19
CA ALA MA 202 51.31 -33.56 11.02
C ALA MA 202 50.09 -34.47 11.10
N ASP MA 203 49.57 -34.84 9.93
CA ASP MA 203 48.43 -35.76 9.83
C ASP MA 203 47.22 -35.23 10.58
N VAL MA 204 47.06 -33.91 10.56
CA VAL MA 204 45.87 -33.24 11.08
C VAL MA 204 45.44 -32.22 10.02
N GLN MA 205 44.13 -32.01 9.92
CA GLN MA 205 43.60 -31.11 8.90
C GLN MA 205 44.00 -29.67 9.20
N SER MA 206 44.56 -28.99 8.20
CA SER MA 206 45.00 -27.60 8.35
C SER MA 206 43.89 -26.59 8.08
N SER MA 207 42.77 -27.02 7.49
CA SER MA 207 41.64 -26.16 7.19
C SER MA 207 40.51 -26.48 8.17
N CYS MA 208 40.07 -25.47 8.90
CA CYS MA 208 39.03 -25.63 9.91
C CYS MA 208 37.93 -24.62 9.67
N ASP MA 209 36.87 -24.73 10.46
CA ASP MA 209 35.72 -23.85 10.35
C ASP MA 209 35.39 -23.24 11.70
N ILE MA 210 34.75 -22.08 11.64
CA ILE MA 210 34.27 -21.38 12.81
C ILE MA 210 32.78 -21.08 12.61
N LEU MA 211 32.01 -21.20 13.68
CA LEU MA 211 30.59 -20.84 13.64
C LEU MA 211 30.36 -19.60 14.47
N CYS MA 212 29.53 -18.70 13.97
CA CYS MA 212 29.24 -17.45 14.66
C CYS MA 212 27.78 -17.43 15.10
N PHE MA 213 27.55 -16.88 16.29
CA PHE MA 213 26.25 -16.80 16.94
C PHE MA 213 26.01 -15.36 17.35
N VAL MA 214 24.77 -14.88 17.16
CA VAL MA 214 24.39 -13.53 17.52
C VAL MA 214 23.30 -13.58 18.57
N SER MA 215 23.44 -12.77 19.60
CA SER MA 215 22.35 -12.58 20.56
C SER MA 215 22.41 -11.16 21.09
N ALA MA 216 21.34 -10.76 21.77
CA ALA MA 216 21.25 -9.44 22.37
C ALA MA 216 21.64 -9.50 23.85
N CYS MA 217 22.15 -8.39 24.37
CA CYS MA 217 22.57 -8.31 25.76
C CYS MA 217 21.40 -7.88 26.64
N ASN MA 218 21.69 -7.74 27.94
CA ASN MA 218 20.68 -7.33 28.91
C ASN MA 218 20.17 -5.92 28.69
N ASP MA 219 20.85 -5.12 27.86
CA ASP MA 219 20.48 -3.73 27.64
C ASP MA 219 20.05 -3.50 26.20
N PHE MA 220 19.10 -4.31 25.71
CA PHE MA 220 18.69 -4.26 24.32
C PHE MA 220 17.19 -4.15 24.24
N SER MA 221 16.70 -3.23 23.40
CA SER MA 221 15.27 -2.97 23.28
C SER MA 221 14.96 -2.54 21.86
N VAL MA 222 13.73 -2.82 21.44
CA VAL MA 222 13.25 -2.44 20.11
C VAL MA 222 11.98 -1.61 20.28
N ARG MA 223 11.62 -0.90 19.22
CA ARG MA 223 10.65 0.18 19.34
C ARG MA 223 9.93 0.39 18.02
N MET MA 224 8.76 1.02 18.10
CA MET MA 224 7.96 1.36 16.93
C MET MA 224 7.59 0.10 16.15
N LEU MA 225 6.61 -0.63 16.67
CA LEU MA 225 6.11 -1.83 16.03
C LEU MA 225 5.75 -1.58 14.57
N LYS MA 226 6.06 -2.55 13.71
CA LYS MA 226 5.76 -2.45 12.29
C LYS MA 226 5.67 -3.86 11.70
N ASP MA 227 5.31 -3.93 10.43
CA ASP MA 227 5.19 -5.19 9.72
C ASP MA 227 6.52 -5.57 9.06
N THR MA 228 6.70 -6.86 8.84
CA THR MA 228 7.95 -7.35 8.27
C THR MA 228 7.93 -7.22 6.75
N PRO MA 229 9.10 -6.96 6.14
CA PRO MA 229 9.21 -7.10 4.69
C PRO MA 229 9.41 -8.53 4.25
N PHE MA 230 9.57 -9.46 5.20
CA PHE MA 230 9.95 -10.83 4.86
C PHE MA 230 8.76 -11.66 4.38
N ILE MA 231 7.56 -11.36 4.84
CA ILE MA 231 6.37 -12.12 4.46
C ILE MA 231 5.65 -11.37 3.34
N ARG MA 232 5.21 -12.12 2.33
CA ARG MA 232 4.53 -11.56 1.16
C ARG MA 232 3.38 -12.46 0.76
N GLN MA 233 2.31 -11.84 0.28
CA GLN MA 233 1.13 -12.56 -0.20
C GLN MA 233 0.58 -11.85 -1.42
N ASP MA 234 -0.06 -12.63 -2.29
CA ASP MA 234 -0.77 -12.10 -3.45
C ASP MA 234 -2.21 -12.56 -3.51
N THR MA 235 -2.50 -13.79 -3.10
CA THR MA 235 -3.86 -14.30 -3.02
C THR MA 235 -4.01 -15.12 -1.75
N PHE MA 236 -5.24 -15.14 -1.22
CA PHE MA 236 -5.52 -15.90 -0.01
C PHE MA 236 -5.02 -17.33 -0.16
N TYR MA 237 -4.21 -17.77 0.80
CA TYR MA 237 -3.73 -19.14 0.80
C TYR MA 237 -4.91 -20.09 0.98
N GLN MA 238 -4.85 -21.22 0.28
CA GLN MA 238 -5.91 -22.23 0.36
C GLN MA 238 -5.32 -23.64 0.23
N THR NA 28 -8.63 5.54 33.88
CA THR NA 28 -9.86 4.81 34.08
C THR NA 28 -9.66 3.31 33.83
N ASN NA 29 -10.25 2.49 34.70
CA ASN NA 29 -10.20 1.04 34.53
C ASN NA 29 -11.51 0.40 34.92
N ILE NA 30 -12.62 1.11 34.76
CA ILE NA 30 -13.93 0.57 35.11
C ILE NA 30 -14.41 -0.31 33.97
N ASN NA 31 -14.86 -1.52 34.29
CA ASN NA 31 -15.33 -2.48 33.30
C ASN NA 31 -16.85 -2.47 33.26
N TYR NA 32 -17.40 -2.34 32.05
CA TYR NA 32 -18.83 -2.25 31.86
C TYR NA 32 -19.48 -3.58 31.54
N TYR NA 33 -18.70 -4.62 31.23
CA TYR NA 33 -19.22 -5.90 30.77
C TYR NA 33 -18.99 -6.98 31.82
N LYS NA 34 -19.93 -7.92 31.89
CA LYS NA 34 -19.91 -8.98 32.90
C LYS NA 34 -18.89 -10.07 32.60
N ASP NA 35 -18.37 -10.13 31.39
CA ASP NA 35 -17.46 -11.21 30.97
C ASP NA 35 -16.04 -10.68 30.85
N ALA NA 36 -15.09 -11.46 31.36
CA ALA NA 36 -13.71 -11.01 31.38
C ALA NA 36 -13.14 -10.83 29.98
N ALA NA 37 -13.63 -11.60 29.01
CA ALA NA 37 -13.14 -11.46 27.64
C ALA NA 37 -13.45 -10.08 27.07
N SER NA 38 -14.43 -9.39 27.64
CA SER NA 38 -14.80 -8.06 27.17
C SER NA 38 -13.83 -6.97 27.61
N ASN NA 39 -12.87 -7.30 28.47
CA ASN NA 39 -12.00 -6.28 29.04
C ASN NA 39 -10.91 -5.87 28.05
N SER NA 40 -10.30 -4.72 28.32
CA SER NA 40 -9.24 -4.21 27.48
C SER NA 40 -7.99 -5.08 27.59
N ALA NA 41 -6.99 -4.76 26.77
CA ALA NA 41 -5.76 -5.53 26.76
C ALA NA 41 -4.99 -5.32 28.05
N ASN NA 42 -4.12 -6.29 28.36
CA ASN NA 42 -3.28 -6.23 29.56
C ASN NA 42 -2.02 -5.43 29.24
N ARG NA 43 -2.20 -4.12 29.15
CA ARG NA 43 -1.11 -3.21 28.83
C ARG NA 43 -0.64 -2.37 30.00
N GLN NA 44 -1.50 -2.09 30.97
CA GLN NA 44 -1.10 -1.30 32.14
C GLN NA 44 0.11 -1.93 32.82
N ASP NA 45 1.27 -1.30 32.66
CA ASP NA 45 2.55 -1.83 33.16
C ASP NA 45 2.62 -3.35 33.00
N SER OA 45 34.64 71.25 -37.68
CA SER OA 45 35.28 69.95 -37.63
C SER OA 45 35.40 69.45 -36.19
N GLU OA 46 35.90 70.31 -35.31
CA GLU OA 46 36.07 69.93 -33.91
C GLU OA 46 34.73 69.86 -33.18
N SER OA 47 33.65 70.32 -33.79
CA SER OA 47 32.33 70.26 -33.17
C SER OA 47 31.55 69.01 -33.58
N SER OA 48 32.14 68.14 -34.40
CA SER OA 48 31.51 66.87 -34.71
C SER OA 48 31.32 66.06 -33.43
N ILE OA 49 30.36 65.15 -33.45
CA ILE OA 49 30.12 64.31 -32.28
C ILE OA 49 31.33 63.42 -32.02
N GLU OA 50 31.98 62.93 -33.07
CA GLU OA 50 33.14 62.07 -32.90
C GLU OA 50 34.22 62.79 -32.10
N ASN OA 51 34.57 64.02 -32.50
CA ASN OA 51 35.57 64.76 -31.76
C ASN OA 51 35.06 65.20 -30.39
N PHE OA 52 33.76 65.46 -30.29
CA PHE OA 52 33.16 65.90 -29.02
C PHE OA 52 33.33 64.83 -27.95
N LEU OA 53 33.05 63.57 -28.29
CA LEU OA 53 33.05 62.49 -27.31
C LEU OA 53 34.33 61.67 -27.29
N CYS OA 54 35.12 61.68 -28.36
CA CYS OA 54 36.27 60.80 -28.51
C CYS OA 54 37.46 61.39 -27.75
N ARG OA 55 37.33 61.39 -26.43
CA ARG OA 55 38.39 61.83 -25.54
C ARG OA 55 38.34 61.00 -24.25
N ALA OA 56 39.49 60.45 -23.87
CA ALA OA 56 39.56 59.62 -22.67
C ALA OA 56 39.28 60.45 -21.41
N ALA OA 57 38.67 59.80 -20.42
CA ALA OA 57 38.30 60.46 -19.18
C ALA OA 57 38.33 59.46 -18.04
N CYS OA 58 38.85 59.89 -16.90
CA CYS OA 58 38.91 59.04 -15.70
C CYS OA 58 37.50 58.80 -15.20
N VAL OA 59 36.96 57.62 -15.48
CA VAL OA 59 35.58 57.32 -15.12
C VAL OA 59 35.42 56.75 -13.73
N TYR OA 60 36.47 56.15 -13.17
CA TYR OA 60 36.40 55.46 -11.90
C TYR OA 60 37.82 55.10 -11.47
N TYR OA 61 38.05 55.12 -10.15
CA TYR OA 61 39.33 54.74 -9.61
C TYR OA 61 39.10 54.11 -8.25
N ALA OA 62 39.74 52.96 -8.02
CA ALA OA 62 39.62 52.26 -6.75
C ALA OA 62 40.98 51.71 -6.36
N THR OA 63 41.06 51.19 -5.13
CA THR OA 63 42.30 50.66 -4.59
C THR OA 63 42.11 49.23 -4.12
N TYR OA 64 43.18 48.45 -4.24
CA TYR OA 64 43.16 47.05 -3.80
C TYR OA 64 44.55 46.67 -3.32
N THR OA 65 44.59 45.75 -2.36
CA THR OA 65 45.82 45.42 -1.65
C THR OA 65 46.18 43.95 -1.84
N ASN OA 66 47.44 43.64 -1.57
CA ASN OA 66 47.92 42.26 -1.67
C ASN OA 66 47.43 41.41 -0.51
N ASN OA 67 47.49 41.95 0.70
CA ASN OA 67 47.33 41.16 1.92
C ASN OA 67 45.85 41.11 2.31
N SER OA 68 45.11 40.26 1.60
CA SER OA 68 43.72 40.00 1.92
C SER OA 68 43.17 39.06 0.87
N GLU OA 69 41.94 38.58 1.12
CA GLU OA 69 41.16 37.90 0.10
C GLU OA 69 40.10 38.81 -0.51
N LYS OA 70 39.78 39.92 0.15
CA LYS OA 70 39.02 41.01 -0.44
C LYS OA 70 39.92 42.02 -1.13
N GLY OA 71 41.13 41.61 -1.52
CA GLY OA 71 42.09 42.53 -2.11
C GLY OA 71 41.90 42.71 -3.60
N TYR OA 72 40.66 42.62 -4.06
CA TYR OA 72 40.30 42.91 -5.45
C TYR OA 72 39.37 44.11 -5.50
N ALA OA 73 39.41 44.81 -6.62
CA ALA OA 73 38.54 45.94 -6.90
C ALA OA 73 37.48 45.56 -7.93
N GLU OA 74 36.37 46.27 -7.90
CA GLU OA 74 35.23 45.93 -8.75
C GLU OA 74 34.52 47.20 -9.17
N TRP OA 75 33.98 47.18 -10.39
CA TRP OA 75 33.22 48.32 -10.88
C TRP OA 75 32.28 47.87 -12.00
N VAL OA 76 30.99 48.11 -11.82
CA VAL OA 76 30.02 47.90 -12.89
C VAL OA 76 30.14 49.05 -13.89
N ILE OA 77 30.25 48.71 -15.18
CA ILE OA 77 30.47 49.72 -16.21
C ILE OA 77 29.18 50.51 -16.41
N ASN OA 78 29.18 51.77 -15.96
CA ASN OA 78 28.10 52.70 -16.22
C ASN OA 78 28.70 54.02 -16.70
N THR OA 79 27.85 54.86 -17.30
CA THR OA 79 28.28 56.14 -17.85
C THR OA 79 27.70 57.33 -17.09
N ARG OA 80 27.01 57.09 -15.97
CA ARG OA 80 26.32 58.15 -15.24
C ARG OA 80 26.98 58.50 -13.92
N GLN OA 81 28.07 57.82 -13.58
CA GLN OA 81 28.69 58.02 -12.28
C GLN OA 81 29.55 59.27 -12.24
N VAL OA 82 30.08 59.69 -13.39
CA VAL OA 82 30.89 60.90 -13.49
C VAL OA 82 30.03 62.01 -14.09
N ALA OA 83 30.33 63.25 -13.74
CA ALA OA 83 29.44 64.37 -14.06
C ALA OA 83 29.63 64.87 -15.50
N GLN OA 84 30.82 65.39 -15.80
CA GLN OA 84 31.04 66.05 -17.08
C GLN OA 84 30.73 65.13 -18.25
N LEU OA 85 31.35 63.94 -18.26
CA LEU OA 85 31.13 62.99 -19.34
C LEU OA 85 29.66 62.55 -19.40
N ARG OA 86 29.05 62.36 -18.23
CA ARG OA 86 27.63 61.99 -18.22
C ARG OA 86 26.80 63.03 -18.94
N ARG OA 87 27.04 64.31 -18.65
CA ARG OA 87 26.26 65.36 -19.32
C ARG OA 87 26.54 65.38 -20.82
N LYS OA 88 27.80 65.29 -21.21
CA LYS OA 88 28.13 65.25 -22.63
C LYS OA 88 27.32 64.16 -23.33
N LEU OA 89 27.22 62.98 -22.71
CA LEU OA 89 26.43 61.91 -23.32
C LEU OA 89 24.93 62.21 -23.26
N GLU OA 90 24.47 62.82 -22.17
CA GLU OA 90 23.04 63.05 -21.97
C GLU OA 90 22.49 64.16 -22.84
N LEU OA 91 23.36 64.92 -23.52
CA LEU OA 91 22.85 65.84 -24.55
C LEU OA 91 22.10 65.12 -25.66
N PHE OA 92 22.10 63.78 -25.68
CA PHE OA 92 21.42 62.99 -26.69
C PHE OA 92 20.60 61.89 -26.02
N THR OA 93 19.54 61.45 -26.69
CA THR OA 93 18.66 60.43 -26.13
C THR OA 93 19.14 59.02 -26.44
N TYR OA 94 19.73 58.80 -27.62
CA TYR OA 94 20.21 57.48 -28.00
C TYR OA 94 21.64 57.61 -28.52
N LEU OA 95 22.50 56.70 -28.07
CA LEU OA 95 23.89 56.66 -28.51
C LEU OA 95 24.23 55.23 -28.89
N ARG OA 96 25.36 55.07 -29.59
CA ARG OA 96 25.80 53.76 -30.02
C ARG OA 96 27.27 53.86 -30.38
N PHE OA 97 28.10 53.00 -29.79
CA PHE OA 97 29.53 53.12 -29.92
C PHE OA 97 30.23 51.91 -29.31
N ASP OA 98 31.47 51.69 -29.73
CA ASP OA 98 32.41 50.86 -29.00
C ASP OA 98 33.14 51.72 -27.98
N LEU OA 99 33.78 51.07 -27.01
CA LEU OA 99 34.49 51.80 -25.98
C LEU OA 99 35.91 51.28 -25.81
N GLU OA 100 36.83 52.21 -25.59
CA GLU OA 100 38.25 51.93 -25.41
C GLU OA 100 38.59 52.07 -23.94
N LEU OA 101 39.07 50.98 -23.32
CA LEU OA 101 39.41 50.95 -21.92
C LEU OA 101 40.92 51.07 -21.78
N THR OA 102 41.38 52.09 -21.06
CA THR OA 102 42.79 52.26 -20.73
C THR OA 102 42.93 52.26 -19.22
N PHE OA 103 43.81 51.39 -18.69
CA PHE OA 103 43.95 51.23 -17.25
C PHE OA 103 45.31 51.74 -16.79
N VAL OA 104 45.30 52.68 -15.86
CA VAL OA 104 46.52 53.22 -15.25
C VAL OA 104 46.55 52.71 -13.82
N ILE OA 105 47.41 51.72 -13.56
CA ILE OA 105 47.52 51.06 -12.26
C ILE OA 105 48.86 51.41 -11.65
N THR OA 106 48.83 52.06 -10.50
CA THR OA 106 50.04 52.48 -9.79
C THR OA 106 50.02 51.96 -8.37
N SER OA 107 51.18 51.49 -7.90
CA SER OA 107 51.30 50.80 -6.62
C SER OA 107 52.29 51.50 -5.71
N ALA OA 108 52.19 51.19 -4.42
CA ALA OA 108 53.02 51.80 -3.41
C ALA OA 108 53.22 50.82 -2.26
N GLN OA 109 54.39 50.89 -1.65
CA GLN OA 109 54.75 49.96 -0.57
C GLN OA 109 53.94 50.24 0.70
N GLN OA 110 53.47 49.17 1.33
CA GLN OA 110 52.73 49.23 2.59
C GLN OA 110 53.66 48.97 3.77
N PRO OA 111 53.28 49.40 4.96
CA PRO OA 111 54.16 49.18 6.12
C PRO OA 111 54.22 47.71 6.50
N SER OA 112 55.41 47.26 6.88
CA SER OA 112 55.61 45.87 7.28
C SER OA 112 56.88 45.79 8.13
N THR OA 113 57.01 44.68 8.85
CA THR OA 113 58.16 44.43 9.71
C THR OA 113 58.96 43.28 9.10
N ALA OA 114 60.01 43.62 8.37
CA ALA OA 114 60.87 42.61 7.80
C ALA OA 114 62.14 43.28 7.28
N THR OA 115 63.27 42.94 7.86
CA THR OA 115 64.54 43.44 7.36
C THR OA 115 64.66 43.11 5.88
N SER OA 116 64.88 44.14 5.06
CA SER OA 116 65.02 43.95 3.62
C SER OA 116 63.75 43.39 3.00
N VAL OA 117 62.84 44.28 2.58
CA VAL OA 117 61.55 43.86 2.04
C VAL OA 117 61.58 43.88 0.52
N ASP OA 118 62.76 43.67 -0.07
CA ASP OA 118 62.89 43.67 -1.51
C ASP OA 118 61.85 42.74 -2.14
N ALA OA 119 61.15 43.23 -3.15
CA ALA OA 119 60.04 42.51 -3.76
C ALA OA 119 60.22 42.45 -5.27
N PRO OA 120 59.79 41.36 -5.90
CA PRO OA 120 59.94 41.22 -7.35
C PRO OA 120 58.89 42.04 -8.11
N VAL OA 121 59.04 42.05 -9.44
CA VAL OA 121 58.10 42.74 -10.29
C VAL OA 121 56.69 42.22 -10.03
N GLN OA 122 55.71 43.12 -10.06
CA GLN OA 122 54.33 42.79 -9.75
C GLN OA 122 53.50 42.79 -11.02
N THR OA 123 52.68 41.76 -11.19
CA THR OA 123 51.74 41.67 -12.31
C THR OA 123 50.32 41.74 -11.76
N HIS OA 124 49.42 42.28 -12.57
CA HIS OA 124 48.03 42.48 -12.20
C HIS OA 124 47.12 41.83 -13.24
N GLN OA 125 45.91 41.49 -12.80
CA GLN OA 125 44.89 40.91 -13.66
C GLN OA 125 43.66 41.80 -13.69
N ILE OA 126 43.20 42.10 -14.91
CA ILE OA 126 42.04 42.95 -15.18
C ILE OA 126 41.02 42.07 -15.92
N MET OA 127 39.93 41.73 -15.26
CA MET OA 127 38.93 40.86 -15.85
C MET OA 127 37.68 41.65 -16.22
N TYR OA 128 37.11 41.34 -17.39
CA TYR OA 128 35.80 41.87 -17.77
C TYR OA 128 34.78 40.75 -17.68
N VAL OA 129 33.70 40.99 -16.93
CA VAL OA 129 32.59 40.05 -16.83
C VAL OA 129 31.47 40.57 -17.73
N PRO OA 130 31.31 40.00 -18.92
CA PRO OA 130 30.18 40.38 -19.77
C PRO OA 130 28.87 40.16 -19.05
N PRO OA 131 27.79 40.81 -19.50
CA PRO OA 131 26.49 40.61 -18.84
C PRO OA 131 26.13 39.14 -18.72
N GLY OA 132 25.94 38.67 -17.49
CA GLY OA 132 25.57 37.29 -17.23
C GLY OA 132 26.70 36.40 -16.77
N GLY OA 133 27.94 36.89 -16.82
CA GLY OA 133 29.09 36.07 -16.50
C GLY OA 133 29.25 35.89 -15.00
N PRO OA 134 30.15 34.98 -14.64
CA PRO OA 134 30.47 34.78 -13.21
C PRO OA 134 31.17 35.98 -12.61
N VAL OA 135 31.08 36.08 -11.30
CA VAL OA 135 31.52 37.26 -10.55
C VAL OA 135 32.53 36.84 -9.49
N PRO OA 136 33.75 37.35 -9.50
CA PRO OA 136 34.68 37.08 -8.39
C PRO OA 136 34.10 37.54 -7.06
N THR OA 137 34.07 36.64 -6.09
CA THR OA 137 33.70 36.96 -4.73
C THR OA 137 34.89 36.97 -3.78
N LYS OA 138 36.06 36.53 -4.24
CA LYS OA 138 37.28 36.54 -3.43
C LYS OA 138 38.47 36.61 -4.37
N VAL OA 139 39.63 36.99 -3.82
CA VAL OA 139 40.81 37.14 -4.65
C VAL OA 139 41.19 35.83 -5.33
N THR OA 140 40.79 34.70 -4.75
CA THR OA 140 41.15 33.39 -5.29
C THR OA 140 39.90 32.63 -5.73
N ASP OA 141 39.05 33.28 -6.50
CA ASP OA 141 37.82 32.68 -6.98
C ASP OA 141 38.01 32.06 -8.37
N TYR OA 142 37.06 31.20 -8.75
CA TYR OA 142 37.11 30.56 -10.06
C TYR OA 142 36.77 31.53 -11.20
N ALA OA 143 36.05 32.61 -10.86
CA ALA OA 143 35.71 33.60 -11.88
C ALA OA 143 36.96 34.10 -12.59
N TRP OA 144 38.05 34.29 -11.84
CA TRP OA 144 39.29 34.71 -12.49
C TRP OA 144 39.78 33.65 -13.48
N GLN OA 145 39.33 32.40 -13.34
CA GLN OA 145 39.72 31.31 -14.24
C GLN OA 145 38.74 31.09 -15.39
N THR OA 146 37.57 31.74 -15.35
CA THR OA 146 36.53 31.59 -16.38
C THR OA 146 36.94 31.07 -17.76
N SER OA 147 37.69 31.89 -18.52
CA SER OA 147 38.09 31.59 -19.90
C SER OA 147 37.12 32.15 -20.92
N THR OA 148 35.86 32.34 -20.52
CA THR OA 148 34.90 33.04 -21.37
C THR OA 148 34.78 34.51 -21.01
N ASN OA 149 35.32 34.92 -19.85
CA ASN OA 149 35.37 36.31 -19.46
C ASN OA 149 36.75 36.83 -19.83
N PRO OA 150 36.88 37.74 -20.79
CA PRO OA 150 38.22 38.19 -21.18
C PRO OA 150 38.95 38.80 -20.00
N SER OA 151 40.27 38.70 -20.03
CA SER OA 151 41.06 39.30 -18.97
C SER OA 151 42.46 39.59 -19.48
N VAL OA 152 43.06 40.62 -18.90
CA VAL OA 152 44.37 41.14 -19.27
C VAL OA 152 45.32 40.89 -18.11
N PHE OA 153 46.52 40.41 -18.43
CA PHE OA 153 47.60 40.27 -17.45
C PHE OA 153 48.68 41.27 -17.81
N TRP OA 154 48.88 42.26 -16.95
CA TRP OA 154 49.78 43.37 -17.24
C TRP OA 154 50.83 43.48 -16.15
N THR OA 155 52.09 43.58 -16.57
CA THR OA 155 53.20 43.68 -15.64
C THR OA 155 53.54 45.14 -15.39
N GLU OA 156 53.81 45.49 -14.14
CA GLU OA 156 54.14 46.86 -13.80
C GLU OA 156 55.43 47.29 -14.49
N GLY OA 157 55.49 48.57 -14.86
CA GLY OA 157 56.63 49.13 -15.52
C GLY OA 157 56.54 49.17 -17.03
N ASN OA 158 55.42 48.74 -17.61
CA ASN OA 158 55.21 48.73 -19.05
C ASN OA 158 54.09 49.71 -19.41
N ALA OA 159 53.83 49.85 -20.70
CA ALA OA 159 52.78 50.74 -21.15
C ALA OA 159 51.44 50.30 -20.57
N PRO OA 160 50.64 51.23 -20.06
CA PRO OA 160 49.36 50.84 -19.45
C PRO OA 160 48.58 49.92 -20.36
N PRO OA 161 47.86 48.95 -19.80
CA PRO OA 161 47.08 48.04 -20.63
C PRO OA 161 45.83 48.71 -21.19
N ARG OA 162 45.41 48.22 -22.36
CA ARG OA 162 44.26 48.76 -23.05
C ARG OA 162 43.50 47.62 -23.72
N MET OA 163 42.17 47.76 -23.74
CA MET OA 163 41.31 46.75 -24.35
C MET OA 163 40.03 47.43 -24.82
N SER OA 164 39.59 47.11 -26.03
CA SER OA 164 38.35 47.67 -26.58
C SER OA 164 37.21 46.69 -26.40
N ILE OA 165 36.00 47.22 -26.31
CA ILE OA 165 34.80 46.40 -26.16
C ILE OA 165 33.73 46.87 -27.13
N PRO OA 166 33.05 45.95 -27.84
CA PRO OA 166 32.06 46.37 -28.83
C PRO OA 166 30.80 46.97 -28.25
N PHE OA 167 29.87 47.32 -29.13
CA PHE OA 167 28.53 47.74 -28.75
C PHE OA 167 27.76 46.48 -28.37
N ILE OA 168 27.88 46.10 -27.10
CA ILE OA 168 27.37 44.81 -26.63
C ILE OA 168 26.02 45.07 -25.98
N SER OA 169 24.96 45.05 -26.79
CA SER OA 169 23.62 45.22 -26.29
C SER OA 169 22.67 44.57 -27.29
N ILE OA 170 21.46 44.31 -26.84
CA ILE OA 170 20.47 43.63 -27.68
C ILE OA 170 19.72 44.62 -28.57
N GLY OA 171 19.55 45.86 -28.12
CA GLY OA 171 18.91 46.86 -28.94
C GLY OA 171 19.86 47.49 -29.94
N ASN OA 172 19.28 48.27 -30.85
CA ASN OA 172 20.04 48.88 -31.93
C ASN OA 172 20.76 50.15 -31.52
N ALA OA 173 20.73 50.51 -30.24
CA ALA OA 173 21.46 51.66 -29.73
C ALA OA 173 21.31 51.70 -28.23
N TYR OA 174 22.37 52.13 -27.53
CA TYR OA 174 22.28 52.35 -26.10
C TYR OA 174 21.20 53.41 -25.82
N SER OA 175 20.52 53.25 -24.69
CA SER OA 175 19.47 54.18 -24.29
C SER OA 175 20.01 55.09 -23.20
N CYS OA 176 20.00 56.40 -23.45
CA CYS OA 176 20.43 57.36 -22.44
C CYS OA 176 19.31 57.70 -21.47
N PHE OA 177 18.06 57.60 -21.91
CA PHE OA 177 16.90 57.89 -21.07
C PHE OA 177 15.82 56.87 -21.40
N TYR OA 178 14.95 56.61 -20.42
CA TYR OA 178 13.92 55.58 -20.58
C TYR OA 178 12.70 55.99 -19.76
N ASP OA 179 11.63 56.35 -20.45
CA ASP OA 179 10.36 56.72 -19.80
C ASP OA 179 9.47 55.49 -19.67
N GLY OA 180 9.95 54.53 -18.89
CA GLY OA 180 9.21 53.29 -18.72
C GLY OA 180 9.72 52.48 -17.54
N TRP OA 181 9.19 51.27 -17.44
CA TRP OA 181 9.51 50.36 -16.35
C TRP OA 181 10.08 49.05 -16.90
N THR OA 182 10.59 48.23 -15.98
CA THR OA 182 11.14 46.93 -16.33
C THR OA 182 10.09 45.83 -16.36
N GLN OA 183 9.09 45.91 -15.48
CA GLN OA 183 8.00 44.95 -15.42
C GLN OA 183 6.76 45.53 -16.10
N PHE OA 184 5.97 44.65 -16.73
CA PHE OA 184 4.80 45.09 -17.48
C PHE OA 184 3.68 45.60 -16.60
N SER OA 185 3.72 45.35 -15.29
CA SER OA 185 2.71 45.86 -14.37
C SER OA 185 2.94 47.31 -13.99
N ARG OA 186 3.77 48.04 -14.74
CA ARG OA 186 4.12 49.42 -14.41
C ARG OA 186 4.67 49.50 -12.98
N ASN OA 187 5.48 48.52 -12.60
CA ASN OA 187 6.03 48.41 -11.26
C ASN OA 187 7.47 47.88 -11.35
N GLY OA 188 8.07 47.66 -10.20
CA GLY OA 188 9.47 47.24 -10.15
C GLY OA 188 10.43 48.43 -10.18
N VAL OA 189 11.07 48.64 -11.33
CA VAL OA 189 12.04 49.71 -11.50
C VAL OA 189 11.55 50.66 -12.59
N TYR OA 190 11.75 51.95 -12.37
CA TYR OA 190 11.46 53.00 -13.34
C TYR OA 190 12.75 53.67 -13.76
N GLY OA 191 12.67 54.47 -14.82
CA GLY OA 191 13.84 55.24 -15.22
C GLY OA 191 14.87 54.31 -15.85
N ILE OA 192 16.10 54.41 -15.36
CA ILE OA 192 17.20 53.62 -15.91
C ILE OA 192 17.01 52.16 -15.54
N ASN OA 193 16.12 51.47 -16.28
CA ASN OA 193 15.92 50.02 -16.16
C ASN OA 193 15.85 49.50 -17.60
N THR OA 194 17.01 49.28 -18.21
CA THR OA 194 17.07 49.01 -19.63
C THR OA 194 18.20 48.04 -19.92
N LEU OA 195 18.14 47.42 -21.11
CA LEU OA 195 19.19 46.53 -21.58
C LEU OA 195 20.51 47.24 -21.79
N ASN OA 196 20.53 48.57 -21.73
CA ASN OA 196 21.78 49.33 -21.82
C ASN OA 196 22.62 49.01 -20.58
N ASN OA 197 23.23 47.83 -20.59
CA ASN OA 197 24.11 47.37 -19.52
C ASN OA 197 25.43 46.92 -20.13
N MET OA 198 26.53 47.23 -19.44
CA MET OA 198 27.87 47.06 -19.99
C MET OA 198 28.72 46.06 -19.21
N GLY OA 199 28.14 45.31 -18.28
CA GLY OA 199 28.90 44.30 -17.57
C GLY OA 199 29.69 44.88 -16.41
N THR OA 200 30.55 44.04 -15.83
CA THR OA 200 31.35 44.43 -14.68
C THR OA 200 32.83 44.29 -15.00
N LEU OA 201 33.67 44.90 -14.16
CA LEU OA 201 35.12 44.95 -14.37
C LEU OA 201 35.82 44.74 -13.04
N TYR OA 202 36.64 43.69 -12.94
CA TYR OA 202 37.31 43.31 -11.71
C TYR OA 202 38.82 43.46 -11.86
N MET OA 203 39.50 43.65 -10.73
CA MET OA 203 40.91 43.98 -10.67
C MET OA 203 41.55 43.22 -9.51
N ARG OA 204 42.74 42.67 -9.74
CA ARG OA 204 43.42 42.02 -8.62
C ARG OA 204 44.92 41.95 -8.86
N HIS OA 205 45.65 41.70 -7.76
CA HIS OA 205 47.05 41.32 -7.83
C HIS OA 205 47.14 39.85 -8.24
N VAL OA 206 48.07 39.55 -9.13
CA VAL OA 206 48.18 38.18 -9.61
C VAL OA 206 49.04 37.32 -8.70
N ASN OA 207 50.05 37.91 -8.06
CA ASN OA 207 50.97 37.15 -7.23
C ASN OA 207 50.86 37.54 -5.77
N GLU OA 208 51.42 36.68 -4.92
CA GLU OA 208 51.44 36.93 -3.48
C GLU OA 208 52.42 38.05 -3.18
N ALA OA 209 52.46 38.45 -1.91
CA ALA OA 209 53.34 39.54 -1.48
C ALA OA 209 53.95 39.20 -0.13
N GLY OA 210 54.47 37.99 0.01
CA GLY OA 210 55.15 37.62 1.23
C GLY OA 210 56.23 38.62 1.59
N GLN OA 211 56.34 38.94 2.87
CA GLN OA 211 57.36 39.87 3.37
C GLN OA 211 57.14 41.28 2.84
N GLY OA 212 55.92 41.79 3.03
CA GLY OA 212 55.60 43.15 2.64
C GLY OA 212 54.59 43.23 1.51
N PRO OA 213 53.34 43.58 1.84
CA PRO OA 213 52.31 43.68 0.80
C PRO OA 213 52.38 45.02 0.08
N ILE OA 214 51.56 45.13 -0.97
CA ILE OA 214 51.53 46.30 -1.83
C ILE OA 214 50.07 46.65 -2.13
N LYS OA 215 49.76 47.94 -2.06
CA LYS OA 215 48.45 48.47 -2.40
C LYS OA 215 48.55 49.25 -3.71
N SER OA 216 47.58 49.03 -4.60
CA SER OA 216 47.56 49.61 -5.92
C SER OA 216 46.27 50.38 -6.13
N THR OA 217 46.30 51.29 -7.11
CA THR OA 217 45.16 52.14 -7.45
C THR OA 217 44.92 52.00 -8.95
N VAL OA 218 43.76 51.45 -9.31
CA VAL OA 218 43.36 51.30 -10.70
C VAL OA 218 42.49 52.48 -11.08
N ARG OA 219 42.73 52.99 -12.30
CA ARG OA 219 41.97 54.10 -12.88
C ARG OA 219 41.51 53.69 -14.27
N ILE OA 220 40.20 53.66 -14.48
CA ILE OA 220 39.59 53.28 -15.75
C ILE OA 220 39.35 54.53 -16.58
N TYR OA 221 39.53 54.42 -17.89
CA TYR OA 221 39.32 55.54 -18.81
C TYR OA 221 38.45 55.09 -19.99
N PHE OA 222 37.43 55.89 -20.31
CA PHE OA 222 36.55 55.64 -21.44
C PHE OA 222 36.82 56.63 -22.56
N LYS OA 223 36.81 56.12 -23.78
CA LYS OA 223 36.84 56.95 -25.00
C LYS OA 223 35.89 56.31 -26.00
N PRO OA 224 34.62 56.70 -26.00
CA PRO OA 224 33.68 56.14 -26.98
C PRO OA 224 34.15 56.40 -28.40
N LYS OA 225 34.37 55.32 -29.14
CA LYS OA 225 34.84 55.39 -30.52
C LYS OA 225 33.71 54.99 -31.46
N HIS OA 226 33.76 55.53 -32.69
CA HIS OA 226 32.77 55.22 -33.72
C HIS OA 226 31.36 55.43 -33.18
N VAL OA 227 31.08 56.68 -32.86
CA VAL OA 227 29.87 57.06 -32.13
C VAL OA 227 28.76 57.41 -33.12
N LYS OA 228 27.52 57.09 -32.73
CA LYS OA 228 26.33 57.49 -33.47
C LYS OA 228 25.30 57.97 -32.47
N ALA OA 229 24.83 59.21 -32.65
CA ALA OA 229 23.91 59.83 -31.72
C ALA OA 229 22.59 60.17 -32.40
N TRP OA 230 21.52 60.18 -31.62
CA TRP OA 230 20.18 60.47 -32.13
C TRP OA 230 19.40 61.29 -31.11
N VAL OA 231 18.46 62.07 -31.62
CA VAL OA 231 17.47 62.79 -30.81
C VAL OA 231 18.16 63.68 -29.79
N PRO OA 232 18.63 64.87 -30.17
CA PRO OA 232 19.22 65.77 -29.17
C PRO OA 232 18.17 66.30 -28.21
N ARG OA 233 18.62 66.64 -27.01
CA ARG OA 233 17.74 67.07 -25.94
C ARG OA 233 18.43 68.17 -25.14
N PRO OA 234 17.68 68.90 -24.31
CA PRO OA 234 18.27 70.04 -23.62
C PRO OA 234 19.43 69.61 -22.75
N PRO OA 235 20.44 70.45 -22.61
CA PRO OA 235 21.54 70.11 -21.70
C PRO OA 235 21.04 70.06 -20.27
N ARG OA 236 21.73 69.27 -19.45
CA ARG OA 236 21.41 69.18 -18.02
C ARG OA 236 21.61 70.53 -17.36
N LEU OA 237 20.59 70.98 -16.63
CA LEU OA 237 20.62 72.27 -15.94
C LEU OA 237 20.86 72.10 -14.45
N CYS OA 238 20.00 71.33 -13.78
CA CYS OA 238 20.15 71.09 -12.35
C CYS OA 238 21.21 70.03 -12.11
N GLN OA 239 21.98 70.22 -11.05
CA GLN OA 239 23.09 69.32 -10.77
C GLN OA 239 22.59 67.90 -10.53
N TYR OA 240 23.41 66.93 -10.93
CA TYR OA 240 23.07 65.53 -10.73
C TYR OA 240 23.01 65.20 -9.24
N GLU OA 241 22.11 64.29 -8.89
CA GLU OA 241 21.93 63.83 -7.51
C GLU OA 241 22.17 62.34 -7.34
N LYS OA 242 21.74 61.52 -8.29
CA LYS OA 242 21.91 60.08 -8.21
C LYS OA 242 22.32 59.54 -9.57
N GLN OA 243 23.16 58.51 -9.56
CA GLN OA 243 23.65 57.92 -10.81
C GLN OA 243 22.61 57.04 -11.50
N LYS OA 244 21.56 56.63 -10.79
CA LYS OA 244 20.64 55.63 -11.29
C LYS OA 244 19.28 56.20 -11.69
N ASN OA 245 19.13 57.52 -11.72
CA ASN OA 245 17.85 58.12 -12.05
C ASN OA 245 18.03 59.59 -12.39
N VAL OA 246 16.98 60.18 -12.97
CA VAL OA 246 17.00 61.58 -13.36
C VAL OA 246 16.76 62.52 -12.18
N ASN OA 247 16.38 61.99 -11.03
CA ASN OA 247 16.01 62.80 -9.89
C ASN OA 247 16.92 64.00 -9.72
N PHE OA 248 16.32 65.18 -9.61
CA PHE OA 248 17.04 66.43 -9.55
C PHE OA 248 16.41 67.33 -8.50
N THR OA 249 17.20 68.28 -8.02
CA THR OA 249 16.70 69.32 -7.13
C THR OA 249 16.51 70.59 -7.95
N PRO OA 250 15.30 71.15 -8.01
CA PRO OA 250 15.06 72.25 -8.94
C PRO OA 250 15.99 73.43 -8.72
N THR OA 251 16.44 74.01 -9.83
CA THR OA 251 17.37 75.13 -9.83
C THR OA 251 16.83 76.22 -10.74
N GLY OA 252 17.37 77.43 -10.58
CA GLY OA 252 16.95 78.55 -11.39
C GLY OA 252 17.37 78.38 -12.85
N VAL OA 253 16.77 79.20 -13.71
CA VAL OA 253 17.00 79.07 -15.15
C VAL OA 253 18.39 79.58 -15.53
N THR OA 254 18.81 80.71 -14.95
CA THR OA 254 20.11 81.29 -15.27
C THR OA 254 20.60 82.13 -14.10
N THR OA 255 21.82 82.62 -14.23
CA THR OA 255 22.32 83.61 -13.27
C THR OA 255 21.45 84.85 -13.37
N THR OA 256 21.37 85.60 -12.27
CA THR OA 256 20.45 86.73 -12.17
C THR OA 256 21.22 88.04 -12.23
N ARG OA 257 20.56 89.05 -12.80
CA ARG OA 257 21.04 90.42 -12.82
C ARG OA 257 20.00 91.34 -12.20
N VAL OA 258 20.30 92.63 -12.18
CA VAL OA 258 19.49 93.61 -11.48
C VAL OA 258 18.24 93.94 -12.27
N GLY OA 259 18.42 94.63 -13.40
CA GLY OA 259 17.31 95.16 -14.15
C GLY OA 259 17.37 94.76 -15.61
N ILE OA 260 16.23 94.97 -16.29
CA ILE OA 260 16.12 94.71 -17.72
C ILE OA 260 17.07 95.60 -18.52
N THR OA 261 17.41 96.76 -17.98
CA THR OA 261 18.29 97.72 -18.65
C THR OA 261 19.76 97.53 -18.30
N THR OA 262 20.04 96.95 -17.12
CA THR OA 262 21.40 96.82 -16.62
C THR OA 262 22.28 95.99 -17.54
N SER PA 15 -14.05 67.97 -43.98
CA SER PA 15 -12.61 68.12 -44.23
C SER PA 15 -11.83 67.08 -43.45
N ILE PA 16 -11.44 65.99 -44.11
CA ILE PA 16 -10.77 64.84 -43.50
C ILE PA 16 -11.85 63.87 -43.01
N THR PA 17 -11.51 62.58 -42.94
CA THR PA 17 -12.45 61.58 -42.45
C THR PA 17 -11.81 60.48 -41.61
N LEU PA 18 -10.55 60.12 -41.86
CA LEU PA 18 -9.80 59.13 -41.06
C LEU PA 18 -10.72 57.98 -40.62
N GLY PA 19 -11.34 57.35 -41.61
CA GLY PA 19 -12.33 56.32 -41.33
C GLY PA 19 -13.59 56.92 -40.75
N ASN PA 20 -13.78 56.76 -39.45
CA ASN PA 20 -14.86 57.41 -38.71
C ASN PA 20 -14.24 58.46 -37.80
N SER PA 21 -14.56 59.73 -38.05
CA SER PA 21 -13.96 60.86 -37.33
C SER PA 21 -14.28 62.18 -38.02
N THR PA 22 -13.49 62.55 -39.03
CA THR PA 22 -13.71 63.79 -39.76
C THR PA 22 -13.54 65.00 -38.84
N ILE PA 23 -12.31 65.56 -38.77
CA ILE PA 23 -12.04 66.74 -37.96
C ILE PA 23 -12.14 67.98 -38.84
N THR PA 24 -12.53 69.11 -38.23
CA THR PA 24 -12.92 70.27 -39.01
C THR PA 24 -11.74 71.01 -39.64
N THR PA 25 -10.52 70.83 -39.12
CA THR PA 25 -9.39 71.70 -39.42
C THR PA 25 -9.54 72.50 -40.71
N GLN PA 26 -9.39 71.84 -41.86
CA GLN PA 26 -9.58 72.49 -43.16
C GLN PA 26 -8.70 73.73 -43.32
N GLU PA 27 -7.82 73.99 -42.36
CA GLU PA 27 -6.98 75.18 -42.40
C GLU PA 27 -5.70 74.88 -43.16
N CYS PA 28 -5.18 75.90 -43.86
CA CYS PA 28 -3.89 75.77 -44.52
C CYS PA 28 -2.82 75.79 -43.43
N ALA PA 29 -2.91 74.86 -42.49
CA ALA PA 29 -2.12 74.87 -41.27
C ALA PA 29 -0.71 74.33 -41.53
N ASN PA 30 0.24 74.85 -40.76
CA ASN PA 30 1.63 74.40 -40.84
C ASN PA 30 1.81 73.19 -39.95
N VAL PA 31 2.20 72.06 -40.56
CA VAL PA 31 2.44 70.82 -39.85
C VAL PA 31 3.94 70.63 -39.66
N VAL PA 32 4.36 70.36 -38.43
CA VAL PA 32 5.75 70.08 -38.11
C VAL PA 32 5.96 68.57 -38.19
N VAL PA 33 6.81 68.14 -39.12
CA VAL PA 33 7.00 66.71 -39.38
C VAL PA 33 8.20 66.26 -38.56
N GLY PA 34 7.94 65.91 -37.30
CA GLY PA 34 8.91 65.28 -36.42
C GLY PA 34 10.37 65.58 -36.68
N TYR PA 35 11.17 64.54 -36.76
CA TYR PA 35 12.60 64.65 -37.06
C TYR PA 35 12.85 64.46 -38.55
N GLY PA 36 12.07 65.16 -39.37
CA GLY PA 36 12.17 65.00 -40.80
C GLY PA 36 11.71 63.67 -41.34
N VAL PA 37 11.05 62.86 -40.52
CA VAL PA 37 10.63 61.52 -40.89
C VAL PA 37 9.11 61.46 -40.84
N TRP PA 38 8.50 60.97 -41.91
CA TRP PA 38 7.07 60.68 -41.92
C TRP PA 38 6.83 59.25 -41.43
N PRO PA 39 5.82 59.02 -40.58
CA PRO PA 39 5.61 57.66 -40.06
C PRO PA 39 5.39 56.65 -41.18
N GLU PA 40 6.06 55.50 -41.05
CA GLU PA 40 5.96 54.40 -42.00
C GLU PA 40 5.99 53.08 -41.25
N TYR PA 41 5.59 52.02 -41.94
CA TYR PA 41 5.57 50.69 -41.33
C TYR PA 41 6.99 50.13 -41.23
N LEU PA 42 7.11 49.08 -40.43
CA LEU PA 42 8.42 48.46 -40.22
C LEU PA 42 8.84 47.69 -41.47
N LYS PA 43 10.14 47.73 -41.76
CA LYS PA 43 10.67 47.06 -42.94
C LYS PA 43 11.11 45.63 -42.60
N THR PA 54 0.73 42.63 -37.33
CA THR PA 54 -0.66 42.91 -37.63
C THR PA 54 -0.93 44.42 -37.53
N GLN PA 55 -1.43 45.00 -38.61
CA GLN PA 55 -1.72 46.43 -38.68
C GLN PA 55 -3.22 46.67 -38.84
N PRO PA 56 -3.92 47.18 -37.82
CA PRO PA 56 -5.37 47.40 -37.97
C PRO PA 56 -5.72 48.51 -38.94
N ASP PA 57 -4.76 49.34 -39.35
CA ASP PA 57 -4.98 50.43 -40.31
C ASP PA 57 -6.00 51.40 -39.72
N VAL PA 58 -7.11 51.70 -40.41
CA VAL PA 58 -8.00 52.75 -39.96
C VAL PA 58 -8.72 52.38 -38.67
N ALA PA 59 -9.03 51.08 -38.47
CA ALA PA 59 -9.66 50.65 -37.22
C ALA PA 59 -8.91 51.18 -36.02
N THR PA 60 -7.59 51.33 -36.14
CA THR PA 60 -6.74 51.95 -35.13
C THR PA 60 -6.34 53.37 -35.51
N CYS PA 61 -6.05 53.61 -36.78
CA CYS PA 61 -5.63 54.92 -37.28
C CYS PA 61 -6.85 55.80 -37.49
N ARG PA 62 -7.23 56.52 -36.43
CA ARG PA 62 -8.40 57.40 -36.47
C ARG PA 62 -8.21 58.51 -35.46
N PHE PA 63 -8.98 59.57 -35.61
CA PHE PA 63 -8.82 60.79 -34.81
C PHE PA 63 -9.49 60.59 -33.46
N TYR PA 64 -8.71 60.24 -32.44
CA TYR PA 64 -9.19 60.19 -31.06
C TYR PA 64 -9.02 61.56 -30.43
N THR PA 65 -10.11 62.21 -30.07
CA THR PA 65 -10.08 63.53 -29.44
C THR PA 65 -10.23 63.35 -27.93
N LEU PA 66 -9.19 63.73 -27.19
CA LEU PA 66 -9.21 63.57 -25.75
C LEU PA 66 -10.15 64.62 -25.12
N GLU PA 67 -10.30 64.55 -23.81
CA GLU PA 67 -11.07 65.56 -23.10
C GLU PA 67 -10.40 66.92 -23.24
N SER PA 68 -11.22 67.96 -23.27
CA SER PA 68 -10.70 69.32 -23.38
C SER PA 68 -10.28 69.84 -22.01
N VAL PA 69 -9.31 70.75 -22.02
CA VAL PA 69 -8.82 71.35 -20.77
C VAL PA 69 -8.95 72.87 -20.90
N GLN PA 70 -8.99 73.53 -19.75
CA GLN PA 70 -9.17 74.97 -19.68
C GLN PA 70 -7.84 75.66 -19.44
N TRP PA 71 -7.52 76.63 -20.30
CA TRP PA 71 -6.37 77.50 -20.11
C TRP PA 71 -6.81 78.71 -19.30
N MET PA 72 -6.22 78.87 -18.12
CA MET PA 72 -6.52 79.99 -17.26
C MET PA 72 -5.31 80.90 -17.14
N LYS PA 73 -5.52 82.07 -16.54
CA LYS PA 73 -4.42 83.00 -16.34
C LYS PA 73 -3.34 82.42 -15.43
N ASN PA 74 -3.66 81.36 -14.68
CA ASN PA 74 -2.74 80.75 -13.73
C ASN PA 74 -2.15 79.44 -14.21
N SER PA 75 -2.70 78.83 -15.26
CA SER PA 75 -2.26 77.50 -15.68
C SER PA 75 -0.76 77.46 -15.91
N ALA PA 76 -0.12 76.42 -15.38
CA ALA PA 76 1.32 76.23 -15.54
C ALA PA 76 1.67 75.37 -16.74
N GLY PA 77 0.81 74.42 -17.10
CA GLY PA 77 1.05 73.58 -18.26
C GLY PA 77 0.40 72.23 -18.07
N TRP PA 78 0.43 71.45 -19.15
CA TRP PA 78 -0.18 70.13 -19.18
C TRP PA 78 0.76 69.16 -19.89
N TRP PA 79 0.59 67.87 -19.59
CA TRP PA 79 1.31 66.83 -20.31
C TRP PA 79 0.48 65.55 -20.36
N TRP PA 80 0.72 64.79 -21.42
CA TRP PA 80 0.15 63.47 -21.63
C TRP PA 80 1.26 62.49 -21.97
N LYS PA 81 1.25 61.32 -21.35
CA LYS PA 81 2.05 60.20 -21.84
C LYS PA 81 1.27 59.51 -22.95
N LEU PA 82 1.87 59.37 -24.12
CA LEU PA 82 1.05 59.12 -25.30
C LEU PA 82 0.53 57.68 -25.38
N PRO PA 83 1.38 56.65 -25.36
CA PRO PA 83 0.83 55.28 -25.37
C PRO PA 83 -0.21 55.07 -24.29
N ASP PA 84 -0.06 55.74 -23.14
CA ASP PA 84 -0.99 55.66 -22.03
C ASP PA 84 -2.04 56.79 -22.05
N ALA PA 85 -2.23 57.45 -23.19
CA ALA PA 85 -3.30 58.42 -23.35
C ALA PA 85 -4.51 57.83 -24.06
N LEU PA 86 -4.29 57.12 -25.16
CA LEU PA 86 -5.34 56.39 -25.87
C LEU PA 86 -5.45 54.96 -25.37
N SER PA 87 -4.79 54.62 -24.27
CA SER PA 87 -4.77 53.25 -23.77
C SER PA 87 -6.16 52.76 -23.40
N GLN PA 88 -7.04 53.66 -22.98
CA GLN PA 88 -8.39 53.32 -22.53
C GLN PA 88 -9.43 53.59 -23.60
N MET PA 89 -9.01 53.96 -24.81
CA MET PA 89 -9.91 54.46 -25.84
C MET PA 89 -9.91 53.52 -27.05
N GLY PA 90 -10.96 52.70 -27.15
CA GLY PA 90 -11.30 52.04 -28.40
C GLY PA 90 -10.34 50.96 -28.86
N LEU PA 91 -10.33 50.74 -30.18
CA LEU PA 91 -9.59 49.62 -30.76
C LEU PA 91 -8.08 49.81 -30.61
N PHE PA 92 -7.59 51.05 -30.56
CA PHE PA 92 -6.19 51.27 -30.22
C PHE PA 92 -5.86 50.59 -28.90
N GLY PA 93 -6.66 50.87 -27.87
CA GLY PA 93 -6.46 50.24 -26.58
C GLY PA 93 -6.66 48.73 -26.61
N GLN PA 94 -7.63 48.27 -27.41
CA GLN PA 94 -7.88 46.82 -27.47
C GLN PA 94 -6.68 46.08 -28.04
N ASN PA 95 -6.18 46.54 -29.21
CA ASN PA 95 -4.97 45.95 -29.77
C ASN PA 95 -3.80 46.09 -28.80
N MET PA 96 -3.72 47.22 -28.10
CA MET PA 96 -2.66 47.43 -27.12
C MET PA 96 -2.70 46.37 -26.03
N GLN PA 97 -3.90 46.02 -25.55
CA GLN PA 97 -4.02 45.02 -24.50
C GLN PA 97 -3.74 43.62 -25.03
N TYR PA 98 -4.21 43.31 -26.23
CA TYR PA 98 -4.12 41.94 -26.73
C TYR PA 98 -2.78 41.62 -27.37
N HIS PA 99 -1.93 42.60 -27.63
CA HIS PA 99 -0.64 42.34 -28.27
C HIS PA 99 0.51 42.72 -27.36
N TYR PA 100 1.56 41.89 -27.40
CA TYR PA 100 2.76 42.10 -26.60
C TYR PA 100 3.59 43.25 -27.13
N LEU PA 101 3.48 43.55 -28.42
CA LEU PA 101 4.32 44.56 -29.06
C LEU PA 101 3.45 45.56 -29.81
N GLY PA 102 3.96 46.78 -29.89
CA GLY PA 102 3.29 47.84 -30.62
C GLY PA 102 4.31 48.79 -31.21
N ARG PA 103 3.89 49.49 -32.25
CA ARG PA 103 4.76 50.43 -32.97
C ARG PA 103 3.85 51.45 -33.63
N THR PA 104 4.08 52.74 -33.35
CA THR PA 104 3.13 53.74 -33.78
C THR PA 104 3.83 55.09 -33.99
N GLY PA 105 3.40 55.79 -35.04
CA GLY PA 105 3.61 57.21 -35.14
C GLY PA 105 2.32 57.93 -34.76
N TYR PA 106 2.40 59.25 -34.64
CA TYR PA 106 1.23 60.01 -34.24
C TYR PA 106 1.07 61.25 -35.10
N THR PA 107 -0.16 61.71 -35.21
CA THR PA 107 -0.47 63.05 -35.67
C THR PA 107 -1.24 63.72 -34.53
N ILE PA 108 -0.61 64.71 -33.90
CA ILE PA 108 -1.15 65.38 -32.73
C ILE PA 108 -1.62 66.76 -33.17
N HIS PA 109 -2.88 67.09 -32.87
CA HIS PA 109 -3.50 68.33 -33.30
C HIS PA 109 -4.04 69.04 -32.06
N VAL PA 110 -3.35 70.09 -31.64
CA VAL PA 110 -3.73 70.90 -30.49
C VAL PA 110 -4.50 72.10 -31.01
N GLN PA 111 -5.79 72.19 -30.67
CA GLN PA 111 -6.66 73.25 -31.15
C GLN PA 111 -7.01 74.17 -29.97
N CYS PA 112 -6.79 75.46 -30.15
CA CYS PA 112 -7.15 76.45 -29.15
C CYS PA 112 -7.90 77.58 -29.85
N ASN PA 113 -8.99 78.03 -29.25
CA ASN PA 113 -9.83 79.06 -29.88
C ASN PA 113 -10.19 80.13 -28.86
N ALA PA 114 -9.82 81.37 -29.17
CA ALA PA 114 -10.20 82.54 -28.39
C ALA PA 114 -10.61 83.61 -29.40
N SER PA 115 -10.68 84.86 -28.96
CA SER PA 115 -11.00 85.98 -29.83
C SER PA 115 -9.78 86.89 -29.97
N LYS PA 116 -9.93 87.92 -30.81
CA LYS PA 116 -8.86 88.90 -30.95
C LYS PA 116 -8.55 89.61 -29.64
N PHE PA 117 -9.49 89.61 -28.69
CA PHE PA 117 -9.35 90.33 -27.43
C PHE PA 117 -8.75 89.47 -26.32
N HIS PA 118 -8.35 88.24 -26.62
CA HIS PA 118 -7.53 87.42 -25.74
C HIS PA 118 -6.07 87.52 -26.18
N GLN PA 119 -5.18 87.08 -25.29
CA GLN PA 119 -3.76 87.05 -25.63
C GLN PA 119 -3.08 85.97 -24.80
N GLY PA 120 -2.00 85.43 -25.35
CA GLY PA 120 -1.29 84.33 -24.73
C GLY PA 120 -0.53 83.55 -25.77
N CYS PA 121 0.29 82.62 -25.27
CA CYS PA 121 1.11 81.81 -26.16
C CYS PA 121 1.43 80.47 -25.51
N LEU PA 122 1.17 79.40 -26.24
CA LEU PA 122 1.46 78.04 -25.82
C LEU PA 122 2.64 77.48 -26.60
N LEU PA 123 3.52 76.76 -25.91
CA LEU PA 123 4.51 75.91 -26.56
C LEU PA 123 3.97 74.49 -26.56
N VAL PA 124 3.85 73.89 -27.74
CA VAL PA 124 3.37 72.52 -27.90
C VAL PA 124 4.56 71.70 -28.38
N VAL PA 125 5.12 70.87 -27.50
CA VAL PA 125 6.29 70.07 -27.83
C VAL PA 125 5.95 68.60 -27.65
N CYS PA 126 6.67 67.75 -28.39
CA CYS PA 126 6.52 66.31 -28.25
C CYS PA 126 7.89 65.74 -27.86
N VAL PA 127 8.04 65.37 -26.59
CA VAL PA 127 9.31 64.92 -26.03
C VAL PA 127 9.36 63.40 -26.15
N PRO PA 128 10.23 62.83 -26.98
CA PRO PA 128 10.46 61.39 -26.92
C PRO PA 128 11.30 61.04 -25.70
N GLU PA 129 10.89 60.00 -24.98
CA GLU PA 129 11.60 59.54 -23.78
C GLU PA 129 11.63 60.63 -22.72
N ALA PA 130 10.44 61.08 -22.32
CA ALA PA 130 10.31 62.14 -21.31
C ALA PA 130 10.40 61.51 -19.92
N GLU PA 131 11.60 61.07 -19.58
CA GLU PA 131 11.88 60.53 -18.27
C GLU PA 131 11.85 61.68 -17.24
N MET PA 132 10.98 61.56 -16.25
CA MET PA 132 10.73 62.64 -15.31
C MET PA 132 11.27 62.27 -13.93
N GLY PA 133 11.70 63.30 -13.19
CA GLY PA 133 12.27 63.10 -11.88
C GLY PA 133 11.24 63.20 -10.77
N CYS PA 134 11.68 62.82 -9.57
CA CYS PA 134 10.81 62.80 -8.40
C CYS PA 134 11.08 63.98 -7.49
N SER PA 135 10.14 64.23 -6.59
CA SER PA 135 10.33 65.26 -5.57
C SER PA 135 11.20 64.73 -4.43
N ASN PA 136 10.93 63.51 -3.97
CA ASN PA 136 11.81 62.83 -3.01
C ASN PA 136 12.92 62.15 -3.81
N LEU PA 137 14.15 62.66 -3.67
CA LEU PA 137 15.23 62.22 -4.54
C LEU PA 137 15.57 60.74 -4.41
N ASN PA 138 15.06 60.07 -3.37
CA ASN PA 138 15.38 58.67 -3.14
C ASN PA 138 14.33 57.71 -3.71
N ASN PA 139 13.44 58.21 -4.56
CA ASN PA 139 12.39 57.37 -5.12
C ASN PA 139 12.08 57.84 -6.54
N THR PA 140 11.49 56.94 -7.33
CA THR PA 140 10.99 57.31 -8.65
C THR PA 140 9.48 57.50 -8.58
N PRO PA 141 8.93 58.44 -9.35
CA PRO PA 141 7.50 58.73 -9.24
C PRO PA 141 6.64 57.52 -9.55
N GLU PA 142 5.38 57.59 -9.11
CA GLU PA 142 4.43 56.51 -9.32
C GLU PA 142 3.82 56.59 -10.72
N PHE PA 143 3.38 55.43 -11.21
CA PHE PA 143 2.77 55.38 -12.55
C PHE PA 143 1.61 56.34 -12.67
N ALA PA 144 0.76 56.41 -11.63
CA ALA PA 144 -0.38 57.32 -11.68
C ALA PA 144 0.05 58.78 -11.68
N GLU PA 145 1.14 59.09 -10.97
CA GLU PA 145 1.63 60.47 -10.93
C GLU PA 145 2.18 60.89 -12.30
N LEU PA 146 2.90 59.98 -12.97
CA LEU PA 146 3.45 60.32 -14.28
C LEU PA 146 2.40 60.30 -15.38
N SER PA 147 1.40 59.44 -15.26
CA SER PA 147 0.47 59.15 -16.35
C SER PA 147 -0.90 59.72 -16.05
N GLY PA 148 -1.57 60.18 -17.11
CA GLY PA 148 -2.91 60.69 -17.02
C GLY PA 148 -3.73 60.29 -18.23
N GLY PA 149 -3.83 58.99 -18.48
CA GLY PA 149 -4.55 58.50 -19.64
C GLY PA 149 -5.95 59.07 -19.73
N ASP PA 150 -6.26 59.71 -20.85
CA ASP PA 150 -7.53 60.39 -21.05
C ASP PA 150 -7.78 61.46 -19.99
N THR PA 151 -6.75 61.83 -19.22
CA THR PA 151 -6.88 62.86 -18.19
C THR PA 151 -5.50 63.51 -18.01
N ALA PA 152 -5.26 64.56 -18.79
CA ALA PA 152 -3.98 65.25 -18.77
C ALA PA 152 -3.51 65.56 -17.36
N ARG PA 153 -2.24 65.27 -17.08
CA ARG PA 153 -1.68 65.66 -15.79
C ARG PA 153 -1.04 67.04 -15.93
N MET PA 154 -1.03 67.79 -14.84
CA MET PA 154 -0.70 69.20 -14.88
C MET PA 154 0.68 69.48 -14.30
N PHE PA 155 1.35 70.48 -14.88
CA PHE PA 155 2.53 71.05 -14.26
C PHE PA 155 2.11 71.99 -13.13
N THR PA 156 3.07 72.36 -12.29
CA THR PA 156 2.81 73.15 -11.10
C THR PA 156 3.46 74.52 -11.21
N ASP PA 157 2.87 75.48 -10.51
CA ASP PA 157 3.40 76.84 -10.48
C ASP PA 157 4.59 76.98 -9.55
N THR PA 158 4.79 76.03 -8.63
CA THR PA 158 5.87 76.08 -7.65
C THR PA 158 6.48 74.70 -7.52
N GLN PA 159 7.65 74.63 -6.88
CA GLN PA 159 8.24 73.34 -6.56
C GLN PA 159 7.28 72.53 -5.70
N ILE PA 160 7.08 71.28 -6.07
CA ILE PA 160 6.23 70.40 -5.27
C ILE PA 160 7.00 69.97 -4.02
N GLY PA 161 6.25 69.56 -2.99
CA GLY PA 161 6.86 69.20 -1.73
C GLY PA 161 7.98 68.21 -1.89
N GLU PA 162 9.16 68.54 -1.35
CA GLU PA 162 10.33 67.68 -1.52
C GLU PA 162 10.09 66.31 -0.88
N THR PA 163 9.79 66.28 0.42
CA THR PA 163 9.57 65.00 1.09
C THR PA 163 8.42 64.24 0.46
N ASN PA 164 7.38 64.96 0.02
CA ASN PA 164 6.15 64.41 -0.57
C ASN PA 164 6.12 62.88 -0.55
N SER PA 165 6.19 62.24 -1.72
CA SER PA 165 6.23 60.78 -1.79
C SER PA 165 6.67 60.35 -3.19
N LYS PA 166 5.72 59.90 -4.01
CA LYS PA 166 5.98 59.57 -5.41
C LYS PA 166 5.69 60.75 -6.34
N LYS PA 167 5.47 61.93 -5.79
CA LYS PA 167 5.12 63.09 -6.61
C LYS PA 167 6.19 63.37 -7.65
N VAL PA 168 5.76 64.00 -8.75
CA VAL PA 168 6.65 64.42 -9.83
C VAL PA 168 7.02 65.88 -9.58
N GLN PA 169 8.32 66.19 -9.69
CA GLN PA 169 8.79 67.56 -9.50
C GLN PA 169 8.28 68.39 -10.67
N THR PA 170 7.04 68.86 -10.52
CA THR PA 170 6.31 69.47 -11.63
C THR PA 170 6.57 70.97 -11.76
N ALA PA 171 7.63 71.48 -11.17
CA ALA PA 171 8.00 72.88 -11.37
C ALA PA 171 8.25 73.12 -12.86
N VAL PA 172 7.46 74.01 -13.44
CA VAL PA 172 7.40 74.12 -14.90
C VAL PA 172 8.76 74.55 -15.46
N TRP PA 173 9.45 75.47 -14.77
CA TRP PA 173 10.68 76.01 -15.34
C TRP PA 173 11.78 74.96 -15.48
N ASN PA 174 11.56 73.73 -15.00
CA ASN PA 174 12.46 72.63 -15.26
C ASN PA 174 11.81 71.51 -16.07
N ALA PA 175 10.54 71.65 -16.45
CA ALA PA 175 9.84 70.69 -17.28
C ALA PA 175 9.76 69.30 -16.65
N GLY PA 176 10.00 69.21 -15.34
CA GLY PA 176 10.00 67.92 -14.69
C GLY PA 176 11.06 66.98 -15.18
N MET PA 177 12.09 67.51 -15.85
CA MET PA 177 13.20 66.70 -16.34
C MET PA 177 14.56 67.30 -15.98
N GLY PA 178 14.59 68.36 -15.17
CA GLY PA 178 15.84 68.94 -14.76
C GLY PA 178 16.55 69.76 -15.81
N VAL PA 179 15.81 70.28 -16.81
CA VAL PA 179 16.39 71.07 -17.88
C VAL PA 179 15.86 72.49 -17.80
N GLY PA 180 16.31 73.36 -18.70
CA GLY PA 180 15.72 74.66 -18.86
C GLY PA 180 14.52 74.61 -19.78
N VAL PA 181 13.33 74.92 -19.27
CA VAL PA 181 12.13 74.75 -20.08
C VAL PA 181 12.25 75.50 -21.40
N GLY PA 182 13.03 76.59 -21.41
CA GLY PA 182 13.24 77.36 -22.62
C GLY PA 182 14.08 76.70 -23.68
N ASN PA 183 14.57 75.48 -23.44
CA ASN PA 183 15.34 74.73 -24.42
C ASN PA 183 14.61 73.50 -24.91
N LEU PA 184 13.34 73.33 -24.55
CA LEU PA 184 12.53 72.24 -25.06
C LEU PA 184 12.34 72.31 -26.57
N THR PA 185 12.70 73.43 -27.20
CA THR PA 185 12.44 73.62 -28.63
C THR PA 185 13.22 72.65 -29.51
N ILE PA 186 14.22 71.94 -28.96
CA ILE PA 186 14.93 70.96 -29.77
C ILE PA 186 14.00 69.83 -30.16
N TYR PA 187 13.06 69.47 -29.28
CA TYR PA 187 12.05 68.50 -29.63
C TYR PA 187 11.07 69.12 -30.63
N PRO PA 188 10.51 68.31 -31.53
CA PRO PA 188 9.51 68.84 -32.46
C PRO PA 188 8.43 69.61 -31.72
N HIS PA 189 8.11 70.79 -32.24
CA HIS PA 189 7.29 71.74 -31.49
C HIS PA 189 6.65 72.75 -32.42
N GLN PA 190 5.59 73.38 -31.90
CA GLN PA 190 4.97 74.55 -32.50
C GLN PA 190 4.64 75.54 -31.40
N TRP PA 191 4.25 76.74 -31.80
CA TRP PA 191 3.73 77.76 -30.89
C TRP PA 191 2.31 78.09 -31.31
N ILE PA 192 1.41 78.13 -30.34
CA ILE PA 192 0.05 78.63 -30.55
C ILE PA 192 0.04 80.01 -29.90
N ASN PA 193 0.30 81.03 -30.70
CA ASN PA 193 0.17 82.42 -30.26
C ASN PA 193 -1.25 82.88 -30.63
N LEU PA 194 -2.10 83.06 -29.61
CA LEU PA 194 -3.48 83.44 -29.87
C LEU PA 194 -3.57 84.62 -30.81
N ARG PA 195 -2.56 85.50 -30.78
CA ARG PA 195 -2.54 86.64 -31.69
C ARG PA 195 -2.57 86.17 -33.14
N THR PA 196 -1.79 85.16 -33.48
CA THR PA 196 -1.62 84.75 -34.87
C THR PA 196 -1.87 83.27 -35.12
N ASN PA 197 -2.38 82.53 -34.14
CA ASN PA 197 -2.47 81.09 -34.28
C ASN PA 197 -3.75 80.56 -33.65
N ASN PA 198 -4.25 79.47 -34.23
CA ASN PA 198 -5.45 78.79 -33.77
C ASN PA 198 -5.23 77.31 -33.47
N SER PA 199 -4.19 76.70 -34.03
CA SER PA 199 -3.96 75.27 -33.86
C SER PA 199 -2.51 74.96 -34.14
N ALA PA 200 -2.11 73.75 -33.78
CA ALA PA 200 -0.77 73.24 -34.01
C ALA PA 200 -0.88 71.77 -34.38
N THR PA 201 -0.12 71.35 -35.40
CA THR PA 201 -0.14 69.97 -35.85
C THR PA 201 1.29 69.45 -35.92
N ILE PA 202 1.54 68.34 -35.25
CA ILE PA 202 2.85 67.70 -35.22
C ILE PA 202 2.68 66.25 -35.62
N VAL PA 203 3.42 65.82 -36.64
CA VAL PA 203 3.42 64.43 -37.07
C VAL PA 203 4.72 63.79 -36.59
N MET PA 204 4.61 62.95 -35.56
CA MET PA 204 5.73 62.32 -34.86
C MET PA 204 5.98 60.92 -35.39
N PRO PA 205 7.22 60.58 -35.72
CA PRO PA 205 7.53 59.21 -36.13
C PRO PA 205 7.80 58.33 -34.92
N TYR PA 206 7.98 57.03 -35.19
CA TYR PA 206 8.32 56.09 -34.13
C TYR PA 206 9.72 56.40 -33.61
N ILE PA 207 9.80 56.79 -32.34
CA ILE PA 207 11.06 57.14 -31.70
C ILE PA 207 11.36 56.07 -30.66
N ASN PA 208 12.36 55.23 -30.93
CA ASN PA 208 12.78 54.23 -29.95
C ASN PA 208 14.07 53.57 -30.42
N SER PA 209 14.76 52.92 -29.47
CA SER PA 209 15.99 52.22 -29.76
C SER PA 209 15.76 50.81 -30.29
N VAL PA 210 14.55 50.27 -30.15
CA VAL PA 210 14.24 48.92 -30.60
C VAL PA 210 13.16 49.00 -31.69
N PRO PA 211 13.09 48.01 -32.59
CA PRO PA 211 12.06 48.07 -33.64
C PRO PA 211 10.65 48.07 -33.10
N MET PA 212 10.38 47.35 -32.00
CA MET PA 212 9.07 47.33 -31.39
C MET PA 212 9.24 47.24 -29.88
N ASP PA 213 8.24 47.72 -29.15
CA ASP PA 213 8.28 47.74 -27.70
C ASP PA 213 6.88 47.48 -27.15
N ASN PA 214 6.82 47.12 -25.87
CA ASN PA 214 5.55 46.98 -25.18
C ASN PA 214 4.98 48.34 -24.85
N MET PA 215 3.67 48.50 -25.08
CA MET PA 215 3.03 49.81 -24.99
C MET PA 215 2.58 50.16 -23.58
N PHE PA 216 2.60 49.21 -22.64
CA PHE PA 216 2.24 49.51 -21.26
C PHE PA 216 3.46 49.84 -20.40
N ARG PA 217 4.60 49.19 -20.66
CA ARG PA 217 5.78 49.40 -19.83
C ARG PA 217 6.56 50.66 -20.20
N HIS PA 218 6.35 51.21 -21.39
CA HIS PA 218 7.20 52.29 -21.91
C HIS PA 218 6.35 53.30 -22.66
N ASN PA 219 6.41 54.56 -22.25
CA ASN PA 219 5.75 55.67 -22.95
C ASN PA 219 6.79 56.33 -23.84
N ASN PA 220 6.85 55.90 -25.10
CA ASN PA 220 7.91 56.35 -25.99
C ASN PA 220 7.84 57.85 -26.30
N LEU PA 221 6.68 58.48 -26.12
CA LEU PA 221 6.52 59.90 -26.40
C LEU PA 221 5.68 60.54 -25.32
N THR PA 222 5.84 61.85 -25.16
CA THR PA 222 5.12 62.61 -24.14
C THR PA 222 4.82 64.00 -24.68
N LEU PA 223 3.53 64.31 -24.81
CA LEU PA 223 3.12 65.63 -25.26
C LEU PA 223 3.12 66.61 -24.10
N MET PA 224 3.61 67.82 -24.36
CA MET PA 224 3.65 68.90 -23.37
C MET PA 224 3.07 70.16 -23.99
N ILE PA 225 2.15 70.79 -23.28
CA ILE PA 225 1.59 72.10 -23.66
C ILE PA 225 1.87 73.05 -22.51
N ILE PA 226 2.80 73.97 -22.70
CA ILE PA 226 3.27 74.85 -21.63
C ILE PA 226 3.04 76.29 -22.04
N PRO PA 227 2.22 77.06 -21.32
CA PRO PA 227 2.10 78.49 -21.65
C PRO PA 227 3.29 79.31 -21.20
N PHE PA 228 4.05 79.84 -22.15
CA PHE PA 228 5.18 80.71 -21.82
C PHE PA 228 4.71 82.13 -21.53
N VAL PA 229 3.72 82.62 -22.26
CA VAL PA 229 3.08 83.91 -22.04
C VAL PA 229 1.64 83.65 -21.58
N PRO PA 230 1.25 84.08 -20.39
CA PRO PA 230 -0.01 83.60 -19.83
C PRO PA 230 -1.21 84.16 -20.57
N LEU PA 231 -2.32 83.43 -20.47
CA LEU PA 231 -3.58 83.93 -21.00
C LEU PA 231 -3.94 85.23 -20.30
N ASN PA 232 -4.48 86.18 -21.06
CA ASN PA 232 -4.92 87.43 -20.48
C ASN PA 232 -6.03 88.02 -21.34
N TYR PA 233 -6.87 88.82 -20.72
CA TYR PA 233 -8.03 89.42 -21.37
C TYR PA 233 -8.68 90.40 -20.39
N SER PA 234 -9.36 91.39 -20.94
CA SER PA 234 -10.02 92.38 -20.11
C SER PA 234 -11.32 91.82 -19.54
N GLU PA 235 -11.81 92.48 -18.49
CA GLU PA 235 -13.04 92.07 -17.84
C GLU PA 235 -14.17 91.99 -18.84
N GLY PA 236 -14.89 90.86 -18.82
CA GLY PA 236 -15.99 90.64 -19.73
C GLY PA 236 -15.70 89.51 -20.70
N SER PA 237 -14.45 89.45 -21.18
CA SER PA 237 -14.07 88.38 -22.09
C SER PA 237 -14.26 87.03 -21.42
N SER PA 238 -14.68 86.04 -22.20
CA SER PA 238 -14.96 84.73 -21.64
C SER PA 238 -13.71 84.19 -20.93
N PRO PA 239 -13.83 83.68 -19.71
CA PRO PA 239 -12.64 83.23 -18.98
C PRO PA 239 -12.23 81.79 -19.28
N TYR PA 240 -12.91 81.13 -20.20
CA TYR PA 240 -12.69 79.72 -20.52
C TYR PA 240 -12.09 79.63 -21.91
N VAL PA 241 -10.76 79.52 -21.99
CA VAL PA 241 -10.07 79.31 -23.26
C VAL PA 241 -9.76 77.83 -23.38
N PRO PA 242 -10.55 77.06 -24.12
CA PRO PA 242 -10.35 75.61 -24.15
C PRO PA 242 -9.25 75.18 -25.12
N ILE PA 243 -8.54 74.14 -24.72
CA ILE PA 243 -7.53 73.48 -25.53
C ILE PA 243 -8.00 72.05 -25.71
N THR PA 244 -8.14 71.63 -26.97
CA THR PA 244 -8.60 70.28 -27.31
C THR PA 244 -7.48 69.58 -28.07
N VAL PA 245 -7.05 68.44 -27.57
CA VAL PA 245 -6.01 67.64 -28.21
C VAL PA 245 -6.68 66.49 -28.95
N THR PA 246 -6.30 66.31 -30.21
CA THR PA 246 -6.82 65.24 -31.05
C THR PA 246 -5.62 64.49 -31.62
N ILE PA 247 -5.44 63.24 -31.21
CA ILE PA 247 -4.28 62.44 -31.59
C ILE PA 247 -4.77 61.32 -32.51
N ALA PA 248 -3.98 61.03 -33.54
CA ALA PA 248 -4.32 59.98 -34.50
C ALA PA 248 -3.13 59.05 -34.64
N PRO PA 249 -3.24 57.77 -34.25
CA PRO PA 249 -2.17 56.82 -34.56
C PRO PA 249 -1.92 56.75 -36.05
N MET PA 250 -0.69 56.44 -36.42
CA MET PA 250 -0.28 56.38 -37.81
C MET PA 250 0.63 55.18 -38.01
N CYS PA 251 0.26 54.33 -38.96
CA CYS PA 251 1.03 53.14 -39.33
C CYS PA 251 1.32 52.29 -38.10
N ALA PA 252 0.24 51.89 -37.43
CA ALA PA 252 0.33 51.08 -36.22
C ALA PA 252 0.51 49.61 -36.58
N GLU PA 253 1.41 48.94 -35.87
CA GLU PA 253 1.67 47.51 -36.04
C GLU PA 253 1.75 46.86 -34.66
N TYR PA 254 1.23 45.64 -34.54
CA TYR PA 254 1.23 44.91 -33.28
C TYR PA 254 1.55 43.45 -33.55
N ASN PA 255 2.48 42.90 -32.77
CA ASN PA 255 2.85 41.49 -32.90
C ASN PA 255 2.76 40.77 -31.56
N GLY QA 1 64.18 40.18 -39.19
CA GLY QA 1 64.42 41.00 -37.97
C GLY QA 1 64.85 42.42 -38.29
N LEU QA 2 63.90 43.25 -38.71
CA LEU QA 2 64.22 44.62 -39.07
C LEU QA 2 64.62 45.40 -37.82
N PRO QA 3 65.74 46.13 -37.85
CA PRO QA 3 66.12 46.93 -36.68
C PRO QA 3 65.09 48.01 -36.41
N VAL QA 4 64.88 48.29 -35.13
CA VAL QA 4 63.91 49.28 -34.68
C VAL QA 4 64.58 50.16 -33.63
N MET QA 5 64.14 51.42 -33.57
CA MET QA 5 64.65 52.39 -32.61
C MET QA 5 63.45 53.07 -31.97
N THR QA 6 63.25 52.85 -30.67
CA THR QA 6 62.13 53.47 -29.97
C THR QA 6 62.37 54.98 -29.85
N THR QA 7 61.35 55.75 -30.23
CA THR QA 7 61.44 57.20 -30.21
C THR QA 7 60.91 57.76 -28.89
N PRO QA 8 61.40 58.91 -28.45
CA PRO QA 8 60.85 59.52 -27.23
C PRO QA 8 59.34 59.63 -27.30
N GLY QA 9 58.68 59.38 -26.17
CA GLY QA 9 57.25 59.39 -26.08
C GLY QA 9 56.61 58.01 -26.06
N SER QA 10 57.35 56.98 -26.44
CA SER QA 10 56.80 55.63 -26.42
C SER QA 10 56.37 55.26 -25.01
N THR QA 11 55.41 54.34 -24.92
CA THR QA 11 54.87 53.86 -23.64
C THR QA 11 54.28 55.01 -22.82
N GLN QA 12 53.26 55.65 -23.39
CA GLN QA 12 52.58 56.76 -22.71
C GLN QA 12 51.10 56.70 -23.04
N PHE QA 13 50.27 57.03 -22.05
CA PHE QA 13 48.84 57.10 -22.22
C PHE QA 13 48.49 58.58 -22.35
N LEU QA 14 48.43 59.06 -23.58
CA LEU QA 14 47.98 60.41 -23.89
C LEU QA 14 46.46 60.38 -23.99
N THR QA 15 45.79 61.06 -23.07
CA THR QA 15 44.32 61.13 -23.10
C THR QA 15 43.81 61.37 -24.52
N SER QA 16 44.43 62.30 -25.22
CA SER QA 16 44.04 62.66 -26.59
C SER QA 16 44.84 61.87 -27.62
N ASP QA 17 44.84 60.55 -27.50
CA ASP QA 17 45.47 59.69 -28.48
C ASP QA 17 44.39 58.95 -29.28
N ASP QA 18 44.81 58.44 -30.44
CA ASP QA 18 43.92 57.78 -31.39
C ASP QA 18 44.54 56.48 -31.87
N PHE QA 19 45.15 55.74 -30.96
CA PHE QA 19 45.83 54.50 -31.34
C PHE QA 19 44.81 53.37 -31.49
N GLN QA 20 45.23 52.34 -32.21
CA GLN QA 20 44.43 51.14 -32.36
C GLN QA 20 44.55 50.27 -31.12
N SER QA 21 43.46 49.58 -30.80
CA SER QA 21 43.41 48.77 -29.58
C SER QA 21 42.89 47.38 -29.90
N PRO QA 22 43.37 46.36 -29.18
CA PRO QA 22 42.87 45.00 -29.41
C PRO QA 22 41.50 44.79 -28.78
N SER QA 23 40.60 44.19 -29.55
CA SER QA 23 39.26 43.94 -29.05
C SER QA 23 39.28 42.87 -27.97
N ALA QA 24 38.52 43.12 -26.90
CA ALA QA 24 38.43 42.17 -25.80
C ALA QA 24 37.33 41.13 -26.02
N MET QA 25 36.31 41.45 -26.80
CA MET QA 25 35.24 40.51 -27.13
C MET QA 25 35.12 40.38 -28.64
N PRO QA 26 36.14 39.86 -29.30
CA PRO QA 26 36.04 39.62 -30.74
C PRO QA 26 34.98 38.56 -31.05
N GLN QA 27 34.34 38.73 -32.20
CA GLN QA 27 33.33 37.82 -32.73
C GLN QA 27 31.95 38.04 -32.11
N PHE QA 28 31.72 39.13 -31.38
CA PHE QA 28 30.36 39.45 -30.96
C PHE QA 28 29.61 40.04 -32.15
N ASP QA 29 28.58 39.34 -32.61
CA ASP QA 29 27.78 39.84 -33.72
C ASP QA 29 27.03 41.08 -33.29
N VAL QA 30 27.60 42.25 -33.54
CA VAL QA 30 26.95 43.49 -33.15
C VAL QA 30 25.56 43.56 -33.77
N THR QA 31 24.62 44.14 -33.04
CA THR QA 31 23.27 44.30 -33.55
C THR QA 31 23.30 45.16 -34.83
N PRO QA 32 22.41 44.87 -35.78
CA PRO QA 32 22.58 45.44 -37.13
C PRO QA 32 22.66 46.96 -37.20
N GLU QA 33 22.07 47.70 -36.26
CA GLU QA 33 21.86 49.14 -36.38
C GLU QA 33 20.52 49.39 -37.08
N MET QA 34 19.94 50.57 -36.88
CA MET QA 34 18.62 50.88 -37.41
C MET QA 34 18.53 52.37 -37.67
N GLN QA 35 17.71 52.73 -38.67
CA GLN QA 35 17.54 54.12 -39.08
C GLN QA 35 16.68 54.84 -38.05
N ILE QA 36 17.34 55.35 -37.01
CA ILE QA 36 16.67 56.09 -35.93
C ILE QA 36 16.51 57.54 -36.37
N PRO QA 37 15.35 58.17 -36.15
CA PRO QA 37 15.18 59.56 -36.56
C PRO QA 37 16.08 60.50 -35.76
N GLY QA 38 16.32 61.66 -36.36
CA GLY QA 38 17.03 62.72 -35.68
C GLY QA 38 18.49 62.43 -35.40
N ARG QA 39 19.18 61.80 -36.34
CA ARG QA 39 20.61 61.57 -36.19
C ARG QA 39 21.35 62.89 -36.18
N VAL QA 40 22.09 63.15 -35.10
CA VAL QA 40 22.90 64.35 -34.99
C VAL QA 40 24.32 64.02 -35.42
N ASN QA 41 24.90 64.88 -36.23
CA ASN QA 41 26.27 64.70 -36.70
C ASN QA 41 27.20 65.82 -36.28
N ASN QA 42 26.68 66.98 -35.91
CA ASN QA 42 27.50 68.06 -35.39
C ASN QA 42 26.69 68.82 -34.35
N LEU QA 43 27.40 69.47 -33.42
CA LEU QA 43 26.74 70.20 -32.35
C LEU QA 43 26.17 71.53 -32.84
N MET QA 44 26.64 72.04 -33.97
CA MET QA 44 26.03 73.24 -34.52
C MET QA 44 24.59 72.97 -34.96
N GLU QA 45 24.27 71.72 -35.31
CA GLU QA 45 22.89 71.38 -35.60
C GLU QA 45 21.99 71.73 -34.43
N ILE QA 46 22.50 71.60 -33.21
CA ILE QA 46 21.74 71.99 -32.03
C ILE QA 46 21.84 73.49 -31.80
N ALA QA 47 23.04 74.05 -31.99
CA ALA QA 47 23.23 75.48 -31.74
C ALA QA 47 22.38 76.35 -32.65
N GLU QA 48 21.95 75.84 -33.81
CA GLU QA 48 21.19 76.62 -34.76
C GLU QA 48 19.68 76.65 -34.47
N VAL QA 49 19.22 75.99 -33.41
CA VAL QA 49 17.80 75.87 -33.14
C VAL QA 49 17.37 77.00 -32.20
N ASP QA 50 16.29 77.68 -32.57
CA ASP QA 50 15.74 78.75 -31.73
C ASP QA 50 15.36 78.19 -30.36
N SER QA 51 15.74 78.91 -29.31
CA SER QA 51 15.40 78.54 -27.94
C SER QA 51 15.04 79.80 -27.16
N VAL QA 52 14.03 79.69 -26.30
CA VAL QA 52 13.55 80.86 -25.59
C VAL QA 52 14.66 81.46 -24.75
N VAL QA 53 14.75 82.79 -24.75
CA VAL QA 53 15.83 83.50 -24.07
C VAL QA 53 15.27 84.09 -22.77
N PRO QA 54 15.91 83.85 -21.62
CA PRO QA 54 15.44 84.44 -20.36
C PRO QA 54 15.92 85.88 -20.17
N VAL QA 55 15.30 86.81 -20.90
CA VAL QA 55 15.70 88.20 -20.84
C VAL QA 55 15.36 88.81 -19.49
N ASN QA 56 14.28 88.36 -18.86
CA ASN QA 56 13.82 88.94 -17.59
C ASN QA 56 14.44 88.15 -16.42
N ASN QA 57 15.73 88.41 -16.21
CA ASN QA 57 16.52 87.74 -15.19
C ASN QA 57 16.15 88.15 -13.77
N THR QA 58 15.12 88.97 -13.58
CA THR QA 58 14.67 89.38 -12.26
C THR QA 58 14.74 88.23 -11.28
N GLU QA 59 15.47 88.46 -10.18
CA GLU QA 59 15.60 87.45 -9.11
C GLU QA 59 14.32 86.66 -8.92
N ALA QA 60 13.17 87.36 -8.86
CA ALA QA 60 11.90 86.69 -8.60
C ALA QA 60 11.38 85.93 -9.80
N ASN QA 61 11.72 86.36 -11.02
CA ASN QA 61 11.25 85.67 -12.21
C ASN QA 61 12.14 84.48 -12.58
N VAL QA 62 13.37 84.43 -12.09
CA VAL QA 62 14.32 83.42 -12.57
C VAL QA 62 13.82 82.02 -12.31
N ASN QA 63 13.09 81.80 -11.19
CA ASN QA 63 12.53 80.50 -10.87
C ASN QA 63 11.09 80.36 -11.36
N SER QA 64 10.77 80.96 -12.49
CA SER QA 64 9.42 80.91 -13.04
C SER QA 64 9.50 81.23 -14.52
N LEU QA 65 8.40 80.99 -15.22
CA LEU QA 65 8.34 81.34 -16.64
C LEU QA 65 8.36 82.84 -16.87
N LYS QA 66 8.22 83.65 -15.82
CA LYS QA 66 8.32 85.10 -15.96
C LYS QA 66 9.70 85.52 -16.48
N ALA QA 67 10.70 84.64 -16.39
CA ALA QA 67 12.02 84.99 -16.88
C ALA QA 67 12.02 85.13 -18.41
N TYR QA 68 11.25 84.29 -19.09
CA TYR QA 68 11.21 84.31 -20.55
C TYR QA 68 10.31 85.40 -21.12
N GLN QA 69 9.55 86.09 -20.29
CA GLN QA 69 8.60 87.09 -20.74
C GLN QA 69 9.24 88.47 -20.64
N ILE QA 70 9.27 89.18 -21.76
CA ILE QA 70 9.70 90.58 -21.79
C ILE QA 70 8.44 91.44 -21.63
N PRO QA 71 8.23 92.08 -20.49
CA PRO QA 71 7.00 92.86 -20.31
C PRO QA 71 7.06 94.15 -21.11
N VAL QA 72 5.96 94.46 -21.78
CA VAL QA 72 5.76 95.77 -22.42
C VAL QA 72 4.40 96.27 -21.98
N GLN QA 73 4.29 97.57 -21.76
CA GLN QA 73 3.06 98.16 -21.28
C GLN QA 73 2.90 99.52 -21.91
N SER QA 74 1.64 99.95 -22.04
CA SER QA 74 1.36 101.27 -22.57
C SER QA 74 1.74 102.32 -21.54
N ASN QA 75 2.72 103.15 -21.88
CA ASN QA 75 3.13 104.29 -21.08
C ASN QA 75 2.74 105.58 -21.80
N SER QA 76 2.63 106.67 -21.04
CA SER QA 76 2.13 107.92 -21.59
C SER QA 76 3.14 108.63 -22.49
N ASP QA 77 4.41 108.23 -22.48
CA ASP QA 77 5.46 108.87 -23.25
C ASP QA 77 5.98 107.91 -24.33
N ASN QA 78 7.09 108.31 -24.97
CA ASN QA 78 7.68 107.53 -26.07
C ASN QA 78 9.19 107.64 -25.98
N GLY QA 79 9.86 106.49 -25.91
CA GLY QA 79 11.31 106.46 -25.82
C GLY QA 79 11.83 105.94 -24.50
N LYS QA 80 11.11 104.98 -23.92
CA LYS QA 80 11.52 104.32 -22.68
C LYS QA 80 12.02 102.93 -23.02
N GLN QA 81 13.28 102.64 -22.63
CA GLN QA 81 13.88 101.36 -22.97
C GLN QA 81 13.02 100.19 -22.51
N VAL QA 82 12.88 99.21 -23.39
CA VAL QA 82 12.12 97.99 -23.09
C VAL QA 82 13.02 96.92 -22.46
N PHE QA 83 14.21 96.74 -23.02
CA PHE QA 83 15.18 95.79 -22.49
C PHE QA 83 16.52 96.08 -23.14
N GLY QA 84 17.57 95.53 -22.55
CA GLY QA 84 18.90 95.61 -23.13
C GLY QA 84 19.82 94.54 -22.60
N PHE QA 85 20.34 93.68 -23.48
CA PHE QA 85 21.32 92.70 -23.05
C PHE QA 85 22.54 92.71 -23.95
N PRO QA 86 23.71 92.38 -23.40
CA PRO QA 86 24.93 92.37 -24.21
C PRO QA 86 24.95 91.23 -25.21
N LEU QA 87 25.95 91.29 -26.09
CA LEU QA 87 26.18 90.30 -27.15
C LEU QA 87 27.15 89.22 -26.72
N GLN QA 88 27.05 88.75 -25.47
CA GLN QA 88 27.93 87.71 -24.94
C GLN QA 88 27.14 86.41 -24.82
N PRO QA 89 27.05 85.62 -25.90
CA PRO QA 89 26.24 84.40 -25.83
C PRO QA 89 26.75 83.36 -24.84
N GLY QA 90 28.05 83.34 -24.55
CA GLY QA 90 28.60 82.31 -23.70
C GLY QA 90 28.93 82.77 -22.29
N ALA QA 91 28.95 84.08 -22.07
CA ALA QA 91 29.34 84.66 -20.79
C ALA QA 91 28.17 85.25 -20.02
N ASN QA 92 27.38 86.11 -20.66
CA ASN QA 92 26.28 86.77 -19.99
C ASN QA 92 25.23 85.75 -19.53
N GLY QA 93 24.63 86.02 -18.38
CA GLY QA 93 23.62 85.11 -17.85
C GLY QA 93 22.37 85.04 -18.71
N VAL QA 94 22.07 86.10 -19.45
CA VAL QA 94 20.86 86.11 -20.27
C VAL QA 94 20.93 85.05 -21.35
N LEU QA 95 22.13 84.82 -21.89
CA LEU QA 95 22.30 83.95 -23.05
C LEU QA 95 23.12 82.70 -22.77
N ASN QA 96 23.87 82.64 -21.66
CA ASN QA 96 24.81 81.55 -21.47
C ASN QA 96 24.12 80.19 -21.39
N ARG QA 97 22.86 80.15 -20.94
CA ARG QA 97 22.14 78.89 -20.78
C ARG QA 97 21.14 78.62 -21.89
N THR QA 98 21.05 79.49 -22.89
CA THR QA 98 20.31 79.17 -24.09
C THR QA 98 20.89 77.89 -24.70
N LEU QA 99 20.18 77.33 -25.67
CA LEU QA 99 20.76 76.21 -26.41
C LEU QA 99 22.13 76.59 -26.96
N LEU QA 100 22.20 77.74 -27.64
CA LEU QA 100 23.45 78.24 -28.18
C LEU QA 100 24.50 78.40 -27.08
N GLY QA 101 24.14 79.07 -25.98
CA GLY QA 101 25.11 79.35 -24.95
C GLY QA 101 25.65 78.09 -24.29
N GLU QA 102 24.76 77.13 -24.03
CA GLU QA 102 25.19 75.86 -23.45
C GLU QA 102 26.22 75.19 -24.34
N ILE QA 103 25.97 75.14 -25.66
CA ILE QA 103 26.95 74.46 -26.51
C ILE QA 103 28.22 75.28 -26.63
N LEU QA 104 28.11 76.61 -26.66
CA LEU QA 104 29.31 77.44 -26.70
C LEU QA 104 30.17 77.20 -25.47
N ASN QA 105 29.55 76.96 -24.32
CA ASN QA 105 30.29 76.78 -23.08
C ASN QA 105 31.10 75.49 -23.04
N TYR QA 106 30.92 74.60 -24.02
CA TYR QA 106 31.77 73.42 -24.12
C TYR QA 106 33.04 73.67 -24.93
N TYR QA 107 33.20 74.87 -25.48
CA TYR QA 107 34.36 75.22 -26.29
C TYR QA 107 34.91 76.56 -25.82
N THR QA 108 36.14 76.85 -26.22
CA THR QA 108 36.80 78.08 -25.79
C THR QA 108 36.61 79.23 -26.77
N HIS QA 109 36.56 78.95 -28.06
CA HIS QA 109 36.42 79.96 -29.10
C HIS QA 109 35.08 79.83 -29.81
N TRP QA 110 34.54 80.96 -30.25
CA TRP QA 110 33.29 80.98 -31.00
C TRP QA 110 33.38 82.08 -32.04
N SER QA 111 32.57 81.94 -33.09
CA SER QA 111 32.53 82.91 -34.16
C SER QA 111 31.23 82.75 -34.92
N GLY QA 112 30.58 83.87 -35.24
CA GLY QA 112 29.41 83.84 -36.10
C GLY QA 112 28.39 84.89 -35.72
N SER QA 113 27.33 84.92 -36.50
CA SER QA 113 26.21 85.83 -36.32
C SER QA 113 25.13 85.15 -35.47
N ILE QA 114 24.17 85.96 -34.99
CA ILE QA 114 23.15 85.46 -34.07
C ILE QA 114 21.78 85.96 -34.49
N LYS QA 115 20.82 85.04 -34.59
CA LYS QA 115 19.44 85.37 -34.92
C LYS QA 115 18.64 85.55 -33.63
N LEU QA 116 18.06 86.75 -33.46
CA LEU QA 116 17.20 87.09 -32.33
C LEU QA 116 15.79 87.26 -32.88
N THR QA 117 14.94 86.26 -32.69
CA THR QA 117 13.56 86.35 -33.09
C THR QA 117 12.73 86.88 -31.93
N PHE QA 118 11.96 87.93 -32.17
CA PHE QA 118 11.13 88.56 -31.14
C PHE QA 118 9.67 88.38 -31.53
N MET QA 119 8.88 87.78 -30.65
CA MET QA 119 7.48 87.49 -30.93
C MET QA 119 6.61 88.24 -29.92
N PHE QA 120 5.68 89.04 -30.44
CA PHE QA 120 4.75 89.80 -29.62
C PHE QA 120 3.54 88.92 -29.31
N CYS QA 121 3.37 88.56 -28.04
CA CYS QA 121 2.30 87.67 -27.63
C CYS QA 121 1.15 88.41 -26.94
N GLY QA 122 0.88 89.64 -27.38
CA GLY QA 122 -0.23 90.41 -26.87
C GLY QA 122 -1.51 90.07 -27.60
N SER QA 123 -2.50 90.95 -27.43
CA SER QA 123 -3.78 90.76 -28.10
C SER QA 123 -3.65 91.00 -29.59
N ALA QA 124 -4.51 90.34 -30.35
CA ALA QA 124 -4.52 90.53 -31.80
C ALA QA 124 -4.92 91.94 -32.19
N MET QA 125 -5.53 92.70 -31.28
CA MET QA 125 -5.99 94.04 -31.58
C MET QA 125 -4.93 95.11 -31.29
N ALA QA 126 -3.85 94.77 -30.62
CA ALA QA 126 -2.84 95.75 -30.28
C ALA QA 126 -1.97 96.09 -31.49
N THR QA 127 -1.54 97.35 -31.54
CA THR QA 127 -0.57 97.79 -32.54
C THR QA 127 0.45 98.69 -31.87
N GLY QA 128 1.56 98.91 -32.56
CA GLY QA 128 2.63 99.71 -32.02
C GLY QA 128 3.90 99.47 -32.79
N LYS QA 129 4.95 100.16 -32.36
CA LYS QA 129 6.23 100.10 -33.04
C LYS QA 129 7.36 100.20 -32.02
N PHE QA 130 8.38 99.36 -32.21
CA PHE QA 130 9.54 99.29 -31.35
C PHE QA 130 10.80 99.50 -32.18
N LEU QA 131 11.84 99.96 -31.53
CA LEU QA 131 13.15 100.13 -32.15
C LEU QA 131 14.08 99.07 -31.55
N LEU QA 132 14.47 98.09 -32.38
CA LEU QA 132 15.45 97.09 -32.02
C LEU QA 132 16.79 97.54 -32.58
N ALA QA 133 17.77 97.75 -31.70
CA ALA QA 133 19.06 98.32 -32.10
C ALA QA 133 20.22 97.47 -31.59
N TYR QA 134 21.19 97.25 -32.48
CA TYR QA 134 22.45 96.59 -32.14
C TYR QA 134 23.56 97.63 -32.12
N SER QA 135 24.14 97.84 -30.94
CA SER QA 135 25.23 98.79 -30.76
C SER QA 135 26.54 98.02 -30.77
N PRO QA 136 27.36 98.15 -31.81
CA PRO QA 136 28.61 97.36 -31.90
C PRO QA 136 29.55 97.60 -30.73
N PRO QA 137 30.68 96.91 -30.70
CA PRO QA 137 31.64 97.06 -29.60
C PRO QA 137 32.24 98.46 -29.60
N GLY QA 138 32.09 99.15 -28.47
CA GLY QA 138 32.54 100.52 -28.33
C GLY QA 138 31.44 101.54 -28.46
N ALA QA 139 30.24 101.12 -28.82
CA ALA QA 139 29.07 102.00 -28.80
C ALA QA 139 28.46 101.93 -27.41
N GLY QA 140 28.65 102.98 -26.62
CA GLY QA 140 28.05 103.01 -25.30
C GLY QA 140 26.59 102.66 -25.42
N VAL QA 141 26.02 102.07 -24.37
CA VAL QA 141 24.62 101.63 -24.43
C VAL QA 141 23.78 102.82 -24.88
N PRO QA 142 23.01 102.68 -25.96
CA PRO QA 142 22.25 103.83 -26.48
C PRO QA 142 21.38 104.45 -25.39
N LYS QA 143 21.35 105.79 -25.38
CA LYS QA 143 20.67 106.52 -24.32
C LYS QA 143 19.18 106.73 -24.60
N ASN QA 144 18.85 107.27 -25.77
CA ASN QA 144 17.47 107.54 -26.14
C ASN QA 144 17.20 107.00 -27.54
N ARG QA 145 15.91 106.84 -27.85
CA ARG QA 145 15.53 106.37 -29.19
C ARG QA 145 16.13 107.25 -30.28
N LYS QA 146 16.25 108.56 -30.03
CA LYS QA 146 16.91 109.43 -30.97
C LYS QA 146 18.34 108.98 -31.23
N ASP QA 147 19.08 108.67 -30.15
CA ASP QA 147 20.43 108.16 -30.30
C ASP QA 147 20.44 106.83 -31.04
N ALA QA 148 19.48 105.96 -30.73
CA ALA QA 148 19.44 104.63 -31.33
C ALA QA 148 19.17 104.70 -32.82
N MET QA 149 18.42 105.70 -33.27
CA MET QA 149 18.10 105.79 -34.69
C MET QA 149 19.33 106.05 -35.55
N LEU QA 150 20.39 106.61 -34.98
CA LEU QA 150 21.59 106.92 -35.76
C LEU QA 150 22.50 105.72 -35.95
N GLY QA 151 22.28 104.63 -35.21
CA GLY QA 151 23.01 103.41 -35.37
C GLY QA 151 22.16 102.32 -36.02
N THR QA 152 22.78 101.15 -36.17
CA THR QA 152 22.06 100.00 -36.69
C THR QA 152 20.78 99.78 -35.89
N HIS QA 153 19.64 99.90 -36.56
CA HIS QA 153 18.35 99.79 -35.89
C HIS QA 153 17.28 99.33 -36.87
N VAL QA 154 16.17 98.88 -36.31
CA VAL QA 154 15.03 98.38 -37.09
C VAL QA 154 13.75 98.77 -36.36
N ILE QA 155 12.75 99.19 -37.14
CA ILE QA 155 11.42 99.53 -36.62
C ILE QA 155 10.52 98.31 -36.81
N TRP QA 156 10.02 97.80 -35.70
CA TRP QA 156 9.17 96.60 -35.67
C TRP QA 156 7.76 97.03 -35.31
N ASP QA 157 6.83 96.91 -36.25
CA ASP QA 157 5.43 97.22 -36.02
C ASP QA 157 4.69 95.95 -35.64
N VAL QA 158 3.80 96.08 -34.65
CA VAL QA 158 2.99 94.94 -34.25
C VAL QA 158 1.96 94.60 -35.31
N GLY QA 159 1.69 95.53 -36.24
CA GLY QA 159 0.86 95.19 -37.39
C GLY QA 159 1.48 94.11 -38.27
N LEU QA 160 2.80 94.10 -38.36
CA LEU QA 160 3.51 93.01 -39.03
C LEU QA 160 3.23 91.70 -38.31
N GLN QA 161 3.29 90.59 -39.06
CA GLN QA 161 3.13 89.27 -38.45
C GLN QA 161 4.02 89.23 -37.21
N SER QA 162 3.40 89.38 -36.04
CA SER QA 162 4.08 89.64 -34.78
C SER QA 162 5.60 89.49 -34.85
N SER QA 163 6.05 88.29 -35.21
CA SER QA 163 7.47 87.99 -35.24
C SER QA 163 8.28 89.07 -35.97
N CYS QA 164 9.48 89.33 -35.45
CA CYS QA 164 10.47 90.16 -36.11
C CYS QA 164 11.85 89.61 -35.79
N VAL QA 165 12.67 89.39 -36.82
CA VAL QA 165 13.97 88.75 -36.65
C VAL QA 165 15.06 89.78 -36.83
N LEU QA 166 15.88 89.96 -35.80
CA LEU QA 166 17.07 90.81 -35.85
C LEU QA 166 18.29 89.90 -35.93
N CYS QA 167 19.05 90.01 -37.00
CA CYS QA 167 20.21 89.15 -37.22
C CYS QA 167 21.48 89.96 -36.95
N VAL QA 168 22.07 89.76 -35.78
CA VAL QA 168 23.28 90.49 -35.39
C VAL QA 168 24.48 89.91 -36.11
N PRO QA 169 25.23 90.73 -36.84
CA PRO QA 169 26.36 90.21 -37.63
C PRO QA 169 27.61 90.01 -36.79
N TRP QA 170 28.59 89.37 -37.41
CA TRP QA 170 29.89 89.12 -36.81
C TRP QA 170 30.82 90.27 -37.17
N ILE QA 171 30.98 91.21 -36.25
CA ILE QA 171 31.87 92.35 -36.42
C ILE QA 171 32.93 92.23 -35.34
N SER QA 172 34.06 91.59 -35.68
CA SER QA 172 35.11 91.31 -34.71
C SER QA 172 36.47 91.49 -35.38
N GLN QA 173 37.47 91.85 -34.56
CA GLN QA 173 38.82 92.03 -35.08
C GLN QA 173 39.44 90.70 -35.48
N THR QA 174 39.12 89.63 -34.77
CA THR QA 174 39.74 88.33 -34.97
C THR QA 174 38.76 87.36 -35.65
N HIS QA 175 39.31 86.22 -36.07
CA HIS QA 175 38.48 85.16 -36.63
C HIS QA 175 37.55 84.57 -35.59
N TYR QA 176 37.97 84.56 -34.31
CA TYR QA 176 37.20 83.99 -33.23
C TYR QA 176 37.14 84.95 -32.05
N ARG QA 177 36.22 84.65 -31.14
CA ARG QA 177 36.09 85.34 -29.86
C ARG QA 177 36.12 84.28 -28.76
N TYR QA 178 36.57 84.67 -27.57
CA TYR QA 178 36.48 83.78 -26.42
C TYR QA 178 35.02 83.62 -26.02
N VAL QA 179 34.59 82.37 -25.83
CA VAL QA 179 33.25 82.14 -25.28
C VAL QA 179 33.12 82.87 -23.95
N VAL QA 180 34.21 82.90 -23.17
CA VAL QA 180 34.22 83.58 -21.89
C VAL QA 180 34.47 85.07 -22.09
N GLU QA 181 34.03 85.87 -21.13
CA GLU QA 181 34.24 87.31 -21.19
C GLU QA 181 35.73 87.62 -21.20
N ASP QA 182 36.07 88.78 -21.74
CA ASP QA 182 37.44 89.27 -21.78
C ASP QA 182 37.52 90.64 -21.11
N GLU QA 183 38.75 91.05 -20.80
CA GLU QA 183 38.98 92.35 -20.19
C GLU QA 183 38.38 93.48 -21.02
N TYR QA 184 38.00 93.21 -22.27
CA TYR QA 184 37.24 94.17 -23.06
C TYR QA 184 35.78 94.14 -22.63
N THR QA 185 35.20 95.33 -22.42
CA THR QA 185 33.76 95.51 -22.56
C THR QA 185 33.37 95.67 -24.03
N ALA QA 186 34.27 95.25 -24.92
CA ALA QA 186 34.06 95.35 -26.36
C ALA QA 186 33.12 94.22 -26.81
N ALA QA 187 31.85 94.39 -26.48
CA ALA QA 187 30.80 93.48 -26.90
C ALA QA 187 29.56 94.32 -27.10
N GLY QA 188 28.95 94.21 -28.27
CA GLY QA 188 27.79 95.02 -28.57
C GLY QA 188 26.65 94.81 -27.58
N TYR QA 189 25.59 95.59 -27.76
CA TYR QA 189 24.39 95.50 -26.94
C TYR QA 189 23.16 95.49 -27.84
N ILE QA 190 22.18 94.65 -27.52
CA ILE QA 190 20.90 94.65 -28.21
C ILE QA 190 19.89 95.30 -27.28
N THR QA 191 19.31 96.41 -27.75
CA THR QA 191 18.41 97.23 -26.97
C THR QA 191 17.09 97.41 -27.70
N CYS QA 192 16.03 97.64 -26.93
CA CYS QA 192 14.70 97.84 -27.51
C CYS QA 192 14.05 99.07 -26.90
N TRP QA 193 13.32 99.82 -27.73
CA TRP QA 193 12.71 101.07 -27.30
C TRP QA 193 11.29 101.18 -27.85
N TYR QA 194 10.47 101.98 -27.16
CA TYR QA 194 9.14 102.32 -27.64
C TYR QA 194 9.26 103.44 -28.67
N GLN QA 195 8.73 103.24 -29.87
CA GLN QA 195 8.68 104.33 -30.85
C GLN QA 195 7.33 105.03 -30.82
N THR QA 196 6.24 104.27 -30.86
CA THR QA 196 4.90 104.83 -30.96
C THR QA 196 4.02 104.53 -29.78
N ASN QA 197 4.53 103.85 -28.75
CA ASN QA 197 3.69 103.46 -27.62
C ASN QA 197 2.77 102.33 -28.05
N ILE QA 198 1.92 101.86 -27.14
CA ILE QA 198 1.04 100.72 -27.39
C ILE QA 198 -0.40 101.23 -27.43
N VAL QA 199 -1.01 101.18 -28.60
CA VAL QA 199 -2.41 101.54 -28.78
C VAL QA 199 -3.24 100.26 -28.84
N VAL QA 200 -4.30 100.23 -28.04
CA VAL QA 200 -5.14 99.05 -27.92
C VAL QA 200 -6.59 99.49 -27.81
N PRO QA 201 -7.53 98.64 -28.29
CA PRO QA 201 -8.93 99.05 -28.21
C PRO QA 201 -9.55 98.87 -26.84
N ALA QA 202 -10.87 99.04 -26.76
CA ALA QA 202 -11.58 98.87 -25.51
C ALA QA 202 -11.74 97.39 -25.18
N ASP QA 203 -11.75 97.10 -23.88
CA ASP QA 203 -12.04 95.76 -23.38
C ASP QA 203 -11.01 94.74 -23.84
N VAL QA 204 -9.74 95.14 -23.96
CA VAL QA 204 -8.64 94.20 -24.14
C VAL QA 204 -7.40 94.78 -23.48
N GLN QA 205 -6.55 93.90 -22.97
CA GLN QA 205 -5.47 94.33 -22.08
C GLN QA 205 -4.39 95.09 -22.84
N SER QA 206 -3.88 96.15 -22.20
CA SER QA 206 -2.88 97.01 -22.80
C SER QA 206 -1.45 96.60 -22.47
N SER QA 207 -1.25 95.74 -21.47
CA SER QA 207 0.07 95.26 -21.09
C SER QA 207 0.26 93.85 -21.62
N CYS QA 208 1.30 93.67 -22.43
CA CYS QA 208 1.54 92.42 -23.14
C CYS QA 208 2.96 91.95 -22.84
N ASP QA 209 3.33 90.82 -23.45
CA ASP QA 209 4.64 90.24 -23.29
C ASP QA 209 5.24 89.92 -24.65
N ILE QA 210 6.55 89.78 -24.66
CA ILE QA 210 7.30 89.40 -25.85
C ILE QA 210 8.20 88.23 -25.48
N LEU QA 211 8.37 87.31 -26.42
CA LEU QA 211 9.28 86.18 -26.26
C LEU QA 211 10.48 86.38 -27.18
N CYS QA 212 11.66 86.07 -26.67
CA CYS QA 212 12.90 86.21 -27.42
C CYS QA 212 13.50 84.82 -27.67
N PHE QA 213 14.00 84.62 -28.88
CA PHE QA 213 14.58 83.36 -29.31
C PHE QA 213 15.97 83.63 -29.89
N VAL QA 214 16.93 82.78 -29.55
CA VAL QA 214 18.30 82.91 -30.05
C VAL QA 214 18.64 81.66 -30.85
N SER QA 215 19.28 81.87 -31.99
CA SER QA 215 19.86 80.77 -32.76
C SER QA 215 21.13 81.27 -33.42
N ALA QA 216 21.87 80.34 -34.01
CA ALA QA 216 23.07 80.65 -34.76
C ALA QA 216 22.75 80.68 -36.25
N CYS QA 217 23.54 81.47 -36.99
CA CYS QA 217 23.40 81.57 -38.43
C CYS QA 217 24.23 80.50 -39.13
N ASN QA 218 24.20 80.52 -40.46
CA ASN QA 218 24.96 79.56 -41.25
C ASN QA 218 26.47 79.76 -41.15
N ASP QA 219 26.92 80.87 -40.56
CA ASP QA 219 28.34 81.17 -40.49
C ASP QA 219 28.84 81.18 -39.05
N PHE QA 220 28.60 80.10 -38.31
CA PHE QA 220 28.91 80.03 -36.89
C PHE QA 220 29.70 78.77 -36.61
N SER QA 221 30.78 78.90 -35.84
CA SER QA 221 31.64 77.77 -35.50
C SER QA 221 32.33 78.01 -34.17
N VAL QA 222 32.67 76.90 -33.49
CA VAL QA 222 33.31 76.93 -32.19
C VAL QA 222 34.54 76.03 -32.22
N ARG QA 223 35.44 76.23 -31.25
CA ARG QA 223 36.78 75.66 -31.33
C ARG QA 223 37.34 75.40 -29.94
N MET QA 224 38.35 74.52 -29.89
CA MET QA 224 39.09 74.19 -28.68
C MET QA 224 38.17 73.62 -27.60
N LEU QA 225 37.87 72.33 -27.71
CA LEU QA 225 36.97 71.68 -26.76
C LEU QA 225 37.46 71.88 -25.33
N LYS QA 226 36.51 72.05 -24.42
CA LYS QA 226 36.77 72.13 -23.00
C LYS QA 226 35.51 71.69 -22.27
N ASP QA 227 35.59 71.63 -20.94
CA ASP QA 227 34.45 71.27 -20.13
C ASP QA 227 33.64 72.51 -19.76
N THR QA 228 32.34 72.32 -19.59
CA THR QA 228 31.44 73.41 -19.27
C THR QA 228 31.56 73.79 -17.80
N PRO QA 229 31.44 75.08 -17.46
CA PRO QA 229 31.51 75.48 -16.05
C PRO QA 229 30.22 75.26 -15.29
N PHE QA 230 29.15 74.84 -15.97
CA PHE QA 230 27.86 74.71 -15.33
C PHE QA 230 27.73 73.43 -14.52
N ILE QA 231 28.49 72.38 -14.88
CA ILE QA 231 28.44 71.10 -14.19
C ILE QA 231 29.59 71.03 -13.20
N ARG QA 232 29.30 70.50 -12.02
CA ARG QA 232 30.31 70.18 -11.01
C ARG QA 232 29.98 68.82 -10.43
N GLN QA 233 31.02 68.09 -10.01
CA GLN QA 233 30.88 66.73 -9.50
C GLN QA 233 31.40 66.69 -8.08
N ASP QA 234 30.53 66.38 -7.13
CA ASP QA 234 30.92 66.34 -5.72
C ASP QA 234 31.46 64.97 -5.32
N THR QA 235 30.71 63.91 -5.62
CA THR QA 235 31.10 62.55 -5.27
C THR QA 235 30.41 61.59 -6.23
N PHE QA 236 31.00 60.40 -6.39
CA PHE QA 236 30.42 59.37 -7.24
C PHE QA 236 28.96 59.15 -6.86
N TYR QA 237 28.05 59.39 -7.82
CA TYR QA 237 26.63 59.41 -7.52
C TYR QA 237 26.11 58.01 -7.23
N GLN QA 238 25.06 57.95 -6.41
CA GLN QA 238 24.45 56.69 -6.01
C GLN QA 238 22.94 56.69 -6.32
N ARG RA 44 25.19 33.21 -37.89
CA ARG RA 44 25.65 32.21 -36.94
C ARG RA 44 27.18 32.15 -36.91
N SER RA 45 27.83 33.31 -36.95
CA SER RA 45 29.29 33.35 -36.99
C SER RA 45 29.90 32.91 -35.66
N GLU RA 46 29.37 33.43 -34.55
CA GLU RA 46 30.01 33.19 -33.25
C GLU RA 46 29.77 31.78 -32.73
N SER RA 47 28.87 31.01 -33.32
CA SER RA 47 28.58 29.66 -32.87
C SER RA 47 29.38 28.60 -33.61
N SER RA 48 30.31 29.01 -34.46
CA SER RA 48 31.19 28.06 -35.12
C SER RA 48 32.09 27.39 -34.09
N ILE RA 49 32.60 26.21 -34.44
CA ILE RA 49 33.49 25.48 -33.54
C ILE RA 49 34.75 26.28 -33.29
N GLU RA 50 35.24 26.97 -34.31
CA GLU RA 50 36.45 27.77 -34.15
C GLU RA 50 36.26 28.82 -33.07
N ASN RA 51 35.17 29.59 -33.14
CA ASN RA 51 34.91 30.59 -32.09
C ASN RA 51 34.60 29.94 -30.76
N PHE RA 52 33.93 28.79 -30.77
CA PHE RA 52 33.56 28.12 -29.52
C PHE RA 52 34.79 27.72 -28.73
N LEU RA 53 35.80 27.16 -29.40
CA LEU RA 53 36.95 26.60 -28.71
C LEU RA 53 38.17 27.53 -28.68
N CYS RA 54 38.23 28.53 -29.55
CA CYS RA 54 39.43 29.37 -29.68
C CYS RA 54 39.40 30.49 -28.64
N ARG RA 55 39.56 30.09 -27.37
CA ARG RA 55 39.68 31.03 -26.27
C ARG RA 55 40.61 30.44 -25.22
N ALA RA 56 41.60 31.23 -24.81
CA ALA RA 56 42.58 30.76 -23.82
C ALA RA 56 41.91 30.49 -22.47
N ALA RA 57 42.43 29.51 -21.76
CA ALA RA 57 41.87 29.12 -20.48
C ALA RA 57 42.98 28.55 -19.59
N CYS RA 58 42.99 28.94 -18.33
CA CYS RA 58 43.97 28.42 -17.37
C CYS RA 58 43.64 26.95 -17.08
N VAL RA 59 44.45 26.04 -17.64
CA VAL RA 59 44.19 24.62 -17.47
C VAL RA 59 44.85 24.06 -16.22
N TYR RA 60 45.88 24.73 -15.69
CA TYR RA 60 46.65 24.17 -14.59
C TYR RA 60 47.55 25.23 -13.98
N TYR RA 61 47.46 25.39 -12.66
CA TYR RA 61 48.26 26.35 -11.91
C TYR RA 61 49.10 25.56 -10.93
N ALA RA 62 50.39 25.90 -10.86
CA ALA RA 62 51.30 25.20 -9.95
C ALA RA 62 52.33 26.18 -9.40
N THR RA 63 53.00 25.76 -8.33
CA THR RA 63 53.95 26.57 -7.59
C THR RA 63 55.31 25.90 -7.57
N TYR RA 64 56.37 26.71 -7.56
CA TYR RA 64 57.70 26.17 -7.35
C TYR RA 64 58.55 27.21 -6.64
N THR RA 65 59.58 26.73 -5.93
CA THR RA 65 60.36 27.54 -5.03
C THR RA 65 61.83 27.57 -5.44
N ASN RA 66 62.53 28.60 -4.96
CA ASN RA 66 63.92 28.80 -5.33
C ASN RA 66 64.84 27.84 -4.58
N ASN RA 67 64.65 27.71 -3.27
CA ASN RA 67 65.54 26.93 -2.41
C ASN RA 67 64.94 25.53 -2.23
N SER RA 68 65.36 24.61 -3.10
CA SER RA 68 64.97 23.21 -3.00
C SER RA 68 65.55 22.48 -4.20
N GLU RA 69 65.59 21.15 -4.09
CA GLU RA 69 65.88 20.29 -5.23
C GLU RA 69 64.62 19.74 -5.88
N LYS RA 70 63.49 19.77 -5.17
CA LYS RA 70 62.18 19.52 -5.74
C LYS RA 70 61.46 20.82 -6.07
N GLY RA 71 62.20 21.92 -6.18
CA GLY RA 71 61.62 23.22 -6.42
C GLY RA 71 61.35 23.50 -7.89
N TYR RA 72 61.08 22.43 -8.65
CA TYR RA 72 60.63 22.55 -10.02
C TYR RA 72 59.17 22.14 -10.11
N ALA RA 73 58.48 22.65 -11.11
CA ALA RA 73 57.08 22.35 -11.34
C ALA RA 73 56.94 21.43 -12.56
N GLU RA 74 55.85 20.68 -12.58
CA GLU RA 74 55.63 19.67 -13.61
C GLU RA 74 54.14 19.56 -13.89
N TRP RA 75 53.80 19.26 -15.14
CA TRP RA 75 52.42 19.02 -15.53
C TRP RA 75 52.38 18.09 -16.73
N VAL RA 76 51.74 16.94 -16.58
CA VAL RA 76 51.45 16.08 -17.72
C VAL RA 76 50.32 16.73 -18.51
N ILE RA 77 50.57 17.01 -19.78
CA ILE RA 77 49.65 17.81 -20.59
C ILE RA 77 48.44 16.97 -20.96
N ASN RA 78 47.29 17.31 -20.39
CA ASN RA 78 46.04 16.67 -20.76
C ASN RA 78 44.98 17.75 -20.91
N THR RA 79 43.84 17.34 -21.46
CA THR RA 79 42.68 18.21 -21.65
C THR RA 79 41.57 17.91 -20.66
N ARG RA 80 41.86 17.15 -19.60
CA ARG RA 80 40.85 16.67 -18.68
C ARG RA 80 40.92 17.34 -17.32
N GLN RA 81 41.94 18.17 -17.05
CA GLN RA 81 42.08 18.74 -15.72
C GLN RA 81 40.97 19.72 -15.40
N VAL RA 82 40.61 20.58 -16.34
CA VAL RA 82 39.66 21.67 -16.09
C VAL RA 82 38.30 21.30 -16.64
N ALA RA 83 37.25 21.64 -15.87
CA ALA RA 83 35.92 21.13 -16.14
C ALA RA 83 35.31 21.78 -17.39
N GLN RA 84 35.35 23.10 -17.45
CA GLN RA 84 34.71 23.79 -18.57
C GLN RA 84 35.30 23.35 -19.91
N LEU RA 85 36.62 23.48 -20.06
CA LEU RA 85 37.26 23.10 -21.32
C LEU RA 85 37.08 21.61 -21.59
N ARG RA 86 37.20 20.77 -20.55
CA ARG RA 86 37.02 19.35 -20.77
C ARG RA 86 35.63 19.07 -21.35
N ARG RA 87 34.60 19.65 -20.74
CA ARG RA 87 33.23 19.40 -21.21
C ARG RA 87 33.03 19.93 -22.62
N LYS RA 88 33.49 21.15 -22.88
CA LYS RA 88 33.36 21.72 -24.22
C LYS RA 88 33.99 20.81 -25.26
N LEU RA 89 35.16 20.25 -24.97
CA LEU RA 89 35.80 19.34 -25.91
C LEU RA 89 35.06 18.01 -25.99
N GLU RA 90 34.55 17.53 -24.85
CA GLU RA 90 33.86 16.24 -24.79
C GLU RA 90 32.51 16.28 -25.48
N LEU RA 91 32.03 17.47 -25.86
CA LEU RA 91 30.86 17.51 -26.73
C LEU RA 91 31.12 16.81 -28.08
N PHE RA 92 32.36 16.38 -28.35
CA PHE RA 92 32.69 15.70 -29.60
C PHE RA 92 33.50 14.45 -29.32
N THR RA 93 33.38 13.46 -30.21
CA THR RA 93 34.05 12.18 -30.02
C THR RA 93 35.49 12.23 -30.50
N TYR RA 94 35.74 12.90 -31.61
CA TYR RA 94 37.08 13.01 -32.18
C TYR RA 94 37.40 14.48 -32.39
N LEU RA 95 38.60 14.88 -32.00
CA LEU RA 95 39.05 16.25 -32.18
C LEU RA 95 40.43 16.23 -32.81
N ARG RA 96 40.83 17.37 -33.36
CA ARG RA 96 42.12 17.50 -34.02
C ARG RA 96 42.45 18.99 -34.04
N PHE RA 97 43.60 19.36 -33.50
CA PHE RA 97 43.91 20.77 -33.36
C PHE RA 97 45.36 20.94 -32.93
N ASP RA 98 45.89 22.14 -33.23
CA ASP RA 98 47.12 22.61 -32.63
C ASP RA 98 46.83 23.23 -31.27
N LEU RA 99 47.88 23.51 -30.50
CA LEU RA 99 47.69 24.09 -29.18
C LEU RA 99 48.59 25.30 -28.97
N GLU RA 100 48.00 26.40 -28.50
CA GLU RA 100 48.75 27.62 -28.16
C GLU RA 100 48.87 27.68 -26.64
N LEU RA 101 50.10 27.53 -26.14
CA LEU RA 101 50.37 27.52 -24.71
C LEU RA 101 50.91 28.86 -24.28
N THR RA 102 50.17 29.55 -23.42
CA THR RA 102 50.58 30.83 -22.85
C THR RA 102 50.86 30.64 -21.37
N PHE RA 103 52.02 31.11 -20.91
CA PHE RA 103 52.43 30.90 -19.53
C PHE RA 103 52.47 32.23 -18.78
N VAL RA 104 51.74 32.30 -17.67
CA VAL RA 104 51.70 33.48 -16.82
C VAL RA 104 52.46 33.13 -15.54
N ILE RA 105 53.68 33.67 -15.43
CA ILE RA 105 54.58 33.39 -14.32
C ILE RA 105 54.70 34.66 -13.49
N THR RA 106 54.32 34.58 -12.23
CA THR RA 106 54.42 35.71 -11.31
C THR RA 106 55.10 35.25 -10.02
N SER RA 107 55.93 36.12 -9.46
CA SER RA 107 56.85 35.76 -8.39
C SER RA 107 56.52 36.51 -7.11
N ALA RA 108 57.00 35.97 -5.99
CA ALA RA 108 56.73 36.53 -4.67
C ALA RA 108 57.85 36.13 -3.73
N GLN RA 109 58.27 37.05 -2.87
CA GLN RA 109 59.33 36.78 -1.90
C GLN RA 109 58.77 36.03 -0.70
N GLN RA 110 59.52 35.02 -0.24
CA GLN RA 110 59.19 34.26 0.97
C GLN RA 110 60.17 34.68 2.08
N PRO RA 111 60.06 34.13 3.29
CA PRO RA 111 60.84 34.69 4.40
C PRO RA 111 62.33 34.43 4.28
N SER RA 112 63.12 35.36 4.83
CA SER RA 112 64.57 35.26 4.80
C SER RA 112 65.15 35.85 6.07
N THR RA 113 66.36 35.42 6.40
CA THR RA 113 67.07 35.85 7.60
C THR RA 113 68.26 36.75 7.30
N ALA RA 114 68.47 37.11 6.03
CA ALA RA 114 69.63 37.91 5.66
C ALA RA 114 69.43 39.37 6.04
N THR RA 115 70.52 40.13 5.99
CA THR RA 115 70.48 41.53 6.40
C THR RA 115 69.99 42.43 5.28
N SER RA 116 70.16 42.03 4.02
CA SER RA 116 69.71 42.85 2.90
C SER RA 116 69.72 42.03 1.60
N VAL RA 117 68.55 41.84 1.00
CA VAL RA 117 68.38 40.96 -0.15
C VAL RA 117 68.32 41.84 -1.40
N ASP RA 118 69.47 41.97 -2.09
CA ASP RA 118 69.51 42.71 -3.34
C ASP RA 118 68.54 42.12 -4.36
N ALA RA 119 68.60 40.81 -4.56
CA ALA RA 119 67.69 40.11 -5.45
C ALA RA 119 67.78 40.65 -6.88
N PRO RA 120 68.66 40.11 -7.71
CA PRO RA 120 68.69 40.52 -9.12
C PRO RA 120 67.50 39.95 -9.87
N VAL RA 121 67.32 40.46 -11.09
CA VAL RA 121 66.20 40.05 -11.92
C VAL RA 121 66.21 38.53 -12.05
N GLN RA 122 65.01 37.93 -12.06
CA GLN RA 122 64.87 36.49 -12.04
C GLN RA 122 64.44 35.98 -13.42
N THR RA 123 65.15 34.96 -13.90
CA THR RA 123 64.82 34.29 -15.15
C THR RA 123 64.23 32.91 -14.84
N HIS RA 124 63.36 32.45 -15.73
CA HIS RA 124 62.71 31.16 -15.59
C HIS RA 124 62.88 30.38 -16.88
N GLN RA 125 62.87 29.06 -16.77
CA GLN RA 125 62.87 28.17 -17.92
C GLN RA 125 61.60 27.34 -17.92
N ILE RA 126 60.92 27.31 -19.07
CA ILE RA 126 59.72 26.54 -19.30
C ILE RA 126 60.07 25.51 -20.36
N MET RA 127 60.26 24.26 -19.97
CA MET RA 127 60.68 23.21 -20.88
C MET RA 127 59.50 22.33 -21.24
N TYR RA 128 59.39 21.99 -22.52
CA TYR RA 128 58.39 21.05 -23.00
C TYR RA 128 59.08 19.74 -23.34
N VAL RA 129 58.58 18.65 -22.77
CA VAL RA 129 59.07 17.31 -23.08
C VAL RA 129 58.08 16.66 -24.04
N PRO RA 130 58.40 16.57 -25.34
CA PRO RA 130 57.50 15.88 -26.25
C PRO RA 130 57.31 14.44 -25.81
N PRO RA 131 56.17 13.84 -26.13
CA PRO RA 131 55.91 12.46 -25.71
C PRO RA 131 57.08 11.52 -25.90
N GLY RA 132 57.60 10.96 -24.81
CA GLY RA 132 58.67 10.00 -24.87
C GLY RA 132 60.04 10.64 -24.78
N GLY RA 133 60.30 11.39 -23.71
CA GLY RA 133 61.53 12.13 -23.63
C GLY RA 133 62.08 12.31 -22.24
N PRO RA 134 63.06 13.21 -22.11
CA PRO RA 134 63.69 13.45 -20.80
C PRO RA 134 62.68 13.92 -19.76
N VAL RA 135 63.01 13.66 -18.51
CA VAL RA 135 62.15 14.06 -17.39
C VAL RA 135 63.03 14.63 -16.28
N PRO RA 136 62.97 15.93 -15.99
CA PRO RA 136 63.67 16.44 -14.81
C PRO RA 136 63.21 15.74 -13.55
N THR RA 137 64.15 15.12 -12.85
CA THR RA 137 63.90 14.52 -11.55
C THR RA 137 64.36 15.41 -10.41
N LYS RA 138 65.09 16.49 -10.72
CA LYS RA 138 65.63 17.41 -9.73
C LYS RA 138 65.79 18.77 -10.39
N VAL RA 139 65.90 19.81 -9.58
CA VAL RA 139 66.08 21.15 -10.12
C VAL RA 139 67.34 21.21 -10.97
N THR RA 140 68.31 20.33 -10.71
CA THR RA 140 69.56 20.34 -11.44
C THR RA 140 69.77 19.02 -12.17
N ASP RA 141 68.75 18.55 -12.87
CA ASP RA 141 68.84 17.32 -13.64
C ASP RA 141 69.39 17.60 -15.04
N TYR RA 142 69.86 16.54 -15.71
CA TYR RA 142 70.33 16.69 -17.07
C TYR RA 142 69.19 17.02 -18.02
N ALA RA 143 67.97 16.60 -17.68
CA ALA RA 143 66.83 16.81 -18.57
C ALA RA 143 66.68 18.26 -18.98
N TRP RA 144 67.04 19.19 -18.08
CA TRP RA 144 66.90 20.60 -18.39
C TRP RA 144 67.74 21.03 -19.58
N GLN RA 145 68.70 20.22 -20.01
CA GLN RA 145 69.51 20.55 -21.18
C GLN RA 145 68.87 19.95 -22.44
N THR RA 146 69.04 18.65 -22.66
CA THR RA 146 68.34 17.89 -23.69
C THR RA 146 68.01 18.70 -24.94
N SER RA 147 69.00 18.85 -25.82
CA SER RA 147 68.87 19.63 -27.05
C SER RA 147 67.56 19.40 -27.80
N THR RA 148 67.12 18.16 -27.92
CA THR RA 148 65.88 17.86 -28.64
C THR RA 148 64.65 18.08 -27.78
N ASN RA 149 64.79 18.81 -26.68
CA ASN RA 149 63.69 19.16 -25.79
C ASN RA 149 63.49 20.65 -25.86
N PRO RA 150 62.44 21.16 -26.51
CA PRO RA 150 62.28 22.62 -26.60
C PRO RA 150 62.11 23.23 -25.22
N SER RA 151 62.63 24.44 -25.07
CA SER RA 151 62.46 25.16 -23.82
C SER RA 151 62.59 26.65 -24.08
N VAL RA 152 61.87 27.42 -23.27
CA VAL RA 152 61.81 28.87 -23.37
C VAL RA 152 62.47 29.47 -22.13
N PHE RA 153 63.30 30.49 -22.35
CA PHE RA 153 63.94 31.22 -21.28
C PHE RA 153 63.33 32.62 -21.23
N TRP RA 154 62.64 32.93 -20.13
CA TRP RA 154 61.87 34.15 -20.02
C TRP RA 154 62.24 34.88 -18.73
N THR RA 155 62.54 36.16 -18.85
CA THR RA 155 62.90 36.97 -17.69
C THR RA 155 61.67 37.69 -17.15
N GLU RA 156 61.56 37.78 -15.83
CA GLU RA 156 60.41 38.43 -15.24
C GLU RA 156 60.33 39.89 -15.68
N GLY RA 157 59.10 40.36 -15.89
CA GLY RA 157 58.86 41.74 -16.26
C GLY RA 157 58.64 42.00 -17.74
N ASN RA 158 58.64 40.96 -18.58
CA ASN RA 158 58.40 41.10 -20.00
C ASN RA 158 57.08 40.44 -20.38
N ALA RA 159 56.77 40.48 -21.67
CA ALA RA 159 55.53 39.88 -22.14
C ALA RA 159 55.53 38.39 -21.81
N PRO RA 160 54.41 37.85 -21.34
CA PRO RA 160 54.34 36.43 -21.03
C PRO RA 160 54.82 35.58 -22.19
N PRO RA 161 55.52 34.49 -21.93
CA PRO RA 161 55.95 33.61 -23.01
C PRO RA 161 54.80 32.76 -23.55
N ARG RA 162 54.92 32.44 -24.83
CA ARG RA 162 53.90 31.70 -25.57
C ARG RA 162 54.60 30.79 -26.56
N MET RA 163 54.04 29.60 -26.76
CA MET RA 163 54.59 28.68 -27.73
C MET RA 163 53.48 27.76 -28.24
N SER RA 164 53.47 27.53 -29.55
CA SER RA 164 52.50 26.63 -30.15
C SER RA 164 53.11 25.25 -30.30
N ILE RA 165 52.26 24.23 -30.25
CA ILE RA 165 52.69 22.84 -30.41
C ILE RA 165 51.73 22.15 -31.38
N PRO RA 166 52.25 21.37 -32.35
CA PRO RA 166 51.39 20.82 -33.40
C PRO RA 166 50.43 19.74 -32.93
N PHE RA 167 49.69 19.18 -33.89
CA PHE RA 167 48.93 17.97 -33.70
C PHE RA 167 49.90 16.80 -33.63
N ILE RA 168 50.31 16.41 -32.42
CA ILE RA 168 51.44 15.51 -32.26
C ILE RA 168 50.97 14.08 -32.04
N SER RA 169 49.82 13.74 -32.60
CA SER RA 169 49.28 12.40 -32.47
C SER RA 169 49.70 11.54 -33.66
N ILE RA 170 49.62 10.23 -33.48
CA ILE RA 170 49.93 9.30 -34.56
C ILE RA 170 48.70 9.03 -35.42
N GLY RA 171 47.51 9.08 -34.83
CA GLY RA 171 46.29 8.91 -35.59
C GLY RA 171 45.87 10.20 -36.26
N ASN RA 172 44.83 10.09 -37.09
CA ASN RA 172 44.33 11.23 -37.84
C ASN RA 172 43.43 12.14 -37.01
N ALA RA 173 43.36 11.93 -35.70
CA ALA RA 173 42.61 12.81 -34.80
C ALA RA 173 42.84 12.36 -33.37
N TYR RA 174 42.87 13.32 -32.44
CA TYR RA 174 42.84 13.00 -31.02
C TYR RA 174 41.53 12.31 -30.69
N SER RA 175 41.59 11.38 -29.74
CA SER RA 175 40.41 10.62 -29.32
C SER RA 175 39.96 11.13 -27.95
N CYS RA 176 38.74 11.63 -27.87
CA CYS RA 176 38.16 12.04 -26.59
C CYS RA 176 37.49 10.89 -25.87
N PHE RA 177 37.06 9.87 -26.59
CA PHE RA 177 36.42 8.71 -25.99
C PHE RA 177 36.93 7.46 -26.69
N TYR RA 178 37.02 6.37 -25.92
CA TYR RA 178 37.62 5.13 -26.42
C TYR RA 178 36.97 3.97 -25.68
N ASP RA 179 36.16 3.20 -26.40
CA ASP RA 179 35.52 2.01 -25.83
C ASP RA 179 36.41 0.78 -26.06
N GLY RA 180 37.60 0.84 -25.44
CA GLY RA 180 38.56 -0.23 -25.58
C GLY RA 180 39.64 -0.17 -24.53
N TRP RA 181 40.64 -1.03 -24.71
CA TRP RA 181 41.76 -1.17 -23.78
C TRP RA 181 43.06 -0.92 -24.52
N THR RA 182 44.16 -0.88 -23.74
CA THR RA 182 45.48 -0.69 -24.32
C THR RA 182 46.17 -2.00 -24.69
N GLN RA 183 45.85 -3.09 -23.98
CA GLN RA 183 46.51 -4.37 -24.18
C GLN RA 183 45.68 -5.25 -25.11
N PHE RA 184 46.38 -6.05 -25.92
CA PHE RA 184 45.72 -6.95 -26.86
C PHE RA 184 44.99 -8.10 -26.18
N SER RA 185 45.18 -8.29 -24.87
CA SER RA 185 44.49 -9.32 -24.12
C SER RA 185 43.05 -8.94 -23.76
N ARG RA 186 42.50 -7.89 -24.38
CA ARG RA 186 41.18 -7.37 -24.03
C ARG RA 186 41.09 -7.13 -22.52
N ASN RA 187 42.20 -6.68 -21.95
CA ASN RA 187 42.32 -6.46 -20.51
C ASN RA 187 43.27 -5.28 -20.28
N GLY RA 188 43.58 -5.03 -19.02
CA GLY RA 188 44.41 -3.89 -18.66
C GLY RA 188 43.59 -2.64 -18.42
N VAL RA 189 44.11 -1.49 -18.86
CA VAL RA 189 43.43 -0.22 -18.68
C VAL RA 189 42.31 -0.08 -19.71
N TYR RA 190 41.22 0.56 -19.31
CA TYR RA 190 40.07 0.77 -20.18
C TYR RA 190 39.77 2.22 -20.46
N GLY RA 191 40.32 3.15 -19.68
CA GLY RA 191 40.13 4.57 -19.95
C GLY RA 191 40.75 5.00 -21.26
N ILE RA 192 40.97 6.31 -21.43
CA ILE RA 192 41.59 6.79 -22.67
C ILE RA 192 43.08 6.52 -22.60
N ASN RA 193 43.47 5.27 -22.77
CA ASN RA 193 44.86 4.90 -22.96
C ASN RA 193 45.26 4.94 -24.44
N THR RA 194 44.50 5.65 -25.27
CA THR RA 194 44.80 5.78 -26.68
C THR RA 194 46.06 6.64 -26.83
N LEU RA 195 46.36 7.07 -28.05
CA LEU RA 195 47.46 7.99 -28.27
C LEU RA 195 47.20 9.28 -27.49
N ASN RA 196 46.48 10.22 -28.11
CA ASN RA 196 45.99 11.41 -27.43
C ASN RA 196 46.99 11.91 -26.39
N ASN RA 197 48.28 11.83 -26.72
CA ASN RA 197 49.35 12.13 -25.77
C ASN RA 197 50.04 13.41 -26.19
N MET RA 198 50.13 14.37 -25.28
CA MET RA 198 50.62 15.70 -25.59
C MET RA 198 51.92 16.04 -24.88
N GLY RA 199 52.52 15.09 -24.17
CA GLY RA 199 53.82 15.31 -23.54
C GLY RA 199 53.70 15.87 -22.13
N THR RA 200 54.87 16.20 -21.58
CA THR RA 200 54.97 16.77 -20.24
C THR RA 200 55.52 18.18 -20.33
N LEU RA 201 55.37 18.95 -19.25
CA LEU RA 201 55.76 20.35 -19.24
C LEU RA 201 56.35 20.70 -17.87
N TYR RA 202 57.63 21.07 -17.86
CA TYR RA 202 58.36 21.34 -16.63
C TYR RA 202 58.74 22.81 -16.54
N MET RA 203 58.95 23.28 -15.31
CA MET RA 203 59.23 24.68 -15.02
C MET RA 203 60.29 24.79 -13.93
N ARG RA 204 61.20 25.75 -14.06
CA ARG RA 204 62.16 25.98 -12.97
C ARG RA 204 62.70 27.41 -13.02
N HIS RA 205 63.26 27.83 -11.90
CA HIS RA 205 64.03 29.07 -11.84
C HIS RA 205 65.40 28.84 -12.46
N VAL RA 206 65.85 29.75 -13.30
CA VAL RA 206 67.20 29.66 -13.86
C VAL RA 206 68.20 30.36 -12.95
N ASN RA 207 67.82 31.48 -12.35
CA ASN RA 207 68.67 32.11 -11.35
C ASN RA 207 68.68 31.25 -10.08
N GLU RA 208 69.73 31.41 -9.28
CA GLU RA 208 69.99 30.49 -8.17
C GLU RA 208 70.58 31.24 -7.00
N ALA RA 209 70.93 30.48 -5.96
CA ALA RA 209 71.64 30.97 -4.78
C ALA RA 209 71.16 32.33 -4.29
N GLY RA 210 69.87 32.61 -4.44
CA GLY RA 210 69.35 33.86 -3.92
C GLY RA 210 69.46 33.96 -2.41
N GLN RA 211 70.02 35.06 -1.91
CA GLN RA 211 70.11 35.24 -0.47
C GLN RA 211 68.74 35.17 0.21
N GLY RA 212 67.66 35.24 -0.56
CA GLY RA 212 66.32 35.11 -0.03
C GLY RA 212 65.51 34.22 -0.94
N PRO RA 213 64.46 33.62 -0.40
CA PRO RA 213 63.65 32.69 -1.18
C PRO RA 213 62.72 33.42 -2.14
N ILE RA 214 62.34 32.69 -3.20
CA ILE RA 214 61.45 33.22 -4.21
C ILE RA 214 60.54 32.09 -4.68
N LYS RA 215 59.23 32.28 -4.54
CA LYS RA 215 58.24 31.32 -5.01
C LYS RA 215 57.52 31.91 -6.22
N SER RA 216 57.36 31.11 -7.26
CA SER RA 216 56.69 31.53 -8.48
C SER RA 216 55.55 30.59 -8.79
N THR RA 217 54.57 31.11 -9.53
CA THR RA 217 53.36 30.38 -9.86
C THR RA 217 53.18 30.38 -11.37
N VAL RA 218 53.24 29.20 -11.98
CA VAL RA 218 53.07 29.04 -13.41
C VAL RA 218 51.62 28.65 -13.68
N ARG RA 219 50.99 29.35 -14.62
CA ARG RA 219 49.63 29.05 -15.07
C ARG RA 219 49.69 28.73 -16.55
N ILE RA 220 49.36 27.48 -16.90
CA ILE RA 220 49.33 27.07 -18.29
C ILE RA 220 48.01 27.47 -18.90
N TYR RA 221 48.03 27.92 -20.15
CA TYR RA 221 46.83 28.34 -20.86
C TYR RA 221 46.70 27.57 -22.16
N PHE RA 222 45.54 26.96 -22.35
CA PHE RA 222 45.23 26.09 -23.48
C PHE RA 222 44.29 26.86 -24.41
N LYS RA 223 44.69 27.00 -25.68
CA LYS RA 223 43.82 27.55 -26.71
C LYS RA 223 44.00 26.69 -27.95
N PRO RA 224 43.05 25.79 -28.23
CA PRO RA 224 43.16 24.96 -29.43
C PRO RA 224 42.96 25.80 -30.69
N LYS RA 225 43.95 25.81 -31.57
CA LYS RA 225 43.90 26.56 -32.82
C LYS RA 225 43.68 25.60 -33.98
N HIS RA 226 43.10 26.11 -35.06
CA HIS RA 226 42.84 25.33 -36.26
C HIS RA 226 42.13 24.03 -35.90
N VAL RA 227 40.95 24.18 -35.31
CA VAL RA 227 40.22 23.08 -34.70
C VAL RA 227 39.25 22.49 -35.70
N LYS RA 228 39.11 21.16 -35.65
CA LYS RA 228 38.08 20.46 -36.41
C LYS RA 228 37.58 19.30 -35.58
N ALA RA 229 36.26 19.23 -35.39
CA ALA RA 229 35.64 18.26 -34.51
C ALA RA 229 34.72 17.34 -35.31
N TRP RA 230 34.50 16.14 -34.77
CA TRP RA 230 33.70 15.14 -35.44
C TRP RA 230 32.76 14.45 -34.45
N VAL RA 231 31.65 13.92 -34.99
CA VAL RA 231 30.73 13.05 -34.27
C VAL RA 231 30.32 13.71 -32.95
N PRO RA 232 29.33 14.59 -32.96
CA PRO RA 232 28.91 15.23 -31.71
C PRO RA 232 28.23 14.22 -30.80
N ARG RA 233 28.25 14.54 -29.51
CA ARG RA 233 27.71 13.67 -28.47
C ARG RA 233 27.06 14.52 -27.39
N PRO RA 234 26.16 13.94 -26.61
CA PRO RA 234 25.45 14.73 -25.61
C PRO RA 234 26.41 15.39 -24.65
N PRO RA 235 26.06 16.57 -24.14
CA PRO RA 235 26.94 17.22 -23.16
C PRO RA 235 27.03 16.44 -21.85
N ARG RA 236 28.14 16.63 -21.15
CA ARG RA 236 28.30 16.03 -19.84
C ARG RA 236 27.19 16.51 -18.90
N LEU RA 237 26.51 15.56 -18.26
CA LEU RA 237 25.43 15.87 -17.33
C LEU RA 237 25.87 15.69 -15.88
N CYS RA 238 26.36 14.51 -15.52
CA CYS RA 238 26.84 14.24 -14.18
C CYS RA 238 28.23 14.83 -13.99
N GLN RA 239 28.49 15.37 -12.79
CA GLN RA 239 29.75 16.03 -12.53
C GLN RA 239 30.92 15.08 -12.79
N TYR RA 240 32.03 15.64 -13.27
CA TYR RA 240 33.25 14.85 -13.43
C TYR RA 240 33.76 14.43 -12.05
N GLU RA 241 34.31 13.22 -11.99
CA GLU RA 241 34.82 12.67 -10.74
C GLU RA 241 36.33 12.52 -10.75
N LYS RA 242 36.89 11.96 -11.82
CA LYS RA 242 38.33 11.83 -11.94
C LYS RA 242 38.75 12.17 -13.37
N GLN RA 243 39.98 12.64 -13.50
CA GLN RA 243 40.49 13.13 -14.76
C GLN RA 243 40.77 12.01 -15.77
N LYS RA 244 40.89 10.77 -15.32
CA LYS RA 244 41.41 9.71 -16.18
C LYS RA 244 40.34 8.72 -16.66
N ASN RA 245 39.06 9.02 -16.44
CA ASN RA 245 38.03 8.07 -16.81
C ASN RA 245 36.68 8.77 -16.88
N VAL RA 246 35.72 8.09 -17.51
CA VAL RA 246 34.36 8.62 -17.65
C VAL RA 246 33.55 8.48 -16.38
N ASN RA 247 34.06 7.75 -15.39
CA ASN RA 247 33.29 7.40 -14.20
C ASN RA 247 32.46 8.57 -13.69
N PHE RA 248 31.18 8.29 -13.45
CA PHE RA 248 30.22 9.30 -13.05
C PHE RA 248 29.34 8.73 -11.95
N THR RA 249 28.72 9.64 -11.20
CA THR RA 249 27.71 9.25 -10.22
C THR RA 249 26.34 9.55 -10.79
N PRO RA 250 25.44 8.58 -10.88
CA PRO RA 250 24.16 8.83 -11.57
C PRO RA 250 23.41 10.00 -10.96
N THR RA 251 22.89 10.86 -11.84
CA THR RA 251 22.17 12.06 -11.45
C THR RA 251 20.86 12.14 -12.24
N GLY RA 252 20.00 13.07 -11.82
CA GLY RA 252 18.72 13.24 -12.46
C GLY RA 252 18.82 13.91 -13.81
N VAL RA 253 17.71 13.81 -14.57
CA VAL RA 253 17.70 14.32 -15.93
C VAL RA 253 17.77 15.85 -15.93
N THR RA 254 16.98 16.49 -15.08
CA THR RA 254 16.96 17.95 -15.02
C THR RA 254 16.40 18.39 -13.68
N THR RA 255 16.37 19.70 -13.46
CA THR RA 255 15.78 20.24 -12.24
C THR RA 255 14.29 19.87 -12.19
N THR RA 256 13.74 19.88 -10.98
CA THR RA 256 12.41 19.38 -10.73
C THR RA 256 11.43 20.51 -10.45
N ARG RA 257 10.18 20.28 -10.82
CA ARG RA 257 9.07 21.18 -10.54
C ARG RA 257 7.95 20.40 -9.85
N VAL RA 258 6.84 21.10 -9.60
CA VAL RA 258 5.75 20.52 -8.81
C VAL RA 258 4.89 19.60 -9.66
N GLY RA 259 4.25 20.15 -10.71
CA GLY RA 259 3.33 19.39 -11.52
C GLY RA 259 3.54 19.66 -13.00
N ILE RA 260 2.94 18.79 -13.82
CA ILE RA 260 3.00 18.98 -15.26
C ILE RA 260 2.34 20.29 -15.66
N THR RA 261 1.38 20.75 -14.87
CA THR RA 261 0.64 21.97 -15.17
C THR RA 261 1.27 23.18 -14.46
N SER SA 15 11.79 -9.17 -50.24
CA SER SA 15 12.84 -10.12 -49.85
C SER SA 15 14.22 -9.58 -50.20
N ILE SA 16 15.23 -10.02 -49.45
CA ILE SA 16 16.59 -9.51 -49.56
C ILE SA 16 17.53 -10.71 -49.58
N THR SA 17 18.79 -10.47 -49.96
CA THR SA 17 19.81 -11.53 -49.90
C THR SA 17 21.19 -10.89 -50.01
N LEU SA 18 21.88 -10.75 -48.86
CA LEU SA 18 23.25 -10.30 -48.81
C LEU SA 18 24.25 -11.45 -48.88
N GLY SA 19 23.78 -12.68 -49.00
CA GLY SA 19 24.64 -13.86 -49.01
C GLY SA 19 23.78 -15.09 -48.93
N ASN SA 20 24.05 -15.97 -47.97
CA ASN SA 20 23.12 -17.06 -47.66
C ASN SA 20 22.00 -16.62 -46.73
N SER SA 21 21.70 -15.32 -46.70
CA SER SA 21 20.71 -14.73 -45.82
C SER SA 21 19.58 -14.18 -46.67
N THR SA 22 18.37 -14.18 -46.12
CA THR SA 22 17.20 -13.77 -46.90
C THR SA 22 16.19 -13.04 -46.02
N ILE SA 23 16.61 -11.94 -45.39
CA ILE SA 23 15.66 -11.15 -44.62
C ILE SA 23 14.52 -10.66 -45.53
N THR SA 24 13.37 -10.43 -44.92
CA THR SA 24 12.19 -9.89 -45.61
C THR SA 24 11.76 -8.61 -44.94
N THR SA 25 11.54 -7.56 -45.73
CA THR SA 25 11.11 -6.26 -45.22
C THR SA 25 9.98 -5.74 -46.12
N GLN SA 26 9.68 -4.44 -45.97
CA GLN SA 26 8.66 -3.76 -46.78
C GLN SA 26 9.33 -2.61 -47.52
N GLU SA 27 8.55 -1.65 -48.02
CA GLU SA 27 9.10 -0.49 -48.73
C GLU SA 27 10.38 -0.01 -48.06
N CYS SA 28 10.24 0.65 -46.90
CA CYS SA 28 11.37 0.96 -46.03
C CYS SA 28 10.90 1.82 -44.87
N ALA SA 29 11.60 1.75 -43.74
CA ALA SA 29 11.29 2.61 -42.59
C ALA SA 29 12.32 3.73 -42.49
N ASN SA 30 12.44 4.51 -43.56
CA ASN SA 30 13.42 5.60 -43.64
C ASN SA 30 14.80 5.11 -43.17
N VAL SA 31 15.40 4.27 -44.00
CA VAL SA 31 16.75 3.79 -43.73
C VAL SA 31 17.64 4.99 -43.44
N VAL SA 32 18.14 5.09 -42.21
CA VAL SA 32 18.97 6.21 -41.79
C VAL SA 32 20.42 5.85 -42.10
N VAL SA 33 21.03 6.60 -43.02
CA VAL SA 33 22.41 6.31 -43.45
C VAL SA 33 23.32 7.11 -42.53
N GLY SA 34 23.61 6.52 -41.37
CA GLY SA 34 24.59 7.04 -40.44
C GLY SA 34 24.71 8.54 -40.39
N TYR SA 35 25.95 9.03 -40.48
CA TYR SA 35 26.22 10.46 -40.52
C TYR SA 35 26.24 10.96 -41.96
N GLY SA 36 25.23 10.56 -42.73
CA GLY SA 36 25.19 10.91 -44.14
C GLY SA 36 26.20 10.20 -45.01
N VAL SA 37 26.88 9.19 -44.48
CA VAL SA 37 27.94 8.49 -45.21
C VAL SA 37 27.52 7.05 -45.41
N TRP SA 38 27.61 6.58 -46.66
CA TRP SA 38 27.37 5.17 -46.96
C TRP SA 38 28.67 4.37 -46.81
N PRO SA 39 28.63 3.17 -46.22
CA PRO SA 39 29.86 2.41 -46.03
C PRO SA 39 30.67 2.32 -47.32
N GLU SA 40 31.97 2.57 -47.20
CA GLU SA 40 32.88 2.52 -48.33
C GLU SA 40 34.22 1.97 -47.88
N TYR SA 41 35.03 1.57 -48.85
CA TYR SA 41 36.36 1.04 -48.56
C TYR SA 41 37.36 2.16 -48.34
N GLN SA 52 48.22 -5.98 -48.87
CA GLN SA 52 46.95 -6.06 -49.58
C GLN SA 52 45.83 -6.50 -48.63
N PRO SA 53 44.74 -5.74 -48.56
CA PRO SA 53 43.64 -6.08 -47.64
C PRO SA 53 42.76 -7.19 -48.21
N THR SA 54 42.62 -8.27 -47.45
CA THR SA 54 41.67 -9.31 -47.82
C THR SA 54 40.27 -8.89 -47.39
N GLN SA 55 39.29 -9.08 -48.26
CA GLN SA 55 37.92 -8.59 -48.06
C GLN SA 55 36.97 -9.75 -48.29
N PRO SA 56 36.57 -10.46 -47.22
CA PRO SA 56 35.83 -11.72 -47.40
C PRO SA 56 34.57 -11.63 -48.26
N ASP SA 57 34.03 -10.42 -48.44
CA ASP SA 57 32.83 -10.23 -49.27
C ASP SA 57 31.64 -10.91 -48.61
N VAL SA 58 30.89 -11.73 -49.37
CA VAL SA 58 29.68 -12.36 -48.82
C VAL SA 58 30.00 -13.11 -47.52
N ALA SA 59 31.18 -13.73 -47.45
CA ALA SA 59 31.56 -14.46 -46.24
C ALA SA 59 31.43 -13.58 -45.00
N THR SA 60 31.76 -12.30 -45.13
CA THR SA 60 31.59 -11.32 -44.07
C THR SA 60 30.37 -10.43 -44.28
N CYS SA 61 30.14 -9.96 -45.51
CA CYS SA 61 29.01 -9.10 -45.83
C CYS SA 61 27.75 -9.96 -45.95
N ARG SA 62 27.15 -10.24 -44.80
CA ARG SA 62 25.96 -11.08 -44.74
C ARG SA 62 25.17 -10.74 -43.47
N PHE SA 63 23.88 -11.05 -43.52
CA PHE SA 63 22.95 -10.72 -42.43
C PHE SA 63 23.10 -11.74 -41.31
N TYR SA 64 23.87 -11.41 -40.28
CA TYR SA 64 23.90 -12.19 -39.05
C TYR SA 64 22.82 -11.66 -38.12
N THR SA 65 21.84 -12.50 -37.82
CA THR SA 65 20.73 -12.12 -36.93
C THR SA 65 21.06 -12.60 -35.52
N LEU SA 66 21.29 -11.66 -34.61
CA LEU SA 66 21.64 -12.01 -33.25
C LEU SA 66 20.44 -12.62 -32.53
N GLU SA 67 20.65 -12.99 -31.28
CA GLU SA 67 19.57 -13.57 -30.49
C GLU SA 67 18.44 -12.56 -30.35
N SER SA 68 17.21 -13.07 -30.41
CA SER SA 68 16.04 -12.25 -30.13
C SER SA 68 15.86 -12.08 -28.62
N VAL SA 69 15.40 -10.91 -28.22
CA VAL SA 69 15.16 -10.63 -26.81
C VAL SA 69 13.71 -10.20 -26.64
N GLN SA 70 13.16 -10.40 -25.45
CA GLN SA 70 11.77 -10.11 -25.18
C GLN SA 70 11.63 -8.76 -24.51
N TRP SA 71 10.78 -7.90 -25.07
CA TRP SA 71 10.45 -6.60 -24.50
C TRP SA 71 9.36 -6.80 -23.46
N MET SA 72 9.68 -6.53 -22.20
CA MET SA 72 8.75 -6.74 -21.10
C MET SA 72 8.26 -5.39 -20.58
N LYS SA 73 7.14 -5.42 -19.86
CA LYS SA 73 6.60 -4.18 -19.31
C LYS SA 73 7.61 -3.44 -18.44
N ASN SA 74 8.63 -4.14 -17.95
CA ASN SA 74 9.63 -3.56 -17.08
C ASN SA 74 10.97 -3.33 -17.77
N SER SA 75 11.12 -3.76 -19.01
CA SER SA 75 12.42 -3.72 -19.68
C SER SA 75 13.03 -2.34 -19.59
N ALA SA 76 14.31 -2.29 -19.21
CA ALA SA 76 15.05 -1.04 -19.09
C ALA SA 76 15.80 -0.69 -20.37
N GLY SA 77 16.29 -1.69 -21.08
CA GLY SA 77 17.00 -1.47 -22.32
C GLY SA 77 18.01 -2.56 -22.58
N TRP SA 78 18.60 -2.50 -23.77
CA TRP SA 78 19.62 -3.45 -24.20
C TRP SA 78 20.71 -2.72 -24.95
N TRP SA 79 21.90 -3.30 -24.97
CA TRP SA 79 22.98 -2.74 -25.77
C TRP SA 79 23.94 -3.84 -26.18
N TRP SA 80 24.58 -3.62 -27.34
CA TRP SA 80 25.56 -4.53 -27.89
C TRP SA 80 26.81 -3.75 -28.28
N LYS SA 81 27.98 -4.29 -27.94
CA LYS SA 81 29.23 -3.78 -28.50
C LYS SA 81 29.42 -4.42 -29.87
N LEU SA 82 29.66 -3.59 -30.90
CA LEU SA 82 29.47 -4.07 -32.26
C LEU SA 82 30.53 -5.06 -32.69
N PRO SA 83 31.82 -4.70 -32.75
CA PRO SA 83 32.82 -5.72 -33.13
C PRO SA 83 32.69 -6.98 -32.32
N ASP SA 84 32.29 -6.88 -31.04
CA ASP SA 84 32.16 -8.02 -30.14
C ASP SA 84 30.74 -8.58 -30.10
N ALA SA 85 29.91 -8.30 -31.11
CA ALA SA 85 28.63 -8.98 -31.23
C ALA SA 85 28.65 -10.10 -32.26
N LEU SA 86 29.25 -9.84 -33.42
CA LEU SA 86 29.44 -10.85 -34.46
C LEU SA 86 30.79 -11.55 -34.32
N SER SA 87 31.48 -11.34 -33.20
CA SER SA 87 32.83 -11.88 -33.05
C SER SA 87 32.87 -13.40 -33.10
N GLN SA 88 31.80 -14.06 -32.64
CA GLN SA 88 31.76 -15.51 -32.59
C GLN SA 88 30.91 -16.12 -33.69
N MET SA 89 30.45 -15.31 -34.64
CA MET SA 89 29.54 -15.77 -35.68
C MET SA 89 30.27 -15.86 -37.02
N GLY SA 90 30.65 -17.08 -37.39
CA GLY SA 90 31.06 -17.36 -38.75
C GLY SA 90 32.36 -16.71 -39.20
N LEU SA 91 32.44 -16.49 -40.51
CA LEU SA 91 33.69 -16.04 -41.12
C LEU SA 91 34.03 -14.60 -40.76
N PHE SA 92 33.05 -13.78 -40.39
CA PHE SA 92 33.38 -12.49 -39.82
C PHE SA 92 34.28 -12.66 -38.60
N GLY SA 93 33.86 -13.52 -37.66
CA GLY SA 93 34.68 -13.78 -36.49
C GLY SA 93 36.00 -14.44 -36.84
N GLN SA 94 35.99 -15.36 -37.82
CA GLN SA 94 37.23 -16.04 -38.18
C GLN SA 94 38.26 -15.04 -38.74
N ASN SA 95 37.86 -14.22 -39.71
CA ASN SA 95 38.75 -13.18 -40.21
C ASN SA 95 39.18 -12.25 -39.08
N MET SA 96 38.26 -11.94 -38.15
CA MET SA 96 38.59 -11.09 -37.02
C MET SA 96 39.72 -11.69 -36.19
N GLN SA 97 39.69 -13.00 -35.98
CA GLN SA 97 40.74 -13.64 -35.18
C GLN SA 97 42.05 -13.70 -35.94
N TYR SA 98 42.00 -14.00 -37.25
CA TYR SA 98 43.22 -14.23 -38.00
C TYR SA 98 43.88 -12.95 -38.52
N HIS SA 99 43.20 -11.81 -38.44
CA HIS SA 99 43.78 -10.56 -38.92
C HIS SA 99 43.94 -9.57 -37.77
N TYR SA 100 45.05 -8.83 -37.80
CA TYR SA 100 45.38 -7.86 -36.76
C TYR SA 100 44.55 -6.58 -36.89
N LEU SA 101 44.07 -6.27 -38.09
CA LEU SA 101 43.36 -5.03 -38.35
C LEU SA 101 42.03 -5.30 -39.05
N GLY SA 102 41.06 -4.45 -38.76
CA GLY SA 102 39.74 -4.58 -39.36
C GLY SA 102 39.10 -3.22 -39.55
N ARG SA 103 38.19 -3.18 -40.52
CA ARG SA 103 37.49 -1.94 -40.88
C ARG SA 103 36.20 -2.33 -41.58
N THR SA 104 35.06 -1.91 -41.04
CA THR SA 104 33.79 -2.27 -41.64
C THR SA 104 32.72 -1.27 -41.24
N GLY SA 105 31.75 -1.09 -42.13
CA GLY SA 105 30.48 -0.50 -41.77
C GLY SA 105 29.46 -1.59 -41.47
N TYR SA 106 28.27 -1.17 -41.07
CA TYR SA 106 27.22 -2.12 -40.73
C TYR SA 106 25.88 -1.62 -41.27
N THR SA 107 25.00 -2.57 -41.54
CA THR SA 107 23.58 -2.31 -41.75
C THR SA 107 22.85 -3.02 -40.61
N ILE SA 108 22.26 -2.24 -39.71
CA ILE SA 108 21.61 -2.75 -38.51
C ILE SA 108 20.11 -2.65 -38.72
N HIS SA 109 19.40 -3.76 -38.52
CA HIS SA 109 17.97 -3.87 -38.79
C HIS SA 109 17.33 -4.38 -37.50
N VAL SA 110 16.67 -3.47 -36.77
CA VAL SA 110 15.98 -3.80 -35.54
C VAL SA 110 14.51 -3.98 -35.88
N GLN SA 111 14.02 -5.21 -35.74
CA GLN SA 111 12.64 -5.57 -36.06
C GLN SA 111 11.91 -5.95 -34.78
N CYS SA 112 10.75 -5.35 -34.56
CA CYS SA 112 9.89 -5.66 -33.44
C CYS SA 112 8.51 -5.95 -33.98
N ASN SA 113 7.85 -6.97 -33.44
CA ASN SA 113 6.51 -7.34 -33.92
C ASN SA 113 5.56 -7.49 -32.75
N ALA SA 114 4.48 -6.71 -32.80
CA ALA SA 114 3.42 -6.76 -31.80
C ALA SA 114 2.10 -6.71 -32.57
N SER SA 115 1.02 -6.39 -31.87
CA SER SA 115 -0.30 -6.27 -32.46
C SER SA 115 -0.79 -4.83 -32.34
N LYS SA 116 -1.92 -4.56 -33.00
CA LYS SA 116 -2.57 -3.26 -32.83
C LYS SA 116 -2.98 -3.03 -31.37
N PHE SA 117 -3.13 -4.10 -30.60
CA PHE SA 117 -3.52 -4.03 -29.19
C PHE SA 117 -2.33 -3.84 -28.26
N HIS SA 118 -1.12 -3.73 -28.79
CA HIS SA 118 0.06 -3.43 -28.00
C HIS SA 118 0.43 -1.95 -28.17
N GLN SA 119 1.29 -1.47 -27.27
CA GLN SA 119 1.74 -0.10 -27.33
C GLN SA 119 3.13 0.01 -26.70
N GLY SA 120 3.87 1.01 -27.14
CA GLY SA 120 5.24 1.21 -26.67
C GLY SA 120 6.05 1.97 -27.69
N CYS SA 121 7.26 2.33 -27.28
CA CYS SA 121 8.16 3.09 -28.14
C CYS SA 121 9.60 2.83 -27.78
N LEU SA 122 10.40 2.43 -28.76
CA LEU SA 122 11.82 2.17 -28.61
C LEU SA 122 12.63 3.26 -29.31
N LEU SA 123 13.73 3.64 -28.69
CA LEU SA 123 14.79 4.39 -29.35
C LEU SA 123 15.87 3.40 -29.75
N VAL SA 124 16.21 3.35 -31.04
CA VAL SA 124 17.27 2.49 -31.53
C VAL SA 124 18.38 3.41 -32.02
N VAL SA 125 19.51 3.43 -31.30
CA VAL SA 125 20.59 4.37 -31.57
C VAL SA 125 21.89 3.61 -31.74
N CYS SA 126 22.83 4.21 -32.47
CA CYS SA 126 24.17 3.66 -32.66
C CYS SA 126 25.19 4.68 -32.18
N VAL SA 127 25.73 4.46 -30.98
CA VAL SA 127 26.66 5.41 -30.36
C VAL SA 127 28.09 4.95 -30.69
N PRO SA 128 28.82 5.67 -31.53
CA PRO SA 128 30.25 5.36 -31.69
C PRO SA 128 31.04 5.77 -30.46
N GLU SA 129 31.95 4.88 -30.04
CA GLU SA 129 32.83 5.13 -28.90
C GLU SA 129 32.02 5.31 -27.61
N ALA SA 130 31.20 4.30 -27.31
CA ALA SA 130 30.37 4.32 -26.11
C ALA SA 130 31.22 3.90 -24.91
N GLU SA 131 32.14 4.79 -24.54
CA GLU SA 131 32.97 4.59 -23.35
C GLU SA 131 32.09 4.73 -22.11
N MET SA 132 31.96 3.66 -21.34
CA MET SA 132 31.03 3.59 -20.24
C MET SA 132 31.76 3.69 -18.91
N GLY SA 133 31.06 4.22 -17.90
CA GLY SA 133 31.63 4.37 -16.58
C GLY SA 133 31.40 3.16 -15.69
N CYS SA 134 32.04 3.19 -14.53
CA CYS SA 134 32.00 2.09 -13.59
C CYS SA 134 31.03 2.40 -12.45
N SER SA 135 30.67 1.34 -11.71
CA SER SA 135 29.90 1.53 -10.49
C SER SA 135 30.80 1.97 -9.35
N ASN SA 136 31.98 1.37 -9.22
CA ASN SA 136 33.02 1.87 -8.32
C ASN SA 136 33.80 2.95 -9.06
N LEU SA 137 33.68 4.19 -8.59
CA LEU SA 137 34.27 5.32 -9.32
C LEU SA 137 35.78 5.21 -9.44
N ASN SA 138 36.41 4.35 -8.64
CA ASN SA 138 37.86 4.20 -8.67
C ASN SA 138 38.31 3.02 -9.53
N ASN SA 139 37.43 2.48 -10.36
CA ASN SA 139 37.72 1.31 -11.16
C ASN SA 139 37.12 1.48 -12.54
N THR SA 140 37.67 0.75 -13.51
CA THR SA 140 37.07 0.69 -14.83
C THR SA 140 36.29 -0.60 -14.99
N PRO SA 141 35.13 -0.57 -15.66
CA PRO SA 141 34.34 -1.80 -15.77
C PRO SA 141 35.13 -2.92 -16.45
N GLU SA 142 34.66 -4.14 -16.22
CA GLU SA 142 35.35 -5.31 -16.76
C GLU SA 142 34.77 -5.73 -18.11
N PHE SA 143 35.60 -6.42 -18.88
CA PHE SA 143 35.25 -6.78 -20.26
C PHE SA 143 33.94 -7.55 -20.29
N ALA SA 144 33.77 -8.51 -19.40
CA ALA SA 144 32.56 -9.32 -19.41
C ALA SA 144 31.32 -8.48 -19.09
N GLU SA 145 31.49 -7.46 -18.25
CA GLU SA 145 30.35 -6.61 -17.90
C GLU SA 145 29.97 -5.69 -19.06
N LEU SA 146 30.96 -5.16 -19.77
CA LEU SA 146 30.68 -4.26 -20.89
C LEU SA 146 30.20 -5.01 -22.13
N SER SA 147 30.70 -6.21 -22.36
CA SER SA 147 30.53 -6.92 -23.62
C SER SA 147 29.57 -8.09 -23.44
N GLY SA 148 28.79 -8.36 -24.48
CA GLY SA 148 27.85 -9.46 -24.44
C GLY SA 148 27.71 -10.19 -25.77
N GLY SA 149 28.84 -10.59 -26.36
CA GLY SA 149 28.81 -11.26 -27.65
C GLY SA 149 27.82 -12.42 -27.71
N ASP SA 150 27.12 -12.55 -28.84
CA ASP SA 150 26.05 -13.54 -29.01
C ASP SA 150 24.99 -13.43 -27.92
N THR SA 151 24.97 -12.33 -27.19
CA THR SA 151 23.97 -12.08 -26.15
C THR SA 151 23.75 -10.58 -26.08
N ALA SA 152 22.88 -10.15 -25.17
CA ALA SA 152 22.57 -8.75 -25.01
C ALA SA 152 22.82 -8.34 -23.57
N ARG SA 153 23.73 -7.40 -23.37
CA ARG SA 153 23.90 -6.79 -22.07
C ARG SA 153 22.77 -5.78 -21.85
N MET SA 154 22.20 -5.79 -20.66
CA MET SA 154 20.97 -5.06 -20.38
C MET SA 154 21.23 -3.83 -19.54
N PHE SA 155 20.44 -2.79 -19.80
CA PHE SA 155 20.36 -1.66 -18.90
C PHE SA 155 19.50 -2.03 -17.70
N THR SA 156 19.63 -1.27 -16.62
CA THR SA 156 18.92 -1.54 -15.39
C THR SA 156 17.96 -0.41 -15.05
N ASP SA 157 16.91 -0.77 -14.33
CA ASP SA 157 15.90 0.19 -13.88
C ASP SA 157 16.41 1.07 -12.75
N THR SA 158 17.47 0.66 -12.06
CA THR SA 158 17.93 1.37 -10.87
C THR SA 158 19.45 1.47 -10.87
N GLN SA 159 19.95 2.34 -9.98
CA GLN SA 159 21.39 2.52 -9.81
C GLN SA 159 22.03 1.23 -9.32
N ILE SA 160 23.22 0.92 -9.87
CA ILE SA 160 24.00 -0.21 -9.39
C ILE SA 160 24.79 0.22 -8.15
N GLY SA 161 25.06 -0.74 -7.27
CA GLY SA 161 25.70 -0.44 -6.00
C GLY SA 161 27.20 -0.35 -6.12
N GLU SA 162 27.78 0.54 -5.30
CA GLU SA 162 29.24 0.64 -5.23
C GLU SA 162 29.85 -0.65 -4.69
N THR SA 163 29.19 -1.26 -3.71
CA THR SA 163 29.73 -2.47 -3.08
C THR SA 163 30.00 -3.56 -4.12
N ASN SA 164 29.18 -3.64 -5.17
CA ASN SA 164 29.39 -4.63 -6.22
C ASN SA 164 30.80 -4.54 -6.78
N SER SA 165 31.14 -3.40 -7.37
CA SER SA 165 32.47 -3.12 -7.88
C SER SA 165 32.79 -3.91 -9.15
N LYS SA 166 33.68 -3.38 -9.98
CA LYS SA 166 34.00 -3.96 -11.28
C LYS SA 166 32.72 -4.24 -12.09
N LYS SA 167 31.86 -3.22 -12.14
CA LYS SA 167 30.58 -3.33 -12.84
C LYS SA 167 30.28 -2.01 -13.55
N VAL SA 168 29.32 -2.07 -14.46
CA VAL SA 168 28.91 -0.92 -15.26
C VAL SA 168 27.70 -0.28 -14.60
N GLN SA 169 27.72 1.05 -14.52
CA GLN SA 169 26.61 1.82 -13.93
C GLN SA 169 25.50 1.87 -14.97
N THR SA 170 24.60 0.90 -14.91
CA THR SA 170 23.65 0.63 -15.99
C THR SA 170 22.31 1.36 -15.83
N ALA SA 171 22.24 2.39 -14.97
CA ALA SA 171 21.02 3.18 -14.87
C ALA SA 171 20.70 3.81 -16.22
N VAL SA 172 19.52 3.48 -16.76
CA VAL SA 172 19.23 3.82 -18.16
C VAL SA 172 19.23 5.33 -18.37
N TRP SA 173 18.64 6.09 -17.43
CA TRP SA 173 18.47 7.52 -17.65
C TRP SA 173 19.79 8.26 -17.78
N ASN SA 174 20.93 7.59 -17.57
CA ASN SA 174 22.22 8.15 -17.90
C ASN SA 174 22.93 7.36 -19.00
N ALA SA 175 22.31 6.30 -19.51
CA ALA SA 175 22.84 5.51 -20.62
C ALA SA 175 24.21 4.93 -20.32
N GLY SA 176 24.60 4.90 -19.05
CA GLY SA 176 25.93 4.41 -18.71
C GLY SA 176 27.05 5.26 -19.25
N MET SA 177 26.77 6.49 -19.67
CA MET SA 177 27.79 7.39 -20.20
C MET SA 177 27.76 8.75 -19.49
N GLY SA 178 26.94 8.92 -18.46
CA GLY SA 178 26.90 10.17 -17.74
C GLY SA 178 26.21 11.29 -18.46
N VAL SA 179 25.35 10.97 -19.42
CA VAL SA 179 24.64 11.97 -20.22
C VAL SA 179 23.16 11.85 -19.96
N GLY SA 180 22.36 12.69 -20.61
CA GLY SA 180 20.92 12.55 -20.58
C GLY SA 180 20.45 11.59 -21.63
N VAL SA 181 19.77 10.52 -21.22
CA VAL SA 181 19.31 9.52 -22.19
C VAL SA 181 18.42 10.16 -23.24
N GLY SA 182 17.70 11.22 -22.88
CA GLY SA 182 16.90 11.96 -23.83
C GLY SA 182 17.70 12.78 -24.83
N ASN SA 183 19.03 12.79 -24.70
CA ASN SA 183 19.90 13.52 -25.61
C ASN SA 183 20.72 12.58 -26.49
N LEU SA 184 20.46 11.27 -26.43
CA LEU SA 184 21.18 10.31 -27.27
C LEU SA 184 20.84 10.45 -28.74
N THR SA 185 19.86 11.29 -29.09
CA THR SA 185 19.43 11.42 -30.48
C THR SA 185 20.49 12.04 -31.38
N ILE SA 186 21.53 12.65 -30.80
CA ILE SA 186 22.62 13.16 -31.64
C ILE SA 186 23.23 12.03 -32.45
N TYR SA 187 23.35 10.86 -31.85
CA TYR SA 187 23.85 9.70 -32.57
C TYR SA 187 22.79 9.20 -33.55
N PRO SA 188 23.22 8.62 -34.68
CA PRO SA 188 22.25 8.10 -35.64
C PRO SA 188 21.26 7.14 -35.00
N HIS SA 189 19.98 7.37 -35.26
CA HIS SA 189 18.93 6.70 -34.52
C HIS SA 189 17.63 6.68 -35.30
N GLN SA 190 16.73 5.79 -34.86
CA GLN SA 190 15.34 5.79 -35.28
C GLN SA 190 14.47 5.50 -34.07
N TRP SA 191 13.16 5.66 -34.25
CA TRP SA 191 12.17 5.33 -33.24
C TRP SA 191 11.27 4.23 -33.77
N ILE SA 192 11.04 3.21 -32.96
CA ILE SA 192 10.05 2.18 -33.26
C ILE SA 192 8.87 2.46 -32.34
N ASN SA 193 7.88 3.17 -32.85
CA ASN SA 193 6.60 3.35 -32.16
C ASN SA 193 5.68 2.24 -32.65
N LEU SA 194 5.46 1.23 -31.80
CA LEU SA 194 4.65 0.09 -32.21
C LEU SA 194 3.36 0.52 -32.87
N ARG SA 195 2.84 1.69 -32.48
CA ARG SA 195 1.61 2.20 -33.08
C ARG SA 195 1.76 2.37 -34.59
N THR SA 196 2.88 2.95 -35.03
CA THR SA 196 3.07 3.28 -36.45
C THR SA 196 4.34 2.71 -37.06
N ASN SA 197 5.10 1.90 -36.32
CA ASN SA 197 6.38 1.40 -36.81
C ASN SA 197 6.61 -0.01 -36.30
N ASN SA 198 7.32 -0.80 -37.11
CA ASN SA 198 7.70 -2.15 -36.75
C ASN SA 198 9.18 -2.41 -36.85
N SER SA 199 9.96 -1.54 -37.48
CA SER SA 199 11.39 -1.79 -37.62
C SER SA 199 12.11 -0.49 -37.91
N ALA SA 200 13.42 -0.53 -37.72
CA ALA SA 200 14.30 0.59 -38.01
C ALA SA 200 15.60 0.05 -38.59
N THR SA 201 16.09 0.71 -39.62
CA THR SA 201 17.34 0.31 -40.27
C THR SA 201 18.30 1.48 -40.25
N ILE SA 202 19.48 1.26 -39.67
CA ILE SA 202 20.51 2.29 -39.57
C ILE SA 202 21.77 1.73 -40.22
N VAL SA 203 22.30 2.46 -41.20
CA VAL SA 203 23.49 2.05 -41.92
C VAL SA 203 24.65 2.92 -41.39
N MET SA 204 25.51 2.32 -40.57
CA MET SA 204 26.60 3.00 -39.91
C MET SA 204 27.88 2.83 -40.70
N PRO SA 205 28.60 3.91 -40.99
CA PRO SA 205 29.92 3.78 -41.62
C PRO SA 205 31.00 3.55 -40.58
N TYR SA 206 32.20 3.29 -41.07
CA TYR SA 206 33.36 3.12 -40.21
C TYR SA 206 33.72 4.45 -39.56
N ILE SA 207 33.51 4.56 -38.25
CA ILE SA 207 33.77 5.77 -37.49
C ILE SA 207 34.86 5.47 -36.48
N ASN SA 208 36.06 5.99 -36.73
CA ASN SA 208 37.19 5.85 -35.83
C ASN SA 208 38.23 6.88 -36.23
N SER SA 209 39.14 7.16 -35.30
CA SER SA 209 40.17 8.16 -35.56
C SER SA 209 41.29 7.64 -36.44
N VAL SA 210 41.40 6.33 -36.60
CA VAL SA 210 42.48 5.72 -37.38
C VAL SA 210 41.88 4.98 -38.58
N PRO SA 211 42.66 4.80 -39.67
CA PRO SA 211 42.08 4.11 -40.85
C PRO SA 211 41.67 2.68 -40.57
N MET SA 212 42.41 1.97 -39.73
CA MET SA 212 42.08 0.61 -39.35
C MET SA 212 42.48 0.38 -37.90
N ASP SA 213 41.75 -0.50 -37.22
CA ASP SA 213 41.96 -0.73 -35.81
C ASP SA 213 41.77 -2.21 -35.50
N ASN SA 214 42.28 -2.62 -34.34
CA ASN SA 214 42.09 -3.99 -33.88
C ASN SA 214 40.66 -4.18 -33.38
N MET SA 215 40.05 -5.30 -33.77
CA MET SA 215 38.63 -5.52 -33.54
C MET SA 215 38.32 -6.14 -32.18
N PHE SA 216 39.32 -6.67 -31.48
CA PHE SA 216 39.13 -7.23 -30.14
C PHE SA 216 39.43 -6.23 -29.04
N ARG SA 217 40.38 -5.33 -29.27
CA ARG SA 217 40.78 -4.35 -28.27
C ARG SA 217 39.86 -3.14 -28.23
N HIS SA 218 39.09 -2.89 -29.29
CA HIS SA 218 38.33 -1.64 -29.43
C HIS SA 218 36.97 -1.94 -30.04
N ASN SA 219 35.91 -1.57 -29.33
CA ASN SA 219 34.54 -1.66 -29.85
C ASN SA 219 34.17 -0.30 -30.43
N ASN SA 220 34.36 -0.14 -31.74
CA ASN SA 220 34.21 1.18 -32.34
C ASN SA 220 32.78 1.73 -32.19
N LEU SA 221 31.78 0.86 -32.05
CA LEU SA 221 30.40 1.30 -31.98
C LEU SA 221 29.66 0.53 -30.89
N THR SA 222 28.46 1.02 -30.56
CA THR SA 222 27.62 0.39 -29.55
C THR SA 222 26.17 0.64 -29.90
N LEU SA 223 25.44 -0.43 -30.21
CA LEU SA 223 24.00 -0.32 -30.44
C LEU SA 223 23.27 -0.28 -29.10
N MET SA 224 22.26 0.58 -29.01
CA MET SA 224 21.42 0.70 -27.83
C MET SA 224 19.96 0.70 -28.25
N ILE SA 225 19.16 -0.15 -27.62
CA ILE SA 225 17.72 -0.20 -27.81
C ILE SA 225 17.10 0.11 -26.46
N ILE SA 226 16.53 1.30 -26.31
CA ILE SA 226 16.05 1.78 -25.02
C ILE SA 226 14.55 2.09 -25.15
N PRO SA 227 13.67 1.39 -24.44
CA PRO SA 227 12.24 1.76 -24.49
C PRO SA 227 11.99 3.06 -23.72
N PHE SA 228 11.56 4.10 -24.44
CA PHE SA 228 11.20 5.36 -23.81
C PHE SA 228 9.76 5.39 -23.32
N VAL SA 229 8.87 4.70 -24.02
CA VAL SA 229 7.51 4.47 -23.57
C VAL SA 229 7.35 2.97 -23.37
N PRO SA 230 7.05 2.50 -22.15
CA PRO SA 230 7.13 1.07 -21.87
C PRO SA 230 6.04 0.28 -22.60
N LEU SA 231 6.33 -0.99 -22.82
CA LEU SA 231 5.35 -1.88 -23.40
C LEU SA 231 4.14 -1.98 -22.48
N ASN SA 232 2.95 -2.06 -23.06
CA ASN SA 232 1.74 -2.24 -22.29
C ASN SA 232 0.71 -2.92 -23.18
N TYR SA 233 -0.27 -3.56 -22.53
CA TYR SA 233 -1.30 -4.31 -23.24
C TYR SA 233 -2.33 -4.80 -22.23
N SER SA 234 -3.56 -4.99 -22.69
CA SER SA 234 -4.59 -5.53 -21.80
C SER SA 234 -4.36 -7.02 -21.58
N GLU SA 235 -4.96 -7.54 -20.51
CA GLU SA 235 -4.80 -8.95 -20.18
C GLU SA 235 -5.28 -9.81 -21.35
N GLY SA 236 -4.46 -10.79 -21.73
CA GLY SA 236 -4.78 -11.67 -22.84
C GLY SA 236 -3.83 -11.52 -23.99
N SER SA 237 -3.46 -10.28 -24.30
CA SER SA 237 -2.49 -10.03 -25.36
C SER SA 237 -1.14 -10.65 -24.99
N SER SA 238 -0.43 -11.12 -26.00
CA SER SA 238 0.81 -11.86 -25.75
C SER SA 238 1.75 -11.01 -24.91
N PRO SA 239 2.34 -11.55 -23.83
CA PRO SA 239 3.12 -10.72 -22.90
C PRO SA 239 4.59 -10.51 -23.26
N TYR SA 240 5.07 -10.94 -24.43
CA TYR SA 240 6.51 -10.90 -24.71
C TYR SA 240 6.90 -9.73 -25.62
N VAL SA 241 6.30 -9.63 -26.80
CA VAL SA 241 6.67 -8.61 -27.78
C VAL SA 241 8.18 -8.70 -28.04
N PRO SA 242 8.59 -9.43 -29.07
CA PRO SA 242 10.00 -9.68 -29.32
C PRO SA 242 10.70 -8.61 -30.14
N ILE SA 243 11.99 -8.45 -29.88
CA ILE SA 243 12.87 -7.55 -30.61
C ILE SA 243 14.01 -8.38 -31.17
N THR SA 244 14.18 -8.34 -32.48
CA THR SA 244 15.20 -9.11 -33.19
C THR SA 244 16.12 -8.13 -33.89
N VAL SA 245 17.42 -8.20 -33.59
CA VAL SA 245 18.41 -7.35 -34.21
C VAL SA 245 19.19 -8.17 -35.22
N THR SA 246 19.37 -7.62 -36.42
CA THR SA 246 20.11 -8.30 -37.48
C THR SA 246 21.12 -7.32 -38.06
N ILE SA 247 22.40 -7.66 -37.95
CA ILE SA 247 23.48 -6.78 -38.38
C ILE SA 247 24.19 -7.44 -39.55
N ALA SA 248 24.58 -6.62 -40.54
CA ALA SA 248 25.30 -7.10 -41.71
C ALA SA 248 26.54 -6.24 -41.92
N PRO SA 249 27.74 -6.80 -41.80
CA PRO SA 249 28.94 -6.01 -42.14
C PRO SA 249 28.91 -5.59 -43.60
N MET SA 250 29.58 -4.47 -43.87
CA MET SA 250 29.63 -3.89 -45.20
C MET SA 250 31.03 -3.35 -45.45
N CYS SA 251 31.60 -3.70 -46.60
CA CYS SA 251 32.91 -3.24 -47.02
C CYS SA 251 33.95 -3.53 -45.94
N ALA SA 252 34.02 -4.80 -45.55
CA ALA SA 252 34.97 -5.22 -44.53
C ALA SA 252 36.35 -5.43 -45.14
N GLU SA 253 37.38 -4.96 -44.44
CA GLU SA 253 38.77 -5.11 -44.86
C GLU SA 253 39.59 -5.62 -43.68
N TYR SA 254 40.41 -6.64 -43.93
CA TYR SA 254 41.22 -7.26 -42.88
C TYR SA 254 42.66 -7.35 -43.37
N ASN SA 255 43.52 -6.47 -42.87
CA ASN SA 255 44.90 -6.41 -43.31
C ASN SA 255 45.81 -7.23 -42.40
N GLY TA 1 67.47 51.88 -38.08
CA GLY TA 1 66.60 52.04 -36.88
C GLY TA 1 65.26 52.68 -37.21
N LEU TA 2 64.32 51.87 -37.67
CA LEU TA 2 62.98 52.35 -37.94
C LEU TA 2 62.36 52.91 -36.67
N PRO TA 3 62.06 54.22 -36.59
CA PRO TA 3 61.42 54.74 -35.38
C PRO TA 3 60.08 54.06 -35.14
N VAL TA 4 59.80 53.76 -33.88
CA VAL TA 4 58.58 53.04 -33.49
C VAL TA 4 58.03 53.64 -32.22
N MET TA 5 56.71 53.51 -32.06
CA MET TA 5 55.96 54.08 -30.94
C MET TA 5 55.15 52.96 -30.31
N THR TA 6 55.54 52.52 -29.11
CA THR TA 6 54.79 51.47 -28.45
C THR TA 6 53.47 52.02 -27.92
N THR TA 7 52.37 51.32 -28.25
CA THR TA 7 51.03 51.75 -27.89
C THR TA 7 50.57 51.07 -26.61
N PRO TA 8 49.66 51.69 -25.85
CA PRO TA 8 49.09 51.00 -24.69
C PRO TA 8 48.51 49.64 -25.06
N GLY TA 9 48.64 48.70 -24.13
CA GLY TA 9 48.24 47.32 -24.36
C GLY TA 9 49.39 46.39 -24.67
N SER TA 10 50.60 46.91 -24.80
CA SER TA 10 51.77 46.07 -25.04
C SER TA 10 52.04 45.18 -23.82
N THR TA 11 52.79 44.11 -24.06
CA THR TA 11 53.16 43.15 -23.01
C THR TA 11 51.91 42.61 -22.31
N GLN TA 12 50.88 42.35 -23.10
CA GLN TA 12 49.55 42.02 -22.57
C GLN TA 12 49.12 40.66 -23.06
N PHE TA 13 48.57 39.86 -22.15
CA PHE TA 13 47.99 38.56 -22.45
C PHE TA 13 46.48 38.71 -22.31
N LEU TA 14 45.80 38.98 -23.43
CA LEU TA 14 44.35 39.00 -23.46
C LEU TA 14 43.85 37.59 -23.66
N THR TA 15 43.09 37.07 -22.69
CA THR TA 15 42.52 35.73 -22.80
C THR TA 15 42.00 35.47 -24.20
N SER TA 16 41.24 36.42 -24.73
CA SER TA 16 40.61 36.28 -26.05
C SER TA 16 41.38 37.06 -27.10
N ASP TA 17 42.66 36.78 -27.24
CA ASP TA 17 43.45 37.37 -28.31
C ASP TA 17 43.71 36.35 -29.41
N ASP TA 18 44.13 36.86 -30.57
CA ASP TA 18 44.22 36.09 -31.80
C ASP TA 18 45.54 36.37 -32.50
N PHE TA 19 46.63 36.43 -31.74
CA PHE TA 19 47.94 36.72 -32.30
C PHE TA 19 48.65 35.43 -32.72
N GLN TA 20 49.63 35.58 -33.60
CA GLN TA 20 50.45 34.46 -34.04
C GLN TA 20 51.53 34.18 -33.01
N SER TA 21 51.87 32.91 -32.86
CA SER TA 21 52.84 32.46 -31.88
C SER TA 21 53.85 31.53 -32.53
N PRO TA 22 55.10 31.56 -32.07
CA PRO TA 22 56.12 30.69 -32.68
C PRO TA 22 55.95 29.24 -32.25
N SER TA 23 56.15 28.34 -33.21
CA SER TA 23 56.00 26.91 -32.95
C SER TA 23 57.15 26.41 -32.09
N ALA TA 24 56.86 25.47 -31.20
CA ALA TA 24 57.85 24.94 -30.28
C ALA TA 24 58.68 23.82 -30.87
N MET TA 25 58.11 23.03 -31.78
CA MET TA 25 58.83 21.98 -32.49
C MET TA 25 58.50 22.11 -33.98
N PRO TA 26 59.08 23.12 -34.64
CA PRO TA 26 58.85 23.27 -36.08
C PRO TA 26 59.33 22.05 -36.86
N GLN TA 27 58.68 21.82 -37.99
CA GLN TA 27 59.01 20.74 -38.92
C GLN TA 27 58.45 19.40 -38.48
N PHE TA 28 57.48 19.37 -37.57
CA PHE TA 28 56.79 18.13 -37.25
C PHE TA 28 55.82 17.80 -38.37
N ASP TA 29 56.06 16.69 -39.07
CA ASP TA 29 55.19 16.24 -40.14
C ASP TA 29 53.89 15.71 -39.54
N VAL TA 30 52.86 16.55 -39.50
CA VAL TA 30 51.59 16.13 -38.92
C VAL TA 30 51.06 14.92 -39.69
N THR TA 31 50.47 13.98 -38.97
CA THR TA 31 49.85 12.84 -39.63
C THR TA 31 48.73 13.35 -40.55
N PRO TA 32 48.58 12.78 -41.73
CA PRO TA 32 47.56 13.29 -42.67
C PRO TA 32 46.18 13.21 -42.07
N GLU TA 33 45.22 13.81 -42.78
CA GLU TA 33 43.84 13.84 -42.31
C GLU TA 33 43.04 12.70 -42.92
N MET TA 34 41.91 12.39 -42.25
CA MET TA 34 41.01 11.35 -42.70
C MET TA 34 39.60 11.94 -42.80
N GLN TA 35 38.82 11.42 -43.74
CA GLN TA 35 37.42 11.81 -43.88
C GLN TA 35 36.63 11.06 -42.81
N ILE TA 36 36.60 11.63 -41.62
CA ILE TA 36 35.85 11.04 -40.51
C ILE TA 36 34.39 11.46 -40.61
N PRO TA 37 33.44 10.53 -40.57
CA PRO TA 37 32.03 10.91 -40.70
C PRO TA 37 31.61 11.88 -39.60
N GLY TA 38 30.55 12.63 -39.90
CA GLY TA 38 29.94 13.50 -38.91
C GLY TA 38 30.80 14.65 -38.43
N ARG TA 39 31.54 15.28 -39.32
CA ARG TA 39 32.29 16.47 -38.93
C ARG TA 39 31.33 17.60 -38.58
N VAL TA 40 31.51 18.19 -37.43
CA VAL TA 40 30.69 19.32 -37.01
C VAL TA 40 31.40 20.61 -37.38
N ASN TA 41 30.63 21.56 -37.90
CA ASN TA 41 31.15 22.87 -38.24
C ASN TA 41 30.54 24.00 -37.40
N ASN TA 42 29.32 23.81 -36.89
CA ASN TA 42 28.66 24.81 -36.07
C ASN TA 42 27.82 24.12 -35.02
N LEU TA 43 27.64 24.80 -33.88
CA LEU TA 43 26.86 24.23 -32.79
C LEU TA 43 25.36 24.26 -33.07
N MET TA 44 24.91 25.10 -34.01
CA MET TA 44 23.51 25.05 -34.40
C MET TA 44 23.18 23.73 -35.09
N GLU TA 45 24.17 23.11 -35.74
CA GLU TA 45 23.95 21.77 -36.28
C GLU TA 45 23.46 20.81 -35.20
N ILE TA 46 23.95 20.98 -33.97
CA ILE TA 46 23.48 20.16 -32.86
C ILE TA 46 22.14 20.70 -32.34
N ALA TA 47 22.03 22.02 -32.21
CA ALA TA 47 20.83 22.60 -31.63
C ALA TA 47 19.58 22.32 -32.47
N GLU TA 48 19.74 21.99 -33.76
CA GLU TA 48 18.58 21.73 -34.61
C GLU TA 48 18.08 20.29 -34.55
N VAL TA 49 18.72 19.42 -33.77
CA VAL TA 49 18.38 18.01 -33.75
C VAL TA 49 17.37 17.75 -32.65
N ASP TA 50 16.32 16.99 -32.97
CA ASP TA 50 15.29 16.65 -31.99
C ASP TA 50 15.88 15.81 -30.87
N SER TA 51 15.56 16.17 -29.63
CA SER TA 51 15.91 15.38 -28.45
C SER TA 51 14.73 15.40 -27.49
N VAL TA 52 14.53 14.28 -26.78
CA VAL TA 52 13.31 14.13 -25.98
C VAL TA 52 13.36 15.11 -24.82
N VAL TA 53 12.20 15.64 -24.46
CA VAL TA 53 12.08 16.71 -23.46
C VAL TA 53 11.56 16.10 -22.17
N PRO TA 54 12.19 16.37 -21.01
CA PRO TA 54 11.69 15.84 -19.73
C PRO TA 54 10.57 16.69 -19.14
N VAL TA 55 9.37 16.51 -19.70
CA VAL TA 55 8.24 17.34 -19.29
C VAL TA 55 7.77 16.97 -17.89
N ASN TA 56 7.86 15.68 -17.53
CA ASN TA 56 7.28 15.17 -16.28
C ASN TA 56 8.38 15.08 -15.22
N ASN TA 57 8.75 16.24 -14.68
CA ASN TA 57 9.75 16.26 -13.60
C ASN TA 57 9.21 15.54 -12.36
N THR TA 58 8.27 16.17 -11.65
CA THR TA 58 7.54 15.50 -10.58
C THR TA 58 8.41 15.06 -9.40
N GLU TA 59 9.73 15.24 -9.51
CA GLU TA 59 10.64 14.97 -8.41
C GLU TA 59 10.83 13.47 -8.17
N ALA TA 60 9.90 12.65 -8.67
CA ALA TA 60 10.01 11.20 -8.58
C ALA TA 60 10.41 10.56 -9.89
N ASN TA 61 10.09 11.19 -11.01
CA ASN TA 61 10.42 10.69 -12.33
C ASN TA 61 11.74 11.21 -12.85
N VAL TA 62 12.28 12.28 -12.25
CA VAL TA 62 13.48 12.92 -12.78
C VAL TA 62 14.63 11.93 -12.88
N ASN TA 63 14.74 11.00 -11.91
CA ASN TA 63 15.79 9.99 -11.92
C ASN TA 63 15.35 8.71 -12.64
N SER TA 64 14.50 8.84 -13.65
CA SER TA 64 14.00 7.71 -14.41
C SER TA 64 13.51 8.24 -15.75
N LEU TA 65 13.21 7.32 -16.67
CA LEU TA 65 12.71 7.72 -17.97
C LEU TA 65 11.31 8.31 -17.91
N LYS TA 66 10.62 8.21 -16.78
CA LYS TA 66 9.26 8.74 -16.69
C LYS TA 66 9.20 10.24 -16.95
N ALA TA 67 10.32 10.94 -16.79
CA ALA TA 67 10.33 12.38 -17.05
C ALA TA 67 10.06 12.67 -18.52
N TYR TA 68 10.64 11.86 -19.41
CA TYR TA 68 10.44 12.05 -20.84
C TYR TA 68 9.06 11.59 -21.30
N GLN TA 69 8.32 10.88 -20.46
CA GLN TA 69 7.02 10.33 -20.81
C GLN TA 69 5.93 11.28 -20.31
N ILE TA 70 5.10 11.77 -21.23
CA ILE TA 70 3.97 12.63 -20.91
C ILE TA 70 2.76 11.73 -20.68
N PRO TA 71 2.17 11.74 -19.48
CA PRO TA 71 1.09 10.79 -19.20
C PRO TA 71 -0.20 11.21 -19.87
N VAL TA 72 -0.90 10.23 -20.46
CA VAL TA 72 -2.20 10.47 -21.05
C VAL TA 72 -3.13 9.36 -20.56
N GLN TA 73 -4.37 9.72 -20.27
CA GLN TA 73 -5.31 8.79 -19.68
C GLN TA 73 -6.71 9.20 -20.10
N SER TA 74 -7.59 8.20 -20.22
CA SER TA 74 -8.97 8.46 -20.59
C SER TA 74 -9.74 9.00 -19.37
N ASN TA 75 -11.01 9.36 -19.60
CA ASN TA 75 -11.90 9.81 -18.53
C ASN TA 75 -11.61 11.23 -18.07
N SER TA 76 -10.40 11.73 -18.34
CA SER TA 76 -10.06 13.12 -18.02
C SER TA 76 -10.30 13.95 -19.28
N ASP TA 77 -11.56 14.31 -19.48
CA ASP TA 77 -12.01 15.00 -20.69
C ASP TA 77 -12.51 16.40 -20.34
N ASN TA 78 -13.09 17.07 -21.34
CA ASN TA 78 -13.61 18.42 -21.26
C ASN TA 78 -12.49 19.47 -21.19
N GLY TA 79 -11.23 19.06 -21.15
CA GLY TA 79 -10.12 19.99 -21.10
C GLY TA 79 -9.50 20.18 -19.73
N LYS TA 80 -9.08 19.08 -19.10
CA LYS TA 80 -8.40 19.17 -17.81
C LYS TA 80 -6.91 19.44 -17.97
N GLN TA 81 -6.42 19.60 -19.19
CA GLN TA 81 -5.02 19.89 -19.49
C GLN TA 81 -4.14 18.66 -19.32
N VAL TA 82 -3.32 18.37 -20.33
CA VAL TA 82 -2.35 17.28 -20.25
C VAL TA 82 -1.03 17.78 -19.68
N PHE TA 83 -0.59 18.95 -20.11
CA PHE TA 83 0.64 19.54 -19.61
C PHE TA 83 0.67 21.01 -20.01
N GLY TA 84 1.64 21.72 -19.44
CA GLY TA 84 1.91 23.08 -19.85
C GLY TA 84 3.27 23.51 -19.38
N PHE TA 85 4.16 23.86 -20.29
CA PHE TA 85 5.46 24.38 -19.87
C PHE TA 85 5.72 25.73 -20.51
N PRO TA 86 6.56 26.55 -19.89
CA PRO TA 86 6.95 27.82 -20.49
C PRO TA 86 7.97 27.60 -21.60
N LEU TA 87 8.03 28.57 -22.51
CA LEU TA 87 8.92 28.50 -23.66
C LEU TA 87 10.24 29.22 -23.38
N GLN TA 88 10.82 28.91 -22.22
CA GLN TA 88 12.13 29.39 -21.86
C GLN TA 88 13.14 28.28 -22.14
N PRO TA 89 13.63 28.17 -23.37
CA PRO TA 89 14.52 27.04 -23.69
C PRO TA 89 15.77 26.98 -22.82
N GLY TA 90 16.25 28.12 -22.32
CA GLY TA 90 17.51 28.15 -21.61
C GLY TA 90 17.42 28.29 -20.11
N ALA TA 91 16.24 28.61 -19.59
CA ALA TA 91 16.07 28.87 -18.16
C ALA TA 91 15.25 27.79 -17.46
N ASN TA 92 14.03 27.52 -17.91
CA ASN TA 92 13.16 26.59 -17.20
C ASN TA 92 13.70 25.17 -17.33
N GLY TA 93 13.46 24.38 -16.27
CA GLY TA 93 14.01 23.04 -16.19
C GLY TA 93 13.45 22.07 -17.20
N VAL TA 94 12.28 22.36 -17.77
CA VAL TA 94 11.66 21.40 -18.68
C VAL TA 94 12.51 21.22 -19.93
N LEU TA 95 13.16 22.29 -20.41
CA LEU TA 95 13.93 22.25 -21.63
C LEU TA 95 15.39 22.64 -21.45
N ASN TA 96 15.79 23.18 -20.30
CA ASN TA 96 17.14 23.72 -20.17
C ASN TA 96 18.21 22.67 -20.48
N ARG TA 97 17.91 21.40 -20.22
CA ARG TA 97 18.89 20.32 -20.41
C ARG TA 97 18.70 19.57 -21.71
N THR TA 98 17.73 19.96 -22.53
CA THR TA 98 17.64 19.43 -23.89
C THR TA 98 18.91 19.77 -24.66
N LEU TA 99 19.07 19.18 -25.85
CA LEU TA 99 20.16 19.59 -26.72
C LEU TA 99 20.15 21.11 -26.88
N LEU TA 100 18.98 21.65 -27.22
CA LEU TA 100 18.85 23.09 -27.44
C LEU TA 100 19.23 23.87 -26.19
N GLY TA 101 18.71 23.46 -25.02
CA GLY TA 101 18.99 24.22 -23.81
C GLY TA 101 20.45 24.15 -23.39
N GLU TA 102 21.05 22.97 -23.50
CA GLU TA 102 22.46 22.82 -23.19
C GLU TA 102 23.30 23.74 -24.08
N ILE TA 103 23.00 23.77 -25.38
CA ILE TA 103 23.78 24.62 -26.28
C ILE TA 103 23.51 26.09 -25.98
N LEU TA 104 22.25 26.44 -25.69
CA LEU TA 104 21.92 27.82 -25.39
C LEU TA 104 22.68 28.33 -24.18
N ASN TA 105 22.86 27.48 -23.17
CA ASN TA 105 23.46 27.93 -21.93
C ASN TA 105 24.95 28.23 -22.06
N TYR TA 106 25.58 27.88 -23.17
CA TYR TA 106 26.93 28.34 -23.44
C TYR TA 106 26.97 29.77 -24.00
N TYR TA 107 25.81 30.37 -24.24
CA TYR TA 107 25.72 31.71 -24.80
C TYR TA 107 24.71 32.52 -24.00
N THR TA 108 24.77 33.84 -24.15
CA THR TA 108 23.92 34.75 -23.38
C THR TA 108 22.67 35.19 -24.12
N HIS TA 109 22.73 35.37 -25.45
CA HIS TA 109 21.60 35.80 -26.25
C HIS TA 109 21.16 34.72 -27.22
N TRP TA 110 19.86 34.65 -27.48
CA TRP TA 110 19.31 33.66 -28.40
C TRP TA 110 18.13 34.26 -29.14
N SER TA 111 17.86 33.73 -30.34
CA SER TA 111 16.76 34.19 -31.17
C SER TA 111 16.43 33.08 -32.15
N GLY TA 112 15.14 32.84 -32.35
CA GLY TA 112 14.69 31.90 -33.35
C GLY TA 112 13.44 31.17 -32.92
N SER TA 113 12.94 30.34 -33.83
CA SER TA 113 11.74 29.55 -33.62
C SER TA 113 12.10 28.18 -33.05
N ILE TA 114 11.09 27.47 -32.55
CA ILE TA 114 11.32 26.20 -31.88
C ILE TA 114 10.32 25.17 -32.37
N LYS TA 115 10.83 24.02 -32.82
CA LYS TA 115 9.99 22.90 -33.22
C LYS TA 115 9.72 22.02 -32.01
N LEU TA 116 8.44 21.90 -31.66
CA LEU TA 116 7.95 20.97 -30.64
C LEU TA 116 7.22 19.86 -31.37
N THR TA 117 7.84 18.69 -31.44
CA THR TA 117 7.23 17.52 -32.06
C THR TA 117 6.62 16.66 -30.97
N PHE TA 118 5.36 16.26 -31.15
CA PHE TA 118 4.63 15.47 -30.17
C PHE TA 118 4.24 14.14 -30.80
N MET TA 119 4.65 13.03 -30.18
CA MET TA 119 4.42 11.70 -30.71
C MET TA 119 3.54 10.92 -29.74
N PHE TA 120 2.44 10.37 -30.25
CA PHE TA 120 1.53 9.55 -29.47
C PHE TA 120 2.01 8.10 -29.52
N CYS TA 121 2.45 7.57 -28.38
CA CYS TA 121 2.98 6.22 -28.30
C CYS TA 121 1.99 5.24 -27.67
N GLY TA 122 0.71 5.47 -27.88
CA GLY TA 122 -0.33 4.57 -27.40
C GLY TA 122 -0.58 3.44 -28.39
N SER TA 123 -1.69 2.74 -28.14
CA SER TA 123 -2.06 1.64 -29.01
C SER TA 123 -2.47 2.15 -30.39
N ALA TA 124 -2.27 1.30 -31.40
CA ALA TA 124 -2.72 1.64 -32.74
C ALA TA 124 -4.23 1.77 -32.82
N MET TA 125 -4.95 1.24 -31.83
CA MET TA 125 -6.41 1.26 -31.83
C MET TA 125 -6.99 2.50 -31.16
N ALA TA 126 -6.17 3.33 -30.53
CA ALA TA 126 -6.67 4.51 -29.85
C ALA TA 126 -6.95 5.63 -30.84
N THR TA 127 -7.98 6.43 -30.53
CA THR TA 127 -8.30 7.63 -31.28
C THR TA 127 -8.62 8.75 -30.30
N GLY TA 128 -8.59 9.98 -30.78
CA GLY TA 128 -8.84 11.11 -29.92
C GLY TA 128 -8.36 12.40 -30.56
N LYS TA 129 -8.42 13.47 -29.77
CA LYS TA 129 -8.07 14.80 -30.24
C LYS TA 129 -7.51 15.63 -29.10
N PHE TA 130 -6.44 16.37 -29.39
CA PHE TA 130 -5.80 17.24 -28.42
C PHE TA 130 -5.73 18.66 -28.96
N LEU TA 131 -5.76 19.63 -28.04
CA LEU TA 131 -5.62 21.04 -28.36
C LEU TA 131 -4.28 21.53 -27.83
N LEU TA 132 -3.34 21.79 -28.74
CA LEU TA 132 -2.03 22.30 -28.39
C LEU TA 132 -2.01 23.80 -28.66
N ALA TA 133 -1.80 24.61 -27.62
CA ALA TA 133 -1.94 26.06 -27.74
C ALA TA 133 -0.67 26.78 -27.32
N TYR TA 134 -0.27 27.77 -28.12
CA TYR TA 134 0.85 28.64 -27.83
C TYR TA 134 0.30 30.02 -27.45
N SER TA 135 0.56 30.45 -26.22
CA SER TA 135 0.22 31.78 -25.76
C SER TA 135 1.47 32.64 -25.82
N PRO TA 136 1.55 33.61 -26.73
CA PRO TA 136 2.71 34.49 -26.80
C PRO TA 136 2.95 35.22 -25.50
N PRO TA 137 4.10 35.86 -25.34
CA PRO TA 137 4.40 36.54 -24.08
C PRO TA 137 3.38 37.63 -23.81
N GLY TA 138 3.16 37.90 -22.53
CA GLY TA 138 2.18 38.88 -22.10
C GLY TA 138 0.82 38.29 -21.86
N ALA TA 139 0.44 37.30 -22.65
CA ALA TA 139 -0.83 36.61 -22.50
C ALA TA 139 -0.66 35.41 -21.59
N GLY TA 140 -1.51 35.32 -20.57
CA GLY TA 140 -1.42 34.23 -19.61
C GLY TA 140 -1.67 32.86 -20.22
N VAL TA 141 -1.52 31.84 -19.40
CA VAL TA 141 -1.82 30.47 -19.83
C VAL TA 141 -3.32 30.32 -20.00
N PRO TA 142 -3.80 29.68 -21.07
CA PRO TA 142 -5.25 29.47 -21.19
C PRO TA 142 -5.80 28.73 -19.98
N LYS TA 143 -6.92 29.23 -19.45
CA LYS TA 143 -7.54 28.62 -18.29
C LYS TA 143 -8.53 27.52 -18.66
N ASN TA 144 -9.15 27.63 -19.83
CA ASN TA 144 -10.11 26.65 -20.31
C ASN TA 144 -9.74 26.24 -21.72
N ARG TA 145 -10.22 25.07 -22.13
CA ARG TA 145 -10.09 24.68 -23.53
C ARG TA 145 -10.71 25.73 -24.44
N LYS TA 146 -11.81 26.34 -24.00
CA LYS TA 146 -12.41 27.43 -24.76
C LYS TA 146 -11.41 28.56 -24.95
N ASP TA 147 -10.73 28.95 -23.87
CA ASP TA 147 -9.77 30.04 -23.97
C ASP TA 147 -8.61 29.68 -24.90
N ALA TA 148 -8.15 28.43 -24.84
CA ALA TA 148 -7.07 28.00 -25.73
C ALA TA 148 -7.55 27.95 -27.18
N MET TA 149 -8.85 27.76 -27.40
CA MET TA 149 -9.41 27.65 -28.75
C MET TA 149 -9.15 28.90 -29.58
N LEU TA 150 -8.99 30.07 -28.95
CA LEU TA 150 -8.89 31.34 -29.66
C LEU TA 150 -7.48 31.92 -29.61
N GLY TA 151 -6.48 31.05 -29.73
CA GLY TA 151 -5.10 31.49 -29.83
C GLY TA 151 -4.34 30.56 -30.76
N THR TA 152 -3.09 30.93 -31.03
CA THR TA 152 -2.24 30.06 -31.85
C THR TA 152 -2.37 28.64 -31.33
N HIS TA 153 -3.00 27.75 -32.08
CA HIS TA 153 -3.29 26.42 -31.58
C HIS TA 153 -3.41 25.43 -32.73
N VAL TA 154 -3.44 24.15 -32.36
CA VAL TA 154 -3.49 23.03 -33.28
C VAL TA 154 -4.41 21.97 -32.70
N ILE TA 155 -5.28 21.42 -33.54
CA ILE TA 155 -6.11 20.28 -33.17
C ILE TA 155 -5.47 19.05 -33.78
N TRP TA 156 -5.00 18.15 -32.91
CA TRP TA 156 -4.22 16.98 -33.30
C TRP TA 156 -5.07 15.75 -33.05
N ASP TA 157 -5.49 15.10 -34.14
CA ASP TA 157 -6.25 13.85 -34.05
C ASP TA 157 -5.28 12.68 -34.03
N VAL TA 158 -5.42 11.84 -33.01
CA VAL TA 158 -4.60 10.64 -32.90
C VAL TA 158 -4.94 9.64 -34.00
N GLY TA 159 -6.11 9.74 -34.62
CA GLY TA 159 -6.46 8.81 -35.69
C GLY TA 159 -5.45 8.86 -36.82
N LEU TA 160 -5.08 10.06 -37.26
CA LEU TA 160 -4.04 10.22 -38.26
C LEU TA 160 -2.69 9.94 -37.60
N GLN TA 161 -1.60 10.09 -38.37
CA GLN TA 161 -0.29 9.73 -37.85
C GLN TA 161 -0.06 10.39 -36.49
N SER TA 162 0.48 9.59 -35.56
CA SER TA 162 0.66 10.05 -34.19
C SER TA 162 1.42 11.36 -34.13
N SER TA 163 2.44 11.52 -34.95
CA SER TA 163 3.31 12.69 -34.82
C SER TA 163 2.59 13.98 -35.22
N CYS TA 164 2.92 15.06 -34.53
CA CYS TA 164 2.41 16.39 -34.83
C CYS TA 164 3.50 17.41 -34.52
N VAL TA 165 3.87 18.23 -35.49
CA VAL TA 165 4.93 19.21 -35.33
C VAL TA 165 4.29 20.59 -35.20
N LEU TA 166 4.50 21.23 -34.05
CA LEU TA 166 4.04 22.60 -33.81
C LEU TA 166 5.28 23.47 -33.66
N CYS TA 167 5.41 24.48 -34.51
CA CYS TA 167 6.59 25.34 -34.49
C CYS TA 167 6.22 26.68 -33.86
N VAL TA 168 6.71 26.90 -32.64
CA VAL TA 168 6.48 28.17 -31.96
C VAL TA 168 7.31 29.26 -32.64
N PRO TA 169 6.70 30.37 -33.03
CA PRO TA 169 7.44 31.44 -33.71
C PRO TA 169 8.17 32.34 -32.73
N TRP TA 170 9.01 33.20 -33.29
CA TRP TA 170 9.81 34.16 -32.54
C TRP TA 170 9.01 35.45 -32.40
N ILE TA 171 8.33 35.62 -31.27
CA ILE TA 171 7.56 36.83 -30.98
C ILE TA 171 8.25 37.54 -29.82
N SER TA 172 9.13 38.48 -30.16
CA SER TA 172 9.91 39.19 -29.15
C SER TA 172 10.11 40.63 -29.60
N GLN TA 173 10.21 41.54 -28.63
CA GLN TA 173 10.40 42.95 -28.95
C GLN TA 173 11.77 43.22 -29.55
N THR TA 174 12.78 42.45 -29.15
CA THR TA 174 14.16 42.71 -29.50
C THR TA 174 14.65 41.69 -30.54
N HIS TA 175 15.84 41.97 -31.07
CA HIS TA 175 16.46 41.03 -32.01
C HIS TA 175 16.77 39.70 -31.36
N TYR TA 176 17.10 39.72 -30.06
CA TYR TA 176 17.45 38.53 -29.31
C TYR TA 176 16.71 38.54 -27.98
N ARG TA 177 16.75 37.40 -27.30
CA ARG TA 177 16.28 37.27 -25.93
C ARG TA 177 17.46 36.84 -25.07
N TYR TA 178 17.40 37.21 -23.80
CA TYR TA 178 18.37 36.67 -22.85
C TYR TA 178 18.05 35.20 -22.60
N VAL TA 179 19.07 34.34 -22.73
CA VAL TA 179 18.89 32.95 -22.36
C VAL TA 179 18.45 32.86 -20.91
N VAL TA 180 18.83 33.84 -20.10
CA VAL TA 180 18.43 33.92 -18.70
C VAL TA 180 17.03 34.52 -18.62
N GLU TA 181 16.28 34.09 -17.60
CA GLU TA 181 14.91 34.55 -17.45
C GLU TA 181 14.88 35.99 -16.98
N ASP TA 182 14.08 36.80 -17.66
CA ASP TA 182 13.79 38.18 -17.24
C ASP TA 182 12.34 38.47 -17.62
N GLU TA 183 11.63 39.17 -16.74
CA GLU TA 183 10.24 39.49 -17.01
C GLU TA 183 10.09 40.17 -18.36
N TYR TA 184 10.95 41.16 -18.65
CA TYR TA 184 10.86 41.90 -19.91
C TYR TA 184 11.31 41.08 -21.11
N THR TA 185 12.05 39.98 -20.90
CA THR TA 185 12.45 39.08 -21.99
C THR TA 185 11.65 37.78 -21.98
N ALA TA 186 10.42 37.83 -21.43
CA ALA TA 186 9.52 36.68 -21.40
C ALA TA 186 9.40 36.05 -22.78
N ALA TA 187 9.01 34.77 -22.85
CA ALA TA 187 9.00 34.04 -24.11
C ALA TA 187 7.70 33.35 -24.47
N GLY TA 188 6.84 33.02 -23.51
CA GLY TA 188 5.53 32.48 -23.81
C GLY TA 188 5.27 31.18 -23.08
N TYR TA 189 4.09 30.61 -23.36
CA TYR TA 189 3.68 29.37 -22.72
C TYR TA 189 3.09 28.43 -23.76
N ILE TA 190 3.37 27.13 -23.64
CA ILE TA 190 2.77 26.12 -24.49
C ILE TA 190 2.00 25.16 -23.60
N THR TA 191 0.71 24.99 -23.90
CA THR TA 191 -0.19 24.17 -23.09
C THR TA 191 -0.86 23.13 -23.99
N CYS TA 192 -1.37 22.08 -23.36
CA CYS TA 192 -2.09 21.03 -24.06
C CYS TA 192 -3.35 20.67 -23.30
N TRP TA 193 -4.41 20.34 -24.04
CA TRP TA 193 -5.70 20.02 -23.45
C TRP TA 193 -6.30 18.81 -24.16
N TYR TA 194 -7.12 18.06 -23.42
CA TYR TA 194 -7.92 16.98 -23.99
C TYR TA 194 -9.07 17.59 -24.77
N GLN TA 195 -8.97 17.64 -26.10
CA GLN TA 195 -10.11 18.12 -26.87
C GLN TA 195 -11.25 17.12 -26.83
N THR TA 196 -10.92 15.83 -26.79
CA THR TA 196 -11.91 14.77 -26.65
C THR TA 196 -11.29 13.66 -25.79
N ASN TA 197 -12.04 12.60 -25.59
CA ASN TA 197 -11.58 11.48 -24.79
C ASN TA 197 -10.80 10.48 -25.65
N ILE TA 198 -9.73 9.94 -25.09
CA ILE TA 198 -9.00 8.85 -25.74
C ILE TA 198 -10.00 7.70 -25.92
N VAL TA 199 -10.43 7.48 -27.14
CA VAL TA 199 -11.36 6.40 -27.44
C VAL TA 199 -10.55 5.15 -27.76
N VAL TA 200 -10.89 4.05 -27.09
CA VAL TA 200 -10.14 2.81 -27.23
C VAL TA 200 -11.13 1.66 -27.34
N PRO TA 201 -10.74 0.59 -28.07
CA PRO TA 201 -11.67 -0.57 -28.12
C PRO TA 201 -11.52 -1.46 -26.91
N ALA TA 202 -12.20 -2.60 -26.91
CA ALA TA 202 -12.07 -3.54 -25.81
C ALA TA 202 -10.69 -4.19 -25.81
N ASP TA 203 -10.20 -4.52 -24.60
CA ASP TA 203 -8.94 -5.23 -24.45
C ASP TA 203 -7.76 -4.42 -24.96
N VAL TA 204 -7.84 -3.10 -24.84
CA VAL TA 204 -6.74 -2.20 -25.16
C VAL TA 204 -6.63 -1.19 -24.03
N GLN TA 205 -5.41 -0.77 -23.73
CA GLN TA 205 -5.17 0.10 -22.59
C GLN TA 205 -5.69 1.50 -22.86
N SER TA 206 -6.36 2.09 -21.87
CA SER TA 206 -6.92 3.42 -22.00
C SER TA 206 -5.94 4.52 -21.61
N SER TA 207 -4.83 4.18 -20.97
CA SER TA 207 -3.80 5.13 -20.61
C SER TA 207 -2.58 4.91 -21.49
N CYS TA 208 -2.13 5.97 -22.15
CA CYS TA 208 -0.99 5.91 -23.04
C CYS TA 208 0.01 7.02 -22.71
N ASP TA 209 1.04 7.16 -23.52
CA ASP TA 209 2.06 8.16 -23.28
C ASP TA 209 2.31 8.97 -24.55
N ILE TA 210 2.83 10.17 -24.35
CA ILE TA 210 3.24 11.05 -25.43
C ILE TA 210 4.69 11.44 -25.20
N LEU TA 211 5.43 11.61 -26.28
CA LEU TA 211 6.81 12.05 -26.21
C LEU TA 211 6.94 13.41 -26.86
N CYS TA 212 7.73 14.28 -26.24
CA CYS TA 212 7.96 15.64 -26.72
C CYS TA 212 9.41 15.77 -27.16
N PHE TA 213 9.62 16.42 -28.30
CA PHE TA 213 10.94 16.65 -28.86
C PHE TA 213 11.10 18.13 -29.15
N VAL TA 214 12.28 18.66 -28.88
CA VAL TA 214 12.60 20.06 -29.09
C VAL TA 214 13.74 20.15 -30.09
N SER TA 215 13.59 21.06 -31.06
CA SER TA 215 14.69 21.41 -31.95
C SER TA 215 14.58 22.87 -32.33
N ALA TA 216 15.63 23.40 -32.95
CA ALA TA 216 15.63 24.76 -33.46
C ALA TA 216 15.39 24.77 -34.96
N CYS TA 217 14.80 25.85 -35.45
CA CYS TA 217 14.53 26.00 -36.87
C CYS TA 217 15.73 26.66 -37.57
N ASN TA 218 15.57 26.88 -38.88
CA ASN TA 218 16.62 27.50 -39.69
C ASN TA 218 16.91 28.94 -39.29
N ASP TA 219 16.04 29.56 -38.49
CA ASP TA 219 16.19 30.98 -38.15
C ASP TA 219 16.57 31.13 -36.69
N PHE TA 220 17.60 30.42 -36.25
CA PHE TA 220 17.99 30.39 -34.84
C PHE TA 220 19.48 30.69 -34.73
N SER TA 221 19.83 31.59 -33.81
CA SER TA 221 21.22 32.00 -33.62
C SER TA 221 21.42 32.43 -32.18
N VAL TA 222 22.67 32.29 -31.72
CA VAL TA 222 23.05 32.62 -30.35
C VAL TA 222 24.28 33.53 -30.39
N ARG TA 223 24.54 34.17 -29.24
CA ARG TA 223 25.49 35.28 -29.20
C ARG TA 223 26.09 35.41 -27.81
N MET TA 224 27.28 36.01 -27.75
CA MET TA 224 27.97 36.31 -26.49
C MET TA 224 28.26 35.05 -25.69
N LEU TA 225 29.34 34.36 -26.07
CA LEU TA 225 29.74 33.12 -25.42
C LEU TA 225 29.93 33.30 -23.92
N LYS TA 226 29.60 32.25 -23.17
CA LYS TA 226 29.86 32.20 -21.74
C LYS TA 226 29.93 30.72 -21.34
N ASP TA 227 30.26 30.48 -20.07
CA ASP TA 227 30.37 29.12 -19.55
C ASP TA 227 29.03 28.63 -19.01
N THR TA 228 28.83 27.32 -19.07
CA THR TA 228 27.55 26.75 -18.66
C THR TA 228 27.41 26.77 -17.14
N PRO TA 229 26.19 26.90 -16.63
CA PRO TA 229 25.99 26.87 -15.17
C PRO TA 229 25.96 25.46 -14.61
N PHE TA 230 26.03 24.44 -15.44
CA PHE TA 230 25.85 23.06 -15.00
C PHE TA 230 27.12 22.49 -14.38
N ILE TA 231 28.21 22.50 -15.15
CA ILE TA 231 29.45 21.87 -14.74
C ILE TA 231 30.16 22.77 -13.74
N ARG TA 232 30.71 22.15 -12.69
CA ARG TA 232 31.46 22.84 -11.65
C ARG TA 232 32.71 22.05 -11.36
N GLN TA 233 33.75 22.75 -10.90
CA GLN TA 233 35.06 22.15 -10.63
C GLN TA 233 35.44 22.40 -9.18
N ASP TA 234 35.37 21.36 -8.36
CA ASP TA 234 35.72 21.45 -6.96
C ASP TA 234 37.11 20.86 -6.71
N ARG UA 44 60.00 12.54 -45.18
CA ARG UA 44 61.25 12.52 -44.44
C ARG UA 44 61.76 13.93 -44.18
N SER UA 45 60.84 14.89 -44.05
CA SER UA 45 61.25 16.28 -43.84
C SER UA 45 62.06 16.43 -42.57
N GLU UA 46 61.58 15.85 -41.46
CA GLU UA 46 62.24 16.02 -40.17
C GLU UA 46 63.53 15.22 -40.05
N SER UA 47 63.80 14.28 -40.95
CA SER UA 47 65.02 13.48 -40.91
C SER UA 47 66.11 14.05 -41.80
N SER UA 48 65.90 15.23 -42.38
CA SER UA 48 66.98 15.90 -43.09
C SER UA 48 68.04 16.35 -42.09
N ILE UA 49 69.26 16.53 -42.59
CA ILE UA 49 70.37 16.91 -41.72
C ILE UA 49 70.10 18.25 -41.06
N GLU UA 50 69.50 19.18 -41.80
CA GLU UA 50 69.23 20.50 -41.25
C GLU UA 50 68.30 20.40 -40.04
N ASN UA 51 67.19 19.66 -40.17
CA ASN UA 51 66.30 19.51 -39.01
C ASN UA 51 66.96 18.69 -37.91
N PHE UA 52 67.83 17.76 -38.28
CA PHE UA 52 68.47 16.90 -37.29
C PHE UA 52 69.36 17.71 -36.35
N LEU UA 53 70.19 18.59 -36.91
CA LEU UA 53 71.18 19.29 -36.10
C LEU UA 53 70.83 20.74 -35.79
N CYS UA 54 69.86 21.34 -36.49
CA CYS UA 54 69.55 22.77 -36.37
C CYS UA 54 68.64 23.00 -35.16
N ARG UA 55 69.19 22.71 -33.98
CA ARG UA 55 68.51 22.95 -32.72
C ARG UA 55 69.54 23.40 -31.69
N ALA UA 56 69.24 24.47 -30.98
CA ALA UA 56 70.19 25.01 -30.02
C ALA UA 56 70.52 23.98 -28.94
N ALA UA 57 71.78 23.97 -28.51
CA ALA UA 57 72.23 22.99 -27.51
C ALA UA 57 73.24 23.63 -26.58
N CYS UA 58 73.08 23.42 -25.29
CA CYS UA 58 73.96 24.03 -24.29
C CYS UA 58 75.32 23.34 -24.32
N VAL UA 59 76.36 24.07 -24.74
CA VAL UA 59 77.70 23.49 -24.83
C VAL UA 59 78.51 23.65 -23.55
N TYR UA 60 78.17 24.60 -22.69
CA TYR UA 60 79.01 24.93 -21.55
C TYR UA 60 78.25 25.86 -20.63
N TYR UA 61 78.50 25.71 -19.32
CA TYR UA 61 77.89 26.61 -18.33
C TYR UA 61 78.90 26.77 -17.19
N ALA UA 62 79.62 27.88 -17.21
CA ALA UA 62 80.63 28.20 -16.20
C ALA UA 62 80.21 29.44 -15.44
N THR UA 63 81.00 29.76 -14.41
CA THR UA 63 80.66 30.82 -13.46
C THR UA 63 81.77 31.84 -13.35
N TYR UA 64 81.38 33.08 -13.05
CA TYR UA 64 82.32 34.15 -12.75
C TYR UA 64 81.70 35.05 -11.70
N THR UA 65 82.55 35.72 -10.93
CA THR UA 65 82.13 36.43 -9.73
C THR UA 65 82.42 37.93 -9.84
N ASN UA 66 81.81 38.69 -8.94
CA ASN UA 66 81.94 40.14 -8.95
C ASN UA 66 83.33 40.59 -8.54
N ASN UA 67 83.72 40.27 -7.31
CA ASN UA 67 84.91 40.84 -6.68
C ASN UA 67 86.08 39.86 -6.80
N SER UA 68 86.73 39.87 -7.97
CA SER UA 68 87.91 39.05 -8.15
C SER UA 68 88.57 39.40 -9.47
N GLU UA 69 89.90 39.43 -9.46
CA GLU UA 69 90.63 39.56 -10.72
C GLU UA 69 90.37 38.35 -11.61
N LYS UA 70 90.31 37.16 -11.01
CA LYS UA 70 89.89 35.95 -11.71
C LYS UA 70 88.38 35.82 -11.81
N GLY UA 71 87.65 36.93 -11.68
CA GLY UA 71 86.20 36.91 -11.75
C GLY UA 71 85.67 36.97 -13.17
N TYR UA 72 86.44 36.46 -14.12
CA TYR UA 72 86.01 36.31 -15.49
C TYR UA 72 85.96 34.83 -15.87
N ALA UA 73 85.14 34.52 -16.87
CA ALA UA 73 85.00 33.15 -17.35
C ALA UA 73 85.60 33.01 -18.75
N GLU UA 74 85.91 31.76 -19.10
CA GLU UA 74 86.59 31.48 -20.37
C GLU UA 74 86.15 30.13 -20.91
N TRP UA 75 86.11 30.03 -22.25
CA TRP UA 75 85.77 28.77 -22.90
C TRP UA 75 86.41 28.71 -24.28
N VAL UA 76 87.26 27.71 -24.51
CA VAL UA 76 87.73 27.43 -25.86
C VAL UA 76 86.60 26.76 -26.63
N ILE UA 77 86.24 27.33 -27.78
CA ILE UA 77 85.04 26.94 -28.51
C ILE UA 77 85.31 25.61 -29.20
N ASN UA 78 84.68 24.55 -28.69
CA ASN UA 78 84.75 23.24 -29.31
C ASN UA 78 83.35 22.62 -29.29
N THR UA 79 83.19 21.56 -30.09
CA THR UA 79 81.97 20.77 -30.12
C THR UA 79 82.13 19.46 -29.36
N ARG UA 80 83.19 19.35 -28.56
CA ARG UA 80 83.56 18.10 -27.88
C ARG UA 80 83.20 18.10 -26.40
N GLN UA 81 82.72 19.23 -25.86
CA GLN UA 81 82.42 19.29 -24.44
C GLN UA 81 81.15 18.52 -24.09
N VAL UA 82 80.16 18.54 -24.98
CA VAL UA 82 78.84 17.96 -24.71
C VAL UA 82 78.70 16.65 -25.47
N ALA UA 83 78.15 15.64 -24.78
CA ALA UA 83 78.22 14.27 -25.28
C ALA UA 83 77.24 14.04 -26.43
N GLN UA 84 75.97 14.35 -26.22
CA GLN UA 84 74.96 14.04 -27.25
C GLN UA 84 75.21 14.83 -28.52
N LEU UA 85 75.45 16.14 -28.41
CA LEU UA 85 75.74 16.94 -29.59
C LEU UA 85 77.05 16.49 -30.24
N ARG UA 86 78.07 16.17 -29.43
CA ARG UA 86 79.31 15.65 -30.01
C ARG UA 86 79.03 14.41 -30.85
N ARG UA 87 78.23 13.49 -30.32
CA ARG UA 87 77.92 12.26 -31.05
C ARG UA 87 77.13 12.55 -32.32
N LYS UA 88 76.11 13.40 -32.22
CA LYS UA 88 75.34 13.77 -33.40
C LYS UA 88 76.25 14.29 -34.51
N LEU UA 89 77.17 15.20 -34.16
CA LEU UA 89 78.08 15.73 -35.17
C LEU UA 89 79.06 14.67 -35.65
N GLU UA 90 79.53 13.79 -34.75
CA GLU UA 90 80.49 12.75 -35.11
C GLU UA 90 79.87 11.68 -35.99
N LEU UA 91 78.55 11.67 -36.14
CA LEU UA 91 77.95 10.80 -37.15
C LEU UA 91 78.50 11.08 -38.56
N PHE UA 92 79.26 12.16 -38.74
CA PHE UA 92 79.82 12.53 -40.02
C PHE UA 92 81.29 12.87 -39.87
N THR UA 93 82.06 12.60 -40.92
CA THR UA 93 83.51 12.80 -40.87
C THR UA 93 83.87 14.25 -41.10
N TYR UA 94 83.24 14.91 -42.06
CA TYR UA 94 83.49 16.31 -42.38
C TYR UA 94 82.17 17.07 -42.29
N LEU UA 95 82.20 18.17 -41.57
CA LEU UA 95 81.02 19.03 -41.42
C LEU UA 95 81.41 20.44 -41.83
N ARG UA 96 80.38 21.24 -42.10
CA ARG UA 96 80.57 22.63 -42.55
C ARG UA 96 79.31 23.38 -42.18
N PHE UA 97 79.45 24.46 -41.44
CA PHE UA 97 78.29 25.13 -40.88
C PHE UA 97 78.71 26.45 -40.23
N ASP UA 98 77.75 27.36 -40.13
CA ASP UA 98 77.86 28.55 -39.31
C ASP UA 98 77.43 28.22 -37.88
N LEU UA 99 77.70 29.14 -36.96
CA LEU UA 99 77.36 28.93 -35.55
C LEU UA 99 76.41 30.03 -35.08
N GLU UA 100 75.36 29.63 -34.37
CA GLU UA 100 74.45 30.57 -33.70
C GLU UA 100 74.64 30.39 -32.21
N LEU UA 101 75.32 31.34 -31.57
CA LEU UA 101 75.61 31.29 -30.14
C LEU UA 101 74.60 32.16 -29.39
N THR UA 102 73.81 31.53 -28.54
CA THR UA 102 72.86 32.22 -27.68
C THR UA 102 73.35 32.12 -26.24
N PHE UA 103 73.39 33.25 -25.54
CA PHE UA 103 73.95 33.30 -24.19
C PHE UA 103 72.84 33.57 -23.19
N VAL UA 104 72.61 32.63 -22.29
CA VAL UA 104 71.63 32.77 -21.21
C VAL UA 104 72.43 33.06 -19.94
N ILE UA 105 72.45 34.32 -19.54
CA ILE UA 105 73.28 34.80 -18.43
C ILE UA 105 72.37 35.16 -17.28
N THR UA 106 72.52 34.47 -16.15
CA THR UA 106 71.74 34.71 -14.95
C THR UA 106 72.68 34.97 -13.78
N SER UA 107 72.39 36.01 -13.01
CA SER UA 107 73.20 36.40 -11.87
C SER UA 107 72.35 36.37 -10.61
N ALA UA 108 73.02 36.24 -9.47
CA ALA UA 108 72.33 36.10 -8.20
C ALA UA 108 73.19 36.67 -7.09
N GLN UA 109 72.54 37.21 -6.07
CA GLN UA 109 73.23 37.83 -4.95
C GLN UA 109 73.87 36.76 -4.07
N GLN UA 110 75.13 36.97 -3.72
CA GLN UA 110 75.89 36.12 -2.83
C GLN UA 110 75.98 36.76 -1.44
N PRO UA 111 76.41 36.01 -0.43
CA PRO UA 111 76.41 36.56 0.93
C PRO UA 111 77.15 37.89 1.02
N SER UA 112 76.64 38.78 1.88
CA SER UA 112 77.21 40.10 2.02
C SER UA 112 76.87 40.66 3.40
N THR UA 113 77.67 41.65 3.81
CA THR UA 113 77.47 42.39 5.04
C THR UA 113 76.97 43.79 4.70
N ALA UA 114 77.01 44.70 5.68
CA ALA UA 114 76.55 46.07 5.50
C ALA UA 114 75.04 46.12 5.28
N THR UA 115 74.47 47.31 5.46
CA THR UA 115 73.02 47.49 5.39
C THR UA 115 72.60 47.91 3.98
N SER UA 116 71.50 47.30 3.51
CA SER UA 116 70.91 47.67 2.22
C SER UA 116 71.90 47.53 1.08
N VAL UA 117 71.81 46.42 0.35
CA VAL UA 117 72.78 46.08 -0.69
C VAL UA 117 72.21 46.35 -2.08
N ASP UA 118 71.28 47.30 -2.18
CA ASP UA 118 70.73 47.66 -3.48
C ASP UA 118 71.83 48.17 -4.40
N ALA UA 119 71.80 47.73 -5.65
CA ALA UA 119 72.81 48.07 -6.63
C ALA UA 119 72.13 48.30 -7.98
N PRO UA 120 72.79 49.04 -8.89
CA PRO UA 120 72.20 49.27 -10.21
C PRO UA 120 72.20 48.01 -11.06
N VAL UA 121 71.50 48.10 -12.19
CA VAL UA 121 71.44 46.97 -13.11
C VAL UA 121 72.85 46.64 -13.60
N GLN UA 122 73.12 45.35 -13.74
CA GLN UA 122 74.45 44.87 -14.08
C GLN UA 122 74.53 44.60 -15.57
N THR UA 123 75.60 45.08 -16.20
CA THR UA 123 75.88 44.82 -17.60
C THR UA 123 77.00 43.80 -17.70
N HIS UA 124 76.95 42.99 -18.76
CA HIS UA 124 77.91 41.93 -18.98
C HIS UA 124 78.57 42.11 -20.34
N GLN UA 125 79.84 41.74 -20.40
CA GLN UA 125 80.59 41.76 -21.66
C GLN UA 125 80.95 40.34 -22.05
N ILE UA 126 80.62 39.99 -23.28
CA ILE UA 126 80.96 38.71 -23.90
C ILE UA 126 81.94 39.02 -25.02
N MET UA 127 83.19 38.66 -24.86
CA MET UA 127 84.21 38.92 -25.87
C MET UA 127 84.55 37.62 -26.58
N TYR UA 128 84.56 37.64 -27.91
CA TYR UA 128 85.03 36.50 -28.69
C TYR UA 128 86.44 36.82 -29.18
N VAL UA 129 87.40 35.99 -28.77
CA VAL UA 129 88.78 36.12 -29.20
C VAL UA 129 88.97 35.19 -30.40
N PRO UA 130 88.97 35.72 -31.62
CA PRO UA 130 89.20 34.88 -32.80
C PRO UA 130 90.54 34.18 -32.71
N PRO UA 131 90.73 33.06 -33.40
CA PRO UA 131 92.04 32.39 -33.38
C PRO UA 131 93.20 33.35 -33.56
N GLY UA 132 94.05 33.46 -32.54
CA GLY UA 132 95.20 34.34 -32.58
C GLY UA 132 95.06 35.63 -31.81
N GLY UA 133 93.87 35.93 -31.31
CA GLY UA 133 93.62 37.21 -30.69
C GLY UA 133 94.17 37.30 -29.29
N PRO UA 134 94.14 38.51 -28.73
CA PRO UA 134 94.59 38.70 -27.35
C PRO UA 134 93.72 37.94 -26.37
N VAL UA 135 94.30 37.57 -25.24
CA VAL UA 135 93.67 36.73 -24.25
C VAL UA 135 93.59 37.50 -22.93
N PRO UA 136 92.40 37.73 -22.38
CA PRO UA 136 92.31 38.33 -21.05
C PRO UA 136 93.02 37.47 -20.01
N THR UA 137 93.97 38.07 -19.31
CA THR UA 137 94.63 37.43 -18.19
C THR UA 137 94.10 37.89 -16.84
N LYS UA 138 93.25 38.91 -16.83
CA LYS UA 138 92.67 39.44 -15.61
C LYS UA 138 91.35 40.10 -15.96
N VAL UA 139 90.52 40.33 -14.94
CA VAL UA 139 89.25 41.01 -15.18
C VAL UA 139 89.51 42.40 -15.74
N THR UA 140 90.66 42.98 -15.46
CA THR UA 140 91.03 44.30 -15.94
C THR UA 140 92.22 44.24 -16.87
N ASP UA 141 92.21 43.26 -17.79
CA ASP UA 141 93.28 43.11 -18.76
C ASP UA 141 93.01 44.00 -19.98
N TYR UA 142 94.08 44.27 -20.74
CA TYR UA 142 93.95 45.10 -21.93
C TYR UA 142 93.13 44.40 -23.01
N ALA UA 143 93.14 43.06 -23.01
CA ALA UA 143 92.47 42.32 -24.08
C ALA UA 143 91.01 42.74 -24.23
N TRP UA 144 90.36 43.07 -23.11
CA TRP UA 144 88.97 43.51 -23.18
C TRP UA 144 88.80 44.78 -24.01
N GLN UA 145 89.88 45.53 -24.23
CA GLN UA 145 89.82 46.74 -25.05
C GLN UA 145 89.94 46.46 -26.55
N THR UA 146 90.34 45.25 -26.94
CA THR UA 146 90.68 45.00 -28.33
C THR UA 146 89.45 45.11 -29.24
N SER UA 147 89.59 45.92 -30.29
CA SER UA 147 88.49 46.17 -31.22
C SER UA 147 88.27 45.02 -32.19
N THR UA 148 89.35 44.39 -32.66
CA THR UA 148 89.22 43.30 -33.62
C THR UA 148 88.36 42.18 -33.06
N ASN UA 149 88.54 41.87 -31.78
CA ASN UA 149 87.75 40.84 -31.12
C ASN UA 149 86.31 41.32 -30.97
N PRO UA 150 85.34 40.71 -31.64
CA PRO UA 150 83.95 41.16 -31.45
C PRO UA 150 83.54 41.01 -30.00
N SER UA 151 82.64 41.88 -29.57
CA SER UA 151 82.21 41.87 -28.18
C SER UA 151 80.78 42.35 -28.09
N VAL UA 152 80.04 41.75 -27.17
CA VAL UA 152 78.64 42.07 -26.93
C VAL UA 152 78.54 42.67 -25.54
N PHE UA 153 77.75 43.74 -25.41
CA PHE UA 153 77.43 44.33 -24.13
C PHE UA 153 75.93 44.16 -23.91
N TRP UA 154 75.55 43.37 -22.91
CA TRP UA 154 74.16 43.01 -22.69
C TRP UA 154 73.79 43.29 -21.24
N THR UA 155 72.67 43.96 -21.05
CA THR UA 155 72.18 44.28 -19.72
C THR UA 155 71.08 43.30 -19.32
N GLU UA 156 71.11 42.88 -18.06
CA GLU UA 156 70.13 41.92 -17.58
C GLU UA 156 68.72 42.48 -17.72
N GLY UA 157 67.76 41.59 -17.96
CA GLY UA 157 66.38 41.97 -18.16
C GLY UA 157 65.96 42.10 -19.60
N ASN UA 158 66.84 41.82 -20.55
CA ASN UA 158 66.52 41.86 -21.97
C ASN UA 158 66.65 40.46 -22.56
N ALA UA 159 66.28 40.33 -23.84
CA ALA UA 159 66.38 39.05 -24.50
C ALA UA 159 67.84 38.58 -24.47
N PRO UA 160 68.07 37.28 -24.42
CA PRO UA 160 69.45 36.77 -24.41
C PRO UA 160 70.23 37.29 -25.61
N PRO UA 161 71.48 37.69 -25.42
CA PRO UA 161 72.28 38.09 -26.58
C PRO UA 161 72.60 36.89 -27.47
N ARG UA 162 72.70 37.19 -28.77
CA ARG UA 162 72.90 36.16 -29.78
C ARG UA 162 73.95 36.65 -30.77
N MET UA 163 74.73 35.71 -31.30
CA MET UA 163 75.83 36.05 -32.19
C MET UA 163 76.02 34.94 -33.20
N SER UA 164 76.13 35.29 -34.47
CA SER UA 164 76.50 34.31 -35.47
C SER UA 164 78.01 34.37 -35.71
N ILE UA 165 78.57 33.21 -36.02
CA ILE UA 165 80.00 33.08 -36.28
C ILE UA 165 80.17 32.31 -37.59
N PRO UA 166 80.93 32.84 -38.55
CA PRO UA 166 81.00 32.19 -39.87
C PRO UA 166 81.68 30.83 -39.82
N PHE UA 167 81.81 30.20 -40.98
CA PHE UA 167 82.65 29.01 -41.10
C PHE UA 167 84.11 29.44 -41.01
N ILE UA 168 84.62 29.54 -39.78
CA ILE UA 168 85.91 30.19 -39.53
C ILE UA 168 86.96 29.10 -39.66
N SER UA 169 87.34 28.80 -40.89
CA SER UA 169 88.32 27.76 -41.14
C SER UA 169 89.07 28.08 -42.42
N ILE UA 170 90.29 27.54 -42.51
CA ILE UA 170 91.10 27.72 -43.72
C ILE UA 170 90.84 26.61 -44.73
N GLY UA 171 90.39 25.45 -44.27
CA GLY UA 171 90.05 24.37 -45.17
C GLY UA 171 88.60 24.44 -45.65
N ASN UA 172 88.28 23.55 -46.57
CA ASN UA 172 86.97 23.53 -47.21
C ASN UA 172 85.89 22.87 -46.37
N ALA UA 173 86.21 22.46 -45.14
CA ALA UA 173 85.21 21.85 -44.26
C ALA UA 173 85.80 21.57 -42.88
N TYR UA 174 84.98 21.71 -41.84
CA TYR UA 174 85.42 21.29 -40.51
C TYR UA 174 85.73 19.80 -40.51
N SER UA 175 86.71 19.42 -39.70
CA SER UA 175 87.13 18.03 -39.58
C SER UA 175 86.72 17.50 -38.22
N CYS UA 176 85.91 16.46 -38.21
CA CYS UA 176 85.53 15.80 -36.96
C CYS UA 176 86.54 14.76 -36.51
N PHE UA 177 87.26 14.15 -37.46
CA PHE UA 177 88.26 13.13 -37.16
C PHE UA 177 89.48 13.38 -38.04
N TYR UA 178 90.64 12.92 -37.57
CA TYR UA 178 91.88 13.13 -38.31
C TYR UA 178 92.85 12.01 -37.96
N ASP UA 179 93.12 11.14 -38.93
CA ASP UA 179 94.08 10.05 -38.77
C ASP UA 179 95.48 10.52 -39.15
N GLY UA 180 95.97 11.51 -38.41
CA GLY UA 180 97.26 12.08 -38.68
C GLY UA 180 97.74 12.90 -37.51
N TRP UA 181 98.88 13.58 -37.71
CA TRP UA 181 99.54 14.35 -36.66
C TRP UA 181 99.63 15.81 -37.07
N THR UA 182 100.06 16.64 -36.12
CA THR UA 182 100.28 18.06 -36.37
C THR UA 182 101.65 18.34 -36.96
N GLN UA 183 102.66 17.55 -36.61
CA GLN UA 183 104.01 17.68 -37.14
C GLN UA 183 104.24 16.63 -38.23
N PHE UA 184 104.94 17.04 -39.29
CA PHE UA 184 105.23 16.12 -40.38
C PHE UA 184 106.12 14.96 -39.96
N SER UA 185 106.75 15.04 -38.79
CA SER UA 185 107.57 13.96 -38.26
C SER UA 185 106.75 12.87 -37.57
N ARG UA 186 105.44 12.84 -37.80
CA ARG UA 186 104.55 11.93 -37.08
C ARG UA 186 104.80 12.05 -35.58
N ASN UA 187 104.85 13.30 -35.10
CA ASN UA 187 105.08 13.61 -33.70
C ASN UA 187 104.26 14.84 -33.35
N GLY UA 188 104.40 15.30 -32.12
CA GLY UA 188 103.58 16.39 -31.62
C GLY UA 188 102.25 15.93 -31.07
N VAL UA 189 101.19 16.11 -31.84
CA VAL UA 189 99.83 15.74 -31.43
C VAL UA 189 99.25 14.79 -32.46
N TYR UA 190 98.45 13.83 -32.00
CA TYR UA 190 97.74 12.89 -32.87
C TYR UA 190 96.24 13.01 -32.62
N GLY UA 191 95.51 13.49 -33.62
CA GLY UA 191 94.08 13.41 -33.59
C GLY UA 191 93.44 14.67 -34.11
N ILE UA 192 92.18 14.87 -33.73
CA ILE UA 192 91.41 16.04 -34.13
C ILE UA 192 91.91 17.27 -33.37
N ASN UA 193 92.93 17.07 -32.53
CA ASN UA 193 93.60 18.16 -31.82
C ASN UA 193 94.65 18.86 -32.69
N THR UA 194 94.53 18.80 -34.02
CA THR UA 194 95.49 19.45 -34.89
C THR UA 194 94.89 20.19 -36.09
N LEU UA 195 93.58 20.15 -36.30
CA LEU UA 195 92.99 20.62 -37.54
C LEU UA 195 92.20 21.92 -37.36
N ASN UA 196 91.01 21.85 -36.75
CA ASN UA 196 90.07 22.95 -36.76
C ASN UA 196 90.24 23.82 -35.52
N ASN UA 197 89.61 24.98 -35.56
CA ASN UA 197 89.69 25.91 -34.43
C ASN UA 197 88.66 27.02 -34.57
N MET UA 198 87.94 27.30 -33.48
CA MET UA 198 86.87 28.28 -33.50
C MET UA 198 87.12 29.47 -32.58
N GLY UA 199 88.27 29.54 -31.91
CA GLY UA 199 88.58 30.67 -31.06
C GLY UA 199 88.11 30.47 -29.63
N THR UA 200 88.33 31.49 -28.81
CA THR UA 200 87.96 31.44 -27.40
C THR UA 200 86.85 32.45 -27.12
N LEU UA 201 86.19 32.28 -25.98
CA LEU UA 201 85.03 33.08 -25.60
C LEU UA 201 85.16 33.43 -24.12
N TYR UA 202 85.26 34.73 -23.82
CA TYR UA 202 85.47 35.22 -22.47
C TYR UA 202 84.25 36.02 -22.00
N MET UA 203 84.10 36.07 -20.68
CA MET UA 203 82.91 36.62 -20.04
C MET UA 203 83.33 37.46 -18.84
N ARG UA 204 82.69 38.61 -18.65
CA ARG UA 204 82.97 39.35 -17.43
C ARG UA 204 81.83 40.31 -17.08
N HIS UA 205 81.82 40.73 -15.82
CA HIS UA 205 80.95 41.80 -15.35
C HIS UA 205 81.55 43.15 -15.74
N VAL UA 206 80.72 44.03 -16.31
CA VAL UA 206 81.14 45.39 -16.60
C VAL UA 206 80.62 46.39 -15.59
N ASN UA 207 79.80 45.94 -14.63
CA ASN UA 207 79.10 46.88 -13.75
C ASN UA 207 80.04 47.57 -12.77
N GLU UA 208 81.07 46.87 -12.29
CA GLU UA 208 82.02 47.36 -11.29
C GLU UA 208 81.62 46.91 -9.90
N ALA UA 209 82.48 47.21 -8.92
CA ALA UA 209 82.28 46.75 -7.54
C ALA UA 209 80.90 47.09 -7.02
N GLY UA 210 80.24 46.10 -6.43
CA GLY UA 210 78.99 46.31 -5.71
C GLY UA 210 79.20 45.95 -4.25
N GLN UA 211 78.55 46.70 -3.37
CA GLN UA 211 78.69 46.45 -1.93
C GLN UA 211 78.30 45.03 -1.54
N GLY UA 212 77.70 44.26 -2.45
CA GLY UA 212 77.43 42.86 -2.22
C GLY UA 212 77.82 42.06 -3.44
N PRO UA 213 78.45 40.89 -3.25
CA PRO UA 213 78.90 40.11 -4.40
C PRO UA 213 77.73 39.52 -5.17
N ILE UA 214 77.97 39.27 -6.45
CA ILE UA 214 76.98 38.69 -7.35
C ILE UA 214 77.70 37.67 -8.23
N LYS UA 215 77.19 36.45 -8.26
CA LYS UA 215 77.76 35.37 -9.05
C LYS UA 215 76.83 35.06 -10.22
N SER UA 216 77.39 34.91 -11.40
CA SER UA 216 76.62 34.73 -12.62
C SER UA 216 77.03 33.44 -13.32
N THR UA 217 76.12 32.92 -14.14
CA THR UA 217 76.36 31.71 -14.92
C THR UA 217 75.91 31.98 -16.35
N VAL UA 218 76.86 31.99 -17.28
CA VAL UA 218 76.55 32.11 -18.70
C VAL UA 218 76.44 30.72 -19.29
N ARG UA 219 75.44 30.52 -20.15
CA ARG UA 219 75.23 29.24 -20.82
C ARG UA 219 75.30 29.48 -22.32
N ILE UA 220 76.33 28.93 -22.96
CA ILE UA 220 76.50 29.06 -24.39
C ILE UA 220 75.65 28.02 -25.09
N TYR UA 221 74.97 28.43 -26.16
CA TYR UA 221 74.14 27.53 -26.96
C TYR UA 221 74.64 27.52 -28.39
N PHE UA 222 74.91 26.33 -28.89
CA PHE UA 222 75.48 26.06 -30.20
C PHE UA 222 74.36 25.55 -31.09
N LYS UA 223 74.21 26.18 -32.26
CA LYS UA 223 73.19 25.78 -33.24
C LYS UA 223 73.78 25.89 -34.63
N PRO UA 224 74.24 24.78 -35.21
CA PRO UA 224 74.74 24.83 -36.60
C PRO UA 224 73.64 25.23 -37.57
N LYS UA 225 73.91 26.30 -38.32
CA LYS UA 225 73.02 26.72 -39.39
C LYS UA 225 73.69 26.47 -40.74
N HIS UA 226 72.86 26.22 -41.75
CA HIS UA 226 73.33 26.01 -43.12
C HIS UA 226 74.44 24.96 -43.15
N VAL UA 227 74.03 23.73 -42.83
CA VAL UA 227 74.95 22.62 -42.59
C VAL UA 227 75.12 21.79 -43.85
N LYS UA 228 76.33 21.27 -44.03
CA LYS UA 228 76.62 20.30 -45.08
C LYS UA 228 77.52 19.22 -44.49
N ALA UA 229 77.12 17.96 -44.66
CA ALA UA 229 77.83 16.83 -44.08
C ALA UA 229 78.29 15.86 -45.15
N TRP UA 230 79.41 15.19 -44.90
CA TRP UA 230 79.98 14.23 -45.81
C TRP UA 230 80.47 13.00 -45.05
N VAL UA 231 80.55 11.88 -45.76
CA VAL UA 231 81.19 10.67 -45.26
C VAL UA 231 80.59 10.28 -43.92
N PRO UA 232 79.42 9.63 -43.91
CA PRO UA 232 78.86 9.19 -42.63
C PRO UA 232 79.67 8.04 -42.06
N ARG UA 233 79.61 7.89 -40.75
CA ARG UA 233 80.38 6.87 -40.05
C ARG UA 233 79.53 6.30 -38.93
N PRO UA 234 79.89 5.12 -38.42
CA PRO UA 234 79.04 4.47 -37.43
C PRO UA 234 78.88 5.36 -36.21
N PRO UA 235 77.73 5.28 -35.53
CA PRO UA 235 77.54 6.09 -34.32
C PRO UA 235 78.49 5.66 -33.20
N ARG UA 236 78.80 6.63 -32.34
CA ARG UA 236 79.63 6.33 -31.17
C ARG UA 236 78.97 5.26 -30.32
N LEU UA 237 79.72 4.21 -30.00
CA LEU UA 237 79.22 3.08 -29.21
C LEU UA 237 79.76 3.11 -27.79
N CYS UA 238 81.07 3.14 -27.62
CA CYS UA 238 81.68 3.24 -26.31
C CYS UA 238 81.61 4.67 -25.81
N GLN UA 239 81.37 4.82 -24.51
CA GLN UA 239 81.22 6.16 -23.95
C GLN UA 239 82.48 6.98 -24.14
N TYR UA 240 82.29 8.28 -24.32
CA TYR UA 240 83.43 9.19 -24.49
C TYR UA 240 84.27 9.23 -23.21
N GLU UA 241 85.56 9.42 -23.39
CA GLU UA 241 86.50 9.48 -22.27
C GLU UA 241 87.26 10.79 -22.19
N LYS UA 242 87.63 11.38 -23.32
CA LYS UA 242 88.36 12.64 -23.34
C LYS UA 242 87.79 13.52 -24.45
N GLN UA 243 87.83 14.83 -24.23
CA GLN UA 243 87.37 15.75 -25.25
C GLN UA 243 88.39 15.95 -26.37
N LYS UA 244 89.64 15.52 -26.17
CA LYS UA 244 90.71 15.81 -27.10
C LYS UA 244 91.16 14.60 -27.91
N ASN UA 245 90.43 13.50 -27.86
CA ASN UA 245 90.84 12.31 -28.61
C ASN UA 245 89.71 11.29 -28.60
N VAL UA 246 89.86 10.27 -29.44
CA VAL UA 246 88.86 9.20 -29.55
C VAL UA 246 88.92 8.21 -28.42
N ASN UA 247 89.94 8.28 -27.57
CA ASN UA 247 90.20 7.26 -26.56
C ASN UA 247 88.91 6.73 -25.94
N PHE UA 248 88.77 5.41 -25.98
CA PHE UA 248 87.57 4.74 -25.51
C PHE UA 248 87.95 3.47 -24.76
N THR UA 249 87.03 3.01 -23.91
CA THR UA 249 87.16 1.71 -23.28
C THR UA 249 86.21 0.73 -23.95
N PRO UA 250 86.71 -0.36 -24.54
CA PRO UA 250 85.83 -1.21 -25.36
C PRO UA 250 84.61 -1.69 -24.60
N THR UA 251 83.48 -1.69 -25.29
CA THR UA 251 82.20 -2.11 -24.74
C THR UA 251 81.59 -3.13 -25.69
N GLY UA 252 80.63 -3.89 -25.18
CA GLY UA 252 79.93 -4.84 -26.01
C GLY UA 252 79.08 -4.16 -27.06
N VAL UA 253 78.77 -4.94 -28.11
CA VAL UA 253 78.03 -4.37 -29.24
C VAL UA 253 76.60 -4.04 -28.85
N THR UA 254 75.99 -4.82 -27.96
CA THR UA 254 74.56 -4.70 -27.72
C THR UA 254 74.23 -5.16 -26.31
N THR UA 255 73.03 -4.79 -25.86
CA THR UA 255 72.43 -5.41 -24.68
C THR UA 255 72.14 -6.88 -24.98
N THR UA 256 72.10 -7.68 -23.92
CA THR UA 256 72.07 -9.13 -24.04
C THR UA 256 70.74 -9.72 -23.62
N ARG UA 257 70.41 -10.84 -24.24
CA ARG UA 257 69.30 -11.71 -23.87
C ARG UA 257 69.87 -13.11 -23.60
N VAL UA 258 68.99 -14.04 -23.22
CA VAL UA 258 69.44 -15.37 -22.83
C VAL UA 258 69.77 -16.20 -24.05
N GLY UA 259 68.73 -16.53 -24.84
CA GLY UA 259 68.90 -17.39 -26.00
C GLY UA 259 68.40 -16.70 -27.26
N ILE UA 260 68.76 -17.29 -28.40
CA ILE UA 260 68.43 -16.69 -29.68
C ILE UA 260 66.92 -16.67 -29.92
N THR UA 261 66.16 -17.49 -29.19
CA THR UA 261 64.72 -17.55 -29.38
C THR UA 261 63.94 -16.56 -28.52
N THR UA 262 64.56 -16.01 -27.48
CA THR UA 262 63.87 -15.09 -26.57
C THR UA 262 63.33 -13.87 -27.31
N ILE VA 16 92.58 -9.71 -67.82
CA ILE VA 16 93.92 -9.15 -67.65
C ILE VA 16 93.85 -7.63 -67.75
N THR VA 17 94.76 -6.95 -67.03
CA THR VA 17 94.80 -5.49 -67.02
C THR VA 17 96.22 -5.04 -66.72
N LEU VA 18 96.83 -4.33 -67.66
CA LEU VA 18 98.25 -3.97 -67.57
C LEU VA 18 98.39 -2.59 -66.93
N GLY VA 19 99.53 -1.93 -67.16
CA GLY VA 19 99.87 -0.67 -66.53
C GLY VA 19 101.26 -0.74 -65.93
N ASN VA 20 102.13 -1.52 -66.56
CA ASN VA 20 103.47 -1.93 -66.09
C ASN VA 20 103.36 -3.05 -65.07
N SER VA 21 102.14 -3.50 -64.74
CA SER VA 21 101.94 -4.43 -63.64
C SER VA 21 101.19 -5.70 -64.03
N THR VA 22 100.38 -5.65 -65.09
CA THR VA 22 99.70 -6.83 -65.63
C THR VA 22 99.21 -7.77 -64.53
N ILE VA 23 98.08 -7.40 -63.91
CA ILE VA 23 97.62 -8.07 -62.70
C ILE VA 23 96.88 -9.37 -63.03
N THR VA 24 95.81 -9.29 -63.82
CA THR VA 24 94.83 -10.36 -64.00
C THR VA 24 93.66 -10.14 -63.04
N THR VA 25 92.46 -10.55 -63.44
CA THR VA 25 91.25 -10.32 -62.64
C THR VA 25 90.12 -11.18 -63.19
N GLN VA 26 89.23 -11.59 -62.30
CA GLN VA 26 88.02 -12.29 -62.70
C GLN VA 26 87.18 -11.38 -63.59
N GLU VA 27 86.79 -11.90 -64.75
CA GLU VA 27 86.02 -11.10 -65.70
C GLU VA 27 84.59 -10.91 -65.20
N CYS VA 28 83.98 -9.81 -65.62
CA CYS VA 28 82.64 -9.40 -65.18
C CYS VA 28 82.48 -9.58 -63.67
N ALA VA 29 83.31 -8.84 -62.93
CA ALA VA 29 83.31 -8.85 -61.48
C ALA VA 29 82.87 -7.48 -60.96
N ASN VA 30 82.02 -7.48 -59.94
CA ASN VA 30 81.42 -6.24 -59.46
C ASN VA 30 82.43 -5.41 -58.68
N VAL VA 31 82.52 -4.13 -59.04
CA VAL VA 31 83.41 -3.17 -58.37
C VAL VA 31 82.54 -2.11 -57.70
N VAL VA 32 82.84 -1.83 -56.44
CA VAL VA 32 82.14 -0.78 -55.68
C VAL VA 32 82.87 0.53 -55.92
N VAL VA 33 82.18 1.51 -56.51
CA VAL VA 33 82.78 2.78 -56.88
C VAL VA 33 82.52 3.73 -55.71
N GLY VA 34 83.40 3.67 -54.71
CA GLY VA 34 83.40 4.59 -53.58
C GLY VA 34 82.05 5.17 -53.21
N TYR VA 35 82.02 6.50 -53.07
CA TYR VA 35 80.78 7.22 -52.80
C TYR VA 35 80.15 7.72 -54.10
N GLY VA 36 80.09 6.84 -55.09
CA GLY VA 36 79.56 7.21 -56.39
C GLY VA 36 80.47 8.08 -57.22
N VAL VA 37 81.71 8.28 -56.81
CA VAL VA 37 82.65 9.18 -57.47
C VAL VA 37 83.78 8.37 -58.07
N TRP VA 38 84.05 8.59 -59.35
CA TRP VA 38 85.23 7.97 -59.93
C TRP VA 38 86.44 8.89 -59.72
N PRO VA 39 87.60 8.35 -59.32
CA PRO VA 39 88.75 9.23 -59.06
C PRO VA 39 89.10 10.09 -60.26
N GLU VA 40 89.34 11.37 -60.01
CA GLU VA 40 89.70 12.32 -61.05
C GLU VA 40 90.65 13.36 -60.47
N TYR VA 41 91.24 14.15 -61.37
CA TYR VA 41 92.18 15.18 -60.96
C TYR VA 41 91.44 16.37 -60.34
N LEU VA 42 92.22 17.29 -59.77
CA LEU VA 42 91.68 18.47 -59.12
C LEU VA 42 91.41 19.57 -60.14
N LYS VA 43 90.33 20.32 -59.94
CA LYS VA 43 89.92 21.38 -60.85
C LYS VA 43 90.43 22.73 -60.36
N ASP VA 44 90.66 23.64 -61.30
CA ASP VA 44 91.22 24.96 -61.01
C ASP VA 44 90.30 25.74 -60.07
N GLN VA 55 102.06 14.84 -61.98
CA GLN VA 55 101.26 13.66 -62.32
C GLN VA 55 102.13 12.59 -62.98
N PRO VA 56 102.83 11.79 -62.16
CA PRO VA 56 103.70 10.75 -62.73
C PRO VA 56 102.97 9.72 -63.56
N ASP VA 57 101.65 9.59 -63.41
CA ASP VA 57 100.86 8.61 -64.15
C ASP VA 57 101.46 7.22 -63.99
N VAL VA 58 101.88 6.58 -65.08
CA VAL VA 58 102.34 5.20 -65.08
C VAL VA 58 103.23 4.89 -63.87
N ALA VA 59 104.17 5.80 -63.59
CA ALA VA 59 105.05 5.59 -62.43
C ALA VA 59 104.25 5.47 -61.14
N THR VA 60 103.15 6.22 -61.03
CA THR VA 60 102.26 6.16 -59.88
C THR VA 60 101.01 5.31 -60.15
N CYS VA 61 100.42 5.45 -61.35
CA CYS VA 61 99.27 4.64 -61.75
C CYS VA 61 99.76 3.24 -62.11
N ARG VA 62 99.92 2.42 -61.07
CA ARG VA 62 100.47 1.07 -61.22
C ARG VA 62 99.96 0.19 -60.10
N PHE VA 63 99.89 -1.11 -60.38
CA PHE VA 63 99.39 -2.09 -59.41
C PHE VA 63 100.52 -2.50 -58.47
N TYR VA 64 100.57 -1.89 -57.30
CA TYR VA 64 101.45 -2.31 -56.23
C TYR VA 64 100.76 -3.39 -55.41
N THR VA 65 101.31 -4.61 -55.43
CA THR VA 65 100.72 -5.74 -54.73
C THR VA 65 101.44 -5.94 -53.42
N LEU VA 66 100.78 -5.61 -52.31
CA LEU VA 66 101.42 -5.69 -51.01
C LEU VA 66 101.69 -7.15 -50.64
N GLU VA 67 102.33 -7.35 -49.49
CA GLU VA 67 102.58 -8.69 -49.00
C GLU VA 67 101.28 -9.43 -48.77
N SER VA 68 101.26 -10.71 -49.11
CA SER VA 68 100.10 -11.54 -48.84
C SER VA 68 100.07 -11.95 -47.37
N VAL VA 69 98.86 -12.17 -46.85
CA VAL VA 69 98.70 -12.56 -45.46
C VAL VA 69 97.91 -13.86 -45.40
N GLN VA 70 98.07 -14.58 -44.30
CA GLN VA 70 97.42 -15.86 -44.09
C GLN VA 70 96.15 -15.67 -43.28
N TRP VA 71 95.05 -16.25 -43.76
CA TRP VA 71 93.78 -16.29 -43.05
C TRP VA 71 93.73 -17.63 -42.31
N MET VA 72 93.76 -17.57 -40.98
CA MET VA 72 93.67 -18.75 -40.15
C MET VA 72 92.36 -18.72 -39.37
N LYS VA 73 92.06 -19.85 -38.71
CA LYS VA 73 90.84 -19.92 -37.93
C LYS VA 73 90.85 -18.95 -36.76
N ASN VA 74 92.01 -18.37 -36.43
CA ASN VA 74 92.13 -17.43 -35.33
C ASN VA 74 92.20 -15.98 -35.79
N SER VA 75 92.38 -15.73 -37.08
CA SER VA 75 92.55 -14.37 -37.58
C SER VA 75 91.40 -13.48 -37.15
N ALA VA 76 91.73 -12.35 -36.53
CA ALA VA 76 90.74 -11.37 -36.10
C ALA VA 76 90.50 -10.30 -37.16
N GLY VA 77 91.51 -9.96 -37.92
CA GLY VA 77 91.39 -8.95 -38.97
C GLY VA 77 92.69 -8.23 -39.19
N TRP VA 78 92.72 -7.46 -40.28
CA TRP VA 78 93.90 -6.71 -40.66
C TRP VA 78 93.50 -5.30 -41.07
N TRP VA 79 94.47 -4.40 -41.01
CA TRP VA 79 94.28 -3.05 -41.53
C TRP VA 79 95.60 -2.52 -42.08
N TRP VA 80 95.48 -1.69 -43.11
CA TRP VA 80 96.58 -0.97 -43.71
C TRP VA 80 96.21 0.50 -43.78
N LYS VA 81 97.12 1.38 -43.36
CA LYS VA 81 96.98 2.79 -43.67
C LYS VA 81 97.47 2.98 -45.10
N LEU VA 82 96.61 3.55 -45.96
CA LEU VA 82 96.88 3.49 -47.40
C LEU VA 82 98.02 4.43 -47.81
N PRO VA 83 97.98 5.72 -47.50
CA PRO VA 83 99.13 6.57 -47.82
C PRO VA 83 100.45 6.03 -47.27
N ASP VA 84 100.41 5.40 -46.09
CA ASP VA 84 101.60 4.86 -45.44
C ASP VA 84 101.81 3.38 -45.77
N ALA VA 85 101.13 2.85 -46.79
CA ALA VA 85 101.39 1.49 -47.25
C ALA VA 85 102.27 1.44 -48.50
N LEU VA 86 102.01 2.30 -49.47
CA LEU VA 86 102.85 2.42 -50.65
C LEU VA 86 103.96 3.45 -50.46
N SER VA 87 104.17 3.92 -49.23
CA SER VA 87 105.14 4.97 -48.98
C SER VA 87 106.55 4.55 -49.34
N GLN VA 88 106.88 3.27 -49.21
CA GLN VA 88 108.23 2.77 -49.47
C GLN VA 88 108.33 1.98 -50.76
N MET VA 89 107.28 1.97 -51.59
CA MET VA 89 107.23 1.15 -52.79
C MET VA 89 107.32 2.04 -54.03
N GLY VA 90 108.50 2.05 -54.65
CA GLY VA 90 108.64 2.59 -55.98
C GLY VA 90 108.43 4.08 -56.09
N LEU VA 91 108.02 4.51 -57.29
CA LEU VA 91 107.96 5.93 -57.60
C LEU VA 91 106.81 6.64 -56.90
N PHE VA 92 105.74 5.93 -56.51
CA PHE VA 92 104.74 6.54 -55.64
C PHE VA 92 105.40 7.00 -54.34
N GLY VA 93 106.19 6.11 -53.72
CA GLY VA 93 106.89 6.49 -52.50
C GLY VA 93 107.92 7.58 -52.72
N GLN VA 94 108.61 7.54 -53.86
CA GLN VA 94 109.61 8.57 -54.13
C GLN VA 94 108.98 9.95 -54.29
N ASN VA 95 107.93 10.05 -55.12
CA ASN VA 95 107.21 11.32 -55.24
C ASN VA 95 106.63 11.74 -53.90
N MET VA 96 106.14 10.78 -53.11
CA MET VA 96 105.62 11.10 -51.79
C MET VA 96 106.68 11.72 -50.90
N GLN VA 97 107.92 11.22 -50.99
CA GLN VA 97 108.99 11.76 -50.16
C GLN VA 97 109.44 13.14 -50.65
N TYR VA 98 109.48 13.34 -51.98
CA TYR VA 98 110.04 14.57 -52.52
C TYR VA 98 109.03 15.69 -52.71
N HIS VA 99 107.73 15.44 -52.53
CA HIS VA 99 106.72 16.47 -52.67
C HIS VA 99 105.96 16.68 -51.37
N TYR VA 100 105.71 17.96 -51.07
CA TYR VA 100 105.01 18.35 -49.84
C TYR VA 100 103.51 18.07 -49.92
N LEU VA 101 102.95 17.99 -51.12
CA LEU VA 101 101.52 17.80 -51.31
C LEU VA 101 101.26 16.57 -52.17
N GLY VA 102 100.14 15.92 -51.90
CA GLY VA 102 99.71 14.77 -52.69
C GLY VA 102 98.21 14.67 -52.71
N ARG VA 103 97.71 13.99 -53.74
CA ARG VA 103 96.27 13.82 -53.93
C ARG VA 103 96.07 12.62 -54.83
N THR VA 104 95.33 11.61 -54.34
CA THR VA 104 95.21 10.38 -55.10
C THR VA 104 93.92 9.66 -54.71
N GLY VA 105 93.32 9.00 -55.70
CA GLY VA 105 92.37 7.94 -55.45
C GLY VA 105 93.06 6.59 -55.57
N TYR VA 106 92.32 5.53 -55.28
CA TYR VA 106 92.91 4.20 -55.32
C TYR VA 106 91.93 3.22 -55.94
N THR VA 107 92.50 2.15 -56.52
CA THR VA 107 91.75 0.97 -56.91
C THR VA 107 92.32 -0.19 -56.11
N ILE VA 108 91.51 -0.75 -55.21
CA ILE VA 108 91.94 -1.78 -54.28
C ILE VA 108 91.30 -3.08 -54.70
N HIS VA 109 92.12 -4.13 -54.81
CA HIS VA 109 91.71 -5.45 -55.27
C HIS VA 109 92.17 -6.45 -54.22
N VAL VA 110 91.24 -6.94 -53.42
CA VAL VA 110 91.52 -7.93 -52.39
C VAL VA 110 91.13 -9.29 -52.96
N GLN VA 111 92.10 -10.17 -53.16
CA GLN VA 111 91.85 -11.50 -53.71
C GLN VA 111 92.14 -12.56 -52.65
N CYS VA 112 91.27 -13.57 -52.60
CA CYS VA 112 91.42 -14.69 -51.68
C CYS VA 112 91.31 -15.98 -52.46
N ASN VA 113 92.15 -16.96 -52.13
CA ASN VA 113 92.20 -18.23 -52.84
C ASN VA 113 91.84 -19.36 -51.90
N ALA VA 114 90.77 -20.09 -52.23
CA ALA VA 114 90.33 -21.24 -51.44
C ALA VA 114 89.81 -22.29 -52.41
N SER VA 115 89.15 -23.31 -51.86
CA SER VA 115 88.50 -24.37 -52.62
C SER VA 115 87.00 -24.34 -52.32
N LYS VA 116 86.26 -25.19 -53.02
CA LYS VA 116 84.85 -25.36 -52.69
C LYS VA 116 84.65 -25.92 -51.29
N PHE VA 117 85.66 -26.63 -50.77
CA PHE VA 117 85.60 -27.29 -49.48
C PHE VA 117 86.09 -26.39 -48.34
N HIS VA 118 86.36 -25.11 -48.62
CA HIS VA 118 86.61 -24.13 -47.58
C HIS VA 118 85.36 -23.31 -47.34
N GLN VA 119 85.35 -22.56 -46.24
CA GLN VA 119 84.24 -21.67 -45.95
C GLN VA 119 84.75 -20.50 -45.11
N GLY VA 120 84.06 -19.37 -45.24
CA GLY VA 120 84.45 -18.16 -44.54
C GLY VA 120 83.92 -16.95 -45.25
N CYS VA 121 84.03 -15.80 -44.56
CA CYS VA 121 83.54 -14.55 -45.12
C CYS VA 121 84.30 -13.36 -44.54
N LEU VA 122 84.84 -12.54 -45.44
CA LEU VA 122 85.56 -11.33 -45.08
C LEU VA 122 84.71 -10.10 -45.40
N LEU VA 123 84.79 -9.09 -44.54
CA LEU VA 123 84.36 -7.74 -44.86
C LEU VA 123 85.59 -6.96 -45.29
N VAL VA 124 85.57 -6.44 -46.51
CA VAL VA 124 86.64 -5.60 -47.04
C VAL VA 124 86.10 -4.19 -47.12
N VAL VA 125 86.60 -3.29 -46.27
CA VAL VA 125 86.06 -1.95 -46.15
C VAL VA 125 87.19 -0.93 -46.28
N CYS VA 126 86.83 0.27 -46.73
CA CYS VA 126 87.77 1.39 -46.81
C CYS VA 126 87.25 2.52 -45.92
N VAL VA 127 87.86 2.69 -44.75
CA VAL VA 127 87.42 3.68 -43.77
C VAL VA 127 88.22 4.97 -44.02
N PRO VA 128 87.59 6.03 -44.50
CA PRO VA 128 88.28 7.33 -44.56
C PRO VA 128 88.40 7.94 -43.17
N GLU VA 129 89.60 8.44 -42.86
CA GLU VA 129 89.87 9.11 -41.59
C GLU VA 129 89.62 8.18 -40.41
N ALA VA 130 90.39 7.08 -40.39
CA ALA VA 130 90.26 6.06 -39.35
C ALA VA 130 91.10 6.42 -38.13
N GLU VA 131 90.63 7.44 -37.42
CA GLU VA 131 91.25 7.83 -36.16
C GLU VA 131 90.97 6.76 -35.12
N MET VA 132 92.02 6.13 -34.62
CA MET VA 132 91.91 4.97 -33.74
C MET VA 132 92.25 5.36 -32.30
N GLY VA 133 91.68 4.61 -31.36
CA GLY VA 133 91.91 4.86 -29.95
C GLY VA 133 93.08 4.09 -29.39
N CYS VA 134 93.43 4.44 -28.16
CA CYS VA 134 94.57 3.89 -27.45
C CYS VA 134 94.11 2.93 -26.36
N SER VA 135 95.06 2.12 -25.87
CA SER VA 135 94.78 1.30 -24.70
C SER VA 135 94.89 2.13 -23.42
N ASN VA 136 95.93 2.95 -23.31
CA ASN VA 136 96.03 3.95 -22.25
C ASN VA 136 95.24 5.18 -22.68
N LEU VA 137 94.10 5.42 -22.04
CA LEU VA 137 93.14 6.40 -22.54
C LEU VA 137 93.61 7.84 -22.40
N ASN VA 138 94.67 8.11 -21.65
CA ASN VA 138 95.21 9.46 -21.54
C ASN VA 138 96.35 9.71 -22.52
N ASN VA 139 96.52 8.84 -23.52
CA ASN VA 139 97.61 8.95 -24.47
C ASN VA 139 97.13 8.51 -25.85
N THR VA 140 97.85 8.94 -26.86
CA THR VA 140 97.50 8.56 -28.22
C THR VA 140 98.38 7.41 -28.69
N PRO VA 141 97.83 6.50 -29.50
CA PRO VA 141 98.61 5.34 -29.93
C PRO VA 141 99.89 5.75 -30.63
N GLU VA 142 100.79 4.79 -30.75
CA GLU VA 142 102.11 5.07 -31.31
C GLU VA 142 102.05 5.06 -32.84
N PHE VA 143 103.03 5.75 -33.42
CA PHE VA 143 103.05 5.92 -34.87
C PHE VA 143 103.23 4.58 -35.56
N ALA VA 144 104.17 3.78 -35.09
CA ALA VA 144 104.36 2.44 -35.64
C ALA VA 144 103.19 1.52 -35.33
N GLU VA 145 102.53 1.73 -34.18
CA GLU VA 145 101.40 0.88 -33.81
C GLU VA 145 100.23 1.11 -34.74
N LEU VA 146 99.97 2.37 -35.13
CA LEU VA 146 98.90 2.68 -36.04
C LEU VA 146 99.25 2.36 -37.49
N SER VA 147 100.51 2.54 -37.87
CA SER VA 147 100.92 2.45 -39.26
C SER VA 147 101.70 1.18 -39.52
N GLY VA 148 101.37 0.52 -40.63
CA GLY VA 148 102.16 -0.59 -41.13
C GLY VA 148 102.33 -0.51 -42.63
N GLY VA 149 103.54 -0.17 -43.07
CA GLY VA 149 103.83 -0.10 -44.49
C GLY VA 149 104.33 -1.45 -44.96
N ASP VA 150 103.84 -1.88 -46.12
CA ASP VA 150 104.10 -3.20 -46.69
C ASP VA 150 103.99 -4.31 -45.64
N THR VA 151 103.30 -4.04 -44.53
CA THR VA 151 103.14 -5.01 -43.44
C THR VA 151 101.82 -4.69 -42.75
N ALA VA 152 100.77 -5.43 -43.12
CA ALA VA 152 99.46 -5.26 -42.51
C ALA VA 152 99.55 -5.31 -40.99
N ARG VA 153 98.99 -4.29 -40.33
CA ARG VA 153 98.87 -4.38 -38.88
C ARG VA 153 97.61 -5.19 -38.56
N MET VA 154 97.62 -5.86 -37.42
CA MET VA 154 96.61 -6.85 -37.10
C MET VA 154 95.65 -6.33 -36.04
N PHE VA 155 94.38 -6.68 -36.17
CA PHE VA 155 93.43 -6.56 -35.07
C PHE VA 155 93.67 -7.69 -34.07
N THR VA 156 93.15 -7.51 -32.86
CA THR VA 156 93.37 -8.46 -31.79
C THR VA 156 92.06 -9.11 -31.38
N ASP VA 157 92.17 -10.31 -30.82
CA ASP VA 157 91.02 -11.09 -30.39
C ASP VA 157 90.47 -10.64 -29.04
N THR VA 158 91.20 -9.82 -28.29
CA THR VA 158 90.81 -9.44 -26.95
C THR VA 158 91.14 -7.99 -26.70
N GLN VA 159 90.57 -7.43 -25.63
CA GLN VA 159 90.93 -6.09 -25.20
C GLN VA 159 92.42 -6.01 -24.92
N ILE VA 160 93.03 -4.90 -25.30
CA ILE VA 160 94.43 -4.68 -24.97
C ILE VA 160 94.53 -4.09 -23.56
N GLY VA 161 95.70 -4.29 -22.95
CA GLY VA 161 95.88 -3.91 -21.56
C GLY VA 161 96.14 -2.43 -21.38
N GLU VA 162 95.66 -1.90 -20.25
CA GLU VA 162 95.88 -0.49 -19.94
C GLU VA 162 97.36 -0.19 -19.75
N THR VA 163 98.06 -1.05 -19.00
CA THR VA 163 99.46 -0.81 -18.69
C THR VA 163 100.30 -0.60 -19.95
N ASN VA 164 99.89 -1.20 -21.07
CA ASN VA 164 100.66 -1.10 -22.30
C ASN VA 164 101.06 0.34 -22.60
N SER VA 165 100.07 1.20 -22.83
CA SER VA 165 100.32 2.59 -23.20
C SER VA 165 100.94 2.65 -24.59
N LYS VA 166 100.71 3.76 -25.31
CA LYS VA 166 101.22 3.92 -26.67
C LYS VA 166 100.87 2.71 -27.55
N LYS VA 167 99.78 2.03 -27.22
CA LYS VA 167 99.29 0.89 -27.99
C LYS VA 167 97.88 1.18 -28.47
N VAL VA 168 97.49 0.49 -29.55
CA VAL VA 168 96.19 0.71 -30.18
C VAL VA 168 95.20 -0.30 -29.61
N GLN VA 169 94.03 0.19 -29.19
CA GLN VA 169 92.99 -0.68 -28.66
C GLN VA 169 92.35 -1.48 -29.79
N THR VA 170 92.95 -2.62 -30.12
CA THR VA 170 92.64 -3.34 -31.36
C THR VA 170 91.54 -4.39 -31.19
N ALA VA 171 90.73 -4.30 -30.12
CA ALA VA 171 89.62 -5.23 -29.97
C ALA VA 171 88.71 -5.12 -31.20
N VAL VA 172 88.54 -6.23 -31.91
CA VAL VA 172 87.96 -6.18 -33.24
C VAL VA 172 86.50 -5.70 -33.20
N TRP VA 173 85.74 -6.14 -32.18
CA TRP VA 173 84.33 -5.81 -32.17
C TRP VA 173 84.07 -4.31 -32.02
N ASN VA 174 85.11 -3.51 -31.78
CA ASN VA 174 85.01 -2.05 -31.82
C ASN VA 174 85.84 -1.43 -32.94
N ALA VA 175 86.56 -2.25 -33.72
CA ALA VA 175 87.31 -1.78 -34.88
C ALA VA 175 88.37 -0.74 -34.52
N GLY VA 176 88.71 -0.63 -33.24
CA GLY VA 176 89.66 0.37 -32.82
C GLY VA 176 89.18 1.78 -33.01
N MET VA 177 87.86 1.98 -33.14
CA MET VA 177 87.29 3.31 -33.31
C MET VA 177 86.12 3.56 -32.36
N GLY VA 178 85.88 2.67 -31.42
CA GLY VA 178 84.80 2.88 -30.46
C GLY VA 178 83.42 2.70 -31.03
N VAL VA 179 83.28 1.91 -32.09
CA VAL VA 179 82.00 1.74 -32.77
C VAL VA 179 81.58 0.29 -32.70
N GLY VA 180 80.43 -0.03 -33.26
CA GLY VA 180 80.04 -1.42 -33.46
C GLY VA 180 80.60 -1.93 -34.77
N VAL VA 181 81.45 -2.95 -34.71
CA VAL VA 181 82.10 -3.42 -35.94
C VAL VA 181 81.07 -3.80 -36.99
N GLY VA 182 79.88 -4.21 -36.57
CA GLY VA 182 78.82 -4.58 -37.49
C GLY VA 182 78.19 -3.43 -38.24
N ASN VA 183 78.62 -2.19 -37.98
CA ASN VA 183 78.11 -1.01 -38.67
C ASN VA 183 79.17 -0.35 -39.56
N LEU VA 184 80.31 -1.00 -39.77
CA LEU VA 184 81.30 -0.47 -40.70
C LEU VA 184 80.80 -0.45 -42.13
N THR VA 185 79.65 -1.09 -42.42
CA THR VA 185 79.18 -1.21 -43.79
C THR VA 185 78.81 0.13 -44.42
N ILE VA 186 78.68 1.20 -43.64
CA ILE VA 186 78.39 2.49 -44.23
C ILE VA 186 79.56 2.95 -45.10
N TYR VA 187 80.78 2.66 -44.68
CA TYR VA 187 81.93 2.94 -45.52
C TYR VA 187 81.92 2.03 -46.74
N PRO VA 188 82.47 2.49 -47.87
CA PRO VA 188 82.52 1.63 -49.06
C PRO VA 188 83.16 0.28 -48.73
N HIS VA 189 82.53 -0.78 -49.23
CA HIS VA 189 82.89 -2.12 -48.80
C HIS VA 189 82.36 -3.16 -49.77
N GLN VA 190 82.93 -4.35 -49.66
CA GLN VA 190 82.39 -5.57 -50.27
C GLN VA 190 82.57 -6.72 -49.28
N TRP VA 191 81.99 -7.86 -49.63
CA TRP VA 191 82.13 -9.09 -48.87
C TRP VA 191 82.77 -10.15 -49.75
N ILE VA 192 83.78 -10.83 -49.21
CA ILE VA 192 84.38 -12.00 -49.85
C ILE VA 192 83.87 -13.21 -49.09
N ASN VA 193 82.75 -13.78 -49.54
CA ASN VA 193 82.26 -15.06 -49.03
C ASN VA 193 82.85 -16.15 -49.92
N LEU VA 194 83.78 -16.93 -49.38
CA LEU VA 194 84.45 -17.96 -50.17
C LEU VA 194 83.44 -18.85 -50.89
N ARG VA 195 82.25 -19.01 -50.30
CA ARG VA 195 81.21 -19.80 -50.95
C ARG VA 195 80.83 -19.22 -52.31
N THR VA 196 80.77 -17.89 -52.41
CA THR VA 196 80.29 -17.22 -53.61
C THR VA 196 81.26 -16.19 -54.17
N ASN VA 197 82.45 -16.06 -53.61
CA ASN VA 197 83.32 -14.94 -53.97
C ASN VA 197 84.78 -15.36 -54.00
N ASN VA 198 85.53 -14.64 -54.83
CA ASN VA 198 86.98 -14.80 -54.95
C ASN VA 198 87.72 -13.52 -54.65
N SER VA 199 87.08 -12.36 -54.82
CA SER VA 199 87.77 -11.09 -54.66
C SER VA 199 86.75 -9.99 -54.43
N ALA VA 200 87.28 -8.83 -54.05
CA ALA VA 200 86.50 -7.61 -53.86
C ALA VA 200 87.29 -6.46 -54.44
N THR VA 201 86.62 -5.60 -55.18
CA THR VA 201 87.27 -4.46 -55.83
C THR VA 201 86.55 -3.19 -55.43
N ILE VA 202 87.30 -2.24 -54.87
CA ILE VA 202 86.76 -0.95 -54.43
C ILE VA 202 87.58 0.15 -55.07
N VAL VA 203 86.91 1.06 -55.78
CA VAL VA 203 87.56 2.21 -56.38
C VAL VA 203 87.22 3.41 -55.51
N MET VA 204 88.19 3.87 -54.70
CA MET VA 204 88.00 4.92 -53.72
C MET VA 204 88.46 6.25 -54.28
N PRO VA 205 87.66 7.32 -54.15
CA PRO VA 205 88.11 8.65 -54.55
C PRO VA 205 88.87 9.36 -53.44
N TYR VA 206 89.43 10.51 -53.78
CA TYR VA 206 90.11 11.34 -52.81
C TYR VA 206 89.08 11.96 -51.87
N ILE VA 207 89.11 11.56 -50.60
CA ILE VA 207 88.18 12.06 -49.58
C ILE VA 207 89.02 12.79 -48.55
N ASN VA 208 88.84 14.11 -48.45
CA ASN VA 208 89.61 14.91 -47.50
C ASN VA 208 88.95 16.26 -47.36
N SER VA 209 89.25 16.93 -46.25
CA SER VA 209 88.72 18.26 -45.99
C SER VA 209 89.47 19.36 -46.75
N VAL VA 210 90.67 19.06 -47.23
CA VAL VA 210 91.46 20.02 -48.01
C VAL VA 210 91.68 19.44 -49.41
N PRO VA 211 91.87 20.29 -50.43
CA PRO VA 211 92.11 19.74 -51.78
C PRO VA 211 93.38 18.92 -51.87
N MET VA 212 94.42 19.26 -51.10
CA MET VA 212 95.66 18.50 -51.07
C MET VA 212 96.21 18.52 -49.66
N ASP VA 213 96.94 17.46 -49.31
CA ASP VA 213 97.48 17.30 -47.97
C ASP VA 213 98.82 16.59 -48.05
N ASN VA 214 99.59 16.68 -46.96
CA ASN VA 214 100.84 15.94 -46.88
C ASN VA 214 100.55 14.45 -46.65
N MET VA 215 101.32 13.61 -47.33
CA MET VA 215 101.03 12.18 -47.35
C MET VA 215 101.71 11.42 -46.21
N PHE VA 216 102.67 12.02 -45.52
CA PHE VA 216 103.31 11.39 -44.37
C PHE VA 216 102.64 11.76 -43.06
N ARG VA 217 102.16 13.01 -42.95
CA ARG VA 217 101.52 13.47 -41.74
C ARG VA 217 100.10 12.96 -41.56
N HIS VA 218 99.45 12.52 -42.65
CA HIS VA 218 98.03 12.20 -42.62
C HIS VA 218 97.77 10.98 -43.50
N ASN VA 219 97.17 9.95 -42.91
CA ASN VA 219 96.74 8.76 -43.66
C ASN VA 219 95.24 8.91 -43.94
N ASN VA 220 94.92 9.47 -45.11
CA ASN VA 220 93.55 9.86 -45.41
C ASN VA 220 92.58 8.68 -45.47
N LEU VA 221 93.09 7.46 -45.68
CA LEU VA 221 92.23 6.30 -45.83
C LEU VA 221 92.87 5.11 -45.13
N THR VA 222 92.05 4.11 -44.80
CA THR VA 222 92.53 2.92 -44.12
C THR VA 222 91.72 1.72 -44.59
N LEU VA 223 92.39 0.75 -45.22
CA LEU VA 223 91.73 -0.47 -45.63
C LEU VA 223 91.67 -1.44 -44.45
N MET VA 224 90.52 -2.09 -44.26
CA MET VA 224 90.32 -3.07 -43.20
C MET VA 224 89.71 -4.33 -43.80
N ILE VA 225 90.29 -5.48 -43.47
CA ILE VA 225 89.75 -6.78 -43.84
C ILE VA 225 89.45 -7.51 -42.54
N ILE VA 226 88.17 -7.67 -42.23
CA ILE VA 226 87.74 -8.25 -40.97
C ILE VA 226 86.92 -9.50 -41.25
N PRO VA 227 87.37 -10.68 -40.85
CA PRO VA 227 86.56 -11.90 -41.06
C PRO VA 227 85.37 -11.92 -40.13
N PHE VA 228 84.17 -11.87 -40.71
CA PHE VA 228 82.95 -11.96 -39.89
C PHE VA 228 82.51 -13.39 -39.66
N VAL VA 229 82.76 -14.28 -40.61
CA VAL VA 229 82.58 -15.71 -40.42
C VAL VA 229 83.95 -16.36 -40.57
N PRO VA 230 84.45 -17.07 -39.56
CA PRO VA 230 85.85 -17.49 -39.59
C PRO VA 230 86.10 -18.63 -40.55
N LEU VA 231 87.35 -18.71 -41.01
CA LEU VA 231 87.74 -19.77 -41.92
C LEU VA 231 87.48 -21.13 -41.29
N ASN VA 232 87.08 -22.09 -42.12
CA ASN VA 232 86.89 -23.45 -41.64
C ASN VA 232 87.11 -24.43 -42.79
N TYR VA 233 87.51 -25.64 -42.43
CA TYR VA 233 87.86 -26.66 -43.42
C TYR VA 233 88.19 -27.97 -42.71
N SER VA 234 87.99 -29.09 -43.38
CA SER VA 234 88.27 -30.38 -42.77
C SER VA 234 89.76 -30.68 -42.82
N GLU VA 235 90.18 -31.64 -41.99
CA GLU VA 235 91.57 -32.08 -41.95
C GLU VA 235 92.02 -32.51 -43.34
N GLY VA 236 93.14 -31.96 -43.79
CA GLY VA 236 93.66 -32.26 -45.10
C GLY VA 236 93.59 -31.06 -46.02
N SER VA 237 92.47 -30.33 -45.97
CA SER VA 237 92.35 -29.09 -46.72
C SER VA 237 93.42 -28.11 -46.27
N SER VA 238 93.99 -27.39 -47.23
CA SER VA 238 95.13 -26.54 -46.92
C SER VA 238 94.75 -25.57 -45.80
N PRO VA 239 95.58 -25.44 -44.75
CA PRO VA 239 95.23 -24.53 -43.65
C PRO VA 239 95.60 -23.08 -43.92
N TYR VA 240 96.10 -22.80 -45.10
CA TYR VA 240 96.63 -21.49 -45.47
C TYR VA 240 95.69 -20.91 -46.54
N VAL VA 241 94.75 -20.07 -46.12
CA VAL VA 241 93.89 -19.37 -47.07
C VAL VA 241 94.39 -17.95 -47.21
N PRO VA 242 95.08 -17.62 -48.29
CA PRO VA 242 95.79 -16.34 -48.39
C PRO VA 242 94.94 -15.21 -48.93
N ILE VA 243 95.24 -14.01 -48.43
CA ILE VA 243 94.61 -12.78 -48.88
C ILE VA 243 95.72 -11.90 -49.46
N THR VA 244 95.56 -11.52 -50.73
CA THR VA 244 96.51 -10.68 -51.44
C THR VA 244 95.83 -9.37 -51.80
N VAL VA 245 96.40 -8.27 -51.33
CA VAL VA 245 95.87 -6.93 -51.58
C VAL VA 245 96.72 -6.28 -52.67
N THR VA 246 96.06 -5.73 -53.68
CA THR VA 246 96.72 -5.05 -54.79
C THR VA 246 96.09 -3.67 -54.93
N ILE VA 247 96.87 -2.62 -54.70
CA ILE VA 247 96.38 -1.26 -54.73
C ILE VA 247 97.02 -0.53 -55.91
N ALA VA 248 96.23 0.28 -56.60
CA ALA VA 248 96.70 1.04 -57.75
C ALA VA 248 96.34 2.51 -57.54
N PRO VA 249 97.31 3.42 -57.41
CA PRO VA 249 96.98 4.84 -57.37
C PRO VA 249 96.30 5.29 -58.65
N MET VA 250 95.44 6.30 -58.53
CA MET VA 250 94.69 6.81 -59.66
C MET VA 250 94.62 8.33 -59.55
N CYS VA 251 95.00 9.01 -60.63
CA CYS VA 251 94.94 10.46 -60.72
C CYS VA 251 95.76 11.11 -59.60
N ALA VA 252 97.04 10.72 -59.54
CA ALA VA 252 97.94 11.26 -58.54
C ALA VA 252 98.52 12.59 -58.98
N GLU VA 253 98.56 13.55 -58.06
CA GLU VA 253 99.16 14.85 -58.30
C GLU VA 253 100.06 15.20 -57.11
N TYR VA 254 101.14 15.92 -57.39
CA TYR VA 254 102.10 16.30 -56.37
C TYR VA 254 102.53 17.74 -56.60
N ASN VA 255 102.32 18.59 -55.60
CA ASN VA 255 102.67 20.01 -55.70
C ASN VA 255 103.81 20.35 -54.74
N GLY WA 1 57.10 57.47 -36.20
CA GLY WA 1 56.76 56.63 -35.01
C GLY WA 1 55.69 55.60 -35.29
N LEU WA 2 56.08 54.52 -35.95
CA LEU WA 2 55.13 53.46 -36.29
C LEU WA 2 54.50 52.89 -35.03
N PRO WA 3 53.17 52.91 -34.91
CA PRO WA 3 52.55 52.26 -33.74
C PRO WA 3 52.84 50.77 -33.75
N VAL WA 4 53.25 50.27 -32.58
CA VAL WA 4 53.60 48.86 -32.43
C VAL WA 4 53.04 48.39 -31.10
N MET WA 5 52.54 47.16 -31.09
CA MET WA 5 52.00 46.53 -29.88
C MET WA 5 52.73 45.20 -29.73
N THR WA 6 53.62 45.11 -28.75
CA THR WA 6 54.36 43.88 -28.52
C THR WA 6 53.41 42.78 -28.08
N THR WA 7 53.42 41.70 -28.79
CA THR WA 7 52.55 40.56 -28.55
C THR WA 7 53.26 39.56 -27.63
N PRO WA 8 52.52 38.75 -26.87
CA PRO WA 8 53.18 37.78 -26.00
C PRO WA 8 54.21 36.96 -26.75
N GLY WA 9 55.34 36.69 -26.10
CA GLY WA 9 56.45 35.97 -26.69
C GLY WA 9 57.69 36.81 -26.92
N SER WA 10 57.63 38.12 -26.75
CA SER WA 10 58.83 38.94 -26.88
C SER WA 10 59.82 38.56 -25.79
N THR WA 11 61.11 38.76 -26.08
CA THR WA 11 62.20 38.42 -25.17
C THR WA 11 62.11 36.94 -24.76
N GLN WA 12 62.29 36.07 -25.75
CA GLN WA 12 62.07 34.65 -25.56
C GLN WA 12 63.05 33.87 -26.41
N PHE WA 13 63.69 32.87 -25.81
CA PHE WA 13 64.65 32.01 -26.50
C PHE WA 13 64.08 30.60 -26.53
N LEU WA 14 63.49 30.21 -27.66
CA LEU WA 14 63.09 28.83 -27.90
C LEU WA 14 64.27 28.08 -28.51
N THR WA 15 64.72 27.02 -27.85
CA THR WA 15 65.80 26.19 -28.37
C THR WA 15 65.64 25.95 -29.88
N SER WA 16 64.43 25.56 -30.28
CA SER WA 16 64.13 25.27 -31.68
C SER WA 16 63.49 26.47 -32.38
N ASP WA 17 64.12 27.63 -32.31
CA ASP WA 17 63.67 28.79 -33.06
C ASP WA 17 64.56 29.00 -34.29
N ASP WA 18 64.06 29.82 -35.22
CA ASP WA 18 64.72 30.03 -36.51
C ASP WA 18 64.73 31.51 -36.86
N PHE WA 19 65.00 32.36 -35.88
CA PHE WA 19 65.04 33.79 -36.12
C PHE WA 19 66.40 34.21 -36.65
N GLN WA 20 66.44 35.39 -37.27
CA GLN WA 20 67.67 35.94 -37.81
C GLN WA 20 68.55 36.44 -36.67
N SER WA 21 69.86 36.36 -36.88
CA SER WA 21 70.82 36.73 -35.86
C SER WA 21 71.89 37.66 -36.43
N PRO WA 22 72.43 38.56 -35.62
CA PRO WA 22 73.48 39.47 -36.11
C PRO WA 22 74.79 38.72 -36.26
N SER WA 23 75.46 38.95 -37.39
CA SER WA 23 76.75 38.33 -37.61
C SER WA 23 77.81 38.98 -36.73
N ALA WA 24 78.66 38.16 -36.11
CA ALA WA 24 79.67 38.65 -35.19
C ALA WA 24 80.97 39.02 -35.89
N MET WA 25 81.27 38.39 -37.02
CA MET WA 25 82.48 38.69 -37.80
C MET WA 25 82.09 38.98 -39.24
N PRO WA 26 81.38 40.09 -39.46
CA PRO WA 26 81.03 40.45 -40.85
C PRO WA 26 82.28 40.68 -41.68
N GLN WA 27 82.14 40.45 -42.98
CA GLN WA 27 83.21 40.63 -43.95
C GLN WA 27 84.24 39.50 -43.89
N PHE WA 28 83.92 38.38 -43.25
CA PHE WA 28 84.79 37.22 -43.29
C PHE WA 28 84.55 36.46 -44.59
N ASP WA 29 85.60 36.31 -45.37
CA ASP WA 29 85.55 35.56 -46.62
C ASP WA 29 85.62 34.08 -46.31
N VAL WA 30 84.47 33.40 -46.31
CA VAL WA 30 84.46 31.96 -46.08
C VAL WA 30 85.24 31.28 -47.19
N THR WA 31 86.04 30.28 -46.84
CA THR WA 31 86.74 29.52 -47.85
C THR WA 31 85.72 28.83 -48.76
N PRO WA 32 85.93 28.83 -50.06
CA PRO WA 32 84.92 28.26 -50.97
C PRO WA 32 84.62 26.80 -50.64
N GLU WA 33 83.65 26.22 -51.33
CA GLU WA 33 83.28 24.84 -51.08
C GLU WA 33 84.05 23.91 -52.01
N MET WA 34 84.08 22.63 -51.63
CA MET WA 34 84.68 21.57 -52.44
C MET WA 34 83.66 20.45 -52.59
N GLN WA 35 83.70 19.79 -53.76
CA GLN WA 35 82.83 18.64 -54.01
C GLN WA 35 83.44 17.42 -53.34
N ILE WA 36 83.20 17.32 -52.03
CA ILE WA 36 83.72 16.20 -51.23
C ILE WA 36 82.80 15.00 -51.45
N PRO WA 37 83.33 13.80 -51.67
CA PRO WA 37 82.46 12.66 -51.92
C PRO WA 37 81.56 12.37 -50.73
N GLY WA 38 80.46 11.67 -51.01
CA GLY WA 38 79.58 11.18 -49.96
C GLY WA 38 78.86 12.24 -49.15
N ARG WA 39 78.37 13.30 -49.81
CA ARG WA 39 77.53 14.26 -49.11
C ARG WA 39 76.24 13.57 -48.70
N VAL WA 40 75.90 13.68 -47.42
CA VAL WA 40 74.65 13.13 -46.91
C VAL WA 40 73.63 14.25 -46.84
N ASN WA 41 72.39 13.95 -47.26
CA ASN WA 41 71.30 14.90 -47.17
C ASN WA 41 70.19 14.46 -46.22
N ASN WA 42 70.05 13.17 -45.96
CA ASN WA 42 69.02 12.67 -45.06
C ASN WA 42 69.57 11.49 -44.28
N LEU WA 43 69.01 11.27 -43.08
CA LEU WA 43 69.43 10.16 -42.23
C LEU WA 43 68.85 8.84 -42.70
N MET WA 44 67.78 8.86 -43.48
CA MET WA 44 67.30 7.63 -44.10
C MET WA 44 68.29 7.11 -45.13
N GLU WA 45 69.12 7.98 -45.72
CA GLU WA 45 70.20 7.50 -46.57
C GLU WA 45 71.10 6.53 -45.83
N ILE WA 46 71.32 6.76 -44.53
CA ILE WA 46 72.10 5.83 -43.71
C ILE WA 46 71.24 4.63 -43.30
N ALA WA 47 70.01 4.89 -42.88
CA ALA WA 47 69.14 3.81 -42.41
C ALA WA 47 68.87 2.77 -43.50
N GLU WA 48 69.02 3.13 -44.78
CA GLU WA 48 68.77 2.18 -45.87
C GLU WA 48 69.97 1.27 -46.13
N VAL WA 49 71.06 1.42 -45.39
CA VAL WA 49 72.28 0.67 -45.64
C VAL WA 49 72.26 -0.61 -44.82
N ASP WA 50 72.53 -1.73 -45.47
CA ASP WA 50 72.65 -2.99 -44.76
C ASP WA 50 73.78 -2.93 -43.74
N SER WA 51 73.51 -3.39 -42.52
CA SER WA 51 74.51 -3.46 -41.48
C SER WA 51 74.30 -4.77 -40.71
N VAL WA 52 75.40 -5.39 -40.30
CA VAL WA 52 75.32 -6.72 -39.73
C VAL WA 52 74.52 -6.69 -38.44
N VAL WA 53 73.71 -7.71 -38.23
CA VAL WA 53 72.80 -7.80 -37.09
C VAL WA 53 73.42 -8.74 -36.06
N PRO WA 54 73.54 -8.33 -34.79
CA PRO WA 54 74.04 -9.26 -33.75
C PRO WA 54 72.92 -10.16 -33.24
N VAL WA 55 72.56 -11.16 -34.05
CA VAL WA 55 71.47 -12.05 -33.67
C VAL WA 55 71.84 -12.87 -32.45
N ASN WA 56 73.12 -13.20 -32.28
CA ASN WA 56 73.58 -14.03 -31.18
C ASN WA 56 74.08 -13.15 -30.04
N ASN WA 57 73.12 -12.49 -29.37
CA ASN WA 57 73.43 -11.57 -28.29
C ASN WA 57 73.84 -12.26 -26.99
N THR WA 58 73.96 -13.59 -26.99
CA THR WA 58 74.25 -14.34 -25.77
C THR WA 58 75.41 -13.70 -25.00
N GLU WA 59 75.42 -13.95 -23.68
CA GLU WA 59 76.19 -13.16 -22.72
C GLU WA 59 77.63 -12.97 -23.16
N ALA WA 60 78.38 -14.05 -23.29
CA ALA WA 60 79.79 -13.92 -23.62
C ALA WA 60 80.03 -13.71 -25.11
N ASN WA 61 79.00 -13.83 -25.95
CA ASN WA 61 79.15 -13.55 -27.37
C ASN WA 61 79.05 -12.06 -27.68
N VAL WA 62 78.39 -11.28 -26.82
CA VAL WA 62 78.21 -9.85 -27.11
C VAL WA 62 79.56 -9.16 -27.35
N ASN WA 63 80.60 -9.57 -26.63
CA ASN WA 63 81.90 -8.90 -26.72
C ASN WA 63 82.82 -9.55 -27.74
N SER WA 64 82.26 -10.02 -28.86
CA SER WA 64 83.05 -10.67 -29.88
C SER WA 64 82.28 -10.62 -31.20
N LEU WA 65 82.97 -10.98 -32.28
CA LEU WA 65 82.32 -11.12 -33.58
C LEU WA 65 81.32 -12.27 -33.60
N LYS WA 66 81.36 -13.15 -32.60
CA LYS WA 66 80.42 -14.27 -32.56
C LYS WA 66 78.97 -13.79 -32.50
N ALA WA 67 78.73 -12.58 -32.01
CA ALA WA 67 77.36 -12.09 -31.90
C ALA WA 67 76.69 -12.01 -33.27
N TYR WA 68 77.45 -11.63 -34.30
CA TYR WA 68 76.92 -11.51 -35.64
C TYR WA 68 76.78 -12.85 -36.36
N GLN WA 69 77.30 -13.93 -35.77
CA GLN WA 69 77.31 -15.24 -36.40
C GLN WA 69 76.11 -16.04 -35.91
N ILE WA 70 75.25 -16.46 -36.83
CA ILE WA 70 74.14 -17.35 -36.53
C ILE WA 70 74.64 -18.78 -36.76
N PRO WA 71 74.79 -19.59 -35.71
CA PRO WA 71 75.31 -20.95 -35.92
C PRO WA 71 74.27 -21.85 -36.56
N VAL WA 72 74.71 -22.63 -37.54
CA VAL WA 72 73.86 -23.63 -38.19
C VAL WA 72 74.66 -24.92 -38.25
N GLN WA 73 73.97 -26.04 -38.14
CA GLN WA 73 74.63 -27.34 -38.09
C GLN WA 73 73.80 -28.36 -38.83
N SER WA 74 74.47 -29.42 -39.28
CA SER WA 74 73.78 -30.58 -39.84
C SER WA 74 73.17 -31.39 -38.68
N ASN WA 75 72.01 -30.92 -38.21
CA ASN WA 75 71.29 -31.67 -37.19
C ASN WA 75 70.91 -33.03 -37.75
N SER WA 76 71.27 -34.10 -37.03
CA SER WA 76 70.96 -35.46 -37.47
C SER WA 76 69.51 -35.57 -37.92
N ASP WA 77 68.57 -35.32 -37.02
CA ASP WA 77 67.16 -35.18 -37.36
C ASP WA 77 66.87 -33.70 -37.61
N ASN WA 78 65.91 -33.44 -38.51
CA ASN WA 78 65.56 -32.07 -38.85
C ASN WA 78 65.41 -31.24 -37.58
N GLY WA 79 66.30 -30.28 -37.38
CA GLY WA 79 66.34 -29.52 -36.15
C GLY WA 79 65.13 -28.62 -35.98
N LYS WA 80 65.10 -27.93 -34.84
CA LYS WA 80 64.02 -27.02 -34.53
C LYS WA 80 64.41 -25.61 -34.96
N GLN WA 81 63.77 -24.59 -34.39
CA GLN WA 81 64.06 -23.20 -34.69
C GLN WA 81 65.55 -22.90 -34.65
N VAL WA 82 66.02 -22.14 -35.63
CA VAL WA 82 67.42 -21.70 -35.68
C VAL WA 82 67.61 -20.37 -34.96
N PHE WA 83 66.68 -19.43 -35.13
CA PHE WA 83 66.70 -18.17 -34.40
C PHE WA 83 65.30 -17.59 -34.43
N GLY WA 84 65.05 -16.60 -33.57
CA GLY WA 84 63.71 -16.08 -33.41
C GLY WA 84 63.61 -14.66 -32.91
N PHE WA 85 64.20 -13.71 -33.62
CA PHE WA 85 64.17 -12.39 -33.00
C PHE WA 85 62.82 -11.70 -33.26
N PRO WA 86 62.41 -10.79 -32.39
CA PRO WA 86 61.21 -10.00 -32.64
C PRO WA 86 61.52 -8.89 -33.65
N LEU WA 87 60.50 -8.09 -33.97
CA LEU WA 87 60.74 -6.98 -34.88
C LEU WA 87 61.39 -5.81 -34.15
N GLN WA 88 60.60 -5.02 -33.42
CA GLN WA 88 61.05 -3.88 -32.61
C GLN WA 88 62.39 -3.34 -33.07
N PRO WA 89 62.44 -2.62 -34.20
CA PRO WA 89 63.74 -2.14 -34.69
C PRO WA 89 64.44 -1.20 -33.73
N GLY WA 90 63.71 -0.49 -32.88
CA GLY WA 90 64.32 0.53 -32.03
C GLY WA 90 64.42 0.17 -30.57
N ALA WA 91 63.78 -0.92 -30.16
CA ALA WA 91 63.74 -1.33 -28.75
C ALA WA 91 64.53 -2.59 -28.48
N ASN WA 92 64.29 -3.66 -29.23
CA ASN WA 92 64.98 -4.92 -28.98
C ASN WA 92 66.47 -4.76 -29.22
N GLY WA 93 67.26 -5.46 -28.39
CA GLY WA 93 68.71 -5.37 -28.51
C GLY WA 93 69.22 -5.83 -29.87
N VAL WA 94 68.58 -6.84 -30.45
CA VAL WA 94 69.10 -7.44 -31.67
C VAL WA 94 69.31 -6.37 -32.75
N LEU WA 95 68.42 -5.37 -32.80
CA LEU WA 95 68.46 -4.37 -33.87
C LEU WA 95 68.68 -2.95 -33.40
N ASN WA 96 68.47 -2.64 -32.12
CA ASN WA 96 68.52 -1.24 -31.69
C ASN WA 96 69.89 -0.61 -31.90
N ARG WA 97 70.96 -1.41 -31.97
CA ARG WA 97 72.29 -0.88 -32.19
C ARG WA 97 72.75 -1.05 -33.63
N THR WA 98 71.92 -1.63 -34.49
CA THR WA 98 72.17 -1.58 -35.93
C THR WA 98 72.22 -0.11 -36.37
N LEU WA 99 72.62 0.13 -37.62
CA LEU WA 99 72.53 1.48 -38.16
C LEU WA 99 71.07 1.94 -38.18
N LEU WA 100 70.18 1.08 -38.67
CA LEU WA 100 68.76 1.39 -38.68
C LEU WA 100 68.26 1.72 -37.27
N GLY WA 101 68.58 0.86 -36.30
CA GLY WA 101 68.09 1.09 -34.95
C GLY WA 101 68.70 2.31 -34.30
N GLU WA 102 69.98 2.56 -34.54
CA GLU WA 102 70.63 3.73 -33.99
C GLU WA 102 69.95 5.01 -34.49
N ILE WA 103 69.64 5.07 -35.78
CA ILE WA 103 68.95 6.25 -36.29
C ILE WA 103 67.52 6.31 -35.75
N LEU WA 104 66.85 5.15 -35.68
CA LEU WA 104 65.48 5.13 -35.15
C LEU WA 104 65.43 5.69 -33.74
N ASN WA 105 66.45 5.40 -32.93
CA ASN WA 105 66.45 5.85 -31.54
C ASN WA 105 66.63 7.36 -31.42
N TYR WA 106 66.92 8.06 -32.52
CA TYR WA 106 66.94 9.52 -32.51
C TYR WA 106 65.57 10.12 -32.80
N TYR WA 107 64.57 9.28 -33.09
CA TYR WA 107 63.23 9.73 -33.41
C TYR WA 107 62.22 8.94 -32.58
N THR WA 108 61.01 9.48 -32.48
CA THR WA 108 59.96 8.88 -31.67
C THR WA 108 59.01 7.98 -32.47
N HIS WA 109 58.74 8.31 -33.73
CA HIS WA 109 57.85 7.53 -34.57
C HIS WA 109 58.64 6.93 -35.74
N TRP WA 110 58.20 5.76 -36.19
CA TRP WA 110 58.80 5.11 -37.35
C TRP WA 110 57.72 4.38 -38.12
N SER WA 111 57.95 4.20 -39.42
CA SER WA 111 57.00 3.51 -40.29
C SER WA 111 57.74 3.04 -41.52
N GLY WA 112 57.50 1.80 -41.93
CA GLY WA 112 58.06 1.30 -43.17
C GLY WA 112 58.39 -0.17 -43.09
N SER WA 113 58.85 -0.70 -44.22
CA SER WA 113 59.24 -2.08 -44.37
C SER WA 113 60.73 -2.25 -44.09
N ILE WA 114 61.16 -3.49 -43.89
CA ILE WA 114 62.53 -3.77 -43.47
C ILE WA 114 63.10 -4.92 -44.29
N LYS WA 115 64.33 -4.74 -44.79
CA LYS WA 115 65.05 -5.78 -45.51
C LYS WA 115 65.94 -6.54 -44.54
N LEU WA 116 65.69 -7.84 -44.40
CA LEU WA 116 66.53 -8.75 -43.63
C LEU WA 116 67.24 -9.64 -44.65
N THR WA 117 68.51 -9.35 -44.89
CA THR WA 117 69.31 -10.15 -45.83
C THR WA 117 70.06 -11.22 -45.05
N PHE WA 118 69.90 -12.49 -45.48
CA PHE WA 118 70.54 -13.62 -44.83
C PHE WA 118 71.53 -14.25 -45.80
N MET WA 119 72.78 -14.37 -45.37
CA MET WA 119 73.87 -14.87 -46.21
C MET WA 119 74.45 -16.13 -45.58
N PHE WA 120 74.52 -17.21 -46.35
CA PHE WA 120 75.07 -18.48 -45.89
C PHE WA 120 76.57 -18.48 -46.14
N CYS WA 121 77.38 -18.46 -45.08
CA CYS WA 121 78.82 -18.40 -45.21
C CYS WA 121 79.48 -19.75 -45.00
N GLY WA 122 78.77 -20.83 -45.34
CA GLY WA 122 79.31 -22.17 -45.23
C GLY WA 122 80.10 -22.58 -46.46
N SER WA 123 80.36 -23.89 -46.55
CA SER WA 123 81.13 -24.41 -47.66
C SER WA 123 80.35 -24.28 -48.96
N ALA WA 124 81.09 -24.15 -50.07
CA ALA WA 124 80.45 -24.17 -51.38
C ALA WA 124 79.78 -25.50 -51.66
N MET WA 125 80.12 -26.54 -50.92
CA MET WA 125 79.57 -27.87 -51.12
C MET WA 125 78.30 -28.11 -50.34
N ALA WA 126 77.94 -27.23 -49.42
CA ALA WA 126 76.78 -27.44 -48.57
C ALA WA 126 75.48 -27.19 -49.32
N THR WA 127 74.46 -27.97 -48.98
CA THR WA 127 73.10 -27.76 -49.47
C THR WA 127 72.14 -27.89 -48.30
N GLY WA 128 70.91 -27.45 -48.50
CA GLY WA 128 69.92 -27.54 -47.45
C GLY WA 128 68.83 -26.50 -47.67
N LYS WA 129 67.83 -26.56 -46.80
CA LYS WA 129 66.67 -25.69 -46.90
C LYS WA 129 66.26 -25.18 -45.53
N PHE WA 130 65.91 -23.89 -45.47
CA PHE WA 130 65.45 -23.26 -44.24
C PHE WA 130 64.10 -22.60 -44.48
N LEU WA 131 63.36 -22.43 -43.40
CA LEU WA 131 62.09 -21.71 -43.43
C LEU WA 131 62.27 -20.40 -42.68
N LEU WA 132 62.32 -19.29 -43.41
CA LEU WA 132 62.35 -17.96 -42.81
C LEU WA 132 60.93 -17.43 -42.79
N ALA WA 133 60.37 -17.21 -41.59
CA ALA WA 133 58.97 -16.88 -41.46
C ALA WA 133 58.78 -15.62 -40.64
N TYR WA 134 57.89 -14.74 -41.10
CA TYR WA 134 57.47 -13.55 -40.37
C TYR WA 134 56.03 -13.75 -39.92
N SER WA 135 55.82 -13.78 -38.61
CA SER WA 135 54.47 -13.82 -38.06
C SER WA 135 54.07 -12.41 -37.65
N PRO WA 136 53.11 -11.79 -38.33
CA PRO WA 136 52.67 -10.45 -37.95
C PRO WA 136 52.23 -10.42 -36.49
N PRO WA 137 52.00 -9.24 -35.94
CA PRO WA 137 51.67 -9.15 -34.52
C PRO WA 137 50.28 -9.70 -34.24
N GLY WA 138 50.10 -10.14 -32.99
CA GLY WA 138 48.91 -10.85 -32.59
C GLY WA 138 49.05 -12.35 -32.70
N ALA WA 139 49.80 -12.81 -33.68
CA ALA WA 139 50.09 -14.23 -33.85
C ALA WA 139 51.35 -14.55 -33.06
N GLY WA 140 51.26 -15.52 -32.16
CA GLY WA 140 52.41 -15.92 -31.39
C GLY WA 140 53.55 -16.35 -32.29
N VAL WA 141 54.67 -16.62 -31.64
CA VAL WA 141 55.82 -17.18 -32.37
C VAL WA 141 55.46 -18.59 -32.83
N PRO WA 142 55.65 -18.93 -34.11
CA PRO WA 142 55.33 -20.29 -34.55
C PRO WA 142 56.07 -21.33 -33.72
N LYS WA 143 55.35 -22.40 -33.36
CA LYS WA 143 55.90 -23.43 -32.49
C LYS WA 143 56.56 -24.56 -33.26
N ASN WA 144 56.04 -24.90 -34.45
CA ASN WA 144 56.58 -25.98 -35.25
C ASN WA 144 56.85 -25.47 -36.66
N ARG WA 145 57.66 -26.25 -37.39
CA ARG WA 145 57.84 -25.96 -38.81
C ARG WA 145 56.50 -25.97 -39.54
N LYS WA 146 55.63 -26.93 -39.19
CA LYS WA 146 54.31 -26.98 -39.79
C LYS WA 146 53.54 -25.69 -39.52
N ASP WA 147 53.55 -25.23 -38.26
CA ASP WA 147 52.85 -24.00 -37.92
C ASP WA 147 53.43 -22.80 -38.68
N ALA WA 148 54.76 -22.74 -38.78
CA ALA WA 148 55.40 -21.59 -39.43
C ALA WA 148 55.13 -21.57 -40.92
N MET WA 149 55.01 -22.72 -41.56
CA MET WA 149 54.76 -22.75 -43.00
C MET WA 149 53.32 -22.33 -43.38
N LEU WA 150 52.52 -21.86 -42.43
CA LEU WA 150 51.15 -21.43 -42.70
C LEU WA 150 51.00 -19.92 -42.75
N GLY WA 151 51.99 -19.18 -42.27
CA GLY WA 151 52.05 -17.75 -42.45
C GLY WA 151 53.08 -17.35 -43.48
N THR WA 152 53.30 -16.04 -43.58
CA THR WA 152 54.37 -15.53 -44.43
C THR WA 152 55.65 -16.31 -44.14
N HIS WA 153 56.12 -17.09 -45.11
CA HIS WA 153 57.29 -17.93 -44.92
C HIS WA 153 58.03 -18.08 -46.25
N VAL WA 154 59.29 -18.50 -46.16
CA VAL WA 154 60.18 -18.59 -47.30
C VAL WA 154 61.00 -19.87 -47.18
N ILE WA 155 61.04 -20.66 -48.25
CA ILE WA 155 61.92 -21.81 -48.34
C ILE WA 155 63.20 -21.36 -49.02
N TRP WA 156 64.28 -21.26 -48.25
CA TRP WA 156 65.57 -20.78 -48.72
C TRP WA 156 66.49 -21.97 -48.88
N ASP WA 157 66.82 -22.32 -50.13
CA ASP WA 157 67.76 -23.39 -50.41
C ASP WA 157 69.16 -22.80 -50.51
N VAL WA 158 70.04 -23.19 -49.59
CA VAL WA 158 71.43 -22.72 -49.58
C VAL WA 158 72.26 -23.39 -50.66
N GLY WA 159 71.68 -24.26 -51.48
CA GLY WA 159 72.41 -24.91 -52.54
C GLY WA 159 72.32 -24.13 -53.84
N LEU WA 160 71.11 -23.72 -54.19
CA LEU WA 160 70.92 -22.95 -55.42
C LEU WA 160 71.36 -21.50 -55.22
N GLN WA 161 70.94 -20.86 -54.13
CA GLN WA 161 71.31 -19.48 -53.85
C GLN WA 161 71.94 -19.39 -52.46
N SER WA 162 72.97 -18.55 -52.35
CA SER WA 162 73.68 -18.35 -51.09
C SER WA 162 73.08 -17.26 -50.22
N SER WA 163 72.45 -16.26 -50.85
CA SER WA 163 71.84 -15.15 -50.13
C SER WA 163 70.33 -15.16 -50.38
N CYS WA 164 69.58 -14.75 -49.37
CA CYS WA 164 68.13 -14.64 -49.48
C CYS WA 164 67.66 -13.43 -48.69
N VAL WA 165 66.84 -12.59 -49.33
CA VAL WA 165 66.36 -11.36 -48.72
C VAL WA 165 64.89 -11.52 -48.36
N LEU WA 166 64.59 -11.36 -47.08
CA LEU WA 166 63.23 -11.37 -46.56
C LEU WA 166 62.81 -9.94 -46.33
N CYS WA 167 61.75 -9.51 -47.02
CA CYS WA 167 61.29 -8.13 -46.95
C CYS WA 167 60.05 -8.08 -46.06
N VAL WA 168 60.25 -7.71 -44.79
CA VAL WA 168 59.17 -7.65 -43.81
C VAL WA 168 58.29 -6.46 -44.14
N PRO WA 169 56.98 -6.67 -44.31
CA PRO WA 169 56.08 -5.57 -44.68
C PRO WA 169 55.63 -4.76 -43.47
N TRP WA 170 55.03 -3.60 -43.78
CA TRP WA 170 54.47 -2.72 -42.77
C TRP WA 170 53.00 -3.08 -42.57
N ILE WA 171 52.72 -3.89 -41.55
CA ILE WA 171 51.37 -4.29 -41.20
C ILE WA 171 51.08 -3.68 -39.83
N SER WA 172 50.47 -2.50 -39.82
CA SER WA 172 50.31 -1.73 -38.59
C SER WA 172 48.95 -1.05 -38.56
N GLN WA 173 48.45 -0.85 -37.33
CA GLN WA 173 47.16 -0.20 -37.14
C GLN WA 173 47.21 1.28 -37.52
N THR WA 174 48.31 1.96 -37.19
CA THR WA 174 48.43 3.40 -37.32
C THR WA 174 49.34 3.76 -38.49
N HIS WA 175 49.39 5.06 -38.79
CA HIS WA 175 50.32 5.55 -39.80
C HIS WA 175 51.76 5.31 -39.39
N TYR WA 176 52.04 5.34 -38.08
CA TYR WA 176 53.38 5.15 -37.56
C TYR WA 176 53.33 4.19 -36.37
N ARG WA 177 54.52 3.78 -35.93
CA ARG WA 177 54.71 3.01 -34.72
C ARG WA 177 55.70 3.74 -33.82
N TYR WA 178 55.59 3.48 -32.52
CA TYR WA 178 56.59 4.00 -31.58
C TYR WA 178 57.90 3.24 -31.79
N VAL WA 179 59.01 3.97 -31.85
CA VAL WA 179 60.30 3.31 -31.85
C VAL WA 179 60.48 2.52 -30.56
N VAL WA 180 59.90 3.02 -29.46
CA VAL WA 180 59.90 2.30 -28.19
C VAL WA 180 58.74 1.32 -28.17
N GLU WA 181 58.93 0.21 -27.48
CA GLU WA 181 57.95 -0.88 -27.47
C GLU WA 181 57.21 -0.86 -26.14
N ASP WA 182 56.11 -0.10 -26.09
CA ASP WA 182 55.18 -0.19 -24.98
C ASP WA 182 54.40 -1.51 -24.97
N GLU WA 183 54.65 -2.39 -25.95
CA GLU WA 183 53.91 -3.60 -26.25
C GLU WA 183 52.63 -3.28 -27.02
N TYR WA 184 52.23 -2.01 -27.11
CA TYR WA 184 51.11 -1.61 -27.96
C TYR WA 184 51.54 -1.42 -29.41
N THR WA 185 52.84 -1.28 -29.67
CA THR WA 185 53.32 -1.29 -31.05
C THR WA 185 53.16 -2.69 -31.65
N ALA WA 186 53.47 -3.73 -30.87
CA ALA WA 186 53.29 -5.11 -31.29
C ALA WA 186 53.70 -5.26 -32.75
N ALA WA 187 55.01 -5.39 -33.00
CA ALA WA 187 55.49 -5.40 -34.37
C ALA WA 187 55.40 -6.78 -35.01
N GLY WA 188 55.74 -7.84 -34.27
CA GLY WA 188 55.67 -9.20 -34.75
C GLY WA 188 56.96 -9.93 -34.49
N TYR WA 189 57.06 -11.17 -35.00
CA TYR WA 189 58.23 -12.00 -34.74
C TYR WA 189 58.78 -12.57 -36.05
N ILE WA 190 60.10 -12.63 -36.16
CA ILE WA 190 60.79 -13.19 -37.31
C ILE WA 190 61.60 -14.40 -36.84
N THR WA 191 61.27 -15.57 -37.39
CA THR WA 191 61.81 -16.85 -36.94
C THR WA 191 62.42 -17.58 -38.12
N CYS WA 192 63.32 -18.52 -37.81
CA CYS WA 192 63.94 -19.36 -38.81
C CYS WA 192 63.92 -20.81 -38.34
N TRP WA 193 63.74 -21.73 -39.28
CA TRP WA 193 63.59 -23.14 -38.97
C TRP WA 193 64.36 -23.95 -40.00
N TYR WA 194 64.64 -25.20 -39.66
CA TYR WA 194 65.14 -26.14 -40.64
C TYR WA 194 64.01 -26.69 -41.48
N GLN WA 195 64.33 -27.07 -42.70
CA GLN WA 195 63.48 -27.89 -43.55
C GLN WA 195 64.19 -29.17 -43.94
N THR WA 196 65.50 -29.07 -44.09
CA THR WA 196 66.40 -30.16 -44.38
C THR WA 196 67.64 -29.94 -43.52
N ASN WA 197 68.26 -31.03 -43.09
CA ASN WA 197 69.51 -30.89 -42.34
C ASN WA 197 70.61 -30.56 -43.34
N ILE WA 198 71.45 -29.59 -42.99
CA ILE WA 198 72.52 -29.13 -43.87
C ILE WA 198 73.30 -30.33 -44.37
N VAL WA 199 73.14 -30.67 -45.64
CA VAL WA 199 73.81 -31.81 -46.24
C VAL WA 199 75.18 -31.37 -46.73
N VAL WA 200 76.20 -32.13 -46.36
CA VAL WA 200 77.58 -31.78 -46.70
C VAL WA 200 78.26 -33.03 -47.24
N PRO WA 201 79.22 -32.91 -48.17
CA PRO WA 201 79.96 -34.09 -48.61
C PRO WA 201 81.08 -34.43 -47.66
N ALA WA 202 81.93 -35.39 -48.05
CA ALA WA 202 83.06 -35.77 -47.22
C ALA WA 202 84.13 -34.69 -47.24
N ASP WA 203 84.84 -34.56 -46.12
CA ASP WA 203 86.01 -33.70 -46.00
C ASP WA 203 85.68 -32.22 -46.09
N VAL WA 204 84.52 -31.81 -45.59
CA VAL WA 204 84.24 -30.39 -45.36
C VAL WA 204 83.26 -30.28 -44.19
N GLN WA 205 83.29 -29.13 -43.53
CA GLN WA 205 82.65 -28.98 -42.22
C GLN WA 205 81.13 -29.01 -42.34
N SER WA 206 80.48 -29.66 -41.36
CA SER WA 206 79.04 -29.78 -41.26
C SER WA 206 78.40 -28.69 -40.42
N SER WA 207 79.21 -27.86 -39.76
CA SER WA 207 78.76 -26.73 -38.98
C SER WA 207 79.20 -25.46 -39.69
N CYS WA 208 78.24 -24.59 -39.99
CA CYS WA 208 78.48 -23.38 -40.75
C CYS WA 208 77.85 -22.20 -40.01
N ASP WA 209 78.00 -21.02 -40.61
CA ASP WA 209 77.45 -19.79 -40.03
C ASP WA 209 76.64 -19.06 -41.09
N ILE WA 210 75.71 -18.23 -40.59
CA ILE WA 210 74.93 -17.34 -41.43
C ILE WA 210 75.03 -15.94 -40.86
N LEU WA 211 75.07 -14.94 -41.74
CA LEU WA 211 75.09 -13.55 -41.33
C LEU WA 211 73.75 -12.90 -41.67
N CYS WA 212 73.30 -12.03 -40.77
CA CYS WA 212 72.04 -11.31 -40.91
C CYS WA 212 72.31 -9.81 -41.02
N PHE WA 213 71.63 -9.16 -41.97
CA PHE WA 213 71.77 -7.74 -42.23
C PHE WA 213 70.40 -7.09 -42.21
N VAL WA 214 70.33 -5.87 -41.67
CA VAL WA 214 69.10 -5.10 -41.58
C VAL WA 214 69.27 -3.80 -42.36
N SER WA 215 68.26 -3.47 -43.16
CA SER WA 215 68.19 -2.16 -43.81
C SER WA 215 66.72 -1.76 -43.92
N ALA WA 216 66.50 -0.51 -44.30
CA ALA WA 216 65.16 0.00 -44.52
C ALA WA 216 64.82 -0.03 -46.00
N CYS WA 217 63.51 -0.12 -46.30
CA CYS WA 217 63.02 -0.11 -47.66
C CYS WA 217 62.78 1.33 -48.14
N ASN WA 218 62.30 1.46 -49.37
CA ASN WA 218 62.02 2.78 -49.93
C ASN WA 218 60.85 3.49 -49.25
N ASP WA 219 60.10 2.79 -48.40
CA ASP WA 219 58.91 3.36 -47.78
C ASP WA 219 59.08 3.52 -46.28
N PHE WA 220 60.18 4.16 -45.86
CA PHE WA 220 60.55 4.25 -44.46
C PHE WA 220 60.77 5.70 -44.09
N SER WA 221 60.21 6.12 -42.95
CA SER WA 221 60.30 7.49 -42.50
C SER WA 221 60.25 7.54 -40.98
N VAL WA 222 60.89 8.57 -40.41
CA VAL WA 222 60.93 8.77 -38.98
C VAL WA 222 60.43 10.18 -38.66
N ARG WA 223 60.05 10.38 -37.41
CA ARG WA 223 59.30 11.57 -37.02
C ARG WA 223 59.60 11.94 -35.57
N MET WA 224 59.35 13.20 -35.24
CA MET WA 224 59.47 13.68 -33.87
C MET WA 224 60.86 13.43 -33.31
N LEU WA 225 61.82 14.26 -33.72
CA LEU WA 225 63.20 14.12 -33.26
C LEU WA 225 63.26 14.07 -31.75
N LYS WA 226 64.20 13.27 -31.24
CA LYS WA 226 64.45 13.18 -29.81
C LYS WA 226 65.90 12.76 -29.59
N ASP WA 227 66.30 12.68 -28.32
CA ASP WA 227 67.64 12.28 -27.96
C ASP WA 227 67.74 10.77 -27.81
N THR WA 228 68.90 10.22 -28.14
CA THR WA 228 69.11 8.79 -28.00
C THR WA 228 69.45 8.45 -26.55
N PRO WA 229 68.95 7.32 -26.03
CA PRO WA 229 69.28 6.96 -24.65
C PRO WA 229 70.65 6.31 -24.49
N PHE WA 230 71.35 6.05 -25.58
CA PHE WA 230 72.56 5.23 -25.51
C PHE WA 230 73.76 6.01 -24.96
N ILE WA 231 73.83 7.31 -25.21
CA ILE WA 231 74.95 8.12 -24.75
C ILE WA 231 74.56 8.83 -23.46
N ARG WA 232 75.47 8.86 -22.50
CA ARG WA 232 75.23 9.49 -21.20
C ARG WA 232 76.48 10.24 -20.77
N GLN WA 233 76.28 11.28 -19.97
CA GLN WA 233 77.38 12.11 -19.50
C GLN WA 233 77.27 12.40 -18.00
N SER XA 43 89.09 36.45 -52.32
CA SER XA 43 88.86 37.87 -52.61
C SER XA 43 89.48 38.74 -51.52
N ARG XA 44 89.73 40.01 -51.84
CA ARG XA 44 90.35 40.96 -50.93
C ARG XA 44 89.33 41.91 -50.31
N SER XA 45 88.11 41.45 -50.06
CA SER XA 45 87.07 42.32 -49.54
C SER XA 45 87.43 42.82 -48.13
N GLU XA 46 87.88 41.92 -47.26
CA GLU XA 46 88.14 42.31 -45.88
C GLU XA 46 89.36 43.20 -45.73
N SER XA 47 90.15 43.39 -46.79
CA SER XA 47 91.31 44.27 -46.75
C SER XA 47 91.01 45.66 -47.29
N SER XA 48 89.76 45.94 -47.63
CA SER XA 48 89.37 47.30 -47.98
C SER XA 48 89.50 48.20 -46.76
N ILE XA 49 89.65 49.50 -47.02
CA ILE XA 49 89.84 50.45 -45.93
C ILE XA 49 88.58 50.53 -45.07
N GLU XA 50 87.41 50.40 -45.68
CA GLU XA 50 86.17 50.44 -44.91
C GLU XA 50 86.13 49.33 -43.88
N ASN XA 51 86.41 48.09 -44.31
CA ASN XA 51 86.44 46.98 -43.36
C ASN XA 51 87.60 47.09 -42.38
N PHE XA 52 88.71 47.66 -42.83
CA PHE XA 52 89.88 47.80 -41.97
C PHE XA 52 89.59 48.69 -40.77
N LEU XA 53 88.91 49.81 -40.99
CA LEU XA 53 88.72 50.80 -39.92
C LEU XA 53 87.34 50.76 -39.29
N CYS XA 54 86.33 50.16 -39.93
CA CYS XA 54 84.94 50.23 -39.43
C CYS XA 54 84.71 49.13 -38.40
N ARG XA 55 85.31 49.34 -37.22
CA ARG XA 55 85.07 48.46 -36.08
C ARG XA 55 85.18 49.28 -34.80
N ALA XA 56 84.19 49.13 -33.92
CA ALA XA 56 84.15 49.93 -32.70
C ALA XA 56 85.37 49.63 -31.82
N ALA XA 57 85.85 50.67 -31.13
CA ALA XA 57 87.06 50.55 -30.33
C ALA XA 57 86.96 51.48 -29.13
N CYS XA 58 87.36 50.98 -27.96
CA CYS XA 58 87.34 51.78 -26.74
C CYS XA 58 88.46 52.82 -26.79
N VAL XA 59 88.10 54.08 -27.02
CA VAL XA 59 89.10 55.14 -27.13
C VAL XA 59 89.44 55.77 -25.78
N TYR XA 60 88.55 55.68 -24.80
CA TYR XA 60 88.68 56.40 -23.56
C TYR XA 60 87.60 55.91 -22.62
N TYR XA 61 87.93 55.78 -21.34
CA TYR XA 61 86.96 55.40 -20.33
C TYR XA 61 87.32 56.07 -19.03
N ALA XA 62 86.36 56.78 -18.45
CA ALA XA 62 86.60 57.53 -17.23
C ALA XA 62 85.38 57.41 -16.33
N THR XA 63 85.49 57.99 -15.13
CA THR XA 63 84.45 57.84 -14.11
C THR XA 63 83.95 59.20 -13.65
N TYR XA 64 82.70 59.22 -13.22
CA TYR XA 64 82.09 60.39 -12.60
C TYR XA 64 81.24 59.92 -11.43
N THR XA 65 81.02 60.84 -10.48
CA THR XA 65 80.43 60.48 -9.19
C THR XA 65 79.10 61.18 -8.98
N ASN XA 66 78.30 60.57 -8.10
CA ASN XA 66 76.96 61.04 -7.79
C ASN XA 66 77.00 62.20 -6.80
N ASN XA 67 77.74 62.06 -5.72
CA ASN XA 67 77.76 63.02 -4.63
C ASN XA 67 79.07 63.79 -4.66
N SER XA 68 79.06 64.92 -5.36
CA SER XA 68 80.19 65.86 -5.39
C SER XA 68 79.82 67.09 -6.22
N GLU XA 69 80.74 68.04 -6.34
CA GLU XA 69 80.57 69.17 -7.25
C GLU XA 69 81.32 68.99 -8.55
N LYS XA 70 82.32 68.09 -8.59
CA LYS XA 70 83.03 67.73 -9.80
C LYS XA 70 82.56 66.38 -10.34
N GLY XA 71 81.30 66.02 -10.08
CA GLY XA 71 80.78 64.71 -10.43
C GLY XA 71 80.43 64.54 -11.90
N TYR XA 72 81.10 65.30 -12.76
CA TYR XA 72 80.98 65.14 -14.19
C TYR XA 72 82.30 64.64 -14.78
N ALA XA 73 82.19 63.98 -15.93
CA ALA XA 73 83.34 63.49 -16.67
C ALA XA 73 83.51 64.30 -17.95
N GLU XA 74 84.74 64.27 -18.49
CA GLU XA 74 85.09 65.09 -19.63
C GLU XA 74 86.11 64.39 -20.50
N TRP XA 75 86.00 64.58 -21.81
CA TRP XA 75 86.97 64.04 -22.76
C TRP XA 75 87.00 64.91 -24.00
N VAL XA 76 88.18 65.47 -24.30
CA VAL XA 76 88.39 66.12 -25.59
C VAL XA 76 88.49 65.02 -26.65
N ILE XA 77 87.61 65.08 -27.65
CA ILE XA 77 87.56 64.01 -28.63
C ILE XA 77 88.86 64.04 -29.44
N ASN XA 78 89.72 63.07 -29.19
CA ASN XA 78 90.99 62.93 -29.89
C ASN XA 78 91.08 61.52 -30.44
N THR XA 79 91.82 61.37 -31.54
CA THR XA 79 92.03 60.08 -32.19
C THR XA 79 93.44 59.56 -31.99
N ARG XA 80 94.25 60.24 -31.18
CA ARG XA 80 95.60 59.82 -30.85
C ARG XA 80 95.69 59.32 -29.41
N GLN XA 81 94.55 59.17 -28.74
CA GLN XA 81 94.53 58.76 -27.34
C GLN XA 81 95.00 57.31 -27.19
N VAL XA 82 94.52 56.42 -28.05
CA VAL XA 82 94.80 54.99 -27.93
C VAL XA 82 95.72 54.54 -29.06
N ALA XA 83 96.59 53.57 -28.73
CA ALA XA 83 97.73 53.26 -29.58
C ALA XA 83 97.31 52.52 -30.86
N GLN XA 84 96.47 51.50 -30.74
CA GLN XA 84 96.13 50.69 -31.91
C GLN XA 84 95.38 51.52 -32.96
N LEU XA 85 94.34 52.23 -32.53
CA LEU XA 85 93.60 53.10 -33.45
C LEU XA 85 94.50 54.18 -34.03
N ARG XA 86 95.30 54.82 -33.17
CA ARG XA 86 96.21 55.85 -33.66
C ARG XA 86 97.12 55.31 -34.75
N ARG XA 87 97.68 54.12 -34.55
CA ARG XA 87 98.58 53.52 -35.53
C ARG XA 87 97.85 53.22 -36.83
N LYS XA 88 96.68 52.57 -36.73
CA LYS XA 88 95.93 52.24 -37.93
C LYS XA 88 95.59 53.48 -38.74
N LEU XA 89 95.16 54.55 -38.08
CA LEU XA 89 94.84 55.77 -38.79
C LEU XA 89 96.12 56.45 -39.31
N GLU XA 90 97.21 56.37 -38.55
CA GLU XA 90 98.46 56.98 -38.95
C GLU XA 90 99.07 56.30 -40.16
N LEU XA 91 98.62 55.09 -40.49
CA LEU XA 91 99.04 54.49 -41.75
C LEU XA 91 98.71 55.35 -42.97
N PHE XA 92 97.96 56.43 -42.79
CA PHE XA 92 97.61 57.35 -43.87
C PHE XA 92 97.86 58.78 -43.42
N THR XA 93 98.15 59.65 -44.39
CA THR XA 93 98.44 61.05 -44.07
C THR XA 93 97.18 61.88 -43.93
N TYR XA 94 96.17 61.63 -44.76
CA TYR XA 94 94.93 62.37 -44.74
C TYR XA 94 93.77 61.39 -44.69
N LEU XA 95 92.83 61.63 -43.78
CA LEU XA 95 91.68 60.78 -43.58
C LEU XA 95 90.41 61.63 -43.65
N ARG XA 96 89.29 60.95 -43.88
CA ARG XA 96 88.00 61.61 -44.01
C ARG XA 96 86.93 60.57 -43.73
N PHE XA 97 86.04 60.88 -42.80
CA PHE XA 97 85.05 59.89 -42.38
C PHE XA 97 84.03 60.54 -41.45
N ASP XA 98 82.85 59.94 -41.38
CA ASP XA 98 81.89 60.23 -40.34
C ASP XA 98 82.22 59.43 -39.09
N LEU XA 99 81.53 59.71 -37.99
CA LEU XA 99 81.81 59.00 -36.75
C LEU XA 99 80.56 58.42 -36.12
N GLU XA 100 80.68 57.21 -35.61
CA GLU XA 100 79.63 56.56 -34.83
C GLU XA 100 80.16 56.42 -33.40
N LEU XA 101 79.54 57.14 -32.46
CA LEU XA 101 79.92 57.11 -31.06
C LEU XA 101 78.89 56.29 -30.29
N THR XA 102 79.35 55.20 -29.68
CA THR XA 102 78.51 54.37 -28.82
C THR XA 102 79.06 54.43 -27.40
N PHE XA 103 78.19 54.68 -26.43
CA PHE XA 103 78.60 54.91 -25.05
C PHE XA 103 78.11 53.76 -24.16
N VAL XA 104 79.04 53.16 -23.43
CA VAL XA 104 78.74 52.07 -22.50
C VAL XA 104 78.89 52.64 -21.10
N ILE XA 105 77.77 52.89 -20.43
CA ILE XA 105 77.74 53.51 -19.12
C ILE XA 105 77.29 52.47 -18.11
N THR XA 106 78.14 52.20 -17.12
CA THR XA 106 77.83 51.28 -16.03
C THR XA 106 78.04 52.01 -14.70
N SER XA 107 77.09 51.84 -13.79
CA SER XA 107 77.12 52.46 -12.48
C SER XA 107 77.12 51.39 -11.41
N ALA XA 108 77.55 51.77 -10.21
CA ALA XA 108 77.73 50.79 -9.14
C ALA XA 108 77.50 51.43 -7.79
N GLN XA 109 77.04 50.60 -6.84
CA GLN XA 109 76.80 51.07 -5.49
C GLN XA 109 78.11 51.40 -4.79
N GLN XA 110 78.19 52.60 -4.22
CA GLN XA 110 79.33 53.05 -3.43
C GLN XA 110 79.02 52.94 -1.94
N PRO XA 111 80.05 52.99 -1.08
CA PRO XA 111 79.80 52.86 0.36
C PRO XA 111 78.78 53.89 0.83
N SER XA 112 77.95 53.48 1.79
CA SER XA 112 76.90 54.34 2.30
C SER XA 112 76.57 53.94 3.74
N THR XA 113 75.97 54.87 4.46
CA THR XA 113 75.60 54.69 5.86
C THR XA 113 74.17 55.19 6.04
N ALA XA 114 73.21 54.29 5.86
CA ALA XA 114 71.80 54.63 5.99
C ALA XA 114 71.04 53.35 6.33
N THR XA 115 69.79 53.53 6.77
CA THR XA 115 68.99 52.38 7.16
C THR XA 115 68.40 51.65 5.97
N SER XA 116 68.25 52.31 4.83
CA SER XA 116 67.68 51.67 3.66
C SER XA 116 68.02 52.51 2.44
N VAL XA 117 68.76 51.91 1.49
CA VAL XA 117 69.17 52.61 0.29
C VAL XA 117 68.41 52.03 -0.90
N ASP XA 118 67.30 52.68 -1.27
CA ASP XA 118 66.52 52.31 -2.45
C ASP XA 118 66.77 53.39 -3.50
N ALA XA 119 67.78 53.17 -4.32
CA ALA XA 119 68.11 54.13 -5.37
C ALA XA 119 67.19 53.92 -6.56
N PRO XA 120 66.45 54.95 -7.00
CA PRO XA 120 65.64 54.80 -8.21
C PRO XA 120 66.50 54.73 -9.46
N VAL XA 121 65.86 54.43 -10.58
CA VAL XA 121 66.57 54.27 -11.83
C VAL XA 121 67.38 55.53 -12.13
N GLN XA 122 68.59 55.34 -12.65
CA GLN XA 122 69.53 56.43 -12.88
C GLN XA 122 69.58 56.76 -14.37
N THR XA 123 69.47 58.05 -14.67
CA THR XA 123 69.63 58.56 -16.02
C THR XA 123 70.91 59.38 -16.11
N HIS XA 124 71.52 59.39 -17.30
CA HIS XA 124 72.74 60.13 -17.54
C HIS XA 124 72.56 61.04 -18.74
N GLN XA 125 73.31 62.14 -18.74
CA GLN XA 125 73.36 63.07 -19.86
C GLN XA 125 74.75 63.08 -20.46
N ILE XA 126 74.80 62.94 -21.78
CA ILE XA 126 76.03 62.98 -22.57
C ILE XA 126 75.93 64.21 -23.47
N MET XA 127 76.71 65.24 -23.18
CA MET XA 127 76.64 66.49 -23.93
C MET XA 127 77.86 66.63 -24.84
N TYR XA 128 77.64 66.98 -26.10
CA TYR XA 128 78.73 67.25 -27.03
C TYR XA 128 78.85 68.76 -27.19
N VAL XA 129 80.05 69.27 -26.93
CA VAL XA 129 80.36 70.69 -27.13
C VAL XA 129 81.21 70.79 -28.39
N PRO XA 130 80.63 71.15 -29.54
CA PRO XA 130 81.45 71.40 -30.73
C PRO XA 130 82.48 72.47 -30.45
N PRO XA 131 83.55 72.53 -31.24
CA PRO XA 131 84.59 73.53 -30.97
C PRO XA 131 84.04 74.94 -30.81
N GLY XA 132 84.24 75.53 -29.63
CA GLY XA 132 83.77 76.86 -29.33
C GLY XA 132 82.60 76.92 -28.38
N GLY XA 133 81.95 75.80 -28.10
CA GLY XA 133 80.77 75.80 -27.27
C GLY XA 133 81.06 76.01 -25.80
N PRO XA 134 80.02 76.19 -24.99
CA PRO XA 134 80.22 76.35 -23.55
C PRO XA 134 80.80 75.10 -22.93
N VAL XA 135 81.50 75.29 -21.82
CA VAL XA 135 82.25 74.23 -21.16
C VAL XA 135 81.72 74.09 -19.73
N PRO XA 136 81.13 72.95 -19.36
CA PRO XA 136 80.75 72.74 -17.95
C PRO XA 136 81.95 72.85 -17.03
N THR XA 137 81.86 73.77 -16.06
CA THR XA 137 82.83 73.85 -14.98
C THR XA 137 82.29 73.29 -13.67
N LYS XA 138 81.00 72.93 -13.62
CA LYS XA 138 80.35 72.42 -12.43
C LYS XA 138 79.25 71.46 -12.87
N VAL XA 139 78.83 70.58 -11.97
CA VAL XA 139 77.76 69.65 -12.32
C VAL XA 139 76.47 70.39 -12.57
N THR XA 140 76.30 71.58 -11.98
CA THR XA 140 75.09 72.36 -12.16
C THR XA 140 75.40 73.65 -12.91
N ASP XA 141 76.17 73.53 -13.98
CA ASP XA 141 76.60 74.67 -14.79
C ASP XA 141 75.54 75.02 -15.82
N TYR XA 142 75.64 76.23 -16.37
CA TYR XA 142 74.70 76.65 -17.41
C TYR XA 142 74.92 75.86 -18.69
N ALA XA 143 76.15 75.41 -18.94
CA ALA XA 143 76.44 74.70 -20.18
C ALA XA 143 75.53 73.48 -20.35
N TRP XA 144 75.27 72.75 -19.26
CA TRP XA 144 74.42 71.58 -19.36
C TRP XA 144 73.04 71.92 -19.93
N GLN XA 145 72.59 73.16 -19.73
CA GLN XA 145 71.32 73.63 -20.26
C GLN XA 145 71.59 74.60 -21.42
N THR XA 146 72.15 74.07 -22.49
CA THR XA 146 72.47 74.85 -23.68
C THR XA 146 71.62 74.37 -24.85
N SER XA 147 70.79 75.27 -25.37
CA SER XA 147 69.89 74.93 -26.46
C SER XA 147 70.64 74.32 -27.64
N THR XA 148 71.84 74.82 -27.94
CA THR XA 148 72.53 74.45 -29.17
C THR XA 148 73.38 73.20 -29.02
N ASN XA 149 74.07 73.03 -27.89
CA ASN XA 149 74.92 71.87 -27.70
C ASN XA 149 74.09 70.59 -27.73
N PRO XA 150 74.30 69.70 -28.70
CA PRO XA 150 73.53 68.44 -28.70
C PRO XA 150 73.84 67.65 -27.45
N SER XA 151 72.84 66.93 -26.97
CA SER XA 151 73.02 66.12 -25.78
C SER XA 151 72.03 64.96 -25.80
N VAL XA 152 72.47 63.87 -25.19
CA VAL XA 152 71.72 62.62 -25.14
C VAL XA 152 71.31 62.38 -23.69
N PHE XA 153 70.07 61.95 -23.51
CA PHE XA 153 69.57 61.53 -22.20
C PHE XA 153 69.27 60.04 -22.28
N TRP XA 154 70.01 59.26 -21.51
CA TRP XA 154 69.91 57.80 -21.58
C TRP XA 154 69.73 57.24 -20.18
N THR XA 155 68.75 56.35 -20.03
CA THR XA 155 68.46 55.73 -18.74
C THR XA 155 69.12 54.35 -18.67
N GLU XA 156 69.69 54.03 -17.51
CA GLU XA 156 70.35 52.74 -17.36
C GLU XA 156 69.35 51.61 -17.61
N GLY XA 157 69.86 50.51 -18.16
CA GLY XA 157 69.05 49.36 -18.44
C GLY XA 157 68.48 49.28 -19.84
N ASN XA 158 68.84 50.21 -20.72
CA ASN XA 158 68.43 50.20 -22.12
C ASN XA 158 69.65 49.95 -23.01
N ALA XA 159 69.40 49.87 -24.31
CA ALA XA 159 70.51 49.71 -25.23
C ALA XA 159 71.48 50.87 -25.06
N PRO XA 160 72.78 50.63 -25.17
CA PRO XA 160 73.75 51.72 -25.02
C PRO XA 160 73.42 52.85 -25.99
N PRO XA 161 73.52 54.10 -25.56
CA PRO XA 161 73.22 55.20 -26.49
C PRO XA 161 74.26 55.29 -27.59
N ARG XA 162 73.78 55.65 -28.78
CA ARG XA 162 74.62 55.74 -29.97
C ARG XA 162 74.21 56.98 -30.74
N MET XA 163 75.21 57.70 -31.23
CA MET XA 163 74.99 58.93 -31.97
C MET XA 163 76.14 59.12 -32.95
N SER XA 164 75.80 59.42 -34.19
CA SER XA 164 76.83 59.72 -35.18
C SER XA 164 77.07 61.23 -35.23
N ILE XA 165 78.28 61.60 -35.62
CA ILE XA 165 78.70 62.98 -35.74
C ILE XA 165 79.33 63.17 -37.11
N PRO XA 166 78.91 64.19 -37.88
CA PRO XA 166 79.43 64.37 -39.23
C PRO XA 166 80.87 64.84 -39.29
N PHE XA 167 81.35 65.06 -40.52
CA PHE XA 167 82.70 65.54 -40.79
C PHE XA 167 82.78 67.00 -40.40
N ILE XA 168 83.37 67.29 -39.25
CA ILE XA 168 83.27 68.58 -38.60
C ILE XA 168 84.49 69.46 -38.92
N SER XA 169 85.18 69.19 -40.01
CA SER XA 169 86.39 69.90 -40.35
C SER XA 169 86.13 70.96 -41.40
N ILE XA 170 87.03 71.95 -41.43
CA ILE XA 170 86.93 73.02 -42.41
C ILE XA 170 87.66 72.65 -43.70
N GLY XA 171 88.72 71.85 -43.62
CA GLY XA 171 89.43 71.42 -44.80
C GLY XA 171 88.75 70.24 -45.49
N ASN XA 172 89.27 69.88 -46.65
CA ASN XA 172 88.69 68.82 -47.46
C ASN XA 172 89.08 67.44 -46.96
N ALA XA 173 89.75 67.34 -45.81
CA ALA XA 173 90.09 66.05 -45.23
C ALA XA 173 90.75 66.25 -43.86
N TYR XA 174 90.54 65.27 -42.97
CA TYR XA 174 91.25 65.28 -41.68
C TYR XA 174 92.75 65.07 -41.92
N SER XA 175 93.56 65.72 -41.09
CA SER XA 175 95.01 65.63 -41.19
C SER XA 175 95.55 64.82 -40.02
N CYS XA 176 96.26 63.73 -40.33
CA CYS XA 176 96.91 62.94 -39.29
C CYS XA 176 98.27 63.49 -38.92
N PHE XA 177 98.93 64.18 -39.85
CA PHE XA 177 100.25 64.76 -39.61
C PHE XA 177 100.26 66.17 -40.20
N TYR XA 178 101.10 67.03 -39.61
CA TYR XA 178 101.19 68.42 -40.04
C TYR XA 178 102.62 68.88 -39.80
N ASP XA 179 103.37 69.03 -40.89
CA ASP XA 179 104.75 69.51 -40.80
C ASP XA 179 104.79 71.05 -40.80
N GLY XA 180 104.17 71.63 -39.78
CA GLY XA 180 104.09 73.07 -39.70
C GLY XA 180 103.69 73.54 -38.32
N TRP XA 181 103.40 74.83 -38.23
CA TRP XA 181 103.03 75.49 -36.99
C TRP XA 181 101.62 76.06 -37.10
N THR XA 182 101.11 76.56 -35.97
CA THR XA 182 99.82 77.24 -35.94
C THR XA 182 99.93 78.71 -36.28
N GLN XA 183 101.05 79.34 -35.93
CA GLN XA 183 101.32 80.74 -36.19
C GLN XA 183 102.28 80.88 -37.37
N PHE XA 184 102.08 81.92 -38.16
CA PHE XA 184 102.94 82.16 -39.32
C PHE XA 184 104.37 82.48 -38.93
N SER XA 185 104.63 82.76 -37.65
CA SER XA 185 105.96 83.07 -37.15
C SER XA 185 106.81 81.84 -36.87
N ARG XA 186 106.42 80.66 -37.36
CA ARG XA 186 107.08 79.41 -36.98
C ARG XA 186 107.15 79.28 -35.47
N ASN XA 187 106.09 79.74 -34.80
CA ASN XA 187 106.01 79.77 -33.35
C ASN XA 187 104.60 79.36 -32.94
N GLY XA 188 104.31 79.46 -31.65
CA GLY XA 188 103.07 78.94 -31.12
C GLY XA 188 103.17 77.45 -30.82
N VAL XA 189 102.60 76.62 -31.69
CA VAL XA 189 102.64 75.18 -31.57
C VAL XA 189 103.22 74.59 -32.85
N TYR XA 190 104.01 73.53 -32.71
CA TYR XA 190 104.53 72.78 -33.85
C TYR XA 190 103.96 71.37 -33.82
N GLY XA 191 103.12 71.05 -34.79
CA GLY XA 191 102.65 69.70 -34.97
C GLY XA 191 101.20 69.69 -35.35
N ILE XA 192 100.54 68.56 -35.11
CA ILE XA 192 99.15 68.36 -35.47
C ILE XA 192 98.24 69.14 -34.52
N ASN XA 193 98.83 69.88 -33.60
CA ASN XA 193 98.07 70.71 -32.66
C ASN XA 193 97.78 72.09 -33.24
N THR XA 194 97.29 72.13 -34.49
CA THR XA 194 96.90 73.39 -35.11
C THR XA 194 95.66 73.30 -36.00
N LEU XA 195 95.37 72.16 -36.63
CA LEU XA 195 94.30 72.07 -37.62
C LEU XA 195 93.10 71.29 -37.10
N ASN XA 196 93.26 69.99 -36.87
CA ASN XA 196 92.13 69.15 -36.48
C ASN XA 196 91.55 69.58 -35.13
N ASN XA 197 90.23 69.55 -35.04
CA ASN XA 197 89.53 69.94 -33.81
C ASN XA 197 88.16 69.27 -33.84
N MET XA 198 87.94 68.32 -32.92
CA MET XA 198 86.74 67.50 -32.95
C MET XA 198 85.79 67.77 -31.79
N GLY XA 199 86.09 68.78 -30.96
CA GLY XA 199 85.20 69.15 -29.87
C GLY XA 199 85.44 68.37 -28.60
N THR XA 200 84.62 68.69 -27.59
CA THR XA 200 84.71 68.03 -26.29
C THR XA 200 83.41 67.31 -25.98
N LEU XA 201 83.47 66.41 -24.99
CA LEU XA 201 82.34 65.53 -24.65
C LEU XA 201 82.25 65.41 -23.14
N TYR XA 202 81.12 65.81 -22.57
CA TYR XA 202 80.90 65.84 -21.13
C TYR XA 202 79.83 64.83 -20.72
N MET XA 203 79.93 64.37 -19.48
CA MET XA 203 79.10 63.29 -18.95
C MET XA 203 78.63 63.66 -17.54
N ARG XA 204 77.37 63.37 -17.22
CA ARG XA 204 76.94 63.59 -15.85
C ARG XA 204 75.73 62.74 -15.50
N HIS XA 205 75.50 62.59 -14.20
CA HIS XA 205 74.25 62.02 -13.70
C HIS XA 205 73.15 63.06 -13.79
N VAL XA 206 72.01 62.67 -14.35
CA VAL XA 206 70.86 63.58 -14.39
C VAL XA 206 70.05 63.47 -13.11
N ASN XA 207 69.91 62.26 -12.58
CA ASN XA 207 69.17 62.07 -11.35
C ASN XA 207 69.94 62.62 -10.15
N GLU XA 208 69.21 62.91 -9.08
CA GLU XA 208 69.79 63.41 -7.85
C GLU XA 208 70.03 62.24 -6.90
N ALA XA 209 70.71 62.52 -5.79
CA ALA XA 209 71.07 61.50 -4.82
C ALA XA 209 70.65 61.94 -3.43
N GLY XA 210 70.07 61.01 -2.67
CA GLY XA 210 69.70 61.29 -1.31
C GLY XA 210 70.70 60.72 -0.31
N GLN XA 211 70.97 59.42 -0.40
CA GLN XA 211 71.90 58.76 0.52
C GLN XA 211 73.04 58.08 -0.21
N GLY XA 212 72.75 57.11 -1.08
CA GLY XA 212 73.78 56.29 -1.68
C GLY XA 212 74.54 56.99 -2.79
N PRO XA 213 75.84 57.15 -2.63
CA PRO XA 213 76.66 57.65 -3.74
C PRO XA 213 76.79 56.57 -4.81
N ILE XA 214 77.04 57.00 -6.03
CA ILE XA 214 77.14 56.11 -7.18
C ILE XA 214 78.26 56.60 -8.08
N LYS XA 215 79.25 55.75 -8.33
CA LYS XA 215 80.31 56.05 -9.27
C LYS XA 215 80.05 55.27 -10.55
N SER XA 216 80.09 55.98 -11.69
CA SER XA 216 79.81 55.37 -12.98
C SER XA 216 81.01 55.56 -13.89
N THR XA 217 81.14 54.65 -14.86
CA THR XA 217 82.26 54.65 -15.80
C THR XA 217 81.70 54.68 -17.21
N VAL XA 218 81.99 55.74 -17.94
CA VAL XA 218 81.62 55.85 -19.34
C VAL XA 218 82.79 55.39 -20.17
N ARG XA 219 82.48 54.62 -21.22
CA ARG XA 219 83.44 54.10 -22.19
C ARG XA 219 83.00 54.56 -23.58
N ILE XA 220 83.81 55.38 -24.24
CA ILE XA 220 83.49 55.86 -25.57
C ILE XA 220 83.99 54.85 -26.59
N TYR XA 221 83.23 54.69 -27.69
CA TYR XA 221 83.61 53.78 -28.76
C TYR XA 221 83.57 54.49 -30.10
N PHE XA 222 84.64 54.31 -30.87
CA PHE XA 222 84.95 55.05 -32.08
C PHE XA 222 84.82 54.11 -33.27
N LYS XA 223 84.02 54.51 -34.27
CA LYS XA 223 83.87 53.73 -35.50
C LYS XA 223 83.77 54.66 -36.68
N PRO XA 224 84.88 54.88 -37.40
CA PRO XA 224 84.81 55.66 -38.64
C PRO XA 224 83.94 54.97 -39.68
N LYS XA 225 82.92 55.68 -40.15
CA LYS XA 225 82.07 55.20 -41.23
C LYS XA 225 82.35 56.01 -42.49
N HIS XA 226 82.13 55.39 -43.65
CA HIS XA 226 82.29 56.04 -44.94
C HIS XA 226 83.65 56.75 -45.00
N VAL XA 227 84.70 55.93 -44.96
CA VAL XA 227 86.05 56.40 -44.77
C VAL XA 227 86.72 56.64 -46.11
N LYS XA 228 87.58 57.67 -46.15
CA LYS XA 228 88.43 57.94 -47.30
C LYS XA 228 89.81 58.32 -46.78
N ALA XA 229 90.84 57.62 -47.28
CA ALA XA 229 92.22 57.86 -46.86
C ALA XA 229 93.10 58.16 -48.05
N TRP XA 230 94.14 58.97 -47.82
CA TRP XA 230 95.04 59.39 -48.88
C TRP XA 230 96.48 59.32 -48.40
N VAL XA 231 97.39 59.15 -49.35
CA VAL XA 231 98.83 59.26 -49.11
C VAL XA 231 99.24 58.29 -48.01
N PRO XA 232 99.43 57.01 -48.32
CA PRO XA 232 99.86 56.07 -47.29
C PRO XA 232 101.28 56.34 -46.85
N ARG XA 233 101.59 55.96 -45.62
CA ARG XA 233 102.89 56.21 -45.01
C ARG XA 233 103.30 55.01 -44.18
N PRO XA 234 104.58 54.89 -43.87
CA PRO XA 234 105.05 53.68 -43.19
C PRO XA 234 104.35 53.49 -41.86
N PRO XA 235 104.21 52.26 -41.40
CA PRO XA 235 103.59 52.02 -40.10
C PRO XA 235 104.46 52.52 -38.97
N ARG XA 236 103.80 52.92 -37.87
CA ARG XA 236 104.52 53.34 -36.68
C ARG XA 236 105.40 52.19 -36.19
N LEU XA 237 106.65 52.51 -35.90
CA LEU XA 237 107.61 51.53 -35.39
C LEU XA 237 107.84 51.69 -33.89
N CYS XA 238 108.33 52.85 -33.48
CA CYS XA 238 108.64 53.12 -32.08
C CYS XA 238 107.36 53.38 -31.29
N GLN XA 239 107.37 52.95 -30.03
CA GLN XA 239 106.18 53.10 -29.20
C GLN XA 239 105.82 54.57 -29.04
N TYR XA 240 104.52 54.83 -28.98
CA TYR XA 240 104.04 56.20 -28.81
C TYR XA 240 104.46 56.73 -27.44
N GLU XA 241 104.74 58.03 -27.40
CA GLU XA 241 105.19 58.70 -26.18
C GLU XA 241 104.20 59.74 -25.67
N LYS XA 242 103.61 60.53 -26.57
CA LYS XA 242 102.61 61.52 -26.20
C LYS XA 242 101.57 61.58 -27.29
N GLN XA 243 100.32 61.86 -26.91
CA GLN XA 243 99.24 61.92 -27.89
C GLN XA 243 99.29 63.20 -28.73
N LYS XA 244 100.05 64.20 -28.31
CA LYS XA 244 100.02 65.52 -28.92
C LYS XA 244 101.21 65.81 -29.82
N ASN XA 245 102.02 64.81 -30.14
CA ASN XA 245 103.18 65.05 -30.98
C ASN XA 245 103.75 63.73 -31.47
N VAL XA 246 104.62 63.82 -32.48
CA VAL XA 246 105.28 62.65 -33.03
C VAL XA 246 106.46 62.18 -32.20
N ASN XA 247 106.88 62.97 -31.21
CA ASN XA 247 108.11 62.69 -30.46
C ASN XA 247 108.26 61.20 -30.22
N PHE XA 248 109.40 60.65 -30.62
CA PHE XA 248 109.67 59.23 -30.52
C PHE XA 248 111.07 59.01 -29.96
N THR XA 249 111.26 57.83 -29.37
CA THR XA 249 112.58 57.42 -28.93
C THR XA 249 113.12 56.40 -29.92
N PRO XA 250 114.29 56.62 -30.52
CA PRO XA 250 114.73 55.75 -31.61
C PRO XA 250 114.76 54.28 -31.18
N THR XA 251 114.26 53.43 -32.06
CA THR XA 251 114.16 52.00 -31.82
C THR XA 251 114.82 51.25 -32.95
N GLY XA 252 115.09 49.97 -32.72
CA GLY XA 252 115.69 49.14 -33.74
C GLY XA 252 114.75 48.86 -34.89
N VAL XA 253 115.34 48.38 -35.98
CA VAL XA 253 114.57 48.12 -37.20
C VAL XA 253 113.59 46.97 -36.97
N THR XA 254 114.05 45.87 -36.38
CA THR XA 254 113.20 44.70 -36.16
C THR XA 254 113.85 43.82 -35.10
N THR XA 255 113.22 42.68 -34.85
CA THR XA 255 113.81 41.69 -33.95
C THR XA 255 115.10 41.13 -34.57
N THR XA 256 115.99 40.65 -33.71
CA THR XA 256 117.35 40.30 -34.10
C THR XA 256 117.54 38.80 -34.17
N ARG XA 257 118.44 38.38 -35.07
CA ARG XA 257 118.93 37.00 -35.13
C ARG XA 257 120.45 37.05 -35.10
N VAL XA 258 121.08 35.86 -35.11
CA VAL XA 258 122.53 35.79 -34.96
C VAL XA 258 123.22 35.95 -36.30
N GLY XA 259 123.02 34.98 -37.19
CA GLY XA 259 123.66 35.01 -38.49
C GLY XA 259 122.66 35.07 -39.63
N ILE XA 260 123.11 35.50 -40.81
CA ILE XA 260 122.18 35.66 -41.92
C ILE XA 260 121.69 34.33 -42.46
N THR XA 261 122.36 33.23 -42.11
CA THR XA 261 121.92 31.89 -42.48
C THR XA 261 121.07 31.22 -41.40
N THR XA 262 121.07 31.76 -40.19
CA THR XA 262 120.32 31.17 -39.07
C THR XA 262 118.82 31.31 -39.35
N THR XA 263 118.19 30.19 -39.73
CA THR XA 263 116.77 30.18 -40.09
C THR XA 263 115.90 30.80 -39.00
N ARG YA 14 119.98 65.84 -72.91
CA ARG YA 14 119.24 66.63 -73.90
C ARG YA 14 118.86 67.98 -73.33
N SER YA 15 118.88 69.02 -74.18
CA SER YA 15 118.59 70.37 -73.74
C SER YA 15 117.18 70.47 -73.16
N ILE YA 16 117.07 71.13 -72.00
CA ILE YA 16 115.78 71.37 -71.36
C ILE YA 16 115.77 72.79 -70.84
N THR YA 17 115.28 73.73 -71.64
CA THR YA 17 115.28 75.15 -71.29
C THR YA 17 113.90 75.54 -70.80
N LEU YA 18 113.71 75.47 -69.48
CA LEU YA 18 112.49 75.91 -68.82
C LEU YA 18 112.72 77.32 -68.29
N GLY YA 19 112.11 78.31 -68.93
CA GLY YA 19 112.27 79.69 -68.51
C GLY YA 19 113.63 80.25 -68.84
N ASN YA 20 114.41 80.63 -67.82
CA ASN YA 20 115.74 81.18 -68.00
C ASN YA 20 116.83 80.20 -67.58
N SER YA 21 116.54 78.91 -67.54
CA SER YA 21 117.47 77.89 -67.10
C SER YA 21 117.54 76.81 -68.17
N THR YA 22 118.49 75.88 -68.01
CA THR YA 22 118.67 74.83 -69.01
C THR YA 22 119.38 73.65 -68.35
N ILE YA 23 118.65 72.55 -68.17
CA ILE YA 23 119.20 71.32 -67.60
C ILE YA 23 119.33 70.28 -68.71
N THR YA 24 120.19 69.30 -68.48
CA THR YA 24 120.39 68.21 -69.43
C THR YA 24 120.17 66.86 -68.77
N THR YA 25 119.73 65.90 -69.56
CA THR YA 25 119.56 64.52 -69.12
C THR YA 25 119.21 63.67 -70.34
N GLN YA 26 119.83 62.50 -70.45
CA GLN YA 26 119.51 61.59 -71.54
C GLN YA 26 118.03 61.24 -71.49
N GLU YA 27 117.41 61.14 -72.66
CA GLU YA 27 115.98 60.83 -72.77
C GLU YA 27 115.76 59.33 -72.53
N CYS YA 28 116.16 58.90 -71.33
CA CYS YA 28 115.98 57.52 -70.90
C CYS YA 28 115.59 57.39 -69.44
N ALA YA 29 115.85 58.39 -68.59
CA ALA YA 29 115.56 58.24 -67.17
C ALA YA 29 114.07 58.17 -66.93
N ASN YA 30 113.65 57.21 -66.10
CA ASN YA 30 112.24 57.07 -65.77
C ASN YA 30 111.84 58.18 -64.80
N VAL YA 31 110.79 58.92 -65.17
CA VAL YA 31 110.26 59.99 -64.32
C VAL YA 31 109.18 59.39 -63.43
N VAL YA 32 109.34 59.56 -62.12
CA VAL YA 32 108.35 59.07 -61.17
C VAL YA 32 107.35 60.19 -60.94
N VAL YA 33 106.13 60.01 -61.41
CA VAL YA 33 105.10 61.05 -61.34
C VAL YA 33 104.31 60.81 -60.06
N GLY YA 34 104.82 61.37 -58.96
CA GLY YA 34 104.11 61.40 -57.69
C GLY YA 34 103.19 60.24 -57.45
N TYR YA 35 101.92 60.55 -57.17
CA TYR YA 35 100.88 59.54 -56.99
C TYR YA 35 100.06 59.35 -58.26
N GLY YA 36 100.74 59.34 -59.40
CA GLY YA 36 100.09 59.22 -60.68
C GLY YA 36 99.42 60.47 -61.19
N VAL YA 37 99.62 61.61 -60.53
CA VAL YA 37 98.95 62.86 -60.87
C VAL YA 37 100.01 63.87 -61.28
N TRP YA 38 99.79 64.53 -62.42
CA TRP YA 38 100.68 65.59 -62.91
C TRP YA 38 100.27 66.93 -62.29
N PRO YA 39 101.24 67.75 -61.88
CA PRO YA 39 100.89 69.04 -61.27
C PRO YA 39 99.92 69.83 -62.14
N GLU YA 40 98.88 70.37 -61.51
CA GLU YA 40 97.88 71.17 -62.22
C GLU YA 40 97.42 72.30 -61.30
N TYR YA 41 96.76 73.28 -61.92
CA TYR YA 41 96.23 74.41 -61.16
C TYR YA 41 94.95 74.01 -60.45
N LEU YA 42 94.45 74.91 -59.61
CA LEU YA 42 93.26 74.64 -58.80
C LEU YA 42 92.01 74.62 -59.67
N GLU YA 50 88.50 83.37 -53.70
CA GLU YA 50 87.64 84.20 -54.53
C GLU YA 50 88.41 84.73 -55.75
N ASP YA 51 89.19 85.79 -55.54
CA ASP YA 51 90.01 86.34 -56.61
C ASP YA 51 91.00 85.29 -57.10
N GLN YA 52 90.86 84.88 -58.35
CA GLN YA 52 91.70 83.84 -58.93
C GLN YA 52 93.18 84.12 -58.64
N PRO YA 53 93.88 83.23 -57.94
CA PRO YA 53 95.24 83.56 -57.51
C PRO YA 53 96.19 83.82 -58.68
N THR YA 54 97.18 84.67 -58.44
CA THR YA 54 98.17 85.02 -59.45
C THR YA 54 98.98 83.79 -59.84
N GLN YA 55 99.59 83.86 -61.03
CA GLN YA 55 100.39 82.76 -61.57
C GLN YA 55 101.60 83.35 -62.28
N PRO YA 56 102.75 83.44 -61.61
CA PRO YA 56 103.95 84.00 -62.26
C PRO YA 56 104.35 83.28 -63.55
N ASP YA 57 103.80 82.09 -63.82
CA ASP YA 57 104.01 81.39 -65.08
C ASP YA 57 105.42 80.85 -65.23
N VAL YA 58 106.39 81.74 -65.45
CA VAL YA 58 107.79 81.34 -65.61
C VAL YA 58 108.66 81.91 -64.50
N ALA YA 59 108.40 83.15 -64.07
CA ALA YA 59 109.12 83.70 -62.93
C ALA YA 59 109.22 82.70 -61.78
N THR YA 60 108.22 81.83 -61.65
CA THR YA 60 108.21 80.74 -60.69
C THR YA 60 108.60 79.41 -61.31
N CYS YA 61 108.11 79.10 -62.52
CA CYS YA 61 108.39 77.83 -63.17
C CYS YA 61 109.73 77.91 -63.89
N ARG YA 62 110.80 77.67 -63.13
CA ARG YA 62 112.14 77.60 -63.69
C ARG YA 62 113.00 76.73 -62.77
N PHE YA 63 114.09 76.21 -63.33
CA PHE YA 63 114.93 75.23 -62.65
C PHE YA 63 115.82 75.92 -61.64
N TYR YA 64 115.41 75.94 -60.36
CA TYR YA 64 116.24 76.43 -59.28
C TYR YA 64 117.12 75.30 -58.76
N THR YA 65 118.44 75.45 -58.92
CA THR YA 65 119.40 74.44 -58.48
C THR YA 65 119.96 74.86 -57.12
N LEU YA 66 119.63 74.09 -56.09
CA LEU YA 66 120.11 74.39 -54.74
C LEU YA 66 121.60 74.08 -54.64
N GLU YA 67 122.17 74.35 -53.47
CA GLU YA 67 123.58 74.08 -53.27
C GLU YA 67 123.87 72.60 -53.45
N SER YA 68 125.04 72.31 -53.99
CA SER YA 68 125.49 70.93 -54.11
C SER YA 68 126.02 70.43 -52.77
N VAL YA 69 125.92 69.12 -52.56
CA VAL YA 69 126.41 68.50 -51.34
C VAL YA 69 127.33 67.36 -51.76
N GLN YA 70 128.26 67.00 -50.87
CA GLN YA 70 129.23 65.95 -51.15
C GLN YA 70 128.81 64.65 -50.47
N TRP YA 71 128.78 63.58 -51.24
CA TRP YA 71 128.54 62.24 -50.75
C TRP YA 71 129.88 61.62 -50.39
N MET YA 72 130.04 61.28 -49.11
CA MET YA 72 131.23 60.64 -48.57
C MET YA 72 130.83 59.29 -48.01
N LYS YA 73 131.84 58.49 -47.65
CA LYS YA 73 131.57 57.15 -47.15
C LYS YA 73 130.78 57.15 -45.86
N ASN YA 74 130.75 58.27 -45.15
CA ASN YA 74 130.10 58.35 -43.85
C ASN YA 74 128.74 59.02 -43.89
N SER YA 75 128.38 59.66 -45.01
CA SER YA 75 127.14 60.42 -45.07
C SER YA 75 125.96 59.57 -44.64
N ALA YA 76 125.16 60.12 -43.73
CA ALA YA 76 123.98 59.44 -43.23
C ALA YA 76 122.73 59.76 -44.05
N GLY YA 77 122.65 60.96 -44.59
CA GLY YA 77 121.53 61.36 -45.41
C GLY YA 77 121.30 62.86 -45.30
N TRP YA 78 120.44 63.35 -46.19
CA TRP YA 78 120.11 64.76 -46.26
C TRP YA 78 118.62 64.93 -46.41
N TRP YA 79 118.11 66.09 -45.99
CA TRP YA 79 116.73 66.45 -46.24
C TRP YA 79 116.60 67.95 -46.42
N TRP YA 80 115.58 68.31 -47.22
CA TRP YA 80 115.19 69.69 -47.49
C TRP YA 80 113.68 69.84 -47.33
N LYS YA 81 113.27 70.91 -46.65
CA LYS YA 81 111.87 71.32 -46.63
C LYS YA 81 111.59 72.20 -47.85
N LEU YA 82 110.54 71.85 -48.60
CA LEU YA 82 110.44 72.33 -49.99
C LEU YA 82 110.08 73.79 -50.07
N PRO YA 83 108.90 74.25 -49.62
CA PRO YA 83 108.61 75.68 -49.65
C PRO YA 83 109.71 76.49 -48.99
N ASP YA 84 110.22 76.01 -47.86
CA ASP YA 84 111.33 76.65 -47.17
C ASP YA 84 112.69 76.21 -47.72
N ALA YA 85 112.72 75.56 -48.89
CA ALA YA 85 113.95 75.38 -49.64
C ALA YA 85 114.08 76.39 -50.76
N LEU YA 86 112.99 76.62 -51.49
CA LEU YA 86 112.99 77.68 -52.50
C LEU YA 86 112.45 79.01 -51.95
N SER YA 87 112.31 79.12 -50.63
CA SER YA 87 111.85 80.37 -50.04
C SER YA 87 112.79 81.52 -50.32
N GLN YA 88 114.09 81.26 -50.40
CA GLN YA 88 115.09 82.29 -50.62
C GLN YA 88 115.59 82.33 -52.06
N MET YA 89 114.96 81.57 -52.96
CA MET YA 89 115.41 81.47 -54.34
C MET YA 89 114.48 82.29 -55.24
N GLY YA 90 114.92 83.51 -55.57
CA GLY YA 90 114.31 84.28 -56.64
C GLY YA 90 112.85 84.69 -56.42
N LEU YA 91 112.16 84.85 -57.55
CA LEU YA 91 110.79 85.35 -57.55
C LEU YA 91 109.82 84.36 -56.91
N PHE YA 92 110.18 83.07 -56.86
CA PHE YA 92 109.42 82.15 -56.02
C PHE YA 92 109.38 82.67 -54.58
N GLY YA 93 110.55 83.03 -54.04
CA GLY YA 93 110.59 83.59 -52.71
C GLY YA 93 109.84 84.90 -52.61
N GLN YA 94 109.94 85.74 -53.64
CA GLN YA 94 109.23 87.02 -53.59
C GLN YA 94 107.72 86.81 -53.49
N ASN YA 95 107.15 86.02 -54.40
CA ASN YA 95 105.71 85.73 -54.33
C ASN YA 95 105.35 85.07 -53.00
N MET YA 96 106.20 84.16 -52.53
CA MET YA 96 105.94 83.48 -51.27
C MET YA 96 105.85 84.46 -50.11
N GLN YA 97 106.73 85.47 -50.11
CA GLN YA 97 106.72 86.44 -49.02
C GLN YA 97 105.54 87.39 -49.12
N TYR YA 98 105.18 87.80 -50.33
CA TYR YA 98 104.16 88.83 -50.48
C TYR YA 98 102.73 88.28 -50.55
N HIS YA 99 102.54 86.97 -50.65
CA HIS YA 99 101.20 86.40 -50.71
C HIS YA 99 100.93 85.51 -49.50
N TYR YA 100 99.69 85.59 -49.01
CA TYR YA 100 99.24 84.79 -47.86
C TYR YA 100 99.00 83.33 -48.24
N LEU YA 101 98.73 83.05 -49.51
CA LEU YA 101 98.38 81.71 -49.95
C LEU YA 101 99.29 81.28 -51.10
N GLY YA 102 99.55 79.98 -51.16
CA GLY YA 102 100.35 79.41 -52.23
C GLY YA 102 99.93 77.98 -52.51
N ARG YA 103 100.27 77.53 -53.70
CA ARG YA 103 99.93 76.17 -54.14
C ARG YA 103 100.89 75.80 -55.26
N THR YA 104 101.59 74.68 -55.10
CA THR YA 104 102.64 74.34 -56.05
C THR YA 104 102.86 72.84 -56.10
N GLY YA 105 103.14 72.34 -57.31
CA GLY YA 105 103.82 71.07 -57.48
C GLY YA 105 105.28 71.33 -57.80
N TYR YA 106 106.05 70.25 -57.91
CA TYR YA 106 107.47 70.40 -58.17
C TYR YA 106 107.94 69.35 -59.15
N THR YA 107 109.01 69.68 -59.86
CA THR YA 107 109.80 68.71 -60.62
C THR YA 107 111.18 68.71 -59.98
N ILE YA 108 111.53 67.61 -59.32
CA ILE YA 108 112.77 67.49 -58.55
C ILE YA 108 113.72 66.58 -59.32
N HIS YA 109 114.92 67.08 -59.59
CA HIS YA 109 115.94 66.37 -60.36
C HIS YA 109 117.18 66.27 -59.47
N VAL YA 110 117.43 65.07 -58.94
CA VAL YA 110 118.61 64.80 -58.13
C VAL YA 110 119.65 64.18 -59.05
N GLN YA 111 120.73 64.90 -59.30
CA GLN YA 111 121.78 64.47 -60.21
C GLN YA 111 123.05 64.21 -59.42
N CYS YA 112 123.55 62.98 -59.51
CA CYS YA 112 124.79 62.58 -58.86
C CYS YA 112 125.64 61.89 -59.91
N ASN YA 113 126.92 62.24 -59.99
CA ASN YA 113 127.78 61.72 -61.05
C ASN YA 113 129.11 61.26 -60.48
N ALA YA 114 129.43 59.98 -60.73
CA ALA YA 114 130.70 59.39 -60.35
C ALA YA 114 131.21 58.64 -61.57
N SER YA 115 132.16 57.73 -61.37
CA SER YA 115 132.72 56.94 -62.46
C SER YA 115 132.31 55.49 -62.31
N LYS YA 116 132.72 54.67 -63.29
CA LYS YA 116 132.50 53.24 -63.20
C LYS YA 116 133.22 52.61 -62.02
N PHE YA 117 134.25 53.27 -61.50
CA PHE YA 117 135.04 52.74 -60.40
C PHE YA 117 134.55 53.20 -59.03
N HIS YA 118 133.40 53.89 -58.97
CA HIS YA 118 132.72 54.16 -57.72
C HIS YA 118 131.55 53.20 -57.54
N GLN YA 119 130.98 53.19 -56.34
CA GLN YA 119 129.84 52.34 -56.03
C GLN YA 119 129.04 52.97 -54.90
N GLY YA 120 127.76 52.65 -54.86
CA GLY YA 120 126.87 53.21 -53.87
C GLY YA 120 125.43 53.17 -54.33
N CYS YA 121 124.54 53.56 -53.42
CA CYS YA 121 123.11 53.56 -53.73
C CYS YA 121 122.39 54.52 -52.80
N LEU YA 122 121.68 55.48 -53.39
CA LEU YA 122 120.89 56.46 -52.68
C LEU YA 122 119.40 56.19 -52.88
N LEU YA 123 118.62 56.44 -51.83
CA LEU YA 123 117.17 56.51 -51.91
C LEU YA 123 116.78 57.97 -51.98
N VAL YA 124 116.08 58.37 -53.05
CA VAL YA 124 115.59 59.71 -53.25
C VAL YA 124 114.08 59.66 -53.13
N VAL YA 125 113.53 60.23 -52.05
CA VAL YA 125 112.11 60.12 -51.76
C VAL YA 125 111.52 61.50 -51.48
N CYS YA 126 110.22 61.62 -51.74
CA CYS YA 126 109.47 62.84 -51.47
C CYS YA 126 108.38 62.53 -50.46
N VAL YA 127 108.58 62.97 -49.22
CA VAL YA 127 107.68 62.66 -48.12
C VAL YA 127 106.69 63.82 -47.98
N PRO YA 128 105.40 63.62 -48.26
CA PRO YA 128 104.41 64.64 -47.88
C PRO YA 128 104.13 64.60 -46.38
N GLU YA 129 104.13 65.78 -45.76
CA GLU YA 129 103.83 65.94 -44.35
C GLU YA 129 104.83 65.17 -43.49
N ALA YA 130 106.10 65.55 -43.61
CA ALA YA 130 107.18 64.89 -42.87
C ALA YA 130 107.32 65.52 -41.49
N GLU YA 131 106.32 65.25 -40.65
CA GLU YA 131 106.37 65.69 -39.26
C GLU YA 131 107.46 64.90 -38.54
N MET YA 132 108.46 65.60 -38.02
CA MET YA 132 109.62 64.98 -37.41
C MET YA 132 109.59 65.13 -35.90
N GLY YA 133 110.13 64.13 -35.21
CA GLY YA 133 110.12 64.12 -33.76
C GLY YA 133 111.34 64.78 -33.15
N CYS YA 134 111.25 65.01 -31.84
CA CYS YA 134 112.32 65.66 -31.09
C CYS YA 134 113.08 64.64 -30.27
N SER YA 135 114.28 65.02 -29.84
CA SER YA 135 115.05 64.18 -28.94
C SER YA 135 114.56 64.30 -27.51
N ASN YA 136 114.29 65.53 -27.06
CA ASN YA 136 113.61 65.75 -25.79
C ASN YA 136 112.11 65.57 -26.02
N LEU YA 137 111.56 64.48 -25.49
CA LEU YA 137 110.20 64.09 -25.84
C LEU YA 137 109.14 65.05 -25.33
N ASN YA 138 109.50 66.02 -24.48
CA ASN YA 138 108.55 67.01 -24.00
C ASN YA 138 108.59 68.31 -24.80
N ASN YA 139 109.28 68.32 -25.93
CA ASN YA 139 109.41 69.52 -26.74
C ASN YA 139 109.31 69.16 -28.21
N THR YA 140 108.98 70.14 -29.00
CA THR YA 140 109.01 70.00 -30.44
C THR YA 140 110.29 70.62 -31.00
N PRO YA 141 110.81 70.09 -32.10
CA PRO YA 141 112.09 70.60 -32.61
C PRO YA 141 112.00 72.08 -32.94
N GLU YA 142 113.17 72.71 -33.05
CA GLU YA 142 113.24 74.14 -33.29
C GLU YA 142 113.08 74.45 -34.78
N PHE YA 143 112.58 75.65 -35.05
CA PHE YA 143 112.43 76.11 -36.43
C PHE YA 143 113.73 75.94 -37.20
N ALA YA 144 114.85 76.41 -36.63
CA ALA YA 144 116.13 76.31 -37.31
C ALA YA 144 116.56 74.87 -37.51
N GLU YA 145 116.23 73.99 -36.57
CA GLU YA 145 116.65 72.60 -36.69
C GLU YA 145 115.89 71.90 -37.80
N LEU YA 146 114.58 72.14 -37.91
CA LEU YA 146 113.81 71.50 -38.97
C LEU YA 146 114.09 72.11 -40.34
N SER YA 147 114.32 73.43 -40.39
CA SER YA 147 114.36 74.16 -41.64
C SER YA 147 115.80 74.51 -41.99
N GLY YA 148 116.16 74.29 -43.26
CA GLY YA 148 117.46 74.67 -43.76
C GLY YA 148 117.40 74.97 -45.24
N GLY YA 149 116.54 75.89 -45.65
CA GLY YA 149 116.49 76.27 -47.04
C GLY YA 149 117.88 76.56 -47.55
N ASP YA 150 118.06 76.54 -48.87
CA ASP YA 150 119.36 76.60 -49.52
C ASP YA 150 120.50 76.15 -48.61
N THR YA 151 120.22 75.20 -47.70
CA THR YA 151 121.19 74.67 -46.74
C THR YA 151 120.71 73.32 -46.23
N ALA YA 152 120.95 72.25 -47.00
CA ALA YA 152 120.44 70.94 -46.65
C ALA YA 152 120.72 70.58 -45.20
N ARG YA 153 119.69 70.16 -44.47
CA ARG YA 153 119.92 69.66 -43.12
C ARG YA 153 120.23 68.17 -43.22
N MET YA 154 121.09 67.69 -42.33
CA MET YA 154 121.67 66.36 -42.45
C MET YA 154 121.11 65.41 -41.40
N PHE YA 155 120.92 64.16 -41.80
CA PHE YA 155 120.66 63.09 -40.85
C PHE YA 155 121.95 62.76 -40.09
N THR YA 156 121.80 61.98 -39.02
CA THR YA 156 122.94 61.60 -38.19
C THR YA 156 123.18 60.11 -38.28
N ASP YA 157 124.45 59.73 -38.10
CA ASP YA 157 124.87 58.34 -38.10
C ASP YA 157 124.53 57.61 -36.80
N THR YA 158 124.21 58.34 -35.75
CA THR YA 158 123.95 57.76 -34.44
C THR YA 158 122.73 58.43 -33.82
N GLN YA 159 122.26 57.83 -32.72
CA GLN YA 159 121.20 58.45 -31.95
C GLN YA 159 121.68 59.80 -31.41
N ILE YA 160 120.83 60.81 -31.54
CA ILE YA 160 121.14 62.12 -30.97
C ILE YA 160 120.86 62.10 -29.47
N GLY YA 161 121.46 63.05 -28.76
CA GLY YA 161 121.40 63.03 -27.32
C GLY YA 161 120.02 63.29 -26.77
N GLU YA 162 119.74 62.70 -25.61
CA GLU YA 162 118.46 62.92 -24.95
C GLU YA 162 118.32 64.37 -24.51
N THR YA 163 119.31 64.88 -23.79
CA THR YA 163 119.27 66.27 -23.34
C THR YA 163 118.97 67.21 -24.48
N ASN YA 164 119.98 67.56 -25.26
CA ASN YA 164 119.83 68.46 -26.41
C ASN YA 164 119.03 69.66 -25.92
N SER YA 165 118.22 70.25 -26.80
CA SER YA 165 117.18 71.20 -26.40
C SER YA 165 115.95 71.05 -27.30
N LYS YA 166 116.09 71.44 -28.56
CA LYS YA 166 115.02 71.31 -29.55
C LYS YA 166 115.53 70.63 -30.81
N LYS YA 167 116.55 69.78 -30.67
CA LYS YA 167 117.12 69.11 -31.83
C LYS YA 167 116.17 68.03 -32.35
N VAL YA 168 116.40 67.62 -33.59
CA VAL YA 168 115.60 66.60 -34.25
C VAL YA 168 116.30 65.26 -34.11
N GLN YA 169 115.54 64.23 -33.74
CA GLN YA 169 116.09 62.88 -33.63
C GLN YA 169 116.40 62.34 -35.02
N THR YA 170 117.59 62.65 -35.52
CA THR YA 170 117.94 62.45 -36.92
C THR YA 170 118.54 61.08 -37.21
N ALA YA 171 118.36 60.11 -36.30
CA ALA YA 171 118.87 58.76 -36.55
C ALA YA 171 118.21 58.19 -37.80
N VAL YA 172 119.03 57.84 -38.80
CA VAL YA 172 118.49 57.52 -40.12
C VAL YA 172 117.55 56.32 -40.04
N TRP YA 173 117.90 55.31 -39.24
CA TRP YA 173 117.12 54.08 -39.28
C TRP YA 173 115.70 54.31 -38.78
N ASN YA 174 115.37 55.51 -38.32
CA ASN YA 174 113.99 55.89 -38.05
C ASN YA 174 113.50 57.04 -38.92
N ALA YA 175 114.36 57.61 -39.77
CA ALA YA 175 113.99 58.69 -40.68
C ALA YA 175 113.47 59.92 -39.95
N GLY YA 176 113.74 60.03 -38.65
CA GLY YA 176 113.23 61.15 -37.88
C GLY YA 176 111.74 61.20 -37.74
N MET YA 177 111.04 60.11 -38.10
CA MET YA 177 109.58 60.05 -38.01
C MET YA 177 109.11 58.84 -37.21
N GLY YA 178 110.02 58.09 -36.59
CA GLY YA 178 109.62 56.94 -35.82
C GLY YA 178 109.13 55.77 -36.65
N VAL YA 179 109.58 55.67 -37.90
CA VAL YA 179 109.16 54.59 -38.78
C VAL YA 179 110.39 53.80 -39.22
N GLY YA 180 110.18 52.76 -40.01
CA GLY YA 180 111.29 52.02 -40.57
C GLY YA 180 111.82 52.67 -41.83
N VAL YA 181 113.08 53.10 -41.81
CA VAL YA 181 113.64 53.82 -42.96
C VAL YA 181 113.55 52.97 -44.22
N GLY YA 182 113.67 51.65 -44.08
CA GLY YA 182 113.50 50.78 -45.22
C GLY YA 182 112.10 50.73 -45.77
N ASN YA 183 111.16 51.42 -45.13
CA ASN YA 183 109.77 51.46 -45.54
C ASN YA 183 109.37 52.81 -46.14
N LEU YA 184 110.33 53.72 -46.31
CA LEU YA 184 110.04 55.00 -46.95
C LEU YA 184 109.61 54.84 -48.39
N THR YA 185 109.76 53.65 -48.97
CA THR YA 185 109.48 53.45 -50.38
C THR YA 185 108.02 53.65 -50.74
N ILE YA 186 107.11 53.70 -49.76
CA ILE YA 186 105.71 53.94 -50.08
C ILE YA 186 105.52 55.33 -50.67
N TYR YA 187 106.28 56.31 -50.18
CA TYR YA 187 106.27 57.63 -50.78
C TYR YA 187 106.92 57.58 -52.16
N PRO YA 188 106.52 58.44 -53.09
CA PRO YA 188 107.18 58.47 -54.40
C PRO YA 188 108.69 58.61 -54.25
N HIS YA 189 109.42 57.82 -55.02
CA HIS YA 189 110.86 57.69 -54.82
C HIS YA 189 111.50 57.08 -56.05
N GLN YA 190 112.82 57.26 -56.12
CA GLN YA 190 113.69 56.56 -57.05
C GLN YA 190 114.95 56.14 -56.30
N TRP YA 191 115.76 55.31 -56.94
CA TRP YA 191 117.05 54.91 -56.42
C TRP YA 191 118.14 55.38 -57.38
N ILE YA 192 119.17 56.01 -56.84
CA ILE YA 192 120.37 56.37 -57.60
C ILE YA 192 121.39 55.30 -57.25
N ASN YA 193 121.45 54.25 -58.06
CA ASN YA 193 122.48 53.22 -57.93
C ASN YA 193 123.62 53.61 -58.85
N LEU YA 194 124.71 54.13 -58.27
CA LEU YA 194 125.84 54.61 -59.07
C LEU YA 194 126.26 53.57 -60.11
N ARG YA 195 126.00 52.30 -59.83
CA ARG YA 195 126.31 51.25 -60.78
C ARG YA 195 125.55 51.43 -62.09
N THR YA 196 124.26 51.80 -62.01
CA THR YA 196 123.41 51.83 -63.19
C THR YA 196 122.62 53.14 -63.36
N ASN YA 197 122.84 54.14 -62.51
CA ASN YA 197 122.04 55.36 -62.58
C ASN YA 197 122.91 56.57 -62.28
N ASN YA 198 122.50 57.72 -62.83
CA ASN YA 198 123.17 58.97 -62.60
C ASN YA 198 122.26 60.06 -62.04
N SER YA 199 120.96 59.90 -62.13
CA SER YA 199 120.05 60.90 -61.59
C SER YA 199 118.66 60.28 -61.47
N ALA YA 200 117.80 61.00 -60.75
CA ALA YA 200 116.41 60.61 -60.58
C ALA YA 200 115.53 61.84 -60.66
N THR YA 201 114.42 61.73 -61.37
CA THR YA 201 113.48 62.83 -61.53
C THR YA 201 112.11 62.41 -61.03
N ILE YA 202 111.60 63.16 -60.06
CA ILE YA 202 110.30 62.89 -59.44
C ILE YA 202 109.47 64.15 -59.54
N VAL YA 203 108.27 64.01 -60.10
CA VAL YA 203 107.35 65.12 -60.29
C VAL YA 203 106.26 64.99 -59.23
N MET YA 204 106.32 65.85 -58.22
CA MET YA 204 105.40 65.78 -57.09
C MET YA 204 104.22 66.71 -57.32
N PRO YA 205 102.99 66.23 -57.14
CA PRO YA 205 101.82 67.11 -57.26
C PRO YA 205 101.56 67.85 -55.94
N TYR YA 206 100.53 68.73 -55.98
CA TYR YA 206 100.13 69.44 -54.77
C TYR YA 206 99.53 68.46 -53.77
N ILE YA 207 100.21 68.31 -52.63
CA ILE YA 207 99.79 67.38 -51.58
C ILE YA 207 99.36 68.21 -50.38
N ASN YA 208 98.06 68.23 -50.11
CA ASN YA 208 97.56 68.91 -48.92
C ASN YA 208 96.08 68.61 -48.76
N SER YA 209 95.58 68.82 -47.54
CA SER YA 209 94.17 68.63 -47.23
C SER YA 209 93.32 69.83 -47.59
N VAL YA 210 93.94 70.99 -47.82
CA VAL YA 210 93.22 72.22 -48.15
C VAL YA 210 93.65 72.65 -49.54
N PRO YA 211 92.81 73.43 -50.24
CA PRO YA 211 93.18 73.85 -51.61
C PRO YA 211 94.41 74.76 -51.64
N MET YA 212 94.61 75.60 -50.63
CA MET YA 212 95.78 76.45 -50.55
C MET YA 212 96.15 76.66 -49.09
N ASP YA 213 97.44 76.90 -48.84
CA ASP YA 213 97.96 77.05 -47.49
C ASP YA 213 99.06 78.09 -47.49
N ASN YA 214 99.40 78.57 -46.28
CA ASN YA 214 100.50 79.50 -46.12
C ASN YA 214 101.83 78.76 -46.26
N MET YA 215 102.77 79.37 -46.97
CA MET YA 215 103.99 78.69 -47.39
C MET YA 215 105.12 78.78 -46.38
N PHE YA 216 105.02 79.64 -45.36
CA PHE YA 216 106.07 79.75 -44.37
C PHE YA 216 105.83 78.86 -43.16
N ARG YA 217 104.58 78.76 -42.69
CA ARG YA 217 104.31 77.95 -41.50
C ARG YA 217 104.15 76.47 -41.82
N HIS YA 218 103.98 76.10 -43.09
CA HIS YA 218 103.70 74.72 -43.45
C HIS YA 218 104.51 74.34 -44.68
N ASN YA 219 105.40 73.35 -44.52
CA ASN YA 219 106.18 72.78 -45.62
C ASN YA 219 105.49 71.49 -46.04
N ASN YA 220 104.67 71.57 -47.10
CA ASN YA 220 103.83 70.44 -47.48
C ASN YA 220 104.64 69.21 -47.88
N LEU YA 221 105.89 69.36 -48.28
CA LEU YA 221 106.71 68.24 -48.74
C LEU YA 221 108.10 68.33 -48.13
N THR YA 222 108.81 67.20 -48.18
CA THR YA 222 110.17 67.11 -47.67
C THR YA 222 110.94 66.13 -48.54
N LEU YA 223 112.01 66.61 -49.18
CA LEU YA 223 112.88 65.72 -49.95
C LEU YA 223 113.90 65.08 -49.03
N MET YA 224 114.12 63.77 -49.22
CA MET YA 224 115.09 63.02 -48.45
C MET YA 224 115.99 62.21 -49.38
N ILE YA 225 117.30 62.33 -49.20
CA ILE YA 225 118.29 61.55 -49.92
C ILE YA 225 119.09 60.76 -48.89
N ILE YA 226 118.86 59.46 -48.83
CA ILE YA 226 119.46 58.61 -47.80
C ILE YA 226 120.31 57.54 -48.46
N PRO YA 227 121.62 57.50 -48.21
CA PRO YA 227 122.42 56.40 -48.77
C PRO YA 227 122.12 55.08 -48.07
N PHE YA 228 121.53 54.13 -48.79
CA PHE YA 228 121.25 52.83 -48.19
C PHE YA 228 122.45 51.91 -48.30
N VAL YA 229 123.20 52.00 -49.39
CA VAL YA 229 124.48 51.32 -49.54
C VAL YA 229 125.54 52.41 -49.66
N PRO YA 230 126.52 52.48 -48.78
CA PRO YA 230 127.39 53.66 -48.75
C PRO YA 230 128.33 53.70 -49.94
N LEU YA 231 128.85 54.91 -50.17
CA LEU YA 231 129.83 55.13 -51.22
C LEU YA 231 131.11 54.37 -50.92
N ASN YA 232 131.74 53.83 -51.97
CA ASN YA 232 133.02 53.15 -51.81
C ASN YA 232 133.80 53.25 -53.11
N TYR YA 233 135.13 53.15 -53.00
CA TYR YA 233 136.02 53.37 -54.12
C TYR YA 233 137.46 53.11 -53.72
N SER YA 234 138.32 52.75 -54.68
CA SER YA 234 139.73 52.56 -54.39
C SER YA 234 140.43 53.91 -54.31
N GLU YA 235 141.60 53.91 -53.66
CA GLU YA 235 142.38 55.13 -53.54
C GLU YA 235 142.79 55.63 -54.91
N GLY YA 236 142.67 56.94 -55.11
CA GLY YA 236 142.92 57.55 -56.40
C GLY YA 236 141.63 58.05 -57.01
N SER YA 237 140.58 57.25 -56.90
CA SER YA 237 139.25 57.69 -57.28
C SER YA 237 138.84 58.87 -56.40
N SER YA 238 138.08 59.79 -56.99
CA SER YA 238 137.71 61.00 -56.29
C SER YA 238 137.02 60.68 -54.97
N PRO YA 239 137.43 61.27 -53.85
CA PRO YA 239 136.82 60.94 -52.57
C PRO YA 239 135.47 61.60 -52.31
N TYR YA 240 135.02 62.48 -53.20
CA TYR YA 240 133.77 63.21 -53.05
C TYR YA 240 132.87 62.89 -54.24
N VAL YA 241 131.70 62.35 -53.97
CA VAL YA 241 130.74 62.08 -55.05
C VAL YA 241 129.60 63.10 -54.93
N PRO YA 242 129.52 64.08 -55.81
CA PRO YA 242 128.61 65.20 -55.56
C PRO YA 242 127.18 64.94 -55.98
N ILE YA 243 126.25 65.48 -55.19
CA ILE YA 243 124.82 65.40 -55.42
C ILE YA 243 124.31 66.83 -55.56
N THR YA 244 123.68 67.12 -56.69
CA THR YA 244 123.10 68.43 -56.96
C THR YA 244 121.60 68.27 -57.14
N VAL YA 245 120.83 69.03 -56.38
CA VAL YA 245 119.38 69.00 -56.43
C VAL YA 245 118.90 70.21 -57.23
N THR YA 246 118.01 69.97 -58.20
CA THR YA 246 117.43 71.03 -59.02
C THR YA 246 115.92 70.86 -59.01
N ILE YA 247 115.23 71.81 -58.39
CA ILE YA 247 113.78 71.77 -58.24
C ILE YA 247 113.17 72.87 -59.08
N ALA YA 248 112.05 72.57 -59.72
CA ALA YA 248 111.33 73.56 -60.54
C ALA YA 248 109.89 73.61 -60.07
N PRO YA 249 109.42 74.73 -59.54
CA PRO YA 249 108.00 74.85 -59.22
C PRO YA 249 107.16 74.63 -60.47
N MET YA 250 105.96 74.11 -60.26
CA MET YA 250 105.06 73.78 -61.35
C MET YA 250 103.65 74.15 -60.97
N CYS YA 251 102.99 74.92 -61.83
CA CYS YA 251 101.60 75.33 -61.64
C CYS YA 251 101.45 76.05 -60.30
N ALA YA 252 102.27 77.09 -60.12
CA ALA YA 252 102.25 77.88 -58.89
C ALA YA 252 101.10 78.88 -58.92
N GLU YA 253 100.42 78.99 -57.78
CA GLU YA 253 99.34 79.96 -57.60
C GLU YA 253 99.55 80.68 -56.27
N TYR YA 254 99.02 81.90 -56.18
CA TYR YA 254 99.15 82.68 -54.96
C TYR YA 254 97.87 83.45 -54.66
N GLY ZA 1 48.67 49.26 -34.43
CA GLY ZA 1 49.52 48.45 -33.52
C GLY ZA 1 50.04 47.20 -34.18
N LEU ZA 2 51.12 47.36 -34.94
CA LEU ZA 2 51.75 46.23 -35.62
C LEU ZA 2 52.33 45.26 -34.59
N PRO ZA 3 51.93 43.99 -34.59
CA PRO ZA 3 52.54 43.04 -33.64
C PRO ZA 3 54.03 42.89 -33.88
N VAL ZA 4 54.79 42.86 -32.80
CA VAL ZA 4 56.24 42.69 -32.86
C VAL ZA 4 56.68 41.76 -31.74
N MET ZA 5 57.74 41.02 -32.01
CA MET ZA 5 58.36 40.12 -31.05
C MET ZA 5 59.87 40.37 -31.09
N THR ZA 6 60.41 40.96 -30.03
CA THR ZA 6 61.85 41.19 -29.97
C THR ZA 6 62.56 39.85 -29.92
N THR ZA 7 63.50 39.65 -30.84
CA THR ZA 7 64.23 38.40 -30.90
C THR ZA 7 65.49 38.48 -30.05
N PRO ZA 8 66.03 37.34 -29.65
CA PRO ZA 8 67.30 37.35 -28.89
C PRO ZA 8 68.33 38.24 -29.57
N GLY ZA 9 69.03 39.03 -28.77
CA GLY ZA 9 70.00 39.98 -29.26
C GLY ZA 9 69.55 41.42 -29.19
N SER ZA 10 68.31 41.68 -28.80
CA SER ZA 10 67.86 43.07 -28.68
C SER ZA 10 68.71 43.82 -27.67
N THR ZA 11 68.78 45.13 -27.83
CA THR ZA 11 69.57 46.03 -26.99
C THR ZA 11 71.06 45.72 -27.03
N GLN ZA 12 71.49 44.84 -27.94
CA GLN ZA 12 72.87 44.38 -27.97
C GLN ZA 12 73.75 45.38 -28.69
N PHE ZA 13 74.96 45.58 -28.15
CA PHE ZA 13 75.97 46.42 -28.77
C PHE ZA 13 77.12 45.52 -29.19
N LEU ZA 14 77.13 45.12 -30.46
CA LEU ZA 14 78.24 44.37 -31.04
C LEU ZA 14 79.26 45.35 -31.60
N THR ZA 15 80.51 45.23 -31.13
CA THR ZA 15 81.59 46.07 -31.66
C THR ZA 15 81.55 46.12 -33.18
N SER ZA 16 81.42 44.98 -33.82
CA SER ZA 16 81.45 44.88 -35.29
C SER ZA 16 80.04 44.80 -35.88
N ASP ZA 17 79.17 45.75 -35.52
CA ASP ZA 17 77.85 45.86 -36.13
C ASP ZA 17 77.80 47.08 -37.05
N ASP ZA 18 76.78 47.11 -37.90
CA ASP ZA 18 76.64 48.11 -38.94
C ASP ZA 18 75.22 48.67 -38.97
N PHE ZA 19 74.69 49.00 -37.79
CA PHE ZA 19 73.33 49.49 -37.70
C PHE ZA 19 73.27 51.00 -37.96
N GLN ZA 20 72.07 51.47 -38.26
CA GLN ZA 20 71.84 52.89 -38.47
C GLN ZA 20 71.81 53.63 -37.13
N SER ZA 21 72.32 54.86 -37.14
CA SER ZA 21 72.41 55.66 -35.94
C SER ZA 21 71.83 57.04 -36.20
N PRO ZA 22 71.25 57.67 -35.17
CA PRO ZA 22 70.69 59.01 -35.34
C PRO ZA 22 71.80 60.05 -35.45
N SER ZA 23 71.67 60.95 -36.43
CA SER ZA 23 72.67 61.98 -36.63
C SER ZA 23 72.63 63.00 -35.49
N ALA ZA 24 73.81 63.36 -35.00
CA ALA ZA 24 73.91 64.30 -33.89
C ALA ZA 24 73.91 65.75 -34.33
N MET ZA 25 74.33 66.03 -35.57
CA MET ZA 25 74.31 67.38 -36.12
C MET ZA 25 73.63 67.39 -37.48
N PRO ZA 26 72.34 67.06 -37.52
CA PRO ZA 26 71.60 67.17 -38.78
C PRO ZA 26 71.59 68.61 -39.28
N GLN ZA 27 71.51 68.76 -40.59
CA GLN ZA 27 71.53 70.09 -41.18
C GLN ZA 27 72.89 70.74 -40.93
N PHE ZA 28 73.96 70.12 -41.44
CA PHE ZA 28 75.30 70.66 -41.35
C PHE ZA 28 75.96 70.55 -42.71
N ASP ZA 29 76.25 71.70 -43.32
CA ASP ZA 29 76.84 71.75 -44.66
C ASP ZA 29 78.29 71.30 -44.57
N VAL ZA 30 78.55 70.03 -44.88
CA VAL ZA 30 79.91 69.51 -44.83
C VAL ZA 30 80.76 70.17 -45.89
N THR ZA 31 82.02 70.42 -45.57
CA THR ZA 31 82.94 70.96 -46.56
C THR ZA 31 83.07 69.98 -47.73
N PRO ZA 32 83.16 70.49 -48.97
CA PRO ZA 32 83.20 69.57 -50.12
C PRO ZA 32 84.45 68.70 -50.13
N GLU ZA 33 84.53 67.80 -51.11
CA GLU ZA 33 85.69 66.92 -51.25
C GLU ZA 33 86.73 67.55 -52.17
N MET ZA 34 87.95 67.04 -52.08
CA MET ZA 34 89.04 67.43 -52.96
C MET ZA 34 89.67 66.17 -53.56
N GLN ZA 35 90.11 66.27 -54.80
CA GLN ZA 35 90.83 65.18 -55.45
C GLN ZA 35 92.26 65.21 -54.93
N ILE ZA 36 92.45 64.68 -53.73
CA ILE ZA 36 93.78 64.62 -53.13
C ILE ZA 36 94.54 63.44 -53.75
N PRO ZA 37 95.80 63.61 -54.15
CA PRO ZA 37 96.50 62.50 -54.80
C PRO ZA 37 96.68 61.31 -53.87
N GLY ZA 38 96.88 60.15 -54.49
CA GLY ZA 38 97.19 58.93 -53.77
C GLY ZA 38 96.07 58.36 -52.92
N ARG ZA 39 94.85 58.35 -53.44
CA ARG ZA 39 93.74 57.73 -52.73
C ARG ZA 39 93.97 56.22 -52.64
N VAL ZA 40 93.95 55.68 -51.42
CA VAL ZA 40 94.10 54.25 -51.21
C VAL ZA 40 92.72 53.64 -51.01
N ASN ZA 41 92.48 52.50 -51.65
CA ASN ZA 41 91.23 51.78 -51.51
C ASN ZA 41 91.37 50.42 -50.86
N ASN ZA 42 92.55 49.80 -50.94
CA ASN ZA 42 92.79 48.49 -50.33
C ASN ZA 42 94.20 48.48 -49.76
N LEU ZA 43 94.38 47.70 -48.69
CA LEU ZA 43 95.70 47.60 -48.08
C LEU ZA 43 96.66 46.75 -48.90
N MET ZA 44 96.15 45.90 -49.79
CA MET ZA 44 97.04 45.16 -50.67
C MET ZA 44 97.75 46.09 -51.64
N GLU ZA 45 97.16 47.25 -51.94
CA GLU ZA 45 97.90 48.27 -52.69
C GLU ZA 45 99.19 48.64 -51.98
N ILE ZA 46 99.18 48.63 -50.64
CA ILE ZA 46 100.39 48.92 -49.88
C ILE ZA 46 101.28 47.69 -49.81
N ALA ZA 47 100.68 46.53 -49.62
CA ALA ZA 47 101.45 45.29 -49.51
C ALA ZA 47 102.21 44.97 -50.80
N GLU ZA 48 101.74 45.48 -51.95
CA GLU ZA 48 102.41 45.21 -53.22
C GLU ZA 48 103.58 46.14 -53.50
N VAL ZA 49 103.93 47.01 -52.56
CA VAL ZA 49 104.99 47.99 -52.77
C VAL ZA 49 106.31 47.41 -52.29
N ASP ZA 50 107.33 47.49 -53.14
CA ASP ZA 50 108.66 47.06 -52.76
C ASP ZA 50 109.17 47.87 -51.57
N SER ZA 51 109.69 47.19 -50.57
CA SER ZA 51 110.22 47.83 -49.37
C SER ZA 51 111.49 47.10 -48.94
N VAL ZA 52 112.45 47.86 -48.41
CA VAL ZA 52 113.77 47.32 -48.14
C VAL ZA 52 113.68 46.28 -47.03
N VAL ZA 53 114.40 45.18 -47.19
CA VAL ZA 53 114.35 44.05 -46.27
C VAL ZA 53 115.59 44.08 -45.39
N PRO ZA 54 115.46 44.03 -44.07
CA PRO ZA 54 116.64 43.92 -43.18
C PRO ZA 54 117.15 42.49 -43.05
N VAL ZA 55 117.89 42.03 -44.06
CA VAL ZA 55 118.40 40.66 -44.04
C VAL ZA 55 119.50 40.51 -42.98
N ASN ZA 56 120.26 41.57 -42.72
CA ASN ZA 56 121.36 41.52 -41.76
C ASN ZA 56 120.89 42.05 -40.41
N ASN ZA 57 120.01 41.28 -39.78
CA ASN ZA 57 119.45 41.67 -38.48
C ASN ZA 57 120.45 41.54 -37.33
N THR ZA 58 121.64 41.00 -37.60
CA THR ZA 58 122.58 40.64 -36.54
C THR ZA 58 122.80 41.77 -35.54
N GLU ZA 59 122.59 41.45 -34.27
CA GLU ZA 59 123.03 42.27 -33.15
C GLU ZA 59 122.84 43.76 -33.38
N ALA ZA 60 123.93 44.53 -33.33
CA ALA ZA 60 123.85 45.99 -33.37
C ALA ZA 60 123.62 46.56 -34.76
N ASN ZA 61 123.54 45.71 -35.78
CA ASN ZA 61 123.19 46.20 -37.11
C ASN ZA 61 121.72 46.57 -37.21
N VAL ZA 62 120.88 45.99 -36.35
CA VAL ZA 62 119.46 46.27 -36.36
C VAL ZA 62 119.19 47.76 -36.17
N ASN ZA 63 120.05 48.46 -35.41
CA ASN ZA 63 119.89 49.88 -35.16
C ASN ZA 63 120.67 50.74 -36.14
N SER ZA 64 120.79 50.32 -37.40
CA SER ZA 64 121.53 51.09 -38.40
C SER ZA 64 121.11 50.62 -39.78
N LEU ZA 65 121.48 51.41 -40.78
CA LEU ZA 65 121.20 51.04 -42.16
C LEU ZA 65 121.98 49.81 -42.60
N LYS ZA 66 122.98 49.37 -41.82
CA LYS ZA 66 123.67 48.14 -42.13
C LYS ZA 66 122.72 46.94 -42.14
N ALA ZA 67 121.57 47.06 -41.47
CA ALA ZA 67 120.63 45.94 -41.43
C ALA ZA 67 120.17 45.58 -42.82
N TYR ZA 68 119.94 46.58 -43.68
CA TYR ZA 68 119.41 46.33 -45.01
C TYR ZA 68 120.48 45.92 -46.02
N GLN ZA 69 121.75 45.95 -45.64
CA GLN ZA 69 122.85 45.68 -46.55
C GLN ZA 69 123.26 44.22 -46.42
N ILE ZA 70 123.21 43.49 -47.53
CA ILE ZA 70 123.70 42.12 -47.60
C ILE ZA 70 125.15 42.18 -48.08
N PRO ZA 71 126.13 41.92 -47.22
CA PRO ZA 71 127.53 42.05 -47.65
C PRO ZA 71 127.90 40.94 -48.63
N VAL ZA 72 128.66 41.31 -49.66
CA VAL ZA 72 129.29 40.35 -50.55
C VAL ZA 72 130.76 40.72 -50.68
N GLN ZA 73 131.62 39.71 -50.74
CA GLN ZA 73 133.06 39.89 -50.77
C GLN ZA 73 133.65 38.85 -51.70
N SER ZA 74 134.92 39.02 -52.05
CA SER ZA 74 135.59 38.05 -52.88
C SER ZA 74 135.70 36.72 -52.15
N ASN ZA 75 135.09 35.68 -52.72
CA ASN ZA 75 135.16 34.33 -52.19
C ASN ZA 75 136.17 33.58 -53.06
N SER ZA 76 137.40 33.46 -52.54
CA SER ZA 76 138.46 32.78 -53.29
C SER ZA 76 138.04 31.38 -53.74
N ASP ZA 77 136.99 30.82 -53.14
CA ASP ZA 77 136.39 29.55 -53.56
C ASP ZA 77 134.99 29.84 -54.14
N ASN ZA 78 134.16 28.80 -54.24
CA ASN ZA 78 132.82 28.93 -54.80
C ASN ZA 78 131.88 28.00 -54.06
N GLY ZA 79 130.85 28.58 -53.43
CA GLY ZA 79 129.83 27.78 -52.78
C GLY ZA 79 129.47 28.20 -51.36
N LYS ZA 80 129.91 29.38 -50.94
CA LYS ZA 80 129.64 29.87 -49.59
C LYS ZA 80 128.31 30.62 -49.59
N GLN ZA 81 127.36 30.18 -48.76
CA GLN ZA 81 126.05 30.79 -48.72
C GLN ZA 81 126.16 32.31 -48.54
N VAL ZA 82 125.37 33.04 -49.32
CA VAL ZA 82 125.33 34.49 -49.21
C VAL ZA 82 124.32 34.92 -48.14
N PHE ZA 83 123.15 34.28 -48.11
CA PHE ZA 83 122.18 34.58 -47.05
C PHE ZA 83 121.08 33.52 -47.08
N GLY ZA 84 120.26 33.51 -46.03
CA GLY ZA 84 119.13 32.60 -45.98
C GLY ZA 84 118.08 32.97 -44.95
N PHE ZA 85 116.84 33.10 -45.40
CA PHE ZA 85 115.73 33.36 -44.48
C PHE ZA 85 114.55 32.49 -44.88
N PRO ZA 86 113.69 32.13 -43.93
CA PRO ZA 86 112.48 31.36 -44.27
C PRO ZA 86 111.41 32.25 -44.91
N LEU ZA 87 110.43 31.60 -45.50
CA LEU ZA 87 109.30 32.28 -46.12
C LEU ZA 87 108.19 32.57 -45.10
N GLN ZA 88 108.59 33.14 -43.96
CA GLN ZA 88 107.62 33.55 -42.95
C GLN ZA 88 107.45 35.06 -43.01
N PRO ZA 89 106.67 35.58 -43.97
CA PRO ZA 89 106.57 37.04 -44.10
C PRO ZA 89 106.05 37.73 -42.85
N GLY ZA 90 105.23 37.07 -42.05
CA GLY ZA 90 104.58 37.73 -40.92
C GLY ZA 90 105.19 37.41 -39.57
N ALA ZA 91 106.06 36.40 -39.52
CA ALA ZA 91 106.64 35.94 -38.26
C ALA ZA 91 108.13 36.24 -38.16
N ASN ZA 92 108.91 35.86 -39.18
CA ASN ZA 92 110.35 36.05 -39.13
C ASN ZA 92 110.71 37.52 -39.03
N GLY ZA 93 111.80 37.80 -38.32
CA GLY ZA 93 112.23 39.18 -38.11
C GLY ZA 93 112.70 39.88 -39.37
N VAL ZA 94 113.11 39.13 -40.39
CA VAL ZA 94 113.60 39.76 -41.61
C VAL ZA 94 112.45 40.45 -42.34
N LEU ZA 95 111.25 39.86 -42.29
CA LEU ZA 95 110.14 40.34 -43.09
C LEU ZA 95 108.97 40.89 -42.28
N ASN ZA 96 108.87 40.57 -40.99
CA ASN ZA 96 107.69 40.98 -40.24
C ASN ZA 96 107.53 42.49 -40.21
N ARG ZA 97 108.64 43.23 -40.33
CA ARG ZA 97 108.59 44.70 -40.25
C ARG ZA 97 108.60 45.37 -41.62
N THR ZA 98 108.68 44.61 -42.70
CA THR ZA 98 108.50 45.15 -44.04
C THR ZA 98 107.11 45.77 -44.14
N LEU ZA 99 106.88 46.50 -45.24
CA LEU ZA 99 105.50 46.92 -45.54
C LEU ZA 99 104.57 45.71 -45.58
N LEU ZA 100 104.98 44.70 -46.36
CA LEU ZA 100 104.19 43.48 -46.48
C LEU ZA 100 103.94 42.84 -45.12
N GLY ZA 101 105.01 42.68 -44.33
CA GLY ZA 101 104.85 42.03 -43.04
C GLY ZA 101 103.99 42.83 -42.08
N GLU ZA 102 104.17 44.16 -42.05
CA GLU ZA 102 103.37 45.00 -41.18
C GLU ZA 102 101.89 44.86 -41.52
N ILE ZA 103 101.57 44.85 -42.82
CA ILE ZA 103 100.17 44.66 -43.21
C ILE ZA 103 99.70 43.26 -42.84
N LEU ZA 104 100.55 42.25 -43.06
CA LEU ZA 104 100.16 40.88 -42.78
C LEU ZA 104 99.86 40.67 -41.30
N ASN ZA 105 100.59 41.36 -40.43
CA ASN ZA 105 100.37 41.19 -38.99
C ASN ZA 105 99.06 41.79 -38.52
N TYR ZA 106 98.34 42.52 -39.38
CA TYR ZA 106 97.00 43.01 -39.07
C TYR ZA 106 95.91 42.02 -39.44
N TYR ZA 107 96.28 40.87 -40.04
CA TYR ZA 107 95.34 39.84 -40.44
C TYR ZA 107 95.85 38.50 -39.94
N THR ZA 108 94.97 37.51 -39.92
CA THR ZA 108 95.32 36.18 -39.44
C THR ZA 108 95.72 35.22 -40.56
N HIS ZA 109 95.15 35.35 -41.75
CA HIS ZA 109 95.44 34.48 -42.88
C HIS ZA 109 96.08 35.27 -44.00
N TRP ZA 110 96.94 34.61 -44.76
CA TRP ZA 110 97.56 35.20 -45.94
C TRP ZA 110 97.72 34.12 -47.00
N SER ZA 111 97.74 34.54 -48.26
CA SER ZA 111 97.88 33.62 -49.37
C SER ZA 111 98.44 34.39 -50.56
N GLY ZA 112 99.43 33.81 -51.24
CA GLY ZA 112 99.97 34.41 -52.43
C GLY ZA 112 101.47 34.22 -52.61
N SER ZA 113 101.98 34.67 -53.76
CA SER ZA 113 103.39 34.61 -54.08
C SER ZA 113 104.09 35.88 -53.59
N ILE ZA 114 105.42 35.85 -53.61
CA ILE ZA 114 106.20 36.96 -53.08
C ILE ZA 114 107.32 37.32 -54.05
N LYS ZA 115 107.46 38.61 -54.35
CA LYS ZA 115 108.55 39.11 -55.18
C LYS ZA 115 109.69 39.54 -54.26
N LEU ZA 116 110.87 38.93 -54.47
CA LEU ZA 116 112.10 39.30 -53.79
C LEU ZA 116 113.01 39.92 -54.85
N THR ZA 117 113.16 41.24 -54.82
CA THR ZA 117 114.06 41.91 -55.75
C THR ZA 117 115.41 42.09 -55.08
N PHE ZA 118 116.47 41.60 -55.74
CA PHE ZA 118 117.83 41.71 -55.23
C PHE ZA 118 118.63 42.61 -56.16
N MET ZA 119 119.19 43.69 -55.60
CA MET ZA 119 119.92 44.69 -56.37
C MET ZA 119 121.37 44.73 -55.90
N PHE ZA 120 122.30 44.57 -56.84
CA PHE ZA 120 123.72 44.62 -56.56
C PHE ZA 120 124.19 46.07 -56.65
N CYS ZA 121 124.61 46.63 -55.51
CA CYS ZA 121 125.01 48.03 -55.45
C CYS ZA 121 126.52 48.21 -55.45
N GLY ZA 122 127.23 47.31 -56.10
CA GLY ZA 122 128.68 47.39 -56.17
C GLY ZA 122 129.13 48.32 -57.27
N SER ZA 123 130.44 48.24 -57.56
CA SER ZA 123 131.01 49.06 -58.62
C SER ZA 123 130.52 48.59 -59.97
N ALA ZA 124 130.45 49.54 -60.91
CA ALA ZA 124 130.01 49.22 -62.26
C ALA ZA 124 130.94 48.21 -62.94
N MET ZA 125 132.16 48.06 -62.44
CA MET ZA 125 133.13 47.16 -63.05
C MET ZA 125 133.05 45.74 -62.50
N ALA ZA 126 132.32 45.52 -61.42
CA ALA ZA 126 132.29 44.21 -60.79
C ALA ZA 126 131.43 43.23 -61.58
N THR ZA 127 131.84 41.96 -61.55
CA THR ZA 127 131.09 40.88 -62.15
C THR ZA 127 131.05 39.70 -61.17
N GLY ZA 128 130.17 38.76 -61.45
CA GLY ZA 128 130.02 37.59 -60.62
C GLY ZA 128 128.71 36.90 -60.93
N LYS ZA 129 128.46 35.81 -60.21
CA LYS ZA 129 127.26 35.03 -60.41
C LYS ZA 129 126.78 34.48 -59.08
N PHE ZA 130 125.47 34.54 -58.87
CA PHE ZA 130 124.87 34.08 -57.63
C PHE ZA 130 123.74 33.11 -57.93
N LEU ZA 131 123.48 32.22 -56.99
CA LEU ZA 131 122.38 31.27 -57.09
C LEU ZA 131 121.33 31.65 -56.05
N LEU ZA 132 120.17 32.09 -56.52
CA LEU ZA 132 119.03 32.35 -55.65
C LEU ZA 132 118.10 31.13 -55.72
N ALA ZA 133 117.90 30.47 -54.59
CA ALA ZA 133 117.12 29.23 -54.56
C ALA ZA 133 116.00 29.32 -53.53
N TYR ZA 134 114.79 28.97 -53.94
CA TYR ZA 134 113.65 28.84 -53.03
C TYR ZA 134 113.46 27.35 -52.77
N SER ZA 135 114.07 26.88 -51.70
CA SER ZA 135 113.84 25.53 -51.23
C SER ZA 135 112.40 25.45 -50.74
N PRO ZA 136 111.51 24.74 -51.42
CA PRO ZA 136 110.11 24.69 -50.97
C PRO ZA 136 110.04 24.15 -49.56
N PRO ZA 137 108.90 24.24 -48.90
CA PRO ZA 137 108.81 23.68 -47.54
C PRO ZA 137 109.07 22.19 -47.60
N GLY ZA 138 109.71 21.68 -46.56
CA GLY ZA 138 110.20 20.31 -46.60
C GLY ZA 138 111.71 20.27 -46.65
N ALA ZA 139 112.28 20.15 -47.85
CA ALA ZA 139 113.72 20.15 -48.01
C ALA ZA 139 114.33 21.34 -47.28
N GLY ZA 140 115.25 21.06 -46.36
CA GLY ZA 140 115.89 22.09 -45.59
C GLY ZA 140 116.67 23.07 -46.44
N VAL ZA 141 117.32 24.02 -45.80
CA VAL ZA 141 118.22 24.91 -46.55
C VAL ZA 141 119.33 24.06 -47.16
N PRO ZA 142 119.59 24.15 -48.47
CA PRO ZA 142 120.64 23.31 -49.07
C PRO ZA 142 121.96 23.49 -48.35
N LYS ZA 143 122.69 22.39 -48.17
CA LYS ZA 143 123.95 22.45 -47.46
C LYS ZA 143 125.09 22.88 -48.39
N ASN ZA 144 125.00 22.55 -49.68
CA ASN ZA 144 126.00 22.94 -50.65
C ASN ZA 144 125.32 23.59 -51.84
N ARG ZA 145 126.13 24.36 -52.58
CA ARG ZA 145 125.61 25.02 -53.77
C ARG ZA 145 125.03 24.03 -54.77
N LYS ZA 146 125.63 22.84 -54.88
CA LYS ZA 146 125.04 21.81 -55.74
C LYS ZA 146 123.64 21.45 -55.26
N ASP ZA 147 123.48 21.28 -53.94
CA ASP ZA 147 122.16 20.99 -53.39
C ASP ZA 147 121.16 22.09 -53.76
N ALA ZA 148 121.58 23.35 -53.65
CA ALA ZA 148 120.68 24.44 -54.03
C ALA ZA 148 120.41 24.46 -55.52
N MET ZA 149 121.40 24.06 -56.32
CA MET ZA 149 121.29 24.10 -57.77
C MET ZA 149 120.36 23.03 -58.30
N LEU ZA 150 120.22 21.92 -57.58
CA LEU ZA 150 119.33 20.87 -58.06
C LEU ZA 150 117.86 21.19 -57.81
N GLY ZA 151 117.56 22.20 -57.01
CA GLY ZA 151 116.19 22.62 -56.76
C GLY ZA 151 115.82 23.88 -57.52
N THR ZA 152 114.62 24.38 -57.25
CA THR ZA 152 114.19 25.66 -57.78
C THR ZA 152 115.29 26.69 -57.54
N HIS ZA 153 115.90 27.19 -58.62
CA HIS ZA 153 117.06 28.05 -58.50
C HIS ZA 153 117.11 29.03 -59.67
N VAL ZA 154 117.95 30.04 -59.52
CA VAL ZA 154 118.14 31.08 -60.52
C VAL ZA 154 119.59 31.51 -60.50
N ILE ZA 155 120.22 31.55 -61.67
CA ILE ZA 155 121.59 32.02 -61.82
C ILE ZA 155 121.54 33.48 -62.24
N TRP ZA 156 122.04 34.35 -61.38
CA TRP ZA 156 121.99 35.80 -61.55
C TRP ZA 156 123.41 36.27 -61.83
N ASP ZA 157 123.66 36.69 -63.07
CA ASP ZA 157 124.94 37.24 -63.45
C ASP ZA 157 124.90 38.75 -63.24
N VAL ZA 158 125.75 39.26 -62.34
CA VAL ZA 158 125.86 40.68 -62.11
C VAL ZA 158 126.60 41.37 -63.26
N GLY ZA 159 127.00 40.61 -64.27
CA GLY ZA 159 127.58 41.22 -65.46
C GLY ZA 159 126.52 41.79 -66.39
N LEU ZA 160 125.32 41.22 -66.35
CA LEU ZA 160 124.21 41.72 -67.17
C LEU ZA 160 123.07 42.24 -66.30
N GLN ZA 161 122.51 41.41 -65.42
CA GLN ZA 161 121.34 41.81 -64.65
C GLN ZA 161 121.81 42.44 -63.34
N SER ZA 162 121.90 43.77 -63.33
CA SER ZA 162 122.22 44.46 -62.07
C SER ZA 162 121.20 44.10 -61.00
N SER ZA 163 119.93 43.96 -61.37
CA SER ZA 163 118.87 43.56 -60.46
C SER ZA 163 118.29 42.23 -60.94
N CYS ZA 164 117.80 41.44 -59.97
CA CYS ZA 164 117.18 40.17 -60.29
C CYS ZA 164 115.99 39.94 -59.37
N VAL ZA 165 114.84 39.63 -59.96
CA VAL ZA 165 113.61 39.43 -59.20
C VAL ZA 165 113.31 37.95 -59.12
N LEU ZA 166 113.28 37.43 -57.90
CA LEU ZA 166 112.92 36.04 -57.62
C LEU ZA 166 111.45 36.02 -57.20
N CYS ZA 167 110.63 35.30 -57.96
CA CYS ZA 167 109.20 35.23 -57.70
C CYS ZA 167 108.89 33.91 -57.00
N VAL ZA 168 108.82 33.96 -55.67
CA VAL ZA 168 108.53 32.78 -54.85
C VAL ZA 168 107.08 32.38 -55.05
N PRO ZA 169 106.80 31.18 -55.55
CA PRO ZA 169 105.41 30.78 -55.79
C PRO ZA 169 104.71 30.37 -54.51
N TRP ZA 170 103.39 30.21 -54.63
CA TRP ZA 170 102.54 29.79 -53.52
C TRP ZA 170 102.43 28.27 -53.55
N ILE ZA 171 103.23 27.60 -52.72
CA ILE ZA 171 103.22 26.14 -52.62
C ILE ZA 171 102.73 25.79 -51.22
N SER ZA 172 101.42 25.61 -51.09
CA SER ZA 172 100.79 25.35 -49.80
C SER ZA 172 99.64 24.38 -49.99
N GLN ZA 173 99.40 23.55 -48.97
CA GLN ZA 173 98.31 22.59 -49.03
C GLN ZA 173 96.96 23.28 -48.94
N THR ZA 174 96.87 24.36 -48.19
CA THR ZA 174 95.61 25.02 -47.87
C THR ZA 174 95.39 26.23 -48.76
N HIS ZA 175 94.17 26.77 -48.69
CA HIS ZA 175 93.87 28.00 -49.40
C HIS ZA 175 94.66 29.18 -48.84
N TYR ZA 176 94.93 29.17 -47.54
CA TYR ZA 176 95.67 30.24 -46.89
C TYR ZA 176 96.70 29.64 -45.94
N ARG ZA 177 97.59 30.51 -45.46
CA ARG ZA 177 98.57 30.16 -44.44
C ARG ZA 177 98.38 31.08 -43.25
N TYR ZA 178 98.79 30.62 -42.08
CA TYR ZA 178 98.76 31.49 -40.91
C TYR ZA 178 99.84 32.55 -41.02
N VAL ZA 179 99.49 33.81 -40.74
CA VAL ZA 179 100.50 34.84 -40.66
C VAL ZA 179 101.50 34.51 -39.55
N VAL ZA 180 101.00 33.93 -38.46
CA VAL ZA 180 101.85 33.48 -37.37
C VAL ZA 180 102.42 32.11 -37.72
N GLU ZA 181 103.64 31.85 -37.23
CA GLU ZA 181 104.32 30.61 -37.57
C GLU ZA 181 103.60 29.40 -37.01
N ASP ZA 182 103.47 28.37 -37.83
CA ASP ZA 182 103.05 27.03 -37.40
C ASP ZA 182 104.24 26.10 -37.62
N GLU ZA 183 104.67 25.43 -36.56
CA GLU ZA 183 105.92 24.68 -36.57
C GLU ZA 183 105.84 23.54 -37.58
N TYR ZA 184 106.04 23.87 -38.84
CA TYR ZA 184 106.01 22.89 -39.91
C TYR ZA 184 107.02 23.29 -40.99
N THR ZA 185 108.26 23.59 -40.58
CA THR ZA 185 109.32 24.01 -41.50
C THR ZA 185 108.89 25.25 -42.29
N ALA ZA 186 107.95 26.02 -41.73
CA ALA ZA 186 107.44 27.23 -42.36
C ALA ZA 186 106.98 26.88 -43.78
N ALA ZA 187 107.08 27.84 -44.69
CA ALA ZA 187 106.67 27.66 -46.08
C ALA ZA 187 107.87 27.50 -47.01
N GLY ZA 188 109.02 27.11 -46.49
CA GLY ZA 188 110.23 26.99 -47.27
C GLY ZA 188 111.25 28.03 -46.85
N TYR ZA 189 112.39 28.01 -47.54
CA TYR ZA 189 113.51 28.89 -47.24
C TYR ZA 189 114.10 29.45 -48.52
N ILE ZA 190 114.42 30.74 -48.51
CA ILE ZA 190 115.08 31.40 -49.63
C ILE ZA 190 116.55 31.58 -49.26
N THR ZA 191 117.43 31.04 -50.10
CA THR ZA 191 118.87 31.04 -49.86
C THR ZA 191 119.59 31.63 -51.07
N CYS ZA 192 120.76 32.20 -50.83
CA CYS ZA 192 121.57 32.78 -51.90
C CYS ZA 192 123.01 32.33 -51.71
N TRP ZA 193 123.64 31.91 -52.82
CA TRP ZA 193 124.96 31.31 -52.84
C TRP ZA 193 125.84 31.97 -53.89
N TYR ZA 194 127.14 31.79 -53.73
CA TYR ZA 194 128.10 32.17 -54.77
C TYR ZA 194 128.17 31.07 -55.82
N GLN ZA 195 127.78 31.37 -57.06
CA GLN ZA 195 128.09 30.47 -58.17
C GLN ZA 195 129.47 30.75 -58.73
N THR ZA 196 129.90 32.00 -58.64
CA THR ZA 196 131.19 32.44 -59.12
C THR ZA 196 131.68 33.54 -58.18
N ASN ZA 197 132.99 33.69 -58.10
CA ASN ZA 197 133.57 34.68 -57.22
C ASN ZA 197 133.52 36.06 -57.86
N ILE ZA 198 133.19 37.07 -57.06
CA ILE ZA 198 133.11 38.45 -57.52
C ILE ZA 198 134.43 38.86 -58.15
N VAL ZA 199 134.42 39.08 -59.46
CA VAL ZA 199 135.61 39.54 -60.19
C VAL ZA 199 135.57 41.06 -60.27
N VAL ZA 200 136.69 41.68 -59.95
CA VAL ZA 200 136.79 43.14 -59.97
C VAL ZA 200 138.08 43.50 -60.70
N PRO ZA 201 138.14 44.64 -61.39
CA PRO ZA 201 139.41 45.06 -62.01
C PRO ZA 201 140.29 45.83 -61.04
N ALA ZA 202 141.40 46.36 -61.54
CA ALA ZA 202 142.32 47.11 -60.70
C ALA ZA 202 141.71 48.43 -60.26
N ASP ZA 203 142.12 48.88 -59.07
CA ASP ZA 203 141.79 50.22 -58.56
C ASP ZA 203 140.28 50.40 -58.38
N VAL ZA 204 139.57 49.34 -58.00
CA VAL ZA 204 138.19 49.49 -57.52
C VAL ZA 204 137.93 48.39 -56.49
N GLN ZA 205 137.13 48.72 -55.49
CA GLN ZA 205 137.02 47.87 -54.31
C GLN ZA 205 136.27 46.58 -54.60
N SER ZA 206 136.71 45.50 -53.94
CA SER ZA 206 136.21 44.16 -54.18
C SER ZA 206 135.03 43.78 -53.28
N SER ZA 207 134.77 44.56 -52.23
CA SER ZA 207 133.68 44.27 -51.31
C SER ZA 207 132.50 45.19 -51.63
N CYS ZA 208 131.33 44.59 -51.84
CA CYS ZA 208 130.15 45.31 -52.28
C CYS ZA 208 128.97 44.91 -51.40
N ASP ZA 209 127.82 45.50 -51.68
CA ASP ZA 209 126.60 45.23 -50.94
C ASP ZA 209 125.47 44.90 -51.90
N ILE ZA 210 124.44 44.24 -51.37
CA ILE ZA 210 123.23 43.92 -52.10
C ILE ZA 210 122.04 44.35 -51.25
N LEU ZA 211 121.00 44.85 -51.89
CA LEU ZA 211 119.77 45.22 -51.21
C LEU ZA 211 118.66 44.27 -51.60
N CYS ZA 212 117.82 43.91 -50.63
CA CYS ZA 212 116.68 43.03 -50.83
C CYS ZA 212 115.39 43.79 -50.60
N PHE ZA 213 114.43 43.58 -51.50
CA PHE ZA 213 113.11 44.21 -51.44
C PHE ZA 213 112.05 43.12 -51.46
N VAL ZA 214 111.01 43.28 -50.66
CA VAL ZA 214 109.92 42.32 -50.57
C VAL ZA 214 108.63 43.02 -51.01
N SER ZA 215 107.87 42.34 -51.86
CA SER ZA 215 106.52 42.78 -52.18
C SER ZA 215 105.68 41.54 -52.43
N ALA ZA 216 104.36 41.74 -52.52
CA ALA ZA 216 103.44 40.67 -52.86
C ALA ZA 216 103.10 40.76 -54.35
N CYS ZA 217 102.75 39.61 -54.92
CA CYS ZA 217 102.30 39.58 -56.31
C CYS ZA 217 100.82 39.96 -56.36
N ASN ZA 218 100.29 40.06 -57.59
CA ASN ZA 218 98.88 40.41 -57.74
C ASN ZA 218 97.95 39.32 -57.22
N ASP ZA 219 98.45 38.13 -56.93
CA ASP ZA 219 97.64 37.03 -56.43
C ASP ZA 219 97.86 36.85 -54.94
N PHE ZA 220 97.57 37.92 -54.18
CA PHE ZA 220 97.80 37.94 -52.74
C PHE ZA 220 96.56 38.44 -52.03
N SER ZA 221 96.20 37.78 -50.94
CA SER ZA 221 95.00 38.13 -50.18
C SER ZA 221 95.22 37.84 -48.70
N VAL ZA 222 94.58 38.64 -47.85
CA VAL ZA 222 94.62 38.47 -46.41
C VAL ZA 222 93.18 38.35 -45.92
N ARG ZA 223 93.03 37.87 -44.68
CA ARG ZA 223 91.72 37.47 -44.20
C ARG ZA 223 91.69 37.56 -42.68
N MET ZA 224 90.48 37.66 -42.13
CA MET ZA 224 90.27 37.58 -40.69
C MET ZA 224 91.04 38.67 -39.95
N LEU ZA 225 90.48 39.88 -39.97
CA LEU ZA 225 91.14 41.03 -39.34
C LEU ZA 225 91.51 40.72 -37.90
N LYS ZA 226 92.65 41.29 -37.48
CA LYS ZA 226 93.13 41.17 -36.11
C LYS ZA 226 94.05 42.35 -35.82
N ASP ZA 227 94.47 42.46 -34.56
CA ASP ZA 227 95.34 43.55 -34.13
C ASP ZA 227 96.81 43.14 -34.22
N THR ZA 228 97.69 44.16 -34.37
CA THR ZA 228 99.11 43.90 -34.50
C THR ZA 228 99.72 43.64 -33.13
N PRO ZA 229 100.71 42.74 -33.06
CA PRO ZA 229 101.44 42.56 -31.80
C PRO ZA 229 102.54 43.59 -31.60
N PHE ZA 230 102.85 44.40 -32.61
CA PHE ZA 230 104.00 45.28 -32.57
C PHE ZA 230 103.76 46.58 -31.81
N ILE ZA 231 102.57 46.79 -31.27
CA ILE ZA 231 102.23 48.02 -30.56
C ILE ZA 231 101.69 47.66 -29.19
N ARG ZA 232 102.12 48.40 -28.17
CA ARG ZA 232 101.71 48.16 -26.80
C ARG ZA 232 101.41 49.49 -26.12
N GLN ZA 233 100.49 49.45 -25.16
CA GLN ZA 233 100.06 50.64 -24.43
C GLN ZA 233 100.00 50.33 -22.94
N ASP ZA 234 100.44 51.29 -22.13
CA ASP ZA 234 100.34 51.21 -20.67
C ASP ZA 234 99.56 52.35 -20.04
N THR ZA 235 99.57 53.53 -20.65
CA THR ZA 235 98.83 54.68 -20.16
C THR ZA 235 98.38 55.53 -21.35
N PHE ZA 236 97.18 56.09 -21.26
CA PHE ZA 236 96.72 57.05 -22.26
C PHE ZA 236 97.71 58.19 -22.36
N TYR ZA 237 98.22 58.44 -23.57
CA TYR ZA 237 99.31 59.40 -23.76
C TYR ZA 237 98.78 60.82 -23.78
N GLN ZA 238 99.64 61.75 -23.35
CA GLN ZA 238 99.31 63.17 -23.35
C GLN ZA 238 100.51 64.02 -23.78
N SER AB 45 72.03 76.44 -46.06
CA SER AB 45 71.03 75.50 -45.56
C SER AB 45 70.89 75.62 -44.04
N GLU AB 46 72.01 75.58 -43.32
CA GLU AB 46 71.97 75.69 -41.88
C GLU AB 46 71.63 77.10 -41.40
N SER AB 47 71.59 78.07 -42.31
CA SER AB 47 71.23 79.44 -41.96
C SER AB 47 69.74 79.72 -42.13
N SER AB 48 68.96 78.73 -42.55
CA SER AB 48 67.52 78.91 -42.61
C SER AB 48 66.95 79.10 -41.21
N ILE AB 49 65.79 79.77 -41.14
CA ILE AB 49 65.15 79.96 -39.85
C ILE AB 49 64.72 78.62 -39.27
N GLU AB 50 64.32 77.69 -40.12
CA GLU AB 50 63.90 76.37 -39.64
C GLU AB 50 65.05 75.68 -38.91
N ASN AB 51 66.24 75.64 -39.52
CA ASN AB 51 67.38 75.01 -38.84
C ASN AB 51 67.84 75.84 -37.64
N PHE AB 52 67.72 77.17 -37.73
CA PHE AB 52 68.14 78.03 -36.63
C PHE AB 52 67.33 77.75 -35.37
N LEU AB 53 66.02 77.58 -35.51
CA LEU AB 53 65.15 77.44 -34.35
C LEU AB 53 64.77 76.00 -34.03
N CYS AB 54 64.94 75.06 -34.96
CA CYS AB 54 64.47 73.69 -34.81
C CYS AB 54 65.52 72.89 -34.05
N ARG AB 55 65.67 73.26 -32.77
CA ARG AB 55 66.58 72.58 -31.87
C ARG AB 55 65.98 72.62 -30.46
N ALA AB 56 65.94 71.47 -29.80
CA ALA AB 56 65.34 71.38 -28.49
C ALA AB 56 66.12 72.20 -27.46
N ALA AB 57 65.40 72.80 -26.51
CA ALA AB 57 66.00 73.69 -25.54
C ALA AB 57 65.21 73.63 -24.24
N CYS AB 58 65.93 73.56 -23.12
CA CYS AB 58 65.30 73.52 -21.79
C CYS AB 58 64.67 74.88 -21.48
N VAL AB 59 63.35 74.95 -21.50
CA VAL AB 59 62.65 76.22 -21.30
C VAL AB 59 62.43 76.50 -19.81
N TYR AB 60 62.34 75.47 -18.99
CA TYR AB 60 62.04 75.62 -17.58
C TYR AB 60 62.26 74.27 -16.91
N TYR AB 61 62.62 74.30 -15.64
CA TYR AB 61 62.74 73.06 -14.89
C TYR AB 61 62.49 73.34 -13.42
N ALA AB 62 61.69 72.47 -12.79
CA ALA AB 62 61.34 72.65 -11.39
C ALA AB 62 61.19 71.29 -10.73
N THR AB 63 61.05 71.31 -9.41
CA THR AB 63 61.07 70.12 -8.58
C THR AB 63 59.75 69.95 -7.85
N TYR AB 64 59.38 68.68 -7.63
CA TYR AB 64 58.19 68.35 -6.86
C TYR AB 64 58.44 67.09 -6.03
N THR AB 65 57.70 66.97 -4.93
CA THR AB 65 57.96 65.97 -3.91
C THR AB 65 56.82 64.97 -3.82
N ASN AB 66 57.12 63.81 -3.24
CA ASN AB 66 56.15 62.74 -3.12
C ASN AB 66 55.19 62.93 -1.94
N ASN AB 67 55.53 63.79 -0.99
CA ASN AB 67 54.83 63.81 0.30
C ASN AB 67 53.67 64.81 0.35
N SER AB 68 53.97 66.11 0.24
CA SER AB 68 52.98 67.13 0.50
C SER AB 68 51.77 66.96 -0.42
N GLU AB 69 50.71 67.72 -0.12
CA GLU AB 69 49.57 67.83 -1.02
C GLU AB 69 49.78 68.90 -2.08
N LYS AB 70 50.73 69.82 -1.85
CA LYS AB 70 51.22 70.73 -2.87
C LYS AB 70 52.43 70.17 -3.59
N GLY AB 71 52.56 68.84 -3.67
CA GLY AB 71 53.72 68.21 -4.26
C GLY AB 71 53.65 68.08 -5.76
N TYR AB 72 52.92 68.98 -6.40
CA TYR AB 72 52.89 69.09 -7.86
C TYR AB 72 53.58 70.39 -8.28
N ALA AB 73 54.13 70.37 -9.48
CA ALA AB 73 54.81 71.52 -10.06
C ALA AB 73 53.96 72.10 -11.19
N GLU AB 74 54.23 73.37 -11.53
CA GLU AB 74 53.49 74.02 -12.59
C GLU AB 74 54.39 75.00 -13.32
N TRP AB 75 54.07 75.22 -14.59
CA TRP AB 75 54.76 76.18 -15.43
C TRP AB 75 53.78 76.73 -16.45
N VAL AB 76 53.58 78.05 -16.42
CA VAL AB 76 52.80 78.70 -17.47
C VAL AB 76 53.64 78.70 -18.75
N ILE AB 77 53.07 78.17 -19.83
CA ILE AB 77 53.81 77.96 -21.06
C ILE AB 77 54.15 79.34 -21.63
N ASN AB 78 55.43 79.70 -21.59
CA ASN AB 78 55.90 80.96 -22.15
C ASN AB 78 57.20 80.71 -22.89
N THR AB 79 57.70 81.75 -23.56
CA THR AB 79 58.94 81.65 -24.33
C THR AB 79 59.95 82.71 -23.95
N ARG AB 80 59.73 83.47 -22.87
CA ARG AB 80 60.57 84.61 -22.54
C ARG AB 80 61.34 84.46 -21.23
N GLN AB 81 61.24 83.32 -20.54
CA GLN AB 81 62.04 83.14 -19.33
C GLN AB 81 63.49 82.86 -19.65
N VAL AB 82 63.78 82.21 -20.78
CA VAL AB 82 65.13 81.82 -21.15
C VAL AB 82 65.72 82.87 -22.07
N ALA AB 83 66.97 83.27 -21.79
CA ALA AB 83 67.56 84.40 -22.48
C ALA AB 83 67.92 84.06 -23.92
N GLN AB 84 68.67 82.97 -24.13
CA GLN AB 84 69.12 82.63 -25.48
C GLN AB 84 67.94 82.38 -26.39
N LEU AB 85 67.01 81.51 -25.97
CA LEU AB 85 65.85 81.21 -26.80
C LEU AB 85 64.99 82.43 -27.01
N ARG AB 86 64.77 83.22 -25.96
CA ARG AB 86 63.96 84.43 -26.11
C ARG AB 86 64.57 85.33 -27.17
N ARG AB 87 65.88 85.55 -27.13
CA ARG AB 87 66.53 86.43 -28.11
C ARG AB 87 66.43 85.84 -29.51
N LYS AB 88 66.73 84.55 -29.66
CA LYS AB 88 66.63 83.91 -30.97
C LYS AB 88 65.27 84.17 -31.59
N LEU AB 89 64.21 84.00 -30.80
CA LEU AB 89 62.86 84.20 -31.36
C LEU AB 89 62.55 85.69 -31.54
N GLU AB 90 63.06 86.54 -30.66
CA GLU AB 90 62.77 87.97 -30.73
C GLU AB 90 63.53 88.67 -31.83
N LEU AB 91 64.45 87.98 -32.52
CA LEU AB 91 64.97 88.55 -33.76
C LEU AB 91 63.90 88.73 -34.82
N PHE AB 92 62.67 88.26 -34.56
CA PHE AB 92 61.56 88.42 -35.49
C PHE AB 92 60.35 88.95 -34.73
N THR AB 93 59.50 89.70 -35.42
CA THR AB 93 58.35 90.33 -34.78
C THR AB 93 57.18 89.37 -34.68
N TYR AB 94 56.95 88.56 -35.70
CA TYR AB 94 55.83 87.62 -35.73
C TYR AB 94 56.35 86.23 -36.05
N LEU AB 95 55.86 85.25 -35.31
CA LEU AB 95 56.28 83.87 -35.47
C LEU AB 95 55.06 82.96 -35.54
N ARG AB 96 55.26 81.78 -36.12
CA ARG AB 96 54.19 80.81 -36.28
C ARG AB 96 54.85 79.43 -36.37
N PHE AB 97 54.40 78.50 -35.52
CA PHE AB 97 55.07 77.21 -35.40
C PHE AB 97 54.26 76.28 -34.52
N ASP AB 98 54.46 74.99 -34.73
CA ASP AB 98 54.04 73.99 -33.76
C ASP AB 98 55.16 73.79 -32.75
N LEU AB 99 54.86 73.12 -31.65
CA LEU AB 99 55.84 72.92 -30.59
C LEU AB 99 56.00 71.43 -30.29
N GLU AB 100 57.24 71.01 -30.07
CA GLU AB 100 57.53 69.67 -29.57
C GLU AB 100 57.99 69.84 -28.12
N LEU AB 101 57.19 69.34 -27.18
CA LEU AB 101 57.50 69.36 -25.75
C LEU AB 101 58.11 68.02 -25.38
N THR AB 102 59.37 68.04 -24.96
CA THR AB 102 60.06 66.85 -24.48
C THR AB 102 60.36 67.02 -22.99
N PHE AB 103 60.00 66.03 -22.19
CA PHE AB 103 60.12 66.13 -20.74
C PHE AB 103 61.19 65.18 -20.22
N VAL AB 104 62.19 65.73 -19.56
CA VAL AB 104 63.24 64.96 -18.90
C VAL AB 104 62.96 65.02 -17.41
N ILE AB 105 62.41 63.93 -16.87
CA ILE AB 105 61.98 63.86 -15.47
C ILE AB 105 62.85 62.83 -14.77
N THR AB 106 63.57 63.27 -13.74
CA THR AB 106 64.44 62.39 -12.98
C THR AB 106 64.07 62.43 -11.50
N SER AB 107 64.00 61.27 -10.88
CA SER AB 107 63.59 61.14 -9.49
C SER AB 107 64.76 60.66 -8.65
N ALA AB 108 64.65 60.89 -7.34
CA ALA AB 108 65.72 60.53 -6.42
C ALA AB 108 65.11 60.24 -5.05
N GLN AB 109 65.64 59.20 -4.42
CA GLN AB 109 65.20 58.82 -3.07
C GLN AB 109 65.75 59.80 -2.04
N GLN AB 110 64.87 60.36 -1.24
CA GLN AB 110 65.20 61.32 -0.20
C GLN AB 110 65.17 60.63 1.16
N PRO AB 111 65.70 61.27 2.21
CA PRO AB 111 65.94 60.53 3.46
C PRO AB 111 64.66 60.03 4.08
N SER AB 112 64.78 58.94 4.82
CA SER AB 112 63.66 58.31 5.50
C SER AB 112 64.12 57.66 6.79
N THR AB 113 63.23 57.62 7.78
CA THR AB 113 63.57 57.07 9.08
C THR AB 113 63.48 55.54 9.11
N ALA AB 114 62.58 54.97 8.33
CA ALA AB 114 62.23 53.57 8.48
C ALA AB 114 63.30 52.66 7.86
N THR AB 115 63.17 51.36 8.15
CA THR AB 115 64.07 50.36 7.61
C THR AB 115 63.76 50.12 6.14
N SER AB 116 64.08 48.93 5.63
CA SER AB 116 63.92 48.58 4.22
C SER AB 116 62.80 49.37 3.53
N VAL AB 117 63.14 49.99 2.39
CA VAL AB 117 62.19 50.78 1.60
C VAL AB 117 62.24 50.26 0.18
N ASP AB 118 61.43 49.26 -0.13
CA ASP AB 118 61.38 48.71 -1.49
C ASP AB 118 60.26 49.43 -2.23
N ALA AB 119 60.62 50.57 -2.81
CA ALA AB 119 59.63 51.41 -3.49
C ALA AB 119 59.38 50.87 -4.90
N PRO AB 120 58.13 50.74 -5.33
CA PRO AB 120 57.87 50.33 -6.71
C PRO AB 120 58.26 51.42 -7.69
N VAL AB 121 58.27 51.06 -8.97
CA VAL AB 121 58.57 52.03 -10.01
C VAL AB 121 57.61 53.20 -9.90
N GLN AB 122 58.11 54.41 -10.13
CA GLN AB 122 57.34 55.63 -9.97
C GLN AB 122 56.83 56.12 -11.31
N THR AB 123 55.54 56.43 -11.38
CA THR AB 123 54.90 56.98 -12.56
C THR AB 123 54.58 58.46 -12.32
N HIS AB 124 54.51 59.22 -13.41
CA HIS AB 124 54.25 60.65 -13.33
C HIS AB 124 53.17 61.02 -14.33
N GLN AB 125 52.44 62.09 -13.99
CA GLN AB 125 51.39 62.64 -14.84
C GLN AB 125 51.74 64.09 -15.20
N ILE AB 126 51.64 64.39 -16.49
CA ILE AB 126 51.91 65.71 -17.04
C ILE AB 126 50.62 66.18 -17.69
N MET AB 127 49.96 67.16 -17.09
CA MET AB 127 48.67 67.64 -17.56
C MET AB 127 48.84 69.01 -18.22
N TYR AB 128 48.18 69.22 -19.36
CA TYR AB 128 48.15 70.53 -20.00
C TYR AB 128 46.76 71.14 -19.84
N VAL AB 129 46.72 72.33 -19.26
CA VAL AB 129 45.47 73.08 -19.14
C VAL AB 129 45.48 74.18 -20.20
N PRO AB 130 44.81 73.99 -21.33
CA PRO AB 130 44.66 75.07 -22.30
C PRO AB 130 43.88 76.23 -21.69
N PRO AB 131 43.99 77.43 -22.27
CA PRO AB 131 43.23 78.58 -21.74
C PRO AB 131 41.78 78.24 -21.45
N GLY AB 132 41.34 78.47 -20.21
CA GLY AB 132 39.98 78.21 -19.79
C GLY AB 132 39.79 76.91 -19.03
N GLY AB 133 40.80 76.06 -18.97
CA GLY AB 133 40.67 74.77 -18.36
C GLY AB 133 40.82 74.82 -16.85
N PRO AB 134 40.51 73.69 -16.21
CA PRO AB 134 40.66 73.60 -14.76
C PRO AB 134 42.12 73.73 -14.35
N VAL AB 135 42.34 74.21 -13.13
CA VAL AB 135 43.67 74.44 -12.58
C VAL AB 135 43.79 73.65 -11.28
N PRO AB 136 44.74 72.72 -11.18
CA PRO AB 136 44.93 72.01 -9.90
C PRO AB 136 45.27 72.95 -8.76
N THR AB 137 44.49 72.86 -7.68
CA THR AB 137 44.78 73.58 -6.45
C THR AB 137 45.42 72.68 -5.38
N LYS AB 138 45.44 71.37 -5.60
CA LYS AB 138 46.07 70.41 -4.71
C LYS AB 138 46.41 69.19 -5.55
N VAL AB 139 47.30 68.35 -5.02
CA VAL AB 139 47.67 67.14 -5.75
C VAL AB 139 46.45 66.23 -5.96
N THR AB 140 45.41 66.42 -5.16
CA THR AB 140 44.18 65.62 -5.27
C THR AB 140 43.01 66.50 -5.68
N ASP AB 141 43.21 67.33 -6.69
CA ASP AB 141 42.17 68.22 -7.19
C ASP AB 141 41.38 67.55 -8.31
N TYR AB 142 40.21 68.11 -8.61
CA TYR AB 142 39.40 67.60 -9.72
C TYR AB 142 40.01 67.90 -11.07
N ALA AB 143 40.85 68.94 -11.16
CA ALA AB 143 41.48 69.26 -12.43
C ALA AB 143 42.24 68.06 -13.00
N TRP AB 144 42.94 67.33 -12.15
CA TRP AB 144 43.65 66.14 -12.62
C TRP AB 144 42.70 65.13 -13.23
N GLN AB 145 41.51 64.97 -12.63
CA GLN AB 145 40.47 64.08 -13.15
C GLN AB 145 39.70 64.77 -14.27
N THR AB 146 40.45 65.14 -15.32
CA THR AB 146 39.91 65.89 -16.43
C THR AB 146 39.49 64.95 -17.56
N SER AB 147 38.79 65.51 -18.53
CA SER AB 147 38.43 64.80 -19.75
C SER AB 147 38.84 65.55 -21.00
N THR AB 148 38.71 66.88 -21.00
CA THR AB 148 39.07 67.72 -22.14
C THR AB 148 40.40 68.44 -21.94
N ASN AB 149 41.30 67.86 -21.15
CA ASN AB 149 42.64 68.41 -20.97
C ASN AB 149 43.63 67.28 -21.22
N PRO AB 150 44.48 67.39 -22.24
CA PRO AB 150 45.43 66.29 -22.51
C PRO AB 150 46.40 66.11 -21.35
N SER AB 151 46.83 64.87 -21.16
CA SER AB 151 47.81 64.57 -20.12
C SER AB 151 48.54 63.28 -20.47
N VAL AB 152 49.79 63.22 -20.05
CA VAL AB 152 50.71 62.13 -20.34
C VAL AB 152 50.99 61.36 -19.06
N PHE AB 153 50.99 60.03 -19.15
CA PHE AB 153 51.35 59.16 -18.04
C PHE AB 153 52.63 58.42 -18.42
N TRP AB 154 53.71 58.70 -17.71
CA TRP AB 154 55.02 58.17 -18.05
C TRP AB 154 55.70 57.58 -16.82
N THR AB 155 56.22 56.36 -16.95
CA THR AB 155 56.87 55.67 -15.86
C THR AB 155 58.39 55.84 -15.95
N GLU AB 156 59.04 55.94 -14.80
CA GLU AB 156 60.49 56.12 -14.80
C GLU AB 156 61.17 54.99 -15.57
N GLY AB 157 62.28 55.31 -16.21
CA GLY AB 157 63.11 54.32 -16.86
C GLY AB 157 62.81 54.06 -18.32
N ASN AB 158 61.91 54.82 -18.93
CA ASN AB 158 61.61 54.69 -20.35
C ASN AB 158 62.04 55.95 -21.10
N ALA AB 159 61.86 55.93 -22.41
CA ALA AB 159 62.22 57.09 -23.21
C ALA AB 159 61.46 58.31 -22.71
N PRO AB 160 62.10 59.47 -22.62
CA PRO AB 160 61.42 60.65 -22.10
C PRO AB 160 60.10 60.87 -22.82
N PRO AB 161 59.03 61.23 -22.12
CA PRO AB 161 57.77 61.49 -22.81
C PRO AB 161 57.88 62.73 -23.68
N ARG AB 162 57.21 62.68 -24.83
CA ARG AB 162 57.22 63.76 -25.80
C ARG AB 162 55.81 63.97 -26.30
N MET AB 163 55.46 65.23 -26.55
CA MET AB 163 54.08 65.61 -26.84
C MET AB 163 54.12 66.90 -27.62
N SER AB 164 53.55 66.91 -28.81
CA SER AB 164 53.51 68.13 -29.59
C SER AB 164 52.22 68.90 -29.34
N ILE AB 165 52.31 70.22 -29.46
CA ILE AB 165 51.20 71.12 -29.22
C ILE AB 165 51.06 72.02 -30.44
N PRO AB 166 49.89 72.07 -31.10
CA PRO AB 166 49.76 72.85 -32.34
C PRO AB 166 49.84 74.35 -32.14
N PHE AB 167 49.68 75.08 -33.24
CA PHE AB 167 49.55 76.54 -33.22
C PHE AB 167 48.15 76.87 -32.72
N ILE AB 168 48.02 77.13 -31.41
CA ILE AB 168 46.71 77.27 -30.80
C ILE AB 168 46.36 78.75 -30.60
N SER AB 169 46.89 79.61 -31.46
CA SER AB 169 46.68 81.03 -31.33
C SER AB 169 45.44 81.47 -32.10
N ILE AB 170 44.90 82.62 -31.70
CA ILE AB 170 43.72 83.17 -32.36
C ILE AB 170 44.12 83.98 -33.60
N GLY AB 171 45.29 84.63 -33.56
CA GLY AB 171 45.77 85.38 -34.70
C GLY AB 171 46.51 84.50 -35.69
N ASN AB 172 46.84 85.09 -36.84
CA ASN AB 172 47.53 84.36 -37.90
C ASN AB 172 49.02 84.21 -37.63
N ALA AB 173 49.48 84.56 -36.43
CA ALA AB 173 50.88 84.38 -36.04
C ALA AB 173 51.04 84.76 -34.58
N TYR AB 174 51.94 84.06 -33.90
CA TYR AB 174 52.32 84.48 -32.55
C TYR AB 174 52.96 85.87 -32.61
N SER AB 175 52.74 86.65 -31.56
CA SER AB 175 53.26 88.00 -31.47
C SER AB 175 54.40 88.03 -30.45
N CYS AB 176 55.59 88.42 -30.92
CA CYS AB 176 56.73 88.59 -30.03
C CYS AB 176 56.74 89.96 -29.37
N PHE AB 177 56.19 90.97 -30.04
CA PHE AB 177 56.15 92.34 -29.55
C PHE AB 177 54.76 92.91 -29.78
N TYR AB 178 54.36 93.86 -28.95
CA TYR AB 178 53.04 94.47 -29.05
C TYR AB 178 53.11 95.88 -28.51
N ASP AB 179 53.03 96.86 -29.42
CA ASP AB 179 53.04 98.27 -29.05
C ASP AB 179 51.61 98.77 -28.81
N GLY AB 180 50.96 98.16 -27.82
CA GLY AB 180 49.59 98.50 -27.50
C GLY AB 180 49.21 98.00 -26.13
N TRP AB 181 47.91 98.09 -25.84
CA TRP AB 181 47.36 97.69 -24.55
C TRP AB 181 46.32 96.60 -24.72
N THR AB 182 45.92 96.01 -23.60
CA THR AB 182 44.83 95.05 -23.59
C THR AB 182 43.48 95.73 -23.53
N GLN AB 183 43.38 96.86 -22.83
CA GLN AB 183 42.17 97.65 -22.80
C GLN AB 183 42.35 98.89 -23.68
N PHE AB 184 41.29 99.28 -24.37
CA PHE AB 184 41.34 100.52 -25.16
C PHE AB 184 41.52 101.74 -24.28
N SER AB 185 41.45 101.58 -22.96
CA SER AB 185 41.59 102.68 -22.00
C SER AB 185 43.05 103.10 -21.77
N ARG AB 186 43.98 102.65 -22.61
CA ARG AB 186 45.41 102.93 -22.41
C ARG AB 186 45.82 102.60 -20.97
N ASN AB 187 45.20 101.57 -20.41
CA ASN AB 187 45.45 101.15 -19.04
C ASN AB 187 45.33 99.64 -18.98
N GLY AB 188 45.44 99.08 -17.79
CA GLY AB 188 45.45 97.65 -17.63
C GLY AB 188 46.81 97.07 -17.89
N VAL AB 189 47.02 96.49 -19.07
CA VAL AB 189 48.28 95.83 -19.42
C VAL AB 189 48.86 96.50 -20.66
N TYR AB 190 50.18 96.69 -20.66
CA TYR AB 190 50.91 97.21 -21.80
C TYR AB 190 52.07 96.26 -22.11
N GLY AB 191 51.96 95.51 -23.19
CA GLY AB 191 53.08 94.72 -23.66
C GLY AB 191 52.61 93.40 -24.24
N ILE AB 192 53.56 92.48 -24.35
CA ILE AB 192 53.34 91.18 -24.97
C ILE AB 192 52.51 90.30 -24.04
N ASN AB 193 52.16 90.81 -22.86
CA ASN AB 193 51.26 90.11 -21.94
C ASN AB 193 49.79 90.32 -22.28
N THR AB 194 49.48 90.86 -23.46
CA THR AB 194 48.10 91.06 -23.89
C THR AB 194 47.68 90.16 -25.04
N LEU AB 195 48.62 89.68 -25.87
CA LEU AB 195 48.25 88.97 -27.08
C LEU AB 195 48.36 87.46 -26.95
N ASN AB 196 49.58 86.95 -26.84
CA ASN AB 196 49.82 85.52 -26.89
C ASN AB 196 49.41 84.84 -25.58
N ASN AB 197 49.06 83.56 -25.70
CA ASN AB 197 48.60 82.79 -24.54
C ASN AB 197 48.80 81.31 -24.85
N MET AB 198 49.73 80.66 -24.14
CA MET AB 198 50.09 79.28 -24.45
C MET AB 198 49.52 78.26 -23.48
N GLY AB 199 48.79 78.68 -22.45
CA GLY AB 199 48.22 77.75 -21.48
C GLY AB 199 49.20 77.38 -20.38
N THR AB 200 48.71 76.57 -19.45
CA THR AB 200 49.51 76.16 -18.29
C THR AB 200 49.82 74.67 -18.34
N LEU AB 201 50.84 74.26 -17.59
CA LEU AB 201 51.33 72.88 -17.64
C LEU AB 201 51.69 72.42 -16.24
N TYR AB 202 51.05 71.33 -15.79
CA TYR AB 202 51.21 70.82 -14.44
C TYR AB 202 51.87 69.45 -14.45
N MET AB 203 52.51 69.11 -13.33
CA MET AB 203 53.32 67.90 -13.18
C MET AB 203 53.08 67.31 -11.80
N ARG AB 204 52.96 65.98 -11.72
CA ARG AB 204 52.80 65.37 -10.41
C ARG AB 204 53.24 63.91 -10.43
N HIS AB 205 53.48 63.38 -9.22
CA HIS AB 205 53.69 61.95 -9.01
C HIS AB 205 52.36 61.23 -8.99
N VAL AB 206 52.26 60.12 -9.72
CA VAL AB 206 51.03 59.34 -9.76
C VAL AB 206 50.98 58.32 -8.63
N ASN AB 207 52.11 57.72 -8.28
CA ASN AB 207 52.11 56.72 -7.22
C ASN AB 207 51.86 57.38 -5.87
N GLU AB 208 51.31 56.59 -4.94
CA GLU AB 208 50.86 57.11 -3.66
C GLU AB 208 51.95 56.89 -2.61
N ALA AB 209 52.91 57.81 -2.59
CA ALA AB 209 53.98 57.83 -1.60
C ALA AB 209 54.50 56.43 -1.26
N GLY AB 210 54.17 55.93 -0.07
CA GLY AB 210 54.68 54.67 0.40
C GLY AB 210 55.34 54.80 1.75
N GLN AB 211 56.56 54.29 1.88
CA GLN AB 211 57.31 54.37 3.12
C GLN AB 211 58.49 55.33 3.05
N GLY AB 212 58.86 55.80 1.86
CA GLY AB 212 60.01 56.65 1.69
C GLY AB 212 59.78 57.77 0.70
N PRO AB 213 60.40 58.92 0.93
CA PRO AB 213 60.15 60.07 0.08
C PRO AB 213 60.95 60.03 -1.22
N ILE AB 214 60.35 60.60 -2.25
CA ILE AB 214 60.95 60.69 -3.58
C ILE AB 214 60.76 62.11 -4.09
N LYS AB 215 61.86 62.75 -4.48
CA LYS AB 215 61.83 64.10 -5.03
C LYS AB 215 62.25 64.03 -6.49
N SER AB 216 61.51 64.69 -7.36
CA SER AB 216 61.75 64.62 -8.80
C SER AB 216 61.93 66.01 -9.38
N THR AB 217 62.67 66.05 -10.48
CA THR AB 217 62.98 67.27 -11.21
C THR AB 217 62.53 67.08 -12.64
N VAL AB 218 61.61 67.94 -13.10
CA VAL AB 218 61.11 67.93 -14.46
C VAL AB 218 61.79 69.07 -15.22
N ARG AB 219 62.25 68.76 -16.43
CA ARG AB 219 62.82 69.73 -17.36
C ARG AB 219 62.01 69.68 -18.64
N ILE AB 220 61.37 70.80 -18.98
CA ILE AB 220 60.56 70.91 -20.18
C ILE AB 220 61.45 71.41 -21.32
N TYR AB 221 61.20 70.91 -22.53
CA TYR AB 221 61.99 71.28 -23.70
C TYR AB 221 61.08 71.67 -24.86
N PHE AB 222 61.32 72.88 -25.40
CA PHE AB 222 60.65 73.36 -26.60
C PHE AB 222 61.47 73.02 -27.84
N LYS AB 223 60.79 72.57 -28.89
CA LYS AB 223 61.38 72.52 -30.23
C LYS AB 223 60.34 73.06 -31.20
N PRO AB 224 60.49 74.30 -31.66
CA PRO AB 224 59.57 74.82 -32.68
C PRO AB 224 59.74 74.05 -33.99
N LYS AB 225 58.66 73.42 -34.42
CA LYS AB 225 58.60 72.73 -35.69
C LYS AB 225 57.77 73.53 -36.69
N HIS AB 226 58.13 73.41 -37.97
CA HIS AB 226 57.39 74.05 -39.05
C HIS AB 226 57.20 75.54 -38.75
N VAL AB 227 58.33 76.24 -38.75
CA VAL AB 227 58.41 77.62 -38.29
C VAL AB 227 58.22 78.56 -39.48
N LYS AB 228 57.54 79.68 -39.22
CA LYS AB 228 57.38 80.76 -40.18
C LYS AB 228 57.55 82.07 -39.43
N ALA AB 229 58.49 82.91 -39.87
CA ALA AB 229 58.81 84.16 -39.20
C ALA AB 229 58.60 85.33 -40.15
N TRP AB 230 58.29 86.50 -39.57
CA TRP AB 230 58.04 87.71 -40.34
C TRP AB 230 58.65 88.91 -39.64
N VAL AB 231 58.95 89.94 -40.44
CA VAL AB 231 59.34 91.25 -39.94
C VAL AB 231 60.53 91.11 -39.00
N PRO AB 232 61.76 91.03 -39.51
CA PRO AB 232 62.92 90.96 -38.63
C PRO AB 232 63.17 92.30 -37.96
N ARG AB 233 63.83 92.23 -36.81
CA ARG AB 233 64.11 93.40 -35.99
C ARG AB 233 65.47 93.24 -35.34
N PRO AB 234 66.05 94.33 -34.84
CA PRO AB 234 67.43 94.26 -34.36
C PRO AB 234 67.56 93.26 -33.23
N PRO AB 235 68.72 92.62 -33.10
CA PRO AB 235 68.91 91.68 -32.00
C PRO AB 235 68.91 92.41 -30.65
N ARG AB 236 68.54 91.65 -29.61
CA ARG AB 236 68.58 92.20 -28.25
C ARG AB 236 70.00 92.59 -27.88
N LEU AB 237 70.16 93.82 -27.40
CA LEU AB 237 71.46 94.33 -26.97
C LEU AB 237 71.58 94.34 -25.45
N CYS AB 238 70.70 95.08 -24.78
CA CYS AB 238 70.73 95.13 -23.32
C CYS AB 238 70.10 93.86 -22.76
N GLN AB 239 70.66 93.38 -21.66
CA GLN AB 239 70.18 92.13 -21.07
C GLN AB 239 68.74 92.25 -20.63
N TYR AB 240 67.99 91.16 -20.79
CA TYR AB 240 66.59 91.16 -20.41
C TYR AB 240 66.43 91.45 -18.92
N GLU AB 241 65.30 92.06 -18.57
CA GLU AB 241 65.02 92.43 -17.19
C GLU AB 241 63.81 91.75 -16.59
N LYS AB 242 62.77 91.51 -17.39
CA LYS AB 242 61.56 90.88 -16.92
C LYS AB 242 61.09 89.86 -17.93
N GLN AB 243 60.39 88.84 -17.45
CA GLN AB 243 59.84 87.82 -18.34
C GLN AB 243 58.63 88.32 -19.11
N LYS AB 244 58.00 89.41 -18.67
CA LYS AB 244 56.73 89.85 -19.21
C LYS AB 244 56.80 91.18 -19.95
N ASN AB 245 57.98 91.75 -20.17
CA ASN AB 245 58.05 93.03 -20.85
C ASN AB 245 59.46 93.31 -21.35
N VAL AB 246 59.56 94.34 -22.20
CA VAL AB 246 60.80 94.70 -22.87
C VAL AB 246 61.72 95.55 -22.02
N ASN AB 247 61.26 96.02 -20.86
CA ASN AB 247 62.02 96.95 -20.04
C ASN AB 247 63.50 96.62 -20.04
N PHE AB 248 64.33 97.63 -20.30
CA PHE AB 248 65.76 97.44 -20.40
C PHE AB 248 66.48 98.58 -19.70
N THR AB 249 67.75 98.34 -19.40
CA THR AB 249 68.65 99.34 -18.84
C THR AB 249 69.62 99.80 -19.91
N PRO AB 250 69.78 101.11 -20.12
CA PRO AB 250 70.60 101.57 -21.25
C PRO AB 250 72.04 101.07 -21.14
N THR AB 251 72.56 100.59 -22.27
CA THR AB 251 73.92 100.07 -22.33
C THR AB 251 74.63 100.67 -23.54
N GLY AB 252 75.94 100.48 -23.57
CA GLY AB 252 76.75 101.00 -24.65
C GLY AB 252 76.53 100.24 -25.95
N VAL AB 253 77.03 100.85 -27.02
CA VAL AB 253 76.81 100.28 -28.35
C VAL AB 253 77.62 98.99 -28.52
N THR AB 254 78.89 99.02 -28.11
CA THR AB 254 79.77 97.88 -28.34
C THR AB 254 80.85 97.83 -27.26
N THR AB 255 81.70 96.82 -27.36
CA THR AB 255 82.93 96.78 -26.58
C THR AB 255 83.84 97.92 -27.04
N THR AB 256 84.73 98.33 -26.14
CA THR AB 256 85.50 99.55 -26.34
C THR AB 256 86.93 99.25 -26.76
N ARG AB 257 87.49 100.15 -27.57
CA ARG AB 257 88.91 100.17 -27.87
C ARG AB 257 89.45 101.56 -27.56
N VAL AB 258 90.74 101.77 -27.81
CA VAL AB 258 91.41 103.01 -27.45
C VAL AB 258 91.12 104.08 -28.50
N GLY AB 259 91.70 103.92 -29.68
CA GLY AB 259 91.54 104.88 -30.75
C GLY AB 259 91.13 104.19 -32.03
N ILE AB 260 90.65 105.01 -32.98
CA ILE AB 260 90.19 104.46 -34.24
C ILE AB 260 91.35 103.94 -35.08
N THR AB 261 92.58 104.33 -34.74
CA THR AB 261 93.75 103.83 -35.43
C THR AB 261 94.28 102.56 -34.78
N ARG BB 14 58.25 118.99 -59.91
CA ARG BB 14 57.12 118.06 -59.95
C ARG BB 14 56.16 118.35 -58.79
N SER BB 15 55.00 117.70 -58.81
CA SER BB 15 53.96 117.93 -57.80
C SER BB 15 52.85 116.90 -58.00
N ILE BB 16 52.03 116.73 -56.96
CA ILE BB 16 50.97 115.71 -56.94
C ILE BB 16 49.80 116.25 -56.13
N THR BB 17 48.60 115.73 -56.42
CA THR BB 17 47.37 116.22 -55.81
C THR BB 17 46.53 115.03 -55.29
N LEU BB 18 47.13 114.23 -54.42
CA LEU BB 18 46.40 113.14 -53.80
C LEU BB 18 45.19 113.67 -53.03
N GLY BB 19 44.00 113.16 -53.38
CA GLY BB 19 42.81 113.56 -52.66
C GLY BB 19 42.59 115.06 -52.71
N ASN BB 20 42.13 115.60 -51.58
CA ASN BB 20 41.90 117.04 -51.43
C ASN BB 20 43.16 117.81 -51.06
N SER BB 21 44.33 117.28 -51.37
CA SER BB 21 45.60 117.86 -50.95
C SER BB 21 46.47 118.13 -52.17
N THR BB 22 47.66 118.66 -51.90
CA THR BB 22 48.60 119.03 -52.97
C THR BB 22 49.99 119.04 -52.34
N ILE BB 23 50.83 118.08 -52.71
CA ILE BB 23 52.20 117.99 -52.23
C ILE BB 23 53.14 118.32 -53.38
N THR BB 24 54.32 118.84 -53.04
CA THR BB 24 55.36 119.17 -54.02
C THR BB 24 56.50 118.17 -53.83
N THR BB 25 56.58 117.20 -54.73
CA THR BB 25 57.59 116.16 -54.69
C THR BB 25 58.45 116.25 -55.94
N GLN BB 26 59.74 115.94 -55.78
CA GLN BB 26 60.68 115.96 -56.89
C GLN BB 26 60.45 114.78 -57.81
N GLU BB 27 61.44 114.45 -58.65
CA GLU BB 27 61.31 113.30 -59.56
C GLU BB 27 60.96 112.00 -58.84
N CYS BB 28 61.12 111.94 -57.52
CA CYS BB 28 60.96 110.70 -56.76
C CYS BB 28 62.09 109.75 -57.09
N ALA BB 29 63.33 110.20 -56.89
CA ALA BB 29 64.50 109.40 -57.22
C ALA BB 29 64.39 108.00 -56.62
N ASN BB 30 63.99 107.91 -55.35
CA ASN BB 30 63.86 106.61 -54.70
C ASN BB 30 62.82 106.71 -53.58
N VAL BB 31 61.72 105.99 -53.74
CA VAL BB 31 60.74 105.77 -52.68
C VAL BB 31 60.90 104.35 -52.21
N VAL BB 32 61.08 104.16 -50.90
CA VAL BB 32 61.30 102.83 -50.34
C VAL BB 32 59.96 102.18 -50.09
N VAL BB 33 59.68 101.09 -50.80
CA VAL BB 33 58.36 100.44 -50.72
C VAL BB 33 58.48 99.34 -49.67
N GLY BB 34 58.30 99.74 -48.41
CA GLY BB 34 58.20 98.84 -47.28
C GLY BB 34 58.93 97.52 -47.40
N TYR BB 35 58.21 96.43 -47.14
CA TYR BB 35 58.77 95.09 -47.29
C TYR BB 35 58.44 94.52 -48.67
N GLY BB 36 58.67 95.33 -49.70
CA GLY BB 36 58.36 94.92 -51.05
C GLY BB 36 56.89 94.80 -51.37
N VAL BB 37 56.02 95.30 -50.49
CA VAL BB 37 54.58 95.17 -50.64
C VAL BB 37 53.97 96.56 -50.79
N TRP BB 38 53.17 96.74 -51.83
CA TRP BB 38 52.41 97.98 -51.96
C TRP BB 38 51.08 97.84 -51.20
N PRO BB 39 50.67 98.85 -50.42
CA PRO BB 39 49.43 98.70 -49.64
C PRO BB 39 48.23 98.35 -50.51
N GLU BB 40 47.45 97.39 -50.03
CA GLU BB 40 46.25 96.93 -50.74
C GLU BB 40 45.16 96.65 -49.72
N TYR BB 41 43.94 96.48 -50.23
CA TYR BB 41 42.81 96.19 -49.36
C TYR BB 41 42.84 94.73 -48.90
N LEU BB 42 42.14 94.46 -47.81
CA LEU BB 42 42.07 93.11 -47.27
C LEU BB 42 41.38 92.18 -48.26
N LYS BB 43 41.80 90.93 -48.28
CA LYS BB 43 41.25 89.91 -49.16
C LYS BB 43 40.19 89.10 -48.42
N ASP BB 44 39.19 88.64 -49.17
CA ASP BB 44 38.16 87.79 -48.57
C ASP BB 44 38.74 86.48 -48.06
N ASN BB 45 39.84 86.00 -48.66
CA ASN BB 45 40.49 84.79 -48.21
C ASN BB 45 41.18 84.96 -46.86
N GLU BB 46 41.48 86.20 -46.47
CA GLU BB 46 42.07 86.51 -45.16
C GLU BB 46 41.25 87.58 -44.46
N ALA BB 47 39.93 87.42 -44.47
CA ALA BB 47 39.01 88.37 -43.88
C ALA BB 47 38.33 87.77 -42.66
N THR BB 48 37.91 88.63 -41.73
CA THR BB 48 37.30 88.21 -40.48
C THR BB 48 35.90 88.77 -40.30
N ALA BB 49 35.75 90.10 -40.30
CA ALA BB 49 34.48 90.72 -39.95
C ALA BB 49 33.43 90.42 -41.01
N GLU BB 50 32.30 89.84 -40.59
CA GLU BB 50 31.22 89.56 -41.51
C GLU BB 50 30.77 90.82 -42.24
N ASP BB 51 30.68 91.94 -41.51
CA ASP BB 51 30.32 93.20 -42.13
C ASP BB 51 31.40 93.63 -43.13
N GLN BB 52 30.96 94.16 -44.27
CA GLN BB 52 31.89 94.65 -45.27
C GLN BB 52 32.57 95.93 -44.77
N PRO BB 53 33.69 96.32 -45.39
CA PRO BB 53 34.46 97.45 -44.88
C PRO BB 53 33.99 98.80 -45.40
N THR BB 54 34.32 99.83 -44.61
CA THR BB 54 34.09 101.23 -44.99
C THR BB 54 35.41 101.80 -45.50
N GLN BB 55 35.39 102.31 -46.73
CA GLN BB 55 36.60 102.80 -47.39
C GLN BB 55 36.34 104.22 -47.87
N PRO BB 56 36.57 105.22 -47.02
CA PRO BB 56 36.27 106.60 -47.43
C PRO BB 56 37.01 107.06 -48.67
N ASP BB 57 38.20 106.53 -48.94
CA ASP BB 57 38.94 106.86 -50.15
C ASP BB 57 39.50 108.28 -50.11
N VAL BB 58 39.00 109.17 -50.97
CA VAL BB 58 39.59 110.50 -51.09
C VAL BB 58 39.49 111.25 -49.76
N ALA BB 59 38.40 111.04 -49.02
CA ALA BB 59 38.25 111.72 -47.73
C ALA BB 59 39.31 111.28 -46.74
N THR BB 60 39.72 110.01 -46.79
CA THR BB 60 40.76 109.49 -45.92
C THR BB 60 42.12 109.42 -46.59
N CYS BB 61 42.18 108.99 -47.85
CA CYS BB 61 43.43 108.89 -48.60
C CYS BB 61 43.83 110.29 -49.08
N ARG BB 62 44.48 111.03 -48.18
CA ARG BB 62 44.90 112.39 -48.47
C ARG BB 62 46.09 112.73 -47.58
N PHE BB 63 46.83 113.77 -47.98
CA PHE BB 63 48.08 114.15 -47.33
C PHE BB 63 47.78 114.96 -46.06
N TYR BB 64 47.87 114.32 -44.90
CA TYR BB 64 47.85 115.02 -43.62
C TYR BB 64 49.29 115.39 -43.27
N THR BB 65 49.59 116.69 -43.21
CA THR BB 65 50.94 117.14 -42.91
C THR BB 65 51.00 117.63 -41.46
N LEU BB 66 51.70 116.88 -40.61
CA LEU BB 66 51.77 117.22 -39.21
C LEU BB 66 52.62 118.47 -38.99
N GLU BB 67 52.70 118.91 -37.75
CA GLU BB 67 53.51 120.07 -37.41
C GLU BB 67 54.96 119.85 -37.82
N SER BB 68 55.63 120.92 -38.20
CA SER BB 68 57.04 120.87 -38.52
C SER BB 68 57.87 120.84 -37.23
N VAL BB 69 59.06 120.26 -37.31
CA VAL BB 69 59.96 120.18 -36.17
C VAL BB 69 61.27 120.89 -36.52
N GLN BB 70 61.93 121.37 -35.48
CA GLN BB 70 63.18 122.13 -35.60
C GLN BB 70 64.36 121.19 -35.38
N TRP BB 71 65.23 121.09 -36.38
CA TRP BB 71 66.49 120.40 -36.26
C TRP BB 71 67.55 121.45 -35.96
N MET BB 72 68.12 121.36 -34.75
CA MET BB 72 69.23 122.18 -34.31
C MET BB 72 70.38 121.26 -33.92
N LYS BB 73 71.53 121.86 -33.59
CA LYS BB 73 72.75 121.08 -33.43
C LYS BB 73 72.65 120.06 -32.30
N ASN BB 74 71.70 120.21 -31.39
CA ASN BB 74 71.61 119.32 -30.23
C ASN BB 74 70.50 118.29 -30.34
N SER BB 75 69.61 118.40 -31.31
CA SER BB 75 68.46 117.50 -31.41
C SER BB 75 68.91 116.05 -31.37
N ALA BB 76 68.21 115.24 -30.57
CA ALA BB 76 68.52 113.83 -30.44
C ALA BB 76 67.67 112.96 -31.36
N GLY BB 77 66.45 113.37 -31.65
CA GLY BB 77 65.59 112.63 -32.56
C GLY BB 77 64.13 112.77 -32.17
N TRP BB 78 63.26 112.31 -33.07
CA TRP BB 78 61.82 112.40 -32.90
C TRP BB 78 61.17 111.07 -33.27
N TRP BB 79 59.96 110.87 -32.76
CA TRP BB 79 59.18 109.70 -33.12
C TRP BB 79 57.69 110.02 -33.02
N TRP BB 80 56.91 109.34 -33.87
CA TRP BB 80 55.46 109.44 -33.91
C TRP BB 80 54.86 108.04 -33.95
N LYS BB 81 53.83 107.80 -33.12
CA LYS BB 81 53.04 106.58 -33.23
C LYS BB 81 51.96 106.79 -34.29
N LEU BB 82 51.85 105.83 -35.22
CA LEU BB 82 51.13 106.14 -36.46
C LEU BB 82 49.62 106.20 -36.27
N PRO BB 83 48.94 105.12 -35.88
CA PRO BB 83 47.48 105.24 -35.68
C PRO BB 83 47.10 106.39 -34.76
N ASP BB 84 47.95 106.69 -33.77
CA ASP BB 84 47.71 107.76 -32.82
C ASP BB 84 48.38 109.08 -33.22
N ALA BB 85 48.69 109.26 -34.51
CA ALA BB 85 49.17 110.54 -35.02
C ALA BB 85 48.09 111.31 -35.77
N LEU BB 86 47.38 110.62 -36.66
CA LEU BB 86 46.23 111.18 -37.36
C LEU BB 86 44.93 110.98 -36.60
N SER BB 87 45.02 110.60 -35.32
CA SER BB 87 43.82 110.35 -34.54
C SER BB 87 42.94 111.58 -34.45
N GLN BB 88 43.53 112.78 -34.39
CA GLN BB 88 42.80 114.02 -34.31
C GLN BB 88 42.78 114.78 -35.63
N MET BB 89 43.26 114.16 -36.71
CA MET BB 89 43.41 114.84 -38.00
C MET BB 89 42.29 114.37 -38.94
N GLY BB 90 41.23 115.16 -39.02
CA GLY BB 90 40.25 115.01 -40.09
C GLY BB 90 39.42 113.73 -40.05
N LEU BB 91 38.97 113.34 -41.25
CA LEU BB 91 38.04 112.22 -41.37
C LEU BB 91 38.72 110.88 -41.10
N PHE BB 92 40.05 110.78 -41.22
CA PHE BB 92 40.73 109.61 -40.72
C PHE BB 92 40.45 109.43 -39.23
N GLY BB 93 40.63 110.50 -38.45
CA GLY BB 93 40.30 110.44 -37.04
C GLY BB 93 38.83 110.18 -36.80
N GLN BB 94 37.96 110.75 -37.64
CA GLN BB 94 36.53 110.51 -37.51
C GLN BB 94 36.19 109.03 -37.65
N ASN BB 95 36.66 108.40 -38.75
CA ASN BB 95 36.44 106.98 -38.95
C ASN BB 95 37.09 106.15 -37.85
N MET BB 96 38.27 106.58 -37.40
CA MET BB 96 38.97 105.86 -36.34
C MET BB 96 38.15 105.85 -35.05
N GLN BB 97 37.48 106.96 -34.75
CA GLN BB 97 36.70 107.04 -33.51
C GLN BB 97 35.36 106.30 -33.65
N TYR BB 98 34.72 106.37 -34.82
CA TYR BB 98 33.41 105.73 -34.94
C TYR BB 98 33.53 104.22 -35.08
N HIS BB 99 34.41 103.74 -35.95
CA HIS BB 99 34.55 102.32 -36.21
C HIS BB 99 35.53 101.69 -35.22
N TYR BB 100 35.19 100.48 -34.77
CA TYR BB 100 36.04 99.78 -33.80
C TYR BB 100 37.27 99.14 -34.43
N LEU BB 101 37.24 98.87 -35.74
CA LEU BB 101 38.31 98.17 -36.43
C LEU BB 101 38.87 99.05 -37.54
N GLY BB 102 40.16 98.87 -37.80
CA GLY BB 102 40.82 99.64 -38.85
C GLY BB 102 41.94 98.84 -39.47
N ARG BB 103 42.30 99.25 -40.69
CA ARG BB 103 43.37 98.61 -41.44
C ARG BB 103 43.87 99.63 -42.45
N THR BB 104 45.17 99.93 -42.41
CA THR BB 104 45.68 101.01 -43.23
C THR BB 104 47.15 100.81 -43.53
N GLY BB 105 47.56 101.16 -44.75
CA GLY BB 105 48.94 101.42 -45.05
C GLY BB 105 49.19 102.92 -45.01
N TYR BB 106 50.45 103.31 -45.05
CA TYR BB 106 50.77 104.72 -44.98
C TYR BB 106 51.82 105.06 -46.02
N THR BB 107 51.81 106.32 -46.47
CA THR BB 107 52.88 106.87 -47.27
C THR BB 107 53.47 108.04 -46.49
N ILE BB 108 54.72 107.91 -46.09
CA ILE BB 108 55.38 108.84 -45.18
C ILE BB 108 56.38 109.65 -45.99
N HIS BB 109 56.28 110.98 -45.90
CA HIS BB 109 57.12 111.89 -46.67
C HIS BB 109 57.73 112.86 -45.66
N VAL BB 110 59.01 112.64 -45.33
CA VAL BB 110 59.74 113.51 -44.43
C VAL BB 110 60.54 114.47 -45.31
N GLN BB 111 60.20 115.75 -45.28
CA GLN BB 111 60.85 116.76 -46.10
C GLN BB 111 61.67 117.68 -45.20
N CYS BB 112 62.93 117.91 -45.57
CA CYS BB 112 63.83 118.74 -44.78
C CYS BB 112 64.31 119.88 -45.67
N ASN BB 113 64.47 121.07 -45.08
CA ASN BB 113 64.86 122.24 -45.86
C ASN BB 113 66.13 122.88 -45.29
N ALA BB 114 67.20 122.87 -46.09
CA ALA BB 114 68.47 123.48 -45.72
C ALA BB 114 69.08 124.11 -46.97
N SER BB 115 70.36 124.49 -46.87
CA SER BB 115 71.10 125.09 -47.97
C SER BB 115 72.27 124.19 -48.36
N LYS BB 116 73.02 124.62 -49.38
CA LYS BB 116 74.26 123.92 -49.72
C LYS BB 116 75.30 124.06 -48.62
N PHE BB 117 75.18 125.10 -47.78
CA PHE BB 117 76.15 125.39 -46.74
C PHE BB 117 75.76 124.78 -45.39
N HIS BB 118 74.71 123.95 -45.35
CA HIS BB 118 74.36 123.17 -44.17
C HIS BB 118 74.84 121.74 -44.34
N GLN BB 119 74.88 121.01 -43.22
CA GLN BB 119 75.29 119.61 -43.25
C GLN BB 119 74.60 118.86 -42.12
N GLY BB 120 74.43 117.56 -42.32
CA GLY BB 120 73.73 116.72 -41.38
C GLY BB 120 73.22 115.47 -42.06
N CYS BB 121 72.75 114.54 -41.24
CA CYS BB 121 72.23 113.27 -41.77
C CYS BB 121 71.21 112.69 -40.81
N LEU BB 122 69.99 112.48 -41.31
CA LEU BB 122 68.90 111.88 -40.56
C LEU BB 122 68.63 110.46 -41.07
N LEU BB 123 68.35 109.54 -40.15
CA LEU BB 123 67.80 108.24 -40.47
C LEU BB 123 66.28 108.32 -40.27
N VAL BB 124 65.53 108.04 -41.33
CA VAL BB 124 64.08 108.04 -41.29
C VAL BB 124 63.63 106.60 -41.44
N VAL BB 125 63.08 106.03 -40.37
CA VAL BB 125 62.77 104.60 -40.33
C VAL BB 125 61.33 104.41 -39.87
N CYS BB 126 60.73 103.29 -40.29
CA CYS BB 126 59.39 102.90 -39.88
C CYS BB 126 59.47 101.57 -39.15
N VAL BB 127 59.33 101.60 -37.83
CA VAL BB 127 59.45 100.41 -36.98
C VAL BB 127 58.05 99.84 -36.78
N PRO BB 128 57.74 98.66 -37.32
CA PRO BB 128 56.50 97.99 -36.93
C PRO BB 128 56.62 97.43 -35.51
N GLU BB 129 55.59 97.65 -34.69
CA GLU BB 129 55.54 97.14 -33.33
C GLU BB 129 56.71 97.67 -32.50
N ALA BB 130 56.77 99.00 -32.39
CA ALA BB 130 57.82 99.66 -31.62
C ALA BB 130 57.43 99.65 -30.14
N GLU BB 131 57.47 98.45 -29.57
CA GLU BB 131 57.24 98.28 -28.13
C GLU BB 131 58.41 98.88 -27.36
N MET BB 132 58.15 99.91 -26.58
CA MET BB 132 59.19 100.68 -25.91
C MET BB 132 59.20 100.36 -24.41
N GLY BB 133 60.40 100.42 -23.82
CA GLY BB 133 60.57 100.10 -22.43
C GLY BB 133 60.46 101.31 -21.52
N CYS BB 134 60.48 101.04 -20.22
CA CYS BB 134 60.36 102.06 -19.20
C CYS BB 134 61.72 102.35 -18.56
N SER BB 135 61.81 103.50 -17.90
CA SER BB 135 63.00 103.83 -17.12
C SER BB 135 62.98 103.09 -15.78
N ASN BB 136 61.84 103.07 -15.10
CA ASN BB 136 61.65 102.24 -13.92
C ASN BB 136 61.28 100.84 -14.38
N LEU BB 137 62.17 99.88 -14.17
CA LEU BB 137 62.02 98.56 -14.77
C LEU BB 137 60.80 97.81 -14.26
N ASN BB 138 60.15 98.28 -13.20
CA ASN BB 138 58.99 97.60 -12.64
C ASN BB 138 57.67 98.18 -13.13
N ASN BB 139 57.70 99.03 -14.17
CA ASN BB 139 56.48 99.68 -14.64
C ASN BB 139 56.55 99.83 -16.15
N THR BB 140 55.37 99.98 -16.75
CA THR BB 140 55.28 100.26 -18.19
C THR BB 140 55.02 101.74 -18.42
N PRO BB 141 55.59 102.33 -19.46
CA PRO BB 141 55.40 103.78 -19.67
C PRO BB 141 53.93 104.15 -19.83
N GLU BB 142 53.66 105.44 -19.65
CA GLU BB 142 52.30 105.94 -19.73
C GLU BB 142 51.90 106.25 -21.17
N PHE BB 143 50.59 106.22 -21.42
CA PHE BB 143 50.06 106.51 -22.75
C PHE BB 143 50.55 107.87 -23.24
N ALA BB 144 50.50 108.88 -22.38
CA ALA BB 144 50.93 110.21 -22.78
C ALA BB 144 52.42 110.24 -23.08
N GLU BB 145 53.23 109.49 -22.32
CA GLU BB 145 54.67 109.49 -22.56
C GLU BB 145 55.00 108.81 -23.88
N LEU BB 146 54.30 107.73 -24.22
CA LEU BB 146 54.60 107.03 -25.46
C LEU BB 146 54.01 107.73 -26.68
N SER BB 147 52.88 108.43 -26.53
CA SER BB 147 52.11 108.92 -27.65
C SER BB 147 52.30 110.42 -27.82
N GLY BB 148 52.42 110.85 -29.08
CA GLY BB 148 52.56 112.25 -29.39
C GLY BB 148 51.93 112.63 -30.72
N GLY BB 149 50.69 112.17 -30.95
CA GLY BB 149 50.02 112.52 -32.20
C GLY BB 149 49.90 114.03 -32.35
N ASP BB 150 50.17 114.50 -33.56
CA ASP BB 150 50.20 115.94 -33.86
C ASP BB 150 51.25 116.67 -33.03
N THR BB 151 52.08 115.93 -32.28
CA THR BB 151 53.11 116.54 -31.43
C THR BB 151 54.22 115.51 -31.23
N ALA BB 152 55.20 115.54 -32.14
CA ALA BB 152 56.29 114.57 -32.12
C ALA BB 152 56.87 114.40 -30.72
N ARG BB 153 56.99 113.15 -30.26
CA ARG BB 153 57.74 112.91 -29.03
C ARG BB 153 59.23 112.88 -29.35
N MET BB 154 60.05 113.22 -28.38
CA MET BB 154 61.48 113.38 -28.62
C MET BB 154 62.29 112.31 -27.90
N PHE BB 155 63.38 111.88 -28.56
CA PHE BB 155 64.42 111.13 -27.89
C PHE BB 155 65.23 112.06 -27.01
N THR BB 156 65.99 111.48 -26.09
CA THR BB 156 66.80 112.25 -25.16
C THR BB 156 68.28 111.99 -25.41
N ASP BB 157 69.09 112.99 -25.05
CA ASP BB 157 70.53 112.92 -25.25
C ASP BB 157 71.23 112.06 -24.20
N THR BB 158 70.57 111.76 -23.09
CA THR BB 158 71.16 110.99 -22.01
C THR BB 158 70.11 110.03 -21.47
N GLN BB 159 70.56 109.03 -20.71
CA GLN BB 159 69.64 108.14 -20.02
C GLN BB 159 68.85 108.93 -18.99
N ILE BB 160 67.52 108.84 -19.07
CA ILE BB 160 66.69 109.54 -18.10
C ILE BB 160 66.67 108.77 -16.78
N GLY BB 161 66.24 109.45 -15.73
CA GLY BB 161 66.41 108.92 -14.38
C GLY BB 161 65.42 107.81 -14.05
N GLU BB 162 65.90 106.86 -13.24
CA GLU BB 162 65.03 105.78 -12.79
C GLU BB 162 63.92 106.29 -11.90
N THR BB 163 64.20 107.33 -11.10
CA THR BB 163 63.19 107.88 -10.22
C THR BB 163 61.91 108.24 -10.98
N ASN BB 164 62.03 108.62 -12.24
CA ASN BB 164 60.87 108.92 -13.07
C ASN BB 164 59.93 107.73 -13.14
N SER BB 165 58.76 107.86 -12.50
CA SER BB 165 57.83 106.75 -12.33
C SER BB 165 57.57 105.97 -13.61
N LYS BB 166 56.92 106.60 -14.60
CA LYS BB 166 56.49 105.92 -15.82
C LYS BB 166 56.82 106.77 -17.06
N LYS BB 167 58.11 107.05 -17.23
CA LYS BB 167 58.63 107.74 -18.40
C LYS BB 167 59.37 106.73 -19.28
N VAL BB 168 59.57 107.11 -20.54
CA VAL BB 168 60.18 106.22 -21.53
C VAL BB 168 61.68 106.39 -21.53
N GLN BB 169 62.41 105.28 -21.48
CA GLN BB 169 63.86 105.31 -21.53
C GLN BB 169 64.31 105.76 -22.91
N THR BB 170 64.41 107.07 -23.10
CA THR BB 170 64.55 107.67 -24.41
C THR BB 170 66.01 107.81 -24.86
N ALA BB 171 66.92 107.05 -24.26
CA ALA BB 171 68.31 107.08 -24.69
C ALA BB 171 68.39 106.64 -26.16
N VAL BB 172 68.85 107.55 -27.02
CA VAL BB 172 68.69 107.36 -28.47
C VAL BB 172 69.48 106.15 -28.94
N TRP BB 173 70.70 105.94 -28.41
CA TRP BB 173 71.52 104.85 -28.91
C TRP BB 173 70.93 103.48 -28.59
N ASN BB 174 69.83 103.43 -27.83
CA ASN BB 174 69.09 102.19 -27.66
C ASN BB 174 67.69 102.28 -28.28
N ALA BB 175 67.34 103.40 -28.89
CA ALA BB 175 66.09 103.57 -29.64
C ALA BB 175 64.86 103.29 -28.79
N GLY BB 176 65.01 103.32 -27.46
CA GLY BB 176 63.88 103.00 -26.61
C GLY BB 176 63.36 101.59 -26.78
N MET BB 177 64.13 100.72 -27.42
CA MET BB 177 63.76 99.33 -27.63
C MET BB 177 64.85 98.37 -27.18
N GLY BB 178 65.92 98.88 -26.56
CA GLY BB 178 66.97 98.02 -26.04
C GLY BB 178 67.87 97.40 -27.09
N VAL BB 179 67.93 97.98 -28.28
CA VAL BB 179 68.74 97.43 -29.36
C VAL BB 179 69.82 98.44 -29.73
N GLY BB 180 70.64 98.10 -30.72
CA GLY BB 180 71.60 99.04 -31.27
C GLY BB 180 70.94 99.95 -32.28
N VAL BB 181 70.92 101.26 -32.01
CA VAL BB 181 70.23 102.19 -32.90
C VAL BB 181 70.80 102.10 -34.31
N GLY BB 182 72.09 101.80 -34.45
CA GLY BB 182 72.70 101.62 -35.75
C GLY BB 182 72.22 100.41 -36.50
N ASN BB 183 71.37 99.58 -35.89
CA ASN BB 183 70.81 98.40 -36.53
C ASN BB 183 69.33 98.57 -36.86
N LEU BB 184 68.77 99.78 -36.67
CA LEU BB 184 67.40 100.03 -37.07
C LEU BB 184 67.18 99.86 -38.56
N THR BB 185 68.27 99.80 -39.34
CA THR BB 185 68.15 99.74 -40.79
C THR BB 185 67.43 98.49 -41.29
N ILE BB 186 67.21 97.49 -40.42
CA ILE BB 186 66.45 96.32 -40.85
C ILE BB 186 65.03 96.72 -41.23
N TYR BB 187 64.46 97.69 -40.49
CA TYR BB 187 63.16 98.23 -40.83
C TYR BB 187 63.27 99.11 -42.07
N PRO BB 188 62.21 99.22 -42.86
CA PRO BB 188 62.25 100.13 -44.02
C PRO BB 188 62.67 101.53 -43.60
N HIS BB 189 63.57 102.12 -44.38
CA HIS BB 189 64.23 103.34 -43.97
C HIS BB 189 64.82 104.05 -45.19
N GLN BB 190 65.10 105.33 -44.99
CA GLN BB 190 65.89 106.12 -45.91
C GLN BB 190 66.81 107.04 -45.11
N TRP BB 191 67.78 107.63 -45.80
CA TRP BB 191 68.69 108.59 -45.19
C TRP BB 191 68.51 109.94 -45.87
N ILE BB 192 68.34 110.98 -45.07
CA ILE BB 192 68.34 112.35 -45.55
C ILE BB 192 69.72 112.90 -45.24
N ASN BB 193 70.62 112.84 -46.22
CA ASN BB 193 71.92 113.49 -46.16
C ASN BB 193 71.78 114.85 -46.83
N LEU BB 194 71.75 115.91 -46.01
CA LEU BB 194 71.52 117.25 -46.56
C LEU BB 194 72.47 117.55 -47.70
N ARG BB 195 73.67 116.96 -47.68
CA ARG BB 195 74.61 117.13 -48.78
C ARG BB 195 73.96 116.73 -50.11
N THR BB 196 73.21 115.63 -50.12
CA THR BB 196 72.67 115.08 -51.36
C THR BB 196 71.17 114.77 -51.27
N ASN BB 197 70.46 115.25 -50.25
CA ASN BB 197 69.10 114.83 -50.05
C ASN BB 197 68.22 115.99 -49.60
N ASN BB 198 66.93 115.87 -49.92
CA ASN BB 198 65.92 116.85 -49.55
C ASN BB 198 64.76 116.23 -48.78
N SER BB 199 64.50 114.93 -48.96
CA SER BB 199 63.35 114.30 -48.32
C SER BB 199 63.51 112.78 -48.42
N ALA BB 200 62.61 112.08 -47.74
CA ALA BB 200 62.56 110.64 -47.76
C ALA BB 200 61.10 110.21 -47.84
N THR BB 201 60.81 109.27 -48.73
CA THR BB 201 59.45 108.77 -48.91
C THR BB 201 59.46 107.26 -48.74
N ILE BB 202 58.66 106.78 -47.79
CA ILE BB 202 58.57 105.35 -47.47
C ILE BB 202 57.10 104.94 -47.53
N VAL BB 203 56.82 103.88 -48.29
CA VAL BB 203 55.49 103.36 -48.49
C VAL BB 203 55.34 102.13 -47.62
N MET BB 204 54.66 102.27 -46.48
CA MET BB 204 54.51 101.18 -45.52
C MET BB 204 53.21 100.43 -45.76
N PRO BB 205 53.24 99.11 -45.89
CA PRO BB 205 52.01 98.33 -45.95
C PRO BB 205 51.49 98.02 -44.54
N TYR BB 206 50.32 97.39 -44.51
CA TYR BB 206 49.71 96.97 -43.24
C TYR BB 206 50.52 95.82 -42.64
N ILE BB 207 51.18 96.08 -41.52
CA ILE BB 207 52.00 95.09 -40.84
C ILE BB 207 51.34 94.79 -39.50
N ASN BB 208 50.78 93.59 -39.38
CA ASN BB 208 50.16 93.15 -38.14
C ASN BB 208 49.87 91.67 -38.25
N SER BB 209 49.70 91.03 -37.09
CA SER BB 209 49.42 89.59 -37.06
C SER BB 209 47.96 89.27 -37.38
N VAL BB 210 47.08 90.26 -37.30
CA VAL BB 210 45.65 90.03 -37.53
C VAL BB 210 45.23 90.85 -38.75
N PRO BB 211 44.14 90.44 -39.43
CA PRO BB 211 43.70 91.22 -40.60
C PRO BB 211 43.22 92.63 -40.25
N MET BB 212 42.59 92.82 -39.09
CA MET BB 212 42.15 94.13 -38.66
C MET BB 212 42.28 94.21 -37.14
N ASP BB 213 42.49 95.43 -36.64
CA ASP BB 213 42.67 95.66 -35.22
C ASP BB 213 42.05 97.00 -34.86
N ASN BB 214 41.88 97.21 -33.55
CA ASN BB 214 41.44 98.51 -33.05
C ASN BB 214 42.59 99.50 -33.12
N MET BB 215 42.30 100.71 -33.60
CA MET BB 215 43.33 101.69 -33.91
C MET BB 215 43.74 102.53 -32.70
N PHE BB 216 42.98 102.51 -31.61
CA PHE BB 216 43.34 103.26 -30.41
C PHE BB 216 44.14 102.42 -29.41
N ARG BB 217 43.82 101.13 -29.31
CA ARG BB 217 44.54 100.27 -28.37
C ARG BB 217 45.89 99.83 -28.88
N HIS BB 218 46.15 99.92 -30.19
CA HIS BB 218 47.34 99.33 -30.80
C HIS BB 218 47.88 100.25 -31.89
N ASN BB 219 49.12 100.71 -31.72
CA ASN BB 219 49.81 101.55 -32.71
C ASN BB 219 50.72 100.65 -33.53
N ASN BB 220 50.22 100.19 -34.69
CA ASN BB 220 50.91 99.15 -35.44
C ASN BB 220 52.29 99.58 -35.94
N LEU BB 221 52.53 100.89 -36.10
CA LEU BB 221 53.78 101.37 -36.67
C LEU BB 221 54.26 102.57 -35.87
N THR BB 222 55.55 102.87 -36.03
CA THR BB 222 56.16 104.00 -35.32
C THR BB 222 57.24 104.59 -36.20
N LEU BB 223 57.08 105.86 -36.58
CA LEU BB 223 58.09 106.55 -37.35
C LEU BB 223 59.15 107.12 -36.42
N MET BB 224 60.42 106.95 -36.80
CA MET BB 224 61.55 107.45 -36.02
C MET BB 224 62.50 108.23 -36.94
N ILE BB 225 62.87 109.43 -36.52
CA ILE BB 225 63.85 110.26 -37.21
C ILE BB 225 64.99 110.49 -36.24
N ILE BB 226 66.14 109.91 -36.52
CA ILE BB 226 67.29 109.96 -35.62
C ILE BB 226 68.48 110.57 -36.37
N PRO BB 227 69.00 111.71 -35.93
CA PRO BB 227 70.20 112.27 -36.58
C PRO BB 227 71.44 111.49 -36.20
N PHE BB 228 72.09 110.88 -37.20
CA PHE BB 228 73.30 110.14 -36.95
C PHE BB 228 74.54 111.04 -36.99
N VAL BB 229 74.58 111.98 -37.90
CA VAL BB 229 75.58 113.04 -37.95
C VAL BB 229 74.87 114.35 -37.69
N PRO BB 230 75.21 115.10 -36.64
CA PRO BB 230 74.37 116.21 -36.21
C PRO BB 230 74.39 117.35 -37.23
N LEU BB 231 73.33 118.15 -37.18
CA LEU BB 231 73.27 119.36 -37.98
C LEU BB 231 74.42 120.29 -37.60
N ASN BB 232 74.99 120.95 -38.60
CA ASN BB 232 76.01 121.96 -38.35
C ASN BB 232 75.92 123.01 -39.43
N TYR BB 233 76.47 124.18 -39.13
CA TYR BB 233 76.34 125.36 -39.98
C TYR BB 233 77.21 126.46 -39.43
N SER BB 234 77.84 127.22 -40.32
CA SER BB 234 78.69 128.31 -39.87
C SER BB 234 77.84 129.49 -39.40
N GLU BB 235 78.49 130.41 -38.70
CA GLU BB 235 77.80 131.60 -38.23
C GLU BB 235 77.21 132.35 -39.42
N GLY BB 236 75.93 132.70 -39.29
CA GLY BB 236 75.22 133.37 -40.36
C GLY BB 236 74.17 132.47 -40.98
N SER BB 237 74.55 131.21 -41.23
CA SER BB 237 73.60 130.25 -41.74
C SER BB 237 72.47 130.06 -40.75
N SER BB 238 71.26 129.89 -41.25
CA SER BB 238 70.10 129.80 -40.38
C SER BB 238 70.26 128.62 -39.43
N PRO BB 239 70.00 128.79 -38.13
CA PRO BB 239 70.20 127.70 -37.17
C PRO BB 239 69.03 126.73 -37.07
N TYR BB 240 68.02 126.93 -37.90
CA TYR BB 240 66.74 126.24 -37.85
C TYR BB 240 66.61 125.42 -39.14
N VAL BB 241 66.80 124.11 -39.07
CA VAL BB 241 66.59 123.26 -40.23
C VAL BB 241 65.27 122.51 -40.03
N PRO BB 242 64.20 122.89 -40.73
CA PRO BB 242 62.91 122.25 -40.46
C PRO BB 242 62.75 120.92 -41.16
N ILE BB 243 62.09 120.02 -40.44
CA ILE BB 243 61.65 118.72 -40.94
C ILE BB 243 60.12 118.71 -40.86
N THR BB 244 59.47 118.55 -42.00
CA THR BB 244 58.02 118.54 -42.10
C THR BB 244 57.60 117.14 -42.51
N VAL BB 245 56.74 116.52 -41.71
CA VAL BB 245 56.28 115.16 -41.95
C VAL BB 245 54.89 115.22 -42.57
N THR BB 246 54.70 114.49 -43.68
CA THR BB 246 53.42 114.40 -44.36
C THR BB 246 53.09 112.92 -44.49
N ILE BB 247 52.04 112.49 -43.79
CA ILE BB 247 51.62 111.10 -43.79
C ILE BB 247 50.28 111.01 -44.51
N ALA BB 248 50.13 109.97 -45.32
CA ALA BB 248 48.92 109.77 -46.11
C ALA BB 248 48.40 108.35 -45.88
N PRO BB 249 47.22 108.18 -45.30
CA PRO BB 249 46.61 106.85 -45.26
C PRO BB 249 46.41 106.33 -46.68
N MET BB 250 46.51 105.00 -46.82
CA MET BB 250 46.36 104.37 -48.11
C MET BB 250 45.62 103.06 -47.90
N CYS BB 251 44.54 102.88 -48.67
CA CYS BB 251 43.70 101.69 -48.58
C CYS BB 251 43.22 101.47 -47.14
N ALA BB 252 42.61 102.51 -46.58
CA ALA BB 252 42.06 102.43 -45.23
C ALA BB 252 40.70 101.73 -45.25
N GLU BB 253 40.51 100.83 -44.29
CA GLU BB 253 39.26 100.10 -44.14
C GLU BB 253 38.81 100.16 -42.69
N TYR BB 254 37.49 100.11 -42.49
CA TYR BB 254 36.93 100.24 -41.15
C TYR BB 254 35.67 99.39 -41.06
N ASN BB 255 35.64 98.48 -40.09
CA ASN BB 255 34.49 97.60 -39.91
C ASN BB 255 33.90 97.76 -38.50
N GLY CB 1 52.87 38.74 -35.98
CA GLY CB 1 54.21 38.90 -35.36
C GLY CB 1 55.24 39.45 -36.32
N LEU CB 2 56.27 40.09 -35.78
CA LEU CB 2 57.32 40.68 -36.60
C LEU CB 2 58.65 40.60 -35.86
N PRO CB 3 59.65 39.91 -36.40
CA PRO CB 3 60.97 39.92 -35.74
C PRO CB 3 61.56 41.33 -35.73
N VAL CB 4 62.13 41.71 -34.58
CA VAL CB 4 62.68 43.03 -34.40
C VAL CB 4 63.91 42.94 -33.51
N MET CB 5 64.89 43.80 -33.78
CA MET CB 5 66.08 43.95 -32.96
C MET CB 5 66.26 45.43 -32.66
N THR CB 6 66.01 45.84 -31.42
CA THR CB 6 66.23 47.23 -31.06
C THR CB 6 67.73 47.53 -31.07
N THR CB 7 68.10 48.55 -31.81
CA THR CB 7 69.50 48.88 -31.99
C THR CB 7 69.97 49.85 -30.93
N PRO CB 8 71.28 49.95 -30.72
CA PRO CB 8 71.80 50.97 -29.78
C PRO CB 8 71.27 52.35 -30.13
N GLY CB 9 70.91 53.10 -29.09
CA GLY CB 9 70.36 54.43 -29.24
C GLY CB 9 68.88 54.53 -28.95
N SER CB 10 68.19 53.40 -28.80
CA SER CB 10 66.76 53.44 -28.52
C SER CB 10 66.50 54.19 -27.21
N THR CB 11 65.31 54.79 -27.12
CA THR CB 11 64.87 55.52 -25.92
C THR CB 11 65.88 56.61 -25.56
N GLN CB 12 66.10 57.52 -26.51
CA GLN CB 12 67.16 58.50 -26.40
C GLN CB 12 66.63 59.86 -26.82
N PHE CB 13 66.93 60.88 -26.03
CA PHE CB 13 66.53 62.25 -26.33
C PHE CB 13 67.77 63.00 -26.78
N LEU CB 14 67.96 63.09 -28.09
CA LEU CB 14 68.98 63.94 -28.67
C LEU CB 14 68.37 65.32 -28.91
N THR CB 15 68.96 66.34 -28.28
CA THR CB 15 68.50 67.71 -28.50
C THR CB 15 68.25 67.97 -29.99
N SER CB 16 69.19 67.56 -30.82
CA SER CB 16 69.12 67.77 -32.26
C SER CB 16 68.56 66.54 -32.96
N ASP CB 17 67.35 66.14 -32.56
CA ASP CB 17 66.61 65.10 -33.24
C ASP CB 17 65.44 65.71 -34.00
N ASP CB 18 64.96 64.97 -34.99
CA ASP CB 18 63.91 65.46 -35.89
C ASP CB 18 62.85 64.38 -36.10
N PHE CB 19 62.46 63.71 -35.02
CA PHE CB 19 61.50 62.62 -35.10
C PHE CB 19 60.07 63.13 -35.05
N GLN CB 20 59.15 62.29 -35.53
CA GLN CB 20 57.73 62.59 -35.45
C GLN CB 20 57.23 62.32 -34.04
N SER CB 21 56.26 63.13 -33.62
CA SER CB 21 55.71 63.04 -32.28
C SER CB 21 54.19 63.06 -32.33
N PRO CB 22 53.52 62.41 -31.37
CA PRO CB 22 52.05 62.43 -31.37
C PRO CB 22 51.51 63.77 -30.93
N SER CB 23 50.49 64.25 -31.64
CA SER CB 23 49.92 65.55 -31.36
C SER CB 23 49.04 65.50 -30.11
N ALA CB 24 49.09 66.57 -29.33
CA ALA CB 24 48.34 66.65 -28.08
C ALA CB 24 46.94 67.20 -28.26
N MET CB 25 46.71 68.00 -29.30
CA MET CB 25 45.41 68.63 -29.57
C MET CB 25 44.95 68.20 -30.95
N PRO CB 26 44.57 66.93 -31.11
CA PRO CB 26 44.08 66.48 -32.42
C PRO CB 26 42.83 67.23 -32.85
N GLN CB 27 42.73 67.49 -34.15
CA GLN CB 27 41.57 68.09 -34.78
C GLN CB 27 41.37 69.55 -34.39
N PHE CB 28 42.40 70.20 -33.84
CA PHE CB 28 42.34 71.64 -33.62
C PHE CB 28 42.51 72.34 -34.97
N ASP CB 29 41.46 73.01 -35.42
CA ASP CB 29 41.52 73.77 -36.67
C ASP CB 29 42.38 75.01 -36.46
N VAL CB 30 43.65 74.93 -36.86
CA VAL CB 30 44.55 76.06 -36.69
C VAL CB 30 44.01 77.25 -37.47
N THR CB 31 44.17 78.44 -36.91
CA THR CB 31 43.74 79.64 -37.61
C THR CB 31 44.50 79.75 -38.93
N PRO CB 32 43.84 80.11 -40.02
CA PRO CB 32 44.51 80.16 -41.32
C PRO CB 32 45.70 81.12 -41.29
N GLU CB 33 46.46 81.11 -42.37
CA GLU CB 33 47.61 81.99 -42.50
C GLU CB 33 47.21 83.30 -43.16
N MET CB 34 48.05 84.31 -42.97
CA MET CB 34 47.89 85.60 -43.62
C MET CB 34 49.19 85.98 -44.30
N GLN CB 35 49.08 86.66 -45.44
CA GLN CB 35 50.24 87.10 -46.20
C GLN CB 35 50.80 88.34 -45.51
N ILE CB 36 51.60 88.09 -44.48
CA ILE CB 36 52.20 89.17 -43.68
C ILE CB 36 53.44 89.68 -44.41
N PRO CB 37 53.67 90.98 -44.47
CA PRO CB 37 54.83 91.49 -45.21
C PRO CB 37 56.13 91.06 -44.55
N GLY CB 38 57.19 91.05 -45.36
CA GLY CB 38 58.52 90.82 -44.86
C GLY CB 38 58.75 89.45 -44.25
N ARG CB 39 58.31 88.40 -44.94
CA ARG CB 39 58.59 87.04 -44.46
C ARG CB 39 60.09 86.77 -44.58
N VAL CB 40 60.68 86.29 -43.50
CA VAL CB 40 62.10 85.91 -43.49
C VAL CB 40 62.17 84.40 -43.66
N ASN CB 41 63.06 83.95 -44.55
CA ASN CB 41 63.32 82.54 -44.76
C ASN CB 41 64.75 82.14 -44.42
N ASN CB 42 65.70 83.07 -44.44
CA ASN CB 42 67.08 82.77 -44.14
C ASN CB 42 67.69 83.92 -43.36
N LEU CB 43 68.67 83.61 -42.53
CA LEU CB 43 69.37 84.64 -41.76
C LEU CB 43 70.37 85.40 -42.61
N MET CB 44 70.79 84.85 -43.75
CA MET CB 44 71.61 85.62 -44.66
C MET CB 44 70.84 86.80 -45.24
N GLU CB 45 69.52 86.67 -45.36
CA GLU CB 45 68.69 87.82 -45.75
C GLU CB 45 68.90 88.99 -44.80
N ILE CB 46 69.15 88.71 -43.52
CA ILE CB 46 69.44 89.79 -42.57
C ILE CB 46 70.90 90.19 -42.64
N ALA CB 47 71.80 89.22 -42.78
CA ALA CB 47 73.22 89.52 -42.82
C ALA CB 47 73.58 90.40 -44.02
N GLU CB 48 72.77 90.38 -45.07
CA GLU CB 48 73.04 91.20 -46.25
C GLU CB 48 72.55 92.63 -46.13
N VAL CB 49 72.02 93.03 -44.97
CA VAL CB 49 71.44 94.35 -44.79
C VAL CB 49 72.50 95.30 -44.26
N ASP CB 50 72.64 96.46 -44.90
CA ASP CB 50 73.55 97.47 -44.42
C ASP CB 50 73.15 97.91 -43.02
N SER CB 51 74.13 97.98 -42.12
CA SER CB 51 73.89 98.46 -40.77
C SER CB 51 75.06 99.33 -40.34
N VAL CB 52 74.75 100.37 -39.56
CA VAL CB 52 75.76 101.36 -39.21
C VAL CB 52 76.83 100.72 -38.34
N VAL CB 53 78.08 101.11 -38.57
CA VAL CB 53 79.24 100.53 -37.91
C VAL CB 53 79.72 101.50 -36.84
N PRO CB 54 79.80 101.10 -35.57
CA PRO CB 54 80.37 102.01 -34.55
C PRO CB 54 81.89 102.02 -34.60
N VAL CB 55 82.44 102.67 -35.62
CA VAL CB 55 83.88 102.69 -35.80
C VAL CB 55 84.56 103.49 -34.70
N ASN CB 56 83.88 104.51 -34.17
CA ASN CB 56 84.47 105.38 -33.15
C ASN CB 56 84.10 104.84 -31.77
N ASN CB 57 84.78 103.74 -31.41
CA ASN CB 57 84.52 103.01 -30.17
C ASN CB 57 84.98 103.75 -28.91
N THR CB 58 85.52 104.96 -29.04
CA THR CB 58 86.02 105.72 -27.90
C THR CB 58 85.11 105.57 -26.68
N GLU CB 59 85.75 105.27 -25.54
CA GLU CB 59 85.05 105.09 -24.27
C GLU CB 59 83.86 106.02 -24.10
N ALA CB 60 84.04 107.31 -24.38
CA ALA CB 60 82.95 108.27 -24.17
C ALA CB 60 81.91 108.21 -25.28
N ASN CB 61 82.30 107.80 -26.49
CA ASN CB 61 81.37 107.74 -27.61
C ASN CB 61 80.53 106.48 -27.61
N VAL CB 62 80.99 105.41 -26.98
CA VAL CB 62 80.30 104.12 -27.10
C VAL CB 62 78.85 104.21 -26.65
N ASN CB 63 78.56 105.06 -25.65
CA ASN CB 63 77.20 105.23 -25.15
C ASN CB 63 76.47 106.39 -25.82
N SER CB 64 76.74 106.63 -27.10
CA SER CB 64 76.10 107.75 -27.79
C SER CB 64 76.20 107.49 -29.29
N LEU CB 65 75.47 108.30 -30.06
CA LEU CB 65 75.58 108.24 -31.50
C LEU CB 65 76.94 108.67 -32.00
N LYS CB 66 77.77 109.28 -31.14
CA LYS CB 66 79.13 109.62 -31.55
C LYS CB 66 79.94 108.38 -31.93
N ALA CB 67 79.52 107.20 -31.48
CA ALA CB 67 80.24 105.97 -31.83
C ALA CB 67 80.17 105.71 -33.32
N TYR CB 68 79.03 106.00 -33.95
CA TYR CB 68 78.84 105.75 -35.37
C TYR CB 68 79.47 106.82 -36.24
N GLN CB 69 79.92 107.93 -35.67
CA GLN CB 69 80.44 109.05 -36.43
C GLN CB 69 81.95 108.93 -36.57
N ILE CB 70 82.43 108.88 -37.80
CA ILE CB 70 83.86 108.87 -38.09
C ILE CB 70 84.28 110.33 -38.31
N PRO CB 71 85.07 110.92 -37.42
CA PRO CB 71 85.40 112.35 -37.59
C PRO CB 71 86.33 112.57 -38.76
N VAL CB 72 86.06 113.62 -39.53
CA VAL CB 72 86.94 114.11 -40.57
C VAL CB 72 87.08 115.61 -40.38
N GLN CB 73 88.27 116.14 -40.65
CA GLN CB 73 88.53 117.54 -40.39
C GLN CB 73 89.49 118.08 -41.43
N SER CB 74 89.42 119.40 -41.64
CA SER CB 74 90.41 120.06 -42.47
C SER CB 74 91.77 120.01 -41.78
N ASN CB 75 92.77 119.50 -42.49
CA ASN CB 75 94.12 119.35 -41.97
C ASN CB 75 95.06 120.35 -42.65
N SER CB 76 96.27 120.45 -42.09
CA SER CB 76 97.30 121.29 -42.70
C SER CB 76 97.95 120.62 -43.90
N ASP CB 77 97.81 119.30 -44.03
CA ASP CB 77 98.34 118.56 -45.17
C ASP CB 77 97.56 117.25 -45.27
N ASN CB 78 98.06 116.34 -46.10
CA ASN CB 78 97.44 115.04 -46.31
C ASN CB 78 98.36 113.93 -45.79
N GLY CB 79 97.78 112.74 -45.63
CA GLY CB 79 98.52 111.58 -45.19
C GLY CB 79 98.29 111.14 -43.77
N LYS CB 80 97.30 111.70 -43.08
CA LYS CB 80 96.99 111.33 -41.70
C LYS CB 80 95.84 110.34 -41.71
N GLN CB 81 96.06 109.16 -41.16
CA GLN CB 81 95.04 108.12 -41.14
C GLN CB 81 93.71 108.66 -40.63
N VAL CB 82 92.63 108.23 -41.27
CA VAL CB 82 91.28 108.57 -40.82
C VAL CB 82 90.75 107.54 -39.83
N PHE CB 83 90.90 106.25 -40.16
CA PHE CB 83 90.47 105.18 -39.27
C PHE CB 83 91.11 103.88 -39.74
N GLY CB 84 91.06 102.88 -38.87
CA GLY CB 84 91.52 101.55 -39.23
C GLY CB 84 90.99 100.46 -38.33
N PHE CB 85 90.28 99.49 -38.91
CA PHE CB 85 89.81 98.33 -38.15
C PHE CB 85 90.08 97.05 -38.92
N PRO CB 86 90.23 95.92 -38.23
CA PRO CB 86 90.48 94.66 -38.93
C PRO CB 86 89.19 94.10 -39.56
N LEU CB 87 89.39 93.08 -40.39
CA LEU CB 87 88.30 92.37 -41.07
C LEU CB 87 87.75 91.24 -40.20
N GLN CB 88 87.47 91.53 -38.93
CA GLN CB 88 86.87 90.54 -38.05
C GLN CB 88 85.39 90.85 -37.86
N PRO CB 89 84.52 90.40 -38.75
CA PRO CB 89 83.09 90.73 -38.62
C PRO CB 89 82.46 90.20 -37.34
N GLY CB 90 82.97 89.11 -36.77
CA GLY CB 90 82.33 88.48 -35.63
C GLY CB 90 83.05 88.62 -34.32
N ALA CB 91 84.29 89.11 -34.35
CA ALA CB 91 85.11 89.23 -33.15
C ALA CB 91 85.33 90.67 -32.71
N ASN CB 92 85.76 91.53 -33.62
CA ASN CB 92 86.08 92.90 -33.26
C ASN CB 92 84.83 93.63 -32.79
N GLY CB 93 85.01 94.55 -31.84
CA GLY CB 93 83.89 95.32 -31.32
C GLY CB 93 83.27 96.25 -32.34
N VAL CB 94 84.03 96.65 -33.35
CA VAL CB 94 83.49 97.56 -34.36
C VAL CB 94 82.37 96.88 -35.14
N LEU CB 95 82.51 95.58 -35.40
CA LEU CB 95 81.60 94.86 -36.27
C LEU CB 95 80.76 93.80 -35.56
N ASN CB 96 81.18 93.34 -34.39
CA ASN CB 96 80.51 92.19 -33.78
C ASN CB 96 79.05 92.48 -33.44
N ARG CB 97 78.71 93.74 -33.15
CA ARG CB 97 77.34 94.12 -32.85
C ARG CB 97 76.62 94.75 -34.04
N THR CB 98 77.29 94.89 -35.18
CA THR CB 98 76.60 95.18 -36.41
C THR CB 98 75.54 94.10 -36.66
N LEU CB 99 74.64 94.35 -37.59
CA LEU CB 99 73.70 93.31 -37.97
C LEU CB 99 74.44 92.07 -38.45
N LEU CB 100 75.42 92.25 -39.34
CA LEU CB 100 76.23 91.15 -39.82
C LEU CB 100 76.92 90.43 -38.67
N GLY CB 101 77.54 91.18 -37.76
CA GLY CB 101 78.28 90.56 -36.67
C GLY CB 101 77.38 89.79 -35.72
N GLU CB 102 76.21 90.34 -35.40
CA GLU CB 102 75.28 89.64 -34.54
C GLU CB 102 74.90 88.29 -35.13
N ILE CB 103 74.65 88.26 -36.46
CA ILE CB 103 74.30 86.97 -37.07
C ILE CB 103 75.50 86.04 -37.09
N LEU CB 104 76.69 86.58 -37.38
CA LEU CB 104 77.88 85.74 -37.40
C LEU CB 104 78.14 85.12 -36.04
N ASN CB 105 77.80 85.82 -34.96
CA ASN CB 105 78.05 85.30 -33.62
C ASN CB 105 77.12 84.17 -33.24
N TYR CB 106 76.09 83.88 -34.04
CA TYR CB 106 75.26 82.71 -33.83
C TYR CB 106 75.82 81.47 -34.53
N TYR CB 107 76.92 81.60 -35.25
CA TYR CB 107 77.52 80.49 -35.99
C TYR CB 107 79.02 80.48 -35.74
N THR CB 108 79.66 79.34 -36.06
CA THR CB 108 81.08 79.17 -35.81
C THR CB 108 81.96 79.46 -37.02
N HIS CB 109 81.48 79.16 -38.23
CA HIS CB 109 82.23 79.41 -39.45
C HIS CB 109 81.51 80.45 -40.31
N TRP CB 110 82.30 81.19 -41.09
CA TRP CB 110 81.76 82.16 -42.04
C TRP CB 110 82.68 82.20 -43.25
N SER CB 111 82.11 82.61 -44.38
CA SER CB 111 82.87 82.70 -45.63
C SER CB 111 82.16 83.67 -46.55
N GLY CB 112 82.90 84.62 -47.11
CA GLY CB 112 82.35 85.54 -48.10
C GLY CB 112 83.00 86.90 -48.02
N SER CB 113 82.57 87.76 -48.94
CA SER CB 113 83.05 89.13 -49.03
C SER CB 113 82.13 90.06 -48.24
N ILE CB 114 82.61 91.27 -47.99
CA ILE CB 114 81.88 92.22 -47.15
C ILE CB 114 81.82 93.58 -47.83
N LYS CB 115 80.63 94.18 -47.84
CA LYS CB 115 80.45 95.53 -48.38
C LYS CB 115 80.54 96.53 -47.24
N LEU CB 116 81.50 97.46 -47.37
CA LEU CB 116 81.66 98.60 -46.46
C LEU CB 116 81.27 99.85 -47.24
N THR CB 117 80.11 100.41 -46.94
CA THR CB 117 79.61 101.61 -47.60
C THR CB 117 79.94 102.82 -46.75
N PHE CB 118 80.61 103.81 -47.35
CA PHE CB 118 81.02 105.02 -46.66
C PHE CB 118 80.28 106.22 -47.22
N MET CB 119 79.59 106.95 -46.35
CA MET CB 119 78.78 108.10 -46.72
C MET CB 119 79.34 109.34 -46.06
N PHE CB 120 79.67 110.35 -46.86
CA PHE CB 120 80.21 111.61 -46.35
C PHE CB 120 79.04 112.52 -46.01
N CYS CB 121 78.87 112.85 -44.73
CA CYS CB 121 77.76 113.67 -44.29
C CYS CB 121 78.19 115.10 -43.97
N GLY CB 122 79.15 115.62 -44.71
CA GLY CB 122 79.56 117.00 -44.59
C GLY CB 122 78.69 117.91 -45.43
N SER CB 123 79.16 119.16 -45.58
CA SER CB 123 78.43 120.14 -46.36
C SER CB 123 78.46 119.79 -47.84
N ALA CB 124 77.42 120.25 -48.56
CA ALA CB 124 77.38 120.03 -50.00
C ALA CB 124 78.52 120.76 -50.71
N MET CB 125 79.14 121.74 -50.07
CA MET CB 125 80.18 122.53 -50.69
C MET CB 125 81.59 121.95 -50.50
N ALA CB 126 81.74 120.97 -49.62
CA ALA CB 126 83.06 120.45 -49.31
C ALA CB 126 83.56 119.52 -50.41
N THR CB 127 84.88 119.51 -50.59
CA THR CB 127 85.53 118.61 -51.52
C THR CB 127 86.75 118.00 -50.83
N GLY CB 128 87.24 116.91 -51.40
CA GLY CB 128 88.41 116.24 -50.86
C GLY CB 128 88.51 114.84 -51.44
N LYS CB 129 89.59 114.16 -51.04
CA LYS CB 129 89.84 112.81 -51.52
C LYS CB 129 90.40 111.95 -50.40
N PHE CB 130 89.96 110.69 -50.36
CA PHE CB 130 90.39 109.76 -49.34
C PHE CB 130 90.90 108.49 -50.00
N LEU CB 131 91.73 107.75 -49.28
CA LEU CB 131 92.24 106.46 -49.73
C LEU CB 131 91.68 105.40 -48.79
N LEU CB 132 90.77 104.59 -49.30
CA LEU CB 132 90.24 103.43 -48.57
C LEU CB 132 90.98 102.19 -49.05
N ALA CB 133 91.72 101.54 -48.15
CA ALA CB 133 92.59 100.43 -48.51
C ALA CB 133 92.27 99.21 -47.66
N TYR CB 134 92.15 98.06 -48.33
CA TYR CB 134 92.06 96.76 -47.65
C TYR CB 134 93.40 96.06 -47.84
N SER CB 135 94.11 95.85 -46.74
CA SER CB 135 95.36 95.10 -46.73
C SER CB 135 95.04 93.67 -46.30
N PRO CB 136 95.13 92.69 -47.20
CA PRO CB 136 94.93 91.30 -46.80
C PRO CB 136 95.83 90.94 -45.63
N PRO CB 137 95.59 89.81 -44.96
CA PRO CB 137 96.39 89.47 -43.80
C PRO CB 137 97.83 89.22 -44.19
N GLY CB 138 98.74 89.46 -43.24
CA GLY CB 138 100.15 89.30 -43.51
C GLY CB 138 100.84 90.63 -43.69
N ALA CB 139 100.17 91.57 -44.35
CA ALA CB 139 100.66 92.93 -44.47
C ALA CB 139 100.15 93.72 -43.27
N GLY CB 140 101.08 94.22 -42.45
CA GLY CB 140 100.71 94.99 -41.29
C GLY CB 140 99.82 96.16 -41.66
N VAL CB 141 99.35 96.91 -40.67
CA VAL CB 141 98.58 98.11 -41.02
C VAL CB 141 99.47 99.03 -41.85
N PRO CB 142 99.07 99.44 -43.04
CA PRO CB 142 99.92 100.34 -43.83
C PRO CB 142 100.33 101.56 -43.01
N LYS CB 143 101.61 101.91 -43.09
CA LYS CB 143 102.14 102.97 -42.25
C LYS CB 143 101.93 104.35 -42.84
N ASN CB 144 101.92 104.47 -44.16
CA ASN CB 144 101.71 105.74 -44.83
C ASN CB 144 100.68 105.59 -45.94
N ARG CB 145 100.07 106.72 -46.30
CA ARG CB 145 99.21 106.75 -47.48
C ARG CB 145 99.96 106.24 -48.70
N LYS CB 146 101.26 106.53 -48.80
CA LYS CB 146 102.04 106.01 -49.91
C LYS CB 146 102.09 104.48 -49.89
N ASP CB 147 102.24 103.89 -48.69
CA ASP CB 147 102.22 102.44 -48.58
C ASP CB 147 100.87 101.87 -48.99
N ALA CB 148 99.79 102.46 -48.48
CA ALA CB 148 98.46 101.99 -48.86
C ALA CB 148 98.25 102.16 -50.36
N MET CB 149 98.93 103.13 -50.97
CA MET CB 149 98.76 103.43 -52.38
C MET CB 149 99.18 102.26 -53.26
N LEU CB 150 100.12 101.43 -52.80
CA LEU CB 150 100.61 100.33 -53.61
C LEU CB 150 99.81 99.06 -53.43
N GLY CB 151 98.89 99.00 -52.46
CA GLY CB 151 98.03 97.87 -52.26
C GLY CB 151 96.60 98.14 -52.72
N THR CB 152 95.76 97.14 -52.53
CA THR CB 152 94.34 97.30 -52.83
C THR CB 152 93.84 98.58 -52.18
N HIS CB 153 93.45 99.57 -52.99
CA HIS CB 153 93.08 100.88 -52.48
C HIS CB 153 92.06 101.52 -53.41
N VAL CB 154 91.43 102.58 -52.90
CA VAL CB 154 90.38 103.31 -53.61
C VAL CB 154 90.53 104.78 -53.32
N ILE CB 155 90.52 105.60 -54.37
CA ILE CB 155 90.50 107.05 -54.23
C ILE CB 155 89.04 107.50 -54.26
N TRP CB 156 88.56 108.05 -53.16
CA TRP CB 156 87.16 108.42 -52.96
C TRP CB 156 87.10 109.94 -52.93
N ASP CB 157 86.52 110.52 -53.98
CA ASP CB 157 86.35 111.98 -54.06
C ASP CB 157 85.00 112.36 -53.47
N VAL CB 158 85.03 113.31 -52.53
CA VAL CB 158 83.81 113.72 -51.86
C VAL CB 158 82.90 114.49 -52.80
N GLY CB 159 83.47 115.39 -53.61
CA GLY CB 159 82.65 116.20 -54.50
C GLY CB 159 81.96 115.36 -55.56
N LEU CB 160 82.72 114.48 -56.21
CA LEU CB 160 82.19 113.60 -57.25
C LEU CB 160 81.52 112.41 -56.56
N GLN CB 161 80.32 112.67 -56.03
CA GLN CB 161 79.52 111.71 -55.27
C GLN CB 161 79.91 111.69 -53.80
N SER CB 162 78.94 111.37 -52.94
CA SER CB 162 79.13 111.40 -51.49
C SER CB 162 79.28 110.01 -50.88
N SER CB 163 78.81 108.97 -51.56
CA SER CB 163 78.90 107.61 -51.04
C SER CB 163 79.86 106.80 -51.91
N CYS CB 164 80.57 105.88 -51.25
CA CYS CB 164 81.53 105.02 -51.92
C CYS CB 164 81.50 103.64 -51.27
N VAL CB 165 81.38 102.60 -52.09
CA VAL CB 165 81.28 101.24 -51.61
C VAL CB 165 82.61 100.54 -51.83
N LEU CB 166 83.23 100.09 -50.74
CA LEU CB 166 84.45 99.28 -50.78
C LEU CB 166 84.07 97.85 -50.46
N CYS CB 167 84.30 96.95 -51.40
CA CYS CB 167 83.93 95.55 -51.24
C CYS CB 167 85.17 94.72 -50.96
N VAL CB 168 85.35 94.34 -49.70
CA VAL CB 168 86.49 93.53 -49.27
C VAL CB 168 86.29 92.10 -49.72
N PRO CB 169 87.22 91.54 -50.48
CA PRO CB 169 87.03 90.18 -51.03
C PRO CB 169 87.37 89.10 -50.01
N TRP CB 170 87.03 87.87 -50.39
CA TRP CB 170 87.31 86.69 -49.58
C TRP CB 170 88.67 86.14 -49.99
N ILE CB 171 89.70 86.49 -49.23
CA ILE CB 171 91.07 86.03 -49.49
C ILE CB 171 91.47 85.18 -48.30
N SER CB 172 91.25 83.86 -48.40
CA SER CB 172 91.44 82.97 -47.27
C SER CB 172 92.01 81.63 -47.74
N GLN CB 173 92.78 81.00 -46.86
CA GLN CB 173 93.37 79.70 -47.16
C GLN CB 173 92.32 78.60 -47.16
N THR CB 174 91.34 78.70 -46.27
CA THR CB 174 90.35 77.66 -46.06
C THR CB 174 89.03 78.02 -46.74
N HIS CB 175 88.16 77.01 -46.84
CA HIS CB 175 86.81 77.27 -47.33
C HIS CB 175 86.06 78.23 -46.40
N TYR CB 176 86.36 78.16 -45.11
CA TYR CB 176 85.71 79.00 -44.10
C TYR CB 176 86.77 79.57 -43.16
N ARG CB 177 86.35 80.56 -42.38
CA ARG CB 177 87.14 81.13 -41.31
C ARG CB 177 86.35 81.01 -40.01
N TYR CB 178 87.05 80.99 -38.89
CA TYR CB 178 86.36 81.03 -37.60
C TYR CB 178 85.79 82.43 -37.38
N VAL CB 179 84.51 82.50 -36.99
CA VAL CB 179 83.93 83.79 -36.62
C VAL CB 179 84.69 84.38 -35.45
N VAL CB 180 85.19 83.52 -34.56
CA VAL CB 180 86.03 83.95 -33.44
C VAL CB 180 87.47 84.08 -33.92
N GLU CB 181 88.22 84.98 -33.30
CA GLU CB 181 89.56 85.30 -33.77
C GLU CB 181 90.46 84.07 -33.67
N ASP CB 182 91.13 83.76 -34.78
CA ASP CB 182 92.11 82.69 -34.82
C ASP CB 182 93.30 83.16 -35.66
N GLU CB 183 94.52 82.96 -35.15
CA GLU CB 183 95.70 83.35 -35.90
C GLU CB 183 95.86 82.54 -37.18
N TYR CB 184 95.30 81.32 -37.23
CA TYR CB 184 95.37 80.50 -38.44
C TYR CB 184 94.35 80.91 -39.50
N THR CB 185 93.37 81.76 -39.17
CA THR CB 185 92.37 82.24 -40.12
C THR CB 185 92.34 83.76 -40.21
N ALA CB 186 93.50 84.41 -40.03
CA ALA CB 186 93.61 85.87 -40.10
C ALA CB 186 92.86 86.43 -41.30
N ALA CB 187 92.45 87.71 -41.24
CA ALA CB 187 91.54 88.28 -42.23
C ALA CB 187 92.06 89.53 -42.93
N GLY CB 188 92.69 90.47 -42.22
CA GLY CB 188 93.22 91.67 -42.85
C GLY CB 188 92.88 92.91 -42.08
N TYR CB 189 93.23 94.06 -42.66
CA TYR CB 189 93.02 95.36 -42.04
C TYR CB 189 92.47 96.36 -43.06
N ILE CB 190 91.49 97.16 -42.64
CA ILE CB 190 90.83 98.14 -43.48
C ILE CB 190 91.15 99.53 -42.94
N THR CB 191 91.81 100.36 -43.75
CA THR CB 191 92.29 101.66 -43.33
C THR CB 191 91.78 102.74 -44.27
N CYS CB 192 91.74 103.96 -43.76
CA CYS CB 192 91.37 105.13 -44.55
C CYS CB 192 92.36 106.26 -44.30
N TRP CB 193 92.66 107.02 -45.35
CA TRP CB 193 93.66 108.07 -45.30
C TRP CB 193 93.15 109.31 -46.02
N TYR CB 194 93.72 110.46 -45.67
CA TYR CB 194 93.50 111.70 -46.42
C TYR CB 194 94.43 111.69 -47.62
N GLN CB 195 93.88 111.59 -48.84
CA GLN CB 195 94.70 111.80 -50.03
C GLN CB 195 94.82 113.28 -50.33
N THR CB 196 93.74 114.03 -50.10
CA THR CB 196 93.68 115.46 -50.33
C THR CB 196 93.03 116.10 -49.11
N ASN CB 197 93.35 117.37 -48.88
CA ASN CB 197 92.80 118.09 -47.74
C ASN CB 197 91.37 118.50 -48.03
N ILE CB 198 90.48 118.29 -47.06
CA ILE CB 198 89.08 118.69 -47.19
C ILE CB 198 89.02 120.19 -47.48
N VAL CB 199 88.62 120.54 -48.71
CA VAL CB 199 88.54 121.92 -49.13
C VAL CB 199 87.12 122.42 -48.91
N VAL CB 200 86.99 123.56 -48.24
CA VAL CB 200 85.69 124.13 -47.88
C VAL CB 200 85.69 125.60 -48.27
N PRO CB 201 84.53 126.17 -48.68
CA PRO CB 201 84.47 127.61 -48.94
C PRO CB 201 84.30 128.42 -47.66
N ALA CB 202 84.05 129.71 -47.81
CA ALA CB 202 83.82 130.56 -46.67
C ALA CB 202 82.42 130.31 -46.08
N ASP CB 203 82.32 130.49 -44.77
CA ASP CB 203 81.04 130.44 -44.05
C ASP CB 203 80.37 129.07 -44.14
N VAL CB 204 81.17 128.00 -44.14
CA VAL CB 204 80.64 126.65 -43.95
C VAL CB 204 81.71 125.82 -43.26
N GLN CB 205 81.26 124.86 -42.46
CA GLN CB 205 82.13 124.19 -41.50
C GLN CB 205 83.15 123.29 -42.18
N SER CB 206 84.37 123.28 -41.63
CA SER CB 206 85.50 122.52 -42.17
C SER CB 206 85.69 121.18 -41.48
N SER CB 207 84.87 120.86 -40.48
CA SER CB 207 84.92 119.58 -39.78
C SER CB 207 83.60 118.86 -40.01
N CYS CB 208 83.68 117.65 -40.55
CA CYS CB 208 82.51 116.88 -40.95
C CYS CB 208 82.57 115.47 -40.35
N ASP CB 209 81.55 114.68 -40.67
CA ASP CB 209 81.45 113.31 -40.21
C ASP CB 209 81.25 112.37 -41.39
N ILE CB 210 81.66 111.13 -41.19
CA ILE CB 210 81.46 110.07 -42.17
C ILE CB 210 80.76 108.93 -41.45
N LEU CB 211 79.90 108.22 -42.17
CA LEU CB 211 79.22 107.05 -41.62
C LEU CB 211 79.60 105.82 -42.43
N CYS CB 212 79.87 104.73 -41.72
CA CYS CB 212 80.22 103.46 -42.35
C CYS CB 212 79.09 102.47 -42.11
N PHE CB 213 78.85 101.62 -43.12
CA PHE CB 213 77.81 100.61 -43.08
C PHE CB 213 78.41 99.28 -43.51
N VAL CB 214 78.02 98.22 -42.81
CA VAL CB 214 78.50 96.87 -43.10
C VAL CB 214 77.33 96.04 -43.60
N SER CB 215 77.60 95.25 -44.65
CA SER CB 215 76.66 94.23 -45.08
C SER CB 215 77.46 93.09 -45.70
N ALA CB 216 76.78 91.98 -45.93
CA ALA CB 216 77.38 90.83 -46.59
C ALA CB 216 77.04 90.83 -48.07
N CYS CB 217 77.94 90.25 -48.87
CA CYS CB 217 77.74 90.16 -50.31
C CYS CB 217 76.99 88.88 -50.66
N ASN CB 218 76.76 88.68 -51.97
CA ASN CB 218 76.01 87.51 -52.41
C ASN CB 218 76.75 86.20 -52.13
N ASP CB 219 78.05 86.25 -51.89
CA ASP CB 219 78.87 85.05 -51.68
C ASP CB 219 79.20 84.86 -50.22
N PHE CB 220 78.18 84.84 -49.36
CA PHE CB 220 78.37 84.78 -47.91
C PHE CB 220 77.59 83.62 -47.32
N SER CB 221 78.24 82.87 -46.44
CA SER CB 221 77.65 81.69 -45.83
C SER CB 221 78.23 81.49 -44.43
N VAL CB 222 77.40 80.93 -43.54
CA VAL CB 222 77.80 80.64 -42.16
C VAL CB 222 77.46 79.19 -41.86
N ARG CB 223 78.08 78.66 -40.80
CA ARG CB 223 78.09 77.23 -40.56
C ARG CB 223 78.28 76.91 -39.09
N MET CB 224 77.87 75.71 -38.70
CA MET CB 224 78.01 75.21 -37.33
C MET CB 224 77.33 76.13 -36.34
N LEU CB 225 76.02 75.95 -36.18
CA LEU CB 225 75.27 76.78 -35.25
C LEU CB 225 75.91 76.79 -33.87
N LYS CB 226 75.84 77.94 -33.20
CA LYS CB 226 76.32 78.10 -31.85
C LYS CB 226 75.49 79.19 -31.19
N ASP CB 227 75.65 79.34 -29.88
CA ASP CB 227 74.93 80.37 -29.16
C ASP CB 227 75.78 81.63 -29.06
N THR CB 228 75.09 82.78 -28.92
CA THR CB 228 75.78 84.07 -28.90
C THR CB 228 76.37 84.33 -27.52
N PRO CB 229 77.55 84.97 -27.46
CA PRO CB 229 78.10 85.37 -26.16
C PRO CB 229 77.46 86.63 -25.60
N PHE CB 230 76.61 87.29 -26.38
CA PHE CB 230 76.06 88.58 -25.99
C PHE CB 230 74.97 88.43 -24.93
N ILE CB 231 74.25 87.31 -24.95
CA ILE CB 231 73.18 87.05 -24.00
C ILE CB 231 73.73 86.17 -22.88
N ARG CB 232 73.45 86.55 -21.64
CA ARG CB 232 73.82 85.76 -20.47
C ARG CB 232 72.70 85.86 -19.45
N GLN CB 233 72.55 84.82 -18.63
CA GLN CB 233 71.45 84.74 -17.69
C GLN CB 233 71.94 84.34 -16.31
N ASP CB 234 71.25 84.84 -15.29
CA ASP CB 234 71.46 84.45 -13.90
C ASP CB 234 70.20 83.94 -13.22
N THR CB 235 69.02 84.41 -13.63
CA THR CB 235 67.76 83.99 -13.05
C THR CB 235 66.69 83.94 -14.13
N PHE CB 236 65.71 83.04 -13.95
CA PHE CB 236 64.63 82.86 -14.91
C PHE CB 236 63.81 84.14 -15.08
N SER DB 45 -79.82 48.90 -107.05
CA SER DB 45 -79.35 47.97 -106.02
C SER DB 45 -80.51 47.38 -105.24
N GLU DB 46 -81.43 48.24 -104.80
CA GLU DB 46 -82.53 47.80 -103.95
C GLU DB 46 -83.56 46.98 -104.69
N SER DB 47 -83.50 46.90 -106.02
CA SER DB 47 -84.42 46.09 -106.79
C SER DB 47 -83.85 44.72 -107.15
N SER DB 48 -82.66 44.39 -106.66
CA SER DB 48 -82.13 43.04 -106.82
C SER DB 48 -82.97 42.06 -106.02
N ILE DB 49 -82.92 40.79 -106.42
CA ILE DB 49 -83.72 39.76 -105.75
C ILE DB 49 -83.26 39.59 -104.30
N GLU DB 50 -81.95 39.70 -104.06
CA GLU DB 50 -81.45 39.56 -102.70
C GLU DB 50 -82.06 40.61 -101.80
N ASN DB 51 -82.04 41.88 -102.22
CA ASN DB 51 -82.67 42.91 -101.40
C ASN DB 51 -84.18 42.74 -101.33
N PHE DB 52 -84.79 42.22 -102.40
CA PHE DB 52 -86.23 42.04 -102.41
C PHE DB 52 -86.69 41.06 -101.34
N LEU DB 53 -85.98 39.94 -101.19
CA LEU DB 53 -86.42 38.88 -100.30
C LEU DB 53 -85.69 38.85 -98.96
N CYS DB 54 -84.56 39.53 -98.83
CA CYS DB 54 -83.70 39.41 -97.64
C CYS DB 54 -84.15 40.37 -96.55
N ARG DB 55 -85.35 40.09 -96.03
CA ARG DB 55 -85.91 40.87 -94.92
C ARG DB 55 -86.76 39.97 -94.05
N ALA DB 56 -86.57 40.05 -92.75
CA ALA DB 56 -87.30 39.19 -91.81
C ALA DB 56 -88.79 39.48 -91.85
N ALA DB 57 -89.59 38.45 -91.61
CA ALA DB 57 -91.04 38.57 -91.69
C ALA DB 57 -91.68 37.57 -90.73
N CYS DB 58 -92.67 38.05 -89.97
CA CYS DB 58 -93.37 37.20 -89.01
C CYS DB 58 -94.18 36.15 -89.76
N VAL DB 59 -93.71 34.90 -89.76
CA VAL DB 59 -94.38 33.84 -90.49
C VAL DB 59 -95.45 33.14 -89.66
N TYR DB 60 -95.40 33.25 -88.33
CA TYR DB 60 -96.24 32.45 -87.45
C TYR DB 60 -96.10 33.01 -86.04
N TYR DB 61 -97.23 33.04 -85.32
CA TYR DB 61 -97.25 33.50 -83.94
C TYR DB 61 -98.27 32.65 -83.20
N ALA DB 62 -97.81 31.92 -82.17
CA ALA DB 62 -98.72 31.07 -81.41
C ALA DB 62 -98.34 31.09 -79.94
N THR DB 63 -99.19 30.45 -79.14
CA THR DB 63 -99.04 30.46 -77.69
C THR DB 63 -98.96 29.05 -77.14
N TYR DB 64 -98.24 28.92 -76.05
CA TYR DB 64 -98.17 27.67 -75.30
C TYR DB 64 -98.10 28.00 -73.81
N THR DB 65 -98.49 27.02 -73.00
CA THR DB 65 -98.73 27.27 -71.59
C THR DB 65 -97.71 26.54 -70.72
N ASN DB 66 -97.56 27.05 -69.49
CA ASN DB 66 -96.56 26.54 -68.56
C ASN DB 66 -97.02 25.24 -67.90
N ASN DB 67 -98.26 25.19 -67.45
CA ASN DB 67 -98.82 23.98 -66.88
C ASN DB 67 -99.46 23.15 -68.00
N SER DB 68 -100.15 22.08 -67.63
CA SER DB 68 -100.76 21.16 -68.58
C SER DB 68 -99.69 20.30 -69.24
N GLU DB 69 -100.12 19.31 -70.03
CA GLU DB 69 -99.20 18.49 -70.80
C GLU DB 69 -99.14 18.89 -72.27
N LYS DB 70 -100.18 19.57 -72.77
CA LYS DB 70 -100.20 20.10 -74.11
C LYS DB 70 -99.67 21.53 -74.17
N GLY DB 71 -98.82 21.92 -73.23
CA GLY DB 71 -98.31 23.27 -73.16
C GLY DB 71 -97.12 23.53 -74.06
N TYR DB 72 -97.06 22.83 -75.19
CA TYR DB 72 -96.05 23.07 -76.21
C TYR DB 72 -96.71 23.56 -77.50
N ALA DB 73 -95.91 24.21 -78.33
CA ALA DB 73 -96.36 24.74 -79.61
C ALA DB 73 -95.71 23.98 -80.76
N GLU DB 74 -96.35 24.05 -81.92
CA GLU DB 74 -95.93 23.32 -83.11
C GLU DB 74 -96.17 24.16 -84.35
N TRP DB 75 -95.31 23.99 -85.35
CA TRP DB 75 -95.47 24.68 -86.63
C TRP DB 75 -94.74 23.94 -87.72
N VAL DB 76 -95.47 23.55 -88.77
CA VAL DB 76 -94.82 23.01 -89.98
C VAL DB 76 -94.15 24.16 -90.71
N ILE DB 77 -92.87 23.99 -91.04
CA ILE DB 77 -92.12 25.09 -91.66
C ILE DB 77 -92.58 25.23 -93.10
N ASN DB 78 -93.44 26.21 -93.37
CA ASN DB 78 -93.85 26.54 -94.73
C ASN DB 78 -93.88 28.06 -94.87
N THR DB 79 -93.86 28.49 -96.13
CA THR DB 79 -93.90 29.91 -96.47
C THR DB 79 -95.23 30.32 -97.08
N ARG DB 80 -96.25 29.48 -96.96
CA ARG DB 80 -97.56 29.73 -97.56
C ARG DB 80 -98.60 30.12 -96.53
N GLN DB 81 -98.23 30.22 -95.26
CA GLN DB 81 -99.19 30.62 -94.24
C GLN DB 81 -99.50 32.11 -94.32
N VAL DB 82 -98.49 32.93 -94.59
CA VAL DB 82 -98.65 34.38 -94.66
C VAL DB 82 -98.76 34.80 -96.12
N ALA DB 83 -99.61 35.78 -96.40
CA ALA DB 83 -99.99 36.08 -97.77
C ALA DB 83 -98.94 36.91 -98.49
N GLN DB 84 -98.46 37.98 -97.85
CA GLN DB 84 -97.51 38.88 -98.53
C GLN DB 84 -96.26 38.13 -98.96
N LEU DB 85 -95.62 37.43 -98.02
CA LEU DB 85 -94.42 36.66 -98.35
C LEU DB 85 -94.71 35.62 -99.43
N ARG DB 86 -95.84 34.94 -99.30
CA ARG DB 86 -96.21 33.93 -100.30
C ARG DB 86 -96.26 34.54 -101.68
N ARG DB 87 -96.90 35.70 -101.82
CA ARG DB 87 -96.99 36.34 -103.14
C ARG DB 87 -95.60 36.73 -103.65
N LYS DB 88 -94.82 37.40 -102.80
CA LYS DB 88 -93.50 37.85 -103.24
C LYS DB 88 -92.67 36.68 -103.75
N LEU DB 89 -92.70 35.56 -103.03
CA LEU DB 89 -91.95 34.38 -103.46
C LEU DB 89 -92.58 33.74 -104.70
N GLU DB 90 -93.91 33.73 -104.76
CA GLU DB 90 -94.62 33.11 -105.87
C GLU DB 90 -94.46 33.89 -107.17
N LEU DB 91 -93.93 35.12 -107.11
CA LEU DB 91 -93.50 35.76 -108.33
C LEU DB 91 -92.45 34.94 -109.09
N PHE DB 92 -91.94 33.86 -108.49
CA PHE DB 92 -90.98 32.97 -109.14
C PHE DB 92 -91.47 31.53 -109.03
N THR DB 93 -91.05 30.71 -109.98
CA THR DB 93 -91.45 29.30 -110.01
C THR DB 93 -90.52 28.42 -109.19
N TYR DB 94 -89.21 28.69 -109.23
CA TYR DB 94 -88.22 27.90 -108.51
C TYR DB 94 -87.36 28.82 -107.66
N LEU DB 95 -87.10 28.39 -106.42
CA LEU DB 95 -86.26 29.14 -105.49
C LEU DB 95 -85.25 28.22 -104.83
N ARG DB 96 -84.19 28.82 -104.31
CA ARG DB 96 -83.11 28.08 -103.65
C ARG DB 96 -82.39 29.05 -102.73
N PHE DB 97 -82.29 28.70 -101.45
CA PHE DB 97 -81.76 29.63 -100.46
C PHE DB 97 -81.61 28.92 -99.12
N ASP DB 98 -80.77 29.49 -98.26
CA ASP DB 98 -80.71 29.14 -96.85
C ASP DB 98 -81.71 30.00 -96.07
N LEU DB 99 -81.96 29.63 -94.81
CA LEU DB 99 -82.95 30.31 -94.00
C LEU DB 99 -82.35 30.81 -92.70
N GLU DB 100 -82.75 32.01 -92.28
CA GLU DB 100 -82.40 32.58 -90.99
C GLU DB 100 -83.68 32.67 -90.16
N LEU DB 101 -83.80 31.83 -89.15
CA LEU DB 101 -84.97 31.80 -88.27
C LEU DB 101 -84.64 32.51 -86.98
N THR DB 102 -85.36 33.58 -86.69
CA THR DB 102 -85.20 34.32 -85.45
C THR DB 102 -86.50 34.21 -84.65
N PHE DB 103 -86.37 33.85 -83.38
CA PHE DB 103 -87.52 33.57 -82.53
C PHE DB 103 -87.69 34.66 -81.48
N VAL DB 104 -88.90 35.19 -81.37
CA VAL DB 104 -89.23 36.22 -80.39
C VAL DB 104 -90.23 35.59 -79.42
N ILE DB 105 -89.77 35.24 -78.23
CA ILE DB 105 -90.60 34.60 -77.21
C ILE DB 105 -90.81 35.58 -76.07
N THR DB 106 -92.07 35.90 -75.79
CA THR DB 106 -92.43 36.74 -74.66
C THR DB 106 -93.53 36.04 -73.88
N SER DB 107 -93.36 35.96 -72.56
CA SER DB 107 -94.32 35.30 -71.68
C SER DB 107 -94.83 36.29 -70.64
N ALA DB 108 -95.95 35.93 -70.03
CA ALA DB 108 -96.64 36.83 -69.11
C ALA DB 108 -97.36 36.02 -68.05
N GLN DB 109 -97.49 36.63 -66.88
CA GLN DB 109 -98.12 35.97 -65.74
C GLN DB 109 -99.59 35.70 -66.01
N GLN DB 110 -100.03 34.48 -65.77
CA GLN DB 110 -101.41 34.06 -65.90
C GLN DB 110 -102.11 34.14 -64.55
N PRO DB 111 -103.43 33.91 -64.50
CA PRO DB 111 -104.16 34.11 -63.23
C PRO DB 111 -103.64 33.17 -62.17
N SER DB 112 -103.65 33.63 -60.91
CA SER DB 112 -103.01 32.88 -59.84
C SER DB 112 -103.82 32.95 -58.56
N THR DB 113 -103.62 31.93 -57.73
CA THR DB 113 -104.12 31.82 -56.38
C THR DB 113 -102.91 31.90 -55.44
N ALA DB 114 -103.07 31.39 -54.21
CA ALA DB 114 -101.96 31.32 -53.27
C ALA DB 114 -101.46 32.72 -52.99
N THR DB 115 -100.19 32.85 -52.61
CA THR DB 115 -99.59 34.13 -52.28
C THR DB 115 -98.13 34.07 -52.68
N SER DB 116 -97.54 35.25 -52.88
CA SER DB 116 -96.11 35.37 -53.12
C SER DB 116 -95.66 34.44 -54.25
N VAL DB 117 -96.10 34.78 -55.46
CA VAL DB 117 -95.69 34.03 -56.64
C VAL DB 117 -94.19 34.15 -56.84
N ASP DB 118 -93.72 35.37 -57.09
CA ASP DB 118 -92.30 35.71 -57.22
C ASP DB 118 -91.45 34.53 -57.66
N ALA DB 119 -91.72 34.04 -58.88
CA ALA DB 119 -91.08 32.86 -59.43
C ALA DB 119 -89.77 33.23 -60.09
N PRO DB 120 -88.93 32.24 -60.40
CA PRO DB 120 -87.63 32.51 -61.03
C PRO DB 120 -87.74 32.67 -62.54
N VAL DB 121 -86.60 33.04 -63.14
CA VAL DB 121 -86.52 33.24 -64.58
C VAL DB 121 -86.91 31.95 -65.31
N GLN DB 122 -87.53 32.10 -66.47
CA GLN DB 122 -87.96 30.96 -67.27
C GLN DB 122 -87.06 30.80 -68.49
N THR DB 123 -86.73 29.56 -68.80
CA THR DB 123 -85.98 29.20 -69.99
C THR DB 123 -86.85 28.34 -70.89
N HIS DB 124 -86.61 28.43 -72.20
CA HIS DB 124 -87.42 27.76 -73.21
C HIS DB 124 -86.52 26.92 -74.11
N GLN DB 125 -87.11 25.87 -74.68
CA GLN DB 125 -86.44 25.01 -75.65
C GLN DB 125 -87.19 25.08 -76.97
N ILE DB 126 -86.43 25.24 -78.05
CA ILE DB 126 -86.95 25.32 -79.41
C ILE DB 126 -86.28 24.21 -80.21
N MET DB 127 -87.05 23.19 -80.58
CA MET DB 127 -86.50 22.03 -81.28
C MET DB 127 -86.96 22.04 -82.74
N TYR DB 128 -86.03 21.81 -83.66
CA TYR DB 128 -86.37 21.63 -85.07
C TYR DB 128 -86.32 20.15 -85.38
N VAL DB 129 -87.43 19.62 -85.91
CA VAL DB 129 -87.49 18.22 -86.33
C VAL DB 129 -87.39 18.19 -87.85
N PRO DB 130 -86.21 17.92 -88.40
CA PRO DB 130 -86.11 17.71 -89.85
C PRO DB 130 -87.02 16.57 -90.27
N PRO DB 131 -87.40 16.52 -91.55
CA PRO DB 131 -88.28 15.43 -92.00
C PRO DB 131 -87.77 14.06 -91.58
N GLY DB 132 -88.60 13.32 -90.84
CA GLY DB 132 -88.25 12.00 -90.36
C GLY DB 132 -87.95 11.93 -88.88
N GLY DB 133 -87.76 13.07 -88.22
CA GLY DB 133 -87.41 13.08 -86.81
C GLY DB 133 -88.61 12.81 -85.93
N PRO DB 134 -88.34 12.59 -84.64
CA PRO DB 134 -89.43 12.40 -83.68
C PRO DB 134 -90.25 13.66 -83.50
N VAL DB 135 -91.50 13.45 -83.08
CA VAL DB 135 -92.48 14.51 -82.93
C VAL DB 135 -92.90 14.58 -81.47
N PRO DB 136 -92.69 15.71 -80.77
CA PRO DB 136 -93.23 15.84 -79.42
C PRO DB 136 -94.74 15.61 -79.38
N THR DB 137 -95.16 14.60 -78.63
CA THR DB 137 -96.57 14.34 -78.39
C THR DB 137 -97.04 14.86 -77.05
N LYS DB 138 -96.11 15.28 -76.18
CA LYS DB 138 -96.43 15.83 -74.88
C LYS DB 138 -95.29 16.73 -74.46
N VAL DB 139 -95.55 17.59 -73.47
CA VAL DB 139 -94.50 18.45 -72.96
C VAL DB 139 -93.33 17.64 -72.45
N THR DB 140 -93.57 16.38 -72.07
CA THR DB 140 -92.57 15.49 -71.50
C THR DB 140 -92.34 14.27 -72.39
N ASP DB 141 -92.26 14.48 -73.71
CA ASP DB 141 -91.99 13.38 -74.62
C ASP DB 141 -90.48 13.21 -74.80
N TYR DB 142 -90.11 12.01 -75.25
CA TYR DB 142 -88.69 11.69 -75.45
C TYR DB 142 -88.05 12.48 -76.57
N ALA DB 143 -88.86 13.00 -77.50
CA ALA DB 143 -88.32 13.70 -78.65
C ALA DB 143 -87.41 14.85 -78.24
N TRP DB 144 -87.77 15.57 -77.18
CA TRP DB 144 -87.02 16.77 -76.81
C TRP DB 144 -85.56 16.50 -76.53
N GLN DB 145 -85.19 15.27 -76.15
CA GLN DB 145 -83.81 14.95 -75.82
C GLN DB 145 -83.01 14.42 -77.01
N THR DB 146 -83.67 14.01 -78.09
CA THR DB 146 -82.97 13.39 -79.20
C THR DB 146 -82.03 14.40 -79.85
N SER DB 147 -80.72 14.15 -79.75
CA SER DB 147 -79.74 15.11 -80.21
C SER DB 147 -79.89 15.40 -81.71
N THR DB 148 -80.10 14.37 -82.53
CA THR DB 148 -80.08 14.57 -83.97
C THR DB 148 -81.18 15.50 -84.46
N ASN DB 149 -82.12 15.89 -83.59
CA ASN DB 149 -83.00 17.02 -83.88
C ASN DB 149 -82.41 18.24 -83.20
N PRO DB 150 -81.66 19.09 -83.91
CA PRO DB 150 -81.11 20.28 -83.25
C PRO DB 150 -82.16 21.03 -82.46
N SER DB 151 -81.72 21.68 -81.39
CA SER DB 151 -82.60 22.46 -80.55
C SER DB 151 -81.79 23.51 -79.81
N VAL DB 152 -82.46 24.62 -79.50
CA VAL DB 152 -81.85 25.79 -78.91
C VAL DB 152 -82.47 26.03 -77.53
N PHE DB 153 -81.63 26.36 -76.56
CA PHE DB 153 -82.06 26.67 -75.19
C PHE DB 153 -81.81 28.15 -74.94
N TRP DB 154 -82.89 28.89 -74.67
CA TRP DB 154 -82.79 30.33 -74.50
C TRP DB 154 -83.55 30.76 -73.25
N THR DB 155 -82.90 31.57 -72.42
CA THR DB 155 -83.50 32.06 -71.17
C THR DB 155 -84.04 33.47 -71.40
N GLU DB 156 -85.19 33.77 -70.78
CA GLU DB 156 -85.78 35.08 -70.95
C GLU DB 156 -84.84 36.16 -70.41
N GLY DB 157 -84.85 37.31 -71.08
CA GLY DB 157 -84.01 38.43 -70.70
C GLY DB 157 -82.73 38.59 -71.48
N ASN DB 158 -82.51 37.78 -72.51
CA ASN DB 158 -81.34 37.86 -73.37
C ASN DB 158 -81.77 38.23 -74.79
N ALA DB 159 -80.78 38.38 -75.66
CA ALA DB 159 -81.07 38.66 -77.07
C ALA DB 159 -81.92 37.54 -77.65
N PRO DB 160 -82.90 37.85 -78.49
CA PRO DB 160 -83.74 36.80 -79.07
C PRO DB 160 -82.90 35.71 -79.70
N PRO DB 161 -83.29 34.44 -79.55
CA PRO DB 161 -82.50 33.36 -80.14
C PRO DB 161 -82.65 33.31 -81.65
N ARG DB 162 -81.58 32.88 -82.31
CA ARG DB 162 -81.54 32.80 -83.76
C ARG DB 162 -80.80 31.54 -84.18
N MET DB 163 -81.26 30.93 -85.27
CA MET DB 163 -80.65 29.73 -85.83
C MET DB 163 -80.92 29.73 -87.33
N SER DB 164 -79.90 29.48 -88.12
CA SER DB 164 -80.09 29.34 -89.56
C SER DB 164 -80.09 27.86 -89.93
N ILE DB 165 -80.76 27.56 -91.03
CA ILE DB 165 -80.85 26.19 -91.54
C ILE DB 165 -80.51 26.17 -93.02
N PRO DB 166 -79.71 25.18 -93.47
CA PRO DB 166 -79.31 25.16 -94.88
C PRO DB 166 -80.42 24.81 -95.84
N PHE DB 167 -80.06 24.66 -97.10
CA PHE DB 167 -80.94 24.17 -98.16
C PHE DB 167 -81.17 22.68 -97.93
N ILE DB 168 -82.27 22.34 -97.23
CA ILE DB 168 -82.49 20.99 -96.74
C ILE DB 168 -83.33 20.20 -97.73
N SER DB 169 -83.21 20.51 -99.00
CA SER DB 169 -83.98 19.86 -100.05
C SER DB 169 -83.17 18.76 -100.70
N ILE DB 170 -83.88 17.84 -101.36
CA ILE DB 170 -83.23 16.80 -102.14
C ILE DB 170 -82.95 17.27 -103.57
N GLY DB 171 -83.78 18.15 -104.11
CA GLY DB 171 -83.57 18.67 -105.44
C GLY DB 171 -82.64 19.88 -105.44
N ASN DB 172 -82.31 20.32 -106.65
CA ASN DB 172 -81.38 21.43 -106.83
C ASN DB 172 -82.04 22.79 -106.64
N ALA DB 173 -83.30 22.83 -106.21
CA ALA DB 173 -83.99 24.08 -105.95
C ALA DB 173 -85.36 23.79 -105.35
N TYR DB 174 -85.82 24.68 -104.47
CA TYR DB 174 -87.18 24.61 -103.96
C TYR DB 174 -88.16 24.84 -105.10
N SER DB 175 -89.32 24.18 -105.00
CA SER DB 175 -90.38 24.31 -105.99
C SER DB 175 -91.51 25.14 -105.38
N CYS DB 176 -91.84 26.26 -106.02
CA CYS DB 176 -92.96 27.09 -105.57
C CYS DB 176 -94.28 26.58 -106.12
N PHE DB 177 -94.27 25.96 -107.30
CA PHE DB 177 -95.47 25.46 -107.95
C PHE DB 177 -95.15 24.10 -108.55
N TYR DB 178 -96.19 23.27 -108.70
CA TYR DB 178 -95.99 21.90 -109.19
C TYR DB 178 -97.23 21.46 -109.93
N ASP DB 179 -97.09 21.28 -111.25
CA ASP DB 179 -98.19 20.79 -112.09
C ASP DB 179 -98.13 19.27 -112.18
N GLY DB 180 -98.31 18.64 -111.03
CA GLY DB 180 -98.25 17.18 -110.98
C GLY DB 180 -98.80 16.65 -109.69
N TRP DB 181 -98.63 15.35 -109.48
CA TRP DB 181 -99.15 14.65 -108.32
C TRP DB 181 -98.00 14.04 -107.52
N THR DB 182 -98.33 13.55 -106.33
CA THR DB 182 -97.36 12.87 -105.48
C THR DB 182 -97.30 11.37 -105.75
N GLN DB 183 -98.40 10.76 -106.17
CA GLN DB 183 -98.44 9.37 -106.58
C GLN DB 183 -98.40 9.29 -108.10
N PHE DB 184 -97.71 8.27 -108.62
CA PHE DB 184 -97.59 8.12 -110.06
C PHE DB 184 -98.92 7.83 -110.75
N SER DB 185 -99.97 7.51 -109.99
CA SER DB 185 -101.29 7.22 -110.55
C SER DB 185 -102.11 8.47 -110.83
N ARG DB 186 -101.49 9.65 -110.91
CA ARG DB 186 -102.22 10.90 -111.08
C ARG DB 186 -103.27 11.07 -109.98
N ASN DB 187 -102.93 10.60 -108.78
CA ASN DB 187 -103.81 10.62 -107.62
C ASN DB 187 -102.95 10.78 -106.37
N GLY DB 188 -103.59 10.74 -105.21
CA GLY DB 188 -102.91 10.99 -103.96
C GLY DB 188 -102.97 12.46 -103.57
N VAL DB 189 -102.18 13.29 -104.25
CA VAL DB 189 -102.14 14.72 -103.98
C VAL DB 189 -101.76 15.43 -105.27
N TYR DB 190 -102.34 16.60 -105.50
CA TYR DB 190 -102.01 17.43 -106.65
C TYR DB 190 -101.60 18.82 -106.17
N GLY DB 191 -100.33 19.16 -106.36
CA GLY DB 191 -99.90 20.53 -106.19
C GLY DB 191 -98.54 20.62 -105.58
N ILE DB 192 -98.21 21.81 -105.06
CA ILE DB 192 -96.92 22.08 -104.45
C ILE DB 192 -96.77 21.41 -103.09
N ASN DB 193 -97.82 20.74 -102.61
CA ASN DB 193 -97.73 19.94 -101.40
C ASN DB 193 -97.16 18.56 -101.64
N THR DB 194 -96.99 18.18 -102.91
CA THR DB 194 -96.44 16.87 -103.24
C THR DB 194 -95.08 16.66 -102.59
N LEU DB 195 -94.19 17.64 -102.69
CA LEU DB 195 -92.84 17.50 -102.15
C LEU DB 195 -92.41 18.86 -101.60
N ASN DB 196 -91.10 19.03 -101.40
CA ASN DB 196 -90.53 20.25 -100.83
C ASN DB 196 -90.78 20.26 -99.33
N ASN DB 197 -90.66 19.09 -98.70
CA ASN DB 197 -90.84 18.98 -97.26
C ASN DB 197 -89.75 19.74 -96.52
N MET DB 198 -90.15 20.56 -95.55
CA MET DB 198 -89.22 21.41 -94.81
C MET DB 198 -89.13 21.08 -93.32
N GLY DB 199 -89.88 20.09 -92.83
CA GLY DB 199 -89.80 19.70 -91.44
C GLY DB 199 -90.74 20.47 -90.53
N THR DB 200 -90.72 20.08 -89.26
CA THR DB 200 -91.58 20.65 -88.24
C THR DB 200 -90.74 21.37 -87.20
N LEU DB 201 -91.40 22.18 -86.36
CA LEU DB 201 -90.71 23.01 -85.38
C LEU DB 201 -91.55 23.10 -84.12
N TYR DB 202 -91.00 22.66 -82.99
CA TYR DB 202 -91.72 22.59 -81.72
C TYR DB 202 -91.10 23.51 -80.67
N MET DB 203 -91.93 23.93 -79.72
CA MET DB 203 -91.57 24.93 -78.73
C MET DB 203 -92.09 24.50 -77.35
N ARG DB 204 -91.29 24.70 -76.31
CA ARG DB 204 -91.78 24.35 -74.97
C ARG DB 204 -91.07 25.15 -73.88
N HIS DB 205 -91.73 25.21 -72.72
CA HIS DB 205 -91.11 25.68 -71.49
C HIS DB 205 -90.20 24.60 -70.92
N VAL DB 206 -89.02 24.98 -70.48
CA VAL DB 206 -88.12 24.01 -69.85
C VAL DB 206 -88.35 23.92 -68.34
N ASN DB 207 -88.52 25.06 -67.66
CA ASN DB 207 -88.71 25.04 -66.22
C ASN DB 207 -90.14 24.62 -65.89
N GLU DB 208 -90.29 23.97 -64.73
CA GLU DB 208 -91.59 23.51 -64.25
C GLU DB 208 -92.11 24.45 -63.16
N ALA DB 209 -92.37 25.69 -63.57
CA ALA DB 209 -92.79 26.74 -62.65
C ALA DB 209 -93.86 26.23 -61.69
N GLY DB 210 -93.67 26.52 -60.40
CA GLY DB 210 -94.61 26.13 -59.38
C GLY DB 210 -95.13 27.34 -58.62
N GLN DB 211 -96.39 27.26 -58.19
CA GLN DB 211 -97.12 28.30 -57.47
C GLN DB 211 -97.63 29.38 -58.42
N GLY DB 212 -97.16 29.46 -59.66
CA GLY DB 212 -97.59 30.48 -60.58
C GLY DB 212 -97.61 30.01 -62.02
N PRO DB 213 -98.69 30.31 -62.75
CA PRO DB 213 -98.76 29.93 -64.16
C PRO DB 213 -98.12 30.97 -65.05
N ILE DB 214 -97.75 30.53 -66.26
CA ILE DB 214 -97.05 31.39 -67.21
C ILE DB 214 -97.51 31.03 -68.63
N LYS DB 215 -97.99 32.02 -69.38
CA LYS DB 215 -98.35 31.84 -70.77
C LYS DB 215 -97.26 32.46 -71.65
N SER DB 216 -96.97 31.80 -72.78
CA SER DB 216 -95.88 32.21 -73.66
C SER DB 216 -96.40 32.39 -75.08
N THR DB 217 -95.76 33.32 -75.80
CA THR DB 217 -96.12 33.67 -77.17
C THR DB 217 -94.84 33.70 -77.99
N VAL DB 218 -94.73 32.78 -78.96
CA VAL DB 218 -93.56 32.72 -79.83
C VAL DB 218 -93.95 33.22 -81.22
N ARG DB 219 -93.06 34.04 -81.80
CA ARG DB 219 -93.21 34.58 -83.15
C ARG DB 219 -91.98 34.22 -83.95
N ILE DB 220 -92.16 33.45 -85.03
CA ILE DB 220 -91.06 33.02 -85.88
C ILE DB 220 -90.88 34.02 -87.01
N TYR DB 221 -89.64 34.16 -87.49
CA TYR DB 221 -89.32 35.10 -88.57
C TYR DB 221 -88.46 34.44 -89.63
N PHE DB 222 -88.85 34.60 -90.89
CA PHE DB 222 -88.09 34.10 -92.05
C PHE DB 222 -87.22 35.22 -92.61
N LYS DB 223 -85.97 34.92 -92.90
CA LYS DB 223 -85.12 35.80 -93.71
C LYS DB 223 -84.30 34.95 -94.65
N PRO DB 224 -84.87 34.54 -95.78
CA PRO DB 224 -84.10 33.77 -96.77
C PRO DB 224 -82.85 34.54 -97.18
N LYS DB 225 -81.69 33.93 -96.94
CA LYS DB 225 -80.41 34.51 -97.30
C LYS DB 225 -79.83 33.77 -98.50
N HIS DB 226 -79.01 34.48 -99.28
CA HIS DB 226 -78.33 33.91 -100.43
C HIS DB 226 -79.33 33.23 -101.37
N VAL DB 227 -80.16 34.08 -101.96
CA VAL DB 227 -81.33 33.63 -102.71
C VAL DB 227 -80.96 33.48 -104.19
N LYS DB 228 -81.59 32.50 -104.83
CA LYS DB 228 -81.46 32.29 -106.27
C LYS DB 228 -82.83 31.92 -106.81
N ALA DB 229 -83.33 32.68 -107.78
CA ALA DB 229 -84.68 32.51 -108.31
C ALA DB 229 -84.64 32.26 -109.81
N TRP DB 230 -85.64 31.54 -110.30
CA TRP DB 230 -85.74 31.19 -111.71
C TRP DB 230 -87.19 31.28 -112.16
N VAL DB 231 -87.36 31.48 -113.47
CA VAL DB 231 -88.67 31.38 -114.12
C VAL DB 231 -89.67 32.30 -113.43
N PRO DB 232 -89.69 33.59 -113.76
CA PRO DB 232 -90.69 34.49 -113.16
C PRO DB 232 -92.08 34.22 -113.74
N ARG DB 233 -93.08 34.59 -112.95
CA ARG DB 233 -94.47 34.31 -113.28
C ARG DB 233 -95.35 35.47 -112.82
N PRO DB 234 -96.59 35.54 -113.30
CA PRO DB 234 -97.43 36.69 -112.98
C PRO DB 234 -97.67 36.79 -111.48
N PRO DB 235 -97.78 37.99 -110.94
CA PRO DB 235 -98.11 38.13 -109.51
C PRO DB 235 -99.51 37.61 -109.21
N ARG DB 236 -99.70 37.22 -107.95
CA ARG DB 236 -101.00 36.75 -107.49
C ARG DB 236 -102.03 37.86 -107.65
N LEU DB 237 -103.17 37.52 -108.23
CA LEU DB 237 -104.27 38.47 -108.41
C LEU DB 237 -105.41 38.21 -107.42
N CYS DB 238 -105.98 37.01 -107.45
CA CYS DB 238 -107.06 36.68 -106.54
C CYS DB 238 -106.51 36.41 -105.14
N GLN DB 239 -107.27 36.82 -104.14
CA GLN DB 239 -106.82 36.61 -102.76
C GLN DB 239 -106.60 35.13 -102.51
N TYR DB 240 -105.60 34.83 -101.70
CA TYR DB 240 -105.31 33.44 -101.36
C TYR DB 240 -106.48 32.83 -100.61
N GLU DB 241 -106.74 31.56 -100.89
CA GLU DB 241 -107.84 30.81 -100.28
C GLU DB 241 -107.38 29.68 -99.37
N LYS DB 242 -106.31 28.99 -99.76
CA LYS DB 242 -105.81 27.83 -99.01
C LYS DB 242 -104.29 27.90 -98.96
N GLN DB 243 -103.72 27.41 -97.85
CA GLN DB 243 -102.28 27.39 -97.71
C GLN DB 243 -101.63 26.29 -98.53
N LYS DB 244 -102.40 25.28 -98.97
CA LYS DB 244 -101.85 24.08 -99.56
C LYS DB 244 -102.17 23.93 -101.05
N ASN DB 245 -102.68 24.96 -101.71
CA ASN DB 245 -103.09 24.78 -103.09
C ASN DB 245 -103.30 26.13 -103.77
N VAL DB 246 -103.43 26.07 -105.10
CA VAL DB 246 -103.65 27.25 -105.93
C VAL DB 246 -105.10 27.71 -105.97
N ASN DB 247 -106.02 26.90 -105.45
CA ASN DB 247 -107.45 27.17 -105.57
C ASN DB 247 -107.74 28.66 -105.44
N PHE DB 248 -108.43 29.20 -106.44
CA PHE DB 248 -108.75 30.61 -106.48
C PHE DB 248 -110.22 30.80 -106.85
N THR DB 249 -110.76 31.95 -106.46
CA THR DB 249 -112.10 32.37 -106.82
C THR DB 249 -111.99 33.48 -107.85
N PRO DB 250 -112.57 33.33 -109.06
CA PRO DB 250 -112.34 34.32 -110.11
C PRO DB 250 -112.64 35.75 -109.65
N THR DB 251 -111.75 36.67 -110.02
CA THR DB 251 -111.89 38.08 -109.72
C THR DB 251 -111.67 38.88 -111.00
N GLY DB 252 -111.97 40.19 -110.93
CA GLY DB 252 -111.76 41.04 -112.06
C GLY DB 252 -110.29 41.33 -112.32
N VAL DB 253 -110.00 41.76 -113.54
CA VAL DB 253 -108.62 42.01 -113.93
C VAL DB 253 -108.07 43.25 -113.22
N THR DB 254 -108.87 44.30 -113.10
CA THR DB 254 -108.40 45.54 -112.52
C THR DB 254 -109.56 46.27 -111.84
N THR DB 255 -109.22 47.39 -111.20
CA THR DB 255 -110.23 48.31 -110.72
C THR DB 255 -110.96 48.95 -111.90
N THR DB 256 -112.17 49.43 -111.65
CA THR DB 256 -113.03 49.94 -112.70
C THR DB 256 -113.12 51.47 -112.66
N ARG DB 257 -113.29 52.07 -113.83
CA ARG DB 257 -113.61 53.48 -113.98
C ARG DB 257 -114.88 53.62 -114.80
N VAL DB 258 -115.29 54.87 -115.02
CA VAL DB 258 -116.55 55.16 -115.70
C VAL DB 258 -116.38 54.93 -117.20
N GLY DB 259 -115.58 55.78 -117.84
CA GLY DB 259 -115.38 55.72 -119.27
C GLY DB 259 -113.90 55.70 -119.61
N ILE DB 260 -113.61 55.39 -120.87
CA ILE DB 260 -112.22 55.27 -121.30
C ILE DB 260 -111.54 56.64 -121.36
N THR DB 261 -112.31 57.74 -121.32
CA THR DB 261 -111.75 59.08 -121.41
C THR DB 261 -111.54 59.74 -120.05
N THR DB 262 -111.99 59.13 -118.96
CA THR DB 262 -111.90 59.76 -117.65
C THR DB 262 -110.50 60.26 -117.34
N ARG EB 14 -89.62 27.11 -147.46
CA ARG EB 14 -88.67 26.12 -146.95
C ARG EB 14 -89.39 24.94 -146.30
N SER EB 15 -88.64 23.90 -145.95
CA SER EB 15 -89.20 22.72 -145.31
C SER EB 15 -88.17 22.07 -144.42
N ILE EB 16 -88.62 21.55 -143.27
CA ILE EB 16 -87.70 20.95 -142.30
C ILE EB 16 -87.15 19.63 -142.84
N THR EB 17 -88.04 18.66 -143.10
CA THR EB 17 -87.65 17.35 -143.57
C THR EB 17 -86.88 16.58 -142.49
N LEU EB 18 -87.52 16.34 -141.35
CA LEU EB 18 -86.97 15.51 -140.28
C LEU EB 18 -87.37 14.05 -140.50
N GLY EB 19 -86.52 13.14 -140.05
CA GLY EB 19 -86.78 11.71 -140.23
C GLY EB 19 -88.23 11.32 -140.03
N ASN EB 20 -88.88 10.82 -141.09
CA ASN EB 20 -90.27 10.39 -141.12
C ASN EB 20 -91.25 11.54 -141.01
N SER EB 21 -90.78 12.78 -140.83
CA SER EB 21 -91.60 13.96 -140.71
C SER EB 21 -91.10 14.99 -141.72
N THR EB 22 -91.95 15.96 -142.03
CA THR EB 22 -91.52 17.00 -142.97
C THR EB 22 -92.50 18.15 -142.97
N ILE EB 23 -92.17 19.21 -142.24
CA ILE EB 23 -93.03 20.37 -142.11
C ILE EB 23 -92.61 21.39 -143.16
N THR EB 24 -93.54 22.26 -143.54
CA THR EB 24 -93.32 23.23 -144.61
C THR EB 24 -93.25 24.66 -144.09
N THR EB 25 -92.62 24.86 -142.93
CA THR EB 25 -92.50 26.20 -142.37
C THR EB 25 -91.80 27.13 -143.36
N GLN EB 26 -92.41 28.28 -143.63
CA GLN EB 26 -91.82 29.26 -144.52
C GLN EB 26 -90.48 29.74 -143.97
N GLU EB 27 -89.80 30.56 -144.77
CA GLU EB 27 -88.57 31.21 -144.33
C GLU EB 27 -88.94 32.34 -143.38
N CYS EB 28 -87.96 33.14 -142.99
CA CYS EB 28 -88.17 34.23 -142.01
C CYS EB 28 -88.71 33.58 -140.73
N ALA EB 29 -89.82 34.02 -140.19
CA ALA EB 29 -90.46 33.37 -139.05
C ALA EB 29 -89.61 33.41 -137.78
N ASN EB 30 -89.72 34.51 -137.03
CA ASN EB 30 -88.98 34.67 -135.79
C ASN EB 30 -89.29 33.52 -134.82
N VAL EB 31 -88.24 32.83 -134.37
CA VAL EB 31 -88.36 31.76 -133.38
C VAL EB 31 -88.02 32.33 -132.01
N VAL EB 32 -88.88 32.07 -131.03
CA VAL EB 32 -88.64 32.48 -129.65
C VAL EB 32 -87.95 31.32 -128.94
N VAL EB 33 -86.69 31.52 -128.53
CA VAL EB 33 -85.90 30.47 -127.92
C VAL EB 33 -86.06 30.60 -126.40
N GLY EB 34 -87.12 30.00 -125.88
CA GLY EB 34 -87.36 29.88 -124.45
C GLY EB 34 -86.80 30.99 -123.60
N TYR EB 35 -86.07 30.61 -122.55
CA TYR EB 35 -85.39 31.55 -121.67
C TYR EB 35 -83.95 31.76 -122.10
N GLY EB 36 -83.74 31.99 -123.39
CA GLY EB 36 -82.41 32.15 -123.92
C GLY EB 36 -81.58 30.89 -123.96
N VAL EB 37 -82.20 29.73 -123.73
CA VAL EB 37 -81.49 28.46 -123.69
C VAL EB 37 -82.03 27.57 -124.80
N TRP EB 38 -81.13 27.02 -125.61
CA TRP EB 38 -81.51 26.02 -126.61
C TRP EB 38 -81.50 24.64 -125.98
N PRO EB 39 -82.49 23.78 -126.27
CA PRO EB 39 -82.53 22.47 -125.62
C PRO EB 39 -81.23 21.71 -125.80
N GLU EB 40 -80.74 21.13 -124.71
CA GLU EB 40 -79.48 20.41 -124.70
C GLU EB 40 -79.61 19.19 -123.79
N TYR EB 41 -78.65 18.28 -123.91
CA TYR EB 41 -78.62 17.09 -123.08
C TYR EB 41 -78.12 17.43 -121.68
N LEU EB 42 -78.14 16.42 -120.80
CA LEU EB 42 -77.73 16.58 -119.41
C LEU EB 42 -76.26 16.19 -119.30
N LYS EB 43 -75.42 17.15 -118.90
CA LYS EB 43 -74.01 16.87 -118.68
C LYS EB 43 -73.82 16.09 -117.38
N ASP EB 44 -72.85 15.19 -117.38
CA ASP EB 44 -72.59 14.35 -116.23
C ASP EB 44 -72.28 15.18 -114.99
N ALA EB 59 -86.22 8.18 -133.24
CA ALA EB 59 -87.67 8.15 -133.47
C ALA EB 59 -88.42 8.97 -132.43
N THR EB 60 -87.69 9.62 -131.54
CA THR EB 60 -88.26 10.50 -130.52
C THR EB 60 -88.23 11.96 -130.91
N CYS EB 61 -87.10 12.44 -131.45
CA CYS EB 61 -86.99 13.82 -131.92
C CYS EB 61 -87.66 13.88 -133.29
N ARG EB 62 -88.97 14.11 -133.28
CA ARG EB 62 -89.77 14.07 -134.51
C ARG EB 62 -90.98 14.98 -134.35
N PHE EB 63 -91.50 15.44 -135.50
CA PHE EB 63 -92.64 16.36 -135.54
C PHE EB 63 -93.93 15.58 -135.38
N TYR EB 64 -94.45 15.55 -134.16
CA TYR EB 64 -95.78 14.99 -133.87
C TYR EB 64 -96.82 16.10 -133.96
N THR EB 65 -97.76 15.95 -134.88
CA THR EB 65 -98.80 16.95 -135.12
C THR EB 65 -100.12 16.50 -134.47
N LEU EB 66 -100.57 17.23 -133.46
CA LEU EB 66 -101.77 16.82 -132.75
C LEU EB 66 -103.01 17.10 -133.61
N GLU EB 67 -104.18 16.79 -133.06
CA GLU EB 67 -105.44 17.08 -133.72
C GLU EB 67 -105.60 18.60 -133.89
N SER EB 68 -106.19 19.00 -135.01
CA SER EB 68 -106.46 20.40 -135.26
C SER EB 68 -107.69 20.86 -134.48
N VAL EB 69 -107.70 22.14 -134.12
CA VAL EB 69 -108.82 22.71 -133.39
C VAL EB 69 -109.37 23.88 -134.19
N GLN EB 70 -110.65 24.18 -133.95
CA GLN EB 70 -111.37 25.20 -134.69
C GLN EB 70 -111.37 26.51 -133.90
N TRP EB 71 -110.96 27.59 -134.53
CA TRP EB 71 -111.08 28.93 -133.98
C TRP EB 71 -112.40 29.51 -134.48
N MET EB 72 -113.31 29.75 -133.54
CA MET EB 72 -114.61 30.34 -133.76
C MET EB 72 -114.64 31.72 -133.13
N LYS EB 73 -115.71 32.47 -133.44
CA LYS EB 73 -115.86 33.79 -132.86
C LYS EB 73 -116.07 33.75 -131.34
N ASN EB 74 -116.45 32.58 -130.80
CA ASN EB 74 -116.72 32.44 -129.39
C ASN EB 74 -115.63 31.72 -128.61
N SER EB 75 -114.66 31.11 -129.29
CA SER EB 75 -113.64 30.34 -128.60
C SER EB 75 -112.93 31.17 -127.56
N ALA EB 76 -112.78 30.62 -126.35
CA ALA EB 76 -112.10 31.30 -125.27
C ALA EB 76 -110.62 30.95 -125.19
N GLY EB 77 -110.24 29.75 -125.60
CA GLY EB 77 -108.85 29.35 -125.60
C GLY EB 77 -108.71 27.86 -125.37
N TRP EB 78 -107.48 27.39 -125.53
CA TRP EB 78 -107.16 25.98 -125.41
C TRP EB 78 -105.87 25.80 -124.62
N TRP EB 79 -105.71 24.62 -124.03
CA TRP EB 79 -104.46 24.28 -123.37
C TRP EB 79 -104.19 22.79 -123.52
N TRP EB 80 -102.89 22.47 -123.50
CA TRP EB 80 -102.37 21.11 -123.53
C TRP EB 80 -101.30 20.98 -122.46
N LYS EB 81 -101.32 19.87 -121.72
CA LYS EB 81 -100.20 19.53 -120.86
C LYS EB 81 -99.15 18.80 -121.72
N LEU EB 82 -97.90 19.25 -121.64
CA LEU EB 82 -96.93 18.83 -122.66
C LEU EB 82 -96.52 17.38 -122.53
N PRO EB 83 -95.88 16.94 -121.44
CA PRO EB 83 -95.52 15.51 -121.35
C PRO EB 83 -96.70 14.58 -121.63
N ASP EB 84 -97.90 14.97 -121.19
CA ASP EB 84 -99.11 14.18 -121.39
C ASP EB 84 -99.89 14.60 -122.64
N ALA EB 85 -99.21 15.17 -123.64
CA ALA EB 85 -99.82 15.44 -124.94
C ALA EB 85 -99.37 14.44 -126.00
N LEU EB 86 -98.08 14.13 -126.04
CA LEU EB 86 -97.53 13.10 -126.90
C LEU EB 86 -97.46 11.75 -126.19
N SER EB 87 -98.14 11.61 -125.05
CA SER EB 87 -98.06 10.36 -124.29
C SER EB 87 -98.52 9.16 -125.11
N GLN EB 88 -99.42 9.37 -126.07
CA GLN EB 88 -99.96 8.29 -126.88
C GLN EB 88 -99.42 8.28 -128.30
N MET EB 89 -98.40 9.08 -128.59
CA MET EB 89 -97.85 9.22 -129.94
C MET EB 89 -96.50 8.52 -130.01
N GLY EB 90 -96.48 7.32 -130.57
CA GLY EB 90 -95.24 6.68 -131.00
C GLY EB 90 -94.23 6.47 -129.88
N LEU EB 91 -92.95 6.55 -130.27
CA LEU EB 91 -91.88 6.21 -129.35
C LEU EB 91 -91.74 7.21 -128.22
N PHE EB 92 -92.20 8.46 -128.38
CA PHE EB 92 -92.22 9.33 -127.21
C PHE EB 92 -93.03 8.70 -126.10
N GLY EB 93 -94.26 8.25 -126.42
CA GLY EB 93 -95.07 7.56 -125.44
C GLY EB 93 -94.47 6.24 -124.99
N GLN EB 94 -93.85 5.51 -125.92
CA GLN EB 94 -93.25 4.22 -125.54
C GLN EB 94 -92.14 4.42 -124.52
N ASN EB 95 -91.17 5.29 -124.82
CA ASN EB 95 -90.13 5.61 -123.86
C ASN EB 95 -90.73 6.16 -122.57
N MET EB 96 -91.79 6.96 -122.68
CA MET EB 96 -92.42 7.52 -121.49
C MET EB 96 -92.92 6.43 -120.56
N GLN EB 97 -93.55 5.39 -121.12
CA GLN EB 97 -94.09 4.33 -120.27
C GLN EB 97 -93.00 3.39 -119.79
N TYR EB 98 -92.01 3.10 -120.64
CA TYR EB 98 -91.01 2.06 -120.34
C TYR EB 98 -89.79 2.60 -119.61
N HIS EB 99 -89.68 3.90 -119.42
CA HIS EB 99 -88.62 4.51 -118.64
C HIS EB 99 -89.24 5.30 -117.49
N TYR EB 100 -88.63 5.18 -116.31
CA TYR EB 100 -89.08 5.97 -115.16
C TYR EB 100 -88.59 7.41 -115.22
N LEU EB 101 -87.54 7.68 -115.98
CA LEU EB 101 -86.88 8.97 -116.00
C LEU EB 101 -86.88 9.53 -117.42
N GLY EB 102 -87.05 10.85 -117.53
CA GLY EB 102 -87.07 11.50 -118.82
C GLY EB 102 -86.63 12.94 -118.72
N ARG EB 103 -86.15 13.46 -119.86
CA ARG EB 103 -85.69 14.84 -119.95
C ARG EB 103 -85.70 15.23 -121.41
N THR EB 104 -86.42 16.30 -121.75
CA THR EB 104 -86.49 16.72 -123.14
C THR EB 104 -86.89 18.19 -123.20
N GLY EB 105 -86.40 18.87 -124.24
CA GLY EB 105 -86.96 20.13 -124.67
C GLY EB 105 -87.94 19.91 -125.81
N TYR EB 106 -88.51 21.01 -126.30
CA TYR EB 106 -89.48 20.90 -127.38
C TYR EB 106 -89.30 22.05 -128.37
N THR EB 107 -89.73 21.81 -129.60
CA THR EB 107 -89.94 22.85 -130.59
C THR EB 107 -91.44 22.81 -130.92
N ILE EB 108 -92.16 23.85 -130.53
CA ILE EB 108 -93.60 23.92 -130.68
C ILE EB 108 -93.90 24.88 -131.83
N HIS EB 109 -94.68 24.41 -132.80
CA HIS EB 109 -95.04 25.19 -133.98
C HIS EB 109 -96.56 25.25 -134.03
N VAL EB 110 -97.11 26.42 -133.74
CA VAL EB 110 -98.55 26.67 -133.83
C VAL EB 110 -98.81 27.31 -135.19
N GLN EB 111 -99.55 26.61 -136.04
CA GLN EB 111 -99.84 27.06 -137.40
C GLN EB 111 -101.30 27.48 -137.46
N CYS EB 112 -101.55 28.68 -137.96
CA CYS EB 112 -102.90 29.19 -138.14
C CYS EB 112 -102.96 29.77 -139.55
N ASN EB 113 -103.98 29.40 -140.31
CA ASN EB 113 -104.10 29.87 -141.68
C ASN EB 113 -105.53 30.31 -141.96
N ALA EB 114 -105.68 31.57 -142.36
CA ALA EB 114 -106.97 32.13 -142.75
C ALA EB 114 -106.71 32.96 -144.00
N SER EB 115 -107.62 33.89 -144.30
CA SER EB 115 -107.47 34.80 -145.42
C SER EB 115 -107.20 36.22 -144.94
N LYS EB 116 -106.84 37.09 -145.86
CA LYS EB 116 -106.67 38.49 -145.53
C LYS EB 116 -107.96 39.12 -145.04
N PHE EB 117 -109.10 38.55 -145.40
CA PHE EB 117 -110.41 39.05 -145.03
C PHE EB 117 -110.87 38.51 -143.67
N HIS EB 118 -110.03 37.74 -142.99
CA HIS EB 118 -110.25 37.33 -141.60
C HIS EB 118 -109.48 38.25 -140.66
N GLN EB 119 -109.83 38.21 -139.38
CA GLN EB 119 -109.13 39.00 -138.38
C GLN EB 119 -109.17 38.29 -137.04
N GLY EB 120 -108.16 38.56 -136.22
CA GLY EB 120 -108.04 37.91 -134.92
C GLY EB 120 -106.60 37.89 -134.47
N CYS EB 121 -106.43 37.56 -133.18
CA CYS EB 121 -105.10 37.54 -132.58
C CYS EB 121 -105.06 36.54 -131.44
N LEU EB 122 -104.11 35.62 -131.51
CA LEU EB 122 -103.88 34.60 -130.50
C LEU EB 122 -102.62 34.92 -129.71
N LEU EB 123 -102.65 34.64 -128.41
CA LEU EB 123 -101.44 34.53 -127.59
C LEU EB 123 -101.08 33.07 -127.48
N VAL EB 124 -99.87 32.72 -127.92
CA VAL EB 124 -99.35 31.36 -127.86
C VAL EB 124 -98.23 31.37 -126.82
N VAL EB 125 -98.50 30.81 -125.64
CA VAL EB 125 -97.56 30.88 -124.52
C VAL EB 125 -97.28 29.47 -124.02
N CYS EB 126 -96.11 29.30 -123.40
CA CYS EB 126 -95.72 28.03 -122.78
C CYS EB 126 -95.43 28.28 -121.31
N VAL EB 127 -96.35 27.87 -120.44
CA VAL EB 127 -96.26 28.15 -119.01
C VAL EB 127 -95.55 26.98 -118.34
N PRO EB 128 -94.33 27.16 -117.83
CA PRO EB 128 -93.73 26.09 -117.02
C PRO EB 128 -94.39 26.01 -115.65
N GLU EB 129 -94.70 24.79 -115.23
CA GLU EB 129 -95.34 24.55 -113.94
C GLU EB 129 -96.67 25.28 -113.85
N ALA EB 130 -97.58 24.93 -114.77
CA ALA EB 130 -98.90 25.55 -114.82
C ALA EB 130 -99.83 24.82 -113.85
N GLU EB 131 -99.58 25.04 -112.57
CA GLU EB 131 -100.43 24.48 -111.52
C GLU EB 131 -101.76 25.22 -111.52
N MET EB 132 -102.85 24.48 -111.73
CA MET EB 132 -104.15 25.07 -111.98
C MET EB 132 -105.05 24.91 -110.76
N GLY EB 133 -106.03 25.82 -110.65
CA GLY EB 133 -106.98 25.78 -109.56
C GLY EB 133 -108.24 25.00 -109.90
N CYS EB 134 -109.07 24.80 -108.88
CA CYS EB 134 -110.27 24.00 -108.95
C CYS EB 134 -111.50 24.89 -108.86
N SER EB 135 -112.66 24.30 -109.15
CA SER EB 135 -113.93 25.00 -108.95
C SER EB 135 -114.36 24.94 -107.48
N ASN EB 136 -114.25 23.77 -106.85
CA ASN EB 136 -114.45 23.63 -105.42
C ASN EB 136 -113.12 23.87 -104.72
N LEU EB 137 -113.04 24.94 -103.93
CA LEU EB 137 -111.75 25.37 -103.38
C LEU EB 137 -111.14 24.35 -102.42
N ASN EB 138 -111.90 23.35 -101.97
CA ASN EB 138 -111.42 22.39 -100.98
C ASN EB 138 -110.97 21.08 -101.61
N ASN EB 139 -110.74 21.05 -102.92
CA ASN EB 139 -110.30 19.83 -103.59
C ASN EB 139 -109.50 20.21 -104.82
N THR EB 140 -108.70 19.24 -105.31
CA THR EB 140 -107.93 19.47 -106.53
C THR EB 140 -108.63 18.84 -107.73
N PRO EB 141 -108.51 19.44 -108.90
CA PRO EB 141 -109.20 18.90 -110.08
C PRO EB 141 -108.63 17.53 -110.46
N GLU EB 142 -109.40 16.81 -111.28
CA GLU EB 142 -109.04 15.46 -111.65
C GLU EB 142 -108.18 15.44 -112.92
N PHE EB 143 -107.55 14.29 -113.16
CA PHE EB 143 -106.57 14.17 -114.23
C PHE EB 143 -107.17 14.50 -115.58
N ALA EB 144 -108.38 14.02 -115.86
CA ALA EB 144 -108.98 14.29 -117.16
C ALA EB 144 -109.30 15.77 -117.33
N GLU EB 145 -109.68 16.45 -116.25
CA GLU EB 145 -109.98 17.86 -116.34
C GLU EB 145 -108.72 18.69 -116.55
N LEU EB 146 -107.62 18.30 -115.91
CA LEU EB 146 -106.39 19.07 -116.05
C LEU EB 146 -105.67 18.78 -117.36
N SER EB 147 -105.74 17.53 -117.82
CA SER EB 147 -104.97 17.06 -118.96
C SER EB 147 -105.88 16.47 -120.02
N GLY EB 148 -105.52 16.69 -121.28
CA GLY EB 148 -106.18 16.00 -122.37
C GLY EB 148 -105.17 15.55 -123.40
N GLY EB 149 -104.80 14.28 -123.36
CA GLY EB 149 -103.82 13.77 -124.32
C GLY EB 149 -104.43 13.72 -125.71
N ASP EB 150 -103.73 14.32 -126.68
CA ASP EB 150 -104.20 14.36 -128.07
C ASP EB 150 -105.61 14.93 -128.17
N THR EB 151 -106.10 15.61 -127.13
CA THR EB 151 -107.44 16.21 -127.14
C THR EB 151 -107.37 17.47 -126.25
N ALA EB 152 -107.09 18.59 -126.89
CA ALA EB 152 -106.93 19.86 -126.18
C ALA EB 152 -108.09 20.11 -125.24
N ARG EB 153 -107.78 20.53 -124.01
CA ARG EB 153 -108.84 20.97 -123.11
C ARG EB 153 -109.05 22.47 -123.31
N MET EB 154 -110.27 22.92 -123.06
CA MET EB 154 -110.69 24.26 -123.45
C MET EB 154 -110.86 25.16 -122.23
N PHE EB 155 -110.49 26.43 -122.39
CA PHE EB 155 -110.86 27.47 -121.45
C PHE EB 155 -112.31 27.84 -121.66
N THR EB 156 -112.88 28.56 -120.69
CA THR EB 156 -114.28 28.94 -120.73
C THR EB 156 -114.42 30.45 -120.72
N ASP EB 157 -115.54 30.91 -121.28
CA ASP EB 157 -115.91 32.32 -121.29
C ASP EB 157 -116.56 32.76 -119.99
N THR EB 158 -116.96 31.82 -119.14
CA THR EB 158 -117.71 32.09 -117.93
C THR EB 158 -117.06 31.36 -116.75
N GLN EB 159 -117.46 31.73 -115.53
CA GLN EB 159 -117.00 30.99 -114.37
C GLN EB 159 -117.53 29.57 -114.42
N ILE EB 160 -116.67 28.60 -114.09
CA ILE EB 160 -116.99 27.20 -114.35
C ILE EB 160 -118.08 26.72 -113.40
N GLY EB 161 -117.97 27.05 -112.11
CA GLY EB 161 -118.96 26.60 -111.15
C GLY EB 161 -118.66 27.08 -109.75
N GLU EB 162 -119.70 27.44 -108.99
CA GLU EB 162 -119.48 27.93 -107.63
C GLU EB 162 -119.00 26.82 -106.71
N THR EB 163 -119.66 25.65 -106.75
CA THR EB 163 -119.19 24.46 -106.06
C THR EB 163 -118.84 23.36 -107.05
N ASN EB 164 -119.77 23.01 -107.94
CA ASN EB 164 -119.53 22.01 -108.99
C ASN EB 164 -118.89 20.76 -108.39
N SER EB 165 -117.73 20.36 -108.90
CA SER EB 165 -117.03 19.19 -108.38
C SER EB 165 -115.53 19.42 -108.58
N LYS EB 166 -114.75 18.35 -108.66
CA LYS EB 166 -113.32 18.46 -108.91
C LYS EB 166 -113.04 18.90 -110.34
N LYS EB 167 -113.50 20.10 -110.70
CA LYS EB 167 -113.34 20.67 -112.03
C LYS EB 167 -112.41 21.88 -112.00
N VAL EB 168 -111.87 22.22 -113.16
CA VAL EB 168 -110.86 23.25 -113.27
C VAL EB 168 -111.52 24.60 -113.49
N GLN EB 169 -111.10 25.60 -112.73
CA GLN EB 169 -111.62 26.96 -112.90
C GLN EB 169 -111.06 27.54 -114.18
N THR EB 170 -111.72 27.25 -115.30
CA THR EB 170 -111.20 27.53 -116.63
C THR EB 170 -111.49 28.95 -117.10
N ALA EB 171 -111.91 29.85 -116.21
CA ALA EB 171 -112.17 31.23 -116.59
C ALA EB 171 -110.92 31.83 -117.24
N VAL EB 172 -111.06 32.21 -118.52
CA VAL EB 172 -109.88 32.52 -119.31
C VAL EB 172 -109.14 33.73 -118.74
N TRP EB 173 -109.88 34.73 -118.25
CA TRP EB 173 -109.21 35.95 -117.80
C TRP EB 173 -108.34 35.72 -116.58
N ASN EB 174 -108.37 34.53 -115.98
CA ASN EB 174 -107.44 34.16 -114.92
C ASN EB 174 -106.52 33.01 -115.33
N ALA EB 175 -106.67 32.47 -116.54
CA ALA EB 175 -105.81 31.41 -117.08
C ALA EB 175 -105.83 30.17 -116.20
N GLY EB 176 -106.83 30.04 -115.33
CA GLY EB 176 -106.88 28.91 -114.43
C GLY EB 176 -105.76 28.85 -113.44
N MET EB 177 -105.09 29.98 -113.17
CA MET EB 177 -103.99 30.03 -112.23
C MET EB 177 -104.13 31.16 -111.22
N GLY EB 178 -105.27 31.85 -111.20
CA GLY EB 178 -105.47 32.92 -110.24
C GLY EB 178 -104.67 34.18 -110.50
N VAL EB 179 -104.21 34.38 -111.74
CA VAL EB 179 -103.43 35.57 -112.09
C VAL EB 179 -104.20 36.38 -113.13
N GLY EB 180 -103.61 37.49 -113.58
CA GLY EB 180 -104.16 38.24 -114.67
C GLY EB 180 -103.67 37.72 -116.00
N VAL EB 181 -104.60 37.26 -116.86
CA VAL EB 181 -104.21 36.63 -118.11
C VAL EB 181 -103.32 37.57 -118.93
N GLY EB 182 -103.50 38.88 -118.77
CA GLY EB 182 -102.70 39.85 -119.48
C GLY EB 182 -101.24 39.92 -119.08
N ASN EB 183 -100.81 39.10 -118.12
CA ASN EB 183 -99.43 39.07 -117.68
C ASN EB 183 -98.74 37.75 -118.00
N LEU EB 184 -99.38 36.88 -118.79
CA LEU EB 184 -98.73 35.64 -119.22
C LEU EB 184 -97.49 35.87 -120.07
N THR EB 185 -97.26 37.11 -120.52
CA THR EB 185 -96.18 37.37 -121.46
C THR EB 185 -94.79 37.14 -120.87
N ILE EB 186 -94.67 36.98 -119.55
CA ILE EB 186 -93.36 36.71 -118.97
C ILE EB 186 -92.86 35.34 -119.40
N TYR EB 187 -93.77 34.37 -119.53
CA TYR EB 187 -93.39 33.08 -120.07
C TYR EB 187 -93.11 33.19 -121.56
N PRO EB 188 -92.23 32.34 -122.10
CA PRO EB 188 -91.96 32.39 -123.54
C PRO EB 188 -93.24 32.24 -124.37
N HIS EB 189 -93.39 33.14 -125.34
CA HIS EB 189 -94.65 33.30 -126.04
C HIS EB 189 -94.41 33.97 -127.38
N GLN EB 190 -95.42 33.85 -128.25
CA GLN EB 190 -95.54 34.63 -129.46
C GLN EB 190 -97.00 35.05 -129.61
N TRP EB 191 -97.26 35.91 -130.59
CA TRP EB 191 -98.61 36.28 -130.97
C TRP EB 191 -98.83 35.86 -132.42
N ILE EB 192 -99.98 35.26 -132.68
CA ILE EB 192 -100.43 34.99 -134.05
C ILE EB 192 -101.50 36.04 -134.33
N ASN EB 193 -101.09 37.16 -134.91
CA ASN EB 193 -102.00 38.19 -135.38
C ASN EB 193 -102.32 37.90 -136.84
N LEU EB 194 -103.54 37.43 -137.11
CA LEU EB 194 -103.88 37.03 -138.47
C LEU EB 194 -103.55 38.12 -139.47
N ARG EB 195 -103.59 39.37 -139.04
CA ARG EB 195 -103.25 40.48 -139.92
C ARG EB 195 -101.83 40.33 -140.46
N THR EB 196 -100.87 39.99 -139.59
CA THR EB 196 -99.46 39.99 -139.97
C THR EB 196 -98.72 38.69 -139.66
N ASN EB 197 -99.42 37.65 -139.22
CA ASN EB 197 -98.75 36.44 -138.76
C ASN EB 197 -99.53 35.21 -139.21
N ASN EB 198 -98.79 34.12 -139.42
CA ASN EB 198 -99.35 32.84 -139.81
C ASN EB 198 -98.98 31.70 -138.88
N SER EB 199 -97.94 31.86 -138.07
CA SER EB 199 -97.52 30.79 -137.18
C SER EB 199 -96.62 31.36 -136.10
N ALA EB 200 -96.37 30.52 -135.10
CA ALA EB 200 -95.49 30.85 -133.98
C ALA EB 200 -94.62 29.65 -133.70
N THR EB 201 -93.33 29.88 -133.50
CA THR EB 201 -92.38 28.80 -133.21
C THR EB 201 -91.63 29.14 -131.93
N ILE EB 202 -91.76 28.26 -130.93
CA ILE EB 202 -91.13 28.44 -129.64
C ILE EB 202 -90.30 27.21 -129.33
N VAL EB 203 -89.02 27.42 -129.05
CA VAL EB 203 -88.11 26.33 -128.70
C VAL EB 203 -87.89 26.39 -127.20
N MET EB 204 -88.53 25.47 -126.47
CA MET EB 204 -88.51 25.44 -125.01
C MET EB 204 -87.45 24.47 -124.52
N PRO EB 205 -86.63 24.89 -123.56
CA PRO EB 205 -85.70 23.95 -122.92
C PRO EB 205 -86.33 23.20 -121.77
N TYR EB 206 -85.58 22.27 -121.19
CA TYR EB 206 -86.04 21.51 -120.04
C TYR EB 206 -86.13 22.42 -118.82
N ILE EB 207 -87.34 22.57 -118.28
CA ILE EB 207 -87.62 23.44 -117.14
C ILE EB 207 -87.98 22.55 -115.97
N ASN EB 208 -87.09 22.45 -114.98
CA ASN EB 208 -87.39 21.68 -113.78
C ASN EB 208 -86.30 21.90 -112.76
N SER EB 209 -86.61 21.57 -111.50
CA SER EB 209 -85.66 21.70 -110.40
C SER EB 209 -84.71 20.51 -110.31
N VAL EB 210 -85.03 19.39 -110.95
CA VAL EB 210 -84.20 18.19 -110.92
C VAL EB 210 -83.64 17.92 -112.31
N PRO EB 211 -82.53 17.19 -112.42
CA PRO EB 211 -82.00 16.89 -113.77
C PRO EB 211 -82.91 16.02 -114.61
N MET EB 212 -83.65 15.09 -113.97
CA MET EB 212 -84.61 14.26 -114.68
C MET EB 212 -85.79 13.99 -113.75
N ASP EB 213 -86.94 13.75 -114.34
CA ASP EB 213 -88.16 13.50 -113.59
C ASP EB 213 -89.01 12.49 -114.34
N ASN EB 214 -90.00 11.92 -113.64
CA ASN EB 214 -90.94 11.02 -114.27
C ASN EB 214 -91.97 11.82 -115.07
N MET EB 215 -92.30 11.31 -116.25
CA MET EB 215 -93.06 12.08 -117.23
C MET EB 215 -94.57 11.92 -117.12
N PHE EB 216 -95.06 10.95 -116.33
CA PHE EB 216 -96.50 10.79 -116.13
C PHE EB 216 -97.00 11.56 -114.93
N ARG EB 217 -96.20 11.62 -113.86
CA ARG EB 217 -96.61 12.27 -112.62
C ARG EB 217 -96.56 13.78 -112.70
N HIS EB 218 -95.81 14.34 -113.64
CA HIS EB 218 -95.51 15.77 -113.66
C HIS EB 218 -95.53 16.26 -115.10
N ASN EB 219 -96.43 17.20 -115.39
CA ASN EB 219 -96.48 17.87 -116.69
C ASN EB 219 -95.69 19.16 -116.57
N ASN EB 220 -94.39 19.08 -116.87
CA ASN EB 220 -93.46 20.16 -116.57
C ASN EB 220 -93.80 21.45 -117.30
N LEU EB 221 -94.54 21.39 -118.40
CA LEU EB 221 -94.87 22.57 -119.18
C LEU EB 221 -96.32 22.47 -119.65
N THR EB 222 -96.90 23.61 -119.98
CA THR EB 222 -98.29 23.68 -120.40
C THR EB 222 -98.45 24.69 -121.52
N LEU EB 223 -98.83 24.22 -122.70
CA LEU EB 223 -99.11 25.10 -123.83
C LEU EB 223 -100.49 25.71 -123.68
N MET EB 224 -100.57 27.03 -123.92
CA MET EB 224 -101.83 27.75 -123.87
C MET EB 224 -101.96 28.63 -125.11
N ILE EB 225 -103.10 28.50 -125.80
CA ILE EB 225 -103.43 29.35 -126.94
C ILE EB 225 -104.72 30.08 -126.58
N ILE EB 226 -104.61 31.37 -126.30
CA ILE EB 226 -105.74 32.17 -125.83
C ILE EB 226 -105.98 33.30 -126.82
N PRO EB 227 -107.12 33.34 -127.51
CA PRO EB 227 -107.41 34.47 -128.39
C PRO EB 227 -107.69 35.73 -127.59
N PHE EB 228 -106.84 36.73 -127.74
CA PHE EB 228 -107.05 38.02 -127.07
C PHE EB 228 -107.95 38.94 -127.88
N VAL EB 229 -107.87 38.88 -129.20
CA VAL EB 229 -108.80 39.55 -130.09
C VAL EB 229 -109.56 38.48 -130.87
N PRO EB 230 -110.88 38.38 -130.71
CA PRO EB 230 -111.59 37.21 -131.22
C PRO EB 230 -111.64 37.18 -132.74
N LEU EB 231 -111.84 35.99 -133.26
CA LEU EB 231 -112.00 35.81 -134.70
C LEU EB 231 -113.24 36.55 -135.18
N ASN EB 232 -113.12 37.21 -136.32
CA ASN EB 232 -114.24 37.91 -136.93
C ASN EB 232 -114.04 37.94 -138.43
N TYR EB 233 -115.15 38.11 -139.15
CA TYR EB 233 -115.14 38.07 -140.61
C TYR EB 233 -116.53 38.43 -141.12
N SER EB 234 -116.59 38.92 -142.37
CA SER EB 234 -117.88 39.20 -142.96
C SER EB 234 -118.52 37.90 -143.46
N GLU EB 235 -119.86 37.93 -143.55
CA GLU EB 235 -120.60 36.75 -144.01
C GLU EB 235 -120.05 36.28 -145.35
N GLY EB 236 -119.83 34.97 -145.46
CA GLY EB 236 -119.29 34.39 -146.66
C GLY EB 236 -117.88 33.88 -146.45
N SER EB 237 -117.09 34.65 -145.70
CA SER EB 237 -115.75 34.20 -145.32
C SER EB 237 -115.86 32.92 -144.52
N SER EB 238 -114.91 32.01 -144.72
CA SER EB 238 -114.99 30.69 -144.09
C SER EB 238 -115.15 30.85 -142.59
N PRO EB 239 -116.14 30.19 -141.96
CA PRO EB 239 -116.41 30.45 -140.54
C PRO EB 239 -115.67 29.52 -139.59
N TYR EB 240 -114.39 29.29 -139.86
CA TYR EB 240 -113.60 28.38 -139.05
C TYR EB 240 -112.13 28.59 -139.36
N VAL EB 241 -111.38 29.23 -138.46
CA VAL EB 241 -109.95 29.42 -138.66
C VAL EB 241 -109.22 28.28 -137.94
N PRO EB 242 -108.60 27.35 -138.65
CA PRO EB 242 -108.04 26.18 -137.97
C PRO EB 242 -106.68 26.47 -137.36
N ILE EB 243 -106.44 25.87 -136.19
CA ILE EB 243 -105.17 25.95 -135.50
C ILE EB 243 -104.62 24.53 -135.41
N THR EB 244 -103.41 24.33 -135.95
CA THR EB 244 -102.74 23.04 -135.97
C THR EB 244 -101.45 23.17 -135.18
N VAL EB 245 -101.30 22.35 -134.13
CA VAL EB 245 -100.11 22.38 -133.28
C VAL EB 245 -99.25 21.19 -133.63
N THR EB 246 -97.96 21.45 -133.84
CA THR EB 246 -96.98 20.42 -134.17
C THR EB 246 -95.79 20.59 -133.23
N ILE EB 247 -95.56 19.58 -132.38
CA ILE EB 247 -94.52 19.64 -131.36
C ILE EB 247 -93.48 18.58 -131.69
N ALA EB 248 -92.21 18.92 -131.48
CA ALA EB 248 -91.11 17.99 -131.73
C ALA EB 248 -90.22 17.95 -130.49
N PRO EB 249 -90.11 16.80 -129.81
CA PRO EB 249 -89.13 16.68 -128.73
C PRO EB 249 -87.73 16.92 -129.24
N MET EB 250 -86.87 17.40 -128.34
CA MET EB 250 -85.50 17.74 -128.69
C MET EB 250 -84.58 17.31 -127.56
N CYS EB 251 -83.54 16.56 -127.90
CA CYS EB 251 -82.54 16.10 -126.94
C CYS EB 251 -83.21 15.33 -125.79
N ALA EB 252 -83.96 14.30 -126.17
CA ALA EB 252 -84.66 13.47 -125.21
C ALA EB 252 -83.73 12.41 -124.63
N GLU EB 253 -83.91 12.12 -123.35
CA GLU EB 253 -83.14 11.08 -122.67
C GLU EB 253 -84.06 10.09 -121.96
N GLY FB 1 -60.59 40.13 -69.51
CA GLY FB 1 -59.41 40.28 -70.42
C GLY FB 1 -59.53 41.46 -71.36
N LEU FB 2 -60.19 41.25 -72.48
CA LEU FB 2 -60.40 42.32 -73.46
C LEU FB 2 -61.28 43.41 -72.87
N PRO FB 3 -60.85 44.67 -72.83
CA PRO FB 3 -61.76 45.75 -72.43
C PRO FB 3 -62.88 45.90 -73.45
N VAL FB 4 -64.10 46.03 -72.95
CA VAL FB 4 -65.28 46.09 -73.81
C VAL FB 4 -66.30 47.05 -73.22
N MET FB 5 -67.03 47.73 -74.11
CA MET FB 5 -68.15 48.57 -73.74
C MET FB 5 -69.28 48.27 -74.72
N THR FB 6 -70.36 47.67 -74.23
CA THR FB 6 -71.52 47.42 -75.08
C THR FB 6 -72.19 48.74 -75.44
N THR FB 7 -72.38 48.97 -76.74
CA THR FB 7 -72.98 50.20 -77.20
C THR FB 7 -74.50 50.07 -77.28
N PRO FB 8 -75.22 51.19 -77.22
CA PRO FB 8 -76.68 51.13 -77.37
C PRO FB 8 -77.06 50.34 -78.62
N GLY FB 9 -78.14 49.58 -78.51
CA GLY FB 9 -78.59 48.71 -79.57
C GLY FB 9 -78.34 47.24 -79.33
N SER FB 10 -77.53 46.90 -78.33
CA SER FB 10 -77.28 45.49 -78.04
C SER FB 10 -78.60 44.79 -77.72
N THR FB 11 -78.63 43.47 -77.95
CA THR FB 11 -79.81 42.65 -77.68
C THR FB 11 -81.02 43.11 -78.51
N GLN FB 12 -80.78 43.37 -79.79
CA GLN FB 12 -81.78 43.98 -80.66
C GLN FB 12 -82.02 43.09 -81.87
N PHE FB 13 -83.29 42.87 -82.20
CA PHE FB 13 -83.69 42.10 -83.37
C PHE FB 13 -84.29 43.10 -84.37
N LEU FB 14 -83.45 43.61 -85.25
CA LEU FB 14 -83.90 44.49 -86.34
C LEU FB 14 -84.39 43.62 -87.48
N THR FB 15 -85.69 43.68 -87.77
CA THR FB 15 -86.27 42.88 -88.84
C THR FB 15 -85.38 42.91 -90.08
N SER FB 16 -84.94 44.10 -90.47
CA SER FB 16 -84.07 44.27 -91.64
C SER FB 16 -82.61 44.37 -91.26
N ASP FB 17 -82.10 43.38 -90.51
CA ASP FB 17 -80.68 43.30 -90.22
C ASP FB 17 -80.05 42.19 -91.05
N ASP FB 18 -78.72 42.22 -91.15
CA ASP FB 18 -77.96 41.33 -92.02
C ASP FB 18 -76.79 40.74 -91.26
N PHE FB 19 -77.03 40.30 -90.03
CA PHE FB 19 -75.98 39.71 -89.20
C PHE FB 19 -75.76 38.25 -89.57
N GLN FB 20 -74.57 37.76 -89.24
CA GLN FB 20 -74.27 36.34 -89.39
C GLN FB 20 -74.88 35.55 -88.25
N SER FB 21 -75.33 34.33 -88.56
CA SER FB 21 -75.99 33.48 -87.58
C SER FB 21 -75.36 32.09 -87.58
N PRO FB 22 -75.32 31.44 -86.42
CA PRO FB 22 -74.75 30.08 -86.39
C PRO FB 22 -75.68 29.06 -87.01
N SER FB 23 -75.10 28.18 -87.83
CA SER FB 23 -75.89 27.18 -88.52
C SER FB 23 -76.46 26.16 -87.54
N ALA FB 24 -77.73 25.80 -87.76
CA ALA FB 24 -78.38 24.81 -86.91
C ALA FB 24 -78.10 23.38 -87.35
N MET FB 25 -77.73 23.18 -88.61
CA MET FB 25 -77.32 21.88 -89.12
C MET FB 25 -75.98 22.02 -89.84
N PRO FB 26 -74.92 22.36 -89.11
CA PRO FB 26 -73.60 22.45 -89.73
C PRO FB 26 -73.21 21.11 -90.33
N GLN FB 27 -72.38 21.17 -91.38
CA GLN FB 27 -71.89 19.97 -92.04
C GLN FB 27 -73.04 19.20 -92.70
N PHE FB 28 -73.82 19.91 -93.51
CA PHE FB 28 -74.85 19.31 -94.34
C PHE FB 28 -74.44 19.46 -95.80
N ASP FB 29 -74.22 18.33 -96.47
CA ASP FB 29 -73.86 18.35 -97.89
C ASP FB 29 -75.07 18.79 -98.70
N VAL FB 30 -75.21 20.10 -98.96
CA VAL FB 30 -76.34 20.58 -99.72
C VAL FB 30 -76.32 19.99 -101.12
N THR FB 31 -77.50 19.71 -101.66
CA THR FB 31 -77.57 19.19 -103.02
C THR FB 31 -76.86 20.17 -103.95
N PRO FB 32 -76.06 19.68 -104.89
CA PRO FB 32 -75.35 20.60 -105.78
C PRO FB 32 -76.32 21.51 -106.52
N GLU FB 33 -75.77 22.47 -107.23
CA GLU FB 33 -76.58 23.45 -107.95
C GLU FB 33 -76.80 22.99 -109.39
N MET FB 34 -77.88 23.48 -109.98
CA MET FB 34 -78.21 23.18 -111.36
C MET FB 34 -78.44 24.47 -112.15
N GLN FB 35 -78.16 24.39 -113.45
CA GLN FB 35 -78.34 25.51 -114.37
C GLN FB 35 -79.80 25.49 -114.82
N ILE FB 36 -80.66 26.03 -113.96
CA ILE FB 36 -82.08 26.12 -114.30
C ILE FB 36 -82.28 27.28 -115.27
N PRO FB 37 -83.02 27.11 -116.36
CA PRO FB 37 -83.20 28.22 -117.30
C PRO FB 37 -83.96 29.37 -116.66
N GLY FB 38 -83.72 30.56 -117.19
CA GLY FB 38 -84.46 31.73 -116.76
C GLY FB 38 -84.10 32.21 -115.37
N ARG FB 39 -82.81 32.30 -115.08
CA ARG FB 39 -82.38 32.87 -113.82
C ARG FB 39 -82.72 34.36 -113.78
N VAL FB 40 -83.44 34.77 -112.74
CA VAL FB 40 -83.77 36.18 -112.52
C VAL FB 40 -82.75 36.75 -111.56
N ASN FB 41 -82.24 37.94 -111.86
CA ASN FB 41 -81.30 38.63 -110.99
C ASN FB 41 -81.83 39.94 -110.45
N ASN FB 42 -82.77 40.58 -111.15
CA ASN FB 42 -83.37 41.83 -110.70
C ASN FB 42 -84.83 41.85 -111.11
N LEU FB 43 -85.63 42.62 -110.38
CA LEU FB 43 -87.04 42.73 -110.68
C LEU FB 43 -87.31 43.60 -111.91
N MET FB 44 -86.35 44.44 -112.30
CA MET FB 44 -86.50 45.20 -113.53
C MET FB 44 -86.51 44.27 -114.74
N GLU FB 45 -85.85 43.12 -114.65
CA GLU FB 45 -85.91 42.15 -115.74
C GLU FB 45 -87.35 41.73 -116.01
N ILE FB 46 -88.20 41.71 -114.97
CA ILE FB 46 -89.61 41.42 -115.17
C ILE FB 46 -90.35 42.68 -115.60
N ALA FB 47 -90.04 43.81 -114.96
CA ALA FB 47 -90.75 45.05 -115.26
C ALA FB 47 -90.58 45.50 -116.71
N GLU FB 48 -89.51 45.07 -117.37
CA GLU FB 48 -89.24 45.47 -118.74
C GLU FB 48 -89.93 44.61 -119.78
N VAL FB 49 -90.80 43.68 -119.37
CA VAL FB 49 -91.47 42.77 -120.29
C VAL FB 49 -92.83 43.33 -120.66
N ASP FB 50 -93.13 43.36 -121.96
CA ASP FB 50 -94.42 43.83 -122.42
C ASP FB 50 -95.54 42.94 -121.89
N SER FB 51 -96.58 43.57 -121.35
CA SER FB 51 -97.75 42.87 -120.85
C SER FB 51 -99.01 43.61 -121.28
N VAL FB 52 -100.06 42.85 -121.59
CA VAL FB 52 -101.28 43.46 -122.13
C VAL FB 52 -101.88 44.40 -121.10
N VAL FB 53 -102.37 45.53 -121.57
CA VAL FB 53 -102.90 46.60 -120.72
C VAL FB 53 -104.42 46.57 -120.79
N PRO FB 54 -105.13 46.54 -119.65
CA PRO FB 54 -106.60 46.59 -119.67
C PRO FB 54 -107.13 48.02 -119.76
N VAL FB 55 -107.03 48.62 -120.94
CA VAL FB 55 -107.50 49.99 -121.12
C VAL FB 55 -109.01 50.06 -120.96
N ASN FB 56 -109.72 48.99 -121.32
CA ASN FB 56 -111.18 48.97 -121.25
C ASN FB 56 -111.60 48.46 -119.88
N ASN FB 57 -111.47 49.34 -118.89
CA ASN FB 57 -111.80 49.04 -117.50
C ASN FB 57 -113.29 48.88 -117.25
N THR FB 58 -114.13 48.99 -118.28
CA THR FB 58 -115.57 48.87 -118.14
C THR FB 58 -115.95 47.73 -117.21
N GLU FB 59 -116.68 48.06 -116.15
CA GLU FB 59 -117.14 47.08 -115.17
C GLU FB 59 -117.58 45.77 -115.83
N ALA FB 60 -118.32 45.84 -116.92
CA ALA FB 60 -118.85 44.61 -117.53
C ALA FB 60 -117.77 43.81 -118.23
N ASN FB 61 -116.70 44.46 -118.71
CA ASN FB 61 -115.63 43.76 -119.39
C ASN FB 61 -114.51 43.31 -118.45
N VAL FB 62 -114.42 43.89 -117.26
CA VAL FB 62 -113.29 43.61 -116.38
C VAL FB 62 -113.16 42.12 -116.10
N ASN FB 63 -114.28 41.41 -116.02
CA ASN FB 63 -114.26 39.96 -115.79
C ASN FB 63 -114.23 39.16 -117.07
N SER FB 64 -113.60 39.69 -118.12
CA SER FB 64 -113.52 39.03 -119.41
C SER FB 64 -112.35 39.61 -120.18
N LEU FB 65 -111.98 38.95 -121.27
CA LEU FB 65 -110.90 39.45 -122.10
C LEU FB 65 -111.25 40.75 -122.81
N LYS FB 66 -112.51 41.17 -122.79
CA LYS FB 66 -112.89 42.44 -123.40
C LYS FB 66 -112.17 43.62 -122.76
N ALA FB 67 -111.66 43.46 -121.53
CA ALA FB 67 -110.92 44.55 -120.90
C ALA FB 67 -109.68 44.92 -121.70
N TYR FB 68 -109.01 43.93 -122.29
CA TYR FB 68 -107.77 44.16 -123.01
C TYR FB 68 -107.99 44.65 -124.44
N GLN FB 69 -109.23 44.66 -124.92
CA GLN FB 69 -109.54 45.03 -126.30
C GLN FB 69 -109.96 46.49 -126.34
N ILE FB 70 -109.24 47.29 -127.12
CA ILE FB 70 -109.61 48.69 -127.37
C ILE FB 70 -110.48 48.70 -128.62
N PRO FB 71 -111.76 49.02 -128.52
CA PRO FB 71 -112.61 49.02 -129.73
C PRO FB 71 -112.27 50.16 -130.65
N VAL FB 72 -112.21 49.87 -131.95
CA VAL FB 72 -112.07 50.87 -132.98
C VAL FB 72 -113.15 50.59 -134.03
N GLN FB 73 -113.77 51.64 -134.53
CA GLN FB 73 -114.89 51.46 -135.46
C GLN FB 73 -114.93 52.63 -136.42
N SER FB 74 -115.56 52.39 -137.56
CA SER FB 74 -115.80 53.46 -138.53
C SER FB 74 -116.85 54.42 -137.96
N ASN FB 75 -116.46 55.67 -137.75
CA ASN FB 75 -117.37 56.70 -137.29
C ASN FB 75 -117.86 57.50 -138.49
N SER FB 76 -118.56 58.61 -138.23
CA SER FB 76 -119.12 59.40 -139.32
C SER FB 76 -118.12 60.37 -139.93
N ASP FB 77 -117.01 60.67 -139.25
CA ASP FB 77 -116.03 61.60 -139.78
C ASP FB 77 -114.71 61.41 -139.02
N ASN FB 78 -113.78 62.36 -139.20
CA ASN FB 78 -112.45 62.29 -138.60
C ASN FB 78 -112.46 63.05 -137.28
N GLY FB 79 -112.81 62.34 -136.20
CA GLY FB 79 -112.84 62.97 -134.89
C GLY FB 79 -113.07 61.95 -133.79
N LYS FB 80 -113.35 62.46 -132.59
CA LYS FB 80 -113.62 61.68 -131.39
C LYS FB 80 -112.38 61.02 -130.82
N GLN FB 81 -112.41 60.75 -129.52
CA GLN FB 81 -111.31 60.10 -128.82
C GLN FB 81 -111.50 58.59 -128.86
N VAL FB 82 -110.40 57.87 -129.10
CA VAL FB 82 -110.44 56.41 -129.08
C VAL FB 82 -110.28 55.89 -127.66
N PHE FB 83 -109.32 56.45 -126.93
CA PHE FB 83 -109.12 56.09 -125.54
C PHE FB 83 -108.23 57.15 -124.89
N GLY FB 84 -108.21 57.13 -123.57
CA GLY FB 84 -107.32 57.98 -122.80
C GLY FB 84 -107.05 57.43 -121.42
N PHE FB 85 -105.78 57.13 -121.13
CA PHE FB 85 -105.43 56.75 -119.77
C PHE FB 85 -104.33 57.66 -119.23
N PRO FB 86 -104.32 57.93 -117.93
CA PRO FB 86 -103.29 58.80 -117.37
C PRO FB 86 -101.95 58.08 -117.30
N LEU FB 87 -100.91 58.88 -117.05
CA LEU FB 87 -99.54 58.37 -116.92
C LEU FB 87 -99.23 58.00 -115.48
N GLN FB 88 -100.17 57.30 -114.85
CA GLN FB 88 -99.99 56.80 -113.49
C GLN FB 88 -99.70 55.30 -113.55
N PRO FB 89 -98.45 54.89 -113.68
CA PRO FB 89 -98.18 53.44 -113.80
C PRO FB 89 -98.62 52.64 -112.59
N GLY FB 90 -98.63 53.24 -111.39
CA GLY FB 90 -98.93 52.50 -110.18
C GLY FB 90 -100.25 52.84 -109.54
N ALA FB 91 -100.91 53.91 -109.99
CA ALA FB 91 -102.12 54.40 -109.35
C ALA FB 91 -103.38 54.13 -110.17
N ASN FB 92 -103.39 54.47 -111.45
CA ASN FB 92 -104.59 54.28 -112.25
C ASN FB 92 -104.92 52.79 -112.37
N GLY FB 93 -106.21 52.50 -112.44
CA GLY FB 93 -106.64 51.11 -112.56
C GLY FB 93 -106.19 50.45 -113.85
N VAL FB 94 -105.88 51.25 -114.87
CA VAL FB 94 -105.51 50.67 -116.16
C VAL FB 94 -104.20 49.91 -116.04
N LEU FB 95 -103.23 50.45 -115.30
CA LEU FB 95 -101.87 49.93 -115.29
C LEU FB 95 -101.43 49.33 -113.95
N ASN FB 96 -102.15 49.58 -112.86
CA ASN FB 96 -101.68 49.12 -111.56
C ASN FB 96 -101.52 47.61 -111.52
N ARG FB 97 -102.28 46.87 -112.33
CA ARG FB 97 -102.21 45.42 -112.35
C ARG FB 97 -101.42 44.87 -113.53
N THR FB 98 -100.88 45.72 -114.37
CA THR FB 98 -99.93 45.26 -115.37
C THR FB 98 -98.72 44.65 -114.66
N LEU FB 99 -97.88 43.96 -115.42
CA LEU FB 99 -96.61 43.48 -114.88
C LEU FB 99 -95.84 44.65 -114.25
N LEU FB 100 -95.69 45.74 -115.01
CA LEU FB 100 -94.97 46.91 -114.53
C LEU FB 100 -95.62 47.48 -113.28
N GLY FB 101 -96.94 47.63 -113.29
CA GLY FB 101 -97.62 48.21 -112.13
C GLY FB 101 -97.49 47.35 -110.89
N GLU FB 102 -97.61 46.03 -111.05
CA GLU FB 102 -97.44 45.13 -109.92
C GLU FB 102 -96.08 45.31 -109.29
N ILE FB 103 -95.03 45.35 -110.12
CA ILE FB 103 -93.70 45.53 -109.55
C ILE FB 103 -93.57 46.92 -108.92
N LEU FB 104 -94.16 47.93 -109.54
CA LEU FB 104 -94.07 49.28 -108.97
C LEU FB 104 -94.71 49.34 -107.59
N ASN FB 105 -95.79 48.59 -107.38
CA ASN FB 105 -96.51 48.69 -106.12
C ASN FB 105 -95.76 48.06 -104.95
N TYR FB 106 -94.66 47.33 -105.20
CA TYR FB 106 -93.83 46.82 -104.12
C TYR FB 106 -92.79 47.83 -103.65
N TYR FB 107 -92.71 48.98 -104.29
CA TYR FB 107 -91.76 50.02 -103.94
C TYR FB 107 -92.52 51.33 -103.81
N THR FB 108 -91.87 52.32 -103.21
CA THR FB 108 -92.47 53.63 -102.98
C THR FB 108 -92.11 54.66 -104.04
N HIS FB 109 -90.89 54.62 -104.56
CA HIS FB 109 -90.42 55.58 -105.55
C HIS FB 109 -90.17 54.89 -106.89
N TRP FB 110 -90.35 55.63 -107.97
CA TRP FB 110 -90.06 55.11 -109.31
C TRP FB 110 -89.53 56.24 -110.19
N SER FB 111 -88.79 55.86 -111.23
CA SER FB 111 -88.19 56.81 -112.16
C SER FB 111 -87.88 56.09 -113.46
N GLY FB 112 -88.27 56.68 -114.59
CA GLY FB 112 -87.91 56.13 -115.88
C GLY FB 112 -89.00 56.39 -116.91
N SER FB 113 -88.71 55.94 -118.13
CA SER FB 113 -89.58 56.07 -119.28
C SER FB 113 -90.43 54.81 -119.47
N ILE FB 114 -91.45 54.90 -120.33
CA ILE FB 114 -92.43 53.83 -120.48
C ILE FB 114 -92.68 53.56 -121.96
N LYS FB 115 -92.63 52.30 -122.36
CA LYS FB 115 -92.95 51.88 -123.73
C LYS FB 115 -94.41 51.42 -123.78
N LEU FB 116 -95.20 52.07 -124.62
CA LEU FB 116 -96.57 51.68 -124.91
C LEU FB 116 -96.61 51.15 -126.35
N THR FB 117 -96.70 49.85 -126.50
CA THR FB 117 -96.79 49.22 -127.81
C THR FB 117 -98.26 49.06 -128.17
N PHE FB 118 -98.63 49.49 -129.38
CA PHE FB 118 -100.01 49.44 -129.85
C PHE FB 118 -100.06 48.56 -131.09
N MET FB 119 -100.87 47.50 -131.04
CA MET FB 119 -100.98 46.54 -132.13
C MET FB 119 -102.38 46.55 -132.70
N PHE FB 120 -102.50 46.69 -134.02
CA PHE FB 120 -103.79 46.67 -134.69
C PHE FB 120 -104.15 45.23 -135.05
N CYS FB 121 -105.22 44.69 -134.44
CA CYS FB 121 -105.61 43.30 -134.65
C CYS FB 121 -106.86 43.21 -135.52
N GLY FB 122 -107.02 44.13 -136.47
CA GLY FB 122 -108.11 44.08 -137.41
C GLY FB 122 -107.78 43.26 -138.64
N SER FB 123 -108.62 43.40 -139.65
CA SER FB 123 -108.39 42.68 -140.89
C SER FB 123 -107.15 43.19 -141.59
N ALA FB 124 -106.52 42.33 -142.38
CA ALA FB 124 -105.34 42.72 -143.14
C ALA FB 124 -105.67 43.76 -144.20
N MET FB 125 -106.95 43.92 -144.55
CA MET FB 125 -107.35 44.83 -145.63
C MET FB 125 -107.63 46.24 -145.15
N ALA FB 126 -107.74 46.46 -143.84
CA ALA FB 126 -108.09 47.78 -143.34
C ALA FB 126 -106.89 48.74 -143.42
N THR FB 127 -107.20 50.02 -143.60
CA THR FB 127 -106.21 51.09 -143.59
C THR FB 127 -106.74 52.25 -142.77
N GLY FB 128 -105.86 53.16 -142.40
CA GLY FB 128 -106.27 54.31 -141.62
C GLY FB 128 -105.09 55.01 -140.98
N LYS FB 129 -105.43 56.07 -140.22
CA LYS FB 129 -104.45 56.87 -139.49
C LYS FB 129 -104.99 57.27 -138.12
N PHE FB 130 -104.15 57.10 -137.10
CA PHE FB 130 -104.48 57.49 -135.74
C PHE FB 130 -103.48 58.52 -135.23
N LEU FB 131 -103.92 59.34 -134.29
CA LEU FB 131 -103.06 60.30 -133.61
C LEU FB 131 -102.88 59.81 -132.17
N LEU FB 132 -101.68 59.32 -131.86
CA LEU FB 132 -101.30 58.98 -130.49
C LEU FB 132 -100.60 60.20 -129.90
N ALA FB 133 -101.19 60.79 -128.85
CA ALA FB 133 -100.68 62.04 -128.31
C ALA FB 133 -100.50 61.93 -126.80
N TYR FB 134 -99.33 62.36 -126.33
CA TYR FB 134 -99.03 62.45 -124.90
C TYR FB 134 -99.09 63.89 -124.48
N SER FB 135 -100.02 64.22 -123.57
CA SER FB 135 -100.07 65.55 -122.98
C SER FB 135 -99.29 65.53 -121.68
N PRO FB 136 -98.14 66.20 -121.61
CA PRO FB 136 -97.33 66.19 -120.39
C PRO FB 136 -98.13 66.69 -119.19
N PRO FB 137 -97.60 66.50 -117.98
CA PRO FB 137 -98.33 66.94 -116.79
C PRO FB 137 -98.47 68.45 -116.76
N GLY FB 138 -99.67 68.90 -116.44
CA GLY FB 138 -99.95 70.33 -116.42
C GLY FB 138 -100.82 70.76 -117.59
N ALA FB 139 -100.59 70.16 -118.75
CA ALA FB 139 -101.44 70.38 -119.92
C ALA FB 139 -102.60 69.40 -119.86
N GLY FB 140 -103.81 69.92 -119.89
CA GLY FB 140 -104.99 69.08 -119.76
C GLY FB 140 -105.02 67.99 -120.81
N VAL FB 141 -106.03 67.12 -120.67
CA VAL FB 141 -106.27 66.13 -121.71
C VAL FB 141 -106.65 66.84 -123.00
N PRO FB 142 -106.04 66.53 -124.13
CA PRO FB 142 -106.44 67.22 -125.38
C PRO FB 142 -107.93 67.08 -125.61
N LYS FB 143 -108.58 68.20 -125.92
CA LYS FB 143 -110.03 68.20 -126.13
C LYS FB 143 -110.41 67.98 -127.58
N ASN FB 144 -109.54 68.36 -128.52
CA ASN FB 144 -109.80 68.20 -129.94
C ASN FB 144 -108.57 67.59 -130.62
N ARG FB 145 -108.83 66.95 -131.76
CA ARG FB 145 -107.74 66.33 -132.50
C ARG FB 145 -106.68 67.36 -132.89
N LYS FB 146 -107.10 68.59 -133.19
CA LYS FB 146 -106.13 69.66 -133.45
C LYS FB 146 -105.31 69.94 -132.20
N ASP FB 147 -105.96 70.00 -131.04
CA ASP FB 147 -105.23 70.20 -129.79
C ASP FB 147 -104.16 69.14 -129.61
N ALA FB 148 -104.49 67.88 -129.90
CA ALA FB 148 -103.51 66.81 -129.74
C ALA FB 148 -102.41 66.90 -130.79
N MET FB 149 -102.76 67.31 -132.03
CA MET FB 149 -101.74 67.40 -133.07
C MET FB 149 -100.72 68.49 -132.78
N LEU FB 150 -101.14 69.58 -132.13
CA LEU FB 150 -100.19 70.67 -131.92
C LEU FB 150 -99.12 70.32 -130.89
N GLY FB 151 -99.31 69.26 -130.11
CA GLY FB 151 -98.32 68.80 -129.16
C GLY FB 151 -97.63 67.53 -129.62
N THR FB 152 -96.87 66.94 -128.69
CA THR FB 152 -96.25 65.65 -128.93
C THR FB 152 -97.28 64.69 -129.50
N HIS FB 153 -97.04 64.22 -130.72
CA HIS FB 153 -98.02 63.39 -131.40
C HIS FB 153 -97.31 62.41 -132.31
N VAL FB 154 -98.05 61.40 -132.72
CA VAL FB 154 -97.57 60.35 -133.61
C VAL FB 154 -98.72 59.97 -134.53
N ILE FB 155 -98.47 59.92 -135.83
CA ILE FB 155 -99.44 59.40 -136.78
C ILE FB 155 -99.12 57.92 -137.02
N TRP FB 156 -100.05 57.06 -136.64
CA TRP FB 156 -99.90 55.62 -136.77
C TRP FB 156 -100.79 55.21 -137.94
N ASP FB 157 -100.17 54.86 -139.06
CA ASP FB 157 -100.89 54.46 -140.25
C ASP FB 157 -101.08 52.94 -140.24
N VAL FB 158 -102.31 52.51 -140.03
CA VAL FB 158 -102.66 51.11 -140.18
C VAL FB 158 -102.74 50.80 -141.67
N GLY FB 159 -102.05 49.74 -142.09
CA GLY FB 159 -101.96 49.39 -143.49
C GLY FB 159 -100.53 49.01 -143.83
N LEU FB 160 -99.58 49.79 -143.29
CA LEU FB 160 -98.16 49.44 -143.32
C LEU FB 160 -97.60 49.15 -141.94
N GLN FB 161 -97.97 49.97 -140.94
CA GLN FB 161 -97.48 49.80 -139.58
C GLN FB 161 -98.45 48.89 -138.83
N SER FB 162 -98.12 47.60 -138.76
CA SER FB 162 -98.94 46.67 -138.00
C SER FB 162 -99.07 47.10 -136.54
N SER FB 163 -97.99 47.69 -136.00
CA SER FB 163 -97.92 48.10 -134.61
C SER FB 163 -97.00 49.32 -134.51
N CYS FB 164 -97.30 50.18 -133.54
CA CYS FB 164 -96.56 51.41 -133.33
C CYS FB 164 -96.29 51.56 -131.83
N VAL FB 165 -95.06 51.88 -131.48
CA VAL FB 165 -94.64 52.00 -130.09
C VAL FB 165 -94.44 53.48 -129.77
N LEU FB 166 -95.21 53.99 -128.83
CA LEU FB 166 -95.04 55.34 -128.31
C LEU FB 166 -94.31 55.26 -126.98
N CYS FB 167 -93.20 55.98 -126.87
CA CYS FB 167 -92.34 55.93 -125.70
C CYS FB 167 -92.54 57.21 -124.88
N VAL FB 168 -93.30 57.11 -123.81
CA VAL FB 168 -93.52 58.26 -122.93
C VAL FB 168 -92.24 58.56 -122.16
N PRO FB 169 -91.74 59.79 -122.21
CA PRO FB 169 -90.48 60.11 -121.53
C PRO FB 169 -90.69 60.40 -120.04
N TRP FB 170 -89.57 60.46 -119.33
CA TRP FB 170 -89.55 60.79 -117.91
C TRP FB 170 -89.38 62.30 -117.79
N ILE FB 171 -90.49 63.00 -117.59
CA ILE FB 171 -90.49 64.46 -117.43
C ILE FB 171 -91.07 64.73 -116.05
N SER FB 172 -90.20 64.84 -115.05
CA SER FB 172 -90.62 65.01 -113.66
C SER FB 172 -89.68 65.97 -112.95
N GLN FB 173 -90.23 66.67 -111.96
CA GLN FB 173 -89.44 67.65 -111.21
C GLN FB 173 -88.36 66.98 -110.37
N THR FB 174 -88.66 65.79 -109.85
CA THR FB 174 -87.79 65.12 -108.89
C THR FB 174 -87.03 63.97 -109.54
N HIS FB 175 -86.05 63.44 -108.80
CA HIS FB 175 -85.32 62.27 -109.26
C HIS FB 175 -86.22 61.05 -109.34
N TYR FB 176 -87.23 60.98 -108.48
CA TYR FB 176 -88.19 59.89 -108.48
C TYR FB 176 -89.60 60.45 -108.37
N ARG FB 177 -90.57 59.59 -108.63
CA ARG FB 177 -91.98 59.88 -108.42
C ARG FB 177 -92.55 58.87 -107.44
N TYR FB 178 -93.57 59.27 -106.69
CA TYR FB 178 -94.28 58.33 -105.84
C TYR FB 178 -95.12 57.40 -106.70
N VAL FB 179 -95.03 56.09 -106.43
CA VAL FB 179 -95.89 55.14 -107.13
C VAL FB 179 -97.35 55.50 -106.90
N VAL FB 180 -97.67 56.05 -105.73
CA VAL FB 180 -99.02 56.51 -105.40
C VAL FB 180 -99.18 57.94 -105.90
N GLU FB 181 -100.42 58.30 -106.25
CA GLU FB 181 -100.74 59.62 -106.77
C GLU FB 181 -100.67 60.63 -105.63
N ASP FB 182 -99.44 61.08 -105.35
CA ASP FB 182 -99.25 62.14 -104.37
C ASP FB 182 -100.00 63.40 -104.80
N GLU FB 183 -100.02 64.40 -103.93
CA GLU FB 183 -100.71 65.64 -104.28
C GLU FB 183 -100.16 66.27 -105.56
N TYR FB 184 -98.95 65.89 -105.97
CA TYR FB 184 -98.44 66.30 -107.26
C TYR FB 184 -99.16 65.52 -108.36
N THR FB 185 -100.22 66.10 -108.92
CA THR FB 185 -100.92 65.48 -110.04
C THR FB 185 -100.14 65.62 -111.35
N ALA FB 186 -98.84 65.91 -111.23
CA ALA FB 186 -97.94 66.06 -112.38
C ALA FB 186 -97.51 64.67 -112.87
N ALA FB 187 -98.45 63.98 -113.50
CA ALA FB 187 -98.20 62.69 -114.12
C ALA FB 187 -98.30 62.78 -115.64
N GLY FB 188 -99.46 63.16 -116.16
CA GLY FB 188 -99.68 63.31 -117.59
C GLY FB 188 -100.86 62.48 -118.06
N TYR FB 189 -101.20 62.67 -119.34
CA TYR FB 189 -102.30 61.93 -119.93
C TYR FB 189 -101.89 61.41 -121.31
N ILE FB 190 -102.35 60.21 -121.66
CA ILE FB 190 -102.03 59.57 -122.93
C ILE FB 190 -103.34 59.32 -123.65
N THR FB 191 -103.52 59.95 -124.81
CA THR FB 191 -104.78 59.94 -125.52
C THR FB 191 -104.57 59.47 -126.96
N CYS FB 192 -105.62 58.91 -127.54
CA CYS FB 192 -105.59 58.48 -128.93
C CYS FB 192 -106.81 59.02 -129.66
N TRP FB 193 -106.63 59.40 -130.92
CA TRP FB 193 -107.68 60.03 -131.70
C TRP FB 193 -107.71 59.46 -133.10
N TYR FB 194 -108.88 59.57 -133.72
CA TYR FB 194 -109.05 59.22 -135.12
C TYR FB 194 -108.46 60.31 -136.01
N GLN FB 195 -108.01 59.90 -137.20
CA GLN FB 195 -107.68 60.85 -138.25
C GLN FB 195 -108.14 60.31 -139.60
N THR FB 196 -108.85 59.19 -139.58
CA THR FB 196 -109.33 58.53 -140.79
C THR FB 196 -110.76 58.07 -140.51
N ASN FB 197 -111.20 57.06 -141.25
CA ASN FB 197 -112.50 56.45 -141.02
C ASN FB 197 -112.42 54.93 -141.12
N ILE FB 198 -111.24 54.36 -140.85
CA ILE FB 198 -111.03 52.92 -140.89
C ILE FB 198 -111.50 52.40 -142.25
N VAL FB 199 -110.82 52.80 -143.32
CA VAL FB 199 -111.20 52.34 -144.65
C VAL FB 199 -111.13 50.82 -144.69
N VAL FB 200 -112.19 50.21 -145.17
CA VAL FB 200 -112.27 48.76 -145.28
C VAL FB 200 -112.80 48.42 -146.67
N PRO FB 201 -112.39 47.30 -147.27
CA PRO FB 201 -113.00 46.90 -148.55
C PRO FB 201 -114.31 46.15 -148.33
N ALA FB 202 -114.87 45.61 -149.41
CA ALA FB 202 -116.10 44.86 -149.28
C ALA FB 202 -115.85 43.51 -148.61
N ASP FB 203 -116.84 43.05 -147.86
CA ASP FB 203 -116.79 41.75 -147.21
C ASP FB 203 -115.68 41.69 -146.16
N VAL FB 204 -115.43 42.81 -145.48
CA VAL FB 204 -114.50 42.87 -144.37
C VAL FB 204 -115.14 43.72 -143.28
N GLN FB 205 -114.88 43.36 -142.02
CA GLN FB 205 -115.50 44.06 -140.90
C GLN FB 205 -114.86 45.42 -140.71
N SER FB 206 -115.71 46.43 -140.47
CA SER FB 206 -115.25 47.79 -140.27
C SER FB 206 -114.90 48.10 -138.82
N SER FB 207 -115.34 47.26 -137.89
CA SER FB 207 -115.06 47.43 -136.46
C SER FB 207 -114.01 46.40 -136.07
N CYS FB 208 -112.89 46.88 -135.52
CA CYS FB 208 -111.76 46.04 -135.16
C CYS FB 208 -111.35 46.34 -133.73
N ASP FB 209 -110.26 45.69 -133.30
CA ASP FB 209 -109.73 45.87 -131.95
C ASP FB 209 -108.24 46.19 -132.03
N ILE FB 210 -107.78 46.90 -131.01
CA ILE FB 210 -106.36 47.20 -130.84
C ILE FB 210 -105.95 46.75 -129.45
N LEU FB 211 -104.71 46.29 -129.33
CA LEU FB 211 -104.18 45.86 -128.04
C LEU FB 211 -103.02 46.77 -127.64
N CYS FB 212 -102.96 47.09 -126.34
CA CYS FB 212 -101.91 47.92 -125.78
C CYS FB 212 -101.06 47.09 -124.83
N PHE FB 213 -99.74 47.31 -124.89
CA PHE FB 213 -98.76 46.60 -124.08
C PHE FB 213 -97.87 47.63 -123.39
N VAL FB 214 -97.54 47.38 -122.12
CA VAL FB 214 -96.73 48.28 -121.32
C VAL FB 214 -95.42 47.59 -120.97
N SER FB 215 -94.32 48.32 -121.09
CA SER FB 215 -93.05 47.87 -120.56
C SER FB 215 -92.26 49.09 -120.10
N ALA FB 216 -91.15 48.83 -119.41
CA ALA FB 216 -90.25 49.89 -118.96
C ALA FB 216 -89.07 49.99 -119.91
N CYS FB 217 -88.47 51.18 -119.96
CA CYS FB 217 -87.30 51.42 -120.78
C CYS FB 217 -86.02 51.07 -120.02
N ASN FB 218 -84.88 51.29 -120.67
CA ASN FB 218 -83.58 51.01 -120.08
C ASN FB 218 -83.24 51.91 -118.90
N ASP FB 219 -83.99 53.00 -118.71
CA ASP FB 219 -83.68 53.99 -117.68
C ASP FB 219 -84.74 53.98 -116.59
N PHE FB 220 -85.04 52.82 -116.01
CA PHE FB 220 -86.12 52.69 -115.04
C PHE FB 220 -85.60 52.03 -113.77
N SER FB 221 -85.94 52.62 -112.62
CA SER FB 221 -85.48 52.12 -111.34
C SER FB 221 -86.51 52.45 -110.26
N VAL FB 222 -86.54 51.60 -109.23
CA VAL FB 222 -87.47 51.73 -108.12
C VAL FB 222 -86.70 51.75 -106.81
N ARG FB 223 -87.36 52.19 -105.74
CA ARG FB 223 -86.68 52.52 -104.50
C ARG FB 223 -87.61 52.39 -103.31
N MET FB 224 -87.02 52.28 -102.12
CA MET FB 224 -87.73 52.23 -100.86
C MET FB 224 -88.76 51.10 -100.85
N LEU FB 225 -88.28 49.87 -100.67
CA LEU FB 225 -89.14 48.69 -100.66
C LEU FB 225 -90.33 48.89 -99.74
N LYS FB 226 -91.48 48.36 -100.16
CA LYS FB 226 -92.69 48.39 -99.37
C LYS FB 226 -93.56 47.22 -99.78
N ASP FB 227 -94.66 47.02 -99.04
CA ASP FB 227 -95.58 45.94 -99.33
C ASP FB 227 -96.67 46.42 -100.29
N THR FB 228 -97.16 45.49 -101.12
CA THR FB 228 -98.15 45.80 -102.14
C THR FB 228 -99.54 45.93 -101.52
N PRO FB 229 -100.39 46.81 -102.05
CA PRO FB 229 -101.75 46.91 -101.53
C PRO FB 229 -102.72 45.87 -102.08
N PHE FB 230 -102.28 45.07 -103.04
CA PHE FB 230 -103.19 44.11 -103.68
C PHE FB 230 -103.46 42.90 -102.80
N ILE FB 231 -102.54 42.57 -101.90
CA ILE FB 231 -102.62 41.37 -101.08
C ILE FB 231 -103.21 41.75 -99.73
N ARG FB 232 -104.15 40.94 -99.24
CA ARG FB 232 -104.76 41.13 -97.93
C ARG FB 232 -104.98 39.76 -97.29
N GLN FB 233 -104.84 39.72 -95.97
CA GLN FB 233 -104.97 38.47 -95.22
C GLN FB 233 -105.83 38.69 -93.98
N ASP FB 234 -106.53 37.62 -93.59
CA ASP FB 234 -107.39 37.65 -92.41
C ASP FB 234 -107.33 36.31 -91.68
N SER GB 45 -68.66 13.29 -96.50
CA SER GB 45 -68.17 14.22 -95.50
C SER GB 45 -68.98 14.12 -94.22
N GLU GB 46 -70.31 14.14 -94.34
CA GLU GB 46 -71.17 14.07 -93.17
C GLU GB 46 -71.19 12.68 -92.54
N SER GB 47 -70.62 11.68 -93.21
CA SER GB 47 -70.56 10.32 -92.69
C SER GB 47 -69.23 10.02 -92.00
N SER GB 48 -68.35 11.00 -91.87
CA SER GB 48 -67.14 10.82 -91.09
C SER GB 48 -67.49 10.60 -89.62
N ILE GB 49 -66.59 9.95 -88.90
CA ILE GB 49 -66.84 9.66 -87.50
C ILE GB 49 -66.96 10.96 -86.70
N GLU GB 50 -66.16 11.96 -87.06
CA GLU GB 50 -66.22 13.23 -86.35
C GLU GB 50 -67.63 13.83 -86.42
N ASN GB 51 -68.20 13.90 -87.63
CA ASN GB 51 -69.55 14.42 -87.76
C ASN GB 51 -70.57 13.49 -87.11
N PHE GB 52 -70.35 12.17 -87.20
CA PHE GB 52 -71.30 11.22 -86.65
C PHE GB 52 -71.47 11.41 -85.14
N LEU GB 53 -70.36 11.57 -84.42
CA LEU GB 53 -70.40 11.64 -82.97
C LEU GB 53 -70.40 13.06 -82.41
N CYS GB 54 -70.03 14.07 -83.21
CA CYS GB 54 -69.80 15.42 -82.70
C CYS GB 54 -71.12 16.20 -82.68
N ARG GB 55 -72.02 15.75 -81.80
CA ARG GB 55 -73.27 16.45 -81.56
C ARG GB 55 -73.67 16.25 -80.11
N ALA GB 56 -73.99 17.36 -79.43
CA ALA GB 56 -74.36 17.29 -78.02
C ALA GB 56 -75.67 16.52 -77.85
N ALA GB 57 -75.75 15.75 -76.75
CA ALA GB 57 -76.90 14.89 -76.50
C ALA GB 57 -77.16 14.81 -75.00
N CYS GB 58 -78.43 14.88 -74.63
CA CYS GB 58 -78.81 14.84 -73.21
C CYS GB 58 -78.51 13.46 -72.64
N VAL GB 59 -77.48 13.37 -71.81
CA VAL GB 59 -77.07 12.09 -71.25
C VAL GB 59 -77.77 11.78 -69.93
N TYR GB 60 -78.24 12.78 -69.20
CA TYR GB 60 -78.80 12.56 -67.88
C TYR GB 60 -79.54 13.81 -67.43
N TYR GB 61 -80.55 13.61 -66.59
CA TYR GB 61 -81.38 14.68 -66.04
C TYR GB 61 -81.68 14.37 -64.58
N ALA GB 62 -81.45 15.33 -63.70
CA ALA GB 62 -81.71 15.08 -62.28
C ALA GB 62 -82.17 16.36 -61.58
N THR GB 63 -82.71 16.16 -60.38
CA THR GB 63 -83.39 17.18 -59.59
C THR GB 63 -82.64 17.43 -58.27
N TYR GB 64 -82.68 18.67 -57.81
CA TYR GB 64 -82.19 18.98 -56.47
C TYR GB 64 -82.92 20.19 -55.92
N THR GB 65 -83.01 20.27 -54.59
CA THR GB 65 -83.82 21.26 -53.90
C THR GB 65 -82.97 22.13 -52.99
N ASN GB 66 -83.50 23.31 -52.65
CA ASN GB 66 -82.79 24.21 -51.76
C ASN GB 66 -82.74 23.67 -50.33
N ASN GB 67 -83.84 23.07 -49.86
CA ASN GB 67 -83.96 22.68 -48.47
C ASN GB 67 -83.38 21.28 -48.26
N SER GB 68 -82.70 21.10 -47.13
CA SER GB 68 -82.15 19.81 -46.69
C SER GB 68 -80.76 19.57 -47.28
N GLU GB 69 -79.97 18.74 -46.60
CA GLU GB 69 -78.66 18.37 -47.11
C GLU GB 69 -78.75 17.29 -48.19
N LYS GB 70 -79.89 16.62 -48.32
CA LYS GB 70 -80.02 15.56 -49.31
C LYS GB 70 -80.24 16.09 -50.72
N GLY GB 71 -80.65 17.35 -50.85
CA GLY GB 71 -81.10 17.83 -52.15
C GLY GB 71 -80.03 17.76 -53.23
N TYR GB 72 -78.80 18.14 -52.89
CA TYR GB 72 -77.72 18.13 -53.87
C TYR GB 72 -77.86 16.90 -54.77
N ALA GB 73 -77.59 17.10 -56.06
CA ALA GB 73 -77.71 16.02 -57.03
C ALA GB 73 -76.32 15.57 -57.48
N GLU GB 74 -76.27 14.37 -58.07
CA GLU GB 74 -75.00 13.82 -58.52
C GLU GB 74 -75.26 12.93 -59.73
N TRP GB 75 -74.24 12.79 -60.55
CA TRP GB 75 -74.30 11.88 -61.70
C TRP GB 75 -72.94 11.23 -61.88
N VAL GB 76 -72.94 9.89 -61.87
CA VAL GB 76 -71.75 9.13 -62.27
C VAL GB 76 -71.57 9.30 -63.78
N ILE GB 77 -70.43 9.87 -64.17
CA ILE GB 77 -70.19 10.16 -65.57
C ILE GB 77 -69.96 8.83 -66.30
N ASN GB 78 -71.00 8.36 -66.98
CA ASN GB 78 -70.97 7.13 -67.73
C ASN GB 78 -71.41 7.39 -69.17
N THR GB 79 -71.06 6.47 -70.06
CA THR GB 79 -71.39 6.61 -71.47
C THR GB 79 -72.49 5.65 -71.90
N ARG GB 80 -73.13 4.96 -70.95
CA ARG GB 80 -74.10 3.92 -71.27
C ARG GB 80 -75.45 4.19 -70.64
N GLN GB 81 -75.66 5.37 -70.05
CA GLN GB 81 -76.95 5.67 -69.44
C GLN GB 81 -78.04 5.83 -70.50
N VAL GB 82 -77.72 6.44 -71.63
CA VAL GB 82 -78.70 6.72 -72.68
C VAL GB 82 -78.48 5.78 -73.87
N ALA GB 83 -79.58 5.26 -74.39
CA ALA GB 83 -79.51 4.18 -75.38
C ALA GB 83 -78.93 4.64 -76.70
N GLN GB 84 -79.40 5.78 -77.21
CA GLN GB 84 -78.95 6.24 -78.52
C GLN GB 84 -77.45 6.50 -78.54
N LEU GB 85 -76.97 7.33 -77.61
CA LEU GB 85 -75.55 7.63 -77.54
C LEU GB 85 -74.74 6.37 -77.31
N ARG GB 86 -75.20 5.52 -76.38
CA ARG GB 86 -74.49 4.27 -76.10
C ARG GB 86 -74.34 3.45 -77.37
N ARG GB 87 -75.44 3.23 -78.09
CA ARG GB 87 -75.41 2.40 -79.29
C ARG GB 87 -74.49 3.00 -80.34
N LYS GB 88 -74.64 4.30 -80.62
CA LYS GB 88 -73.81 4.96 -81.62
C LYS GB 88 -72.34 4.78 -81.30
N LEU GB 89 -71.96 4.89 -80.02
CA LEU GB 89 -70.57 4.66 -79.64
C LEU GB 89 -70.20 3.19 -79.76
N GLU GB 90 -71.13 2.29 -79.40
CA GLU GB 90 -70.85 0.86 -79.36
C GLU GB 90 -70.75 0.25 -80.75
N LEU GB 91 -71.02 1.03 -81.80
CA LEU GB 91 -70.62 0.57 -83.13
C LEU GB 91 -69.11 0.33 -83.24
N PHE GB 92 -68.33 0.71 -82.23
CA PHE GB 92 -66.89 0.51 -82.22
C PHE GB 92 -66.47 -0.12 -80.90
N THR GB 93 -65.35 -0.86 -80.94
CA THR GB 93 -64.84 -1.53 -79.75
C THR GB 93 -63.97 -0.62 -78.90
N TYR GB 94 -63.17 0.24 -79.53
CA TYR GB 94 -62.29 1.16 -78.84
C TYR GB 94 -62.51 2.57 -79.36
N LEU GB 95 -62.61 3.54 -78.45
CA LEU GB 95 -62.75 4.94 -78.80
C LEU GB 95 -61.73 5.74 -78.01
N ARG GB 96 -61.50 6.98 -78.45
CA ARG GB 96 -60.54 7.87 -77.84
C ARG GB 96 -60.92 9.29 -78.18
N PHE GB 97 -61.08 10.14 -77.17
CA PHE GB 97 -61.61 11.47 -77.41
C PHE GB 97 -61.60 12.27 -76.12
N ASP GB 98 -61.64 13.59 -76.26
CA ASP GB 98 -61.97 14.49 -75.17
C ASP GB 98 -63.48 14.63 -75.08
N LEU GB 99 -63.97 15.27 -74.01
CA LEU GB 99 -65.40 15.43 -73.84
C LEU GB 99 -65.75 16.89 -73.61
N GLU GB 100 -66.85 17.34 -74.23
CA GLU GB 100 -67.41 18.68 -74.05
C GLU GB 100 -68.71 18.52 -73.27
N LEU GB 101 -68.74 18.99 -72.03
CA LEU GB 101 -69.89 18.85 -71.14
C LEU GB 101 -70.61 20.18 -71.05
N THR GB 102 -71.85 20.23 -71.51
CA THR GB 102 -72.68 21.43 -71.45
C THR GB 102 -73.85 21.16 -70.50
N PHE GB 103 -74.10 22.07 -69.57
CA PHE GB 103 -75.08 21.86 -68.52
C PHE GB 103 -76.25 22.82 -68.69
N VAL GB 104 -77.46 22.26 -68.72
CA VAL GB 104 -78.70 23.01 -68.85
C VAL GB 104 -79.39 22.96 -67.49
N ILE GB 105 -79.34 24.08 -66.76
CA ILE GB 105 -79.88 24.16 -65.40
C ILE GB 105 -81.12 25.04 -65.45
N THR GB 106 -82.25 24.48 -65.01
CA THR GB 106 -83.51 25.21 -64.95
C THR GB 106 -84.07 25.12 -63.54
N SER GB 107 -84.63 26.22 -63.06
CA SER GB 107 -85.16 26.32 -61.71
C SER GB 107 -86.68 26.43 -61.73
N ALA GB 108 -87.29 26.10 -60.61
CA ALA GB 108 -88.74 26.12 -60.47
C ALA GB 108 -89.07 26.32 -59.00
N GLN GB 109 -89.84 27.35 -58.69
CA GLN GB 109 -90.21 27.61 -57.30
C GLN GB 109 -91.25 26.59 -56.85
N GLN GB 110 -90.95 25.93 -55.73
CA GLN GB 110 -91.81 24.93 -55.11
C GLN GB 110 -92.60 25.59 -53.97
N PRO GB 111 -93.61 24.91 -53.41
CA PRO GB 111 -94.58 25.62 -52.56
C PRO GB 111 -93.94 26.26 -51.34
N SER GB 112 -94.54 27.36 -50.90
CA SER GB 112 -94.06 28.12 -49.76
C SER GB 112 -95.27 28.72 -49.04
N THR GB 113 -95.02 29.25 -47.84
CA THR GB 113 -96.10 29.67 -46.95
C THR GB 113 -96.13 31.17 -46.66
N ALA GB 114 -94.98 31.82 -46.55
CA ALA GB 114 -94.92 33.17 -46.01
C ALA GB 114 -95.67 34.17 -46.90
N THR GB 115 -95.78 35.40 -46.38
CA THR GB 115 -96.49 36.46 -47.10
C THR GB 115 -95.67 36.98 -48.27
N SER GB 116 -94.37 37.20 -48.08
CA SER GB 116 -93.51 37.86 -49.05
C SER GB 116 -92.31 36.97 -49.38
N VAL GB 117 -92.22 36.51 -50.62
CA VAL GB 117 -91.09 35.68 -51.07
C VAL GB 117 -90.35 36.47 -52.15
N ASP GB 118 -89.34 37.23 -51.74
CA ASP GB 118 -88.49 37.96 -52.69
C ASP GB 118 -87.29 37.07 -53.01
N ALA GB 119 -87.30 36.46 -54.18
CA ALA GB 119 -86.24 35.54 -54.57
C ALA GB 119 -84.99 36.32 -54.98
N PRO GB 120 -83.88 36.20 -54.26
CA PRO GB 120 -82.64 36.82 -54.73
C PRO GB 120 -82.03 35.98 -55.85
N VAL GB 121 -80.98 36.53 -56.46
CA VAL GB 121 -80.35 35.85 -57.58
C VAL GB 121 -79.92 34.45 -57.16
N GLN GB 122 -80.14 33.47 -58.04
CA GLN GB 122 -79.84 32.08 -57.77
C GLN GB 122 -78.51 31.69 -58.41
N THR GB 123 -77.62 31.12 -57.61
CA THR GB 123 -76.33 30.63 -58.08
C THR GB 123 -76.26 29.12 -57.86
N HIS GB 124 -75.56 28.43 -58.77
CA HIS GB 124 -75.39 27.00 -58.70
C HIS GB 124 -73.91 26.65 -58.84
N GLN GB 125 -73.52 25.55 -58.20
CA GLN GB 125 -72.17 25.01 -58.30
C GLN GB 125 -72.22 23.62 -58.92
N ILE GB 126 -71.38 23.42 -59.94
CA ILE GB 126 -71.23 22.14 -60.63
C ILE GB 126 -69.80 21.68 -60.37
N MET GB 127 -69.66 20.69 -59.50
CA MET GB 127 -68.35 20.19 -59.10
C MET GB 127 -68.03 18.91 -59.88
N TYR GB 128 -66.79 18.79 -60.33
CA TYR GB 128 -66.29 17.57 -60.96
C TYR GB 128 -65.32 16.90 -59.99
N VAL GB 129 -65.64 15.67 -59.60
CA VAL GB 129 -64.73 14.86 -58.81
C VAL GB 129 -64.07 13.87 -59.77
N PRO GB 130 -62.84 14.12 -60.20
CA PRO GB 130 -62.13 13.20 -61.09
C PRO GB 130 -62.05 11.81 -60.48
N PRO GB 131 -61.67 10.79 -61.27
CA PRO GB 131 -61.56 9.43 -60.73
C PRO GB 131 -60.97 9.37 -59.34
N GLY GB 132 -61.78 8.99 -58.37
CA GLY GB 132 -61.37 9.02 -56.97
C GLY GB 132 -61.81 10.32 -56.34
N GLY GB 133 -60.86 11.01 -55.70
CA GLY GB 133 -61.10 12.32 -55.16
C GLY GB 133 -62.21 12.41 -54.13
N PRO GB 134 -62.23 13.50 -53.36
CA PRO GB 134 -63.30 13.68 -52.38
C PRO GB 134 -64.68 13.73 -53.03
N VAL GB 135 -65.67 13.28 -52.27
CA VAL GB 135 -67.04 13.14 -52.78
C VAL GB 135 -68.02 13.77 -51.79
N PRO GB 136 -68.92 14.65 -52.24
CA PRO GB 136 -69.91 15.23 -51.32
C PRO GB 136 -70.78 14.16 -50.66
N THR GB 137 -70.83 14.20 -49.34
CA THR GB 137 -71.75 13.39 -48.56
C THR GB 137 -72.95 14.18 -48.05
N LYS GB 138 -72.89 15.51 -48.12
CA LYS GB 138 -73.96 16.38 -47.69
C LYS GB 138 -73.85 17.68 -48.48
N VAL GB 139 -74.89 18.51 -48.40
CA VAL GB 139 -74.88 19.76 -49.15
C VAL GB 139 -73.73 20.65 -48.71
N THR GB 140 -73.28 20.50 -47.47
CA THR GB 140 -72.21 21.34 -46.93
C THR GB 140 -71.00 20.51 -46.55
N ASP GB 141 -70.55 19.64 -47.45
CA ASP GB 141 -69.39 18.79 -47.22
C ASP GB 141 -68.11 19.52 -47.61
N TYR GB 142 -66.97 19.00 -47.12
CA TYR GB 142 -65.68 19.59 -47.44
C TYR GB 142 -65.27 19.31 -48.88
N ALA GB 143 -65.82 18.26 -49.49
CA ALA GB 143 -65.56 18.00 -50.90
C ALA GB 143 -65.90 19.23 -51.73
N TRP GB 144 -67.01 19.89 -51.44
CA TRP GB 144 -67.37 21.12 -52.16
C TRP GB 144 -66.28 22.18 -52.05
N GLN GB 145 -65.46 22.13 -51.01
CA GLN GB 145 -64.39 23.10 -50.80
C GLN GB 145 -63.04 22.61 -51.33
N THR GB 146 -62.93 21.35 -51.72
CA THR GB 146 -61.69 20.82 -52.28
C THR GB 146 -60.98 21.81 -53.19
N SER GB 147 -59.70 22.06 -52.91
CA SER GB 147 -58.88 22.82 -53.84
C SER GB 147 -58.83 22.14 -55.21
N THR GB 148 -58.75 20.80 -55.22
CA THR GB 148 -58.79 20.04 -56.46
C THR GB 148 -60.25 19.85 -56.83
N ASN GB 149 -60.55 18.89 -57.72
CA ASN GB 149 -61.93 18.68 -58.14
C ASN GB 149 -62.47 19.99 -58.70
N PRO GB 150 -62.10 20.37 -59.92
CA PRO GB 150 -62.51 21.67 -60.44
C PRO GB 150 -64.03 21.82 -60.41
N SER GB 151 -64.48 23.05 -60.23
CA SER GB 151 -65.90 23.30 -60.12
C SER GB 151 -66.26 24.62 -60.76
N VAL GB 152 -67.51 24.67 -61.23
CA VAL GB 152 -68.05 25.77 -62.00
C VAL GB 152 -69.10 26.48 -61.16
N PHE GB 153 -69.07 27.81 -61.19
CA PHE GB 153 -70.09 28.62 -60.53
C PHE GB 153 -70.87 29.38 -61.60
N TRP GB 154 -72.15 29.07 -61.71
CA TRP GB 154 -73.00 29.63 -62.76
C TRP GB 154 -74.26 30.20 -62.13
N THR GB 155 -74.57 31.45 -62.48
CA THR GB 155 -75.75 32.13 -61.97
C THR GB 155 -76.88 32.02 -62.98
N GLU GB 156 -78.09 31.78 -62.50
CA GLU GB 156 -79.24 31.70 -63.39
C GLU GB 156 -79.40 33.01 -64.16
N GLY GB 157 -79.83 32.90 -65.41
CA GLY GB 157 -80.04 34.06 -66.27
C GLY GB 157 -78.91 34.38 -67.21
N ASN GB 158 -77.87 33.55 -67.26
CA ASN GB 158 -76.73 33.76 -68.15
C ASN GB 158 -76.60 32.55 -69.07
N ALA GB 159 -75.58 32.57 -69.92
CA ALA GB 159 -75.35 31.46 -70.82
C ALA GB 159 -75.09 30.18 -70.03
N PRO GB 160 -75.69 29.05 -70.43
CA PRO GB 160 -75.44 27.80 -69.72
C PRO GB 160 -73.95 27.52 -69.60
N PRO GB 161 -73.51 26.91 -68.51
CA PRO GB 161 -72.08 26.63 -68.35
C PRO GB 161 -71.64 25.43 -69.17
N ARG GB 162 -70.39 25.50 -69.62
CA ARG GB 162 -69.79 24.47 -70.46
C ARG GB 162 -68.34 24.30 -70.04
N MET GB 163 -67.91 23.04 -69.97
CA MET GB 163 -66.55 22.71 -69.57
C MET GB 163 -66.18 21.39 -70.22
N SER GB 164 -64.97 21.32 -70.78
CA SER GB 164 -64.48 20.09 -71.37
C SER GB 164 -63.52 19.39 -70.41
N ILE GB 165 -63.45 18.07 -70.56
CA ILE GB 165 -62.55 17.25 -69.76
C ILE GB 165 -61.72 16.37 -70.69
N PRO GB 166 -60.40 16.27 -70.46
CA PRO GB 166 -59.56 15.52 -71.41
C PRO GB 166 -59.80 14.02 -71.42
N PHE GB 167 -58.98 13.31 -72.20
CA PHE GB 167 -58.96 11.86 -72.21
C PHE GB 167 -58.40 11.38 -70.88
N ILE GB 168 -59.30 11.05 -69.95
CA ILE GB 168 -58.93 10.83 -68.55
C ILE GB 168 -58.76 9.33 -68.30
N SER GB 169 -58.34 8.60 -69.33
CA SER GB 169 -58.08 7.17 -69.21
C SER GB 169 -56.60 6.91 -69.06
N ILE GB 170 -56.27 5.75 -68.49
CA ILE GB 170 -54.89 5.36 -68.30
C ILE GB 170 -54.33 4.61 -69.51
N GLY GB 171 -55.19 3.92 -70.26
CA GLY GB 171 -54.77 3.23 -71.46
C GLY GB 171 -54.75 4.14 -72.67
N ASN GB 172 -54.30 3.57 -73.79
CA ASN GB 172 -54.20 4.31 -75.04
C ASN GB 172 -55.55 4.49 -75.74
N ALA GB 173 -56.65 4.12 -75.09
CA ALA GB 173 -57.97 4.30 -75.66
C ALA GB 173 -59.03 3.89 -74.66
N TYR GB 174 -60.17 4.56 -74.68
CA TYR GB 174 -61.32 4.11 -73.91
C TYR GB 174 -61.77 2.75 -74.41
N SER GB 175 -62.34 1.97 -73.51
CA SER GB 175 -62.82 0.63 -73.82
C SER GB 175 -64.34 0.63 -73.79
N CYS GB 176 -64.96 0.27 -74.92
CA CYS GB 176 -66.40 0.08 -74.97
C CYS GB 176 -66.81 -1.33 -74.58
N PHE GB 177 -65.93 -2.31 -74.78
CA PHE GB 177 -66.19 -3.70 -74.44
C PHE GB 177 -64.93 -4.31 -73.85
N TYR GB 178 -65.12 -5.29 -72.98
CA TYR GB 178 -63.99 -5.94 -72.31
C TYR GB 178 -64.37 -7.38 -72.02
N ASP GB 179 -63.74 -8.31 -72.74
CA ASP GB 179 -63.98 -9.74 -72.56
C ASP GB 179 -63.06 -10.30 -71.47
N GLY GB 180 -63.25 -9.78 -70.26
CA GLY GB 180 -62.41 -10.17 -69.15
C GLY GB 180 -63.00 -9.76 -67.83
N TRP GB 181 -62.21 -9.95 -66.77
CA TRP GB 181 -62.60 -9.66 -65.40
C TRP GB 181 -61.75 -8.54 -64.83
N THR GB 182 -62.14 -8.08 -63.64
CA THR GB 182 -61.39 -7.05 -62.93
C THR GB 182 -60.32 -7.63 -62.02
N GLN GB 183 -60.55 -8.81 -61.46
CA GLN GB 183 -59.58 -9.48 -60.59
C GLN GB 183 -58.90 -10.62 -61.34
N PHE GB 184 -57.62 -10.84 -61.04
CA PHE GB 184 -56.84 -11.84 -61.76
C PHE GB 184 -57.27 -13.27 -61.48
N SER GB 185 -58.14 -13.49 -60.49
CA SER GB 185 -58.64 -14.83 -60.17
C SER GB 185 -59.77 -15.29 -61.08
N ARG GB 186 -59.97 -14.61 -62.22
CA ARG GB 186 -61.06 -14.94 -63.14
C ARG GB 186 -62.39 -14.99 -62.41
N ASN GB 187 -62.55 -14.10 -61.42
CA ASN GB 187 -63.76 -14.02 -60.62
C ASN GB 187 -64.00 -12.56 -60.27
N GLY GB 188 -64.98 -12.30 -59.42
CA GLY GB 188 -65.39 -10.94 -59.12
C GLY GB 188 -66.45 -10.46 -60.09
N VAL GB 189 -66.07 -9.62 -61.05
CA VAL GB 189 -66.98 -9.05 -62.03
C VAL GB 189 -66.48 -9.37 -63.42
N TYR GB 190 -67.36 -9.95 -64.24
CA TYR GB 190 -67.12 -10.08 -65.68
C TYR GB 190 -67.82 -8.96 -66.43
N GLY GB 191 -67.41 -7.74 -66.11
CA GLY GB 191 -67.95 -6.56 -66.74
C GLY GB 191 -66.86 -5.79 -67.47
N ILE GB 192 -67.28 -4.72 -68.14
CA ILE GB 192 -66.31 -3.81 -68.72
C ILE GB 192 -65.25 -3.47 -67.69
N ASN GB 193 -65.70 -3.06 -66.49
CA ASN GB 193 -64.80 -2.74 -65.40
C ASN GB 193 -63.68 -1.83 -65.87
N THR GB 194 -62.47 -2.39 -66.00
CA THR GB 194 -61.35 -1.70 -66.63
C THR GB 194 -61.23 -0.27 -66.11
N LEU GB 195 -60.91 0.68 -66.98
CA LEU GB 195 -60.61 2.05 -66.57
C LEU GB 195 -61.29 3.06 -67.49
N ASN GB 196 -62.55 2.81 -67.84
CA ASN GB 196 -63.39 3.79 -68.51
C ASN GB 196 -64.03 4.76 -67.53
N ASN GB 197 -63.44 4.89 -66.34
CA ASN GB 197 -63.96 5.77 -65.31
C ASN GB 197 -63.74 7.23 -65.69
N MET GB 198 -64.81 8.02 -65.63
CA MET GB 198 -64.77 9.41 -66.03
C MET GB 198 -65.06 10.36 -64.88
N GLY GB 199 -65.20 9.84 -63.66
CA GLY GB 199 -65.35 10.65 -62.48
C GLY GB 199 -66.79 11.09 -62.28
N THR GB 200 -67.13 11.39 -61.02
CA THR GB 200 -68.52 11.77 -60.74
C THR GB 200 -68.65 13.29 -60.82
N LEU GB 201 -69.90 13.76 -60.92
CA LEU GB 201 -70.16 15.18 -61.06
C LEU GB 201 -71.36 15.56 -60.21
N TYR GB 202 -71.15 16.49 -59.28
CA TYR GB 202 -72.14 16.89 -58.29
C TYR GB 202 -72.67 18.28 -58.60
N MET GB 203 -73.88 18.54 -58.11
CA MET GB 203 -74.62 19.77 -58.40
C MET GB 203 -75.27 20.25 -57.11
N ARG GB 204 -75.18 21.55 -56.84
CA ARG GB 204 -75.85 22.06 -55.66
C ARG GB 204 -76.19 23.54 -55.82
N HIS GB 205 -77.14 23.99 -55.00
CA HIS GB 205 -77.44 25.40 -54.87
C HIS GB 205 -76.35 26.07 -54.04
N VAL GB 206 -75.81 27.18 -54.54
CA VAL GB 206 -74.74 27.88 -53.83
C VAL GB 206 -75.33 28.80 -52.76
N ASN GB 207 -76.23 29.70 -53.17
CA ASN GB 207 -76.88 30.58 -52.21
C ASN GB 207 -77.93 29.79 -51.43
N GLU GB 208 -77.93 29.95 -50.11
CA GLU GB 208 -78.69 29.10 -49.21
C GLU GB 208 -80.00 29.76 -48.79
N ALA GB 209 -80.65 29.16 -47.81
CA ALA GB 209 -81.85 29.73 -47.17
C ALA GB 209 -82.90 30.02 -48.24
N GLY GB 210 -83.71 31.05 -48.00
CA GLY GB 210 -84.82 31.38 -48.88
C GLY GB 210 -86.15 30.98 -48.26
N GLN GB 211 -86.99 31.96 -47.96
CA GLN GB 211 -88.27 31.66 -47.34
C GLN GB 211 -89.11 30.69 -48.15
N GLY GB 212 -88.75 30.43 -49.40
CA GLY GB 212 -89.47 29.49 -50.23
C GLY GB 212 -88.53 28.53 -50.92
N PRO GB 213 -88.95 27.28 -51.09
CA PRO GB 213 -88.07 26.28 -51.68
C PRO GB 213 -87.97 26.45 -53.19
N ILE GB 214 -86.84 26.00 -53.72
CA ILE GB 214 -86.57 26.05 -55.15
C ILE GB 214 -86.00 24.72 -55.57
N LYS GB 215 -86.62 24.09 -56.57
CA LYS GB 215 -86.15 22.84 -57.15
C LYS GB 215 -85.62 23.13 -58.54
N SER GB 216 -84.44 22.58 -58.84
CA SER GB 216 -83.77 22.79 -60.12
C SER GB 216 -83.47 21.45 -60.76
N THR GB 217 -83.37 21.46 -62.08
CA THR GB 217 -83.16 20.24 -62.86
C THR GB 217 -81.99 20.48 -63.80
N VAL GB 218 -80.93 19.71 -63.64
CA VAL GB 218 -79.76 19.82 -64.51
C VAL GB 218 -79.77 18.68 -65.52
N ARG GB 219 -79.49 19.03 -66.77
CA ARG GB 219 -79.36 18.08 -67.87
C ARG GB 219 -77.93 18.16 -68.40
N ILE GB 220 -77.23 17.04 -68.39
CA ILE GB 220 -75.85 16.99 -68.86
C ILE GB 220 -75.86 16.66 -70.34
N TYR GB 221 -74.90 17.22 -71.08
CA TYR GB 221 -74.77 16.99 -72.51
C TYR GB 221 -73.34 16.61 -72.85
N PHE GB 222 -73.18 15.50 -73.57
CA PHE GB 222 -71.87 15.02 -74.01
C PHE GB 222 -71.67 15.33 -75.49
N LYS GB 223 -70.47 15.78 -75.83
CA LYS GB 223 -70.07 15.98 -77.23
C LYS GB 223 -68.63 15.52 -77.37
N PRO GB 224 -68.41 14.28 -77.77
CA PRO GB 224 -67.03 13.81 -78.03
C PRO GB 224 -66.38 14.65 -79.13
N LYS GB 225 -65.30 15.33 -78.77
CA LYS GB 225 -64.53 16.13 -79.72
C LYS GB 225 -63.23 15.41 -80.07
N HIS GB 226 -62.76 15.65 -81.29
CA HIS GB 226 -61.50 15.10 -81.77
C HIS GB 226 -61.47 13.59 -81.51
N VAL GB 227 -62.38 12.90 -82.17
CA VAL GB 227 -62.67 11.50 -81.89
C VAL GB 227 -61.87 10.61 -82.82
N LYS GB 228 -61.46 9.45 -82.29
CA LYS GB 228 -60.82 8.40 -83.07
C LYS GB 228 -61.44 7.08 -82.66
N ALA GB 229 -61.91 6.31 -83.62
CA ALA GB 229 -62.58 5.05 -83.36
C ALA GB 229 -61.85 3.89 -84.04
N TRP GB 230 -61.90 2.72 -83.41
CA TRP GB 230 -61.21 1.53 -83.88
C TRP GB 230 -62.11 0.31 -83.80
N VAL GB 231 -61.86 -0.66 -84.68
CA VAL GB 231 -62.48 -1.99 -84.62
C VAL GB 231 -63.99 -1.87 -84.61
N PRO GB 232 -64.64 -1.72 -85.77
CA PRO GB 232 -66.11 -1.63 -85.78
C PRO GB 232 -66.75 -2.98 -85.51
N ARG GB 233 -67.98 -2.93 -85.01
CA ARG GB 233 -68.72 -4.11 -84.64
C ARG GB 233 -70.20 -3.92 -84.98
N PRO GB 234 -70.95 -5.01 -85.11
CA PRO GB 234 -72.34 -4.89 -85.53
C PRO GB 234 -73.12 -4.01 -84.58
N PRO GB 235 -74.13 -3.30 -85.08
CA PRO GB 235 -74.95 -2.46 -84.19
C PRO GB 235 -75.79 -3.29 -83.24
N ARG GB 236 -76.12 -2.67 -82.12
CA ARG GB 236 -76.98 -3.31 -81.11
C ARG GB 236 -78.31 -3.71 -81.74
N LEU GB 237 -78.71 -4.95 -81.52
CA LEU GB 237 -79.98 -5.46 -82.01
C LEU GB 237 -81.02 -5.57 -80.89
N CYS GB 238 -80.71 -6.35 -79.86
CA CYS GB 238 -81.62 -6.52 -78.74
C CYS GB 238 -81.56 -5.29 -77.83
N GLN GB 239 -82.71 -4.94 -77.26
CA GLN GB 239 -82.79 -3.75 -76.43
C GLN GB 239 -81.89 -3.87 -75.21
N TYR GB 240 -81.32 -2.75 -74.80
CA TYR GB 240 -80.44 -2.73 -73.64
C TYR GB 240 -81.23 -3.06 -72.38
N GLU GB 241 -80.55 -3.72 -71.44
CA GLU GB 241 -81.14 -4.18 -70.18
C GLU GB 241 -80.51 -3.54 -68.96
N LYS GB 242 -79.18 -3.36 -68.96
CA LYS GB 242 -78.48 -2.77 -67.84
C LYS GB 242 -77.42 -1.81 -68.36
N GLN GB 243 -77.15 -0.76 -67.58
CA GLN GB 243 -76.16 0.23 -67.97
C GLN GB 243 -74.74 -0.28 -67.81
N LYS GB 244 -74.54 -1.38 -67.09
CA LYS GB 244 -73.20 -1.81 -66.69
C LYS GB 244 -72.77 -3.13 -67.34
N ASN GB 245 -73.50 -3.63 -68.34
CA ASN GB 245 -73.13 -4.92 -68.92
C ASN GB 245 -73.86 -5.14 -70.24
N VAL GB 246 -73.42 -6.18 -70.94
CA VAL GB 246 -73.99 -6.54 -72.24
C VAL GB 246 -75.33 -7.25 -72.14
N ASN GB 247 -75.75 -7.63 -70.94
CA ASN GB 247 -76.93 -8.48 -70.76
C ASN GB 247 -78.06 -8.04 -71.67
N PHE GB 248 -78.60 -9.00 -72.42
CA PHE GB 248 -79.67 -8.75 -73.36
C PHE GB 248 -80.70 -9.86 -73.24
N THR GB 249 -81.92 -9.56 -73.65
CA THR GB 249 -82.94 -10.58 -73.84
C THR GB 249 -83.05 -10.87 -75.33
N PRO GB 250 -82.84 -12.11 -75.78
CA PRO GB 250 -82.69 -12.36 -77.22
C PRO GB 250 -83.86 -11.85 -78.04
N THR GB 251 -83.54 -11.26 -79.19
CA THR GB 251 -84.52 -10.70 -80.11
C THR GB 251 -84.32 -11.31 -81.49
N GLY GB 252 -85.33 -11.17 -82.35
CA GLY GB 252 -85.24 -11.69 -83.69
C GLY GB 252 -84.27 -10.92 -84.55
N VAL GB 253 -83.89 -11.54 -85.67
CA VAL GB 253 -82.90 -10.93 -86.56
C VAL GB 253 -83.48 -9.70 -87.24
N THR GB 254 -84.71 -9.80 -87.75
CA THR GB 254 -85.32 -8.72 -88.51
C THR GB 254 -86.82 -8.70 -88.27
N THR GB 255 -87.49 -7.73 -88.89
CA THR GB 255 -88.94 -7.77 -89.03
C THR GB 255 -89.32 -8.90 -89.99
N THR GB 256 -90.53 -9.41 -89.82
CA THR GB 256 -90.98 -10.60 -90.52
C THR GB 256 -92.00 -10.24 -91.58
N ARG GB 257 -92.00 -11.02 -92.66
CA ARG GB 257 -92.99 -10.91 -93.73
C ARG GB 257 -93.62 -12.27 -93.95
N VAL GB 258 -94.53 -12.32 -94.93
CA VAL GB 258 -95.30 -13.53 -95.20
C VAL GB 258 -94.46 -14.54 -95.95
N GLY GB 259 -94.12 -14.21 -97.20
CA GLY GB 259 -93.34 -15.10 -98.03
C GLY GB 259 -92.12 -14.38 -98.57
N ILE GB 260 -91.25 -15.16 -99.22
CA ILE GB 260 -90.05 -14.59 -99.79
C ILE GB 260 -90.35 -13.74 -101.03
N THR GB 261 -91.54 -13.88 -101.61
CA THR GB 261 -91.95 -13.14 -102.79
C THR GB 261 -92.73 -11.86 -102.46
N THR GB 262 -92.95 -11.56 -101.18
CA THR GB 262 -93.76 -10.41 -100.80
C THR GB 262 -93.00 -9.11 -101.06
N THR GB 263 -93.62 -8.21 -101.84
CA THR GB 263 -93.04 -6.90 -102.11
C THR GB 263 -93.56 -5.87 -101.12
N ARG HB 14 -48.17 -27.39 -99.72
CA ARG HB 14 -46.71 -27.37 -99.63
C ARG HB 14 -46.23 -28.01 -98.32
N SER HB 15 -45.51 -27.23 -97.51
CA SER HB 15 -45.05 -27.69 -96.21
C SER HB 15 -44.55 -26.51 -95.38
N ILE HB 16 -45.25 -26.22 -94.28
CA ILE HB 16 -44.98 -25.02 -93.49
C ILE HB 16 -44.59 -25.47 -92.09
N THR HB 17 -43.30 -25.38 -91.77
CA THR HB 17 -42.78 -25.80 -90.48
C THR HB 17 -42.14 -24.63 -89.76
N LEU HB 18 -42.48 -24.47 -88.48
CA LEU HB 18 -41.85 -23.47 -87.61
C LEU HB 18 -41.56 -24.14 -86.28
N GLY HB 19 -40.33 -24.63 -86.11
CA GLY HB 19 -39.95 -25.34 -84.90
C GLY HB 19 -40.08 -26.84 -85.03
N ASN HB 20 -41.19 -27.40 -84.58
CA ASN HB 20 -41.44 -28.83 -84.65
C ASN HB 20 -42.83 -29.15 -85.22
N SER HB 21 -43.37 -28.26 -86.05
CA SER HB 21 -44.70 -28.43 -86.62
C SER HB 21 -44.63 -28.44 -88.14
N THR HB 22 -45.75 -28.77 -88.78
CA THR HB 22 -45.82 -28.80 -90.23
C THR HB 22 -47.26 -28.88 -90.71
N ILE HB 23 -47.67 -27.95 -91.57
CA ILE HB 23 -49.01 -27.91 -92.13
C ILE HB 23 -48.91 -27.21 -93.48
N THR HB 24 -49.94 -27.39 -94.32
CA THR HB 24 -49.93 -26.72 -95.61
C THR HB 24 -51.31 -26.81 -96.26
N THR HB 25 -51.60 -25.83 -97.12
CA THR HB 25 -52.79 -25.85 -97.97
C THR HB 25 -52.45 -25.49 -99.41
N GLN HB 26 -51.17 -25.53 -99.79
CA GLN HB 26 -50.72 -25.24 -101.15
C GLN HB 26 -51.03 -23.81 -101.55
N GLU HB 27 -52.14 -23.59 -102.27
CA GLU HB 27 -52.53 -22.25 -102.69
C GLU HB 27 -53.18 -21.55 -101.51
N CYS HB 28 -52.47 -20.57 -100.95
CA CYS HB 28 -53.00 -19.82 -99.81
C CYS HB 28 -54.32 -19.18 -100.19
N ALA HB 29 -55.36 -19.47 -99.40
CA ALA HB 29 -56.71 -19.02 -99.69
C ALA HB 29 -56.88 -17.57 -99.24
N ASN HB 30 -56.26 -16.67 -100.01
CA ASN HB 30 -56.26 -15.24 -99.70
C ASN HB 30 -56.17 -15.02 -98.20
N VAL HB 31 -55.04 -15.39 -97.60
CA VAL HB 31 -54.82 -15.21 -96.17
C VAL HB 31 -55.35 -13.85 -95.77
N VAL HB 32 -56.35 -13.82 -94.90
CA VAL HB 32 -56.99 -12.57 -94.49
C VAL HB 32 -56.08 -11.92 -93.44
N VAL HB 33 -55.46 -10.81 -93.81
CA VAL HB 33 -54.47 -10.15 -92.94
C VAL HB 33 -55.27 -9.21 -92.05
N GLY HB 34 -55.89 -9.79 -91.03
CA GLY HB 34 -56.57 -9.05 -89.97
C GLY HB 34 -57.22 -7.76 -90.44
N TYR HB 35 -56.90 -6.67 -89.74
CA TYR HB 35 -57.34 -5.34 -90.14
C TYR HB 35 -56.27 -4.65 -90.97
N GLY HB 36 -55.77 -5.36 -91.98
CA GLY HB 36 -54.73 -4.85 -92.84
C GLY HB 36 -53.36 -4.78 -92.21
N VAL HB 37 -53.19 -5.34 -91.02
CA VAL HB 37 -51.95 -5.27 -90.28
C VAL HB 37 -51.37 -6.67 -90.13
N TRP HB 38 -50.10 -6.83 -90.50
CA TRP HB 38 -49.44 -8.10 -90.22
C TRP HB 38 -48.85 -8.06 -88.81
N PRO HB 39 -48.96 -9.14 -88.03
CA PRO HB 39 -48.44 -9.10 -86.66
C PRO HB 39 -46.98 -8.67 -86.61
N GLU HB 40 -46.68 -7.77 -85.67
CA GLU HB 40 -45.33 -7.24 -85.48
C GLU HB 40 -45.08 -7.05 -83.99
N TYR HB 41 -43.80 -6.86 -83.64
CA TYR HB 41 -43.42 -6.67 -82.25
C TYR HB 41 -43.73 -5.26 -81.77
N GLN HB 52 -38.11 -4.03 -71.33
CA GLN HB 52 -37.26 -4.96 -72.08
C GLN HB 52 -37.98 -6.28 -72.33
N PRO HB 53 -38.91 -6.28 -73.29
CA PRO HB 53 -39.66 -7.51 -73.60
C PRO HB 53 -38.74 -8.63 -74.07
N THR HB 54 -39.31 -9.82 -74.18
CA THR HB 54 -38.60 -11.00 -74.64
C THR HB 54 -39.56 -11.87 -75.44
N GLN HB 55 -39.01 -12.61 -76.41
CA GLN HB 55 -39.77 -13.51 -77.25
C GLN HB 55 -39.31 -14.94 -77.01
N PRO HB 56 -40.21 -15.89 -76.72
CA PRO HB 56 -39.77 -17.28 -76.48
C PRO HB 56 -39.29 -18.01 -77.73
N ASP HB 57 -39.33 -17.38 -78.91
CA ASP HB 57 -38.85 -18.01 -80.14
C ASP HB 57 -39.83 -19.10 -80.61
N VAL HB 58 -39.31 -20.17 -81.20
CA VAL HB 58 -40.17 -21.26 -81.64
C VAL HB 58 -40.99 -21.82 -80.49
N ALA HB 59 -40.47 -21.72 -79.26
CA ALA HB 59 -41.17 -22.27 -78.11
C ALA HB 59 -42.61 -21.77 -78.03
N THR HB 60 -42.86 -20.53 -78.45
CA THR HB 60 -44.20 -19.98 -78.53
C THR HB 60 -44.72 -19.87 -79.95
N CYS HB 61 -43.90 -19.41 -80.89
CA CYS HB 61 -44.33 -19.24 -82.28
C CYS HB 61 -44.26 -20.58 -83.00
N ARG HB 62 -45.33 -21.37 -82.86
CA ARG HB 62 -45.41 -22.67 -83.51
C ARG HB 62 -46.88 -23.06 -83.65
N PHE HB 63 -47.13 -24.03 -84.53
CA PHE HB 63 -48.48 -24.42 -84.93
C PHE HB 63 -49.09 -25.36 -83.90
N TYR HB 64 -49.88 -24.81 -82.97
CA TYR HB 64 -50.64 -25.61 -82.02
C TYR HB 64 -51.97 -26.02 -82.65
N THR HB 65 -52.16 -27.33 -82.82
CA THR HB 65 -53.39 -27.87 -83.41
C THR HB 65 -54.35 -28.26 -82.29
N LEU HB 66 -55.45 -27.51 -82.17
CA LEU HB 66 -56.40 -27.78 -81.10
C LEU HB 66 -57.19 -29.06 -81.41
N GLU HB 67 -58.08 -29.43 -80.49
CA GLU HB 67 -58.93 -30.59 -80.70
C GLU HB 67 -59.74 -30.42 -81.96
N SER HB 68 -59.93 -31.51 -82.69
CA SER HB 68 -60.82 -31.50 -83.85
C SER HB 68 -62.27 -31.55 -83.38
N VAL HB 69 -63.16 -30.94 -84.16
CA VAL HB 69 -64.58 -30.96 -83.81
C VAL HB 69 -65.38 -31.50 -84.97
N GLN HB 70 -66.54 -32.08 -84.67
CA GLN HB 70 -67.37 -32.72 -85.67
C GLN HB 70 -68.46 -31.76 -86.12
N TRP HB 71 -68.58 -31.58 -87.44
CA TRP HB 71 -69.69 -30.89 -88.07
C TRP HB 71 -70.71 -31.96 -88.45
N MET HB 72 -71.87 -31.89 -87.80
CA MET HB 72 -73.00 -32.77 -88.07
C MET HB 72 -74.19 -31.92 -88.49
N LYS HB 73 -75.26 -32.59 -88.92
CA LYS HB 73 -76.38 -31.88 -89.54
C LYS HB 73 -77.04 -30.87 -88.60
N ASN HB 74 -76.85 -31.00 -87.29
CA ASN HB 74 -77.52 -30.12 -86.34
C ASN HB 74 -76.60 -29.10 -85.67
N SER HB 75 -75.29 -29.17 -85.92
CA SER HB 75 -74.36 -28.28 -85.24
C SER HB 75 -74.77 -26.82 -85.40
N ALA HB 76 -74.81 -26.10 -84.28
CA ALA HB 76 -75.14 -24.68 -84.28
C ALA HB 76 -73.91 -23.79 -84.46
N GLY HB 77 -72.77 -24.20 -83.93
CA GLY HB 77 -71.54 -23.45 -84.05
C GLY HB 77 -70.63 -23.70 -82.87
N TRP HB 78 -69.40 -23.22 -83.00
CA TRP HB 78 -68.38 -23.39 -81.98
C TRP HB 78 -67.64 -22.07 -81.77
N TRP HB 79 -67.04 -21.93 -80.59
CA TRP HB 79 -66.19 -20.78 -80.33
C TRP HB 79 -65.10 -21.15 -79.34
N TRP HB 80 -63.98 -20.42 -79.46
CA TRP HB 80 -62.82 -20.53 -78.60
C TRP HB 80 -62.38 -19.13 -78.20
N LYS HB 81 -62.07 -18.92 -76.92
CA LYS HB 81 -61.38 -17.70 -76.50
C LYS HB 81 -59.89 -17.88 -76.75
N LEU HB 82 -59.27 -16.92 -77.44
CA LEU HB 82 -57.96 -17.20 -78.01
C LEU HB 82 -56.87 -17.24 -76.94
N PRO HB 83 -56.63 -16.19 -76.15
CA PRO HB 83 -55.61 -16.32 -75.09
C PRO HB 83 -55.83 -17.53 -74.19
N ASP HB 84 -57.08 -17.92 -73.96
CA ASP HB 84 -57.43 -19.02 -73.07
C ASP HB 84 -57.63 -20.34 -73.82
N ALA HB 85 -57.16 -20.45 -75.06
CA ALA HB 85 -57.18 -21.73 -75.76
C ALA HB 85 -55.82 -22.42 -75.76
N LEU HB 86 -54.76 -21.69 -76.09
CA LEU HB 86 -53.41 -22.22 -76.02
C LEU HB 86 -52.77 -21.98 -74.65
N SER HB 87 -53.55 -21.53 -73.67
CA SER HB 87 -53.01 -21.19 -72.36
C SER HB 87 -52.43 -22.41 -71.65
N GLN HB 88 -52.96 -23.60 -71.93
CA GLN HB 88 -52.54 -24.81 -71.24
C GLN HB 88 -51.66 -25.71 -72.10
N MET HB 89 -51.31 -25.29 -73.32
CA MET HB 89 -50.57 -26.12 -74.26
C MET HB 89 -49.20 -25.53 -74.54
N GLY HB 90 -48.17 -26.38 -74.48
CA GLY HB 90 -46.82 -26.06 -74.89
C GLY HB 90 -46.16 -24.97 -74.04
N LEU HB 91 -45.09 -24.41 -74.61
CA LEU HB 91 -44.32 -23.37 -73.92
C LEU HB 91 -45.08 -22.06 -73.85
N PHE HB 92 -46.03 -21.83 -74.76
CA PHE HB 92 -46.87 -20.64 -74.68
C PHE HB 92 -47.58 -20.59 -73.33
N GLY HB 93 -48.11 -21.72 -72.87
CA GLY HB 93 -48.78 -21.75 -71.58
C GLY HB 93 -47.83 -21.47 -70.43
N GLN HB 94 -46.60 -22.01 -70.51
CA GLN HB 94 -45.63 -21.77 -69.46
C GLN HB 94 -45.28 -20.29 -69.36
N ASN HB 95 -44.98 -19.66 -70.50
CA ASN HB 95 -44.71 -18.22 -70.50
C ASN HB 95 -45.91 -17.44 -70.00
N MET HB 96 -47.11 -17.86 -70.38
CA MET HB 96 -48.32 -17.17 -69.93
C MET HB 96 -48.46 -17.23 -68.42
N GLN HB 97 -48.15 -18.38 -67.82
CA GLN HB 97 -48.29 -18.54 -66.38
C GLN HB 97 -47.20 -17.79 -65.62
N TYR HB 98 -45.97 -17.78 -66.15
CA TYR HB 98 -44.85 -17.22 -65.43
C TYR HB 98 -44.60 -15.74 -65.73
N HIS HB 99 -45.30 -15.15 -66.70
CA HIS HB 99 -45.14 -13.73 -67.02
C HIS HB 99 -46.44 -12.99 -66.75
N TYR HB 100 -46.31 -11.76 -66.24
CA TYR HB 100 -47.47 -10.94 -65.92
C TYR HB 100 -48.09 -10.30 -67.16
N LEU HB 101 -47.30 -10.10 -68.21
CA LEU HB 101 -47.78 -9.41 -69.40
C LEU HB 101 -47.54 -10.25 -70.64
N GLY HB 102 -48.39 -10.04 -71.64
CA GLY HB 102 -48.26 -10.72 -72.92
C GLY HB 102 -48.79 -9.88 -74.06
N ARG HB 103 -48.33 -10.22 -75.26
CA ARG HB 103 -48.73 -9.53 -76.48
C ARG HB 103 -48.48 -10.47 -77.65
N THR HB 104 -49.50 -10.74 -78.45
CA THR HB 104 -49.38 -11.78 -79.46
C THR HB 104 -50.32 -11.51 -80.63
N GLY HB 105 -49.83 -11.79 -81.84
CA GLY HB 105 -50.69 -11.98 -82.99
C GLY HB 105 -50.86 -13.47 -83.26
N TYR HB 106 -51.72 -13.80 -84.21
CA TYR HB 106 -51.98 -15.20 -84.47
C TYR HB 106 -52.15 -15.47 -85.96
N THR HB 107 -51.82 -16.69 -86.34
CA THR HB 107 -52.17 -17.25 -87.64
C THR HB 107 -53.14 -18.40 -87.36
N ILE HB 108 -54.39 -18.22 -87.71
CA ILE HB 108 -55.43 -19.21 -87.48
C ILE HB 108 -55.73 -19.89 -88.79
N HIS HB 109 -55.65 -21.21 -88.81
CA HIS HB 109 -55.89 -22.02 -90.01
C HIS HB 109 -57.00 -22.99 -89.63
N VAL HB 110 -58.21 -22.69 -90.06
CA VAL HB 110 -59.36 -23.56 -89.84
C VAL HB 110 -59.52 -24.35 -91.13
N GLN HB 111 -59.16 -25.63 -91.10
CA GLN HB 111 -59.27 -26.48 -92.28
C GLN HB 111 -60.36 -27.50 -92.07
N CYS HB 112 -61.31 -27.55 -92.99
CA CYS HB 112 -62.34 -28.56 -93.02
C CYS HB 112 -61.88 -29.67 -93.97
N ASN HB 113 -62.69 -30.72 -94.11
CA ASN HB 113 -62.37 -31.76 -95.07
C ASN HB 113 -63.59 -32.63 -95.31
N ALA HB 114 -64.12 -32.59 -96.53
CA ALA HB 114 -65.25 -33.40 -96.94
C ALA HB 114 -64.96 -33.89 -98.35
N SER HB 115 -65.99 -34.35 -99.04
CA SER HB 115 -65.88 -34.81 -100.42
C SER HB 115 -66.74 -33.94 -101.33
N LYS HB 116 -66.72 -34.26 -102.62
CA LYS HB 116 -67.63 -33.61 -103.55
C LYS HB 116 -69.08 -33.90 -103.19
N PHE HB 117 -69.35 -35.01 -102.50
CA PHE HB 117 -70.70 -35.43 -102.18
C PHE HB 117 -71.23 -34.86 -100.87
N HIS HB 118 -70.46 -33.99 -100.21
CA HIS HB 118 -70.93 -33.26 -99.04
C HIS HB 118 -71.24 -31.82 -99.44
N GLN HB 119 -71.98 -31.13 -98.58
CA GLN HB 119 -72.31 -29.74 -98.82
C GLN HB 119 -72.48 -29.01 -97.50
N GLY HB 120 -72.23 -27.72 -97.52
CA GLY HB 120 -72.31 -26.89 -96.33
C GLY HB 120 -71.43 -25.68 -96.45
N CYS HB 121 -71.63 -24.74 -95.53
CA CYS HB 121 -70.85 -23.52 -95.53
C CYS HB 121 -70.71 -22.96 -94.12
N LEU HB 122 -69.47 -22.69 -93.73
CA LEU HB 122 -69.14 -22.15 -92.42
C LEU HB 122 -68.68 -20.70 -92.56
N LEU HB 123 -69.05 -19.86 -91.59
CA LEU HB 123 -68.46 -18.55 -91.39
C LEU HB 123 -67.39 -18.69 -90.31
N VAL HB 124 -66.15 -18.36 -90.65
CA VAL HB 124 -65.03 -18.42 -89.71
C VAL HB 124 -64.62 -16.99 -89.43
N VAL HB 125 -64.88 -16.50 -88.22
CA VAL HB 125 -64.67 -15.09 -87.89
C VAL HB 125 -63.86 -14.97 -86.61
N CYS HB 126 -63.15 -13.84 -86.48
CA CYS HB 126 -62.35 -13.52 -85.31
C CYS HB 126 -62.88 -12.24 -84.67
N VAL HB 127 -63.65 -12.38 -83.59
CA VAL HB 127 -64.29 -11.26 -82.92
C VAL HB 127 -63.33 -10.76 -81.83
N PRO HB 128 -62.71 -9.59 -82.00
CA PRO HB 128 -61.94 -9.02 -80.87
C PRO HB 128 -62.86 -8.51 -79.78
N GLU HB 129 -62.53 -8.86 -78.54
CA GLU HB 129 -63.27 -8.40 -77.35
C GLU HB 129 -64.74 -8.85 -77.42
N ALA HB 130 -64.91 -10.17 -77.50
CA ALA HB 130 -66.24 -10.77 -77.62
C ALA HB 130 -66.86 -10.91 -76.24
N GLU HB 131 -67.24 -9.77 -75.67
CA GLU HB 131 -67.96 -9.76 -74.39
C GLU HB 131 -69.36 -10.31 -74.62
N MET HB 132 -69.66 -11.43 -73.97
CA MET HB 132 -70.90 -12.16 -74.19
C MET HB 132 -71.85 -11.95 -73.03
N GLY HB 133 -73.15 -12.05 -73.32
CA GLY HB 133 -74.16 -11.82 -72.32
C GLY HB 133 -74.56 -13.10 -71.59
N CYS HB 134 -75.35 -12.91 -70.54
CA CYS HB 134 -75.79 -13.99 -69.68
C CYS HB 134 -77.24 -14.35 -69.97
N SER HB 135 -77.63 -15.55 -69.52
CA SER HB 135 -79.03 -15.95 -69.59
C SER HB 135 -79.84 -15.29 -68.48
N ASN HB 136 -79.31 -15.31 -67.26
CA ASN HB 136 -79.89 -14.55 -66.15
C ASN HB 136 -79.40 -13.11 -66.27
N LEU HB 137 -80.32 -12.20 -66.60
CA LEU HB 137 -79.94 -10.83 -66.92
C LEU HB 137 -79.28 -10.10 -65.76
N ASN HB 138 -79.39 -10.60 -64.54
CA ASN HB 138 -78.80 -9.94 -63.38
C ASN HB 138 -77.46 -10.53 -62.98
N ASN HB 139 -76.87 -11.39 -63.81
CA ASN HB 139 -75.60 -12.02 -63.49
C ASN HB 139 -74.76 -12.11 -64.75
N THR HB 140 -73.45 -12.26 -64.56
CA THR HB 140 -72.53 -12.46 -65.66
C THR HB 140 -72.14 -13.94 -65.74
N PRO HB 141 -71.93 -14.46 -66.95
CA PRO HB 141 -71.60 -15.89 -67.07
C PRO HB 141 -70.32 -16.24 -66.33
N GLU HB 142 -70.18 -17.52 -66.04
CA GLU HB 142 -69.01 -18.00 -65.30
C GLU HB 142 -67.87 -18.32 -66.26
N PHE HB 143 -66.65 -18.30 -65.69
CA PHE HB 143 -65.46 -18.53 -66.51
C PHE HB 143 -65.56 -19.85 -67.27
N ALA HB 144 -66.06 -20.90 -66.61
CA ALA HB 144 -66.16 -22.20 -67.27
C ALA HB 144 -67.15 -22.16 -68.42
N GLU HB 145 -68.23 -21.37 -68.28
CA GLU HB 145 -69.23 -21.30 -69.34
C GLU HB 145 -68.68 -20.55 -70.55
N LEU HB 146 -67.96 -19.45 -70.32
CA LEU HB 146 -67.43 -18.68 -71.44
C LEU HB 146 -66.20 -19.32 -72.08
N SER HB 147 -65.38 -19.99 -71.30
CA SER HB 147 -64.06 -20.45 -71.72
C SER HB 147 -64.02 -21.96 -71.87
N GLY HB 148 -63.32 -22.43 -72.90
CA GLY HB 148 -62.97 -23.82 -73.00
C GLY HB 148 -61.57 -23.97 -73.53
N GLY HB 149 -60.62 -24.19 -72.63
CA GLY HB 149 -59.24 -24.38 -73.04
C GLY HB 149 -59.11 -25.62 -73.90
N ASP HB 150 -58.67 -25.45 -75.15
CA ASP HB 150 -58.55 -26.54 -76.12
C ASP HB 150 -59.83 -27.38 -76.18
N THR HB 151 -60.95 -26.85 -75.68
CA THR HB 151 -62.22 -27.58 -75.64
C THR HB 151 -63.30 -26.58 -76.06
N ALA HB 152 -63.53 -26.49 -77.36
CA ALA HB 152 -64.48 -25.53 -77.91
C ALA HB 152 -65.79 -25.54 -77.14
N ARG HB 153 -66.26 -24.35 -76.75
CA ARG HB 153 -67.61 -24.27 -76.22
C ARG HB 153 -68.56 -23.95 -77.38
N MET HB 154 -69.77 -24.47 -77.30
CA MET HB 154 -70.65 -24.52 -78.47
C MET HB 154 -71.75 -23.48 -78.39
N PHE HB 155 -72.12 -22.95 -79.57
CA PHE HB 155 -73.35 -22.22 -79.71
C PHE HB 155 -74.53 -23.18 -79.60
N THR HB 156 -75.70 -22.63 -79.31
CA THR HB 156 -76.89 -23.43 -79.09
C THR HB 156 -77.93 -23.16 -80.17
N ASP HB 157 -78.75 -24.17 -80.42
CA ASP HB 157 -79.80 -24.07 -81.42
C ASP HB 157 -81.02 -23.33 -80.90
N THR HB 158 -81.13 -23.14 -79.59
CA THR HB 158 -82.30 -22.51 -78.98
C THR HB 158 -81.85 -21.64 -77.82
N GLN HB 159 -82.77 -20.78 -77.38
CA GLN HB 159 -82.51 -19.92 -76.23
C GLN HB 159 -82.36 -20.74 -74.95
N ILE HB 160 -81.38 -20.35 -74.14
CA ILE HB 160 -81.18 -20.98 -72.84
C ILE HB 160 -82.14 -20.38 -71.81
N GLY HB 161 -82.35 -21.12 -70.72
CA GLY HB 161 -83.35 -20.72 -69.73
C GLY HB 161 -82.88 -19.56 -68.87
N GLU HB 162 -83.86 -18.75 -68.44
CA GLU HB 162 -83.55 -17.62 -67.58
C GLU HB 162 -82.98 -18.07 -66.24
N THR HB 163 -83.57 -19.13 -65.66
CA THR HB 163 -83.13 -19.60 -64.36
C THR HB 163 -81.63 -19.81 -64.29
N ASN HB 164 -81.00 -20.19 -65.40
CA ASN HB 164 -79.55 -20.34 -65.46
C ASN HB 164 -78.88 -19.08 -64.90
N SER HB 165 -78.24 -19.20 -63.74
CA SER HB 165 -77.68 -18.01 -63.10
C SER HB 165 -76.30 -17.65 -63.63
N LYS HB 166 -75.56 -18.61 -64.18
CA LYS HB 166 -74.21 -18.35 -64.67
C LYS HB 166 -73.99 -19.07 -66.00
N LYS HB 167 -74.92 -18.88 -66.94
CA LYS HB 167 -74.83 -19.47 -68.27
C LYS HB 167 -74.73 -18.38 -69.33
N VAL HB 168 -74.23 -18.77 -70.50
CA VAL HB 168 -74.04 -17.86 -71.62
C VAL HB 168 -75.25 -17.99 -72.53
N GLN HB 169 -75.81 -16.85 -72.95
CA GLN HB 169 -76.93 -16.83 -73.87
C GLN HB 169 -76.40 -17.17 -75.26
N THR HB 170 -76.28 -18.47 -75.53
CA THR HB 170 -75.56 -18.96 -76.69
C THR HB 170 -76.43 -19.11 -77.93
N ALA HB 171 -77.61 -18.49 -77.96
CA ALA HB 171 -78.45 -18.53 -79.15
C ALA HB 171 -77.71 -17.93 -80.33
N VAL HB 172 -77.51 -18.75 -81.38
CA VAL HB 172 -76.59 -18.37 -82.45
C VAL HB 172 -77.09 -17.14 -83.20
N TRP HB 173 -78.41 -17.06 -83.43
CA TRP HB 173 -78.92 -15.94 -84.23
C TRP HB 173 -78.68 -14.60 -83.58
N ASN HB 174 -78.21 -14.56 -82.33
CA ASN HB 174 -77.73 -13.33 -81.71
C ASN HB 174 -76.23 -13.39 -81.40
N ALA HB 175 -75.57 -14.51 -81.68
CA ALA HB 175 -74.13 -14.66 -81.51
C ALA HB 175 -73.69 -14.50 -80.07
N GLY HB 176 -74.63 -14.59 -79.13
CA GLY HB 176 -74.31 -14.40 -77.73
C GLY HB 176 -73.76 -13.03 -77.39
N MET HB 177 -73.94 -12.06 -78.29
CA MET HB 177 -73.49 -10.69 -78.06
C MET HB 177 -74.59 -9.68 -78.29
N GLY HB 178 -75.83 -10.13 -78.48
CA GLY HB 178 -76.93 -9.22 -78.70
C GLY HB 178 -76.95 -8.56 -80.05
N VAL HB 179 -76.25 -9.12 -81.03
CA VAL HB 179 -76.18 -8.54 -82.37
C VAL HB 179 -76.78 -9.50 -83.38
N GLY HB 180 -76.80 -9.10 -84.64
CA GLY HB 180 -77.24 -10.00 -85.69
C GLY HB 180 -76.11 -10.91 -86.14
N VAL HB 181 -76.34 -12.23 -86.07
CA VAL HB 181 -75.28 -13.17 -86.45
C VAL HB 181 -74.85 -12.95 -87.89
N GLY HB 182 -75.76 -12.50 -88.74
CA GLY HB 182 -75.44 -12.22 -90.13
C GLY HB 182 -74.60 -10.98 -90.35
N ASN HB 183 -74.26 -10.26 -89.29
CA ASN HB 183 -73.46 -9.04 -89.38
C ASN HB 183 -72.06 -9.20 -88.82
N LEU HB 184 -71.69 -10.41 -88.40
CA LEU HB 184 -70.34 -10.66 -87.89
C LEU HB 184 -69.27 -10.46 -88.94
N THR HB 185 -69.64 -10.29 -90.21
CA THR HB 185 -68.65 -10.23 -91.28
C THR HB 185 -67.77 -8.99 -91.20
N ILE HB 186 -68.14 -7.99 -90.40
CA ILE HB 186 -67.26 -6.83 -90.26
C ILE HB 186 -65.95 -7.24 -89.63
N TYR HB 187 -65.99 -8.17 -88.68
CA TYR HB 187 -64.79 -8.73 -88.10
C TYR HB 187 -64.06 -9.58 -89.14
N PRO HB 188 -62.72 -9.60 -89.11
CA PRO HB 188 -61.99 -10.42 -90.09
C PRO HB 188 -62.53 -11.85 -90.12
N HIS HB 189 -62.70 -12.36 -91.34
CA HIS HB 189 -63.44 -13.60 -91.53
C HIS HB 189 -63.11 -14.20 -92.87
N GLN HB 190 -63.48 -15.48 -93.01
CA GLN HB 190 -63.54 -16.16 -94.29
C GLN HB 190 -64.77 -17.07 -94.27
N TRP HB 191 -65.06 -17.66 -95.43
CA TRP HB 191 -66.12 -18.64 -95.56
C TRP HB 191 -65.52 -19.95 -96.06
N ILE HB 192 -65.89 -21.05 -95.42
CA ILE HB 192 -65.52 -22.38 -95.88
C ILE HB 192 -66.79 -22.95 -96.52
N ASN HB 193 -66.89 -22.80 -97.84
CA ASN HB 193 -67.97 -23.41 -98.62
C ASN HB 193 -67.44 -24.75 -99.12
N LEU HB 194 -67.93 -25.85 -98.53
CA LEU HB 194 -67.42 -27.17 -98.89
C LEU HB 194 -67.46 -27.40 -100.40
N ARG HB 195 -68.40 -26.74 -101.08
CA ARG HB 195 -68.47 -26.85 -102.53
C ARG HB 195 -67.16 -26.42 -103.17
N THR HB 196 -66.62 -25.27 -102.75
CA THR HB 196 -65.46 -24.68 -103.40
C THR HB 196 -64.30 -24.36 -102.47
N ASN HB 197 -64.39 -24.71 -101.19
CA ASN HB 197 -63.33 -24.35 -100.25
C ASN HB 197 -63.08 -25.50 -99.29
N ASN HB 198 -61.82 -25.59 -98.86
CA ASN HB 198 -61.38 -26.58 -97.90
C ASN HB 198 -60.72 -25.95 -96.69
N SER HB 199 -60.40 -24.67 -96.73
CA SER HB 199 -59.59 -24.07 -95.68
C SER HB 199 -59.95 -22.60 -95.53
N ALA HB 200 -59.52 -22.04 -94.39
CA ALA HB 200 -59.63 -20.62 -94.11
C ALA HB 200 -58.40 -20.22 -93.31
N THR HB 201 -57.75 -19.13 -93.73
CA THR HB 201 -56.55 -18.64 -93.05
C THR HB 201 -56.75 -17.18 -92.69
N ILE HB 202 -56.64 -16.87 -91.40
CA ILE HB 202 -56.82 -15.50 -90.91
C ILE HB 202 -55.61 -15.15 -90.06
N VAL HB 203 -54.94 -14.05 -90.41
CA VAL HB 203 -53.78 -13.57 -89.67
C VAL HB 203 -54.21 -12.36 -88.87
N MET HB 204 -54.35 -12.54 -87.57
CA MET HB 204 -54.84 -11.49 -86.68
C MET HB 204 -53.68 -10.77 -86.03
N PRO HB 205 -53.68 -9.44 -86.03
CA PRO HB 205 -52.68 -8.68 -85.27
C PRO HB 205 -53.16 -8.45 -83.84
N TYR HB 206 -52.27 -7.86 -83.04
CA TYR HB 206 -52.60 -7.54 -81.65
C TYR HB 206 -53.63 -6.40 -81.64
N ILE HB 207 -54.83 -6.71 -81.16
CA ILE HB 207 -55.93 -5.75 -81.08
C ILE HB 207 -56.22 -5.51 -79.61
N ASN HB 208 -55.86 -4.33 -79.12
CA ASN HB 208 -56.16 -3.97 -77.74
C ASN HB 208 -55.90 -2.49 -77.56
N SER HB 209 -56.55 -1.93 -76.51
CA SER HB 209 -56.39 -0.52 -76.21
C SER HB 209 -55.11 -0.21 -75.45
N VAL HB 210 -54.46 -1.23 -74.89
CA VAL HB 210 -53.24 -1.05 -74.11
C VAL HB 210 -52.10 -1.81 -74.78
N PRO HB 211 -50.85 -1.37 -74.64
CA PRO HB 211 -49.75 -2.05 -75.34
C PRO HB 211 -49.56 -3.50 -74.91
N MET HB 212 -49.76 -3.81 -73.63
CA MET HB 212 -49.61 -5.18 -73.14
C MET HB 212 -50.61 -5.41 -72.03
N ASP HB 213 -51.04 -6.66 -71.88
CA ASP HB 213 -52.08 -7.00 -70.92
C ASP HB 213 -51.80 -8.37 -70.33
N ASN HB 214 -52.48 -8.66 -69.22
CA ASN HB 214 -52.43 -9.98 -68.62
C ASN HB 214 -53.28 -10.96 -69.43
N MET HB 215 -52.73 -12.14 -69.69
CA MET HB 215 -53.33 -13.07 -70.64
C MET HB 215 -54.37 -13.99 -70.02
N PHE HB 216 -54.48 -14.04 -68.69
CA PHE HB 216 -55.50 -14.87 -68.04
C PHE HB 216 -56.78 -14.10 -67.77
N ARG HB 217 -56.68 -12.80 -67.44
CA ARG HB 217 -57.86 -12.02 -67.09
C ARG HB 217 -58.63 -11.52 -68.30
N HIS HB 218 -58.01 -11.51 -69.49
CA HIS HB 218 -58.60 -10.87 -70.66
C HIS HB 218 -58.36 -11.71 -71.89
N ASN HB 219 -59.44 -12.13 -72.56
CA ASN HB 219 -59.36 -12.82 -73.85
C ASN HB 219 -59.59 -11.77 -74.94
N ASN HB 220 -58.48 -11.23 -75.46
CA ASN HB 220 -58.57 -10.14 -76.42
C ASN HB 220 -59.28 -10.54 -77.70
N LEU HB 221 -59.40 -11.84 -78.00
CA LEU HB 221 -60.02 -12.29 -79.22
C LEU HB 221 -60.84 -13.55 -78.96
N THR HB 222 -61.78 -13.83 -79.86
CA THR HB 222 -62.64 -14.99 -79.76
C THR HB 222 -62.92 -15.50 -81.17
N LEU HB 223 -62.47 -16.71 -81.47
CA LEU HB 223 -62.77 -17.33 -82.76
C LEU HB 223 -64.17 -17.95 -82.71
N MET HB 224 -64.93 -17.75 -83.80
CA MET HB 224 -66.25 -18.32 -83.95
C MET HB 224 -66.36 -19.01 -85.29
N ILE HB 225 -66.82 -20.25 -85.30
CA ILE HB 225 -67.12 -21.00 -86.52
C ILE HB 225 -68.61 -21.31 -86.48
N ILE HB 226 -69.38 -20.68 -87.35
CA ILE HB 226 -70.84 -20.77 -87.33
C ILE HB 226 -71.31 -21.28 -88.69
N PRO HB 227 -71.92 -22.47 -88.78
CA PRO HB 227 -72.46 -22.90 -90.07
C PRO HB 227 -73.72 -22.15 -90.45
N PHE HB 228 -73.65 -21.36 -91.53
CA PHE HB 228 -74.82 -20.65 -92.01
C PHE HB 228 -75.69 -21.53 -92.90
N VAL HB 229 -75.07 -22.40 -93.69
CA VAL HB 229 -75.77 -23.42 -94.47
C VAL HB 229 -75.38 -24.78 -93.90
N PRO HB 230 -76.33 -25.57 -93.41
CA PRO HB 230 -75.96 -26.78 -92.65
C PRO HB 230 -75.38 -27.86 -93.53
N LEU HB 231 -74.62 -28.74 -92.89
CA LEU HB 231 -74.07 -29.91 -93.56
C LEU HB 231 -75.20 -30.81 -94.04
N ASN HB 232 -75.01 -31.43 -95.21
CA ASN HB 232 -75.95 -32.40 -95.70
C ASN HB 232 -75.23 -33.38 -96.62
N TYR HB 233 -75.83 -34.56 -96.78
CA TYR HB 233 -75.18 -35.65 -97.49
C TYR HB 233 -76.16 -36.79 -97.64
N SER HB 234 -76.01 -37.54 -98.73
CA SER HB 234 -76.82 -38.72 -98.97
C SER HB 234 -76.32 -39.90 -98.14
N GLU HB 235 -77.17 -40.91 -98.01
CA GLU HB 235 -76.82 -42.09 -97.23
C GLU HB 235 -75.53 -42.71 -97.76
N GLY HB 236 -74.60 -42.98 -96.84
CA GLY HB 236 -73.32 -43.56 -97.21
C GLY HB 236 -72.16 -42.62 -96.94
N SER HB 237 -72.32 -41.36 -97.30
CA SER HB 237 -71.32 -40.35 -97.00
C SER HB 237 -71.20 -40.19 -95.48
N SER HB 238 -69.98 -40.00 -95.02
CA SER HB 238 -69.74 -39.91 -93.59
C SER HB 238 -70.54 -38.76 -92.98
N PRO HB 239 -71.23 -38.98 -91.86
CA PRO HB 239 -71.96 -37.89 -91.21
C PRO HB 239 -71.07 -36.97 -90.38
N TYR HB 240 -69.77 -37.20 -90.46
CA TYR HB 240 -68.75 -36.57 -89.64
C TYR HB 240 -67.94 -35.69 -90.58
N VAL HB 241 -68.18 -34.38 -90.55
CA VAL HB 241 -67.32 -33.48 -91.32
C VAL HB 241 -66.38 -32.79 -90.34
N PRO HB 242 -65.11 -33.19 -90.29
CA PRO HB 242 -64.22 -32.65 -89.25
C PRO HB 242 -63.76 -31.23 -89.56
N ILE HB 243 -63.65 -30.43 -88.49
CA ILE HB 243 -63.07 -29.10 -88.54
C ILE HB 243 -61.86 -29.11 -87.64
N THR HB 244 -60.68 -28.79 -88.20
CA THR HB 244 -59.43 -28.78 -87.48
C THR HB 244 -58.91 -27.36 -87.39
N VAL HB 245 -58.76 -26.85 -86.18
CA VAL HB 245 -58.28 -25.50 -85.93
C VAL HB 245 -56.81 -25.58 -85.55
N THR HB 246 -55.98 -24.78 -86.22
CA THR HB 246 -54.54 -24.74 -85.95
C THR HB 246 -54.14 -23.29 -85.76
N ILE HB 247 -53.71 -22.94 -84.56
CA ILE HB 247 -53.39 -21.56 -84.21
C ILE HB 247 -51.90 -21.47 -83.96
N ALA HB 248 -51.28 -20.39 -84.44
CA ALA HB 248 -49.85 -20.18 -84.23
C ALA HB 248 -49.63 -18.78 -83.69
N PRO HB 249 -49.09 -18.63 -82.49
CA PRO HB 249 -48.68 -17.30 -82.03
C PRO HB 249 -47.62 -16.71 -82.94
N MET HB 250 -47.63 -15.39 -83.04
CA MET HB 250 -46.75 -14.64 -83.93
C MET HB 250 -46.28 -13.40 -83.20
N CYS HB 251 -44.96 -13.21 -83.15
CA CYS HB 251 -44.35 -12.05 -82.52
C CYS HB 251 -44.83 -11.91 -81.07
N ALA HB 252 -44.65 -12.99 -80.32
CA ALA HB 252 -45.05 -13.02 -78.93
C ALA HB 252 -44.04 -12.29 -78.06
N GLU HB 253 -44.53 -11.47 -77.12
CA GLU HB 253 -43.71 -10.75 -76.18
C GLU HB 253 -44.29 -10.94 -74.78
N TYR HB 254 -43.41 -10.97 -73.79
CA TYR HB 254 -43.81 -11.16 -72.39
C TYR HB 254 -42.91 -10.33 -71.50
N ASN HB 255 -43.50 -9.62 -70.55
CA ASN HB 255 -42.75 -8.77 -69.63
C ASN HB 255 -43.07 -9.13 -68.18
N GLY IB 1 -63.56 50.63 -74.23
CA GLY IB 1 -62.76 49.71 -75.10
C GLY IB 1 -63.48 49.36 -76.40
N LEU IB 2 -63.34 48.13 -76.83
CA LEU IB 2 -63.95 47.69 -78.08
C LEU IB 2 -65.47 47.78 -77.98
N PRO IB 3 -66.13 48.57 -78.84
CA PRO IB 3 -67.60 48.56 -78.84
C PRO IB 3 -68.13 47.21 -79.27
N VAL IB 4 -69.22 46.79 -78.65
CA VAL IB 4 -69.80 45.48 -78.90
C VAL IB 4 -71.32 45.59 -78.91
N MET IB 5 -71.95 44.78 -79.77
CA MET IB 5 -73.39 44.65 -79.85
C MET IB 5 -73.70 43.16 -79.88
N THR IB 6 -74.38 42.67 -78.85
CA THR IB 6 -74.75 41.26 -78.82
C THR IB 6 -75.72 40.95 -79.95
N THR IB 7 -75.38 39.97 -80.76
CA THR IB 7 -76.20 39.54 -81.88
C THR IB 7 -77.33 38.66 -81.39
N PRO IB 8 -78.49 38.67 -82.07
CA PRO IB 8 -79.53 37.69 -81.73
C PRO IB 8 -78.95 36.29 -81.67
N GLY IB 9 -79.27 35.56 -80.59
CA GLY IB 9 -78.75 34.23 -80.39
C GLY IB 9 -77.68 34.11 -79.31
N SER IB 10 -77.25 35.22 -78.71
CA SER IB 10 -76.27 35.15 -77.64
C SER IB 10 -76.85 34.40 -76.44
N THR IB 11 -75.96 33.84 -75.62
CA THR IB 11 -76.35 33.06 -74.44
C THR IB 11 -77.23 31.88 -74.83
N GLN IB 12 -76.84 31.18 -75.89
CA GLN IB 12 -77.67 30.15 -76.51
C GLN IB 12 -76.88 28.85 -76.61
N PHE IB 13 -77.55 27.74 -76.33
CA PHE IB 13 -76.97 26.42 -76.43
C PHE IB 13 -77.63 25.69 -77.60
N LEU IB 14 -76.96 25.69 -78.74
CA LEU IB 14 -77.36 24.85 -79.87
C LEU IB 14 -76.61 23.53 -79.77
N THR IB 15 -77.35 22.44 -79.57
CA THR IB 15 -76.72 21.12 -79.45
C THR IB 15 -75.69 20.91 -80.54
N SER IB 16 -76.04 21.23 -81.78
CA SER IB 16 -75.12 21.06 -82.91
C SER IB 16 -74.35 22.34 -83.20
N ASP IB 17 -73.77 22.94 -82.16
CA ASP IB 17 -72.84 24.04 -82.31
C ASP IB 17 -71.42 23.52 -82.14
N ASP IB 18 -70.46 24.34 -82.56
CA ASP IB 18 -69.05 23.94 -82.55
C ASP IB 18 -68.19 25.04 -81.93
N PHE IB 19 -68.67 25.62 -80.83
CA PHE IB 19 -67.85 26.57 -80.10
C PHE IB 19 -66.80 25.82 -79.28
N GLN IB 20 -65.67 26.47 -79.06
CA GLN IB 20 -64.63 25.93 -78.21
C GLN IB 20 -64.90 26.30 -76.76
N SER IB 21 -64.52 25.41 -75.85
CA SER IB 21 -64.85 25.51 -74.45
C SER IB 21 -63.59 25.49 -73.60
N PRO IB 22 -63.61 26.13 -72.43
CA PRO IB 22 -62.42 26.14 -71.57
C PRO IB 22 -62.20 24.78 -70.94
N SER IB 23 -60.95 24.33 -70.95
CA SER IB 23 -60.62 23.02 -70.41
C SER IB 23 -60.78 23.03 -68.90
N ALA IB 24 -61.35 21.94 -68.37
CA ALA IB 24 -61.58 21.81 -66.94
C ALA IB 24 -60.39 21.25 -66.19
N MET IB 25 -59.48 20.56 -66.88
CA MET IB 25 -58.28 19.99 -66.27
C MET IB 25 -57.07 20.45 -67.06
N PRO IB 26 -56.63 21.69 -66.83
CA PRO IB 26 -55.40 22.17 -67.49
C PRO IB 26 -54.25 21.20 -67.22
N GLN IB 27 -53.36 21.08 -68.20
CA GLN IB 27 -52.27 20.11 -68.12
C GLN IB 27 -52.82 18.70 -68.27
N PHE IB 28 -52.57 17.85 -67.29
CA PHE IB 28 -52.94 16.43 -67.39
C PHE IB 28 -52.46 15.84 -68.70
N ASP IB 29 -51.17 15.53 -68.78
CA ASP IB 29 -50.57 14.99 -69.99
C ASP IB 29 -51.23 13.68 -70.38
N VAL IB 30 -52.11 13.73 -71.37
CA VAL IB 30 -52.87 12.55 -71.77
C VAL IB 30 -51.95 11.42 -72.20
N THR IB 31 -52.41 10.18 -71.98
CA THR IB 31 -51.65 9.02 -72.39
C THR IB 31 -51.41 9.08 -73.91
N PRO IB 32 -50.24 8.67 -74.39
CA PRO IB 32 -49.95 8.80 -75.82
C PRO IB 32 -50.90 7.98 -76.68
N GLU IB 33 -50.75 8.06 -78.00
CA GLU IB 33 -51.57 7.30 -78.91
C GLU IB 33 -50.91 5.97 -79.25
N MET IB 34 -51.74 5.02 -79.67
CA MET IB 34 -51.29 3.72 -80.15
C MET IB 34 -51.93 3.46 -81.50
N GLN IB 35 -51.17 2.82 -82.40
CA GLN IB 35 -51.71 2.43 -83.70
C GLN IB 35 -52.55 1.18 -83.50
N ILE IB 36 -53.76 1.38 -82.98
CA ILE IB 36 -54.68 0.27 -82.78
C ILE IB 36 -55.22 -0.18 -84.13
N PRO IB 37 -55.24 -1.48 -84.42
CA PRO IB 37 -55.70 -1.91 -85.75
C PRO IB 37 -57.15 -1.52 -86.00
N GLY IB 38 -57.48 -1.40 -87.28
CA GLY IB 38 -58.85 -1.16 -87.68
C GLY IB 38 -59.40 0.19 -87.30
N ARG IB 39 -58.63 1.26 -87.50
CA ARG IB 39 -59.15 2.61 -87.31
C ARG IB 39 -60.17 2.93 -88.39
N VAL IB 40 -61.36 3.33 -87.97
CA VAL IB 40 -62.43 3.72 -88.89
C VAL IB 40 -62.39 5.23 -89.03
N ASN IB 41 -62.56 5.71 -90.26
CA ASN IB 41 -62.66 7.14 -90.53
C ASN IB 41 -64.01 7.56 -91.10
N ASN IB 42 -64.74 6.64 -91.74
CA ASN IB 42 -66.04 6.93 -92.34
C ASN IB 42 -66.95 5.73 -92.16
N LEU IB 43 -68.24 5.99 -92.01
CA LEU IB 43 -69.21 4.91 -91.88
C LEU IB 43 -69.48 4.21 -93.21
N MET IB 44 -69.12 4.83 -94.33
CA MET IB 44 -69.17 4.11 -95.60
C MET IB 44 -68.20 2.94 -95.60
N GLU IB 45 -67.08 3.07 -94.87
CA GLU IB 45 -66.18 1.94 -94.73
C GLU IB 45 -66.90 0.73 -94.16
N ILE IB 46 -67.90 0.96 -93.30
CA ILE IB 46 -68.69 -0.14 -92.76
C ILE IB 46 -69.76 -0.57 -93.76
N ALA IB 47 -70.42 0.41 -94.38
CA ALA IB 47 -71.51 0.10 -95.31
C ALA IB 47 -71.04 -0.67 -96.53
N GLU IB 48 -69.76 -0.59 -96.88
CA GLU IB 48 -69.25 -1.26 -98.07
C GLU IB 48 -68.84 -2.72 -97.82
N VAL IB 49 -69.02 -3.22 -96.60
CA VAL IB 49 -68.61 -4.58 -96.25
C VAL IB 49 -69.81 -5.51 -96.39
N ASP IB 50 -69.62 -6.62 -97.09
CA ASP IB 50 -70.69 -7.57 -97.30
C ASP IB 50 -71.19 -8.13 -95.97
N SER IB 51 -72.51 -8.25 -95.85
CA SER IB 51 -73.14 -8.85 -94.68
C SER IB 51 -74.30 -9.71 -95.15
N VAL IB 52 -74.54 -10.81 -94.43
CA VAL IB 52 -75.54 -11.77 -94.87
C VAL IB 52 -76.91 -11.13 -94.80
N VAL IB 53 -77.75 -11.43 -95.79
CA VAL IB 53 -79.07 -10.85 -95.92
C VAL IB 53 -80.10 -11.88 -95.47
N PRO IB 54 -81.01 -11.54 -94.54
CA PRO IB 54 -82.07 -12.48 -94.13
C PRO IB 54 -83.27 -12.49 -95.07
N VAL IB 55 -83.08 -13.12 -96.23
CA VAL IB 55 -84.12 -13.12 -97.26
C VAL IB 55 -85.32 -13.93 -96.80
N ASN IB 56 -85.10 -15.02 -96.06
CA ASN IB 56 -86.15 -15.96 -95.72
C ASN IB 56 -86.69 -15.68 -94.32
N ASN IB 57 -87.46 -14.60 -94.20
CA ASN IB 57 -88.07 -14.27 -92.91
C ASN IB 57 -89.06 -15.35 -92.49
N THR IB 58 -90.18 -15.47 -93.20
CA THR IB 58 -91.15 -16.54 -93.00
C THR IB 58 -91.76 -16.57 -91.59
N GLU IB 59 -91.39 -15.60 -90.74
CA GLU IB 59 -92.01 -15.47 -89.42
C GLU IB 59 -91.59 -16.56 -88.45
N ALA IB 60 -91.02 -17.66 -88.95
CA ALA IB 60 -90.57 -18.75 -88.11
C ALA IB 60 -89.06 -18.92 -88.14
N ASN IB 61 -88.41 -18.50 -89.21
CA ASN IB 61 -86.97 -18.60 -89.37
C ASN IB 61 -86.24 -17.36 -88.87
N VAL IB 62 -86.97 -16.28 -88.58
CA VAL IB 62 -86.34 -15.03 -88.17
C VAL IB 62 -85.50 -15.21 -86.92
N ASN IB 63 -85.95 -16.06 -86.00
CA ASN IB 63 -85.21 -16.36 -84.77
C ASN IB 63 -84.32 -17.59 -84.93
N SER IB 64 -83.75 -17.77 -86.12
CA SER IB 64 -82.92 -18.94 -86.42
C SER IB 64 -82.03 -18.60 -87.61
N LEU IB 65 -81.01 -19.43 -87.81
CA LEU IB 65 -80.15 -19.27 -88.97
C LEU IB 65 -80.88 -19.55 -90.28
N LYS IB 66 -82.08 -20.13 -90.23
CA LYS IB 66 -82.87 -20.35 -91.43
C LYS IB 66 -83.27 -19.03 -92.10
N ALA IB 67 -83.21 -17.92 -91.37
CA ALA IB 67 -83.56 -16.63 -91.96
C ALA IB 67 -82.62 -16.29 -93.12
N TYR IB 68 -81.34 -16.59 -92.96
CA TYR IB 68 -80.34 -16.24 -93.98
C TYR IB 68 -80.28 -17.24 -95.12
N GLN IB 69 -81.02 -18.33 -95.06
CA GLN IB 69 -80.93 -19.41 -96.04
C GLN IB 69 -82.01 -19.21 -97.09
N ILE IB 70 -81.60 -19.14 -98.35
CA ILE IB 70 -82.53 -19.10 -99.48
C ILE IB 70 -82.70 -20.53 -99.98
N PRO IB 71 -83.86 -21.17 -99.75
CA PRO IB 71 -83.99 -22.57 -100.15
C PRO IB 71 -83.96 -22.75 -101.65
N VAL IB 72 -83.25 -23.77 -102.10
CA VAL IB 72 -83.25 -24.19 -103.50
C VAL IB 72 -83.47 -25.70 -103.50
N GLN IB 73 -84.21 -26.19 -104.49
CA GLN IB 73 -84.50 -27.61 -104.56
C GLN IB 73 -84.58 -28.02 -106.02
N SER IB 74 -84.39 -29.30 -106.26
CA SER IB 74 -84.57 -29.85 -107.60
C SER IB 74 -86.07 -29.83 -107.94
N ASN IB 75 -86.45 -28.98 -108.88
CA ASN IB 75 -87.82 -28.92 -109.34
C ASN IB 75 -88.06 -30.06 -110.31
N SER IB 76 -89.05 -30.90 -110.03
CA SER IB 76 -89.37 -32.00 -110.93
C SER IB 76 -90.09 -31.49 -112.18
N ASP IB 77 -91.20 -30.78 -111.99
CA ASP IB 77 -91.92 -30.19 -113.12
C ASP IB 77 -92.32 -28.75 -112.83
N ASN IB 78 -92.55 -28.42 -111.56
CA ASN IB 78 -93.03 -27.11 -111.15
C ASN IB 78 -91.87 -26.29 -110.57
N GLY IB 79 -91.60 -25.14 -111.19
CA GLY IB 79 -90.55 -24.25 -110.74
C GLY IB 79 -90.84 -22.81 -111.11
N LYS IB 80 -90.65 -21.90 -110.16
CA LYS IB 80 -90.94 -20.48 -110.40
C LYS IB 80 -89.99 -19.65 -109.56
N GLN IB 81 -90.39 -18.42 -109.25
CA GLN IB 81 -89.59 -17.50 -108.45
C GLN IB 81 -88.95 -18.18 -107.24
N VAL IB 82 -87.66 -17.94 -107.07
CA VAL IB 82 -86.95 -18.44 -105.90
C VAL IB 82 -87.13 -17.49 -104.73
N PHE IB 83 -86.97 -16.20 -104.99
CA PHE IB 83 -87.17 -15.17 -103.98
C PHE IB 83 -87.38 -13.85 -104.70
N GLY IB 84 -87.92 -12.89 -103.96
CA GLY IB 84 -88.08 -11.55 -104.46
C GLY IB 84 -88.16 -10.55 -103.33
N PHE IB 85 -87.20 -9.64 -103.26
CA PHE IB 85 -87.27 -8.59 -102.27
C PHE IB 85 -87.26 -7.23 -102.94
N PRO IB 86 -87.92 -6.23 -102.36
CA PRO IB 86 -87.88 -4.88 -102.93
C PRO IB 86 -86.53 -4.22 -102.69
N LEU IB 87 -86.23 -3.23 -103.53
CA LEU IB 87 -84.98 -2.49 -103.45
C LEU IB 87 -85.16 -1.30 -102.49
N GLN IB 88 -85.22 -1.64 -101.20
CA GLN IB 88 -85.38 -0.63 -100.15
C GLN IB 88 -84.41 -0.98 -99.03
N PRO IB 89 -83.15 -0.56 -99.16
CA PRO IB 89 -82.14 -0.96 -98.17
C PRO IB 89 -82.45 -0.47 -96.76
N GLY IB 90 -83.14 0.65 -96.61
CA GLY IB 90 -83.38 1.21 -95.30
C GLY IB 90 -84.80 1.00 -94.79
N ALA IB 91 -85.68 0.53 -95.67
CA ALA IB 91 -87.09 0.38 -95.35
C ALA IB 91 -87.54 -1.07 -95.31
N ASN IB 92 -87.26 -1.84 -96.36
CA ASN IB 92 -87.73 -3.23 -96.41
C ASN IB 92 -87.08 -4.05 -95.31
N GLY IB 93 -87.86 -4.97 -94.73
CA GLY IB 93 -87.37 -5.79 -93.63
C GLY IB 93 -86.26 -6.73 -94.03
N VAL IB 94 -86.15 -7.07 -95.32
CA VAL IB 94 -85.12 -8.01 -95.75
C VAL IB 94 -83.73 -7.41 -95.55
N LEU IB 95 -83.59 -6.10 -95.75
CA LEU IB 95 -82.29 -5.44 -95.71
C LEU IB 95 -82.18 -4.34 -94.66
N ASN IB 96 -83.28 -3.95 -94.01
CA ASN IB 96 -83.22 -2.81 -93.11
C ASN IB 96 -82.26 -3.04 -91.94
N ARG IB 97 -82.04 -4.29 -91.54
CA ARG IB 97 -81.16 -4.63 -90.42
C ARG IB 97 -79.79 -5.14 -90.85
N THR IB 98 -79.55 -5.27 -92.16
CA THR IB 98 -78.19 -5.54 -92.63
C THR IB 98 -77.24 -4.46 -92.11
N LEU IB 99 -75.94 -4.67 -92.34
CA LEU IB 99 -74.99 -3.59 -92.08
C LEU IB 99 -75.40 -2.31 -92.80
N LEU IB 100 -75.63 -2.44 -94.11
CA LEU IB 100 -75.99 -1.29 -94.92
C LEU IB 100 -77.28 -0.63 -94.41
N GLY IB 101 -78.31 -1.44 -94.15
CA GLY IB 101 -79.57 -0.87 -93.69
C GLY IB 101 -79.45 -0.22 -92.33
N GLU IB 102 -78.68 -0.83 -91.43
CA GLU IB 102 -78.48 -0.25 -90.10
C GLU IB 102 -77.79 1.11 -90.21
N ILE IB 103 -76.79 1.22 -91.08
CA ILE IB 103 -76.14 2.52 -91.25
C ILE IB 103 -77.10 3.51 -91.91
N LEU IB 104 -77.88 3.05 -92.89
CA LEU IB 104 -78.82 3.94 -93.56
C LEU IB 104 -79.85 4.49 -92.60
N ASN IB 105 -80.27 3.70 -91.60
CA ASN IB 105 -81.28 4.17 -90.66
C ASN IB 105 -80.77 5.23 -89.71
N TYR IB 106 -79.47 5.51 -89.69
CA TYR IB 106 -78.94 6.63 -88.93
C TYR IB 106 -78.94 7.92 -89.74
N TYR IB 107 -79.35 7.87 -91.01
CA TYR IB 107 -79.41 9.02 -91.90
C TYR IB 107 -80.78 9.06 -92.57
N THR IB 108 -81.10 10.22 -93.15
CA THR IB 108 -82.39 10.43 -93.79
C THR IB 108 -82.36 10.22 -95.31
N HIS IB 109 -81.27 10.62 -95.98
CA HIS IB 109 -81.15 10.46 -97.42
C HIS IB 109 -80.01 9.52 -97.75
N TRP IB 110 -80.16 8.77 -98.85
CA TRP IB 110 -79.13 7.85 -99.30
C TRP IB 110 -79.11 7.83 -100.82
N SER IB 111 -77.97 7.45 -101.37
CA SER IB 111 -77.79 7.41 -102.82
C SER IB 111 -76.62 6.51 -103.15
N GLY IB 112 -76.79 5.67 -104.16
CA GLY IB 112 -75.69 4.84 -104.65
C GLY IB 112 -76.19 3.50 -105.14
N SER IB 113 -75.24 2.73 -105.67
CA SER IB 113 -75.50 1.40 -106.21
C SER IB 113 -75.29 0.35 -105.12
N ILE IB 114 -75.72 -0.88 -105.40
CA ILE IB 114 -75.71 -1.93 -104.38
C ILE IB 114 -75.16 -3.22 -104.97
N LYS IB 115 -74.24 -3.86 -104.24
CA LYS IB 115 -73.72 -5.17 -104.61
C LYS IB 115 -74.53 -6.25 -103.88
N LEU IB 116 -75.17 -7.13 -104.64
CA LEU IB 116 -75.84 -8.32 -104.12
C LEU IB 116 -75.02 -9.53 -104.56
N THR IB 117 -74.26 -10.09 -103.63
CA THR IB 117 -73.47 -11.28 -103.94
C THR IB 117 -74.26 -12.51 -103.53
N PHE IB 118 -74.41 -13.46 -104.46
CA PHE IB 118 -75.15 -14.69 -104.22
C PHE IB 118 -74.19 -15.86 -104.30
N MET IB 119 -74.16 -16.67 -103.24
CA MET IB 119 -73.26 -17.80 -103.12
C MET IB 119 -74.07 -19.08 -103.03
N PHE IB 120 -73.74 -20.06 -103.86
CA PHE IB 120 -74.44 -21.34 -103.85
C PHE IB 120 -73.70 -22.30 -102.91
N CYS IB 121 -74.38 -22.76 -101.85
CA CYS IB 121 -73.75 -23.61 -100.86
C CYS IB 121 -74.22 -25.06 -100.96
N GLY IB 122 -74.50 -25.53 -102.18
CA GLY IB 122 -74.88 -26.90 -102.41
C GLY IB 122 -73.68 -27.80 -102.59
N SER IB 123 -73.96 -29.02 -103.07
CA SER IB 123 -72.90 -29.98 -103.32
C SER IB 123 -72.04 -29.53 -104.48
N ALA IB 124 -70.77 -29.95 -104.46
CA ALA IB 124 -69.87 -29.66 -105.56
C ALA IB 124 -70.32 -30.32 -106.86
N MET IB 125 -71.21 -31.31 -106.78
CA MET IB 125 -71.68 -32.03 -107.95
C MET IB 125 -72.92 -31.42 -108.57
N ALA IB 126 -73.60 -30.50 -107.89
CA ALA IB 126 -74.84 -29.94 -108.38
C ALA IB 126 -74.57 -28.95 -109.50
N THR IB 127 -75.52 -28.86 -110.43
CA THR IB 127 -75.49 -27.89 -111.52
C THR IB 127 -76.86 -27.25 -111.64
N GLY IB 128 -76.91 -26.15 -112.37
CA GLY IB 128 -78.17 -25.47 -112.62
C GLY IB 128 -77.91 -24.07 -113.11
N LYS IB 129 -79.01 -23.35 -113.36
CA LYS IB 129 -78.92 -21.98 -113.83
C LYS IB 129 -80.07 -21.17 -113.27
N PHE IB 130 -79.77 -19.93 -112.91
CA PHE IB 130 -80.77 -19.05 -112.31
C PHE IB 130 -80.79 -17.70 -113.02
N LEU IB 131 -81.93 -17.04 -112.95
CA LEU IB 131 -82.12 -15.73 -113.54
C LEU IB 131 -82.29 -14.73 -112.41
N LEU IB 132 -81.28 -13.90 -112.18
CA LEU IB 132 -81.35 -12.82 -111.21
C LEU IB 132 -81.69 -11.54 -111.97
N ALA IB 133 -82.86 -10.96 -111.69
CA ALA IB 133 -83.35 -9.83 -112.47
C ALA IB 133 -83.72 -8.66 -111.57
N TYR IB 134 -83.28 -7.46 -111.95
CA TYR IB 134 -83.63 -6.22 -111.29
C TYR IB 134 -84.64 -5.48 -112.16
N SER IB 135 -85.86 -5.30 -111.65
CA SER IB 135 -86.86 -4.50 -112.32
C SER IB 135 -86.82 -3.10 -111.74
N PRO IB 136 -86.35 -2.11 -112.47
CA PRO IB 136 -86.31 -0.74 -111.94
C PRO IB 136 -87.67 -0.29 -111.47
N PRO IB 137 -87.74 0.80 -110.71
CA PRO IB 137 -89.04 1.24 -110.16
C PRO IB 137 -90.00 1.62 -111.26
N GLY IB 138 -91.16 0.96 -111.27
CA GLY IB 138 -92.17 1.18 -112.28
C GLY IB 138 -92.35 0.04 -113.24
N ALA IB 139 -91.47 -0.95 -113.22
CA ALA IB 139 -91.64 -2.14 -114.04
C ALA IB 139 -92.33 -3.27 -113.29
N GLY IB 140 -93.01 -2.95 -112.19
CA GLY IB 140 -93.68 -3.98 -111.41
C GLY IB 140 -92.73 -5.08 -111.01
N VAL IB 141 -93.22 -6.32 -111.07
CA VAL IB 141 -92.41 -7.49 -110.76
C VAL IB 141 -92.67 -8.53 -111.84
N PRO IB 142 -91.65 -9.07 -112.50
CA PRO IB 142 -91.89 -10.09 -113.52
C PRO IB 142 -92.69 -11.27 -112.95
N LYS IB 143 -93.71 -11.68 -113.70
CA LYS IB 143 -94.49 -12.84 -113.31
C LYS IB 143 -93.96 -14.13 -113.90
N ASN IB 144 -93.13 -14.05 -114.94
CA ASN IB 144 -92.59 -15.22 -115.61
C ASN IB 144 -91.10 -15.08 -115.84
N ARG IB 145 -90.44 -16.23 -115.97
CA ARG IB 145 -89.02 -16.24 -116.31
C ARG IB 145 -88.76 -15.48 -117.61
N LYS IB 146 -89.66 -15.62 -118.59
CA LYS IB 146 -89.52 -14.87 -119.82
C LYS IB 146 -89.59 -13.37 -119.55
N ASP IB 147 -90.54 -12.95 -118.71
CA ASP IB 147 -90.66 -11.53 -118.38
C ASP IB 147 -89.36 -11.00 -117.77
N ALA IB 148 -88.78 -11.74 -116.83
CA ALA IB 148 -87.53 -11.29 -116.23
C ALA IB 148 -86.38 -11.36 -117.23
N MET IB 149 -86.39 -12.35 -118.13
CA MET IB 149 -85.32 -12.49 -119.10
C MET IB 149 -85.34 -11.40 -120.15
N LEU IB 150 -86.49 -10.77 -120.35
CA LEU IB 150 -86.57 -9.68 -121.31
C LEU IB 150 -86.10 -8.35 -120.74
N GLY IB 151 -85.91 -8.26 -119.43
CA GLY IB 151 -85.35 -7.09 -118.80
C GLY IB 151 -83.93 -7.33 -118.31
N THR IB 152 -83.35 -6.27 -117.73
CA THR IB 152 -82.01 -6.39 -117.17
C THR IB 152 -81.97 -7.63 -116.27
N HIS IB 153 -81.17 -8.62 -116.66
CA HIS IB 153 -81.17 -9.91 -115.99
C HIS IB 153 -79.78 -10.51 -116.06
N VAL IB 154 -79.57 -11.58 -115.28
CA VAL IB 154 -78.31 -12.30 -115.24
C VAL IB 154 -78.60 -13.78 -115.19
N ILE IB 155 -77.95 -14.54 -116.06
CA ILE IB 155 -77.98 -16.00 -116.03
C ILE IB 155 -76.75 -16.46 -115.26
N TRP IB 156 -76.99 -17.02 -114.08
CA TRP IB 156 -75.95 -17.49 -113.17
C TRP IB 156 -75.93 -19.00 -113.25
N ASP IB 157 -74.90 -19.56 -113.87
CA ASP IB 157 -74.75 -21.01 -114.01
C ASP IB 157 -74.02 -21.54 -112.78
N VAL IB 158 -74.79 -22.11 -111.85
CA VAL IB 158 -74.21 -22.81 -110.72
C VAL IB 158 -73.60 -24.10 -111.23
N GLY IB 159 -72.31 -24.27 -111.00
CA GLY IB 159 -71.52 -25.29 -111.66
C GLY IB 159 -70.28 -24.63 -112.22
N LEU IB 160 -70.41 -23.33 -112.47
CA LEU IB 160 -69.30 -22.46 -112.83
C LEU IB 160 -69.42 -21.20 -111.99
N GLN IB 161 -68.30 -20.75 -111.43
CA GLN IB 161 -68.26 -19.55 -110.59
C GLN IB 161 -68.61 -19.88 -109.13
N SER IB 162 -69.80 -20.43 -108.90
CA SER IB 162 -70.37 -20.75 -107.58
C SER IB 162 -70.88 -19.50 -106.90
N SER IB 163 -70.59 -18.31 -107.44
CA SER IB 163 -71.03 -17.04 -106.90
C SER IB 163 -71.41 -16.15 -108.07
N CYS IB 164 -72.33 -15.22 -107.83
CA CYS IB 164 -72.70 -14.24 -108.84
C CYS IB 164 -73.00 -12.92 -108.17
N VAL IB 165 -72.36 -11.85 -108.66
CA VAL IB 165 -72.55 -10.52 -108.10
C VAL IB 165 -73.47 -9.74 -109.03
N LEU IB 166 -74.62 -9.35 -108.51
CA LEU IB 166 -75.59 -8.51 -109.21
C LEU IB 166 -75.42 -7.10 -108.67
N CYS IB 167 -75.01 -6.18 -109.53
CA CYS IB 167 -74.71 -4.81 -109.13
C CYS IB 167 -75.89 -3.94 -109.56
N VAL IB 168 -76.78 -3.66 -108.63
CA VAL IB 168 -77.99 -2.89 -108.91
C VAL IB 168 -77.60 -1.41 -109.03
N PRO IB 169 -77.99 -0.75 -110.12
CA PRO IB 169 -77.61 0.66 -110.33
C PRO IB 169 -78.57 1.63 -109.64
N TRP IB 170 -78.13 2.88 -109.60
CA TRP IB 170 -78.89 3.98 -109.01
C TRP IB 170 -79.74 4.61 -110.11
N ILE IB 171 -81.02 4.24 -110.16
CA ILE IB 171 -81.96 4.77 -111.13
C ILE IB 171 -83.01 5.55 -110.35
N SER IB 172 -82.81 6.86 -110.24
CA SER IB 172 -83.68 7.71 -109.44
C SER IB 172 -83.90 9.04 -110.12
N GLN IB 173 -85.09 9.62 -109.89
CA GLN IB 173 -85.38 10.94 -110.43
C GLN IB 173 -84.55 12.02 -109.77
N THR IB 174 -84.24 11.86 -108.48
CA THR IB 174 -83.57 12.87 -107.68
C THR IB 174 -82.13 12.44 -107.40
N HIS IB 175 -81.37 13.39 -106.84
CA HIS IB 175 -79.99 13.10 -106.46
C HIS IB 175 -79.92 12.05 -105.36
N TYR IB 176 -80.91 12.02 -104.47
CA TYR IB 176 -80.96 11.09 -103.37
C TYR IB 176 -82.34 10.46 -103.31
N ARG IB 177 -82.47 9.46 -102.45
CA ARG IB 177 -83.75 8.85 -102.12
C ARG IB 177 -83.97 8.96 -100.62
N TYR IB 178 -85.24 8.95 -100.21
CA TYR IB 178 -85.54 8.85 -98.80
C TYR IB 178 -85.23 7.44 -98.30
N VAL IB 179 -84.49 7.35 -97.19
CA VAL IB 179 -84.31 6.05 -96.55
C VAL IB 179 -85.66 5.43 -96.24
N VAL IB 180 -86.62 6.26 -95.85
CA VAL IB 180 -87.98 5.82 -95.59
C VAL IB 180 -88.77 5.86 -96.90
N GLU IB 181 -89.87 5.11 -96.94
CA GLU IB 181 -90.75 5.14 -98.10
C GLU IB 181 -91.37 6.53 -98.22
N ASP IB 182 -92.23 6.71 -99.22
CA ASP IB 182 -92.97 7.96 -99.40
C ASP IB 182 -94.14 7.68 -100.35
N GLU IB 183 -94.83 8.74 -100.77
CA GLU IB 183 -95.94 8.60 -101.71
C GLU IB 183 -95.51 8.02 -103.05
N TYR IB 184 -94.20 7.89 -103.30
CA TYR IB 184 -93.70 7.24 -104.50
C TYR IB 184 -93.67 5.72 -104.32
N THR IB 185 -93.14 5.24 -103.19
CA THR IB 185 -93.22 3.83 -102.77
C THR IB 185 -92.83 2.86 -103.89
N ALA IB 186 -91.91 3.28 -104.77
CA ALA IB 186 -91.48 2.40 -105.86
C ALA IB 186 -90.12 1.77 -105.56
N ALA IB 187 -89.04 2.44 -105.96
CA ALA IB 187 -87.66 2.04 -105.67
C ALA IB 187 -87.18 0.76 -106.35
N GLY IB 188 -88.07 -0.04 -106.91
CA GLY IB 188 -87.68 -1.20 -107.70
C GLY IB 188 -87.80 -2.51 -106.95
N TYR IB 189 -87.58 -3.61 -107.69
CA TYR IB 189 -87.70 -4.95 -107.13
C TYR IB 189 -86.59 -5.85 -107.68
N ILE IB 190 -86.17 -6.82 -106.87
CA ILE IB 190 -85.09 -7.74 -107.23
C ILE IB 190 -85.60 -9.17 -107.05
N THR IB 191 -85.57 -9.97 -108.12
CA THR IB 191 -86.16 -11.30 -108.12
C THR IB 191 -85.15 -12.33 -108.63
N CYS IB 192 -85.42 -13.60 -108.32
CA CYS IB 192 -84.61 -14.73 -108.75
C CYS IB 192 -85.52 -15.84 -109.27
N TRP IB 193 -85.07 -16.53 -110.32
CA TRP IB 193 -85.89 -17.49 -111.04
C TRP IB 193 -85.07 -18.71 -111.43
N TYR IB 194 -85.76 -19.83 -111.63
CA TYR IB 194 -85.12 -21.05 -112.12
C TYR IB 194 -85.03 -21.02 -113.65
N GLN IB 195 -83.81 -21.02 -114.19
CA GLN IB 195 -83.64 -21.20 -115.62
C GLN IB 195 -83.43 -22.66 -115.98
N THR IB 196 -82.70 -23.40 -115.16
CA THR IB 196 -82.46 -24.82 -115.37
C THR IB 196 -82.65 -25.53 -114.05
N ASN IB 197 -83.42 -26.62 -114.07
CA ASN IB 197 -83.70 -27.35 -112.85
C ASN IB 197 -82.40 -27.90 -112.26
N ILE IB 198 -82.25 -27.77 -110.96
CA ILE IB 198 -81.04 -28.19 -110.26
C ILE IB 198 -80.76 -29.65 -110.54
N VAL IB 199 -79.71 -29.92 -111.30
CA VAL IB 199 -79.32 -31.28 -111.67
C VAL IB 199 -78.29 -31.78 -110.66
N VAL IB 200 -78.52 -32.98 -110.14
CA VAL IB 200 -77.65 -33.57 -109.13
C VAL IB 200 -77.31 -34.99 -109.57
N PRO IB 201 -76.15 -35.54 -109.19
CA PRO IB 201 -75.88 -36.95 -109.51
C PRO IB 201 -76.55 -37.89 -108.51
N ALA IB 202 -76.23 -39.17 -108.60
CA ALA IB 202 -76.73 -40.13 -107.63
C ALA IB 202 -76.01 -39.94 -106.29
N ASP IB 203 -76.73 -40.24 -105.20
CA ASP IB 203 -76.17 -40.20 -103.85
C ASP IB 203 -75.69 -38.79 -103.49
N VAL IB 204 -76.38 -37.76 -103.98
CA VAL IB 204 -76.11 -36.38 -103.59
C VAL IB 204 -77.45 -35.70 -103.37
N GLN IB 205 -77.47 -34.74 -102.45
CA GLN IB 205 -78.72 -34.10 -102.05
C GLN IB 205 -79.25 -33.18 -103.16
N SER IB 206 -80.56 -33.24 -103.39
CA SER IB 206 -81.20 -32.43 -104.41
C SER IB 206 -81.67 -31.08 -103.87
N SER IB 207 -81.71 -30.90 -102.55
CA SER IB 207 -82.12 -29.65 -101.92
C SER IB 207 -80.90 -28.98 -101.31
N CYS IB 208 -80.63 -27.74 -101.72
CA CYS IB 208 -79.48 -26.99 -101.29
C CYS IB 208 -79.93 -25.61 -100.82
N ASP IB 209 -78.95 -24.77 -100.48
CA ASP IB 209 -79.22 -23.42 -99.99
C ASP IB 209 -78.36 -22.41 -100.72
N ILE IB 210 -78.83 -21.16 -100.72
CA ILE IB 210 -78.10 -20.04 -101.27
C ILE IB 210 -78.01 -18.94 -100.22
N LEU IB 211 -76.90 -18.22 -100.20
CA LEU IB 211 -76.69 -17.11 -99.30
C LEU IB 211 -76.61 -15.82 -100.09
N CYS IB 212 -77.22 -14.77 -99.55
CA CYS IB 212 -77.20 -13.45 -100.15
C CYS IB 212 -76.43 -12.48 -99.25
N PHE IB 213 -75.61 -11.64 -99.87
CA PHE IB 213 -74.81 -10.64 -99.18
C PHE IB 213 -75.06 -9.29 -99.82
N VAL IB 214 -75.18 -8.25 -98.98
CA VAL IB 214 -75.41 -6.89 -99.43
C VAL IB 214 -74.20 -6.05 -99.06
N SER IB 215 -73.73 -5.24 -100.00
CA SER IB 215 -72.73 -4.23 -99.70
C SER IB 215 -72.99 -3.02 -100.57
N ALA IB 216 -72.33 -1.92 -100.24
CA ALA IB 216 -72.41 -0.71 -101.05
C ALA IB 216 -71.33 -0.74 -102.12
N CYS IB 217 -71.66 -0.18 -103.28
CA CYS IB 217 -70.72 -0.11 -104.39
C CYS IB 217 -69.75 1.05 -104.18
N ASN IB 218 -68.87 1.26 -105.16
CA ASN IB 218 -67.89 2.33 -105.03
C ASN IB 218 -68.52 3.71 -104.99
N ASP IB 219 -69.79 3.84 -105.40
CA ASP IB 219 -70.50 5.12 -105.44
C ASP IB 219 -71.69 5.03 -104.48
N PHE IB 220 -71.57 5.65 -103.31
CA PHE IB 220 -72.64 5.58 -102.32
C PHE IB 220 -72.41 6.61 -101.22
N SER IB 221 -73.48 7.31 -100.83
CA SER IB 221 -73.37 8.33 -99.79
C SER IB 221 -74.72 8.52 -99.12
N VAL IB 222 -74.69 8.93 -97.84
CA VAL IB 222 -75.88 9.17 -97.04
C VAL IB 222 -75.79 10.57 -96.45
N ARG IB 223 -76.94 11.07 -95.97
CA ARG IB 223 -77.07 12.48 -95.69
C ARG IB 223 -78.13 12.73 -94.62
N MET IB 224 -78.02 13.90 -93.98
CA MET IB 224 -78.97 14.36 -92.99
C MET IB 224 -79.09 13.39 -91.81
N LEU IB 225 -78.12 13.46 -90.91
CA LEU IB 225 -78.05 12.55 -89.77
C LEU IB 225 -79.35 12.54 -88.97
N LYS IB 226 -79.68 11.37 -88.43
CA LYS IB 226 -80.82 11.21 -87.53
C LYS IB 226 -80.55 10.01 -86.64
N ASP IB 227 -81.47 9.77 -85.70
CA ASP IB 227 -81.37 8.64 -84.79
C ASP IB 227 -82.08 7.41 -85.36
N THR IB 228 -81.65 6.22 -84.92
CA THR IB 228 -82.23 4.98 -85.40
C THR IB 228 -83.56 4.72 -84.72
N PRO IB 229 -84.55 4.17 -85.43
CA PRO IB 229 -85.82 3.80 -84.79
C PRO IB 229 -85.75 2.48 -84.06
N PHE IB 230 -84.65 1.74 -84.20
CA PHE IB 230 -84.58 0.37 -83.72
C PHE IB 230 -84.32 0.28 -82.22
N ILE IB 231 -83.69 1.29 -81.63
CA ILE IB 231 -83.40 1.32 -80.21
C ILE IB 231 -84.50 2.12 -79.53
N ARG IB 232 -84.98 1.62 -78.40
CA ARG IB 232 -86.03 2.26 -77.62
C ARG IB 232 -85.67 2.18 -76.14
N GLN IB 233 -86.10 3.17 -75.37
CA GLN IB 233 -85.77 3.26 -73.96
C GLN IB 233 -87.01 3.53 -73.12
N ASP IB 234 -87.09 2.88 -71.96
CA ASP IB 234 -88.16 3.10 -71.00
C ASP IB 234 -87.59 3.27 -69.60
N ARG JB 44 -42.73 15.02 -67.02
CA ARG JB 44 -43.33 15.42 -65.74
C ARG JB 44 -43.75 16.89 -65.78
N SER JB 45 -44.73 17.20 -66.63
CA SER JB 45 -45.19 18.57 -66.79
C SER JB 45 -46.10 18.99 -65.64
N GLU JB 46 -47.08 18.15 -65.29
CA GLU JB 46 -48.06 18.53 -64.28
C GLU JB 46 -47.47 18.59 -62.88
N SER JB 47 -46.24 18.11 -62.68
CA SER JB 47 -45.59 18.14 -61.37
C SER JB 47 -44.70 19.35 -61.19
N SER JB 48 -44.71 20.29 -62.14
CA SER JB 48 -44.02 21.56 -61.92
C SER JB 48 -44.68 22.30 -60.77
N ILE JB 49 -43.93 23.22 -60.17
CA ILE JB 49 -44.45 23.98 -59.04
C ILE JB 49 -45.64 24.84 -59.48
N GLU JB 50 -45.55 25.41 -60.69
CA GLU JB 50 -46.65 26.23 -61.20
C GLU JB 50 -47.93 25.41 -61.28
N ASN JB 51 -47.86 24.22 -61.89
CA ASN JB 51 -49.06 23.38 -61.97
C ASN JB 51 -49.50 22.89 -60.59
N PHE JB 52 -48.54 22.67 -59.68
CA PHE JB 52 -48.87 22.18 -58.34
C PHE JB 52 -49.71 23.20 -57.59
N LEU JB 53 -49.32 24.48 -57.64
CA LEU JB 53 -49.95 25.49 -56.79
C LEU JB 53 -50.99 26.36 -57.50
N CYS JB 54 -50.96 26.45 -58.83
CA CYS JB 54 -51.79 27.41 -59.56
C CYS JB 54 -53.19 26.84 -59.77
N ARG JB 55 -53.93 26.73 -58.67
CA ARG JB 55 -55.31 26.27 -58.72
C ARG JB 55 -56.09 26.97 -57.61
N ALA JB 56 -57.23 27.54 -57.95
CA ALA JB 56 -58.01 28.31 -56.99
C ALA JB 56 -58.52 27.42 -55.87
N ALA JB 57 -58.56 27.97 -54.66
CA ALA JB 57 -59.02 27.23 -53.49
C ALA JB 57 -59.70 28.16 -52.52
N CYS JB 58 -60.81 27.68 -51.94
CA CYS JB 58 -61.58 28.48 -50.98
C CYS JB 58 -60.80 28.62 -49.69
N VAL JB 59 -60.30 29.83 -49.42
CA VAL JB 59 -59.51 30.06 -48.23
C VAL JB 59 -60.34 30.46 -47.02
N TYR JB 60 -61.56 30.96 -47.24
CA TYR JB 60 -62.33 31.52 -46.15
C TYR JB 60 -63.77 31.67 -46.60
N TYR JB 61 -64.69 31.54 -45.65
CA TYR JB 61 -66.11 31.72 -45.91
C TYR JB 61 -66.73 32.36 -44.68
N ALA JB 62 -67.07 33.64 -44.78
CA ALA JB 62 -67.72 34.37 -43.70
C ALA JB 62 -68.94 35.06 -44.27
N THR JB 63 -69.79 35.57 -43.37
CA THR JB 63 -71.08 36.12 -43.74
C THR JB 63 -71.26 37.51 -43.17
N TYR JB 64 -72.08 38.31 -43.85
CA TYR JB 64 -72.47 39.63 -43.38
C TYR JB 64 -73.95 39.84 -43.71
N THR JB 65 -74.58 40.72 -42.94
CA THR JB 65 -76.03 40.87 -42.93
C THR JB 65 -76.42 42.23 -43.50
N ASN JB 66 -77.69 42.35 -43.88
CA ASN JB 66 -78.16 43.53 -44.59
C ASN JB 66 -78.05 44.79 -43.72
N ASN JB 67 -78.64 44.76 -42.53
CA ASN JB 67 -78.70 45.96 -41.70
C ASN JB 67 -78.81 45.53 -40.24
N SER JB 68 -77.68 45.48 -39.55
CA SER JB 68 -77.67 45.18 -38.12
C SER JB 68 -77.12 46.38 -37.36
N GLU JB 69 -75.80 46.46 -37.24
CA GLU JB 69 -75.14 47.62 -36.66
C GLU JB 69 -73.73 47.73 -37.26
N LYS JB 70 -73.04 46.60 -37.28
CA LYS JB 70 -71.71 46.47 -37.85
C LYS JB 70 -71.63 45.20 -38.66
N GLY JB 71 -72.71 44.88 -39.38
CA GLY JB 71 -72.79 43.64 -40.12
C GLY JB 71 -71.92 43.61 -41.36
N TYR JB 72 -70.65 43.96 -41.20
CA TYR JB 72 -69.65 43.83 -42.25
C TYR JB 72 -68.78 42.61 -41.97
N ALA JB 73 -68.17 42.07 -43.02
CA ALA JB 73 -67.35 40.88 -42.90
C ALA JB 73 -65.87 41.25 -42.99
N GLU JB 74 -65.03 40.37 -42.45
CA GLU JB 74 -63.61 40.67 -42.31
C GLU JB 74 -62.78 39.40 -42.49
N TRP JB 75 -61.58 39.59 -43.04
CA TRP JB 75 -60.63 38.48 -43.15
C TRP JB 75 -59.23 39.06 -43.26
N VAL JB 76 -58.36 38.67 -42.32
CA VAL JB 76 -56.94 38.98 -42.45
C VAL JB 76 -56.33 38.02 -43.48
N ILE JB 77 -55.60 38.58 -44.45
CA ILE JB 77 -55.08 37.76 -45.53
C ILE JB 77 -53.95 36.88 -45.02
N ASN JB 78 -54.23 35.59 -44.81
CA ASN JB 78 -53.22 34.61 -44.48
C ASN JB 78 -53.44 33.37 -45.34
N THR JB 79 -52.41 32.51 -45.36
CA THR JB 79 -52.47 31.23 -46.06
C THR JB 79 -52.49 30.07 -45.08
N ARG JB 80 -52.82 30.33 -43.80
CA ARG JB 80 -52.68 29.35 -42.75
C ARG JB 80 -53.99 28.77 -42.26
N GLN JB 81 -55.13 29.39 -42.55
CA GLN JB 81 -56.39 28.87 -42.02
C GLN JB 81 -56.82 27.59 -42.73
N VAL JB 82 -56.48 27.43 -44.01
CA VAL JB 82 -56.93 26.29 -44.79
C VAL JB 82 -55.83 25.24 -44.82
N ALA JB 83 -56.20 23.98 -44.56
CA ALA JB 83 -55.22 22.95 -44.23
C ALA JB 83 -54.46 22.46 -45.46
N GLN JB 84 -55.18 22.04 -46.49
CA GLN JB 84 -54.52 21.47 -47.66
C GLN JB 84 -53.60 22.49 -48.31
N LEU JB 85 -54.11 23.71 -48.52
CA LEU JB 85 -53.28 24.76 -49.12
C LEU JB 85 -52.11 25.13 -48.23
N ARG JB 86 -52.36 25.25 -46.92
CA ARG JB 86 -51.26 25.55 -46.00
C ARG JB 86 -50.15 24.53 -46.15
N ARG JB 87 -50.50 23.24 -46.14
CA ARG JB 87 -49.49 22.18 -46.24
C ARG JB 87 -48.79 22.22 -47.60
N LYS JB 88 -49.56 22.35 -48.68
CA LYS JB 88 -48.95 22.41 -50.01
C LYS JB 88 -47.93 23.53 -50.10
N LEU JB 89 -48.25 24.70 -49.55
CA LEU JB 89 -47.28 25.79 -49.54
C LEU JB 89 -46.11 25.49 -48.60
N GLU JB 90 -46.39 24.90 -47.44
CA GLU JB 90 -45.36 24.65 -46.44
C GLU JB 90 -44.38 23.57 -46.86
N LEU JB 91 -44.66 22.85 -47.95
CA LEU JB 91 -43.63 21.98 -48.51
C LEU JB 91 -42.36 22.75 -48.88
N PHE JB 92 -42.37 24.09 -48.83
CA PHE JB 92 -41.22 24.90 -49.17
C PHE JB 92 -40.97 25.93 -48.07
N THR JB 93 -39.70 26.32 -47.93
CA THR JB 93 -39.32 27.26 -46.88
C THR JB 93 -39.56 28.71 -47.29
N TYR JB 94 -39.27 29.03 -48.55
CA TYR JB 94 -39.42 30.38 -49.07
C TYR JB 94 -40.30 30.34 -50.31
N LEU JB 95 -41.28 31.22 -50.36
CA LEU JB 95 -42.19 31.34 -51.48
C LEU JB 95 -42.12 32.74 -52.07
N ARG JB 96 -42.63 32.89 -53.27
CA ARG JB 96 -42.69 34.17 -53.94
C ARG JB 96 -43.73 34.08 -55.04
N PHE JB 97 -44.74 34.94 -54.99
CA PHE JB 97 -45.85 34.80 -55.93
C PHE JB 97 -46.77 36.00 -55.82
N ASP JB 98 -47.50 36.25 -56.90
CA ASP JB 98 -48.64 37.14 -56.92
C ASP JB 98 -49.89 36.34 -56.56
N LEU JB 99 -50.99 37.04 -56.28
CA LEU JB 99 -52.22 36.37 -55.86
C LEU JB 99 -53.38 36.75 -56.76
N GLU JB 100 -54.18 35.74 -57.13
CA GLU JB 100 -55.45 35.92 -57.83
C GLU JB 100 -56.56 35.68 -56.81
N LEU JB 101 -57.27 36.73 -56.43
CA LEU JB 101 -58.38 36.64 -55.49
C LEU JB 101 -59.68 36.67 -56.28
N THR JB 102 -60.41 35.56 -56.26
CA THR JB 102 -61.72 35.47 -56.91
C THR JB 102 -62.78 35.35 -55.81
N PHE JB 103 -63.79 36.20 -55.87
CA PHE JB 103 -64.80 36.28 -54.82
C PHE JB 103 -66.13 35.77 -55.35
N VAL JB 104 -66.66 34.72 -54.73
CA VAL JB 104 -67.96 34.17 -55.06
C VAL JB 104 -68.90 34.59 -53.95
N ILE JB 105 -69.71 35.61 -54.21
CA ILE JB 105 -70.56 36.24 -53.20
C ILE JB 105 -72.00 35.84 -53.46
N THR JB 106 -72.60 35.16 -52.48
CA THR JB 106 -73.95 34.63 -52.60
C THR JB 106 -74.80 35.15 -51.43
N SER JB 107 -76.00 35.62 -51.74
CA SER JB 107 -76.90 36.18 -50.74
C SER JB 107 -78.22 35.41 -50.74
N ALA JB 108 -78.96 35.57 -49.65
CA ALA JB 108 -80.17 34.80 -49.43
C ALA JB 108 -81.16 35.61 -48.60
N GLN JB 109 -82.44 35.45 -48.91
CA GLN JB 109 -83.48 36.21 -48.23
C GLN JB 109 -83.70 35.68 -46.82
N GLN JB 110 -83.75 36.58 -45.85
CA GLN JB 110 -84.07 36.29 -44.46
C GLN JB 110 -85.47 36.80 -44.14
N PRO JB 111 -86.10 36.29 -43.07
CA PRO JB 111 -87.52 36.53 -42.87
C PRO JB 111 -87.86 37.92 -42.37
N SER JB 112 -89.06 38.38 -42.76
CA SER JB 112 -89.66 39.59 -42.23
C SER JB 112 -91.16 39.52 -42.51
N THR JB 113 -91.92 40.29 -41.72
CA THR JB 113 -93.38 40.31 -41.82
C THR JB 113 -93.80 41.64 -42.41
N ALA JB 114 -94.14 41.62 -43.70
CA ALA JB 114 -94.60 42.80 -44.41
C ALA JB 114 -95.25 42.31 -45.69
N THR JB 115 -96.01 43.19 -46.33
CA THR JB 115 -96.55 42.86 -47.63
C THR JB 115 -95.42 42.72 -48.64
N SER JB 116 -95.66 41.92 -49.68
CA SER JB 116 -94.62 41.52 -50.62
C SER JB 116 -93.62 42.65 -50.86
N VAL JB 117 -92.35 42.36 -50.62
CA VAL JB 117 -91.27 43.31 -50.85
C VAL JB 117 -90.53 42.90 -52.11
N ASP JB 118 -90.54 43.79 -53.11
CA ASP JB 118 -89.75 43.60 -54.33
C ASP JB 118 -88.53 44.49 -54.22
N ALA JB 119 -87.48 43.97 -53.59
CA ALA JB 119 -86.29 44.74 -53.31
C ALA JB 119 -85.42 44.87 -54.56
N PRO JB 120 -84.70 45.97 -54.70
CA PRO JB 120 -83.83 46.14 -55.87
C PRO JB 120 -82.61 45.27 -55.77
N VAL JB 121 -81.89 45.16 -56.90
CA VAL JB 121 -80.68 44.34 -56.94
C VAL JB 121 -79.70 44.84 -55.89
N GLN JB 122 -78.99 43.91 -55.28
CA GLN JB 122 -78.05 44.22 -54.21
C GLN JB 122 -76.63 44.26 -54.78
N THR JB 123 -75.92 45.35 -54.49
CA THR JB 123 -74.51 45.51 -54.85
C THR JB 123 -73.67 45.38 -53.60
N HIS JB 124 -72.41 44.94 -53.77
CA HIS JB 124 -71.51 44.73 -52.66
C HIS JB 124 -70.17 45.41 -52.93
N GLN JB 125 -69.51 45.81 -51.84
CA GLN JB 125 -68.17 46.36 -51.88
C GLN JB 125 -67.20 45.40 -51.20
N ILE JB 126 -66.11 45.11 -51.89
CA ILE JB 126 -65.01 44.28 -51.41
C ILE JB 126 -63.80 45.19 -51.28
N MET JB 127 -63.43 45.55 -50.06
CA MET JB 127 -62.36 46.51 -49.83
C MET JB 127 -61.09 45.76 -49.39
N TYR JB 128 -59.96 46.07 -50.03
CA TYR JB 128 -58.67 45.53 -49.62
C TYR JB 128 -57.92 46.62 -48.87
N VAL JB 129 -57.60 46.36 -47.60
CA VAL JB 129 -56.81 47.27 -46.78
C VAL JB 129 -55.38 46.76 -46.81
N PRO JB 130 -54.53 47.24 -47.72
CA PRO JB 130 -53.12 46.86 -47.68
C PRO JB 130 -52.53 47.14 -46.32
N PRO JB 131 -51.44 46.46 -45.95
CA PRO JB 131 -50.84 46.68 -44.63
C PRO JB 131 -50.74 48.15 -44.26
N GLY JB 132 -51.42 48.54 -43.17
CA GLY JB 132 -51.38 49.89 -42.67
C GLY JB 132 -52.62 50.72 -42.95
N GLY JB 133 -53.56 50.21 -43.74
CA GLY JB 133 -54.68 51.01 -44.19
C GLY JB 133 -55.76 51.16 -43.14
N PRO JB 134 -56.74 51.99 -43.45
CA PRO JB 134 -57.88 52.18 -42.54
C PRO JB 134 -58.61 50.87 -42.27
N VAL JB 135 -59.32 50.85 -41.13
CA VAL JB 135 -60.02 49.68 -40.65
C VAL JB 135 -61.47 50.03 -40.39
N PRO JB 136 -62.43 49.42 -41.11
CA PRO JB 136 -63.84 49.59 -40.74
C PRO JB 136 -64.14 49.09 -39.34
N THR JB 137 -64.68 49.98 -38.52
CA THR JB 137 -65.20 49.63 -37.20
C THR JB 137 -66.72 49.51 -37.19
N LYS JB 138 -67.39 49.94 -38.26
CA LYS JB 138 -68.82 49.85 -38.42
C LYS JB 138 -69.12 49.78 -39.91
N VAL JB 139 -70.34 49.36 -40.24
CA VAL JB 139 -70.71 49.28 -41.65
C VAL JB 139 -70.59 50.63 -42.32
N THR JB 140 -70.68 51.72 -41.55
CA THR JB 140 -70.64 53.07 -42.10
C THR JB 140 -69.44 53.84 -41.58
N ASP JB 141 -68.27 53.21 -41.60
CA ASP JB 141 -67.05 53.86 -41.13
C ASP JB 141 -66.40 54.63 -42.26
N TYR JB 142 -65.48 55.52 -41.88
CA TYR JB 142 -64.76 56.30 -42.89
C TYR JB 142 -63.86 55.43 -43.75
N ALA JB 143 -63.38 54.31 -43.20
CA ALA JB 143 -62.44 53.46 -43.93
C ALA JB 143 -62.98 53.10 -45.30
N TRP JB 144 -64.29 52.92 -45.42
CA TRP JB 144 -64.88 52.57 -46.70
C TRP JB 144 -64.65 53.62 -47.78
N GLN JB 145 -64.19 54.83 -47.42
CA GLN JB 145 -63.92 55.86 -48.42
C GLN JB 145 -62.59 55.64 -49.14
N THR JB 146 -61.71 54.80 -48.59
CA THR JB 146 -60.46 54.40 -49.23
C THR JB 146 -59.66 55.57 -49.79
N SER JB 147 -59.62 55.69 -51.12
CA SER JB 147 -58.78 56.66 -51.84
C SER JB 147 -57.35 56.13 -51.96
N THR JB 148 -56.98 55.19 -51.07
CA THR JB 148 -55.74 54.45 -51.21
C THR JB 148 -55.95 52.96 -50.98
N ASN JB 149 -57.16 52.54 -50.62
CA ASN JB 149 -57.49 51.13 -50.46
C ASN JB 149 -58.27 50.67 -51.69
N PRO JB 150 -57.67 49.89 -52.60
CA PRO JB 150 -58.45 49.40 -53.74
C PRO JB 150 -59.67 48.63 -53.25
N SER JB 151 -60.74 48.72 -54.03
CA SER JB 151 -61.97 48.04 -53.66
C SER JB 151 -62.80 47.80 -54.92
N VAL JB 152 -63.58 46.73 -54.88
CA VAL JB 152 -64.40 46.28 -56.00
C VAL JB 152 -65.87 46.53 -55.67
N PHE JB 153 -66.61 47.03 -56.65
CA PHE JB 153 -68.06 47.17 -56.55
C PHE JB 153 -68.69 46.19 -57.52
N TRP JB 154 -69.41 45.21 -57.00
CA TRP JB 154 -69.94 44.12 -57.81
C TRP JB 154 -71.42 43.92 -57.51
N THR JB 155 -72.22 43.87 -58.56
CA THR JB 155 -73.66 43.66 -58.43
C THR JB 155 -73.99 42.20 -58.67
N GLU JB 156 -74.90 41.67 -57.84
CA GLU JB 156 -75.27 40.26 -57.97
C GLU JB 156 -75.89 40.01 -59.34
N GLY JB 157 -75.64 38.81 -59.87
CA GLY JB 157 -76.10 38.42 -61.18
C GLY JB 157 -75.08 38.52 -62.28
N ASN JB 158 -73.84 38.89 -61.97
CA ASN JB 158 -72.76 38.96 -62.94
C ASN JB 158 -71.68 37.94 -62.58
N ALA JB 159 -70.65 37.87 -63.42
CA ALA JB 159 -69.53 36.99 -63.15
C ALA JB 159 -68.87 37.39 -61.83
N PRO JB 160 -68.41 36.44 -61.03
CA PRO JB 160 -67.79 36.80 -59.75
C PRO JB 160 -66.66 37.79 -59.95
N PRO JB 161 -66.50 38.75 -59.05
CA PRO JB 161 -65.39 39.70 -59.19
C PRO JB 161 -64.07 39.04 -58.90
N ARG JB 162 -63.02 39.56 -59.53
CA ARG JB 162 -61.68 39.02 -59.39
C ARG JB 162 -60.69 40.19 -59.37
N MET JB 163 -59.66 40.05 -58.54
CA MET JB 163 -58.65 41.09 -58.41
C MET JB 163 -57.34 40.43 -58.00
N SER JB 164 -56.26 40.86 -58.62
CA SER JB 164 -54.94 40.36 -58.27
C SER JB 164 -54.25 41.31 -57.31
N ILE JB 165 -53.37 40.75 -56.48
CA ILE JB 165 -52.53 41.57 -55.61
C ILE JB 165 -51.07 41.18 -55.85
N PRO JB 166 -50.18 42.16 -56.12
CA PRO JB 166 -48.79 41.83 -56.44
C PRO JB 166 -48.04 41.23 -55.27
N PHE JB 167 -46.74 41.01 -55.47
CA PHE JB 167 -45.83 40.60 -54.40
C PHE JB 167 -45.56 41.79 -53.49
N ILE JB 168 -46.35 41.93 -52.42
CA ILE JB 168 -46.34 43.14 -51.60
C ILE JB 168 -45.40 42.96 -50.42
N SER JB 169 -44.40 42.11 -50.58
CA SER JB 169 -43.49 41.81 -49.48
C SER JB 169 -42.30 42.77 -49.50
N ILE JB 170 -41.71 42.96 -48.33
CA ILE JB 170 -40.52 43.80 -48.22
C ILE JB 170 -39.26 42.99 -48.53
N GLY JB 171 -39.27 41.71 -48.23
CA GLY JB 171 -38.14 40.85 -48.54
C GLY JB 171 -38.23 40.29 -49.95
N ASN JB 172 -37.15 39.64 -50.35
CA ASN JB 172 -37.02 39.09 -51.70
C ASN JB 172 -37.74 37.76 -51.85
N ALA JB 173 -38.57 37.39 -50.87
CA ALA JB 173 -39.42 36.21 -50.98
C ALA JB 173 -40.30 36.11 -49.74
N TYR JB 174 -41.51 35.56 -49.90
CA TYR JB 174 -42.34 35.23 -48.75
C TYR JB 174 -41.63 34.17 -47.90
N SER JB 175 -41.84 34.25 -46.59
CA SER JB 175 -41.23 33.32 -45.65
C SER JB 175 -42.30 32.39 -45.09
N CYS JB 176 -42.09 31.09 -45.24
CA CYS JB 176 -43.02 30.11 -44.69
C CYS JB 176 -42.71 29.75 -43.24
N PHE JB 177 -41.44 29.83 -42.84
CA PHE JB 177 -41.03 29.50 -41.48
C PHE JB 177 -39.95 30.48 -41.05
N TYR JB 178 -39.87 30.71 -39.74
CA TYR JB 178 -38.93 31.70 -39.21
C TYR JB 178 -38.53 31.26 -37.80
N ASP JB 179 -37.29 30.83 -37.65
CA ASP JB 179 -36.75 30.43 -36.35
C ASP JB 179 -36.14 31.66 -35.65
N GLY JB 180 -37.03 32.60 -35.32
CA GLY JB 180 -36.61 33.81 -34.66
C GLY JB 180 -37.79 34.54 -34.07
N TRP JB 181 -37.51 35.75 -33.58
CA TRP JB 181 -38.50 36.60 -32.93
C TRP JB 181 -38.62 37.92 -33.68
N THR JB 182 -39.64 38.70 -33.31
CA THR JB 182 -39.86 39.99 -33.92
C THR JB 182 -39.05 41.10 -33.25
N GLN JB 183 -38.78 40.97 -31.95
CA GLN JB 183 -37.98 41.93 -31.21
C GLN JB 183 -36.55 41.42 -31.11
N PHE JB 184 -35.59 42.34 -31.18
CA PHE JB 184 -34.19 41.96 -31.09
C PHE JB 184 -33.81 41.37 -29.73
N SER JB 185 -34.69 41.47 -28.74
CA SER JB 185 -34.43 40.94 -27.41
C SER JB 185 -34.69 39.44 -27.30
N ARG JB 186 -34.84 38.73 -28.43
CA ARG JB 186 -35.21 37.31 -28.41
C ARG JB 186 -36.48 37.10 -27.61
N ASN JB 187 -37.42 38.04 -27.73
CA ASN JB 187 -38.67 38.01 -26.99
C ASN JB 187 -39.76 38.63 -27.87
N GLY JB 188 -40.95 38.80 -27.28
CA GLY JB 188 -42.10 39.28 -28.03
C GLY JB 188 -42.88 38.16 -28.68
N VAL JB 189 -42.71 38.00 -29.98
CA VAL JB 189 -43.41 36.97 -30.76
C VAL JB 189 -42.37 36.03 -31.36
N TYR JB 190 -42.68 34.74 -31.36
CA TYR JB 190 -41.80 33.72 -31.92
C TYR JB 190 -42.55 33.00 -33.03
N GLY JB 191 -42.09 33.17 -34.27
CA GLY JB 191 -42.56 32.31 -35.33
C GLY JB 191 -42.88 33.07 -36.60
N ILE JB 192 -43.74 32.47 -37.42
CA ILE JB 192 -44.20 33.09 -38.66
C ILE JB 192 -45.02 34.36 -38.41
N ASN JB 193 -45.30 34.66 -37.14
CA ASN JB 193 -46.01 35.87 -36.74
C ASN JB 193 -45.10 37.06 -36.54
N THR JB 194 -43.92 37.07 -37.17
CA THR JB 194 -42.96 38.14 -36.98
C THR JB 194 -42.40 38.75 -38.27
N LEU JB 195 -42.60 38.14 -39.43
CA LEU JB 195 -41.90 38.61 -40.62
C LEU JB 195 -42.77 39.48 -41.53
N ASN JB 196 -43.72 38.88 -42.24
CA ASN JB 196 -44.48 39.55 -43.28
C ASN JB 196 -45.97 39.58 -42.94
N ASN JB 197 -46.71 40.34 -43.74
CA ASN JB 197 -48.15 40.46 -43.59
C ASN JB 197 -48.73 40.87 -44.94
N MET JB 198 -49.98 40.48 -45.17
CA MET JB 198 -50.61 40.67 -46.48
C MET JB 198 -51.84 41.57 -46.42
N GLY JB 199 -52.11 42.21 -45.29
CA GLY JB 199 -53.20 43.15 -45.19
C GLY JB 199 -54.51 42.51 -44.74
N THR JB 200 -55.54 43.33 -44.71
CA THR JB 200 -56.87 42.91 -44.28
C THR JB 200 -57.84 43.07 -45.45
N LEU JB 201 -59.03 42.48 -45.31
CA LEU JB 201 -60.04 42.49 -46.36
C LEU JB 201 -61.41 42.60 -45.73
N TYR JB 202 -62.13 43.66 -46.06
CA TYR JB 202 -63.46 43.91 -45.50
C TYR JB 202 -64.53 43.80 -46.59
N MET JB 203 -65.75 43.50 -46.16
CA MET JB 203 -66.85 43.24 -47.07
C MET JB 203 -68.11 43.91 -46.55
N ARG JB 204 -68.88 44.55 -47.45
CA ARG JB 204 -70.14 45.13 -47.02
C ARG JB 204 -71.13 45.21 -48.18
N HIS JB 205 -72.39 45.45 -47.83
CA HIS JB 205 -73.41 45.77 -48.81
C HIS JB 205 -73.33 47.25 -49.18
N VAL JB 206 -73.33 47.54 -50.49
CA VAL JB 206 -73.34 48.92 -50.95
C VAL JB 206 -74.77 49.46 -50.99
N ASN JB 207 -75.72 48.64 -51.43
CA ASN JB 207 -77.11 49.06 -51.40
C ASN JB 207 -77.57 49.16 -49.94
N GLU JB 208 -78.59 49.97 -49.73
CA GLU JB 208 -79.01 50.29 -48.37
C GLU JB 208 -80.14 49.38 -47.90
N ALA JB 209 -80.35 49.39 -46.58
CA ALA JB 209 -81.42 48.61 -45.99
C ALA JB 209 -82.73 48.81 -46.73
N GLY JB 210 -83.43 47.70 -46.98
CA GLY JB 210 -84.75 47.76 -47.57
C GLY JB 210 -85.82 47.55 -46.52
N GLN JB 211 -86.76 46.65 -46.79
CA GLN JB 211 -87.79 46.27 -45.83
C GLN JB 211 -87.67 44.84 -45.35
N GLY JB 212 -86.76 44.05 -45.92
CA GLY JB 212 -86.53 42.69 -45.48
C GLY JB 212 -85.06 42.35 -45.45
N PRO JB 213 -84.64 41.56 -44.45
CA PRO JB 213 -83.22 41.26 -44.30
C PRO JB 213 -82.72 40.22 -45.28
N ILE JB 214 -81.44 40.32 -45.61
CA ILE JB 214 -80.75 39.39 -46.51
C ILE JB 214 -79.33 39.20 -46.00
N LYS JB 215 -78.91 37.95 -45.87
CA LYS JB 215 -77.57 37.61 -45.40
C LYS JB 215 -76.72 37.18 -46.58
N SER JB 216 -75.45 37.55 -46.57
CA SER JB 216 -74.54 37.27 -47.67
C SER JB 216 -73.39 36.39 -47.20
N THR JB 217 -72.79 35.70 -48.16
CA THR JB 217 -71.64 34.82 -47.92
C THR JB 217 -70.56 35.15 -48.93
N VAL JB 218 -69.46 35.74 -48.48
CA VAL JB 218 -68.32 35.99 -49.34
C VAL JB 218 -67.37 34.80 -49.24
N ARG JB 219 -67.02 34.23 -50.39
CA ARG JB 219 -66.10 33.10 -50.45
C ARG JB 219 -64.85 33.55 -51.20
N ILE JB 220 -63.77 33.72 -50.47
CA ILE JB 220 -62.51 34.17 -51.05
C ILE JB 220 -61.74 32.97 -51.57
N TYR JB 221 -61.17 33.11 -52.76
CA TYR JB 221 -60.43 32.03 -53.41
C TYR JB 221 -59.02 32.51 -53.72
N PHE JB 222 -58.03 31.74 -53.26
CA PHE JB 222 -56.63 32.02 -53.53
C PHE JB 222 -56.14 31.16 -54.70
N LYS JB 223 -55.39 31.79 -55.60
CA LYS JB 223 -54.62 31.08 -56.62
C LYS JB 223 -53.27 31.76 -56.74
N PRO JB 224 -52.26 31.26 -56.03
CA PRO JB 224 -50.91 31.80 -56.22
C PRO JB 224 -50.48 31.70 -57.68
N LYS JB 225 -50.21 32.86 -58.27
CA LYS JB 225 -49.72 32.95 -59.64
C LYS JB 225 -48.26 33.35 -59.65
N HIS JB 226 -47.55 32.92 -60.69
CA HIS JB 226 -46.13 33.22 -60.85
C HIS JB 226 -45.35 32.84 -59.58
N VAL JB 227 -45.38 31.55 -59.27
CA VAL JB 227 -44.84 31.06 -58.01
C VAL JB 227 -43.38 30.66 -58.19
N LYS JB 228 -42.56 30.99 -57.19
CA LYS JB 228 -41.16 30.59 -57.15
C LYS JB 228 -40.87 30.11 -55.73
N ALA JB 229 -40.39 28.88 -55.60
CA ALA JB 229 -40.16 28.27 -54.30
C ALA JB 229 -38.69 27.89 -54.15
N TRP JB 230 -38.22 27.88 -52.91
CA TRP JB 230 -36.85 27.51 -52.59
C TRP JB 230 -36.84 26.66 -51.34
N VAL JB 231 -35.77 25.87 -51.20
CA VAL JB 231 -35.50 25.12 -49.97
C VAL JB 231 -36.69 24.26 -49.60
N PRO JB 232 -36.87 23.09 -50.19
CA PRO JB 232 -37.97 22.21 -49.81
C PRO JB 232 -37.72 21.61 -48.43
N ARG JB 233 -38.81 21.24 -47.78
CA ARG JB 233 -38.77 20.69 -46.44
C ARG JB 233 -39.79 19.57 -46.30
N PRO JB 234 -39.64 18.72 -45.28
CA PRO JB 234 -40.51 17.56 -45.19
C PRO JB 234 -41.97 17.97 -45.08
N PRO JB 235 -42.89 17.15 -45.58
CA PRO JB 235 -44.31 17.48 -45.46
C PRO JB 235 -44.77 17.48 -44.01
N ARG JB 236 -45.83 18.25 -43.74
CA ARG JB 236 -46.45 18.24 -42.43
C ARG JB 236 -46.97 16.86 -42.10
N LEU JB 237 -46.60 16.35 -40.92
CA LEU JB 237 -47.01 15.02 -40.47
C LEU JB 237 -48.11 15.09 -39.41
N CYS JB 238 -47.86 15.80 -38.31
CA CYS JB 238 -48.86 15.96 -37.27
C CYS JB 238 -49.90 16.98 -37.71
N GLN JB 239 -51.15 16.73 -37.36
CA GLN JB 239 -52.23 17.64 -37.73
C GLN JB 239 -51.96 19.03 -37.17
N TYR JB 240 -52.36 20.04 -37.93
CA TYR JB 240 -52.19 21.41 -37.45
C TYR JB 240 -53.02 21.64 -36.19
N GLU JB 241 -52.43 22.38 -35.24
CA GLU JB 241 -53.04 22.64 -33.95
C GLU JB 241 -53.37 24.11 -33.74
N LYS JB 242 -52.51 25.00 -34.21
CA LYS JB 242 -52.74 26.44 -34.13
C LYS JB 242 -52.34 27.07 -35.47
N GLN JB 243 -53.09 28.10 -35.87
CA GLN JB 243 -52.84 28.75 -37.15
C GLN JB 243 -51.57 29.59 -37.15
N LYS JB 244 -51.09 30.02 -35.98
CA LYS JB 244 -50.03 31.01 -35.92
C LYS JB 244 -48.67 30.44 -35.53
N ASN JB 245 -48.53 29.12 -35.49
CA ASN JB 245 -47.28 28.53 -35.01
C ASN JB 245 -47.19 27.08 -35.45
N VAL JB 246 -45.97 26.54 -35.35
CA VAL JB 246 -45.72 25.15 -35.75
C VAL JB 246 -46.16 24.14 -34.71
N ASN JB 247 -46.45 24.59 -33.48
CA ASN JB 247 -46.71 23.69 -32.36
C ASN JB 247 -47.49 22.47 -32.81
N PHE JB 248 -46.95 21.30 -32.52
CA PHE JB 248 -47.50 20.03 -33.00
C PHE JB 248 -47.72 19.10 -31.83
N THR JB 249 -48.62 18.14 -32.05
CA THR JB 249 -48.90 17.10 -31.08
C THR JB 249 -48.24 15.81 -31.55
N PRO JB 250 -47.27 15.27 -30.81
CA PRO JB 250 -46.53 14.10 -31.32
C PRO JB 250 -47.45 12.96 -31.73
N THR JB 251 -47.21 12.44 -32.92
CA THR JB 251 -47.94 11.28 -33.43
C THR JB 251 -46.95 10.31 -34.07
N GLY JB 252 -47.43 9.11 -34.36
CA GLY JB 252 -46.57 8.10 -34.93
C GLY JB 252 -46.12 8.44 -36.34
N VAL JB 253 -45.07 7.73 -36.77
CA VAL JB 253 -44.47 8.01 -38.07
C VAL JB 253 -45.39 7.57 -39.20
N THR JB 254 -45.99 6.39 -39.09
CA THR JB 254 -46.82 5.87 -40.18
C THR JB 254 -47.94 5.01 -39.62
N THR JB 255 -48.80 4.54 -40.51
CA THR JB 255 -49.78 3.52 -40.17
C THR JB 255 -49.06 2.21 -39.86
N THR JB 256 -49.71 1.37 -39.05
CA THR JB 256 -49.07 0.20 -38.48
C THR JB 256 -49.56 -1.08 -39.13
N ARG JB 257 -48.67 -2.06 -39.18
CA ARG JB 257 -48.99 -3.43 -39.58
C ARG JB 257 -48.56 -4.38 -38.45
N VAL JB 258 -48.67 -5.68 -38.71
CA VAL JB 258 -48.40 -6.68 -37.69
C VAL JB 258 -46.90 -6.90 -37.59
N GLY JB 259 -46.32 -7.57 -38.60
CA GLY JB 259 -44.94 -7.96 -38.55
C GLY JB 259 -44.18 -7.51 -39.79
N ILE JB 260 -42.85 -7.62 -39.71
CA ILE JB 260 -42.01 -7.20 -40.83
C ILE JB 260 -42.15 -8.16 -42.00
N THR JB 261 -42.56 -9.40 -41.76
CA THR JB 261 -42.80 -10.34 -42.86
C THR JB 261 -44.21 -10.25 -43.43
N THR JB 262 -45.11 -9.53 -42.76
CA THR JB 262 -46.44 -9.24 -43.27
C THR JB 262 -46.40 -8.83 -44.74
N THR KB 17 -2.64 20.22 -41.86
CA THR KB 17 -3.79 20.57 -42.69
C THR KB 17 -4.46 21.85 -42.16
N LEU KB 18 -4.97 22.67 -43.07
CA LEU KB 18 -5.67 23.92 -42.74
C LEU KB 18 -4.73 24.95 -42.13
N GLY KB 19 -5.31 26.00 -41.56
CA GLY KB 19 -4.55 27.01 -40.85
C GLY KB 19 -5.10 28.41 -41.01
N ASN KB 20 -5.60 28.99 -39.90
CA ASN KB 20 -5.98 30.40 -39.86
C ASN KB 20 -5.69 31.00 -38.49
N SER KB 21 -4.75 30.43 -37.73
CA SER KB 21 -4.70 30.44 -36.27
C SER KB 21 -5.60 29.31 -35.76
N THR KB 22 -6.32 28.63 -36.66
CA THR KB 22 -7.21 27.51 -36.31
C THR KB 22 -6.82 26.33 -37.20
N ILE KB 23 -6.22 25.31 -36.62
CA ILE KB 23 -5.76 24.15 -37.37
C ILE KB 23 -6.53 22.92 -36.95
N THR KB 24 -6.78 22.03 -37.91
CA THR KB 24 -7.45 20.77 -37.65
C THR KB 24 -6.84 19.74 -38.60
N THR KB 25 -7.36 18.51 -38.53
CA THR KB 25 -6.83 17.41 -39.32
C THR KB 25 -7.95 16.78 -40.15
N GLN KB 26 -7.66 16.56 -41.43
CA GLN KB 26 -8.58 15.86 -42.32
C GLN KB 26 -7.78 15.04 -43.32
N GLU KB 27 -8.40 13.99 -43.85
CA GLU KB 27 -7.82 13.16 -44.89
C GLU KB 27 -8.79 13.08 -46.06
N CYS KB 28 -8.25 12.69 -47.23
CA CYS KB 28 -9.00 12.67 -48.47
C CYS KB 28 -10.43 12.17 -48.26
N ALA KB 29 -11.40 12.96 -48.70
CA ALA KB 29 -12.80 12.67 -48.45
C ALA KB 29 -13.65 13.50 -49.40
N ASN KB 30 -14.95 13.55 -49.14
CA ASN KB 30 -15.91 14.29 -49.95
C ASN KB 30 -16.78 15.13 -49.04
N VAL KB 31 -17.23 16.28 -49.57
CA VAL KB 31 -17.96 17.27 -48.82
C VAL KB 31 -19.28 17.56 -49.53
N VAL KB 32 -20.36 17.62 -48.77
CA VAL KB 32 -21.68 17.97 -49.32
C VAL KB 32 -21.78 19.48 -49.37
N VAL KB 33 -21.87 20.03 -50.59
CA VAL KB 33 -21.90 21.48 -50.78
C VAL KB 33 -23.37 21.89 -50.83
N GLY KB 34 -23.93 22.13 -49.65
CA GLY KB 34 -25.27 22.68 -49.48
C GLY KB 34 -26.23 22.41 -50.60
N TYR KB 35 -26.86 23.47 -51.10
CA TYR KB 35 -27.77 23.38 -52.23
C TYR KB 35 -27.04 23.67 -53.54
N GLY KB 36 -25.88 23.04 -53.71
CA GLY KB 36 -25.09 23.25 -54.90
C GLY KB 36 -24.41 24.59 -55.00
N VAL KB 37 -24.48 25.41 -53.95
CA VAL KB 37 -23.99 26.78 -53.98
C VAL KB 37 -22.79 26.91 -53.05
N TRP KB 38 -21.70 27.46 -53.57
CA TRP KB 38 -20.53 27.75 -52.74
C TRP KB 38 -20.68 29.14 -52.13
N PRO KB 39 -20.43 29.32 -50.83
CA PRO KB 39 -20.62 30.64 -50.22
C PRO KB 39 -19.81 31.71 -50.93
N GLU KB 40 -20.45 32.85 -51.17
CA GLU KB 40 -19.81 33.99 -51.83
C GLU KB 40 -20.34 35.27 -51.21
N TYR KB 41 -19.64 36.37 -51.49
CA TYR KB 41 -20.04 37.67 -50.97
C TYR KB 41 -21.23 38.22 -51.76
N LEU KB 42 -21.79 39.31 -51.26
CA LEU KB 42 -22.99 39.90 -51.84
C LEU KB 42 -22.65 40.79 -53.03
N ASP KB 51 -24.40 51.32 -47.88
CA ASP KB 51 -23.19 51.12 -47.08
C ASP KB 51 -22.66 49.70 -47.25
N GLN KB 52 -21.62 49.55 -48.07
CA GLN KB 52 -21.00 48.25 -48.26
C GLN KB 52 -20.48 47.73 -46.93
N PRO KB 53 -20.80 46.48 -46.54
CA PRO KB 53 -20.47 46.02 -45.19
C PRO KB 53 -18.98 45.77 -45.02
N THR KB 54 -18.62 45.44 -43.77
CA THR KB 54 -17.24 45.16 -43.37
C THR KB 54 -17.11 43.67 -43.08
N GLN KB 55 -16.24 42.99 -43.83
CA GLN KB 55 -15.99 41.57 -43.64
C GLN KB 55 -14.73 41.37 -42.83
N PRO KB 56 -14.78 40.76 -41.64
CA PRO KB 56 -13.52 40.50 -40.91
C PRO KB 56 -12.60 39.54 -41.62
N ASP KB 57 -13.10 38.78 -42.59
CA ASP KB 57 -12.31 37.80 -43.32
C ASP KB 57 -11.63 36.83 -42.34
N VAL KB 58 -10.33 36.99 -42.09
CA VAL KB 58 -9.61 35.98 -41.30
C VAL KB 58 -10.10 35.94 -39.86
N ALA KB 59 -10.38 37.11 -39.27
CA ALA KB 59 -10.84 37.15 -37.88
C ALA KB 59 -12.07 36.27 -37.68
N THR KB 60 -12.90 36.15 -38.72
CA THR KB 60 -14.11 35.33 -38.68
C THR KB 60 -13.91 33.93 -39.27
N CYS KB 61 -12.94 33.78 -40.17
CA CYS KB 61 -12.56 32.50 -40.74
C CYS KB 61 -11.72 31.77 -39.71
N ARG KB 62 -12.42 31.06 -38.81
CA ARG KB 62 -11.82 30.37 -37.69
C ARG KB 62 -12.57 29.06 -37.51
N PHE KB 63 -11.82 27.96 -37.41
CA PHE KB 63 -12.44 26.65 -37.17
C PHE KB 63 -12.81 26.58 -35.70
N TYR KB 64 -13.89 27.28 -35.34
CA TYR KB 64 -14.40 27.24 -33.98
C TYR KB 64 -14.85 25.83 -33.66
N THR KB 65 -14.11 25.15 -32.79
CA THR KB 65 -14.42 23.79 -32.37
C THR KB 65 -15.20 23.88 -31.06
N LEU KB 66 -16.49 23.59 -31.13
CA LEU KB 66 -17.32 23.67 -29.94
C LEU KB 66 -16.97 22.53 -28.98
N GLU KB 67 -17.61 22.53 -27.81
CA GLU KB 67 -17.43 21.44 -26.88
C GLU KB 67 -17.91 20.14 -27.51
N SER KB 68 -17.20 19.05 -27.24
CA SER KB 68 -17.61 17.76 -27.77
C SER KB 68 -18.78 17.21 -26.95
N VAL KB 69 -19.55 16.33 -27.58
CA VAL KB 69 -20.71 15.73 -26.93
C VAL KB 69 -20.56 14.21 -26.96
N GLN KB 70 -21.30 13.55 -26.08
CA GLN KB 70 -21.21 12.12 -25.87
C GLN KB 70 -22.27 11.39 -26.69
N TRP KB 71 -21.85 10.43 -27.50
CA TRP KB 71 -22.77 9.53 -28.17
C TRP KB 71 -22.93 8.29 -27.30
N MET KB 72 -24.14 8.08 -26.79
CA MET KB 72 -24.45 6.97 -25.89
C MET KB 72 -25.48 6.07 -26.55
N LYS KB 73 -25.61 4.85 -26.02
CA LYS KB 73 -26.61 3.92 -26.53
C LYS KB 73 -28.02 4.46 -26.39
N ASN KB 74 -28.21 5.48 -25.53
CA ASN KB 74 -29.52 6.07 -25.30
C ASN KB 74 -29.68 7.45 -25.94
N SER KB 75 -28.60 8.05 -26.43
CA SER KB 75 -28.68 9.40 -26.98
C SER KB 75 -29.72 9.47 -28.09
N ALA KB 76 -30.56 10.49 -28.04
CA ALA KB 76 -31.59 10.70 -29.05
C ALA KB 76 -31.14 11.64 -30.17
N GLY KB 77 -30.30 12.62 -29.85
CA GLY KB 77 -29.80 13.53 -30.85
C GLY KB 77 -29.51 14.89 -30.26
N TRP KB 78 -28.89 15.73 -31.07
CA TRP KB 78 -28.49 17.07 -30.66
C TRP KB 78 -28.83 18.08 -31.76
N TRP KB 79 -28.92 19.34 -31.35
CA TRP KB 79 -29.08 20.44 -32.29
C TRP KB 79 -28.37 21.68 -31.77
N TRP KB 80 -27.95 22.51 -32.72
CA TRP KB 80 -27.38 23.83 -32.46
C TRP KB 80 -28.05 24.84 -33.37
N LYS KB 81 -28.44 25.99 -32.81
CA LYS KB 81 -28.82 27.12 -33.64
C LYS KB 81 -27.54 27.83 -34.09
N LEU KB 82 -27.42 28.07 -35.41
CA LEU KB 82 -26.09 28.37 -35.96
C LEU KB 82 -25.64 29.78 -35.60
N PRO KB 83 -26.33 30.85 -35.97
CA PRO KB 83 -25.87 32.18 -35.53
C PRO KB 83 -25.65 32.26 -34.03
N ASP KB 84 -26.45 31.53 -33.23
CA ASP KB 84 -26.34 31.53 -31.79
C ASP KB 84 -25.54 30.34 -31.27
N ALA KB 85 -24.66 29.76 -32.08
CA ALA KB 85 -23.70 28.78 -31.59
C ALA KB 85 -22.32 29.39 -31.41
N LEU KB 86 -21.88 30.18 -32.39
CA LEU KB 86 -20.64 30.93 -32.33
C LEU KB 86 -20.86 32.34 -31.79
N SER KB 87 -22.02 32.60 -31.19
CA SER KB 87 -22.34 33.94 -30.73
C SER KB 87 -21.36 34.46 -29.68
N GLN KB 88 -20.87 33.56 -28.81
CA GLN KB 88 -19.95 33.93 -27.74
C GLN KB 88 -18.51 33.58 -28.07
N MET KB 89 -18.22 33.15 -29.30
CA MET KB 89 -16.92 32.63 -29.67
C MET KB 89 -16.15 33.71 -30.43
N GLY KB 90 -15.22 34.38 -29.74
CA GLY KB 90 -14.21 35.17 -30.41
C GLY KB 90 -14.74 36.30 -31.26
N LEU KB 91 -13.98 36.63 -32.32
CA LEU KB 91 -14.26 37.81 -33.11
C LEU KB 91 -15.50 37.65 -33.98
N PHE KB 92 -15.90 36.43 -34.34
CA PHE KB 92 -17.20 36.25 -34.99
C PHE KB 92 -18.31 36.80 -34.09
N GLY KB 93 -18.31 36.39 -32.83
CA GLY KB 93 -19.29 36.91 -31.88
C GLY KB 93 -19.14 38.41 -31.63
N GLN KB 94 -17.89 38.90 -31.60
CA GLN KB 94 -17.69 40.33 -31.39
C GLN KB 94 -18.28 41.16 -32.52
N ASN KB 95 -17.95 40.81 -33.77
CA ASN KB 95 -18.55 41.47 -34.92
C ASN KB 95 -20.07 41.31 -34.89
N MET KB 96 -20.55 40.12 -34.49
CA MET KB 96 -21.98 39.89 -34.38
C MET KB 96 -22.63 40.89 -33.42
N GLN KB 97 -21.97 41.18 -32.31
CA GLN KB 97 -22.54 42.10 -31.32
C GLN KB 97 -22.43 43.55 -31.76
N TYR KB 98 -21.30 43.94 -32.39
CA TYR KB 98 -21.07 45.33 -32.75
C TYR KB 98 -21.73 45.74 -34.06
N HIS KB 99 -22.19 44.79 -34.88
CA HIS KB 99 -22.84 45.09 -36.14
C HIS KB 99 -24.30 44.68 -36.09
N TYR KB 100 -25.16 45.53 -36.65
CA TYR KB 100 -26.59 45.23 -36.68
C TYR KB 100 -26.97 44.20 -37.74
N LEU KB 101 -26.15 44.04 -38.77
CA LEU KB 101 -26.47 43.18 -39.90
C LEU KB 101 -25.36 42.19 -40.13
N GLY KB 102 -25.73 41.00 -40.62
CA GLY KB 102 -24.77 39.96 -40.89
C GLY KB 102 -25.23 39.04 -42.00
N ARG KB 103 -24.27 38.38 -42.63
CA ARG KB 103 -24.53 37.45 -43.72
C ARG KB 103 -23.32 36.53 -43.82
N THR KB 104 -23.54 35.22 -43.66
CA THR KB 104 -22.43 34.30 -43.62
C THR KB 104 -22.86 32.90 -44.08
N GLY KB 105 -21.95 32.23 -44.80
CA GLY KB 105 -22.03 30.80 -44.99
C GLY KB 105 -21.17 30.10 -43.96
N TYR KB 106 -21.20 28.77 -44.01
CA TYR KB 106 -20.43 27.98 -43.05
C TYR KB 106 -19.80 26.78 -43.72
N THR KB 107 -18.71 26.31 -43.11
CA THR KB 107 -18.16 24.99 -43.36
C THR KB 107 -18.27 24.25 -42.03
N ILE KB 108 -19.13 23.24 -41.98
CA ILE KB 108 -19.43 22.50 -40.76
C ILE KB 108 -18.78 21.14 -40.88
N HIS KB 109 -18.03 20.76 -39.85
CA HIS KB 109 -17.28 19.50 -39.84
C HIS KB 109 -17.62 18.80 -38.52
N VAL KB 110 -18.48 17.80 -38.59
CA VAL KB 110 -18.83 16.99 -37.42
C VAL KB 110 -18.02 15.71 -37.52
N GLN KB 111 -17.03 15.55 -36.64
CA GLN KB 111 -16.14 14.40 -36.69
C GLN KB 111 -16.37 13.52 -35.46
N CYS KB 112 -16.50 12.22 -35.69
CA CYS KB 112 -16.75 11.25 -34.64
C CYS KB 112 -15.72 10.14 -34.78
N ASN KB 113 -15.24 9.62 -33.65
CA ASN KB 113 -14.16 8.63 -33.64
C ASN KB 113 -14.56 7.42 -32.80
N ALA KB 114 -14.57 6.26 -33.43
CA ALA KB 114 -14.84 4.99 -32.76
C ALA KB 114 -13.84 3.98 -33.31
N SER KB 115 -14.07 2.71 -33.00
CA SER KB 115 -13.20 1.63 -33.43
C SER KB 115 -13.96 0.69 -34.38
N LYS KB 116 -13.23 -0.27 -34.94
CA LYS KB 116 -13.89 -1.27 -35.78
C LYS KB 116 -14.89 -2.10 -34.97
N PHE KB 117 -14.69 -2.19 -33.66
CA PHE KB 117 -15.56 -2.95 -32.78
C PHE KB 117 -16.72 -2.12 -32.23
N HIS KB 118 -16.88 -0.89 -32.71
CA HIS KB 118 -18.06 -0.09 -32.44
C HIS KB 118 -19.02 -0.15 -33.64
N GLN KB 119 -20.26 0.25 -33.39
CA GLN KB 119 -21.27 0.30 -34.44
C GLN KB 119 -22.25 1.42 -34.13
N GLY KB 120 -22.80 2.00 -35.18
CA GLY KB 120 -23.74 3.10 -35.05
C GLY KB 120 -23.74 3.96 -36.29
N CYS KB 121 -24.75 4.83 -36.37
CA CYS KB 121 -24.92 5.67 -37.56
C CYS KB 121 -25.67 6.95 -37.20
N LEU KB 122 -25.06 8.08 -37.52
CA LEU KB 122 -25.63 9.40 -37.28
C LEU KB 122 -26.08 10.02 -38.60
N LEU KB 123 -27.23 10.70 -38.55
CA LEU KB 123 -27.62 11.63 -39.61
C LEU KB 123 -27.15 13.02 -39.20
N VAL KB 124 -26.34 13.64 -40.04
CA VAL KB 124 -25.86 15.00 -39.84
C VAL KB 124 -26.56 15.87 -40.88
N VAL KB 125 -27.49 16.70 -40.44
CA VAL KB 125 -28.33 17.48 -41.34
C VAL KB 125 -28.27 18.95 -40.94
N CYS KB 126 -28.49 19.83 -41.92
CA CYS KB 126 -28.55 21.28 -41.68
C CYS KB 126 -29.92 21.78 -42.09
N VAL KB 127 -30.77 22.08 -41.11
CA VAL KB 127 -32.15 22.48 -41.35
C VAL KB 127 -32.20 24.00 -41.43
N PRO KB 128 -32.37 24.60 -42.61
CA PRO KB 128 -32.60 26.05 -42.67
C PRO KB 128 -33.98 26.42 -42.16
N GLU KB 129 -34.03 27.47 -41.34
CA GLU KB 129 -35.29 27.98 -40.78
C GLU KB 129 -36.01 26.88 -39.99
N ALA KB 130 -35.31 26.36 -38.97
CA ALA KB 130 -35.84 25.27 -38.15
C ALA KB 130 -36.74 25.84 -37.06
N GLU KB 131 -37.90 26.32 -37.48
CA GLU KB 131 -38.92 26.78 -36.53
C GLU KB 131 -39.47 25.57 -35.79
N MET KB 132 -39.30 25.55 -34.47
CA MET KB 132 -39.63 24.40 -33.66
C MET KB 132 -40.90 24.64 -32.87
N GLY KB 133 -41.63 23.55 -32.61
CA GLY KB 133 -42.90 23.63 -31.94
C GLY KB 133 -42.77 23.50 -30.43
N CYS KB 134 -43.88 23.77 -29.76
CA CYS KB 134 -43.94 23.77 -28.31
C CYS KB 134 -44.64 22.51 -27.81
N SER KB 135 -44.44 22.22 -26.53
CA SER KB 135 -45.20 21.15 -25.89
C SER KB 135 -46.59 21.62 -25.51
N ASN KB 136 -46.70 22.82 -24.93
CA ASN KB 136 -47.98 23.48 -24.70
C ASN KB 136 -48.37 24.24 -25.97
N LEU KB 137 -49.46 23.82 -26.59
CA LEU KB 137 -49.80 24.33 -27.92
C LEU KB 137 -50.14 25.81 -27.92
N ASN KB 138 -50.45 26.41 -26.77
CA ASN KB 138 -50.84 27.82 -26.72
C ASN KB 138 -49.67 28.74 -26.41
N ASN KB 139 -48.43 28.27 -26.50
CA ASN KB 139 -47.29 29.10 -26.17
C ASN KB 139 -46.14 28.76 -27.11
N THR KB 140 -45.23 29.71 -27.25
CA THR KB 140 -44.02 29.45 -28.00
C THR KB 140 -42.86 29.17 -27.06
N PRO KB 141 -41.94 28.28 -27.42
CA PRO KB 141 -40.83 27.96 -26.52
C PRO KB 141 -40.00 29.18 -26.18
N GLU KB 142 -39.24 29.07 -25.10
CA GLU KB 142 -38.44 30.19 -24.62
C GLU KB 142 -37.12 30.26 -25.39
N PHE KB 143 -36.55 31.48 -25.39
CA PHE KB 143 -35.28 31.69 -26.07
C PHE KB 143 -34.22 30.72 -25.56
N ALA KB 144 -34.17 30.50 -24.24
CA ALA KB 144 -33.20 29.57 -23.67
C ALA KB 144 -33.50 28.14 -24.08
N GLU KB 145 -34.79 27.78 -24.19
CA GLU KB 145 -35.15 26.44 -24.61
C GLU KB 145 -34.68 26.16 -26.04
N LEU KB 146 -34.79 27.17 -26.91
CA LEU KB 146 -34.38 26.99 -28.30
C LEU KB 146 -32.88 27.15 -28.50
N SER KB 147 -32.20 27.86 -27.61
CA SER KB 147 -30.82 28.28 -27.82
C SER KB 147 -29.87 27.37 -27.05
N GLY KB 148 -28.96 26.72 -27.77
CA GLY KB 148 -27.96 25.88 -27.16
C GLY KB 148 -26.56 26.23 -27.60
N GLY KB 149 -26.30 27.53 -27.79
CA GLY KB 149 -24.96 27.94 -28.19
C GLY KB 149 -23.93 27.54 -27.15
N ASP KB 150 -22.75 27.13 -27.62
CA ASP KB 150 -21.68 26.58 -26.79
C ASP KB 150 -22.24 25.64 -25.73
N THR KB 151 -23.42 25.06 -25.99
CA THR KB 151 -24.06 24.10 -25.10
C THR KB 151 -25.11 23.35 -25.91
N ALA KB 152 -24.68 22.34 -26.64
CA ALA KB 152 -25.56 21.63 -27.57
C ALA KB 152 -26.90 21.30 -26.92
N ARG KB 153 -27.99 21.69 -27.57
CA ARG KB 153 -29.31 21.32 -27.08
C ARG KB 153 -29.61 19.88 -27.48
N MET KB 154 -30.44 19.21 -26.68
CA MET KB 154 -30.65 17.78 -26.82
C MET KB 154 -32.08 17.46 -27.27
N PHE KB 155 -32.21 16.42 -28.09
CA PHE KB 155 -33.49 15.81 -28.40
C PHE KB 155 -33.84 14.78 -27.34
N THR KB 156 -35.11 14.37 -27.32
CA THR KB 156 -35.64 13.54 -26.26
C THR KB 156 -36.17 12.22 -26.79
N ASP KB 157 -36.17 11.21 -25.91
CA ASP KB 157 -36.67 9.88 -26.23
C ASP KB 157 -38.19 9.80 -26.20
N THR KB 158 -38.85 10.73 -25.54
CA THR KB 158 -40.29 10.66 -25.31
C THR KB 158 -40.91 12.02 -25.62
N GLN KB 159 -42.23 12.02 -25.78
CA GLN KB 159 -42.98 13.27 -25.93
C GLN KB 159 -42.87 14.08 -24.65
N ILE KB 160 -42.58 15.37 -24.80
CA ILE KB 160 -42.47 16.23 -23.63
C ILE KB 160 -43.86 16.55 -23.10
N GLY KB 161 -43.90 17.00 -21.84
CA GLY KB 161 -45.17 17.18 -21.15
C GLY KB 161 -45.90 18.43 -21.61
N GLU KB 162 -47.23 18.31 -21.68
CA GLU KB 162 -48.06 19.44 -22.11
C GLU KB 162 -47.95 20.59 -21.11
N THR KB 163 -48.13 20.30 -19.83
CA THR KB 163 -48.10 21.33 -18.81
C THR KB 163 -46.79 22.11 -18.80
N ASN KB 164 -45.72 21.55 -19.37
CA ASN KB 164 -44.42 22.20 -19.36
C ASN KB 164 -44.46 23.63 -19.89
N SER KB 165 -45.50 23.99 -20.65
CA SER KB 165 -45.67 25.35 -21.16
C SER KB 165 -44.55 25.72 -22.13
N LYS KB 166 -43.66 26.63 -21.75
CA LYS KB 166 -42.64 27.16 -22.66
C LYS KB 166 -41.47 26.19 -22.80
N LYS KB 167 -41.80 24.96 -23.21
CA LYS KB 167 -40.81 23.91 -23.46
C LYS KB 167 -40.92 23.45 -24.91
N VAL KB 168 -39.83 22.90 -25.41
CA VAL KB 168 -39.76 22.44 -26.81
C VAL KB 168 -40.20 20.99 -26.87
N GLN KB 169 -41.05 20.68 -27.84
CA GLN KB 169 -41.49 19.31 -28.08
C GLN KB 169 -40.36 18.53 -28.75
N THR KB 170 -39.49 17.93 -27.94
CA THR KB 170 -38.21 17.42 -28.39
C THR KB 170 -38.25 15.97 -28.89
N ALA KB 171 -39.44 15.43 -29.16
CA ALA KB 171 -39.53 14.07 -29.67
C ALA KB 171 -38.79 13.96 -31.00
N VAL KB 172 -37.77 13.09 -31.04
CA VAL KB 172 -36.88 13.04 -32.20
C VAL KB 172 -37.61 12.55 -33.44
N TRP KB 173 -38.55 11.61 -33.28
CA TRP KB 173 -39.23 11.06 -34.46
C TRP KB 173 -40.10 12.10 -35.16
N ASN KB 174 -40.27 13.29 -34.58
CA ASN KB 174 -40.87 14.41 -35.27
C ASN KB 174 -39.90 15.59 -35.42
N ALA KB 175 -38.66 15.43 -34.96
CA ALA KB 175 -37.60 16.42 -35.13
C ALA KB 175 -37.95 17.78 -34.51
N GLY KB 176 -38.93 17.82 -33.62
CA GLY KB 176 -39.35 19.09 -33.07
C GLY KB 176 -39.98 20.02 -34.07
N MET KB 177 -40.36 19.50 -35.24
CA MET KB 177 -40.99 20.30 -36.29
C MET KB 177 -42.30 19.68 -36.77
N GLY KB 178 -42.79 18.64 -36.11
CA GLY KB 178 -44.02 18.01 -36.52
C GLY KB 178 -43.94 17.25 -37.83
N VAL KB 179 -42.73 16.87 -38.25
CA VAL KB 179 -42.52 16.23 -39.53
C VAL KB 179 -42.11 14.78 -39.33
N GLY KB 180 -41.86 14.08 -40.43
CA GLY KB 180 -41.26 12.76 -40.35
C GLY KB 180 -39.75 12.87 -40.29
N VAL KB 181 -39.16 12.42 -39.18
CA VAL KB 181 -37.71 12.52 -39.03
C VAL KB 181 -37.01 11.81 -40.17
N GLY KB 182 -37.62 10.75 -40.70
CA GLY KB 182 -37.08 10.04 -41.84
C GLY KB 182 -37.12 10.79 -43.14
N ASN KB 183 -37.67 12.01 -43.15
CA ASN KB 183 -37.71 12.84 -44.35
C ASN KB 183 -36.77 14.04 -44.24
N LEU KB 184 -35.96 14.11 -43.18
CA LEU KB 184 -34.99 15.20 -43.05
C LEU KB 184 -33.91 15.17 -44.12
N THR KB 185 -33.82 14.10 -44.91
CA THR KB 185 -32.75 13.98 -45.90
C THR KB 185 -32.82 15.03 -46.99
N ILE KB 186 -33.95 15.73 -47.15
CA ILE KB 186 -34.03 16.75 -48.18
C ILE KB 186 -33.06 17.90 -47.86
N TYR KB 187 -32.93 18.25 -46.59
CA TYR KB 187 -31.94 19.25 -46.22
C TYR KB 187 -30.53 18.71 -46.47
N PRO KB 188 -29.57 19.59 -46.76
CA PRO KB 188 -28.20 19.11 -46.96
C PRO KB 188 -27.70 18.32 -45.76
N HIS KB 189 -27.14 17.15 -46.04
CA HIS KB 189 -26.87 16.19 -44.99
C HIS KB 189 -25.80 15.20 -45.43
N GLN KB 190 -25.21 14.53 -44.46
CA GLN KB 190 -24.40 13.33 -44.67
C GLN KB 190 -24.75 12.32 -43.58
N TRP KB 191 -24.22 11.11 -43.75
CA TRP KB 191 -24.34 10.07 -42.74
C TRP KB 191 -22.95 9.72 -42.24
N ILE KB 192 -22.82 9.62 -40.92
CA ILE KB 192 -21.61 9.08 -40.31
C ILE KB 192 -22.00 7.67 -39.86
N ASN KB 193 -21.78 6.71 -40.75
CA ASN KB 193 -21.87 5.30 -40.39
C ASN KB 193 -20.48 4.86 -39.91
N LEU KB 194 -20.40 4.43 -38.66
CA LEU KB 194 -19.09 4.21 -38.03
C LEU KB 194 -18.22 3.26 -38.84
N ARG KB 195 -18.82 2.22 -39.43
CA ARG KB 195 -18.02 1.23 -40.13
C ARG KB 195 -17.35 1.85 -41.37
N THR KB 196 -18.05 2.74 -42.06
CA THR KB 196 -17.54 3.31 -43.31
C THR KB 196 -17.18 4.78 -43.21
N ASN KB 197 -17.29 5.41 -42.04
CA ASN KB 197 -17.13 6.85 -41.97
C ASN KB 197 -16.48 7.28 -40.68
N ASN KB 198 -15.87 8.45 -40.74
CA ASN KB 198 -15.19 9.11 -39.62
C ASN KB 198 -15.73 10.50 -39.34
N SER KB 199 -16.31 11.15 -40.34
CA SER KB 199 -16.74 12.53 -40.19
C SER KB 199 -17.74 12.87 -41.28
N ALA KB 200 -18.30 14.07 -41.17
CA ALA KB 200 -19.20 14.62 -42.17
C ALA KB 200 -18.85 16.09 -42.33
N THR KB 201 -18.74 16.54 -43.59
CA THR KB 201 -18.41 17.93 -43.90
C THR KB 201 -19.47 18.48 -44.85
N ILE KB 202 -20.10 19.57 -44.44
CA ILE KB 202 -21.13 20.24 -45.22
C ILE KB 202 -20.76 21.71 -45.36
N VAL KB 203 -20.74 22.20 -46.58
CA VAL KB 203 -20.48 23.61 -46.86
C VAL KB 203 -21.81 24.26 -47.18
N MET KB 204 -22.34 25.04 -46.24
CA MET KB 204 -23.66 25.66 -46.38
C MET KB 204 -23.53 27.09 -46.87
N PRO KB 205 -24.29 27.49 -47.88
CA PRO KB 205 -24.34 28.90 -48.28
C PRO KB 205 -25.37 29.66 -47.47
N TYR KB 206 -25.38 30.98 -47.66
CA TYR KB 206 -26.36 31.82 -46.99
C TYR KB 206 -27.74 31.58 -47.59
N ILE KB 207 -28.66 31.05 -46.78
CA ILE KB 207 -30.04 30.79 -47.20
C ILE KB 207 -30.93 31.68 -46.36
N ASN KB 208 -31.57 32.66 -47.00
CA ASN KB 208 -32.51 33.53 -46.30
C ASN KB 208 -33.29 34.33 -47.34
N SER KB 209 -34.41 34.88 -46.91
CA SER KB 209 -35.27 35.65 -47.81
C SER KB 209 -34.78 37.08 -48.03
N VAL KB 210 -33.91 37.58 -47.16
CA VAL KB 210 -33.40 38.95 -47.29
C VAL KB 210 -31.90 38.91 -47.55
N PRO KB 211 -31.32 39.93 -48.17
CA PRO KB 211 -29.87 39.91 -48.41
C PRO KB 211 -29.05 39.90 -47.13
N MET KB 212 -29.53 40.56 -46.08
CA MET KB 212 -28.84 40.57 -44.80
C MET KB 212 -29.87 40.59 -43.69
N ASP KB 213 -29.50 40.06 -42.53
CA ASP KB 213 -30.40 39.97 -41.39
C ASP KB 213 -29.59 40.16 -40.12
N ASN KB 214 -30.30 40.45 -39.03
CA ASN KB 214 -29.68 40.54 -37.72
C ASN KB 214 -29.40 39.14 -37.17
N MET KB 215 -28.23 38.98 -36.54
CA MET KB 215 -27.74 37.66 -36.19
C MET KB 215 -28.22 37.17 -34.82
N PHE KB 216 -28.82 38.05 -34.01
CA PHE KB 216 -29.35 37.63 -32.72
C PHE KB 216 -30.84 37.30 -32.76
N ARG KB 217 -31.61 38.01 -33.57
CA ARG KB 217 -33.06 37.78 -33.63
C ARG KB 217 -33.42 36.57 -34.48
N HIS KB 218 -32.51 36.09 -35.33
CA HIS KB 218 -32.84 35.09 -36.33
C HIS KB 218 -31.71 34.08 -36.45
N ASN KB 219 -32.02 32.81 -36.18
CA ASN KB 219 -31.07 31.71 -36.35
C ASN KB 219 -31.35 31.08 -37.72
N ASN KB 220 -30.59 31.53 -38.73
CA ASN KB 220 -30.89 31.16 -40.10
C ASN KB 220 -30.82 29.65 -40.34
N LEU KB 221 -30.05 28.94 -39.54
CA LEU KB 221 -29.85 27.51 -39.74
C LEU KB 221 -29.82 26.81 -38.40
N THR KB 222 -30.06 25.50 -38.43
CA THR KB 222 -30.03 24.66 -37.22
C THR KB 222 -29.37 23.34 -37.60
N LEU KB 223 -28.21 23.08 -37.04
CA LEU KB 223 -27.53 21.82 -37.25
C LEU KB 223 -28.14 20.76 -36.35
N MET KB 224 -28.39 19.58 -36.92
CA MET KB 224 -29.00 18.47 -36.19
C MET KB 224 -28.19 17.21 -36.42
N ILE KB 225 -27.84 16.53 -35.32
CA ILE KB 225 -27.15 15.25 -35.35
C ILE KB 225 -28.05 14.25 -34.65
N ILE KB 226 -28.66 13.35 -35.42
CA ILE KB 226 -29.64 12.40 -34.90
C ILE KB 226 -29.15 10.98 -35.17
N PRO KB 227 -28.84 10.19 -34.13
CA PRO KB 227 -28.45 8.79 -34.38
C PRO KB 227 -29.65 7.97 -34.84
N PHE KB 228 -29.58 7.47 -36.08
CA PHE KB 228 -30.66 6.64 -36.58
C PHE KB 228 -30.47 5.18 -36.18
N VAL KB 229 -29.24 4.71 -36.12
CA VAL KB 229 -28.90 3.41 -35.57
C VAL KB 229 -28.03 3.66 -34.34
N PRO KB 230 -28.46 3.25 -33.14
CA PRO KB 230 -27.77 3.71 -31.93
C PRO KB 230 -26.39 3.09 -31.78
N LEU KB 231 -25.55 3.77 -31.02
CA LEU KB 231 -24.24 3.24 -30.70
C LEU KB 231 -24.37 1.92 -29.94
N ASN KB 232 -23.55 0.95 -30.30
CA ASN KB 232 -23.52 -0.33 -29.59
C ASN KB 232 -22.13 -0.93 -29.72
N TYR KB 233 -21.81 -1.82 -28.78
CA TYR KB 233 -20.49 -2.41 -28.67
C TYR KB 233 -20.54 -3.46 -27.58
N SER KB 234 -19.64 -4.43 -27.65
CA SER KB 234 -19.55 -5.44 -26.61
C SER KB 234 -18.86 -4.87 -25.38
N GLU KB 235 -19.02 -5.57 -24.26
CA GLU KB 235 -18.39 -5.16 -23.01
C GLU KB 235 -16.89 -5.06 -23.19
N GLY KB 236 -16.31 -3.95 -22.73
CA GLY KB 236 -14.89 -3.71 -22.88
C GLY KB 236 -14.60 -2.56 -23.82
N SER KB 237 -15.35 -2.48 -24.91
CA SER KB 237 -15.19 -1.37 -25.85
C SER KB 237 -15.55 -0.06 -25.16
N SER KB 238 -14.79 0.99 -25.48
CA SER KB 238 -14.96 2.25 -24.78
C SER KB 238 -16.40 2.73 -24.92
N PRO KB 239 -17.05 3.14 -23.83
CA PRO KB 239 -18.45 3.59 -23.92
C PRO KB 239 -18.60 5.06 -24.27
N TYR KB 240 -17.50 5.77 -24.43
CA TYR KB 240 -17.47 7.21 -24.65
C TYR KB 240 -17.06 7.43 -26.11
N VAL KB 241 -18.05 7.53 -26.98
CA VAL KB 241 -17.81 7.84 -28.39
C VAL KB 241 -18.11 9.32 -28.60
N PRO KB 242 -17.10 10.17 -28.70
CA PRO KB 242 -17.36 11.61 -28.76
C PRO KB 242 -17.59 12.11 -30.18
N ILE KB 243 -18.45 13.13 -30.26
CA ILE KB 243 -18.71 13.86 -31.49
C ILE KB 243 -18.20 15.28 -31.27
N THR KB 244 -17.29 15.73 -32.11
CA THR KB 244 -16.75 17.08 -32.03
C THR KB 244 -17.17 17.85 -33.26
N VAL KB 245 -17.82 18.98 -33.04
CA VAL KB 245 -18.33 19.84 -34.11
C VAL KB 245 -17.38 21.02 -34.26
N THR KB 246 -16.97 21.29 -35.49
CA THR KB 246 -16.07 22.39 -35.81
C THR KB 246 -16.69 23.18 -36.96
N ILE KB 247 -17.08 24.42 -36.67
CA ILE KB 247 -17.76 25.26 -37.65
C ILE KB 247 -16.84 26.42 -38.00
N ALA KB 248 -16.81 26.78 -39.28
CA ALA KB 248 -15.98 27.88 -39.76
C ALA KB 248 -16.84 28.81 -40.60
N PRO KB 249 -17.04 30.06 -40.18
CA PRO KB 249 -17.75 31.00 -41.05
C PRO KB 249 -17.01 31.22 -42.36
N MET KB 250 -17.78 31.57 -43.39
CA MET KB 250 -17.26 31.77 -44.73
C MET KB 250 -17.97 32.95 -45.37
N CYS KB 251 -17.17 33.88 -45.91
CA CYS KB 251 -17.71 35.04 -46.63
C CYS KB 251 -18.67 35.83 -45.74
N ALA KB 252 -18.20 36.20 -44.56
CA ALA KB 252 -19.00 36.98 -43.62
C ALA KB 252 -18.98 38.46 -44.00
N GLU KB 253 -20.15 39.09 -43.94
CA GLU KB 253 -20.28 40.52 -44.21
C GLU KB 253 -21.24 41.12 -43.18
N TYR KB 254 -20.81 42.22 -42.56
CA TYR KB 254 -21.60 42.91 -41.56
C TYR KB 254 -21.68 44.38 -41.92
N ASN KB 255 -22.91 44.92 -41.93
CA ASN KB 255 -23.12 46.33 -42.26
C ASN KB 255 -23.47 47.14 -41.01
N GLY LB 1 -72.45 48.10 -82.66
CA GLY LB 1 -71.04 47.75 -82.35
C GLY LB 1 -70.55 46.51 -83.08
N LEU LB 2 -69.30 46.15 -82.86
CA LEU LB 2 -68.75 44.95 -83.49
C LEU LB 2 -69.55 43.74 -83.04
N PRO LB 3 -69.99 42.88 -83.97
CA PRO LB 3 -70.86 41.76 -83.56
C PRO LB 3 -70.19 40.84 -82.56
N VAL LB 4 -70.97 40.41 -81.58
CA VAL LB 4 -70.52 39.50 -80.55
C VAL LB 4 -71.64 38.51 -80.24
N MET LB 5 -71.25 37.27 -79.95
CA MET LB 5 -72.16 36.24 -79.49
C MET LB 5 -71.53 35.60 -78.26
N THR LB 6 -72.11 35.82 -77.09
CA THR LB 6 -71.61 35.16 -75.90
C THR LB 6 -71.86 33.67 -76.01
N THR LB 7 -70.80 32.89 -75.95
CA THR LB 7 -70.83 31.45 -76.13
C THR LB 7 -71.03 30.76 -74.78
N PRO LB 8 -71.58 29.53 -74.78
CA PRO LB 8 -71.79 28.85 -73.49
C PRO LB 8 -70.54 28.88 -72.63
N GLY LB 9 -70.75 29.14 -71.34
CA GLY LB 9 -69.67 29.23 -70.38
C GLY LB 9 -69.33 30.64 -69.94
N SER LB 10 -69.93 31.65 -70.55
CA SER LB 10 -69.64 33.02 -70.15
C SER LB 10 -70.10 33.28 -68.71
N THR LB 11 -69.46 34.27 -68.08
CA THR LB 11 -69.78 34.66 -66.70
C THR LB 11 -69.63 33.46 -65.75
N GLN LB 12 -68.58 32.68 -65.95
CA GLN LB 12 -68.37 31.42 -65.26
C GLN LB 12 -67.05 31.45 -64.50
N PHE LB 13 -67.08 30.99 -63.26
CA PHE LB 13 -65.87 30.86 -62.45
C PHE LB 13 -65.55 29.37 -62.33
N LEU LB 14 -64.68 28.90 -63.22
CA LEU LB 14 -64.12 27.55 -63.13
C LEU LB 14 -62.83 27.64 -62.32
N THR LB 15 -62.81 26.95 -61.18
CA THR LB 15 -61.62 26.93 -60.32
C THR LB 15 -60.35 26.80 -61.16
N SER LB 16 -60.34 25.88 -62.11
CA SER LB 16 -59.17 25.62 -62.95
C SER LB 16 -59.20 26.47 -64.22
N ASP LB 17 -59.37 27.78 -64.07
CA ASP LB 17 -59.29 28.71 -65.18
C ASP LB 17 -58.00 29.52 -65.09
N ASP LB 18 -57.63 30.13 -66.21
CA ASP LB 18 -56.39 30.89 -66.32
C ASP LB 18 -56.60 32.24 -66.98
N PHE LB 19 -57.83 32.75 -66.97
CA PHE LB 19 -58.11 34.02 -67.63
C PHE LB 19 -57.35 35.16 -66.97
N GLN LB 20 -57.22 36.26 -67.70
CA GLN LB 20 -56.49 37.40 -67.20
C GLN LB 20 -57.25 38.08 -66.08
N SER LB 21 -56.51 38.69 -65.15
CA SER LB 21 -57.11 39.29 -63.97
C SER LB 21 -56.63 40.73 -63.82
N PRO LB 22 -57.50 41.62 -63.33
CA PRO LB 22 -57.08 43.00 -63.12
C PRO LB 22 -56.24 43.15 -61.87
N SER LB 23 -55.14 43.90 -61.98
CA SER LB 23 -54.29 44.16 -60.83
C SER LB 23 -54.95 45.17 -59.90
N ALA LB 24 -54.87 44.90 -58.60
CA ALA LB 24 -55.48 45.77 -57.61
C ALA LB 24 -54.56 46.90 -57.15
N MET LB 25 -53.24 46.74 -57.34
CA MET LB 25 -52.26 47.77 -56.98
C MET LB 25 -51.32 47.98 -58.16
N PRO LB 26 -51.82 48.54 -59.26
CA PRO LB 26 -50.94 48.83 -60.39
C PRO LB 26 -49.82 49.78 -59.99
N GLN LB 27 -48.68 49.64 -60.66
CA GLN LB 27 -47.52 50.50 -60.48
C GLN LB 27 -46.80 50.25 -59.15
N PHE LB 28 -47.11 49.16 -58.45
CA PHE LB 28 -46.33 48.77 -57.28
C PHE LB 28 -45.05 48.11 -57.75
N ASP LB 29 -43.91 48.74 -57.46
CA ASP LB 29 -42.62 48.19 -57.84
C ASP LB 29 -42.31 47.00 -56.96
N VAL LB 30 -42.49 45.78 -57.51
CA VAL LB 30 -42.16 44.58 -56.75
C VAL LB 30 -40.71 44.62 -56.35
N THR LB 31 -40.41 44.16 -55.14
CA THR LB 31 -39.03 44.06 -54.71
C THR LB 31 -38.30 43.11 -55.66
N PRO LB 32 -37.12 43.49 -56.16
CA PRO LB 32 -36.43 42.63 -57.15
C PRO LB 32 -36.22 41.24 -56.59
N GLU LB 33 -35.72 40.35 -57.47
CA GLU LB 33 -35.49 38.98 -57.10
C GLU LB 33 -34.07 38.77 -56.59
N MET LB 34 -33.88 37.66 -55.88
CA MET LB 34 -32.57 37.27 -55.37
C MET LB 34 -32.31 35.83 -55.81
N GLN LB 35 -31.05 35.52 -56.10
CA GLN LB 35 -30.65 34.17 -56.45
C GLN LB 35 -30.51 33.38 -55.13
N ILE LB 36 -31.66 32.92 -54.63
CA ILE LB 36 -31.70 32.15 -53.40
C ILE LB 36 -31.33 30.71 -53.70
N PRO LB 37 -30.49 30.07 -52.89
CA PRO LB 37 -30.09 28.69 -53.21
C PRO LB 37 -31.27 27.74 -53.17
N GLY LB 38 -31.10 26.62 -53.87
CA GLY LB 38 -32.09 25.56 -53.83
C GLY LB 38 -33.42 25.90 -54.46
N ARG LB 39 -33.40 26.52 -55.64
CA ARG LB 39 -34.63 26.76 -56.37
C ARG LB 39 -35.23 25.43 -56.79
N VAL LB 40 -36.49 25.20 -56.43
CA VAL LB 40 -37.23 24.02 -56.86
C VAL LB 40 -38.07 24.38 -58.07
N ASN LB 41 -38.03 23.54 -59.09
CA ASN LB 41 -38.87 23.72 -60.27
C ASN LB 41 -39.84 22.58 -60.49
N ASN LB 42 -39.57 21.39 -59.97
CA ASN LB 42 -40.46 20.25 -60.14
C ASN LB 42 -40.46 19.44 -58.85
N LEU LB 43 -41.58 18.76 -58.59
CA LEU LB 43 -41.70 17.92 -57.41
C LEU LB 43 -40.97 16.59 -57.55
N MET LB 44 -40.66 16.18 -58.78
CA MET LB 44 -39.82 15.00 -58.95
C MET LB 44 -38.42 15.26 -58.41
N GLU LB 45 -37.98 16.52 -58.40
CA GLU LB 45 -36.72 16.86 -57.75
C GLU LB 45 -36.72 16.40 -56.30
N ILE LB 46 -37.87 16.49 -55.63
CA ILE LB 46 -37.98 16.02 -54.26
C ILE LB 46 -38.14 14.51 -54.22
N ALA LB 47 -38.99 13.97 -55.09
CA ALA LB 47 -39.25 12.53 -55.09
C ALA LB 47 -38.00 11.70 -55.36
N GLU LB 48 -36.99 12.27 -56.00
CA GLU LB 48 -35.77 11.53 -56.29
C GLU LB 48 -34.79 11.50 -55.12
N VAL LB 49 -35.11 12.13 -53.99
CA VAL LB 49 -34.18 12.22 -52.88
C VAL LB 49 -34.41 11.05 -51.94
N ASP LB 50 -33.33 10.36 -51.58
CA ASP LB 50 -33.42 9.23 -50.68
C ASP LB 50 -33.96 9.67 -49.31
N SER LB 51 -34.93 8.91 -48.81
CA SER LB 51 -35.50 9.17 -47.49
C SER LB 51 -35.65 7.85 -46.74
N VAL LB 52 -35.43 7.90 -45.43
CA VAL LB 52 -35.45 6.69 -44.62
C VAL LB 52 -36.86 6.08 -44.66
N VAL LB 53 -36.91 4.76 -44.74
CA VAL LB 53 -38.16 4.02 -44.85
C VAL LB 53 -38.49 3.41 -43.49
N PRO LB 54 -39.66 3.65 -42.93
CA PRO LB 54 -40.02 2.96 -41.67
C PRO LB 54 -40.49 1.53 -41.94
N VAL LB 55 -39.53 0.66 -42.26
CA VAL LB 55 -39.85 -0.74 -42.54
C VAL LB 55 -40.35 -1.44 -41.29
N ASN LB 56 -39.92 -1.00 -40.11
CA ASN LB 56 -40.35 -1.59 -38.85
C ASN LB 56 -41.62 -0.88 -38.38
N ASN LB 57 -42.70 -1.12 -39.12
CA ASN LB 57 -44.00 -0.54 -38.81
C ASN LB 57 -44.62 -1.18 -37.58
N THR LB 58 -43.85 -1.26 -36.49
CA THR LB 58 -44.29 -1.96 -35.31
C THR LB 58 -45.19 -1.07 -34.47
N GLU LB 59 -46.29 -1.64 -33.99
CA GLU LB 59 -47.21 -0.95 -33.10
C GLU LB 59 -46.50 -0.01 -32.14
N ALA LB 60 -45.44 -0.49 -31.49
CA ALA LB 60 -44.74 0.29 -30.49
C ALA LB 60 -43.59 1.11 -31.06
N ASN LB 61 -42.93 0.64 -32.12
CA ASN LB 61 -41.78 1.37 -32.66
C ASN LB 61 -42.18 2.57 -33.52
N VAL LB 62 -43.43 2.58 -34.03
CA VAL LB 62 -43.83 3.63 -34.97
C VAL LB 62 -43.62 5.02 -34.36
N ASN LB 63 -43.77 5.16 -33.04
CA ASN LB 63 -43.56 6.43 -32.36
C ASN LB 63 -42.12 6.63 -31.92
N SER LB 64 -41.16 6.08 -32.67
CA SER LB 64 -39.75 6.19 -32.34
C SER LB 64 -38.94 5.87 -33.59
N LEU LB 65 -37.64 6.16 -33.51
CA LEU LB 65 -36.75 5.85 -34.63
C LEU LB 65 -36.56 4.35 -34.81
N LYS LB 66 -36.99 3.53 -33.84
CA LYS LB 66 -36.92 2.09 -34.03
C LYS LB 66 -37.72 1.64 -35.24
N ALA LB 67 -38.67 2.46 -35.70
CA ALA LB 67 -39.43 2.13 -36.91
C ALA LB 67 -38.52 2.05 -38.13
N TYR LB 68 -37.50 2.92 -38.20
CA TYR LB 68 -36.59 2.95 -39.34
C TYR LB 68 -35.49 1.90 -39.26
N GLN LB 69 -35.37 1.19 -38.13
CA GLN LB 69 -34.29 0.24 -37.91
C GLN LB 69 -34.77 -1.16 -38.27
N ILE LB 70 -34.05 -1.82 -39.17
CA ILE LB 70 -34.30 -3.21 -39.52
C ILE LB 70 -33.37 -4.07 -38.68
N PRO LB 71 -33.87 -4.78 -37.68
CA PRO LB 71 -32.98 -5.61 -36.84
C PRO LB 71 -32.48 -6.83 -37.60
N VAL LB 72 -31.19 -7.09 -37.52
CA VAL LB 72 -30.59 -8.34 -37.99
C VAL LB 72 -29.78 -8.91 -36.85
N GLN LB 73 -29.77 -10.24 -36.76
CA GLN LB 73 -29.08 -10.90 -35.66
C GLN LB 73 -28.51 -12.21 -36.18
N SER LB 74 -27.50 -12.72 -35.47
CA SER LB 74 -26.94 -14.00 -35.82
C SER LB 74 -27.99 -15.08 -35.63
N ASN LB 75 -28.47 -15.65 -36.74
CA ASN LB 75 -29.50 -16.67 -36.72
C ASN LB 75 -28.91 -18.01 -36.28
N SER LB 76 -29.75 -18.84 -35.67
CA SER LB 76 -29.30 -20.18 -35.31
C SER LB 76 -29.19 -21.08 -36.54
N ASP LB 77 -29.94 -20.77 -37.59
CA ASP LB 77 -29.85 -21.47 -38.86
C ASP LB 77 -29.54 -20.47 -39.97
N ASN LB 78 -29.80 -20.83 -41.22
CA ASN LB 78 -29.57 -19.94 -42.36
C ASN LB 78 -30.79 -19.98 -43.25
N GLY LB 79 -31.38 -18.81 -43.51
CA GLY LB 79 -32.56 -18.72 -44.35
C GLY LB 79 -33.81 -18.34 -43.57
N LYS LB 80 -33.69 -17.34 -42.71
CA LYS LB 80 -34.82 -16.77 -42.00
C LYS LB 80 -35.09 -15.38 -42.56
N GLN LB 81 -36.30 -15.16 -43.06
CA GLN LB 81 -36.64 -13.88 -43.68
C GLN LB 81 -36.25 -12.72 -42.79
N VAL LB 82 -35.61 -11.71 -43.37
CA VAL LB 82 -35.21 -10.52 -42.62
C VAL LB 82 -36.32 -9.48 -42.63
N PHE LB 83 -36.92 -9.22 -43.79
CA PHE LB 83 -38.04 -8.28 -43.88
C PHE LB 83 -38.74 -8.47 -45.22
N GLY LB 84 -39.93 -7.88 -45.32
CA GLY LB 84 -40.69 -7.89 -46.55
C GLY LB 84 -41.77 -6.82 -46.62
N PHE LB 85 -41.73 -5.98 -47.66
CA PHE LB 85 -42.75 -4.97 -47.88
C PHE LB 85 -43.23 -5.00 -49.32
N PRO LB 86 -44.48 -4.63 -49.57
CA PRO LB 86 -44.98 -4.61 -50.95
C PRO LB 86 -44.51 -3.38 -51.72
N LEU LB 87 -44.72 -3.42 -53.03
CA LEU LB 87 -44.36 -2.33 -53.95
C LEU LB 87 -45.53 -1.36 -54.13
N GLN LB 88 -46.12 -0.90 -53.03
CA GLN LB 88 -47.15 0.12 -53.11
C GLN LB 88 -46.58 1.43 -52.59
N PRO LB 89 -45.80 2.16 -53.39
CA PRO LB 89 -45.15 3.37 -52.87
C PRO LB 89 -46.12 4.39 -52.32
N GLY LB 90 -47.34 4.45 -52.84
CA GLY LB 90 -48.28 5.48 -52.42
C GLY LB 90 -49.40 4.97 -51.52
N ALA LB 91 -49.52 3.66 -51.39
CA ALA LB 91 -50.61 3.05 -50.63
C ALA LB 91 -50.16 2.42 -49.33
N ASN LB 92 -49.16 1.54 -49.37
CA ASN LB 92 -48.75 0.82 -48.17
C ASN LB 92 -48.13 1.76 -47.14
N GLY LB 93 -48.31 1.41 -45.86
CA GLY LB 93 -47.80 2.24 -44.78
C GLY LB 93 -46.29 2.28 -44.69
N VAL LB 94 -45.60 1.32 -45.31
CA VAL LB 94 -44.14 1.32 -45.26
C VAL LB 94 -43.58 2.52 -46.01
N LEU LB 95 -44.22 2.90 -47.12
CA LEU LB 95 -43.70 3.94 -47.99
C LEU LB 95 -44.59 5.16 -48.12
N ASN LB 96 -45.87 5.08 -47.72
CA ASN LB 96 -46.80 6.16 -47.98
C ASN LB 96 -46.33 7.49 -47.41
N ARG LB 97 -45.57 7.46 -46.31
CA ARG LB 97 -45.09 8.68 -45.68
C ARG LB 97 -43.63 8.97 -46.00
N THR LB 98 -42.99 8.15 -46.84
CA THR LB 98 -41.69 8.50 -47.35
C THR LB 98 -41.78 9.85 -48.06
N LEU LB 99 -40.62 10.40 -48.39
CA LEU LB 99 -40.60 11.56 -49.29
C LEU LB 99 -41.34 11.23 -50.59
N LEU LB 100 -40.94 10.13 -51.23
CA LEU LB 100 -41.59 9.68 -52.45
C LEU LB 100 -43.09 9.46 -52.25
N GLY LB 101 -43.45 8.77 -51.17
CA GLY LB 101 -44.85 8.44 -50.96
C GLY LB 101 -45.71 9.65 -50.69
N GLU LB 102 -45.18 10.61 -49.93
CA GLU LB 102 -45.91 11.85 -49.70
C GLU LB 102 -46.21 12.55 -51.00
N ILE LB 103 -45.21 12.63 -51.90
CA ILE LB 103 -45.48 13.29 -53.18
C ILE LB 103 -46.45 12.47 -54.02
N LEU LB 104 -46.30 11.15 -54.03
CA LEU LB 104 -47.22 10.31 -54.80
C LEU LB 104 -48.65 10.46 -54.32
N ASN LB 105 -48.85 10.72 -53.03
CA ASN LB 105 -50.20 10.86 -52.51
C ASN LB 105 -50.87 12.15 -52.92
N TYR LB 106 -50.15 13.07 -53.57
CA TYR LB 106 -50.75 14.26 -54.14
C TYR LB 106 -51.19 14.06 -55.60
N TYR LB 107 -50.98 12.87 -56.16
CA TYR LB 107 -51.33 12.57 -57.54
C TYR LB 107 -52.07 11.25 -57.60
N THR LB 108 -52.79 11.03 -58.70
CA THR LB 108 -53.59 9.82 -58.89
C THR LB 108 -52.86 8.76 -59.69
N HIS LB 109 -52.06 9.15 -60.68
CA HIS LB 109 -51.33 8.21 -61.52
C HIS LB 109 -49.83 8.36 -61.27
N TRP LB 110 -49.11 7.25 -61.39
CA TRP LB 110 -47.65 7.25 -61.21
C TRP LB 110 -47.03 6.24 -62.15
N SER LB 111 -45.75 6.44 -62.45
CA SER LB 111 -45.02 5.53 -63.32
C SER LB 111 -43.52 5.74 -63.10
N GLY LB 112 -42.78 4.66 -63.00
CA GLY LB 112 -41.33 4.74 -62.92
C GLY LB 112 -40.76 3.66 -62.04
N SER LB 113 -39.42 3.62 -62.00
CA SER LB 113 -38.66 2.68 -61.20
C SER LB 113 -38.30 3.30 -59.86
N ILE LB 114 -37.82 2.46 -58.93
CA ILE LB 114 -37.59 2.89 -57.56
C ILE LB 114 -36.23 2.42 -57.06
N LYS LB 115 -35.47 3.32 -56.42
CA LYS LB 115 -34.20 2.98 -55.80
C LYS LB 115 -34.42 2.68 -54.32
N LEU LB 116 -34.07 1.47 -53.90
CA LEU LB 116 -34.07 1.06 -52.50
C LEU LB 116 -32.61 0.90 -52.09
N THR LB 117 -32.10 1.85 -51.33
CA THR LB 117 -30.73 1.79 -50.83
C THR LB 117 -30.72 1.17 -49.44
N PHE LB 118 -29.93 0.13 -49.23
CA PHE LB 118 -29.83 -0.56 -47.96
C PHE LB 118 -28.44 -0.38 -47.39
N MET LB 119 -28.35 0.13 -46.16
CA MET LB 119 -27.08 0.41 -45.49
C MET LB 119 -26.98 -0.43 -44.22
N PHE LB 120 -25.88 -1.16 -44.07
CA PHE LB 120 -25.66 -1.98 -42.89
C PHE LB 120 -24.92 -1.17 -41.83
N CYS LB 121 -25.57 -0.93 -40.69
CA CYS LB 121 -25.01 -0.09 -39.64
C CYS LB 121 -24.49 -0.90 -38.46
N GLY LB 122 -23.98 -2.10 -38.71
CA GLY LB 122 -23.38 -2.91 -37.68
C GLY LB 122 -21.91 -2.60 -37.51
N SER LB 123 -21.22 -3.52 -36.83
CA SER LB 123 -19.80 -3.37 -36.57
C SER LB 123 -18.98 -3.49 -37.86
N ALA LB 124 -17.89 -2.74 -37.93
CA ALA LB 124 -16.99 -2.86 -39.07
C ALA LB 124 -16.38 -4.25 -39.16
N MET LB 125 -16.40 -5.01 -38.07
CA MET LB 125 -15.85 -6.35 -38.05
C MET LB 125 -16.88 -7.41 -38.41
N ALA LB 126 -18.15 -7.05 -38.48
CA ALA LB 126 -19.19 -8.02 -38.81
C ALA LB 126 -19.13 -8.37 -40.29
N THR LB 127 -19.53 -9.60 -40.61
CA THR LB 127 -19.60 -10.05 -41.99
C THR LB 127 -20.82 -10.96 -42.17
N GLY LB 128 -21.20 -11.16 -43.42
CA GLY LB 128 -22.35 -11.98 -43.75
C GLY LB 128 -22.82 -11.68 -45.15
N LYS LB 129 -23.88 -12.41 -45.55
CA LYS LB 129 -24.46 -12.23 -46.87
C LYS LB 129 -25.98 -12.36 -46.82
N PHE LB 130 -26.65 -11.47 -47.55
CA PHE LB 130 -28.10 -11.40 -47.59
C PHE LB 130 -28.61 -11.55 -49.01
N LEU LB 131 -29.87 -11.99 -49.12
CA LEU LB 131 -30.57 -12.10 -50.39
C LEU LB 131 -31.64 -11.02 -50.43
N LEU LB 132 -31.43 -10.02 -51.30
CA LEU LB 132 -32.43 -8.99 -51.55
C LEU LB 132 -33.14 -9.34 -52.85
N ALA LB 133 -34.45 -9.58 -52.78
CA ALA LB 133 -35.20 -10.06 -53.93
C ALA LB 133 -36.47 -9.25 -54.15
N TYR LB 134 -36.75 -8.94 -55.42
CA TYR LB 134 -38.01 -8.31 -55.83
C TYR LB 134 -38.81 -9.32 -56.64
N SER LB 135 -39.99 -9.66 -56.14
CA SER LB 135 -40.91 -10.56 -56.83
C SER LB 135 -41.97 -9.71 -57.51
N PRO LB 136 -41.98 -9.61 -58.84
CA PRO LB 136 -43.05 -8.87 -59.52
C PRO LB 136 -44.42 -9.39 -59.14
N PRO LB 137 -45.48 -8.66 -59.45
CA PRO LB 137 -46.82 -9.09 -59.06
C PRO LB 137 -47.22 -10.36 -59.81
N GLY LB 138 -48.16 -11.09 -59.20
CA GLY LB 138 -48.63 -12.33 -59.76
C GLY LB 138 -48.10 -13.53 -59.01
N ALA LB 139 -46.82 -13.50 -58.67
CA ALA LB 139 -46.19 -14.52 -57.84
C ALA LB 139 -46.12 -14.02 -56.41
N GLY LB 140 -46.63 -14.82 -55.48
CA GLY LB 140 -46.62 -14.45 -54.08
C GLY LB 140 -45.22 -14.17 -53.56
N VAL LB 141 -45.12 -13.85 -52.29
CA VAL LB 141 -43.80 -13.66 -51.66
C VAL LB 141 -43.08 -15.01 -51.63
N PRO LB 142 -41.81 -15.09 -52.02
CA PRO LB 142 -41.10 -16.37 -51.94
C PRO LB 142 -41.10 -16.91 -50.52
N LYS LB 143 -41.43 -18.20 -50.38
CA LYS LB 143 -41.49 -18.81 -49.06
C LYS LB 143 -40.17 -19.45 -48.65
N ASN LB 144 -39.34 -19.83 -49.62
CA ASN LB 144 -38.06 -20.47 -49.36
C ASN LB 144 -36.91 -19.60 -49.85
N ARG LB 145 -35.76 -19.76 -49.20
CA ARG LB 145 -34.56 -19.09 -49.67
C ARG LB 145 -34.23 -19.50 -51.11
N LYS LB 146 -34.48 -20.76 -51.46
CA LYS LB 146 -34.28 -21.20 -52.85
C LYS LB 146 -35.29 -20.53 -53.79
N ASP LB 147 -36.54 -20.40 -53.35
CA ASP LB 147 -37.54 -19.71 -54.15
C ASP LB 147 -37.10 -18.29 -54.45
N ALA LB 148 -36.62 -17.58 -53.43
CA ALA LB 148 -36.08 -16.24 -53.68
C ALA LB 148 -34.81 -16.29 -54.52
N MET LB 149 -34.06 -17.38 -54.41
CA MET LB 149 -32.81 -17.52 -55.13
C MET LB 149 -33.03 -17.57 -56.64
N LEU LB 150 -34.08 -18.25 -57.08
CA LEU LB 150 -34.24 -18.39 -58.52
C LEU LB 150 -34.77 -17.14 -59.21
N GLY LB 151 -35.30 -16.16 -58.46
CA GLY LB 151 -35.81 -14.95 -59.04
C GLY LB 151 -34.78 -13.83 -59.03
N THR LB 152 -35.14 -12.72 -59.66
CA THR LB 152 -34.27 -11.55 -59.65
C THR LB 152 -33.90 -11.22 -58.21
N HIS LB 153 -32.61 -11.36 -57.89
CA HIS LB 153 -32.12 -11.18 -56.53
C HIS LB 153 -30.69 -10.67 -56.57
N VAL LB 154 -30.21 -10.26 -55.40
CA VAL LB 154 -28.85 -9.77 -55.23
C VAL LB 154 -28.29 -10.35 -53.94
N ILE LB 155 -27.06 -10.84 -54.01
CA ILE LB 155 -26.31 -11.27 -52.82
C ILE LB 155 -25.54 -10.08 -52.30
N TRP LB 156 -25.89 -9.63 -51.12
CA TRP LB 156 -25.30 -8.45 -50.51
C TRP LB 156 -24.29 -8.94 -49.47
N ASP LB 157 -23.01 -8.80 -49.79
CA ASP LB 157 -21.93 -9.14 -48.87
C ASP LB 157 -21.61 -7.94 -48.02
N VAL LB 158 -21.75 -8.10 -46.69
CA VAL LB 158 -21.55 -6.99 -45.77
C VAL LB 158 -20.08 -6.88 -45.41
N GLY LB 159 -19.22 -7.55 -46.18
CA GLY LB 159 -17.79 -7.50 -45.92
C GLY LB 159 -17.15 -6.22 -46.42
N LEU LB 160 -17.42 -5.86 -47.67
CA LEU LB 160 -16.94 -4.61 -48.25
C LEU LB 160 -18.08 -3.67 -48.59
N GLN LB 161 -19.10 -4.15 -49.29
CA GLN LB 161 -20.20 -3.31 -49.76
C GLN LB 161 -21.14 -3.05 -48.58
N SER LB 162 -20.82 -2.01 -47.81
CA SER LB 162 -21.65 -1.63 -46.67
C SER LB 162 -23.07 -1.28 -47.10
N SER LB 163 -23.22 -0.72 -48.30
CA SER LB 163 -24.53 -0.34 -48.82
C SER LB 163 -24.73 -0.93 -50.21
N CYS LB 164 -25.97 -1.31 -50.48
CA CYS LB 164 -26.35 -1.91 -51.76
C CYS LB 164 -27.69 -1.33 -52.19
N VAL LB 165 -27.77 -0.86 -53.43
CA VAL LB 165 -28.97 -0.23 -53.97
C VAL LB 165 -29.62 -1.18 -54.96
N LEU LB 166 -30.89 -1.52 -54.71
CA LEU LB 166 -31.69 -2.35 -55.58
C LEU LB 166 -32.65 -1.45 -56.36
N CYS LB 167 -32.62 -1.56 -57.68
CA CYS LB 167 -33.41 -0.72 -58.57
C CYS LB 167 -34.61 -1.53 -59.06
N VAL LB 168 -35.75 -1.35 -58.39
CA VAL LB 168 -36.98 -2.06 -58.75
C VAL LB 168 -37.51 -1.50 -60.07
N PRO LB 169 -37.70 -2.34 -61.08
CA PRO LB 169 -38.18 -1.86 -62.38
C PRO LB 169 -39.69 -1.66 -62.41
N TRP LB 170 -40.12 -0.96 -63.45
CA TRP LB 170 -41.54 -0.69 -63.71
C TRP LB 170 -42.08 -1.78 -64.63
N ILE LB 171 -42.79 -2.74 -64.05
CA ILE LB 171 -43.41 -3.83 -64.80
C ILE LB 171 -44.91 -3.67 -64.62
N SER LB 172 -45.56 -3.02 -65.58
CA SER LB 172 -46.98 -2.68 -65.47
C SER LB 172 -47.67 -2.85 -66.81
N GLN LB 173 -48.97 -3.16 -66.74
CA GLN LB 173 -49.76 -3.36 -67.95
C GLN LB 173 -49.95 -2.05 -68.71
N THR LB 174 -50.14 -0.95 -68.01
CA THR LB 174 -50.48 0.33 -68.60
C THR LB 174 -49.30 1.30 -68.52
N HIS LB 175 -49.46 2.45 -69.19
CA HIS LB 175 -48.45 3.50 -69.12
C HIS LB 175 -48.33 4.07 -67.72
N TYR LB 176 -49.42 4.05 -66.95
CA TYR LB 176 -49.45 4.59 -65.60
C TYR LB 176 -50.12 3.58 -64.67
N ARG LB 177 -49.97 3.83 -63.37
CA ARG LB 177 -50.62 3.05 -62.34
C ARG LB 177 -51.26 3.98 -61.32
N TYR LB 178 -52.33 3.52 -60.69
CA TYR LB 178 -52.96 4.29 -59.62
C TYR LB 178 -52.09 4.30 -58.38
N VAL LB 179 -52.04 5.46 -57.72
CA VAL LB 179 -51.38 5.54 -56.43
C VAL LB 179 -52.07 4.61 -55.43
N VAL LB 180 -53.39 4.47 -55.54
CA VAL LB 180 -54.16 3.53 -54.74
C VAL LB 180 -54.15 2.18 -55.43
N GLU LB 181 -54.27 1.11 -54.65
CA GLU LB 181 -54.12 -0.24 -55.21
C GLU LB 181 -55.40 -0.72 -55.89
N ASP LB 182 -56.44 -1.00 -55.11
CA ASP LB 182 -57.62 -1.78 -55.49
C ASP LB 182 -57.39 -3.23 -55.05
N GLU LB 183 -58.30 -4.13 -55.38
CA GLU LB 183 -58.22 -5.52 -54.95
C GLU LB 183 -57.77 -6.42 -56.09
N TYR LB 184 -56.87 -7.37 -55.77
CA TYR LB 184 -56.23 -8.30 -56.67
C TYR LB 184 -55.01 -7.69 -57.35
N THR LB 185 -54.74 -6.41 -57.15
CA THR LB 185 -53.53 -5.75 -57.64
C THR LB 185 -52.51 -5.72 -56.51
N ALA LB 186 -51.37 -6.38 -56.71
CA ALA LB 186 -50.34 -6.49 -55.69
C ALA LB 186 -49.12 -5.63 -55.99
N ALA LB 187 -48.77 -5.47 -57.27
CA ALA LB 187 -47.66 -4.61 -57.72
C ALA LB 187 -46.29 -5.23 -57.44
N GLY LB 188 -46.21 -6.19 -56.53
CA GLY LB 188 -44.98 -6.89 -56.25
C GLY LB 188 -44.68 -6.94 -54.76
N TYR LB 189 -43.54 -7.56 -54.45
CA TYR LB 189 -43.06 -7.67 -53.08
C TYR LB 189 -41.53 -7.60 -53.06
N ILE LB 190 -40.99 -6.98 -52.02
CA ILE LB 190 -39.54 -6.85 -51.82
C ILE LB 190 -39.21 -7.54 -50.51
N THR LB 191 -38.36 -8.56 -50.57
CA THR LB 191 -38.05 -9.39 -49.42
C THR LB 191 -36.54 -9.54 -49.25
N CYS LB 192 -36.14 -9.87 -48.01
CA CYS LB 192 -34.73 -10.06 -47.67
C CYS LB 192 -34.56 -11.33 -46.83
N TRP LB 193 -33.46 -12.05 -47.07
CA TRP LB 193 -33.22 -13.32 -46.41
C TRP LB 193 -31.75 -13.42 -46.00
N TYR LB 194 -31.49 -14.31 -45.03
CA TYR LB 194 -30.12 -14.66 -44.65
C TYR LB 194 -29.60 -15.73 -45.61
N GLN LB 195 -28.53 -15.43 -46.35
CA GLN LB 195 -27.84 -16.48 -47.11
C GLN LB 195 -26.66 -17.04 -46.35
N THR LB 196 -25.91 -16.17 -45.69
CA THR LB 196 -24.74 -16.54 -44.92
C THR LB 196 -24.86 -15.88 -43.56
N ASN LB 197 -24.93 -16.69 -42.51
CA ASN LB 197 -25.21 -16.19 -41.17
C ASN LB 197 -24.21 -15.13 -40.76
N ILE LB 198 -24.71 -14.09 -40.10
CA ILE LB 198 -23.90 -12.97 -39.65
C ILE LB 198 -22.75 -13.46 -38.77
N VAL LB 199 -21.52 -13.31 -39.25
CA VAL LB 199 -20.32 -13.72 -38.53
C VAL LB 199 -19.72 -12.50 -37.84
N VAL LB 200 -19.37 -12.66 -36.57
CA VAL LB 200 -18.79 -11.58 -35.78
C VAL LB 200 -17.57 -12.10 -35.04
N PRO LB 201 -16.54 -11.28 -34.79
CA PRO LB 201 -15.43 -11.72 -33.93
C PRO LB 201 -15.75 -11.56 -32.46
N ALA LB 202 -14.77 -11.80 -31.61
CA ALA LB 202 -14.98 -11.68 -30.17
C ALA LB 202 -15.07 -10.21 -29.77
N ASP LB 203 -15.88 -9.95 -28.75
CA ASP LB 203 -15.97 -8.63 -28.12
C ASP LB 203 -16.48 -7.57 -29.10
N VAL LB 204 -17.41 -7.94 -29.96
CA VAL LB 204 -18.18 -6.96 -30.72
C VAL LB 204 -19.57 -7.55 -30.99
N GLN LB 205 -20.56 -6.67 -31.07
CA GLN LB 205 -21.95 -7.09 -31.01
C GLN LB 205 -22.33 -7.92 -32.23
N SER LB 206 -23.12 -8.98 -31.98
CA SER LB 206 -23.58 -9.87 -33.04
C SER LB 206 -24.92 -9.45 -33.62
N SER LB 207 -25.65 -8.56 -32.96
CA SER LB 207 -26.93 -8.06 -33.44
C SER LB 207 -26.75 -6.62 -33.93
N CYS LB 208 -27.11 -6.39 -35.18
CA CYS LB 208 -26.89 -5.12 -35.84
C CYS LB 208 -28.20 -4.63 -36.45
N ASP LB 209 -28.15 -3.47 -37.11
CA ASP LB 209 -29.31 -2.89 -37.75
C ASP LB 209 -28.98 -2.54 -39.20
N ILE LB 210 -30.05 -2.40 -39.98
CA ILE LB 210 -29.96 -1.96 -41.36
C ILE LB 210 -30.92 -0.79 -41.55
N LEU LB 211 -30.52 0.18 -42.35
CA LEU LB 211 -31.36 1.31 -42.70
C LEU LB 211 -31.74 1.21 -44.17
N CYS LB 212 -33.00 1.53 -44.46
CA CYS LB 212 -33.53 1.48 -45.82
C CYS LB 212 -33.87 2.89 -46.28
N PHE LB 213 -33.57 3.18 -47.54
CA PHE LB 213 -33.84 4.47 -48.15
C PHE LB 213 -34.62 4.25 -49.43
N VAL LB 214 -35.61 5.11 -49.67
CA VAL LB 214 -36.41 5.09 -50.88
C VAL LB 214 -36.14 6.38 -51.65
N SER LB 215 -35.95 6.24 -52.96
CA SER LB 215 -35.92 7.38 -53.87
C SER LB 215 -36.50 6.95 -55.20
N ALA LB 216 -36.77 7.93 -56.06
CA ALA LB 216 -37.25 7.65 -57.40
C ALA LB 216 -36.07 7.53 -58.36
N CYS LB 217 -36.23 6.70 -59.38
CA CYS LB 217 -35.18 6.49 -60.35
C CYS LB 217 -35.19 7.60 -61.40
N ASN LB 218 -34.30 7.48 -62.38
CA ASN LB 218 -34.20 8.49 -63.42
C ASN LB 218 -35.45 8.56 -64.30
N ASP LB 219 -36.30 7.55 -64.25
CA ASP LB 219 -37.52 7.49 -65.07
C ASP LB 219 -38.72 7.46 -64.14
N PHE LB 220 -39.40 8.59 -63.96
CA PHE LB 220 -40.54 8.63 -63.05
C PHE LB 220 -41.34 9.88 -63.32
N SER LB 221 -42.66 9.73 -63.35
CA SER LB 221 -43.57 10.83 -63.62
C SER LB 221 -44.89 10.59 -62.90
N VAL LB 222 -45.57 11.68 -62.56
CA VAL LB 222 -46.87 11.64 -61.88
C VAL LB 222 -47.87 12.44 -62.70
N ARG LB 223 -49.16 12.25 -62.39
CA ARG LB 223 -50.22 12.78 -63.23
C ARG LB 223 -51.48 13.00 -62.40
N MET LB 224 -52.35 13.87 -62.90
CA MET LB 224 -53.68 14.06 -62.33
C MET LB 224 -53.61 14.52 -60.88
N LEU LB 225 -53.33 15.80 -60.68
CA LEU LB 225 -53.23 16.36 -59.33
C LEU LB 225 -54.48 16.07 -58.51
N LYS LB 226 -54.28 15.88 -57.21
CA LYS LB 226 -55.37 15.63 -56.29
C LYS LB 226 -54.93 16.01 -54.89
N ASP LB 227 -55.84 15.89 -53.92
CA ASP LB 227 -55.55 16.19 -52.54
C ASP LB 227 -54.99 14.96 -51.82
N THR LB 228 -54.13 15.22 -50.84
CA THR LB 228 -53.54 14.14 -50.05
C THR LB 228 -54.50 13.71 -48.95
N PRO LB 229 -54.50 12.41 -48.59
CA PRO LB 229 -55.40 11.95 -47.52
C PRO LB 229 -54.87 12.18 -46.12
N PHE LB 230 -53.64 12.67 -45.96
CA PHE LB 230 -53.02 12.73 -44.65
C PHE LB 230 -53.54 13.91 -43.82
N ILE LB 231 -53.58 15.09 -44.42
CA ILE LB 231 -53.95 16.30 -43.68
C ILE LB 231 -55.46 16.46 -43.76
N ARG LB 232 -56.07 16.75 -42.61
CA ARG LB 232 -57.51 16.93 -42.51
C ARG LB 232 -57.81 18.14 -41.65
N GLN LB 233 -58.96 18.76 -41.89
CA GLN LB 233 -59.33 20.02 -41.25
C GLN LB 233 -60.68 19.88 -40.57
N ASP LB 234 -60.75 20.28 -39.30
CA ASP LB 234 -61.99 20.33 -38.55
C ASP LB 234 -62.33 21.72 -38.07
N THR LB 235 -61.56 22.74 -38.44
CA THR LB 235 -61.82 24.12 -38.06
C THR LB 235 -60.75 25.00 -38.72
N PHE LB 236 -60.98 26.31 -38.66
CA PHE LB 236 -60.06 27.28 -39.24
C PHE LB 236 -58.94 27.62 -38.26
N SER MB 45 -40.72 55.20 -59.15
CA SER MB 45 -41.79 55.07 -60.15
C SER MB 45 -43.15 55.34 -59.54
N GLU MB 46 -43.44 54.68 -58.41
CA GLU MB 46 -44.74 54.82 -57.78
C GLU MB 46 -44.91 56.18 -57.10
N SER MB 47 -43.85 56.97 -57.00
CA SER MB 47 -43.91 58.28 -56.35
C SER MB 47 -44.08 59.41 -57.35
N SER MB 48 -44.26 59.11 -58.63
CA SER MB 48 -44.57 60.14 -59.61
C SER MB 48 -45.93 60.75 -59.31
N ILE MB 49 -46.13 61.98 -59.81
CA ILE MB 49 -47.38 62.67 -59.55
C ILE MB 49 -48.55 61.93 -60.17
N GLU MB 50 -48.34 61.32 -61.34
CA GLU MB 50 -49.41 60.56 -61.99
C GLU MB 50 -49.89 59.43 -61.09
N ASN MB 51 -48.96 58.65 -60.54
CA ASN MB 51 -49.36 57.57 -59.63
C ASN MB 51 -49.91 58.12 -58.33
N PHE MB 52 -49.40 59.26 -57.87
CA PHE MB 52 -49.86 59.84 -56.61
C PHE MB 52 -51.34 60.21 -56.68
N LEU MB 53 -51.75 60.83 -57.79
CA LEU MB 53 -53.10 61.37 -57.88
C LEU MB 53 -54.07 60.51 -58.69
N CYS MB 54 -53.58 59.59 -59.52
CA CYS MB 54 -54.45 58.84 -60.43
C CYS MB 54 -55.06 57.64 -59.70
N ARG MB 55 -55.92 57.95 -58.74
CA ARG MB 55 -56.66 56.93 -58.00
C ARG MB 55 -58.03 57.48 -57.64
N ALA MB 56 -59.06 56.69 -57.92
CA ALA MB 56 -60.42 57.11 -57.63
C ALA MB 56 -60.60 57.34 -56.14
N ALA MB 57 -61.47 58.27 -55.79
CA ALA MB 57 -61.73 58.60 -54.40
C ALA MB 57 -63.16 59.09 -54.26
N CYS MB 58 -63.87 58.60 -53.25
CA CYS MB 58 -65.25 59.03 -53.00
C CYS MB 58 -65.22 60.51 -52.63
N VAL MB 59 -65.56 61.38 -53.59
CA VAL MB 59 -65.48 62.81 -53.38
C VAL MB 59 -66.79 63.40 -52.83
N TYR MB 60 -67.89 62.68 -52.94
CA TYR MB 60 -69.19 63.16 -52.51
C TYR MB 60 -70.18 62.02 -52.59
N TYR MB 61 -71.15 62.02 -51.68
CA TYR MB 61 -72.20 61.02 -51.69
C TYR MB 61 -73.49 61.66 -51.21
N ALA MB 62 -74.57 61.48 -51.95
CA ALA MB 62 -75.86 62.03 -51.57
C ALA MB 62 -76.97 61.07 -51.95
N THR MB 63 -78.18 61.39 -51.50
CA THR MB 63 -79.35 60.56 -51.71
C THR MB 63 -80.48 61.35 -52.35
N TYR MB 64 -81.31 60.63 -53.11
CA TYR MB 64 -82.52 61.19 -53.68
C TYR MB 64 -83.63 60.15 -53.64
N THR MB 65 -84.87 60.61 -53.74
CA THR MB 65 -86.04 59.78 -53.53
C THR MB 65 -86.82 59.60 -54.83
N ASN MB 66 -87.61 58.52 -54.87
CA ASN MB 66 -88.36 58.18 -56.08
C ASN MB 66 -89.55 59.11 -56.27
N ASN MB 67 -90.31 59.35 -55.21
CA ASN MB 67 -91.50 60.18 -55.27
C ASN MB 67 -91.13 61.63 -54.98
N SER MB 68 -92.15 62.49 -54.88
CA SER MB 68 -91.97 63.91 -54.60
C SER MB 68 -91.39 64.63 -55.81
N GLU MB 69 -91.30 65.96 -55.75
CA GLU MB 69 -90.66 66.74 -56.78
C GLU MB 69 -89.23 67.12 -56.43
N LYS MB 70 -88.86 67.05 -55.15
CA LYS MB 70 -87.48 67.19 -54.71
C LYS MB 70 -86.70 65.88 -54.79
N GLY MB 71 -87.16 64.94 -55.61
CA GLY MB 71 -86.58 63.61 -55.67
C GLY MB 71 -85.34 63.49 -56.52
N TYR MB 72 -84.56 64.57 -56.61
CA TYR MB 72 -83.30 64.56 -57.35
C TYR MB 72 -82.20 65.13 -56.46
N ALA MB 73 -80.98 64.70 -56.76
CA ALA MB 73 -79.79 65.11 -56.01
C ALA MB 73 -78.91 66.02 -56.85
N GLU MB 74 -78.07 66.80 -56.18
CA GLU MB 74 -77.27 67.81 -56.83
C GLU MB 74 -75.92 67.92 -56.13
N TRP MB 75 -74.88 68.21 -56.91
CA TRP MB 75 -73.56 68.44 -56.36
C TRP MB 75 -72.78 69.35 -57.30
N VAL MB 76 -72.28 70.47 -56.78
CA VAL MB 76 -71.31 71.27 -57.51
C VAL MB 76 -69.99 70.51 -57.54
N ILE MB 77 -69.46 70.28 -58.73
CA ILE MB 77 -68.20 69.54 -58.86
C ILE MB 77 -67.10 70.37 -58.22
N ASN MB 78 -66.95 70.23 -56.91
CA ASN MB 78 -65.89 70.87 -56.15
C ASN MB 78 -64.82 69.84 -55.82
N THR MB 79 -63.61 70.34 -55.57
CA THR MB 79 -62.47 69.50 -55.24
C THR MB 79 -62.01 69.66 -53.80
N ARG MB 80 -62.74 70.45 -53.00
CA ARG MB 80 -62.32 70.78 -51.64
C ARG MB 80 -63.27 70.23 -50.59
N GLN MB 81 -64.35 69.56 -50.98
CA GLN MB 81 -65.28 69.02 -49.98
C GLN MB 81 -64.69 67.82 -49.25
N VAL MB 82 -63.79 67.08 -49.89
CA VAL MB 82 -63.19 65.88 -49.28
C VAL MB 82 -61.75 66.18 -48.86
N ALA MB 83 -61.42 65.77 -47.64
CA ALA MB 83 -60.16 66.19 -47.03
C ALA MB 83 -58.96 65.50 -47.68
N GLN MB 84 -59.04 64.19 -47.89
CA GLN MB 84 -57.91 63.45 -48.44
C GLN MB 84 -57.48 64.04 -49.78
N LEU MB 85 -58.38 64.00 -50.76
CA LEU MB 85 -58.07 64.51 -52.09
C LEU MB 85 -57.72 65.99 -52.04
N ARG MB 86 -58.45 66.77 -51.23
CA ARG MB 86 -58.15 68.20 -51.15
C ARG MB 86 -56.70 68.43 -50.74
N ARG MB 87 -56.25 67.76 -49.67
CA ARG MB 87 -54.89 67.96 -49.19
C ARG MB 87 -53.88 67.49 -50.22
N LYS MB 88 -54.08 66.28 -50.76
CA LYS MB 88 -53.16 65.78 -51.78
C LYS MB 88 -52.98 66.79 -52.91
N LEU MB 89 -54.08 67.40 -53.36
CA LEU MB 89 -53.98 68.40 -54.42
C LEU MB 89 -53.34 69.68 -53.92
N GLU MB 90 -53.64 70.08 -52.69
CA GLU MB 90 -53.11 71.33 -52.15
C GLU MB 90 -51.61 71.27 -51.88
N LEU MB 91 -50.99 70.09 -51.98
CA LEU MB 91 -49.53 70.08 -52.01
C LEU MB 91 -48.95 70.91 -53.16
N PHE MB 92 -49.77 71.36 -54.11
CA PHE MB 92 -49.31 72.15 -55.24
C PHE MB 92 -50.18 73.39 -55.38
N THR MB 93 -49.61 74.42 -56.03
CA THR MB 93 -50.32 75.68 -56.23
C THR MB 93 -51.16 75.69 -57.50
N TYR MB 94 -50.65 75.11 -58.59
CA TYR MB 94 -51.36 75.06 -59.86
C TYR MB 94 -51.43 73.62 -60.34
N LEU MB 95 -52.62 73.22 -60.81
CA LEU MB 95 -52.84 71.89 -61.33
C LEU MB 95 -53.52 71.97 -62.69
N ARG MB 96 -53.44 70.87 -63.43
CA ARG MB 96 -54.03 70.80 -64.77
C ARG MB 96 -54.22 69.32 -65.09
N PHE MB 97 -55.43 68.95 -65.48
CA PHE MB 97 -55.75 67.54 -65.66
C PHE MB 97 -57.13 67.39 -66.27
N ASP MB 98 -57.36 66.24 -66.90
CA ASP MB 98 -58.69 65.77 -67.25
C ASP MB 98 -59.28 65.01 -66.05
N LEU MB 99 -60.58 64.74 -66.11
CA LEU MB 99 -61.25 64.08 -65.00
C LEU MB 99 -62.03 62.88 -65.47
N GLU MB 100 -61.94 61.78 -64.70
CA GLU MB 100 -62.71 60.56 -64.91
C GLU MB 100 -63.74 60.46 -63.79
N LEU MB 101 -65.03 60.56 -64.12
CA LEU MB 101 -66.10 60.49 -63.14
C LEU MB 101 -66.74 59.11 -63.20
N THR MB 102 -66.66 58.37 -62.09
CA THR MB 102 -67.31 57.07 -61.96
C THR MB 102 -68.39 57.16 -60.90
N PHE MB 103 -69.60 56.71 -61.22
CA PHE MB 103 -70.75 56.92 -60.37
C PHE MB 103 -71.24 55.59 -59.80
N VAL MB 104 -71.40 55.54 -58.49
CA VAL MB 104 -71.92 54.38 -57.78
C VAL MB 104 -73.33 54.74 -57.31
N ILE MB 105 -74.34 54.24 -58.03
CA ILE MB 105 -75.73 54.52 -57.73
C ILE MB 105 -76.33 53.27 -57.11
N THR MB 106 -76.81 53.38 -55.89
CA THR MB 106 -77.41 52.26 -55.16
C THR MB 106 -78.78 52.68 -54.67
N SER MB 107 -79.78 51.83 -54.90
CA SER MB 107 -81.16 52.10 -54.54
C SER MB 107 -81.67 51.02 -53.60
N ALA MB 108 -82.72 51.37 -52.86
CA ALA MB 108 -83.26 50.49 -51.83
C ALA MB 108 -84.75 50.72 -51.68
N GLN MB 109 -85.50 49.64 -51.47
CA GLN MB 109 -86.92 49.73 -51.28
C GLN MB 109 -87.24 50.30 -49.90
N GLN MB 110 -88.06 51.34 -49.88
CA GLN MB 110 -88.52 52.02 -48.67
C GLN MB 110 -89.99 51.68 -48.41
N PRO MB 111 -90.52 52.00 -47.22
CA PRO MB 111 -91.78 51.38 -46.80
C PRO MB 111 -92.94 51.69 -47.74
N SER MB 112 -93.89 50.77 -47.78
CA SER MB 112 -95.06 50.88 -48.64
C SER MB 112 -96.25 50.25 -47.93
N THR MB 113 -97.45 50.60 -48.39
CA THR MB 113 -98.70 50.08 -47.81
C THR MB 113 -99.66 49.76 -48.96
N ALA MB 114 -99.65 48.51 -49.40
CA ALA MB 114 -100.49 48.02 -50.48
C ALA MB 114 -100.18 46.54 -50.66
N THR MB 115 -101.09 45.84 -51.35
CA THR MB 115 -100.89 44.41 -51.58
C THR MB 115 -99.83 44.18 -52.64
N SER MB 116 -98.99 43.19 -52.42
CA SER MB 116 -97.96 42.78 -53.38
C SER MB 116 -96.94 43.88 -53.56
N VAL MB 117 -96.79 44.46 -54.75
CA VAL MB 117 -95.70 45.31 -55.19
C VAL MB 117 -94.77 44.45 -56.05
N ASP MB 118 -94.28 45.00 -57.15
CA ASP MB 118 -93.40 44.27 -58.06
C ASP MB 118 -92.70 45.31 -58.94
N ALA MB 119 -91.57 45.79 -58.46
CA ALA MB 119 -90.90 46.93 -59.08
C ALA MB 119 -90.22 46.51 -60.38
N PRO MB 120 -90.51 47.16 -61.50
CA PRO MB 120 -89.76 46.89 -62.73
C PRO MB 120 -88.38 47.52 -62.65
N VAL MB 121 -87.56 47.20 -63.66
CA VAL MB 121 -86.20 47.70 -63.70
C VAL MB 121 -86.21 49.22 -63.58
N GLN MB 122 -85.25 49.76 -62.83
CA GLN MB 122 -85.15 51.19 -62.58
C GLN MB 122 -83.96 51.76 -63.34
N THR MB 123 -84.18 52.89 -64.02
CA THR MB 123 -83.15 53.60 -64.75
C THR MB 123 -82.92 54.97 -64.12
N HIS MB 124 -81.68 55.46 -64.24
CA HIS MB 124 -81.28 56.73 -63.67
C HIS MB 124 -80.64 57.60 -64.73
N GLN MB 125 -80.74 58.92 -64.51
CA GLN MB 125 -80.12 59.91 -65.37
C GLN MB 125 -79.16 60.77 -64.55
N ILE MB 126 -77.96 60.96 -65.08
CA ILE MB 126 -76.93 61.82 -64.49
C ILE MB 126 -76.63 62.92 -65.49
N MET MB 127 -77.03 64.15 -65.17
CA MET MB 127 -76.87 65.28 -66.07
C MET MB 127 -75.74 66.17 -65.58
N TYR MB 128 -74.89 66.60 -66.50
CA TYR MB 128 -73.81 67.53 -66.21
C TYR MB 128 -74.18 68.91 -66.73
N VAL MB 129 -74.19 69.90 -65.84
CA VAL MB 129 -74.42 71.28 -66.23
C VAL MB 129 -73.08 71.97 -66.29
N PRO MB 130 -72.43 72.05 -67.46
CA PRO MB 130 -71.20 72.83 -67.57
C PRO MB 130 -71.43 74.26 -67.12
N PRO MB 131 -70.37 75.00 -66.82
CA PRO MB 131 -70.55 76.38 -66.31
C PRO MB 131 -71.57 77.19 -67.08
N GLY MB 132 -72.67 77.56 -66.43
CA GLY MB 132 -73.68 78.40 -67.02
C GLY MB 132 -74.91 77.68 -67.52
N GLY MB 133 -74.91 76.35 -67.55
CA GLY MB 133 -75.97 75.59 -68.17
C GLY MB 133 -77.27 75.59 -67.39
N PRO MB 134 -78.33 75.05 -68.00
CA PRO MB 134 -79.61 74.95 -67.29
C PRO MB 134 -79.50 74.10 -66.04
N VAL MB 135 -80.42 74.36 -65.10
CA VAL MB 135 -80.40 73.73 -63.78
C VAL MB 135 -81.76 73.11 -63.51
N PRO MB 136 -81.84 71.81 -63.22
CA PRO MB 136 -83.14 71.24 -62.81
C PRO MB 136 -83.66 71.88 -61.52
N THR MB 137 -84.90 72.35 -61.57
CA THR MB 137 -85.57 72.87 -60.39
C THR MB 137 -86.56 71.88 -59.79
N LYS MB 138 -86.85 70.79 -60.51
CA LYS MB 138 -87.76 69.75 -60.04
C LYS MB 138 -87.36 68.46 -60.75
N VAL MB 139 -87.93 67.35 -60.29
CA VAL MB 139 -87.70 66.09 -60.99
C VAL MB 139 -88.25 66.16 -62.40
N THR MB 140 -89.21 67.05 -62.65
CA THR MB 140 -89.85 67.19 -63.96
C THR MB 140 -89.53 68.53 -64.58
N ASP MB 141 -88.27 68.94 -64.56
CA ASP MB 141 -87.85 70.21 -65.11
C ASP MB 141 -87.48 70.08 -66.58
N TYR MB 142 -87.47 71.22 -67.27
CA TYR MB 142 -87.07 71.24 -68.67
C TYR MB 142 -85.58 70.95 -68.83
N ALA MB 143 -84.79 71.25 -67.79
CA ALA MB 143 -83.34 71.09 -67.90
C ALA MB 143 -82.97 69.69 -68.35
N TRP MB 144 -83.71 68.68 -67.89
CA TRP MB 144 -83.37 67.30 -68.24
C TRP MB 144 -83.42 67.06 -69.75
N GLN MB 145 -84.07 67.94 -70.51
CA GLN MB 145 -84.18 67.78 -71.96
C GLN MB 145 -83.10 68.52 -72.74
N THR MB 146 -82.33 69.41 -72.11
CA THR MB 146 -81.38 70.24 -72.85
C THR MB 146 -80.20 69.38 -73.33
N SER MB 147 -80.15 69.15 -74.64
CA SER MB 147 -79.09 68.34 -75.23
C SER MB 147 -77.71 68.90 -74.91
N THR MB 148 -77.55 70.23 -74.96
CA THR MB 148 -76.24 70.83 -74.75
C THR MB 148 -75.58 70.32 -73.46
N ASN MB 149 -76.36 70.22 -72.40
CA ASN MB 149 -75.87 69.62 -71.16
C ASN MB 149 -75.74 68.12 -71.33
N PRO MB 150 -74.54 67.55 -71.36
CA PRO MB 150 -74.42 66.10 -71.54
C PRO MB 150 -75.11 65.36 -70.41
N SER MB 151 -75.56 64.15 -70.70
CA SER MB 151 -76.25 63.36 -69.69
C SER MB 151 -76.07 61.88 -69.97
N VAL MB 152 -76.10 61.09 -68.90
CA VAL MB 152 -75.88 59.66 -68.93
C VAL MB 152 -77.17 58.98 -68.49
N PHE MB 153 -77.61 57.98 -69.25
CA PHE MB 153 -78.77 57.17 -68.90
C PHE MB 153 -78.30 55.75 -68.66
N TRP MB 154 -78.46 55.28 -67.42
CA TRP MB 154 -77.94 53.97 -67.03
C TRP MB 154 -79.02 53.19 -66.29
N THR MB 155 -79.14 51.92 -66.62
CA THR MB 155 -80.12 51.03 -66.01
C THR MB 155 -79.48 50.24 -64.88
N GLU MB 156 -80.22 50.04 -63.79
CA GLU MB 156 -79.68 49.32 -62.64
C GLU MB 156 -79.37 47.87 -63.02
N GLY MB 157 -78.34 47.33 -62.38
CA GLY MB 157 -77.92 45.96 -62.62
C GLY MB 157 -76.84 45.78 -63.65
N ASN MB 158 -76.27 46.87 -64.16
CA ASN MB 158 -75.19 46.83 -65.13
C ASN MB 158 -73.97 47.55 -64.57
N ALA MB 159 -72.89 47.56 -65.34
CA ALA MB 159 -71.67 48.19 -64.90
C ALA MB 159 -71.94 49.64 -64.52
N PRO MB 160 -71.27 50.17 -63.50
CA PRO MB 160 -71.54 51.54 -63.08
C PRO MB 160 -71.24 52.53 -64.19
N PRO MB 161 -72.02 53.59 -64.32
CA PRO MB 161 -71.74 54.57 -65.38
C PRO MB 161 -70.49 55.38 -65.09
N ARG MB 162 -69.82 55.77 -66.17
CA ARG MB 162 -68.58 56.53 -66.09
C ARG MB 162 -68.50 57.47 -67.29
N MET MB 163 -68.00 58.67 -67.04
CA MET MB 163 -67.83 59.66 -68.10
C MET MB 163 -66.69 60.60 -67.71
N SER MB 164 -65.84 60.90 -68.67
CA SER MB 164 -64.73 61.81 -68.45
C SER MB 164 -65.06 63.20 -69.00
N ILE MB 165 -64.44 64.20 -68.41
CA ILE MB 165 -64.60 65.58 -68.88
C ILE MB 165 -63.22 66.23 -68.97
N PRO MB 166 -62.96 67.01 -70.02
CA PRO MB 166 -61.61 67.52 -70.23
C PRO MB 166 -61.27 68.71 -69.34
N PHE MB 167 -60.11 69.31 -69.59
CA PHE MB 167 -59.71 70.55 -68.95
C PHE MB 167 -60.58 71.68 -69.46
N ILE MB 168 -61.69 71.95 -68.77
CA ILE MB 168 -62.70 72.88 -69.27
C ILE MB 168 -62.50 74.26 -68.67
N SER MB 169 -61.24 74.61 -68.40
CA SER MB 169 -60.90 75.87 -67.77
C SER MB 169 -60.49 76.90 -68.83
N ILE MB 170 -60.62 78.17 -68.45
CA ILE MB 170 -60.20 79.25 -69.34
C ILE MB 170 -58.72 79.56 -69.19
N GLY MB 171 -58.16 79.38 -67.98
CA GLY MB 171 -56.75 79.64 -67.78
C GLY MB 171 -55.89 78.46 -68.20
N ASN MB 172 -54.57 78.69 -68.19
CA ASN MB 172 -53.62 77.67 -68.62
C ASN MB 172 -53.36 76.63 -67.53
N ALA MB 173 -54.10 76.69 -66.43
CA ALA MB 173 -54.01 75.71 -65.36
C ALA MB 173 -55.05 75.99 -64.29
N TYR MB 174 -55.58 74.94 -63.67
CA TYR MB 174 -56.44 75.13 -62.50
C TYR MB 174 -55.65 75.79 -61.38
N SER MB 175 -56.34 76.59 -60.58
CA SER MB 175 -55.72 77.29 -59.46
C SER MB 175 -56.23 76.69 -58.16
N CYS MB 176 -55.30 76.22 -57.32
CA CYS MB 176 -55.63 75.70 -56.00
C CYS MB 176 -55.72 76.79 -54.95
N PHE MB 177 -55.00 77.89 -55.15
CA PHE MB 177 -54.99 79.01 -54.22
C PHE MB 177 -55.04 80.30 -55.03
N TYR MB 178 -55.56 81.36 -54.42
CA TYR MB 178 -55.68 82.64 -55.10
C TYR MB 178 -55.60 83.75 -54.07
N ASP MB 179 -54.53 84.53 -54.12
CA ASP MB 179 -54.36 85.68 -53.24
C ASP MB 179 -54.93 86.94 -53.89
N GLY MB 180 -56.24 86.92 -54.08
CA GLY MB 180 -56.91 88.05 -54.71
C GLY MB 180 -58.40 88.00 -54.52
N TRP MB 181 -59.09 88.91 -55.20
CA TRP MB 181 -60.53 89.05 -55.12
C TRP MB 181 -61.16 88.81 -56.48
N THR MB 182 -62.51 88.74 -56.49
CA THR MB 182 -63.24 88.57 -57.73
C THR MB 182 -63.50 89.90 -58.44
N GLN MB 183 -63.65 90.98 -57.67
CA GLN MB 183 -63.84 92.31 -58.22
C GLN MB 183 -62.53 93.09 -58.12
N PHE MB 184 -62.24 93.91 -59.13
CA PHE MB 184 -61.07 94.78 -59.08
C PHE MB 184 -61.17 95.82 -57.97
N SER MB 185 -62.34 95.99 -57.35
CA SER MB 185 -62.55 96.93 -56.27
C SER MB 185 -62.09 96.39 -54.92
N ARG MB 186 -61.28 95.33 -54.88
CA ARG MB 186 -60.89 94.69 -53.62
C ARG MB 186 -62.13 94.36 -52.80
N ASN MB 187 -63.20 93.93 -53.50
CA ASN MB 187 -64.48 93.62 -52.89
C ASN MB 187 -65.07 92.41 -53.60
N GLY MB 188 -66.26 92.02 -53.18
CA GLY MB 188 -66.90 90.80 -53.68
C GLY MB 188 -66.49 89.56 -52.87
N VAL MB 189 -65.62 88.73 -53.45
CA VAL MB 189 -65.19 87.48 -52.84
C VAL MB 189 -63.67 87.45 -52.81
N TYR MB 190 -63.12 86.83 -51.77
CA TYR MB 190 -61.68 86.64 -51.63
C TYR MB 190 -61.38 85.15 -51.51
N GLY MB 191 -60.73 84.59 -52.51
CA GLY MB 191 -60.22 83.25 -52.44
C GLY MB 191 -60.31 82.56 -53.78
N ILE MB 192 -60.17 81.23 -53.73
CA ILE MB 192 -60.18 80.40 -54.94
C ILE MB 192 -61.58 80.24 -55.50
N ASN MB 193 -62.59 80.78 -54.82
CA ASN MB 193 -63.95 80.76 -55.32
C ASN MB 193 -64.23 81.92 -56.26
N THR MB 194 -63.21 82.70 -56.62
CA THR MB 194 -63.34 83.76 -57.61
C THR MB 194 -62.83 83.34 -58.98
N LEU MB 195 -62.22 82.15 -59.10
CA LEU MB 195 -61.60 81.70 -60.32
C LEU MB 195 -62.46 80.60 -60.98
N ASN MB 196 -61.83 79.83 -61.87
CA ASN MB 196 -62.51 78.80 -62.63
C ASN MB 196 -63.29 77.86 -61.72
N ASN MB 197 -64.35 77.30 -62.28
CA ASN MB 197 -65.18 76.31 -61.60
C ASN MB 197 -65.33 75.10 -62.54
N MET MB 198 -66.06 74.09 -62.06
CA MET MB 198 -66.20 72.84 -62.79
C MET MB 198 -67.63 72.50 -63.17
N GLY MB 199 -68.60 73.36 -62.88
CA GLY MB 199 -69.98 73.09 -63.21
C GLY MB 199 -70.68 72.28 -62.14
N THR MB 200 -71.95 71.98 -62.40
CA THR MB 200 -72.78 71.25 -61.45
C THR MB 200 -73.15 69.89 -62.03
N LEU MB 201 -73.68 69.01 -61.17
CA LEU MB 201 -74.02 67.64 -61.56
C LEU MB 201 -75.28 67.22 -60.84
N TYR MB 202 -76.30 66.84 -61.61
CA TYR MB 202 -77.60 66.45 -61.09
C TYR MB 202 -77.88 64.97 -61.34
N MET MB 203 -78.69 64.38 -60.46
CA MET MB 203 -78.97 62.95 -60.47
C MET MB 203 -80.46 62.74 -60.23
N ARG MB 204 -81.08 61.86 -61.01
CA ARG MB 204 -82.50 61.61 -60.80
C ARG MB 204 -82.90 60.23 -61.30
N HIS MB 205 -84.07 59.79 -60.82
CA HIS MB 205 -84.72 58.60 -61.36
C HIS MB 205 -85.40 58.96 -62.68
N VAL MB 206 -85.16 58.15 -63.70
CA VAL MB 206 -85.84 58.35 -64.98
C VAL MB 206 -87.19 57.64 -65.00
N ASN MB 207 -87.27 56.46 -64.37
CA ASN MB 207 -88.53 55.76 -64.28
C ASN MB 207 -89.47 56.48 -63.32
N GLU MB 208 -90.77 56.18 -63.46
CA GLU MB 208 -91.80 56.90 -62.72
C GLU MB 208 -92.23 56.09 -61.50
N ALA MB 209 -92.32 56.76 -60.36
CA ALA MB 209 -92.75 56.11 -59.12
C ALA MB 209 -94.05 55.35 -59.32
N GLY MB 210 -94.14 54.18 -58.72
CA GLY MB 210 -95.36 53.40 -58.74
C GLY MB 210 -95.87 53.12 -57.35
N GLN MB 211 -96.16 51.85 -57.07
CA GLN MB 211 -96.70 51.46 -55.77
C GLN MB 211 -95.68 51.53 -54.64
N GLY MB 212 -94.40 51.75 -54.94
CA GLY MB 212 -93.39 51.69 -53.91
C GLY MB 212 -92.31 52.76 -54.04
N PRO MB 213 -91.90 53.32 -52.90
CA PRO MB 213 -90.83 54.33 -52.91
C PRO MB 213 -89.47 53.68 -53.01
N ILE MB 214 -88.50 54.47 -53.48
CA ILE MB 214 -87.12 54.00 -53.65
C ILE MB 214 -86.17 55.13 -53.29
N LYS MB 215 -85.26 54.88 -52.35
CA LYS MB 215 -84.20 55.83 -52.00
C LYS MB 215 -82.91 55.38 -52.64
N SER MB 216 -82.22 56.30 -53.31
CA SER MB 216 -81.00 55.99 -54.05
C SER MB 216 -79.85 56.84 -53.55
N THR MB 217 -78.65 56.29 -53.65
CA THR MB 217 -77.43 56.90 -53.12
C THR MB 217 -76.41 56.95 -54.25
N VAL MB 218 -76.07 58.15 -54.69
CA VAL MB 218 -75.04 58.35 -55.70
C VAL MB 218 -73.75 58.77 -55.02
N ARG MB 219 -72.64 58.13 -55.41
CA ARG MB 219 -71.31 58.43 -54.91
C ARG MB 219 -70.43 58.79 -56.09
N ILE MB 220 -69.95 60.02 -56.12
CA ILE MB 220 -69.08 60.49 -57.20
C ILE MB 220 -67.63 60.18 -56.84
N TYR MB 221 -66.85 59.77 -57.84
CA TYR MB 221 -65.44 59.45 -57.65
C TYR MB 221 -64.59 60.18 -58.67
N PHE MB 222 -63.55 60.87 -58.19
CA PHE MB 222 -62.62 61.60 -59.05
C PHE MB 222 -61.36 60.77 -59.29
N LYS MB 223 -60.91 60.75 -60.54
CA LYS MB 223 -59.61 60.21 -60.91
C LYS MB 223 -58.94 61.20 -61.85
N PRO MB 224 -58.20 62.16 -61.31
CA PRO MB 224 -57.46 63.09 -62.19
C PRO MB 224 -56.53 62.35 -63.12
N LYS MB 225 -56.77 62.50 -64.42
CA LYS MB 225 -55.95 61.86 -65.44
C LYS MB 225 -55.03 62.89 -66.08
N HIS MB 226 -53.91 62.42 -66.62
CA HIS MB 226 -52.98 63.25 -67.36
C HIS MB 226 -52.67 64.54 -66.58
N VAL MB 227 -52.09 64.36 -65.41
CA VAL MB 227 -51.96 65.45 -64.46
C VAL MB 227 -50.62 66.15 -64.63
N LYS MB 228 -50.63 67.47 -64.45
CA LYS MB 228 -49.44 68.31 -64.47
C LYS MB 228 -49.53 69.26 -63.30
N ALA MB 229 -48.49 69.31 -62.47
CA ALA MB 229 -48.50 70.14 -61.27
C ALA MB 229 -47.33 71.12 -61.30
N TRP MB 230 -47.52 72.27 -60.63
CA TRP MB 230 -46.52 73.32 -60.58
C TRP MB 230 -46.47 73.93 -59.18
N VAL MB 231 -45.29 74.44 -58.83
CA VAL MB 231 -45.10 75.24 -57.62
C VAL MB 231 -45.58 74.47 -56.40
N PRO MB 232 -44.76 73.58 -55.83
CA PRO MB 232 -45.18 72.85 -54.63
C PRO MB 232 -45.18 73.75 -53.40
N ARG MB 233 -45.98 73.36 -52.42
CA ARG MB 233 -46.15 74.15 -51.21
C ARG MB 233 -46.32 73.22 -50.02
N PRO MB 234 -46.13 73.73 -48.80
CA PRO MB 234 -46.15 72.84 -47.63
C PRO MB 234 -47.50 72.16 -47.51
N PRO MB 235 -47.53 70.94 -46.99
CA PRO MB 235 -48.81 70.26 -46.80
C PRO MB 235 -49.66 70.94 -45.73
N ARG MB 236 -50.97 70.71 -45.86
CA ARG MB 236 -51.92 71.27 -44.90
C ARG MB 236 -51.60 70.76 -43.49
N LEU MB 237 -51.55 71.69 -42.54
CA LEU MB 237 -51.27 71.36 -41.15
C LEU MB 237 -52.53 71.41 -40.30
N CYS MB 238 -53.19 72.57 -40.22
CA CYS MB 238 -54.41 72.70 -39.45
C CYS MB 238 -55.57 72.04 -40.19
N GLN MB 239 -56.49 71.47 -39.42
CA GLN MB 239 -57.63 70.78 -40.03
C GLN MB 239 -58.48 71.76 -40.82
N TYR MB 240 -59.05 71.27 -41.92
CA TYR MB 240 -59.88 72.10 -42.77
C TYR MB 240 -61.13 72.54 -42.02
N GLU MB 241 -61.58 73.76 -42.31
CA GLU MB 241 -62.74 74.34 -41.65
C GLU MB 241 -63.87 74.66 -42.62
N LYS MB 242 -63.56 75.14 -43.82
CA LYS MB 242 -64.57 75.46 -44.81
C LYS MB 242 -64.11 74.96 -46.18
N GLN MB 243 -65.07 74.58 -47.02
CA GLN MB 243 -64.75 74.04 -48.32
C GLN MB 243 -64.30 75.12 -49.30
N LYS MB 244 -64.58 76.40 -49.00
CA LYS MB 244 -64.38 77.48 -49.96
C LYS MB 244 -63.26 78.44 -49.57
N ASN MB 245 -62.43 78.10 -48.58
CA ASN MB 245 -61.43 79.05 -48.14
C ASN MB 245 -60.36 78.33 -47.33
N VAL MB 246 -59.26 79.07 -47.09
CA VAL MB 246 -58.13 78.56 -46.31
C VAL MB 246 -58.35 78.65 -44.81
N ASN MB 247 -59.42 79.32 -44.36
CA ASN MB 247 -59.62 79.59 -42.95
C ASN MB 247 -59.16 78.44 -42.08
N PHE MB 248 -58.25 78.72 -41.17
CA PHE MB 248 -57.64 77.72 -40.32
C PHE MB 248 -57.64 78.20 -38.88
N THR MB 249 -57.66 77.24 -37.96
CA THR MB 249 -57.47 77.54 -36.55
C THR MB 249 -56.06 77.14 -36.17
N PRO MB 250 -55.24 78.07 -35.66
CA PRO MB 250 -53.81 77.77 -35.49
C PRO MB 250 -53.58 76.57 -34.58
N THR MB 251 -52.63 75.73 -34.97
CA THR MB 251 -52.25 74.54 -34.23
C THR MB 251 -50.74 74.49 -34.08
N GLY MB 252 -50.27 73.55 -33.26
CA GLY MB 252 -48.85 73.43 -33.02
C GLY MB 252 -48.10 72.83 -34.19
N VAL MB 253 -46.78 72.99 -34.16
CA VAL MB 253 -45.93 72.56 -35.26
C VAL MB 253 -45.94 71.04 -35.38
N THR MB 254 -45.77 70.34 -34.25
CA THR MB 254 -45.62 68.89 -34.25
C THR MB 254 -46.22 68.32 -32.98
N THR MB 255 -46.16 66.99 -32.85
CA THR MB 255 -46.45 66.35 -31.58
C THR MB 255 -45.35 66.71 -30.57
N THR MB 256 -45.71 66.65 -29.29
CA THR MB 256 -44.84 67.14 -28.24
C THR MB 256 -44.15 65.99 -27.51
N ARG MB 257 -42.92 66.24 -27.06
CA ARG MB 257 -42.21 65.29 -26.20
C ARG MB 257 -41.74 65.99 -24.93
N VAL MB 258 -40.95 65.30 -24.12
CA VAL MB 258 -40.57 65.80 -22.80
C VAL MB 258 -39.46 66.83 -22.91
N GLY MB 259 -38.27 66.40 -23.34
CA GLY MB 259 -37.13 67.28 -23.44
C GLY MB 259 -36.40 67.10 -24.76
N ILE MB 260 -35.54 68.07 -25.06
CA ILE MB 260 -34.73 67.99 -26.27
C ILE MB 260 -33.71 66.87 -26.18
N THR MB 261 -33.38 66.44 -24.97
CA THR MB 261 -32.46 65.33 -24.73
C THR MB 261 -33.17 64.00 -24.69
N THR MB 262 -34.47 63.99 -24.42
CA THR MB 262 -35.26 62.76 -24.42
C THR MB 262 -35.05 61.99 -25.72
N THR MB 263 -35.17 60.67 -25.64
CA THR MB 263 -35.12 59.82 -26.83
C THR MB 263 -35.94 58.55 -26.60
N SER NB 15 -21.13 98.50 -57.92
CA SER NB 15 -22.44 99.13 -57.97
C SER NB 15 -23.29 98.54 -59.09
N ILE NB 16 -24.59 98.79 -59.05
CA ILE NB 16 -25.55 98.24 -60.02
C ILE NB 16 -26.39 99.41 -60.52
N THR NB 17 -25.90 100.09 -61.55
CA THR NB 17 -26.56 101.30 -62.07
C THR NB 17 -27.71 100.88 -62.97
N LEU NB 18 -28.92 100.84 -62.41
CA LEU NB 18 -30.13 100.54 -63.16
C LEU NB 18 -30.86 101.84 -63.46
N GLY NB 19 -30.70 102.33 -64.69
CA GLY NB 19 -31.34 103.56 -65.11
C GLY NB 19 -31.21 104.68 -64.11
N ASN NB 20 -32.34 105.03 -63.49
CA ASN NB 20 -32.37 106.11 -62.50
C ASN NB 20 -31.72 105.74 -61.18
N SER NB 21 -31.47 104.46 -60.92
CA SER NB 21 -31.05 103.99 -59.60
C SER NB 21 -29.68 103.32 -59.68
N THR NB 22 -29.13 103.00 -58.50
CA THR NB 22 -27.80 102.39 -58.40
C THR NB 22 -27.68 101.70 -57.05
N ILE NB 23 -27.60 100.36 -57.07
CA ILE NB 23 -27.46 99.54 -55.87
C ILE NB 23 -26.02 99.08 -55.76
N THR NB 24 -25.55 98.87 -54.53
CA THR NB 24 -24.16 98.48 -54.26
C THR NB 24 -24.15 97.21 -53.42
N THR NB 25 -23.90 96.07 -54.06
CA THR NB 25 -23.79 94.79 -53.37
C THR NB 25 -22.47 94.13 -53.74
N GLN NB 26 -21.91 93.38 -52.79
CA GLN NB 26 -20.65 92.69 -53.01
C GLN NB 26 -20.78 91.70 -54.16
N GLU NB 27 -19.65 91.46 -54.85
CA GLU NB 27 -19.61 90.51 -55.96
C GLU NB 27 -19.46 89.09 -55.45
N CYS NB 28 -20.29 88.74 -54.45
CA CYS NB 28 -20.27 87.40 -53.88
C CYS NB 28 -21.65 86.85 -53.59
N ALA NB 29 -22.67 87.69 -53.42
CA ALA NB 29 -24.01 87.21 -53.05
C ALA NB 29 -24.47 86.12 -54.00
N ASN NB 30 -24.77 84.96 -53.42
CA ASN NB 30 -25.31 83.85 -54.21
C ASN NB 30 -26.76 84.16 -54.55
N VAL NB 31 -27.03 84.42 -55.83
CA VAL NB 31 -28.36 84.81 -56.27
C VAL NB 31 -29.20 83.55 -56.48
N VAL NB 32 -30.34 83.49 -55.79
CA VAL NB 32 -31.26 82.36 -55.91
C VAL NB 32 -32.22 82.66 -57.05
N VAL NB 33 -32.11 81.90 -58.13
CA VAL NB 33 -32.87 82.20 -59.36
C VAL NB 33 -34.14 81.37 -59.30
N GLY NB 34 -35.13 81.91 -58.60
CA GLY NB 34 -36.49 81.38 -58.58
C GLY NB 34 -36.62 79.89 -58.77
N TYR NB 35 -37.50 79.49 -59.68
CA TYR NB 35 -37.69 78.07 -60.00
C TYR NB 35 -36.81 77.65 -61.17
N GLY NB 36 -35.54 78.03 -61.12
CA GLY NB 36 -34.64 77.76 -62.22
C GLY NB 36 -34.92 78.53 -63.48
N VAL NB 37 -35.81 79.53 -63.42
CA VAL NB 37 -36.23 80.31 -64.57
C VAL NB 37 -35.79 81.75 -64.36
N TRP NB 38 -35.11 82.31 -65.34
CA TRP NB 38 -34.80 83.74 -65.29
C TRP NB 38 -35.99 84.53 -65.83
N PRO NB 39 -36.41 85.60 -65.18
CA PRO NB 39 -37.55 86.37 -65.68
C PRO NB 39 -37.33 86.79 -67.12
N GLU NB 40 -38.34 86.54 -67.96
CA GLU NB 40 -38.26 86.84 -69.38
C GLU NB 40 -39.59 87.43 -69.83
N TYR NB 41 -39.59 88.01 -71.03
CA TYR NB 41 -40.81 88.59 -71.57
C TYR NB 41 -41.74 87.49 -72.08
N LEU NB 42 -42.99 87.88 -72.35
CA LEU NB 42 -43.98 86.94 -72.84
C LEU NB 42 -43.76 86.67 -74.32
N LYS NB 43 -43.87 85.40 -74.69
CA LYS NB 43 -43.74 84.97 -76.08
C LYS NB 43 -45.13 84.83 -76.70
N ASP NB 44 -45.30 85.40 -77.90
CA ASP NB 44 -46.60 85.37 -78.56
C ASP NB 44 -47.13 83.95 -78.75
N ASN NB 45 -46.26 82.95 -78.78
CA ASN NB 45 -46.72 81.57 -78.89
C ASN NB 45 -47.55 81.15 -77.68
N GLU NB 46 -47.12 81.54 -76.48
CA GLU NB 46 -47.83 81.20 -75.26
C GLU NB 46 -48.30 82.46 -74.54
N ASP NB 51 -53.05 93.33 -79.13
CA ASP NB 51 -52.51 94.62 -78.72
C ASP NB 51 -51.02 94.51 -78.39
N GLN NB 52 -50.22 95.40 -78.96
CA GLN NB 52 -48.78 95.41 -78.73
C GLN NB 52 -48.48 95.57 -77.23
N PRO NB 53 -47.93 94.54 -76.56
CA PRO NB 53 -47.68 94.67 -75.11
C PRO NB 53 -46.56 95.65 -74.80
N THR NB 54 -46.91 96.79 -74.21
CA THR NB 54 -45.92 97.82 -73.95
C THR NB 54 -45.04 97.44 -72.76
N GLN NB 55 -43.79 97.88 -72.84
CA GLN NB 55 -42.84 97.78 -71.73
C GLN NB 55 -42.43 99.18 -71.35
N PRO NB 56 -42.76 99.68 -70.16
CA PRO NB 56 -42.26 101.02 -69.81
C PRO NB 56 -40.75 101.07 -69.80
N ASP NB 57 -40.10 99.96 -69.45
CA ASP NB 57 -38.64 99.89 -69.46
C ASP NB 57 -38.08 101.05 -68.63
N VAL NB 58 -37.01 101.66 -69.13
CA VAL NB 58 -36.31 102.76 -68.46
C VAL NB 58 -36.75 102.93 -67.02
N ALA NB 59 -37.90 103.57 -66.81
CA ALA NB 59 -38.34 103.88 -65.45
C ALA NB 59 -38.85 102.64 -64.72
N THR NB 60 -39.53 101.74 -65.42
CA THR NB 60 -40.07 100.55 -64.75
C THR NB 60 -38.96 99.57 -64.36
N CYS NB 61 -37.97 99.37 -65.24
CA CYS NB 61 -36.83 98.53 -64.91
C CYS NB 61 -35.84 99.36 -64.10
N ARG NB 62 -36.13 99.49 -62.80
CA ARG NB 62 -35.31 100.28 -61.90
C ARG NB 62 -35.45 99.74 -60.49
N PHE NB 63 -34.49 100.10 -59.64
CA PHE NB 63 -34.41 99.61 -58.26
C PHE NB 63 -35.26 100.49 -57.36
N TYR NB 64 -36.45 100.03 -57.01
CA TYR NB 64 -37.27 100.66 -55.98
C TYR NB 64 -36.84 100.12 -54.62
N THR NB 65 -36.28 100.97 -53.77
CA THR NB 65 -35.81 100.55 -52.45
C THR NB 65 -36.86 100.91 -51.41
N LEU NB 66 -37.62 99.92 -50.97
CA LEU NB 66 -38.72 100.18 -50.05
C LEU NB 66 -38.21 100.77 -48.74
N GLU NB 67 -39.12 101.14 -47.85
CA GLU NB 67 -38.73 101.65 -46.55
C GLU NB 67 -38.07 100.55 -45.72
N SER NB 68 -37.11 100.95 -44.90
CA SER NB 68 -36.46 100.01 -43.99
C SER NB 68 -37.31 99.80 -42.74
N VAL NB 69 -37.21 98.60 -42.19
CA VAL NB 69 -37.88 98.24 -40.95
C VAL NB 69 -36.83 97.73 -39.96
N GLN NB 70 -37.13 97.86 -38.68
CA GLN NB 70 -36.17 97.57 -37.63
C GLN NB 70 -36.36 96.16 -37.10
N TRP NB 71 -35.27 95.39 -37.06
CA TRP NB 71 -35.25 94.06 -36.48
C TRP NB 71 -34.88 94.19 -35.00
N MET NB 72 -35.79 93.80 -34.12
CA MET NB 72 -35.57 93.86 -32.69
C MET NB 72 -35.72 92.46 -32.10
N LYS NB 73 -35.31 92.32 -30.84
CA LYS NB 73 -35.30 91.00 -30.21
C LYS NB 73 -36.68 90.37 -30.18
N ASN NB 74 -37.74 91.17 -30.32
CA ASN NB 74 -39.10 90.66 -30.24
C ASN NB 74 -39.74 90.45 -31.61
N SER NB 75 -39.09 90.88 -32.68
CA SER NB 75 -39.69 90.83 -34.02
C SER NB 75 -40.13 89.42 -34.37
N ALA NB 76 -41.37 89.30 -34.83
CA ALA NB 76 -41.90 88.02 -35.30
C ALA NB 76 -41.69 87.83 -36.79
N GLY NB 77 -41.73 88.90 -37.57
CA GLY NB 77 -41.50 88.83 -39.00
C GLY NB 77 -42.28 89.90 -39.73
N TRP NB 78 -41.94 90.05 -41.02
CA TRP NB 78 -42.57 91.03 -41.89
C TRP NB 78 -42.93 90.36 -43.21
N TRP NB 79 -43.87 90.98 -43.93
CA TRP NB 79 -44.25 90.51 -45.25
C TRP NB 79 -44.83 91.65 -46.07
N TRP NB 80 -44.70 91.50 -47.39
CA TRP NB 80 -45.20 92.46 -48.37
C TRP NB 80 -45.88 91.72 -49.51
N LYS NB 81 -47.02 92.24 -49.95
CA LYS NB 81 -47.60 91.81 -51.22
C LYS NB 81 -46.92 92.61 -52.33
N LEU NB 82 -46.55 91.93 -53.42
CA LEU NB 82 -45.58 92.53 -54.35
C LEU NB 82 -46.17 93.57 -55.30
N PRO NB 83 -47.15 93.20 -56.15
CA PRO NB 83 -47.75 94.21 -57.01
C PRO NB 83 -48.27 95.39 -56.20
N ASP NB 84 -48.94 95.12 -55.09
CA ASP NB 84 -49.45 96.15 -54.21
C ASP NB 84 -48.40 96.65 -53.24
N ALA NB 85 -47.14 96.33 -53.46
CA ALA NB 85 -46.02 97.00 -52.79
C ALA NB 85 -45.43 98.09 -53.66
N LEU NB 86 -45.31 97.81 -54.95
CA LEU NB 86 -44.90 98.85 -55.90
C LEU NB 86 -46.10 99.51 -56.59
N SER NB 87 -47.31 99.33 -56.05
CA SER NB 87 -48.49 99.93 -56.65
C SER NB 87 -48.43 101.46 -56.65
N GLN NB 88 -47.86 102.05 -55.59
CA GLN NB 88 -47.76 103.50 -55.48
C GLN NB 88 -46.37 104.02 -55.80
N MET NB 89 -45.51 103.18 -56.36
CA MET NB 89 -44.10 103.52 -56.57
C MET NB 89 -43.87 103.85 -58.04
N GLY NB 90 -43.83 105.14 -58.36
CA GLY NB 90 -43.36 105.59 -59.65
C GLY NB 90 -44.19 105.10 -60.82
N LEU NB 91 -43.49 104.98 -61.97
CA LEU NB 91 -44.17 104.61 -63.20
C LEU NB 91 -44.62 103.15 -63.21
N PHE NB 92 -44.02 102.29 -62.40
CA PHE NB 92 -44.61 100.97 -62.20
C PHE NB 92 -46.05 101.11 -61.71
N GLY NB 93 -46.26 101.95 -60.69
CA GLY NB 93 -47.61 102.20 -60.21
C GLY NB 93 -48.47 102.91 -61.25
N GLN NB 94 -47.87 103.81 -62.02
CA GLN NB 94 -48.64 104.50 -63.07
C GLN NB 94 -49.18 103.51 -64.10
N ASN NB 95 -48.29 102.66 -64.64
CA ASN NB 95 -48.73 101.62 -65.55
C ASN NB 95 -49.75 100.70 -64.89
N MET NB 96 -49.54 100.38 -63.62
CA MET NB 96 -50.48 99.53 -62.90
C MET NB 96 -51.88 100.14 -62.88
N GLN NB 97 -51.95 101.46 -62.69
CA GLN NB 97 -53.24 102.12 -62.63
C GLN NB 97 -53.89 102.24 -64.01
N TYR NB 98 -53.10 102.55 -65.03
CA TYR NB 98 -53.66 102.88 -66.34
C TYR NB 98 -53.74 101.71 -67.31
N HIS NB 99 -53.23 100.53 -66.93
CA HIS NB 99 -53.30 99.35 -67.78
C HIS NB 99 -54.15 98.27 -67.11
N TYR NB 100 -54.90 97.55 -67.92
CA TYR NB 100 -55.75 96.48 -67.42
C TYR NB 100 -54.95 95.22 -67.09
N LEU NB 101 -53.80 95.04 -67.74
CA LEU NB 101 -53.02 93.81 -67.60
C LEU NB 101 -51.57 94.14 -67.25
N GLY NB 102 -50.94 93.21 -66.52
CA GLY NB 102 -49.55 93.36 -66.15
C GLY NB 102 -48.88 92.02 -66.00
N ARG NB 103 -47.56 92.03 -66.14
CA ARG NB 103 -46.76 90.80 -66.07
C ARG NB 103 -45.33 91.19 -65.77
N THR NB 104 -44.76 90.64 -64.70
CA THR NB 104 -43.43 91.06 -64.29
C THR NB 104 -42.76 89.97 -63.47
N GLY NB 105 -41.45 89.87 -63.60
CA GLY NB 105 -40.61 89.23 -62.62
C GLY NB 105 -39.99 90.27 -61.70
N TYR NB 106 -39.26 89.79 -60.70
CA TYR NB 106 -38.64 90.71 -59.76
C TYR NB 106 -37.24 90.25 -59.38
N THR NB 107 -36.42 91.21 -59.01
CA THR NB 107 -35.13 90.96 -58.35
C THR NB 107 -35.22 91.60 -56.98
N ILE NB 108 -35.22 90.79 -55.93
CA ILE NB 108 -35.37 91.25 -54.56
C ILE NB 108 -34.01 91.16 -53.89
N HIS NB 109 -33.59 92.24 -53.27
CA HIS NB 109 -32.35 92.31 -52.51
C HIS NB 109 -32.74 92.68 -51.09
N VAL NB 110 -32.71 91.68 -50.21
CA VAL NB 110 -32.96 91.90 -48.79
C VAL NB 110 -31.61 92.11 -48.15
N GLN NB 111 -31.33 93.33 -47.73
CA GLN NB 111 -30.07 93.71 -47.12
C GLN NB 111 -30.30 93.92 -45.63
N CYS NB 112 -29.40 93.41 -44.81
CA CYS NB 112 -29.46 93.58 -43.37
C CYS NB 112 -28.10 94.04 -42.90
N ASN NB 113 -28.07 95.02 -42.00
CA ASN NB 113 -26.79 95.61 -41.58
C ASN NB 113 -26.60 95.46 -40.08
N ALA NB 114 -25.56 94.72 -39.70
CA ALA NB 114 -25.23 94.48 -38.30
C ALA NB 114 -23.72 94.47 -38.14
N SER NB 115 -23.25 94.05 -36.96
CA SER NB 115 -21.84 93.94 -36.64
C SER NB 115 -21.50 92.49 -36.32
N LYS NB 116 -20.20 92.25 -36.07
CA LYS NB 116 -19.77 90.92 -35.66
C LYS NB 116 -20.39 90.54 -34.32
N PHE NB 117 -20.72 91.54 -33.49
CA PHE NB 117 -21.21 91.32 -32.13
C PHE NB 117 -22.73 91.21 -32.06
N HIS NB 118 -23.40 91.21 -33.21
CA HIS NB 118 -24.82 90.89 -33.28
C HIS NB 118 -25.00 89.45 -33.73
N GLN NB 119 -26.20 88.91 -33.51
CA GLN NB 119 -26.48 87.54 -33.88
C GLN NB 119 -27.97 87.40 -34.18
N GLY NB 120 -28.29 86.43 -35.01
CA GLY NB 120 -29.65 86.21 -35.46
C GLY NB 120 -29.66 85.50 -36.79
N CYS NB 121 -30.87 85.15 -37.23
CA CYS NB 121 -31.03 84.45 -38.50
C CYS NB 121 -32.41 84.72 -39.05
N LEU NB 122 -32.47 85.24 -40.28
CA LEU NB 122 -33.70 85.52 -40.99
C LEU NB 122 -33.89 84.53 -42.13
N LEU NB 123 -35.14 84.14 -42.36
CA LEU NB 123 -35.56 83.42 -43.55
C LEU NB 123 -36.18 84.43 -44.51
N VAL NB 124 -35.64 84.53 -45.72
CA VAL NB 124 -36.15 85.42 -46.76
C VAL NB 124 -36.73 84.53 -47.85
N VAL NB 125 -38.06 84.52 -47.97
CA VAL NB 125 -38.72 83.62 -48.90
C VAL NB 125 -39.71 84.40 -49.77
N CYS NB 126 -39.98 83.85 -50.96
CA CYS NB 126 -40.94 84.44 -51.90
C CYS NB 126 -42.06 83.43 -52.15
N VAL NB 127 -43.22 83.68 -51.54
CA VAL NB 127 -44.35 82.75 -51.62
C VAL NB 127 -45.24 83.18 -52.78
N PRO NB 128 -45.30 82.40 -53.86
CA PRO NB 128 -46.32 82.68 -54.89
C PRO NB 128 -47.71 82.29 -54.41
N GLU NB 129 -48.67 83.19 -54.60
CA GLU NB 129 -50.07 82.93 -54.27
C GLU NB 129 -50.22 82.65 -52.77
N ALA NB 130 -49.84 83.63 -51.96
CA ALA NB 130 -49.87 83.51 -50.50
C ALA NB 130 -51.26 83.83 -49.98
N GLU NB 131 -52.18 82.89 -50.22
CA GLU NB 131 -53.54 83.03 -49.69
C GLU NB 131 -53.50 82.86 -48.18
N MET NB 132 -53.92 83.89 -47.45
CA MET NB 132 -53.84 83.89 -46.00
C MET NB 132 -55.23 83.73 -45.38
N GLY NB 133 -55.26 83.17 -44.17
CA GLY NB 133 -56.51 82.92 -43.48
C GLY NB 133 -56.93 84.07 -42.58
N CYS NB 134 -58.15 83.95 -42.07
CA CYS NB 134 -58.77 84.97 -41.24
C CYS NB 134 -58.81 84.51 -39.79
N SER NB 135 -59.03 85.48 -38.88
CA SER NB 135 -59.22 85.15 -37.48
C SER NB 135 -60.63 84.61 -37.24
N ASN NB 136 -61.65 85.26 -37.79
CA ASN NB 136 -62.99 84.72 -37.81
C ASN NB 136 -63.10 83.79 -39.01
N LEU NB 137 -63.23 82.48 -38.76
CA LEU NB 137 -63.20 81.50 -39.84
C LEU NB 137 -64.39 81.60 -40.77
N ASN NB 138 -65.41 82.38 -40.43
CA ASN NB 138 -66.56 82.60 -41.30
C ASN NB 138 -66.42 83.87 -42.13
N ASN NB 139 -65.23 84.47 -42.19
CA ASN NB 139 -65.02 85.71 -42.91
C ASN NB 139 -63.69 85.62 -43.65
N THR NB 140 -63.56 86.43 -44.66
CA THR NB 140 -62.31 86.54 -45.37
C THR NB 140 -61.57 87.81 -44.94
N PRO NB 141 -60.25 87.79 -44.95
CA PRO NB 141 -59.49 88.95 -44.44
C PRO NB 141 -59.79 90.22 -45.22
N GLU NB 142 -59.44 91.34 -44.61
CA GLU NB 142 -59.69 92.65 -45.20
C GLU NB 142 -58.55 93.02 -46.16
N PHE NB 143 -58.88 93.82 -47.17
CA PHE NB 143 -57.86 94.20 -48.14
C PHE NB 143 -56.68 94.88 -47.46
N ALA NB 144 -56.96 95.82 -46.55
CA ALA NB 144 -55.87 96.52 -45.88
C ALA NB 144 -55.07 95.59 -44.98
N GLU NB 145 -55.74 94.60 -44.37
CA GLU NB 145 -55.03 93.64 -43.53
C GLU NB 145 -54.06 92.80 -44.36
N LEU NB 146 -54.48 92.41 -45.56
CA LEU NB 146 -53.61 91.64 -46.45
C LEU NB 146 -52.62 92.50 -47.22
N SER NB 147 -52.83 93.81 -47.27
CA SER NB 147 -52.06 94.71 -48.11
C SER NB 147 -51.25 95.68 -47.26
N GLY NB 148 -50.01 95.92 -47.67
CA GLY NB 148 -49.18 96.88 -46.98
C GLY NB 148 -48.14 97.51 -47.89
N GLY NB 149 -48.56 97.95 -49.07
CA GLY NB 149 -47.62 98.58 -49.97
C GLY NB 149 -46.95 99.76 -49.30
N ASP NB 150 -45.64 99.89 -49.52
CA ASP NB 150 -44.80 100.88 -48.82
C ASP NB 150 -45.07 100.89 -47.32
N THR NB 151 -45.61 99.80 -46.79
CA THR NB 151 -45.93 99.70 -45.34
C THR NB 151 -45.97 98.20 -45.01
N ALA NB 152 -44.81 97.64 -44.69
CA ALA NB 152 -44.71 96.21 -44.40
C ALA NB 152 -45.76 95.78 -43.40
N ARG NB 153 -46.53 94.75 -43.74
CA ARG NB 153 -47.41 94.15 -42.75
C ARG NB 153 -46.57 93.18 -41.91
N MET NB 154 -46.95 92.98 -40.67
CA MET NB 154 -46.11 92.25 -39.73
C MET NB 154 -46.77 90.95 -39.28
N PHE NB 155 -45.95 89.90 -39.13
CA PHE NB 155 -46.37 88.71 -38.43
C PHE NB 155 -46.39 88.99 -36.93
N THR NB 156 -47.13 88.17 -36.20
CA THR NB 156 -47.31 88.38 -34.77
C THR NB 156 -46.69 87.23 -33.98
N ASP NB 157 -46.33 87.56 -32.75
CA ASP NB 157 -45.84 86.58 -31.80
C ASP NB 157 -46.95 85.73 -31.21
N THR NB 158 -48.21 86.09 -31.45
CA THR NB 158 -49.34 85.43 -30.83
C THR NB 158 -50.45 85.21 -31.84
N GLN NB 159 -51.35 84.30 -31.51
CA GLN NB 159 -52.58 84.15 -32.27
C GLN NB 159 -53.46 85.38 -32.10
N ILE NB 160 -54.12 85.78 -33.18
CA ILE NB 160 -55.11 86.84 -33.09
C ILE NB 160 -56.43 86.24 -32.64
N GLY NB 161 -57.19 86.99 -31.84
CA GLY NB 161 -58.42 86.47 -31.29
C GLY NB 161 -59.50 86.36 -32.34
N GLU NB 162 -60.45 85.44 -32.10
CA GLU NB 162 -61.60 85.29 -32.98
C GLU NB 162 -62.11 86.67 -33.39
N THR NB 163 -62.41 87.51 -32.39
CA THR NB 163 -62.71 88.92 -32.60
C THR NB 163 -63.40 89.14 -33.94
N ASN NB 164 -64.66 88.70 -34.06
CA ASN NB 164 -65.36 88.70 -35.35
C ASN NB 164 -65.02 89.97 -36.13
N SER NB 165 -64.18 89.81 -37.15
CA SER NB 165 -63.61 90.91 -37.91
C SER NB 165 -62.82 90.32 -39.08
N LYS NB 166 -62.38 91.19 -39.98
CA LYS NB 166 -61.65 90.76 -41.17
C LYS NB 166 -60.15 90.97 -40.95
N LYS NB 167 -59.61 90.20 -40.01
CA LYS NB 167 -58.19 90.22 -39.67
C LYS NB 167 -57.53 88.92 -40.08
N VAL NB 168 -56.22 88.99 -40.31
CA VAL NB 168 -55.44 87.87 -40.83
C VAL NB 168 -54.79 87.15 -39.66
N GLN NB 169 -54.92 85.82 -39.62
CA GLN NB 169 -54.34 85.01 -38.56
C GLN NB 169 -52.81 84.95 -38.68
N THR NB 170 -52.12 85.91 -38.06
CA THR NB 170 -50.70 86.13 -38.29
C THR NB 170 -49.80 85.30 -37.39
N ALA NB 171 -50.31 84.22 -36.78
CA ALA NB 171 -49.46 83.34 -35.98
C ALA NB 171 -48.30 82.83 -36.81
N VAL NB 172 -47.08 83.25 -36.48
CA VAL NB 172 -45.95 83.07 -37.38
C VAL NB 172 -45.71 81.59 -37.66
N TRP NB 173 -45.84 80.73 -36.63
CA TRP NB 173 -45.55 79.32 -36.83
C TRP NB 173 -46.51 78.67 -37.83
N ASN NB 174 -47.54 79.37 -38.28
CA ASN NB 174 -48.38 78.92 -39.38
C ASN NB 174 -48.28 79.80 -40.61
N ALA NB 175 -47.52 80.90 -40.54
CA ALA NB 175 -47.31 81.81 -41.66
C ALA NB 175 -48.62 82.38 -42.20
N GLY NB 176 -49.68 82.32 -41.40
CA GLY NB 176 -50.98 82.78 -41.86
C GLY NB 176 -51.56 81.96 -42.98
N MET NB 177 -51.03 80.77 -43.24
CA MET NB 177 -51.52 79.91 -44.31
C MET NB 177 -51.89 78.51 -43.83
N GLY NB 178 -51.83 78.25 -42.53
CA GLY NB 178 -52.18 76.94 -42.00
C GLY NB 178 -51.17 75.85 -42.24
N VAL NB 179 -49.90 76.20 -42.44
CA VAL NB 179 -48.86 75.22 -42.71
C VAL NB 179 -47.82 75.27 -41.60
N GLY NB 180 -46.77 74.46 -41.73
CA GLY NB 180 -45.64 74.56 -40.84
C GLY NB 180 -44.63 75.58 -41.32
N VAL NB 181 -44.38 76.61 -40.52
CA VAL NB 181 -43.48 77.68 -40.93
C VAL NB 181 -42.13 77.12 -41.35
N GLY NB 182 -41.69 76.03 -40.71
CA GLY NB 182 -40.45 75.38 -41.06
C GLY NB 182 -40.46 74.68 -42.40
N ASN NB 183 -41.59 74.70 -43.10
CA ASN NB 183 -41.72 74.07 -44.40
C ASN NB 183 -41.80 75.08 -45.54
N LEU NB 184 -41.65 76.37 -45.24
CA LEU NB 184 -41.67 77.41 -46.27
C LEU NB 184 -40.47 77.32 -47.19
N THR NB 185 -39.46 76.50 -46.86
CA THR NB 185 -38.24 76.45 -47.66
C THR NB 185 -38.47 75.91 -49.06
N ILE NB 186 -39.63 75.31 -49.34
CA ILE NB 186 -39.90 74.84 -50.70
C ILE NB 186 -39.96 76.02 -51.66
N TYR NB 187 -40.52 77.15 -51.21
CA TYR NB 187 -40.50 78.35 -52.02
C TYR NB 187 -39.08 78.91 -52.10
N PRO NB 188 -38.73 79.55 -53.21
CA PRO NB 188 -37.39 80.13 -53.33
C PRO NB 188 -37.08 81.01 -52.13
N HIS NB 189 -35.86 80.86 -51.62
CA HIS NB 189 -35.51 81.45 -50.33
C HIS NB 189 -34.00 81.54 -50.17
N GLN NB 190 -33.61 82.38 -49.23
CA GLN NB 190 -32.25 82.44 -48.70
C GLN NB 190 -32.34 82.62 -47.19
N TRP NB 191 -31.18 82.52 -46.54
CA TRP NB 191 -31.06 82.81 -45.11
C TRP NB 191 -30.07 83.94 -44.93
N ILE NB 192 -30.44 84.91 -44.09
CA ILE NB 192 -29.52 85.96 -43.65
C ILE NB 192 -29.10 85.55 -42.23
N ASN NB 193 -27.99 84.85 -42.14
CA ASN NB 193 -27.37 84.53 -40.86
C ASN NB 193 -26.36 85.63 -40.55
N LEU NB 194 -26.71 86.52 -39.62
CA LEU NB 194 -25.85 87.68 -39.34
C LEU NB 194 -24.41 87.25 -39.11
N ARG NB 195 -24.20 86.00 -38.69
CA ARG NB 195 -22.85 85.49 -38.49
C ARG NB 195 -22.06 85.53 -39.78
N THR NB 196 -22.65 85.05 -40.88
CA THR NB 196 -21.92 84.85 -42.12
C THR NB 196 -22.56 85.50 -43.35
N ASN NB 197 -23.65 86.24 -43.20
CA ASN NB 197 -24.35 86.80 -44.35
C ASN NB 197 -24.82 88.19 -44.01
N ASN NB 198 -24.89 89.03 -45.05
CA ASN NB 198 -25.38 90.39 -44.93
C ASN NB 198 -26.60 90.67 -45.80
N SER NB 199 -26.87 89.84 -46.80
CA SER NB 199 -28.02 90.07 -47.66
C SER NB 199 -28.31 88.81 -48.46
N ALA NB 200 -29.48 88.82 -49.09
CA ALA NB 200 -29.93 87.73 -49.94
C ALA NB 200 -30.62 88.31 -51.17
N THR NB 201 -30.30 87.75 -52.33
CA THR NB 201 -30.84 88.21 -53.60
C THR NB 201 -31.61 87.07 -54.25
N ILE NB 202 -32.88 87.30 -54.53
CA ILE NB 202 -33.78 86.31 -55.11
C ILE NB 202 -34.37 86.88 -56.38
N VAL NB 203 -34.20 86.17 -57.49
CA VAL NB 203 -34.72 86.59 -58.79
C VAL NB 203 -35.92 85.71 -59.10
N MET NB 204 -37.12 86.26 -58.94
CA MET NB 204 -38.37 85.54 -59.12
C MET NB 204 -38.93 85.77 -60.52
N PRO NB 205 -39.37 84.73 -61.23
CA PRO NB 205 -40.04 84.92 -62.51
C PRO NB 205 -41.55 85.11 -62.33
N TYR NB 206 -42.20 85.43 -63.44
CA TYR NB 206 -43.65 85.58 -63.45
C TYR NB 206 -44.32 84.23 -63.23
N ILE NB 207 -45.01 84.08 -62.10
CA ILE NB 207 -45.68 82.84 -61.75
C ILE NB 207 -47.17 83.12 -61.66
N ASN NB 208 -47.94 82.56 -62.60
CA ASN NB 208 -49.40 82.71 -62.57
C ASN NB 208 -49.99 81.72 -63.56
N SER NB 209 -51.29 81.46 -63.39
CA SER NB 209 -51.98 80.51 -64.24
C SER NB 209 -52.35 81.10 -65.59
N VAL NB 210 -52.33 82.43 -65.73
CA VAL NB 210 -52.65 83.09 -66.99
C VAL NB 210 -51.41 83.79 -67.52
N PRO NB 211 -51.29 84.00 -68.83
CA PRO NB 211 -50.11 84.72 -69.35
C PRO NB 211 -50.01 86.14 -68.84
N MET NB 212 -51.13 86.82 -68.60
CA MET NB 212 -51.14 88.15 -68.02
C MET NB 212 -52.38 88.27 -67.13
N ASP NB 213 -52.28 89.12 -66.11
CA ASP NB 213 -53.36 89.28 -65.15
C ASP NB 213 -53.40 90.73 -64.68
N ASN NB 214 -54.51 91.09 -64.04
CA ASN NB 214 -54.66 92.41 -63.46
C ASN NB 214 -53.83 92.52 -62.18
N MET NB 215 -53.14 93.65 -62.02
CA MET NB 215 -52.16 93.82 -60.97
C MET NB 215 -52.75 94.31 -59.65
N PHE NB 216 -53.99 94.82 -59.66
CA PHE NB 216 -54.62 95.25 -58.41
C PHE NB 216 -55.46 94.14 -57.78
N ARG NB 217 -56.13 93.33 -58.61
CA ARG NB 217 -57.01 92.30 -58.09
C ARG NB 217 -56.27 91.07 -57.59
N HIS NB 218 -55.02 90.87 -58.01
CA HIS NB 218 -54.28 89.64 -57.72
C HIS NB 218 -52.85 89.98 -57.40
N ASN NB 219 -52.40 89.63 -56.19
CA ASN NB 219 -51.01 89.78 -55.78
C ASN NB 219 -50.34 88.42 -55.99
N ASN NB 220 -49.71 88.25 -57.15
CA ASN NB 220 -49.20 86.95 -57.54
C ASN NB 220 -48.09 86.45 -56.61
N LEU NB 221 -47.41 87.34 -55.89
CA LEU NB 221 -46.30 86.95 -55.04
C LEU NB 221 -46.42 87.65 -53.69
N THR NB 222 -45.68 87.11 -52.71
CA THR NB 222 -45.67 87.67 -51.35
C THR NB 222 -44.30 87.42 -50.75
N LEU NB 223 -43.57 88.51 -50.45
CA LEU NB 223 -42.27 88.39 -49.80
C LEU NB 223 -42.45 88.26 -48.29
N MET NB 224 -41.68 87.35 -47.69
CA MET NB 224 -41.72 87.09 -46.26
C MET NB 224 -40.31 87.11 -45.69
N ILE NB 225 -40.11 87.84 -44.60
CA ILE NB 225 -38.87 87.87 -43.85
C ILE NB 225 -39.21 87.48 -42.42
N ILE NB 226 -38.81 86.27 -42.00
CA ILE NB 226 -39.19 85.73 -40.71
C ILE NB 226 -37.93 85.41 -39.91
N PRO NB 227 -37.68 86.04 -38.77
CA PRO NB 227 -36.52 85.63 -37.94
C PRO NB 227 -36.77 84.28 -37.26
N PHE NB 228 -35.97 83.28 -37.64
CA PHE NB 228 -36.05 81.97 -37.00
C PHE NB 228 -35.21 81.89 -35.74
N VAL NB 229 -34.05 82.53 -35.73
CA VAL NB 229 -33.22 82.69 -34.55
C VAL NB 229 -33.18 84.18 -34.21
N PRO NB 230 -33.68 84.59 -33.06
CA PRO NB 230 -33.93 86.02 -32.83
C PRO NB 230 -32.65 86.83 -32.74
N LEU NB 231 -32.81 88.13 -32.97
CA LEU NB 231 -31.71 89.07 -32.80
C LEU NB 231 -31.25 89.07 -31.35
N ASN NB 232 -29.95 89.26 -31.15
CA ASN NB 232 -29.39 89.39 -29.81
C ASN NB 232 -28.16 90.28 -29.87
N TYR NB 233 -27.84 90.88 -28.73
CA TYR NB 233 -26.77 91.85 -28.61
C TYR NB 233 -26.58 92.18 -27.14
N SER NB 234 -25.33 92.43 -26.75
CA SER NB 234 -25.05 92.87 -25.40
C SER NB 234 -25.32 94.36 -25.25
N GLU NB 235 -25.51 94.79 -24.01
CA GLU NB 235 -25.80 96.20 -23.74
C GLU NB 235 -24.70 97.07 -24.33
N GLY NB 236 -25.11 98.10 -25.09
CA GLY NB 236 -24.18 99.00 -25.73
C GLY NB 236 -24.27 98.96 -27.24
N SER NB 237 -24.32 97.76 -27.81
CA SER NB 237 -24.51 97.63 -29.25
C SER NB 237 -25.91 98.08 -29.65
N SER NB 238 -26.01 98.67 -30.83
CA SER NB 238 -27.26 99.26 -31.29
C SER NB 238 -28.37 98.20 -31.28
N PRO NB 239 -29.53 98.48 -30.67
CA PRO NB 239 -30.58 97.46 -30.58
C PRO NB 239 -31.41 97.31 -31.84
N TYR NB 240 -31.16 98.11 -32.87
CA TYR NB 240 -31.95 98.12 -34.09
C TYR NB 240 -31.07 97.62 -35.23
N VAL NB 241 -31.33 96.40 -35.68
CA VAL NB 241 -30.64 95.80 -36.82
C VAL NB 241 -31.50 96.04 -38.05
N PRO NB 242 -31.13 96.97 -38.93
CA PRO NB 242 -32.03 97.35 -40.03
C PRO NB 242 -32.02 96.38 -41.19
N ILE NB 243 -33.22 96.15 -41.72
CA ILE NB 243 -33.48 95.33 -42.89
C ILE NB 243 -34.08 96.25 -43.95
N THR NB 244 -33.40 96.34 -45.09
CA THR NB 244 -33.82 97.17 -46.22
C THR NB 244 -34.13 96.26 -47.39
N VAL NB 245 -35.35 96.35 -47.90
CA VAL NB 245 -35.80 95.55 -49.04
C VAL NB 245 -35.70 96.42 -50.29
N THR NB 246 -35.14 95.84 -51.36
CA THR NB 246 -35.03 96.56 -52.63
C THR NB 246 -35.54 95.67 -53.75
N ILE NB 247 -36.63 96.08 -54.39
CA ILE NB 247 -37.28 95.31 -55.44
C ILE NB 247 -37.04 96.00 -56.77
N ALA NB 248 -36.75 95.20 -57.79
CA ALA NB 248 -36.57 95.71 -59.15
C ALA NB 248 -37.42 94.90 -60.11
N PRO NB 249 -38.44 95.49 -60.74
CA PRO NB 249 -39.16 94.76 -61.78
C PRO NB 249 -38.24 94.35 -62.91
N MET NB 250 -38.56 93.22 -63.53
CA MET NB 250 -37.76 92.64 -64.60
C MET NB 250 -38.71 92.13 -65.67
N CYS NB 251 -38.46 92.55 -66.92
CA CYS NB 251 -39.26 92.18 -68.07
C CYS NB 251 -40.74 92.43 -67.80
N ALA NB 252 -41.03 93.70 -67.48
CA ALA NB 252 -42.40 94.13 -67.19
C ALA NB 252 -43.16 94.44 -68.47
N GLU NB 253 -44.41 93.98 -68.54
CA GLU NB 253 -45.30 94.28 -69.65
C GLU NB 253 -46.65 94.72 -69.10
N TYR NB 254 -47.37 95.49 -69.92
CA TYR NB 254 -48.70 95.95 -69.55
C TYR NB 254 -49.56 96.02 -70.82
N ASN NB 255 -50.79 95.52 -70.72
CA ASN NB 255 -51.71 95.51 -71.84
C ASN NB 255 -53.10 96.00 -71.42
N GLY OB 1 -69.45 37.46 -85.77
CA GLY OB 1 -69.89 36.88 -84.47
C GLY OB 1 -68.87 37.06 -83.37
N LEU OB 2 -67.60 36.79 -83.68
CA LEU OB 2 -66.50 36.90 -82.72
C LEU OB 2 -66.94 36.36 -81.37
N PRO OB 3 -66.99 35.04 -81.19
CA PRO OB 3 -67.46 34.49 -79.91
C PRO OB 3 -66.63 35.01 -78.74
N VAL OB 4 -67.32 35.27 -77.63
CA VAL OB 4 -66.74 35.91 -76.47
C VAL OB 4 -67.24 35.24 -75.20
N MET OB 5 -66.40 35.25 -74.17
CA MET OB 5 -66.74 34.71 -72.85
C MET OB 5 -66.39 35.75 -71.81
N THR OB 6 -67.39 36.21 -71.06
CA THR OB 6 -67.15 37.16 -69.98
C THR OB 6 -66.35 36.49 -68.87
N THR OB 7 -65.23 37.12 -68.48
CA THR OB 7 -64.39 36.59 -67.42
C THR OB 7 -64.75 37.22 -66.08
N PRO OB 8 -64.40 36.57 -64.97
CA PRO OB 8 -64.62 37.19 -63.67
C PRO OB 8 -63.97 38.56 -63.59
N GLY OB 9 -64.65 39.49 -62.91
CA GLY OB 9 -64.19 40.85 -62.80
C GLY OB 9 -64.95 41.83 -63.67
N SER OB 10 -65.77 41.35 -64.60
CA SER OB 10 -66.60 42.26 -65.39
C SER OB 10 -67.57 43.01 -64.49
N THR OB 11 -67.99 44.19 -64.93
CA THR OB 11 -68.92 45.01 -64.18
C THR OB 11 -68.32 45.44 -62.84
N GLN OB 12 -67.05 45.84 -62.87
CA GLN OB 12 -66.26 46.10 -61.68
C GLN OB 12 -65.72 47.52 -61.68
N PHE OB 13 -65.81 48.18 -60.52
CA PHE OB 13 -65.23 49.50 -60.31
C PHE OB 13 -64.09 49.34 -59.31
N LEU OB 14 -62.88 49.15 -59.84
CA LEU OB 14 -61.67 49.12 -59.02
C LEU OB 14 -61.15 50.54 -58.86
N THR OB 15 -61.14 51.04 -57.63
CA THR OB 15 -60.65 52.39 -57.36
C THR OB 15 -59.37 52.68 -58.14
N SER OB 16 -58.39 51.78 -58.05
CA SER OB 16 -57.11 51.94 -58.74
C SER OB 16 -57.11 51.22 -60.08
N ASP OB 17 -58.11 51.51 -60.92
CA ASP OB 17 -58.19 50.95 -62.25
C ASP OB 17 -57.73 51.98 -63.28
N ASP OB 18 -57.47 51.49 -64.49
CA ASP OB 18 -56.98 52.30 -65.59
C ASP OB 18 -57.75 51.97 -66.86
N PHE OB 19 -59.07 51.81 -66.74
CA PHE OB 19 -59.90 51.50 -67.89
C PHE OB 19 -60.12 52.75 -68.74
N GLN OB 20 -60.49 52.54 -70.00
CA GLN OB 20 -60.82 53.63 -70.89
C GLN OB 20 -62.20 54.19 -70.59
N SER OB 21 -62.36 55.49 -70.79
CA SER OB 21 -63.62 56.16 -70.49
C SER OB 21 -64.07 56.98 -71.68
N PRO OB 22 -65.38 57.00 -71.96
CA PRO OB 22 -65.89 57.85 -73.05
C PRO OB 22 -65.91 59.31 -72.63
N SER OB 23 -65.43 60.18 -73.51
CA SER OB 23 -65.42 61.61 -73.21
C SER OB 23 -66.83 62.17 -73.27
N ALA OB 24 -67.16 63.03 -72.30
CA ALA OB 24 -68.50 63.59 -72.20
C ALA OB 24 -68.65 64.90 -72.97
N MET OB 25 -67.55 65.60 -73.24
CA MET OB 25 -67.58 66.86 -73.99
C MET OB 25 -66.57 66.77 -75.12
N PRO OB 26 -66.85 65.97 -76.14
CA PRO OB 26 -65.93 65.85 -77.27
C PRO OB 26 -65.78 67.17 -78.03
N GLN OB 27 -64.60 67.36 -78.60
CA GLN OB 27 -64.30 68.50 -79.46
C GLN OB 27 -64.18 69.81 -78.70
N PHE OB 28 -64.03 69.77 -77.37
CA PHE OB 28 -63.75 70.97 -76.61
C PHE OB 28 -62.29 71.34 -76.78
N ASP OB 29 -62.03 72.49 -77.41
CA ASP OB 29 -60.67 72.97 -77.63
C ASP OB 29 -60.08 73.41 -76.31
N VAL OB 30 -59.30 72.54 -75.67
CA VAL OB 30 -58.69 72.90 -74.40
C VAL OB 30 -57.77 74.10 -74.61
N THR OB 31 -57.79 75.03 -73.65
CA THR OB 31 -56.86 76.15 -73.72
C THR OB 31 -55.44 75.61 -73.74
N PRO OB 32 -54.57 76.11 -74.61
CA PRO OB 32 -53.22 75.52 -74.72
C PRO OB 32 -52.49 75.58 -73.39
N GLU OB 33 -51.31 74.96 -73.37
CA GLU OB 33 -50.49 74.94 -72.17
C GLU OB 33 -49.54 76.13 -72.16
N MET OB 34 -49.12 76.51 -70.95
CA MET OB 34 -48.10 77.52 -70.74
C MET OB 34 -47.04 76.95 -69.81
N GLN OB 35 -45.79 77.30 -70.07
CA GLN OB 35 -44.66 76.79 -69.28
C GLN OB 35 -44.65 77.52 -67.94
N ILE OB 36 -45.48 77.04 -67.04
CA ILE OB 36 -45.51 77.62 -65.69
C ILE OB 36 -44.25 77.22 -64.94
N PRO OB 37 -43.57 78.13 -64.26
CA PRO OB 37 -42.30 77.75 -63.62
C PRO OB 37 -42.49 76.73 -62.52
N GLY OB 38 -41.42 76.01 -62.22
CA GLY OB 38 -41.40 75.09 -61.10
C GLY OB 38 -42.36 73.92 -61.23
N ARG OB 39 -42.38 73.26 -62.38
CA ARG OB 39 -43.18 72.06 -62.53
C ARG OB 39 -42.59 70.94 -61.69
N VAL OB 40 -43.43 70.28 -60.90
CA VAL OB 40 -43.02 69.11 -60.12
C VAL OB 40 -43.36 67.87 -60.93
N ASN OB 41 -42.42 66.93 -60.99
CA ASN OB 41 -42.64 65.66 -61.67
C ASN OB 41 -42.66 64.47 -60.71
N ASN OB 42 -42.02 64.59 -59.55
CA ASN OB 42 -42.02 63.53 -58.56
C ASN OB 42 -42.01 64.16 -57.17
N LEU OB 43 -42.57 63.43 -56.20
CA LEU OB 43 -42.60 63.92 -54.83
C LEU OB 43 -41.22 63.88 -54.18
N MET OB 44 -40.30 63.08 -54.71
CA MET OB 44 -38.94 63.11 -54.19
C MET OB 44 -38.28 64.45 -54.45
N GLU OB 45 -38.70 65.17 -55.50
CA GLU OB 45 -38.21 66.52 -55.70
C GLU OB 45 -38.52 67.40 -54.50
N ILE OB 46 -39.66 67.16 -53.84
CA ILE OB 46 -39.99 67.89 -52.62
C ILE OB 46 -39.20 67.33 -51.44
N ALA OB 47 -39.16 66.01 -51.33
CA ALA OB 47 -38.49 65.38 -50.19
C ALA OB 47 -37.00 65.72 -50.13
N GLU OB 48 -36.40 66.09 -51.26
CA GLU OB 48 -34.98 66.39 -51.30
C GLU OB 48 -34.66 67.81 -50.85
N VAL OB 49 -35.66 68.60 -50.48
CA VAL OB 49 -35.46 70.00 -50.14
C VAL OB 49 -35.30 70.12 -48.63
N ASP OB 50 -34.27 70.87 -48.20
CA ASP OB 50 -34.05 71.11 -46.78
C ASP OB 50 -35.25 71.82 -46.17
N SER OB 51 -35.67 71.37 -45.01
CA SER OB 51 -36.76 71.99 -44.27
C SER OB 51 -36.41 72.02 -42.79
N VAL OB 52 -36.82 73.08 -42.11
CA VAL OB 52 -36.44 73.29 -40.72
C VAL OB 52 -37.04 72.19 -39.85
N VAL OB 53 -36.27 71.68 -38.91
CA VAL OB 53 -36.66 70.57 -38.06
C VAL OB 53 -37.03 71.12 -36.69
N PRO OB 54 -38.22 70.79 -36.15
CA PRO OB 54 -38.57 71.21 -34.78
C PRO OB 54 -37.99 70.27 -33.73
N VAL OB 55 -36.68 70.43 -33.49
CA VAL OB 55 -36.01 69.56 -32.52
C VAL OB 55 -36.50 69.85 -31.11
N ASN OB 56 -36.85 71.09 -30.81
CA ASN OB 56 -37.27 71.49 -29.46
C ASN OB 56 -38.79 71.40 -29.34
N ASN OB 57 -39.28 70.15 -29.31
CA ASN OB 57 -40.72 69.89 -29.30
C ASN OB 57 -41.40 70.26 -28.00
N THR OB 58 -40.69 70.87 -27.05
CA THR OB 58 -41.24 71.24 -25.76
C THR OB 58 -42.66 71.77 -25.89
N GLU OB 59 -43.58 71.17 -25.13
CA GLU OB 59 -44.98 71.58 -25.09
C GLU OB 59 -45.13 73.09 -25.20
N ALA OB 60 -44.26 73.85 -24.51
CA ALA OB 60 -44.38 75.29 -24.53
C ALA OB 60 -43.87 75.90 -25.84
N ASN OB 61 -42.93 75.23 -26.52
CA ASN OB 61 -42.36 75.77 -27.75
C ASN OB 61 -43.09 75.32 -29.01
N VAL OB 62 -43.85 74.22 -28.95
CA VAL OB 62 -44.42 73.63 -30.16
C VAL OB 62 -45.30 74.63 -30.90
N ASN OB 63 -46.03 75.47 -30.17
CA ASN OB 63 -46.88 76.49 -30.78
C ASN OB 63 -46.14 77.81 -30.98
N SER OB 64 -44.85 77.74 -31.27
CA SER OB 64 -44.05 78.95 -31.43
C SER OB 64 -42.81 78.59 -32.25
N LEU OB 65 -42.08 79.62 -32.67
CA LEU OB 65 -40.84 79.42 -33.40
C LEU OB 65 -39.74 78.80 -32.52
N LYS OB 66 -39.92 78.77 -31.21
CA LYS OB 66 -38.93 78.15 -30.34
C LYS OB 66 -38.74 76.68 -30.66
N ALA OB 67 -39.71 76.05 -31.32
CA ALA OB 67 -39.60 74.63 -31.65
C ALA OB 67 -38.40 74.37 -32.57
N TYR OB 68 -38.11 75.29 -33.47
CA TYR OB 68 -37.04 75.09 -34.43
C TYR OB 68 -35.68 75.48 -33.89
N GLN OB 69 -35.63 76.09 -32.71
CA GLN OB 69 -34.39 76.60 -32.12
C GLN OB 69 -33.81 75.56 -31.16
N ILE OB 70 -32.57 75.13 -31.42
CA ILE OB 70 -31.84 74.25 -30.52
C ILE OB 70 -30.95 75.14 -29.66
N PRO OB 71 -31.29 75.35 -28.39
CA PRO OB 71 -30.51 76.27 -27.56
C PRO OB 71 -29.14 75.68 -27.24
N VAL OB 72 -28.11 76.53 -27.31
CA VAL OB 72 -26.79 76.20 -26.80
C VAL OB 72 -26.33 77.37 -25.95
N GLN OB 73 -25.54 77.08 -24.92
CA GLN OB 73 -25.08 78.10 -23.99
C GLN OB 73 -23.69 77.72 -23.53
N SER OB 74 -22.98 78.69 -22.97
CA SER OB 74 -21.65 78.41 -22.41
C SER OB 74 -21.81 77.40 -21.28
N ASN OB 75 -21.37 76.16 -21.51
CA ASN OB 75 -21.57 75.09 -20.55
C ASN OB 75 -20.68 75.28 -19.33
N SER OB 76 -20.92 74.44 -18.32
CA SER OB 76 -20.18 74.55 -17.05
C SER OB 76 -18.78 73.98 -17.18
N ASP OB 77 -18.65 72.69 -17.51
CA ASP OB 77 -17.34 72.06 -17.60
C ASP OB 77 -17.10 71.66 -19.08
N ASN OB 78 -17.52 70.46 -19.48
CA ASN OB 78 -17.32 69.99 -20.85
C ASN OB 78 -18.07 68.68 -21.06
N GLY OB 79 -18.89 68.58 -22.10
CA GLY OB 79 -19.53 67.33 -22.43
C GLY OB 79 -20.92 67.16 -21.85
N LYS OB 80 -21.94 67.48 -22.65
CA LYS OB 80 -23.33 67.38 -22.24
C LYS OB 80 -24.19 67.34 -23.49
N GLN OB 81 -25.06 66.33 -23.59
CA GLN OB 81 -25.92 66.20 -24.75
C GLN OB 81 -26.62 67.52 -25.06
N VAL OB 82 -26.52 67.95 -26.33
CA VAL OB 82 -27.22 69.14 -26.79
C VAL OB 82 -28.63 68.79 -27.24
N PHE OB 83 -28.76 67.73 -28.02
CA PHE OB 83 -30.04 67.24 -28.49
C PHE OB 83 -29.88 65.79 -28.91
N GLY OB 84 -31.01 65.12 -29.02
CA GLY OB 84 -31.02 63.76 -29.50
C GLY OB 84 -32.37 63.38 -30.07
N PHE OB 85 -32.40 62.95 -31.32
CA PHE OB 85 -33.63 62.44 -31.90
C PHE OB 85 -33.37 61.09 -32.56
N PRO OB 86 -34.37 60.23 -32.60
CA PRO OB 86 -34.21 58.97 -33.32
C PRO OB 86 -34.27 59.18 -34.82
N LEU OB 87 -33.80 58.18 -35.55
CA LEU OB 87 -33.81 58.19 -37.02
C LEU OB 87 -35.13 57.66 -37.54
N GLN OB 88 -36.22 58.16 -36.96
CA GLN OB 88 -37.56 57.80 -37.39
C GLN OB 88 -38.18 58.96 -38.15
N PRO OB 89 -37.83 59.15 -39.43
CA PRO OB 89 -38.37 60.30 -40.16
C PRO OB 89 -39.88 60.31 -40.28
N GLY OB 90 -40.52 59.14 -40.25
CA GLY OB 90 -41.95 59.08 -40.47
C GLY OB 90 -42.78 58.86 -39.22
N ALA OB 91 -42.15 58.46 -38.12
CA ALA OB 91 -42.84 58.10 -36.90
C ALA OB 91 -42.65 59.12 -35.78
N ASN OB 92 -41.41 59.48 -35.48
CA ASN OB 92 -41.15 60.39 -34.37
C ASN OB 92 -41.68 61.78 -34.68
N GLY OB 93 -42.13 62.47 -33.63
CA GLY OB 93 -42.72 63.78 -33.79
C GLY OB 93 -41.77 64.84 -34.29
N VAL OB 94 -40.46 64.64 -34.08
CA VAL OB 94 -39.49 65.66 -34.51
C VAL OB 94 -39.48 65.79 -36.02
N LEU OB 95 -39.66 64.68 -36.74
CA LEU OB 95 -39.54 64.67 -38.19
C LEU OB 95 -40.84 64.39 -38.92
N ASN OB 96 -41.87 63.89 -38.24
CA ASN OB 96 -43.06 63.42 -38.95
C ASN OB 96 -43.75 64.55 -39.71
N ARG OB 97 -43.58 65.80 -39.28
CA ARG OB 97 -44.22 66.94 -39.94
C ARG OB 97 -43.27 67.77 -40.80
N THR OB 98 -41.99 67.42 -40.84
CA THR OB 98 -41.07 68.04 -41.79
C THR OB 98 -41.60 67.80 -43.21
N LEU OB 99 -40.96 68.44 -44.20
CA LEU OB 99 -41.27 68.11 -45.58
C LEU OB 99 -41.11 66.61 -45.80
N LEU OB 100 -39.95 66.08 -45.41
CA LEU OB 100 -39.64 64.68 -45.62
C LEU OB 100 -40.66 63.79 -44.92
N GLY OB 101 -40.95 64.06 -43.65
CA GLY OB 101 -41.88 63.23 -42.92
C GLY OB 101 -43.30 63.31 -43.46
N GLU OB 102 -43.73 64.52 -43.82
CA GLU OB 102 -45.05 64.69 -44.42
C GLU OB 102 -45.19 63.85 -45.67
N ILE OB 103 -44.18 63.85 -46.53
CA ILE OB 103 -44.24 63.03 -47.73
C ILE OB 103 -44.19 61.54 -47.37
N LEU OB 104 -43.35 61.17 -46.41
CA LEU OB 104 -43.21 59.78 -46.03
C LEU OB 104 -44.52 59.21 -45.52
N ASN OB 105 -45.32 60.03 -44.82
CA ASN OB 105 -46.56 59.53 -44.25
C ASN OB 105 -47.61 59.20 -45.30
N TYR OB 106 -47.39 59.54 -46.56
CA TYR OB 106 -48.30 59.14 -47.63
C TYR OB 106 -47.94 57.77 -48.22
N TYR OB 107 -46.86 57.16 -47.74
CA TYR OB 107 -46.41 55.86 -48.25
C TYR OB 107 -46.15 54.92 -47.07
N THR OB 108 -46.09 53.62 -47.38
CA THR OB 108 -45.88 52.61 -46.36
C THR OB 108 -44.41 52.26 -46.19
N HIS OB 109 -43.65 52.21 -47.28
CA HIS OB 109 -42.24 51.87 -47.26
C HIS OB 109 -41.40 53.07 -47.64
N TRP OB 110 -40.20 53.15 -47.06
CA TRP OB 110 -39.24 54.19 -47.43
C TRP OB 110 -37.84 53.63 -47.31
N SER OB 111 -36.92 54.22 -48.06
CA SER OB 111 -35.55 53.73 -48.11
C SER OB 111 -34.64 54.86 -48.54
N GLY OB 112 -33.52 55.02 -47.85
CA GLY OB 112 -32.50 55.97 -48.28
C GLY OB 112 -31.80 56.60 -47.10
N SER OB 113 -30.80 57.42 -47.44
CA SER OB 113 -30.00 58.16 -46.48
C SER OB 113 -30.65 59.52 -46.18
N ILE OB 114 -30.15 60.18 -45.15
CA ILE OB 114 -30.77 61.42 -44.69
C ILE OB 114 -29.70 62.48 -44.45
N LYS OB 115 -29.88 63.66 -45.02
CA LYS OB 115 -28.96 64.77 -44.82
C LYS OB 115 -29.47 65.63 -43.67
N LEU OB 116 -28.67 65.73 -42.60
CA LEU OB 116 -28.95 66.58 -41.46
C LEU OB 116 -27.95 67.74 -41.51
N THR OB 117 -28.46 68.92 -41.81
CA THR OB 117 -27.65 70.14 -41.84
C THR OB 117 -27.86 70.89 -40.53
N PHE OB 118 -26.77 71.27 -39.88
CA PHE OB 118 -26.81 72.01 -38.63
C PHE OB 118 -26.14 73.35 -38.84
N MET OB 119 -26.87 74.44 -38.57
CA MET OB 119 -26.37 75.79 -38.76
C MET OB 119 -26.30 76.50 -37.42
N PHE OB 120 -25.14 77.08 -37.13
CA PHE OB 120 -24.94 77.82 -35.88
C PHE OB 120 -25.31 79.28 -36.11
N CYS OB 121 -26.38 79.74 -35.44
CA CYS OB 121 -26.89 81.09 -35.62
C CYS OB 121 -26.47 82.02 -34.49
N GLY OB 122 -25.28 81.84 -33.94
CA GLY OB 122 -24.76 82.71 -32.93
C GLY OB 122 -23.99 83.87 -33.53
N SER OB 123 -23.32 84.61 -32.64
CA SER OB 123 -22.54 85.75 -33.09
C SER OB 123 -21.36 85.30 -33.95
N ALA OB 124 -20.89 86.21 -34.79
CA ALA OB 124 -19.71 85.93 -35.59
C ALA OB 124 -18.48 85.71 -34.72
N MET OB 125 -18.54 86.09 -33.45
CA MET OB 125 -17.39 86.00 -32.57
C MET OB 125 -17.31 84.68 -31.79
N ALA OB 126 -18.37 83.88 -31.81
CA ALA OB 126 -18.39 82.67 -30.99
C ALA OB 126 -17.56 81.57 -31.62
N THR OB 127 -16.93 80.76 -30.75
CA THR OB 127 -16.18 79.59 -31.16
C THR OB 127 -16.48 78.45 -30.20
N GLY OB 128 -16.13 77.24 -30.62
CA GLY OB 128 -16.41 76.05 -29.84
C GLY OB 128 -16.35 74.84 -30.73
N LYS OB 129 -16.66 73.68 -30.15
CA LYS OB 129 -16.66 72.44 -30.89
C LYS OB 129 -17.79 71.54 -30.41
N PHE OB 130 -18.39 70.81 -31.36
CA PHE OB 130 -19.50 69.92 -31.07
C PHE OB 130 -19.23 68.55 -31.69
N LEU OB 131 -19.84 67.52 -31.10
CA LEU OB 131 -19.71 66.15 -31.56
C LEU OB 131 -21.08 65.67 -32.01
N LEU OB 132 -21.26 65.46 -33.31
CA LEU OB 132 -22.48 64.90 -33.86
C LEU OB 132 -22.26 63.41 -34.08
N ALA OB 133 -23.06 62.57 -33.43
CA ALA OB 133 -22.85 61.13 -33.49
C ALA OB 133 -24.13 60.39 -33.88
N TYR OB 134 -23.98 59.45 -34.81
CA TYR OB 134 -25.07 58.55 -35.22
C TYR OB 134 -24.79 57.16 -34.70
N SER OB 135 -25.69 56.65 -33.86
CA SER OB 135 -25.61 55.29 -33.36
C SER OB 135 -26.58 54.42 -34.13
N PRO OB 136 -26.12 53.49 -34.95
CA PRO OB 136 -27.04 52.62 -35.70
C PRO OB 136 -28.00 51.90 -34.76
N PRO OB 137 -29.01 51.22 -35.28
CA PRO OB 137 -29.98 50.56 -34.39
C PRO OB 137 -29.31 49.46 -33.60
N GLY OB 138 -29.65 49.38 -32.32
CA GLY OB 138 -29.06 48.40 -31.44
C GLY OB 138 -28.06 49.03 -30.50
N ALA OB 139 -27.30 50.00 -30.98
CA ALA OB 139 -26.37 50.75 -30.14
C ALA OB 139 -27.13 51.93 -29.55
N GLY OB 140 -27.36 51.87 -28.24
CA GLY OB 140 -28.13 52.91 -27.57
C GLY OB 140 -27.54 54.29 -27.75
N VAL OB 141 -28.24 55.30 -27.24
CA VAL OB 141 -27.72 56.67 -27.33
C VAL OB 141 -26.45 56.77 -26.49
N PRO OB 142 -25.35 57.30 -27.03
CA PRO OB 142 -24.15 57.45 -26.21
C PRO OB 142 -24.45 58.24 -24.96
N LYS OB 143 -23.89 57.80 -23.84
CA LYS OB 143 -24.10 58.44 -22.55
C LYS OB 143 -22.97 59.40 -22.19
N ASN OB 144 -22.01 59.61 -23.09
CA ASN OB 144 -20.90 60.50 -22.76
C ASN OB 144 -20.13 60.87 -24.02
N ARG OB 145 -19.36 61.96 -23.89
CA ARG OB 145 -18.50 62.42 -24.98
C ARG OB 145 -17.65 61.29 -25.52
N LYS OB 146 -17.04 60.49 -24.63
CA LYS OB 146 -16.21 59.38 -25.10
C LYS OB 146 -17.04 58.34 -25.84
N ASP OB 147 -18.22 58.02 -25.31
CA ASP OB 147 -19.09 57.05 -25.96
C ASP OB 147 -19.36 57.46 -27.41
N ALA OB 148 -19.68 58.74 -27.62
CA ALA OB 148 -19.89 59.21 -28.99
C ALA OB 148 -18.57 59.33 -29.75
N MET OB 149 -17.46 59.57 -29.04
CA MET OB 149 -16.17 59.75 -29.68
C MET OB 149 -15.71 58.50 -30.38
N LEU OB 150 -16.02 57.33 -29.82
CA LEU OB 150 -15.56 56.09 -30.43
C LEU OB 150 -16.58 55.49 -31.41
N GLY OB 151 -17.78 56.06 -31.52
CA GLY OB 151 -18.76 55.64 -32.50
C GLY OB 151 -18.87 56.65 -33.64
N THR OB 152 -19.67 56.28 -34.64
CA THR OB 152 -19.85 57.13 -35.81
C THR OB 152 -20.11 58.57 -35.39
N HIS OB 153 -19.17 59.46 -35.70
CA HIS OB 153 -19.24 60.83 -35.19
C HIS OB 153 -18.51 61.77 -36.13
N VAL OB 154 -18.71 63.06 -35.87
CA VAL OB 154 -18.07 64.15 -36.60
C VAL OB 154 -17.89 65.31 -35.63
N ILE OB 155 -16.70 65.92 -35.64
CA ILE OB 155 -16.39 67.07 -34.82
C ILE OB 155 -16.58 68.32 -35.67
N TRP OB 156 -17.31 69.29 -35.13
CA TRP OB 156 -17.72 70.49 -35.85
C TRP OB 156 -17.30 71.70 -35.03
N ASP OB 157 -16.34 72.47 -35.54
CA ASP OB 157 -15.90 73.69 -34.89
C ASP OB 157 -16.81 74.83 -35.31
N VAL OB 158 -17.44 75.50 -34.33
CA VAL OB 158 -18.31 76.62 -34.64
C VAL OB 158 -17.54 77.73 -35.34
N GLY OB 159 -16.25 77.86 -35.03
CA GLY OB 159 -15.39 78.72 -35.82
C GLY OB 159 -14.88 77.99 -37.04
N LEU OB 160 -14.58 78.76 -38.08
CA LEU OB 160 -14.08 78.21 -39.33
C LEU OB 160 -15.19 77.55 -40.16
N GLN OB 161 -16.33 77.26 -39.53
CA GLN OB 161 -17.40 76.56 -40.23
C GLN OB 161 -18.71 76.84 -39.52
N SER OB 162 -19.60 77.58 -40.18
CA SER OB 162 -20.87 77.97 -39.58
C SER OB 162 -21.94 76.90 -39.75
N SER OB 163 -21.86 76.11 -40.81
CA SER OB 163 -22.79 75.02 -41.06
C SER OB 163 -22.03 73.72 -41.24
N CYS OB 164 -22.66 72.63 -40.82
CA CYS OB 164 -22.08 71.29 -40.92
C CYS OB 164 -23.17 70.30 -41.28
N VAL OB 165 -22.97 69.54 -42.34
CA VAL OB 165 -23.95 68.59 -42.84
C VAL OB 165 -23.41 67.19 -42.64
N LEU OB 166 -24.16 66.36 -41.93
CA LEU OB 166 -23.85 64.95 -41.77
C LEU OB 166 -24.89 64.11 -42.51
N CYS OB 167 -24.42 63.11 -43.24
CA CYS OB 167 -25.28 62.24 -44.03
C CYS OB 167 -25.44 60.91 -43.29
N VAL OB 168 -26.58 60.73 -42.64
CA VAL OB 168 -26.90 59.49 -41.94
C VAL OB 168 -27.11 58.42 -42.99
N PRO OB 169 -26.37 57.30 -42.91
CA PRO OB 169 -26.44 56.28 -43.96
C PRO OB 169 -27.64 55.36 -43.81
N TRP OB 170 -27.87 54.59 -44.86
CA TRP OB 170 -28.92 53.57 -44.88
C TRP OB 170 -28.31 52.27 -44.38
N ILE OB 171 -28.49 51.99 -43.09
CA ILE OB 171 -28.01 50.77 -42.46
C ILE OB 171 -29.25 50.01 -42.03
N SER OB 172 -29.73 49.11 -42.90
CA SER OB 172 -30.98 48.40 -42.64
C SER OB 172 -30.88 46.97 -43.14
N GLN OB 173 -31.57 46.07 -42.44
CA GLN OB 173 -31.60 44.67 -42.83
C GLN OB 173 -32.37 44.47 -44.13
N THR OB 174 -33.41 45.26 -44.35
CA THR OB 174 -34.33 45.08 -45.46
C THR OB 174 -34.05 46.10 -46.57
N HIS OB 175 -34.69 45.86 -47.72
CA HIS OB 175 -34.63 46.82 -48.81
C HIS OB 175 -35.35 48.12 -48.44
N TYR OB 176 -36.37 48.04 -47.59
CA TYR OB 176 -37.13 49.20 -47.17
C TYR OB 176 -37.38 49.13 -45.67
N ARG OB 177 -37.88 50.23 -45.12
CA ARG OB 177 -38.32 50.32 -43.75
C ARG OB 177 -39.77 50.78 -43.72
N TYR OB 178 -40.50 50.39 -42.67
CA TYR OB 178 -41.84 50.92 -42.47
C TYR OB 178 -41.75 52.39 -42.08
N VAL OB 179 -42.57 53.23 -42.70
CA VAL OB 179 -42.67 54.62 -42.28
C VAL OB 179 -43.11 54.70 -40.82
N VAL OB 180 -43.95 53.77 -40.40
CA VAL OB 180 -44.43 53.69 -39.02
C VAL OB 180 -43.51 52.78 -38.23
N GLU OB 181 -43.38 53.07 -36.92
CA GLU OB 181 -42.58 52.22 -36.06
C GLU OB 181 -43.31 50.90 -35.80
N ASP OB 182 -42.54 49.82 -35.75
CA ASP OB 182 -43.08 48.51 -35.43
C ASP OB 182 -42.23 47.85 -34.34
N GLU OB 183 -42.46 46.55 -34.09
CA GLU OB 183 -41.69 45.83 -33.08
C GLU OB 183 -40.20 45.76 -33.42
N TYR OB 184 -39.79 46.23 -34.61
CA TYR OB 184 -38.37 46.42 -34.90
C TYR OB 184 -37.79 47.57 -34.09
N THR OB 185 -38.64 48.46 -33.56
CA THR OB 185 -38.25 49.51 -32.63
C THR OB 185 -37.01 50.27 -33.10
N ALA OB 186 -35.87 50.02 -32.46
CA ALA OB 186 -34.66 50.76 -32.79
C ALA OB 186 -34.41 50.78 -34.29
N ALA OB 187 -34.03 51.96 -34.79
CA ALA OB 187 -33.71 52.16 -36.19
C ALA OB 187 -32.56 53.14 -36.39
N GLY OB 188 -32.01 53.73 -35.34
CA GLY OB 188 -30.91 54.68 -35.43
C GLY OB 188 -31.17 55.82 -34.47
N TYR OB 189 -30.10 56.43 -33.97
CA TYR OB 189 -30.22 57.56 -33.07
C TYR OB 189 -29.18 58.62 -33.44
N ILE OB 190 -29.57 59.89 -33.34
CA ILE OB 190 -28.70 61.02 -33.62
C ILE OB 190 -28.56 61.83 -32.34
N THR OB 191 -27.32 62.07 -31.92
CA THR OB 191 -27.01 62.78 -30.68
C THR OB 191 -25.99 63.87 -30.95
N CYS OB 192 -25.99 64.90 -30.10
CA CYS OB 192 -25.01 66.00 -30.21
C CYS OB 192 -24.45 66.33 -28.83
N TRP OB 193 -23.16 66.69 -28.80
CA TRP OB 193 -22.46 66.95 -27.54
C TRP OB 193 -21.58 68.19 -27.64
N TYR OB 194 -21.31 68.79 -26.48
CA TYR OB 194 -20.39 69.92 -26.34
C TYR OB 194 -18.97 69.39 -26.27
N GLN OB 195 -18.33 69.20 -27.42
CA GLN OB 195 -16.93 68.79 -27.42
C GLN OB 195 -16.07 69.81 -26.70
N THR OB 196 -16.41 71.09 -26.84
CA THR OB 196 -15.68 72.19 -26.22
C THR OB 196 -16.68 73.23 -25.78
N ASN OB 197 -16.25 74.06 -24.82
CA ASN OB 197 -17.13 75.09 -24.29
C ASN OB 197 -17.27 76.25 -25.27
N ILE OB 198 -18.49 76.76 -25.41
CA ILE OB 198 -18.76 77.92 -26.25
C ILE OB 198 -17.90 79.08 -25.78
N VAL OB 199 -16.89 79.44 -26.58
CA VAL OB 199 -16.02 80.56 -26.27
C VAL OB 199 -16.57 81.80 -26.97
N VAL OB 200 -16.83 82.84 -26.19
CA VAL OB 200 -17.37 84.09 -26.73
C VAL OB 200 -16.48 85.22 -26.21
N PRO OB 201 -16.30 86.31 -26.94
CA PRO OB 201 -15.54 87.43 -26.38
C PRO OB 201 -16.40 88.34 -25.51
N ALA OB 202 -15.83 89.47 -25.13
CA ALA OB 202 -16.55 90.44 -24.31
C ALA OB 202 -17.63 91.13 -25.11
N ASP OB 203 -18.70 91.51 -24.42
CA ASP OB 203 -19.78 92.33 -24.97
C ASP OB 203 -20.51 91.64 -26.12
N VAL OB 204 -20.63 90.31 -26.08
CA VAL OB 204 -21.50 89.59 -27.00
C VAL OB 204 -22.05 88.37 -26.29
N GLN OB 205 -23.25 87.96 -26.71
CA GLN OB 205 -24.02 86.98 -25.97
C GLN OB 205 -23.35 85.62 -25.97
N SER OB 206 -23.35 84.97 -24.80
CA SER OB 206 -22.78 83.64 -24.62
C SER OB 206 -23.78 82.52 -24.90
N SER OB 207 -25.07 82.83 -24.97
CA SER OB 207 -26.10 81.86 -25.26
C SER OB 207 -26.59 82.09 -26.69
N CYS OB 208 -26.53 81.05 -27.51
CA CYS OB 208 -26.83 81.13 -28.93
C CYS OB 208 -27.82 80.02 -29.30
N ASP OB 209 -28.18 79.97 -30.58
CA ASP OB 209 -29.12 78.97 -31.07
C ASP OB 209 -28.53 78.26 -32.28
N ILE OB 210 -29.07 77.06 -32.53
CA ILE OB 210 -28.68 76.24 -33.68
C ILE OB 210 -29.95 75.78 -34.38
N LEU OB 211 -29.88 75.70 -35.71
CA LEU OB 211 -31.01 75.24 -36.51
C LEU OB 211 -30.66 73.92 -37.18
N CYS OB 212 -31.64 73.03 -37.25
CA CYS OB 212 -31.49 71.72 -37.87
C CYS OB 212 -32.39 71.64 -39.10
N PHE OB 213 -31.85 71.08 -40.18
CA PHE OB 213 -32.55 70.91 -41.44
C PHE OB 213 -32.44 69.46 -41.88
N VAL OB 214 -33.54 68.93 -42.41
CA VAL OB 214 -33.62 67.55 -42.88
C VAL OB 214 -33.88 67.56 -44.38
N SER OB 215 -33.16 66.71 -45.10
CA SER OB 215 -33.46 66.48 -46.51
C SER OB 215 -33.15 65.02 -46.86
N ALA OB 216 -33.62 64.60 -48.02
CA ALA OB 216 -33.36 63.27 -48.52
C ALA OB 216 -32.12 63.28 -49.42
N CYS OB 217 -31.44 62.14 -49.46
CA CYS OB 217 -30.21 62.01 -50.21
C CYS OB 217 -30.49 61.44 -51.61
N ASN OB 218 -29.42 61.15 -52.35
CA ASN OB 218 -29.55 60.67 -53.73
C ASN OB 218 -30.21 59.31 -53.80
N ASP OB 219 -30.30 58.57 -52.69
CA ASP OB 219 -30.79 57.20 -52.73
C ASP OB 219 -32.07 57.03 -51.93
N PHE OB 220 -33.08 57.86 -52.23
CA PHE OB 220 -34.31 57.91 -51.43
C PHE OB 220 -35.51 57.60 -52.32
N SER OB 221 -36.37 56.71 -51.83
CA SER OB 221 -37.54 56.27 -52.57
C SER OB 221 -38.62 55.80 -51.60
N VAL OB 222 -39.88 55.91 -52.04
CA VAL OB 222 -41.03 55.48 -51.25
C VAL OB 222 -41.88 54.56 -52.10
N ARG OB 223 -42.79 53.83 -51.44
CA ARG OB 223 -43.48 52.72 -52.08
C ARG OB 223 -44.81 52.47 -51.38
N MET OB 224 -45.72 51.81 -52.10
CA MET OB 224 -47.02 51.43 -51.56
C MET OB 224 -47.79 52.64 -51.05
N LEU OB 225 -48.38 53.38 -51.97
CA LEU OB 225 -49.15 54.59 -51.63
C LEU OB 225 -50.16 54.29 -50.53
N LYS OB 226 -50.35 55.27 -49.65
CA LYS OB 226 -51.32 55.17 -48.56
C LYS OB 226 -51.77 56.58 -48.19
N ASP OB 227 -52.75 56.65 -47.29
CA ASP OB 227 -53.30 57.92 -46.86
C ASP OB 227 -52.54 58.48 -45.67
N THR OB 228 -52.57 59.81 -45.53
CA THR OB 228 -51.86 60.51 -44.47
C THR OB 228 -52.65 60.39 -43.16
N PRO OB 229 -51.95 60.26 -42.02
CA PRO OB 229 -52.65 60.24 -40.73
C PRO OB 229 -52.93 61.62 -40.16
N PHE OB 230 -52.41 62.68 -40.78
CA PHE OB 230 -52.46 64.00 -40.16
C PHE OB 230 -53.81 64.67 -40.34
N ILE OB 231 -54.47 64.46 -41.48
CA ILE OB 231 -55.71 65.14 -41.83
C ILE OB 231 -56.89 64.22 -41.56
N ARG OB 232 -57.94 64.78 -40.95
CA ARG OB 232 -59.14 64.04 -40.63
C ARG OB 232 -60.36 64.91 -40.93
N GLN OB 233 -61.46 64.26 -41.28
CA GLN OB 233 -62.70 64.94 -41.62
C GLN OB 233 -63.86 64.26 -40.88
N ASP OB 234 -64.64 65.05 -40.15
CA ASP OB 234 -65.79 64.54 -39.42
C ASP OB 234 -67.08 64.78 -40.19
N SER PB 43 -58.59 77.53 -82.06
CA SER PB 43 -59.11 76.99 -83.31
C SER PB 43 -60.64 76.96 -83.28
N ARG PB 44 -61.24 77.06 -84.48
CA ARG PB 44 -62.69 77.02 -84.64
C ARG PB 44 -63.20 75.61 -84.93
N SER PB 45 -62.49 74.58 -84.49
CA SER PB 45 -62.94 73.21 -84.71
C SER PB 45 -64.33 73.00 -84.12
N GLU PB 46 -64.55 73.48 -82.89
CA GLU PB 46 -65.83 73.27 -82.23
C GLU PB 46 -66.95 74.12 -82.82
N SER PB 47 -66.63 75.11 -83.65
CA SER PB 47 -67.65 75.94 -84.28
C SER PB 47 -68.05 75.44 -85.65
N SER PB 48 -67.54 74.27 -86.07
CA SER PB 48 -68.02 73.66 -87.30
C SER PB 48 -69.47 73.22 -87.14
N ILE PB 49 -70.19 73.14 -88.26
CA ILE PB 49 -71.59 72.78 -88.21
C ILE PB 49 -71.76 71.34 -87.73
N GLU PB 50 -70.82 70.46 -88.07
CA GLU PB 50 -70.90 69.08 -87.61
C GLU PB 50 -70.87 69.03 -86.08
N ASN PB 51 -69.92 69.75 -85.47
CA ASN PB 51 -69.89 69.81 -84.01
C ASN PB 51 -71.10 70.53 -83.45
N PHE PB 52 -71.62 71.52 -84.18
CA PHE PB 52 -72.78 72.27 -83.73
C PHE PB 52 -74.00 71.36 -83.60
N LEU PB 53 -74.23 70.49 -84.59
CA LEU PB 53 -75.46 69.71 -84.65
C LEU PB 53 -75.32 68.27 -84.17
N CYS PB 54 -74.11 67.72 -84.09
CA CYS PB 54 -73.91 66.31 -83.77
C CYS PB 54 -73.98 66.11 -82.26
N ARG PB 55 -75.19 66.28 -81.73
CA ARG PB 55 -75.45 66.08 -80.30
C ARG PB 55 -76.85 65.52 -80.17
N ALA PB 56 -76.97 64.39 -79.46
CA ALA PB 56 -78.29 63.79 -79.27
C ALA PB 56 -79.18 64.73 -78.49
N ALA PB 57 -80.47 64.74 -78.83
CA ALA PB 57 -81.43 65.65 -78.23
C ALA PB 57 -82.79 64.97 -78.16
N CYS PB 58 -83.47 65.14 -77.03
CA CYS PB 58 -84.81 64.59 -76.86
C CYS PB 58 -85.78 65.38 -77.72
N VAL PB 59 -86.22 64.80 -78.84
CA VAL PB 59 -87.12 65.50 -79.74
C VAL PB 59 -88.57 65.36 -79.31
N TYR PB 60 -88.92 64.27 -78.64
CA TYR PB 60 -90.29 64.03 -78.22
C TYR PB 60 -90.32 62.84 -77.28
N TYR PB 61 -91.35 62.79 -76.45
CA TYR PB 61 -91.56 61.67 -75.55
C TYR PB 61 -93.05 61.47 -75.33
N ALA PB 62 -93.42 60.28 -74.91
CA ALA PB 62 -94.83 59.98 -74.65
C ALA PB 62 -94.93 58.61 -74.00
N THR PB 63 -96.13 58.31 -73.50
CA THR PB 63 -96.37 57.14 -72.67
C THR PB 63 -97.33 56.17 -73.36
N TYR PB 64 -97.18 54.89 -72.99
CA TYR PB 64 -98.07 53.83 -73.45
C TYR PB 64 -98.23 52.84 -72.30
N THR PB 65 -99.32 52.06 -72.36
CA THR PB 65 -99.73 51.20 -71.26
C THR PB 65 -99.83 49.75 -71.71
N ASN PB 66 -99.79 48.84 -70.72
CA ASN PB 66 -100.00 47.42 -71.01
C ASN PB 66 -101.45 47.12 -71.34
N ASN PB 67 -102.37 47.78 -70.63
CA ASN PB 67 -103.79 47.53 -70.80
C ASN PB 67 -104.37 48.45 -71.86
N SER PB 68 -105.62 48.16 -72.27
CA SER PB 68 -106.33 48.89 -73.32
C SER PB 68 -105.73 48.53 -74.67
N GLU PB 69 -106.42 48.91 -75.74
CA GLU PB 69 -105.88 48.78 -77.09
C GLU PB 69 -105.32 50.08 -77.62
N LYS PB 70 -105.64 51.21 -76.99
CA LYS PB 70 -105.02 52.48 -77.31
C LYS PB 70 -103.67 52.65 -76.65
N GLY PB 71 -103.19 51.63 -75.94
CA GLY PB 71 -101.95 51.77 -75.20
C GLY PB 71 -100.79 52.20 -76.07
N TYR PB 72 -100.60 51.52 -77.20
CA TYR PB 72 -99.48 51.82 -78.09
C TYR PB 72 -99.37 53.32 -78.33
N ALA PB 73 -98.13 53.78 -78.55
CA ALA PB 73 -97.83 55.17 -78.79
C ALA PB 73 -97.46 55.40 -80.26
N GLU PB 74 -97.57 56.64 -80.70
CA GLU PB 74 -97.33 57.01 -82.09
C GLU PB 74 -96.69 58.38 -82.14
N TRP PB 75 -95.88 58.60 -83.17
CA TRP PB 75 -95.25 59.90 -83.38
C TRP PB 75 -94.92 60.04 -84.85
N VAL PB 76 -95.54 61.01 -85.52
CA VAL PB 76 -95.14 61.37 -86.87
C VAL PB 76 -93.80 62.10 -86.80
N ILE PB 77 -92.82 61.59 -87.53
CA ILE PB 77 -91.44 62.05 -87.39
C ILE PB 77 -91.34 63.47 -87.93
N ASN PB 78 -91.24 64.45 -87.03
CA ASN PB 78 -91.10 65.85 -87.39
C ASN PB 78 -89.87 66.41 -86.69
N THR PB 79 -89.36 67.52 -87.23
CA THR PB 79 -88.21 68.21 -86.67
C THR PB 79 -88.59 69.54 -86.03
N ARG PB 80 -89.90 69.81 -85.93
CA ARG PB 80 -90.38 71.08 -85.41
C ARG PB 80 -91.08 70.95 -84.07
N GLN PB 81 -91.08 69.75 -83.49
CA GLN PB 81 -91.68 69.56 -82.17
C GLN PB 81 -90.87 70.24 -81.07
N VAL PB 82 -89.55 70.32 -81.23
CA VAL PB 82 -88.66 70.83 -80.20
C VAL PB 82 -88.09 72.17 -80.63
N ALA PB 83 -88.08 73.12 -79.68
CA ALA PB 83 -87.81 74.51 -80.00
C ALA PB 83 -86.32 74.76 -80.27
N GLN PB 84 -85.45 74.39 -79.33
CA GLN PB 84 -84.04 74.66 -79.49
C GLN PB 84 -83.50 74.05 -80.78
N LEU PB 85 -83.74 72.75 -80.97
CA LEU PB 85 -83.25 72.06 -82.15
C LEU PB 85 -83.91 72.61 -83.41
N ARG PB 86 -85.20 72.93 -83.34
CA ARG PB 86 -85.85 73.53 -84.50
C ARG PB 86 -85.08 74.78 -84.94
N ARG PB 87 -84.80 75.68 -84.01
CA ARG PB 87 -84.10 76.91 -84.38
C ARG PB 87 -82.68 76.61 -84.87
N LYS PB 88 -81.97 75.71 -84.19
CA LYS PB 88 -80.62 75.36 -84.65
C LYS PB 88 -80.64 74.94 -86.11
N LEU PB 89 -81.57 74.06 -86.47
CA LEU PB 89 -81.65 73.60 -87.85
C LEU PB 89 -82.10 74.73 -88.78
N GLU PB 90 -83.02 75.58 -88.32
CA GLU PB 90 -83.59 76.63 -89.16
C GLU PB 90 -82.62 77.78 -89.37
N LEU PB 91 -81.49 77.80 -88.68
CA LEU PB 91 -80.42 78.71 -89.08
C LEU PB 91 -79.97 78.46 -90.53
N PHE PB 92 -80.41 77.37 -91.15
CA PHE PB 92 -80.06 77.05 -92.53
C PHE PB 92 -81.34 76.76 -93.31
N THR PB 93 -81.31 77.04 -94.62
CA THR PB 93 -82.47 76.85 -95.47
C THR PB 93 -82.58 75.42 -96.00
N TYR PB 94 -81.44 74.79 -96.30
CA TYR PB 94 -81.42 73.44 -96.83
C TYR PB 94 -80.48 72.59 -95.98
N LEU PB 95 -80.95 71.42 -95.58
CA LEU PB 95 -80.18 70.51 -94.74
C LEU PB 95 -80.13 69.14 -95.40
N ARG PB 96 -79.20 68.32 -94.93
CA ARG PB 96 -79.01 66.99 -95.50
C ARG PB 96 -78.21 66.17 -94.50
N PHE PB 97 -78.75 65.05 -94.07
CA PHE PB 97 -78.12 64.26 -93.02
C PHE PB 97 -78.89 62.96 -92.82
N ASP PB 98 -78.21 61.99 -92.24
CA ASP PB 98 -78.87 60.85 -91.62
C ASP PB 98 -79.26 61.22 -90.19
N LEU PB 99 -80.16 60.43 -89.61
CA LEU PB 99 -80.62 60.69 -88.25
C LEU PB 99 -80.39 59.48 -87.36
N GLU PB 100 -79.89 59.72 -86.16
CA GLU PB 100 -79.64 58.67 -85.19
C GLU PB 100 -80.77 58.70 -84.16
N LEU PB 101 -81.60 57.65 -84.14
CA LEU PB 101 -82.71 57.51 -83.22
C LEU PB 101 -82.27 56.62 -82.05
N THR PB 102 -82.15 57.21 -80.88
CA THR PB 102 -81.86 56.45 -79.66
C THR PB 102 -83.07 56.54 -78.75
N PHE PB 103 -83.58 55.40 -78.29
CA PHE PB 103 -84.82 55.35 -77.53
C PHE PB 103 -84.52 54.98 -76.08
N VAL PB 104 -84.89 55.85 -75.15
CA VAL PB 104 -84.74 55.62 -73.72
C VAL PB 104 -86.12 55.27 -73.17
N ILE PB 105 -86.35 53.99 -72.91
CA ILE PB 105 -87.66 53.46 -72.58
C ILE PB 105 -87.64 53.03 -71.11
N THR PB 106 -88.47 53.69 -70.30
CA THR PB 106 -88.54 53.45 -68.86
C THR PB 106 -89.97 53.14 -68.47
N SER PB 107 -90.15 52.17 -67.57
CA SER PB 107 -91.46 51.66 -67.23
C SER PB 107 -91.69 51.69 -65.72
N ALA PB 108 -92.96 51.57 -65.33
CA ALA PB 108 -93.35 51.68 -63.94
C ALA PB 108 -94.64 50.92 -63.69
N GLN PB 109 -94.75 50.36 -62.47
CA GLN PB 109 -95.93 49.60 -62.06
C GLN PB 109 -97.05 50.53 -61.62
N GLN PB 110 -98.27 50.21 -62.05
CA GLN PB 110 -99.47 50.91 -61.60
C GLN PB 110 -100.35 49.98 -60.76
N PRO PB 111 -101.27 50.54 -59.97
CA PRO PB 111 -102.00 49.73 -59.00
C PRO PB 111 -102.98 48.75 -59.65
N SER PB 112 -103.41 47.79 -58.82
CA SER PB 112 -104.44 46.81 -59.16
C SER PB 112 -104.74 46.01 -57.91
N THR PB 113 -105.88 45.33 -57.92
CA THR PB 113 -106.29 44.53 -56.76
C THR PB 113 -105.66 43.14 -56.75
N ALA PB 114 -104.77 42.84 -57.68
CA ALA PB 114 -104.20 41.50 -57.76
C ALA PB 114 -103.42 41.16 -56.50
N THR PB 115 -103.61 39.94 -56.02
CA THR PB 115 -102.87 39.44 -54.87
C THR PB 115 -101.59 38.78 -55.35
N SER PB 116 -100.44 39.33 -54.95
CA SER PB 116 -99.14 38.80 -55.34
C SER PB 116 -98.97 38.85 -56.86
N VAL PB 117 -98.52 40.00 -57.38
CA VAL PB 117 -98.37 40.21 -58.81
C VAL PB 117 -96.87 40.16 -59.13
N ASP PB 118 -96.41 39.02 -59.63
CA ASP PB 118 -95.05 38.87 -60.12
C ASP PB 118 -95.05 38.98 -61.64
N ALA PB 119 -94.14 39.79 -62.18
CA ALA PB 119 -94.14 40.09 -63.60
C ALA PB 119 -92.81 39.68 -64.23
N PRO PB 120 -92.83 39.07 -65.40
CA PRO PB 120 -91.58 38.79 -66.12
C PRO PB 120 -91.00 40.06 -66.71
N VAL PB 121 -89.79 39.93 -67.26
CA VAL PB 121 -89.15 41.08 -67.89
C VAL PB 121 -90.05 41.59 -69.01
N GLN PB 122 -90.10 42.91 -69.15
CA GLN PB 122 -90.99 43.56 -70.10
C GLN PB 122 -90.22 43.89 -71.38
N THR PB 123 -90.78 43.50 -72.52
CA THR PB 123 -90.19 43.78 -73.82
C THR PB 123 -91.04 44.79 -74.57
N HIS PB 124 -90.38 45.60 -75.41
CA HIS PB 124 -91.04 46.62 -76.20
C HIS PB 124 -90.68 46.43 -77.66
N GLN PB 125 -91.60 46.89 -78.53
CA GLN PB 125 -91.40 46.90 -79.97
C GLN PB 125 -91.51 48.34 -80.47
N ILE PB 126 -90.51 48.76 -81.24
CA ILE PB 126 -90.47 50.07 -81.86
C ILE PB 126 -90.49 49.86 -83.36
N MET PB 127 -91.58 50.27 -84.01
CA MET PB 127 -91.72 50.10 -85.44
C MET PB 127 -91.51 51.42 -86.16
N TYR PB 128 -90.79 51.38 -87.27
CA TYR PB 128 -90.64 52.51 -88.16
C TYR PB 128 -91.53 52.29 -89.38
N VAL PB 129 -92.40 53.27 -89.65
CA VAL PB 129 -93.26 53.25 -90.83
C VAL PB 129 -92.62 54.17 -91.86
N PRO PB 130 -91.91 53.65 -92.85
CA PRO PB 130 -91.39 54.50 -93.92
C PRO PB 130 -92.50 55.30 -94.54
N PRO PB 131 -92.20 56.46 -95.11
CA PRO PB 131 -93.25 57.27 -95.75
C PRO PB 131 -94.18 56.42 -96.59
N GLY PB 132 -95.46 56.38 -96.23
CA GLY PB 132 -96.46 55.63 -96.96
C GLY PB 132 -96.80 54.28 -96.38
N GLY PB 133 -96.11 53.85 -95.32
CA GLY PB 133 -96.27 52.52 -94.79
C GLY PB 133 -97.56 52.31 -94.03
N PRO PB 134 -97.83 51.05 -93.67
CA PRO PB 134 -99.04 50.73 -92.91
C PRO PB 134 -99.03 51.37 -91.52
N VAL PB 135 -100.22 51.53 -90.97
CA VAL PB 135 -100.42 52.25 -89.72
C VAL PB 135 -101.16 51.35 -88.74
N PRO PB 136 -100.59 51.06 -87.57
CA PRO PB 136 -101.36 50.36 -86.53
C PRO PB 136 -102.57 51.16 -86.10
N THR PB 137 -103.73 50.51 -86.09
CA THR PB 137 -104.96 51.07 -85.55
C THR PB 137 -105.25 50.59 -84.14
N LYS PB 138 -104.53 49.58 -83.66
CA LYS PB 138 -104.68 49.05 -82.32
C LYS PB 138 -103.35 48.40 -81.93
N VAL PB 139 -103.21 48.05 -80.66
CA VAL PB 139 -101.99 47.39 -80.23
C VAL PB 139 -101.77 46.13 -81.04
N THR PB 140 -102.84 45.53 -81.56
CA THR PB 140 -102.78 44.34 -82.40
C THR PB 140 -103.39 44.70 -83.74
N ASP PB 141 -102.56 45.14 -84.68
CA ASP PB 141 -102.94 45.44 -86.05
C ASP PB 141 -101.89 44.83 -86.98
N TYR PB 142 -102.24 44.73 -88.27
CA TYR PB 142 -101.36 44.06 -89.22
C TYR PB 142 -100.04 44.80 -89.40
N ALA PB 143 -100.05 46.12 -89.17
CA ALA PB 143 -98.83 46.90 -89.37
C ALA PB 143 -97.69 46.39 -88.51
N TRP PB 144 -97.99 46.01 -87.25
CA TRP PB 144 -96.93 45.52 -86.38
C TRP PB 144 -96.25 44.27 -86.94
N GLN PB 145 -96.87 43.59 -87.90
CA GLN PB 145 -96.33 42.37 -88.47
C GLN PB 145 -95.88 42.50 -89.91
N THR PB 146 -96.18 43.61 -90.59
CA THR PB 146 -95.80 43.76 -91.99
C THR PB 146 -94.30 43.50 -92.22
N SER PB 147 -94.02 42.78 -93.31
CA SER PB 147 -92.64 42.37 -93.62
C SER PB 147 -91.70 43.56 -93.68
N THR PB 148 -92.10 44.61 -94.39
CA THR PB 148 -91.28 45.82 -94.50
C THR PB 148 -91.57 46.67 -93.26
N ASN PB 149 -91.16 47.94 -93.28
CA ASN PB 149 -91.40 48.79 -92.11
C ASN PB 149 -90.64 48.21 -90.93
N PRO PB 150 -89.33 48.47 -90.82
CA PRO PB 150 -88.52 47.76 -89.85
C PRO PB 150 -89.05 47.90 -88.43
N SER PB 151 -88.56 47.01 -87.55
CA SER PB 151 -88.97 47.03 -86.16
C SER PB 151 -87.85 46.54 -85.27
N VAL PB 152 -87.81 47.09 -84.06
CA VAL PB 152 -86.81 46.82 -83.04
C VAL PB 152 -87.50 46.14 -81.86
N PHE PB 153 -86.90 45.07 -81.36
CA PHE PB 153 -87.37 44.39 -80.17
C PHE PB 153 -86.33 44.56 -79.07
N TRP PB 154 -86.72 45.21 -77.98
CA TRP PB 154 -85.79 45.54 -76.90
C TRP PB 154 -86.40 45.18 -75.57
N THR PB 155 -85.67 44.41 -74.78
CA THR PB 155 -86.12 43.94 -73.47
C THR PB 155 -85.52 44.81 -72.36
N GLU PB 156 -86.33 45.13 -71.36
CA GLU PB 156 -85.88 46.03 -70.31
C GLU PB 156 -84.67 45.46 -69.60
N GLY PB 157 -83.79 46.36 -69.15
CA GLY PB 157 -82.58 45.98 -68.47
C GLY PB 157 -81.35 45.87 -69.36
N ASN PB 158 -81.47 46.17 -70.64
CA ASN PB 158 -80.35 46.15 -71.57
C ASN PB 158 -80.07 47.57 -72.05
N ALA PB 159 -79.06 47.71 -72.89
CA ALA PB 159 -78.74 49.02 -73.45
C ALA PB 159 -79.91 49.54 -74.27
N PRO PB 160 -80.26 50.82 -74.13
CA PRO PB 160 -81.36 51.37 -74.93
C PRO PB 160 -81.15 51.08 -76.40
N PRO PB 161 -82.22 50.81 -77.15
CA PRO PB 161 -82.04 50.53 -78.58
C PRO PB 161 -81.70 51.78 -79.36
N ARG PB 162 -80.94 51.58 -80.43
CA ARG PB 162 -80.48 52.66 -81.30
C ARG PB 162 -80.60 52.22 -82.74
N MET PB 163 -80.96 53.15 -83.61
CA MET PB 163 -81.30 52.84 -84.99
C MET PB 163 -81.10 54.10 -85.82
N SER PB 164 -80.32 54.00 -86.88
CA SER PB 164 -80.14 55.15 -87.76
C SER PB 164 -81.09 55.05 -88.95
N ILE PB 165 -81.44 56.21 -89.49
CA ILE PB 165 -82.35 56.33 -90.63
C ILE PB 165 -81.63 57.17 -91.68
N PRO PB 166 -81.45 56.66 -92.91
CA PRO PB 166 -80.70 57.42 -93.92
C PRO PB 166 -81.40 58.68 -94.38
N PHE PB 167 -80.80 59.37 -95.34
CA PHE PB 167 -81.42 60.53 -95.99
C PHE PB 167 -82.49 60.03 -96.94
N ILE PB 168 -83.75 60.05 -96.48
CA ILE PB 168 -84.83 59.40 -97.21
C ILE PB 168 -85.69 60.42 -97.96
N SER PB 169 -85.08 61.52 -98.37
CA SER PB 169 -85.80 62.52 -99.13
C SER PB 169 -85.62 62.28 -100.62
N ILE PB 170 -86.56 62.82 -101.40
CA ILE PB 170 -86.48 62.65 -102.86
C ILE PB 170 -85.59 63.72 -103.49
N GLY PB 171 -85.53 64.90 -102.91
CA GLY PB 171 -84.67 65.95 -103.44
C GLY PB 171 -83.24 65.81 -102.96
N ASN PB 172 -82.39 66.66 -103.51
CA ASN PB 172 -80.97 66.64 -103.19
C ASN PB 172 -80.66 67.28 -101.84
N ALA PB 173 -81.68 67.61 -101.04
CA ALA PB 173 -81.46 68.17 -99.73
C ALA PB 173 -82.80 68.29 -99.02
N TYR PB 174 -82.76 68.14 -97.69
CA TYR PB 174 -83.94 68.41 -96.88
C TYR PB 174 -84.31 69.89 -97.00
N SER PB 175 -85.60 70.18 -96.98
CA SER PB 175 -86.11 71.54 -97.03
C SER PB 175 -86.80 71.86 -95.72
N CYS PB 176 -86.29 72.88 -95.01
CA CYS PB 176 -86.93 73.37 -93.80
C CYS PB 176 -87.84 74.56 -94.05
N PHE PB 177 -87.62 75.31 -95.14
CA PHE PB 177 -88.50 76.40 -95.54
C PHE PB 177 -88.88 76.22 -97.01
N TYR PB 178 -90.04 76.77 -97.36
CA TYR PB 178 -90.56 76.65 -98.73
C TYR PB 178 -91.50 77.81 -98.97
N ASP PB 179 -91.09 78.73 -99.84
CA ASP PB 179 -91.93 79.88 -100.20
C ASP PB 179 -92.89 79.48 -101.34
N GLY PB 180 -93.76 78.53 -101.03
CA GLY PB 180 -94.69 78.05 -102.02
C GLY PB 180 -95.76 77.20 -101.39
N TRP PB 181 -96.49 76.48 -102.25
CA TRP PB 181 -97.60 75.63 -101.86
C TRP PB 181 -97.30 74.17 -102.21
N THR PB 182 -98.19 73.29 -101.76
CA THR PB 182 -98.13 71.88 -102.15
C THR PB 182 -98.84 71.62 -103.47
N GLN PB 183 -99.85 72.42 -103.79
CA GLN PB 183 -100.59 72.33 -105.03
C GLN PB 183 -100.11 73.43 -105.97
N PHE PB 184 -100.06 73.10 -107.27
CA PHE PB 184 -99.66 74.08 -108.27
C PHE PB 184 -100.63 75.25 -108.38
N SER PB 185 -101.83 75.13 -107.80
CA SER PB 185 -102.84 76.19 -107.84
C SER PB 185 -102.59 77.30 -106.83
N ARG PB 186 -101.39 77.36 -106.23
CA ARG PB 186 -101.13 78.31 -105.14
C ARG PB 186 -102.21 78.21 -104.08
N ASN PB 187 -102.68 76.99 -103.84
CA ASN PB 187 -103.75 76.71 -102.89
C ASN PB 187 -103.43 75.38 -102.21
N GLY PB 188 -104.38 74.88 -101.41
CA GLY PB 188 -104.14 73.68 -100.64
C GLY PB 188 -103.38 73.98 -99.38
N VAL PB 189 -102.07 73.73 -99.38
CA VAL PB 189 -101.21 73.95 -98.22
C VAL PB 189 -100.11 74.92 -98.62
N TYR PB 190 -99.79 75.85 -97.72
CA TYR PB 190 -98.69 76.79 -97.90
C TYR PB 190 -97.70 76.63 -96.75
N GLY PB 191 -96.44 76.39 -97.10
CA GLY PB 191 -95.38 76.45 -96.12
C GLY PB 191 -94.38 75.31 -96.23
N ILE PB 192 -93.76 74.96 -95.10
CA ILE PB 192 -92.84 73.83 -95.05
C ILE PB 192 -93.64 72.53 -95.20
N ASN PB 193 -94.95 72.66 -95.36
CA ASN PB 193 -95.83 71.51 -95.61
C ASN PB 193 -95.92 71.22 -97.12
N THR PB 194 -94.76 70.91 -97.68
CA THR PB 194 -94.64 70.46 -99.06
C THR PB 194 -94.45 68.97 -99.12
N LEU PB 195 -93.27 68.56 -98.68
CA LEU PB 195 -92.81 67.19 -98.66
C LEU PB 195 -91.83 67.12 -97.50
N ASN PB 196 -90.79 66.29 -97.60
CA ASN PB 196 -89.77 66.15 -96.58
C ASN PB 196 -90.31 65.34 -95.41
N ASN PB 197 -91.38 64.58 -95.66
CA ASN PB 197 -91.91 63.67 -94.65
C ASN PB 197 -90.87 62.63 -94.29
N MET PB 198 -90.76 62.35 -93.00
CA MET PB 198 -89.73 61.46 -92.47
C MET PB 198 -90.27 60.11 -92.05
N GLY PB 199 -91.56 59.85 -92.24
CA GLY PB 199 -92.15 58.61 -91.79
C GLY PB 199 -92.68 58.71 -90.38
N THR PB 200 -93.32 57.64 -89.94
CA THR PB 200 -93.93 57.58 -88.62
C THR PB 200 -93.18 56.58 -87.73
N LEU PB 201 -93.44 56.66 -86.43
CA LEU PB 201 -92.74 55.84 -85.46
C LEU PB 201 -93.74 55.38 -84.41
N TYR PB 202 -93.97 54.08 -84.32
CA TYR PB 202 -94.93 53.50 -83.39
C TYR PB 202 -94.22 52.70 -82.31
N MET PB 203 -94.86 52.59 -81.14
CA MET PB 203 -94.28 51.97 -79.98
C MET PB 203 -95.33 51.11 -79.30
N ARG PB 204 -94.93 49.95 -78.78
CA ARG PB 204 -95.89 49.15 -78.03
C ARG PB 204 -95.18 48.20 -77.08
N HIS PB 205 -95.94 47.73 -76.09
CA HIS PB 205 -95.51 46.62 -75.24
C HIS PB 205 -95.67 45.32 -76.02
N VAL PB 206 -94.62 44.51 -76.05
CA VAL PB 206 -94.66 43.24 -76.77
C VAL PB 206 -95.22 42.14 -75.88
N ASN PB 207 -94.91 42.15 -74.60
CA ASN PB 207 -95.42 41.14 -73.70
C ASN PB 207 -96.91 41.32 -73.49
N GLU PB 208 -97.57 40.25 -73.05
CA GLU PB 208 -98.99 40.32 -72.75
C GLU PB 208 -99.15 40.93 -71.35
N ALA PB 209 -100.36 40.91 -70.82
CA ALA PB 209 -100.66 41.51 -69.53
C ALA PB 209 -101.10 40.42 -68.56
N GLY PB 210 -100.55 40.45 -67.36
CA GLY PB 210 -100.91 39.53 -66.30
C GLY PB 210 -101.82 40.19 -65.29
N GLN PB 211 -101.57 39.90 -64.01
CA GLN PB 211 -102.41 40.43 -62.95
C GLN PB 211 -102.27 41.93 -62.75
N GLY PB 212 -101.22 42.56 -63.30
CA GLY PB 212 -100.94 43.94 -62.99
C GLY PB 212 -100.58 44.80 -64.20
N PRO PB 213 -100.93 46.08 -64.13
CA PRO PB 213 -100.62 46.98 -65.25
C PRO PB 213 -99.21 47.55 -65.15
N ILE PB 214 -98.68 47.90 -66.31
CA ILE PB 214 -97.36 48.52 -66.41
C ILE PB 214 -97.40 49.58 -67.52
N LYS PB 215 -97.03 50.80 -67.17
CA LYS PB 215 -96.99 51.92 -68.11
C LYS PB 215 -95.53 52.34 -68.33
N SER PB 216 -95.18 52.60 -69.58
CA SER PB 216 -93.83 52.97 -69.95
C SER PB 216 -93.85 54.31 -70.69
N THR PB 217 -92.70 54.97 -70.69
CA THR PB 217 -92.53 56.27 -71.34
C THR PB 217 -91.31 56.20 -72.25
N VAL PB 218 -91.53 56.35 -73.55
CA VAL PB 218 -90.47 56.32 -74.54
C VAL PB 218 -90.07 57.76 -74.86
N ARG PB 219 -88.76 58.00 -74.92
CA ARG PB 219 -88.18 59.29 -75.27
C ARG PB 219 -87.27 59.09 -76.47
N ILE PB 220 -87.62 59.72 -77.60
CA ILE PB 220 -86.83 59.60 -78.82
C ILE PB 220 -85.72 60.64 -78.79
N TYR PB 221 -84.56 60.30 -79.37
CA TYR PB 221 -83.42 61.20 -79.42
C TYR PB 221 -82.90 61.26 -80.86
N PHE PB 222 -82.74 62.48 -81.38
CA PHE PB 222 -82.18 62.71 -82.70
C PHE PB 222 -80.72 63.09 -82.58
N LYS PB 223 -79.89 62.51 -83.45
CA LYS PB 223 -78.50 62.93 -83.63
C LYS PB 223 -78.24 62.99 -85.12
N PRO PB 224 -78.48 64.15 -85.75
CA PRO PB 224 -78.16 64.30 -87.17
C PRO PB 224 -76.67 64.07 -87.41
N LYS PB 225 -76.36 63.04 -88.17
CA LYS PB 225 -74.98 62.68 -88.49
C LYS PB 225 -74.68 63.03 -89.94
N HIS PB 226 -73.42 63.39 -90.19
CA HIS PB 226 -72.98 63.76 -91.54
C HIS PB 226 -73.89 64.82 -92.13
N VAL PB 227 -73.87 65.99 -91.49
CA VAL PB 227 -74.79 67.08 -91.82
C VAL PB 227 -74.19 67.92 -92.93
N LYS PB 228 -75.05 68.40 -93.81
CA LYS PB 228 -74.67 69.35 -94.86
C LYS PB 228 -75.67 70.49 -94.83
N ALA PB 229 -75.18 71.70 -94.61
CA ALA PB 229 -76.03 72.88 -94.49
C ALA PB 229 -75.74 73.85 -95.63
N TRP PB 230 -76.78 74.52 -96.08
CA TRP PB 230 -76.68 75.48 -97.18
C TRP PB 230 -77.55 76.68 -96.88
N VAL PB 231 -77.18 77.82 -97.46
CA VAL PB 231 -78.03 79.01 -97.46
C VAL PB 231 -78.37 79.40 -96.03
N PRO PB 232 -77.46 80.06 -95.31
CA PRO PB 232 -77.79 80.49 -93.95
C PRO PB 232 -78.82 81.60 -93.96
N ARG PB 233 -79.56 81.70 -92.86
CA ARG PB 233 -80.64 82.66 -92.72
C ARG PB 233 -80.68 83.17 -91.29
N PRO PB 234 -81.33 84.30 -91.05
CA PRO PB 234 -81.29 84.89 -89.71
C PRO PB 234 -81.87 83.94 -88.69
N PRO PB 235 -81.39 83.99 -87.45
CA PRO PB 235 -81.96 83.14 -86.40
C PRO PB 235 -83.40 83.51 -86.09
N ARG PB 236 -84.16 82.52 -85.63
CA ARG PB 236 -85.53 82.78 -85.23
C ARG PB 236 -85.56 83.80 -84.10
N LEU PB 237 -86.41 84.81 -84.26
CA LEU PB 237 -86.56 85.87 -83.26
C LEU PB 237 -87.83 85.68 -82.43
N CYS PB 238 -88.99 85.68 -83.07
CA CYS PB 238 -90.26 85.53 -82.36
C CYS PB 238 -90.48 84.07 -82.01
N GLN PB 239 -91.07 83.83 -80.84
CA GLN PB 239 -91.30 82.47 -80.38
C GLN PB 239 -92.17 81.71 -81.36
N TYR PB 240 -91.90 80.41 -81.50
CA TYR PB 240 -92.68 79.58 -82.39
C TYR PB 240 -94.12 79.50 -81.89
N GLU PB 241 -95.05 79.41 -82.84
CA GLU PB 241 -96.48 79.38 -82.53
C GLU PB 241 -97.15 78.10 -82.99
N LYS PB 242 -96.74 77.55 -84.12
CA LYS PB 242 -97.26 76.27 -84.60
C LYS PB 242 -96.12 75.48 -85.20
N GLN PB 243 -96.21 74.16 -85.11
CA GLN PB 243 -95.17 73.30 -85.66
C GLN PB 243 -95.23 73.19 -87.17
N LYS PB 244 -96.33 73.64 -87.79
CA LYS PB 244 -96.59 73.39 -89.20
C LYS PB 244 -96.45 74.63 -90.08
N ASN PB 245 -95.98 75.75 -89.54
CA ASN PB 245 -95.92 76.97 -90.33
C ASN PB 245 -95.07 78.01 -89.62
N VAL PB 246 -94.71 79.06 -90.37
CA VAL PB 246 -93.89 80.14 -89.85
C VAL PB 246 -94.67 81.09 -88.94
N ASN PB 247 -95.99 80.94 -88.86
CA ASN PB 247 -96.84 81.90 -88.16
C ASN PB 247 -96.18 82.37 -86.88
N PHE PB 248 -96.09 83.68 -86.74
CA PHE PB 248 -95.44 84.30 -85.58
C PHE PB 248 -96.25 85.51 -85.15
N THR PB 249 -96.07 85.89 -83.89
CA THR PB 249 -96.62 87.13 -83.39
C THR PB 249 -95.51 88.15 -83.29
N PRO PB 250 -95.60 89.30 -83.98
CA PRO PB 250 -94.46 90.22 -84.04
C PRO PB 250 -94.04 90.68 -82.65
N THR PB 251 -92.73 90.71 -82.43
CA THR PB 251 -92.14 91.17 -81.19
C THR PB 251 -91.03 92.17 -81.49
N GLY PB 252 -90.51 92.78 -80.44
CA GLY PB 252 -89.48 93.79 -80.59
C GLY PB 252 -88.15 93.20 -81.04
N VAL PB 253 -87.28 94.10 -81.50
CA VAL PB 253 -86.00 93.68 -82.07
C VAL PB 253 -85.09 93.12 -80.98
N THR PB 254 -84.98 93.82 -79.85
CA THR PB 254 -84.06 93.43 -78.79
C THR PB 254 -84.64 93.83 -77.45
N THR PB 255 -83.89 93.53 -76.39
CA THR PB 255 -84.18 94.09 -75.07
C THR PB 255 -83.97 95.60 -75.12
N THR PB 256 -84.72 96.32 -74.30
CA THR PB 256 -84.79 97.77 -74.36
C THR PB 256 -83.98 98.38 -73.22
N ARG PB 257 -83.27 99.47 -73.52
CA ARG PB 257 -82.47 100.18 -72.53
C ARG PB 257 -82.86 101.65 -72.54
N VAL PB 258 -82.17 102.42 -71.69
CA VAL PB 258 -82.31 103.87 -71.66
C VAL PB 258 -81.46 104.41 -72.80
N GLY PB 259 -81.59 105.70 -73.08
CA GLY PB 259 -80.97 106.29 -74.25
C GLY PB 259 -79.52 105.93 -74.53
N ILE PB 260 -79.15 106.14 -75.79
CA ILE PB 260 -77.85 105.75 -76.33
C ILE PB 260 -76.70 106.19 -75.43
N THR PB 261 -76.80 107.37 -74.84
CA THR PB 261 -75.64 107.92 -74.12
C THR PB 261 -75.52 107.35 -72.71
N ARG QB 14 -71.32 103.06 -120.41
CA ARG QB 14 -71.56 101.82 -121.14
C ARG QB 14 -73.01 101.71 -121.58
N SER QB 15 -73.32 100.65 -122.34
CA SER QB 15 -74.67 100.39 -122.81
C SER QB 15 -75.23 99.09 -122.26
N ILE QB 16 -74.55 97.96 -122.47
CA ILE QB 16 -75.07 96.65 -122.06
C ILE QB 16 -76.42 96.43 -122.71
N THR QB 17 -76.43 95.70 -123.83
CA THR QB 17 -77.64 95.36 -124.56
C THR QB 17 -77.91 93.87 -124.39
N LEU QB 18 -79.11 93.54 -123.93
CA LEU QB 18 -79.56 92.16 -123.76
C LEU QB 18 -80.85 91.97 -124.55
N GLY QB 19 -80.86 90.98 -125.43
CA GLY QB 19 -82.05 90.73 -126.23
C GLY QB 19 -82.48 91.97 -126.99
N ASN QB 20 -83.75 92.36 -126.82
CA ASN QB 20 -84.31 93.57 -127.41
C ASN QB 20 -84.32 94.74 -126.43
N SER QB 21 -83.48 94.67 -125.40
CA SER QB 21 -83.43 95.69 -124.35
C SER QB 21 -82.02 96.26 -124.29
N THR QB 22 -81.89 97.37 -123.56
CA THR QB 22 -80.61 98.07 -123.45
C THR QB 22 -80.64 98.90 -122.19
N ILE QB 23 -79.81 98.55 -121.21
CA ILE QB 23 -79.86 99.27 -119.93
C ILE QB 23 -78.81 100.38 -119.97
N THR QB 24 -78.99 101.35 -119.08
CA THR QB 24 -78.13 102.53 -119.08
C THR QB 24 -76.68 102.18 -118.80
N THR QB 25 -76.43 101.41 -117.74
CA THR QB 25 -75.10 101.10 -117.20
C THR QB 25 -74.87 101.91 -115.92
N GLN QB 26 -73.68 101.76 -115.33
CA GLN QB 26 -73.26 102.65 -114.25
C GLN QB 26 -71.78 102.97 -114.34
N GLU QB 27 -71.04 102.42 -115.30
CA GLU QB 27 -69.60 102.64 -115.41
C GLU QB 27 -68.93 102.31 -114.08
N CYS QB 28 -68.69 101.03 -113.81
CA CYS QB 28 -68.05 100.56 -112.59
C CYS QB 28 -69.01 100.62 -111.40
N ALA QB 29 -69.81 99.57 -111.22
CA ALA QB 29 -70.90 99.59 -110.26
C ALA QB 29 -70.80 98.58 -109.12
N ASN QB 30 -69.76 97.75 -109.07
CA ASN QB 30 -69.57 96.82 -107.96
C ASN QB 30 -70.74 95.84 -107.83
N VAL QB 31 -70.64 94.70 -108.50
CA VAL QB 31 -71.71 93.71 -108.52
C VAL QB 31 -71.50 92.71 -107.39
N VAL QB 32 -72.56 92.40 -106.65
CA VAL QB 32 -72.52 91.36 -105.62
C VAL QB 32 -72.98 90.06 -106.25
N VAL QB 33 -72.09 89.08 -106.30
CA VAL QB 33 -72.37 87.80 -106.96
C VAL QB 33 -72.84 86.82 -105.90
N GLY QB 34 -74.15 86.85 -105.62
CA GLY QB 34 -74.82 85.89 -104.76
C GLY QB 34 -73.97 85.23 -103.70
N TYR QB 35 -74.00 83.90 -103.67
CA TYR QB 35 -73.18 83.12 -102.74
C TYR QB 35 -71.86 82.72 -103.38
N GLY QB 36 -71.19 83.69 -104.00
CA GLY QB 36 -69.96 83.42 -104.72
C GLY QB 36 -70.13 82.57 -105.96
N VAL QB 37 -71.36 82.29 -106.37
CA VAL QB 37 -71.64 81.41 -107.50
C VAL QB 37 -72.28 82.23 -108.60
N TRP QB 38 -71.75 82.09 -109.82
CA TRP QB 38 -72.38 82.72 -110.98
C TRP QB 38 -73.43 81.78 -111.57
N PRO QB 39 -74.58 82.28 -112.01
CA PRO QB 39 -75.61 81.38 -112.55
C PRO QB 39 -75.09 80.56 -113.72
N GLU QB 40 -75.42 79.27 -113.71
CA GLU QB 40 -75.00 78.35 -114.75
C GLU QB 40 -76.14 77.36 -115.00
N TYR QB 41 -76.03 76.62 -116.10
CA TYR QB 41 -77.02 75.63 -116.45
C TYR QB 41 -76.85 74.39 -115.58
N LEU QB 42 -77.73 73.41 -115.78
CA LEU QB 42 -77.70 72.18 -114.99
C LEU QB 42 -76.77 71.15 -115.61
N ALA QB 59 -84.26 85.01 -126.16
CA ALA QB 59 -85.70 85.20 -126.14
C ALA QB 59 -86.20 85.33 -124.71
N THR QB 60 -85.54 84.59 -123.81
CA THR QB 60 -85.82 84.67 -122.38
C THR QB 60 -84.86 85.63 -121.68
N CYS QB 61 -83.59 85.61 -122.07
CA CYS QB 61 -82.58 86.49 -121.49
C CYS QB 61 -82.81 87.90 -122.01
N ARG QB 62 -83.69 88.63 -121.33
CA ARG QB 62 -84.04 90.00 -121.68
C ARG QB 62 -84.29 90.77 -120.40
N PHE QB 63 -83.98 92.07 -120.44
CA PHE QB 63 -84.07 92.91 -119.24
C PHE QB 63 -85.52 93.30 -119.02
N TYR QB 64 -86.22 92.55 -118.16
CA TYR QB 64 -87.60 92.88 -117.81
C TYR QB 64 -87.57 93.91 -116.70
N THR QB 65 -87.99 95.14 -117.02
CA THR QB 65 -88.03 96.23 -116.04
C THR QB 65 -89.44 96.32 -115.47
N LEU QB 66 -89.59 95.93 -114.20
CA LEU QB 66 -90.90 96.01 -113.57
C LEU QB 66 -91.30 97.47 -113.37
N GLU QB 67 -92.53 97.67 -112.93
CA GLU QB 67 -92.98 99.02 -112.63
C GLU QB 67 -92.13 99.62 -111.51
N SER QB 68 -91.85 100.91 -111.63
CA SER QB 68 -91.12 101.61 -110.58
C SER QB 68 -92.07 102.00 -109.45
N VAL QB 69 -91.51 102.14 -108.25
CA VAL QB 69 -92.29 102.53 -107.09
C VAL QB 69 -91.67 103.79 -106.50
N GLN QB 70 -92.43 104.49 -105.69
CA GLN QB 70 -91.97 105.74 -105.08
C GLN QB 70 -91.53 105.50 -103.65
N TRP QB 71 -90.31 105.94 -103.33
CA TRP QB 71 -89.76 105.94 -101.98
C TRP QB 71 -90.13 107.26 -101.33
N MET QB 72 -90.96 107.18 -100.28
CA MET QB 72 -91.38 108.35 -99.53
C MET QB 72 -90.88 108.25 -98.10
N LYS QB 73 -91.00 109.36 -97.37
CA LYS QB 73 -90.50 109.41 -96.00
C LYS QB 73 -91.16 108.37 -95.11
N ASN QB 74 -92.33 107.85 -95.50
CA ASN QB 74 -93.05 106.87 -94.70
C ASN QB 74 -92.99 105.46 -95.27
N SER QB 75 -92.47 105.28 -96.49
CA SER QB 75 -92.42 103.97 -97.09
C SER QB 75 -91.72 102.97 -96.18
N ALA QB 76 -92.37 101.83 -95.94
CA ALA QB 76 -91.82 100.80 -95.09
C ALA QB 76 -90.95 99.81 -95.84
N GLY QB 77 -91.27 99.53 -97.08
CA GLY QB 77 -90.49 98.61 -97.89
C GLY QB 77 -91.36 97.88 -98.87
N TRP QB 78 -90.70 97.17 -99.78
CA TRP QB 78 -91.39 96.44 -100.85
C TRP QB 78 -90.73 95.08 -101.01
N TRP QB 79 -91.48 94.15 -101.59
CA TRP QB 79 -90.94 92.84 -101.94
C TRP QB 79 -91.65 92.30 -103.17
N TRP QB 80 -90.91 91.49 -103.92
CA TRP QB 80 -91.40 90.79 -105.09
C TRP QB 80 -90.98 89.33 -105.01
N LYS QB 81 -91.92 88.43 -105.26
CA LYS QB 81 -91.57 87.03 -105.49
C LYS QB 81 -91.17 86.88 -106.96
N LEU QB 82 -89.96 86.39 -107.22
CA LEU QB 82 -89.38 86.54 -108.56
C LEU QB 82 -90.06 85.65 -109.59
N PRO QB 83 -90.08 84.33 -109.43
CA PRO QB 83 -90.72 83.47 -110.43
C PRO QB 83 -92.11 83.93 -110.80
N ASP QB 84 -92.86 84.48 -109.84
CA ASP QB 84 -94.16 85.05 -110.12
C ASP QB 84 -94.11 86.53 -110.46
N ALA QB 85 -93.02 87.23 -110.10
CA ALA QB 85 -92.91 88.62 -110.50
C ALA QB 85 -92.81 88.76 -112.02
N LEU QB 86 -92.04 87.89 -112.66
CA LEU QB 86 -91.95 87.91 -114.11
C LEU QB 86 -92.90 86.92 -114.77
N SER QB 87 -93.96 86.53 -114.08
CA SER QB 87 -94.85 85.49 -114.59
C SER QB 87 -95.53 85.89 -115.89
N GLN QB 88 -95.85 87.17 -116.06
CA GLN QB 88 -96.64 87.65 -117.19
C GLN QB 88 -95.80 88.42 -118.21
N MET QB 89 -94.47 88.33 -118.14
CA MET QB 89 -93.59 89.16 -118.95
C MET QB 89 -93.05 88.34 -120.12
N GLY QB 90 -93.68 88.51 -121.28
CA GLY QB 90 -93.10 88.02 -122.51
C GLY QB 90 -92.89 86.50 -122.55
N LEU QB 91 -91.82 86.12 -123.24
CA LEU QB 91 -91.52 84.70 -123.43
C LEU QB 91 -91.18 84.00 -122.13
N PHE QB 92 -90.69 84.72 -121.12
CA PHE QB 92 -90.53 84.12 -119.80
C PHE QB 92 -91.88 83.57 -119.31
N GLY QB 93 -92.91 84.41 -119.31
CA GLY QB 93 -94.22 83.96 -118.90
C GLY QB 93 -94.80 82.90 -119.82
N GLN QB 94 -94.56 83.03 -121.13
CA GLN QB 94 -95.06 82.03 -122.06
C GLN QB 94 -94.45 80.66 -121.77
N ASN QB 95 -93.12 80.62 -121.55
CA ASN QB 95 -92.45 79.36 -121.22
C ASN QB 95 -92.92 78.83 -119.88
N MET QB 96 -93.19 79.72 -118.91
CA MET QB 96 -93.74 79.26 -117.65
C MET QB 96 -95.10 78.59 -117.86
N GLN QB 97 -95.92 79.15 -118.75
CA GLN QB 97 -97.23 78.55 -119.01
C GLN QB 97 -97.10 77.23 -119.74
N TYR QB 98 -96.11 77.10 -120.62
CA TYR QB 98 -95.99 75.92 -121.48
C TYR QB 98 -95.09 74.82 -120.90
N HIS QB 99 -94.38 75.07 -119.80
CA HIS QB 99 -93.41 74.13 -119.27
C HIS QB 99 -93.78 73.70 -117.85
N TYR QB 100 -93.59 72.41 -117.56
CA TYR QB 100 -93.77 71.89 -116.21
C TYR QB 100 -92.61 72.27 -115.31
N LEU QB 101 -91.39 72.35 -115.86
CA LEU QB 101 -90.20 72.59 -115.06
C LEU QB 101 -89.42 73.77 -115.62
N GLY QB 102 -88.77 74.50 -114.71
CA GLY QB 102 -87.94 75.63 -115.08
C GLY QB 102 -86.80 75.80 -114.10
N ARG QB 103 -85.75 76.46 -114.56
CA ARG QB 103 -84.55 76.68 -113.76
C ARG QB 103 -83.87 77.94 -114.28
N THR QB 104 -83.67 78.92 -113.40
CA THR QB 104 -83.13 80.20 -113.83
C THR QB 104 -82.29 80.81 -112.71
N GLY QB 105 -81.23 81.51 -113.10
CA GLY QB 105 -80.62 82.50 -112.26
C GLY QB 105 -81.14 83.88 -112.63
N TYR QB 106 -80.72 84.89 -111.87
CA TYR QB 106 -81.17 86.24 -112.15
C TYR QB 106 -80.02 87.22 -112.03
N THR QB 107 -80.13 88.32 -112.76
CA THR QB 107 -79.36 89.53 -112.52
C THR QB 107 -80.36 90.61 -112.18
N ILE QB 108 -80.30 91.11 -110.94
CA ILE QB 108 -81.25 92.08 -110.42
C ILE QB 108 -80.53 93.42 -110.29
N HIS QB 109 -81.10 94.45 -110.88
CA HIS QB 109 -80.53 95.80 -110.87
C HIS QB 109 -81.59 96.72 -110.30
N VAL QB 110 -81.34 97.22 -109.08
CA VAL QB 110 -82.21 98.19 -108.43
C VAL QB 110 -81.60 99.55 -108.65
N GLN QB 111 -82.31 100.42 -109.37
CA GLN QB 111 -81.85 101.76 -109.69
C GLN QB 111 -82.67 102.77 -108.91
N CYS QB 112 -82.00 103.75 -108.31
CA CYS QB 112 -82.66 104.80 -107.56
C CYS QB 112 -82.13 106.14 -108.06
N ASN QB 113 -83.00 107.14 -108.13
CA ASN QB 113 -82.65 108.44 -108.71
C ASN QB 113 -83.02 109.53 -107.72
N ALA QB 114 -82.01 110.21 -107.18
CA ALA QB 114 -82.18 111.36 -106.31
C ALA QB 114 -81.04 112.33 -106.62
N SER QB 115 -80.89 113.35 -105.78
CA SER QB 115 -79.88 114.37 -105.96
C SER QB 115 -78.95 114.43 -104.76
N LYS QB 116 -77.95 115.30 -104.85
CA LYS QB 116 -77.09 115.58 -103.71
C LYS QB 116 -77.87 116.15 -102.55
N PHE QB 117 -79.03 116.74 -102.80
CA PHE QB 117 -79.85 117.36 -101.77
C PHE QB 117 -80.84 116.39 -101.12
N HIS QB 118 -80.80 115.11 -101.48
CA HIS QB 118 -81.60 114.09 -100.84
C HIS QB 118 -80.75 113.26 -99.87
N GLN QB 119 -81.43 112.48 -99.05
CA GLN QB 119 -80.75 111.57 -98.12
C GLN QB 119 -81.65 110.37 -97.87
N GLY QB 120 -81.03 109.24 -97.57
CA GLY QB 120 -81.74 108.00 -97.34
C GLY QB 120 -80.86 106.81 -97.63
N CYS QB 121 -81.34 105.64 -97.20
CA CYS QB 121 -80.59 104.40 -97.39
C CYS QB 121 -81.53 103.20 -97.45
N LEU QB 122 -81.39 102.42 -98.52
CA LEU QB 122 -82.16 101.21 -98.73
C LEU QB 122 -81.28 99.99 -98.54
N LEU QB 123 -81.86 98.93 -98.00
CA LEU QB 123 -81.28 97.59 -98.03
C LEU QB 123 -81.94 96.83 -99.19
N VAL QB 124 -81.13 96.39 -100.13
CA VAL QB 124 -81.58 95.57 -101.25
C VAL QB 124 -81.08 94.16 -100.98
N VAL QB 125 -81.99 93.28 -100.59
CA VAL QB 125 -81.61 91.93 -100.17
C VAL QB 125 -82.37 90.93 -101.02
N CYS QB 126 -81.80 89.75 -101.17
CA CYS QB 126 -82.42 88.68 -101.93
C CYS QB 126 -82.52 87.44 -101.04
N VAL QB 127 -83.73 87.14 -100.57
CA VAL QB 127 -83.97 86.08 -99.59
C VAL QB 127 -84.35 84.82 -100.36
N PRO QB 128 -83.51 83.78 -100.36
CA PRO QB 128 -83.95 82.48 -100.87
C PRO QB 128 -84.89 81.80 -99.88
N GLU QB 129 -86.00 81.27 -100.40
CA GLU QB 129 -86.98 80.57 -99.58
C GLU QB 129 -87.52 81.48 -98.47
N ALA QB 130 -88.11 82.60 -98.89
CA ALA QB 130 -88.66 83.58 -97.95
C ALA QB 130 -90.08 83.17 -97.59
N GLU QB 131 -90.18 82.11 -96.80
CA GLU QB 131 -91.47 81.66 -96.28
C GLU QB 131 -91.98 82.68 -95.27
N MET QB 132 -93.16 83.23 -95.53
CA MET QB 132 -93.69 84.35 -94.76
C MET QB 132 -94.87 83.89 -93.91
N GLY QB 133 -95.03 84.55 -92.76
CA GLY QB 133 -96.03 84.16 -91.78
C GLY QB 133 -97.33 84.93 -91.92
N CYS QB 134 -98.33 84.49 -91.15
CA CYS QB 134 -99.67 85.04 -91.21
C CYS QB 134 -99.94 85.94 -90.00
N SER QB 135 -100.97 86.77 -90.13
CA SER QB 135 -101.44 87.56 -89.00
C SER QB 135 -102.36 86.74 -88.10
N ASN QB 136 -103.30 86.00 -88.71
CA ASN QB 136 -104.09 85.02 -87.98
C ASN QB 136 -103.26 83.75 -87.85
N LEU QB 137 -102.82 83.44 -86.63
CA LEU QB 137 -101.81 82.41 -86.42
C LEU QB 137 -102.30 81.02 -86.78
N ASN QB 138 -103.61 80.82 -86.97
CA ASN QB 138 -104.14 79.51 -87.34
C ASN QB 138 -104.34 79.37 -88.85
N ASN QB 139 -103.73 80.25 -89.64
CA ASN QB 139 -103.96 80.25 -91.08
C ASN QB 139 -102.68 80.68 -91.79
N THR QB 140 -102.59 80.30 -93.07
CA THR QB 140 -101.47 80.73 -93.89
C THR QB 140 -101.89 81.85 -94.84
N PRO QB 141 -101.02 82.80 -95.12
CA PRO QB 141 -101.42 83.95 -95.95
C PRO QB 141 -101.89 83.51 -97.34
N GLU QB 142 -102.64 84.39 -97.99
CA GLU QB 142 -103.20 84.08 -99.30
C GLU QB 142 -102.28 84.54 -100.42
N PHE QB 143 -102.43 83.89 -101.57
CA PHE QB 143 -101.53 84.14 -102.70
C PHE QB 143 -101.54 85.60 -103.09
N ALA QB 144 -102.69 86.25 -103.02
CA ALA QB 144 -102.76 87.65 -103.42
C ALA QB 144 -101.89 88.52 -102.51
N GLU QB 145 -101.90 88.23 -101.20
CA GLU QB 145 -101.07 89.00 -100.29
C GLU QB 145 -99.60 88.69 -100.48
N LEU QB 146 -99.27 87.43 -100.74
CA LEU QB 146 -97.87 87.04 -100.85
C LEU QB 146 -97.24 87.52 -102.16
N SER QB 147 -98.02 87.55 -103.24
CA SER QB 147 -97.50 87.79 -104.58
C SER QB 147 -98.04 89.10 -105.13
N GLY QB 148 -97.16 89.86 -105.76
CA GLY QB 148 -97.55 91.06 -106.47
C GLY QB 148 -96.66 91.30 -107.67
N GLY QB 149 -96.51 90.29 -108.52
CA GLY QB 149 -95.70 90.45 -109.70
C GLY QB 149 -96.12 91.67 -110.47
N ASP QB 150 -95.17 92.35 -111.13
CA ASP QB 150 -95.39 93.66 -111.74
C ASP QB 150 -96.37 94.48 -110.91
N THR QB 151 -96.32 94.29 -109.58
CA THR QB 151 -97.19 94.99 -108.64
C THR QB 151 -96.48 95.37 -107.35
N ALA QB 152 -95.39 94.71 -106.97
CA ALA QB 152 -94.59 95.11 -105.82
C ALA QB 152 -95.38 95.10 -104.53
N ARG QB 153 -95.50 93.93 -103.88
CA ARG QB 153 -96.21 93.91 -102.61
C ARG QB 153 -95.43 94.75 -101.60
N MET QB 154 -96.14 95.40 -100.69
CA MET QB 154 -95.53 96.35 -99.79
C MET QB 154 -95.55 95.85 -98.35
N PHE QB 155 -94.49 96.17 -97.62
CA PHE QB 155 -94.46 95.99 -96.18
C PHE QB 155 -95.34 97.06 -95.53
N THR QB 156 -95.62 96.86 -94.24
CA THR QB 156 -96.44 97.78 -93.46
C THR QB 156 -95.60 98.40 -92.36
N ASP QB 157 -95.97 99.62 -91.99
CA ASP QB 157 -95.26 100.35 -90.93
C ASP QB 157 -95.64 99.84 -89.54
N THR QB 158 -96.74 99.11 -89.42
CA THR QB 158 -97.23 98.65 -88.14
C THR QB 158 -97.71 97.20 -88.28
N GLN QB 159 -97.83 96.52 -87.15
CA GLN QB 159 -98.39 95.18 -87.13
C GLN QB 159 -99.87 95.22 -87.49
N ILE QB 160 -100.27 94.40 -88.47
CA ILE QB 160 -101.67 94.34 -88.85
C ILE QB 160 -102.43 93.42 -87.89
N GLY QB 161 -103.76 93.59 -87.87
CA GLY QB 161 -104.57 92.92 -86.87
C GLY QB 161 -104.75 91.44 -87.16
N GLU QB 162 -104.82 90.66 -86.07
CA GLU QB 162 -105.04 89.22 -86.19
C GLU QB 162 -106.40 88.90 -86.77
N THR QB 163 -107.37 89.81 -86.65
CA THR QB 163 -108.71 89.54 -87.15
C THR QB 163 -108.67 89.13 -88.62
N ASN QB 164 -107.73 89.66 -89.39
CA ASN QB 164 -107.61 89.31 -90.80
C ASN QB 164 -107.19 87.85 -90.93
N SER QB 165 -108.04 87.05 -91.57
CA SER QB 165 -107.83 85.60 -91.57
C SER QB 165 -106.56 85.22 -92.34
N LYS QB 166 -106.41 85.71 -93.57
CA LYS QB 166 -105.33 85.27 -94.45
C LYS QB 166 -104.57 86.46 -95.02
N LYS QB 167 -104.06 87.30 -94.11
CA LYS QB 167 -103.19 88.41 -94.46
C LYS QB 167 -101.78 88.13 -93.94
N VAL QB 168 -100.80 88.84 -94.51
CA VAL QB 168 -99.41 88.64 -94.18
C VAL QB 168 -99.02 89.61 -93.07
N GLN QB 169 -98.37 89.09 -92.03
CA GLN QB 169 -97.90 89.92 -90.92
C GLN QB 169 -96.70 90.73 -91.37
N THR QB 170 -96.95 91.88 -92.00
CA THR QB 170 -95.95 92.61 -92.75
C THR QB 170 -95.19 93.63 -91.93
N ALA QB 171 -95.18 93.50 -90.60
CA ALA QB 171 -94.39 94.40 -89.77
C ALA QB 171 -92.93 94.33 -90.20
N VAL QB 172 -92.38 95.47 -90.63
CA VAL QB 172 -91.09 95.46 -91.33
C VAL QB 172 -89.98 94.92 -90.43
N TRP QB 173 -89.95 95.35 -89.17
CA TRP QB 173 -88.86 94.96 -88.28
C TRP QB 173 -88.81 93.46 -88.04
N ASN QB 174 -89.78 92.70 -88.53
CA ASN QB 174 -89.70 91.24 -88.55
C ASN QB 174 -89.68 90.68 -89.96
N ALA QB 175 -89.73 91.53 -90.99
CA ALA QB 175 -89.62 91.10 -92.39
C ALA QB 175 -90.68 90.09 -92.79
N GLY QB 176 -91.76 89.98 -92.02
CA GLY QB 176 -92.78 89.00 -92.32
C GLY QB 176 -92.31 87.58 -92.22
N MET QB 177 -91.15 87.37 -91.57
CA MET QB 177 -90.60 86.04 -91.37
C MET QB 177 -90.25 85.78 -89.90
N GLY QB 178 -90.59 86.70 -89.00
CA GLY QB 178 -90.33 86.48 -87.60
C GLY QB 178 -88.88 86.54 -87.18
N VAL QB 179 -88.04 87.22 -87.97
CA VAL QB 179 -86.62 87.33 -87.65
C VAL QB 179 -86.28 88.79 -87.40
N GLY QB 180 -85.01 89.07 -87.11
CA GLY QB 180 -84.55 90.43 -86.99
C GLY QB 180 -84.19 91.03 -88.34
N VAL QB 181 -84.91 92.07 -88.75
CA VAL QB 181 -84.70 92.65 -90.08
C VAL QB 181 -83.26 93.09 -90.25
N GLY QB 182 -82.60 93.48 -89.16
CA GLY QB 182 -81.21 93.89 -89.23
C GLY QB 182 -80.22 92.77 -89.52
N ASN QB 183 -80.69 91.53 -89.57
CA ASN QB 183 -79.83 90.39 -89.85
C ASN QB 183 -80.05 89.81 -91.24
N LEU QB 184 -80.83 90.48 -92.09
CA LEU QB 184 -81.00 90.04 -93.47
C LEU QB 184 -79.69 90.08 -94.26
N THR QB 185 -78.65 90.68 -93.70
CA THR QB 185 -77.38 90.85 -94.40
C THR QB 185 -76.70 89.52 -94.74
N ILE QB 186 -77.11 88.41 -94.10
CA ILE QB 186 -76.53 87.13 -94.46
C ILE QB 186 -76.91 86.75 -95.89
N TYR QB 187 -78.13 87.11 -96.29
CA TYR QB 187 -78.53 86.92 -97.68
C TYR QB 187 -77.77 87.89 -98.57
N PRO QB 188 -77.54 87.53 -99.83
CA PRO QB 188 -76.86 88.47 -100.75
C PRO QB 188 -77.61 89.79 -100.85
N HIS QB 189 -76.88 90.88 -100.69
CA HIS QB 189 -77.49 92.18 -100.49
C HIS QB 189 -76.52 93.28 -100.90
N GLN QB 190 -77.08 94.47 -101.07
CA GLN QB 190 -76.32 95.71 -101.17
C GLN QB 190 -77.09 96.80 -100.43
N TRP QB 191 -76.43 97.93 -100.23
CA TRP QB 191 -77.05 99.11 -99.65
C TRP QB 191 -77.02 100.22 -100.68
N ILE QB 192 -78.17 100.85 -100.90
CA ILE QB 192 -78.28 102.04 -101.72
C ILE QB 192 -78.29 103.21 -100.74
N ASN QB 193 -77.12 103.76 -100.48
CA ASN QB 193 -76.98 104.97 -99.67
C ASN QB 193 -77.00 106.15 -100.63
N LEU QB 194 -78.12 106.88 -100.66
CA LEU QB 194 -78.29 107.95 -101.65
C LEU QB 194 -77.10 108.91 -101.62
N ARG QB 195 -76.45 109.05 -100.47
CA ARG QB 195 -75.29 109.91 -100.37
C ARG QB 195 -74.20 109.49 -101.35
N THR QB 196 -73.96 108.18 -101.48
CA THR QB 196 -72.84 107.67 -102.26
C THR QB 196 -73.24 106.61 -103.28
N ASN QB 197 -74.52 106.36 -103.48
CA ASN QB 197 -74.95 105.23 -104.28
C ASN QB 197 -76.14 105.59 -105.15
N ASN QB 198 -76.22 104.95 -106.32
CA ASN QB 198 -77.31 105.12 -107.25
C ASN QB 198 -78.00 103.81 -107.62
N SER QB 199 -77.36 102.67 -107.41
CA SER QB 199 -77.96 101.41 -107.80
C SER QB 199 -77.27 100.27 -107.06
N ALA QB 200 -77.88 99.10 -107.15
CA ALA QB 200 -77.35 97.87 -106.58
C ALA QB 200 -77.58 96.76 -107.58
N THR QB 201 -76.56 95.93 -107.78
CA THR QB 201 -76.62 94.82 -108.72
C THR QB 201 -76.28 93.53 -107.99
N ILE QB 202 -77.22 92.59 -108.01
CA ILE QB 202 -77.08 91.30 -107.34
C ILE QB 202 -77.27 90.22 -108.39
N VAL QB 203 -76.27 89.34 -108.53
CA VAL QB 203 -76.33 88.23 -109.47
C VAL QB 203 -76.62 86.98 -108.67
N MET QB 204 -77.84 86.46 -108.78
CA MET QB 204 -78.27 85.33 -107.97
C MET QB 204 -78.20 84.03 -108.76
N PRO QB 205 -77.59 83.00 -108.19
CA PRO QB 205 -77.62 81.67 -108.82
C PRO QB 205 -78.86 80.88 -108.42
N TYR QB 206 -79.01 79.69 -108.98
CA TYR QB 206 -80.14 78.83 -108.66
C TYR QB 206 -80.01 78.31 -107.24
N ILE QB 207 -80.96 78.68 -106.38
CA ILE QB 207 -81.00 78.26 -104.99
C ILE QB 207 -82.22 77.36 -104.82
N ASN QB 208 -82.00 76.06 -104.69
CA ASN QB 208 -83.13 75.16 -104.51
C ASN QB 208 -82.61 73.78 -104.10
N SER QB 209 -83.52 72.99 -103.52
CA SER QB 209 -83.19 71.63 -103.11
C SER QB 209 -83.25 70.66 -104.28
N VAL QB 210 -84.25 70.79 -105.14
CA VAL QB 210 -84.41 69.94 -106.31
C VAL QB 210 -83.67 70.57 -107.48
N PRO QB 211 -83.21 69.79 -108.46
CA PRO QB 211 -82.55 70.41 -109.63
C PRO QB 211 -83.49 71.29 -110.43
N MET QB 212 -84.78 70.94 -110.48
CA MET QB 212 -85.78 71.74 -111.17
C MET QB 212 -87.10 71.61 -110.44
N ASP QB 213 -87.90 72.66 -110.50
CA ASP QB 213 -89.19 72.69 -109.80
C ASP QB 213 -90.19 73.47 -110.64
N ASN QB 214 -91.46 73.33 -110.29
CA ASN QB 214 -92.50 74.10 -110.95
C ASN QB 214 -92.42 75.56 -110.54
N MET QB 215 -92.56 76.45 -111.51
CA MET QB 215 -92.35 77.87 -111.28
C MET QB 215 -93.58 78.60 -110.77
N PHE QB 216 -94.75 77.95 -110.80
CA PHE QB 216 -95.97 78.55 -110.29
C PHE QB 216 -96.23 78.19 -108.83
N ARG QB 217 -95.93 76.95 -108.43
CA ARG QB 217 -96.19 76.51 -107.07
C ARG QB 217 -95.17 77.03 -106.08
N HIS QB 218 -93.98 77.45 -106.54
CA HIS QB 218 -92.87 77.77 -105.66
C HIS QB 218 -92.16 79.00 -106.17
N ASN QB 219 -92.11 80.05 -105.35
CA ASN QB 219 -91.32 81.25 -105.62
C ASN QB 219 -89.99 81.08 -104.90
N ASN QB 220 -89.01 80.52 -105.61
CA ASN QB 220 -87.75 80.12 -105.01
C ASN QB 220 -87.00 81.29 -104.38
N LEU QB 221 -87.32 82.53 -104.75
CA LEU QB 221 -86.56 83.69 -104.30
C LEU QB 221 -87.52 84.83 -104.00
N THR QB 222 -87.03 85.79 -103.21
CA THR QB 222 -87.84 86.94 -102.81
C THR QB 222 -86.94 88.17 -102.71
N LEU QB 223 -87.14 89.13 -103.61
CA LEU QB 223 -86.42 90.38 -103.53
C LEU QB 223 -87.10 91.30 -102.51
N MET QB 224 -86.29 91.97 -101.69
CA MET QB 224 -86.80 92.90 -100.69
C MET QB 224 -86.00 94.19 -100.73
N ILE QB 225 -86.73 95.31 -100.76
CA ILE QB 225 -86.14 96.64 -100.69
C ILE QB 225 -86.70 97.28 -99.42
N ILE QB 226 -85.86 97.43 -98.41
CA ILE QB 226 -86.31 97.92 -97.10
C ILE QB 226 -85.54 99.18 -96.73
N PRO QB 227 -86.20 100.34 -96.64
CA PRO QB 227 -85.46 101.54 -96.23
C PRO QB 227 -85.07 101.52 -94.76
N PHE QB 228 -83.76 101.48 -94.48
CA PHE QB 228 -83.31 101.49 -93.09
C PHE QB 228 -83.17 102.91 -92.56
N VAL QB 229 -82.75 103.83 -93.40
CA VAL QB 229 -82.71 105.26 -93.07
C VAL QB 229 -83.69 105.96 -94.00
N PRO QB 230 -84.72 106.62 -93.50
CA PRO QB 230 -85.80 107.08 -94.36
C PRO QB 230 -85.35 108.21 -95.27
N LEU QB 231 -86.08 108.36 -96.37
CA LEU QB 231 -85.86 109.48 -97.28
C LEU QB 231 -86.15 110.79 -96.57
N ASN QB 232 -85.30 111.79 -96.81
CA ASN QB 232 -85.49 113.10 -96.21
C ASN QB 232 -84.93 114.15 -97.16
N TYR QB 233 -85.46 115.37 -97.04
CA TYR QB 233 -85.11 116.46 -97.95
C TYR QB 233 -85.76 117.74 -97.46
N SER QB 234 -85.12 118.86 -97.78
CA SER QB 234 -85.67 120.15 -97.42
C SER QB 234 -86.79 120.53 -98.39
N GLU QB 235 -87.60 121.52 -97.98
CA GLU QB 235 -88.70 121.97 -98.81
C GLU QB 235 -88.18 122.46 -100.17
N GLY QB 236 -88.77 121.95 -101.24
CA GLY QB 236 -88.34 122.31 -102.58
C GLY QB 236 -87.82 121.12 -103.36
N SER QB 237 -87.02 120.28 -102.71
CA SER QB 237 -86.54 119.08 -103.37
C SER QB 237 -87.71 118.16 -103.69
N SER QB 238 -87.62 117.48 -104.82
CA SER QB 238 -88.73 116.64 -105.28
C SER QB 238 -89.06 115.60 -104.20
N PRO QB 239 -90.34 115.44 -103.86
CA PRO QB 239 -90.70 114.45 -102.83
C PRO QB 239 -90.84 113.03 -103.37
N TYR QB 240 -90.57 112.84 -104.64
CA TYR QB 240 -90.80 111.59 -105.35
C TYR QB 240 -89.43 111.01 -105.72
N VAL QB 241 -88.92 110.10 -104.90
CA VAL QB 241 -87.65 109.45 -105.20
C VAL QB 241 -87.93 108.02 -105.64
N PRO QB 242 -87.87 107.72 -106.93
CA PRO QB 242 -88.32 106.41 -107.42
C PRO QB 242 -87.23 105.34 -107.41
N ILE QB 243 -87.71 104.11 -107.26
CA ILE QB 243 -86.89 102.91 -107.32
C ILE QB 243 -87.41 102.10 -108.52
N THR QB 244 -86.51 101.78 -109.44
CA THR QB 244 -86.81 101.05 -110.65
C THR QB 244 -86.11 99.70 -110.58
N VAL QB 245 -86.88 98.62 -110.64
CA VAL QB 245 -86.36 97.27 -110.54
C VAL QB 245 -86.27 96.68 -111.93
N THR QB 246 -85.10 96.13 -112.27
CA THR QB 246 -84.89 95.48 -113.57
C THR QB 246 -84.30 94.10 -113.32
N ILE QB 247 -85.04 93.06 -113.70
CA ILE QB 247 -84.64 91.68 -113.47
C ILE QB 247 -84.37 91.04 -114.82
N ALA QB 248 -83.32 90.22 -114.88
CA ALA QB 248 -82.96 89.53 -116.12
C ALA QB 248 -82.71 88.06 -115.82
N PRO QB 249 -83.50 87.14 -116.37
CA PRO QB 249 -83.15 85.72 -116.26
C PRO QB 249 -81.79 85.46 -116.89
N MET QB 250 -81.07 84.50 -116.30
CA MET QB 250 -79.72 84.17 -116.72
C MET QB 250 -79.56 82.66 -116.68
N CYS QB 251 -79.06 82.09 -117.78
CA CYS QB 251 -78.80 80.66 -117.89
C CYS QB 251 -80.05 79.87 -117.51
N ALA QB 252 -81.15 80.20 -118.18
CA ALA QB 252 -82.44 79.58 -117.89
C ALA QB 252 -82.54 78.20 -118.53
N GLU QB 253 -83.53 77.43 -118.08
CA GLU QB 253 -83.77 76.09 -118.59
C GLU QB 253 -85.27 75.89 -118.76
N TYR QB 254 -85.65 74.72 -119.26
CA TYR QB 254 -87.05 74.37 -119.44
C TYR QB 254 -87.14 72.94 -119.91
N ASN QB 255 -88.16 72.21 -119.46
CA ASN QB 255 -88.35 70.81 -119.81
C ASN QB 255 -89.75 70.58 -120.37
N GLY RB 1 -63.75 31.68 -78.05
CA GLY RB 1 -64.34 32.42 -76.90
C GLY RB 1 -63.38 33.44 -76.31
N LEU RB 2 -63.28 34.58 -76.97
CA LEU RB 2 -62.38 35.64 -76.52
C LEU RB 2 -62.78 36.12 -75.14
N PRO RB 3 -61.88 36.11 -74.16
CA PRO RB 3 -62.23 36.66 -72.84
C PRO RB 3 -62.51 38.16 -72.94
N VAL RB 4 -63.50 38.61 -72.17
CA VAL RB 4 -63.88 40.02 -72.14
C VAL RB 4 -64.23 40.42 -70.72
N MET RB 5 -63.92 41.68 -70.39
CA MET RB 5 -64.27 42.29 -69.11
C MET RB 5 -64.94 43.62 -69.42
N THR RB 6 -66.26 43.69 -69.22
CA THR RB 6 -66.98 44.93 -69.49
C THR RB 6 -66.52 46.02 -68.53
N THR RB 7 -66.15 47.16 -69.08
CA THR RB 7 -65.62 48.25 -68.27
C THR RB 7 -66.76 49.12 -67.75
N PRO RB 8 -66.53 49.89 -66.70
CA PRO RB 8 -67.57 50.82 -66.22
C PRO RB 8 -68.03 51.74 -67.34
N GLY RB 9 -69.34 51.92 -67.43
CA GLY RB 9 -69.94 52.72 -68.48
C GLY RB 9 -70.61 51.92 -69.58
N SER RB 10 -70.50 50.59 -69.55
CA SER RB 10 -71.16 49.78 -70.56
C SER RB 10 -72.67 49.93 -70.44
N THR RB 11 -73.37 49.70 -71.55
CA THR RB 11 -74.83 49.80 -71.61
C THR RB 11 -75.29 51.20 -71.20
N GLN RB 12 -74.56 52.22 -71.65
CA GLN RB 12 -74.78 53.60 -71.25
C GLN RB 12 -75.12 54.45 -72.47
N PHE RB 13 -76.09 55.35 -72.31
CA PHE RB 13 -76.44 56.32 -73.33
C PHE RB 13 -75.93 57.68 -72.86
N LEU RB 14 -74.75 58.06 -73.31
CA LEU RB 14 -74.24 59.41 -73.12
C LEU RB 14 -74.74 60.26 -74.29
N THR RB 15 -75.53 61.28 -73.98
CA THR RB 15 -76.05 62.17 -75.02
C THR RB 15 -74.97 62.50 -76.04
N SER RB 16 -73.79 62.87 -75.56
CA SER RB 16 -72.69 63.26 -76.44
C SER RB 16 -71.77 62.08 -76.76
N ASP RB 17 -72.34 60.99 -77.28
CA ASP RB 17 -71.57 59.83 -77.68
C ASP RB 17 -71.50 59.74 -79.20
N ASP RB 18 -70.56 58.92 -79.66
CA ASP RB 18 -70.28 58.78 -81.09
C ASP RB 18 -70.12 57.31 -81.46
N PHE RB 19 -71.00 56.47 -80.95
CA PHE RB 19 -70.92 55.03 -81.17
C PHE RB 19 -71.48 54.67 -82.55
N GLN RB 20 -71.19 53.44 -82.97
CA GLN RB 20 -71.75 52.91 -84.20
C GLN RB 20 -73.23 52.58 -84.00
N SER RB 21 -74.03 52.79 -85.05
CA SER RB 21 -75.46 52.53 -84.99
C SER RB 21 -75.90 51.73 -86.19
N PRO RB 22 -76.83 50.78 -86.01
CA PRO RB 22 -77.32 49.99 -87.15
C PRO RB 22 -78.32 50.80 -87.98
N SER RB 23 -78.16 50.75 -89.30
CA SER RB 23 -79.08 51.44 -90.20
C SER RB 23 -80.38 50.66 -90.32
N ALA RB 24 -81.49 51.38 -90.36
CA ALA RB 24 -82.80 50.75 -90.43
C ALA RB 24 -83.24 50.45 -91.86
N MET RB 25 -82.65 51.11 -92.85
CA MET RB 25 -83.00 50.93 -94.26
C MET RB 25 -81.76 50.51 -95.02
N PRO RB 26 -81.28 49.29 -94.81
CA PRO RB 26 -80.11 48.82 -95.57
C PRO RB 26 -80.41 48.71 -97.05
N GLN RB 27 -79.37 48.94 -97.87
CA GLN RB 27 -79.45 48.90 -99.31
C GLN RB 27 -80.35 49.99 -99.88
N PHE RB 28 -80.72 50.98 -99.07
CA PHE RB 28 -81.54 52.09 -99.53
C PHE RB 28 -80.67 53.05 -100.34
N ASP RB 29 -81.00 53.19 -101.63
CA ASP RB 29 -80.24 54.06 -102.52
C ASP RB 29 -80.58 55.51 -102.19
N VAL RB 30 -79.69 56.19 -101.48
CA VAL RB 30 -79.92 57.59 -101.15
C VAL RB 30 -79.85 58.43 -102.41
N THR RB 31 -80.68 59.47 -102.48
CA THR RB 31 -80.68 60.34 -103.64
C THR RB 31 -79.31 61.02 -103.77
N PRO RB 32 -78.82 61.25 -104.98
CA PRO RB 32 -77.50 61.88 -105.14
C PRO RB 32 -77.47 63.28 -104.55
N GLU RB 33 -76.31 63.90 -104.56
CA GLU RB 33 -76.15 65.25 -104.06
C GLU RB 33 -76.20 66.27 -105.19
N MET RB 34 -76.46 67.51 -104.81
CA MET RB 34 -76.43 68.66 -105.71
C MET RB 34 -75.57 69.73 -105.08
N GLN RB 35 -74.78 70.43 -105.90
CA GLN RB 35 -73.93 71.51 -105.40
C GLN RB 35 -74.81 72.73 -105.20
N ILE RB 36 -75.45 72.78 -104.03
CA ILE RB 36 -76.31 73.91 -103.68
C ILE RB 36 -75.43 75.09 -103.28
N PRO RB 37 -75.69 76.29 -103.79
CA PRO RB 37 -74.83 77.42 -103.44
C PRO RB 37 -74.90 77.73 -101.95
N GLY RB 38 -73.88 78.45 -101.48
CA GLY RB 38 -73.84 78.89 -100.10
C GLY RB 38 -73.64 77.78 -99.10
N ARG RB 39 -72.70 76.89 -99.36
CA ARG RB 39 -72.34 75.86 -98.39
C ARG RB 39 -71.77 76.51 -97.14
N VAL RB 40 -72.33 76.16 -95.99
CA VAL RB 40 -71.80 76.58 -94.70
C VAL RB 40 -71.01 75.42 -94.11
N ASN RB 41 -69.79 75.69 -93.67
CA ASN RB 41 -68.96 74.70 -93.02
C ASN RB 41 -68.64 75.04 -91.57
N ASN RB 42 -68.71 76.31 -91.19
CA ASN RB 42 -68.44 76.75 -89.83
C ASN RB 42 -69.40 77.90 -89.49
N LEU RB 43 -69.72 78.02 -88.20
CA LEU RB 43 -70.59 79.11 -87.76
C LEU RB 43 -69.84 80.44 -87.68
N MET RB 44 -68.51 80.41 -87.67
CA MET RB 44 -67.77 81.67 -87.77
C MET RB 44 -67.96 82.30 -89.15
N GLU RB 45 -68.21 81.48 -90.17
CA GLU RB 45 -68.55 82.03 -91.48
C GLU RB 45 -69.74 82.97 -91.39
N ILE RB 46 -70.70 82.67 -90.50
CA ILE RB 46 -71.83 83.55 -90.30
C ILE RB 46 -71.45 84.70 -89.36
N ALA RB 47 -70.75 84.39 -88.28
CA ALA RB 47 -70.40 85.42 -87.31
C ALA RB 47 -69.55 86.53 -87.90
N GLU RB 48 -68.87 86.27 -89.02
CA GLU RB 48 -68.04 87.29 -89.65
C GLU RB 48 -68.82 88.22 -90.57
N VAL RB 49 -70.13 88.06 -90.69
CA VAL RB 49 -70.93 88.84 -91.62
C VAL RB 49 -71.49 90.06 -90.91
N ASP RB 50 -71.29 91.24 -91.50
CA ASP RB 50 -71.84 92.46 -90.94
C ASP RB 50 -73.36 92.37 -90.86
N SER RB 51 -73.91 92.79 -89.73
CA SER RB 51 -75.35 92.83 -89.51
C SER RB 51 -75.70 94.11 -88.78
N VAL RB 52 -76.89 94.65 -89.06
CA VAL RB 52 -77.26 95.95 -88.52
C VAL RB 52 -77.35 95.87 -87.01
N VAL RB 53 -76.83 96.89 -86.34
CA VAL RB 53 -76.77 96.95 -84.88
C VAL RB 53 -77.89 97.85 -84.40
N PRO RB 54 -78.77 97.40 -83.52
CA PRO RB 54 -79.77 98.31 -82.94
C PRO RB 54 -79.16 99.15 -81.82
N VAL RB 55 -78.48 100.23 -82.20
CA VAL RB 55 -77.87 101.09 -81.19
C VAL RB 55 -78.92 101.88 -80.43
N ASN RB 56 -80.04 102.22 -81.08
CA ASN RB 56 -81.09 103.02 -80.46
C ASN RB 56 -82.19 102.09 -79.91
N ASN RB 57 -81.84 101.41 -78.81
CA ASN RB 57 -82.76 100.48 -78.17
C ASN RB 57 -83.91 101.17 -77.46
N THR RB 58 -83.95 102.50 -77.46
CA THR RB 58 -84.98 103.24 -76.74
C THR RB 58 -86.32 102.50 -76.79
N GLU RB 59 -86.92 102.35 -75.61
CA GLU RB 59 -88.10 101.51 -75.38
C GLU RB 59 -89.06 101.47 -76.55
N ALA RB 60 -89.48 102.64 -77.04
CA ALA RB 60 -90.49 102.68 -78.10
C ALA RB 60 -89.92 102.39 -79.47
N ASN RB 61 -88.63 102.69 -79.68
CA ASN RB 61 -88.03 102.45 -80.98
C ASN RB 61 -87.69 100.99 -81.21
N VAL RB 62 -87.58 100.19 -80.15
CA VAL RB 62 -87.22 98.78 -80.32
C VAL RB 62 -88.13 98.07 -81.33
N ASN RB 63 -89.41 98.43 -81.39
CA ASN RB 63 -90.37 97.76 -82.27
C ASN RB 63 -90.48 98.42 -83.64
N SER RB 64 -89.38 98.96 -84.16
CA SER RB 64 -89.37 99.61 -85.46
C SER RB 64 -87.94 99.66 -85.95
N LEU RB 65 -87.77 99.99 -87.22
CA LEU RB 65 -86.43 100.18 -87.76
C LEU RB 65 -85.75 101.42 -87.21
N LYS RB 66 -86.48 102.26 -86.48
CA LYS RB 66 -85.85 103.39 -85.79
C LYS RB 66 -84.78 102.92 -84.81
N ALA RB 67 -84.88 101.67 -84.34
CA ALA RB 67 -83.88 101.15 -83.41
C ALA RB 67 -82.50 101.10 -84.05
N TYR RB 68 -82.44 100.79 -85.35
CA TYR RB 68 -81.17 100.71 -86.05
C TYR RB 68 -80.61 102.07 -86.44
N GLN RB 69 -81.37 103.14 -86.25
CA GLN RB 69 -80.97 104.48 -86.69
C GLN RB 69 -80.30 105.21 -85.53
N ILE RB 70 -79.05 105.63 -85.72
CA ILE RB 70 -78.34 106.46 -84.75
C ILE RB 70 -78.59 107.93 -85.13
N PRO RB 71 -79.34 108.68 -84.33
CA PRO RB 71 -79.63 110.07 -84.71
C PRO RB 71 -78.41 110.96 -84.55
N VAL RB 72 -78.17 111.80 -85.55
CA VAL RB 72 -77.16 112.85 -85.47
C VAL RB 72 -77.80 114.13 -85.98
N GLN RB 73 -77.43 115.26 -85.39
CA GLN RB 73 -78.03 116.53 -85.75
C GLN RB 73 -77.03 117.64 -85.46
N SER RB 74 -77.22 118.78 -86.13
CA SER RB 74 -76.43 119.96 -85.85
C SER RB 74 -76.81 120.49 -84.47
N ASN RB 75 -75.86 120.46 -83.54
CA ASN RB 75 -76.09 120.90 -82.17
C ASN RB 75 -75.52 122.31 -81.99
N SER RB 76 -75.32 122.73 -80.74
CA SER RB 76 -74.91 124.10 -80.46
C SER RB 76 -73.47 124.38 -80.88
N ASP RB 77 -72.50 123.80 -80.17
CA ASP RB 77 -71.09 124.06 -80.45
C ASP RB 77 -70.26 122.80 -80.27
N ASN RB 78 -70.79 121.67 -80.75
CA ASN RB 78 -70.10 120.39 -80.60
C ASN RB 78 -70.00 120.02 -79.13
N GLY RB 79 -69.17 119.03 -78.80
CA GLY RB 79 -69.00 118.60 -77.43
C GLY RB 79 -70.23 117.93 -76.85
N LYS RB 80 -70.70 116.87 -77.53
CA LYS RB 80 -71.88 116.14 -77.06
C LYS RB 80 -71.78 114.71 -77.58
N GLN RB 81 -71.84 113.75 -76.65
CA GLN RB 81 -71.81 112.35 -77.03
C GLN RB 81 -72.90 112.03 -78.05
N VAL RB 82 -72.55 111.21 -79.03
CA VAL RB 82 -73.52 110.74 -80.02
C VAL RB 82 -74.18 109.45 -79.57
N PHE RB 83 -73.38 108.48 -79.11
CA PHE RB 83 -73.90 107.24 -78.59
C PHE RB 83 -72.79 106.54 -77.81
N GLY RB 84 -73.18 105.51 -77.04
CA GLY RB 84 -72.22 104.70 -76.31
C GLY RB 84 -72.75 103.35 -75.92
N PHE RB 85 -72.09 102.28 -76.36
CA PHE RB 85 -72.47 100.93 -75.97
C PHE RB 85 -71.27 100.18 -75.43
N PRO RB 86 -71.48 99.21 -74.54
CA PRO RB 86 -70.36 98.42 -74.02
C PRO RB 86 -69.90 97.37 -75.05
N LEU RB 87 -68.71 96.85 -74.80
CA LEU RB 87 -68.13 95.79 -75.64
C LEU RB 87 -68.59 94.42 -75.14
N GLN RB 88 -69.88 94.28 -74.89
CA GLN RB 88 -70.47 93.01 -74.48
C GLN RB 88 -71.18 92.38 -75.66
N PRO RB 89 -70.47 91.65 -76.52
CA PRO RB 89 -71.15 91.10 -77.71
C PRO RB 89 -72.26 90.11 -77.39
N GLY RB 90 -72.16 89.40 -76.28
CA GLY RB 90 -73.17 88.39 -75.97
C GLY RB 90 -74.12 88.81 -74.87
N ALA RB 91 -73.84 89.94 -74.22
CA ALA RB 91 -74.60 90.38 -73.05
C ALA RB 91 -75.42 91.63 -73.30
N ASN RB 92 -74.82 92.71 -73.78
CA ASN RB 92 -75.54 93.97 -73.95
C ASN RB 92 -76.68 93.79 -74.93
N GLY RB 93 -77.81 94.45 -74.64
CA GLY RB 93 -78.95 94.40 -75.53
C GLY RB 93 -78.67 94.97 -76.90
N VAL RB 94 -77.63 95.81 -77.02
CA VAL RB 94 -77.28 96.39 -78.31
C VAL RB 94 -76.79 95.31 -79.26
N LEU RB 95 -76.02 94.34 -78.75
CA LEU RB 95 -75.36 93.37 -79.61
C LEU RB 95 -75.85 91.94 -79.43
N ASN RB 96 -76.60 91.65 -78.36
CA ASN RB 96 -76.95 90.27 -78.06
C ASN RB 96 -77.69 89.60 -79.21
N ARG RB 97 -78.47 90.35 -79.99
CA ARG RB 97 -79.26 89.80 -81.07
C ARG RB 97 -78.69 90.09 -82.45
N THR RB 98 -77.54 90.73 -82.53
CA THR RB 98 -76.82 90.79 -83.80
C THR RB 98 -76.63 89.39 -84.34
N LEU RB 99 -76.19 89.27 -85.58
CA LEU RB 99 -75.77 87.96 -86.07
C LEU RB 99 -74.67 87.40 -85.18
N LEU RB 100 -73.65 88.22 -84.91
CA LEU RB 100 -72.55 87.81 -84.05
C LEU RB 100 -73.05 87.43 -82.66
N GLY RB 101 -73.91 88.26 -82.08
CA GLY RB 101 -74.39 87.99 -80.73
C GLY RB 101 -75.24 86.74 -80.65
N GLU RB 102 -76.10 86.53 -81.65
CA GLU RB 102 -76.90 85.31 -81.69
C GLU RB 102 -76.02 84.08 -81.74
N ILE RB 103 -74.96 84.11 -82.54
CA ILE RB 103 -74.06 82.95 -82.56
C ILE RB 103 -73.31 82.83 -81.24
N LEU RB 104 -72.89 83.95 -80.66
CA LEU RB 104 -72.19 83.92 -79.38
C LEU RB 104 -73.03 83.28 -78.30
N ASN RB 105 -74.35 83.54 -78.32
CA ASN RB 105 -75.22 82.98 -77.31
C ASN RB 105 -75.39 81.47 -77.43
N TYR RB 106 -74.89 80.86 -78.50
CA TYR RB 106 -74.84 79.41 -78.61
C TYR RB 106 -73.56 78.81 -78.07
N TYR RB 107 -72.62 79.64 -77.60
CA TYR RB 107 -71.35 79.18 -77.05
C TYR RB 107 -71.12 79.89 -75.73
N THR RB 108 -70.18 79.36 -74.95
CA THR RB 108 -69.89 79.89 -73.62
C THR RB 108 -68.64 80.77 -73.57
N HIS RB 109 -67.60 80.43 -74.33
CA HIS RB 109 -66.38 81.22 -74.39
C HIS RB 109 -66.24 81.86 -75.76
N TRP RB 110 -65.60 83.03 -75.81
CA TRP RB 110 -65.34 83.70 -77.07
C TRP RB 110 -64.03 84.48 -76.97
N SER RB 111 -63.41 84.70 -78.12
CA SER RB 111 -62.15 85.44 -78.18
C SER RB 111 -62.00 86.00 -79.59
N GLY RB 112 -61.61 87.26 -79.69
CA GLY RB 112 -61.29 87.85 -80.97
C GLY RB 112 -61.64 89.32 -81.00
N SER RB 113 -61.30 89.93 -82.14
CA SER RB 113 -61.55 91.34 -82.40
C SER RB 113 -62.88 91.51 -83.14
N ILE RB 114 -63.36 92.75 -83.20
CA ILE RB 114 -64.67 93.01 -83.78
C ILE RB 114 -64.59 94.23 -84.69
N LYS RB 115 -65.17 94.12 -85.89
CA LYS RB 115 -65.27 95.24 -86.81
C LYS RB 115 -66.62 95.92 -86.62
N LEU RB 116 -66.59 97.21 -86.28
CA LEU RB 116 -67.77 98.06 -86.15
C LEU RB 116 -67.74 99.03 -87.32
N THR RB 117 -68.58 98.80 -88.32
CA THR RB 117 -68.65 99.69 -89.48
C THR RB 117 -69.75 100.71 -89.26
N PHE RB 118 -69.43 101.99 -89.43
CA PHE RB 118 -70.38 103.09 -89.26
C PHE RB 118 -70.57 103.78 -90.60
N MET RB 119 -71.82 103.86 -91.06
CA MET RB 119 -72.17 104.42 -92.36
C MET RB 119 -73.04 105.65 -92.15
N PHE RB 120 -72.62 106.77 -92.75
CA PHE RB 120 -73.35 108.03 -92.63
C PHE RB 120 -74.39 108.07 -93.75
N CYS RB 121 -75.67 108.06 -93.38
CA CYS RB 121 -76.76 108.03 -94.35
C CYS RB 121 -77.46 109.39 -94.46
N GLY RB 122 -76.71 110.47 -94.28
CA GLY RB 122 -77.22 111.80 -94.45
C GLY RB 122 -77.17 112.26 -95.89
N SER RB 123 -77.40 113.56 -96.08
CA SER RB 123 -77.35 114.15 -97.40
C SER RB 123 -75.92 114.17 -97.92
N ALA RB 124 -75.78 114.09 -99.24
CA ALA RB 124 -74.46 114.15 -99.85
C ALA RB 124 -73.80 115.50 -99.64
N MET RB 125 -74.56 116.52 -99.25
CA MET RB 125 -74.02 117.86 -99.07
C MET RB 125 -73.52 118.11 -97.65
N ALA RB 126 -73.85 117.24 -96.70
CA ALA RB 126 -73.46 117.46 -95.31
C ALA RB 126 -71.99 117.14 -95.09
N THR RB 127 -71.36 117.90 -94.20
CA THR RB 127 -69.98 117.67 -93.80
C THR RB 127 -69.89 117.77 -92.28
N GLY RB 128 -68.79 117.24 -91.75
CA GLY RB 128 -68.57 117.25 -90.32
C GLY RB 128 -67.53 116.22 -89.94
N LYS RB 129 -67.28 116.15 -88.64
CA LYS RB 129 -66.28 115.24 -88.09
C LYS RB 129 -66.80 114.62 -86.80
N PHE RB 130 -66.49 113.35 -86.61
CA PHE RB 130 -66.88 112.63 -85.40
C PHE RB 130 -65.65 111.97 -84.81
N LEU RB 131 -65.72 111.69 -83.51
CA LEU RB 131 -64.66 110.98 -82.80
C LEU RB 131 -65.24 109.63 -82.38
N LEU RB 132 -64.74 108.56 -83.00
CA LEU RB 132 -65.10 107.20 -82.61
C LEU RB 132 -64.01 106.69 -81.67
N ALA RB 133 -64.37 106.41 -80.41
CA ALA RB 133 -63.39 106.06 -79.41
C ALA RB 133 -63.77 104.76 -78.71
N TYR RB 134 -62.77 103.91 -78.51
CA TYR RB 134 -62.90 102.69 -77.73
C TYR RB 134 -62.10 102.85 -76.44
N SER RB 135 -62.76 102.75 -75.30
CA SER RB 135 -62.11 102.82 -74.00
C SER RB 135 -61.91 101.41 -73.50
N PRO RB 136 -60.68 100.89 -73.42
CA PRO RB 136 -60.46 99.55 -72.89
C PRO RB 136 -61.09 99.41 -71.52
N PRO RB 137 -61.22 98.17 -71.03
CA PRO RB 137 -61.87 97.98 -69.73
C PRO RB 137 -61.02 98.56 -68.61
N GLY RB 138 -61.70 98.99 -67.55
CA GLY RB 138 -61.01 99.59 -66.44
C GLY RB 138 -61.05 101.10 -66.52
N ALA RB 139 -60.92 101.63 -67.73
CA ALA RB 139 -61.07 103.06 -67.96
C ALA RB 139 -62.54 103.41 -68.02
N GLY RB 140 -62.96 104.35 -67.20
CA GLY RB 140 -64.35 104.76 -67.18
C GLY RB 140 -64.84 105.20 -68.53
N VAL RB 141 -66.13 105.43 -68.64
CA VAL RB 141 -66.65 105.98 -69.89
C VAL RB 141 -66.08 107.38 -70.09
N PRO RB 142 -65.44 107.68 -71.22
CA PRO RB 142 -64.93 109.04 -71.43
C PRO RB 142 -66.01 110.08 -71.21
N LYS RB 143 -65.69 111.12 -70.45
CA LYS RB 143 -66.68 112.13 -70.07
C LYS RB 143 -66.75 113.26 -71.08
N ASN RB 144 -65.61 113.71 -71.60
CA ASN RB 144 -65.57 114.75 -72.61
C ASN RB 144 -64.93 114.22 -73.89
N ARG RB 145 -65.24 114.91 -74.99
CA ARG RB 145 -64.60 114.60 -76.25
C ARG RB 145 -63.09 114.60 -76.11
N LYS RB 146 -62.54 115.49 -75.26
CA LYS RB 146 -61.10 115.48 -75.01
C LYS RB 146 -60.67 114.18 -74.35
N ASP RB 147 -61.44 113.73 -73.36
CA ASP RB 147 -61.13 112.46 -72.70
C ASP RB 147 -61.10 111.32 -73.71
N ALA RB 148 -62.09 111.27 -74.60
CA ALA RB 148 -62.09 110.21 -75.60
C ALA RB 148 -60.96 110.41 -76.62
N MET RB 149 -60.58 111.66 -76.88
CA MET RB 149 -59.52 111.94 -77.85
C MET RB 149 -58.15 111.55 -77.35
N LEU RB 150 -57.96 111.49 -76.03
CA LEU RB 150 -56.69 111.02 -75.52
C LEU RB 150 -56.62 109.51 -75.43
N GLY RB 151 -57.74 108.81 -75.64
CA GLY RB 151 -57.78 107.36 -75.66
C GLY RB 151 -57.92 106.84 -77.08
N THR RB 152 -57.97 105.50 -77.18
CA THR RB 152 -58.14 104.86 -78.48
C THR RB 152 -59.29 105.53 -79.23
N HIS RB 153 -58.96 106.22 -80.32
CA HIS RB 153 -59.94 106.99 -81.06
C HIS RB 153 -59.51 107.15 -82.51
N VAL RB 154 -60.48 107.53 -83.34
CA VAL RB 154 -60.25 107.85 -84.74
C VAL RB 154 -61.18 108.99 -85.11
N ILE RB 155 -60.66 109.92 -85.91
CA ILE RB 155 -61.44 111.05 -86.42
C ILE RB 155 -62.04 110.65 -87.76
N TRP RB 156 -63.37 110.59 -87.80
CA TRP RB 156 -64.13 110.17 -88.96
C TRP RB 156 -64.75 111.42 -89.57
N ASP RB 157 -64.22 111.87 -90.70
CA ASP RB 157 -64.75 113.03 -91.41
C ASP RB 157 -65.83 112.56 -92.38
N VAL RB 158 -67.08 112.95 -92.13
CA VAL RB 158 -68.17 112.54 -93.01
C VAL RB 158 -68.04 113.20 -94.38
N GLY RB 159 -67.35 114.32 -94.47
CA GLY RB 159 -66.95 114.84 -95.76
C GLY RB 159 -65.71 114.07 -96.17
N LEU RB 160 -65.84 113.25 -97.21
CA LEU RB 160 -64.87 112.20 -97.53
C LEU RB 160 -65.24 110.97 -96.69
N GLN RB 161 -64.76 109.80 -97.07
CA GLN RB 161 -65.00 108.58 -96.30
C GLN RB 161 -66.44 108.10 -96.45
N SER RB 162 -67.38 108.75 -95.76
CA SER RB 162 -68.80 108.38 -95.77
C SER RB 162 -69.09 107.14 -94.93
N SER RB 163 -68.06 106.32 -94.70
CA SER RB 163 -68.16 105.13 -93.89
C SER RB 163 -66.81 104.88 -93.25
N CYS RB 164 -66.81 104.47 -91.98
CA CYS RB 164 -65.58 104.28 -91.23
C CYS RB 164 -65.67 103.01 -90.41
N VAL RB 165 -64.62 102.19 -90.47
CA VAL RB 165 -64.57 100.92 -89.76
C VAL RB 165 -63.67 101.08 -88.54
N LEU RB 166 -64.24 100.86 -87.37
CA LEU RB 166 -63.52 100.84 -86.10
C LEU RB 166 -63.28 99.39 -85.73
N CYS RB 167 -62.02 98.99 -85.66
CA CYS RB 167 -61.65 97.60 -85.40
C CYS RB 167 -61.23 97.48 -83.93
N VAL RB 168 -62.16 97.01 -83.10
CA VAL RB 168 -61.92 96.84 -81.67
C VAL RB 168 -60.99 95.66 -81.45
N PRO RB 169 -59.85 95.86 -80.80
CA PRO RB 169 -58.90 94.77 -80.58
C PRO RB 169 -59.29 93.92 -79.38
N TRP RB 170 -58.62 92.77 -79.29
CA TRP RB 170 -58.81 91.84 -78.19
C TRP RB 170 -57.78 92.17 -77.10
N ILE RB 171 -58.23 92.89 -76.08
CA ILE RB 171 -57.39 93.28 -74.95
C ILE RB 171 -57.98 92.58 -73.72
N SER RB 172 -57.49 91.38 -73.43
CA SER RB 172 -58.04 90.56 -72.36
C SER RB 172 -56.92 89.81 -71.65
N GLN RB 173 -57.14 89.52 -70.36
CA GLN RB 173 -56.11 88.84 -69.58
C GLN RB 173 -55.98 87.37 -69.99
N THR RB 174 -57.07 86.73 -70.38
CA THR RB 174 -57.11 85.30 -70.62
C THR RB 174 -57.20 85.01 -72.11
N HIS RB 175 -57.04 83.73 -72.44
CA HIS RB 175 -57.20 83.29 -73.82
C HIS RB 175 -58.62 83.55 -74.32
N TYR RB 176 -59.61 83.40 -73.44
CA TYR RB 176 -61.01 83.58 -73.80
C TYR RB 176 -61.70 84.43 -72.74
N ARG RB 177 -62.92 84.86 -73.06
CA ARG RB 177 -63.81 85.51 -72.12
C ARG RB 177 -65.16 84.79 -72.18
N TYR RB 178 -65.89 84.84 -71.08
CA TYR RB 178 -67.24 84.27 -71.07
C TYR RB 178 -68.17 85.15 -71.87
N VAL RB 179 -68.93 84.54 -72.79
CA VAL RB 179 -69.90 85.32 -73.56
C VAL RB 179 -70.93 85.94 -72.64
N VAL RB 180 -71.29 85.26 -71.56
CA VAL RB 180 -72.21 85.81 -70.57
C VAL RB 180 -71.36 86.63 -69.62
N GLU RB 181 -71.03 87.83 -70.05
CA GLU RB 181 -70.17 88.71 -69.26
C GLU RB 181 -70.87 89.12 -67.98
N ASP RB 182 -70.15 89.05 -66.86
CA ASP RB 182 -70.69 89.56 -65.60
C ASP RB 182 -70.66 91.09 -65.59
N GLU RB 183 -71.29 91.66 -64.56
CA GLU RB 183 -71.35 93.11 -64.40
C GLU RB 183 -69.99 93.74 -64.14
N TYR RB 184 -68.93 92.95 -64.05
CA TYR RB 184 -67.67 93.42 -63.48
C TYR RB 184 -66.92 94.41 -64.36
N THR RB 185 -66.24 93.91 -65.40
CA THR RB 185 -65.32 94.75 -66.15
C THR RB 185 -66.03 95.60 -67.20
N ALA RB 186 -66.97 94.99 -67.92
CA ALA RB 186 -67.67 95.54 -69.08
C ALA RB 186 -66.87 95.32 -70.36
N ALA RB 187 -65.61 94.87 -70.27
CA ALA RB 187 -64.76 94.61 -71.43
C ALA RB 187 -64.33 95.90 -72.14
N GLY RB 188 -64.96 97.02 -71.79
CA GLY RB 188 -64.68 98.30 -72.42
C GLY RB 188 -65.95 98.95 -72.92
N TYR RB 189 -65.81 100.22 -73.30
CA TYR RB 189 -66.95 101.03 -73.74
C TYR RB 189 -66.62 101.74 -75.04
N ILE RB 190 -67.54 101.68 -75.99
CA ILE RB 190 -67.36 102.27 -77.31
C ILE RB 190 -68.29 103.46 -77.44
N THR RB 191 -67.71 104.65 -77.59
CA THR RB 191 -68.44 105.90 -77.60
C THR RB 191 -68.17 106.67 -78.89
N CYS RB 192 -69.11 107.54 -79.24
CA CYS RB 192 -68.99 108.41 -80.39
C CYS RB 192 -69.33 109.84 -79.99
N TRP RB 193 -68.58 110.80 -80.54
CA TRP RB 193 -68.72 112.20 -80.15
C TRP RB 193 -68.76 113.09 -81.38
N TYR RB 194 -69.47 114.22 -81.26
CA TYR RB 194 -69.41 115.27 -82.28
C TYR RB 194 -68.07 115.98 -82.16
N GLN RB 195 -67.18 115.77 -83.13
CA GLN RB 195 -65.93 116.52 -83.13
C GLN RB 195 -66.13 117.88 -83.78
N THR RB 196 -66.95 117.93 -84.81
CA THR RB 196 -67.28 119.14 -85.54
C THR RB 196 -68.80 119.21 -85.67
N ASN RB 197 -69.31 120.43 -85.76
CA ASN RB 197 -70.76 120.60 -85.86
C ASN RB 197 -71.22 120.22 -87.27
N ILE RB 198 -72.30 119.45 -87.35
CA ILE RB 198 -72.83 119.00 -88.63
C ILE RB 198 -73.07 120.22 -89.52
N VAL RB 199 -72.26 120.35 -90.57
CA VAL RB 199 -72.35 121.47 -91.50
C VAL RB 199 -73.19 121.05 -92.69
N VAL RB 200 -74.21 121.85 -93.01
CA VAL RB 200 -75.10 121.56 -94.13
C VAL RB 200 -75.28 122.83 -94.93
N PRO RB 201 -75.52 122.75 -96.26
CA PRO RB 201 -75.84 123.96 -97.01
C PRO RB 201 -77.31 124.34 -96.89
N ALA RB 202 -77.73 125.35 -97.63
CA ALA RB 202 -79.13 125.73 -97.62
C ALA RB 202 -79.97 124.66 -98.31
N ASP RB 203 -81.22 124.54 -97.88
CA ASP RB 203 -82.20 123.64 -98.49
C ASP RB 203 -81.72 122.19 -98.46
N VAL RB 204 -81.03 121.82 -97.37
CA VAL RB 204 -80.66 120.44 -97.11
C VAL RB 204 -80.89 120.16 -95.63
N GLN RB 205 -81.27 118.92 -95.31
CA GLN RB 205 -81.65 118.56 -93.96
C GLN RB 205 -80.43 118.51 -93.04
N SER RB 206 -80.54 119.12 -91.87
CA SER RB 206 -79.45 119.18 -90.91
C SER RB 206 -79.42 117.98 -89.97
N SER RB 207 -80.51 117.21 -89.89
CA SER RB 207 -80.60 116.02 -89.05
C SER RB 207 -80.49 114.80 -89.92
N CYS RB 208 -79.51 113.94 -89.64
CA CYS RB 208 -79.23 112.76 -90.42
C CYS RB 208 -79.15 111.54 -89.50
N ASP RB 209 -78.90 110.39 -90.11
CA ASP RB 209 -78.82 109.13 -89.38
C ASP RB 209 -77.52 108.42 -89.73
N ILE RB 210 -77.09 107.56 -88.81
CA ILE RB 210 -75.94 106.68 -89.02
C ILE RB 210 -76.38 105.26 -88.73
N LEU RB 211 -75.85 104.32 -89.51
CA LEU RB 211 -76.13 102.90 -89.31
C LEU RB 211 -74.85 102.22 -88.86
N CYS RB 212 -74.98 101.30 -87.91
CA CYS RB 212 -73.85 100.55 -87.36
C CYS RB 212 -73.99 99.08 -87.70
N PHE RB 213 -72.87 98.47 -88.07
CA PHE RB 213 -72.80 97.06 -88.44
C PHE RB 213 -71.71 96.39 -87.64
N VAL RB 214 -71.98 95.15 -87.18
CA VAL RB 214 -71.05 94.40 -86.35
C VAL RB 214 -70.63 93.15 -87.11
N SER RB 215 -69.34 92.87 -87.13
CA SER RB 215 -68.83 91.62 -87.66
C SER RB 215 -67.63 91.18 -86.84
N ALA RB 216 -67.23 89.93 -87.02
CA ALA RB 216 -66.05 89.38 -86.38
C ALA RB 216 -64.86 89.47 -87.33
N CYS RB 217 -63.67 89.62 -86.74
CA CYS RB 217 -62.44 89.71 -87.51
C CYS RB 217 -61.90 88.30 -87.79
N ASN RB 218 -60.74 88.24 -88.44
CA ASN RB 218 -60.12 86.96 -88.78
C ASN RB 218 -59.64 86.18 -87.57
N ASP RB 219 -59.61 86.80 -86.38
CA ASP RB 219 -59.08 86.14 -85.20
C ASP RB 219 -60.17 85.93 -84.15
N PHE RB 220 -61.27 85.29 -84.53
CA PHE RB 220 -62.44 85.15 -83.66
C PHE RB 220 -62.80 83.67 -83.56
N SER RB 221 -63.02 83.21 -82.33
CA SER RB 221 -63.32 81.81 -82.06
C SER RB 221 -64.19 81.68 -80.82
N VAL RB 222 -65.06 80.67 -80.83
CA VAL RB 222 -65.95 80.38 -79.71
C VAL RB 222 -65.78 78.94 -79.29
N ARG RB 223 -66.28 78.62 -78.10
CA ARG RB 223 -65.95 77.39 -77.42
C ARG RB 223 -67.08 76.97 -76.49
N MET RB 224 -67.09 75.69 -76.13
CA MET RB 224 -68.06 75.17 -75.18
C MET RB 224 -69.49 75.42 -75.65
N LEU RB 225 -69.95 74.57 -76.57
CA LEU RB 225 -71.30 74.71 -77.09
C LEU RB 225 -72.31 74.80 -75.97
N LYS RB 226 -73.37 75.59 -76.20
CA LYS RB 226 -74.39 75.85 -75.20
C LYS RB 226 -75.69 76.18 -75.93
N ASP RB 227 -76.80 76.14 -75.19
CA ASP RB 227 -78.10 76.48 -75.72
C ASP RB 227 -78.36 77.98 -75.55
N THR RB 228 -79.17 78.53 -76.44
CA THR RB 228 -79.47 79.96 -76.40
C THR RB 228 -80.56 80.25 -75.38
N PRO RB 229 -80.48 81.41 -74.70
CA PRO RB 229 -81.57 81.80 -73.80
C PRO RB 229 -82.78 82.36 -74.53
N PHE RB 230 -82.66 82.55 -75.84
CA PHE RB 230 -83.66 83.29 -76.60
C PHE RB 230 -84.86 82.43 -76.99
N ILE RB 231 -84.72 81.11 -77.02
CA ILE RB 231 -85.81 80.21 -77.38
C ILE RB 231 -86.44 79.70 -76.10
N ARG RB 232 -87.78 79.64 -76.08
CA ARG RB 232 -88.53 79.11 -74.95
C ARG RB 232 -89.67 78.27 -75.48
N GLN RB 233 -90.03 77.22 -74.74
CA GLN RB 233 -91.08 76.29 -75.14
C GLN RB 233 -91.98 76.00 -73.95
N ASP RB 234 -93.21 75.56 -74.26
CA ASP RB 234 -94.18 75.19 -73.24
C ASP RB 234 -95.42 74.56 -73.88
C1 MYR SB . 62.24 -96.00 93.21
O1 MYR SB . 62.70 -96.66 92.25
O2 MYR SB . 62.68 -94.89 93.58
C2 MYR SB . 61.05 -96.59 94.01
C3 MYR SB . 59.72 -96.65 93.27
C4 MYR SB . 58.61 -97.30 94.08
C5 MYR SB . 57.57 -97.98 93.21
C6 MYR SB . 56.32 -98.40 93.99
C7 MYR SB . 55.98 -99.87 93.80
C8 MYR SB . 54.63 -100.26 94.41
C9 MYR SB . 53.78 -101.08 93.44
C10 MYR SB . 52.47 -101.60 94.03
C11 MYR SB . 51.34 -101.65 93.00
C12 MYR SB . 50.25 -102.66 93.34
C13 MYR SB . 48.86 -102.19 92.92
C14 MYR SB . 47.85 -103.32 92.80
H21 MYR SB . 60.95 -96.07 94.82
H22 MYR SB . 61.30 -97.48 94.30
H31 MYR SB . 59.85 -97.13 92.43
H32 MYR SB . 59.45 -95.75 93.02
H41 MYR SB . 58.19 -96.63 94.64
H42 MYR SB . 59.00 -97.95 94.68
H51 MYR SB . 57.96 -98.76 92.79
H52 MYR SB . 57.31 -97.38 92.49
H61 MYR SB . 55.57 -97.85 93.70
H62 MYR SB . 56.45 -98.21 94.93
H71 MYR SB . 56.67 -100.41 94.20
H72 MYR SB . 55.98 -100.08 92.86
H81 MYR SB . 54.16 -99.45 94.66
H82 MYR SB . 54.77 -100.75 95.23
H91 MYR SB . 54.31 -101.84 93.13
H92 MYR SB . 53.59 -100.54 92.66
H101 MYR SB . 52.20 -101.03 94.77
H102 MYR SB . 52.61 -102.47 94.41
H111 MYR SB . 51.71 -101.87 92.13
H112 MYR SB . 50.95 -100.77 92.91
H121 MYR SB . 50.26 -102.83 94.29
H122 MYR SB . 50.45 -103.50 92.91
H131 MYR SB . 48.93 -101.72 92.07
H132 MYR SB . 48.54 -101.54 93.56
H141 MYR SB . 47.74 -103.79 93.64
H142 MYR SB . 46.97 -102.99 92.53
H143 MYR SB . 48.13 -103.97 92.13
C1 MYR TB . -56.54 25.88 27.26
O1 MYR TB . -57.50 25.98 26.46
O2 MYR TB . -56.29 26.68 28.17
C2 MYR TB . -55.61 24.65 27.09
C3 MYR TB . -56.11 23.34 27.68
C4 MYR TB . -55.19 22.16 27.41
C5 MYR TB . -53.73 22.40 27.80
C6 MYR TB . -52.85 22.77 26.62
C7 MYR TB . -51.45 23.22 27.01
C8 MYR TB . -50.50 23.24 25.81
C9 MYR TB . -49.28 24.12 26.05
C10 MYR TB . -48.39 24.26 24.82
C11 MYR TB . -47.93 25.69 24.56
C12 MYR TB . -46.41 25.81 24.40
C13 MYR TB . -45.92 25.34 23.03
C14 MYR TB . -44.46 25.70 22.77
H21 MYR TB . -54.75 24.88 27.50
H22 MYR TB . -55.43 24.54 26.15
H31 MYR TB . -57.00 23.14 27.34
H32 MYR TB . -56.22 23.44 28.65
H41 MYR TB . -55.23 21.94 26.46
H42 MYR TB . -55.52 21.38 27.87
H51 MYR TB . -53.38 21.61 28.24
H52 MYR TB . -53.70 23.11 28.47
H61 MYR TB . -53.29 23.49 26.12
H62 MYR TB . -52.79 22.02 26.02
H71 MYR TB . -51.09 22.63 27.70
H72 MYR TB . -51.49 24.10 27.40
H81 MYR TB . -50.98 23.54 25.03
H82 MYR TB . -50.22 22.33 25.62
H91 MYR TB . -48.76 23.75 26.77
H92 MYR TB . -49.56 24.99 26.34
H101 MYR TB . -48.88 23.94 24.04
H102 MYR TB . -47.62 23.68 24.91
H111 MYR TB . -48.22 26.26 25.29
H112 MYR TB . -48.36 26.04 23.77
H121 MYR TB . -45.97 25.29 25.09
H122 MYR TB . -46.15 26.73 24.53
H131 MYR TB . -46.48 25.73 22.34
H132 MYR TB . -46.03 24.38 22.96
H141 MYR TB . -43.87 25.30 23.42
H142 MYR TB . -44.31 26.66 22.80
H143 MYR TB . -44.17 25.40 21.89
C1 MYR UB . -20.27 46.39 19.56
O1 MYR UB . -19.95 47.19 20.47
O2 MYR UB . -19.67 46.31 18.47
C2 MYR UB . -21.46 45.44 19.83
C3 MYR UB . -21.08 44.11 20.47
C4 MYR UB . -20.07 43.35 19.62
C5 MYR UB . -19.97 41.86 19.96
C6 MYR UB . -18.73 41.24 19.34
C7 MYR UB . -18.53 39.77 19.68
C8 MYR UB . -17.14 39.30 19.30
C9 MYR UB . -17.14 38.26 18.19
C10 MYR UB . -15.76 37.73 17.85
C11 MYR UB . -15.75 36.74 16.69
C12 MYR UB . -14.80 35.56 16.92
C13 MYR UB . -14.70 34.63 15.72
C14 MYR UB . -14.75 33.15 16.08
H21 MYR UB . -21.93 45.28 18.99
H22 MYR UB . -22.10 45.91 20.39
H31 MYR UB . -21.87 43.58 20.60
H32 MYR UB . -20.71 44.27 21.35
H41 MYR UB . -19.20 43.76 19.72
H42 MYR UB . -20.31 43.44 18.68
H51 MYR UB . -20.77 41.41 19.66
H52 MYR UB . -19.95 41.75 20.93
H61 MYR UB . -17.96 41.74 19.62
H62 MYR UB . -18.79 41.33 18.37
H71 MYR UB . -19.19 39.23 19.23
H72 MYR UB . -18.68 39.63 20.64
H81 MYR UB . -16.71 38.92 20.09
H82 MYR UB . -16.60 40.06 19.04
H91 MYR UB . -17.55 38.64 17.40
H92 MYR UB . -17.72 37.52 18.44
H101 MYR UB . -15.37 37.32 18.63
H102 MYR UB . -15.18 38.48 17.62
H111 MYR UB . -15.51 37.19 15.87
H112 MYR UB . -16.65 36.40 16.55
H121 MYR UB . -15.10 35.05 17.70
H122 MYR UB . -13.93 35.89 17.15
H131 MYR UB . -13.87 34.82 15.25
H132 MYR UB . -15.42 34.84 15.10
H141 MYR UB . -13.99 32.89 16.62
H142 MYR UB . -14.75 32.59 15.29
H143 MYR UB . -15.55 32.94 16.58
C1 MYR VB . 9.76 18.20 13.49
O1 MYR VB . 10.54 17.62 12.70
O2 MYR VB . 9.95 19.33 14.00
C2 MYR VB . 8.46 17.50 13.89
C3 MYR VB . 8.30 16.10 13.29
C4 MYR VB . 7.10 15.34 13.86
C5 MYR VB . 7.04 13.90 13.38
C6 MYR VB . 5.64 13.32 13.47
C7 MYR VB . 5.60 11.83 13.14
C8 MYR VB . 4.20 11.31 12.92
C9 MYR VB . 4.14 9.79 12.79
C10 MYR VB . 2.79 9.27 12.31
C11 MYR VB . 2.14 8.26 13.24
C12 MYR VB . 0.66 8.05 12.94
C13 MYR VB . 0.40 6.91 11.99
C14 MYR VB . -1.07 6.73 11.62
H21 MYR VB . 7.71 18.05 13.63
H22 MYR VB . 8.42 17.44 14.86
H31 MYR VB . 9.11 15.59 13.45
H32 MYR VB . 8.21 16.17 12.33
H41 MYR VB . 6.28 15.79 13.62
H42 MYR VB . 7.13 15.36 14.83
H51 MYR VB . 7.65 13.35 13.90
H52 MYR VB . 7.35 13.85 12.46
H61 MYR VB . 5.05 13.79 12.86
H62 MYR VB . 5.28 13.46 14.36
H71 MYR VB . 6.02 11.33 13.87
H72 MYR VB . 6.14 11.65 12.36
H81 MYR VB . 3.83 11.72 12.12
H82 MYR VB . 3.63 11.61 13.65
H91 MYR VB . 4.34 9.39 13.65
H92 MYR VB . 4.84 9.49 12.19
H101 MYR VB . 2.91 8.87 11.43
H102 MYR VB . 2.19 10.02 12.18
H111 MYR VB . 2.25 8.54 14.16
H112 MYR VB . 2.61 7.41 13.16
H121 MYR VB . 0.29 8.87 12.58
H122 MYR VB . 0.19 7.89 13.78
H131 MYR VB . 0.74 6.08 12.37
H132 MYR VB . 0.91 7.05 11.18
H141 MYR VB . -1.44 5.92 12.03
H142 MYR VB . -1.20 6.67 10.67
H143 MYR VB . -1.61 7.47 11.94
#